data_9L5R
#
_entry.id   9L5R
#
_cell.length_a   1.00
_cell.length_b   1.00
_cell.length_c   1.00
_cell.angle_alpha   90.00
_cell.angle_beta   90.00
_cell.angle_gamma   90.00
#
_symmetry.space_group_name_H-M   'P 1'
#
loop_
_entity.id
_entity.type
_entity.pdbx_description
1 polymer 'U2 snRNA'
2 polymer 'U5 snRNA'
3 polymer 'U6 snRNA'
4 polymer PRP8
5 polymer 'Pre-mRNA-splicing factor SYF2'
6 polymer SNU114
7 polymer SDE2
8 polymer 'Anaphase-promoting complex subunit 4-like WD40 domain-containing protein'
9 polymer CCDC12
10 polymer 'Putative pre-mRNA splicing protein'
11 polymer 'Suppressor of forked domain-containing protein'
12 polymer 'Putative pre-mRNA splicing protein'
13 polymer 'Pre-mRNA-splicing factor SPF27'
14 polymer 'Pre-mRNA-processing factor 19'
15 polymer 'Putative bud site selection protein'
16 polymer 'Peptidyl-prolyl cis-trans isomerase'
17 polymer 'Pre-mRNA-splicing factor PRP46'
18 polymer 'Cell cycle control protein'
19 polymer 'Putative pre-mRNA splicing protein'
20 polymer 'Putative pre-mRNA splicing protein'
21 polymer 'Pre-mRNA-processing protein 45'
22 polymer PRP17
23 polymer 'Putative pre-mRNA splicing protein'
24 polymer 'Pre-mRNA-splicing factor'
25 polymer 'Small nuclear ribonucleoprotein E'
26 polymer 'Sm protein F'
27 polymer 'Delta(14)-sterol reductase'
28 polymer 'Small nuclear ribonucleoprotein Sm D1'
29 polymer 'Sm protein B'
30 polymer 'Small nuclear ribonucleoprotein Sm D3'
31 polymer 'Small nuclear ribonucleoprotein G'
32 polymer "U2 small nuclear ribonucleoprotein A'"
33 polymer "U2 small nuclear ribonucleoprotein B'-like protein"
34 polymer 'Nineteen complex-related protein 2-domain-containing protein'
35 polymer 'G-patch domain-containing protein'
36 polymer 'RNA helicase'
37 polymer 'Unknown mRNA'
38 polymer 'Putative cyclophilin protein'
39 polymer 'Unknown protein'
40 non-polymer "N,N,7-trimethylguanosine 5'-(trihydrogen diphosphate)"
41 non-polymer 'MAGNESIUM ION'
42 non-polymer "GUANOSINE-5'-TRIPHOSPHATE"
43 non-polymer 'INOSITOL HEXAKISPHOSPHATE'
44 non-polymer 'ZINC ION'
#
loop_
_entity_poly.entity_id
_entity_poly.type
_entity_poly.pdbx_seq_one_letter_code
_entity_poly.pdbx_strand_id
1 'polyribonucleotide'
;AGCUCUCUUUGCCUUUUGGCUUAGAUCAAGUGUAGUAUCUGUUCUUUUCAGUUUAAUCUCUGAAACUGCUCUACGGAGCA
GAAUCGUGAUUAUACUAAUUUUUGGCCUUCGGCGGACUUCCCUCUGGGCUUGCCCAUGGUCGUCUGCCACAGUGUCCCUG
GUAUUACACUGCCUCCAGGUGACGCGACCUUCC
;
2
2 'polyribonucleotide'
;UUGGAGUAGGCCAGCUCAGACCGAACUCAUUUCCUGCCUUUUACCGGAUGUGACCGUGAGUUGGCCUGAAAUACUCCCUA
ACCCAAUCUUUGGAAACUCUCUGGAUAUCCCAGAUU
;
5
3 'polyribonucleotide'
;GCCCUUCGGGGCAUUUGGUCAAUUUGAAACGAUACAGAGAAGAUUAGCAUGGCCCCUGCACUAAGGAUGACACGCUACUC
AAAGAGACGCUACCAAUUUUU
;
6
4 'polypeptide(L)'
;MLRPCALAIWQGFAPLQSRESSSRFSLFKPRPVPGFHQHTTLKGEVAISNCGEIVAPISFGLWRIFANRSRSNAGNTATC
LRFRRLLPDGGPPPPPPPPPPPPGPPSDLPPPPPPSSSSLPPPPAIPAPPPPGYRPPSDPHIAKFAQKKKEWLRMQRNRF
GEKRKGGFVETQKADMPPEHLRKIVKDIGDVSQKKYTSDKRSYLGALKFMPHAVLKLLENMPMPWEAAREVKVLYHVNGC
LTLVNEIPRVIEPVFFAQWGSMWRTMRKEKSDRRLFKRMRFPPFDDEEPPLSWSENIEDVEPLEPIQMELDEDEDAAVYE
WFYDHQPLIDTPHVNGPSYKRWNLTLPQMANLYRLSEPLVSDVVDPNYFYLFELKSFLTAKALNVALPGGPRFEPLYKDI
DPNDEDFGEFNAMDRIIFRNPIRTETRVAYPYLYNSRPRSVHLSWHSYPQIVYTKTEDPELPAFYFDTSINPISSRAVAP
KNLTVSHEDELFGKGNIEEPEEEAFVLPAAVEPFFADEELETEDTRSAIELWWAPYPFDRRSGRMVRAQDVPLIKHWYLE
HCPPKQPVKVRVSYQKLLKTYVLNELHRKRPKSMQKQSLLRTLKQTKFFQQTTIDWVEAGLQVCRQGFNMLNLLIHRKNL
TYLHLDYNFNLKPVKTLTTKERKKSRFGNAFHLMREILRLTKLIVDAQVQYRLGNIDAFQLADGIHYAFNHVGQLTGMYR
YKYKLMHQIRSCKDLKHLIYYRFNTGPVGKGPGCGFWAPSWRVWLFFMRGIIPLLERWLGNLLSRQFEGRHSKGVAKTVT
KQRVESHFDLELRASVMADLMDMMPEGIKQSKVNTVLQHLSEAWRCWKSNIPWKVPGLPAPIENIILRYVKAKADWWISV
AHYNRERIRRGATVDKTVAKKNVGRLTRLWLKAEQERQHNHMKDGPYVSSEEAVAIYTTTVHWLEARKFSPIPFPSVSYK
HDTKILILALERLREAYSTKGRLNQSQREELALIEQAYDSPGTTLERIKRFLLTQRAFKEVGIDMNDNYSTINPVYDVEP
IEKISDAYLDQYLWYQADQRHLFPNWVKPSDSEVPPLLVYKWCQGINNLDKVWDTSNGECNVIIETQLSKVYEKIELTLL
NSLLRLIMDHNLADYITAKNNVTLTYKDMSHVNSYGMIRGLQFSAFVFQYYGLILDLLILGPQRAAEIAGPPQSPNDFLQ
FQDRDTETRHPIRLYTRYIDKIWVFLRFTAEESRDLIQRFLTEQPDPNFENVIGFKSKKCWPRDSRMRLMRHDVNLGRAV
FWDLKNRLPRSVTTIEWDDTFVSVYSKDNPNLLFSMCGFEVRILPKCRNQNDEFPVKDSVWSLVDNSTKERTAHAFLQVT
EEDIQKFNNRIRQILMSSGSTTFTKIANKWNTALIALFTYYREAAVSTVNLLDTIVKCETKIQTRVKIGLNSKMPSRFPP
AVFYTPKELGGLGMLSGSHILIPASDKRWCKQTDVGITHFRAGMSHDEETLIPNIARYIIPWEAEFIDSQRVWTEYSQKR
LEAQQQNRRLTLEDLEDSWDRGLPRINTLFQKDRSTLSFDKGFRARAEFKIYQLMKSNPFWWTNPRHDGKLWNLNAYRTD
VIQALGGVETILEHTLFKATGFPSWEGLFWEKSSGFEASMQFKKLTNAQRSGLNQIPNRRFTLWWSPTINRANVYVGFQV
QLDLTGIFLHGKIPTLKISLIQIFRAHLWQKIHESVVMDLCQVFDQELEALSIESVQKETIHPRKSYKMNSSCADIQLFA
SHKWNVTRPSLLFDTKDVIEATTTNKFWIDVQLRYGDYDSHDIERYVRAKYLDYTTDSMSLYPSPTGLMIGIDLAYNLYS
AYGQYFPGLKTLIQQAMAKIMKANPALYVLRERIRKGLQLYASESNQEFLNSQNYSELFSNQTQLFIDDTNVYRVTIHKT
FEGNLTTKPINGAIFIFNPRTGQLFLKIIHTSVWAGQKRLGQLAKWKTAEEVAALIRSLPVEEQPKQLIVTRKGLLDPLE
VNLVDFPNISIRASELQLPFQAAMKVEKLGDMILRATEPQMVLFNLYDDWLKTISSYTAFSRLILILRALHVNQDKTKLI
LRPDKTVITQDHHIWPSLTDEDWIKVEMQLRDLILNDYGKKNNVNVASLTTSEVRDIILGMEISAPSLQRQQAAEIEKQQ
QEQAQLTAVTTKTQNVHGEEIIVTTTSQFEQQTFASKTEWRTRAIATSNLRTRANNMYVAPVDNDVDDITYVMPKNILKK
FITIADLRVQVAGFLYGCSPADNDQVKEIRCIVMVPQIGGNRSVQLPQHLPQHEMLKGLEPLGLIHTMAGNELPYMSPAD
VTTHAKLVDAHPSWKNQNTLTVTVAFTPGSVSLSAWALTPLGYKWGVENKDPNVDNPQGFTTTMGERRQLLLSDKFKGFF
LVPDTGKWNYSFMGSSFSGIEKKPYHVKLDTPLPFYSEQHRPIHFTSFNELEDIWVDRADNFA
;
A
5 'polypeptide(L)'
;MPPAKKRKTEASQEPRPASEQQEQNGAQEEQPTVQDSTPEVESRSDDKKVSQSPTLATDPSDDTSEQPSESSTKNAALTA
AQERLARFRALQARAKESSQQNLKEATKESQRLATDPSQLTALSRKHAIAAHKLLKAEIEDAGGDFERKRAWDWTVEEAE
RWDKRMKKKEAHRDDTAFRDYAREAEKTYKRQIRNMGAPDLEKYMREKLSAIEKAAAAGTLDIIETEDGEMIAVDKDGTF
FSTANATDFAQHKPDKAAVDRLVADLRKAEEASLKRRREKLAKSGEEHGDVTYINEKNKQFNAKLARFYNKYTAEIRDSF
ERGTMV
;
B
6 'polypeptide(L)'
;MWQRATRLRLSESFGPSTTDSNHTFPDLAATMDDDLYDEFGNFIGEEAESEEESDHGANAGVYAYDEYVDEAPEEPAEEQ
MDIDEEPPSNAVILHEDKQYYPTAAQVFGEGVETLVQEEDAQPLTQPIIAPVEQKKFSIQEADLPPVYFDRGFMTDLMNF
PEQIRNIALAGHLHHGKTAFMDMLVLETHAIQERLDKRTGKKRDEQLRYTDVHVIERDRGLSIKAAPMSLVLSSTKGKSH
LFNIIDTPGHVDFVDEVAAAFRLVDGVCLVVDVVEGVQVNTEQIIKHAVLEDIPLTLIINKMDRLILELKIPPTDAYFKL
KHVIEEVNTVIENTIPGRGESKRLSPEKGNVLFACTSMGWCFTLQSFAKMYSESYGGVNVEEFARRLWGDVYFNPKKRTF
TRKPIEEGAKRSFVNFVMEPIYKLYSHTISEGPEDLKRTLSKLGIFLKPSQYKADPKVLMKLVCEQFFGPSTAFVDMVIK
HIPSPLEAAEKKLERYYTGPLDTKIAESMKNCDQNGPLVVHVTKLFNTIDAKSFYAFGRVMSGIARPGADVRVLGEGYTL
DDEEDMVVSRISDVFIAETRYNIPTDGVPAGNFVLLGGVDNSIVKTATIVDKKFDNGEDAYVFKPLSHFTESVLKVAVEP
INPSELPKMLDGIRKINKSYPLITTKVEESGEHIILGTGELYMDCVLHDLRKLYADMEVRVSDPVVRFCETVQDMSATKC
YAITPNKKNTITMAAEPLDDGIAQDIESGAVKIKDPPRKVAKFFEEKYGWDKLAARSIWAFGPDEMGPNILQDDTLPTEV
DKKRLATVKESIRQGFAWATREGPLCEEPIRNTKFRLIDVSLFPWWWPNYSDRSTCLLFLFLDGLPRLMEPMYSVSMTGP
QSSVSMVYNILSRRRGHVLSDGPIAGTPLYRVNGLIPVIDSFGFETDLRINTPGQAMVSLVFDRWSIVPGDPLDREQVTR
PLQMATAQATARDFVLKTRRRKGLSEDVTVAKFLEPEFYQSLLESGTLGEP
;
C
7 'polypeptide(L)'
;MGRSSKINVLISTIEGTGLPPTLCLVLPPDSPVSSLRDELDSRLPTSASPYSTRLLLTTLSSRWVPLDSPLPISHFLPTC
DPVADSDSEVDQLQNDFLHLRLAVPLLGGKGGFGSQLRAAGGRMSKRNKRANVNPEEEQGSSRNLDGRRLRTVTEAKALA
EYLAIKPEMEKREKEARRKRWQEIIEMTERKQEEIRNGKRGAILDGKWVEEKEVMGERTREAVMEAMKAGAWKDNFISLG
EPSSSRTVASSSSADEAMEEDEESENGSSKATTPPSEPDPAAEVKGKGKEKETPMKHPAPAAKKFFGFDDDDEFMSSDDE
GGDES
;
D
8 'polypeptide(L)'
;MSEKRPASDDPGEGQLVVKRQNVGSSRALTRTGDSAGALIQTTPRTSNLKAPLMELSGHTGEIFTAKFDPTGTLIASGSM
DRTIMLWRVYGDCENYGVLNGHKAAILDLQWSRDGDILFSASADMHLASWDLTTGQRIRRYIGHEEIINAMDVTQRGEEL
LISGSDDGTIGIWDPRTKNAVDYIETDFPITAVAVSEAGNEIYSGGIDNDIKVWDIRKKAVVHTMLGHNDTITTLRVSPD
GQQLLSYAMDSTARTWDIRPFAPTDRHIRTFDGAPLGLEKNLIRGSWSKDGKKIAVGAGDGTVVIWGSDTGKLLYKLPGH
KGTVNCAEFAPDGAPIILSASSDRTMLLGELI
;
E
9 'polypeptide(L)'
;MSSYSSLSAAADERKARLAKLASLKRKQPEDDHPPSQDQQPEQSAAESKQEGDSSQASDPVLQHLSLRNYDPVTRGPKLG
FEAPPTENLNTLTLEEKAAALEAEARRKAQEEQEAAAQARGLDITTLQPKKPNWDLKREFKQRMAVLDVRTENAIARMVR
ERLAEKKKAIVGASAAASGAADGAASGGGNNGKGEEGVLEGAEILEGMRMREKEEEEEARREKEAEEAEFGTA
;
F
10 'polypeptide(L)'
;MPSTLASDRQPDVALVCEDDAPYEQDILRNPGSIRPWLSYIEYKLQHGTLREQAFVMERACVQLPRSYKLWKMFRVNHIS
KLNPAIFATEYQKVNALFERALILLNKMPRIWEMYLKFLMQQPLVTFTRRTFDRALRALPITQHNRIWALYRPFANSAEG
ITAVKIWRRYMQVHPEDAEDFIELLIQCGLYTEAVKKYIEILNNPKFQSKNAKGHYELWSEMVDLLVEHAVDIETGHETG
IDVERIIRSGIERFSDQRGKLWSGLATYWIRRGNFDRARDVFEEGITTVMTVRDFTMIFDAYVEFEESVIGTLMEAASRR
AEKGVVDESADFDLDIRMMRFEHLMDRRPFLLNDVLLRQNPNNVAEWEKRVALWGDNKEEVVKTYTDAIAAINPKKAVGA
FHLLWANYAKFYEKAGDLRTARIIMEKAVKVPFKSVNELADMWIEWAEMELRNKNFDEAVRIMAKATQAPKRSTVDYFDE
SLSPQQRVHKSWKLWSFYVDLVESTSSLEETRKIYERIFELRIATPQTVVNYANLLEEHHYYEESFKIYERGLDLFSYPV
AFELWNLYLTKAVDRKISIERLRDLFEQAITDCPPKFAKVLYLMYGNLEEERGLARHAMRIYERATRAVADEDRADMFNF
YITKSASNFGLASTRPIYERAIATLPDNEARDMCLKFADMEKRLGEIDRARAIYGHASQFCDPRTNPEFWAKWEQFEVQH
GNEDTFKEMLRVKRSVQAKYNTDVNFIASQALARSQMLKQQQQQQQQQQQQQLQQQQQNGSSGAGDPEVADAMAQLERQA
RAPAGFVAASENIKGTIAPSTQSVEVSNPDAIDLDDMDE
;
I
11 'polypeptide(L)'
;MESSRGPPRVKNKAPAPIQISAEQLLREAVDRQETIIHKPTQRFADLEELKEYQGRKRREFEDYIRRNRLRLQNWFQYAQ
WELEQKEFARARSIFERALDVHPNNTQLWIRYIEAELKNRNINHARNLLDRAVTRLPRVSKLWYKYVYVMEMLGDIPGTR
QVFDRWMKWEPDEDAWNAYIKLEKRYGEYERARQIFAAYTQVHPEPRTWLKWAKFEEEFGTADMVRDVFQSAIQYIAETL
GDDAVDERLFIAFARFETRQKEYERARAIYKFGLDNLPRSRSMQLHAQYTTFEKQFGDKEGVEDVVLTKRRRLYEEQVKE
NPKNYDVWFDFARLEEMGGDPDRVREVYERAIAQVPPTQEKRHWRRYIFLFLFYAIWEEKDAKNIERARAIYDTCLNLIP
HKKFTFAKVWIAKAHFEIRQGNLTAARKTLGRAIGMCPKDKLFREYIAIEQKLYEFDRCRTLYEKHALFNPANCQTWIRW
AELERGLDDLDRTRAIFEVAISQPVLDMPEVVWKAYIDFEEEEGEYERARALYERLLQKADHPKVWISYAQFEINIPDTE
TEAQAAEGEEIPVSEAAKARARGVFERALKSMKERDLKAERVALLRAWLEFERTHGAAEDVERIRRQMPREVKKKRRIDE
DTWEEYVDYVFPADEQQTKNLSNLLAMAKQWKEKTGGGIMGLGAGGS
;
J
12 'polypeptide(L)'
;MPVVKGGVWTNIEDEILKAAVSKYGLNQWARVSSLLARKTPKQCKARWNEWLDPSIKKIEWSREEDEKLLHLAKLMPTQW
RTIAPIVGRTANQCLERYQKLLDEAEQREASELGLTGPDGGETRAPTAEDVRKLRPGEIDPDPETKPARPDTIDLDEDEK
EMLSEARARLANTQGKKAKRKARERQQEESRRLAALQKRRELKTAGINIKITTRKKGQMDYNADIPFEKKPAPGFYDTTE
EIARNEWQRAHFDPKKQQVGNKRKSDEEEEAERKKRKNNKDGPSASLQAALKAGQMQKLREAEQSSKRKPLILPAPQVSD
SELDEIVKMGMIGERASAMARESENDATRGLVGNYSTLNTGAPIRTPRAPAQEDHIANEIRNIKALTETQSSLLGGENAP
LAEGAGTTGFESVVPKKQVVSTPNPLATPLRQGPNGGATPLRPGQTPLRTPRDTFSLNATDGVSMEHALRQQLKQKLAAL
PKPKETEWELELPEEKQEPKTQEELEEDAADRDRRERELREARELAERRRRTQVMQRELPRTAVVDIDALLRAADEIEDP
ARALVAREAALLMAHDAAKYPLPGAPPGVKPVEIPRFSDDELAEARLQILMEMKEKPAPEVVHAIWNRREENLNALRLGL
GYYDSDSEDGEDDVANIRATLEAALDRLMASAEKGNKLEKKLNLHLGGYKNRAEMLRKKLGEAHAALEKARNALAGFQVL
RASEEQAIQRRLEALRAEVAFVSTRERKAQELYRKLRDELEELRLEQA
;
L
13 'polypeptide(L)'
;MPAITTVHESLPYIDPEPTPEQRAAAEALIAEERAKVPDDPYHALLPPPLPPLNESRHLTPILQNELARLASSPDPQAAK
MDALDFSRYEAPEMPSIDSSQSLEETASQLWETLKQAYTAQAYLSARRAHLALLDTHGKNAWLIGNWHLEGEVKAVEKEL
AETKREIDRVSLARQGMQEAAGAELKSLEETWKAGVGRVLETEAAAEKLRIEVLEERRRLAEAQAALAVGN
;
K
14 'polypeptide(L)'
;MLCALSGEIPEEPVVSKKTGVLFEKRLILKYLEEHNNIEPGTTEELDPETDLLPIKTSRVVRPRPPNFTSIPSLLKAFQD
EWDALVLETYTTREQLARVREELATALYQHDAAVRVIARLTRERDEAREALARLTVTGAAPAAQNGEAMAVDSESLSEGL
VEHVNEVQQQLMKTRKKRPIPQGWATADDVAALQQVAYTDLNVTQASSLDLENECAAVGGLDGKLDIYSVVANKVERTLD
IGEPVTATEWTGTKVVIGTAKGWVKVYDAGRESATFQTHAGPVTGLAVHPGGRILASVGVDKSFVFYDLETGERVARGYA
DAALTTCAFHPDGNLFAAGTQTGHILVFHTTTLEQAESFPLGTPIQALAFSENGFWFAATGKGTSSVTIFDLRKSGAAAA
VKELQTGEVLSISWDYTGQYLATGGGTGVTVQMYTKATKSWSEPVRLGMPVVGVKWGGEAKRLVVVSREGVVSVLGKKEE
;
q,t,r,s
15 'polypeptide(L)'
;MPAIRPASKRKPPPDGFSDIEEDLLIFANKMKDAQNTPTDNIPKHQAQWPIFQIAHQRSRYVYELYYQKQAISKQLYDWL
LKNGYADAMLIAKWKKQGYEKLCCLRCIQTKETNFNSTCICRVPRAQLKEDQDIQCVNCGCRGCASTD
;
N
16 'polypeptide(L)'
;MATDVALETTMGTIILELYNQHAPRTCENFKTLAARGYYDGTIFHRVIKDFMVQGGDPTGTGRGGRSIYGDTFEDEIHPG
LRHTGAGILSMANAGPNTNGSQFFLTLAPTPWLDGKHTIFGRVKKGIRVLQRMGLVPTDADDRPKTEIKIIRAYVVGEGE
EDDKQLV
;
S
17 'polypeptide(L)'
;MATDVAVNGPDVSKLEALLRDNERTTRSLYASTTPDSGRKRIKLDPGLASEDPDITKSALSLRLHAEYGDVQTLPEAIAK
KLSAAGPRKKKPKPGVAEDEAPSKSEEHTRKLIEGIPQAKPSAGAASSNALVLAHGKPSAAGAGAARPQRNEPQQLSLVR
RSESLLAQPRPDWHPPWKLMRVISGHLGWVRALAVEPNNQWFASGAGDRTIKIWDLASGQLRLTLTGHISTVRGLAVSPR
HPYMFSCGEDKMVKCWDLETNKVIRHYHGHLSGVYTLKLHPTLDVLVTGGRDGVARVWDMRTRSNVHVLSGHTGTVADLV
CQEADPQVITGSLDSTVRMWDLAAGKTMGVLTHHKKGVRALVTHPTEFTFATASTGSIKQWKCPEGAFMQNFEGHNAIIN
TLAVNDQNVLFSGGDNGSMSFWDWKSGYRFQSLDTTAQPGSLDAELGIMSSTFDMSGARLITGEADKTIKIWKEDTTATP
ETHPIEWKPSLVRRKY
;
T
18 'polypeptide(L)'
;MELDGLAAFEKALAAEKAERERAAREKEERRERKHRHHHHHHRSRSKSPKRDRDSDRHKHRSRSRDRDRHRDRDRDHDRH
ELPGRDGEKDRRSRHLSRERDSDEDRHRDRHSRRSRDEGDRDRSDRHRHRRRSRSRSKERDRDRYDKHTVKDTKDLKSSD
PKADLPLPDEEKTPAGSTPLVRDAWMTAPSAMDIDYIHRRQKDKSPSPVREEPRLVLHKRELNTRLADDDWKEPAPAKKR
EVNYTFGDEGSEWRMTKLKGVYTIAEQTGRSVEDVALERYGSLEVFDEAMEEKMELDRRKLYGPGYVGKEKPTGNLYRER
MAKTRPQPARSPSPEPQQGLVIEDKIQPAPPMDQSALNRLRAGYLRAKFRKAPEAAKLEEEYNKAAAAFTTGAASNNAIV
LDASYNRMLAGPRHEVKAVTTKRGRERGQVEANEDMTIEDMISEERRTRGQPGGEGLRLAERIAKDARFENDLEYLEENA
EWLAKRVHKTDLSLKNIAVNEYQKLNRILETCPLCYHEDRNPPQNLPIAPVISLGTRTYLTLAPEPEINGAEGGAVIVPL
THHTNLLECDDDEWEEIRNFMKSLTRLYHDQGRDVIFYENAAAPKRRQHAALVAVPIPYELGDTAPAFFREAMLSSDEEW
AQHRKVIDTGKKAKEALGRMAFRRSIAKEMPYFHVWFNLDGGLGHIVEDENKWPKGDLFAREVIGGMLDAEPDVIKKQGR
WTRSDERVEGFKKRWRKFDWTRVLTEGIVVQTDGASV
;
U
19 'polypeptide(L)'
;MPPQIKQDLNRAGWESTDFPSVCENCLPENPYVKMLKEDYGAECKLCTRPFTVFSWAGDGRAHGRKKRTNICLTCARLKN
ACQCCIMDLQFGLPIVIRDKALELIAPGPQSEINREYFAQNNERAIEEGRAGVEEYEKTDEKARELLRRLANSKPYFRKG
RELDSEGNPVAGGSGSTVGGNAVVGAGLGGAGPIRTRDTRAAAAAGARTGGAGSARRGPGAALPPPGPKDWLPPADKSIM
SLFITGIEDDLPEWKIRDFFKQYGKIKSLVVSHMTHCAFVNYETREGAEKAATELKGRAVIAGCPLRIRWSIPRPIGTMN
KEERAEMLRDGRSAFPEANRKSAQKAIEAAGAQGGAAGGAAGGAAAEAQQDDLADLAIAAPPGAADVQYASLAGN
;
M
20 'polypeptide(L)'
;MAELETNPDVAVAVAEDSNEQKQENQLVAVNNEVAAPIEKKVKKIIRKKRRPARPQIDPALVKSERPPQTGTVFNIWYNK
WSGGDREDKYLSQTHAKGRCNIARDSGYTRADSRPGSYFCLYFARGICPKGQDCDYLHRLPTIHDIFNPNVDCFGRDKFA
DYRDDMGGVGSFNRQNRTIYVGRIHVTDDIEEIVARHFAEWGQIERIRVLNNRGVAFITYTNEANAQFAKEAMAHQSLDH
NEILNVRWATADPNPLAQKREQRRIEEQAAEAIRRALPAEFVAEIEGKDPEARKRRKLESSYGLEGYEAPDAVHFARGPN
AVNPRGREGFELEREQQLMLEAPPETSQPAQIEAPPQAQEKKLAGGILSSRTLAALQGAKVAVATKDSKPEKPSGPLVAY
GSDDEEDE
;
0
21 'polypeptide(L)'
;MASIAAGLAAALPKPKYSSEHEEPRATQRGPRIVSADQIDETQIVIRRTGPPPYPNRAGWRPRAPEDFGDGGAFPEIPVA
QYPWGKNDSSSKSNALVVQVDSEGKVDYTAIARQGHSSDRIIHASFKDLIPLRQRAEAGQIDLSRPSKEEVEATAERTKN
ALAALVSGALAAQKPKNVQVNTKREATFVKYTPSAQMGNNTKKQERIIKIVERQRDPMEPPKFKHKKIPRGPP(SEP)PP
PPVMH(SEP)PPRKLTAEDQEAWRIPPPVSMWKNPKGFTIPLDKRLAADGRQLQEVQINDKFAQFSEALFMADRHAREEV
RQRAMMQQRLAEKERQQKEEHLRQLAQQARAERAAAAASGRRRSTRSRSGSYSGSESGSETDESERERRRARREKLKEEE
RKLRQSRMGAERRAQVLAREMDRDISEKIALGIAKPTMSGESMYDSRLFNQSSGFGATINEDNPYDKPLFAAQEAISSIY
RPRTNAEYEDDEEAGEKEMERIRKGNRFGEALGRGTFKGTEDAQPREGPVQFEKDTETADPFNVDKFLSEVQKGSNSGGG
KRGYGLQDEDSRQAKRSRVDDDENDD
;
R
22 'polypeptide(L)'
;MPDFGEYPPNLPVRDALILRESQAQAPTANHAVVPYTGENLARPSYGPANPFRDTSSSSASASGSLKRKNNVLTGHAEEM
YISEATFRAKHRAVEAVGGGVMRSNREMKEVNKRLREMREDKGSATIADGEGAYIGPWARYKRREEYEVVDKKGEEEDGD
EYEEVEVTDEEEEVIESGTVLKAPEPAIARRKEAEEMGEERTEFLGESEYDYLGRTYMHVPQDLDVSLNKEVGSITNYIP
KKLIYTWRHHGGKPITALQLFPRSSHLGLAGSADGVVKIFDVYRGRELLRSYSGHNKAITDLSFCNDGTKFLSGGFDRKI
RLWDTETGQCVNRFNIGKTPHVIKFNPSSENGHEFLAGLSDKRIVQYDTRAGNDTVQEYDRHLGPINTIEYIDENRRFMS
TSDDRSLKVWEYGIPVEIKTISEPDMFALTKSAQHPNGKYVLYQCSDNSIVAYSCSGDKFRQHRKKAWRGHNTAGSAIGL
TCSPDGQFVASGDTSGSVCFWDFKTCKLYSKLTADSAGGIINCVAWSEQETSKVFTAGAKGEIKLWD
;
W
23 'polypeptide(L)'
;MTTAHRPTFDPARGKEALRGPAYHQRLLPAYTTLKFRQPGQGGAADKSTRDLRAELEAAEAAHYAKLKGAPIPGTSSSSE
NNTPAIAGSSASSVTGKRPLPSSSNGGGDRPPDDGDEDPEAKRRRILAETRDIDADDDSSSGSDKDSDSESGSADSDDSS
DDEEAELQRELERVRRERMEKRAREEAERKAAEEARREEEIARGNPLLNKPDFTVKRRWDEDVVFKNQARGTEDKGKRKE
FVNDLLRSDFHKRFMSKYVR
;
P
24 'polypeptide(L)'
;MPPAKRIKSSADSRPNAGASGRPTLEDLEGENQFTNLARQHWLNVPQQAAKIKVKTDVLKRELYLWPGYGEDSSNYHVLL
IILIVNAKRRERVSTWDIFADRPADFSDLFRRALSMTLDSSLSWTIRTHVLLFIIHAFQSLDYAIVRKECAPLVSISIWH
NLSTEEKREALLDSNPHLRKAWRAATKRFESADDATKARLRFDRAWLYSLVLDFLTLLYSGNAKQEHVLYCERFVEFLTD
LQSQLPTRRYVNTLLQDLHVLPALSLSPIYNDEGNGLLRELCNLFTHYTYFAVDDQSGVQLSREQAYDRHCAILAKLQRI
AMKHFKEKLTVLALSNYGSIDKRSELEPLLQALTDDELVQLSNLMNIRTSYPDAARIPVDRKFIVEVLLTTFERRKTFQD
AAQALSVLPTEETLFDISLKRTDQYDGSRPLALPKLNLQYLSVGDFLWRSFVLYRCESFYAIRQDLEDALIRLKPEVRRG
GVTGFAGFSKMALPISKPVILDVMPPQVGDDKPSCVKAEVTIDLRRLTPQIRRDWESLRPDDVVFLLAVDASRQKQSANG
GAVLSEAERLGLVHVRAAEIIQVLDDKGKAIRDPQAYFDGHTRSDIRKIQLRLDATSYKADTEANRNVYEDINLIVRRSS
RENNFKPVLESIQDLTLSEVPLASWLHEVFLGYGDPAGATFKQLPNRLKKINFRDTFLDWQHLVESFPGKIIEPSDDVSS
SFGPPYVLESVEKQVEEHPSKPSKKRRRDVEPALMSKVETLKVSTYKPPNNGPYPVDAPKLNKIRFTPTQIDAIYSGTQP
GLTIIVGPPGTGKTDVAVQIISNIYHNFPEQKTLLVAHSNQALNQLFAKIVALDIDERHLLRLGHGEEELETEGSFSKHG
RVESFLDNRQRFLYEVSRLAASMGAPGAHGNSAETAGYFNKVYVEPAWAKFNDIIQREDVGPEDIVRAFPFHAYFSDAPQ
PLFPPEADRETVLEIANGCYRHISKIFEELADVLPFEILRRDKDKANYLLTSEARIIAMTSTHAAMKRGEIASLGFQYDN
VIMEEAAQITEIENFIPLALQKPKNGQMALQRVVLCGDHYQNSPVIQGLAFRHYANLEQSLFSRLVRLGVPTINLDQQGR
ARPSISNLYRWRYPQLGDLPHTQTEPEFLTANAGFRYDYQFVNVPDYRGMGESEPTPHFIQNLGEAEYAVAIFQYMRLLG
YPASKISILATYAGQKALIKDVLAHRCAKNPIFGLPRVVTTVDKYQGEQNDYIILSLTRTTRVGYLRDLRRLTVALSRAR
LGLYILGRRAVFESCYELRDAFSLLLRRPDKLALVTGELWPSKRLLADETDDTKKLEGEVVMEGVEHLGQWVFEMTKTKI
AELRKEKGLSEEVPVEMPKEVVSAEADEGYLPLDEEEGDGEEGEGERVKGFEIEDS
;
Y
25 'polypeptide(L)'
;MTSRGAPAGRRVLLPPINFLFRLLQQRTPVQIWLYEQLAIRITGVIRGFDEFMNLVIDDAVEIKLSPKTNEPESKRPLGQ
ILLKGDNISLIQALSGSA
;
a,j
26 'polypeptide(L)'
;MNTGFVPVNPRPFLQDLVNQDVIVRLKWGQTEYKGRLVSIDSYMNIQLANTEEFINYKSTGHLGQVLIRCNNVLWVTAAA
GKQMTPTEDTKMEE
;
b,l
27 'polypeptide(L)'
;MAPKTKKQAVSRTQHYEFFGPPGAAAISFGLPLLVYAFAFACNDITGCPAPSLLHPKSLKLDVLKQEVGWPKNGIWGLAS
WRVTGWTLAYYLWLALLYRILPGDVVEGTQLRNGGRLKYKLNAFASSMFTLVICAAGTIAQGADFPLWTFIADNYVQILT
ANVIIAYTLATFVYIRSFSVKPGNPQLRELAVGGVTGNILYDWFIGRELNPRVTLPIIGEIDIKQWMELRPGLLGWTLMN
CAFVAKQYRLYGYVTDSIVFVTAVQALYVLDSHYFEPAVLTTIDITTDGFGLMLSFGDIVWVPFIYTQSTRYLAVHPQKL
GYLGLVGVTVLLVAGFAIFRLSNSQKNAFRTNPNDPSVKHLKYIETKAGTRLLISGWWGIARHINYLGDWLQAWPYCLPT
GLAGYQILTAGSELAEGAVKMLDGRIVVPGEARGWGTIFTYFYVVYFATLLLHRDRRDDEKCSKKYGEDWEKYKEIVRWR
IIPALLQKPRSECTEWEIAQIEEWEMANGPLSLLQTAVRSHTQVLISVRSGRKLLARVKAFDRHCNMILENVKEMWTETP
VTNGKKGRPVNKDRFISKMFLRGDSVVIVLLS
;
c,m
28 'polypeptide(L)'
;MKLVRFLMKCANETVTIELKNGAIVHGTIASVTPKMDTALRNVRYTPKGEEPYSVESLTVRGNTIRYYILPDSLPLDTLL
IDDAPKPKNKARKEADRGRGRGRGRGGRGGRGGRARGR
;
d,o
29 'polypeptide(L)'
;MSSSQNRQGKMAGYINWRMRVTLNDGRQMTGQMLAFDKHMNLVLADTEEFRKTKRMQAKPNSSTTQTLIQEEKRTLGLTI
VRGANIIALSVESPPPADPSARLGKTTGAGIASTLTAGPGVARPAGRGAAAPISLAGPAPGVGGAVPPPPFPGFPAAAPP
GFPGRGGPAPPGFPAAPFPPPAGFPGAPGFPPGFPPGGAPPPAGFNPPPRR
;
e,p
30 'polypeptide(L)'
;MTSSIGIPIKLLNEAQGHIVTLELTTGQTYRGKLIEAEDNMNVQLKDITVTARDGRVSHLEQIYIRGSHVRFFIVPDMLR
NAPMFRSRNVRGRGVGLARGRATVSRARASGRGR
;
f,u
31 'polypeptide(L)'
;MAPAQPELKKYLDKRLFVELNGSRRVIGVLRGYDVFLNIVLDDAVEERPNGEKVKLGMVTIRGNSVVILEPLERIGDDRP
GR
;
g,k
32 'polypeptide(L)'
;MRLTAELIQNSLSYLNPLKERELDLRGHRIPAIENLGVAGPHDAIDLTDNDIQVLGNFPLSPRLRTLLVARNRVAMIHPT
LPNAIPNLRNLVLASNNLTELSDLDVLGKFPRLTHLVLMDNPVTKKEVKDAERNKAKELFGTAEAPTELAAKIMGIKSKT
FDVTAVPNGETQKSKLSRLKLTEKERKKLQEMIKKATSLEEIIRLEKYLNEGRLPPGIMVVEDAMEEHISMTSQSVDIWD
RD
;
h
33 'polypeptide(L)'
;MSTRGAPPPNLPAKVAAIPPNQTLYVTNLPSAKIQKEDLRTALYMLFSTYGSVLDVVALKTMKMRGQAHIVYKDIQTATM
AMRALDGFEFLGRPMKISYAKGKSHIIAKLDGTFKPPTAAKEVEVTDLQHSIFNAPVPGQPGSVTAPAKSSSLPPKPPGG
GDQPMPDVGATETRGVKRPREEELEEESDQDVAMEEESDED
;
i
34 'polypeptide(L)'
;MAAFGAKRKPRIIKAFDDDDEDLSLPLSSGGEDKQAGEELPPPARIKFGRTKFTKSSALRKNAMIGNDDTDSPNATSARD
DDDDDENSGAPVVVRPSSVNKGSLSKIKKRPAASRLSFGPSAGAEDDDEEAEVVIQPRKMLNQRAVENSALRANSSLPTR
FGGEENRPKYSKEYLAELQSATFNTPQNLADLKIHDDDEMQLDEMELEGALIVPSNEVAVPGASTTQTTHIPTEAEIRER
KERRARLAHEAKFIPLDDEFNSDNEGAQPSHPILNLPSKQKRRDTRLIREDEDLYEGFDEFVSDGNLALGRKAEKAVLQR
HRQEMAELIEAAQAEDNDEAASDDSEAEERAAYEEAQVRAAMDGLRGKYREEHLERGGGADLYEGRGPDDIPRMKPLPKL
GDVLQRIREAIQGLEGEVVRKRSRIEGLEKEKAEILVREKEVQEILNQAGQKYQEVVGGLGVHNVPKIVAGQSPLRPFPP
GLAREMPTERGLESYGATPIRRYGGEEDDG
;
CY
35 'polypeptide(L)'
;MARLDDLQFDPARLKNSSVDAYSSSDSDGDSDSDDYVIPSRNPHDDEFADYNPRKRRRTGRDPKESAALGIFAEDSDEDE
GPARRWKHKPLRNRGVNFVSGGQQKKEEDSSESDEEESNDDERKQQEAVDNEYDDDDPGGVPAALTEDDVDEDEDDEMGG
VGLGFKPSSTSATSQPQGGLGWTLPTQQETTTKKPPPFQRFVKSKIDPSNPLGPGFTPTSARAPTLLARNDEPTPPRTAL
PSAFQPTKDGKTKINPNSFGARMLAKMGYKEGQGLGKDGQGRNVIIEVNLRPQGVGLGAVKEKTKQEREEEKRQARLRGE
EVIDSSEEERKKKAAKKKKGLAGKIGSGSGSGASTPRPQKPKYLTMEEIKKVAPGLHIPEAFTPILDMTGPEKKLLTSTS
GLMTPTGGTGAAPTAESVEAAEKRKLIKRAQADFMAILEEWQSLQERKAYIDLQLQQERQELEELEASLQGNRSVTTACE
TALRPPESGELDQKKDLEYRLERIIAGLASATTSLIVGTMLPQVRDELGALAVAAIHPLFNQFRQLWDPLEEPKPSFVDG
MKEIRSLLGLDQKPKKKTYRKPSATPYETMMYELWLRTVAASVREWDVREPEPLIAVLEAWDALLPGFVRAQLLRDVVRK
LEEAVEKWQPRKHTHNLPHRWIFPWLPYLPASHLDAKAATGLVADVRRKFRTLIDAWDFSRGVIPGLKHWKQVLWPEHGR
SSDYWTPLMMNHLLPAMAKYLRQKFRVDPRDQGPYIDILDKVFEWTEVIRPEMVGEVIVAEVFPMWHDALYQWLLLEDAN
YEEIGQWFEWWQDQVFPDDIKALPSITAEFEKGTAMIERALDLGNRAKDELKPPERGPALRTGREERRRTEKERERERER
EKEKERATVGKPPEEITFRQVLEEWCQEHDLQFMPERNKIHAEGPLYRISGPDGKKGVSVYFKGNSVFVLMKDRKPLEFR
RDDEAEWGILLDMVY
;
Cb
36 'polypeptide(L)'
;MADITKGTKRLSGEAEGSQDSKRVKTNGDKMDAKNPYLAHLEEKPEADFESLLDKLERRNTTAKQAEAVEDSDINPWTGQ
RHSERYFKILKARRKLPVNKQRQEFLDLYHNNQILVFVGETGSGKTTQIPQYVLYDELPHQTGKLIACTQPRRVAAMSVA
QRVADELDVKLGEEVGYSIRFENKTSSKTLLKYMTDGQLLREAMHDRDMSRYSCIILDEAHERTLATDILMALLKQLSER
RKDLKIIVMSATLDAQKFQSYFFNAPLLAVPGRTHPVEIFYTPEAERDYVEAAIRTVLQIHACEPEGDILLFLTGEEEIE
DACRRISLEVDEMIRESDAGPMSVYPLYGTLPPHQQQRIFEKAPQPFRPGGRPGRKCIVATNIAETSLTIDGIVYVVDPG
FSKQKIYNPRTRVESLLVSPISKASAQQRAGRAGRTRPGKCFRLYTEEAFKKELIEQTYPEILRSNLSNTVLELKKLGVE
DLVHFDLMDPPAPETMMRALEELNYLACLDDDGELTPLGNLASEFPLDPALAVMLISSPEFYCSNEILSITSLLSVPQIW
VRPANARKRADEMKAQFAHPDGDHLTLLNAYHAYKGAEARGEDMKKWCHEHFLSYRHLSSADNVRAQLKKIMETHGIELV
STPFHDKNYYTNIRRALLAGFFMQVAMRESSNSKVYKTVKDEQLVLIHPSTTVTTPYEWVVYNEFVLTTKQYVRTVTNIR
PEWLLEIAPVYYDLSTFQKGEIKNALTRVAEKIRRQQAMKASKA
;
Cc
37 'polyribonucleotide'
;GU(P5P)(Y5P)(P5P)(Y5P)(P5P)(Y5P)(N)(Y5P)(Y5P)(Y5P)(Y5P)(Y5P)(N)(N)(N)(N)(N)(N)
(N)(N)(N)(N)(N)(N)(N)(N)(N)(N)(N)(N)(N)(N)(N)(N)(N)(N)(N)(N)(N)(N)(N)(N)(N)(N)
(N)(N)(N)(N)(N)(N)(N)(N)(N)(N)(N)(N)(N)(N)(N)(N)(N)(N)(N)(N)(N)(N)(N)(N)(N)(N)
(N)(N)(N)(N)(N)(N)(N)(N)(N)(N)(N)(N)(N)(N)(N)(N)(Y5P)(Y5P)(P5P)(Y5P)(P5P)(Y5P)
(Y5P)(Y5P)A(Y5P)(Y5P)(Y5P)(Y5P)
;
7
38 'polypeptide(L)'
;MSDAARWKATVYVGGLAPAVTATVLHEAFLPFGEIAEINLPRNENPNTASTEPHRGFAYVEFEDPEDAKEAIDNMDQSEL
FGRVIKVSAAKPPKSAGQGLGSKTAVWEQEGWLAEHAVSEEDRLAAERAKNARPNEDPMQGLEDLDVAGPKPE
;
Ci
39 'polypeptide(L)'
;(UNK)(UNK)(UNK)(UNK)(UNK)(UNK)(UNK)(UNK)(UNK)(UNK)(UNK)(UNK)(UNK)(UNK)(UNK)(UNK)
(UNK)(UNK)(UNK)(UNK)(UNK)(UNK)
;
H
#
loop_
_chem_comp.id
_chem_comp.type
_chem_comp.name
_chem_comp.formula
A RNA linking ADENOSINE-5'-MONOPHOSPHATE 'C10 H14 N5 O7 P'
C RNA linking CYTIDINE-5'-MONOPHOSPHATE 'C9 H14 N3 O8 P'
G RNA linking GUANOSINE-5'-MONOPHOSPHATE 'C10 H14 N5 O8 P'
GTP non-polymer GUANOSINE-5'-TRIPHOSPHATE 'C10 H16 N5 O14 P3'
IHP non-polymer 'INOSITOL HEXAKISPHOSPHATE' 'C6 H18 O24 P6'
M7M non-polymer 'N,N,7-trimethylguanosine 5'-(trihydrogen diphosphate)' 'C13 H23 N5 O11 P2'
MG non-polymer 'MAGNESIUM ION' 'Mg 2'
N RNA linking 'ANY 5'-MONOPHOSPHATE NUCLEOTIDE' 'C5 H11 O7 P'
P5P RNA linking 'PURINE RIBOSIDE-5'-MONOPHOSPHATE' 'C10 H13 N4 O7 P'
U RNA linking URIDINE-5'-MONOPHOSPHATE 'C9 H13 N2 O9 P'
Y5P RNA linking 1-(5-O-phosphono-beta-D-ribofuranosyl)-1,4-dihydropyrimidine 'C9 H15 N2 O7 P'
ZN non-polymer 'ZINC ION' 'Zn 2'
#
# COMPACT_ATOMS: atom_id res chain seq x y z
N ILE D 142 78.20 36.31 -3.47
CA ILE D 142 78.12 35.85 -2.09
C ILE D 142 77.10 36.66 -1.32
N ALA D 143 77.30 37.98 -1.29
CA ALA D 143 76.43 38.85 -0.50
C ALA D 143 75.05 39.03 -1.12
N LYS D 144 74.83 38.54 -2.33
CA LYS D 144 73.51 38.63 -2.95
C LYS D 144 72.75 37.31 -2.93
N PHE D 145 73.44 36.19 -2.79
CA PHE D 145 72.80 34.88 -2.73
C PHE D 145 72.98 34.22 -1.38
N ALA D 146 73.41 34.96 -0.36
CA ALA D 146 73.66 34.37 0.95
C ALA D 146 72.39 33.83 1.58
N GLN D 147 71.31 34.62 1.54
CA GLN D 147 70.06 34.14 2.09
C GLN D 147 69.49 32.99 1.29
N LYS D 148 69.46 33.10 -0.05
CA LYS D 148 68.99 32.01 -0.90
C LYS D 148 69.75 30.71 -0.63
N LYS D 149 71.06 30.80 -0.40
CA LYS D 149 71.81 29.64 0.07
C LYS D 149 71.33 29.16 1.42
N LYS D 150 71.05 30.08 2.35
CA LYS D 150 70.67 29.70 3.71
C LYS D 150 69.33 28.96 3.74
N GLU D 151 68.28 29.54 3.16
CA GLU D 151 67.03 28.78 3.12
C GLU D 151 67.04 27.60 2.15
N TRP D 152 67.88 27.58 1.12
CA TRP D 152 67.99 26.36 0.34
C TRP D 152 68.56 25.23 1.18
N LEU D 153 69.63 25.51 1.93
CA LEU D 153 70.23 24.50 2.78
C LEU D 153 69.28 24.06 3.89
N ARG D 154 68.61 25.03 4.53
CA ARG D 154 67.57 24.75 5.52
C ARG D 154 66.48 23.83 4.98
N MET D 155 65.89 24.19 3.84
CA MET D 155 64.78 23.42 3.29
C MET D 155 65.21 22.05 2.82
N GLN D 156 66.37 21.96 2.17
CA GLN D 156 66.84 20.67 1.70
C GLN D 156 67.17 19.75 2.87
N ARG D 157 67.81 20.30 3.91
CA ARG D 157 68.17 19.48 5.06
C ARG D 157 66.94 19.04 5.84
N ASN D 158 65.94 19.93 5.95
CA ASN D 158 64.70 19.59 6.62
C ASN D 158 63.93 18.54 5.85
N ARG D 159 63.93 18.62 4.52
CA ARG D 159 63.16 17.66 3.74
C ARG D 159 63.87 16.33 3.60
N PHE D 160 65.18 16.32 3.41
CA PHE D 160 65.93 15.11 3.08
C PHE D 160 66.87 14.67 4.19
N GLY D 161 66.68 15.17 5.41
CA GLY D 161 67.43 14.63 6.53
C GLY D 161 67.00 13.22 6.86
N GLU D 162 67.95 12.44 7.39
CA GLU D 162 67.61 11.10 7.83
C GLU D 162 66.75 11.10 9.09
N LYS D 163 66.75 12.20 9.82
CA LYS D 163 66.04 12.24 11.08
C LYS D 163 64.55 12.52 10.90
N ARG D 164 64.14 12.93 9.71
CA ARG D 164 62.75 13.27 9.40
C ARG D 164 62.27 12.51 8.18
N LYS D 165 62.46 11.20 8.19
CA LYS D 165 62.07 10.37 7.06
C LYS D 165 60.60 10.02 7.06
N GLY D 166 59.77 10.76 7.77
CA GLY D 166 58.34 10.61 7.70
C GLY D 166 57.66 11.96 7.81
N GLY D 167 58.45 13.03 7.79
CA GLY D 167 57.97 14.37 7.98
C GLY D 167 58.21 14.93 9.35
N PHE D 168 58.58 14.10 10.31
CA PHE D 168 58.67 14.50 11.71
C PHE D 168 59.79 13.72 12.36
N VAL D 169 60.26 14.21 13.49
CA VAL D 169 61.28 13.52 14.27
C VAL D 169 60.59 12.44 15.10
N GLU D 170 61.00 11.19 14.90
CA GLU D 170 60.39 10.04 15.54
C GLU D 170 61.23 9.61 16.73
N THR D 171 60.55 9.21 17.81
CA THR D 171 61.22 8.74 19.01
C THR D 171 60.52 7.49 19.53
N GLN D 172 61.21 6.75 20.38
CA GLN D 172 60.66 5.53 20.96
C GLN D 172 59.63 5.87 22.03
N LYS D 173 58.62 5.01 22.16
CA LYS D 173 57.63 5.21 23.19
C LYS D 173 58.23 4.91 24.56
N ALA D 174 58.05 5.84 25.47
CA ALA D 174 58.72 5.79 26.75
C ALA D 174 57.79 5.29 27.83
N ASP D 175 58.38 5.00 28.98
CA ASP D 175 57.62 4.62 30.15
C ASP D 175 57.28 5.86 30.95
N MET D 176 56.12 5.86 31.52
CA MET D 176 55.66 6.95 32.35
C MET D 176 56.00 6.65 33.80
N PRO D 177 55.83 7.62 34.69
CA PRO D 177 55.91 7.33 36.12
C PRO D 177 54.74 6.51 36.65
N PRO D 178 55.07 5.56 37.54
CA PRO D 178 54.04 4.76 38.20
C PRO D 178 53.06 5.61 38.98
N GLU D 179 53.50 6.76 39.46
CA GLU D 179 52.63 7.70 40.14
C GLU D 179 51.61 8.30 39.20
N HIS D 180 51.92 8.40 37.91
CA HIS D 180 50.92 8.83 36.94
C HIS D 180 49.78 7.84 36.87
N LEU D 181 50.10 6.55 36.69
CA LEU D 181 49.00 5.57 36.66
C LEU D 181 48.26 5.51 38.00
N ARG D 182 49.00 5.65 39.09
CA ARG D 182 48.42 5.63 40.43
C ARG D 182 47.43 6.77 40.63
N LYS D 183 47.81 7.97 40.20
CA LYS D 183 46.93 9.12 40.29
C LYS D 183 45.68 8.95 39.43
N ILE D 184 45.83 8.38 38.23
CA ILE D 184 44.67 8.16 37.38
C ILE D 184 43.65 7.25 38.04
N VAL D 185 44.10 6.10 38.57
CA VAL D 185 43.12 5.17 39.16
C VAL D 185 42.54 5.73 40.45
N LYS D 186 43.34 6.45 41.23
CA LYS D 186 42.82 7.04 42.47
C LYS D 186 41.77 8.10 42.16
N ASP D 187 41.99 8.93 41.15
CA ASP D 187 41.03 9.96 40.79
C ASP D 187 39.73 9.37 40.29
N ILE D 188 39.80 8.38 39.40
CA ILE D 188 38.52 7.90 38.87
C ILE D 188 37.78 7.04 39.90
N GLY D 189 38.49 6.33 40.77
CA GLY D 189 37.86 5.63 41.89
C GLY D 189 36.82 4.62 41.46
N ASP D 190 35.72 4.56 42.18
CA ASP D 190 34.49 4.09 41.59
C ASP D 190 33.99 5.20 40.69
N VAL D 191 33.45 4.85 39.54
CA VAL D 191 33.21 5.87 38.54
C VAL D 191 31.88 6.51 38.90
N SER D 192 31.90 7.40 39.87
CA SER D 192 30.70 7.92 40.50
C SER D 192 30.51 9.40 40.32
N GLN D 193 31.58 10.15 40.14
CA GLN D 193 31.48 11.59 39.95
C GLN D 193 31.16 11.89 38.50
N LYS D 194 30.32 12.89 38.29
CA LYS D 194 29.81 13.25 36.98
C LYS D 194 30.89 13.70 36.01
N LYS D 195 32.09 14.04 36.51
CA LYS D 195 33.20 14.43 35.65
C LYS D 195 33.54 13.36 34.62
N TYR D 196 33.41 12.09 34.99
CA TYR D 196 33.94 10.96 34.23
C TYR D 196 32.90 10.26 33.37
N THR D 197 31.93 10.95 32.77
CA THR D 197 30.96 10.30 31.89
C THR D 197 31.57 9.97 30.53
N SER D 198 32.31 10.93 30.00
CA SER D 198 33.05 10.80 28.76
C SER D 198 34.09 9.70 28.83
N ASP D 199 34.47 9.29 30.03
CA ASP D 199 35.23 8.08 30.25
C ASP D 199 34.38 6.85 30.43
N LYS D 200 33.11 7.01 30.82
CA LYS D 200 32.27 5.86 31.17
C LYS D 200 32.07 4.96 29.98
N ARG D 201 31.87 5.56 28.78
CA ARG D 201 31.68 4.69 27.61
C ARG D 201 32.91 3.81 27.32
N SER D 202 34.11 4.38 27.37
CA SER D 202 35.32 3.58 27.17
C SER D 202 35.57 2.60 28.30
N TYR D 203 35.32 3.02 29.54
CA TYR D 203 35.62 2.14 30.71
C TYR D 203 34.85 0.84 30.51
N LEU D 204 33.53 0.95 30.44
CA LEU D 204 32.68 -0.19 30.15
C LEU D 204 33.03 -0.86 28.83
N GLY D 205 33.51 -0.11 27.84
CA GLY D 205 33.94 -0.76 26.62
C GLY D 205 35.15 -1.65 26.78
N ALA D 206 36.05 -1.28 27.68
CA ALA D 206 37.23 -2.10 27.98
C ALA D 206 36.88 -3.42 28.66
N LEU D 207 35.67 -3.52 29.19
CA LEU D 207 35.19 -4.85 29.64
C LEU D 207 35.38 -5.98 28.61
N LYS D 208 35.24 -5.68 27.31
CA LYS D 208 35.53 -6.64 26.25
C LYS D 208 36.95 -7.22 26.34
N PHE D 209 37.90 -6.46 26.88
CA PHE D 209 39.30 -6.86 26.91
C PHE D 209 39.75 -7.32 28.28
N MET D 210 38.94 -7.16 29.31
CA MET D 210 39.20 -7.77 30.62
C MET D 210 39.70 -9.23 30.69
N PRO D 211 39.28 -10.18 29.84
CA PRO D 211 39.93 -11.51 29.88
C PRO D 211 41.44 -11.55 29.62
N HIS D 212 41.96 -10.71 28.71
CA HIS D 212 43.41 -10.61 28.55
C HIS D 212 44.09 -10.12 29.82
N ALA D 213 43.49 -9.15 30.51
CA ALA D 213 44.11 -8.60 31.71
C ALA D 213 44.18 -9.64 32.80
N VAL D 214 43.15 -10.47 32.92
CA VAL D 214 43.16 -11.55 33.90
C VAL D 214 44.24 -12.57 33.59
N LEU D 215 44.36 -12.98 32.31
CA LEU D 215 45.41 -13.94 31.98
C LEU D 215 46.81 -13.37 32.22
N LYS D 216 47.04 -12.12 31.81
CA LYS D 216 48.38 -11.55 31.92
C LYS D 216 48.80 -11.37 33.37
N LEU D 217 47.88 -10.92 34.22
CA LEU D 217 48.16 -10.81 35.64
C LEU D 217 48.45 -12.17 36.27
N LEU D 218 47.56 -13.14 36.06
CA LEU D 218 47.73 -14.42 36.71
C LEU D 218 48.94 -15.20 36.19
N GLU D 219 49.41 -14.96 34.97
CA GLU D 219 50.62 -15.65 34.57
C GLU D 219 51.86 -14.93 35.04
N ASN D 220 51.78 -13.64 35.35
CA ASN D 220 52.93 -12.95 35.87
C ASN D 220 52.92 -12.85 37.39
N MET D 221 52.09 -13.67 38.02
CA MET D 221 52.06 -13.75 39.48
C MET D 221 53.41 -14.19 40.08
N PRO D 222 53.81 -13.60 41.22
CA PRO D 222 55.07 -14.00 41.86
C PRO D 222 55.08 -15.43 42.38
N MET D 223 56.25 -15.98 42.42
CA MET D 223 56.58 -17.31 42.89
C MET D 223 56.80 -17.30 44.39
N PRO D 224 56.67 -18.47 45.06
CA PRO D 224 56.70 -18.48 46.53
C PRO D 224 57.99 -18.01 47.15
N TRP D 225 59.07 -17.97 46.39
CA TRP D 225 60.34 -17.45 46.88
C TRP D 225 60.53 -15.97 46.64
N GLU D 226 59.53 -15.28 46.12
CA GLU D 226 59.59 -13.84 45.92
C GLU D 226 58.66 -13.17 46.91
N ALA D 227 59.16 -12.17 47.61
CA ALA D 227 58.26 -11.37 48.45
C ALA D 227 57.39 -10.47 47.60
N ALA D 228 57.98 -9.79 46.63
CA ALA D 228 57.28 -8.90 45.74
C ALA D 228 57.89 -8.99 44.36
N ARG D 229 57.11 -8.61 43.36
CA ARG D 229 57.59 -8.59 41.99
C ARG D 229 57.11 -7.31 41.33
N GLU D 230 57.98 -6.66 40.57
CA GLU D 230 57.59 -5.56 39.72
C GLU D 230 57.37 -6.05 38.30
N VAL D 231 56.27 -5.61 37.69
CA VAL D 231 55.92 -6.01 36.34
C VAL D 231 55.71 -4.75 35.52
N LYS D 232 56.09 -4.81 34.24
CA LYS D 232 55.68 -3.77 33.31
C LYS D 232 54.19 -3.90 33.02
N VAL D 233 53.49 -2.78 33.01
CA VAL D 233 52.08 -2.80 32.70
C VAL D 233 51.79 -1.81 31.58
N LEU D 234 50.81 -2.15 30.76
CA LEU D 234 50.28 -1.23 29.78
C LEU D 234 48.92 -0.77 30.26
N TYR D 235 48.77 0.52 30.53
CA TYR D 235 47.54 1.01 31.12
C TYR D 235 46.87 2.02 30.22
N HIS D 236 45.55 2.01 30.23
CA HIS D 236 44.76 3.05 29.59
C HIS D 236 44.80 4.33 30.42
N VAL D 237 44.77 5.47 29.73
CA VAL D 237 44.86 6.76 30.41
C VAL D 237 43.58 7.17 31.12
N ASN D 238 42.48 6.44 30.92
CA ASN D 238 41.27 6.54 31.73
C ASN D 238 41.45 5.97 33.11
N GLY D 239 42.31 4.98 33.25
CA GLY D 239 42.28 4.10 34.40
C GLY D 239 41.32 2.94 34.24
N CYS D 240 41.02 2.54 33.01
CA CYS D 240 40.06 1.47 32.78
C CYS D 240 40.67 0.10 32.63
N LEU D 241 41.90 -0.01 32.14
CA LEU D 241 42.43 -1.32 31.82
C LEU D 241 43.93 -1.32 32.06
N THR D 242 44.37 -2.13 32.99
CA THR D 242 45.78 -2.31 33.28
C THR D 242 46.17 -3.70 32.78
N LEU D 243 47.06 -3.75 31.81
CA LEU D 243 47.48 -5.01 31.21
C LEU D 243 48.94 -5.27 31.57
N VAL D 244 49.19 -6.38 32.26
CA VAL D 244 50.57 -6.77 32.55
C VAL D 244 51.24 -7.14 31.24
N ASN D 245 52.19 -6.33 30.82
CA ASN D 245 52.83 -6.50 29.53
C ASN D 245 54.14 -7.29 29.66
N GLU D 246 54.02 -8.51 30.16
CA GLU D 246 55.17 -9.34 30.41
C GLU D 246 54.85 -10.78 30.06
N ILE D 247 55.91 -11.54 29.82
CA ILE D 247 55.84 -12.99 29.68
C ILE D 247 56.76 -13.57 30.74
N PRO D 248 56.30 -14.46 31.60
CA PRO D 248 57.15 -14.96 32.69
C PRO D 248 58.21 -15.95 32.23
N ARG D 249 59.24 -15.46 31.58
CA ARG D 249 60.24 -16.27 30.92
C ARG D 249 61.27 -16.75 31.94
N VAL D 250 61.56 -18.05 31.95
CA VAL D 250 62.43 -18.64 32.96
C VAL D 250 63.46 -19.56 32.30
N ILE D 251 64.60 -19.71 32.96
CA ILE D 251 65.55 -20.77 32.63
C ILE D 251 65.01 -22.05 33.25
N GLU D 252 64.69 -23.02 32.40
CA GLU D 252 64.02 -24.24 32.87
C GLU D 252 64.80 -25.03 33.93
N PRO D 253 66.13 -25.24 33.84
CA PRO D 253 66.83 -25.85 34.99
C PRO D 253 66.73 -25.06 36.28
N VAL D 254 66.80 -23.73 36.20
CA VAL D 254 66.73 -22.89 37.38
C VAL D 254 65.35 -22.96 38.00
N PHE D 255 64.31 -22.95 37.17
CA PHE D 255 62.93 -23.04 37.63
C PHE D 255 62.63 -24.39 38.25
N PHE D 256 63.13 -25.48 37.66
CA PHE D 256 63.09 -26.79 38.30
C PHE D 256 63.76 -26.79 39.66
N ALA D 257 64.97 -26.25 39.76
CA ALA D 257 65.66 -26.27 41.03
C ALA D 257 64.94 -25.43 42.08
N GLN D 258 64.37 -24.31 41.66
CA GLN D 258 63.64 -23.45 42.57
C GLN D 258 62.39 -24.12 43.11
N TRP D 259 61.64 -24.80 42.24
CA TRP D 259 60.43 -25.45 42.75
C TRP D 259 60.75 -26.75 43.48
N GLY D 260 61.86 -27.42 43.16
CA GLY D 260 62.28 -28.57 43.96
C GLY D 260 62.71 -28.16 45.35
N SER D 261 63.44 -27.05 45.45
CA SER D 261 63.74 -26.47 46.76
C SER D 261 62.47 -26.04 47.50
N MET D 262 61.46 -25.56 46.77
CA MET D 262 60.18 -25.28 47.44
C MET D 262 59.54 -26.54 47.97
N TRP D 263 59.61 -27.63 47.21
CA TRP D 263 59.04 -28.91 47.64
C TRP D 263 59.69 -29.37 48.94
N ARG D 264 61.02 -29.31 48.99
CA ARG D 264 61.73 -29.74 50.19
C ARG D 264 61.49 -28.80 51.37
N THR D 265 61.54 -27.48 51.14
CA THR D 265 61.30 -26.51 52.21
C THR D 265 59.88 -26.60 52.76
N MET D 266 58.90 -26.74 51.87
CA MET D 266 57.51 -26.89 52.30
C MET D 266 57.30 -28.17 53.10
N ARG D 267 57.92 -29.27 52.68
CA ARG D 267 57.79 -30.51 53.44
C ARG D 267 58.41 -30.37 54.83
N LYS D 268 59.58 -29.73 54.92
CA LYS D 268 60.19 -29.49 56.23
C LYS D 268 59.30 -28.63 57.12
N GLU D 269 58.73 -27.57 56.55
CA GLU D 269 57.88 -26.70 57.34
C GLU D 269 56.60 -27.39 57.77
N LYS D 270 56.04 -28.25 56.93
CA LYS D 270 54.82 -28.94 57.32
C LYS D 270 55.11 -30.02 58.36
N SER D 271 56.31 -30.58 58.37
CA SER D 271 56.66 -31.49 59.46
C SER D 271 56.96 -30.73 60.75
N ASP D 272 57.42 -29.49 60.65
CA ASP D 272 57.85 -28.77 61.85
C ASP D 272 56.78 -27.86 62.46
N ARG D 273 55.81 -27.39 61.69
CA ARG D 273 54.72 -26.58 62.25
C ARG D 273 53.86 -27.42 63.18
N ARG D 274 53.43 -26.81 64.28
CA ARG D 274 52.55 -27.49 65.22
C ARG D 274 51.12 -27.55 64.70
N LEU D 275 50.53 -26.38 64.45
CA LEU D 275 49.22 -26.28 63.85
C LEU D 275 49.29 -25.37 62.64
N PHE D 276 48.83 -25.85 61.50
CA PHE D 276 48.79 -25.04 60.30
C PHE D 276 47.39 -24.45 60.19
N LYS D 277 47.29 -23.15 60.45
CA LYS D 277 46.05 -22.41 60.31
C LYS D 277 45.92 -21.99 58.85
N ARG D 278 45.04 -22.66 58.12
CA ARG D 278 44.78 -22.27 56.73
C ARG D 278 44.12 -20.89 56.69
N MET D 279 44.55 -20.07 55.75
CA MET D 279 44.01 -18.73 55.63
C MET D 279 42.63 -18.74 54.99
N ARG D 280 41.81 -17.79 55.40
CA ARG D 280 40.39 -17.80 55.10
C ARG D 280 40.11 -17.45 53.64
N PHE D 281 39.00 -17.99 53.13
CA PHE D 281 38.53 -17.70 51.78
C PHE D 281 37.05 -17.34 51.83
N PRO D 282 36.64 -16.16 51.35
CA PRO D 282 37.48 -15.10 50.79
C PRO D 282 38.23 -14.34 51.86
N PRO D 283 39.42 -13.85 51.52
CA PRO D 283 40.25 -13.15 52.51
C PRO D 283 39.64 -11.89 53.05
N PHE D 284 38.70 -11.28 52.34
CA PHE D 284 38.10 -10.03 52.79
C PHE D 284 36.59 -10.17 52.75
N ASP D 285 35.91 -9.28 53.44
CA ASP D 285 34.47 -9.32 53.54
C ASP D 285 33.83 -8.78 52.26
N ASP D 286 32.60 -9.21 52.01
CA ASP D 286 31.90 -8.86 50.78
C ASP D 286 31.69 -7.35 50.68
N GLU D 287 31.34 -6.70 51.78
CA GLU D 287 31.07 -5.28 51.78
C GLU D 287 32.26 -4.45 52.21
N GLU D 288 33.41 -5.06 52.45
CA GLU D 288 34.60 -4.30 52.82
C GLU D 288 35.21 -3.67 51.58
N PRO D 289 35.40 -2.36 51.54
CA PRO D 289 35.88 -1.72 50.33
C PRO D 289 37.30 -2.14 50.02
N PRO D 290 37.73 -2.09 48.76
CA PRO D 290 39.06 -2.58 48.40
C PRO D 290 40.16 -1.74 49.02
N LEU D 291 41.28 -2.39 49.28
CA LEU D 291 42.39 -1.71 49.93
C LEU D 291 43.10 -0.78 48.96
N SER D 292 43.99 0.02 49.53
CA SER D 292 44.72 1.03 48.79
C SER D 292 46.20 0.68 48.75
N TRP D 293 46.79 0.87 47.57
CA TRP D 293 48.23 0.74 47.47
C TRP D 293 48.91 1.76 48.37
N SER D 294 48.54 3.03 48.23
CA SER D 294 49.28 4.10 48.89
C SER D 294 49.06 4.13 50.40
N GLU D 295 47.87 3.80 50.87
CA GLU D 295 47.61 3.85 52.30
C GLU D 295 47.67 2.49 52.99
N ASN D 296 47.72 1.40 52.26
CA ASN D 296 47.76 0.13 52.96
C ASN D 296 48.94 -0.73 52.54
N ILE D 297 49.45 -0.61 51.32
CA ILE D 297 50.51 -1.53 50.91
C ILE D 297 51.83 -0.86 50.53
N GLU D 298 51.85 0.42 50.10
CA GLU D 298 52.94 0.96 49.27
C GLU D 298 54.33 0.80 49.87
N ASP D 299 54.50 1.15 51.14
CA ASP D 299 55.83 1.09 51.75
C ASP D 299 55.93 0.06 52.87
N VAL D 300 54.95 -0.83 52.97
CA VAL D 300 54.91 -1.82 54.04
C VAL D 300 55.96 -2.90 53.79
N GLU D 301 56.84 -3.09 54.76
CA GLU D 301 57.74 -4.20 55.01
C GLU D 301 57.13 -5.55 54.70
N PRO D 302 57.67 -6.31 53.75
CA PRO D 302 57.14 -7.64 53.48
C PRO D 302 57.76 -8.70 54.37
N LEU D 303 56.96 -9.72 54.64
CA LEU D 303 57.42 -10.87 55.41
C LEU D 303 58.39 -11.69 54.58
N GLU D 304 58.97 -12.69 55.21
CA GLU D 304 59.94 -13.52 54.54
C GLU D 304 59.25 -14.47 53.56
N PRO D 305 59.71 -14.55 52.32
CA PRO D 305 59.20 -15.56 51.41
C PRO D 305 59.76 -16.94 51.74
N ILE D 306 59.18 -17.96 51.10
CA ILE D 306 59.67 -19.32 51.28
C ILE D 306 61.00 -19.44 50.56
N GLN D 307 62.07 -19.70 51.30
CA GLN D 307 63.39 -19.83 50.70
C GLN D 307 64.17 -20.89 51.44
N MET D 308 64.78 -21.79 50.69
CA MET D 308 65.70 -22.77 51.27
C MET D 308 66.93 -22.08 51.81
N GLU D 309 67.42 -22.56 52.95
CA GLU D 309 68.72 -22.17 53.45
C GLU D 309 69.77 -22.90 52.61
N LEU D 310 70.37 -22.19 51.66
CA LEU D 310 71.39 -22.78 50.81
C LEU D 310 72.72 -22.82 51.55
N ASP D 311 73.66 -23.55 50.96
CA ASP D 311 74.95 -23.81 51.56
C ASP D 311 76.02 -22.94 50.90
N GLU D 312 76.74 -22.21 51.75
CA GLU D 312 77.80 -21.32 51.33
C GLU D 312 78.91 -22.06 50.59
N ASP D 313 79.10 -23.35 50.91
CA ASP D 313 80.09 -24.19 50.25
C ASP D 313 79.47 -25.17 49.26
N GLU D 314 78.45 -25.91 49.70
CA GLU D 314 77.86 -26.93 48.84
C GLU D 314 77.00 -26.31 47.74
N ASP D 315 76.19 -25.30 48.08
CA ASP D 315 75.39 -24.59 47.10
C ASP D 315 76.03 -23.27 46.71
N ALA D 316 77.36 -23.20 46.81
CA ALA D 316 78.14 -22.03 46.41
C ALA D 316 77.90 -21.60 44.97
N ALA D 317 77.68 -22.55 44.06
CA ALA D 317 77.60 -22.20 42.63
C ALA D 317 76.34 -21.43 42.28
N VAL D 318 75.26 -21.58 43.03
CA VAL D 318 74.03 -20.85 42.81
C VAL D 318 73.71 -19.90 43.96
N TYR D 319 74.65 -19.70 44.88
CA TYR D 319 74.35 -19.08 46.16
C TYR D 319 73.85 -17.64 46.03
N GLU D 320 74.51 -16.85 45.19
CA GLU D 320 74.20 -15.43 45.15
C GLU D 320 72.89 -15.15 44.43
N TRP D 321 72.50 -16.00 43.49
CA TRP D 321 71.46 -15.60 42.55
C TRP D 321 70.25 -16.54 42.51
N PHE D 322 70.20 -17.55 43.37
CA PHE D 322 69.23 -18.64 43.19
C PHE D 322 67.80 -18.17 43.27
N TYR D 323 67.53 -17.21 44.15
CA TYR D 323 66.16 -16.79 44.43
C TYR D 323 65.87 -15.40 43.89
N ASP D 324 66.72 -14.89 43.01
CA ASP D 324 66.44 -13.65 42.31
C ASP D 324 65.27 -13.85 41.36
N HIS D 325 64.63 -12.75 40.97
CA HIS D 325 63.42 -12.86 40.16
C HIS D 325 63.71 -13.39 38.77
N GLN D 326 64.66 -12.78 38.07
CA GLN D 326 65.14 -13.32 36.80
C GLN D 326 66.63 -13.53 37.02
N PRO D 327 67.02 -14.70 37.51
CA PRO D 327 68.41 -14.91 37.91
C PRO D 327 69.36 -14.72 36.75
N LEU D 328 70.50 -14.09 37.04
CA LEU D 328 71.63 -13.90 36.15
C LEU D 328 71.34 -12.92 35.03
N ILE D 329 70.39 -12.00 35.22
CA ILE D 329 69.97 -11.13 34.13
C ILE D 329 70.98 -10.03 33.83
N ASP D 330 71.86 -9.72 34.76
CA ASP D 330 72.90 -8.72 34.53
C ASP D 330 74.26 -9.33 34.22
N THR D 331 74.36 -10.64 34.25
CA THR D 331 75.58 -11.40 34.05
C THR D 331 75.71 -11.80 32.59
N PRO D 332 76.88 -12.26 32.16
CA PRO D 332 77.01 -12.81 30.80
C PRO D 332 76.41 -14.19 30.61
N HIS D 333 75.64 -14.71 31.57
CA HIS D 333 74.99 -15.99 31.41
C HIS D 333 73.67 -15.89 30.67
N VAL D 334 73.21 -14.68 30.36
CA VAL D 334 72.00 -14.47 29.60
C VAL D 334 72.33 -13.52 28.45
N ASN D 335 71.45 -13.50 27.45
CA ASN D 335 71.70 -12.70 26.26
C ASN D 335 71.59 -11.21 26.54
N GLY D 336 70.74 -10.81 27.47
CA GLY D 336 70.48 -9.43 27.74
C GLY D 336 69.23 -9.30 28.57
N PRO D 337 68.79 -8.07 28.81
CA PRO D 337 67.62 -7.86 29.67
C PRO D 337 66.31 -8.43 29.13
N SER D 338 66.23 -8.77 27.85
CA SER D 338 65.03 -9.41 27.32
C SER D 338 64.94 -10.87 27.67
N TYR D 339 66.01 -11.44 28.24
CA TYR D 339 65.99 -12.71 28.98
C TYR D 339 65.56 -13.88 28.10
N LYS D 340 66.25 -14.08 27.00
CA LYS D 340 65.79 -15.05 26.02
C LYS D 340 66.68 -16.26 25.83
N ARG D 341 68.00 -16.15 26.01
CA ARG D 341 68.89 -17.29 25.85
C ARG D 341 69.87 -17.34 27.01
N TRP D 342 70.13 -18.54 27.52
CA TRP D 342 71.01 -18.72 28.66
C TRP D 342 72.17 -19.66 28.34
N ASN D 343 73.27 -19.48 29.07
CA ASN D 343 74.38 -20.42 29.07
C ASN D 343 74.90 -20.56 30.50
N LEU D 344 74.99 -21.79 30.98
CA LEU D 344 75.40 -22.06 32.35
C LEU D 344 76.64 -22.93 32.39
N THR D 345 77.39 -22.82 33.47
CA THR D 345 78.60 -23.61 33.64
C THR D 345 78.26 -24.99 34.20
N LEU D 346 79.24 -25.88 34.14
CA LEU D 346 79.07 -27.21 34.72
C LEU D 346 78.84 -27.21 36.23
N PRO D 347 79.58 -26.45 37.06
CA PRO D 347 79.20 -26.40 38.49
C PRO D 347 77.79 -25.88 38.74
N GLN D 348 77.37 -24.87 37.99
CA GLN D 348 76.02 -24.35 38.15
C GLN D 348 74.98 -25.37 37.76
N MET D 349 75.18 -26.06 36.64
CA MET D 349 74.24 -27.08 36.18
C MET D 349 74.18 -28.25 37.16
N ALA D 350 75.32 -28.66 37.71
CA ALA D 350 75.34 -29.75 38.67
C ALA D 350 74.59 -29.37 39.94
N ASN D 351 74.78 -28.15 40.40
CA ASN D 351 74.12 -27.69 41.61
C ASN D 351 72.62 -27.57 41.40
N LEU D 352 72.19 -27.11 40.22
CA LEU D 352 70.76 -27.06 39.91
C LEU D 352 70.15 -28.45 39.81
N TYR D 353 70.88 -29.41 39.24
CA TYR D 353 70.39 -30.79 39.18
C TYR D 353 70.23 -31.38 40.58
N ARG D 354 71.20 -31.12 41.45
CA ARG D 354 71.10 -31.62 42.83
C ARG D 354 69.98 -30.95 43.60
N LEU D 355 69.77 -29.65 43.39
CA LEU D 355 68.68 -28.96 44.06
C LEU D 355 67.32 -29.38 43.51
N SER D 356 67.28 -29.83 42.26
CA SER D 356 66.03 -30.25 41.66
C SER D 356 65.77 -31.74 41.82
N GLU D 357 66.64 -32.46 42.52
CA GLU D 357 66.51 -33.87 42.87
C GLU D 357 65.13 -34.40 43.27
N PRO D 358 64.27 -33.68 44.01
CA PRO D 358 62.92 -34.24 44.26
C PRO D 358 62.03 -34.27 43.04
N LEU D 359 62.36 -33.55 41.96
CA LEU D 359 61.45 -33.43 40.83
C LEU D 359 62.13 -33.81 39.52
N VAL D 360 63.24 -34.50 39.56
CA VAL D 360 63.88 -34.95 38.32
C VAL D 360 63.57 -36.41 38.12
N SER D 361 63.46 -36.79 36.85
CA SER D 361 63.25 -38.18 36.49
C SER D 361 64.52 -38.97 36.75
N ASP D 362 64.37 -40.14 37.36
CA ASP D 362 65.49 -41.06 37.54
C ASP D 362 65.80 -41.84 36.28
N VAL D 363 64.88 -41.85 35.31
CA VAL D 363 64.97 -42.76 34.18
C VAL D 363 66.12 -42.34 33.27
N VAL D 364 67.04 -43.27 33.02
CA VAL D 364 68.15 -43.06 32.11
C VAL D 364 67.96 -43.82 30.81
N ASP D 365 67.48 -45.06 30.89
CA ASP D 365 67.30 -45.89 29.71
C ASP D 365 66.06 -45.46 28.95
N PRO D 366 66.15 -45.25 27.63
CA PRO D 366 64.94 -45.06 26.83
C PRO D 366 64.14 -46.33 26.62
N ASN D 367 64.67 -47.49 26.99
CA ASN D 367 63.93 -48.74 26.95
C ASN D 367 62.93 -48.87 28.08
N TYR D 368 62.94 -47.94 29.04
CA TYR D 368 61.99 -47.97 30.14
C TYR D 368 60.55 -47.87 29.65
N PHE D 369 60.32 -47.05 28.62
CA PHE D 369 58.98 -46.79 28.12
C PHE D 369 58.59 -47.71 26.99
N TYR D 370 59.10 -48.92 26.94
CA TYR D 370 58.65 -49.89 25.95
C TYR D 370 57.20 -50.24 26.23
N LEU D 371 56.34 -50.03 25.23
CA LEU D 371 54.89 -50.20 25.30
C LEU D 371 54.25 -49.31 26.37
N PHE D 372 54.90 -48.22 26.73
CA PHE D 372 54.36 -47.23 27.65
C PHE D 372 54.73 -45.85 27.16
N GLU D 373 54.55 -45.61 25.88
CA GLU D 373 54.84 -44.33 25.29
C GLU D 373 53.76 -44.04 24.26
N LEU D 374 53.89 -42.88 23.61
CA LEU D 374 52.77 -42.28 22.88
C LEU D 374 52.31 -43.15 21.72
N LYS D 375 53.23 -43.71 20.95
CA LYS D 375 52.85 -44.51 19.79
C LYS D 375 52.14 -45.80 20.21
N SER D 376 52.61 -46.42 21.30
CA SER D 376 51.92 -47.60 21.83
C SER D 376 50.54 -47.25 22.34
N PHE D 377 50.40 -46.11 23.02
CA PHE D 377 49.10 -45.67 23.50
C PHE D 377 48.14 -45.41 22.35
N LEU D 378 48.64 -44.82 21.26
CA LEU D 378 47.81 -44.55 20.11
C LEU D 378 47.42 -45.84 19.38
N THR D 379 48.35 -46.80 19.31
CA THR D 379 48.02 -48.09 18.71
C THR D 379 46.98 -48.84 19.54
N ALA D 380 47.11 -48.81 20.86
CA ALA D 380 46.11 -49.43 21.73
C ALA D 380 44.76 -48.75 21.61
N LYS D 381 44.76 -47.42 21.46
CA LYS D 381 43.52 -46.69 21.24
C LYS D 381 42.86 -47.08 19.94
N ALA D 382 43.66 -47.22 18.87
CA ALA D 382 43.10 -47.63 17.58
C ALA D 382 42.63 -49.07 17.59
N LEU D 383 43.27 -49.92 18.38
CA LEU D 383 42.89 -51.31 18.49
C LEU D 383 41.81 -51.55 19.53
N ASN D 384 41.40 -50.51 20.25
CA ASN D 384 40.38 -50.58 21.29
C ASN D 384 40.78 -51.56 22.40
N VAL D 385 42.02 -51.42 22.85
CA VAL D 385 42.56 -52.20 23.95
C VAL D 385 43.25 -51.23 24.88
N ALA D 386 43.46 -51.67 26.12
CA ALA D 386 44.09 -50.84 27.12
C ALA D 386 45.39 -51.52 27.55
N LEU D 387 46.48 -50.79 27.46
CA LEU D 387 47.75 -51.27 27.98
C LEU D 387 47.71 -51.28 29.51
N PRO D 388 48.52 -52.11 30.15
CA PRO D 388 48.58 -52.10 31.62
C PRO D 388 49.06 -50.78 32.17
N GLY D 389 48.16 -50.06 32.85
CA GLY D 389 48.46 -48.77 33.40
C GLY D 389 48.18 -47.61 32.47
N GLY D 390 47.87 -47.86 31.22
CA GLY D 390 47.64 -46.81 30.26
C GLY D 390 46.19 -46.39 30.17
N PRO D 391 45.91 -45.38 29.36
CA PRO D 391 44.56 -44.86 29.25
C PRO D 391 43.66 -45.78 28.43
N ARG D 392 42.37 -45.49 28.50
CA ARG D 392 41.34 -46.24 27.79
C ARG D 392 40.40 -45.22 27.18
N PHE D 393 39.95 -45.47 25.95
CA PHE D 393 39.20 -44.49 25.18
C PHE D 393 37.93 -45.12 24.65
N GLU D 394 37.10 -44.29 24.04
CA GLU D 394 36.00 -44.80 23.23
C GLU D 394 36.57 -45.52 22.02
N PRO D 395 35.91 -46.58 21.55
CA PRO D 395 36.44 -47.37 20.43
C PRO D 395 36.61 -46.54 19.16
N LEU D 396 37.66 -46.86 18.41
CA LEU D 396 37.82 -46.25 17.11
C LEU D 396 36.89 -46.88 16.08
N TYR D 397 36.64 -48.17 16.21
CA TYR D 397 35.84 -48.92 15.25
C TYR D 397 34.95 -49.87 16.03
N LYS D 398 33.69 -49.49 16.20
CA LYS D 398 32.67 -50.39 16.72
C LYS D 398 31.88 -50.95 15.54
N ASP D 399 32.54 -51.82 14.78
CA ASP D 399 31.91 -52.41 13.62
C ASP D 399 32.10 -53.93 13.52
N ILE D 400 33.18 -54.45 14.11
CA ILE D 400 33.54 -55.85 13.95
C ILE D 400 33.13 -56.62 15.20
N ASP D 401 32.30 -57.63 15.00
CA ASP D 401 31.96 -58.67 15.96
C ASP D 401 32.19 -60.00 15.26
N PRO D 402 32.67 -61.03 15.97
CA PRO D 402 32.84 -62.35 15.32
C PRO D 402 31.54 -62.95 14.80
N ASN D 403 30.41 -62.66 15.46
CA ASN D 403 29.11 -63.12 14.98
C ASN D 403 28.78 -62.50 13.62
N ASP D 404 29.25 -61.27 13.38
CA ASP D 404 29.28 -60.75 12.02
C ASP D 404 30.34 -61.45 11.19
N GLU D 405 31.47 -61.79 11.80
CA GLU D 405 32.50 -62.62 11.19
C GLU D 405 32.21 -64.10 11.51
N ASP D 406 31.04 -64.53 11.03
CA ASP D 406 30.50 -65.86 11.25
C ASP D 406 31.29 -66.88 10.41
N PHE D 407 30.87 -68.14 10.39
CA PHE D 407 31.71 -69.25 9.97
C PHE D 407 31.98 -69.27 8.47
N GLY D 408 32.71 -68.29 7.96
CA GLY D 408 33.09 -68.33 6.57
C GLY D 408 34.26 -69.25 6.25
N GLU D 409 35.48 -68.86 6.64
CA GLU D 409 36.65 -69.68 6.34
C GLU D 409 37.63 -69.81 7.50
N PHE D 410 37.88 -68.72 8.22
CA PHE D 410 39.05 -68.65 9.11
C PHE D 410 38.76 -68.94 10.57
N ASN D 411 37.51 -68.82 11.02
CA ASN D 411 37.23 -68.87 12.46
C ASN D 411 37.05 -70.29 12.98
N ALA D 412 37.67 -71.27 12.32
CA ALA D 412 37.52 -72.66 12.71
C ALA D 412 38.45 -72.98 13.87
N MET D 413 37.84 -73.15 15.05
CA MET D 413 38.54 -73.60 16.24
C MET D 413 39.20 -74.95 16.04
N ASP D 414 38.62 -75.80 15.19
CA ASP D 414 39.24 -77.06 14.82
C ASP D 414 40.44 -76.90 13.88
N ARG D 415 40.59 -75.75 13.26
CA ARG D 415 41.72 -75.50 12.38
C ARG D 415 42.85 -74.73 13.07
N ILE D 416 42.54 -73.93 14.08
CA ILE D 416 43.58 -73.13 14.73
C ILE D 416 44.27 -73.97 15.80
N ILE D 417 45.60 -74.03 15.73
CA ILE D 417 46.40 -74.66 16.78
C ILE D 417 46.53 -73.68 17.93
N PHE D 418 46.14 -74.10 19.13
CA PHE D 418 46.14 -73.23 20.30
C PHE D 418 47.35 -73.54 21.18
N ARG D 419 48.29 -72.62 21.23
CA ARG D 419 49.35 -72.62 22.22
C ARG D 419 48.89 -71.76 23.40
N ASN D 420 49.81 -71.36 24.26
CA ASN D 420 49.49 -70.36 25.28
C ASN D 420 49.11 -69.02 24.64
N PRO D 421 48.20 -68.27 25.25
CA PRO D 421 47.52 -67.19 24.52
C PRO D 421 48.39 -65.96 24.29
N ILE D 422 48.06 -65.24 23.22
CA ILE D 422 48.75 -64.01 22.82
C ILE D 422 48.10 -62.86 23.58
N ARG D 423 48.93 -62.00 24.18
CA ARG D 423 48.42 -60.95 25.04
C ARG D 423 48.19 -59.65 24.28
N THR D 424 47.51 -58.73 24.96
CA THR D 424 47.23 -57.40 24.42
C THR D 424 48.52 -56.65 24.13
N GLU D 425 49.52 -56.80 24.97
CA GLU D 425 50.80 -56.14 24.75
C GLU D 425 51.48 -56.64 23.49
N THR D 426 51.32 -57.93 23.19
CA THR D 426 51.88 -58.45 21.94
C THR D 426 51.08 -57.97 20.74
N ARG D 427 49.75 -57.91 20.88
CA ARG D 427 48.88 -57.38 19.83
C ARG D 427 49.24 -55.94 19.49
N VAL D 428 49.68 -55.18 20.48
CA VAL D 428 50.07 -53.79 20.26
C VAL D 428 51.49 -53.70 19.72
N ALA D 429 52.40 -54.55 20.22
CA ALA D 429 53.79 -54.50 19.79
C ALA D 429 53.96 -54.89 18.35
N TYR D 430 53.17 -55.85 17.87
CA TYR D 430 53.20 -56.25 16.45
C TYR D 430 51.79 -56.13 15.91
N PRO D 431 51.36 -54.91 15.55
CA PRO D 431 49.95 -54.69 15.24
C PRO D 431 49.52 -55.21 13.89
N TYR D 432 50.44 -55.36 12.94
CA TYR D 432 50.06 -55.87 11.63
C TYR D 432 50.08 -57.38 11.54
N LEU D 433 50.81 -58.04 12.43
CA LEU D 433 50.79 -59.49 12.46
C LEU D 433 49.64 -60.03 13.28
N TYR D 434 49.29 -59.38 14.39
CA TYR D 434 48.38 -59.94 15.35
C TYR D 434 46.98 -59.37 15.27
N ASN D 435 46.70 -58.53 14.29
CA ASN D 435 45.37 -57.95 14.15
C ASN D 435 44.90 -58.06 12.71
N SER D 436 43.63 -58.43 12.53
CA SER D 436 43.09 -58.61 11.19
C SER D 436 42.81 -57.29 10.49
N ARG D 437 42.32 -56.30 11.23
CA ARG D 437 42.08 -54.96 10.70
C ARG D 437 42.84 -53.96 11.57
N PRO D 438 44.14 -53.79 11.32
CA PRO D 438 44.92 -52.80 12.08
C PRO D 438 44.87 -51.42 11.43
N ARG D 439 43.75 -50.74 11.61
CA ARG D 439 43.62 -49.40 11.10
C ARG D 439 44.08 -48.39 12.12
N SER D 440 44.79 -47.36 11.64
CA SER D 440 45.21 -46.20 12.41
C SER D 440 46.20 -46.55 13.52
N VAL D 441 46.89 -47.66 13.40
CA VAL D 441 47.87 -48.06 14.39
C VAL D 441 49.21 -47.45 14.04
N HIS D 442 50.05 -47.26 15.06
CA HIS D 442 51.32 -46.59 14.90
C HIS D 442 52.44 -47.56 15.23
N LEU D 443 53.45 -47.60 14.37
CA LEU D 443 54.62 -48.44 14.60
C LEU D 443 55.55 -47.74 15.58
N SER D 444 55.74 -48.34 16.75
CA SER D 444 56.56 -47.74 17.77
C SER D 444 58.01 -48.17 17.62
N TRP D 445 58.90 -47.38 18.21
CA TRP D 445 60.33 -47.66 18.21
C TRP D 445 60.60 -49.01 18.84
N HIS D 446 61.39 -49.84 18.15
CA HIS D 446 61.47 -51.25 18.50
C HIS D 446 62.32 -51.48 19.75
N SER D 447 63.55 -50.96 19.74
CA SER D 447 64.43 -51.10 20.88
C SER D 447 65.50 -50.02 20.81
N TYR D 448 66.22 -49.88 21.91
CA TYR D 448 67.41 -49.06 22.01
C TYR D 448 68.51 -49.96 22.52
N PRO D 449 69.77 -49.62 22.28
CA PRO D 449 70.85 -50.34 22.97
C PRO D 449 70.73 -50.14 24.47
N GLN D 450 71.04 -51.19 25.21
CA GLN D 450 70.89 -51.15 26.66
C GLN D 450 71.94 -50.24 27.27
N ILE D 451 71.52 -49.43 28.23
CA ILE D 451 72.42 -48.54 28.94
C ILE D 451 73.15 -49.34 30.01
N VAL D 452 74.48 -49.27 30.00
CA VAL D 452 75.30 -49.95 30.98
C VAL D 452 75.90 -48.98 31.98
N TYR D 453 75.32 -47.78 32.08
CA TYR D 453 75.76 -46.78 33.02
C TYR D 453 75.02 -46.97 34.34
N THR D 454 75.77 -47.03 35.43
CA THR D 454 75.21 -47.09 36.77
C THR D 454 75.70 -45.89 37.56
N LYS D 455 74.82 -45.30 38.35
CA LYS D 455 75.18 -44.13 39.13
C LYS D 455 75.96 -44.54 40.37
N THR D 456 77.12 -43.91 40.57
CA THR D 456 77.99 -44.22 41.69
C THR D 456 77.43 -43.63 42.98
N GLU D 457 77.39 -44.45 44.04
CA GLU D 457 76.91 -43.97 45.32
C GLU D 457 78.03 -43.41 46.20
N ASP D 458 79.19 -44.05 46.17
CA ASP D 458 80.30 -43.64 47.02
C ASP D 458 80.86 -42.36 46.43
N PRO D 459 80.89 -41.25 47.18
CA PRO D 459 81.35 -39.98 46.61
C PRO D 459 82.85 -39.79 46.60
N GLU D 460 83.62 -40.71 47.18
CA GLU D 460 85.07 -40.63 47.12
C GLU D 460 85.64 -41.33 45.90
N LEU D 461 84.82 -42.01 45.13
CA LEU D 461 85.26 -42.76 43.98
C LEU D 461 85.59 -41.82 42.83
N PRO D 462 86.61 -42.13 42.04
CA PRO D 462 86.95 -41.25 40.91
C PRO D 462 85.97 -41.36 39.76
N ALA D 463 86.24 -40.66 38.66
CA ALA D 463 85.39 -40.80 37.49
C ALA D 463 85.54 -42.17 36.86
N PHE D 464 86.78 -42.61 36.64
CA PHE D 464 87.06 -43.87 35.97
C PHE D 464 87.58 -44.88 36.99
N TYR D 465 86.82 -45.94 37.18
CA TYR D 465 87.15 -47.00 38.13
C TYR D 465 86.42 -48.26 37.70
N PHE D 466 87.01 -49.41 37.98
CA PHE D 466 86.33 -50.66 37.69
C PHE D 466 85.32 -50.95 38.79
N ASP D 467 84.04 -50.79 38.47
CA ASP D 467 82.98 -50.95 39.44
C ASP D 467 82.80 -52.41 39.80
N THR D 468 82.29 -52.64 41.02
CA THR D 468 81.99 -54.00 41.45
C THR D 468 80.80 -54.59 40.71
N SER D 469 79.94 -53.75 40.14
CA SER D 469 78.80 -54.23 39.37
C SER D 469 79.21 -54.76 38.01
N ILE D 470 80.38 -54.38 37.54
CA ILE D 470 80.87 -54.79 36.23
C ILE D 470 81.49 -56.17 36.34
N ASN D 471 81.14 -57.06 35.42
CA ASN D 471 81.74 -58.39 35.39
C ASN D 471 83.22 -58.27 35.04
N PRO D 472 84.11 -58.95 35.77
CA PRO D 472 85.54 -58.79 35.52
C PRO D 472 85.99 -59.46 34.24
N ILE D 473 87.10 -58.95 33.70
CA ILE D 473 87.72 -59.48 32.50
C ILE D 473 88.91 -60.32 32.93
N SER D 474 88.94 -61.58 32.53
CA SER D 474 90.06 -62.45 32.86
C SER D 474 90.94 -62.65 31.64
N SER D 475 92.22 -62.93 31.91
CA SER D 475 93.16 -63.22 30.83
C SER D 475 92.76 -64.47 30.07
N ARG D 476 92.33 -65.50 30.79
CA ARG D 476 91.82 -66.72 30.17
C ARG D 476 90.37 -66.56 29.71
N ALA D 477 89.69 -65.48 30.10
CA ALA D 477 88.45 -65.11 29.45
C ALA D 477 88.70 -64.48 28.09
N VAL D 478 89.82 -63.78 27.92
CA VAL D 478 90.21 -63.29 26.60
C VAL D 478 90.70 -64.46 25.75
N ALA D 479 91.82 -65.08 26.17
CA ALA D 479 92.35 -66.36 25.68
C ALA D 479 92.50 -66.46 24.16
N PRO D 480 93.50 -65.81 23.55
CA PRO D 480 93.81 -66.11 22.13
C PRO D 480 94.25 -67.56 21.97
N LYS D 481 93.43 -68.37 21.31
CA LYS D 481 93.62 -69.81 21.37
C LYS D 481 94.70 -70.28 20.39
N ASN D 482 94.47 -70.09 19.10
CA ASN D 482 95.35 -70.60 18.06
C ASN D 482 96.23 -69.47 17.53
N LEU D 483 97.53 -69.54 17.84
CA LEU D 483 98.54 -68.67 17.25
C LEU D 483 99.80 -69.49 17.08
N THR D 484 100.07 -69.91 15.85
CA THR D 484 101.32 -70.58 15.55
C THR D 484 102.50 -69.66 15.80
N VAL D 485 102.39 -68.40 15.39
CA VAL D 485 103.34 -67.35 15.74
C VAL D 485 102.57 -66.21 16.39
N SER D 486 103.02 -65.80 17.57
CA SER D 486 102.37 -64.72 18.28
C SER D 486 102.86 -63.37 17.77
N HIS D 487 102.09 -62.33 18.06
CA HIS D 487 102.51 -60.98 17.70
C HIS D 487 103.70 -60.53 18.53
N GLU D 488 103.66 -60.77 19.84
CA GLU D 488 104.80 -60.44 20.70
C GLU D 488 105.99 -61.32 20.38
N ASP D 489 105.75 -62.59 20.03
CA ASP D 489 106.85 -63.48 19.68
C ASP D 489 107.49 -63.08 18.36
N GLU D 490 106.69 -62.60 17.41
CA GLU D 490 107.25 -62.12 16.15
C GLU D 490 107.97 -60.80 16.36
N LEU D 491 107.53 -60.00 17.34
CA LEU D 491 108.17 -58.72 17.60
C LEU D 491 109.48 -58.86 18.37
N PHE D 492 109.57 -59.81 19.30
CA PHE D 492 110.73 -59.98 20.16
C PHE D 492 111.48 -61.28 19.88
N GLY D 493 110.80 -62.42 19.97
CA GLY D 493 111.42 -63.71 19.78
C GLY D 493 111.40 -64.59 21.02
N LYS D 494 110.41 -65.49 21.07
CA LYS D 494 110.29 -66.56 22.07
C LYS D 494 110.33 -66.08 23.52
N GLY D 495 111.53 -65.87 24.04
CA GLY D 495 111.68 -65.48 25.43
C GLY D 495 112.70 -64.38 25.64
N ASN D 496 112.79 -63.46 24.68
CA ASN D 496 113.82 -62.42 24.75
C ASN D 496 113.53 -61.41 25.86
N ILE D 497 112.26 -60.99 25.98
CA ILE D 497 111.76 -59.99 26.94
C ILE D 497 112.48 -58.67 26.62
N GLU D 498 112.84 -58.50 25.36
CA GLU D 498 113.61 -57.35 24.89
C GLU D 498 113.64 -57.39 23.37
N GLU D 499 113.52 -56.25 22.76
CA GLU D 499 113.68 -56.18 21.32
C GLU D 499 115.16 -56.33 20.98
N PRO D 500 115.52 -57.20 20.04
CA PRO D 500 116.94 -57.42 19.71
C PRO D 500 117.60 -56.16 19.15
N GLU D 501 118.88 -56.01 19.46
CA GLU D 501 119.58 -54.75 19.25
C GLU D 501 119.94 -54.48 17.80
N GLU D 502 119.77 -55.43 16.89
CA GLU D 502 120.14 -55.18 15.50
C GLU D 502 119.18 -54.20 14.84
N GLU D 503 117.88 -54.29 15.14
CA GLU D 503 116.95 -53.29 14.68
C GLU D 503 116.72 -52.25 15.76
N ALA D 504 116.18 -52.68 16.90
CA ALA D 504 116.05 -51.90 18.13
C ALA D 504 115.35 -50.55 17.89
N PHE D 505 114.08 -50.65 17.50
CA PHE D 505 113.30 -49.45 17.21
C PHE D 505 113.17 -48.58 18.45
N VAL D 506 113.56 -47.32 18.32
CA VAL D 506 113.41 -46.33 19.38
C VAL D 506 112.69 -45.12 18.81
N LEU D 507 111.81 -44.53 19.62
CA LEU D 507 111.14 -43.32 19.21
C LEU D 507 112.10 -42.13 19.30
N PRO D 508 111.84 -41.07 18.53
CA PRO D 508 112.56 -39.82 18.76
C PRO D 508 112.29 -39.25 20.14
N ALA D 509 113.20 -38.40 20.60
CA ALA D 509 113.10 -37.86 21.95
C ALA D 509 111.91 -36.92 22.09
N ALA D 510 111.49 -36.27 21.01
CA ALA D 510 110.38 -35.34 21.08
C ALA D 510 109.04 -36.03 21.26
N VAL D 511 108.96 -37.33 21.02
CA VAL D 511 107.68 -38.04 21.01
C VAL D 511 107.23 -38.26 22.45
N GLU D 512 106.02 -37.82 22.76
CA GLU D 512 105.39 -37.97 24.05
C GLU D 512 103.92 -38.23 23.77
N PRO D 513 103.19 -38.87 24.70
CA PRO D 513 101.74 -39.01 24.53
C PRO D 513 101.05 -37.66 24.37
N PHE D 514 99.89 -37.69 23.71
CA PHE D 514 99.31 -36.45 23.18
C PHE D 514 98.90 -35.47 24.27
N PHE D 515 98.52 -35.96 25.44
CA PHE D 515 98.24 -35.03 26.52
C PHE D 515 99.35 -35.01 27.56
N ALA D 516 99.76 -36.19 28.06
CA ALA D 516 100.95 -36.37 28.88
C ALA D 516 100.91 -35.60 30.19
N ASP D 517 100.89 -34.27 30.14
CA ASP D 517 100.94 -33.50 31.36
C ASP D 517 99.58 -33.16 31.95
N GLU D 518 98.52 -33.10 31.15
CA GLU D 518 97.18 -33.03 31.75
C GLU D 518 96.87 -34.37 32.41
N GLU D 519 96.38 -34.31 33.65
CA GLU D 519 96.14 -35.54 34.37
C GLU D 519 94.80 -36.11 33.89
N LEU D 520 94.61 -37.41 34.10
CA LEU D 520 93.56 -38.17 33.43
C LEU D 520 92.16 -37.63 33.73
N GLU D 521 91.98 -37.05 34.91
CA GLU D 521 90.64 -36.82 35.43
C GLU D 521 90.61 -35.50 36.20
N THR D 522 89.83 -34.55 35.70
CA THR D 522 89.62 -33.29 36.39
C THR D 522 88.78 -33.55 37.64
N GLU D 523 88.81 -32.60 38.58
CA GLU D 523 87.98 -32.68 39.78
C GLU D 523 86.49 -32.77 39.45
N ASP D 524 86.06 -32.12 38.36
CA ASP D 524 84.66 -32.05 38.00
C ASP D 524 84.24 -33.10 36.99
N THR D 525 85.06 -34.13 36.76
CA THR D 525 84.72 -35.13 35.75
C THR D 525 83.60 -36.05 36.22
N ARG D 526 83.52 -36.31 37.53
CA ARG D 526 82.41 -37.08 38.07
C ARG D 526 81.08 -36.41 37.78
N SER D 527 80.98 -35.12 38.09
CA SER D 527 79.74 -34.41 37.85
C SER D 527 79.51 -34.17 36.37
N ALA D 528 80.58 -34.08 35.58
CA ALA D 528 80.43 -33.95 34.14
C ALA D 528 79.79 -35.19 33.53
N ILE D 529 80.21 -36.38 33.97
CA ILE D 529 79.60 -37.61 33.49
C ILE D 529 78.18 -37.77 34.02
N GLU D 530 77.95 -37.38 35.28
CA GLU D 530 76.61 -37.46 35.86
C GLU D 530 75.62 -36.57 35.11
N LEU D 531 76.05 -35.37 34.73
CA LEU D 531 75.22 -34.49 33.93
C LEU D 531 75.17 -34.90 32.48
N TRP D 532 76.15 -35.68 32.00
CA TRP D 532 76.02 -36.31 30.70
C TRP D 532 74.82 -37.24 30.68
N TRP D 533 74.57 -37.91 31.79
CA TRP D 533 73.45 -38.83 31.85
C TRP D 533 72.20 -38.27 32.50
N ALA D 534 72.20 -36.99 32.88
CA ALA D 534 71.00 -36.36 33.42
C ALA D 534 69.94 -36.17 32.33
N PRO D 535 68.66 -36.18 32.71
CA PRO D 535 67.59 -35.97 31.72
C PRO D 535 67.50 -34.51 31.29
N TYR D 536 66.78 -34.30 30.19
CA TYR D 536 66.57 -32.96 29.66
C TYR D 536 65.78 -32.12 30.66
N PRO D 537 66.18 -30.88 30.93
CA PRO D 537 67.24 -30.10 30.27
C PRO D 537 68.60 -30.16 30.94
N PHE D 538 68.80 -31.04 31.90
CA PHE D 538 70.02 -30.96 32.70
C PHE D 538 71.24 -31.54 32.01
N ASP D 539 71.07 -32.15 30.84
CA ASP D 539 72.19 -32.57 30.02
C ASP D 539 72.72 -31.45 29.15
N ARG D 540 72.10 -30.28 29.21
CA ARG D 540 72.48 -29.11 28.43
C ARG D 540 73.32 -28.16 29.26
N ARG D 541 73.94 -27.21 28.57
CA ARG D 541 74.62 -26.11 29.21
C ARG D 541 74.24 -24.77 28.60
N SER D 542 73.38 -24.78 27.59
CA SER D 542 72.85 -23.56 27.01
C SER D 542 71.44 -23.86 26.57
N GLY D 543 70.67 -22.82 26.36
CA GLY D 543 69.29 -23.04 25.96
C GLY D 543 68.56 -21.75 25.76
N ARG D 544 67.30 -21.88 25.43
CA ARG D 544 66.39 -20.76 25.35
C ARG D 544 65.48 -20.77 26.56
N MET D 545 65.03 -19.60 26.94
CA MET D 545 64.20 -19.50 28.12
C MET D 545 62.75 -19.74 27.74
N VAL D 546 62.05 -20.46 28.59
CA VAL D 546 60.71 -20.92 28.30
C VAL D 546 59.75 -20.25 29.28
N ARG D 547 58.47 -20.40 29.02
CA ARG D 547 57.46 -19.83 29.90
C ARG D 547 57.34 -20.66 31.18
N ALA D 548 57.18 -19.94 32.29
CA ALA D 548 57.01 -20.55 33.60
C ALA D 548 55.83 -21.49 33.64
N GLN D 549 54.77 -21.19 32.90
CA GLN D 549 53.66 -22.14 32.78
C GLN D 549 53.98 -23.28 31.85
N ASP D 550 54.94 -23.13 30.96
CA ASP D 550 55.34 -24.17 30.03
C ASP D 550 56.35 -25.14 30.63
N VAL D 551 56.77 -24.95 31.87
CA VAL D 551 57.54 -25.97 32.57
C VAL D 551 56.58 -26.85 33.36
N PRO D 552 56.31 -28.08 32.94
CA PRO D 552 55.63 -29.01 33.84
C PRO D 552 56.65 -29.69 34.74
N LEU D 553 56.32 -29.76 36.02
CA LEU D 553 57.28 -30.25 36.98
C LEU D 553 57.08 -31.73 37.29
N ILE D 554 55.90 -32.28 37.04
CA ILE D 554 55.52 -33.61 37.51
C ILE D 554 54.93 -34.44 36.37
N LYS D 555 55.11 -33.93 35.16
CA LYS D 555 54.61 -34.63 33.98
C LYS D 555 55.29 -35.98 33.83
N HIS D 556 56.56 -36.06 34.17
CA HIS D 556 57.24 -37.35 34.14
C HIS D 556 56.73 -38.30 35.21
N TRP D 557 56.21 -37.78 36.32
CA TRP D 557 55.56 -38.63 37.30
C TRP D 557 54.41 -39.39 36.68
N TYR D 558 53.54 -38.68 35.97
CA TYR D 558 52.47 -39.50 35.38
C TYR D 558 52.84 -40.12 34.03
N LEU D 559 53.96 -39.73 33.42
CA LEU D 559 54.35 -40.34 32.16
C LEU D 559 55.10 -41.64 32.36
N GLU D 560 55.79 -41.80 33.48
CA GLU D 560 56.40 -43.06 33.84
C GLU D 560 55.34 -43.98 34.44
N HIS D 561 55.73 -45.23 34.71
CA HIS D 561 54.83 -46.15 35.38
C HIS D 561 54.54 -45.67 36.80
N CYS D 562 53.31 -45.89 37.24
CA CYS D 562 52.92 -45.49 38.58
C CYS D 562 53.73 -46.29 39.60
N PRO D 563 54.11 -45.68 40.73
CA PRO D 563 54.85 -46.41 41.74
C PRO D 563 53.99 -47.52 42.33
N PRO D 564 54.61 -48.57 42.87
CA PRO D 564 53.83 -49.65 43.47
C PRO D 564 53.13 -49.19 44.74
N LYS D 565 52.05 -49.91 45.07
CA LYS D 565 51.26 -49.71 46.29
C LYS D 565 50.67 -48.29 46.36
N GLN D 566 49.80 -47.98 45.41
CA GLN D 566 49.09 -46.72 45.47
C GLN D 566 47.59 -46.97 45.66
N PRO D 567 46.88 -46.02 46.24
CA PRO D 567 45.42 -46.12 46.31
C PRO D 567 44.78 -46.10 44.93
N VAL D 568 43.53 -46.56 44.89
CA VAL D 568 42.82 -46.65 43.62
C VAL D 568 42.50 -45.28 43.05
N LYS D 569 42.27 -44.27 43.91
CA LYS D 569 42.06 -42.92 43.40
C LYS D 569 43.34 -42.38 42.76
N VAL D 570 44.50 -42.74 43.33
CA VAL D 570 45.77 -42.28 42.78
C VAL D 570 46.04 -42.97 41.44
N ARG D 571 45.77 -44.28 41.35
CA ARG D 571 45.95 -44.99 40.08
C ARG D 571 45.03 -44.43 38.99
N VAL D 572 43.78 -44.15 39.34
CA VAL D 572 42.85 -43.58 38.38
C VAL D 572 43.33 -42.20 37.95
N SER D 573 43.87 -41.41 38.88
CA SER D 573 44.40 -40.09 38.56
C SER D 573 45.55 -40.19 37.56
N TYR D 574 46.45 -41.15 37.76
CA TYR D 574 47.55 -41.37 36.83
C TYR D 574 47.03 -41.69 35.44
N GLN D 575 45.99 -42.51 35.36
CA GLN D 575 45.45 -42.87 34.05
C GLN D 575 44.73 -41.70 33.38
N LYS D 576 44.02 -40.86 34.14
CA LYS D 576 43.37 -39.70 33.54
C LYS D 576 44.39 -38.68 33.03
N LEU D 577 45.49 -38.51 33.76
CA LEU D 577 46.51 -37.59 33.30
C LEU D 577 47.20 -38.12 32.04
N LEU D 578 47.42 -39.43 31.97
CA LEU D 578 47.89 -40.03 30.72
C LEU D 578 46.90 -39.82 29.59
N LYS D 579 45.61 -39.94 29.86
CA LYS D 579 44.62 -39.78 28.81
C LYS D 579 44.63 -38.36 28.25
N THR D 580 44.76 -37.36 29.12
CA THR D 580 44.88 -35.98 28.65
C THR D 580 46.15 -35.78 27.82
N TYR D 581 47.26 -36.37 28.25
CA TYR D 581 48.51 -36.24 27.50
C TYR D 581 48.40 -36.86 26.10
N VAL D 582 47.81 -38.05 26.03
CA VAL D 582 47.68 -38.74 24.74
C VAL D 582 46.73 -38.00 23.82
N LEU D 583 45.63 -37.45 24.36
CA LEU D 583 44.70 -36.71 23.54
C LEU D 583 45.30 -35.39 23.03
N ASN D 584 46.10 -34.72 23.86
CA ASN D 584 46.82 -33.53 23.41
C ASN D 584 47.74 -33.87 22.24
N GLU D 585 48.47 -34.97 22.36
CA GLU D 585 49.39 -35.34 21.29
C GLU D 585 48.66 -35.80 20.04
N LEU D 586 47.53 -36.46 20.21
CA LEU D 586 46.77 -36.95 19.08
C LEU D 586 46.13 -35.81 18.29
N HIS D 587 45.52 -34.86 18.99
CA HIS D 587 44.82 -33.77 18.27
C HIS D 587 45.79 -32.61 18.07
N ARG D 588 47.08 -32.90 18.05
CA ARG D 588 48.09 -31.81 17.92
C ARG D 588 47.85 -31.13 16.59
N LYS D 589 47.76 -29.82 16.63
CA LYS D 589 47.48 -29.06 15.39
C LYS D 589 48.73 -28.35 14.87
N ARG D 590 48.55 -27.52 13.87
CA ARG D 590 49.63 -26.81 13.18
C ARG D 590 49.04 -25.66 12.37
N PRO D 591 48.58 -24.59 13.06
CA PRO D 591 47.86 -23.51 12.37
C PRO D 591 48.75 -22.60 11.54
N LYS D 592 48.21 -21.48 11.09
CA LYS D 592 49.09 -20.43 10.56
C LYS D 592 48.66 -19.09 11.16
N SER D 593 49.17 -18.82 12.37
CA SER D 593 48.90 -17.52 13.03
C SER D 593 49.89 -16.50 12.47
N MET D 594 49.63 -16.01 11.25
CA MET D 594 50.56 -15.07 10.58
C MET D 594 49.96 -13.68 10.61
N GLN D 595 48.75 -13.52 10.07
CA GLN D 595 48.02 -12.22 10.11
C GLN D 595 47.82 -11.80 11.56
N LYS D 596 48.42 -12.51 12.50
CA LYS D 596 48.27 -12.21 13.92
C LYS D 596 48.84 -10.84 14.26
N GLN D 597 47.99 -9.96 14.78
CA GLN D 597 48.45 -8.77 15.48
C GLN D 597 48.44 -9.05 16.97
N SER D 598 49.49 -8.60 17.67
CA SER D 598 49.47 -8.69 19.12
C SER D 598 48.57 -7.58 19.65
N LEU D 599 47.62 -7.95 20.50
CA LEU D 599 46.71 -6.99 21.10
C LEU D 599 47.45 -5.92 21.87
N LEU D 600 48.38 -6.34 22.72
CA LEU D 600 49.06 -5.38 23.59
C LEU D 600 49.99 -4.47 22.82
N ARG D 601 50.58 -4.96 21.73
CA ARG D 601 51.44 -4.09 20.93
C ARG D 601 50.64 -3.10 20.09
N THR D 602 49.48 -3.51 19.57
CA THR D 602 48.61 -2.54 18.90
C THR D 602 48.13 -1.46 19.86
N LEU D 603 47.72 -1.87 21.06
CA LEU D 603 47.28 -0.92 22.07
C LEU D 603 48.40 0.02 22.47
N LYS D 604 49.63 -0.51 22.54
CA LYS D 604 50.79 0.31 22.85
C LYS D 604 51.07 1.32 21.75
N GLN D 605 50.77 0.96 20.50
CA GLN D 605 50.90 1.92 19.42
C GLN D 605 49.96 3.09 19.56
N THR D 606 48.77 2.85 20.10
CA THR D 606 47.85 3.96 20.32
C THR D 606 48.38 4.94 21.39
N LYS D 607 47.79 6.13 21.44
CA LYS D 607 48.10 7.12 22.48
C LYS D 607 47.33 6.91 23.76
N PHE D 608 46.28 6.10 23.75
CA PHE D 608 45.43 5.93 24.91
C PHE D 608 45.98 4.91 25.88
N PHE D 609 47.03 4.20 25.52
CA PHE D 609 47.69 3.26 26.41
C PHE D 609 49.12 3.68 26.62
N GLN D 610 49.52 3.80 27.88
CA GLN D 610 50.88 4.13 28.28
C GLN D 610 51.49 2.97 29.04
N GLN D 611 52.79 3.05 29.29
CA GLN D 611 53.56 1.97 29.89
C GLN D 611 54.25 2.44 31.16
N THR D 612 54.26 1.58 32.17
CA THR D 612 54.99 1.85 33.41
C THR D 612 55.27 0.51 34.08
N THR D 613 56.06 0.55 35.14
CA THR D 613 56.37 -0.61 35.96
C THR D 613 55.83 -0.41 37.36
N ILE D 614 55.01 -1.34 37.84
CA ILE D 614 54.48 -1.31 39.19
C ILE D 614 54.64 -2.68 39.81
N ASP D 615 54.33 -2.75 41.10
CA ASP D 615 54.22 -4.01 41.80
C ASP D 615 53.06 -4.84 41.25
N TRP D 616 53.23 -6.15 41.30
CA TRP D 616 52.20 -7.06 40.83
C TRP D 616 50.94 -6.95 41.67
N VAL D 617 51.09 -6.73 42.98
CA VAL D 617 49.94 -6.58 43.86
C VAL D 617 49.17 -5.31 43.53
N GLU D 618 49.87 -4.23 43.21
CA GLU D 618 49.22 -3.01 42.75
C GLU D 618 48.47 -3.23 41.45
N ALA D 619 49.08 -3.94 40.50
CA ALA D 619 48.41 -4.25 39.24
C ALA D 619 47.17 -5.13 39.46
N GLY D 620 47.25 -6.08 40.38
CA GLY D 620 46.11 -6.95 40.66
C GLY D 620 44.98 -6.21 41.33
N LEU D 621 45.31 -5.30 42.24
CA LEU D 621 44.29 -4.45 42.85
C LEU D 621 43.61 -3.59 41.80
N GLN D 622 44.39 -3.05 40.87
CA GLN D 622 43.82 -2.27 39.79
C GLN D 622 42.92 -3.11 38.91
N VAL D 623 43.34 -4.31 38.53
CA VAL D 623 42.53 -5.15 37.66
C VAL D 623 41.22 -5.53 38.33
N CYS D 624 41.27 -5.90 39.62
CA CYS D 624 40.05 -6.22 40.34
C CYS D 624 39.12 -5.01 40.48
N ARG D 625 39.68 -3.82 40.75
CA ARG D 625 38.86 -2.61 40.81
C ARG D 625 38.22 -2.30 39.46
N GLN D 626 39.00 -2.43 38.39
CA GLN D 626 38.52 -2.14 37.05
C GLN D 626 37.42 -3.10 36.64
N GLY D 627 37.58 -4.39 36.93
CA GLY D 627 36.53 -5.35 36.63
C GLY D 627 35.26 -5.09 37.41
N PHE D 628 35.40 -4.75 38.69
CA PHE D 628 34.25 -4.39 39.50
C PHE D 628 33.54 -3.16 38.95
N ASN D 629 34.29 -2.13 38.61
CA ASN D 629 33.69 -0.91 38.10
C ASN D 629 33.01 -1.13 36.76
N MET D 630 33.57 -2.01 35.91
CA MET D 630 32.96 -2.33 34.63
C MET D 630 31.61 -3.03 34.80
N LEU D 631 31.58 -4.06 35.64
CA LEU D 631 30.33 -4.77 35.84
C LEU D 631 29.29 -3.88 36.52
N ASN D 632 29.75 -3.02 37.43
CA ASN D 632 28.85 -2.09 38.11
C ASN D 632 28.31 -1.02 37.16
N LEU D 633 29.16 -0.52 36.26
CA LEU D 633 28.71 0.42 35.26
C LEU D 633 27.70 -0.22 34.31
N LEU D 634 27.91 -1.48 33.95
CA LEU D 634 26.92 -2.17 33.12
C LEU D 634 25.59 -2.33 33.83
N ILE D 635 25.63 -2.74 35.10
CA ILE D 635 24.42 -2.90 35.91
C ILE D 635 23.66 -1.57 36.02
N HIS D 636 24.39 -0.49 36.27
CA HIS D 636 23.74 0.80 36.47
C HIS D 636 23.21 1.37 35.17
N ARG D 637 23.91 1.17 34.06
CA ARG D 637 23.40 1.65 32.76
C ARG D 637 22.11 0.90 32.42
N LYS D 638 22.02 -0.36 32.78
CA LYS D 638 20.82 -1.15 32.46
C LYS D 638 19.73 -0.86 33.48
N ASN D 639 20.00 0.01 34.45
CA ASN D 639 19.02 0.45 35.47
C ASN D 639 18.65 -0.70 36.40
N LEU D 640 19.60 -1.56 36.73
CA LEU D 640 19.29 -2.69 37.58
C LEU D 640 19.83 -2.48 38.98
N THR D 641 19.76 -1.25 39.47
CA THR D 641 20.33 -0.89 40.77
C THR D 641 19.62 -1.53 41.95
N TYR D 642 18.57 -2.32 41.73
CA TYR D 642 18.08 -3.25 42.73
C TYR D 642 18.93 -4.51 42.81
N LEU D 643 19.96 -4.64 41.97
CA LEU D 643 20.96 -5.67 42.09
C LEU D 643 22.22 -5.07 42.68
N HIS D 644 22.76 -5.72 43.69
CA HIS D 644 23.98 -5.27 44.32
C HIS D 644 25.11 -6.21 43.96
N LEU D 645 26.19 -5.66 43.42
CA LEU D 645 27.43 -6.39 43.22
C LEU D 645 28.37 -6.03 44.36
N ASP D 646 28.74 -7.00 45.17
CA ASP D 646 29.67 -6.68 46.24
C ASP D 646 31.09 -6.88 45.75
N TYR D 647 32.05 -6.55 46.61
CA TYR D 647 33.45 -6.48 46.21
C TYR D 647 34.09 -7.84 46.02
N ASN D 648 33.42 -8.92 46.42
CA ASN D 648 33.85 -10.26 46.09
C ASN D 648 33.11 -10.81 44.88
N PHE D 649 32.44 -9.93 44.12
CA PHE D 649 31.77 -10.24 42.86
C PHE D 649 30.59 -11.19 43.05
N ASN D 650 29.88 -11.07 44.17
CA ASN D 650 28.58 -11.70 44.33
C ASN D 650 27.50 -10.75 43.87
N LEU D 651 26.55 -11.26 43.10
CA LEU D 651 25.44 -10.46 42.60
C LEU D 651 24.16 -10.87 43.31
N LYS D 652 23.58 -9.95 44.07
CA LYS D 652 22.39 -10.24 44.84
C LYS D 652 21.35 -9.15 44.66
N PRO D 653 20.07 -9.50 44.70
CA PRO D 653 19.03 -8.48 44.77
C PRO D 653 18.99 -7.84 46.16
N VAL D 654 18.74 -6.53 46.19
CA VAL D 654 18.62 -5.81 47.45
C VAL D 654 17.21 -5.85 48.01
N LYS D 655 16.25 -6.41 47.29
CA LYS D 655 14.86 -6.45 47.71
C LYS D 655 14.20 -7.64 47.03
N THR D 656 12.91 -7.79 47.24
CA THR D 656 12.15 -8.82 46.57
C THR D 656 11.74 -8.34 45.19
N LEU D 657 12.06 -9.13 44.18
CA LEU D 657 11.87 -8.71 42.80
C LEU D 657 10.50 -9.09 42.30
N THR D 658 9.92 -8.22 41.49
CA THR D 658 8.75 -8.59 40.72
C THR D 658 9.18 -9.47 39.55
N THR D 659 8.19 -10.07 38.90
CA THR D 659 8.44 -10.93 37.74
C THR D 659 9.06 -10.13 36.60
N LYS D 660 8.57 -8.91 36.39
CA LYS D 660 9.11 -8.03 35.37
C LYS D 660 10.57 -7.68 35.65
N GLU D 661 10.89 -7.44 36.92
CA GLU D 661 12.26 -7.10 37.28
C GLU D 661 13.17 -8.32 37.16
N ARG D 662 12.67 -9.48 37.56
CA ARG D 662 13.48 -10.71 37.52
C ARG D 662 13.78 -11.03 36.07
N LYS D 663 12.94 -10.61 35.15
CA LYS D 663 13.13 -10.90 33.72
C LYS D 663 14.16 -9.93 33.15
N LYS D 664 14.04 -8.65 33.45
CA LYS D 664 14.96 -7.63 32.92
C LYS D 664 16.35 -7.84 33.51
N SER D 665 16.46 -8.57 34.60
CA SER D 665 17.74 -8.70 35.31
C SER D 665 18.33 -10.10 35.22
N ARG D 666 17.75 -10.98 34.41
CA ARG D 666 18.34 -12.32 34.22
C ARG D 666 19.54 -12.14 33.32
N PHE D 667 20.70 -12.02 33.92
CA PHE D 667 21.93 -11.83 33.13
C PHE D 667 22.29 -13.13 32.45
N GLY D 668 23.28 -13.10 31.59
CA GLY D 668 23.62 -14.24 30.80
C GLY D 668 24.98 -14.86 31.07
N ASN D 669 25.39 -15.74 30.16
CA ASN D 669 26.60 -16.53 30.38
C ASN D 669 27.85 -15.68 30.29
N ALA D 670 27.89 -14.70 29.38
CA ALA D 670 29.08 -13.88 29.22
C ALA D 670 29.35 -13.05 30.47
N PHE D 671 28.32 -12.38 30.97
CA PHE D 671 28.43 -11.61 32.20
C PHE D 671 28.82 -12.51 33.37
N HIS D 672 28.15 -13.65 33.51
CA HIS D 672 28.37 -14.44 34.72
C HIS D 672 29.69 -15.19 34.69
N LEU D 673 30.15 -15.63 33.52
CA LEU D 673 31.47 -16.23 33.40
C LEU D 673 32.56 -15.22 33.66
N MET D 674 32.42 -14.00 33.14
CA MET D 674 33.39 -12.95 33.46
C MET D 674 33.39 -12.62 34.94
N ARG D 675 32.21 -12.62 35.58
CA ARG D 675 32.12 -12.31 37.00
C ARG D 675 32.75 -13.39 37.87
N GLU D 676 32.58 -14.65 37.49
CA GLU D 676 33.22 -15.71 38.26
C GLU D 676 34.73 -15.75 38.03
N ILE D 677 35.19 -15.43 36.83
CA ILE D 677 36.64 -15.36 36.59
C ILE D 677 37.26 -14.22 37.40
N LEU D 678 36.59 -13.06 37.43
CA LEU D 678 37.08 -11.96 38.26
C LEU D 678 37.01 -12.29 39.74
N ARG D 679 36.06 -13.12 40.16
CA ARG D 679 35.99 -13.59 41.53
C ARG D 679 37.21 -14.44 41.89
N LEU D 680 37.60 -15.36 41.00
CA LEU D 680 38.79 -16.16 41.23
C LEU D 680 40.06 -15.30 41.24
N THR D 681 40.13 -14.33 40.32
CA THR D 681 41.26 -13.40 40.29
C THR D 681 41.35 -12.61 41.58
N LYS D 682 40.20 -12.17 42.09
CA LYS D 682 40.11 -11.48 43.36
C LYS D 682 40.59 -12.34 44.51
N LEU D 683 40.22 -13.61 44.51
CA LEU D 683 40.66 -14.52 45.57
C LEU D 683 42.18 -14.66 45.60
N ILE D 684 42.78 -14.82 44.42
CA ILE D 684 44.24 -14.96 44.33
C ILE D 684 44.95 -13.67 44.73
N VAL D 685 44.49 -12.53 44.19
CA VAL D 685 45.09 -11.24 44.50
C VAL D 685 44.93 -10.91 45.98
N ASP D 686 43.78 -11.26 46.57
CA ASP D 686 43.53 -11.04 47.99
C ASP D 686 44.42 -11.89 48.87
N ALA D 687 44.72 -13.12 48.45
CA ALA D 687 45.71 -13.91 49.18
C ALA D 687 47.06 -13.21 49.22
N GLN D 688 47.50 -12.69 48.07
CA GLN D 688 48.78 -11.95 48.06
C GLN D 688 48.71 -10.68 48.91
N VAL D 689 47.56 -10.00 48.91
CA VAL D 689 47.41 -8.79 49.70
C VAL D 689 47.48 -9.11 51.19
N GLN D 690 46.87 -10.22 51.60
CA GLN D 690 46.96 -10.64 53.01
C GLN D 690 48.40 -10.91 53.39
N TYR D 691 49.15 -11.58 52.52
CA TYR D 691 50.56 -11.81 52.81
C TYR D 691 51.35 -10.52 52.90
N ARG D 692 51.08 -9.56 52.01
CA ARG D 692 51.84 -8.32 52.01
C ARG D 692 51.43 -7.37 53.11
N LEU D 693 50.21 -7.49 53.63
CA LEU D 693 49.84 -6.78 54.85
C LEU D 693 50.49 -7.40 56.07
N GLY D 694 50.74 -8.71 56.03
CA GLY D 694 51.36 -9.38 57.13
C GLY D 694 50.43 -10.22 57.96
N ASN D 695 49.18 -10.38 57.51
CA ASN D 695 48.23 -11.19 58.25
C ASN D 695 48.52 -12.69 58.12
N ILE D 696 49.13 -13.10 57.01
CA ILE D 696 49.51 -14.49 56.83
C ILE D 696 50.98 -14.53 56.43
N ASP D 697 51.63 -15.64 56.75
CA ASP D 697 53.02 -15.82 56.35
C ASP D 697 53.07 -16.50 54.97
N ALA D 698 54.29 -16.71 54.47
CA ALA D 698 54.46 -17.16 53.10
C ALA D 698 54.02 -18.59 52.89
N PHE D 699 54.15 -19.43 53.91
CA PHE D 699 53.70 -20.81 53.80
C PHE D 699 52.20 -20.89 53.72
N GLN D 700 51.51 -20.06 54.51
CA GLN D 700 50.07 -19.93 54.40
C GLN D 700 49.67 -19.36 53.05
N LEU D 701 50.45 -18.42 52.51
CA LEU D 701 50.14 -17.85 51.21
C LEU D 701 50.19 -18.90 50.12
N ALA D 702 51.26 -19.68 50.08
CA ALA D 702 51.39 -20.75 49.09
C ALA D 702 50.31 -21.80 49.26
N ASP D 703 50.00 -22.15 50.50
CA ASP D 703 48.96 -23.13 50.77
C ASP D 703 47.59 -22.62 50.33
N GLY D 704 47.33 -21.32 50.52
CA GLY D 704 46.05 -20.77 50.12
C GLY D 704 45.91 -20.66 48.63
N ILE D 705 46.99 -20.31 47.93
CA ILE D 705 46.96 -20.30 46.47
C ILE D 705 46.69 -21.69 45.93
N HIS D 706 47.33 -22.70 46.51
CA HIS D 706 47.11 -24.06 46.07
C HIS D 706 45.69 -24.52 46.36
N TYR D 707 45.16 -24.15 47.53
CA TYR D 707 43.77 -24.44 47.87
C TYR D 707 42.80 -23.78 46.88
N ALA D 708 43.06 -22.52 46.52
CA ALA D 708 42.14 -21.81 45.63
C ALA D 708 42.11 -22.43 44.25
N PHE D 709 43.30 -22.67 43.67
CA PHE D 709 43.38 -23.30 42.36
C PHE D 709 42.94 -24.76 42.38
N ASN D 710 42.82 -25.37 43.54
CA ASN D 710 42.23 -26.71 43.63
C ASN D 710 40.75 -26.69 43.97
N HIS D 711 40.20 -25.57 44.38
CA HIS D 711 38.82 -25.49 44.83
C HIS D 711 38.06 -24.42 44.10
N VAL D 712 38.43 -24.19 42.84
CA VAL D 712 37.66 -23.34 41.94
C VAL D 712 36.20 -23.76 41.89
N GLY D 713 35.94 -25.07 41.85
CA GLY D 713 34.57 -25.54 41.78
C GLY D 713 33.78 -25.34 43.05
N GLN D 714 34.46 -25.13 44.18
CA GLN D 714 33.78 -24.82 45.43
C GLN D 714 33.78 -23.33 45.75
N LEU D 715 34.71 -22.56 45.22
CA LEU D 715 34.78 -21.15 45.57
C LEU D 715 34.10 -20.25 44.54
N THR D 716 33.68 -20.78 43.38
CA THR D 716 33.03 -20.00 42.34
C THR D 716 31.84 -20.80 41.80
N GLY D 717 31.12 -20.19 40.85
CA GLY D 717 30.07 -20.83 40.07
C GLY D 717 30.43 -20.84 38.60
N MET D 718 31.75 -20.76 38.39
CA MET D 718 32.32 -20.64 37.07
C MET D 718 31.97 -21.85 36.21
N TYR D 719 31.87 -23.04 36.83
CA TYR D 719 31.39 -24.23 36.14
C TYR D 719 29.93 -24.11 35.71
N ARG D 720 29.09 -23.51 36.54
CA ARG D 720 27.67 -23.28 36.27
C ARG D 720 27.45 -22.39 35.07
N TYR D 721 28.43 -21.57 34.72
CA TYR D 721 28.30 -20.84 33.47
C TYR D 721 29.14 -21.38 32.32
N LYS D 722 30.11 -22.26 32.58
CA LYS D 722 30.80 -22.96 31.50
C LYS D 722 31.12 -24.36 32.02
N TYR D 723 30.26 -25.32 31.69
CA TYR D 723 30.35 -26.68 32.22
C TYR D 723 31.56 -27.52 31.75
N LYS D 724 32.34 -27.16 30.73
CA LYS D 724 33.58 -27.87 30.38
C LYS D 724 34.73 -27.53 31.35
N LEU D 725 34.54 -26.49 32.13
CA LEU D 725 35.44 -26.15 33.22
C LEU D 725 35.50 -27.27 34.24
N MET D 726 34.54 -28.19 34.22
CA MET D 726 34.65 -29.42 34.97
C MET D 726 35.79 -30.31 34.49
N HIS D 727 36.15 -30.25 33.19
CA HIS D 727 37.40 -30.88 32.77
C HIS D 727 38.57 -30.24 33.47
N GLN D 728 38.58 -28.91 33.55
CA GLN D 728 39.71 -28.30 34.27
C GLN D 728 39.73 -28.67 35.76
N ILE D 729 38.54 -28.73 36.37
CA ILE D 729 38.42 -29.08 37.79
C ILE D 729 38.92 -30.50 38.03
N ARG D 730 38.53 -31.44 37.16
CA ARG D 730 38.99 -32.82 37.28
C ARG D 730 40.49 -32.92 37.10
N SER D 731 41.07 -32.14 36.18
CA SER D 731 42.51 -32.14 36.01
C SER D 731 43.22 -31.70 37.28
N CYS D 732 42.70 -30.64 37.91
CA CYS D 732 43.30 -30.17 39.14
C CYS D 732 43.15 -31.17 40.28
N LYS D 733 42.03 -31.91 40.31
CA LYS D 733 41.87 -32.97 41.31
C LYS D 733 42.86 -34.10 41.09
N ASP D 734 43.13 -34.47 39.83
CA ASP D 734 44.11 -35.51 39.55
C ASP D 734 45.51 -35.08 39.97
N LEU D 735 45.86 -33.83 39.69
CA LEU D 735 47.15 -33.32 40.13
C LEU D 735 47.22 -33.27 41.65
N LYS D 736 46.11 -32.94 42.31
CA LYS D 736 46.09 -32.91 43.76
C LYS D 736 46.34 -34.30 44.34
N HIS D 737 45.75 -35.33 43.75
CA HIS D 737 46.00 -36.69 44.21
C HIS D 737 47.47 -37.06 44.06
N LEU D 738 48.06 -36.80 42.89
CA LEU D 738 49.48 -37.13 42.68
C LEU D 738 50.39 -36.39 43.64
N ILE D 739 50.26 -35.06 43.69
CA ILE D 739 51.12 -34.22 44.51
C ILE D 739 50.95 -34.56 45.99
N TYR D 740 49.69 -34.67 46.44
CA TYR D 740 49.38 -34.97 47.82
C TYR D 740 49.99 -36.28 48.26
N TYR D 741 49.82 -37.33 47.45
CA TYR D 741 50.35 -38.62 47.87
C TYR D 741 51.87 -38.62 47.89
N ARG D 742 52.51 -37.95 46.95
CA ARG D 742 53.97 -37.96 46.99
C ARG D 742 54.56 -36.99 48.00
N PHE D 743 53.78 -36.00 48.46
CA PHE D 743 54.21 -34.93 49.34
C PHE D 743 54.02 -35.31 50.81
N ASN D 744 52.91 -35.97 51.12
CA ASN D 744 52.61 -36.35 52.49
C ASN D 744 52.97 -37.82 52.72
N THR D 745 54.26 -38.07 52.69
CA THR D 745 54.83 -39.36 53.03
C THR D 745 55.67 -39.20 54.29
N GLY D 746 55.53 -40.13 55.21
CA GLY D 746 56.39 -40.19 56.38
C GLY D 746 56.11 -39.11 57.39
N PRO D 747 57.12 -38.29 57.69
CA PRO D 747 57.00 -37.33 58.79
C PRO D 747 56.05 -36.19 58.51
N VAL D 748 55.61 -36.01 57.28
CA VAL D 748 54.74 -34.89 56.92
C VAL D 748 53.30 -35.36 57.06
N GLY D 749 52.54 -34.68 57.92
CA GLY D 749 51.21 -35.10 58.27
C GLY D 749 50.19 -34.82 57.19
N LYS D 750 48.93 -34.98 57.56
CA LYS D 750 47.80 -34.80 56.64
C LYS D 750 47.00 -33.57 57.06
N GLY D 751 46.75 -32.68 56.10
CA GLY D 751 46.08 -31.42 56.38
C GLY D 751 46.62 -30.31 55.49
N PRO D 752 46.55 -29.07 55.99
CA PRO D 752 47.05 -27.94 55.20
C PRO D 752 48.54 -27.69 55.39
N GLY D 753 49.15 -27.16 54.34
CA GLY D 753 50.58 -26.90 54.32
C GLY D 753 51.19 -27.12 52.97
N CYS D 754 50.46 -27.75 52.04
CA CYS D 754 50.97 -28.02 50.71
C CYS D 754 50.83 -26.76 49.86
N GLY D 755 51.95 -26.16 49.49
CA GLY D 755 51.92 -24.97 48.66
C GLY D 755 52.49 -25.18 47.28
N PHE D 756 52.55 -26.43 46.82
CA PHE D 756 53.10 -26.76 45.51
C PHE D 756 52.05 -26.45 44.45
N TRP D 757 51.90 -25.16 44.15
CA TRP D 757 50.72 -24.73 43.42
C TRP D 757 50.91 -24.61 41.92
N ALA D 758 52.13 -24.77 41.42
CA ALA D 758 52.39 -24.54 40.00
C ALA D 758 51.59 -25.41 39.03
N PRO D 759 51.38 -26.73 39.24
CA PRO D 759 50.54 -27.48 38.29
C PRO D 759 49.10 -27.00 38.13
N SER D 760 48.41 -26.69 39.23
CA SER D 760 47.04 -26.21 39.14
C SER D 760 46.97 -24.81 38.53
N TRP D 761 47.92 -23.96 38.89
CA TRP D 761 48.02 -22.63 38.33
C TRP D 761 48.23 -22.67 36.81
N ARG D 762 49.09 -23.59 36.35
CA ARG D 762 49.23 -23.89 34.93
C ARG D 762 47.89 -24.20 34.28
N VAL D 763 47.15 -25.12 34.90
CA VAL D 763 45.85 -25.55 34.36
C VAL D 763 44.93 -24.37 34.13
N TRP D 764 44.86 -23.46 35.10
CA TRP D 764 43.96 -22.33 34.94
C TRP D 764 44.47 -21.30 33.95
N LEU D 765 45.79 -21.19 33.75
CA LEU D 765 46.28 -20.35 32.67
C LEU D 765 45.91 -20.89 31.29
N PHE D 766 45.98 -22.20 31.09
CA PHE D 766 45.62 -22.75 29.78
C PHE D 766 44.12 -22.69 29.52
N PHE D 767 43.32 -22.83 30.58
CA PHE D 767 41.89 -22.56 30.47
C PHE D 767 41.64 -21.13 30.02
N MET D 768 42.36 -20.16 30.61
CA MET D 768 42.22 -18.78 30.19
C MET D 768 42.57 -18.59 28.73
N ARG D 769 43.64 -19.25 28.28
CA ARG D 769 44.04 -19.20 26.87
C ARG D 769 42.89 -19.57 25.96
N GLY D 770 42.19 -20.65 26.29
CA GLY D 770 41.05 -20.99 25.47
C GLY D 770 39.83 -20.11 25.64
N ILE D 771 39.64 -19.56 26.85
CA ILE D 771 38.42 -18.82 27.12
C ILE D 771 38.48 -17.38 26.60
N ILE D 772 39.67 -16.83 26.33
CA ILE D 772 39.73 -15.45 25.81
C ILE D 772 39.00 -15.23 24.50
N PRO D 773 39.24 -15.98 23.42
CA PRO D 773 38.49 -15.69 22.19
C PRO D 773 36.98 -15.79 22.35
N LEU D 774 36.53 -16.80 23.09
CA LEU D 774 35.10 -17.00 23.32
C LEU D 774 34.49 -15.87 24.14
N LEU D 775 35.07 -15.53 25.30
CA LEU D 775 34.48 -14.44 26.08
C LEU D 775 34.68 -13.06 25.48
N GLU D 776 35.80 -12.80 24.81
CA GLU D 776 35.92 -11.50 24.19
C GLU D 776 34.88 -11.32 23.10
N ARG D 777 34.59 -12.38 22.35
CA ARG D 777 33.47 -12.33 21.41
C ARG D 777 32.13 -12.12 22.11
N TRP D 778 31.87 -12.91 23.16
CA TRP D 778 30.59 -12.86 23.84
C TRP D 778 30.35 -11.51 24.49
N LEU D 779 31.36 -11.00 25.20
CA LEU D 779 31.29 -9.70 25.84
C LEU D 779 31.21 -8.58 24.81
N GLY D 780 31.88 -8.72 23.67
CA GLY D 780 31.72 -7.75 22.63
C GLY D 780 30.32 -7.70 22.08
N ASN D 781 29.66 -8.84 21.99
CA ASN D 781 28.28 -8.85 21.53
C ASN D 781 27.30 -8.36 22.59
N LEU D 782 27.59 -8.64 23.87
CA LEU D 782 26.87 -8.01 24.97
C LEU D 782 26.93 -6.49 24.86
N LEU D 783 28.11 -5.96 24.59
CA LEU D 783 28.27 -4.52 24.44
C LEU D 783 27.65 -3.99 23.15
N SER D 784 27.61 -4.80 22.08
CA SER D 784 26.92 -4.38 20.86
C SER D 784 25.45 -4.19 21.12
N ARG D 785 24.82 -5.15 21.83
CA ARG D 785 23.42 -4.99 22.19
C ARG D 785 23.22 -3.78 23.11
N GLN D 786 24.12 -3.60 24.08
CA GLN D 786 23.92 -2.52 25.03
C GLN D 786 24.07 -1.15 24.37
N PHE D 787 24.92 -1.03 23.37
CA PHE D 787 25.23 0.29 22.84
C PHE D 787 24.62 0.60 21.48
N GLU D 788 24.22 -0.37 20.68
CA GLU D 788 23.43 -0.02 19.51
C GLU D 788 22.10 -0.74 19.42
N GLY D 789 21.76 -1.56 20.39
CA GLY D 789 20.42 -2.17 20.36
C GLY D 789 20.39 -3.53 19.71
N ARG D 790 19.28 -4.22 19.91
CA ARG D 790 19.11 -5.56 19.36
C ARG D 790 18.49 -5.51 17.98
N HIS D 791 19.08 -6.18 16.99
CA HIS D 791 18.45 -6.34 15.67
C HIS D 791 17.62 -7.58 15.86
N SER D 792 16.30 -7.50 15.82
CA SER D 792 15.45 -8.61 16.22
C SER D 792 15.25 -9.66 15.12
N LYS D 793 14.60 -9.30 14.02
CA LYS D 793 14.55 -10.15 12.84
C LYS D 793 15.63 -9.74 11.84
N GLY D 794 15.45 -10.12 10.59
CA GLY D 794 16.35 -9.74 9.52
C GLY D 794 17.36 -10.80 9.14
N VAL D 795 18.29 -11.19 10.01
CA VAL D 795 19.01 -12.42 9.72
C VAL D 795 18.05 -13.57 9.97
N ALA D 796 17.82 -14.38 8.94
CA ALA D 796 16.72 -15.32 8.91
C ALA D 796 16.89 -16.42 9.95
N LYS D 797 15.79 -16.86 10.51
CA LYS D 797 15.81 -17.96 11.45
C LYS D 797 15.76 -19.28 10.70
N THR D 798 16.53 -20.24 11.18
CA THR D 798 16.52 -21.56 10.60
C THR D 798 15.21 -22.26 10.90
N VAL D 799 14.94 -23.34 10.18
CA VAL D 799 13.77 -24.16 10.44
C VAL D 799 14.21 -25.20 11.45
N THR D 800 13.94 -24.93 12.72
CA THR D 800 14.23 -25.86 13.78
C THR D 800 13.11 -26.88 13.89
N LYS D 801 13.29 -27.80 14.84
CA LYS D 801 12.34 -28.87 15.07
C LYS D 801 10.96 -28.35 15.42
N GLN D 802 10.87 -27.30 16.24
CA GLN D 802 9.58 -26.76 16.61
C GLN D 802 8.93 -25.99 15.46
N ARG D 803 9.67 -25.70 14.40
CA ARG D 803 9.15 -24.89 13.31
C ARG D 803 8.92 -25.69 12.04
N VAL D 804 9.28 -26.98 12.03
CA VAL D 804 9.23 -27.78 10.81
C VAL D 804 7.82 -27.79 10.19
N GLU D 805 6.79 -28.07 11.00
CA GLU D 805 5.43 -28.17 10.47
C GLU D 805 4.83 -26.82 10.08
N SER D 806 5.04 -25.79 10.90
CA SER D 806 4.61 -24.43 10.52
C SER D 806 5.32 -23.94 9.26
N HIS D 807 6.58 -24.31 9.07
CA HIS D 807 7.32 -23.87 7.91
C HIS D 807 6.86 -24.60 6.66
N PHE D 808 6.61 -25.91 6.80
CA PHE D 808 6.08 -26.68 5.68
C PHE D 808 4.77 -26.11 5.22
N ASP D 809 3.90 -25.73 6.16
CA ASP D 809 2.62 -25.13 5.78
C ASP D 809 2.79 -23.83 5.03
N LEU D 810 3.70 -22.96 5.49
CA LEU D 810 3.96 -21.71 4.78
C LEU D 810 4.41 -21.96 3.34
N GLU D 811 5.35 -22.91 3.15
CA GLU D 811 5.86 -23.19 1.82
C GLU D 811 4.80 -23.81 0.93
N LEU D 812 4.00 -24.72 1.48
CA LEU D 812 2.96 -25.39 0.72
C LEU D 812 1.91 -24.39 0.23
N ARG D 813 1.49 -23.49 1.11
CA ARG D 813 0.48 -22.49 0.75
C ARG D 813 1.00 -21.55 -0.32
N ALA D 814 2.26 -21.11 -0.22
CA ALA D 814 2.83 -20.25 -1.25
C ALA D 814 2.90 -20.95 -2.61
N SER D 815 3.25 -22.24 -2.62
CA SER D 815 3.32 -23.00 -3.88
C SER D 815 1.95 -23.17 -4.52
N VAL D 816 0.93 -23.53 -3.72
CA VAL D 816 -0.42 -23.71 -4.28
C VAL D 816 -0.95 -22.39 -4.83
N MET D 817 -0.72 -21.29 -4.12
CA MET D 817 -1.16 -19.99 -4.60
C MET D 817 -0.46 -19.56 -5.89
N ALA D 818 0.85 -19.77 -5.98
CA ALA D 818 1.55 -19.40 -7.22
C ALA D 818 1.04 -20.21 -8.41
N ASP D 819 0.78 -21.51 -8.21
CA ASP D 819 0.19 -22.34 -9.26
C ASP D 819 -1.18 -21.83 -9.68
N LEU D 820 -2.00 -21.42 -8.72
CA LEU D 820 -3.35 -20.98 -9.05
C LEU D 820 -3.35 -19.63 -9.79
N MET D 821 -2.52 -18.68 -9.35
CA MET D 821 -2.38 -17.42 -10.08
C MET D 821 -1.89 -17.67 -11.51
N ASP D 822 -0.93 -18.57 -11.68
CA ASP D 822 -0.46 -18.82 -13.04
C ASP D 822 -1.43 -19.66 -13.87
N MET D 823 -2.34 -20.37 -13.23
CA MET D 823 -3.33 -21.17 -13.94
C MET D 823 -4.53 -20.32 -14.37
N MET D 824 -4.86 -19.28 -13.61
CA MET D 824 -6.05 -18.48 -13.89
C MET D 824 -5.92 -17.71 -15.21
N PRO D 825 -6.91 -17.77 -16.10
CA PRO D 825 -6.86 -16.98 -17.34
C PRO D 825 -6.89 -15.49 -17.05
N GLU D 826 -6.21 -14.74 -17.92
CA GLU D 826 -6.15 -13.30 -17.80
C GLU D 826 -7.54 -12.69 -17.96
N GLY D 827 -7.97 -11.92 -16.97
CA GLY D 827 -9.26 -11.28 -17.01
C GLY D 827 -10.31 -11.87 -16.10
N ILE D 828 -10.13 -13.08 -15.56
CA ILE D 828 -10.99 -13.58 -14.51
C ILE D 828 -10.80 -12.73 -13.27
N LYS D 829 -11.89 -12.41 -12.57
CA LYS D 829 -11.78 -11.72 -11.30
C LYS D 829 -11.19 -12.63 -10.22
N GLN D 830 -10.17 -12.15 -9.51
CA GLN D 830 -9.19 -12.97 -8.79
C GLN D 830 -9.02 -12.53 -7.33
N SER D 831 -10.07 -12.01 -6.72
CA SER D 831 -10.02 -11.72 -5.30
C SER D 831 -10.02 -13.02 -4.51
N LYS D 832 -11.07 -13.81 -4.64
CA LYS D 832 -11.21 -15.09 -3.93
C LYS D 832 -10.26 -16.11 -4.57
N VAL D 833 -9.07 -16.25 -3.98
CA VAL D 833 -8.12 -17.30 -4.29
C VAL D 833 -7.68 -17.92 -2.96
N ASN D 834 -7.82 -17.11 -1.91
CA ASN D 834 -7.64 -17.63 -0.57
C ASN D 834 -8.74 -18.64 -0.25
N THR D 835 -9.88 -18.50 -0.91
CA THR D 835 -10.92 -19.52 -0.96
C THR D 835 -10.38 -20.88 -1.38
N VAL D 836 -9.52 -20.90 -2.39
CA VAL D 836 -8.93 -22.16 -2.84
C VAL D 836 -7.98 -22.69 -1.77
N LEU D 837 -7.29 -21.82 -1.06
CA LEU D 837 -6.46 -22.36 0.05
C LEU D 837 -7.32 -22.96 1.17
N GLN D 838 -8.52 -22.44 1.40
CA GLN D 838 -9.45 -23.12 2.31
C GLN D 838 -9.91 -24.47 1.78
N HIS D 839 -10.15 -24.58 0.47
CA HIS D 839 -10.45 -25.89 -0.11
C HIS D 839 -9.29 -26.86 0.05
N LEU D 840 -8.06 -26.37 -0.09
CA LEU D 840 -6.88 -27.20 0.12
C LEU D 840 -6.81 -27.74 1.55
N SER D 841 -7.07 -26.88 2.55
CA SER D 841 -7.12 -27.34 3.95
C SER D 841 -8.18 -28.40 4.17
N GLU D 842 -9.37 -28.20 3.59
CA GLU D 842 -10.45 -29.14 3.80
C GLU D 842 -10.16 -30.48 3.14
N ALA D 843 -9.59 -30.46 1.93
CA ALA D 843 -9.16 -31.67 1.27
C ALA D 843 -8.09 -32.42 2.08
N TRP D 844 -7.18 -31.70 2.72
CA TRP D 844 -6.20 -32.37 3.57
C TRP D 844 -6.87 -33.04 4.78
N ARG D 845 -7.80 -32.35 5.43
CA ARG D 845 -8.53 -32.96 6.53
C ARG D 845 -9.34 -34.17 6.08
N CYS D 846 -9.91 -34.11 4.87
CA CYS D 846 -10.64 -35.23 4.29
C CYS D 846 -9.73 -36.42 4.04
N TRP D 847 -8.50 -36.16 3.58
CA TRP D 847 -7.53 -37.23 3.43
C TRP D 847 -7.17 -37.87 4.76
N LYS D 848 -6.96 -37.07 5.81
CA LYS D 848 -6.61 -37.60 7.11
C LYS D 848 -7.73 -38.44 7.70
N SER D 849 -8.97 -38.06 7.44
CA SER D 849 -10.10 -38.82 7.96
C SER D 849 -10.59 -39.90 7.02
N ASN D 850 -9.94 -40.07 5.85
CA ASN D 850 -10.29 -41.07 4.83
C ASN D 850 -11.72 -40.84 4.32
N ILE D 851 -12.09 -39.58 4.23
CA ILE D 851 -13.38 -39.17 3.72
C ILE D 851 -13.19 -38.66 2.30
N PRO D 852 -13.94 -39.16 1.32
CA PRO D 852 -13.76 -38.67 -0.05
C PRO D 852 -14.13 -37.20 -0.14
N TRP D 853 -13.22 -36.43 -0.75
CA TRP D 853 -13.38 -35.00 -0.91
C TRP D 853 -13.86 -34.73 -2.34
N LYS D 854 -15.04 -34.14 -2.47
CA LYS D 854 -15.63 -33.89 -3.78
C LYS D 854 -16.50 -32.66 -3.66
N VAL D 855 -15.98 -31.51 -4.04
CA VAL D 855 -16.71 -30.25 -4.02
C VAL D 855 -17.50 -30.15 -5.31
N PRO D 856 -18.83 -30.11 -5.26
CA PRO D 856 -19.63 -29.96 -6.48
C PRO D 856 -19.42 -28.58 -7.10
N GLY D 857 -19.10 -28.56 -8.38
CA GLY D 857 -18.90 -27.33 -9.09
C GLY D 857 -17.52 -26.71 -8.97
N LEU D 858 -16.58 -27.39 -8.35
CA LEU D 858 -15.22 -26.87 -8.31
C LEU D 858 -14.58 -27.06 -9.67
N PRO D 859 -13.98 -26.02 -10.25
CA PRO D 859 -13.34 -26.17 -11.56
C PRO D 859 -12.24 -27.22 -11.55
N ALA D 860 -12.20 -27.99 -12.64
CA ALA D 860 -11.27 -29.12 -12.74
C ALA D 860 -9.80 -28.76 -12.64
N PRO D 861 -9.26 -27.70 -13.27
CA PRO D 861 -7.85 -27.38 -13.03
C PRO D 861 -7.52 -27.07 -11.58
N ILE D 862 -8.43 -26.40 -10.87
CA ILE D 862 -8.22 -26.10 -9.46
C ILE D 862 -8.25 -27.37 -8.63
N GLU D 863 -9.18 -28.27 -8.94
CA GLU D 863 -9.21 -29.57 -8.27
C GLU D 863 -7.92 -30.34 -8.50
N ASN D 864 -7.39 -30.29 -9.72
CA ASN D 864 -6.14 -30.99 -10.01
C ASN D 864 -4.98 -30.45 -9.20
N ILE D 865 -4.91 -29.11 -9.04
CA ILE D 865 -3.86 -28.51 -8.22
C ILE D 865 -3.98 -28.98 -6.77
N ILE D 866 -5.19 -29.01 -6.23
CA ILE D 866 -5.39 -29.41 -4.84
C ILE D 866 -5.06 -30.89 -4.65
N LEU D 867 -5.46 -31.75 -5.59
CA LEU D 867 -5.20 -33.18 -5.45
C LEU D 867 -3.71 -33.50 -5.53
N ARG D 868 -3.02 -32.85 -6.47
CA ARG D 868 -1.57 -32.91 -6.54
C ARG D 868 -0.89 -32.54 -5.23
N TYR D 869 -1.30 -31.43 -4.61
CA TYR D 869 -0.55 -31.00 -3.44
C TYR D 869 -0.98 -31.72 -2.17
N VAL D 870 -2.22 -32.20 -2.10
CA VAL D 870 -2.65 -33.04 -1.00
C VAL D 870 -1.86 -34.34 -1.00
N LYS D 871 -1.64 -34.92 -2.20
CA LYS D 871 -0.80 -36.11 -2.27
C LYS D 871 0.64 -35.82 -1.86
N ALA D 872 1.19 -34.67 -2.24
CA ALA D 872 2.56 -34.35 -1.82
C ALA D 872 2.68 -34.18 -0.31
N LYS D 873 1.72 -33.49 0.31
CA LYS D 873 1.70 -33.37 1.77
C LYS D 873 1.56 -34.72 2.43
N ALA D 874 0.68 -35.57 1.90
CA ALA D 874 0.50 -36.93 2.39
C ALA D 874 1.79 -37.72 2.34
N ASP D 875 2.57 -37.53 1.28
CA ASP D 875 3.84 -38.23 1.16
C ASP D 875 4.83 -37.80 2.23
N TRP D 876 4.90 -36.49 2.48
CA TRP D 876 5.76 -35.96 3.53
C TRP D 876 5.33 -36.44 4.92
N TRP D 877 4.02 -36.40 5.18
CA TRP D 877 3.44 -36.83 6.45
C TRP D 877 3.69 -38.31 6.73
N ILE D 878 3.55 -39.16 5.70
CA ILE D 878 3.80 -40.59 5.86
C ILE D 878 5.29 -40.87 6.07
N SER D 879 6.16 -40.15 5.36
CA SER D 879 7.59 -40.35 5.56
C SER D 879 8.03 -39.95 6.96
N VAL D 880 7.44 -38.89 7.51
CA VAL D 880 7.76 -38.53 8.90
C VAL D 880 7.22 -39.58 9.86
N ALA D 881 6.03 -40.14 9.59
CA ALA D 881 5.51 -41.23 10.40
C ALA D 881 6.47 -42.42 10.43
N HIS D 882 6.99 -42.82 9.26
CA HIS D 882 7.94 -43.94 9.20
C HIS D 882 9.21 -43.63 9.97
N TYR D 883 9.74 -42.43 9.79
CA TYR D 883 11.00 -42.06 10.44
C TYR D 883 10.86 -42.03 11.96
N ASN D 884 9.75 -41.48 12.44
CA ASN D 884 9.57 -41.37 13.88
C ASN D 884 9.24 -42.70 14.52
N ARG D 885 8.60 -43.61 13.79
CA ARG D 885 8.37 -44.93 14.36
C ARG D 885 9.67 -45.71 14.46
N GLU D 886 10.55 -45.55 13.47
CA GLU D 886 11.85 -46.21 13.57
C GLU D 886 12.65 -45.67 14.76
N ARG D 887 12.59 -44.35 14.99
CA ARG D 887 13.27 -43.76 16.13
C ARG D 887 12.67 -44.22 17.45
N ILE D 888 11.35 -44.33 17.53
CA ILE D 888 10.69 -44.79 18.76
C ILE D 888 11.04 -46.25 19.04
N ARG D 889 11.05 -47.08 18.00
CA ARG D 889 11.37 -48.49 18.16
C ARG D 889 12.81 -48.69 18.57
N ARG D 890 13.73 -47.96 17.95
CA ARG D 890 15.12 -47.98 18.36
C ARG D 890 15.34 -47.43 19.77
N GLY D 891 14.43 -46.61 20.26
CA GLY D 891 14.66 -45.93 21.52
C GLY D 891 15.45 -44.65 21.38
N ALA D 892 15.64 -44.17 20.16
CA ALA D 892 16.47 -43.01 19.87
C ALA D 892 15.84 -41.69 20.29
N THR D 893 14.59 -41.72 20.72
CA THR D 893 13.90 -40.52 21.13
C THR D 893 13.15 -40.84 22.41
N VAL D 894 13.03 -39.84 23.28
CA VAL D 894 12.24 -39.93 24.49
C VAL D 894 11.21 -38.81 24.53
N ASP D 895 10.96 -38.20 23.38
CA ASP D 895 10.06 -37.05 23.27
C ASP D 895 8.61 -37.55 23.30
N LYS D 896 7.91 -37.19 24.38
CA LYS D 896 6.58 -37.75 24.64
C LYS D 896 5.54 -37.22 23.65
N THR D 897 5.69 -35.96 23.25
CA THR D 897 4.85 -35.39 22.21
C THR D 897 5.08 -36.07 20.87
N VAL D 898 6.34 -36.36 20.53
CA VAL D 898 6.65 -37.07 19.29
C VAL D 898 6.02 -38.46 19.30
N ALA D 899 6.02 -39.12 20.46
CA ALA D 899 5.43 -40.45 20.54
C ALA D 899 3.90 -40.41 20.40
N LYS D 900 3.22 -39.49 21.08
CA LYS D 900 1.77 -39.45 20.95
C LYS D 900 1.32 -38.97 19.57
N LYS D 901 2.07 -38.05 18.94
CA LYS D 901 1.82 -37.67 17.55
C LYS D 901 1.99 -38.85 16.61
N ASN D 902 3.02 -39.64 16.82
CA ASN D 902 3.29 -40.74 15.92
C ASN D 902 2.23 -41.82 16.05
N VAL D 903 1.75 -42.06 17.27
CA VAL D 903 0.70 -43.04 17.48
C VAL D 903 -0.61 -42.58 16.83
N GLY D 904 -0.89 -41.28 16.89
CA GLY D 904 -2.03 -40.76 16.15
C GLY D 904 -1.91 -40.97 14.65
N ARG D 905 -0.71 -40.74 14.10
CA ARG D 905 -0.50 -40.93 12.67
C ARG D 905 -0.68 -42.38 12.27
N LEU D 906 -0.15 -43.29 13.08
CA LEU D 906 -0.25 -44.71 12.74
C LEU D 906 -1.66 -45.24 12.92
N THR D 907 -2.42 -44.68 13.87
CA THR D 907 -3.83 -45.00 13.99
C THR D 907 -4.60 -44.60 12.74
N ARG D 908 -4.37 -43.39 12.24
CA ARG D 908 -5.04 -42.97 11.02
C ARG D 908 -4.64 -43.82 9.84
N LEU D 909 -3.36 -44.16 9.71
CA LEU D 909 -2.90 -45.00 8.61
C LEU D 909 -3.48 -46.40 8.69
N TRP D 910 -3.53 -46.96 9.89
CA TRP D 910 -4.08 -48.29 10.07
C TRP D 910 -5.55 -48.32 9.72
N LEU D 911 -6.29 -47.30 10.11
CA LEU D 911 -7.71 -47.31 9.79
C LEU D 911 -7.96 -47.05 8.32
N LYS D 912 -7.11 -46.29 7.64
CA LYS D 912 -7.21 -46.18 6.18
C LYS D 912 -7.00 -47.53 5.51
N ALA D 913 -5.97 -48.26 5.94
CA ALA D 913 -5.70 -49.59 5.42
C ALA D 913 -6.84 -50.55 5.74
N GLU D 914 -7.42 -50.42 6.91
CA GLU D 914 -8.49 -51.30 7.34
C GLU D 914 -9.79 -51.03 6.58
N GLN D 915 -10.10 -49.76 6.29
CA GLN D 915 -11.25 -49.46 5.44
C GLN D 915 -11.04 -50.00 4.05
N GLU D 916 -9.81 -49.89 3.52
CA GLU D 916 -9.54 -50.41 2.19
C GLU D 916 -9.66 -51.93 2.15
N ARG D 917 -9.22 -52.62 3.20
CA ARG D 917 -9.38 -54.07 3.31
C ARG D 917 -10.85 -54.48 3.40
N GLN D 918 -11.65 -53.77 4.19
CA GLN D 918 -13.08 -54.07 4.29
C GLN D 918 -13.78 -53.87 2.95
N HIS D 919 -13.44 -52.79 2.26
CA HIS D 919 -14.00 -52.52 0.95
C HIS D 919 -13.60 -53.60 -0.05
N ASN D 920 -12.34 -54.02 -0.03
CA ASN D 920 -11.88 -55.08 -0.92
C ASN D 920 -12.58 -56.39 -0.63
N HIS D 921 -12.93 -56.67 0.61
CA HIS D 921 -13.67 -57.90 0.89
C HIS D 921 -15.07 -57.85 0.30
N MET D 922 -15.75 -56.70 0.41
CA MET D 922 -17.06 -56.58 -0.24
C MET D 922 -16.96 -56.65 -1.76
N LYS D 923 -15.90 -56.11 -2.36
CA LYS D 923 -15.82 -56.09 -3.81
C LYS D 923 -15.32 -57.41 -4.38
N ASP D 924 -14.30 -58.00 -3.77
CA ASP D 924 -13.67 -59.21 -4.25
C ASP D 924 -14.14 -60.45 -3.52
N GLY D 925 -15.27 -60.35 -2.81
CA GLY D 925 -16.00 -61.52 -2.38
C GLY D 925 -15.34 -62.18 -1.22
N PRO D 926 -15.94 -63.26 -0.71
CA PRO D 926 -15.25 -64.05 0.31
C PRO D 926 -13.99 -64.65 -0.28
N TYR D 927 -12.89 -64.49 0.44
CA TYR D 927 -11.64 -65.03 -0.04
C TYR D 927 -11.57 -66.53 0.15
N VAL D 928 -12.21 -67.04 1.21
CA VAL D 928 -12.34 -68.48 1.38
C VAL D 928 -13.31 -69.00 0.33
N SER D 929 -12.87 -69.97 -0.46
CA SER D 929 -13.74 -70.54 -1.46
C SER D 929 -14.81 -71.39 -0.80
N SER D 930 -15.88 -71.66 -1.54
CA SER D 930 -16.97 -72.44 -0.99
C SER D 930 -16.56 -73.89 -0.75
N GLU D 931 -15.68 -74.42 -1.60
CA GLU D 931 -15.13 -75.75 -1.36
C GLU D 931 -14.28 -75.78 -0.09
N GLU D 932 -13.46 -74.75 0.11
CA GLU D 932 -12.64 -74.66 1.32
C GLU D 932 -13.50 -74.53 2.57
N ALA D 933 -14.56 -73.73 2.48
CA ALA D 933 -15.46 -73.56 3.61
C ALA D 933 -16.19 -74.84 3.96
N VAL D 934 -16.65 -75.57 2.95
CA VAL D 934 -17.35 -76.83 3.19
C VAL D 934 -16.39 -77.86 3.78
N ALA D 935 -15.13 -77.87 3.32
CA ALA D 935 -14.15 -78.79 3.88
C ALA D 935 -13.85 -78.47 5.35
N ILE D 936 -13.74 -77.18 5.68
CA ILE D 936 -13.49 -76.77 7.06
C ILE D 936 -14.67 -77.15 7.96
N TYR D 937 -15.89 -76.88 7.48
CA TYR D 937 -17.09 -77.22 8.24
C TYR D 937 -17.21 -78.72 8.44
N THR D 938 -16.90 -79.50 7.41
CA THR D 938 -17.00 -80.95 7.48
C THR D 938 -15.98 -81.53 8.44
N THR D 939 -14.75 -80.99 8.42
CA THR D 939 -13.75 -81.42 9.40
C THR D 939 -14.23 -81.14 10.82
N THR D 940 -14.85 -79.98 11.03
CA THR D 940 -15.35 -79.65 12.36
C THR D 940 -16.47 -80.58 12.80
N VAL D 941 -17.42 -80.90 11.92
CA VAL D 941 -18.53 -81.77 12.33
C VAL D 941 -18.02 -83.19 12.58
N HIS D 942 -17.04 -83.65 11.80
CA HIS D 942 -16.53 -84.99 12.01
C HIS D 942 -15.75 -85.08 13.31
N TRP D 943 -14.98 -84.04 13.63
CA TRP D 943 -14.31 -83.99 14.92
C TRP D 943 -15.29 -84.00 16.08
N LEU D 944 -16.29 -83.11 16.05
CA LEU D 944 -17.16 -82.99 17.21
C LEU D 944 -18.07 -84.21 17.37
N GLU D 945 -18.45 -84.84 16.26
CA GLU D 945 -19.16 -86.10 16.33
C GLU D 945 -18.29 -87.21 16.90
N ALA D 946 -16.99 -87.22 16.56
CA ALA D 946 -16.09 -88.20 17.13
C ALA D 946 -15.88 -87.98 18.62
N ARG D 947 -15.82 -86.72 19.06
CA ARG D 947 -15.65 -86.42 20.47
C ARG D 947 -16.96 -86.45 21.24
N LYS D 948 -18.09 -86.71 20.57
CA LYS D 948 -19.41 -86.83 21.20
C LYS D 948 -19.82 -85.53 21.90
N PHE D 949 -19.40 -84.40 21.33
CA PHE D 949 -19.59 -83.12 21.99
C PHE D 949 -21.06 -82.75 22.07
N SER D 950 -21.50 -82.37 23.26
CA SER D 950 -22.85 -81.88 23.46
C SER D 950 -22.87 -80.37 23.31
N PRO D 951 -23.65 -79.81 22.40
CA PRO D 951 -23.67 -78.36 22.21
C PRO D 951 -24.13 -77.60 23.45
N ILE D 952 -23.60 -76.40 23.61
CA ILE D 952 -23.87 -75.58 24.79
C ILE D 952 -25.28 -75.00 24.68
N PRO D 953 -26.13 -75.17 25.68
CA PRO D 953 -27.49 -74.63 25.60
C PRO D 953 -27.51 -73.13 25.88
N PHE D 954 -28.62 -72.52 25.52
CA PHE D 954 -28.89 -71.17 25.98
C PHE D 954 -29.12 -71.22 27.50
N PRO D 955 -28.61 -70.25 28.25
CA PRO D 955 -28.74 -70.30 29.72
C PRO D 955 -30.20 -70.27 30.15
N SER D 956 -30.55 -71.15 31.08
CA SER D 956 -31.92 -71.28 31.52
C SER D 956 -32.35 -70.07 32.34
N VAL D 957 -33.65 -69.96 32.55
CA VAL D 957 -34.16 -68.98 33.50
C VAL D 957 -33.67 -69.30 34.89
N SER D 958 -33.66 -70.58 35.24
CA SER D 958 -33.27 -71.05 36.56
C SER D 958 -31.97 -71.84 36.51
N TYR D 959 -31.02 -71.40 35.70
CA TYR D 959 -29.70 -72.01 35.67
C TYR D 959 -29.04 -71.84 37.02
N LYS D 960 -28.56 -72.93 37.59
CA LYS D 960 -28.16 -72.91 39.00
C LYS D 960 -26.84 -72.19 39.24
N HIS D 961 -26.12 -71.82 38.19
CA HIS D 961 -24.83 -71.17 38.35
C HIS D 961 -24.82 -69.74 37.84
N ASP D 962 -26.00 -69.18 37.53
CA ASP D 962 -26.10 -67.83 36.95
C ASP D 962 -25.51 -66.78 37.86
N THR D 963 -25.78 -66.85 39.15
CA THR D 963 -25.28 -65.84 40.07
C THR D 963 -23.77 -65.86 40.15
N LYS D 964 -23.17 -67.05 40.20
CA LYS D 964 -21.72 -67.16 40.23
C LYS D 964 -21.10 -66.67 38.94
N ILE D 965 -21.71 -67.00 37.80
CA ILE D 965 -21.20 -66.56 36.50
C ILE D 965 -21.26 -65.04 36.38
N LEU D 966 -22.39 -64.46 36.78
CA LEU D 966 -22.56 -63.01 36.70
C LEU D 966 -21.62 -62.29 37.65
N ILE D 967 -21.42 -62.82 38.85
CA ILE D 967 -20.53 -62.18 39.81
C ILE D 967 -19.09 -62.22 39.32
N LEU D 968 -18.70 -63.32 38.67
CA LEU D 968 -17.38 -63.37 38.04
C LEU D 968 -17.23 -62.31 36.96
N ALA D 969 -18.25 -62.17 36.11
CA ALA D 969 -18.21 -61.17 35.04
C ALA D 969 -18.10 -59.75 35.57
N LEU D 970 -18.90 -59.43 36.59
CA LEU D 970 -18.90 -58.08 37.15
C LEU D 970 -17.62 -57.80 37.90
N GLU D 971 -17.04 -58.81 38.55
CA GLU D 971 -15.76 -58.62 39.18
C GLU D 971 -14.67 -58.34 38.16
N ARG D 972 -14.74 -58.98 36.99
CA ARG D 972 -13.75 -58.68 35.94
C ARG D 972 -13.87 -57.25 35.43
N LEU D 973 -15.10 -56.76 35.21
CA LEU D 973 -15.24 -55.38 34.74
C LEU D 973 -14.83 -54.37 35.83
N ARG D 974 -15.19 -54.65 37.09
CA ARG D 974 -14.80 -53.75 38.17
C ARG D 974 -13.28 -53.72 38.35
N GLU D 975 -12.60 -54.85 38.17
CA GLU D 975 -11.15 -54.80 38.30
C GLU D 975 -10.51 -54.17 37.08
N ALA D 976 -11.22 -54.13 35.95
CA ALA D 976 -10.79 -53.24 34.88
C ALA D 976 -10.87 -51.78 35.30
N TYR D 977 -11.73 -51.45 36.26
CA TYR D 977 -11.74 -50.10 36.82
C TYR D 977 -10.85 -49.88 38.04
N SER D 978 -10.26 -50.95 38.58
CA SER D 978 -9.57 -50.94 39.87
C SER D 978 -8.65 -49.74 40.14
N THR D 979 -7.62 -49.52 39.31
CA THR D 979 -6.70 -48.40 39.54
C THR D 979 -7.02 -47.25 38.60
N LYS D 980 -8.02 -46.45 38.98
CA LYS D 980 -8.44 -45.32 38.16
C LYS D 980 -8.63 -44.10 39.04
N GLY D 981 -7.93 -43.01 38.70
CA GLY D 981 -8.07 -41.77 39.43
C GLY D 981 -9.16 -40.84 38.91
N ARG D 982 -9.04 -40.45 37.64
CA ARG D 982 -10.05 -39.64 36.97
C ARG D 982 -10.94 -40.55 36.14
N LEU D 983 -12.25 -40.38 36.26
CA LEU D 983 -13.21 -41.15 35.49
C LEU D 983 -13.98 -40.24 34.56
N ASN D 984 -14.18 -40.69 33.32
CA ASN D 984 -15.06 -39.98 32.41
C ASN D 984 -16.48 -40.50 32.59
N GLN D 985 -17.40 -39.96 31.77
CA GLN D 985 -18.83 -40.22 31.93
C GLN D 985 -19.16 -41.69 31.70
N SER D 986 -18.60 -42.28 30.66
CA SER D 986 -18.90 -43.69 30.36
C SER D 986 -18.30 -44.60 31.42
N GLN D 987 -17.19 -44.18 32.02
CA GLN D 987 -16.59 -44.96 33.10
C GLN D 987 -17.46 -44.92 34.36
N ARG D 988 -17.98 -43.74 34.70
CA ARG D 988 -18.83 -43.63 35.87
C ARG D 988 -20.16 -44.36 35.66
N GLU D 989 -20.70 -44.32 34.44
CA GLU D 989 -21.95 -45.04 34.23
C GLU D 989 -21.74 -46.54 34.18
N GLU D 990 -20.55 -47.00 33.79
CA GLU D 990 -20.33 -48.44 33.83
C GLU D 990 -20.13 -48.93 35.26
N LEU D 991 -19.50 -48.12 36.11
CA LEU D 991 -19.47 -48.43 37.53
C LEU D 991 -20.87 -48.47 38.14
N ALA D 992 -21.73 -47.52 37.75
CA ALA D 992 -23.10 -47.52 38.23
C ALA D 992 -23.88 -48.73 37.75
N LEU D 993 -23.70 -49.13 36.49
CA LEU D 993 -24.36 -50.33 35.99
C LEU D 993 -23.88 -51.58 36.71
N ILE D 994 -22.59 -51.63 37.05
CA ILE D 994 -22.06 -52.79 37.78
C ILE D 994 -22.66 -52.86 39.17
N GLU D 995 -22.77 -51.73 39.87
CA GLU D 995 -23.36 -51.80 41.21
C GLU D 995 -24.86 -52.07 41.16
N GLN D 996 -25.56 -51.62 40.10
CA GLN D 996 -26.95 -52.02 39.94
C GLN D 996 -27.08 -53.51 39.68
N ALA D 997 -26.15 -54.09 38.92
CA ALA D 997 -26.17 -55.53 38.70
C ALA D 997 -25.85 -56.29 39.98
N TYR D 998 -25.03 -55.71 40.85
CA TYR D 998 -24.79 -56.31 42.15
C TYR D 998 -26.04 -56.27 43.02
N ASP D 999 -26.78 -55.16 42.99
CA ASP D 999 -27.93 -55.02 43.86
C ASP D 999 -29.12 -55.84 43.36
N SER D 1000 -29.28 -55.97 42.05
CA SER D 1000 -30.40 -56.74 41.49
C SER D 1000 -29.87 -57.77 40.50
N PRO D 1001 -29.31 -58.87 40.98
CA PRO D 1001 -28.76 -59.88 40.06
C PRO D 1001 -29.79 -60.55 39.18
N GLY D 1002 -31.00 -60.80 39.68
CA GLY D 1002 -32.02 -61.45 38.88
C GLY D 1002 -32.48 -60.60 37.71
N THR D 1003 -32.74 -59.31 37.98
CA THR D 1003 -33.17 -58.40 36.92
C THR D 1003 -32.12 -58.25 35.84
N THR D 1004 -30.85 -58.17 36.24
CA THR D 1004 -29.75 -58.10 35.28
C THR D 1004 -29.66 -59.36 34.45
N LEU D 1005 -29.90 -60.52 35.07
CA LEU D 1005 -29.87 -61.77 34.33
C LEU D 1005 -30.97 -61.85 33.30
N GLU D 1006 -32.18 -61.39 33.65
CA GLU D 1006 -33.26 -61.35 32.68
C GLU D 1006 -32.96 -60.39 31.55
N ARG D 1007 -32.40 -59.23 31.87
CA ARG D 1007 -32.05 -58.27 30.83
C ARG D 1007 -30.97 -58.81 29.90
N ILE D 1008 -29.96 -59.49 30.46
CA ILE D 1008 -28.88 -60.06 29.69
C ILE D 1008 -29.42 -61.13 28.74
N LYS D 1009 -30.28 -62.00 29.24
CA LYS D 1009 -30.79 -63.08 28.40
C LYS D 1009 -31.74 -62.55 27.34
N ARG D 1010 -32.47 -61.49 27.66
CA ARG D 1010 -33.29 -60.83 26.65
C ARG D 1010 -32.43 -60.21 25.55
N PHE D 1011 -31.31 -59.59 25.93
CA PHE D 1011 -30.39 -59.04 24.93
C PHE D 1011 -29.79 -60.13 24.07
N LEU D 1012 -29.43 -61.25 24.67
CA LEU D 1012 -28.82 -62.35 23.92
C LEU D 1012 -29.82 -63.00 22.99
N LEU D 1013 -31.09 -63.00 23.35
CA LEU D 1013 -32.11 -63.52 22.45
C LEU D 1013 -32.44 -62.55 21.33
N THR D 1014 -32.42 -61.25 21.60
CA THR D 1014 -33.06 -60.31 20.69
C THR D 1014 -32.11 -59.41 19.91
N GLN D 1015 -31.07 -58.87 20.54
CA GLN D 1015 -30.27 -57.81 19.90
C GLN D 1015 -29.33 -58.36 18.85
N ARG D 1016 -29.37 -57.78 17.66
CA ARG D 1016 -28.46 -58.12 16.60
C ARG D 1016 -27.79 -56.90 15.98
N ALA D 1017 -28.04 -55.70 16.49
CA ALA D 1017 -27.40 -54.47 16.05
C ALA D 1017 -26.96 -53.69 17.27
N PHE D 1018 -25.73 -53.22 17.27
CA PHE D 1018 -25.08 -52.79 18.49
C PHE D 1018 -24.56 -51.38 18.32
N LYS D 1019 -24.03 -50.82 19.39
CA LYS D 1019 -23.54 -49.45 19.36
C LYS D 1019 -22.20 -49.39 18.66
N GLU D 1020 -21.72 -48.18 18.45
CA GLU D 1020 -20.40 -47.96 17.88
C GLU D 1020 -19.34 -48.31 18.90
N VAL D 1021 -18.24 -48.88 18.42
CA VAL D 1021 -17.11 -49.28 19.24
C VAL D 1021 -16.00 -48.29 18.99
N GLY D 1022 -15.51 -47.65 20.03
CA GLY D 1022 -14.35 -46.81 19.89
C GLY D 1022 -13.10 -47.63 19.64
N ILE D 1023 -12.18 -47.08 18.86
CA ILE D 1023 -10.91 -47.74 18.63
C ILE D 1023 -9.79 -46.74 18.89
N ASP D 1024 -8.80 -47.17 19.67
CA ASP D 1024 -7.55 -46.46 19.87
C ASP D 1024 -6.39 -47.44 19.70
N MET D 1025 -5.18 -46.93 19.86
CA MET D 1025 -3.96 -47.73 19.79
C MET D 1025 -3.21 -47.62 21.10
N ASN D 1026 -2.79 -48.76 21.62
CA ASN D 1026 -1.83 -48.82 22.71
C ASN D 1026 -0.43 -48.97 22.14
N ASP D 1027 0.46 -48.09 22.56
CA ASP D 1027 1.84 -48.09 22.09
C ASP D 1027 2.71 -48.88 23.04
N ASN D 1028 3.46 -49.84 22.49
CA ASN D 1028 4.39 -50.65 23.24
C ASN D 1028 5.82 -50.31 22.89
N TYR D 1029 6.01 -49.34 22.01
CA TYR D 1029 7.22 -48.78 21.41
C TYR D 1029 7.86 -49.70 20.40
N SER D 1030 7.54 -50.99 20.45
CA SER D 1030 7.97 -51.90 19.41
C SER D 1030 6.85 -52.18 18.43
N THR D 1031 5.65 -52.35 18.95
CA THR D 1031 4.44 -52.47 18.17
C THR D 1031 3.40 -51.55 18.80
N ILE D 1032 2.31 -51.35 18.09
CA ILE D 1032 1.11 -50.76 18.66
C ILE D 1032 -0.01 -51.74 18.40
N ASN D 1033 -1.04 -51.70 19.24
CA ASN D 1033 -2.11 -52.65 19.05
C ASN D 1033 -3.46 -52.01 19.32
N PRO D 1034 -4.51 -52.47 18.64
CA PRO D 1034 -5.82 -51.83 18.80
C PRO D 1034 -6.48 -52.17 20.11
N VAL D 1035 -7.07 -51.15 20.72
CA VAL D 1035 -7.85 -51.25 21.94
C VAL D 1035 -9.26 -50.80 21.62
N TYR D 1036 -10.23 -51.62 22.04
CA TYR D 1036 -11.63 -51.45 21.68
C TYR D 1036 -12.42 -50.99 22.90
N ASP D 1037 -13.30 -50.03 22.65
CA ASP D 1037 -14.10 -49.33 23.65
C ASP D 1037 -15.56 -49.70 23.39
N VAL D 1038 -16.10 -50.61 24.19
CA VAL D 1038 -17.44 -51.15 23.97
C VAL D 1038 -18.37 -50.51 24.99
N GLU D 1039 -19.61 -50.26 24.58
CA GLU D 1039 -20.67 -49.74 25.42
C GLU D 1039 -20.81 -50.59 26.69
N PRO D 1040 -20.97 -49.96 27.85
CA PRO D 1040 -21.00 -50.71 29.12
C PRO D 1040 -22.11 -51.74 29.28
N ILE D 1041 -23.31 -51.45 28.80
CA ILE D 1041 -24.42 -52.40 28.96
C ILE D 1041 -24.16 -53.65 28.11
N GLU D 1042 -23.61 -53.44 26.93
CA GLU D 1042 -23.14 -54.52 26.10
C GLU D 1042 -21.96 -55.25 26.71
N LYS D 1043 -21.07 -54.54 27.40
CA LYS D 1043 -19.93 -55.21 28.02
C LYS D 1043 -20.35 -56.13 29.14
N ILE D 1044 -21.41 -55.75 29.88
CA ILE D 1044 -21.94 -56.64 30.92
C ILE D 1044 -22.52 -57.90 30.28
N SER D 1045 -23.28 -57.73 29.20
CA SER D 1045 -23.80 -58.90 28.50
C SER D 1045 -22.67 -59.78 27.95
N ASP D 1046 -21.63 -59.17 27.39
CA ASP D 1046 -20.54 -59.93 26.78
C ASP D 1046 -19.72 -60.66 27.82
N ALA D 1047 -19.49 -60.04 28.97
CA ALA D 1047 -18.72 -60.69 30.02
C ALA D 1047 -19.49 -61.85 30.63
N TYR D 1048 -20.81 -61.72 30.78
CA TYR D 1048 -21.61 -62.86 31.20
C TYR D 1048 -21.51 -63.99 30.19
N LEU D 1049 -21.64 -63.67 28.90
CA LEU D 1049 -21.56 -64.70 27.88
C LEU D 1049 -20.18 -65.35 27.85
N ASP D 1050 -19.15 -64.56 28.06
CA ASP D 1050 -17.78 -65.05 28.10
C ASP D 1050 -17.60 -66.07 29.21
N GLN D 1051 -18.00 -65.72 30.43
CA GLN D 1051 -17.84 -66.63 31.57
C GLN D 1051 -18.70 -67.87 31.39
N TYR D 1052 -19.90 -67.71 30.87
CA TYR D 1052 -20.78 -68.86 30.65
C TYR D 1052 -20.21 -69.83 29.63
N LEU D 1053 -19.73 -69.31 28.50
CA LEU D 1053 -19.21 -70.17 27.45
C LEU D 1053 -17.95 -70.88 27.88
N TRP D 1054 -17.09 -70.19 28.63
CA TRP D 1054 -15.88 -70.84 29.13
C TRP D 1054 -16.20 -71.94 30.12
N TYR D 1055 -17.15 -71.70 31.03
CA TYR D 1055 -17.52 -72.73 31.99
C TYR D 1055 -18.15 -73.93 31.29
N GLN D 1056 -19.03 -73.68 30.31
CA GLN D 1056 -19.69 -74.79 29.64
C GLN D 1056 -18.74 -75.57 28.75
N ALA D 1057 -17.78 -74.88 28.11
CA ALA D 1057 -16.79 -75.59 27.33
C ALA D 1057 -15.84 -76.39 28.19
N ASP D 1058 -15.52 -75.88 29.39
CA ASP D 1058 -14.71 -76.67 30.31
C ASP D 1058 -15.44 -77.90 30.78
N GLN D 1059 -16.73 -77.77 31.09
CA GLN D 1059 -17.51 -78.92 31.51
C GLN D 1059 -17.78 -79.91 30.38
N ARG D 1060 -17.76 -79.46 29.14
CA ARG D 1060 -18.06 -80.33 28.01
C ARG D 1060 -16.84 -80.74 27.21
N HIS D 1061 -15.64 -80.35 27.64
CA HIS D 1061 -14.38 -80.80 27.06
C HIS D 1061 -14.26 -80.41 25.59
N LEU D 1062 -14.45 -79.12 25.31
CA LEU D 1062 -14.35 -78.63 23.94
C LEU D 1062 -12.91 -78.49 23.49
N PHE D 1063 -12.00 -78.14 24.39
CA PHE D 1063 -10.62 -77.90 24.01
C PHE D 1063 -9.74 -79.05 24.44
N PRO D 1064 -9.10 -79.73 23.52
CA PRO D 1064 -8.15 -80.79 23.91
C PRO D 1064 -6.87 -80.26 24.53
N ASN D 1065 -5.94 -81.15 24.83
CA ASN D 1065 -4.82 -80.81 25.69
C ASN D 1065 -3.82 -79.87 25.04
N TRP D 1066 -3.80 -79.77 23.72
CA TRP D 1066 -2.77 -78.97 23.09
C TRP D 1066 -3.09 -77.48 23.09
N VAL D 1067 -4.30 -77.10 23.48
CA VAL D 1067 -4.77 -75.73 23.39
C VAL D 1067 -4.27 -74.96 24.61
N LYS D 1068 -3.50 -73.92 24.38
CA LYS D 1068 -2.85 -73.13 25.41
C LYS D 1068 -3.17 -71.66 25.20
N PRO D 1069 -3.11 -70.84 26.25
CA PRO D 1069 -2.81 -71.06 27.67
C PRO D 1069 -3.87 -71.87 28.38
N SER D 1070 -3.44 -72.72 29.28
CA SER D 1070 -4.33 -73.59 30.02
C SER D 1070 -4.44 -73.07 31.45
N ASP D 1071 -5.61 -73.26 32.05
CA ASP D 1071 -5.82 -72.81 33.40
C ASP D 1071 -4.99 -73.56 34.42
N SER D 1072 -4.44 -74.72 34.04
CA SER D 1072 -3.70 -75.55 34.97
C SER D 1072 -2.33 -74.96 35.29
N GLU D 1073 -1.60 -74.47 34.29
CA GLU D 1073 -0.20 -74.13 34.50
C GLU D 1073 0.12 -72.71 34.06
N VAL D 1074 1.14 -72.16 34.69
CA VAL D 1074 1.75 -70.88 34.33
C VAL D 1074 2.66 -71.16 33.14
N PRO D 1075 2.98 -70.15 32.31
CA PRO D 1075 3.78 -70.40 31.10
C PRO D 1075 5.17 -70.97 31.35
N PRO D 1076 5.88 -70.62 32.45
CA PRO D 1076 7.09 -71.39 32.76
C PRO D 1076 6.85 -72.87 33.00
N LEU D 1077 5.73 -73.25 33.62
CA LEU D 1077 5.43 -74.66 33.77
C LEU D 1077 5.06 -75.28 32.44
N LEU D 1078 4.47 -74.51 31.53
CA LEU D 1078 4.23 -75.03 30.18
C LEU D 1078 5.55 -75.32 29.46
N VAL D 1079 6.53 -74.43 29.60
CA VAL D 1079 7.85 -74.67 29.00
C VAL D 1079 8.52 -75.89 29.64
N TYR D 1080 8.40 -76.02 30.96
CA TYR D 1080 8.98 -77.15 31.66
C TYR D 1080 8.36 -78.46 31.21
N LYS D 1081 7.03 -78.48 31.07
CA LYS D 1081 6.35 -79.68 30.60
C LYS D 1081 6.70 -79.99 29.15
N TRP D 1082 6.97 -78.98 28.33
CA TRP D 1082 7.36 -79.24 26.96
C TRP D 1082 8.75 -79.88 26.89
N CYS D 1083 9.67 -79.41 27.74
CA CYS D 1083 10.98 -80.04 27.88
C CYS D 1083 10.86 -81.49 28.36
N GLN D 1084 10.01 -81.73 29.35
CA GLN D 1084 9.84 -83.09 29.86
C GLN D 1084 9.21 -84.01 28.83
N GLY D 1085 8.25 -83.51 28.04
CA GLY D 1085 7.65 -84.34 27.01
C GLY D 1085 8.63 -84.71 25.92
N ILE D 1086 9.45 -83.74 25.49
CA ILE D 1086 10.52 -84.02 24.53
C ILE D 1086 11.46 -85.07 25.08
N ASN D 1087 11.84 -84.96 26.35
CA ASN D 1087 12.77 -85.93 26.93
C ASN D 1087 12.14 -87.31 27.08
N ASN D 1088 10.84 -87.39 27.29
CA ASN D 1088 10.20 -88.67 27.54
C ASN D 1088 9.62 -89.31 26.28
N LEU D 1089 9.82 -88.72 25.11
CA LEU D 1089 9.50 -89.44 23.89
C LEU D 1089 10.45 -90.62 23.67
N ASP D 1090 9.96 -91.64 22.94
CA ASP D 1090 10.74 -92.84 22.64
C ASP D 1090 11.98 -92.55 21.83
N LYS D 1091 13.14 -92.96 22.37
CA LYS D 1091 14.40 -93.02 21.64
C LYS D 1091 14.74 -91.69 21.01
N VAL D 1092 14.31 -90.61 21.66
CA VAL D 1092 14.31 -89.29 21.05
C VAL D 1092 15.72 -88.81 20.77
N TRP D 1093 16.69 -89.20 21.57
CA TRP D 1093 18.05 -88.77 21.33
C TRP D 1093 18.85 -89.76 20.51
N ASP D 1094 18.24 -90.86 20.10
CA ASP D 1094 18.93 -91.87 19.31
C ASP D 1094 19.05 -91.39 17.87
N THR D 1095 20.28 -91.29 17.37
CA THR D 1095 20.55 -90.94 15.99
C THR D 1095 21.40 -92.00 15.31
N SER D 1096 21.28 -93.24 15.75
CA SER D 1096 22.09 -94.33 15.19
C SER D 1096 21.67 -94.65 13.78
N ASN D 1097 20.37 -94.75 13.52
CA ASN D 1097 19.86 -95.13 12.21
C ASN D 1097 19.51 -93.93 11.35
N GLY D 1098 20.07 -92.76 11.65
CA GLY D 1098 19.88 -91.59 10.81
C GLY D 1098 18.61 -90.81 11.04
N GLU D 1099 17.83 -91.16 12.05
CA GLU D 1099 16.60 -90.44 12.34
C GLU D 1099 16.90 -89.06 12.91
N CYS D 1100 16.03 -88.10 12.60
CA CYS D 1100 16.19 -86.71 12.99
C CYS D 1100 14.96 -86.23 13.74
N ASN D 1101 15.14 -85.19 14.55
CA ASN D 1101 14.06 -84.54 15.27
C ASN D 1101 13.97 -83.09 14.81
N VAL D 1102 12.75 -82.61 14.61
CA VAL D 1102 12.52 -81.25 14.15
C VAL D 1102 11.57 -80.57 15.13
N ILE D 1103 11.94 -79.40 15.62
CA ILE D 1103 10.98 -78.49 16.23
C ILE D 1103 10.75 -77.34 15.28
N ILE D 1104 9.51 -77.11 14.91
CA ILE D 1104 9.13 -75.93 14.15
C ILE D 1104 8.18 -75.10 14.99
N GLU D 1105 8.59 -73.87 15.31
CA GLU D 1105 7.72 -72.88 15.91
C GLU D 1105 7.34 -71.87 14.85
N THR D 1106 6.07 -71.53 14.78
CA THR D 1106 5.65 -70.55 13.80
C THR D 1106 4.40 -69.85 14.31
N GLN D 1107 3.98 -68.84 13.58
CA GLN D 1107 2.85 -68.00 13.96
C GLN D 1107 1.85 -68.01 12.82
N LEU D 1108 0.59 -68.18 13.17
CA LEU D 1108 -0.49 -68.15 12.20
C LEU D 1108 -0.75 -66.70 11.78
N SER D 1109 -0.44 -66.38 10.53
CA SER D 1109 -0.40 -65.00 10.07
C SER D 1109 -1.79 -64.52 9.68
N LYS D 1110 -2.24 -63.44 10.34
CA LYS D 1110 -3.46 -62.68 10.00
C LYS D 1110 -4.74 -63.49 10.20
N VAL D 1111 -4.78 -64.34 11.23
CA VAL D 1111 -5.95 -65.16 11.50
C VAL D 1111 -7.16 -64.32 11.89
N TYR D 1112 -7.00 -63.42 12.87
CA TYR D 1112 -8.11 -62.61 13.35
C TYR D 1112 -8.63 -61.74 12.23
N GLU D 1113 -7.72 -61.26 11.41
CA GLU D 1113 -8.03 -60.41 10.27
C GLU D 1113 -8.83 -61.15 9.22
N LYS D 1114 -8.53 -62.43 9.01
CA LYS D 1114 -9.13 -63.17 7.91
C LYS D 1114 -10.28 -64.06 8.33
N ILE D 1115 -10.76 -63.97 9.56
CA ILE D 1115 -11.96 -64.70 9.94
C ILE D 1115 -13.18 -64.17 9.17
N GLU D 1116 -13.92 -65.08 8.54
CA GLU D 1116 -15.10 -64.76 7.76
C GLU D 1116 -16.35 -64.98 8.61
N LEU D 1117 -17.19 -63.96 8.71
CA LEU D 1117 -18.21 -63.93 9.76
C LEU D 1117 -19.33 -64.93 9.51
N THR D 1118 -19.66 -65.20 8.25
CA THR D 1118 -20.66 -66.22 7.91
C THR D 1118 -20.17 -67.62 8.29
N LEU D 1119 -18.93 -67.94 7.94
CA LEU D 1119 -18.35 -69.22 8.29
C LEU D 1119 -18.20 -69.37 9.80
N LEU D 1120 -17.83 -68.28 10.48
CA LEU D 1120 -17.75 -68.30 11.94
C LEU D 1120 -19.10 -68.55 12.56
N ASN D 1121 -20.16 -67.97 11.98
CA ASN D 1121 -21.51 -68.24 12.46
C ASN D 1121 -21.86 -69.72 12.31
N SER D 1122 -21.44 -70.33 11.20
CA SER D 1122 -21.71 -71.76 11.02
C SER D 1122 -20.99 -72.62 12.04
N LEU D 1123 -19.72 -72.31 12.32
CA LEU D 1123 -18.95 -73.13 13.26
C LEU D 1123 -19.42 -72.93 14.70
N LEU D 1124 -19.78 -71.70 15.05
CA LEU D 1124 -20.33 -71.47 16.38
C LEU D 1124 -21.70 -72.08 16.51
N ARG D 1125 -22.48 -72.12 15.43
CA ARG D 1125 -23.75 -72.83 15.46
C ARG D 1125 -23.57 -74.30 15.68
N LEU D 1126 -22.43 -74.85 15.21
CA LEU D 1126 -22.11 -76.23 15.53
C LEU D 1126 -21.93 -76.42 17.03
N ILE D 1127 -21.12 -75.58 17.66
CA ILE D 1127 -20.82 -75.90 19.06
C ILE D 1127 -21.80 -75.36 20.10
N MET D 1128 -22.70 -74.44 19.76
CA MET D 1128 -23.54 -73.86 20.80
C MET D 1128 -24.92 -73.53 20.24
N ASP D 1129 -25.72 -72.91 21.09
CA ASP D 1129 -27.06 -72.47 20.73
C ASP D 1129 -26.99 -71.38 19.67
N HIS D 1130 -27.95 -71.41 18.75
CA HIS D 1130 -27.87 -70.54 17.58
C HIS D 1130 -28.11 -69.08 17.95
N ASN D 1131 -28.86 -68.82 19.02
CA ASN D 1131 -29.00 -67.43 19.49
C ASN D 1131 -27.67 -66.88 19.98
N LEU D 1132 -26.90 -67.70 20.70
CA LEU D 1132 -25.60 -67.29 21.18
C LEU D 1132 -24.62 -67.07 20.03
N ALA D 1133 -24.66 -67.96 19.04
CA ALA D 1133 -23.80 -67.80 17.87
C ALA D 1133 -24.15 -66.55 17.08
N ASP D 1134 -25.45 -66.27 16.93
CA ASP D 1134 -25.89 -65.10 16.20
C ASP D 1134 -25.54 -63.82 16.95
N TYR D 1135 -25.62 -63.86 18.28
CA TYR D 1135 -25.16 -62.74 19.09
C TYR D 1135 -23.69 -62.46 18.83
N ILE D 1136 -22.87 -63.50 18.81
CA ILE D 1136 -21.42 -63.31 18.69
C ILE D 1136 -21.06 -62.71 17.34
N THR D 1137 -21.63 -63.23 16.25
CA THR D 1137 -21.22 -62.69 14.95
C THR D 1137 -21.83 -61.32 14.68
N ALA D 1138 -23.07 -61.09 15.11
CA ALA D 1138 -23.65 -59.75 15.01
C ALA D 1138 -22.85 -58.74 15.82
N LYS D 1139 -22.33 -59.17 16.96
CA LYS D 1139 -21.47 -58.35 17.79
C LYS D 1139 -20.17 -58.03 17.11
N ASN D 1140 -19.64 -58.95 16.32
CA ASN D 1140 -18.44 -58.63 15.56
C ASN D 1140 -18.72 -57.69 14.40
N ASN D 1141 -19.96 -57.62 13.93
CA ASN D 1141 -20.26 -56.70 12.83
C ASN D 1141 -20.68 -55.36 13.43
N VAL D 1142 -19.71 -54.48 13.71
CA VAL D 1142 -20.02 -53.18 14.29
C VAL D 1142 -19.27 -52.09 13.52
N THR D 1143 -19.58 -50.85 13.87
CA THR D 1143 -18.88 -49.67 13.38
C THR D 1143 -17.77 -49.31 14.35
N LEU D 1144 -16.55 -49.20 13.84
CA LEU D 1144 -15.43 -48.71 14.63
C LEU D 1144 -15.25 -47.23 14.34
N THR D 1145 -15.02 -46.46 15.39
CA THR D 1145 -14.80 -45.02 15.25
C THR D 1145 -13.50 -44.64 15.91
N TYR D 1146 -12.79 -43.69 15.31
CA TYR D 1146 -11.67 -43.03 15.95
C TYR D 1146 -11.66 -41.62 15.41
N LYS D 1147 -11.87 -40.66 16.32
CA LYS D 1147 -12.11 -39.26 16.01
C LYS D 1147 -13.11 -39.10 14.88
N ASP D 1148 -12.67 -38.60 13.74
CA ASP D 1148 -13.56 -38.36 12.63
C ASP D 1148 -13.57 -39.49 11.62
N MET D 1149 -13.06 -40.65 11.97
CA MET D 1149 -12.96 -41.77 11.06
C MET D 1149 -13.94 -42.84 11.51
N SER D 1150 -14.57 -43.53 10.58
CA SER D 1150 -15.43 -44.63 10.95
C SER D 1150 -15.58 -45.57 9.77
N HIS D 1151 -15.72 -46.85 10.08
CA HIS D 1151 -16.04 -47.85 9.08
C HIS D 1151 -16.73 -49.01 9.79
N VAL D 1152 -17.36 -49.84 8.99
CA VAL D 1152 -18.03 -51.03 9.49
C VAL D 1152 -17.08 -52.19 9.38
N ASN D 1153 -16.86 -52.89 10.48
CA ASN D 1153 -16.14 -54.15 10.43
C ASN D 1153 -17.08 -55.21 9.89
N SER D 1154 -16.78 -55.73 8.72
CA SER D 1154 -17.58 -56.79 8.13
C SER D 1154 -16.74 -58.02 7.76
N TYR D 1155 -15.51 -58.08 8.23
CA TYR D 1155 -14.59 -59.15 7.83
C TYR D 1155 -13.47 -59.15 8.84
N GLY D 1156 -13.28 -60.27 9.51
CA GLY D 1156 -12.33 -60.32 10.60
C GLY D 1156 -13.01 -60.16 11.94
N MET D 1157 -12.38 -60.69 12.98
CA MET D 1157 -12.97 -60.59 14.31
C MET D 1157 -12.44 -59.37 15.05
N ILE D 1158 -13.20 -58.95 16.04
CA ILE D 1158 -12.79 -57.92 16.97
C ILE D 1158 -12.25 -58.61 18.21
N ARG D 1159 -10.98 -58.39 18.50
CA ARG D 1159 -10.36 -59.03 19.64
C ARG D 1159 -10.69 -58.35 20.96
N GLY D 1160 -11.38 -57.23 20.93
CA GLY D 1160 -11.74 -56.49 22.11
C GLY D 1160 -13.04 -56.86 22.75
N LEU D 1161 -13.84 -57.71 22.11
CA LEU D 1161 -15.04 -58.23 22.76
C LEU D 1161 -14.65 -59.15 23.90
N GLN D 1162 -15.53 -59.26 24.89
CA GLN D 1162 -15.21 -60.01 26.08
C GLN D 1162 -15.05 -61.50 25.81
N PHE D 1163 -15.79 -62.05 24.85
CA PHE D 1163 -15.78 -63.46 24.52
C PHE D 1163 -14.83 -63.79 23.37
N SER D 1164 -14.02 -62.82 22.93
CA SER D 1164 -13.16 -63.01 21.77
C SER D 1164 -12.10 -64.08 21.99
N ALA D 1165 -11.58 -64.21 23.21
CA ALA D 1165 -10.61 -65.26 23.49
C ALA D 1165 -11.22 -66.65 23.33
N PHE D 1166 -12.45 -66.82 23.80
CA PHE D 1166 -13.14 -68.09 23.58
C PHE D 1166 -13.36 -68.37 22.10
N VAL D 1167 -13.83 -67.36 21.36
CA VAL D 1167 -14.15 -67.56 19.95
C VAL D 1167 -12.89 -67.88 19.17
N PHE D 1168 -11.79 -67.21 19.50
CA PHE D 1168 -10.55 -67.51 18.82
C PHE D 1168 -9.97 -68.86 19.22
N GLN D 1169 -10.12 -69.30 20.47
CA GLN D 1169 -9.58 -70.61 20.77
C GLN D 1169 -10.35 -71.71 20.05
N TYR D 1170 -11.65 -71.54 19.87
CA TYR D 1170 -12.41 -72.51 19.08
C TYR D 1170 -11.98 -72.48 17.60
N TYR D 1171 -11.83 -71.28 17.03
CA TYR D 1171 -11.40 -71.16 15.64
C TYR D 1171 -10.02 -71.74 15.44
N GLY D 1172 -9.10 -71.48 16.39
CA GLY D 1172 -7.78 -72.04 16.31
C GLY D 1172 -7.76 -73.54 16.48
N LEU D 1173 -8.73 -74.09 17.22
CA LEU D 1173 -8.86 -75.54 17.29
C LEU D 1173 -9.22 -76.12 15.92
N ILE D 1174 -10.10 -75.46 15.19
CA ILE D 1174 -10.37 -75.90 13.81
C ILE D 1174 -9.10 -75.81 12.95
N LEU D 1175 -8.31 -74.75 13.15
CA LEU D 1175 -7.05 -74.66 12.42
C LEU D 1175 -6.06 -75.75 12.84
N ASP D 1176 -6.10 -76.15 14.11
CA ASP D 1176 -5.28 -77.26 14.59
C ASP D 1176 -5.66 -78.55 13.91
N LEU D 1177 -6.96 -78.76 13.72
CA LEU D 1177 -7.44 -79.91 12.98
C LEU D 1177 -6.95 -79.89 11.55
N LEU D 1178 -6.91 -78.70 10.92
CA LEU D 1178 -6.37 -78.60 9.57
C LEU D 1178 -4.90 -78.94 9.52
N ILE D 1179 -4.14 -78.49 10.52
CA ILE D 1179 -2.70 -78.71 10.52
C ILE D 1179 -2.38 -80.18 10.78
N LEU D 1180 -3.04 -80.80 11.76
CA LEU D 1180 -2.69 -82.14 12.16
C LEU D 1180 -3.33 -83.21 11.27
N GLY D 1181 -4.55 -82.97 10.83
CA GLY D 1181 -5.34 -84.03 10.26
C GLY D 1181 -6.16 -84.65 11.37
N PRO D 1182 -7.39 -85.06 11.06
CA PRO D 1182 -8.29 -85.56 12.10
C PRO D 1182 -7.79 -86.79 12.85
N GLN D 1183 -7.09 -87.71 12.18
CA GLN D 1183 -6.66 -88.93 12.84
C GLN D 1183 -5.53 -88.67 13.82
N ARG D 1184 -4.52 -87.90 13.40
CA ARG D 1184 -3.42 -87.60 14.31
C ARG D 1184 -3.87 -86.69 15.44
N ALA D 1185 -4.81 -85.78 15.16
CA ALA D 1185 -5.38 -84.97 16.23
C ALA D 1185 -6.13 -85.83 17.23
N ALA D 1186 -6.84 -86.85 16.76
CA ALA D 1186 -7.53 -87.76 17.66
C ALA D 1186 -6.56 -88.59 18.48
N GLU D 1187 -5.44 -88.98 17.88
CA GLU D 1187 -4.44 -89.74 18.63
C GLU D 1187 -3.74 -88.88 19.67
N ILE D 1188 -3.42 -87.63 19.33
CA ILE D 1188 -2.78 -86.74 20.30
C ILE D 1188 -3.74 -86.37 21.42
N ALA D 1189 -5.01 -86.15 21.09
CA ALA D 1189 -6.00 -85.80 22.10
C ALA D 1189 -6.45 -86.99 22.94
N GLY D 1190 -6.28 -88.21 22.44
CA GLY D 1190 -6.68 -89.38 23.18
C GLY D 1190 -8.16 -89.65 23.03
N PRO D 1191 -8.63 -90.78 23.55
CA PRO D 1191 -10.04 -91.10 23.45
C PRO D 1191 -10.88 -90.11 24.24
N PRO D 1192 -12.13 -89.89 23.82
CA PRO D 1192 -12.97 -88.90 24.51
C PRO D 1192 -13.25 -89.20 25.98
N GLN D 1193 -13.42 -90.48 26.32
CA GLN D 1193 -13.75 -90.83 27.70
C GLN D 1193 -12.52 -90.68 28.61
N SER D 1194 -11.35 -91.08 28.13
CA SER D 1194 -10.11 -90.98 28.89
C SER D 1194 -9.10 -90.20 28.05
N PRO D 1195 -9.19 -88.87 28.06
CA PRO D 1195 -8.26 -88.07 27.25
C PRO D 1195 -6.85 -88.13 27.78
N ASN D 1196 -5.91 -87.93 26.87
CA ASN D 1196 -4.51 -87.93 27.24
C ASN D 1196 -4.19 -86.75 28.14
N ASP D 1197 -3.14 -86.92 28.93
CA ASP D 1197 -2.51 -85.77 29.57
C ASP D 1197 -1.70 -85.01 28.54
N PHE D 1198 -1.26 -83.82 28.91
CA PHE D 1198 -0.51 -82.98 28.00
C PHE D 1198 0.82 -83.63 27.65
N LEU D 1199 1.02 -83.87 26.35
CA LEU D 1199 2.24 -84.43 25.75
C LEU D 1199 2.47 -85.89 26.08
N GLN D 1200 1.43 -86.63 26.46
CA GLN D 1200 1.49 -88.07 26.61
C GLN D 1200 0.50 -88.73 25.65
N PHE D 1201 0.74 -90.01 25.38
CA PHE D 1201 -0.12 -90.82 24.54
C PHE D 1201 -0.68 -91.99 25.34
N GLN D 1202 -1.68 -92.66 24.75
CA GLN D 1202 -2.20 -93.91 25.32
C GLN D 1202 -1.10 -94.95 25.45
N ASP D 1203 -0.37 -95.20 24.38
CA ASP D 1203 0.66 -96.23 24.39
C ASP D 1203 1.71 -95.89 23.35
N ARG D 1204 2.77 -96.69 23.35
CA ARG D 1204 3.99 -96.29 22.68
C ARG D 1204 3.88 -96.43 21.17
N ASP D 1205 3.12 -97.41 20.70
CA ASP D 1205 2.90 -97.55 19.26
C ASP D 1205 2.02 -96.45 18.71
N THR D 1206 1.03 -96.00 19.49
CA THR D 1206 0.23 -94.85 19.09
C THR D 1206 1.09 -93.59 19.06
N GLU D 1207 2.04 -93.49 19.99
CA GLU D 1207 2.97 -92.37 19.95
C GLU D 1207 3.83 -92.38 18.69
N THR D 1208 4.37 -93.55 18.34
CA THR D 1208 5.35 -93.65 17.28
C THR D 1208 4.77 -93.97 15.91
N ARG D 1209 3.44 -94.03 15.81
CA ARG D 1209 2.80 -94.31 14.51
C ARG D 1209 3.09 -93.23 13.48
N HIS D 1210 3.07 -91.97 13.89
CA HIS D 1210 3.03 -90.82 13.01
C HIS D 1210 4.21 -89.90 13.29
N PRO D 1211 4.72 -89.20 12.28
CA PRO D 1211 5.91 -88.34 12.52
C PRO D 1211 5.68 -87.21 13.50
N ILE D 1212 4.46 -86.69 13.62
CA ILE D 1212 4.18 -85.60 14.55
C ILE D 1212 4.03 -86.18 15.94
N ARG D 1213 4.94 -85.83 16.83
CA ARG D 1213 4.93 -86.35 18.20
C ARG D 1213 4.31 -85.36 19.17
N LEU D 1214 4.75 -84.09 19.13
CA LEU D 1214 4.23 -83.11 20.06
C LEU D 1214 3.65 -81.92 19.32
N TYR D 1215 2.50 -81.44 19.77
CA TYR D 1215 1.86 -80.28 19.17
C TYR D 1215 1.34 -79.38 20.28
N THR D 1216 1.58 -78.09 20.18
CA THR D 1216 0.87 -77.16 21.04
C THR D 1216 0.60 -75.86 20.30
N ARG D 1217 -0.55 -75.27 20.60
CA ARG D 1217 -0.90 -73.94 20.13
C ARG D 1217 -1.12 -73.04 21.33
N TYR D 1218 -0.41 -71.93 21.37
CA TYR D 1218 -0.62 -70.90 22.37
C TYR D 1218 -1.23 -69.72 21.64
N ILE D 1219 -2.54 -69.57 21.76
CA ILE D 1219 -3.36 -68.61 21.02
C ILE D 1219 -3.11 -68.81 19.52
N ASP D 1220 -2.12 -68.12 18.96
CA ASP D 1220 -1.83 -68.22 17.52
C ASP D 1220 -0.37 -68.57 17.23
N LYS D 1221 0.41 -68.90 18.24
CA LYS D 1221 1.73 -69.47 18.06
C LYS D 1221 1.59 -70.98 18.13
N ILE D 1222 2.19 -71.70 17.18
CA ILE D 1222 2.17 -73.15 17.25
C ILE D 1222 3.60 -73.68 17.28
N TRP D 1223 3.76 -74.78 17.99
CA TRP D 1223 5.00 -75.54 18.05
C TRP D 1223 4.69 -76.98 17.70
N VAL D 1224 5.48 -77.55 16.79
CA VAL D 1224 5.34 -78.94 16.39
C VAL D 1224 6.70 -79.60 16.54
N PHE D 1225 6.72 -80.73 17.24
CA PHE D 1225 7.88 -81.60 17.35
C PHE D 1225 7.62 -82.85 16.52
N LEU D 1226 8.42 -83.04 15.49
CA LEU D 1226 8.35 -84.17 14.59
C LEU D 1226 9.59 -85.05 14.73
N ARG D 1227 9.41 -86.34 14.51
CA ARG D 1227 10.50 -87.30 14.52
C ARG D 1227 10.45 -88.09 13.21
N PHE D 1228 11.55 -88.04 12.47
CA PHE D 1228 11.60 -88.59 11.12
C PHE D 1228 12.62 -89.71 11.07
N THR D 1229 12.23 -90.85 10.51
CA THR D 1229 13.21 -91.85 10.13
C THR D 1229 13.98 -91.37 8.90
N ALA D 1230 15.03 -92.12 8.55
CA ALA D 1230 15.83 -91.76 7.38
C ALA D 1230 15.02 -91.86 6.10
N GLU D 1231 14.16 -92.87 6.01
CA GLU D 1231 13.35 -93.08 4.81
C GLU D 1231 12.28 -91.99 4.66
N GLU D 1232 11.59 -91.68 5.76
CA GLU D 1232 10.59 -90.61 5.76
C GLU D 1232 11.23 -89.26 5.46
N SER D 1233 12.39 -89.00 6.07
CA SER D 1233 13.11 -87.75 5.80
C SER D 1233 13.53 -87.64 4.35
N ARG D 1234 14.01 -88.75 3.77
CA ARG D 1234 14.41 -88.73 2.37
C ARG D 1234 13.23 -88.47 1.45
N ASP D 1235 12.09 -89.12 1.71
CA ASP D 1235 10.90 -88.90 0.89
C ASP D 1235 10.43 -87.45 0.96
N LEU D 1236 10.42 -86.88 2.17
CA LEU D 1236 9.94 -85.52 2.36
C LEU D 1236 10.88 -84.50 1.70
N ILE D 1237 12.20 -84.67 1.87
CA ILE D 1237 13.13 -83.75 1.22
C ILE D 1237 13.07 -83.91 -0.30
N GLN D 1238 12.85 -85.14 -0.78
CA GLN D 1238 12.74 -85.37 -2.23
C GLN D 1238 11.54 -84.64 -2.81
N ARG D 1239 10.38 -84.71 -2.14
CA ARG D 1239 9.21 -83.99 -2.61
C ARG D 1239 9.42 -82.48 -2.55
N PHE D 1240 10.06 -82.00 -1.48
CA PHE D 1240 10.29 -80.56 -1.35
C PHE D 1240 11.23 -80.03 -2.43
N LEU D 1241 12.32 -80.77 -2.73
CA LEU D 1241 13.21 -80.31 -3.78
C LEU D 1241 12.64 -80.56 -5.18
N THR D 1242 11.71 -81.50 -5.31
CA THR D 1242 10.97 -81.63 -6.57
C THR D 1242 10.13 -80.39 -6.82
N GLU D 1243 9.47 -79.87 -5.79
CA GLU D 1243 8.64 -78.67 -5.97
C GLU D 1243 9.50 -77.41 -6.10
N GLN D 1244 10.35 -77.13 -5.11
CA GLN D 1244 11.23 -75.97 -5.15
C GLN D 1244 12.68 -76.42 -5.25
N PRO D 1245 13.24 -76.50 -6.46
CA PRO D 1245 14.65 -76.89 -6.59
C PRO D 1245 15.60 -75.70 -6.49
N ASP D 1246 16.60 -75.79 -5.61
CA ASP D 1246 17.57 -74.71 -5.42
C ASP D 1246 18.86 -75.31 -4.90
N PRO D 1247 19.88 -75.45 -5.74
CA PRO D 1247 21.16 -76.03 -5.30
C PRO D 1247 22.23 -75.03 -4.89
N ASN D 1248 22.00 -73.72 -5.04
CA ASN D 1248 23.08 -72.75 -4.99
C ASN D 1248 23.42 -72.26 -3.58
N PHE D 1249 23.06 -73.02 -2.53
CA PHE D 1249 23.64 -72.86 -1.18
C PHE D 1249 23.30 -71.50 -0.58
N GLU D 1250 22.01 -71.15 -0.63
CA GLU D 1250 21.48 -69.96 0.02
C GLU D 1250 20.39 -70.30 1.02
N ASN D 1251 19.89 -71.53 1.00
CA ASN D 1251 19.05 -72.03 2.08
C ASN D 1251 19.76 -71.90 3.43
N VAL D 1252 21.08 -72.12 3.46
CA VAL D 1252 21.87 -71.73 4.62
C VAL D 1252 22.01 -70.21 4.70
N ILE D 1253 22.22 -69.53 3.58
CA ILE D 1253 22.24 -68.06 3.56
C ILE D 1253 20.81 -67.63 3.28
N GLY D 1254 20.00 -67.73 4.31
CA GLY D 1254 18.58 -67.43 4.35
C GLY D 1254 17.85 -68.26 5.41
N PHE D 1255 18.56 -69.21 6.03
CA PHE D 1255 18.02 -69.99 7.13
C PHE D 1255 18.05 -69.16 8.43
N LYS D 1256 17.65 -69.81 9.53
CA LYS D 1256 17.50 -69.17 10.83
C LYS D 1256 18.23 -69.97 11.89
N SER D 1257 18.87 -69.27 12.83
CA SER D 1257 19.56 -69.92 13.93
C SER D 1257 19.66 -68.95 15.10
N LYS D 1258 19.98 -69.51 16.26
CA LYS D 1258 19.96 -68.75 17.52
C LYS D 1258 21.32 -68.12 17.77
N LYS D 1259 21.40 -66.80 17.61
CA LYS D 1259 22.64 -66.07 17.85
C LYS D 1259 22.86 -65.73 19.32
N CYS D 1260 22.01 -66.21 20.23
CA CYS D 1260 22.19 -65.93 21.65
C CYS D 1260 23.01 -67.00 22.34
N TRP D 1261 22.89 -68.25 21.88
CA TRP D 1261 23.68 -69.35 22.41
C TRP D 1261 25.12 -69.26 21.91
N PRO D 1262 26.05 -69.97 22.56
CA PRO D 1262 27.42 -70.03 22.04
C PRO D 1262 27.51 -70.65 20.65
N ARG D 1263 28.61 -70.32 19.96
CA ARG D 1263 28.82 -70.81 18.60
C ARG D 1263 28.98 -72.33 18.57
N ASP D 1264 29.64 -72.90 19.59
CA ASP D 1264 29.78 -74.34 19.76
C ASP D 1264 28.52 -74.98 20.33
N SER D 1265 27.67 -74.21 20.98
CA SER D 1265 26.30 -74.66 21.25
C SER D 1265 25.49 -74.70 19.97
N ARG D 1266 25.90 -73.92 18.98
CA ARG D 1266 25.48 -74.06 17.59
C ARG D 1266 26.73 -74.39 16.79
N MET D 1267 26.68 -74.19 15.48
CA MET D 1267 27.74 -74.51 14.54
C MET D 1267 27.32 -73.97 13.17
N ARG D 1268 28.20 -74.07 12.17
CA ARG D 1268 27.76 -73.83 10.80
C ARG D 1268 26.89 -74.98 10.34
N LEU D 1269 25.89 -74.66 9.52
CA LEU D 1269 24.79 -75.57 9.24
C LEU D 1269 25.21 -76.62 8.20
N MET D 1270 24.28 -77.51 7.89
CA MET D 1270 24.54 -78.57 6.93
C MET D 1270 23.37 -78.68 5.94
N ARG D 1271 23.71 -79.12 4.72
CA ARG D 1271 22.74 -79.25 3.63
C ARG D 1271 21.52 -80.07 4.02
N HIS D 1272 21.72 -81.23 4.65
CA HIS D 1272 20.60 -82.13 4.92
C HIS D 1272 19.67 -81.56 5.99
N ASP D 1273 20.24 -81.06 7.08
CA ASP D 1273 19.43 -80.49 8.15
C ASP D 1273 18.68 -79.26 7.68
N VAL D 1274 19.33 -78.43 6.88
CA VAL D 1274 18.68 -77.23 6.37
C VAL D 1274 17.55 -77.59 5.43
N ASN D 1275 17.78 -78.55 4.53
CA ASN D 1275 16.71 -78.99 3.62
C ASN D 1275 15.55 -79.60 4.39
N LEU D 1276 15.84 -80.34 5.46
CA LEU D 1276 14.77 -80.93 6.25
C LEU D 1276 13.95 -79.86 6.96
N GLY D 1277 14.61 -78.82 7.47
CA GLY D 1277 13.89 -77.74 8.12
C GLY D 1277 12.96 -77.00 7.17
N ARG D 1278 13.51 -76.55 6.03
CA ARG D 1278 12.66 -75.84 5.07
C ARG D 1278 11.62 -76.75 4.45
N ALA D 1279 11.88 -78.05 4.42
CA ALA D 1279 10.93 -78.99 3.86
C ALA D 1279 9.76 -79.23 4.80
N VAL D 1280 10.02 -79.29 6.11
CA VAL D 1280 8.93 -79.37 7.09
C VAL D 1280 8.09 -78.10 7.06
N PHE D 1281 8.76 -76.94 6.96
CA PHE D 1281 8.04 -75.68 6.82
C PHE D 1281 7.16 -75.68 5.58
N TRP D 1282 7.69 -76.18 4.46
CA TRP D 1282 6.94 -76.28 3.22
C TRP D 1282 5.72 -77.18 3.37
N ASP D 1283 5.87 -78.31 4.06
CA ASP D 1283 4.75 -79.24 4.24
C ASP D 1283 3.63 -78.61 5.08
N LEU D 1284 3.98 -77.92 6.17
CA LEU D 1284 2.94 -77.30 6.98
C LEU D 1284 2.27 -76.13 6.25
N LYS D 1285 3.05 -75.36 5.50
CA LYS D 1285 2.46 -74.29 4.70
C LYS D 1285 1.54 -74.84 3.63
N ASN D 1286 1.88 -76.00 3.06
CA ASN D 1286 0.95 -76.66 2.14
C ASN D 1286 -0.30 -77.15 2.84
N ARG D 1287 -0.22 -77.44 4.14
CA ARG D 1287 -1.43 -77.82 4.85
C ARG D 1287 -2.37 -76.64 5.05
N LEU D 1288 -1.83 -75.42 5.13
CA LEU D 1288 -2.78 -74.35 5.48
C LEU D 1288 -3.29 -73.58 4.26
N PRO D 1289 -4.60 -73.32 4.16
CA PRO D 1289 -5.15 -72.55 3.01
C PRO D 1289 -4.99 -71.05 3.21
N ARG D 1290 -4.41 -70.39 2.20
CA ARG D 1290 -3.98 -68.99 2.34
C ARG D 1290 -5.14 -68.03 2.62
N SER D 1291 -6.33 -68.33 2.12
CA SER D 1291 -7.48 -67.47 2.33
C SER D 1291 -7.89 -67.41 3.79
N VAL D 1292 -7.59 -68.45 4.55
CA VAL D 1292 -7.84 -68.48 5.98
C VAL D 1292 -6.61 -67.95 6.70
N THR D 1293 -5.47 -68.58 6.48
CA THR D 1293 -4.25 -68.26 7.19
C THR D 1293 -3.07 -68.96 6.51
N THR D 1294 -1.88 -68.45 6.76
CA THR D 1294 -0.68 -69.13 6.31
C THR D 1294 0.36 -69.02 7.43
N ILE D 1295 1.53 -69.58 7.18
CA ILE D 1295 2.68 -69.42 8.06
C ILE D 1295 3.83 -68.86 7.23
N GLU D 1296 4.62 -67.98 7.83
CA GLU D 1296 5.63 -67.23 7.11
C GLU D 1296 7.01 -67.64 7.56
N TRP D 1297 7.94 -67.72 6.60
CA TRP D 1297 9.30 -68.11 6.92
C TRP D 1297 9.99 -67.07 7.79
N ASP D 1298 9.60 -65.81 7.68
CA ASP D 1298 10.15 -64.79 8.55
C ASP D 1298 9.54 -64.81 9.94
N ASP D 1299 8.40 -65.47 10.12
CA ASP D 1299 7.82 -65.71 11.43
C ASP D 1299 8.28 -67.02 12.04
N THR D 1300 8.87 -67.90 11.25
CA THR D 1300 9.12 -69.28 11.65
C THR D 1300 10.58 -69.49 12.07
N PHE D 1301 10.78 -70.22 13.17
CA PHE D 1301 12.09 -70.73 13.53
C PHE D 1301 12.03 -72.25 13.57
N VAL D 1302 13.02 -72.90 12.96
CA VAL D 1302 13.10 -74.35 12.85
C VAL D 1302 14.44 -74.80 13.42
N SER D 1303 14.41 -75.88 14.20
CA SER D 1303 15.62 -76.52 14.69
C SER D 1303 15.59 -78.01 14.40
N VAL D 1304 16.73 -78.55 13.98
CA VAL D 1304 16.89 -79.96 13.64
C VAL D 1304 17.96 -80.55 14.54
N TYR D 1305 17.64 -81.67 15.18
CA TYR D 1305 18.57 -82.46 15.97
C TYR D 1305 18.85 -83.73 15.19
N SER D 1306 20.13 -83.93 14.84
CA SER D 1306 20.52 -85.06 14.01
C SER D 1306 21.79 -85.65 14.60
N LYS D 1307 22.43 -86.54 13.83
CA LYS D 1307 23.72 -87.07 14.22
C LYS D 1307 24.80 -85.99 14.18
N ASP D 1308 24.58 -84.94 13.40
CA ASP D 1308 25.58 -83.88 13.24
C ASP D 1308 25.33 -82.70 14.16
N ASN D 1309 24.07 -82.48 14.56
CA ASN D 1309 23.68 -81.36 15.41
C ASN D 1309 23.12 -81.92 16.70
N PRO D 1310 23.92 -82.05 17.75
CA PRO D 1310 23.39 -82.65 18.98
C PRO D 1310 22.71 -81.65 19.90
N ASN D 1311 21.92 -80.74 19.33
CA ASN D 1311 21.30 -79.68 20.08
C ASN D 1311 19.87 -79.51 19.61
N LEU D 1312 19.02 -79.01 20.48
CA LEU D 1312 17.59 -78.90 20.16
C LEU D 1312 17.08 -77.57 20.70
N LEU D 1313 16.77 -76.64 19.80
CA LEU D 1313 16.53 -75.24 20.14
C LEU D 1313 15.06 -74.91 19.96
N PHE D 1314 14.46 -74.20 20.91
CA PHE D 1314 13.16 -73.59 20.66
C PHE D 1314 12.94 -72.43 21.62
N SER D 1315 12.01 -71.57 21.26
CA SER D 1315 11.52 -70.53 22.16
C SER D 1315 10.06 -70.76 22.47
N MET D 1316 9.70 -70.55 23.72
CA MET D 1316 8.34 -70.71 24.20
C MET D 1316 8.11 -69.62 25.23
N CYS D 1317 7.18 -68.70 24.94
CA CYS D 1317 6.63 -67.73 25.89
C CYS D 1317 7.71 -66.95 26.63
N GLY D 1318 8.81 -66.68 25.95
CA GLY D 1318 9.85 -65.87 26.52
C GLY D 1318 11.17 -66.54 26.76
N PHE D 1319 11.21 -67.86 26.79
CA PHE D 1319 12.41 -68.61 27.16
C PHE D 1319 13.06 -69.16 25.90
N GLU D 1320 14.34 -68.84 25.71
CA GLU D 1320 15.18 -69.62 24.81
C GLU D 1320 15.57 -70.90 25.51
N VAL D 1321 15.33 -72.04 24.87
CA VAL D 1321 15.59 -73.33 25.47
C VAL D 1321 16.48 -74.12 24.52
N ARG D 1322 17.68 -74.48 24.99
CA ARG D 1322 18.58 -75.36 24.27
C ARG D 1322 18.69 -76.67 25.03
N ILE D 1323 18.30 -77.77 24.40
CA ILE D 1323 18.37 -79.08 25.02
C ILE D 1323 19.59 -79.82 24.46
N LEU D 1324 20.41 -80.32 25.38
CA LEU D 1324 21.59 -81.12 25.10
C LEU D 1324 21.47 -82.47 25.80
N PRO D 1325 21.50 -83.58 25.07
CA PRO D 1325 21.45 -84.89 25.73
C PRO D 1325 22.73 -85.20 26.50
N LYS D 1326 22.54 -85.91 27.61
CA LYS D 1326 23.68 -86.36 28.40
C LYS D 1326 24.50 -87.39 27.63
N CYS D 1327 23.86 -88.17 26.76
CA CYS D 1327 24.58 -89.08 25.88
C CYS D 1327 25.32 -88.36 24.76
N ARG D 1328 25.10 -87.06 24.59
CA ARG D 1328 25.84 -86.27 23.61
C ARG D 1328 26.87 -85.35 24.24
N ASN D 1329 26.77 -85.06 25.53
CA ASN D 1329 27.75 -84.18 26.17
C ASN D 1329 29.14 -84.79 26.15
N GLN D 1330 30.14 -83.93 26.01
CA GLN D 1330 31.54 -84.29 25.78
C GLN D 1330 32.39 -84.22 27.03
N ASN D 1331 31.78 -84.02 28.19
CA ASN D 1331 32.49 -83.91 29.45
C ASN D 1331 32.08 -85.04 30.39
N ASP D 1332 33.02 -85.49 31.21
CA ASP D 1332 32.73 -86.55 32.17
C ASP D 1332 31.84 -86.04 33.30
N GLU D 1333 32.11 -84.83 33.79
CA GLU D 1333 31.39 -84.25 34.92
C GLU D 1333 30.79 -82.92 34.49
N PHE D 1334 29.83 -82.45 35.29
CA PHE D 1334 29.09 -81.23 34.97
C PHE D 1334 29.26 -80.21 36.08
N PRO D 1335 29.57 -78.95 35.74
CA PRO D 1335 29.42 -77.87 36.72
C PRO D 1335 27.96 -77.69 37.10
N VAL D 1336 27.63 -77.95 38.37
CA VAL D 1336 26.25 -77.93 38.82
C VAL D 1336 25.75 -76.49 38.84
N LYS D 1337 24.64 -76.24 38.15
CA LYS D 1337 24.06 -74.91 38.04
C LYS D 1337 22.67 -74.87 38.63
N ASP D 1338 22.36 -73.76 39.29
CA ASP D 1338 21.02 -73.45 39.75
C ASP D 1338 20.12 -72.92 38.64
N SER D 1339 20.57 -73.00 37.39
CA SER D 1339 19.95 -72.31 36.27
C SER D 1339 19.68 -73.24 35.09
N VAL D 1340 19.86 -74.54 35.27
CA VAL D 1340 19.72 -75.52 34.21
C VAL D 1340 18.68 -76.53 34.67
N TRP D 1341 17.78 -76.91 33.77
CA TRP D 1341 16.83 -77.96 34.08
C TRP D 1341 17.44 -79.31 33.74
N SER D 1342 17.26 -80.26 34.63
CA SER D 1342 17.77 -81.62 34.42
C SER D 1342 16.57 -82.48 34.03
N LEU D 1343 16.50 -82.82 32.75
CA LEU D 1343 15.36 -83.55 32.22
C LEU D 1343 15.55 -85.03 32.53
N VAL D 1344 14.69 -85.55 33.39
CA VAL D 1344 14.72 -86.93 33.82
C VAL D 1344 13.82 -87.76 32.93
N ASP D 1345 14.22 -89.00 32.68
CA ASP D 1345 13.38 -89.97 31.99
C ASP D 1345 12.34 -90.48 32.97
N ASN D 1346 11.10 -90.57 32.54
CA ASN D 1346 10.03 -90.95 33.45
C ASN D 1346 9.92 -92.46 33.64
N SER D 1347 10.70 -93.25 32.90
CA SER D 1347 10.73 -94.69 33.10
C SER D 1347 11.96 -95.14 33.88
N THR D 1348 13.15 -94.84 33.37
CA THR D 1348 14.38 -95.30 33.99
C THR D 1348 14.84 -94.39 35.12
N LYS D 1349 14.25 -93.20 35.25
CA LYS D 1349 14.33 -92.34 36.43
C LYS D 1349 15.74 -91.76 36.65
N GLU D 1350 16.51 -91.58 35.60
CA GLU D 1350 17.74 -90.82 35.72
C GLU D 1350 17.70 -89.62 34.78
N ARG D 1351 18.53 -88.63 35.11
CA ARG D 1351 18.62 -87.39 34.34
C ARG D 1351 19.26 -87.69 32.99
N THR D 1352 18.44 -87.73 31.94
CA THR D 1352 18.95 -88.07 30.62
C THR D 1352 19.28 -86.87 29.75
N ALA D 1353 18.85 -85.66 30.12
CA ALA D 1353 19.19 -84.51 29.30
C ALA D 1353 19.34 -83.25 30.14
N HIS D 1354 19.96 -82.23 29.56
CA HIS D 1354 20.06 -80.92 30.16
C HIS D 1354 19.30 -79.92 29.29
N ALA D 1355 18.64 -78.96 29.94
CA ALA D 1355 18.00 -77.86 29.27
C ALA D 1355 18.60 -76.56 29.80
N PHE D 1356 19.18 -75.78 28.91
CA PHE D 1356 19.67 -74.45 29.22
C PHE D 1356 18.62 -73.43 28.82
N LEU D 1357 18.39 -72.46 29.69
CA LEU D 1357 17.38 -71.44 29.48
C LEU D 1357 18.02 -70.07 29.46
N GLN D 1358 17.61 -69.24 28.51
CA GLN D 1358 17.90 -67.83 28.52
C GLN D 1358 16.61 -67.06 28.30
N VAL D 1359 16.68 -65.77 28.47
CA VAL D 1359 15.60 -64.86 28.14
C VAL D 1359 15.84 -64.36 26.71
N THR D 1360 14.79 -64.34 25.90
CA THR D 1360 14.92 -63.84 24.54
C THR D 1360 15.20 -62.34 24.53
N GLU D 1361 15.90 -61.91 23.48
CA GLU D 1361 16.23 -60.49 23.35
C GLU D 1361 14.98 -59.66 23.12
N GLU D 1362 13.94 -60.27 22.53
CA GLU D 1362 12.65 -59.60 22.40
C GLU D 1362 12.07 -59.24 23.76
N ASP D 1363 12.27 -60.10 24.75
CA ASP D 1363 11.75 -59.88 26.09
C ASP D 1363 12.62 -58.96 26.90
N ILE D 1364 13.92 -59.00 26.68
CA ILE D 1364 14.79 -57.97 27.24
C ILE D 1364 14.34 -56.61 26.73
N GLN D 1365 14.00 -56.53 25.45
CA GLN D 1365 13.48 -55.31 24.86
C GLN D 1365 12.13 -54.93 25.46
N LYS D 1366 11.28 -55.93 25.73
CA LYS D 1366 9.99 -55.65 26.34
C LYS D 1366 10.13 -55.06 27.74
N PHE D 1367 11.05 -55.60 28.54
CA PHE D 1367 11.29 -55.00 29.86
C PHE D 1367 11.87 -53.59 29.73
N ASN D 1368 12.79 -53.39 28.79
CA ASN D 1368 13.37 -52.06 28.60
C ASN D 1368 12.31 -51.06 28.15
N ASN D 1369 11.37 -51.51 27.32
CA ASN D 1369 10.29 -50.65 26.87
C ASN D 1369 9.30 -50.36 27.99
N ARG D 1370 9.13 -51.31 28.90
CA ARG D 1370 8.24 -51.08 30.03
C ARG D 1370 8.83 -50.03 30.97
N ILE D 1371 10.14 -50.05 31.18
CA ILE D 1371 10.77 -48.99 31.97
C ILE D 1371 10.77 -47.66 31.22
N ARG D 1372 10.97 -47.71 29.90
CA ARG D 1372 10.86 -46.51 29.07
C ARG D 1372 9.47 -45.88 29.19
N GLN D 1373 8.43 -46.71 29.18
CA GLN D 1373 7.07 -46.23 29.34
C GLN D 1373 6.85 -45.60 30.70
N ILE D 1374 7.41 -46.22 31.75
CA ILE D 1374 7.34 -45.63 33.09
C ILE D 1374 7.95 -44.24 33.08
N LEU D 1375 9.15 -44.10 32.54
CA LEU D 1375 9.83 -42.81 32.57
C LEU D 1375 9.10 -41.74 31.76
N MET D 1376 8.63 -42.10 30.57
CA MET D 1376 7.98 -41.14 29.69
C MET D 1376 6.66 -40.66 30.27
N SER D 1377 5.84 -41.57 30.77
CA SER D 1377 4.61 -41.14 31.42
C SER D 1377 4.84 -40.61 32.83
N SER D 1378 6.05 -40.73 33.36
CA SER D 1378 6.32 -40.44 34.76
C SER D 1378 7.37 -39.35 34.94
N GLY D 1379 7.55 -38.49 33.95
CA GLY D 1379 8.18 -37.23 34.23
C GLY D 1379 7.40 -36.36 35.23
N SER D 1380 6.10 -36.58 35.34
CA SER D 1380 5.20 -35.68 36.06
C SER D 1380 4.64 -36.22 37.37
N THR D 1381 4.87 -37.49 37.71
CA THR D 1381 4.26 -38.06 38.89
C THR D 1381 5.25 -38.15 40.05
N THR D 1382 4.84 -38.84 41.12
CA THR D 1382 5.61 -38.87 42.34
C THR D 1382 6.77 -39.86 42.28
N PHE D 1383 7.71 -39.65 43.21
CA PHE D 1383 8.79 -40.59 43.42
C PHE D 1383 8.26 -41.94 43.86
N THR D 1384 7.21 -41.95 44.69
CA THR D 1384 6.67 -43.21 45.17
C THR D 1384 5.97 -43.99 44.08
N LYS D 1385 5.23 -43.32 43.21
CA LYS D 1385 4.58 -44.04 42.12
C LYS D 1385 5.60 -44.54 41.11
N ILE D 1386 6.65 -43.76 40.87
CA ILE D 1386 7.75 -44.23 40.03
C ILE D 1386 8.41 -45.46 40.62
N ALA D 1387 8.64 -45.45 41.94
CA ALA D 1387 9.24 -46.59 42.63
C ALA D 1387 8.32 -47.80 42.62
N ASN D 1388 7.02 -47.59 42.79
CA ASN D 1388 6.05 -48.69 42.76
C ASN D 1388 6.00 -49.32 41.39
N LYS D 1389 6.04 -48.51 40.33
CA LYS D 1389 6.02 -49.05 38.98
C LYS D 1389 7.29 -49.81 38.67
N TRP D 1390 8.44 -49.29 39.13
CA TRP D 1390 9.69 -50.02 39.00
C TRP D 1390 9.63 -51.35 39.75
N ASN D 1391 9.08 -51.33 40.95
CA ASN D 1391 9.01 -52.52 41.79
C ASN D 1391 8.16 -53.59 41.14
N THR D 1392 7.00 -53.20 40.61
CA THR D 1392 6.13 -54.16 39.93
C THR D 1392 6.80 -54.74 38.70
N ALA D 1393 7.45 -53.88 37.91
CA ALA D 1393 8.14 -54.35 36.72
C ALA D 1393 9.24 -55.35 37.07
N LEU D 1394 10.06 -55.02 38.08
CA LEU D 1394 11.18 -55.87 38.43
C LEU D 1394 10.74 -57.18 39.05
N ILE D 1395 9.75 -57.14 39.94
CA ILE D 1395 9.33 -58.37 40.59
C ILE D 1395 8.62 -59.27 39.60
N ALA D 1396 7.90 -58.70 38.62
CA ALA D 1396 7.26 -59.52 37.62
C ALA D 1396 8.29 -60.15 36.69
N LEU D 1397 9.34 -59.38 36.35
CA LEU D 1397 10.40 -59.90 35.51
C LEU D 1397 11.14 -61.05 36.18
N PHE D 1398 11.53 -60.88 37.44
CA PHE D 1398 12.32 -61.90 38.11
C PHE D 1398 11.47 -63.10 38.49
N THR D 1399 10.24 -62.89 38.97
CA THR D 1399 9.41 -64.04 39.30
C THR D 1399 8.89 -64.75 38.06
N TYR D 1400 8.96 -64.12 36.89
CA TYR D 1400 8.64 -64.87 35.69
C TYR D 1400 9.83 -65.67 35.20
N TYR D 1401 10.98 -65.05 35.06
CA TYR D 1401 12.08 -65.71 34.39
C TYR D 1401 12.94 -66.57 35.30
N ARG D 1402 13.17 -66.13 36.55
CA ARG D 1402 13.92 -66.86 37.57
C ARG D 1402 15.31 -67.27 37.11
N GLU D 1403 15.50 -68.54 36.79
CA GLU D 1403 16.80 -69.06 36.39
C GLU D 1403 17.25 -68.52 35.05
N ALA D 1404 16.30 -68.35 34.11
CA ALA D 1404 16.65 -67.80 32.81
C ALA D 1404 17.15 -66.37 32.93
N ALA D 1405 16.61 -65.62 33.88
CA ALA D 1405 17.04 -64.24 34.09
C ALA D 1405 18.49 -64.17 34.55
N VAL D 1406 18.87 -65.02 35.49
CA VAL D 1406 20.25 -64.99 35.96
C VAL D 1406 21.19 -65.70 35.01
N SER D 1407 20.66 -66.50 34.09
CA SER D 1407 21.50 -67.04 33.03
C SER D 1407 21.82 -65.98 31.98
N THR D 1408 20.84 -65.15 31.64
CA THR D 1408 20.97 -64.21 30.52
C THR D 1408 21.80 -63.01 30.95
N VAL D 1409 22.90 -62.76 30.25
CA VAL D 1409 23.82 -61.71 30.65
C VAL D 1409 23.36 -60.33 30.19
N ASN D 1410 22.65 -60.23 29.05
CA ASN D 1410 22.19 -58.93 28.58
C ASN D 1410 21.04 -58.40 29.42
N LEU D 1411 20.21 -59.29 29.97
CA LEU D 1411 19.11 -58.88 30.82
C LEU D 1411 19.59 -58.20 32.09
N LEU D 1412 20.66 -58.73 32.69
CA LEU D 1412 21.17 -58.15 33.94
C LEU D 1412 21.78 -56.77 33.71
N ASP D 1413 22.46 -56.59 32.57
CA ASP D 1413 22.97 -55.27 32.20
C ASP D 1413 21.84 -54.29 31.95
N THR D 1414 20.77 -54.76 31.31
CA THR D 1414 19.59 -53.93 31.12
C THR D 1414 18.97 -53.52 32.44
N ILE D 1415 18.91 -54.44 33.41
CA ILE D 1415 18.34 -54.12 34.71
C ILE D 1415 19.18 -53.07 35.43
N VAL D 1416 20.51 -53.19 35.34
CA VAL D 1416 21.39 -52.20 35.97
C VAL D 1416 21.18 -50.81 35.35
N LYS D 1417 21.13 -50.75 34.02
CA LYS D 1417 20.92 -49.48 33.33
C LYS D 1417 19.56 -48.87 33.64
N CYS D 1418 18.53 -49.71 33.71
CA CYS D 1418 17.18 -49.22 34.00
C CYS D 1418 17.04 -48.75 35.45
N GLU D 1419 17.71 -49.43 36.39
CA GLU D 1419 17.71 -48.98 37.77
C GLU D 1419 18.41 -47.65 37.92
N THR D 1420 19.53 -47.48 37.20
CA THR D 1420 20.21 -46.19 37.16
C THR D 1420 19.30 -45.11 36.62
N LYS D 1421 18.54 -45.42 35.57
CA LYS D 1421 17.62 -44.44 34.99
C LYS D 1421 16.51 -44.05 35.97
N ILE D 1422 15.98 -45.02 36.71
CA ILE D 1422 14.92 -44.72 37.68
C ILE D 1422 15.45 -43.82 38.79
N GLN D 1423 16.63 -44.13 39.33
CA GLN D 1423 17.19 -43.28 40.36
C GLN D 1423 17.57 -41.90 39.82
N THR D 1424 18.01 -41.83 38.55
CA THR D 1424 18.27 -40.55 37.90
C THR D 1424 17.00 -39.72 37.77
N ARG D 1425 15.88 -40.35 37.45
CA ARG D 1425 14.59 -39.66 37.44
C ARG D 1425 14.27 -39.05 38.79
N VAL D 1426 14.46 -39.82 39.86
CA VAL D 1426 14.21 -39.26 41.19
C VAL D 1426 15.18 -38.12 41.49
N LYS D 1427 16.43 -38.27 41.05
CA LYS D 1427 17.44 -37.23 41.29
C LYS D 1427 17.12 -35.94 40.56
N ILE D 1428 16.76 -36.02 39.27
CA ILE D 1428 16.36 -34.84 38.49
C ILE D 1428 15.10 -34.21 39.05
N GLY D 1429 14.12 -35.02 39.47
CA GLY D 1429 12.95 -34.43 40.10
C GLY D 1429 13.25 -33.77 41.43
N LEU D 1430 14.36 -34.14 42.05
CA LEU D 1430 14.76 -33.50 43.29
C LEU D 1430 15.59 -32.23 43.06
N ASN D 1431 16.48 -32.26 42.09
CA ASN D 1431 17.36 -31.16 41.75
C ASN D 1431 17.84 -31.38 40.33
N SER D 1432 17.83 -30.32 39.52
CA SER D 1432 18.08 -30.43 38.09
C SER D 1432 19.52 -30.82 37.76
N LYS D 1433 20.46 -30.67 38.69
CA LYS D 1433 21.87 -30.95 38.45
C LYS D 1433 22.26 -32.28 39.09
N MET D 1434 22.99 -33.10 38.34
CA MET D 1434 23.34 -34.43 38.85
C MET D 1434 24.34 -34.34 40.00
N PRO D 1435 24.15 -35.17 41.04
CA PRO D 1435 25.04 -35.16 42.19
C PRO D 1435 26.26 -36.04 42.00
N SER D 1436 26.97 -36.26 43.11
CA SER D 1436 27.99 -37.29 43.15
C SER D 1436 27.48 -38.58 43.78
N ARG D 1437 26.70 -38.48 44.87
CA ARG D 1437 26.29 -39.68 45.60
C ARG D 1437 25.05 -39.42 46.44
N PHE D 1438 23.90 -39.89 45.99
CA PHE D 1438 22.90 -40.25 46.98
C PHE D 1438 23.15 -41.61 47.63
N PRO D 1439 22.71 -41.74 48.88
CA PRO D 1439 22.77 -43.02 49.56
C PRO D 1439 21.76 -44.02 49.02
N PRO D 1440 22.19 -45.27 48.87
CA PRO D 1440 21.23 -46.37 48.77
C PRO D 1440 20.25 -46.41 49.93
N ALA D 1441 20.56 -45.77 51.06
CA ALA D 1441 19.57 -45.61 52.13
C ALA D 1441 18.34 -44.86 51.65
N VAL D 1442 18.53 -43.70 51.02
CA VAL D 1442 17.36 -42.93 50.60
C VAL D 1442 16.64 -43.64 49.47
N PHE D 1443 17.37 -44.40 48.64
CA PHE D 1443 16.57 -45.07 47.62
C PHE D 1443 15.87 -46.35 48.10
N TYR D 1444 16.51 -47.17 48.92
CA TYR D 1444 16.04 -48.52 49.18
C TYR D 1444 15.52 -48.74 50.58
N THR D 1445 15.48 -47.71 51.42
CA THR D 1445 14.84 -47.82 52.72
C THR D 1445 13.37 -48.16 52.52
N PRO D 1446 12.81 -49.08 53.31
CA PRO D 1446 11.39 -49.41 53.19
C PRO D 1446 10.48 -48.21 53.44
N LYS D 1447 9.28 -48.29 52.89
CA LYS D 1447 8.33 -47.19 52.93
C LYS D 1447 7.86 -46.87 54.35
N GLU D 1448 8.00 -47.81 55.28
CA GLU D 1448 7.61 -47.56 56.67
C GLU D 1448 8.51 -46.53 57.32
N LEU D 1449 9.78 -46.49 56.92
CA LEU D 1449 10.73 -45.52 57.44
C LEU D 1449 10.88 -44.32 56.52
N GLY D 1450 9.92 -44.09 55.63
CA GLY D 1450 9.95 -42.93 54.78
C GLY D 1450 10.82 -43.04 53.55
N GLY D 1451 11.35 -44.21 53.26
CA GLY D 1451 12.08 -44.43 52.02
C GLY D 1451 11.15 -44.72 50.87
N LEU D 1452 11.73 -44.85 49.68
CA LEU D 1452 10.94 -45.18 48.52
C LEU D 1452 10.62 -46.65 48.42
N GLY D 1453 11.39 -47.50 49.09
CA GLY D 1453 11.08 -48.91 49.11
C GLY D 1453 11.45 -49.66 47.86
N MET D 1454 12.42 -49.17 47.09
CA MET D 1454 12.78 -49.79 45.83
C MET D 1454 13.39 -51.16 46.05
N LEU D 1455 13.09 -52.08 45.14
CA LEU D 1455 13.83 -53.32 45.06
C LEU D 1455 15.05 -53.12 44.19
N SER D 1456 15.92 -54.12 44.17
CA SER D 1456 17.14 -54.01 43.39
C SER D 1456 17.36 -55.29 42.58
N GLY D 1457 17.88 -55.11 41.38
CA GLY D 1457 18.33 -56.19 40.54
C GLY D 1457 19.76 -55.92 40.13
N SER D 1458 20.43 -55.07 40.90
CA SER D 1458 21.84 -54.77 40.69
C SER D 1458 22.59 -54.92 42.01
N HIS D 1459 23.84 -54.49 42.05
CA HIS D 1459 24.68 -54.62 43.24
C HIS D 1459 25.20 -53.25 43.62
N ILE D 1460 24.60 -52.65 44.65
CA ILE D 1460 24.88 -51.28 45.06
C ILE D 1460 25.71 -51.32 46.33
N LEU D 1461 26.89 -50.71 46.29
CA LEU D 1461 27.74 -50.63 47.45
C LEU D 1461 27.16 -49.66 48.47
N ILE D 1462 27.15 -50.06 49.73
CA ILE D 1462 26.69 -49.20 50.81
C ILE D 1462 27.93 -48.77 51.61
N PRO D 1463 28.34 -47.51 51.53
CA PRO D 1463 29.55 -47.10 52.23
C PRO D 1463 29.34 -46.96 53.73
N ALA D 1464 30.41 -47.24 54.48
CA ALA D 1464 30.37 -47.05 55.92
C ALA D 1464 30.34 -45.58 56.29
N SER D 1465 30.73 -44.69 55.38
CA SER D 1465 30.48 -43.27 55.56
C SER D 1465 28.99 -42.96 55.61
N ASP D 1466 28.18 -43.75 54.92
CA ASP D 1466 26.74 -43.69 55.11
C ASP D 1466 26.30 -44.47 56.33
N LYS D 1467 27.01 -45.53 56.68
CA LYS D 1467 26.60 -46.36 57.81
C LYS D 1467 26.97 -45.76 59.17
N ARG D 1468 27.71 -44.66 59.20
CA ARG D 1468 28.05 -43.99 60.45
C ARG D 1468 26.81 -43.45 61.15
N TRP D 1469 26.77 -43.56 62.48
CA TRP D 1469 25.64 -42.98 63.20
C TRP D 1469 26.04 -42.64 64.63
N CYS D 1470 25.39 -41.62 65.18
CA CYS D 1470 25.65 -41.15 66.53
C CYS D 1470 24.35 -41.08 67.33
N LYS D 1471 24.50 -40.90 68.63
CA LYS D 1471 23.37 -40.88 69.55
C LYS D 1471 23.68 -39.92 70.70
N GLN D 1472 22.70 -39.10 71.07
CA GLN D 1472 22.83 -38.15 72.16
C GLN D 1472 22.07 -38.68 73.38
N THR D 1473 22.80 -38.94 74.46
CA THR D 1473 22.25 -39.28 75.76
C THR D 1473 22.70 -38.23 76.77
N ASP D 1474 22.24 -38.41 78.01
CA ASP D 1474 22.58 -37.46 79.08
C ASP D 1474 24.08 -37.46 79.38
N VAL D 1475 24.77 -38.56 79.09
CA VAL D 1475 26.22 -38.58 79.20
C VAL D 1475 26.84 -37.71 78.12
N GLY D 1476 26.29 -37.73 76.91
CA GLY D 1476 26.87 -37.00 75.81
C GLY D 1476 26.59 -37.58 74.45
N ILE D 1477 27.64 -37.78 73.65
CA ILE D 1477 27.51 -38.23 72.27
C ILE D 1477 28.29 -39.54 72.10
N THR D 1478 27.61 -40.55 71.56
CA THR D 1478 28.23 -41.84 71.26
C THR D 1478 28.23 -42.05 69.75
N HIS D 1479 29.39 -42.43 69.22
CA HIS D 1479 29.57 -42.63 67.79
C HIS D 1479 29.85 -44.10 67.48
N PHE D 1480 29.13 -44.62 66.48
CA PHE D 1480 29.29 -45.99 66.00
C PHE D 1480 29.49 -45.96 64.50
N ARG D 1481 30.35 -46.85 64.01
CA ARG D 1481 30.54 -47.07 62.58
C ARG D 1481 30.13 -48.51 62.30
N ALA D 1482 28.83 -48.71 62.11
CA ALA D 1482 28.28 -50.01 61.81
C ALA D 1482 28.86 -50.54 60.50
N GLY D 1483 29.01 -51.86 60.43
CA GLY D 1483 29.81 -52.43 59.38
C GLY D 1483 31.27 -52.62 59.73
N MET D 1484 31.84 -51.80 60.61
CA MET D 1484 33.23 -51.97 61.01
C MET D 1484 33.47 -53.19 61.90
N SER D 1485 32.47 -54.05 62.06
CA SER D 1485 32.73 -55.39 62.57
C SER D 1485 33.49 -56.22 61.54
N HIS D 1486 33.31 -55.95 60.25
CA HIS D 1486 33.89 -56.80 59.21
C HIS D 1486 34.33 -55.95 58.02
N ASP D 1487 35.22 -56.53 57.22
CA ASP D 1487 35.71 -55.90 55.99
C ASP D 1487 34.90 -56.29 54.76
N GLU D 1488 33.81 -57.04 54.94
CA GLU D 1488 32.97 -57.41 53.81
C GLU D 1488 32.20 -56.21 53.28
N GLU D 1489 32.04 -56.16 51.96
CA GLU D 1489 31.28 -55.12 51.30
C GLU D 1489 29.81 -55.38 51.56
N THR D 1490 29.16 -54.52 52.36
CA THR D 1490 27.71 -54.61 52.48
C THR D 1490 27.08 -54.17 51.18
N LEU D 1491 26.17 -54.98 50.67
CA LEU D 1491 25.49 -54.70 49.42
C LEU D 1491 24.00 -54.60 49.67
N ILE D 1492 23.32 -53.87 48.78
CA ILE D 1492 21.87 -53.95 48.75
C ILE D 1492 21.49 -55.33 48.23
N PRO D 1493 20.59 -56.06 48.88
CA PRO D 1493 20.28 -57.43 48.46
C PRO D 1493 19.58 -57.49 47.11
N ASN D 1494 19.44 -58.72 46.61
CA ASN D 1494 18.96 -58.96 45.25
C ASN D 1494 17.79 -59.94 45.30
N ILE D 1495 16.66 -59.53 44.70
CA ILE D 1495 15.49 -60.39 44.70
C ILE D 1495 15.73 -61.66 43.90
N ALA D 1496 16.73 -61.65 43.01
CA ALA D 1496 17.16 -62.88 42.36
C ALA D 1496 17.63 -63.91 43.38
N ARG D 1497 18.24 -63.45 44.46
CA ARG D 1497 18.58 -64.34 45.56
C ARG D 1497 17.40 -64.62 46.46
N TYR D 1498 16.38 -63.78 46.46
CA TYR D 1498 15.24 -64.04 47.34
C TYR D 1498 14.07 -64.77 46.69
N ILE D 1499 14.17 -65.15 45.44
CA ILE D 1499 13.10 -65.89 44.77
C ILE D 1499 13.58 -67.30 44.42
N ILE D 1500 12.75 -68.29 44.75
CA ILE D 1500 13.05 -69.71 44.56
C ILE D 1500 12.98 -70.07 43.08
N PRO D 1501 13.88 -70.90 42.55
CA PRO D 1501 13.81 -71.30 41.13
C PRO D 1501 12.54 -72.07 40.79
N TRP D 1502 12.28 -72.19 39.48
CA TRP D 1502 11.04 -72.81 39.02
C TRP D 1502 11.04 -74.31 39.26
N GLU D 1503 12.19 -74.97 39.04
CA GLU D 1503 12.28 -76.41 39.24
C GLU D 1503 12.02 -76.78 40.69
N ALA D 1504 12.63 -76.04 41.61
CA ALA D 1504 12.35 -76.21 43.03
C ALA D 1504 10.89 -75.92 43.34
N GLU D 1505 10.29 -74.95 42.66
CA GLU D 1505 8.89 -74.64 42.87
C GLU D 1505 7.99 -75.79 42.45
N PHE D 1506 8.30 -76.47 41.35
CA PHE D 1506 7.46 -77.56 40.89
C PHE D 1506 7.57 -78.78 41.81
N ILE D 1507 8.81 -79.14 42.18
CA ILE D 1507 9.00 -80.26 43.10
C ILE D 1507 8.37 -79.96 44.45
N ASP D 1508 8.58 -78.75 44.95
CA ASP D 1508 8.03 -78.34 46.22
C ASP D 1508 6.51 -78.28 46.18
N SER D 1509 5.93 -77.92 45.04
CA SER D 1509 4.48 -77.92 44.87
C SER D 1509 3.91 -79.31 45.02
N GLN D 1510 4.54 -80.28 44.35
CA GLN D 1510 4.14 -81.68 44.49
C GLN D 1510 4.15 -82.11 45.95
N ARG D 1511 5.28 -81.87 46.63
CA ARG D 1511 5.41 -82.38 47.98
C ARG D 1511 4.51 -81.63 48.96
N VAL D 1512 4.27 -80.34 48.76
CA VAL D 1512 3.46 -79.61 49.72
C VAL D 1512 1.99 -79.98 49.58
N TRP D 1513 1.53 -80.29 48.37
CA TRP D 1513 0.11 -80.63 48.27
C TRP D 1513 -0.13 -82.05 48.79
N THR D 1514 0.82 -82.97 48.57
CA THR D 1514 0.73 -84.27 49.22
C THR D 1514 0.75 -84.14 50.73
N GLU D 1515 1.63 -83.29 51.26
CA GLU D 1515 1.73 -83.08 52.71
C GLU D 1515 0.44 -82.53 53.29
N TYR D 1516 -0.15 -81.53 52.64
CA TYR D 1516 -1.38 -80.94 53.16
C TYR D 1516 -2.53 -81.93 53.15
N SER D 1517 -2.63 -82.73 52.08
CA SER D 1517 -3.67 -83.76 52.05
C SER D 1517 -3.51 -84.77 53.18
N GLN D 1518 -2.26 -85.21 53.42
CA GLN D 1518 -2.06 -86.13 54.55
C GLN D 1518 -2.39 -85.48 55.88
N LYS D 1519 -1.94 -84.24 56.12
CA LYS D 1519 -2.19 -83.58 57.40
C LYS D 1519 -3.68 -83.41 57.65
N ARG D 1520 -4.44 -83.10 56.61
CA ARG D 1520 -5.90 -83.09 56.73
C ARG D 1520 -6.43 -84.48 57.07
N LEU D 1521 -5.81 -85.53 56.50
CA LEU D 1521 -6.26 -86.88 56.82
C LEU D 1521 -6.07 -87.23 58.29
N GLU D 1522 -4.89 -86.94 58.87
CA GLU D 1522 -4.77 -87.19 60.33
C GLU D 1522 -5.64 -86.24 61.15
N ALA D 1523 -5.88 -85.01 60.70
CA ALA D 1523 -6.74 -84.12 61.46
C ALA D 1523 -8.16 -84.68 61.56
N GLN D 1524 -8.70 -85.18 60.45
CA GLN D 1524 -10.02 -85.80 60.53
C GLN D 1524 -9.99 -87.20 61.11
N GLN D 1525 -8.81 -87.84 61.17
CA GLN D 1525 -8.69 -89.12 61.86
C GLN D 1525 -8.83 -88.95 63.36
N GLN D 1526 -7.98 -88.11 63.96
CA GLN D 1526 -8.12 -87.83 65.38
C GLN D 1526 -9.26 -86.86 65.71
N ASN D 1527 -10.00 -86.39 64.69
CA ASN D 1527 -11.26 -85.64 64.89
C ASN D 1527 -11.04 -84.36 65.68
N ARG D 1528 -10.02 -83.60 65.29
CA ARG D 1528 -9.64 -82.36 65.96
C ARG D 1528 -9.67 -81.21 64.97
N ARG D 1529 -9.16 -80.07 65.42
CA ARG D 1529 -9.09 -78.87 64.61
C ARG D 1529 -7.74 -78.83 63.90
N LEU D 1530 -7.76 -78.36 62.66
CA LEU D 1530 -6.51 -77.96 62.03
C LEU D 1530 -5.99 -76.70 62.71
N THR D 1531 -4.70 -76.69 63.03
CA THR D 1531 -4.12 -75.55 63.72
C THR D 1531 -3.10 -74.87 62.82
N LEU D 1532 -2.79 -73.63 63.19
CA LEU D 1532 -1.78 -72.88 62.45
C LEU D 1532 -0.40 -73.52 62.59
N GLU D 1533 -0.16 -74.24 63.68
CA GLU D 1533 1.09 -74.99 63.81
C GLU D 1533 1.14 -76.17 62.85
N ASP D 1534 -0.01 -76.75 62.52
CA ASP D 1534 -0.05 -77.76 61.47
C ASP D 1534 0.22 -77.13 60.12
N LEU D 1535 -0.59 -76.15 59.74
CA LEU D 1535 -0.47 -75.49 58.45
C LEU D 1535 0.39 -74.23 58.51
N GLU D 1536 1.54 -74.35 59.19
CA GLU D 1536 2.48 -73.26 59.33
C GLU D 1536 3.73 -73.44 58.49
N ASP D 1537 4.31 -74.65 58.46
CA ASP D 1537 5.51 -74.85 57.65
C ASP D 1537 5.17 -74.88 56.17
N SER D 1538 3.98 -75.33 55.82
CA SER D 1538 3.56 -75.48 54.43
C SER D 1538 2.70 -74.30 54.00
N TRP D 1539 3.23 -73.08 54.13
CA TRP D 1539 2.38 -71.91 53.94
C TRP D 1539 2.58 -71.21 52.61
N ASP D 1540 3.78 -70.70 52.34
CA ASP D 1540 4.00 -69.98 51.08
C ASP D 1540 4.58 -70.91 50.02
N ARG D 1541 3.93 -72.05 49.81
CA ARG D 1541 4.46 -73.08 48.94
C ARG D 1541 3.34 -73.62 48.07
N GLY D 1542 3.70 -74.12 46.90
CA GLY D 1542 2.77 -74.80 46.03
C GLY D 1542 2.43 -74.01 44.78
N LEU D 1543 1.77 -74.71 43.87
CA LEU D 1543 1.24 -74.14 42.63
C LEU D 1543 -0.06 -74.86 42.31
N PRO D 1544 -1.20 -74.34 42.77
CA PRO D 1544 -1.48 -73.13 43.54
C PRO D 1544 -1.08 -73.23 45.00
N ARG D 1545 -1.39 -72.22 45.78
CA ARG D 1545 -0.91 -72.12 47.14
C ARG D 1545 -1.96 -72.56 48.16
N ILE D 1546 -1.47 -73.06 49.30
CA ILE D 1546 -2.33 -73.25 50.46
C ILE D 1546 -2.95 -71.91 50.86
N ASN D 1547 -2.20 -70.83 50.64
CA ASN D 1547 -2.75 -69.49 50.73
C ASN D 1547 -4.02 -69.35 49.90
N THR D 1548 -4.02 -69.93 48.68
CA THR D 1548 -5.24 -69.90 47.87
C THR D 1548 -6.33 -70.74 48.46
N LEU D 1549 -5.99 -71.77 49.23
CA LEU D 1549 -7.05 -72.43 50.00
C LEU D 1549 -7.65 -71.50 51.04
N PHE D 1550 -6.88 -70.55 51.53
CA PHE D 1550 -7.40 -69.64 52.56
C PHE D 1550 -7.83 -68.27 52.04
N GLN D 1551 -7.87 -68.05 50.73
CA GLN D 1551 -8.42 -66.78 50.26
C GLN D 1551 -9.95 -66.78 50.37
N LYS D 1552 -10.55 -65.65 50.01
CA LYS D 1552 -11.93 -65.37 50.37
C LYS D 1552 -12.93 -66.15 49.53
N ASP D 1553 -13.00 -65.86 48.25
CA ASP D 1553 -13.97 -66.50 47.38
C ASP D 1553 -13.38 -67.79 46.84
N ARG D 1554 -14.16 -68.87 46.87
CA ARG D 1554 -13.69 -70.15 46.37
C ARG D 1554 -14.74 -70.81 45.48
N SER D 1555 -16.01 -70.51 45.72
CA SER D 1555 -17.05 -71.03 44.84
C SER D 1555 -16.96 -70.40 43.45
N THR D 1556 -16.90 -69.06 43.40
CA THR D 1556 -16.73 -68.39 42.12
C THR D 1556 -15.42 -68.79 41.46
N LEU D 1557 -14.40 -69.10 42.25
CA LEU D 1557 -13.14 -69.58 41.69
C LEU D 1557 -13.30 -70.97 41.07
N SER D 1558 -14.17 -71.80 41.64
CA SER D 1558 -14.47 -73.07 41.01
C SER D 1558 -15.19 -72.88 39.69
N PHE D 1559 -15.92 -71.78 39.54
CA PHE D 1559 -16.65 -71.53 38.29
C PHE D 1559 -15.93 -70.62 37.31
N ASP D 1560 -14.74 -70.12 37.62
CA ASP D 1560 -13.99 -69.22 36.74
C ASP D 1560 -13.10 -70.04 35.81
N LYS D 1561 -13.40 -70.00 34.51
CA LYS D 1561 -12.64 -70.76 33.52
C LYS D 1561 -12.12 -69.84 32.43
N GLY D 1562 -10.96 -70.19 31.88
CA GLY D 1562 -10.39 -69.45 30.77
C GLY D 1562 -9.69 -68.16 31.11
N PHE D 1563 -9.16 -68.04 32.33
CA PHE D 1563 -8.66 -66.75 32.78
C PHE D 1563 -7.33 -66.38 32.15
N ARG D 1564 -6.52 -67.36 31.77
CA ARG D 1564 -5.22 -67.07 31.17
C ARG D 1564 -5.39 -66.54 29.74
N ALA D 1565 -6.24 -67.19 28.95
CA ALA D 1565 -6.58 -66.70 27.63
C ALA D 1565 -7.29 -65.35 27.73
N ARG D 1566 -8.13 -65.19 28.75
CA ARG D 1566 -8.82 -63.93 28.98
C ARG D 1566 -7.84 -62.77 29.18
N ALA D 1567 -6.77 -62.99 29.94
CA ALA D 1567 -5.77 -61.93 30.13
C ALA D 1567 -5.02 -61.62 28.83
N GLU D 1568 -4.61 -62.68 28.13
CA GLU D 1568 -3.95 -62.55 26.84
C GLU D 1568 -4.77 -61.70 25.86
N PHE D 1569 -6.09 -61.77 25.93
CA PHE D 1569 -6.90 -60.86 25.14
C PHE D 1569 -7.28 -59.57 25.88
N LYS D 1570 -6.98 -59.47 27.19
CA LYS D 1570 -7.23 -58.21 27.89
C LYS D 1570 -6.33 -57.12 27.37
N ILE D 1571 -5.24 -57.45 26.68
CA ILE D 1571 -4.53 -56.35 26.01
C ILE D 1571 -5.33 -55.60 24.93
N TYR D 1572 -6.43 -56.16 24.43
CA TYR D 1572 -7.24 -55.48 23.42
C TYR D 1572 -8.42 -54.72 23.99
N GLN D 1573 -8.62 -54.78 25.31
CA GLN D 1573 -9.70 -54.06 25.96
C GLN D 1573 -9.22 -52.92 26.82
N LEU D 1574 -7.96 -52.91 27.22
CA LEU D 1574 -7.45 -51.99 28.22
C LEU D 1574 -6.14 -51.42 27.73
N MET D 1575 -5.93 -50.15 28.03
CA MET D 1575 -4.65 -49.53 27.71
C MET D 1575 -3.54 -49.93 28.67
N LYS D 1576 -3.88 -50.25 29.91
CA LYS D 1576 -2.90 -50.46 30.96
C LYS D 1576 -2.34 -51.87 30.86
N SER D 1577 -1.04 -51.98 30.58
CA SER D 1577 -0.42 -53.28 30.42
C SER D 1577 -0.18 -53.95 31.78
N ASN D 1578 -0.37 -55.26 31.83
CA ASN D 1578 -0.17 -56.02 33.04
C ASN D 1578 1.18 -56.72 32.99
N PRO D 1579 2.12 -56.38 33.86
CA PRO D 1579 3.35 -57.17 33.94
C PRO D 1579 3.15 -58.53 34.57
N PHE D 1580 2.03 -58.76 35.24
CA PHE D 1580 1.69 -60.05 35.84
C PHE D 1580 0.60 -60.73 35.02
N TRP D 1581 0.69 -60.60 33.70
CA TRP D 1581 -0.29 -61.18 32.79
C TRP D 1581 -0.34 -62.69 32.89
N TRP D 1582 0.76 -63.30 33.32
CA TRP D 1582 0.97 -64.74 33.27
C TRP D 1582 0.41 -65.48 34.45
N THR D 1583 0.08 -64.79 35.54
CA THR D 1583 -0.35 -65.44 36.76
C THR D 1583 -1.60 -64.76 37.28
N ASN D 1584 -2.38 -65.51 38.05
CA ASN D 1584 -3.59 -65.03 38.68
C ASN D 1584 -3.48 -65.18 40.19
N PRO D 1585 -3.53 -64.08 40.94
CA PRO D 1585 -3.53 -64.20 42.41
C PRO D 1585 -4.74 -64.93 42.95
N ARG D 1586 -5.87 -64.84 42.28
CA ARG D 1586 -7.06 -65.54 42.75
C ARG D 1586 -6.95 -67.05 42.53
N HIS D 1587 -6.19 -67.46 41.52
CA HIS D 1587 -6.07 -68.87 41.17
C HIS D 1587 -4.72 -69.45 41.54
N ASP D 1588 -3.63 -68.83 41.10
CA ASP D 1588 -2.31 -69.30 41.50
C ASP D 1588 -1.99 -68.86 42.91
N GLY D 1589 -2.36 -67.65 43.28
CA GLY D 1589 -1.89 -67.08 44.52
C GLY D 1589 -0.61 -66.29 44.30
N LYS D 1590 -0.21 -65.58 45.35
CA LYS D 1590 0.97 -64.74 45.25
C LYS D 1590 2.20 -65.62 45.30
N LEU D 1591 3.01 -65.57 44.24
CA LEU D 1591 4.11 -66.51 44.05
C LEU D 1591 5.45 -65.93 44.47
N TRP D 1592 5.45 -64.96 45.37
CA TRP D 1592 6.67 -64.34 45.85
C TRP D 1592 6.41 -63.71 47.20
N ASN D 1593 7.49 -63.44 47.93
CA ASN D 1593 7.40 -62.90 49.27
C ASN D 1593 8.71 -62.18 49.59
N LEU D 1594 8.62 -60.97 50.14
CA LEU D 1594 9.80 -60.14 50.31
C LEU D 1594 9.99 -59.68 51.75
N ASN D 1595 9.46 -60.42 52.72
CA ASN D 1595 9.69 -60.10 54.12
C ASN D 1595 11.15 -60.26 54.50
N ALA D 1596 11.74 -61.39 54.10
CA ALA D 1596 13.17 -61.61 54.33
C ALA D 1596 14.00 -60.56 53.60
N TYR D 1597 13.58 -60.18 52.40
CA TYR D 1597 14.27 -59.15 51.65
C TYR D 1597 14.27 -57.83 52.40
N ARG D 1598 13.13 -57.46 52.97
CA ARG D 1598 13.05 -56.15 53.61
C ARG D 1598 13.82 -56.12 54.93
N THR D 1599 13.79 -57.21 55.70
CA THR D 1599 14.62 -57.27 56.90
C THR D 1599 16.11 -57.21 56.56
N ASP D 1600 16.52 -57.93 55.51
CA ASP D 1600 17.92 -57.91 55.15
C ASP D 1600 18.33 -56.58 54.53
N VAL D 1601 17.40 -55.86 53.90
CA VAL D 1601 17.69 -54.54 53.39
C VAL D 1601 17.96 -53.59 54.55
N ILE D 1602 17.14 -53.67 55.60
CA ILE D 1602 17.39 -52.84 56.78
C ILE D 1602 18.74 -53.16 57.40
N GLN D 1603 19.05 -54.46 57.54
CA GLN D 1603 20.33 -54.84 58.14
C GLN D 1603 21.52 -54.45 57.26
N ALA D 1604 21.35 -54.49 55.94
CA ALA D 1604 22.45 -54.11 55.06
C ALA D 1604 22.62 -52.60 55.01
N LEU D 1605 21.53 -51.85 55.17
CA LEU D 1605 21.65 -50.40 55.30
C LEU D 1605 22.25 -50.01 56.64
N GLY D 1606 22.19 -50.90 57.62
CA GLY D 1606 22.95 -50.67 58.83
C GLY D 1606 22.08 -50.57 60.05
N GLY D 1607 20.82 -50.92 59.90
CA GLY D 1607 19.90 -50.84 60.99
C GLY D 1607 19.05 -49.58 60.96
N VAL D 1608 17.94 -49.64 61.67
CA VAL D 1608 16.97 -48.55 61.67
C VAL D 1608 17.58 -47.30 62.27
N GLU D 1609 18.46 -47.45 63.25
CA GLU D 1609 19.10 -46.29 63.87
C GLU D 1609 20.00 -45.56 62.89
N THR D 1610 20.74 -46.30 62.07
CA THR D 1610 21.54 -45.68 61.01
C THR D 1610 20.67 -45.00 59.97
N ILE D 1611 19.58 -45.66 59.56
CA ILE D 1611 18.66 -45.08 58.58
C ILE D 1611 18.06 -43.77 59.11
N LEU D 1612 17.62 -43.79 60.36
CA LEU D 1612 17.01 -42.60 60.92
C LEU D 1612 18.03 -41.54 61.30
N GLU D 1613 19.30 -41.92 61.41
CA GLU D 1613 20.37 -40.93 61.42
C GLU D 1613 20.45 -40.20 60.09
N HIS D 1614 20.27 -40.94 58.99
CA HIS D 1614 20.21 -40.29 57.68
C HIS D 1614 19.00 -39.35 57.58
N THR D 1615 17.86 -39.75 58.14
CA THR D 1615 16.62 -38.99 57.95
C THR D 1615 16.55 -37.83 58.94
N LEU D 1616 15.36 -37.23 59.02
CA LEU D 1616 15.02 -36.16 59.95
C LEU D 1616 14.23 -36.67 61.14
N PHE D 1617 14.54 -37.86 61.63
CA PHE D 1617 13.78 -38.42 62.74
C PHE D 1617 14.15 -37.77 64.07
N LYS D 1618 15.39 -37.30 64.21
CA LYS D 1618 15.80 -36.66 65.46
C LYS D 1618 15.05 -35.35 65.68
N ALA D 1619 14.89 -34.56 64.61
CA ALA D 1619 14.31 -33.24 64.74
C ALA D 1619 12.82 -33.26 65.06
N THR D 1620 12.11 -34.33 64.72
CA THR D 1620 10.67 -34.34 64.91
C THR D 1620 10.26 -34.67 66.33
N GLY D 1621 11.20 -35.09 67.17
CA GLY D 1621 10.91 -35.34 68.58
C GLY D 1621 10.00 -36.50 68.85
N PHE D 1622 10.15 -37.57 68.13
CA PHE D 1622 9.33 -38.73 68.40
C PHE D 1622 10.13 -39.78 69.15
N PRO D 1623 9.51 -40.49 70.09
CA PRO D 1623 10.26 -41.50 70.87
C PRO D 1623 10.75 -42.68 70.05
N SER D 1624 9.84 -43.34 69.33
CA SER D 1624 10.15 -44.59 68.64
C SER D 1624 9.68 -44.55 67.19
N TRP D 1625 10.43 -45.22 66.33
CA TRP D 1625 10.03 -45.35 64.93
C TRP D 1625 8.89 -46.34 64.73
N GLU D 1626 8.70 -47.26 65.66
CA GLU D 1626 7.46 -48.01 65.67
C GLU D 1626 6.33 -47.08 66.07
N GLY D 1627 5.14 -47.35 65.58
CA GLY D 1627 4.02 -46.49 65.88
C GLY D 1627 3.98 -45.20 65.09
N LEU D 1628 4.90 -45.03 64.14
CA LEU D 1628 4.87 -43.90 63.21
C LEU D 1628 3.96 -44.24 62.05
N PHE D 1629 3.03 -43.34 61.74
CA PHE D 1629 2.08 -43.54 60.66
C PHE D 1629 2.16 -42.36 59.71
N TRP D 1630 2.14 -42.65 58.43
CA TRP D 1630 2.19 -41.62 57.41
C TRP D 1630 0.80 -41.42 56.85
N GLU D 1631 0.32 -40.19 56.88
CA GLU D 1631 -0.97 -39.88 56.31
C GLU D 1631 -0.92 -39.96 54.80
N LYS D 1632 -1.95 -40.54 54.20
CA LYS D 1632 -2.06 -40.59 52.76
C LYS D 1632 -2.34 -39.20 52.20
N SER D 1633 -1.58 -38.80 51.18
CA SER D 1633 -1.75 -37.49 50.55
C SER D 1633 -1.70 -37.65 49.04
N SER D 1634 -2.84 -37.99 48.44
CA SER D 1634 -2.93 -38.02 46.98
C SER D 1634 -4.24 -37.46 46.43
N GLY D 1635 -5.26 -37.25 47.25
CA GLY D 1635 -6.61 -37.02 46.74
C GLY D 1635 -6.94 -35.63 46.28
N PHE D 1636 -5.94 -34.85 45.86
CA PHE D 1636 -6.23 -33.51 45.37
C PHE D 1636 -6.84 -33.53 43.98
N GLU D 1637 -6.77 -34.66 43.28
CA GLU D 1637 -7.49 -34.86 42.04
C GLU D 1637 -8.99 -34.69 42.25
N ALA D 1638 -9.58 -35.56 43.08
CA ALA D 1638 -11.00 -35.41 43.40
C ALA D 1638 -11.26 -34.18 44.23
N SER D 1639 -10.27 -33.71 45.00
CA SER D 1639 -10.51 -32.65 45.97
C SER D 1639 -10.59 -31.27 45.32
N MET D 1640 -9.79 -31.03 44.27
CA MET D 1640 -9.55 -29.65 43.86
C MET D 1640 -9.71 -29.40 42.36
N GLN D 1641 -9.86 -30.44 41.54
CA GLN D 1641 -10.01 -30.28 40.08
C GLN D 1641 -11.25 -29.48 39.69
N PHE D 1642 -12.20 -29.29 40.63
CA PHE D 1642 -13.32 -28.39 40.43
C PHE D 1642 -12.86 -26.95 40.17
N LYS D 1643 -11.65 -26.59 40.57
CA LYS D 1643 -11.05 -25.29 40.29
C LYS D 1643 -10.65 -25.12 38.83
N LYS D 1644 -10.74 -26.17 38.01
CA LYS D 1644 -10.39 -26.17 36.59
C LYS D 1644 -8.92 -25.80 36.39
N LEU D 1645 -8.05 -26.71 36.83
CA LEU D 1645 -6.60 -26.40 36.85
C LEU D 1645 -5.94 -26.52 35.49
N THR D 1646 -4.76 -25.93 35.36
CA THR D 1646 -3.98 -26.05 34.11
C THR D 1646 -3.21 -27.35 34.20
N ASN D 1647 -2.73 -27.86 33.07
CA ASN D 1647 -1.95 -29.11 33.05
C ASN D 1647 -0.78 -28.98 34.02
N ALA D 1648 -0.12 -27.83 34.05
CA ALA D 1648 1.07 -27.64 34.90
C ALA D 1648 0.65 -27.61 36.36
N GLN D 1649 -0.46 -26.98 36.66
CA GLN D 1649 -0.99 -26.90 38.01
C GLN D 1649 -1.29 -28.27 38.58
N ARG D 1650 -2.00 -29.11 37.82
CA ARG D 1650 -2.30 -30.40 38.39
C ARG D 1650 -1.09 -31.32 38.39
N SER D 1651 -0.07 -31.03 37.60
CA SER D 1651 1.19 -31.76 37.77
C SER D 1651 1.87 -31.41 39.10
N GLY D 1652 1.88 -30.13 39.48
CA GLY D 1652 2.41 -29.75 40.79
C GLY D 1652 1.63 -30.34 41.95
N LEU D 1653 0.30 -30.32 41.84
CA LEU D 1653 -0.52 -31.01 42.84
C LEU D 1653 -0.24 -32.50 42.88
N ASN D 1654 0.02 -33.11 41.73
CA ASN D 1654 0.41 -34.50 41.75
C ASN D 1654 1.78 -34.72 42.36
N GLN D 1655 2.61 -33.69 42.48
CA GLN D 1655 3.94 -33.88 43.05
C GLN D 1655 4.16 -33.25 44.43
N ILE D 1656 3.09 -32.88 45.15
CA ILE D 1656 3.23 -32.55 46.59
C ILE D 1656 3.78 -33.69 47.46
N PRO D 1657 3.41 -34.99 47.28
CA PRO D 1657 4.11 -36.05 48.04
C PRO D 1657 5.64 -36.02 47.97
N ASN D 1658 6.16 -35.39 46.92
CA ASN D 1658 7.59 -35.16 46.82
C ASN D 1658 8.10 -34.15 47.85
N ARG D 1659 7.31 -33.13 48.23
CA ARG D 1659 7.82 -32.29 49.32
C ARG D 1659 7.88 -33.09 50.61
N ARG D 1660 6.91 -34.00 50.81
CA ARG D 1660 6.98 -34.84 52.01
C ARG D 1660 8.26 -35.68 52.04
N PHE D 1661 8.57 -36.33 50.92
CA PHE D 1661 9.77 -37.17 50.85
C PHE D 1661 11.04 -36.34 51.01
N THR D 1662 11.10 -35.18 50.36
CA THR D 1662 12.29 -34.32 50.39
C THR D 1662 12.54 -33.78 51.79
N LEU D 1663 11.49 -33.35 52.48
CA LEU D 1663 11.65 -32.89 53.86
C LEU D 1663 12.14 -34.02 54.75
N TRP D 1664 11.59 -35.23 54.59
CA TRP D 1664 11.99 -36.33 55.45
C TRP D 1664 13.45 -36.71 55.23
N TRP D 1665 13.90 -36.76 53.99
CA TRP D 1665 15.27 -37.17 53.71
C TRP D 1665 16.22 -35.98 53.59
N SER D 1666 15.79 -34.80 54.02
CA SER D 1666 16.60 -33.59 53.89
C SER D 1666 18.02 -33.63 54.48
N PRO D 1667 18.31 -34.20 55.67
CA PRO D 1667 19.69 -34.13 56.18
C PRO D 1667 20.73 -34.83 55.32
N THR D 1668 20.32 -35.80 54.50
CA THR D 1668 21.30 -36.53 53.71
C THR D 1668 21.40 -36.04 52.28
N ILE D 1669 20.52 -35.14 51.85
CA ILE D 1669 20.55 -34.67 50.46
C ILE D 1669 21.44 -33.44 50.33
N ASN D 1670 21.10 -32.35 51.01
CA ASN D 1670 21.91 -31.14 50.88
C ASN D 1670 23.18 -31.30 51.72
N ARG D 1671 24.12 -32.05 51.15
CA ARG D 1671 25.46 -32.22 51.68
C ARG D 1671 26.43 -31.84 50.59
N ALA D 1672 27.58 -31.28 50.99
CA ALA D 1672 28.57 -30.86 50.01
C ALA D 1672 29.10 -32.04 49.22
N ASN D 1673 29.28 -33.18 49.89
CA ASN D 1673 29.73 -34.40 49.24
C ASN D 1673 28.72 -34.91 48.22
N VAL D 1674 27.43 -34.68 48.48
CA VAL D 1674 26.40 -35.06 47.51
C VAL D 1674 26.34 -34.08 46.37
N TYR D 1675 25.99 -32.83 46.68
CA TYR D 1675 25.95 -31.76 45.69
C TYR D 1675 27.15 -30.84 45.90
N VAL D 1676 28.29 -31.26 45.32
CA VAL D 1676 29.45 -30.39 45.18
C VAL D 1676 29.09 -29.12 44.43
N GLY D 1677 29.50 -27.97 44.94
CA GLY D 1677 29.34 -26.73 44.23
C GLY D 1677 29.43 -25.54 45.15
N PHE D 1678 29.12 -24.38 44.59
CA PHE D 1678 29.09 -23.14 45.35
C PHE D 1678 27.85 -23.13 46.24
N GLN D 1679 28.04 -23.29 47.55
CA GLN D 1679 26.92 -23.32 48.47
C GLN D 1679 26.30 -21.94 48.61
N VAL D 1680 24.98 -21.91 48.83
CA VAL D 1680 24.30 -20.66 49.11
C VAL D 1680 23.78 -20.70 50.54
N GLN D 1681 23.19 -19.61 50.98
CA GLN D 1681 22.73 -19.46 52.35
C GLN D 1681 21.26 -19.08 52.32
N LEU D 1682 20.43 -19.77 53.09
CA LEU D 1682 19.00 -19.49 53.08
C LEU D 1682 18.71 -18.26 53.92
N ASP D 1683 17.89 -17.35 53.37
CA ASP D 1683 17.56 -16.12 54.07
C ASP D 1683 16.77 -16.40 55.34
N LEU D 1684 17.05 -15.60 56.37
CA LEU D 1684 16.53 -15.63 57.73
C LEU D 1684 16.98 -16.83 58.53
N THR D 1685 17.83 -17.70 57.97
CA THR D 1685 18.34 -18.87 58.68
C THR D 1685 19.85 -18.96 58.53
N GLY D 1686 20.44 -20.05 59.05
CA GLY D 1686 21.84 -20.32 58.87
C GLY D 1686 22.07 -21.59 58.09
N ILE D 1687 21.09 -21.95 57.28
CA ILE D 1687 21.14 -23.19 56.50
C ILE D 1687 21.94 -22.96 55.23
N PHE D 1688 22.89 -23.85 54.98
CA PHE D 1688 23.68 -23.81 53.74
C PHE D 1688 23.08 -24.80 52.76
N LEU D 1689 22.71 -24.29 51.59
CA LEU D 1689 22.01 -25.04 50.58
C LEU D 1689 22.99 -25.40 49.48
N HIS D 1690 23.11 -26.69 49.19
CA HIS D 1690 24.10 -27.19 48.25
C HIS D 1690 23.34 -27.55 46.98
N GLY D 1691 23.39 -26.67 45.99
CA GLY D 1691 22.53 -26.79 44.83
C GLY D 1691 21.14 -26.27 45.12
N LYS D 1692 20.33 -26.20 44.07
CA LYS D 1692 18.98 -25.65 44.15
C LYS D 1692 18.01 -26.81 44.32
N ILE D 1693 17.46 -26.96 45.52
CA ILE D 1693 16.44 -27.97 45.76
C ILE D 1693 15.16 -27.22 46.12
N PRO D 1694 14.34 -26.87 45.13
CA PRO D 1694 13.29 -25.87 45.36
C PRO D 1694 12.19 -26.31 46.31
N THR D 1695 11.80 -27.58 46.29
CA THR D 1695 10.78 -28.04 47.21
C THR D 1695 11.28 -28.04 48.64
N LEU D 1696 12.54 -28.42 48.84
CA LEU D 1696 13.16 -28.32 50.15
C LEU D 1696 13.24 -26.87 50.61
N LYS D 1697 13.60 -25.96 49.71
CA LYS D 1697 13.64 -24.55 50.05
C LYS D 1697 12.28 -24.03 50.45
N ILE D 1698 11.23 -24.41 49.72
CA ILE D 1698 9.87 -23.98 50.03
C ILE D 1698 9.44 -24.51 51.39
N SER D 1699 9.72 -25.79 51.66
CA SER D 1699 9.35 -26.38 52.94
C SER D 1699 10.11 -25.73 54.09
N LEU D 1700 11.39 -25.46 53.89
CA LEU D 1700 12.19 -24.83 54.94
C LEU D 1700 11.76 -23.38 55.18
N ILE D 1701 11.29 -22.69 54.15
CA ILE D 1701 10.72 -21.36 54.35
C ILE D 1701 9.43 -21.47 55.15
N GLN D 1702 8.60 -22.47 54.84
CA GLN D 1702 7.37 -22.68 55.60
C GLN D 1702 7.65 -23.08 57.06
N ILE D 1703 8.80 -23.69 57.31
CA ILE D 1703 9.16 -24.05 58.69
C ILE D 1703 9.75 -22.85 59.42
N PHE D 1704 10.90 -22.37 58.95
CA PHE D 1704 11.52 -21.18 59.53
C PHE D 1704 10.96 -19.90 58.92
N ARG D 1705 9.65 -19.79 58.83
CA ARG D 1705 9.09 -18.50 58.53
C ARG D 1705 8.94 -17.72 59.83
N ALA D 1706 8.61 -16.43 59.69
CA ALA D 1706 8.40 -15.52 60.82
C ALA D 1706 9.63 -15.41 61.71
N HIS D 1707 10.81 -15.43 61.07
CA HIS D 1707 12.10 -15.27 61.73
C HIS D 1707 12.31 -16.28 62.84
N LEU D 1708 11.98 -17.54 62.57
CA LEU D 1708 11.99 -18.56 63.60
C LEU D 1708 13.40 -18.89 64.07
N TRP D 1709 14.40 -18.73 63.20
CA TRP D 1709 15.79 -18.98 63.61
C TRP D 1709 16.24 -18.00 64.68
N GLN D 1710 16.06 -16.70 64.41
CA GLN D 1710 16.44 -15.69 65.39
C GLN D 1710 15.52 -15.73 66.60
N LYS D 1711 14.26 -16.15 66.43
CA LYS D 1711 13.35 -16.22 67.57
C LYS D 1711 13.65 -17.43 68.45
N ILE D 1712 14.15 -18.53 67.86
CA ILE D 1712 14.68 -19.64 68.65
C ILE D 1712 15.88 -19.19 69.46
N HIS D 1713 16.79 -18.45 68.82
CA HIS D 1713 17.96 -17.93 69.52
C HIS D 1713 17.54 -17.00 70.66
N GLU D 1714 16.54 -16.15 70.41
CA GLU D 1714 16.06 -15.24 71.44
C GLU D 1714 15.42 -15.99 72.60
N SER D 1715 14.61 -17.01 72.30
CA SER D 1715 13.95 -17.76 73.38
C SER D 1715 14.96 -18.55 74.21
N VAL D 1716 15.98 -19.12 73.56
CA VAL D 1716 17.03 -19.84 74.28
C VAL D 1716 17.80 -18.89 75.18
N VAL D 1717 18.16 -17.70 74.67
CA VAL D 1717 18.88 -16.73 75.47
C VAL D 1717 18.01 -16.24 76.63
N MET D 1718 16.71 -16.06 76.40
CA MET D 1718 15.82 -15.61 77.46
C MET D 1718 15.69 -16.65 78.56
N ASP D 1719 15.58 -17.93 78.18
CA ASP D 1719 15.48 -18.98 79.18
C ASP D 1719 16.78 -19.12 79.99
N LEU D 1720 17.93 -19.05 79.32
CA LEU D 1720 19.20 -19.13 80.04
C LEU D 1720 19.40 -17.93 80.96
N CYS D 1721 19.00 -16.74 80.51
CA CYS D 1721 19.12 -15.56 81.36
C CYS D 1721 18.12 -15.60 82.52
N GLN D 1722 16.97 -16.25 82.32
CA GLN D 1722 16.05 -16.46 83.44
C GLN D 1722 16.67 -17.38 84.49
N VAL D 1723 17.34 -18.45 84.05
CA VAL D 1723 18.03 -19.35 84.97
C VAL D 1723 19.13 -18.60 85.72
N PHE D 1724 19.91 -17.79 85.00
CA PHE D 1724 20.96 -16.99 85.63
C PHE D 1724 20.38 -15.98 86.62
N ASP D 1725 19.24 -15.38 86.27
CA ASP D 1725 18.58 -14.42 87.16
C ASP D 1725 18.10 -15.09 88.43
N GLN D 1726 17.66 -16.34 88.33
CA GLN D 1726 17.27 -17.05 89.54
C GLN D 1726 18.44 -17.71 90.26
N GLU D 1727 19.65 -17.71 89.68
CA GLU D 1727 20.78 -18.36 90.34
C GLU D 1727 22.00 -17.45 90.53
N LEU D 1728 21.81 -16.11 90.53
CA LEU D 1728 22.86 -15.21 91.03
C LEU D 1728 23.38 -15.62 92.40
N GLU D 1729 22.47 -15.88 93.34
CA GLU D 1729 22.89 -16.22 94.70
C GLU D 1729 23.57 -17.57 94.77
N ALA D 1730 23.21 -18.49 93.87
CA ALA D 1730 23.83 -19.81 93.88
C ALA D 1730 25.24 -19.76 93.30
N LEU D 1731 25.45 -18.99 92.24
CA LEU D 1731 26.77 -18.92 91.62
C LEU D 1731 27.60 -17.73 92.09
N SER D 1732 27.12 -16.98 93.09
CA SER D 1732 27.76 -15.76 93.57
C SER D 1732 27.95 -14.73 92.47
N ILE D 1733 27.01 -14.66 91.54
CA ILE D 1733 27.08 -13.74 90.42
C ILE D 1733 26.53 -12.39 90.85
N GLU D 1734 27.31 -11.33 90.60
CA GLU D 1734 26.88 -9.98 90.94
C GLU D 1734 25.65 -9.56 90.13
N SER D 1735 25.73 -9.70 88.80
CA SER D 1735 24.62 -9.38 87.93
C SER D 1735 24.80 -10.10 86.60
N VAL D 1736 23.70 -10.27 85.88
CA VAL D 1736 23.69 -10.92 84.58
C VAL D 1736 23.19 -9.92 83.54
N GLN D 1737 23.95 -9.77 82.46
CA GLN D 1737 23.66 -8.78 81.43
C GLN D 1737 23.18 -9.48 80.17
N LYS D 1738 22.19 -8.88 79.51
CA LYS D 1738 21.59 -9.43 78.29
C LYS D 1738 21.89 -8.47 77.14
N GLU D 1739 22.90 -8.82 76.33
CA GLU D 1739 23.25 -7.98 75.20
C GLU D 1739 22.19 -8.06 74.12
N THR D 1740 21.82 -6.90 73.57
CA THR D 1740 20.71 -6.80 72.62
C THR D 1740 21.08 -6.02 71.37
N ILE D 1741 22.38 -5.83 71.11
CA ILE D 1741 22.80 -4.99 69.99
C ILE D 1741 22.72 -5.73 68.67
N HIS D 1742 22.81 -7.06 68.70
CA HIS D 1742 22.87 -7.87 67.49
C HIS D 1742 21.65 -8.77 67.37
N PRO D 1743 20.67 -8.42 66.53
CA PRO D 1743 19.52 -9.32 66.34
C PRO D 1743 19.76 -10.40 65.29
N ARG D 1744 20.72 -10.19 64.39
CA ARG D 1744 20.99 -11.11 63.29
C ARG D 1744 22.32 -11.82 63.43
N LYS D 1745 22.97 -11.72 64.59
CA LYS D 1745 24.16 -12.52 64.86
C LYS D 1745 23.83 -14.00 64.94
N SER D 1746 22.57 -14.34 65.25
CA SER D 1746 22.15 -15.73 65.34
C SER D 1746 22.37 -16.47 64.03
N TYR D 1747 21.94 -15.86 62.92
CA TYR D 1747 22.18 -16.45 61.61
C TYR D 1747 23.28 -15.74 60.84
N LYS D 1748 24.10 -14.95 61.53
CA LYS D 1748 25.40 -14.59 61.01
C LYS D 1748 26.39 -15.72 61.31
N MET D 1749 27.10 -16.18 60.28
CA MET D 1749 27.96 -17.34 60.41
C MET D 1749 29.42 -17.04 60.10
N ASN D 1750 29.75 -15.82 59.68
CA ASN D 1750 31.15 -15.48 59.45
C ASN D 1750 31.92 -15.37 60.76
N SER D 1751 31.29 -14.78 61.77
CA SER D 1751 31.90 -14.58 63.08
C SER D 1751 30.77 -14.45 64.09
N SER D 1752 31.11 -14.03 65.31
CA SER D 1752 30.11 -13.98 66.37
C SER D 1752 30.50 -12.94 67.39
N CYS D 1753 29.48 -12.43 68.09
CA CYS D 1753 29.63 -11.69 69.32
C CYS D 1753 29.05 -12.54 70.45
N ALA D 1754 29.00 -11.98 71.65
CA ALA D 1754 28.51 -12.73 72.79
C ALA D 1754 27.09 -12.32 73.13
N ASP D 1755 26.40 -13.23 73.84
CA ASP D 1755 24.98 -13.08 74.15
C ASP D 1755 24.73 -12.73 75.61
N ILE D 1756 25.24 -13.55 76.52
CA ILE D 1756 25.01 -13.40 77.95
C ILE D 1756 26.32 -12.98 78.60
N GLN D 1757 26.25 -11.98 79.48
CA GLN D 1757 27.43 -11.51 80.19
C GLN D 1757 27.27 -11.77 81.69
N LEU D 1758 28.35 -12.25 82.30
CA LEU D 1758 28.41 -12.54 83.73
C LEU D 1758 29.49 -11.67 84.35
N PHE D 1759 29.11 -10.94 85.39
CA PHE D 1759 30.03 -10.10 86.15
C PHE D 1759 30.24 -10.74 87.53
N ALA D 1760 31.49 -11.04 87.85
CA ALA D 1760 31.80 -11.75 89.08
C ALA D 1760 31.74 -10.82 90.28
N SER D 1761 31.08 -11.28 91.33
CA SER D 1761 31.15 -10.59 92.61
C SER D 1761 32.48 -10.83 93.30
N HIS D 1762 33.07 -12.00 93.10
CA HIS D 1762 34.37 -12.34 93.65
C HIS D 1762 35.21 -12.97 92.55
N LYS D 1763 36.54 -12.85 92.70
CA LYS D 1763 37.46 -13.37 91.68
C LYS D 1763 37.40 -14.89 91.65
N TRP D 1764 37.08 -15.44 90.49
CA TRP D 1764 36.90 -16.88 90.33
C TRP D 1764 38.08 -17.48 89.59
N ASN D 1765 38.37 -18.74 89.91
CA ASN D 1765 39.37 -19.53 89.21
C ASN D 1765 38.65 -20.48 88.27
N VAL D 1766 38.88 -20.31 86.97
CA VAL D 1766 38.18 -21.07 85.95
C VAL D 1766 39.05 -22.23 85.49
N THR D 1767 38.44 -23.21 84.84
CA THR D 1767 39.14 -24.38 84.36
C THR D 1767 39.80 -24.09 83.01
N ARG D 1768 40.51 -25.08 82.50
CA ARG D 1768 41.03 -25.02 81.14
C ARG D 1768 39.87 -25.18 80.15
N PRO D 1769 40.04 -24.74 78.91
CA PRO D 1769 39.00 -24.96 77.90
C PRO D 1769 38.75 -26.44 77.64
N SER D 1770 37.49 -26.84 77.76
CA SER D 1770 37.13 -28.24 77.64
C SER D 1770 35.66 -28.35 77.27
N LEU D 1771 35.25 -29.55 76.89
CA LEU D 1771 33.85 -29.82 76.59
C LEU D 1771 33.03 -29.82 77.88
N LEU D 1772 31.71 -29.70 77.70
CA LEU D 1772 30.81 -29.63 78.85
C LEU D 1772 30.81 -30.94 79.63
N PHE D 1773 30.81 -32.07 78.94
CA PHE D 1773 30.68 -33.37 79.58
C PHE D 1773 32.03 -33.99 79.91
N ASP D 1774 33.12 -33.25 79.76
CA ASP D 1774 34.42 -33.73 80.18
C ASP D 1774 34.50 -33.71 81.70
N THR D 1775 34.99 -34.81 82.29
CA THR D 1775 35.05 -34.96 83.73
C THR D 1775 36.42 -34.61 84.31
N LYS D 1776 37.36 -34.15 83.48
CA LYS D 1776 38.71 -33.79 83.92
C LYS D 1776 38.81 -32.27 83.91
N ASP D 1777 38.63 -31.67 85.08
CA ASP D 1777 38.65 -30.22 85.24
C ASP D 1777 40.01 -29.79 85.78
N VAL D 1778 40.75 -29.03 84.98
CA VAL D 1778 42.06 -28.50 85.37
C VAL D 1778 41.85 -27.02 85.64
N ILE D 1779 41.59 -26.67 86.89
CA ILE D 1779 41.32 -25.28 87.27
C ILE D 1779 42.63 -24.50 87.21
N GLU D 1780 42.69 -23.53 86.30
CA GLU D 1780 43.88 -22.68 86.21
C GLU D 1780 43.93 -21.71 87.38
N ALA D 1781 45.15 -21.25 87.68
CA ALA D 1781 45.37 -20.29 88.75
C ALA D 1781 45.04 -18.85 88.33
N THR D 1782 44.71 -18.63 87.06
CA THR D 1782 44.35 -17.30 86.60
C THR D 1782 43.00 -16.90 87.17
N THR D 1783 42.97 -15.76 87.85
CA THR D 1783 41.74 -15.21 88.42
C THR D 1783 41.09 -14.31 87.39
N THR D 1784 39.76 -14.35 87.35
CA THR D 1784 39.02 -13.59 86.36
C THR D 1784 37.73 -13.05 86.96
N ASN D 1785 37.17 -12.05 86.29
CA ASN D 1785 35.95 -11.40 86.75
C ASN D 1785 34.86 -11.29 85.70
N LYS D 1786 35.12 -11.54 84.42
CA LYS D 1786 34.12 -11.19 83.42
C LYS D 1786 34.02 -12.30 82.36
N PHE D 1787 32.78 -12.76 82.18
CA PHE D 1787 32.46 -14.01 81.52
C PHE D 1787 31.38 -13.77 80.48
N TRP D 1788 31.36 -14.60 79.45
CA TRP D 1788 30.25 -14.59 78.50
C TRP D 1788 29.76 -16.01 78.26
N ILE D 1789 28.49 -16.11 77.89
CA ILE D 1789 27.87 -17.32 77.39
C ILE D 1789 27.34 -17.02 76.00
N ASP D 1790 27.79 -17.78 75.00
CA ASP D 1790 27.49 -17.51 73.61
C ASP D 1790 26.74 -18.71 73.02
N VAL D 1791 25.49 -18.48 72.62
CA VAL D 1791 24.67 -19.54 72.03
C VAL D 1791 24.76 -19.43 70.51
N GLN D 1792 25.28 -20.49 69.90
CA GLN D 1792 25.43 -20.59 68.46
C GLN D 1792 24.44 -21.64 67.95
N LEU D 1793 23.55 -21.23 67.06
CA LEU D 1793 22.64 -22.19 66.46
C LEU D 1793 23.31 -22.85 65.26
N ARG D 1794 22.70 -23.96 64.83
CA ARG D 1794 23.23 -24.72 63.72
C ARG D 1794 22.10 -25.48 63.08
N TYR D 1795 22.22 -25.75 61.78
CA TYR D 1795 21.37 -26.70 61.07
C TYR D 1795 22.34 -27.66 60.40
N GLY D 1796 22.66 -28.74 61.09
CA GLY D 1796 23.69 -29.64 60.61
C GLY D 1796 23.16 -30.63 59.58
N ASP D 1797 23.94 -30.82 58.53
CA ASP D 1797 23.68 -31.87 57.57
C ASP D 1797 24.22 -33.18 58.14
N TYR D 1798 24.12 -34.25 57.36
CA TYR D 1798 24.61 -35.55 57.80
C TYR D 1798 26.12 -35.61 57.83
N ASP D 1799 26.79 -34.91 56.92
CA ASP D 1799 28.25 -34.89 56.92
C ASP D 1799 28.79 -34.13 58.13
N SER D 1800 28.08 -33.10 58.58
CA SER D 1800 28.56 -32.23 59.65
C SER D 1800 27.43 -32.01 60.66
N HIS D 1801 27.31 -32.92 61.61
CA HIS D 1801 26.41 -32.70 62.74
C HIS D 1801 27.06 -33.16 64.05
N ASP D 1802 28.38 -33.14 64.11
CA ASP D 1802 29.15 -33.36 65.34
C ASP D 1802 29.22 -32.03 66.07
N ILE D 1803 28.29 -31.83 67.01
CA ILE D 1803 28.15 -30.52 67.64
C ILE D 1803 29.31 -30.24 68.60
N GLU D 1804 29.92 -31.29 69.18
CA GLU D 1804 31.07 -31.08 70.05
C GLU D 1804 32.25 -30.53 69.26
N ARG D 1805 32.57 -31.17 68.14
CA ARG D 1805 33.65 -30.70 67.28
C ARG D 1805 33.34 -29.31 66.73
N TYR D 1806 32.08 -29.08 66.35
CA TYR D 1806 31.68 -27.78 65.82
C TYR D 1806 31.85 -26.68 66.85
N VAL D 1807 31.41 -26.92 68.09
CA VAL D 1807 31.47 -25.90 69.12
C VAL D 1807 32.92 -25.63 69.54
N ARG D 1808 33.74 -26.69 69.64
CA ARG D 1808 35.14 -26.50 69.95
C ARG D 1808 35.85 -25.68 68.86
N ALA D 1809 35.62 -26.03 67.59
CA ALA D 1809 36.31 -25.34 66.50
C ALA D 1809 35.84 -23.89 66.38
N LYS D 1810 34.54 -23.65 66.44
CA LYS D 1810 34.03 -22.29 66.32
C LYS D 1810 34.40 -21.45 67.54
N TYR D 1811 34.46 -22.05 68.73
CA TYR D 1811 34.91 -21.32 69.91
C TYR D 1811 36.36 -20.90 69.78
N LEU D 1812 37.23 -21.85 69.38
CA LEU D 1812 38.65 -21.52 69.21
C LEU D 1812 38.85 -20.45 68.16
N ASP D 1813 38.13 -20.56 67.04
CA ASP D 1813 38.28 -19.56 65.97
C ASP D 1813 37.74 -18.20 66.39
N TYR D 1814 36.59 -18.16 67.08
CA TYR D 1814 36.00 -16.89 67.45
C TYR D 1814 36.75 -16.21 68.59
N THR D 1815 37.50 -16.98 69.38
CA THR D 1815 38.36 -16.35 70.37
C THR D 1815 39.70 -15.91 69.78
N THR D 1816 40.28 -16.70 68.87
CA THR D 1816 41.56 -16.37 68.29
C THR D 1816 41.45 -15.53 67.02
N ASP D 1817 40.25 -15.06 66.69
CA ASP D 1817 40.03 -14.23 65.52
C ASP D 1817 39.60 -12.83 65.98
N SER D 1818 40.23 -11.80 65.42
CA SER D 1818 40.14 -10.45 65.96
C SER D 1818 38.98 -9.64 65.41
N MET D 1819 38.24 -10.15 64.42
CA MET D 1819 37.02 -9.47 64.00
C MET D 1819 35.83 -9.82 64.87
N SER D 1820 35.98 -10.81 65.75
CA SER D 1820 34.99 -11.11 66.77
C SER D 1820 35.33 -10.34 68.03
N LEU D 1821 34.35 -9.64 68.58
CA LEU D 1821 34.57 -8.81 69.77
C LEU D 1821 33.73 -9.38 70.91
N TYR D 1822 34.30 -10.34 71.63
CA TYR D 1822 33.75 -10.71 72.92
C TYR D 1822 33.98 -9.58 73.91
N PRO D 1823 33.03 -9.31 74.80
CA PRO D 1823 33.21 -8.21 75.76
C PRO D 1823 34.19 -8.54 76.89
N SER D 1824 34.67 -9.77 76.98
CA SER D 1824 35.45 -10.19 78.13
C SER D 1824 36.42 -11.29 77.74
N PRO D 1825 37.46 -11.52 78.54
CA PRO D 1825 38.36 -12.63 78.24
C PRO D 1825 37.98 -13.97 78.86
N THR D 1826 36.84 -14.13 79.56
CA THR D 1826 36.45 -15.50 79.87
C THR D 1826 35.06 -15.80 79.36
N GLY D 1827 34.82 -17.06 79.01
CA GLY D 1827 33.51 -17.41 78.50
C GLY D 1827 33.36 -18.87 78.13
N LEU D 1828 32.15 -19.20 77.70
CA LEU D 1828 31.72 -20.54 77.35
C LEU D 1828 30.74 -20.44 76.18
N MET D 1829 30.88 -21.34 75.21
CA MET D 1829 30.03 -21.34 74.03
C MET D 1829 29.16 -22.59 74.02
N ILE D 1830 27.86 -22.40 73.94
CA ILE D 1830 26.89 -23.48 73.82
C ILE D 1830 26.31 -23.43 72.41
N GLY D 1831 26.40 -24.54 71.69
CA GLY D 1831 25.88 -24.63 70.33
C GLY D 1831 24.80 -25.69 70.24
N ILE D 1832 23.78 -25.40 69.44
CA ILE D 1832 22.58 -26.22 69.32
C ILE D 1832 22.38 -26.59 67.86
N ASP D 1833 22.45 -27.89 67.58
CA ASP D 1833 22.17 -28.45 66.26
C ASP D 1833 20.67 -28.71 66.16
N LEU D 1834 19.99 -27.92 65.33
CA LEU D 1834 18.54 -27.98 65.22
C LEU D 1834 18.05 -29.12 64.34
N ALA D 1835 18.83 -29.46 63.31
CA ALA D 1835 18.41 -30.53 62.41
C ALA D 1835 18.49 -31.90 63.05
N TYR D 1836 19.31 -32.06 64.08
CA TYR D 1836 19.48 -33.34 64.73
C TYR D 1836 19.17 -33.33 66.23
N ASN D 1837 18.68 -32.20 66.77
CA ASN D 1837 18.32 -32.06 68.19
C ASN D 1837 19.51 -32.35 69.11
N LEU D 1838 20.63 -31.69 68.84
CA LEU D 1838 21.86 -31.88 69.60
C LEU D 1838 22.31 -30.57 70.22
N TYR D 1839 23.25 -30.67 71.17
CA TYR D 1839 23.83 -29.49 71.80
C TYR D 1839 25.16 -29.88 72.45
N SER D 1840 26.05 -28.91 72.55
CA SER D 1840 27.33 -29.10 73.23
C SER D 1840 27.95 -27.75 73.55
N ALA D 1841 28.85 -27.73 74.54
CA ALA D 1841 29.50 -26.50 74.97
C ALA D 1841 30.99 -26.69 75.13
N TYR D 1842 31.73 -25.60 74.92
CA TYR D 1842 33.18 -25.60 75.02
C TYR D 1842 33.64 -24.22 75.50
N GLY D 1843 34.59 -24.22 76.42
CA GLY D 1843 35.09 -22.97 76.98
C GLY D 1843 35.59 -23.19 78.39
N GLN D 1844 35.67 -22.10 79.15
CA GLN D 1844 36.13 -22.15 80.53
C GLN D 1844 34.95 -22.35 81.49
N TYR D 1845 35.26 -22.84 82.69
CA TYR D 1845 34.24 -23.14 83.68
C TYR D 1845 34.76 -22.75 85.06
N PHE D 1846 34.08 -21.80 85.70
CA PHE D 1846 34.16 -21.75 87.16
C PHE D 1846 33.11 -22.72 87.71
N PRO D 1847 33.26 -23.16 88.97
CA PRO D 1847 32.36 -24.22 89.47
C PRO D 1847 30.88 -23.83 89.48
N GLY D 1848 30.04 -24.80 89.13
CA GLY D 1848 28.61 -24.65 89.02
C GLY D 1848 28.09 -24.73 87.59
N LEU D 1849 28.93 -24.37 86.61
CA LEU D 1849 28.49 -24.30 85.22
C LEU D 1849 28.06 -25.65 84.68
N LYS D 1850 28.83 -26.71 84.95
CA LYS D 1850 28.57 -27.98 84.30
C LYS D 1850 27.22 -28.56 84.72
N THR D 1851 26.98 -28.65 86.03
CA THR D 1851 25.71 -29.16 86.52
C THR D 1851 24.54 -28.23 86.19
N LEU D 1852 24.75 -26.90 86.35
CA LEU D 1852 23.68 -25.95 86.12
C LEU D 1852 23.25 -25.95 84.66
N ILE D 1853 24.22 -25.85 83.75
CA ILE D 1853 23.93 -25.84 82.32
C ILE D 1853 23.41 -27.20 81.86
N GLN D 1854 23.85 -28.30 82.48
CA GLN D 1854 23.30 -29.61 82.14
C GLN D 1854 21.80 -29.67 82.41
N GLN D 1855 21.40 -29.33 83.64
CA GLN D 1855 19.98 -29.36 83.99
C GLN D 1855 19.20 -28.34 83.17
N ALA D 1856 19.78 -27.15 82.99
CA ALA D 1856 19.10 -26.07 82.27
C ALA D 1856 18.87 -26.43 80.81
N MET D 1857 19.88 -26.94 80.12
CA MET D 1857 19.72 -27.24 78.70
C MET D 1857 18.85 -28.47 78.50
N ALA D 1858 18.90 -29.44 79.41
CA ALA D 1858 17.97 -30.57 79.32
C ALA D 1858 16.53 -30.09 79.42
N LYS D 1859 16.24 -29.24 80.40
CA LYS D 1859 14.89 -28.71 80.56
C LYS D 1859 14.52 -27.80 79.39
N ILE D 1860 15.50 -27.11 78.82
CA ILE D 1860 15.21 -26.17 77.73
C ILE D 1860 14.83 -26.93 76.46
N MET D 1861 15.68 -27.87 76.02
CA MET D 1861 15.35 -28.59 74.80
C MET D 1861 14.30 -29.66 75.01
N LYS D 1862 13.85 -29.92 76.23
CA LYS D 1862 12.59 -30.62 76.39
C LYS D 1862 11.41 -29.67 76.63
N ALA D 1863 11.65 -28.37 76.74
CA ALA D 1863 10.60 -27.47 77.20
C ALA D 1863 10.47 -26.15 76.46
N ASN D 1864 11.41 -25.79 75.58
CA ASN D 1864 11.37 -24.46 74.97
C ASN D 1864 10.20 -24.34 73.99
N PRO D 1865 9.40 -23.28 74.08
CA PRO D 1865 8.22 -23.20 73.20
C PRO D 1865 8.56 -22.90 71.76
N ALA D 1866 9.65 -22.19 71.49
CA ALA D 1866 10.10 -22.03 70.10
C ALA D 1866 10.48 -23.37 69.49
N LEU D 1867 11.14 -24.23 70.27
CA LEU D 1867 11.46 -25.56 69.78
C LEU D 1867 10.22 -26.43 69.67
N TYR D 1868 9.21 -26.18 70.52
CA TYR D 1868 7.94 -26.87 70.35
C TYR D 1868 7.27 -26.48 69.03
N VAL D 1869 7.30 -25.19 68.70
CA VAL D 1869 6.75 -24.71 67.42
C VAL D 1869 7.50 -25.35 66.26
N LEU D 1870 8.83 -25.40 66.36
CA LEU D 1870 9.63 -26.02 65.30
C LEU D 1870 9.29 -27.49 65.11
N ARG D 1871 9.18 -28.24 66.21
CA ARG D 1871 8.85 -29.65 66.13
C ARG D 1871 7.45 -29.87 65.58
N GLU D 1872 6.49 -29.05 65.99
CA GLU D 1872 5.14 -29.16 65.47
C GLU D 1872 5.08 -28.82 63.98
N ARG D 1873 5.86 -27.83 63.55
CA ARG D 1873 5.89 -27.49 62.13
C ARG D 1873 6.49 -28.62 61.30
N ILE D 1874 7.54 -29.26 61.80
CA ILE D 1874 8.11 -30.38 61.06
C ILE D 1874 7.14 -31.56 61.03
N ARG D 1875 6.39 -31.78 62.11
CA ARG D 1875 5.38 -32.83 62.10
C ARG D 1875 4.28 -32.54 61.09
N LYS D 1876 3.81 -31.29 61.03
CA LYS D 1876 2.76 -30.94 60.08
C LYS D 1876 3.25 -30.98 58.65
N GLY D 1877 4.52 -30.64 58.42
CA GLY D 1877 5.08 -30.69 57.08
C GLY D 1877 5.42 -32.08 56.61
N LEU D 1878 5.62 -33.03 57.52
CA LEU D 1878 5.77 -34.42 57.13
C LEU D 1878 4.45 -35.18 57.12
N GLN D 1879 3.42 -34.63 57.75
CA GLN D 1879 2.11 -35.25 57.89
C GLN D 1879 2.19 -36.60 58.61
N LEU D 1880 3.12 -36.70 59.54
CA LEU D 1880 3.25 -37.86 60.41
C LEU D 1880 2.24 -37.83 61.54
N TYR D 1881 1.78 -39.02 61.92
CA TYR D 1881 1.02 -39.24 63.13
C TYR D 1881 1.73 -40.30 63.95
N ALA D 1882 1.35 -40.41 65.21
CA ALA D 1882 1.94 -41.41 66.09
C ALA D 1882 0.83 -42.14 66.85
N SER D 1883 1.14 -43.35 67.26
CA SER D 1883 0.26 -44.13 68.11
C SER D 1883 0.36 -43.60 69.54
N GLU D 1884 -0.22 -44.32 70.50
CA GLU D 1884 -0.14 -43.89 71.90
C GLU D 1884 1.21 -44.17 72.56
N SER D 1885 2.23 -44.50 71.78
CA SER D 1885 3.61 -44.17 72.16
C SER D 1885 3.92 -42.75 71.70
N ASN D 1886 3.09 -41.84 72.19
CA ASN D 1886 2.99 -40.46 71.76
C ASN D 1886 3.91 -39.61 72.63
N GLN D 1887 3.71 -38.29 72.63
CA GLN D 1887 4.39 -37.41 73.57
C GLN D 1887 4.16 -37.88 75.00
N GLU D 1888 5.22 -37.87 75.80
CA GLU D 1888 5.27 -38.51 77.11
C GLU D 1888 4.20 -37.98 78.05
N PHE D 1889 3.27 -38.85 78.42
CA PHE D 1889 2.20 -38.52 79.35
C PHE D 1889 2.75 -38.60 80.78
N LEU D 1890 1.84 -38.64 81.75
CA LEU D 1890 2.26 -38.83 83.13
C LEU D 1890 2.74 -40.27 83.31
N ASN D 1891 3.91 -40.42 83.92
CA ASN D 1891 4.49 -41.73 84.22
C ASN D 1891 5.22 -41.62 85.55
N SER D 1892 6.09 -42.58 85.85
CA SER D 1892 6.83 -42.54 87.11
C SER D 1892 7.77 -41.34 87.19
N GLN D 1893 8.48 -41.04 86.09
CA GLN D 1893 9.50 -39.99 86.12
C GLN D 1893 8.88 -38.60 86.29
N ASN D 1894 7.90 -38.26 85.45
CA ASN D 1894 7.24 -36.98 85.66
C ASN D 1894 6.28 -37.01 86.84
N TYR D 1895 5.90 -38.20 87.32
CA TYR D 1895 5.23 -38.31 88.61
C TYR D 1895 6.12 -37.80 89.73
N SER D 1896 7.40 -38.18 89.69
CA SER D 1896 8.37 -37.59 90.62
C SER D 1896 8.59 -36.11 90.32
N GLU D 1897 8.45 -35.70 89.06
CA GLU D 1897 8.74 -34.33 88.66
C GLU D 1897 7.58 -33.35 88.85
N LEU D 1898 6.42 -33.80 89.32
CA LEU D 1898 5.35 -32.84 89.67
C LEU D 1898 5.80 -31.76 90.65
N PHE D 1899 6.66 -32.08 91.60
CA PHE D 1899 6.80 -31.28 92.82
C PHE D 1899 7.95 -30.28 92.73
N SER D 1900 8.17 -29.71 91.55
CA SER D 1900 9.12 -28.62 91.38
C SER D 1900 8.43 -27.29 91.70
N ASN D 1901 9.08 -26.18 91.37
CA ASN D 1901 8.53 -24.86 91.66
C ASN D 1901 7.38 -24.48 90.75
N GLN D 1902 7.20 -25.17 89.63
CA GLN D 1902 6.15 -24.81 88.68
C GLN D 1902 4.78 -25.18 89.23
N THR D 1903 3.79 -24.36 88.89
CA THR D 1903 2.41 -24.58 89.31
C THR D 1903 1.75 -25.54 88.33
N GLN D 1904 1.55 -26.79 88.77
CA GLN D 1904 0.84 -27.78 87.99
C GLN D 1904 -0.56 -27.98 88.57
N LEU D 1905 -1.43 -28.57 87.77
CA LEU D 1905 -2.81 -28.72 88.20
C LEU D 1905 -3.47 -29.87 87.43
N PHE D 1906 -4.07 -30.80 88.17
CA PHE D 1906 -4.82 -31.89 87.58
C PHE D 1906 -6.24 -31.48 87.28
N ILE D 1907 -6.75 -31.92 86.13
CA ILE D 1907 -8.13 -31.74 85.73
C ILE D 1907 -8.73 -33.11 85.47
N ASP D 1908 -9.82 -33.42 86.16
CA ASP D 1908 -10.56 -34.66 85.98
C ASP D 1908 -12.01 -34.34 85.66
N ASP D 1909 -12.57 -35.11 84.72
CA ASP D 1909 -13.93 -34.86 84.25
C ASP D 1909 -14.75 -36.12 84.10
N THR D 1910 -14.22 -37.28 84.51
CA THR D 1910 -14.98 -38.53 84.35
C THR D 1910 -16.19 -38.59 85.26
N ASN D 1911 -16.20 -37.79 86.33
CA ASN D 1911 -17.31 -37.76 87.27
C ASN D 1911 -18.36 -36.73 86.90
N VAL D 1912 -18.20 -36.01 85.81
CA VAL D 1912 -19.05 -34.85 85.52
C VAL D 1912 -20.41 -35.29 85.00
N TYR D 1913 -20.41 -35.95 83.84
CA TYR D 1913 -21.63 -36.43 83.20
C TYR D 1913 -21.88 -37.85 83.70
N ARG D 1914 -22.70 -37.96 84.74
CA ARG D 1914 -23.08 -39.25 85.29
C ARG D 1914 -24.52 -39.54 84.90
N VAL D 1915 -24.75 -40.76 84.45
CA VAL D 1915 -26.10 -41.22 84.16
C VAL D 1915 -26.33 -42.54 84.88
N THR D 1916 -27.57 -42.75 85.31
CA THR D 1916 -27.94 -43.94 86.06
C THR D 1916 -29.11 -44.63 85.36
N ILE D 1917 -29.11 -45.95 85.46
CA ILE D 1917 -30.11 -46.77 84.81
C ILE D 1917 -31.31 -46.88 85.75
N HIS D 1918 -32.46 -46.36 85.31
CA HIS D 1918 -33.69 -46.42 86.08
C HIS D 1918 -34.68 -47.33 85.37
N LYS D 1919 -35.36 -48.16 86.16
CA LYS D 1919 -36.32 -49.12 85.63
C LYS D 1919 -37.71 -48.49 85.60
N THR D 1920 -38.33 -48.51 84.42
CA THR D 1920 -39.66 -47.95 84.24
C THR D 1920 -40.72 -48.94 84.70
N PHE D 1921 -41.98 -48.49 84.68
CA PHE D 1921 -43.09 -49.39 84.95
C PHE D 1921 -43.29 -50.40 83.82
N GLU D 1922 -42.83 -50.08 82.62
CA GLU D 1922 -42.84 -51.02 81.51
C GLU D 1922 -41.67 -52.00 81.55
N GLY D 1923 -40.74 -51.81 82.48
CA GLY D 1923 -39.54 -52.62 82.55
C GLY D 1923 -38.37 -52.10 81.73
N ASN D 1924 -38.57 -51.01 80.99
CA ASN D 1924 -37.51 -50.45 80.17
C ASN D 1924 -36.48 -49.72 81.02
N LEU D 1925 -35.35 -49.42 80.41
CA LEU D 1925 -34.22 -48.76 81.08
C LEU D 1925 -34.09 -47.33 80.59
N THR D 1926 -33.94 -46.40 81.52
CA THR D 1926 -33.72 -45.00 81.20
C THR D 1926 -32.37 -44.55 81.73
N THR D 1927 -31.61 -43.85 80.89
CA THR D 1927 -30.29 -43.35 81.24
C THR D 1927 -30.37 -41.94 81.84
N LYS D 1928 -31.02 -41.88 83.00
CA LYS D 1928 -31.36 -40.59 83.61
C LYS D 1928 -30.11 -39.92 84.15
N PRO D 1929 -29.81 -38.69 83.75
CA PRO D 1929 -28.59 -38.03 84.22
C PRO D 1929 -28.76 -37.49 85.64
N ILE D 1930 -27.63 -37.49 86.36
CA ILE D 1930 -27.54 -36.83 87.65
C ILE D 1930 -26.41 -35.80 87.56
N ASN D 1931 -26.16 -35.09 88.65
CA ASN D 1931 -25.14 -34.04 88.66
C ASN D 1931 -23.75 -34.65 88.61
N GLY D 1932 -22.80 -33.89 88.05
CA GLY D 1932 -21.40 -34.21 88.20
C GLY D 1932 -20.58 -33.03 88.70
N ALA D 1933 -19.28 -33.27 88.79
CA ALA D 1933 -18.34 -32.31 89.34
C ALA D 1933 -17.04 -32.36 88.56
N ILE D 1934 -16.67 -31.23 87.96
CA ILE D 1934 -15.31 -31.07 87.44
C ILE D 1934 -14.36 -31.00 88.62
N PHE D 1935 -13.41 -31.92 88.66
CA PHE D 1935 -12.42 -31.98 89.73
C PHE D 1935 -11.15 -31.28 89.29
N ILE D 1936 -10.62 -30.42 90.15
CA ILE D 1936 -9.38 -29.71 89.90
C ILE D 1936 -8.52 -29.86 91.13
N PHE D 1937 -7.27 -30.29 90.94
CA PHE D 1937 -6.42 -30.61 92.08
C PHE D 1937 -5.04 -29.99 91.90
N ASN D 1938 -4.69 -29.05 92.77
CA ASN D 1938 -3.32 -28.56 92.86
C ASN D 1938 -2.58 -29.47 93.85
N PRO D 1939 -1.59 -30.24 93.40
CA PRO D 1939 -0.87 -31.13 94.33
C PRO D 1939 0.26 -30.42 95.06
N ARG D 1940 0.75 -29.31 94.52
CA ARG D 1940 1.81 -28.56 95.18
C ARG D 1940 1.31 -27.87 96.44
N THR D 1941 0.01 -27.59 96.51
CA THR D 1941 -0.60 -26.99 97.69
C THR D 1941 -1.72 -27.82 98.29
N GLY D 1942 -2.09 -28.93 97.64
CA GLY D 1942 -3.19 -29.74 98.14
C GLY D 1942 -4.53 -29.06 98.09
N GLN D 1943 -4.81 -28.34 97.02
CA GLN D 1943 -6.06 -27.62 96.87
C GLN D 1943 -6.98 -28.39 95.93
N LEU D 1944 -8.28 -28.37 96.20
CA LEU D 1944 -9.24 -29.14 95.42
C LEU D 1944 -10.42 -28.26 95.05
N PHE D 1945 -10.40 -27.73 93.84
CA PHE D 1945 -11.54 -27.01 93.30
C PHE D 1945 -12.58 -27.99 92.77
N LEU D 1946 -13.84 -27.71 93.04
CA LEU D 1946 -14.95 -28.52 92.54
C LEU D 1946 -15.91 -27.60 91.79
N LYS D 1947 -16.30 -28.00 90.58
CA LYS D 1947 -17.28 -27.27 89.79
C LYS D 1947 -18.48 -28.18 89.55
N ILE D 1948 -19.58 -27.92 90.24
CA ILE D 1948 -20.73 -28.81 90.25
C ILE D 1948 -21.68 -28.38 89.14
N ILE D 1949 -22.00 -29.33 88.25
CA ILE D 1949 -22.85 -29.14 87.08
C ILE D 1949 -24.08 -30.04 87.21
N HIS D 1950 -25.21 -29.54 86.72
CA HIS D 1950 -26.53 -30.03 87.07
C HIS D 1950 -27.25 -30.65 85.87
N THR D 1951 -28.31 -31.40 86.20
CA THR D 1951 -29.20 -31.98 85.18
C THR D 1951 -29.93 -30.89 84.40
N SER D 1952 -30.12 -29.72 85.00
CA SER D 1952 -30.66 -28.58 84.27
C SER D 1952 -29.72 -28.18 83.15
N VAL D 1953 -28.40 -28.26 83.39
CA VAL D 1953 -27.43 -28.02 82.33
C VAL D 1953 -27.47 -29.16 81.31
N TRP D 1954 -27.60 -30.40 81.78
CA TRP D 1954 -27.61 -31.53 80.84
C TRP D 1954 -28.90 -31.64 80.04
N ALA D 1955 -29.94 -30.89 80.40
CA ALA D 1955 -31.22 -31.01 79.73
C ALA D 1955 -31.17 -30.44 78.31
N GLY D 1956 -31.85 -31.10 77.39
CA GLY D 1956 -32.05 -30.61 76.04
C GLY D 1956 -30.80 -30.51 75.19
N GLN D 1957 -29.94 -31.53 75.21
CA GLN D 1957 -28.71 -31.52 74.43
C GLN D 1957 -28.49 -32.88 73.77
N LYS D 1958 -27.89 -32.85 72.58
CA LYS D 1958 -27.46 -34.03 71.85
C LYS D 1958 -25.94 -34.12 71.85
N ARG D 1959 -25.44 -35.34 71.62
CA ARG D 1959 -24.00 -35.66 71.70
C ARG D 1959 -23.46 -35.31 73.09
N LEU D 1960 -23.99 -36.02 74.08
CA LEU D 1960 -23.91 -35.56 75.46
C LEU D 1960 -22.50 -35.70 76.04
N GLY D 1961 -21.82 -36.81 75.79
CA GLY D 1961 -20.46 -36.95 76.29
C GLY D 1961 -19.48 -36.01 75.62
N GLN D 1962 -19.66 -35.79 74.31
CA GLN D 1962 -18.83 -34.85 73.57
C GLN D 1962 -18.99 -33.44 74.11
N LEU D 1963 -20.23 -32.97 74.24
CA LEU D 1963 -20.38 -31.64 74.82
C LEU D 1963 -20.11 -31.62 76.32
N ALA D 1964 -20.08 -32.77 77.00
CA ALA D 1964 -19.60 -32.78 78.37
C ALA D 1964 -18.13 -32.42 78.42
N LYS D 1965 -17.33 -33.01 77.51
CA LYS D 1965 -15.92 -32.64 77.39
C LYS D 1965 -15.77 -31.17 77.01
N TRP D 1966 -16.60 -30.70 76.06
CA TRP D 1966 -16.48 -29.33 75.60
C TRP D 1966 -16.91 -28.32 76.65
N LYS D 1967 -17.97 -28.63 77.41
CA LYS D 1967 -18.34 -27.81 78.55
C LYS D 1967 -17.23 -27.76 79.58
N THR D 1968 -16.68 -28.93 79.95
CA THR D 1968 -15.59 -28.98 80.92
C THR D 1968 -14.42 -28.11 80.50
N ALA D 1969 -14.07 -28.13 79.21
CA ALA D 1969 -13.07 -27.20 78.69
C ALA D 1969 -13.52 -25.75 78.85
N GLU D 1970 -14.80 -25.48 78.60
CA GLU D 1970 -15.29 -24.10 78.65
C GLU D 1970 -15.21 -23.51 80.07
N GLU D 1971 -15.72 -24.24 81.07
CA GLU D 1971 -15.62 -23.72 82.43
C GLU D 1971 -14.21 -23.79 83.01
N VAL D 1972 -13.36 -24.71 82.56
CA VAL D 1972 -11.97 -24.63 83.01
C VAL D 1972 -11.31 -23.37 82.45
N ALA D 1973 -11.57 -23.05 81.18
CA ALA D 1973 -11.08 -21.80 80.62
C ALA D 1973 -11.68 -20.59 81.32
N ALA D 1974 -12.95 -20.68 81.75
CA ALA D 1974 -13.57 -19.59 82.50
C ALA D 1974 -12.88 -19.38 83.84
N LEU D 1975 -12.55 -20.46 84.54
CA LEU D 1975 -11.81 -20.33 85.80
C LEU D 1975 -10.40 -19.78 85.59
N ILE D 1976 -9.74 -20.17 84.50
CA ILE D 1976 -8.43 -19.59 84.21
C ILE D 1976 -8.56 -18.10 83.87
N ARG D 1977 -9.64 -17.72 83.20
CA ARG D 1977 -9.91 -16.30 82.94
C ARG D 1977 -10.15 -15.55 84.24
N SER D 1978 -10.88 -16.15 85.18
CA SER D 1978 -11.14 -15.50 86.45
C SER D 1978 -9.89 -15.42 87.31
N LEU D 1979 -8.96 -16.35 87.14
CA LEU D 1979 -7.72 -16.35 87.91
C LEU D 1979 -6.86 -15.14 87.55
N PRO D 1980 -6.14 -14.58 88.51
CA PRO D 1980 -5.17 -13.52 88.21
C PRO D 1980 -3.91 -14.11 87.59
N VAL D 1981 -3.05 -13.21 87.12
CA VAL D 1981 -1.84 -13.60 86.41
C VAL D 1981 -0.89 -14.37 87.32
N GLU D 1982 -0.74 -13.91 88.56
CA GLU D 1982 0.15 -14.58 89.51
C GLU D 1982 -0.37 -15.96 89.93
N GLU D 1983 -1.68 -16.18 89.86
CA GLU D 1983 -2.26 -17.45 90.27
C GLU D 1983 -2.64 -18.35 89.09
N GLN D 1984 -2.27 -17.97 87.87
CA GLN D 1984 -2.56 -18.84 86.73
C GLN D 1984 -1.52 -19.97 86.64
N PRO D 1985 -1.97 -21.20 86.40
CA PRO D 1985 -1.05 -22.34 86.45
C PRO D 1985 -0.11 -22.40 85.26
N LYS D 1986 1.10 -22.91 85.52
CA LYS D 1986 2.05 -23.12 84.44
C LYS D 1986 1.71 -24.37 83.63
N GLN D 1987 1.28 -25.43 84.29
CA GLN D 1987 1.11 -26.73 83.63
C GLN D 1987 -0.19 -27.37 84.07
N LEU D 1988 -0.89 -27.97 83.12
CA LEU D 1988 -2.11 -28.72 83.38
C LEU D 1988 -1.94 -30.16 82.95
N ILE D 1989 -2.54 -31.08 83.70
CA ILE D 1989 -2.52 -32.50 83.41
C ILE D 1989 -3.95 -33.01 83.46
N VAL D 1990 -4.44 -33.52 82.34
CA VAL D 1990 -5.80 -34.04 82.27
C VAL D 1990 -5.79 -35.55 82.45
N THR D 1991 -6.73 -36.05 83.26
CA THR D 1991 -6.84 -37.49 83.49
C THR D 1991 -7.27 -38.21 82.22
N ARG D 1992 -8.35 -37.76 81.59
CA ARG D 1992 -8.79 -38.32 80.32
C ARG D 1992 -7.94 -37.75 79.18
N LYS D 1993 -7.64 -38.61 78.20
CA LYS D 1993 -6.90 -38.15 77.03
C LYS D 1993 -7.80 -37.59 75.95
N GLY D 1994 -9.11 -37.64 76.14
CA GLY D 1994 -10.02 -37.04 75.18
C GLY D 1994 -10.18 -35.55 75.37
N LEU D 1995 -9.82 -35.05 76.56
CA LEU D 1995 -9.98 -33.63 76.86
C LEU D 1995 -8.95 -32.75 76.17
N LEU D 1996 -7.92 -33.34 75.56
CA LEU D 1996 -6.79 -32.57 75.07
C LEU D 1996 -7.21 -31.58 73.98
N ASP D 1997 -7.98 -32.04 72.99
CA ASP D 1997 -8.42 -31.12 71.95
C ASP D 1997 -9.34 -30.00 72.45
N PRO D 1998 -10.43 -30.26 73.19
CA PRO D 1998 -11.26 -29.12 73.64
C PRO D 1998 -10.55 -28.19 74.61
N LEU D 1999 -9.84 -28.75 75.59
CA LEU D 1999 -9.09 -27.92 76.52
C LEU D 1999 -7.99 -27.13 75.81
N GLU D 2000 -7.37 -27.74 74.80
CA GLU D 2000 -6.22 -27.16 74.15
C GLU D 2000 -6.66 -25.98 73.29
N VAL D 2001 -7.79 -26.14 72.58
CA VAL D 2001 -8.31 -25.04 71.79
C VAL D 2001 -8.97 -23.96 72.64
N ASN D 2002 -9.48 -24.29 73.83
CA ASN D 2002 -10.00 -23.23 74.68
C ASN D 2002 -8.90 -22.54 75.47
N LEU D 2003 -7.72 -23.16 75.57
CA LEU D 2003 -6.54 -22.51 76.12
C LEU D 2003 -5.59 -22.02 75.04
N VAL D 2004 -6.06 -21.94 73.79
CA VAL D 2004 -5.41 -21.12 72.78
C VAL D 2004 -5.15 -19.71 73.31
N ASP D 2005 -6.14 -19.14 74.02
CA ASP D 2005 -6.00 -17.82 74.63
C ASP D 2005 -4.93 -17.78 75.71
N PHE D 2006 -4.52 -18.92 76.26
CA PHE D 2006 -3.51 -18.99 77.30
C PHE D 2006 -2.44 -20.00 76.91
N PRO D 2007 -1.65 -19.72 75.88
CA PRO D 2007 -0.73 -20.73 75.36
C PRO D 2007 0.53 -20.91 76.19
N ASN D 2008 0.82 -20.02 77.14
CA ASN D 2008 1.93 -20.25 78.05
C ASN D 2008 1.63 -21.40 79.00
N ILE D 2009 0.36 -21.72 79.19
CA ILE D 2009 -0.04 -22.93 79.90
C ILE D 2009 0.34 -24.13 79.06
N SER D 2010 1.09 -25.06 79.65
CA SER D 2010 1.47 -26.29 78.97
C SER D 2010 0.51 -27.40 79.41
N ILE D 2011 -0.19 -27.99 78.45
CA ILE D 2011 -1.25 -28.97 78.73
C ILE D 2011 -0.75 -30.34 78.31
N ARG D 2012 -0.88 -31.31 79.20
CA ARG D 2012 -0.51 -32.69 78.88
C ARG D 2012 -1.55 -33.63 79.48
N ALA D 2013 -1.43 -34.90 79.14
CA ALA D 2013 -2.36 -35.92 79.59
C ALA D 2013 -1.68 -36.88 80.55
N SER D 2014 -2.49 -37.68 81.22
CA SER D 2014 -2.01 -38.62 82.22
C SER D 2014 -2.24 -40.05 81.76
N GLU D 2015 -1.20 -40.87 81.82
CA GLU D 2015 -1.36 -42.31 81.73
C GLU D 2015 -1.73 -42.93 83.06
N LEU D 2016 -1.82 -42.13 84.12
CA LEU D 2016 -2.18 -42.63 85.43
C LEU D 2016 -3.69 -42.49 85.63
N GLN D 2017 -4.32 -43.55 86.12
CA GLN D 2017 -5.76 -43.56 86.36
C GLN D 2017 -5.99 -43.30 87.84
N LEU D 2018 -5.98 -42.02 88.21
CA LEU D 2018 -6.13 -41.64 89.60
C LEU D 2018 -7.58 -41.79 90.05
N PRO D 2019 -7.82 -42.15 91.31
CA PRO D 2019 -9.19 -42.44 91.77
C PRO D 2019 -9.94 -41.20 92.26
N PHE D 2020 -10.13 -40.24 91.35
CA PHE D 2020 -11.10 -39.18 91.63
C PHE D 2020 -12.53 -39.69 91.59
N GLN D 2021 -12.74 -40.89 91.02
CA GLN D 2021 -13.95 -41.65 91.32
C GLN D 2021 -14.13 -41.86 92.82
N ALA D 2022 -13.06 -42.27 93.51
CA ALA D 2022 -13.13 -42.43 94.96
C ALA D 2022 -13.23 -41.08 95.66
N ALA D 2023 -12.61 -40.04 95.10
CA ALA D 2023 -12.81 -38.69 95.65
C ALA D 2023 -14.26 -38.24 95.57
N MET D 2024 -14.97 -38.61 94.50
CA MET D 2024 -16.42 -38.45 94.48
C MET D 2024 -17.09 -39.33 95.53
N LYS D 2025 -16.58 -40.55 95.71
CA LYS D 2025 -17.13 -41.50 96.68
C LYS D 2025 -16.94 -41.07 98.13
N VAL D 2026 -16.12 -40.05 98.40
CA VAL D 2026 -16.08 -39.47 99.74
C VAL D 2026 -17.47 -38.93 100.09
N GLU D 2027 -17.83 -39.05 101.38
CA GLU D 2027 -19.22 -38.90 101.80
C GLU D 2027 -19.73 -37.47 101.63
N LYS D 2028 -18.99 -36.49 102.14
CA LYS D 2028 -19.49 -35.11 102.16
C LYS D 2028 -19.59 -34.53 100.76
N LEU D 2029 -18.59 -34.78 99.92
CA LEU D 2029 -18.60 -34.26 98.56
C LEU D 2029 -19.72 -34.87 97.74
N GLY D 2030 -19.90 -36.19 97.85
CA GLY D 2030 -21.02 -36.83 97.17
C GLY D 2030 -22.36 -36.37 97.68
N ASP D 2031 -22.45 -36.11 98.98
CA ASP D 2031 -23.70 -35.61 99.57
C ASP D 2031 -24.05 -34.22 99.04
N MET D 2032 -23.06 -33.34 98.94
CA MET D 2032 -23.35 -32.00 98.45
C MET D 2032 -23.59 -31.99 96.94
N ILE D 2033 -22.96 -32.91 96.19
CA ILE D 2033 -23.30 -33.07 94.78
C ILE D 2033 -24.73 -33.54 94.63
N LEU D 2034 -25.16 -34.51 95.46
CA LEU D 2034 -26.54 -34.97 95.41
C LEU D 2034 -27.53 -33.88 95.81
N ARG D 2035 -27.16 -33.06 96.78
CA ARG D 2035 -28.02 -31.99 97.27
C ARG D 2035 -27.92 -30.72 96.43
N ALA D 2036 -27.05 -30.69 95.43
CA ALA D 2036 -26.91 -29.51 94.58
C ALA D 2036 -28.16 -29.30 93.73
N THR D 2037 -28.51 -28.03 93.52
CA THR D 2037 -29.63 -27.66 92.66
C THR D 2037 -29.19 -26.77 91.50
N GLU D 2038 -28.39 -25.75 91.76
CA GLU D 2038 -27.76 -24.92 90.74
C GLU D 2038 -26.34 -25.40 90.51
N PRO D 2039 -25.66 -24.88 89.48
CA PRO D 2039 -24.21 -25.07 89.42
C PRO D 2039 -23.51 -24.38 90.59
N GLN D 2040 -22.45 -25.02 91.08
CA GLN D 2040 -21.66 -24.43 92.17
C GLN D 2040 -20.17 -24.45 91.83
N MET D 2041 -19.42 -23.73 92.66
CA MET D 2041 -17.96 -23.67 92.55
C MET D 2041 -17.40 -23.55 93.96
N VAL D 2042 -16.81 -24.63 94.48
CA VAL D 2042 -16.31 -24.65 95.84
C VAL D 2042 -14.84 -25.04 95.84
N LEU D 2043 -14.18 -24.79 96.98
CA LEU D 2043 -12.77 -25.09 97.16
C LEU D 2043 -12.56 -25.83 98.46
N PHE D 2044 -11.68 -26.85 98.43
CA PHE D 2044 -11.40 -27.69 99.57
C PHE D 2044 -9.90 -27.85 99.74
N ASN D 2045 -9.50 -28.36 100.90
CA ASN D 2045 -8.13 -28.72 101.19
C ASN D 2045 -8.05 -30.23 101.33
N LEU D 2046 -7.00 -30.83 100.76
CA LEU D 2046 -6.80 -32.26 100.82
C LEU D 2046 -5.57 -32.68 101.59
N TYR D 2047 -4.64 -31.77 101.86
CA TYR D 2047 -3.46 -32.09 102.66
C TYR D 2047 -3.67 -31.89 104.16
N ASP D 2048 -4.83 -31.33 104.55
CA ASP D 2048 -5.19 -31.07 105.94
C ASP D 2048 -4.12 -30.23 106.66
N ASP D 2049 -3.29 -30.89 107.46
CA ASP D 2049 -2.14 -30.25 108.08
C ASP D 2049 -0.84 -30.94 107.71
N TRP D 2050 -0.87 -31.88 106.77
CA TRP D 2050 0.34 -32.59 106.36
C TRP D 2050 1.32 -31.68 105.64
N LEU D 2051 0.87 -30.53 105.14
CA LEU D 2051 1.79 -29.52 104.63
C LEU D 2051 2.69 -29.01 105.74
N LYS D 2052 2.14 -28.82 106.94
CA LYS D 2052 2.95 -28.37 108.08
C LYS D 2052 3.70 -29.52 108.75
N THR D 2053 3.15 -30.74 108.72
CA THR D 2053 3.84 -31.84 109.40
C THR D 2053 4.94 -32.46 108.52
N ILE D 2054 4.58 -32.93 107.33
CA ILE D 2054 5.48 -33.74 106.51
C ILE D 2054 5.72 -33.07 105.16
N SER D 2055 6.48 -33.73 104.30
CA SER D 2055 6.76 -33.20 102.98
C SER D 2055 5.53 -33.37 102.07
N SER D 2056 5.51 -32.55 101.01
CA SER D 2056 4.44 -32.67 100.02
C SER D 2056 4.52 -33.97 99.25
N TYR D 2057 5.73 -34.51 99.05
CA TYR D 2057 5.91 -35.81 98.43
C TYR D 2057 5.22 -36.90 99.24
N THR D 2058 5.51 -36.96 100.54
CA THR D 2058 4.89 -37.96 101.40
C THR D 2058 3.40 -37.73 101.58
N ALA D 2059 2.97 -36.46 101.61
CA ALA D 2059 1.55 -36.15 101.70
C ALA D 2059 0.80 -36.61 100.45
N PHE D 2060 1.41 -36.41 99.28
CA PHE D 2060 0.79 -36.89 98.04
C PHE D 2060 0.77 -38.41 97.99
N SER D 2061 1.83 -39.06 98.47
CA SER D 2061 1.85 -40.53 98.51
C SER D 2061 0.76 -41.06 99.43
N ARG D 2062 0.58 -40.43 100.60
CA ARG D 2062 -0.49 -40.81 101.52
C ARG D 2062 -1.86 -40.57 100.90
N LEU D 2063 -2.01 -39.46 100.16
CA LEU D 2063 -3.28 -39.15 99.51
C LEU D 2063 -3.60 -40.18 98.43
N ILE D 2064 -2.60 -40.59 97.65
CA ILE D 2064 -2.81 -41.61 96.64
C ILE D 2064 -3.17 -42.94 97.30
N LEU D 2065 -2.53 -43.25 98.44
CA LEU D 2065 -2.83 -44.48 99.16
C LEU D 2065 -4.27 -44.51 99.65
N ILE D 2066 -4.71 -43.43 100.32
CA ILE D 2066 -6.07 -43.42 100.87
C ILE D 2066 -7.11 -43.38 99.76
N LEU D 2067 -6.84 -42.65 98.66
CA LEU D 2067 -7.82 -42.60 97.58
C LEU D 2067 -7.89 -43.92 96.82
N ARG D 2068 -6.78 -44.63 96.65
CA ARG D 2068 -6.90 -45.95 96.02
C ARG D 2068 -7.53 -46.96 96.95
N ALA D 2069 -7.34 -46.80 98.27
CA ALA D 2069 -8.05 -47.63 99.22
C ALA D 2069 -9.55 -47.43 99.11
N LEU D 2070 -9.99 -46.16 99.03
CA LEU D 2070 -11.41 -45.88 98.83
C LEU D 2070 -11.89 -46.34 97.45
N HIS D 2071 -10.99 -46.36 96.47
CA HIS D 2071 -11.30 -46.91 95.16
C HIS D 2071 -11.58 -48.40 95.23
N VAL D 2072 -10.75 -49.13 95.97
CA VAL D 2072 -10.87 -50.59 95.94
C VAL D 2072 -11.98 -51.08 96.88
N ASN D 2073 -12.25 -50.38 97.99
CA ASN D 2073 -13.38 -50.70 98.83
C ASN D 2073 -13.76 -49.49 99.67
N GLN D 2074 -14.96 -49.53 100.24
CA GLN D 2074 -15.42 -48.42 101.07
C GLN D 2074 -15.57 -48.78 102.54
N ASP D 2075 -16.11 -49.97 102.86
CA ASP D 2075 -16.36 -50.33 104.24
C ASP D 2075 -15.06 -50.61 104.99
N LYS D 2076 -14.18 -51.43 104.40
CA LYS D 2076 -12.90 -51.71 105.04
C LYS D 2076 -12.01 -50.49 105.05
N THR D 2077 -12.10 -49.65 104.02
CA THR D 2077 -11.34 -48.41 103.99
C THR D 2077 -11.73 -47.48 105.12
N LYS D 2078 -13.03 -47.27 105.32
CA LYS D 2078 -13.46 -46.38 106.38
C LYS D 2078 -13.26 -47.01 107.77
N LEU D 2079 -13.31 -48.34 107.85
CA LEU D 2079 -13.00 -49.00 109.12
C LEU D 2079 -11.53 -48.84 109.50
N ILE D 2080 -10.63 -48.92 108.52
CA ILE D 2080 -9.21 -48.71 108.79
C ILE D 2080 -8.95 -47.25 109.12
N LEU D 2081 -9.62 -46.32 108.42
CA LEU D 2081 -9.44 -44.90 108.70
C LEU D 2081 -9.96 -44.52 110.08
N ARG D 2082 -11.04 -45.17 110.53
CA ARG D 2082 -11.63 -44.90 111.83
C ARG D 2082 -11.72 -46.21 112.61
N PRO D 2083 -10.59 -46.72 113.13
CA PRO D 2083 -10.65 -47.94 113.92
C PRO D 2083 -11.15 -47.72 115.34
N ASP D 2084 -11.12 -46.49 115.84
CA ASP D 2084 -11.61 -46.16 117.16
C ASP D 2084 -12.64 -45.04 117.04
N LYS D 2085 -13.71 -45.14 117.82
CA LYS D 2085 -14.73 -44.10 117.82
C LYS D 2085 -14.28 -42.82 118.51
N THR D 2086 -13.16 -42.87 119.25
CA THR D 2086 -12.61 -41.66 119.85
C THR D 2086 -12.02 -40.71 118.81
N VAL D 2087 -11.60 -41.23 117.66
CA VAL D 2087 -11.07 -40.40 116.59
C VAL D 2087 -12.23 -39.73 115.88
N ILE D 2088 -12.24 -38.40 115.86
CA ILE D 2088 -13.35 -37.61 115.33
C ILE D 2088 -12.83 -36.74 114.21
N THR D 2089 -13.56 -36.73 113.09
CA THR D 2089 -13.26 -35.84 111.97
C THR D 2089 -13.99 -34.53 112.20
N GLN D 2090 -13.24 -33.44 112.33
CA GLN D 2090 -13.83 -32.15 112.64
C GLN D 2090 -14.36 -31.50 111.36
N ASP D 2091 -14.72 -30.22 111.44
CA ASP D 2091 -15.53 -29.60 110.40
C ASP D 2091 -14.72 -29.32 109.14
N HIS D 2092 -13.69 -28.48 109.25
CA HIS D 2092 -13.00 -28.01 108.05
C HIS D 2092 -11.93 -28.97 107.55
N HIS D 2093 -11.81 -30.15 108.15
CA HIS D 2093 -10.94 -31.20 107.63
C HIS D 2093 -11.78 -32.36 107.12
N ILE D 2094 -11.27 -33.05 106.11
CA ILE D 2094 -11.98 -34.16 105.50
C ILE D 2094 -11.58 -35.50 106.11
N TRP D 2095 -10.34 -35.63 106.51
CA TRP D 2095 -9.88 -36.91 107.02
C TRP D 2095 -9.73 -36.86 108.54
N PRO D 2096 -9.88 -38.00 109.22
CA PRO D 2096 -9.71 -38.03 110.68
C PRO D 2096 -8.28 -37.70 111.08
N SER D 2097 -8.15 -37.05 112.24
CA SER D 2097 -6.85 -36.63 112.73
C SER D 2097 -6.16 -37.78 113.43
N LEU D 2098 -4.94 -38.11 112.99
CA LEU D 2098 -4.15 -39.18 113.57
C LEU D 2098 -2.74 -38.67 113.83
N THR D 2099 -1.98 -39.44 114.60
CA THR D 2099 -0.58 -39.15 114.84
C THR D 2099 0.25 -39.64 113.66
N ASP D 2100 1.57 -39.45 113.74
CA ASP D 2100 2.45 -39.90 112.67
C ASP D 2100 2.51 -41.43 112.62
N GLU D 2101 2.66 -42.07 113.78
CA GLU D 2101 2.69 -43.53 113.83
C GLU D 2101 1.34 -44.13 113.44
N ASP D 2102 0.25 -43.50 113.89
CA ASP D 2102 -1.08 -43.97 113.50
C ASP D 2102 -1.29 -43.81 112.00
N TRP D 2103 -0.81 -42.71 111.43
CA TRP D 2103 -0.96 -42.48 109.99
C TRP D 2103 -0.15 -43.49 109.19
N ILE D 2104 1.07 -43.80 109.61
CA ILE D 2104 1.85 -44.79 108.85
C ILE D 2104 1.31 -46.20 109.07
N LYS D 2105 0.69 -46.48 110.22
CA LYS D 2105 0.03 -47.77 110.41
C LYS D 2105 -1.18 -47.89 109.50
N VAL D 2106 -1.99 -46.84 109.38
CA VAL D 2106 -3.11 -46.84 108.46
C VAL D 2106 -2.63 -46.95 107.01
N GLU D 2107 -1.49 -46.30 106.71
CA GLU D 2107 -0.88 -46.40 105.40
C GLU D 2107 -0.49 -47.83 105.06
N MET D 2108 0.15 -48.52 106.00
CA MET D 2108 0.55 -49.91 105.76
C MET D 2108 -0.66 -50.83 105.64
N GLN D 2109 -1.69 -50.58 106.46
CA GLN D 2109 -2.91 -51.39 106.40
C GLN D 2109 -3.61 -51.22 105.04
N LEU D 2110 -3.73 -49.99 104.56
CA LEU D 2110 -4.35 -49.78 103.25
C LEU D 2110 -3.46 -50.31 102.13
N ARG D 2111 -2.13 -50.22 102.31
CA ARG D 2111 -1.19 -50.73 101.31
C ARG D 2111 -1.33 -52.23 101.14
N ASP D 2112 -1.29 -52.98 102.24
CA ASP D 2112 -1.41 -54.42 102.10
C ASP D 2112 -2.85 -54.86 101.80
N LEU D 2113 -3.85 -54.04 102.13
CA LEU D 2113 -5.21 -54.32 101.68
C LEU D 2113 -5.33 -54.25 100.17
N ILE D 2114 -4.79 -53.17 99.57
CA ILE D 2114 -4.81 -53.02 98.12
C ILE D 2114 -3.97 -54.11 97.46
N LEU D 2115 -2.83 -54.44 98.05
CA LEU D 2115 -1.97 -55.49 97.51
C LEU D 2115 -2.66 -56.85 97.55
N ASN D 2116 -3.37 -57.16 98.64
CA ASN D 2116 -4.09 -58.41 98.74
C ASN D 2116 -5.24 -58.47 97.75
N ASP D 2117 -5.95 -57.35 97.55
CA ASP D 2117 -7.03 -57.33 96.56
C ASP D 2117 -6.49 -57.50 95.14
N TYR D 2118 -5.36 -56.88 94.83
CA TYR D 2118 -4.73 -57.08 93.53
C TYR D 2118 -4.28 -58.52 93.36
N GLY D 2119 -3.74 -59.12 94.43
CA GLY D 2119 -3.31 -60.50 94.35
C GLY D 2119 -4.45 -61.47 94.14
N LYS D 2120 -5.56 -61.27 94.84
CA LYS D 2120 -6.71 -62.15 94.65
C LYS D 2120 -7.48 -61.85 93.38
N LYS D 2121 -7.25 -60.69 92.76
CA LYS D 2121 -7.92 -60.39 91.50
C LYS D 2121 -7.12 -60.85 90.29
N ASN D 2122 -5.78 -60.79 90.35
CA ASN D 2122 -4.94 -61.17 89.22
C ASN D 2122 -4.21 -62.48 89.43
N ASN D 2123 -4.45 -63.17 90.55
CA ASN D 2123 -3.84 -64.46 90.88
C ASN D 2123 -2.31 -64.39 90.87
N VAL D 2124 -1.76 -63.30 91.41
CA VAL D 2124 -0.33 -63.08 91.50
C VAL D 2124 0.04 -62.97 92.97
N ASN D 2125 1.12 -63.63 93.35
CA ASN D 2125 1.59 -63.60 94.74
C ASN D 2125 2.05 -62.20 95.13
N VAL D 2126 1.71 -61.80 96.36
CA VAL D 2126 2.00 -60.44 96.82
C VAL D 2126 3.49 -60.25 97.06
N ALA D 2127 4.16 -61.27 97.61
CA ALA D 2127 5.55 -61.13 98.04
C ALA D 2127 6.54 -61.04 96.88
N SER D 2128 6.11 -61.29 95.64
CA SER D 2128 6.99 -61.26 94.49
C SER D 2128 7.12 -59.86 93.87
N LEU D 2129 6.41 -58.87 94.41
CA LEU D 2129 6.42 -57.52 93.84
C LEU D 2129 7.44 -56.65 94.57
N THR D 2130 8.25 -55.93 93.80
CA THR D 2130 9.22 -55.00 94.37
C THR D 2130 8.52 -53.74 94.87
N THR D 2131 9.30 -52.87 95.52
CA THR D 2131 8.75 -51.64 96.05
C THR D 2131 8.27 -50.70 94.95
N SER D 2132 9.05 -50.60 93.87
CA SER D 2132 8.64 -49.77 92.74
C SER D 2132 7.39 -50.35 92.07
N GLU D 2133 7.30 -51.67 91.98
CA GLU D 2133 6.12 -52.30 91.40
C GLU D 2133 4.88 -52.04 92.25
N VAL D 2134 5.02 -52.20 93.58
CA VAL D 2134 3.91 -51.93 94.49
C VAL D 2134 3.49 -50.46 94.40
N ARG D 2135 4.47 -49.57 94.23
CA ARG D 2135 4.19 -48.17 93.96
C ARG D 2135 3.42 -48.01 92.65
N ASP D 2136 3.71 -48.85 91.65
CA ASP D 2136 3.00 -48.73 90.38
C ASP D 2136 1.54 -49.17 90.49
N ILE D 2137 1.27 -50.26 91.22
CA ILE D 2137 -0.13 -50.61 91.49
C ILE D 2137 -0.82 -49.53 92.32
N ILE D 2138 -0.11 -48.96 93.31
CA ILE D 2138 -0.68 -47.89 94.13
C ILE D 2138 -1.00 -46.67 93.28
N LEU D 2139 -0.15 -46.38 92.30
CA LEU D 2139 -0.39 -45.25 91.42
C LEU D 2139 -1.54 -45.52 90.46
N GLY D 2140 -1.58 -46.71 89.88
CA GLY D 2140 -2.63 -47.06 88.94
C GLY D 2140 -2.10 -47.57 87.61
N MET D 2141 -0.82 -47.94 87.58
CA MET D 2141 -0.21 -48.46 86.37
C MET D 2141 -0.51 -49.95 86.20
N GLU D 2142 -0.14 -50.48 85.05
CA GLU D 2142 -0.28 -51.89 84.74
C GLU D 2142 1.09 -52.48 84.42
N ILE D 2143 1.39 -53.63 85.02
CA ILE D 2143 2.69 -54.28 84.89
C ILE D 2143 2.47 -55.68 84.35
N SER D 2144 3.30 -56.07 83.37
CA SER D 2144 3.29 -57.43 82.85
C SER D 2144 3.69 -58.41 83.94
N ALA D 2145 3.21 -59.65 83.79
CA ALA D 2145 3.42 -60.66 84.81
C ALA D 2145 4.89 -61.07 84.88
N PRO D 2146 5.51 -61.06 86.06
CA PRO D 2146 6.93 -61.44 86.16
C PRO D 2146 7.19 -62.90 85.84
N SER D 2147 6.19 -63.77 85.97
CA SER D 2147 6.36 -65.18 85.65
C SER D 2147 6.06 -65.42 84.17
N SER E 69 -103.27 69.32 -52.76
CA SER E 69 -103.79 68.24 -51.95
C SER E 69 -103.01 68.10 -50.63
N GLU E 70 -103.72 67.79 -49.56
CA GLU E 70 -103.10 67.60 -48.25
C GLU E 70 -103.41 66.26 -47.61
N SER E 71 -104.60 65.69 -47.85
CA SER E 71 -104.92 64.37 -47.30
C SER E 71 -104.04 63.29 -47.90
N SER E 72 -103.75 63.39 -49.21
CA SER E 72 -102.85 62.43 -49.84
C SER E 72 -101.44 62.54 -49.28
N THR E 73 -100.97 63.77 -49.04
CA THR E 73 -99.66 63.97 -48.44
C THR E 73 -99.62 63.43 -47.02
N LYS E 74 -100.70 63.61 -46.25
CA LYS E 74 -100.77 63.07 -44.90
C LYS E 74 -100.75 61.54 -44.91
N ASN E 75 -101.48 60.92 -45.85
CA ASN E 75 -101.48 59.46 -45.96
C ASN E 75 -100.10 58.95 -46.38
N ALA E 76 -99.44 59.64 -47.31
CA ALA E 76 -98.09 59.26 -47.72
C ALA E 76 -97.11 59.40 -46.57
N ALA E 77 -97.24 60.46 -45.78
CA ALA E 77 -96.39 60.64 -44.61
C ALA E 77 -96.64 59.56 -43.56
N LEU E 78 -97.90 59.16 -43.38
CA LEU E 78 -98.21 58.09 -42.42
C LEU E 78 -97.64 56.75 -42.87
N THR E 79 -97.75 56.43 -44.17
CA THR E 79 -97.17 55.19 -44.67
C THR E 79 -95.64 55.23 -44.60
N ALA E 80 -95.05 56.38 -44.89
CA ALA E 80 -93.59 56.54 -44.77
C ALA E 80 -93.14 56.38 -43.33
N ALA E 81 -93.92 56.92 -42.37
CA ALA E 81 -93.58 56.78 -40.96
C ALA E 81 -93.74 55.34 -40.49
N GLN E 82 -94.73 54.62 -41.01
CA GLN E 82 -94.85 53.19 -40.70
C GLN E 82 -93.65 52.41 -41.23
N GLU E 83 -93.21 52.71 -42.45
CA GLU E 83 -92.01 52.08 -43.00
C GLU E 83 -90.78 52.46 -42.18
N ARG E 84 -90.73 53.72 -41.70
CA ARG E 84 -89.61 54.18 -40.89
C ARG E 84 -89.56 53.45 -39.55
N LEU E 85 -90.72 53.21 -38.94
CA LEU E 85 -90.78 52.47 -37.69
C LEU E 85 -90.39 51.00 -37.91
N ALA E 86 -90.80 50.43 -39.04
CA ALA E 86 -90.37 49.07 -39.38
C ALA E 86 -88.86 48.99 -39.56
N ARG E 87 -88.27 49.99 -40.24
CA ARG E 87 -86.82 50.05 -40.40
C ARG E 87 -86.12 50.25 -39.06
N PHE E 88 -86.73 51.04 -38.17
CA PHE E 88 -86.18 51.25 -36.84
C PHE E 88 -86.15 49.95 -36.04
N ARG E 89 -87.23 49.19 -36.09
CA ARG E 89 -87.29 47.92 -35.36
C ARG E 89 -86.31 46.89 -35.96
N ALA E 90 -86.22 46.84 -37.29
CA ALA E 90 -85.27 45.94 -37.93
C ALA E 90 -83.83 46.33 -37.60
N LEU E 91 -83.54 47.63 -37.57
CA LEU E 91 -82.21 48.10 -37.22
C LEU E 91 -81.88 47.80 -35.76
N GLN E 92 -82.88 47.91 -34.88
CA GLN E 92 -82.70 47.53 -33.48
C GLN E 92 -82.37 46.05 -33.34
N ALA E 93 -83.11 45.19 -34.04
CA ALA E 93 -82.88 43.76 -33.96
C ALA E 93 -81.51 43.39 -34.53
N ARG E 94 -81.14 43.96 -35.67
CA ARG E 94 -79.84 43.69 -36.28
C ARG E 94 -78.70 44.20 -35.40
N ALA E 95 -78.89 45.35 -34.76
CA ALA E 95 -77.87 45.89 -33.86
C ALA E 95 -77.70 45.02 -32.63
N LYS E 96 -78.80 44.51 -32.08
CA LYS E 96 -78.71 43.59 -30.94
C LYS E 96 -78.00 42.29 -31.33
N GLU E 97 -78.33 41.74 -32.50
CA GLU E 97 -77.68 40.52 -32.96
C GLU E 97 -76.19 40.73 -33.20
N SER E 98 -75.83 41.87 -33.83
CA SER E 98 -74.43 42.18 -34.07
C SER E 98 -73.69 42.41 -32.75
N SER E 99 -74.32 43.07 -31.79
CA SER E 99 -73.68 43.30 -30.49
C SER E 99 -73.43 41.99 -29.75
N GLN E 100 -74.39 41.05 -29.81
CA GLN E 100 -74.20 39.75 -29.18
C GLN E 100 -73.08 38.97 -29.87
N GLN E 101 -73.09 38.93 -31.20
CA GLN E 101 -72.07 38.20 -31.95
C GLN E 101 -70.69 38.81 -31.74
N ASN E 102 -70.62 40.12 -31.59
CA ASN E 102 -69.34 40.78 -31.38
C ASN E 102 -68.86 40.71 -29.94
N LEU E 103 -69.76 40.60 -28.97
CA LEU E 103 -69.35 40.23 -27.63
C LEU E 103 -68.78 38.82 -27.62
N LYS E 104 -69.35 37.92 -28.43
CA LYS E 104 -68.76 36.60 -28.60
C LYS E 104 -67.37 36.69 -29.25
N GLU E 105 -67.23 37.57 -30.24
CA GLU E 105 -65.91 37.79 -30.86
C GLU E 105 -64.91 38.37 -29.87
N ALA E 106 -65.38 39.20 -28.94
CA ALA E 106 -64.53 39.63 -27.83
C ALA E 106 -64.13 38.47 -26.94
N THR E 107 -65.02 37.48 -26.77
CA THR E 107 -64.65 36.31 -25.99
C THR E 107 -63.63 35.42 -26.73
N LYS E 108 -63.66 35.45 -28.07
CA LYS E 108 -62.58 34.83 -28.88
C LYS E 108 -61.25 35.59 -28.81
N GLU E 109 -61.28 36.93 -28.78
CA GLU E 109 -60.06 37.69 -28.47
C GLU E 109 -59.51 37.33 -27.10
N SER E 110 -60.30 37.55 -26.05
CA SER E 110 -60.14 36.83 -24.79
C SER E 110 -60.47 35.36 -25.07
N GLN E 111 -60.36 34.48 -24.11
CA GLN E 111 -60.36 33.02 -24.32
C GLN E 111 -59.36 32.48 -25.36
N ARG E 112 -58.85 33.25 -26.35
CA ARG E 112 -57.57 32.82 -26.93
C ARG E 112 -56.36 33.50 -26.33
N LEU E 113 -56.52 34.73 -25.80
CA LEU E 113 -55.50 35.24 -24.89
C LEU E 113 -55.38 34.38 -23.65
N ALA E 114 -56.44 33.63 -23.30
CA ALA E 114 -56.33 32.57 -22.31
C ALA E 114 -55.74 31.30 -22.91
N THR E 115 -56.28 30.84 -24.04
CA THR E 115 -55.79 29.63 -24.71
C THR E 115 -54.82 30.00 -25.84
N ASP E 116 -53.67 30.51 -25.42
CA ASP E 116 -52.39 30.45 -26.13
C ASP E 116 -52.26 29.10 -26.81
N PRO E 117 -52.03 29.04 -28.13
CA PRO E 117 -52.14 27.76 -28.87
C PRO E 117 -51.13 26.69 -28.49
N SER E 118 -50.11 27.00 -27.69
CA SER E 118 -49.18 25.96 -27.22
C SER E 118 -49.92 24.94 -26.36
N GLN E 119 -50.80 25.41 -25.47
CA GLN E 119 -51.62 24.49 -24.69
C GLN E 119 -52.58 23.70 -25.56
N LEU E 120 -53.02 24.29 -26.68
CA LEU E 120 -53.91 23.58 -27.58
C LEU E 120 -53.19 22.45 -28.30
N THR E 121 -51.95 22.70 -28.76
CA THR E 121 -51.16 21.63 -29.35
C THR E 121 -50.83 20.55 -28.33
N ALA E 122 -50.57 20.95 -27.09
CA ALA E 122 -50.30 19.97 -26.03
C ALA E 122 -51.51 19.09 -25.75
N LEU E 123 -52.70 19.69 -25.64
CA LEU E 123 -53.88 18.88 -25.39
C LEU E 123 -54.24 18.04 -26.60
N SER E 124 -53.90 18.50 -27.81
CA SER E 124 -54.01 17.65 -28.99
C SER E 124 -53.10 16.44 -28.89
N ARG E 125 -51.89 16.63 -28.36
CA ARG E 125 -50.97 15.51 -28.15
C ARG E 125 -51.53 14.50 -27.14
N LYS E 126 -52.10 14.99 -26.03
CA LYS E 126 -52.73 14.07 -25.08
C LYS E 126 -53.94 13.37 -25.69
N HIS E 127 -54.74 14.09 -26.50
CA HIS E 127 -55.82 13.44 -27.23
C HIS E 127 -55.32 12.33 -28.12
N ALA E 128 -54.23 12.58 -28.85
CA ALA E 128 -53.69 11.59 -29.78
C ALA E 128 -53.21 10.35 -29.03
N ILE E 129 -52.45 10.53 -27.95
CA ILE E 129 -51.89 9.37 -27.26
C ILE E 129 -52.97 8.58 -26.54
N ALA E 130 -53.96 9.26 -25.96
CA ALA E 130 -55.02 8.54 -25.28
C ALA E 130 -55.94 7.83 -26.27
N ALA E 131 -56.22 8.46 -27.42
CA ALA E 131 -57.00 7.80 -28.45
C ALA E 131 -56.24 6.61 -29.03
N HIS E 132 -54.91 6.70 -29.07
CA HIS E 132 -54.10 5.56 -29.49
C HIS E 132 -54.24 4.41 -28.52
N LYS E 133 -54.22 4.71 -27.20
CA LYS E 133 -54.43 3.67 -26.20
C LYS E 133 -55.79 3.04 -26.38
N LEU E 134 -56.83 3.85 -26.52
CA LEU E 134 -58.18 3.33 -26.71
C LEU E 134 -58.27 2.42 -27.92
N LEU E 135 -57.80 2.89 -29.09
CA LEU E 135 -57.89 2.12 -30.32
C LEU E 135 -57.18 0.78 -30.18
N LYS E 136 -56.00 0.78 -29.56
CA LYS E 136 -55.32 -0.48 -29.27
C LYS E 136 -56.17 -1.37 -28.35
N ALA E 137 -56.83 -0.75 -27.36
CA ALA E 137 -57.64 -1.53 -26.42
C ALA E 137 -58.81 -2.23 -27.10
N GLU E 138 -59.55 -1.52 -27.96
CA GLU E 138 -60.60 -2.27 -28.67
C GLU E 138 -60.06 -3.20 -29.74
N ILE E 139 -58.85 -2.98 -30.28
CA ILE E 139 -58.35 -3.95 -31.26
C ILE E 139 -58.02 -5.28 -30.58
N GLU E 140 -57.24 -5.26 -29.49
CA GLU E 140 -57.09 -6.55 -28.79
C GLU E 140 -58.33 -6.97 -28.00
N ASP E 141 -59.33 -6.12 -27.81
CA ASP E 141 -60.57 -6.61 -27.22
C ASP E 141 -61.39 -7.38 -28.23
N ALA E 142 -61.44 -6.91 -29.49
CA ALA E 142 -62.09 -7.67 -30.53
C ALA E 142 -61.29 -8.89 -30.92
N GLY E 143 -59.97 -8.87 -30.69
CA GLY E 143 -59.13 -10.04 -30.90
C GLY E 143 -58.15 -9.90 -32.03
N GLY E 144 -58.20 -8.81 -32.80
CA GLY E 144 -57.24 -8.61 -33.85
C GLY E 144 -55.86 -8.25 -33.32
N ASP E 145 -54.86 -8.46 -34.16
CA ASP E 145 -53.48 -8.16 -33.79
C ASP E 145 -53.18 -6.72 -34.21
N PHE E 146 -53.02 -5.85 -33.22
CA PHE E 146 -52.76 -4.44 -33.49
C PHE E 146 -51.44 -4.25 -34.22
N GLU E 147 -50.44 -5.05 -33.89
CA GLU E 147 -49.16 -4.89 -34.56
C GLU E 147 -49.17 -5.44 -35.98
N ARG E 148 -49.98 -6.47 -36.27
CA ARG E 148 -50.14 -6.89 -37.65
C ARG E 148 -50.93 -5.87 -38.48
N LYS E 149 -51.97 -5.29 -37.89
CA LYS E 149 -52.73 -4.25 -38.55
C LYS E 149 -51.89 -3.00 -38.81
N ARG E 150 -50.90 -2.73 -37.96
CA ARG E 150 -49.98 -1.63 -38.25
C ARG E 150 -48.86 -2.07 -39.20
N ALA E 151 -48.56 -3.38 -39.20
CA ALA E 151 -47.56 -3.95 -40.10
C ALA E 151 -47.99 -3.78 -41.54
N TRP E 152 -49.29 -3.68 -41.77
CA TRP E 152 -49.73 -3.33 -43.11
C TRP E 152 -49.37 -1.90 -43.51
N ASP E 153 -48.90 -1.06 -42.56
CA ASP E 153 -48.67 0.35 -42.90
C ASP E 153 -47.27 0.87 -42.62
N TRP E 154 -46.38 0.10 -42.02
CA TRP E 154 -45.00 0.57 -41.82
C TRP E 154 -44.24 0.72 -43.15
N THR E 155 -43.49 1.80 -43.29
CA THR E 155 -42.70 2.02 -44.50
C THR E 155 -41.37 1.28 -44.44
N VAL E 156 -40.62 1.33 -45.54
CA VAL E 156 -39.35 0.61 -45.64
C VAL E 156 -38.30 1.25 -44.73
N GLU E 157 -38.24 2.58 -44.74
CA GLU E 157 -37.29 3.33 -43.91
C GLU E 157 -37.60 3.14 -42.43
N GLU E 158 -38.88 3.20 -42.07
CA GLU E 158 -39.31 2.95 -40.70
C GLU E 158 -38.99 1.52 -40.27
N ALA E 159 -39.23 0.56 -41.17
CA ALA E 159 -39.01 -0.84 -40.83
C ALA E 159 -37.53 -1.14 -40.62
N GLU E 160 -36.67 -0.54 -41.47
CA GLU E 160 -35.23 -0.73 -41.30
C GLU E 160 -34.75 -0.12 -40.00
N ARG E 161 -35.25 1.07 -39.66
CA ARG E 161 -34.89 1.69 -38.39
C ARG E 161 -35.36 0.86 -37.20
N TRP E 162 -36.55 0.26 -37.30
CA TRP E 162 -37.02 -0.56 -36.19
C TRP E 162 -36.22 -1.84 -36.05
N ASP E 163 -35.79 -2.42 -37.17
CA ASP E 163 -34.94 -3.61 -37.11
C ASP E 163 -33.60 -3.29 -36.47
N LYS E 164 -33.02 -2.14 -36.81
CA LYS E 164 -31.80 -1.69 -36.14
C LYS E 164 -32.03 -1.51 -34.64
N ARG E 165 -33.16 -0.91 -34.26
CA ARG E 165 -33.52 -0.77 -32.86
C ARG E 165 -33.58 -2.11 -32.14
N MET E 166 -34.29 -3.07 -32.71
CA MET E 166 -34.50 -4.33 -32.00
C MET E 166 -33.23 -5.17 -31.96
N LYS E 167 -32.39 -5.10 -32.99
CA LYS E 167 -31.11 -5.77 -32.91
C LYS E 167 -30.20 -5.12 -31.87
N LYS E 168 -30.31 -3.79 -31.68
CA LYS E 168 -29.56 -3.12 -30.64
C LYS E 168 -30.02 -3.54 -29.25
N LYS E 169 -31.34 -3.63 -29.06
CA LYS E 169 -31.88 -4.06 -27.78
C LYS E 169 -31.47 -5.50 -27.48
N GLU E 170 -31.51 -6.38 -28.48
CA GLU E 170 -31.12 -7.77 -28.29
C GLU E 170 -29.64 -7.88 -27.98
N ALA E 171 -28.82 -7.06 -28.61
CA ALA E 171 -27.39 -7.05 -28.31
C ALA E 171 -27.12 -6.60 -26.89
N HIS E 172 -27.82 -5.57 -26.42
CA HIS E 172 -27.64 -5.16 -25.03
C HIS E 172 -28.06 -6.26 -24.06
N ARG E 173 -29.16 -6.94 -24.37
CA ARG E 173 -29.61 -8.04 -23.52
C ARG E 173 -28.60 -9.18 -23.48
N ASP E 174 -27.99 -9.50 -24.62
CA ASP E 174 -26.98 -10.54 -24.63
C ASP E 174 -25.67 -10.11 -24.00
N ASP E 175 -25.38 -8.82 -23.98
CA ASP E 175 -24.12 -8.29 -23.47
C ASP E 175 -24.24 -7.79 -22.05
N THR E 176 -25.38 -8.02 -21.39
CA THR E 176 -25.52 -7.67 -19.98
C THR E 176 -24.50 -8.37 -19.09
N ALA E 177 -24.35 -9.68 -19.24
CA ALA E 177 -23.48 -10.43 -18.33
C ALA E 177 -22.02 -10.09 -18.55
N PHE E 178 -21.24 -10.18 -17.46
CA PHE E 178 -19.84 -9.78 -17.47
C PHE E 178 -19.00 -10.73 -18.31
N ARG E 179 -18.18 -10.17 -19.18
CA ARG E 179 -17.20 -10.95 -19.93
C ARG E 179 -15.78 -10.58 -19.58
N ASP E 180 -15.42 -9.30 -19.70
CA ASP E 180 -14.15 -8.79 -19.24
C ASP E 180 -14.23 -7.28 -19.15
N TYR E 181 -13.15 -6.70 -18.62
CA TYR E 181 -13.14 -5.28 -18.37
C TYR E 181 -13.01 -4.47 -19.64
N ALA E 182 -12.50 -5.06 -20.73
CA ALA E 182 -12.52 -4.37 -22.01
C ALA E 182 -13.94 -4.15 -22.51
N ARG E 183 -14.80 -5.17 -22.38
CA ARG E 183 -16.21 -4.97 -22.73
C ARG E 183 -16.91 -4.01 -21.78
N GLU E 184 -16.60 -4.08 -20.48
CA GLU E 184 -17.25 -3.13 -19.58
C GLU E 184 -16.82 -1.70 -19.87
N ALA E 185 -15.56 -1.50 -20.24
CA ALA E 185 -15.08 -0.17 -20.57
C ALA E 185 -15.70 0.34 -21.87
N GLU E 186 -15.84 -0.53 -22.87
CA GLU E 186 -16.50 -0.12 -24.11
C GLU E 186 -17.98 0.23 -23.89
N LYS E 187 -18.68 -0.58 -23.08
CA LYS E 187 -20.08 -0.29 -22.77
C LYS E 187 -20.24 1.02 -22.02
N THR E 188 -19.35 1.26 -21.05
CA THR E 188 -19.43 2.48 -20.26
C THR E 188 -19.14 3.70 -21.11
N TYR E 189 -18.15 3.61 -21.99
CA TYR E 189 -17.86 4.74 -22.86
C TYR E 189 -19.00 5.03 -23.81
N LYS E 190 -19.61 4.02 -24.40
CA LYS E 190 -20.72 4.24 -25.32
C LYS E 190 -21.93 4.84 -24.60
N ARG E 191 -22.20 4.39 -23.39
CA ARG E 191 -23.30 4.96 -22.61
C ARG E 191 -23.02 6.40 -22.23
N GLN E 192 -21.77 6.73 -21.89
CA GLN E 192 -21.41 8.10 -21.55
C GLN E 192 -21.50 9.04 -22.75
N ILE E 193 -21.13 8.55 -23.94
CA ILE E 193 -21.31 9.35 -25.15
C ILE E 193 -22.79 9.62 -25.40
N ARG E 194 -23.63 8.58 -25.26
CA ARG E 194 -25.08 8.78 -25.40
C ARG E 194 -25.61 9.79 -24.39
N ASN E 195 -25.08 9.75 -23.17
CA ASN E 195 -25.58 10.65 -22.13
C ASN E 195 -25.13 12.08 -22.34
N MET E 196 -23.98 12.31 -22.99
CA MET E 196 -23.72 13.68 -23.44
C MET E 196 -24.69 14.09 -24.54
N GLY E 197 -24.97 13.17 -25.46
CA GLY E 197 -25.92 13.48 -26.50
C GLY E 197 -25.28 14.22 -27.66
N ALA E 198 -26.12 14.93 -28.40
CA ALA E 198 -25.68 15.54 -29.64
C ALA E 198 -24.73 16.70 -29.36
N PRO E 199 -23.56 16.73 -30.00
CA PRO E 199 -22.67 17.87 -29.83
C PRO E 199 -23.22 19.14 -30.43
N ASP E 200 -22.79 20.27 -29.86
CA ASP E 200 -23.15 21.59 -30.38
C ASP E 200 -22.26 21.86 -31.59
N LEU E 201 -22.77 21.59 -32.78
CA LEU E 201 -21.97 21.82 -33.98
C LEU E 201 -21.82 23.30 -34.27
N GLU E 202 -22.73 24.15 -33.78
CA GLU E 202 -22.55 25.59 -33.93
C GLU E 202 -21.38 26.09 -33.11
N LYS E 203 -21.27 25.64 -31.85
CA LYS E 203 -20.14 26.03 -31.03
C LYS E 203 -18.84 25.42 -31.56
N TYR E 204 -18.93 24.17 -32.05
CA TYR E 204 -17.78 23.54 -32.68
C TYR E 204 -17.32 24.33 -33.89
N MET E 205 -18.26 24.85 -34.68
CA MET E 205 -17.89 25.57 -35.88
C MET E 205 -17.38 26.97 -35.56
N ARG E 206 -17.91 27.61 -34.52
CA ARG E 206 -17.36 28.88 -34.06
C ARG E 206 -15.93 28.71 -33.58
N GLU E 207 -15.67 27.65 -32.82
CA GLU E 207 -14.31 27.37 -32.38
C GLU E 207 -13.41 27.06 -33.56
N LYS E 208 -13.95 26.38 -34.57
CA LYS E 208 -13.19 26.06 -35.77
C LYS E 208 -12.80 27.32 -36.53
N LEU E 209 -13.73 28.26 -36.67
CA LEU E 209 -13.43 29.49 -37.41
C LEU E 209 -12.48 30.39 -36.63
N SER E 210 -12.66 30.45 -35.31
CA SER E 210 -11.72 31.20 -34.48
C SER E 210 -10.32 30.62 -34.54
N ALA E 211 -10.22 29.29 -34.51
CA ALA E 211 -8.93 28.66 -34.67
C ALA E 211 -8.37 28.87 -36.07
N ILE E 212 -9.23 28.98 -37.08
CA ILE E 212 -8.77 29.23 -38.44
C ILE E 212 -8.12 30.61 -38.53
N GLU E 213 -8.78 31.63 -38.00
CA GLU E 213 -8.20 32.98 -38.10
C GLU E 213 -6.99 33.12 -37.19
N LYS E 214 -7.00 32.47 -36.01
CA LYS E 214 -5.85 32.54 -35.12
C LYS E 214 -4.64 31.83 -35.71
N ALA E 215 -4.83 30.64 -36.28
CA ALA E 215 -3.71 29.93 -36.88
C ALA E 215 -3.26 30.59 -38.17
N ALA E 216 -4.16 31.27 -38.88
CA ALA E 216 -3.75 32.06 -40.03
C ALA E 216 -2.87 33.22 -39.60
N ALA E 217 -3.23 33.88 -38.49
CA ALA E 217 -2.39 34.96 -37.97
C ALA E 217 -1.04 34.42 -37.49
N ALA E 218 -1.04 33.24 -36.87
CA ALA E 218 0.18 32.63 -36.37
C ALA E 218 1.00 31.96 -37.47
N GLY E 219 0.49 31.90 -38.69
CA GLY E 219 1.29 31.43 -39.79
C GLY E 219 1.31 29.93 -39.99
N THR E 220 0.54 29.17 -39.22
CA THR E 220 0.44 27.74 -39.41
C THR E 220 -0.68 27.35 -40.37
N LEU E 221 -1.51 28.30 -40.80
CA LEU E 221 -2.56 28.05 -41.77
C LEU E 221 -2.37 28.99 -42.95
N ASP E 222 -2.38 28.43 -44.15
CA ASP E 222 -2.33 29.21 -45.38
C ASP E 222 -3.73 29.25 -45.99
N ILE E 223 -4.24 30.45 -46.20
CA ILE E 223 -5.51 30.62 -46.91
C ILE E 223 -5.18 30.78 -48.38
N ILE E 224 -5.59 29.81 -49.20
CA ILE E 224 -5.27 29.80 -50.62
C ILE E 224 -6.57 29.75 -51.41
N GLU E 225 -6.46 30.15 -52.68
CA GLU E 225 -7.56 30.09 -53.63
C GLU E 225 -7.08 29.33 -54.85
N THR E 226 -7.81 28.29 -55.22
CA THR E 226 -7.46 27.45 -56.36
C THR E 226 -8.06 28.08 -57.63
N GLU E 227 -8.10 27.30 -58.72
CA GLU E 227 -8.68 27.78 -59.97
C GLU E 227 -10.18 28.06 -59.86
N ASP E 228 -10.85 27.54 -58.84
CA ASP E 228 -12.27 27.77 -58.63
C ASP E 228 -12.55 29.00 -57.78
N GLY E 229 -11.52 29.62 -57.20
CA GLY E 229 -11.70 30.80 -56.40
C GLY E 229 -12.46 30.57 -55.12
N GLU E 230 -11.95 29.67 -54.27
CA GLU E 230 -12.60 29.34 -53.01
C GLU E 230 -11.58 29.34 -51.89
N MET E 231 -12.05 29.57 -50.67
CA MET E 231 -11.18 29.59 -49.51
C MET E 231 -10.80 28.16 -49.14
N ILE E 232 -9.54 27.80 -49.32
CA ILE E 232 -9.02 26.53 -48.83
C ILE E 232 -7.94 26.82 -47.81
N ALA E 233 -8.10 26.30 -46.61
CA ALA E 233 -7.09 26.46 -45.58
C ALA E 233 -6.16 25.26 -45.61
N VAL E 234 -4.86 25.52 -45.47
CA VAL E 234 -3.86 24.47 -45.46
C VAL E 234 -3.09 24.54 -44.15
N ASP E 235 -3.16 23.46 -43.39
CA ASP E 235 -2.38 23.32 -42.17
C ASP E 235 -0.95 22.97 -42.56
N LYS E 236 -0.01 23.88 -42.28
CA LYS E 236 1.38 23.67 -42.64
C LYS E 236 1.98 22.52 -41.83
N ASP E 237 1.75 22.54 -40.52
CA ASP E 237 1.95 21.39 -39.67
C ASP E 237 0.67 20.55 -39.66
N GLY E 238 0.55 19.62 -38.73
CA GLY E 238 -0.69 18.86 -38.65
C GLY E 238 -1.42 19.10 -37.35
N THR E 239 -1.19 20.25 -36.74
CA THR E 239 -1.61 20.50 -35.37
C THR E 239 -2.89 21.32 -35.27
N PHE E 240 -3.57 21.59 -36.38
CA PHE E 240 -4.86 22.26 -36.28
C PHE E 240 -5.88 21.40 -35.56
N PHE E 241 -6.05 20.16 -36.01
CA PHE E 241 -7.15 19.34 -35.52
C PHE E 241 -6.81 18.62 -34.23
N SER E 242 -5.54 18.35 -33.97
CA SER E 242 -5.13 17.60 -32.80
C SER E 242 -3.98 18.30 -32.11
N THR E 243 -3.99 18.29 -30.78
CA THR E 243 -2.89 18.85 -30.01
C THR E 243 -1.73 17.88 -29.85
N ALA E 244 -1.85 16.66 -30.37
CA ALA E 244 -0.67 15.84 -30.57
C ALA E 244 0.17 16.47 -31.66
N ASN E 245 1.49 16.46 -31.45
CA ASN E 245 2.52 17.18 -32.19
C ASN E 245 2.48 18.69 -31.98
N ALA E 246 1.55 19.22 -31.19
CA ALA E 246 1.54 20.63 -30.87
C ALA E 246 2.38 20.87 -29.63
N THR E 247 3.33 21.80 -29.74
CA THR E 247 4.18 22.09 -28.58
C THR E 247 3.42 22.81 -27.47
N ASP E 248 2.31 23.45 -27.80
CA ASP E 248 1.50 24.17 -26.83
C ASP E 248 0.29 23.35 -26.37
N PHE E 249 0.42 22.04 -26.32
CA PHE E 249 -0.73 21.21 -25.96
C PHE E 249 -1.10 21.34 -24.50
N ALA E 250 -0.22 21.90 -23.67
CA ALA E 250 -0.39 21.92 -22.23
C ALA E 250 -0.90 23.27 -21.72
N GLN E 251 -1.42 24.12 -22.60
CA GLN E 251 -1.99 25.39 -22.16
C GLN E 251 -3.42 25.57 -22.63
N HIS E 252 -4.12 24.49 -22.96
CA HIS E 252 -5.57 24.58 -23.11
C HIS E 252 -6.15 24.59 -21.72
N LYS E 253 -6.46 25.78 -21.21
CA LYS E 253 -7.19 25.89 -19.97
C LYS E 253 -8.67 25.74 -20.29
N PRO E 254 -9.35 24.70 -19.79
CA PRO E 254 -10.74 24.48 -20.17
C PRO E 254 -11.67 25.52 -19.57
N ASP E 255 -12.83 25.64 -20.20
CA ASP E 255 -13.85 26.58 -19.78
C ASP E 255 -14.44 26.16 -18.43
N LYS E 256 -14.85 27.16 -17.66
CA LYS E 256 -15.43 26.91 -16.34
C LYS E 256 -16.73 26.13 -16.45
N ALA E 257 -17.51 26.38 -17.51
CA ALA E 257 -18.73 25.62 -17.74
C ALA E 257 -18.41 24.16 -18.04
N ALA E 258 -17.35 23.90 -18.80
CA ALA E 258 -16.95 22.54 -19.09
C ALA E 258 -16.51 21.80 -17.82
N VAL E 259 -15.74 22.48 -16.97
CA VAL E 259 -15.32 21.87 -15.72
C VAL E 259 -16.52 21.58 -14.83
N ASP E 260 -17.49 22.51 -14.79
CA ASP E 260 -18.70 22.29 -14.01
C ASP E 260 -19.50 21.11 -14.53
N ARG E 261 -19.59 20.96 -15.85
CA ARG E 261 -20.34 19.88 -16.45
C ARG E 261 -19.70 18.53 -16.16
N LEU E 262 -18.37 18.45 -16.24
CA LEU E 262 -17.66 17.23 -15.88
C LEU E 262 -17.82 16.90 -14.39
N VAL E 263 -17.73 17.91 -13.53
CA VAL E 263 -17.87 17.69 -12.09
C VAL E 263 -19.29 17.23 -11.76
N ALA E 264 -20.30 17.81 -12.39
CA ALA E 264 -21.68 17.41 -12.13
C ALA E 264 -21.96 16.01 -12.66
N ASP E 265 -21.32 15.64 -13.76
CA ASP E 265 -21.36 14.26 -14.26
C ASP E 265 -20.82 13.30 -13.20
N LEU E 266 -19.67 13.63 -12.61
CA LEU E 266 -19.10 12.74 -11.60
C LEU E 266 -19.94 12.71 -10.33
N ARG E 267 -20.53 13.85 -9.96
CA ARG E 267 -21.42 13.88 -8.80
C ARG E 267 -22.66 13.03 -9.03
N LYS E 268 -23.20 13.06 -10.24
CA LYS E 268 -24.34 12.21 -10.58
C LYS E 268 -23.99 10.74 -10.49
N ALA E 269 -22.80 10.37 -10.98
CA ALA E 269 -22.35 8.98 -10.86
C ALA E 269 -22.23 8.56 -9.40
N GLU E 270 -21.66 9.44 -8.57
CA GLU E 270 -21.53 9.16 -7.14
C GLU E 270 -22.89 8.97 -6.48
N GLU E 271 -23.85 9.84 -6.80
CA GLU E 271 -25.18 9.73 -6.22
C GLU E 271 -25.87 8.45 -6.63
N ALA E 272 -25.73 8.05 -7.89
CA ALA E 272 -26.38 6.83 -8.35
C ALA E 272 -25.78 5.59 -7.67
N SER E 273 -24.46 5.58 -7.48
CA SER E 273 -23.85 4.47 -6.74
C SER E 273 -24.31 4.41 -5.30
N LEU E 274 -24.38 5.57 -4.63
CA LEU E 274 -24.87 5.61 -3.25
C LEU E 274 -26.32 5.17 -3.17
N LYS E 275 -27.12 5.53 -4.17
CA LYS E 275 -28.52 5.13 -4.20
C LYS E 275 -28.67 3.61 -4.37
N ARG E 276 -27.86 3.01 -5.25
CA ARG E 276 -27.89 1.55 -5.37
C ARG E 276 -27.44 0.88 -4.08
N ARG E 277 -26.46 1.49 -3.39
CA ARG E 277 -26.02 0.97 -2.11
C ARG E 277 -27.16 0.97 -1.09
N ARG E 278 -27.92 2.06 -1.02
CA ARG E 278 -29.08 2.13 -0.13
C ARG E 278 -30.14 1.08 -0.51
N GLU E 279 -30.43 0.93 -1.80
CA GLU E 279 -31.47 0.00 -2.23
C GLU E 279 -31.08 -1.44 -1.94
N LYS E 280 -29.83 -1.81 -2.19
CA LYS E 280 -29.43 -3.19 -1.93
C LYS E 280 -29.31 -3.46 -0.43
N LEU E 281 -28.94 -2.45 0.37
CA LEU E 281 -28.99 -2.63 1.82
C LEU E 281 -30.41 -2.89 2.31
N ALA E 282 -31.39 -2.18 1.74
CA ALA E 282 -32.79 -2.39 2.14
C ALA E 282 -33.29 -3.77 1.72
N LYS E 283 -32.99 -4.18 0.48
CA LYS E 283 -33.50 -5.46 0.00
C LYS E 283 -32.78 -6.63 0.69
N SER E 284 -31.53 -6.43 1.11
CA SER E 284 -30.88 -7.44 1.93
C SER E 284 -31.42 -7.45 3.36
N GLY E 285 -31.84 -6.30 3.88
CA GLY E 285 -32.45 -6.29 5.21
C GLY E 285 -33.82 -6.94 5.25
N GLU E 286 -34.51 -6.98 4.11
CA GLU E 286 -35.74 -7.76 4.04
C GLU E 286 -35.45 -9.25 4.17
N GLU E 287 -36.36 -9.99 4.81
CA GLU E 287 -36.15 -11.42 5.08
C GLU E 287 -37.40 -12.18 4.68
N HIS E 288 -37.27 -13.06 3.69
CA HIS E 288 -38.35 -13.89 3.19
C HIS E 288 -38.09 -15.33 3.62
N GLY E 289 -38.87 -15.82 4.58
CA GLY E 289 -38.77 -17.21 4.95
C GLY E 289 -37.99 -17.46 6.22
N ASP E 290 -37.24 -18.57 6.24
CA ASP E 290 -36.61 -19.03 7.46
C ASP E 290 -35.29 -18.31 7.71
N VAL E 291 -35.06 -17.97 8.97
CA VAL E 291 -33.76 -17.48 9.39
C VAL E 291 -32.83 -18.67 9.53
N THR E 292 -31.74 -18.66 8.77
CA THR E 292 -30.73 -19.71 8.81
C THR E 292 -29.39 -19.20 9.30
N TYR E 293 -29.34 -17.96 9.77
CA TYR E 293 -28.11 -17.23 10.03
C TYR E 293 -28.18 -16.67 11.43
N ILE E 294 -27.09 -16.06 11.89
CA ILE E 294 -27.08 -15.47 13.22
C ILE E 294 -26.55 -14.05 13.20
N ASN E 295 -25.96 -13.63 12.09
CA ASN E 295 -25.65 -12.22 11.91
C ASN E 295 -25.69 -11.89 10.42
N GLU E 296 -25.30 -10.66 10.11
CA GLU E 296 -25.43 -10.15 8.75
C GLU E 296 -24.40 -10.76 7.81
N LYS E 297 -23.16 -10.95 8.27
CA LYS E 297 -22.16 -11.62 7.45
C LYS E 297 -22.56 -13.06 7.18
N ASN E 298 -23.15 -13.71 8.19
CA ASN E 298 -23.66 -15.06 8.01
C ASN E 298 -24.81 -15.09 7.02
N LYS E 299 -25.68 -14.08 7.07
CA LYS E 299 -26.78 -14.00 6.12
C LYS E 299 -26.27 -13.85 4.70
N GLN E 300 -25.26 -13.01 4.51
CA GLN E 300 -24.65 -12.82 3.20
C GLN E 300 -23.96 -14.08 2.72
N PHE E 301 -23.28 -14.78 3.62
CA PHE E 301 -22.60 -16.02 3.24
C PHE E 301 -23.60 -17.10 2.89
N ASN E 302 -24.71 -17.17 3.62
CA ASN E 302 -25.72 -18.18 3.32
C ASN E 302 -26.42 -17.89 2.01
N ALA E 303 -26.61 -16.61 1.68
CA ALA E 303 -27.16 -16.24 0.39
C ALA E 303 -26.22 -16.61 -0.75
N LYS E 304 -24.92 -16.37 -0.56
CA LYS E 304 -23.93 -16.81 -1.53
C LYS E 304 -23.91 -18.34 -1.69
N LEU E 305 -24.03 -19.07 -0.58
CA LEU E 305 -24.09 -20.52 -0.63
C LEU E 305 -25.32 -20.99 -1.41
N ALA E 306 -26.46 -20.34 -1.17
CA ALA E 306 -27.66 -20.68 -1.92
C ALA E 306 -27.50 -20.40 -3.40
N ARG E 307 -26.85 -19.28 -3.74
CA ARG E 307 -26.63 -18.95 -5.14
C ARG E 307 -25.75 -19.97 -5.83
N PHE E 308 -24.76 -20.52 -5.12
CA PHE E 308 -23.87 -21.48 -5.76
C PHE E 308 -24.37 -22.92 -5.71
N TYR E 309 -24.86 -23.38 -4.57
CA TYR E 309 -24.96 -24.80 -4.29
C TYR E 309 -26.37 -25.35 -4.43
N ASN E 310 -27.40 -24.50 -4.55
CA ASN E 310 -28.78 -24.98 -4.52
C ASN E 310 -29.12 -25.90 -5.68
N LYS E 311 -28.40 -25.78 -6.80
CA LYS E 311 -28.60 -26.70 -7.91
C LYS E 311 -28.08 -28.10 -7.64
N TYR E 312 -27.36 -28.32 -6.53
CA TYR E 312 -26.86 -29.63 -6.18
C TYR E 312 -27.51 -30.23 -4.94
N THR E 313 -28.20 -29.43 -4.13
CA THR E 313 -28.71 -29.86 -2.84
C THR E 313 -30.23 -29.95 -2.78
N ALA E 314 -30.89 -30.07 -3.93
CA ALA E 314 -32.35 -29.97 -3.96
C ALA E 314 -33.02 -31.19 -3.34
N GLU E 315 -32.45 -32.38 -3.55
CA GLU E 315 -33.02 -33.58 -2.96
C GLU E 315 -32.84 -33.59 -1.44
N ILE E 316 -31.66 -33.17 -0.96
CA ILE E 316 -31.42 -33.08 0.48
C ILE E 316 -32.31 -31.99 1.11
N ARG E 317 -32.55 -30.92 0.37
CA ARG E 317 -33.45 -29.87 0.86
C ARG E 317 -34.89 -30.35 0.93
N ASP E 318 -35.32 -31.13 -0.06
CA ASP E 318 -36.64 -31.74 -0.01
C ASP E 318 -36.76 -32.71 1.17
N SER E 319 -35.69 -33.46 1.45
CA SER E 319 -35.70 -34.36 2.59
C SER E 319 -35.82 -33.60 3.89
N PHE E 320 -35.10 -32.48 4.03
CA PHE E 320 -35.24 -31.68 5.24
C PHE E 320 -36.59 -30.99 5.33
N GLU E 321 -37.24 -30.71 4.21
CA GLU E 321 -38.59 -30.16 4.26
C GLU E 321 -39.60 -31.22 4.73
N ARG E 322 -39.69 -32.32 4.00
CA ARG E 322 -40.75 -33.29 4.29
C ARG E 322 -40.45 -34.15 5.51
N GLY E 323 -39.18 -34.42 5.79
CA GLY E 323 -38.80 -35.20 6.94
C GLY E 323 -38.24 -36.58 6.64
N THR E 324 -38.16 -36.99 5.38
CA THR E 324 -37.78 -38.38 5.08
C THR E 324 -37.21 -38.46 3.67
N MET E 325 -36.99 -39.70 3.21
CA MET E 325 -36.37 -40.11 1.95
C MET E 325 -34.92 -39.67 1.82
N VAL E 326 -34.18 -40.31 0.92
CA VAL E 326 -32.84 -39.86 0.59
C VAL E 326 -32.93 -38.47 -0.04
N ASN F 90 -11.41 -66.44 -11.66
CA ASN F 90 -11.70 -67.76 -11.10
C ASN F 90 -10.90 -67.99 -9.82
N ALA F 91 -9.58 -68.12 -9.95
CA ALA F 91 -8.73 -68.25 -8.77
C ALA F 91 -8.64 -66.90 -8.07
N VAL F 92 -8.94 -66.89 -6.78
CA VAL F 92 -9.09 -65.63 -6.06
C VAL F 92 -7.72 -64.96 -5.90
N ILE F 93 -7.73 -63.65 -5.99
CA ILE F 93 -6.59 -62.84 -5.59
C ILE F 93 -6.92 -62.26 -4.22
N LEU F 94 -6.07 -62.57 -3.24
CA LEU F 94 -6.28 -62.10 -1.88
C LEU F 94 -6.01 -60.61 -1.78
N HIS F 95 -6.39 -60.04 -0.63
CA HIS F 95 -6.22 -58.60 -0.43
C HIS F 95 -4.76 -58.21 -0.45
N GLU F 96 -3.89 -59.02 0.16
CA GLU F 96 -2.47 -58.72 0.29
C GLU F 96 -1.69 -58.97 -0.99
N ASP F 97 -2.31 -59.52 -2.01
CA ASP F 97 -1.66 -59.75 -3.29
C ASP F 97 -2.24 -58.88 -4.40
N LYS F 98 -3.19 -58.00 -4.09
CA LYS F 98 -3.93 -57.26 -5.09
C LYS F 98 -3.03 -56.25 -5.80
N GLN F 99 -3.21 -56.14 -7.11
CA GLN F 99 -2.51 -55.14 -7.91
C GLN F 99 -3.52 -54.07 -8.28
N TYR F 100 -3.28 -52.84 -7.86
CA TYR F 100 -4.16 -51.74 -8.21
C TYR F 100 -3.74 -51.04 -9.49
N TYR F 101 -2.51 -51.22 -9.92
CA TYR F 101 -1.95 -50.42 -11.00
C TYR F 101 -1.26 -51.34 -12.01
N PRO F 102 -1.17 -50.92 -13.26
CA PRO F 102 -0.44 -51.70 -14.26
C PRO F 102 1.06 -51.64 -14.01
N THR F 103 1.78 -52.47 -14.74
CA THR F 103 3.21 -52.47 -14.57
C THR F 103 3.83 -51.30 -15.33
N ALA F 104 5.07 -50.99 -14.98
CA ALA F 104 5.76 -49.90 -15.66
C ALA F 104 6.04 -50.23 -17.11
N ALA F 105 6.24 -51.51 -17.44
CA ALA F 105 6.38 -51.91 -18.83
C ALA F 105 5.10 -51.67 -19.61
N GLN F 106 3.94 -51.90 -19.01
CA GLN F 106 2.69 -51.61 -19.69
C GLN F 106 2.46 -50.11 -19.83
N VAL F 107 2.81 -49.34 -18.80
CA VAL F 107 2.60 -47.90 -18.84
C VAL F 107 3.52 -47.25 -19.87
N PHE F 108 4.78 -47.68 -19.95
CA PHE F 108 5.76 -46.99 -20.75
C PHE F 108 6.08 -47.66 -22.08
N GLY F 109 5.58 -48.86 -22.34
CA GLY F 109 5.85 -49.53 -23.59
C GLY F 109 7.16 -50.30 -23.60
N GLU F 110 7.55 -50.70 -24.81
CA GLU F 110 8.60 -51.68 -25.00
C GLU F 110 10.00 -51.08 -25.11
N GLY F 111 10.15 -49.98 -25.82
CA GLY F 111 11.46 -49.40 -26.00
C GLY F 111 11.95 -48.52 -24.87
N VAL F 112 11.28 -48.55 -23.72
CA VAL F 112 11.60 -47.70 -22.59
C VAL F 112 12.17 -48.57 -21.49
N GLU F 113 13.38 -48.24 -21.06
CA GLU F 113 14.02 -48.96 -19.95
C GLU F 113 13.56 -48.39 -18.61
N THR F 114 13.08 -49.25 -17.74
CA THR F 114 12.55 -48.86 -16.44
C THR F 114 13.51 -49.31 -15.34
N LEU F 115 13.98 -48.37 -14.54
CA LEU F 115 14.94 -48.62 -13.49
C LEU F 115 14.34 -48.24 -12.14
N VAL F 116 14.35 -49.19 -11.21
CA VAL F 116 13.94 -48.92 -9.84
C VAL F 116 15.21 -48.97 -9.00
N GLN F 117 15.67 -47.80 -8.57
CA GLN F 117 16.94 -47.66 -7.86
C GLN F 117 16.63 -47.16 -6.45
N GLU F 118 16.58 -48.08 -5.49
CA GLU F 118 16.27 -47.74 -4.11
C GLU F 118 17.43 -48.00 -3.16
N GLU F 119 18.62 -48.31 -3.68
CA GLU F 119 19.80 -48.53 -2.88
C GLU F 119 21.01 -47.93 -3.57
N ASP F 120 21.90 -47.34 -2.79
CA ASP F 120 23.10 -46.75 -3.34
C ASP F 120 24.07 -47.84 -3.78
N ALA F 121 24.78 -47.56 -4.87
CA ALA F 121 25.82 -48.48 -5.31
C ALA F 121 27.06 -48.38 -4.43
N GLN F 122 27.37 -47.20 -3.95
CA GLN F 122 28.62 -46.90 -3.27
C GLN F 122 28.32 -46.30 -1.91
N PRO F 123 29.25 -46.42 -0.96
CA PRO F 123 29.01 -45.87 0.38
C PRO F 123 29.23 -44.36 0.43
N LEU F 124 28.84 -43.79 1.57
CA LEU F 124 29.07 -42.37 1.81
C LEU F 124 30.54 -42.07 2.02
N THR F 125 31.32 -43.05 2.45
CA THR F 125 32.75 -42.86 2.63
C THR F 125 33.53 -42.84 1.32
N GLN F 126 32.92 -43.25 0.20
CA GLN F 126 33.62 -43.24 -1.06
C GLN F 126 33.36 -41.93 -1.78
N PRO F 127 34.35 -41.07 -1.96
CA PRO F 127 34.09 -39.72 -2.45
C PRO F 127 33.67 -39.68 -3.91
N ILE F 128 32.76 -38.75 -4.22
CA ILE F 128 32.28 -38.58 -5.58
C ILE F 128 33.41 -38.16 -6.50
N ILE F 129 34.23 -37.21 -6.07
CA ILE F 129 35.47 -36.86 -6.75
C ILE F 129 36.62 -37.34 -5.88
N ALA F 130 37.40 -38.27 -6.40
CA ALA F 130 38.48 -38.85 -5.61
C ALA F 130 39.60 -37.85 -5.41
N PRO F 131 40.00 -37.59 -4.16
CA PRO F 131 41.12 -36.66 -3.94
C PRO F 131 42.42 -37.28 -4.42
N VAL F 132 43.35 -36.42 -4.79
CA VAL F 132 44.65 -36.87 -5.27
C VAL F 132 45.58 -37.08 -4.08
N GLU F 133 45.95 -38.34 -3.84
CA GLU F 133 46.88 -38.65 -2.77
C GLU F 133 48.23 -38.98 -3.38
N GLN F 134 49.28 -38.69 -2.63
CA GLN F 134 50.65 -38.82 -3.10
C GLN F 134 51.27 -40.16 -2.76
N LYS F 135 50.91 -40.71 -1.59
CA LYS F 135 51.33 -42.05 -1.15
C LYS F 135 52.85 -42.17 -1.08
N LYS F 136 53.45 -41.36 -0.22
CA LYS F 136 54.89 -41.40 -0.01
C LYS F 136 55.19 -42.39 1.12
N PHE F 137 55.95 -43.42 0.79
CA PHE F 137 56.34 -44.44 1.76
C PHE F 137 57.84 -44.49 1.97
N SER F 138 58.58 -43.51 1.46
CA SER F 138 60.00 -43.41 1.71
C SER F 138 60.38 -41.94 1.64
N ILE F 139 61.33 -41.54 2.48
CA ILE F 139 61.69 -40.11 2.57
C ILE F 139 62.80 -39.88 1.55
N GLN F 140 62.39 -39.68 0.31
CA GLN F 140 63.33 -39.40 -0.77
C GLN F 140 63.53 -37.90 -0.89
N GLU F 141 64.74 -37.49 -1.20
CA GLU F 141 65.04 -36.07 -1.32
C GLU F 141 64.35 -35.49 -2.55
N ALA F 142 64.03 -34.20 -2.46
CA ALA F 142 63.39 -33.50 -3.58
C ALA F 142 64.33 -33.39 -4.76
N ASP F 143 65.47 -32.75 -4.57
CA ASP F 143 66.50 -32.63 -5.58
C ASP F 143 67.74 -33.39 -5.12
N LEU F 144 68.81 -33.28 -5.89
CA LEU F 144 70.10 -33.79 -5.44
C LEU F 144 70.72 -32.83 -4.44
N PRO F 145 71.12 -33.31 -3.27
CA PRO F 145 71.67 -32.42 -2.25
C PRO F 145 73.06 -31.95 -2.64
N PRO F 146 73.53 -30.85 -2.08
CA PRO F 146 74.91 -30.42 -2.36
C PRO F 146 75.91 -31.33 -1.70
N VAL F 147 76.98 -31.65 -2.42
CA VAL F 147 78.05 -32.50 -1.92
C VAL F 147 79.35 -31.73 -1.99
N TYR F 148 80.37 -32.27 -1.32
CA TYR F 148 81.68 -31.65 -1.29
C TYR F 148 82.63 -32.20 -2.34
N PHE F 149 82.13 -33.02 -3.26
CA PHE F 149 82.91 -33.50 -4.38
C PHE F 149 82.17 -33.20 -5.68
N ASP F 150 82.68 -33.74 -6.77
CA ASP F 150 82.11 -33.54 -8.09
C ASP F 150 81.57 -34.87 -8.61
N ARG F 151 80.31 -34.88 -9.04
CA ARG F 151 79.71 -36.13 -9.46
C ARG F 151 80.23 -36.59 -10.81
N GLY F 152 80.67 -35.66 -11.66
CA GLY F 152 81.39 -36.06 -12.87
C GLY F 152 82.70 -36.75 -12.55
N PHE F 153 83.42 -36.23 -11.55
CA PHE F 153 84.63 -36.90 -11.07
C PHE F 153 84.30 -38.27 -10.49
N MET F 154 83.14 -38.40 -9.86
CA MET F 154 82.72 -39.72 -9.36
C MET F 154 82.46 -40.68 -10.51
N THR F 155 81.87 -40.21 -11.60
CA THR F 155 81.67 -41.07 -12.77
C THR F 155 82.99 -41.46 -13.42
N ASP F 156 83.98 -40.56 -13.41
CA ASP F 156 85.30 -40.93 -13.93
C ASP F 156 85.99 -41.95 -13.03
N LEU F 157 85.80 -41.81 -11.72
CA LEU F 157 86.28 -42.84 -10.79
C LEU F 157 85.57 -44.16 -11.03
N MET F 158 84.30 -44.12 -11.46
CA MET F 158 83.62 -45.34 -11.89
C MET F 158 84.30 -45.92 -13.12
N ASN F 159 84.76 -45.07 -14.02
CA ASN F 159 85.40 -45.53 -15.25
C ASN F 159 86.69 -46.30 -14.95
N PHE F 160 87.49 -45.82 -13.99
CA PHE F 160 88.66 -46.59 -13.58
C PHE F 160 88.31 -47.64 -12.53
N PRO F 161 88.38 -48.94 -12.85
CA PRO F 161 87.84 -49.97 -11.97
C PRO F 161 88.82 -50.58 -10.97
N GLU F 162 90.01 -50.00 -10.78
CA GLU F 162 90.95 -50.53 -9.80
C GLU F 162 90.96 -49.74 -8.51
N GLN F 163 90.57 -48.47 -8.52
CA GLN F 163 90.56 -47.65 -7.32
C GLN F 163 89.17 -47.58 -6.70
N ILE F 164 88.42 -48.67 -6.84
CA ILE F 164 87.05 -48.82 -6.39
C ILE F 164 87.04 -49.93 -5.35
N ARG F 165 86.26 -49.74 -4.29
CA ARG F 165 86.05 -50.78 -3.29
C ARG F 165 84.55 -50.99 -3.10
N ASN F 166 84.12 -52.24 -3.19
CA ASN F 166 82.74 -52.61 -2.88
C ASN F 166 82.72 -53.27 -1.52
N ILE F 167 82.05 -52.64 -0.56
CA ILE F 167 82.04 -53.10 0.82
C ILE F 167 80.61 -53.12 1.33
N ALA F 168 80.38 -53.98 2.31
CA ALA F 168 79.12 -54.03 3.03
C ALA F 168 79.38 -53.82 4.51
N LEU F 169 78.62 -52.92 5.12
CA LEU F 169 78.62 -52.74 6.57
C LEU F 169 77.60 -53.72 7.15
N ALA F 170 78.10 -54.67 7.94
CA ALA F 170 77.24 -55.71 8.50
C ALA F 170 77.54 -55.87 9.98
N GLY F 171 76.56 -56.35 10.73
CA GLY F 171 76.75 -56.57 12.14
C GLY F 171 75.43 -56.86 12.82
N HIS F 172 75.48 -56.85 14.15
CA HIS F 172 74.31 -57.12 14.97
C HIS F 172 73.40 -55.89 15.01
N LEU F 173 72.22 -56.08 15.61
CA LEU F 173 71.25 -55.01 15.77
C LEU F 173 71.82 -53.86 16.58
N HIS F 174 71.71 -52.66 16.02
CA HIS F 174 71.98 -51.40 16.71
C HIS F 174 73.43 -51.26 17.13
N HIS F 175 74.35 -51.82 16.36
CA HIS F 175 75.77 -51.72 16.67
C HIS F 175 76.46 -50.59 15.94
N GLY F 176 75.74 -49.85 15.09
CA GLY F 176 76.24 -48.60 14.56
C GLY F 176 76.57 -48.57 13.08
N LYS F 177 75.85 -49.35 12.27
CA LYS F 177 76.17 -49.41 10.84
C LYS F 177 75.59 -48.22 10.10
N THR F 178 74.32 -47.91 10.36
CA THR F 178 73.72 -46.71 9.80
C THR F 178 74.38 -45.47 10.36
N ALA F 179 74.89 -45.54 11.60
CA ALA F 179 75.60 -44.41 12.16
C ALA F 179 76.97 -44.22 11.51
N PHE F 180 77.64 -45.32 11.13
CA PHE F 180 78.87 -45.21 10.36
C PHE F 180 78.61 -44.60 8.99
N MET F 181 77.53 -45.01 8.33
CA MET F 181 77.14 -44.38 7.08
C MET F 181 76.83 -42.91 7.27
N ASP F 182 76.23 -42.54 8.41
CA ASP F 182 75.98 -41.14 8.72
C ASP F 182 77.28 -40.35 8.84
N MET F 183 78.29 -40.95 9.46
CA MET F 183 79.62 -40.33 9.54
C MET F 183 80.15 -40.01 8.14
N LEU F 184 80.11 -41.01 7.26
CA LEU F 184 80.62 -40.79 5.90
C LEU F 184 79.77 -39.79 5.12
N VAL F 185 78.45 -39.83 5.29
CA VAL F 185 77.54 -38.92 4.60
C VAL F 185 77.76 -37.49 5.07
N LEU F 186 77.92 -37.29 6.38
CA LEU F 186 78.18 -35.94 6.86
C LEU F 186 79.57 -35.44 6.49
N GLU F 187 80.51 -36.35 6.24
CA GLU F 187 81.80 -35.91 5.71
C GLU F 187 81.69 -35.48 4.25
N THR F 188 80.84 -36.13 3.46
CA THR F 188 80.78 -35.82 2.03
C THR F 188 79.73 -34.79 1.64
N HIS F 189 78.64 -34.69 2.38
CA HIS F 189 77.46 -33.92 2.01
C HIS F 189 77.36 -32.63 2.82
N ALA F 190 76.75 -31.62 2.23
CA ALA F 190 76.56 -30.33 2.90
C ALA F 190 75.13 -30.25 3.42
N ILE F 191 74.88 -30.95 4.53
CA ILE F 191 73.56 -30.99 5.15
C ILE F 191 73.60 -30.61 6.62
N GLN F 192 74.76 -30.20 7.14
CA GLN F 192 74.89 -29.85 8.54
C GLN F 192 74.08 -28.63 8.91
N GLU F 193 73.91 -27.67 8.00
CA GLU F 193 73.12 -26.49 8.33
C GLU F 193 71.64 -26.83 8.48
N ARG F 194 71.13 -27.78 7.70
CA ARG F 194 69.75 -28.23 7.86
C ARG F 194 69.57 -29.02 9.15
N LEU F 195 70.55 -29.88 9.47
CA LEU F 195 70.48 -30.60 10.73
C LEU F 195 70.61 -29.65 11.92
N ASP F 196 71.28 -28.53 11.75
CA ASP F 196 71.35 -27.53 12.80
C ASP F 196 70.07 -26.71 12.91
N LYS F 197 69.40 -26.46 11.80
CA LYS F 197 68.12 -25.78 11.83
C LYS F 197 67.01 -26.62 12.44
N ARG F 198 67.26 -27.88 12.78
CA ARG F 198 66.20 -28.66 13.49
C ARG F 198 66.11 -28.16 14.91
N THR F 199 64.94 -28.25 15.53
CA THR F 199 64.73 -27.76 16.91
C THR F 199 64.01 -28.80 17.76
N GLY F 200 64.29 -28.83 19.06
CA GLY F 200 63.60 -29.77 19.96
C GLY F 200 64.20 -31.15 19.96
N LYS F 201 63.40 -32.16 20.21
CA LYS F 201 63.76 -33.57 20.22
C LYS F 201 64.23 -34.05 18.85
N LYS F 202 63.70 -33.46 17.78
CA LYS F 202 64.21 -33.80 16.47
C LYS F 202 65.64 -33.30 16.27
N ARG F 203 66.01 -32.20 16.93
CA ARG F 203 67.41 -31.83 16.96
C ARG F 203 68.24 -32.86 17.70
N ASP F 204 67.64 -33.58 18.65
CA ASP F 204 68.36 -34.71 19.24
C ASP F 204 68.33 -35.98 18.38
N GLU F 205 67.44 -36.06 17.40
CA GLU F 205 67.30 -37.28 16.61
C GLU F 205 68.56 -37.61 15.80
N GLN F 206 68.84 -38.90 15.68
CA GLN F 206 69.93 -39.37 14.84
C GLN F 206 69.57 -39.23 13.37
N LEU F 207 70.58 -38.94 12.55
CA LEU F 207 70.35 -38.64 11.14
C LEU F 207 69.76 -39.84 10.41
N ARG F 208 70.47 -40.97 10.43
CA ARG F 208 70.07 -42.23 9.79
C ARG F 208 69.73 -42.00 8.32
N TYR F 209 70.76 -41.61 7.57
CA TYR F 209 70.58 -41.22 6.18
C TYR F 209 70.12 -42.38 5.31
N THR F 210 70.56 -43.60 5.61
CA THR F 210 70.27 -44.74 4.76
C THR F 210 69.02 -45.50 5.19
N ASP F 211 68.36 -45.07 6.25
CA ASP F 211 67.04 -45.58 6.60
C ASP F 211 66.02 -44.65 5.98
N VAL F 212 65.29 -45.14 4.97
CA VAL F 212 64.33 -44.30 4.25
C VAL F 212 62.92 -44.87 4.26
N HIS F 213 62.75 -46.17 4.42
CA HIS F 213 61.44 -46.78 4.54
C HIS F 213 60.71 -46.24 5.76
N VAL F 214 59.38 -46.12 5.65
CA VAL F 214 58.60 -45.59 6.76
C VAL F 214 58.63 -46.52 7.96
N ILE F 215 58.71 -47.83 7.73
CA ILE F 215 58.95 -48.77 8.83
C ILE F 215 60.29 -48.48 9.49
N GLU F 216 61.31 -48.17 8.69
CA GLU F 216 62.62 -47.86 9.26
C GLU F 216 62.57 -46.60 10.10
N ARG F 217 61.90 -45.55 9.61
CA ARG F 217 61.80 -44.31 10.37
C ARG F 217 60.96 -44.47 11.63
N ASP F 218 59.95 -45.35 11.61
CA ASP F 218 59.10 -45.50 12.79
C ASP F 218 59.69 -46.48 13.80
N ARG F 219 60.03 -47.69 13.37
CA ARG F 219 60.57 -48.69 14.28
C ARG F 219 61.98 -48.35 14.74
N GLY F 220 62.72 -47.57 13.96
CA GLY F 220 64.05 -47.19 14.38
C GLY F 220 65.14 -48.19 14.09
N LEU F 221 64.93 -49.13 13.19
CA LEU F 221 65.95 -50.07 12.79
C LEU F 221 65.89 -50.25 11.28
N SER F 222 67.01 -50.67 10.70
CA SER F 222 67.04 -50.92 9.26
C SER F 222 66.43 -52.27 8.95
N ILE F 223 65.61 -52.31 7.91
CA ILE F 223 65.04 -53.56 7.42
C ILE F 223 65.39 -53.85 5.97
N LYS F 224 65.80 -52.84 5.19
CA LYS F 224 66.27 -53.03 3.83
C LYS F 224 67.76 -52.76 3.77
N ALA F 225 68.42 -53.40 2.81
CA ALA F 225 69.79 -53.00 2.49
C ALA F 225 69.77 -51.63 1.84
N ALA F 226 70.85 -50.90 2.00
CA ALA F 226 70.84 -49.53 1.50
C ALA F 226 72.18 -49.18 0.89
N PRO F 227 72.25 -48.97 -0.42
CA PRO F 227 73.52 -48.66 -1.06
C PRO F 227 73.76 -47.17 -1.21
N MET F 228 75.04 -46.81 -1.13
CA MET F 228 75.50 -45.46 -1.44
C MET F 228 76.83 -45.58 -2.15
N SER F 229 77.18 -44.54 -2.90
CA SER F 229 78.46 -44.47 -3.61
C SER F 229 79.11 -43.16 -3.26
N LEU F 230 80.22 -43.21 -2.52
CA LEU F 230 80.84 -42.02 -1.98
C LEU F 230 82.28 -41.90 -2.47
N VAL F 231 82.69 -40.66 -2.69
CA VAL F 231 84.09 -40.35 -3.03
C VAL F 231 84.76 -39.96 -1.72
N LEU F 232 85.46 -40.90 -1.13
CA LEU F 232 86.17 -40.69 0.14
C LEU F 232 87.66 -40.61 -0.12
N SER F 233 88.39 -40.07 0.85
CA SER F 233 89.80 -39.79 0.70
C SER F 233 90.63 -40.62 1.68
N SER F 234 91.84 -40.96 1.25
CA SER F 234 92.76 -41.73 2.08
C SER F 234 93.66 -40.78 2.86
N THR F 235 94.62 -41.35 3.59
CA THR F 235 95.53 -40.52 4.37
C THR F 235 96.48 -39.73 3.47
N LYS F 236 96.83 -40.29 2.32
CA LYS F 236 97.69 -39.58 1.37
C LYS F 236 96.94 -38.52 0.58
N GLY F 237 95.62 -38.48 0.71
CA GLY F 237 94.82 -37.48 0.01
C GLY F 237 94.18 -37.95 -1.27
N LYS F 238 94.43 -39.18 -1.70
CA LYS F 238 93.88 -39.63 -2.97
C LYS F 238 92.42 -40.01 -2.82
N SER F 239 91.59 -39.49 -3.72
CA SER F 239 90.18 -39.84 -3.74
C SER F 239 89.99 -41.23 -4.34
N HIS F 240 89.17 -42.03 -3.69
CA HIS F 240 88.80 -43.36 -4.17
C HIS F 240 87.30 -43.37 -4.40
N LEU F 241 86.80 -44.48 -4.94
CA LEU F 241 85.36 -44.66 -5.01
C LEU F 241 84.98 -45.82 -4.11
N PHE F 242 84.04 -45.59 -3.20
CA PHE F 242 83.57 -46.64 -2.30
C PHE F 242 82.09 -46.85 -2.58
N ASN F 243 81.73 -48.06 -2.99
CA ASN F 243 80.35 -48.49 -3.09
C ASN F 243 80.05 -49.26 -1.81
N ILE F 244 79.25 -48.68 -0.93
CA ILE F 244 78.99 -49.24 0.39
C ILE F 244 77.53 -49.62 0.47
N ILE F 245 77.26 -50.84 0.93
CA ILE F 245 75.91 -51.29 1.22
C ILE F 245 75.78 -51.43 2.73
N ASP F 246 74.85 -50.68 3.30
CA ASP F 246 74.54 -50.77 4.72
C ASP F 246 73.46 -51.83 4.92
N THR F 247 73.74 -52.84 5.72
CA THR F 247 72.81 -53.95 5.88
C THR F 247 72.07 -53.86 7.21
N PRO F 248 70.92 -54.52 7.35
CA PRO F 248 70.26 -54.59 8.66
C PRO F 248 71.06 -55.41 9.66
N GLY F 249 70.61 -55.35 10.90
CA GLY F 249 71.28 -56.05 11.97
C GLY F 249 70.33 -56.90 12.78
N HIS F 250 69.03 -56.71 12.57
CA HIS F 250 68.06 -57.61 13.15
C HIS F 250 68.21 -58.99 12.53
N VAL F 251 67.93 -60.02 13.32
CA VAL F 251 68.19 -61.39 12.91
C VAL F 251 67.16 -61.91 11.92
N ASP F 252 66.19 -61.08 11.56
CA ASP F 252 65.18 -61.45 10.58
C ASP F 252 65.49 -61.02 9.16
N PHE F 253 66.36 -60.02 8.98
CA PHE F 253 66.64 -59.47 7.65
C PHE F 253 68.02 -59.88 7.16
N VAL F 254 68.45 -61.08 7.59
CA VAL F 254 69.67 -61.68 7.09
C VAL F 254 69.55 -62.07 5.63
N ASP F 255 68.34 -62.08 5.05
CA ASP F 255 68.20 -62.13 3.60
C ASP F 255 68.75 -60.89 2.91
N GLU F 256 68.48 -59.71 3.49
CA GLU F 256 69.10 -58.48 3.02
C GLU F 256 70.61 -58.58 3.16
N VAL F 257 71.07 -59.14 4.29
CA VAL F 257 72.50 -59.33 4.49
C VAL F 257 73.09 -60.26 3.43
N ALA F 258 72.36 -61.34 3.09
CA ALA F 258 72.83 -62.29 2.08
C ALA F 258 72.94 -61.66 0.71
N ALA F 259 71.94 -60.87 0.31
CA ALA F 259 71.99 -60.20 -0.98
C ALA F 259 73.14 -59.22 -1.07
N ALA F 260 73.35 -58.43 -0.01
CA ALA F 260 74.48 -57.50 0.00
C ALA F 260 75.81 -58.23 -0.04
N PHE F 261 75.93 -59.34 0.71
CA PHE F 261 77.16 -60.12 0.72
C PHE F 261 77.43 -60.73 -0.64
N ARG F 262 76.39 -61.10 -1.37
CA ARG F 262 76.56 -61.57 -2.73
C ARG F 262 77.15 -60.47 -3.61
N LEU F 263 76.67 -59.24 -3.43
CA LEU F 263 77.19 -58.20 -4.32
C LEU F 263 78.60 -57.73 -3.97
N VAL F 264 78.96 -57.67 -2.70
CA VAL F 264 80.14 -56.91 -2.31
C VAL F 264 81.40 -57.77 -2.41
N ASP F 265 82.55 -57.07 -2.43
CA ASP F 265 83.86 -57.70 -2.41
C ASP F 265 84.46 -57.79 -1.02
N GLY F 266 84.05 -56.95 -0.08
CA GLY F 266 84.55 -57.05 1.27
C GLY F 266 83.49 -56.64 2.28
N VAL F 267 83.66 -57.10 3.51
CA VAL F 267 82.70 -56.86 4.57
C VAL F 267 83.40 -56.16 5.73
N CYS F 268 82.93 -54.96 6.06
CA CYS F 268 83.30 -54.31 7.31
C CYS F 268 82.26 -54.70 8.35
N LEU F 269 82.71 -55.39 9.39
CA LEU F 269 81.85 -55.89 10.45
C LEU F 269 81.87 -54.89 11.61
N VAL F 270 80.74 -54.28 11.89
CA VAL F 270 80.63 -53.33 12.98
C VAL F 270 80.22 -54.07 14.24
N VAL F 271 81.02 -53.96 15.29
CA VAL F 271 80.79 -54.65 16.56
C VAL F 271 80.84 -53.62 17.67
N ASP F 272 79.75 -53.55 18.43
CA ASP F 272 79.71 -52.74 19.66
C ASP F 272 80.75 -53.24 20.65
N VAL F 273 81.52 -52.30 21.20
CA VAL F 273 82.55 -52.70 22.16
C VAL F 273 81.94 -53.13 23.48
N VAL F 274 80.73 -52.69 23.80
CA VAL F 274 80.11 -53.12 25.05
C VAL F 274 79.56 -54.53 24.91
N GLU F 275 78.61 -54.74 23.99
CA GLU F 275 77.99 -56.04 23.88
C GLU F 275 78.90 -57.08 23.23
N GLY F 276 79.90 -56.65 22.47
CA GLY F 276 80.82 -57.60 21.88
C GLY F 276 80.16 -58.39 20.76
N VAL F 277 80.51 -59.66 20.68
CA VAL F 277 80.01 -60.52 19.63
C VAL F 277 78.66 -61.08 20.05
N GLN F 278 77.65 -60.77 19.27
CA GLN F 278 76.28 -61.20 19.51
C GLN F 278 75.88 -62.18 18.43
N VAL F 279 74.59 -62.51 18.41
CA VAL F 279 74.12 -63.63 17.60
C VAL F 279 74.26 -63.33 16.12
N ASN F 280 73.81 -62.16 15.68
CA ASN F 280 73.94 -61.84 14.28
C ASN F 280 75.37 -61.52 13.90
N THR F 281 76.20 -61.13 14.87
CA THR F 281 77.63 -61.03 14.62
C THR F 281 78.20 -62.41 14.28
N GLU F 282 77.81 -63.43 15.04
CA GLU F 282 78.26 -64.79 14.76
C GLU F 282 77.74 -65.28 13.42
N GLN F 283 76.46 -65.02 13.13
CA GLN F 283 75.86 -65.45 11.88
C GLN F 283 76.53 -64.81 10.67
N ILE F 284 76.77 -63.50 10.76
CA ILE F 284 77.40 -62.77 9.67
C ILE F 284 78.85 -63.19 9.50
N ILE F 285 79.55 -63.46 10.60
CA ILE F 285 80.92 -63.96 10.53
C ILE F 285 80.96 -65.30 9.82
N LYS F 286 80.06 -66.22 10.22
CA LYS F 286 80.03 -67.55 9.61
C LYS F 286 79.74 -67.47 8.13
N HIS F 287 78.73 -66.68 7.75
CA HIS F 287 78.38 -66.59 6.34
C HIS F 287 79.49 -65.94 5.53
N ALA F 288 80.12 -64.90 6.07
CA ALA F 288 81.19 -64.21 5.36
C ALA F 288 82.39 -65.10 5.14
N VAL F 289 82.80 -65.86 6.16
CA VAL F 289 84.01 -66.64 5.99
C VAL F 289 83.70 -67.94 5.25
N LEU F 290 82.45 -68.40 5.24
CA LEU F 290 82.10 -69.55 4.41
C LEU F 290 81.99 -69.16 2.94
N GLU F 291 81.53 -67.94 2.65
CA GLU F 291 81.56 -67.44 1.28
C GLU F 291 82.92 -66.85 0.92
N ASP F 292 83.87 -66.87 1.85
CA ASP F 292 85.26 -66.46 1.62
C ASP F 292 85.38 -64.99 1.26
N ILE F 293 84.46 -64.18 1.79
CA ILE F 293 84.54 -62.74 1.62
C ILE F 293 85.56 -62.18 2.60
N PRO F 294 86.49 -61.34 2.17
CA PRO F 294 87.43 -60.72 3.10
C PRO F 294 86.73 -59.83 4.12
N LEU F 295 87.27 -59.82 5.33
CA LEU F 295 86.61 -59.28 6.51
C LEU F 295 87.52 -58.29 7.20
N THR F 296 87.01 -57.09 7.48
CA THR F 296 87.67 -56.15 8.37
C THR F 296 86.73 -55.85 9.53
N LEU F 297 87.31 -55.36 10.63
CA LEU F 297 86.55 -55.19 11.86
C LEU F 297 86.49 -53.71 12.24
N ILE F 298 85.32 -53.28 12.71
CA ILE F 298 85.10 -51.94 13.22
C ILE F 298 84.58 -52.07 14.64
N ILE F 299 85.42 -51.78 15.62
CA ILE F 299 85.02 -51.75 17.02
C ILE F 299 84.40 -50.38 17.30
N ASN F 300 83.10 -50.35 17.56
CA ASN F 300 82.36 -49.11 17.71
C ASN F 300 82.04 -48.81 19.17
N LYS F 301 81.64 -47.56 19.42
CA LYS F 301 81.12 -47.06 20.70
C LYS F 301 82.19 -47.01 21.81
N MET F 302 83.35 -46.47 21.43
CA MET F 302 84.39 -46.21 22.41
C MET F 302 83.99 -45.12 23.39
N ASP F 303 83.03 -44.27 23.02
CA ASP F 303 82.46 -43.39 24.04
C ASP F 303 81.71 -44.19 25.09
N ARG F 304 81.13 -45.34 24.74
CA ARG F 304 80.56 -46.17 25.78
C ARG F 304 81.63 -46.78 26.65
N LEU F 305 82.82 -46.99 26.08
CA LEU F 305 83.94 -47.39 26.94
C LEU F 305 84.27 -46.31 27.97
N ILE F 306 84.32 -45.05 27.53
CA ILE F 306 84.81 -43.97 28.39
C ILE F 306 83.72 -43.46 29.34
N LEU F 307 82.49 -43.30 28.86
CA LEU F 307 81.44 -42.57 29.56
C LEU F 307 80.36 -43.42 30.18
N GLU F 308 80.09 -44.62 29.66
CA GLU F 308 79.08 -45.49 30.27
C GLU F 308 79.69 -46.43 31.30
N LEU F 309 80.61 -47.29 30.86
CA LEU F 309 81.23 -48.24 31.76
C LEU F 309 82.15 -47.56 32.75
N LYS F 310 82.78 -46.47 32.32
CA LYS F 310 83.72 -45.68 33.13
C LYS F 310 84.83 -46.54 33.71
N ILE F 311 85.37 -47.43 32.90
CA ILE F 311 86.49 -48.27 33.32
C ILE F 311 87.78 -47.54 33.01
N PRO F 312 88.86 -47.79 33.73
CA PRO F 312 90.14 -47.12 33.44
C PRO F 312 90.70 -47.55 32.10
N PRO F 313 91.67 -46.80 31.55
CA PRO F 313 92.19 -47.14 30.21
C PRO F 313 92.82 -48.52 30.07
N THR F 314 93.44 -49.05 31.12
CA THR F 314 93.98 -50.41 31.04
C THR F 314 92.86 -51.44 30.89
N ASP F 315 91.79 -51.27 31.65
CA ASP F 315 90.64 -52.15 31.51
C ASP F 315 89.93 -51.93 30.19
N ALA F 316 90.00 -50.72 29.64
CA ALA F 316 89.47 -50.49 28.30
C ALA F 316 90.26 -51.27 27.26
N TYR F 317 91.59 -51.32 27.41
CA TYR F 317 92.41 -52.15 26.54
C TYR F 317 92.00 -53.60 26.64
N PHE F 318 91.77 -54.08 27.87
CA PHE F 318 91.39 -55.49 28.04
C PHE F 318 90.03 -55.78 27.43
N LYS F 319 89.10 -54.83 27.54
CA LYS F 319 87.78 -54.98 26.92
C LYS F 319 87.89 -55.07 25.40
N LEU F 320 88.70 -54.20 24.81
CA LEU F 320 88.91 -54.23 23.36
C LEU F 320 89.55 -55.54 22.93
N LYS F 321 90.56 -56.00 23.69
CA LYS F 321 91.23 -57.25 23.39
C LYS F 321 90.27 -58.42 23.46
N HIS F 322 89.38 -58.41 24.46
CA HIS F 322 88.37 -59.45 24.60
C HIS F 322 87.44 -59.49 23.39
N VAL F 323 86.99 -58.32 22.93
CA VAL F 323 86.07 -58.29 21.79
C VAL F 323 86.76 -58.79 20.51
N ILE F 324 87.99 -58.33 20.27
CA ILE F 324 88.71 -58.74 19.06
C ILE F 324 88.99 -60.25 19.09
N GLU F 325 89.37 -60.78 20.24
CA GLU F 325 89.63 -62.21 20.33
C GLU F 325 88.34 -63.01 20.22
N GLU F 326 87.21 -62.46 20.62
CA GLU F 326 85.94 -63.17 20.43
C GLU F 326 85.57 -63.25 18.96
N VAL F 327 85.81 -62.17 18.20
CA VAL F 327 85.58 -62.22 16.76
C VAL F 327 86.48 -63.26 16.10
N ASN F 328 87.77 -63.25 16.48
CA ASN F 328 88.71 -64.22 15.91
C ASN F 328 88.38 -65.64 16.35
N THR F 329 87.81 -65.81 17.54
CA THR F 329 87.37 -67.12 17.99
C THR F 329 86.24 -67.66 17.12
N VAL F 330 85.29 -66.80 16.73
CA VAL F 330 84.24 -67.26 15.83
C VAL F 330 84.82 -67.60 14.46
N ILE F 331 85.82 -66.82 14.01
CA ILE F 331 86.51 -67.13 12.74
C ILE F 331 87.14 -68.52 12.80
N GLU F 332 87.88 -68.80 13.88
CA GLU F 332 88.57 -70.07 14.02
C GLU F 332 87.59 -71.23 14.16
N ASN F 333 86.54 -71.06 14.95
CA ASN F 333 85.54 -72.11 15.10
C ASN F 333 84.72 -72.32 13.85
N THR F 334 84.78 -71.40 12.89
CA THR F 334 84.13 -71.72 11.62
C THR F 334 85.08 -72.42 10.66
N ILE F 335 86.31 -71.94 10.53
CA ILE F 335 87.32 -72.59 9.71
C ILE F 335 88.48 -73.01 10.61
N PRO F 336 88.49 -74.25 11.10
CA PRO F 336 89.60 -74.69 11.94
C PRO F 336 90.87 -74.88 11.13
N GLY F 337 91.99 -74.40 11.69
CA GLY F 337 93.29 -74.54 11.08
C GLY F 337 93.70 -73.42 10.14
N ARG F 338 92.79 -72.50 9.81
CA ARG F 338 93.12 -71.40 8.93
C ARG F 338 92.50 -70.07 9.37
N GLY F 339 91.87 -70.05 10.54
CA GLY F 339 91.48 -68.78 11.13
C GLY F 339 92.67 -67.89 11.44
N GLU F 340 93.83 -68.48 11.72
CA GLU F 340 95.04 -67.70 11.86
C GLU F 340 95.45 -67.07 10.53
N SER F 341 95.15 -67.75 9.42
CA SER F 341 95.37 -67.12 8.12
C SER F 341 94.39 -65.97 7.89
N LYS F 342 93.22 -66.03 8.53
CA LYS F 342 92.27 -64.92 8.45
C LYS F 342 92.19 -64.10 9.74
N ARG F 343 93.30 -64.02 10.47
CA ARG F 343 93.33 -63.38 11.78
C ARG F 343 93.09 -61.87 11.69
N LEU F 344 92.22 -61.36 12.57
CA LEU F 344 91.92 -59.94 12.69
C LEU F 344 92.55 -59.39 13.96
N SER F 345 93.35 -58.34 13.82
CA SER F 345 94.06 -57.76 14.96
C SER F 345 94.45 -56.33 14.61
N PRO F 346 94.50 -55.43 15.60
CA PRO F 346 94.81 -54.02 15.30
C PRO F 346 96.20 -53.79 14.73
N GLU F 347 97.19 -54.60 15.11
CA GLU F 347 98.54 -54.37 14.62
C GLU F 347 98.70 -54.68 13.15
N LYS F 348 97.83 -55.53 12.59
CA LYS F 348 97.84 -55.77 11.16
C LYS F 348 97.22 -54.63 10.41
N GLY F 349 96.26 -53.94 11.01
CA GLY F 349 95.61 -52.81 10.39
C GLY F 349 94.25 -53.11 9.80
N ASN F 350 93.63 -54.23 10.15
CA ASN F 350 92.27 -54.53 9.72
C ASN F 350 91.27 -54.40 10.86
N VAL F 351 91.63 -53.68 11.92
CA VAL F 351 90.73 -53.33 13.00
C VAL F 351 90.70 -51.82 13.12
N LEU F 352 89.50 -51.24 13.14
CA LEU F 352 89.28 -49.80 13.19
C LEU F 352 88.49 -49.48 14.43
N PHE F 353 89.01 -48.60 15.27
CA PHE F 353 88.30 -48.17 16.46
C PHE F 353 87.53 -46.90 16.12
N ALA F 354 86.25 -46.87 16.47
CA ALA F 354 85.39 -45.79 16.02
C ALA F 354 84.39 -45.40 17.10
N CYS F 355 83.93 -44.16 17.01
CA CYS F 355 82.73 -43.70 17.71
C CYS F 355 81.94 -42.93 16.68
N THR F 356 80.80 -43.47 16.29
CA THR F 356 80.02 -42.95 15.18
C THR F 356 79.05 -41.85 15.61
N SER F 357 78.71 -41.78 16.90
CA SER F 357 77.91 -40.68 17.40
C SER F 357 78.74 -39.41 17.49
N MET F 358 80.07 -39.55 17.50
CA MET F 358 80.97 -38.42 17.54
C MET F 358 81.80 -38.31 16.29
N GLY F 359 81.57 -39.21 15.34
CA GLY F 359 82.13 -39.12 14.01
C GLY F 359 83.63 -39.25 13.92
N TRP F 360 84.22 -40.21 14.63
CA TRP F 360 85.65 -40.41 14.52
C TRP F 360 85.98 -41.89 14.42
N CYS F 361 87.12 -42.16 13.81
CA CYS F 361 87.66 -43.50 13.66
C CYS F 361 89.16 -43.39 13.51
N PHE F 362 89.87 -44.45 13.93
CA PHE F 362 91.30 -44.51 13.73
C PHE F 362 91.73 -45.97 13.65
N THR F 363 92.81 -46.19 12.91
CA THR F 363 93.61 -47.40 13.04
C THR F 363 94.86 -47.05 13.83
N LEU F 364 95.62 -48.08 14.20
CA LEU F 364 96.90 -47.82 14.83
C LEU F 364 97.87 -47.14 13.90
N GLN F 365 97.82 -47.49 12.61
CA GLN F 365 98.67 -46.84 11.62
C GLN F 365 98.30 -45.37 11.46
N SER F 366 97.01 -45.05 11.45
CA SER F 366 96.61 -43.65 11.34
C SER F 366 96.91 -42.87 12.61
N PHE F 367 96.88 -43.53 13.76
CA PHE F 367 97.18 -42.83 15.00
C PHE F 367 98.69 -42.56 15.11
N ALA F 368 99.50 -43.53 14.68
CA ALA F 368 100.93 -43.29 14.55
C ALA F 368 101.23 -42.25 13.49
N LYS F 369 100.40 -42.14 12.46
CA LYS F 369 100.55 -41.06 11.49
C LYS F 369 100.23 -39.71 12.11
N MET F 370 99.28 -39.66 13.04
CA MET F 370 99.08 -38.44 13.83
C MET F 370 100.32 -38.09 14.62
N TYR F 371 100.95 -39.09 15.23
CA TYR F 371 102.19 -38.82 15.96
C TYR F 371 103.29 -38.35 15.02
N SER F 372 103.35 -38.91 13.83
CA SER F 372 104.32 -38.50 12.82
C SER F 372 104.10 -37.06 12.38
N GLU F 373 102.84 -36.67 12.16
CA GLU F 373 102.59 -35.31 11.73
C GLU F 373 102.78 -34.32 12.86
N SER F 374 102.64 -34.75 14.11
CA SER F 374 102.85 -33.83 15.23
C SER F 374 104.32 -33.68 15.57
N TYR F 375 104.96 -34.77 15.98
CA TYR F 375 106.32 -34.69 16.51
C TYR F 375 107.39 -34.86 15.46
N GLY F 376 107.05 -35.35 14.28
CA GLY F 376 107.99 -35.38 13.18
C GLY F 376 108.91 -36.59 13.19
N GLY F 377 108.97 -37.28 12.07
CA GLY F 377 109.97 -38.30 11.86
C GLY F 377 109.87 -39.55 12.71
N VAL F 378 108.72 -40.22 12.71
CA VAL F 378 108.62 -41.54 13.29
C VAL F 378 108.31 -42.52 12.16
N ASN F 379 108.69 -43.78 12.37
CA ASN F 379 108.44 -44.82 11.40
C ASN F 379 107.08 -45.42 11.75
N VAL F 380 106.08 -45.13 10.92
CA VAL F 380 104.69 -45.26 11.33
C VAL F 380 104.29 -46.73 11.46
N GLU F 381 104.71 -47.57 10.51
CA GLU F 381 104.33 -48.97 10.56
C GLU F 381 104.97 -49.69 11.74
N GLU F 382 106.25 -49.41 12.00
CA GLU F 382 106.93 -50.00 13.15
C GLU F 382 106.31 -49.51 14.45
N PHE F 383 105.95 -48.22 14.51
CA PHE F 383 105.31 -47.69 15.71
C PHE F 383 103.96 -48.33 15.96
N ALA F 384 103.15 -48.55 14.93
CA ALA F 384 101.85 -49.19 15.12
C ALA F 384 101.99 -50.65 15.54
N ARG F 385 102.95 -51.36 14.92
CA ARG F 385 103.26 -52.72 15.30
C ARG F 385 103.64 -52.81 16.77
N ARG F 386 104.44 -51.87 17.25
CA ARG F 386 104.76 -51.83 18.66
C ARG F 386 103.73 -51.09 19.49
N LEU F 387 102.65 -50.63 18.88
CA LEU F 387 101.56 -50.05 19.66
C LEU F 387 100.59 -51.10 20.15
N TRP F 388 100.19 -52.03 19.31
CA TRP F 388 99.30 -53.07 19.85
C TRP F 388 100.07 -54.13 20.61
N GLY F 389 99.40 -54.73 21.59
CA GLY F 389 99.78 -56.02 22.13
C GLY F 389 100.18 -55.95 23.59
N ASP F 390 100.77 -57.03 24.07
CA ASP F 390 101.37 -57.10 25.40
C ASP F 390 102.79 -56.56 25.41
N VAL F 391 102.97 -55.36 24.87
CA VAL F 391 104.27 -54.70 24.90
C VAL F 391 104.12 -53.43 25.72
N TYR F 392 105.25 -52.96 26.23
CA TYR F 392 105.27 -51.86 27.18
C TYR F 392 106.32 -50.86 26.74
N PHE F 393 106.06 -49.59 27.01
CA PHE F 393 106.98 -48.52 26.67
C PHE F 393 107.71 -48.07 27.92
N ASN F 394 109.00 -48.37 27.99
CA ASN F 394 109.87 -47.84 29.02
C ASN F 394 110.34 -46.47 28.55
N PRO F 395 109.97 -45.38 29.25
CA PRO F 395 110.14 -44.02 28.69
C PRO F 395 111.57 -43.54 28.55
N LYS F 396 112.36 -43.59 29.63
CA LYS F 396 113.69 -42.99 29.60
C LYS F 396 114.64 -43.81 28.73
N LYS F 397 114.40 -45.10 28.59
CA LYS F 397 115.12 -45.89 27.60
C LYS F 397 114.52 -45.79 26.21
N ARG F 398 113.30 -45.25 26.11
CA ARG F 398 112.53 -45.19 24.86
C ARG F 398 112.42 -46.57 24.21
N THR F 399 112.16 -47.59 25.03
CA THR F 399 112.22 -48.96 24.55
C THR F 399 110.86 -49.62 24.65
N PHE F 400 110.65 -50.62 23.80
CA PHE F 400 109.44 -51.42 23.80
C PHE F 400 109.81 -52.83 24.23
N THR F 401 109.33 -53.23 25.40
CA THR F 401 109.70 -54.50 26.00
C THR F 401 108.46 -55.33 26.32
N ARG F 402 108.62 -56.66 26.33
CA ARG F 402 107.47 -57.51 26.63
C ARG F 402 107.04 -57.38 28.09
N LYS F 403 107.95 -56.97 28.97
CA LYS F 403 107.64 -56.74 30.37
C LYS F 403 108.03 -55.32 30.76
N PRO F 404 107.36 -54.72 31.74
CA PRO F 404 107.71 -53.36 32.13
C PRO F 404 109.05 -53.31 32.85
N ILE F 405 109.67 -52.13 32.79
CA ILE F 405 110.88 -51.87 33.56
C ILE F 405 110.58 -51.44 34.98
N GLU F 406 109.35 -50.99 35.26
CA GLU F 406 108.91 -50.64 36.60
C GLU F 406 107.57 -51.31 36.85
N GLU F 407 107.33 -51.69 38.11
CA GLU F 407 106.07 -52.31 38.47
C GLU F 407 104.94 -51.30 38.36
N GLY F 408 104.11 -51.46 37.33
CA GLY F 408 103.05 -50.53 37.07
C GLY F 408 103.27 -49.58 35.91
N ALA F 409 104.30 -49.80 35.10
CA ALA F 409 104.48 -49.01 33.89
C ALA F 409 103.40 -49.36 32.87
N LYS F 410 103.16 -48.43 31.96
CA LYS F 410 102.00 -48.50 31.09
C LYS F 410 102.31 -49.28 29.81
N ARG F 411 101.26 -49.90 29.27
CA ARG F 411 101.36 -50.52 27.96
C ARG F 411 101.58 -49.46 26.88
N SER F 412 102.03 -49.91 25.72
CA SER F 412 102.21 -48.99 24.61
C SER F 412 100.88 -48.45 24.12
N PHE F 413 99.89 -49.35 23.95
CA PHE F 413 98.59 -48.91 23.47
C PHE F 413 97.91 -47.99 24.47
N VAL F 414 97.91 -48.37 25.75
CA VAL F 414 97.35 -47.52 26.79
C VAL F 414 98.02 -46.15 26.78
N ASN F 415 99.35 -46.16 26.96
CA ASN F 415 100.14 -44.95 27.12
C ASN F 415 100.06 -44.02 25.91
N PHE F 416 99.97 -44.55 24.70
CA PHE F 416 100.04 -43.69 23.53
C PHE F 416 98.71 -43.48 22.81
N VAL F 417 97.69 -44.30 23.08
CA VAL F 417 96.41 -44.22 22.40
C VAL F 417 95.26 -44.04 23.39
N MET F 418 95.23 -44.86 24.43
CA MET F 418 93.94 -45.00 25.09
C MET F 418 93.78 -43.94 26.17
N GLU F 419 94.85 -43.65 26.91
CA GLU F 419 94.85 -42.50 27.81
C GLU F 419 94.70 -41.15 27.13
N PRO F 420 95.33 -40.84 25.98
CA PRO F 420 95.02 -39.58 25.31
C PRO F 420 93.56 -39.39 24.94
N ILE F 421 92.86 -40.44 24.54
CA ILE F 421 91.45 -40.31 24.21
C ILE F 421 90.61 -40.08 25.46
N TYR F 422 90.96 -40.77 26.55
CA TYR F 422 90.32 -40.53 27.84
C TYR F 422 90.51 -39.09 28.29
N LYS F 423 91.73 -38.55 28.13
CA LYS F 423 91.98 -37.18 28.55
C LYS F 423 91.30 -36.18 27.64
N LEU F 424 91.20 -36.48 26.35
CA LEU F 424 90.44 -35.63 25.44
C LEU F 424 89.00 -35.51 25.87
N TYR F 425 88.35 -36.65 26.16
CA TYR F 425 86.97 -36.63 26.61
C TYR F 425 86.82 -35.93 27.97
N SER F 426 87.68 -36.29 28.92
CA SER F 426 87.56 -35.80 30.29
C SER F 426 87.76 -34.29 30.36
N HIS F 427 88.78 -33.79 29.68
CA HIS F 427 89.01 -32.35 29.68
C HIS F 427 88.05 -31.60 28.79
N THR F 428 87.46 -32.25 27.78
CA THR F 428 86.47 -31.56 26.97
C THR F 428 85.17 -31.36 27.73
N ILE F 429 84.70 -32.38 28.44
CA ILE F 429 83.44 -32.22 29.14
C ILE F 429 83.59 -31.63 30.54
N SER F 430 84.81 -31.60 31.09
CA SER F 430 84.97 -31.20 32.49
C SER F 430 85.41 -29.75 32.65
N GLU F 431 86.18 -29.21 31.73
CA GLU F 431 86.81 -27.92 31.96
C GLU F 431 85.94 -26.78 31.47
N GLY F 432 86.18 -25.60 32.03
CA GLY F 432 85.51 -24.40 31.61
C GLY F 432 85.99 -23.95 30.25
N PRO F 433 85.37 -22.91 29.70
CA PRO F 433 85.75 -22.49 28.33
C PRO F 433 87.18 -21.97 28.21
N GLU F 434 87.67 -21.22 29.18
CA GLU F 434 89.03 -20.68 29.07
C GLU F 434 90.08 -21.77 29.29
N ASP F 435 89.87 -22.63 30.28
CA ASP F 435 90.78 -23.76 30.49
C ASP F 435 90.78 -24.70 29.30
N LEU F 436 89.60 -24.93 28.72
CA LEU F 436 89.49 -25.77 27.55
C LEU F 436 90.20 -25.15 26.36
N LYS F 437 90.08 -23.83 26.19
CA LYS F 437 90.81 -23.15 25.13
C LYS F 437 92.31 -23.29 25.32
N ARG F 438 92.77 -23.24 26.57
CA ARG F 438 94.19 -23.43 26.87
C ARG F 438 94.67 -24.83 26.48
N THR F 439 93.90 -25.85 26.86
CA THR F 439 94.30 -27.24 26.59
C THR F 439 94.26 -27.55 25.10
N LEU F 440 93.19 -27.17 24.42
CA LEU F 440 93.10 -27.44 22.99
C LEU F 440 94.07 -26.59 22.19
N SER F 441 94.43 -25.41 22.70
CA SER F 441 95.44 -24.61 22.02
C SER F 441 96.83 -25.18 22.22
N LYS F 442 97.06 -25.86 23.35
CA LYS F 442 98.27 -26.66 23.49
C LYS F 442 98.32 -27.74 22.42
N LEU F 443 97.21 -28.43 22.21
CA LEU F 443 97.22 -29.48 21.18
C LEU F 443 97.17 -28.93 19.76
N GLY F 444 96.83 -27.66 19.57
CA GLY F 444 96.65 -27.15 18.23
C GLY F 444 95.24 -27.23 17.72
N ILE F 445 94.27 -27.44 18.60
CA ILE F 445 92.86 -27.55 18.25
C ILE F 445 92.19 -26.22 18.56
N PHE F 446 91.49 -25.65 17.58
CA PHE F 446 90.88 -24.35 17.75
C PHE F 446 89.43 -24.37 17.35
N LEU F 447 88.62 -23.63 18.10
CA LEU F 447 87.19 -23.51 17.90
C LEU F 447 86.80 -22.05 18.03
N LYS F 448 85.60 -21.72 17.58
CA LYS F 448 85.04 -20.42 17.89
C LYS F 448 84.56 -20.39 19.34
N PRO F 449 84.62 -19.22 20.00
CA PRO F 449 84.22 -19.16 21.43
C PRO F 449 82.78 -19.55 21.71
N SER F 450 81.87 -19.32 20.77
CA SER F 450 80.51 -19.84 20.90
C SER F 450 80.52 -21.36 20.94
N GLN F 451 81.33 -21.98 20.07
CA GLN F 451 81.49 -23.43 20.10
C GLN F 451 82.15 -23.88 21.39
N TYR F 452 82.99 -23.03 21.99
CA TYR F 452 83.57 -23.37 23.29
C TYR F 452 82.50 -23.44 24.36
N LYS F 453 81.56 -22.50 24.35
CA LYS F 453 80.49 -22.50 25.34
C LYS F 453 79.31 -23.38 24.95
N ALA F 454 79.40 -24.12 23.85
CA ALA F 454 78.32 -24.99 23.38
C ALA F 454 78.05 -26.13 24.37
N ASP F 455 76.99 -26.89 24.07
CA ASP F 455 76.57 -28.02 24.88
C ASP F 455 77.64 -29.09 24.90
N PRO F 456 77.71 -29.91 25.96
CA PRO F 456 78.79 -30.90 26.06
C PRO F 456 78.84 -31.90 24.92
N LYS F 457 77.70 -32.34 24.40
CA LYS F 457 77.71 -33.33 23.33
C LYS F 457 78.14 -32.74 22.00
N VAL F 458 77.62 -31.56 21.65
CA VAL F 458 78.03 -30.92 20.41
C VAL F 458 79.49 -30.46 20.49
N LEU F 459 79.91 -29.96 21.66
CA LEU F 459 81.31 -29.60 21.88
C LEU F 459 82.22 -30.81 21.76
N MET F 460 81.79 -31.95 22.30
CA MET F 460 82.61 -33.15 22.23
C MET F 460 82.76 -33.61 20.78
N LYS F 461 81.69 -33.53 20.00
CA LYS F 461 81.79 -33.87 18.59
C LYS F 461 82.71 -32.91 17.82
N LEU F 462 82.66 -31.63 18.15
CA LEU F 462 83.53 -30.66 17.48
C LEU F 462 85.00 -30.88 17.82
N VAL F 463 85.30 -31.16 19.08
CA VAL F 463 86.67 -31.42 19.48
C VAL F 463 87.17 -32.72 18.85
N CYS F 464 86.30 -33.73 18.76
CA CYS F 464 86.69 -34.97 18.10
C CYS F 464 86.95 -34.78 16.62
N GLU F 465 86.18 -33.90 15.97
CA GLU F 465 86.45 -33.58 14.57
C GLU F 465 87.79 -32.89 14.40
N GLN F 466 88.13 -31.98 15.33
CA GLN F 466 89.42 -31.32 15.21
C GLN F 466 90.57 -32.24 15.57
N PHE F 467 90.34 -33.24 16.42
CA PHE F 467 91.40 -34.15 16.82
C PHE F 467 91.63 -35.23 15.76
N PHE F 468 90.61 -36.06 15.52
CA PHE F 468 90.81 -37.23 14.68
C PHE F 468 90.77 -36.89 13.20
N GLY F 469 89.90 -35.99 12.80
CA GLY F 469 89.74 -35.68 11.39
C GLY F 469 88.74 -36.59 10.71
N PRO F 470 88.73 -36.56 9.38
CA PRO F 470 87.81 -37.42 8.61
C PRO F 470 88.19 -38.90 8.60
N SER F 471 87.52 -39.69 7.78
CA SER F 471 87.56 -41.15 7.82
C SER F 471 88.68 -41.75 6.98
N THR F 472 89.80 -41.03 6.86
CA THR F 472 90.93 -41.51 6.10
C THR F 472 91.47 -42.83 6.64
N ALA F 473 91.35 -43.07 7.95
CA ALA F 473 91.77 -44.34 8.51
C ALA F 473 90.93 -45.49 7.99
N PHE F 474 89.63 -45.29 7.90
CA PHE F 474 88.72 -46.28 7.32
C PHE F 474 89.03 -46.53 5.85
N VAL F 475 89.32 -45.45 5.12
CA VAL F 475 89.63 -45.60 3.69
C VAL F 475 90.94 -46.35 3.49
N ASP F 476 91.96 -46.05 4.31
CA ASP F 476 93.21 -46.78 4.24
C ASP F 476 93.02 -48.26 4.57
N MET F 477 92.24 -48.55 5.62
CA MET F 477 92.01 -49.94 6.00
C MET F 477 91.31 -50.71 4.89
N VAL F 478 90.29 -50.12 4.27
CA VAL F 478 89.57 -50.83 3.24
C VAL F 478 90.41 -51.01 1.99
N ILE F 479 91.17 -49.96 1.61
CA ILE F 479 92.05 -50.06 0.45
C ILE F 479 93.10 -51.13 0.65
N LYS F 480 93.69 -51.19 1.84
CA LYS F 480 94.75 -52.15 2.09
C LYS F 480 94.22 -53.58 2.19
N HIS F 481 93.11 -53.79 2.89
CA HIS F 481 92.70 -55.14 3.25
C HIS F 481 91.49 -55.65 2.50
N ILE F 482 90.99 -54.94 1.50
CA ILE F 482 89.84 -55.44 0.75
C ILE F 482 90.13 -55.36 -0.74
N PRO F 483 89.89 -56.44 -1.49
CA PRO F 483 90.27 -56.46 -2.90
C PRO F 483 89.44 -55.55 -3.78
N SER F 484 90.05 -55.12 -4.88
CA SER F 484 89.36 -54.38 -5.91
C SER F 484 88.40 -55.30 -6.66
N PRO F 485 87.44 -54.74 -7.41
CA PRO F 485 86.71 -55.58 -8.36
C PRO F 485 87.62 -56.28 -9.36
N LEU F 486 88.69 -55.61 -9.79
CA LEU F 486 89.67 -56.19 -10.69
C LEU F 486 90.37 -57.41 -10.09
N GLU F 487 90.42 -57.51 -8.77
CA GLU F 487 91.05 -58.65 -8.11
C GLU F 487 90.03 -59.68 -7.66
N ALA F 488 88.81 -59.27 -7.32
CA ALA F 488 87.79 -60.17 -6.79
C ALA F 488 86.85 -60.70 -7.85
N ALA F 489 86.97 -60.23 -9.10
CA ALA F 489 86.09 -60.71 -10.15
C ALA F 489 86.31 -62.19 -10.42
N GLU F 490 87.56 -62.64 -10.41
CA GLU F 490 87.85 -64.05 -10.68
C GLU F 490 87.30 -64.94 -9.58
N LYS F 491 87.44 -64.52 -8.31
CA LYS F 491 86.89 -65.27 -7.20
C LYS F 491 85.37 -65.34 -7.27
N LYS F 492 84.73 -64.22 -7.59
CA LYS F 492 83.28 -64.22 -7.63
C LYS F 492 82.76 -65.00 -8.83
N LEU F 493 83.52 -65.04 -9.93
CA LEU F 493 83.15 -65.87 -11.07
C LEU F 493 83.28 -67.35 -10.74
N GLU F 494 84.41 -67.76 -10.16
CA GLU F 494 84.56 -69.18 -9.85
C GLU F 494 83.64 -69.62 -8.72
N ARG F 495 83.12 -68.68 -7.94
CA ARG F 495 82.23 -69.02 -6.85
C ARG F 495 80.76 -68.99 -7.23
N TYR F 496 80.34 -68.13 -8.17
CA TYR F 496 78.91 -67.94 -8.40
C TYR F 496 78.48 -67.98 -9.87
N TYR F 497 79.32 -68.46 -10.78
CA TYR F 497 78.94 -68.54 -12.19
C TYR F 497 78.70 -69.99 -12.58
N THR F 498 77.53 -70.26 -13.14
CA THR F 498 77.19 -71.61 -13.60
C THR F 498 77.80 -71.94 -14.96
N GLY F 499 78.23 -70.92 -15.72
CA GLY F 499 78.72 -71.15 -17.06
C GLY F 499 80.15 -71.62 -17.09
N PRO F 500 80.62 -71.94 -18.28
CA PRO F 500 82.03 -72.30 -18.45
C PRO F 500 82.93 -71.09 -18.28
N LEU F 501 84.04 -71.29 -17.60
CA LEU F 501 84.95 -70.21 -17.24
C LEU F 501 86.00 -69.93 -18.30
N ASP F 502 86.07 -70.74 -19.36
CA ASP F 502 87.07 -70.60 -20.40
C ASP F 502 86.53 -69.90 -21.65
N THR F 503 85.60 -68.97 -21.47
CA THR F 503 84.95 -68.27 -22.57
C THR F 503 85.38 -66.82 -22.57
N LYS F 504 85.04 -66.12 -23.65
CA LYS F 504 85.44 -64.72 -23.78
C LYS F 504 84.59 -63.83 -22.89
N ILE F 505 83.31 -64.19 -22.68
CA ILE F 505 82.50 -63.45 -21.73
C ILE F 505 83.00 -63.68 -20.30
N ALA F 506 83.47 -64.89 -20.00
CA ALA F 506 84.08 -65.14 -18.71
C ALA F 506 85.37 -64.33 -18.55
N GLU F 507 86.14 -64.19 -19.63
CA GLU F 507 87.33 -63.36 -19.58
C GLU F 507 86.98 -61.89 -19.36
N SER F 508 85.91 -61.41 -19.99
CA SER F 508 85.51 -60.02 -19.84
C SER F 508 85.00 -59.74 -18.44
N MET F 509 84.23 -60.67 -17.85
CA MET F 509 83.81 -60.48 -16.47
C MET F 509 84.98 -60.61 -15.50
N LYS F 510 85.94 -61.48 -15.81
CA LYS F 510 87.11 -61.64 -14.96
C LYS F 510 87.99 -60.39 -14.98
N ASN F 511 88.09 -59.73 -16.12
CA ASN F 511 88.89 -58.53 -16.25
C ASN F 511 88.10 -57.25 -16.03
N CYS F 512 86.80 -57.35 -15.75
CA CYS F 512 85.91 -56.19 -15.51
C CYS F 512 85.95 -55.21 -16.68
N ASP F 513 85.97 -55.75 -17.89
CA ASP F 513 86.07 -54.93 -19.09
C ASP F 513 84.75 -54.19 -19.31
N GLN F 514 84.82 -52.86 -19.41
CA GLN F 514 83.63 -52.08 -19.68
C GLN F 514 83.28 -52.03 -21.16
N ASN F 515 84.17 -52.50 -22.03
CA ASN F 515 83.90 -52.56 -23.46
C ASN F 515 83.24 -53.85 -23.89
N GLY F 516 83.13 -54.83 -22.99
CA GLY F 516 82.60 -56.13 -23.35
C GLY F 516 81.10 -56.17 -23.32
N PRO F 517 80.53 -57.38 -23.29
CA PRO F 517 79.07 -57.50 -23.26
C PRO F 517 78.51 -57.12 -21.90
N LEU F 518 77.24 -56.70 -21.92
CA LEU F 518 76.58 -56.26 -20.70
C LEU F 518 76.14 -57.47 -19.88
N VAL F 519 76.65 -57.56 -18.64
CA VAL F 519 76.21 -58.53 -17.65
C VAL F 519 76.00 -57.79 -16.34
N VAL F 520 74.78 -57.87 -15.79
CA VAL F 520 74.44 -57.29 -14.50
C VAL F 520 73.83 -58.38 -13.64
N HIS F 521 74.40 -58.62 -12.46
CA HIS F 521 73.88 -59.64 -11.55
C HIS F 521 72.96 -58.95 -10.55
N VAL F 522 71.67 -58.91 -10.86
CA VAL F 522 70.69 -58.25 -10.01
C VAL F 522 70.29 -59.19 -8.89
N THR F 523 70.47 -58.75 -7.65
CA THR F 523 70.04 -59.54 -6.51
C THR F 523 69.14 -58.79 -5.54
N LYS F 524 68.88 -57.50 -5.76
CA LYS F 524 67.97 -56.80 -4.86
C LYS F 524 67.01 -55.95 -5.68
N LEU F 525 65.82 -55.72 -5.15
CA LEU F 525 64.82 -54.89 -5.80
C LEU F 525 64.28 -53.88 -4.81
N PHE F 526 64.53 -52.60 -5.07
CA PHE F 526 64.09 -51.50 -4.23
C PHE F 526 62.90 -50.82 -4.89
N ASN F 527 61.78 -50.76 -4.19
CA ASN F 527 60.58 -50.19 -4.80
C ASN F 527 60.70 -48.67 -4.91
N THR F 528 59.91 -48.11 -5.83
CA THR F 528 60.00 -46.70 -6.16
C THR F 528 59.25 -45.86 -5.12
N ILE F 529 59.16 -44.56 -5.37
CA ILE F 529 58.66 -43.64 -4.35
C ILE F 529 57.16 -43.83 -4.12
N ASP F 530 56.41 -44.06 -5.19
CA ASP F 530 54.99 -44.36 -5.07
C ASP F 530 54.71 -45.85 -5.03
N ALA F 531 55.77 -46.66 -5.05
CA ALA F 531 55.70 -48.13 -4.95
C ALA F 531 54.83 -48.73 -6.06
N LYS F 532 54.98 -48.19 -7.27
CA LYS F 532 54.33 -48.78 -8.43
C LYS F 532 55.24 -49.71 -9.19
N SER F 533 56.54 -49.70 -8.91
CA SER F 533 57.50 -50.53 -9.59
C SER F 533 58.70 -50.75 -8.69
N PHE F 534 59.62 -51.59 -9.16
CA PHE F 534 60.72 -52.11 -8.36
C PHE F 534 62.02 -51.91 -9.13
N TYR F 535 62.76 -50.85 -8.82
CA TYR F 535 64.10 -50.67 -9.37
C TYR F 535 64.97 -51.87 -9.04
N ALA F 536 65.66 -52.40 -10.04
CA ALA F 536 66.47 -53.61 -9.86
C ALA F 536 67.90 -53.18 -9.54
N PHE F 537 68.34 -53.44 -8.33
CA PHE F 537 69.68 -53.12 -7.90
C PHE F 537 70.57 -54.34 -8.06
N GLY F 538 71.71 -54.13 -8.72
CA GLY F 538 72.65 -55.20 -8.93
C GLY F 538 74.04 -54.66 -9.16
N ARG F 539 74.92 -55.56 -9.55
CA ARG F 539 76.32 -55.24 -9.82
C ARG F 539 76.60 -55.41 -11.31
N VAL F 540 77.12 -54.36 -11.93
CA VAL F 540 77.66 -54.47 -13.28
C VAL F 540 78.99 -55.19 -13.20
N MET F 541 79.06 -56.35 -13.86
CA MET F 541 80.20 -57.26 -13.92
C MET F 541 81.05 -57.05 -15.16
N SER F 542 80.42 -56.78 -16.30
CA SER F 542 81.13 -56.51 -17.54
C SER F 542 80.26 -55.61 -18.40
N GLY F 543 80.91 -54.76 -19.18
CA GLY F 543 80.21 -53.85 -20.05
C GLY F 543 79.91 -52.51 -19.40
N ILE F 544 78.92 -51.83 -19.97
CA ILE F 544 78.43 -50.56 -19.44
C ILE F 544 76.91 -50.60 -19.50
N ALA F 545 76.26 -50.49 -18.35
CA ALA F 545 74.80 -50.44 -18.31
C ALA F 545 74.36 -49.01 -18.60
N ARG F 546 73.67 -48.81 -19.73
CA ARG F 546 73.30 -47.49 -20.19
C ARG F 546 71.84 -47.47 -20.60
N PRO F 547 71.17 -46.31 -20.51
CA PRO F 547 69.72 -46.28 -20.71
C PRO F 547 69.31 -46.57 -22.14
N GLY F 548 68.08 -47.05 -22.28
CA GLY F 548 67.52 -47.36 -23.59
C GLY F 548 68.21 -48.52 -24.28
N ALA F 549 68.56 -49.55 -23.53
CA ALA F 549 69.37 -50.65 -24.06
C ALA F 549 68.59 -51.95 -24.00
N ASP F 550 68.53 -52.66 -25.13
CA ASP F 550 67.78 -53.90 -25.19
C ASP F 550 68.59 -55.02 -24.54
N VAL F 551 67.99 -55.69 -23.56
CA VAL F 551 68.65 -56.71 -22.76
C VAL F 551 67.75 -57.93 -22.65
N ARG F 552 68.33 -59.03 -22.20
CA ARG F 552 67.61 -60.23 -21.84
C ARG F 552 67.74 -60.45 -20.35
N VAL F 553 66.62 -60.39 -19.64
CA VAL F 553 66.59 -60.63 -18.21
C VAL F 553 66.38 -62.12 -18.01
N LEU F 554 67.28 -62.75 -17.26
CA LEU F 554 67.34 -64.19 -17.10
C LEU F 554 67.00 -64.55 -15.67
N GLY F 555 66.03 -65.43 -15.49
CA GLY F 555 65.62 -65.84 -14.16
C GLY F 555 66.59 -66.80 -13.52
N GLU F 556 66.20 -67.31 -12.36
CA GLU F 556 67.03 -68.24 -11.62
C GLU F 556 67.01 -69.64 -12.22
N GLY F 557 66.10 -69.92 -13.13
CA GLY F 557 65.99 -71.25 -13.72
C GLY F 557 66.16 -71.27 -15.21
N TYR F 558 67.08 -70.46 -15.71
CA TYR F 558 67.34 -70.37 -17.15
C TYR F 558 68.48 -71.31 -17.52
N THR F 559 68.22 -72.22 -18.45
CA THR F 559 69.22 -73.09 -19.03
C THR F 559 69.16 -72.95 -20.54
N LEU F 560 70.02 -73.70 -21.24
CA LEU F 560 70.03 -73.63 -22.70
C LEU F 560 68.81 -74.31 -23.30
N ASP F 561 68.47 -75.50 -22.82
CA ASP F 561 67.30 -76.19 -23.33
C ASP F 561 66.01 -75.53 -22.85
N ASP F 562 65.94 -75.22 -21.56
CA ASP F 562 64.75 -74.60 -20.97
C ASP F 562 64.99 -73.10 -20.85
N GLU F 563 64.46 -72.34 -21.80
CA GLU F 563 64.60 -70.90 -21.84
C GLU F 563 63.30 -70.18 -21.53
N GLU F 564 62.46 -70.78 -20.67
CA GLU F 564 61.23 -70.11 -20.28
C GLU F 564 61.50 -68.95 -19.34
N ASP F 565 62.55 -69.04 -18.52
CA ASP F 565 62.92 -67.96 -17.62
C ASP F 565 63.87 -66.98 -18.31
N MET F 566 63.38 -66.42 -19.41
CA MET F 566 64.12 -65.40 -20.15
C MET F 566 63.10 -64.44 -20.72
N VAL F 567 63.29 -63.15 -20.50
CA VAL F 567 62.40 -62.12 -21.02
C VAL F 567 63.22 -61.04 -21.67
N VAL F 568 62.93 -60.74 -22.94
CA VAL F 568 63.54 -59.57 -23.57
C VAL F 568 62.90 -58.30 -23.01
N SER F 569 63.73 -57.33 -22.68
CA SER F 569 63.25 -56.07 -22.13
C SER F 569 64.21 -54.97 -22.54
N ARG F 570 63.96 -53.76 -22.02
CA ARG F 570 64.86 -52.65 -22.26
C ARG F 570 65.18 -51.96 -20.94
N ILE F 571 66.47 -51.84 -20.63
CA ILE F 571 66.93 -50.94 -19.59
C ILE F 571 66.55 -49.53 -20.01
N SER F 572 65.70 -48.89 -19.22
CA SER F 572 65.15 -47.57 -19.51
C SER F 572 65.76 -46.45 -18.67
N ASP F 573 65.98 -46.68 -17.38
CA ASP F 573 66.62 -45.69 -16.53
C ASP F 573 67.80 -46.32 -15.82
N VAL F 574 68.88 -45.55 -15.67
CA VAL F 574 70.09 -46.03 -15.01
C VAL F 574 70.49 -45.02 -13.94
N PHE F 575 70.59 -45.48 -12.70
CA PHE F 575 70.92 -44.63 -11.58
C PHE F 575 72.10 -45.18 -10.81
N ILE F 576 72.88 -44.26 -10.26
CA ILE F 576 73.71 -44.53 -9.10
C ILE F 576 72.85 -44.31 -7.87
N ALA F 577 72.68 -45.35 -7.07
CA ALA F 577 71.80 -45.28 -5.93
C ALA F 577 72.51 -44.61 -4.76
N GLU F 578 71.83 -43.63 -4.15
CA GLU F 578 72.32 -43.02 -2.92
C GLU F 578 71.28 -43.09 -1.81
N THR F 579 70.37 -44.06 -1.89
CA THR F 579 69.31 -44.33 -0.92
C THR F 579 68.35 -43.15 -0.79
N ARG F 580 68.81 -42.01 -0.26
CA ARG F 580 67.95 -40.84 -0.15
C ARG F 580 67.64 -40.20 -1.49
N TYR F 581 68.45 -40.49 -2.51
CA TYR F 581 68.25 -39.93 -3.83
C TYR F 581 68.97 -40.84 -4.82
N ASN F 582 68.68 -40.64 -6.10
CA ASN F 582 69.31 -41.37 -7.17
C ASN F 582 69.95 -40.39 -8.14
N ILE F 583 71.16 -40.69 -8.58
CA ILE F 583 71.86 -39.87 -9.57
C ILE F 583 71.67 -40.51 -10.93
N PRO F 584 70.89 -39.92 -11.83
CA PRO F 584 70.68 -40.53 -13.15
C PRO F 584 71.92 -40.34 -14.01
N THR F 585 72.39 -41.41 -14.63
CA THR F 585 73.61 -41.34 -15.42
C THR F 585 73.37 -41.87 -16.83
N ASP F 586 74.31 -41.54 -17.71
CA ASP F 586 74.30 -42.06 -19.07
C ASP F 586 74.93 -43.43 -19.18
N GLY F 587 75.61 -43.90 -18.14
CA GLY F 587 76.21 -45.22 -18.18
C GLY F 587 76.99 -45.57 -16.93
N VAL F 588 76.79 -46.77 -16.41
CA VAL F 588 77.52 -47.30 -15.27
C VAL F 588 78.45 -48.40 -15.79
N PRO F 589 79.76 -48.21 -15.72
CA PRO F 589 80.66 -49.25 -16.25
C PRO F 589 80.76 -50.49 -15.39
N ALA F 590 81.61 -51.42 -15.80
CA ALA F 590 81.78 -52.68 -15.10
C ALA F 590 82.39 -52.48 -13.72
N GLY F 591 82.28 -53.53 -12.91
CA GLY F 591 82.79 -53.52 -11.55
C GLY F 591 82.11 -52.51 -10.65
N ASN F 592 80.80 -52.36 -10.77
CA ASN F 592 80.12 -51.26 -10.09
C ASN F 592 78.73 -51.69 -9.66
N PHE F 593 78.00 -50.78 -9.05
CA PHE F 593 76.63 -51.01 -8.62
C PHE F 593 75.69 -50.15 -9.44
N VAL F 594 74.59 -50.74 -9.91
CA VAL F 594 73.65 -50.03 -10.77
C VAL F 594 72.23 -50.24 -10.26
N LEU F 595 71.41 -49.22 -10.47
CA LEU F 595 69.98 -49.27 -10.22
C LEU F 595 69.26 -49.13 -11.56
N LEU F 596 68.55 -50.16 -11.96
CA LEU F 596 67.97 -50.26 -13.30
C LEU F 596 66.46 -50.12 -13.23
N GLY F 597 65.91 -49.27 -14.08
CA GLY F 597 64.47 -49.16 -14.20
C GLY F 597 63.97 -49.58 -15.56
N GLY F 598 63.00 -50.48 -15.58
CA GLY F 598 62.42 -51.02 -16.80
C GLY F 598 62.48 -52.51 -16.92
N VAL F 599 63.34 -53.17 -16.14
CA VAL F 599 63.64 -54.60 -16.26
C VAL F 599 62.97 -55.33 -15.11
N ASP F 600 61.86 -54.77 -14.65
CA ASP F 600 61.41 -55.00 -13.28
C ASP F 600 60.55 -56.25 -13.16
N ASN F 601 59.63 -56.45 -14.11
CA ASN F 601 58.48 -57.33 -13.89
C ASN F 601 58.88 -58.79 -13.79
N SER F 602 59.83 -59.23 -14.61
CA SER F 602 60.12 -60.66 -14.68
C SER F 602 60.90 -61.15 -13.48
N ILE F 603 61.62 -60.26 -12.80
CA ILE F 603 62.47 -60.66 -11.69
C ILE F 603 61.62 -60.96 -10.47
N VAL F 604 61.84 -62.12 -9.87
CA VAL F 604 61.12 -62.49 -8.66
C VAL F 604 62.07 -62.38 -7.46
N LYS F 605 63.17 -63.14 -7.48
CA LYS F 605 64.17 -63.02 -6.43
C LYS F 605 65.51 -62.52 -6.96
N THR F 606 66.11 -63.21 -7.91
CA THR F 606 67.44 -62.90 -8.40
C THR F 606 67.46 -63.07 -9.91
N ALA F 607 68.11 -62.16 -10.61
CA ALA F 607 68.16 -62.21 -12.06
C ALA F 607 69.57 -61.93 -12.56
N THR F 608 69.83 -62.39 -13.78
CA THR F 608 71.03 -62.04 -14.51
C THR F 608 70.60 -61.32 -15.78
N ILE F 609 70.94 -60.06 -15.89
CA ILE F 609 70.55 -59.24 -17.03
C ILE F 609 71.72 -59.20 -17.99
N VAL F 610 71.58 -59.86 -19.13
CA VAL F 610 72.66 -59.96 -20.10
C VAL F 610 72.25 -59.20 -21.35
N ASP F 611 73.21 -59.01 -22.24
CA ASP F 611 72.91 -58.41 -23.54
C ASP F 611 71.95 -59.30 -24.35
N LYS F 612 71.27 -58.67 -25.29
CA LYS F 612 70.34 -59.39 -26.17
C LYS F 612 71.05 -60.46 -26.98
N LYS F 613 72.16 -60.09 -27.63
CA LYS F 613 72.94 -61.03 -28.41
C LYS F 613 74.40 -60.68 -28.28
N PHE F 614 75.19 -61.62 -27.76
CA PHE F 614 76.62 -61.43 -27.68
C PHE F 614 77.24 -61.55 -29.06
N ASP F 615 78.26 -60.74 -29.33
CA ASP F 615 78.82 -60.65 -30.68
C ASP F 615 79.75 -61.80 -31.02
N ASN F 616 80.11 -62.64 -30.05
CA ASN F 616 80.94 -63.82 -30.35
C ASN F 616 80.11 -65.04 -30.71
N GLY F 617 78.79 -64.89 -30.82
CA GLY F 617 77.94 -66.04 -31.05
C GLY F 617 77.89 -67.01 -29.90
N GLU F 618 78.06 -66.53 -28.67
CA GLU F 618 78.11 -67.38 -27.50
C GLU F 618 76.85 -67.18 -26.66
N ASP F 619 76.50 -68.22 -25.90
CA ASP F 619 75.28 -68.24 -25.13
C ASP F 619 75.46 -67.51 -23.80
N ALA F 620 74.36 -67.37 -23.07
CA ALA F 620 74.33 -66.69 -21.79
C ALA F 620 74.03 -67.67 -20.67
N TYR F 621 74.70 -67.48 -19.54
CA TYR F 621 74.49 -68.30 -18.36
C TYR F 621 74.16 -67.40 -17.18
N VAL F 622 73.46 -67.96 -16.20
CA VAL F 622 73.00 -67.21 -15.06
C VAL F 622 73.95 -67.43 -13.89
N PHE F 623 73.93 -66.47 -12.96
CA PHE F 623 74.62 -66.66 -11.69
C PHE F 623 73.78 -67.51 -10.76
N LYS F 624 74.42 -68.09 -9.77
CA LYS F 624 73.74 -68.98 -8.85
C LYS F 624 72.77 -68.21 -7.96
N PRO F 625 71.73 -68.86 -7.46
CA PRO F 625 70.79 -68.19 -6.56
C PRO F 625 71.44 -67.85 -5.23
N LEU F 626 70.75 -67.01 -4.47
CA LEU F 626 71.19 -66.68 -3.12
C LEU F 626 71.05 -67.90 -2.22
N SER F 627 72.07 -68.14 -1.40
CA SER F 627 72.03 -69.18 -0.39
C SER F 627 71.88 -68.48 0.96
N HIS F 628 70.64 -68.31 1.39
CA HIS F 628 70.37 -67.63 2.64
C HIS F 628 70.79 -68.51 3.82
N PHE F 629 71.05 -67.89 4.95
CA PHE F 629 71.57 -68.60 6.11
C PHE F 629 70.61 -68.55 7.29
N THR F 630 69.31 -68.50 7.01
CA THR F 630 68.30 -68.95 7.97
C THR F 630 67.09 -69.41 7.15
N GLU F 631 66.12 -70.00 7.84
CA GLU F 631 64.95 -70.54 7.21
C GLU F 631 63.71 -69.72 7.57
N SER F 632 62.80 -69.62 6.61
CA SER F 632 61.49 -68.99 6.83
C SER F 632 60.56 -70.07 7.38
N VAL F 633 60.32 -70.06 8.69
CA VAL F 633 59.58 -71.11 9.33
C VAL F 633 58.26 -70.64 9.92
N LEU F 634 57.97 -69.35 9.90
CA LEU F 634 56.76 -68.82 10.49
C LEU F 634 55.71 -68.67 9.40
N LYS F 635 54.53 -69.25 9.63
CA LYS F 635 53.52 -69.46 8.61
C LYS F 635 52.28 -68.66 8.95
N VAL F 636 51.82 -67.83 8.02
CA VAL F 636 50.67 -66.96 8.22
C VAL F 636 49.75 -67.07 7.03
N ALA F 637 48.48 -67.34 7.29
CA ALA F 637 47.48 -67.43 6.24
C ALA F 637 46.81 -66.08 6.02
N VAL F 638 46.63 -65.73 4.76
CA VAL F 638 45.91 -64.53 4.39
C VAL F 638 44.77 -64.89 3.45
N GLU F 639 43.70 -64.10 3.58
CA GLU F 639 42.59 -63.99 2.64
C GLU F 639 42.17 -62.53 2.68
N PRO F 640 41.44 -62.04 1.67
CA PRO F 640 40.97 -60.67 1.73
C PRO F 640 39.64 -60.54 2.46
N ILE F 641 39.38 -59.32 2.92
CA ILE F 641 38.05 -59.02 3.44
C ILE F 641 37.04 -58.91 2.29
N ASN F 642 37.47 -58.39 1.14
CA ASN F 642 36.62 -58.37 -0.04
C ASN F 642 37.04 -59.46 -1.04
N PRO F 643 36.21 -60.48 -1.23
CA PRO F 643 36.50 -61.49 -2.26
C PRO F 643 36.54 -60.91 -3.66
N SER F 644 35.89 -59.77 -3.88
CA SER F 644 36.09 -59.03 -5.12
C SER F 644 37.50 -58.48 -5.21
N GLU F 645 38.08 -58.07 -4.09
CA GLU F 645 39.41 -57.46 -4.07
C GLU F 645 40.53 -58.49 -3.95
N LEU F 646 40.20 -59.78 -3.91
CA LEU F 646 41.21 -60.84 -3.95
C LEU F 646 42.29 -60.72 -5.04
N PRO F 647 42.01 -60.32 -6.30
CA PRO F 647 43.12 -60.11 -7.24
C PRO F 647 44.11 -59.04 -6.81
N LYS F 648 43.66 -58.04 -6.06
CA LYS F 648 44.60 -57.09 -5.48
C LYS F 648 45.51 -57.76 -4.45
N MET F 649 44.98 -58.75 -3.71
CA MET F 649 45.86 -59.52 -2.83
C MET F 649 46.89 -60.29 -3.62
N LEU F 650 46.48 -60.85 -4.76
CA LEU F 650 47.42 -61.58 -5.60
C LEU F 650 48.56 -60.68 -6.07
N ASP F 651 48.21 -59.49 -6.56
CA ASP F 651 49.23 -58.54 -7.02
C ASP F 651 50.11 -58.06 -5.87
N GLY F 652 49.52 -57.78 -4.71
CA GLY F 652 50.30 -57.36 -3.56
C GLY F 652 51.21 -58.45 -3.04
N ILE F 653 50.75 -59.70 -3.10
CA ILE F 653 51.58 -60.82 -2.67
C ILE F 653 52.74 -61.02 -3.63
N ARG F 654 52.51 -60.79 -4.92
CA ARG F 654 53.61 -60.79 -5.88
C ARG F 654 54.64 -59.71 -5.55
N LYS F 655 54.17 -58.51 -5.23
CA LYS F 655 55.09 -57.42 -4.90
C LYS F 655 55.83 -57.69 -3.60
N ILE F 656 55.15 -58.30 -2.63
CA ILE F 656 55.79 -58.70 -1.38
C ILE F 656 56.88 -59.73 -1.63
N ASN F 657 56.57 -60.71 -2.48
CA ASN F 657 57.50 -61.78 -2.78
C ASN F 657 58.71 -61.24 -3.52
N LYS F 658 58.51 -60.20 -4.34
CA LYS F 658 59.63 -59.50 -4.96
C LYS F 658 60.47 -58.76 -3.93
N SER F 659 59.82 -58.05 -3.00
CA SER F 659 60.53 -57.11 -2.14
C SER F 659 61.28 -57.80 -1.01
N TYR F 660 60.75 -58.89 -0.49
CA TYR F 660 61.40 -59.58 0.62
C TYR F 660 62.07 -60.84 0.11
N PRO F 661 63.40 -60.95 0.16
CA PRO F 661 64.07 -62.11 -0.43
C PRO F 661 63.76 -63.45 0.22
N LEU F 662 63.53 -63.50 1.52
CA LEU F 662 63.34 -64.76 2.21
C LEU F 662 61.88 -65.08 2.46
N ILE F 663 60.98 -64.27 1.92
CA ILE F 663 59.57 -64.54 2.11
C ILE F 663 59.17 -65.57 1.05
N THR F 664 58.30 -66.50 1.40
CA THR F 664 57.82 -67.45 0.40
C THR F 664 56.31 -67.55 0.45
N THR F 665 55.67 -67.40 -0.69
CA THR F 665 54.22 -67.38 -0.80
C THR F 665 53.73 -68.61 -1.57
N LYS F 666 52.66 -69.21 -1.06
CA LYS F 666 52.05 -70.37 -1.69
C LYS F 666 50.54 -70.21 -1.67
N VAL F 667 49.86 -71.03 -2.46
CA VAL F 667 48.41 -71.15 -2.41
C VAL F 667 48.11 -72.58 -2.02
N GLU F 668 47.68 -72.81 -0.78
CA GLU F 668 47.30 -74.15 -0.39
C GLU F 668 45.97 -74.52 -1.03
N GLU F 669 45.84 -75.82 -1.33
CA GLU F 669 44.85 -76.36 -2.27
C GLU F 669 43.42 -76.13 -1.81
N SER F 670 43.21 -75.79 -0.55
CA SER F 670 41.92 -75.25 -0.13
C SER F 670 41.73 -73.80 -0.56
N GLY F 671 42.63 -73.26 -1.38
CA GLY F 671 42.51 -71.90 -1.86
C GLY F 671 42.92 -70.86 -0.86
N GLU F 672 43.87 -71.17 0.02
CA GLU F 672 44.19 -70.29 1.15
C GLU F 672 45.62 -69.78 0.98
N HIS F 673 45.83 -68.47 1.03
CA HIS F 673 47.15 -68.00 0.66
C HIS F 673 48.06 -67.99 1.88
N ILE F 674 49.29 -68.44 1.69
CA ILE F 674 50.20 -68.74 2.80
C ILE F 674 51.48 -67.97 2.59
N ILE F 675 51.96 -67.32 3.65
CA ILE F 675 53.19 -66.54 3.64
C ILE F 675 54.11 -67.09 4.72
N LEU F 676 55.35 -67.43 4.33
CA LEU F 676 56.35 -67.95 5.24
C LEU F 676 57.46 -66.92 5.39
N GLY F 677 57.78 -66.58 6.64
CA GLY F 677 58.81 -65.62 6.94
C GLY F 677 59.57 -65.97 8.21
N THR F 678 60.58 -65.14 8.51
CA THR F 678 61.57 -65.47 9.51
C THR F 678 61.07 -65.30 10.95
N GLY F 679 60.31 -64.27 11.22
CA GLY F 679 59.91 -64.04 12.59
C GLY F 679 58.78 -63.04 12.71
N GLU F 680 58.53 -62.62 13.95
CA GLU F 680 57.40 -61.73 14.24
C GLU F 680 57.60 -60.35 13.61
N LEU F 681 58.78 -59.75 13.81
CA LEU F 681 59.04 -58.45 13.23
C LEU F 681 59.07 -58.51 11.72
N TYR F 682 59.63 -59.61 11.18
CA TYR F 682 59.68 -59.80 9.74
C TYR F 682 58.29 -59.85 9.14
N MET F 683 57.40 -60.66 9.74
CA MET F 683 56.05 -60.76 9.20
C MET F 683 55.20 -59.54 9.51
N ASP F 684 55.49 -58.83 10.59
CA ASP F 684 54.83 -57.54 10.82
C ASP F 684 55.18 -56.55 9.72
N CYS F 685 56.46 -56.47 9.36
CA CYS F 685 56.87 -55.59 8.27
C CYS F 685 56.27 -56.02 6.94
N VAL F 686 56.23 -57.33 6.69
CA VAL F 686 55.67 -57.86 5.45
C VAL F 686 54.18 -57.56 5.36
N LEU F 687 53.44 -57.73 6.46
CA LEU F 687 52.00 -57.50 6.42
C LEU F 687 51.68 -56.01 6.38
N HIS F 688 52.53 -55.17 6.98
CA HIS F 688 52.40 -53.72 6.79
C HIS F 688 52.57 -53.37 5.33
N ASP F 689 53.61 -53.90 4.68
CA ASP F 689 53.84 -53.60 3.28
C ASP F 689 52.76 -54.19 2.39
N LEU F 690 52.12 -55.26 2.83
CA LEU F 690 51.01 -55.80 2.05
C LEU F 690 49.81 -54.88 2.15
N ARG F 691 49.45 -54.47 3.37
CA ARG F 691 48.22 -53.71 3.55
C ARG F 691 48.35 -52.28 3.06
N LYS F 692 49.47 -51.62 3.35
CA LYS F 692 49.59 -50.20 3.12
C LYS F 692 50.44 -49.82 1.92
N LEU F 693 51.35 -50.69 1.50
CA LEU F 693 52.33 -50.32 0.49
C LEU F 693 52.00 -50.87 -0.90
N TYR F 694 51.56 -52.13 -1.00
CA TYR F 694 51.42 -52.79 -2.28
C TYR F 694 49.98 -53.08 -2.65
N ALA F 695 49.22 -53.79 -1.81
CA ALA F 695 47.86 -54.16 -2.18
C ALA F 695 46.88 -53.03 -1.95
N ASP F 696 47.12 -52.21 -0.92
CA ASP F 696 46.31 -51.03 -0.58
C ASP F 696 44.85 -51.42 -0.32
N MET F 697 44.66 -52.31 0.64
CA MET F 697 43.32 -52.68 1.08
C MET F 697 43.41 -53.36 2.43
N GLU F 698 42.30 -53.90 2.89
CA GLU F 698 42.23 -54.61 4.16
C GLU F 698 42.34 -56.11 3.90
N VAL F 699 43.19 -56.78 4.67
CA VAL F 699 43.50 -58.19 4.47
C VAL F 699 43.30 -58.92 5.80
N ARG F 700 42.49 -59.97 5.78
CA ARG F 700 42.30 -60.79 6.96
C ARG F 700 43.47 -61.76 7.11
N VAL F 701 44.03 -61.79 8.32
CA VAL F 701 45.27 -62.48 8.64
C VAL F 701 45.00 -63.46 9.78
N SER F 702 45.48 -64.69 9.62
CA SER F 702 45.24 -65.74 10.59
C SER F 702 46.17 -65.62 11.77
N ASP F 703 45.98 -66.51 12.75
CA ASP F 703 46.98 -66.68 13.80
C ASP F 703 48.24 -67.28 13.19
N PRO F 704 49.43 -66.88 13.67
CA PRO F 704 50.65 -67.44 13.10
C PRO F 704 50.86 -68.87 13.55
N VAL F 705 51.47 -69.65 12.66
CA VAL F 705 51.77 -71.05 12.89
C VAL F 705 53.12 -71.33 12.22
N VAL F 706 53.59 -72.57 12.32
CA VAL F 706 54.92 -72.91 11.82
C VAL F 706 54.81 -73.89 10.67
N ARG F 707 55.89 -73.98 9.91
CA ARG F 707 56.01 -74.96 8.84
C ARG F 707 56.64 -76.22 9.42
N PHE F 708 55.91 -77.33 9.36
CA PHE F 708 56.33 -78.56 10.00
C PHE F 708 57.22 -79.39 9.08
N CYS F 709 57.78 -80.46 9.63
CA CYS F 709 58.53 -81.44 8.87
C CYS F 709 58.19 -82.81 9.42
N GLU F 710 58.69 -83.86 8.77
CA GLU F 710 58.35 -85.23 9.11
C GLU F 710 59.62 -86.07 9.16
N THR F 711 59.57 -87.16 9.93
CA THR F 711 60.73 -88.03 10.06
C THR F 711 60.26 -89.40 10.53
N VAL F 712 61.20 -90.34 10.68
CA VAL F 712 60.93 -91.64 11.27
C VAL F 712 61.90 -91.86 12.42
N GLN F 713 61.49 -92.67 13.39
CA GLN F 713 62.35 -93.02 14.51
C GLN F 713 62.65 -94.51 14.63
N ASP F 714 61.91 -95.36 13.92
CA ASP F 714 62.17 -96.80 13.91
C ASP F 714 62.28 -97.28 12.47
N MET F 715 63.12 -98.29 12.25
CA MET F 715 63.27 -98.85 10.92
C MET F 715 62.04 -99.65 10.53
N SER F 716 61.84 -99.79 9.22
CA SER F 716 60.65 -100.45 8.70
C SER F 716 60.70 -101.94 8.97
N ALA F 717 59.61 -102.47 9.54
CA ALA F 717 59.55 -103.89 9.88
C ALA F 717 59.08 -104.75 8.71
N THR F 718 58.13 -104.26 7.93
CA THR F 718 57.59 -105.00 6.80
C THR F 718 58.22 -104.49 5.52
N LYS F 719 58.84 -105.38 4.75
CA LYS F 719 59.41 -105.03 3.45
C LYS F 719 58.26 -104.77 2.48
N CYS F 720 57.94 -103.51 2.26
CA CYS F 720 56.72 -103.16 1.55
C CYS F 720 56.93 -103.21 0.05
N TYR F 721 55.94 -103.73 -0.66
CA TYR F 721 56.01 -103.83 -2.10
C TYR F 721 54.75 -103.24 -2.72
N ALA F 722 54.89 -102.86 -3.99
CA ALA F 722 53.81 -102.25 -4.76
C ALA F 722 53.84 -102.79 -6.18
N ILE F 723 52.66 -103.03 -6.74
CA ILE F 723 52.51 -103.58 -8.08
C ILE F 723 51.82 -102.53 -8.95
N THR F 724 52.31 -102.37 -10.19
CA THR F 724 51.81 -101.34 -11.09
C THR F 724 50.33 -101.56 -11.44
N PRO F 725 49.63 -100.49 -11.83
CA PRO F 725 48.24 -100.65 -12.29
C PRO F 725 48.09 -101.60 -13.47
N ASN F 726 49.05 -101.64 -14.39
CA ASN F 726 49.04 -102.66 -15.43
C ASN F 726 49.69 -103.97 -14.98
N LYS F 727 50.14 -104.02 -13.71
CA LYS F 727 50.70 -105.21 -13.09
C LYS F 727 51.92 -105.74 -13.85
N LYS F 728 52.75 -104.81 -14.31
CA LYS F 728 54.01 -105.15 -14.97
C LYS F 728 55.17 -105.11 -13.98
N ASN F 729 55.33 -104.01 -13.25
CA ASN F 729 56.48 -103.81 -12.40
C ASN F 729 56.09 -103.91 -10.92
N THR F 730 57.06 -104.30 -10.09
CA THR F 730 56.89 -104.43 -8.65
C THR F 730 58.09 -103.80 -7.95
N ILE F 731 57.83 -103.10 -6.86
CA ILE F 731 58.85 -102.39 -6.10
C ILE F 731 58.79 -102.83 -4.64
N THR F 732 59.92 -103.30 -4.11
CA THR F 732 60.03 -103.77 -2.73
C THR F 732 61.13 -102.99 -2.02
N MET F 733 60.83 -102.46 -0.84
CA MET F 733 61.77 -101.58 -0.15
C MET F 733 61.41 -101.44 1.32
N ALA F 734 62.32 -100.78 2.05
CA ALA F 734 62.17 -100.48 3.47
C ALA F 734 62.78 -99.11 3.77
N ALA F 735 62.40 -98.54 4.91
CA ALA F 735 62.86 -97.21 5.33
C ALA F 735 63.50 -97.29 6.70
N GLU F 736 64.30 -96.28 7.00
CA GLU F 736 65.15 -96.28 8.19
C GLU F 736 65.42 -94.83 8.60
N PRO F 737 65.55 -94.54 9.88
CA PRO F 737 66.08 -93.23 10.28
C PRO F 737 67.54 -93.08 9.90
N LEU F 738 67.92 -91.86 9.56
CA LEU F 738 69.32 -91.59 9.26
C LEU F 738 70.10 -91.40 10.55
N ASP F 739 71.42 -91.53 10.44
CA ASP F 739 72.28 -91.28 11.58
C ASP F 739 72.43 -89.78 11.79
N ASP F 740 72.94 -89.41 12.96
CA ASP F 740 73.09 -88.00 13.30
C ASP F 740 74.22 -87.38 12.47
N GLY F 741 73.93 -86.24 11.87
CA GLY F 741 74.92 -85.48 11.14
C GLY F 741 74.84 -85.62 9.63
N ILE F 742 74.20 -86.67 9.12
CA ILE F 742 74.10 -86.83 7.67
C ILE F 742 73.27 -85.73 7.05
N ALA F 743 72.12 -85.41 7.67
CA ALA F 743 71.25 -84.37 7.12
C ALA F 743 71.91 -83.00 7.17
N GLN F 744 72.59 -82.68 8.26
CA GLN F 744 73.26 -81.39 8.36
C GLN F 744 74.45 -81.30 7.40
N ASP F 745 75.20 -82.39 7.24
CA ASP F 745 76.31 -82.38 6.30
C ASP F 745 75.84 -82.27 4.85
N ILE F 746 74.72 -82.93 4.52
CA ILE F 746 74.24 -82.86 3.15
C ILE F 746 73.57 -81.51 2.89
N GLU F 747 73.02 -80.87 3.93
CA GLU F 747 72.47 -79.53 3.75
C GLU F 747 73.57 -78.50 3.63
N SER F 748 74.64 -78.65 4.39
CA SER F 748 75.78 -77.74 4.25
C SER F 748 76.47 -77.91 2.91
N GLY F 749 76.67 -79.15 2.48
CA GLY F 749 77.33 -79.41 1.21
C GLY F 749 78.62 -80.18 1.36
N ALA F 750 78.70 -81.04 2.38
CA ALA F 750 79.85 -81.93 2.51
C ALA F 750 79.92 -82.91 1.36
N VAL F 751 78.76 -83.40 0.92
CA VAL F 751 78.65 -84.25 -0.25
C VAL F 751 77.60 -83.65 -1.18
N LYS F 752 77.68 -84.03 -2.46
CA LYS F 752 76.71 -83.59 -3.45
C LYS F 752 76.29 -84.77 -4.30
N ILE F 753 75.10 -84.65 -4.91
CA ILE F 753 74.66 -85.67 -5.85
C ILE F 753 75.42 -85.59 -7.17
N LYS F 754 76.13 -84.49 -7.41
CA LYS F 754 76.98 -84.34 -8.59
C LYS F 754 78.45 -84.62 -8.31
N ASP F 755 78.81 -84.94 -7.06
CA ASP F 755 80.16 -85.37 -6.76
C ASP F 755 80.44 -86.75 -7.35
N PRO F 756 81.71 -87.09 -7.53
CA PRO F 756 82.06 -88.47 -7.96
C PRO F 756 81.55 -89.50 -6.96
N PRO F 757 80.97 -90.59 -7.46
CA PRO F 757 80.43 -91.62 -6.56
C PRO F 757 81.48 -92.28 -5.70
N ARG F 758 82.72 -92.41 -6.19
CA ARG F 758 83.79 -92.96 -5.36
C ARG F 758 84.08 -92.05 -4.18
N LYS F 759 84.10 -90.73 -4.40
CA LYS F 759 84.34 -89.80 -3.30
C LYS F 759 83.17 -89.77 -2.33
N VAL F 760 81.94 -89.89 -2.86
CA VAL F 760 80.75 -89.94 -1.99
C VAL F 760 80.79 -91.18 -1.11
N ALA F 761 81.11 -92.33 -1.71
CA ALA F 761 81.20 -93.57 -0.96
C ALA F 761 82.33 -93.54 0.06
N LYS F 762 83.46 -92.93 -0.32
CA LYS F 762 84.57 -92.77 0.62
C LYS F 762 84.17 -91.91 1.81
N PHE F 763 83.44 -90.83 1.55
CA PHE F 763 83.02 -89.95 2.65
C PHE F 763 82.08 -90.66 3.60
N PHE F 764 81.06 -91.35 3.08
CA PHE F 764 80.15 -92.05 3.98
C PHE F 764 80.83 -93.19 4.73
N GLU F 765 81.66 -93.98 4.03
CA GLU F 765 82.35 -95.09 4.68
C GLU F 765 83.32 -94.60 5.75
N GLU F 766 84.04 -93.50 5.48
CA GLU F 766 84.99 -93.00 6.46
C GLU F 766 84.29 -92.35 7.65
N LYS F 767 83.28 -91.52 7.40
CA LYS F 767 82.72 -90.72 8.49
C LYS F 767 81.72 -91.52 9.32
N TYR F 768 80.83 -92.28 8.67
CA TYR F 768 79.73 -92.90 9.39
C TYR F 768 79.87 -94.41 9.51
N GLY F 769 81.02 -94.97 9.14
CA GLY F 769 81.24 -96.40 9.25
C GLY F 769 80.34 -97.21 8.35
N TRP F 770 80.21 -96.79 7.10
CA TRP F 770 79.26 -97.38 6.17
C TRP F 770 79.93 -98.40 5.26
N ASP F 771 79.16 -99.41 4.87
CA ASP F 771 79.64 -100.43 3.95
C ASP F 771 79.92 -99.82 2.58
N LYS F 772 80.97 -100.32 1.93
CA LYS F 772 81.35 -99.79 0.62
C LYS F 772 80.28 -100.06 -0.43
N LEU F 773 79.66 -101.24 -0.38
CA LEU F 773 78.61 -101.58 -1.35
C LEU F 773 77.41 -100.66 -1.17
N ALA F 774 76.97 -100.45 0.07
CA ALA F 774 75.84 -99.55 0.32
C ALA F 774 76.16 -98.12 -0.07
N ALA F 775 77.36 -97.65 0.28
CA ALA F 775 77.75 -96.28 0.00
C ALA F 775 77.91 -96.03 -1.50
N ARG F 776 78.33 -97.05 -2.25
CA ARG F 776 78.30 -96.93 -3.71
C ARG F 776 76.90 -97.07 -4.26
N SER F 777 76.03 -97.77 -3.53
CA SER F 777 74.66 -98.01 -3.98
C SER F 777 73.70 -96.88 -3.63
N ILE F 778 74.18 -95.85 -2.93
CA ILE F 778 73.35 -94.67 -2.69
C ILE F 778 73.00 -94.01 -4.02
N TRP F 779 71.71 -94.00 -4.36
CA TRP F 779 71.24 -93.36 -5.58
C TRP F 779 70.91 -91.88 -5.39
N ALA F 780 69.94 -91.59 -4.53
CA ALA F 780 69.19 -90.36 -4.63
C ALA F 780 69.25 -89.52 -3.37
N PHE F 781 69.35 -88.21 -3.57
CA PHE F 781 69.15 -87.19 -2.55
C PHE F 781 67.82 -86.51 -2.83
N GLY F 782 66.97 -86.44 -1.81
CA GLY F 782 65.64 -85.89 -1.97
C GLY F 782 65.30 -84.92 -0.86
N PRO F 783 64.48 -83.91 -1.18
CA PRO F 783 63.79 -83.65 -2.45
C PRO F 783 64.63 -83.03 -3.57
N ASP F 784 65.67 -82.33 -3.21
CA ASP F 784 66.54 -81.67 -4.18
C ASP F 784 67.94 -82.27 -4.07
N GLU F 785 68.90 -81.62 -4.74
CA GLU F 785 70.28 -82.11 -4.74
C GLU F 785 70.86 -82.16 -3.34
N MET F 786 70.52 -81.19 -2.49
CA MET F 786 71.03 -81.13 -1.12
C MET F 786 69.97 -81.49 -0.09
N GLY F 787 68.95 -82.26 -0.49
CA GLY F 787 67.89 -82.65 0.40
C GLY F 787 68.34 -83.63 1.46
N PRO F 788 67.58 -83.74 2.55
CA PRO F 788 67.98 -84.59 3.67
C PRO F 788 67.48 -86.03 3.63
N ASN F 789 66.95 -86.52 2.51
CA ASN F 789 66.53 -87.91 2.39
C ASN F 789 67.41 -88.63 1.38
N ILE F 790 67.71 -89.90 1.63
CA ILE F 790 68.54 -90.66 0.71
C ILE F 790 67.82 -91.94 0.29
N LEU F 791 68.16 -92.38 -0.91
CA LEU F 791 67.60 -93.58 -1.54
C LEU F 791 68.75 -94.43 -2.05
N GLN F 792 68.86 -95.66 -1.55
CA GLN F 792 69.92 -96.60 -1.89
C GLN F 792 69.29 -97.94 -2.24
N ASP F 793 69.81 -98.61 -3.27
CA ASP F 793 69.35 -99.95 -3.62
C ASP F 793 70.25 -100.99 -2.94
N ASP F 794 69.64 -101.81 -2.09
CA ASP F 794 70.28 -103.01 -1.56
C ASP F 794 70.08 -104.21 -2.51
N THR F 795 69.57 -103.94 -3.73
CA THR F 795 69.25 -104.97 -4.69
C THR F 795 70.51 -105.68 -5.20
N LEU F 796 70.32 -106.93 -5.61
CA LEU F 796 71.43 -107.72 -6.11
C LEU F 796 71.46 -107.69 -7.64
N PRO F 797 72.63 -107.48 -8.23
CA PRO F 797 72.75 -107.58 -9.70
C PRO F 797 72.47 -108.97 -10.23
N THR F 798 72.63 -110.01 -9.41
CA THR F 798 72.29 -111.36 -9.82
C THR F 798 70.79 -111.56 -10.02
N GLU F 799 69.96 -110.70 -9.42
CA GLU F 799 68.52 -110.79 -9.56
C GLU F 799 67.91 -109.66 -10.35
N VAL F 800 68.57 -108.52 -10.47
CA VAL F 800 68.05 -107.37 -11.18
C VAL F 800 68.97 -107.03 -12.34
N ASP F 801 68.41 -106.98 -13.56
CA ASP F 801 69.17 -106.55 -14.72
C ASP F 801 69.35 -105.04 -14.69
N LYS F 802 70.57 -104.58 -14.97
CA LYS F 802 70.95 -103.20 -14.68
C LYS F 802 70.30 -102.20 -15.64
N LYS F 803 70.10 -102.57 -16.90
CA LYS F 803 69.57 -101.61 -17.88
C LYS F 803 68.11 -101.28 -17.60
N ARG F 804 67.30 -102.30 -17.36
CA ARG F 804 65.94 -102.08 -16.86
C ARG F 804 65.98 -101.38 -15.51
N LEU F 805 66.94 -101.77 -14.66
CA LEU F 805 67.16 -101.06 -13.41
C LEU F 805 67.56 -99.61 -13.66
N ALA F 806 68.28 -99.33 -14.76
CA ALA F 806 68.65 -97.95 -15.05
C ALA F 806 67.43 -97.10 -15.45
N THR F 807 66.59 -97.63 -16.34
CA THR F 807 65.41 -96.87 -16.77
C THR F 807 64.41 -96.68 -15.63
N VAL F 808 64.05 -97.76 -14.94
CA VAL F 808 63.20 -97.64 -13.76
C VAL F 808 63.89 -96.89 -12.63
N LYS F 809 65.22 -96.85 -12.62
CA LYS F 809 65.95 -96.05 -11.64
C LYS F 809 65.74 -94.57 -11.87
N GLU F 810 65.80 -94.12 -13.13
CA GLU F 810 65.49 -92.72 -13.42
C GLU F 810 64.02 -92.40 -13.10
N SER F 811 63.13 -93.34 -13.41
CA SER F 811 61.74 -93.18 -12.98
C SER F 811 61.63 -93.08 -11.46
N ILE F 812 62.46 -93.81 -10.72
CA ILE F 812 62.38 -93.82 -9.27
C ILE F 812 63.03 -92.56 -8.67
N ARG F 813 64.13 -92.08 -9.29
CA ARG F 813 64.67 -90.73 -9.10
C ARG F 813 63.55 -89.70 -9.03
N GLN F 814 62.86 -89.53 -10.16
CA GLN F 814 61.88 -88.46 -10.21
C GLN F 814 60.58 -88.77 -9.46
N GLY F 815 60.19 -90.04 -9.32
CA GLY F 815 59.01 -90.37 -8.53
C GLY F 815 59.23 -90.17 -7.04
N PHE F 816 60.39 -90.60 -6.54
CA PHE F 816 60.78 -90.36 -5.16
C PHE F 816 60.90 -88.87 -4.88
N ALA F 817 61.47 -88.12 -5.84
CA ALA F 817 61.53 -86.67 -5.70
C ALA F 817 60.15 -86.05 -5.64
N TRP F 818 59.21 -86.53 -6.46
CA TRP F 818 57.83 -86.03 -6.38
C TRP F 818 57.20 -86.36 -5.04
N ALA F 819 57.42 -87.57 -4.53
CA ALA F 819 56.69 -88.03 -3.36
C ALA F 819 57.25 -87.48 -2.05
N THR F 820 58.53 -87.11 -2.02
CA THR F 820 59.11 -86.72 -0.73
C THR F 820 58.87 -85.27 -0.35
N ARG F 821 58.32 -84.44 -1.24
CA ARG F 821 57.81 -83.15 -0.78
C ARG F 821 56.56 -83.29 0.08
N GLU F 822 55.70 -84.27 -0.22
CA GLU F 822 54.44 -84.30 0.51
C GLU F 822 54.57 -84.99 1.85
N GLY F 823 54.83 -86.28 1.87
CA GLY F 823 54.78 -87.02 3.11
C GLY F 823 53.36 -87.33 3.52
N PRO F 824 53.18 -88.39 4.31
CA PRO F 824 51.82 -88.90 4.55
C PRO F 824 51.07 -88.23 5.68
N LEU F 825 51.76 -87.69 6.69
CA LEU F 825 51.09 -87.27 7.90
C LEU F 825 50.29 -85.99 7.70
N CYS F 826 50.94 -84.92 7.27
CA CYS F 826 50.24 -83.65 7.11
C CYS F 826 50.67 -82.92 5.84
N GLU F 827 51.14 -83.67 4.84
CA GLU F 827 51.55 -83.14 3.54
C GLU F 827 52.65 -82.08 3.68
N GLU F 828 53.51 -82.26 4.68
CA GLU F 828 54.66 -81.41 4.96
C GLU F 828 55.94 -82.19 4.72
N PRO F 829 56.99 -81.56 4.18
CA PRO F 829 58.14 -82.33 3.67
C PRO F 829 58.86 -83.10 4.77
N ILE F 830 59.48 -84.20 4.37
CA ILE F 830 59.99 -85.19 5.30
C ILE F 830 61.52 -85.16 5.30
N ARG F 831 62.09 -85.29 6.49
CA ARG F 831 63.52 -85.18 6.71
C ARG F 831 64.05 -86.44 7.39
N ASN F 832 65.36 -86.61 7.28
CA ASN F 832 66.13 -87.60 8.05
C ASN F 832 65.63 -89.02 7.76
N THR F 833 65.73 -89.41 6.49
CA THR F 833 65.17 -90.69 6.05
C THR F 833 66.14 -91.38 5.11
N LYS F 834 66.28 -92.68 5.29
CA LYS F 834 67.04 -93.56 4.41
C LYS F 834 66.10 -94.60 3.82
N PHE F 835 66.28 -94.88 2.53
CA PHE F 835 65.52 -95.93 1.85
C PHE F 835 66.45 -97.02 1.34
N ARG F 836 66.00 -98.26 1.49
CA ARG F 836 66.72 -99.43 1.00
C ARG F 836 65.80 -100.20 0.07
N LEU F 837 66.12 -100.20 -1.22
CA LEU F 837 65.38 -100.96 -2.21
C LEU F 837 65.84 -102.42 -2.14
N ILE F 838 64.97 -103.30 -1.67
CA ILE F 838 65.31 -104.68 -1.38
C ILE F 838 65.13 -105.52 -2.65
N ASP F 839 65.61 -106.76 -2.63
CA ASP F 839 65.57 -107.69 -3.77
C ASP F 839 64.16 -108.13 -4.16
N VAL F 840 64.10 -109.04 -5.15
CA VAL F 840 62.92 -109.75 -5.67
C VAL F 840 62.06 -108.83 -6.54
N SER F 841 62.09 -107.52 -6.27
CA SER F 841 61.36 -106.53 -7.05
C SER F 841 61.85 -106.50 -8.51
N LEU F 842 60.99 -106.93 -9.43
CA LEU F 842 61.34 -107.02 -10.85
C LEU F 842 60.76 -105.85 -11.62
N PHE F 843 61.49 -105.40 -12.63
CA PHE F 843 61.15 -104.20 -13.38
C PHE F 843 61.14 -104.46 -14.87
N PRO F 844 60.00 -104.91 -15.43
CA PRO F 844 59.84 -104.87 -16.89
C PRO F 844 59.78 -103.46 -17.46
N TRP F 845 59.67 -103.35 -18.77
CA TRP F 845 59.81 -102.08 -19.46
C TRP F 845 58.59 -101.18 -19.27
N TRP F 846 58.86 -99.86 -19.20
CA TRP F 846 57.91 -98.77 -19.38
C TRP F 846 56.97 -98.56 -18.20
N TRP F 847 56.98 -97.36 -17.61
CA TRP F 847 56.08 -96.99 -16.53
C TRP F 847 55.76 -95.50 -16.61
N PRO F 848 54.52 -95.12 -16.94
CA PRO F 848 54.13 -93.71 -16.98
C PRO F 848 53.43 -93.19 -15.73
N ASN F 849 53.22 -94.02 -14.72
CA ASN F 849 52.54 -93.62 -13.50
C ASN F 849 53.54 -93.50 -12.35
N TYR F 850 53.26 -92.57 -11.44
CA TYR F 850 54.25 -92.19 -10.42
C TYR F 850 53.64 -92.32 -9.04
N SER F 851 52.31 -92.14 -8.99
CA SER F 851 51.58 -92.18 -7.73
C SER F 851 51.66 -93.54 -7.05
N ASP F 852 52.01 -94.58 -7.78
CA ASP F 852 52.04 -95.92 -7.18
C ASP F 852 53.25 -96.06 -6.25
N ARG F 853 54.46 -95.76 -6.75
CA ARG F 853 55.57 -95.83 -5.81
C ARG F 853 55.61 -94.63 -4.88
N SER F 854 54.94 -93.52 -5.24
CA SER F 854 54.67 -92.51 -4.23
C SER F 854 53.84 -93.09 -3.08
N THR F 855 52.82 -93.87 -3.41
CA THR F 855 51.93 -94.47 -2.42
C THR F 855 52.67 -95.47 -1.55
N CYS F 856 53.56 -96.27 -2.13
CA CYS F 856 54.26 -97.23 -1.30
C CYS F 856 55.35 -96.57 -0.47
N LEU F 857 55.93 -95.45 -0.92
CA LEU F 857 56.77 -94.65 -0.01
C LEU F 857 55.96 -94.14 1.18
N LEU F 858 54.74 -93.66 0.94
CA LEU F 858 53.92 -93.16 2.04
C LEU F 858 53.56 -94.26 3.04
N PHE F 859 53.12 -95.41 2.53
CA PHE F 859 52.80 -96.51 3.45
C PHE F 859 54.06 -97.05 4.12
N LEU F 860 55.20 -96.97 3.44
CA LEU F 860 56.45 -97.35 4.06
C LEU F 860 56.79 -96.43 5.22
N PHE F 861 56.45 -95.14 5.10
CA PHE F 861 56.61 -94.23 6.24
C PHE F 861 55.71 -94.65 7.39
N LEU F 862 54.45 -94.98 7.09
CA LEU F 862 53.53 -95.42 8.15
C LEU F 862 54.05 -96.68 8.84
N ASP F 863 54.61 -97.63 8.08
CA ASP F 863 55.19 -98.81 8.70
C ASP F 863 56.48 -98.48 9.44
N GLY F 864 57.18 -97.41 9.03
CA GLY F 864 58.32 -96.91 9.76
C GLY F 864 57.96 -96.11 11.00
N LEU F 865 56.67 -95.89 11.24
CA LEU F 865 56.13 -95.27 12.45
C LEU F 865 56.64 -93.84 12.61
N PRO F 866 56.15 -92.92 11.80
CA PRO F 866 56.79 -91.60 11.68
C PRO F 866 56.50 -90.71 12.87
N ARG F 867 57.22 -89.59 12.90
CA ARG F 867 57.07 -88.54 13.89
C ARG F 867 57.08 -87.19 13.19
N LEU F 868 56.53 -86.20 13.87
CA LEU F 868 56.50 -84.84 13.36
C LEU F 868 57.64 -84.03 13.95
N MET F 869 58.12 -83.05 13.19
CA MET F 869 59.25 -82.23 13.59
C MET F 869 58.87 -80.77 13.49
N GLU F 870 59.19 -80.02 14.53
CA GLU F 870 58.93 -78.60 14.62
C GLU F 870 60.24 -77.82 14.52
N PRO F 871 60.21 -76.59 14.04
CA PRO F 871 61.43 -75.77 14.07
C PRO F 871 61.72 -75.27 15.46
N MET F 872 63.00 -75.01 15.71
CA MET F 872 63.49 -74.46 16.98
C MET F 872 64.19 -73.13 16.75
N TYR F 873 63.77 -72.11 17.49
CA TYR F 873 64.60 -70.94 17.74
C TYR F 873 65.60 -71.17 18.85
N SER F 874 66.85 -70.81 18.56
CA SER F 874 67.79 -70.47 19.61
C SER F 874 67.44 -69.10 20.14
N VAL F 875 67.22 -69.04 21.44
CA VAL F 875 66.98 -67.85 22.22
C VAL F 875 68.33 -67.30 22.62
N SER F 876 68.49 -65.98 22.54
CA SER F 876 69.64 -65.35 23.17
C SER F 876 69.24 -64.00 23.71
N MET F 877 69.33 -63.84 25.02
CA MET F 877 68.99 -62.57 25.62
C MET F 877 70.22 -61.96 26.26
N THR F 878 70.15 -60.66 26.45
CA THR F 878 71.15 -59.88 27.14
C THR F 878 70.45 -58.99 28.15
N GLY F 879 70.95 -58.96 29.38
CA GLY F 879 70.37 -58.13 30.40
C GLY F 879 70.92 -58.41 31.78
N PRO F 880 70.34 -57.81 32.81
CA PRO F 880 70.79 -58.03 34.18
C PRO F 880 70.28 -59.34 34.79
N GLN F 881 70.56 -59.50 36.08
CA GLN F 881 70.34 -60.78 36.76
C GLN F 881 68.89 -61.05 37.10
N SER F 882 68.12 -60.01 37.41
CA SER F 882 66.67 -60.18 37.51
C SER F 882 66.11 -60.65 36.18
N SER F 883 66.70 -60.17 35.08
CA SER F 883 66.26 -60.57 33.76
C SER F 883 66.58 -62.04 33.49
N VAL F 884 67.75 -62.53 33.90
CA VAL F 884 68.02 -63.96 33.65
C VAL F 884 67.10 -64.86 34.47
N SER F 885 66.77 -64.47 35.70
CA SER F 885 65.79 -65.25 36.46
C SER F 885 64.45 -65.31 35.75
N MET F 886 63.98 -64.17 35.24
CA MET F 886 62.72 -64.15 34.51
C MET F 886 62.80 -64.94 33.20
N VAL F 887 63.97 -65.00 32.58
CA VAL F 887 64.11 -65.80 31.36
C VAL F 887 63.94 -67.28 31.66
N TYR F 888 64.55 -67.75 32.74
CA TYR F 888 64.35 -69.13 33.16
C TYR F 888 62.89 -69.44 33.39
N ASN F 889 62.18 -68.52 34.07
CA ASN F 889 60.75 -68.71 34.32
C ASN F 889 59.95 -68.80 33.03
N ILE F 890 60.14 -67.84 32.12
CA ILE F 890 59.29 -67.77 30.93
C ILE F 890 59.59 -68.90 29.97
N LEU F 891 60.86 -69.31 29.86
CA LEU F 891 61.17 -70.48 29.05
C LEU F 891 60.56 -71.75 29.64
N SER F 892 60.51 -71.84 30.97
CA SER F 892 59.85 -72.97 31.61
C SER F 892 58.36 -73.02 31.25
N ARG F 893 57.69 -71.86 31.23
CA ARG F 893 56.29 -71.87 30.78
C ARG F 893 56.18 -72.22 29.30
N ARG F 894 57.14 -71.80 28.48
CA ARG F 894 56.99 -71.89 27.03
C ARG F 894 57.74 -73.05 26.41
N ARG F 895 58.11 -74.06 27.22
CA ARG F 895 58.64 -75.34 26.74
C ARG F 895 60.01 -75.20 26.10
N GLY F 896 60.79 -74.21 26.54
CA GLY F 896 62.18 -74.08 26.16
C GLY F 896 63.08 -74.37 27.34
N HIS F 897 64.37 -74.32 27.06
CA HIS F 897 65.34 -74.58 28.11
C HIS F 897 66.61 -73.77 27.84
N VAL F 898 67.36 -73.51 28.90
CA VAL F 898 68.52 -72.65 28.84
C VAL F 898 69.75 -73.51 28.56
N LEU F 899 70.33 -73.34 27.38
CA LEU F 899 71.55 -74.06 27.02
C LEU F 899 72.75 -73.49 27.78
N SER F 900 72.87 -72.17 27.82
CA SER F 900 74.04 -71.55 28.45
C SER F 900 73.63 -70.24 29.10
N ASP F 901 74.43 -69.81 30.06
CA ASP F 901 74.08 -68.67 30.91
C ASP F 901 75.39 -68.13 31.47
N GLY F 902 75.79 -66.93 31.05
CA GLY F 902 77.05 -66.40 31.51
C GLY F 902 77.07 -64.89 31.62
N PRO F 903 78.08 -64.36 32.29
CA PRO F 903 78.32 -62.91 32.25
C PRO F 903 79.04 -62.52 30.97
N ILE F 904 78.85 -61.26 30.59
CA ILE F 904 79.62 -60.65 29.52
C ILE F 904 80.76 -59.89 30.18
N ALA F 905 81.99 -60.21 29.77
CA ALA F 905 83.16 -59.68 30.45
C ALA F 905 83.31 -58.19 30.15
N GLY F 906 83.47 -57.40 31.20
CA GLY F 906 83.65 -55.98 31.07
C GLY F 906 82.38 -55.14 31.11
N THR F 907 81.22 -55.78 31.17
CA THR F 907 79.93 -55.12 31.25
C THR F 907 79.19 -55.61 32.49
N PRO F 908 78.14 -54.92 32.91
CA PRO F 908 77.25 -55.50 33.91
C PRO F 908 76.19 -56.41 33.32
N LEU F 909 76.37 -56.85 32.08
CA LEU F 909 75.35 -57.63 31.38
C LEU F 909 75.61 -59.14 31.49
N TYR F 910 74.53 -59.89 31.32
CA TYR F 910 74.55 -61.34 31.28
C TYR F 910 73.87 -61.78 29.99
N ARG F 911 74.46 -62.77 29.33
CA ARG F 911 73.93 -63.33 28.10
C ARG F 911 73.47 -64.75 28.36
N VAL F 912 72.25 -65.05 27.93
CA VAL F 912 71.61 -66.34 28.18
C VAL F 912 71.15 -66.91 26.86
N ASN F 913 71.70 -68.06 26.50
CA ASN F 913 71.31 -68.77 25.29
C ASN F 913 70.45 -69.96 25.68
N GLY F 914 69.48 -70.26 24.82
CA GLY F 914 68.56 -71.34 25.08
C GLY F 914 67.87 -71.78 23.81
N LEU F 915 66.83 -72.58 23.98
CA LEU F 915 66.12 -73.19 22.87
C LEU F 915 64.63 -73.13 23.16
N ILE F 916 63.84 -72.90 22.12
CA ILE F 916 62.38 -72.79 22.23
C ILE F 916 61.79 -73.20 20.88
N PRO F 917 60.56 -73.71 20.84
CA PRO F 917 59.89 -73.85 19.54
C PRO F 917 59.29 -72.53 19.08
N VAL F 918 59.19 -72.39 17.76
CA VAL F 918 58.67 -71.16 17.17
C VAL F 918 57.20 -70.96 17.54
N ILE F 919 56.44 -72.05 17.47
CA ILE F 919 55.01 -72.04 17.76
C ILE F 919 54.74 -71.68 19.22
N ASP F 920 55.68 -71.96 20.13
CA ASP F 920 55.56 -71.52 21.50
C ASP F 920 56.28 -70.21 21.77
N SER F 921 57.05 -69.71 20.81
CA SER F 921 57.77 -68.46 20.99
C SER F 921 57.00 -67.26 20.48
N PHE F 922 55.87 -67.48 19.81
CA PHE F 922 55.01 -66.35 19.47
C PHE F 922 54.64 -65.57 20.73
N GLY F 923 55.06 -64.30 20.79
CA GLY F 923 54.84 -63.46 21.95
C GLY F 923 55.88 -63.56 23.04
N PHE F 924 56.92 -64.38 22.86
CA PHE F 924 57.90 -64.61 23.91
C PHE F 924 58.72 -63.36 24.20
N GLU F 925 59.12 -62.63 23.15
CA GLU F 925 59.91 -61.42 23.32
C GLU F 925 59.12 -60.35 24.06
N THR F 926 57.87 -60.14 23.67
CA THR F 926 57.04 -59.14 24.32
C THR F 926 56.77 -59.50 25.77
N ASP F 927 56.47 -60.77 26.04
CA ASP F 927 56.24 -61.19 27.42
C ASP F 927 57.48 -60.99 28.28
N LEU F 928 58.64 -61.34 27.75
CA LEU F 928 59.88 -61.19 28.49
C LEU F 928 60.19 -59.72 28.75
N ARG F 929 60.00 -58.87 27.75
CA ARG F 929 60.33 -57.46 27.91
C ARG F 929 59.37 -56.74 28.85
N ILE F 930 58.08 -57.11 28.86
CA ILE F 930 57.18 -56.45 29.78
C ILE F 930 57.21 -57.04 31.18
N ASN F 931 57.73 -58.26 31.35
CA ASN F 931 57.80 -58.85 32.68
C ASN F 931 59.13 -58.63 33.37
N THR F 932 60.20 -58.39 32.64
CA THR F 932 61.44 -58.27 33.40
C THR F 932 61.57 -56.87 34.02
N PRO F 933 62.04 -56.78 35.27
CA PRO F 933 62.17 -55.45 35.90
C PRO F 933 63.30 -54.64 35.33
N GLY F 934 64.38 -55.29 34.89
CA GLY F 934 65.39 -54.63 34.09
C GLY F 934 64.93 -54.60 32.64
N GLN F 935 65.87 -54.41 31.74
CA GLN F 935 65.55 -54.42 30.32
C GLN F 935 66.32 -55.56 29.65
N ALA F 936 65.59 -56.57 29.22
CA ALA F 936 66.17 -57.71 28.52
C ALA F 936 65.98 -57.54 27.03
N MET F 937 67.02 -57.83 26.26
CA MET F 937 66.96 -57.77 24.81
C MET F 937 67.13 -59.17 24.24
N VAL F 938 66.24 -59.54 23.31
CA VAL F 938 66.03 -60.93 22.93
C VAL F 938 66.25 -61.07 21.43
N SER F 939 66.99 -62.10 21.03
CA SER F 939 67.13 -62.48 19.64
C SER F 939 66.66 -63.92 19.50
N LEU F 940 65.79 -64.17 18.52
CA LEU F 940 65.25 -65.49 18.24
C LEU F 940 65.66 -65.90 16.84
N VAL F 941 66.56 -66.86 16.73
CA VAL F 941 67.07 -67.29 15.43
C VAL F 941 66.65 -68.73 15.18
N PHE F 942 66.40 -69.08 13.93
CA PHE F 942 66.13 -70.47 13.61
C PHE F 942 67.38 -71.31 13.85
N ASP F 943 67.25 -72.40 14.59
CA ASP F 943 68.38 -73.23 14.96
C ASP F 943 68.35 -74.59 14.28
N ARG F 944 67.28 -75.36 14.48
CA ARG F 944 67.25 -76.75 14.05
C ARG F 944 65.80 -77.21 14.03
N TRP F 945 65.60 -78.44 13.54
CA TRP F 945 64.33 -79.13 13.64
C TRP F 945 64.43 -80.19 14.72
N SER F 946 63.47 -80.18 15.64
CA SER F 946 63.45 -81.15 16.72
C SER F 946 62.12 -81.89 16.73
N ILE F 947 62.11 -83.03 17.42
CA ILE F 947 60.93 -83.89 17.47
C ILE F 947 59.91 -83.26 18.39
N VAL F 948 58.69 -83.09 17.90
CA VAL F 948 57.62 -82.61 18.77
C VAL F 948 57.21 -83.74 19.71
N PRO F 949 56.95 -83.47 20.99
CA PRO F 949 56.50 -84.53 21.90
C PRO F 949 55.17 -85.12 21.48
N GLY F 950 55.03 -86.42 21.67
CA GLY F 950 53.84 -87.16 21.33
C GLY F 950 54.01 -87.96 20.05
N ASP F 951 53.11 -88.93 19.87
CA ASP F 951 53.07 -89.74 18.67
C ASP F 951 51.92 -89.28 17.79
N PRO F 952 52.18 -88.95 16.52
CA PRO F 952 51.13 -88.38 15.68
C PRO F 952 50.00 -89.34 15.34
N LEU F 953 50.21 -90.65 15.49
CA LEU F 953 49.22 -91.63 15.06
C LEU F 953 48.44 -92.22 16.23
N ASP F 954 48.67 -91.74 17.44
CA ASP F 954 47.98 -92.28 18.62
C ASP F 954 46.52 -91.84 18.61
N ARG F 955 45.63 -92.76 18.25
CA ARG F 955 44.21 -92.47 18.19
C ARG F 955 43.60 -92.18 19.55
N GLU F 956 44.26 -92.60 20.63
CA GLU F 956 43.72 -92.37 21.97
C GLU F 956 43.71 -90.89 22.33
N GLN F 957 44.74 -90.15 21.91
CA GLN F 957 44.94 -88.80 22.40
C GLN F 957 43.92 -87.84 21.77
N VAL F 958 43.13 -87.19 22.61
CA VAL F 958 42.06 -86.28 22.19
C VAL F 958 42.31 -84.92 22.84
N THR F 959 42.22 -83.86 22.05
CA THR F 959 42.38 -82.49 22.52
C THR F 959 41.07 -81.73 22.37
N ARG F 960 40.64 -81.08 23.45
CA ARG F 960 39.44 -80.27 23.40
C ARG F 960 39.63 -79.06 22.51
N PRO F 961 38.57 -78.57 21.86
CA PRO F 961 38.69 -77.32 21.11
C PRO F 961 38.93 -76.15 22.02
N LEU F 962 39.55 -75.10 21.47
CA LEU F 962 39.97 -73.88 22.16
C LEU F 962 41.01 -74.14 23.25
N GLN F 963 41.64 -75.30 23.27
CA GLN F 963 42.36 -75.74 24.45
C GLN F 963 43.81 -76.04 24.15
N MET F 964 44.64 -75.79 25.16
CA MET F 964 46.06 -76.09 25.12
C MET F 964 46.28 -77.59 24.98
N ALA F 965 47.13 -77.97 24.04
CA ALA F 965 47.46 -79.39 23.87
C ALA F 965 48.30 -79.89 25.03
N THR F 966 48.03 -81.11 25.46
CA THR F 966 48.81 -81.71 26.52
C THR F 966 50.18 -82.13 26.00
N ALA F 967 51.04 -82.56 26.93
CA ALA F 967 52.40 -82.94 26.57
C ALA F 967 52.42 -84.18 25.69
N GLN F 968 51.44 -85.06 25.83
CA GLN F 968 51.42 -86.31 25.08
C GLN F 968 50.64 -86.23 23.80
N ALA F 969 49.68 -85.31 23.70
CA ALA F 969 48.80 -85.22 22.53
C ALA F 969 49.26 -84.15 21.55
N THR F 970 50.46 -83.61 21.73
CA THR F 970 50.88 -82.42 21.00
C THR F 970 51.07 -82.71 19.52
N ALA F 971 51.77 -83.81 19.20
CA ALA F 971 52.01 -84.18 17.80
C ALA F 971 50.70 -84.52 17.11
N ARG F 972 49.81 -85.24 17.79
CA ARG F 972 48.51 -85.59 17.23
C ARG F 972 47.69 -84.35 16.95
N ASP F 973 47.68 -83.41 17.89
CA ASP F 973 46.91 -82.19 17.73
C ASP F 973 47.44 -81.38 16.55
N PHE F 974 48.76 -81.28 16.44
CA PHE F 974 49.39 -80.53 15.36
C PHE F 974 49.04 -81.14 14.01
N VAL F 975 49.12 -82.47 13.89
CA VAL F 975 48.94 -83.08 12.58
C VAL F 975 47.46 -83.06 12.18
N LEU F 976 46.53 -83.24 13.13
CA LEU F 976 45.11 -83.11 12.79
C LEU F 976 44.75 -81.70 12.36
N LYS F 977 45.25 -80.69 13.08
CA LYS F 977 44.85 -79.34 12.69
C LYS F 977 45.55 -78.88 11.43
N THR F 978 46.76 -79.38 11.16
CA THR F 978 47.39 -79.13 9.87
C THR F 978 46.61 -79.77 8.73
N ARG F 979 46.15 -81.02 8.94
CA ARG F 979 45.35 -81.69 7.92
C ARG F 979 44.04 -80.97 7.65
N ARG F 980 43.37 -80.53 8.72
CA ARG F 980 42.09 -79.85 8.54
C ARG F 980 42.28 -78.46 7.95
N ARG F 981 43.40 -77.80 8.26
CA ARG F 981 43.71 -76.51 7.64
C ARG F 981 43.99 -76.65 6.16
N LYS F 982 44.72 -77.70 5.77
CA LYS F 982 44.99 -77.92 4.36
C LYS F 982 43.79 -78.50 3.61
N GLY F 983 42.82 -79.06 4.32
CA GLY F 983 41.66 -79.64 3.69
C GLY F 983 41.73 -81.14 3.45
N LEU F 984 42.69 -81.83 4.05
CA LEU F 984 42.83 -83.26 3.87
C LEU F 984 41.78 -84.01 4.70
N SER F 985 41.81 -85.33 4.61
CA SER F 985 40.90 -86.16 5.37
C SER F 985 41.23 -86.12 6.86
N GLU F 986 40.25 -86.52 7.67
CA GLU F 986 40.37 -86.39 9.12
C GLU F 986 41.42 -87.33 9.70
N ASP F 987 41.71 -88.43 9.01
CA ASP F 987 42.68 -89.39 9.50
C ASP F 987 43.51 -89.92 8.35
N VAL F 988 44.66 -90.51 8.70
CA VAL F 988 45.51 -91.13 7.71
C VAL F 988 44.84 -92.40 7.18
N THR F 989 44.79 -92.54 5.87
CA THR F 989 44.03 -93.60 5.21
C THR F 989 45.00 -94.66 4.70
N VAL F 990 45.14 -95.75 5.47
CA VAL F 990 46.01 -96.85 5.06
C VAL F 990 45.44 -97.56 3.83
N ALA F 991 44.10 -97.66 3.74
CA ALA F 991 43.47 -98.26 2.58
C ALA F 991 43.73 -97.46 1.31
N LYS F 992 43.68 -96.13 1.41
CA LYS F 992 44.06 -95.29 0.27
C LYS F 992 45.56 -95.36 0.01
N PHE F 993 46.36 -95.60 1.04
CA PHE F 993 47.80 -95.66 0.91
C PHE F 993 48.33 -97.07 0.64
N LEU F 994 47.44 -98.03 0.35
CA LEU F 994 47.86 -99.39 0.09
C LEU F 994 47.08 -100.01 -1.06
N GLU F 995 47.72 -101.00 -1.69
CA GLU F 995 46.98 -101.94 -2.51
C GLU F 995 46.04 -102.76 -1.63
N PRO F 996 44.84 -103.10 -2.13
CA PRO F 996 43.89 -103.84 -1.29
C PRO F 996 44.39 -105.21 -0.85
N GLU F 997 45.13 -105.91 -1.71
CA GLU F 997 45.61 -107.26 -1.36
C GLU F 997 46.62 -107.23 -0.23
N PHE F 998 47.64 -106.38 -0.36
CA PHE F 998 48.65 -106.27 0.70
C PHE F 998 48.08 -105.60 1.94
N TYR F 999 47.08 -104.72 1.77
CA TYR F 999 46.40 -104.12 2.90
C TYR F 999 45.67 -105.17 3.73
N GLN F 1000 44.90 -106.03 3.06
CA GLN F 1000 44.20 -107.10 3.77
C GLN F 1000 45.18 -108.13 4.34
N SER F 1001 46.28 -108.40 3.64
CA SER F 1001 47.27 -109.34 4.15
C SER F 1001 47.93 -108.82 5.42
N LEU F 1002 48.28 -107.53 5.46
CA LEU F 1002 48.88 -106.98 6.66
C LEU F 1002 47.86 -106.80 7.78
N LEU F 1003 46.60 -106.56 7.43
CA LEU F 1003 45.55 -106.53 8.45
C LEU F 1003 45.36 -107.90 9.08
N GLU F 1004 45.44 -108.97 8.28
CA GLU F 1004 45.38 -110.32 8.82
C GLU F 1004 46.61 -110.62 9.66
N SER F 1005 47.79 -110.20 9.20
CA SER F 1005 49.02 -110.46 9.94
C SER F 1005 49.12 -109.66 11.23
N GLY F 1006 48.40 -108.55 11.34
CA GLY F 1006 48.40 -107.76 12.55
C GLY F 1006 49.54 -106.77 12.67
N THR F 1007 50.30 -106.53 11.60
CA THR F 1007 51.34 -105.51 11.63
C THR F 1007 50.74 -104.12 11.81
N LEU F 1008 49.66 -103.82 11.11
CA LEU F 1008 48.94 -102.57 11.26
C LEU F 1008 47.87 -102.70 12.35
N GLY F 1009 47.49 -101.55 12.90
CA GLY F 1009 46.47 -101.52 13.93
C GLY F 1009 45.07 -101.61 13.36
N GLU F 1010 44.10 -101.56 14.27
CA GLU F 1010 42.71 -101.57 13.86
C GLU F 1010 42.33 -100.23 13.25
N PRO F 1011 41.70 -100.20 12.07
CA PRO F 1011 41.36 -98.96 11.38
C PRO F 1011 40.28 -98.15 12.09
N PRO G 135 -48.88 -13.91 17.67
CA PRO G 135 -48.04 -14.97 18.24
C PRO G 135 -47.64 -16.00 17.18
N GLU G 136 -48.59 -16.37 16.31
CA GLU G 136 -48.25 -17.21 15.16
C GLU G 136 -47.27 -16.50 14.24
N GLU G 137 -47.45 -15.19 14.06
CA GLU G 137 -46.50 -14.41 13.28
C GLU G 137 -45.12 -14.41 13.92
N GLU G 138 -45.06 -14.37 15.26
CA GLU G 138 -43.78 -14.49 15.96
C GLU G 138 -43.17 -15.86 15.76
N GLN G 139 -43.99 -16.91 15.79
CA GLN G 139 -43.52 -18.29 15.71
C GLN G 139 -43.79 -18.91 14.36
N GLY G 140 -43.65 -18.11 13.29
CA GLY G 140 -43.96 -18.57 11.94
C GLY G 140 -43.10 -19.71 11.45
N SER G 141 -41.89 -19.86 11.97
CA SER G 141 -41.03 -20.95 11.55
C SER G 141 -41.21 -22.20 12.38
N SER G 142 -42.06 -22.17 13.40
CA SER G 142 -42.36 -23.35 14.19
C SER G 142 -43.32 -24.26 13.42
N ARG G 143 -43.68 -25.39 14.01
CA ARG G 143 -44.44 -26.40 13.30
C ARG G 143 -45.75 -26.71 14.00
N ASN G 144 -46.71 -27.22 13.21
CA ASN G 144 -47.98 -27.72 13.71
C ASN G 144 -47.78 -29.14 14.25
N LEU G 145 -48.89 -29.83 14.54
CA LEU G 145 -48.79 -31.24 14.89
C LEU G 145 -48.57 -32.11 13.67
N ASP G 146 -49.04 -31.67 12.50
CA ASP G 146 -48.80 -32.41 11.26
C ASP G 146 -47.56 -31.93 10.53
N GLY G 147 -46.59 -31.38 11.25
CA GLY G 147 -45.28 -31.10 10.71
C GLY G 147 -45.22 -29.98 9.71
N ARG G 148 -46.16 -29.05 9.74
CA ARG G 148 -46.23 -27.99 8.75
C ARG G 148 -45.95 -26.65 9.42
N ARG G 149 -45.19 -25.81 8.74
CA ARG G 149 -44.82 -24.53 9.31
C ARG G 149 -46.00 -23.57 9.32
N LEU G 150 -46.11 -22.82 10.42
CA LEU G 150 -47.22 -21.89 10.59
C LEU G 150 -47.18 -20.79 9.53
N ARG G 151 -45.98 -20.40 9.11
CA ARG G 151 -45.88 -19.45 8.00
C ARG G 151 -46.38 -20.06 6.70
N THR G 152 -46.24 -21.38 6.52
CA THR G 152 -46.77 -21.98 5.31
C THR G 152 -48.28 -22.09 5.36
N VAL G 153 -48.85 -22.32 6.55
CA VAL G 153 -50.31 -22.27 6.68
C VAL G 153 -50.81 -20.87 6.33
N THR G 154 -50.16 -19.84 6.86
CA THR G 154 -50.56 -18.46 6.61
C THR G 154 -50.41 -18.10 5.14
N GLU G 155 -49.31 -18.49 4.51
CA GLU G 155 -49.09 -18.16 3.10
C GLU G 155 -50.03 -18.95 2.19
N ALA G 156 -50.39 -20.18 2.56
CA ALA G 156 -51.37 -20.91 1.77
C ALA G 156 -52.73 -20.24 1.83
N LYS G 157 -53.14 -19.77 3.01
CA LYS G 157 -54.38 -19.03 3.13
C LYS G 157 -54.35 -17.72 2.34
N ALA G 158 -53.21 -17.03 2.38
CA ALA G 158 -53.09 -15.77 1.65
C ALA G 158 -53.11 -15.98 0.15
N LEU G 159 -52.46 -17.05 -0.34
CA LEU G 159 -52.49 -17.34 -1.77
C LEU G 159 -53.87 -17.80 -2.21
N ALA G 160 -54.60 -18.47 -1.32
CA ALA G 160 -55.99 -18.82 -1.60
C ALA G 160 -56.83 -17.57 -1.78
N GLU G 161 -56.66 -16.60 -0.87
CA GLU G 161 -57.38 -15.32 -1.01
C GLU G 161 -56.98 -14.60 -2.29
N TYR G 162 -55.69 -14.60 -2.61
CA TYR G 162 -55.23 -13.92 -3.82
C TYR G 162 -55.80 -14.56 -5.08
N LEU G 163 -55.85 -15.90 -5.12
CA LEU G 163 -56.44 -16.56 -6.27
C LEU G 163 -57.94 -16.33 -6.35
N ALA G 164 -58.60 -16.15 -5.20
CA ALA G 164 -60.02 -15.83 -5.23
C ALA G 164 -60.27 -14.40 -5.73
N ILE G 165 -59.38 -13.47 -5.43
CA ILE G 165 -59.63 -12.06 -5.72
C ILE G 165 -59.01 -11.57 -7.04
N LYS G 166 -58.00 -12.26 -7.57
CA LYS G 166 -57.21 -11.73 -8.68
C LYS G 166 -57.99 -11.45 -9.98
N PRO G 167 -58.85 -12.34 -10.50
CA PRO G 167 -59.51 -12.00 -11.78
C PRO G 167 -60.44 -10.79 -11.71
N GLU G 168 -61.21 -10.65 -10.62
CA GLU G 168 -62.13 -9.53 -10.55
C GLU G 168 -61.41 -8.20 -10.35
N MET G 169 -60.29 -8.19 -9.64
CA MET G 169 -59.54 -6.93 -9.54
C MET G 169 -58.77 -6.64 -10.82
N GLU G 170 -58.40 -7.69 -11.58
CA GLU G 170 -57.86 -7.46 -12.92
C GLU G 170 -58.88 -6.78 -13.82
N LYS G 171 -60.13 -7.25 -13.76
CA LYS G 171 -61.19 -6.60 -14.52
C LYS G 171 -61.44 -5.17 -14.02
N ARG G 172 -61.38 -4.99 -12.69
CA ARG G 172 -61.62 -3.68 -12.12
C ARG G 172 -60.58 -2.67 -12.60
N GLU G 173 -59.30 -3.06 -12.60
CA GLU G 173 -58.27 -2.14 -13.09
C GLU G 173 -58.36 -1.97 -14.62
N LYS G 174 -58.85 -3.00 -15.33
CA LYS G 174 -59.01 -2.88 -16.78
C LYS G 174 -60.02 -1.80 -17.16
N GLU G 175 -61.26 -1.95 -16.70
CA GLU G 175 -62.21 -0.87 -16.96
C GLU G 175 -61.91 0.41 -16.19
N ALA G 176 -61.08 0.37 -15.14
CA ALA G 176 -60.61 1.62 -14.55
C ALA G 176 -59.74 2.39 -15.53
N ARG G 177 -58.80 1.69 -16.18
CA ARG G 177 -57.98 2.31 -17.22
C ARG G 177 -58.84 2.83 -18.37
N ARG G 178 -59.80 2.00 -18.80
CA ARG G 178 -60.69 2.36 -19.90
C ARG G 178 -61.47 3.64 -19.58
N LYS G 179 -62.12 3.67 -18.44
CA LYS G 179 -62.94 4.82 -18.06
C LYS G 179 -62.08 6.05 -17.82
N ARG G 180 -60.89 5.88 -17.22
CA ARG G 180 -60.05 7.03 -16.90
C ARG G 180 -59.55 7.71 -18.16
N TRP G 181 -58.97 6.94 -19.09
CA TRP G 181 -58.44 7.65 -20.25
C TRP G 181 -59.54 7.93 -21.29
N GLN G 182 -60.71 7.29 -21.18
CA GLN G 182 -61.89 7.79 -21.88
C GLN G 182 -62.30 9.17 -21.39
N GLU G 183 -62.27 9.38 -20.06
CA GLU G 183 -62.57 10.70 -19.52
C GLU G 183 -61.53 11.72 -19.93
N ILE G 184 -60.27 11.31 -20.00
CA ILE G 184 -59.21 12.20 -20.52
C ILE G 184 -59.51 12.60 -21.96
N ILE G 185 -59.92 11.62 -22.78
CA ILE G 185 -60.34 11.91 -24.15
C ILE G 185 -61.48 12.92 -24.16
N GLU G 186 -62.52 12.67 -23.37
CA GLU G 186 -63.71 13.53 -23.38
C GLU G 186 -63.38 14.95 -22.95
N MET G 187 -62.46 15.10 -22.00
CA MET G 187 -61.94 16.43 -21.66
C MET G 187 -61.24 17.08 -22.85
N THR G 188 -60.47 16.30 -23.61
CA THR G 188 -59.80 16.87 -24.78
C THR G 188 -60.79 17.33 -25.85
N GLU G 189 -61.83 16.55 -26.16
CA GLU G 189 -62.79 17.10 -27.14
C GLU G 189 -63.67 18.20 -26.56
N ARG G 190 -63.88 18.26 -25.24
CA ARG G 190 -64.63 19.41 -24.74
C ARG G 190 -63.79 20.68 -24.82
N LYS G 191 -62.47 20.58 -24.63
CA LYS G 191 -61.62 21.74 -24.87
C LYS G 191 -61.53 22.06 -26.36
N GLN G 192 -61.55 21.04 -27.21
CA GLN G 192 -61.57 21.26 -28.66
C GLN G 192 -62.83 22.00 -29.08
N GLU G 193 -63.98 21.62 -28.52
CA GLU G 193 -65.23 22.32 -28.82
C GLU G 193 -65.24 23.73 -28.24
N GLU G 194 -64.61 23.92 -27.07
CA GLU G 194 -64.49 25.25 -26.50
C GLU G 194 -63.65 26.16 -27.39
N ILE G 195 -62.58 25.62 -27.99
CA ILE G 195 -61.81 26.39 -28.95
C ILE G 195 -62.60 26.60 -30.24
N ARG G 196 -63.38 25.60 -30.65
CA ARG G 196 -64.13 25.66 -31.90
C ARG G 196 -65.19 26.75 -31.87
N ASN G 197 -65.91 26.87 -30.75
CA ASN G 197 -66.84 27.98 -30.60
C ASN G 197 -66.21 29.18 -29.92
N GLY G 198 -64.92 29.11 -29.58
CA GLY G 198 -64.22 30.19 -28.92
C GLY G 198 -64.56 30.34 -27.45
N ASP G 205 -65.84 41.46 -20.08
CA ASP G 205 -65.92 41.15 -18.65
C ASP G 205 -66.96 42.01 -17.96
N GLY G 206 -66.99 41.97 -16.63
CA GLY G 206 -68.01 42.69 -15.89
C GLY G 206 -67.82 44.20 -15.95
N LYS G 207 -66.60 44.67 -15.69
CA LYS G 207 -66.34 46.11 -15.81
C LYS G 207 -66.58 46.57 -17.25
N TRP G 208 -66.28 45.70 -18.22
CA TRP G 208 -66.55 45.98 -19.62
C TRP G 208 -68.05 46.20 -19.86
N VAL G 209 -68.89 45.26 -19.41
CA VAL G 209 -70.29 45.28 -19.79
C VAL G 209 -71.06 46.38 -19.05
N GLU G 210 -70.78 46.60 -17.76
CA GLU G 210 -71.41 47.75 -17.11
C GLU G 210 -70.81 49.09 -17.54
N GLU G 211 -69.57 49.14 -18.04
CA GLU G 211 -69.10 50.37 -18.66
C GLU G 211 -69.86 50.64 -19.96
N LYS G 212 -70.17 49.60 -20.73
CA LYS G 212 -70.95 49.77 -21.94
C LYS G 212 -72.36 50.24 -21.62
N GLU G 213 -72.98 49.64 -20.61
CA GLU G 213 -74.33 50.04 -20.21
C GLU G 213 -74.36 51.47 -19.68
N VAL G 214 -73.36 51.86 -18.88
CA VAL G 214 -73.37 53.20 -18.33
C VAL G 214 -73.09 54.24 -19.41
N MET G 215 -72.26 53.93 -20.42
CA MET G 215 -72.09 54.95 -21.44
C MET G 215 -73.32 55.00 -22.35
N GLY G 216 -74.04 53.89 -22.48
CA GLY G 216 -75.27 53.92 -23.27
C GLY G 216 -76.35 54.77 -22.63
N GLU G 217 -76.54 54.62 -21.32
CA GLU G 217 -77.51 55.47 -20.64
C GLU G 217 -77.04 56.92 -20.58
N ARG G 218 -75.73 57.15 -20.47
CA ARG G 218 -75.22 58.52 -20.48
C ARG G 218 -75.38 59.17 -21.85
N THR G 219 -75.16 58.41 -22.92
CA THR G 219 -75.37 58.92 -24.28
C THR G 219 -76.84 59.21 -24.54
N ARG G 220 -77.73 58.36 -24.01
CA ARG G 220 -79.17 58.65 -24.11
C ARG G 220 -79.52 59.95 -23.38
N GLU G 221 -78.98 60.12 -22.16
CA GLU G 221 -79.23 61.35 -21.40
C GLU G 221 -78.69 62.56 -22.14
N ALA G 222 -77.54 62.40 -22.80
CA ALA G 222 -77.00 63.47 -23.64
C ALA G 222 -77.92 63.78 -24.81
N VAL G 223 -78.53 62.74 -25.41
CA VAL G 223 -79.47 62.94 -26.52
C VAL G 223 -80.69 63.75 -26.06
N MET G 224 -81.28 63.33 -24.93
CA MET G 224 -82.45 64.06 -24.42
C MET G 224 -82.11 65.48 -24.00
N GLU G 225 -80.96 65.73 -23.37
CA GLU G 225 -80.65 67.12 -23.04
C GLU G 225 -80.32 67.92 -24.30
N ALA G 226 -79.80 67.26 -25.34
CA ALA G 226 -79.44 67.97 -26.56
C ALA G 226 -80.66 68.49 -27.29
N MET G 227 -81.70 67.66 -27.44
CA MET G 227 -82.93 68.20 -28.00
C MET G 227 -83.87 68.83 -26.97
N LYS G 228 -83.52 68.82 -25.68
CA LYS G 228 -84.21 69.70 -24.75
C LYS G 228 -83.65 71.12 -24.80
N ALA G 229 -82.36 71.26 -25.05
CA ALA G 229 -81.73 72.57 -25.21
C ALA G 229 -81.70 73.05 -26.65
N GLY G 230 -82.07 72.21 -27.61
CA GLY G 230 -82.07 72.61 -29.00
C GLY G 230 -80.68 72.68 -29.60
N ALA G 231 -80.01 71.54 -29.69
CA ALA G 231 -78.63 71.46 -30.17
C ALA G 231 -78.56 70.91 -31.59
N TRP G 232 -79.52 71.29 -32.43
CA TRP G 232 -79.55 70.83 -33.81
C TRP G 232 -78.52 71.59 -34.63
N LYS G 233 -77.37 70.96 -34.90
CA LYS G 233 -76.35 71.53 -35.75
C LYS G 233 -75.82 70.51 -36.74
N ASP G 234 -76.65 69.56 -37.14
CA ASP G 234 -76.26 68.53 -38.07
C ASP G 234 -76.19 69.08 -39.50
N ASN G 235 -75.58 68.31 -40.39
CA ASN G 235 -75.37 68.73 -41.77
C ASN G 235 -75.57 67.58 -42.74
N THR H 43 44.49 7.03 -35.03
CA THR H 43 45.07 6.69 -33.73
C THR H 43 45.83 5.36 -33.83
N PRO H 44 47.03 5.38 -34.43
CA PRO H 44 47.72 4.12 -34.75
C PRO H 44 48.54 3.55 -33.61
N ARG H 45 49.26 2.47 -33.91
CA ARG H 45 50.12 1.77 -32.96
C ARG H 45 51.57 1.98 -33.38
N THR H 46 52.36 2.61 -32.50
CA THR H 46 53.71 3.02 -32.86
C THR H 46 54.79 2.42 -31.98
N SER H 47 54.49 1.36 -31.23
CA SER H 47 55.52 0.71 -30.42
C SER H 47 55.09 -0.71 -30.07
N ASN H 48 56.05 -1.48 -29.58
CA ASN H 48 55.80 -2.86 -29.16
C ASN H 48 55.54 -2.93 -27.65
N LEU H 49 54.53 -2.19 -27.21
CA LEU H 49 54.10 -2.19 -25.82
C LEU H 49 52.80 -2.96 -25.69
N LYS H 50 52.46 -3.32 -24.45
CA LYS H 50 51.14 -3.90 -24.22
C LYS H 50 50.03 -2.87 -24.39
N ALA H 51 50.32 -1.61 -24.08
CA ALA H 51 49.33 -0.55 -24.17
C ALA H 51 50.01 0.71 -24.67
N PRO H 52 49.25 1.62 -25.30
CA PRO H 52 49.82 2.93 -25.66
C PRO H 52 50.26 3.76 -24.47
N LEU H 53 49.73 3.47 -23.27
CA LEU H 53 50.18 4.11 -22.04
C LEU H 53 50.03 3.09 -20.92
N MET H 54 51.08 2.89 -20.14
CA MET H 54 51.02 2.01 -18.99
C MET H 54 51.44 2.76 -17.74
N GLU H 55 50.94 2.30 -16.60
CA GLU H 55 51.23 2.91 -15.32
C GLU H 55 52.00 1.92 -14.47
N LEU H 56 53.15 2.35 -13.95
CA LEU H 56 53.98 1.52 -13.08
C LEU H 56 53.91 2.10 -11.68
N SER H 57 53.38 1.32 -10.74
CA SER H 57 53.22 1.75 -9.36
C SER H 57 53.86 0.71 -8.46
N GLY H 58 54.19 1.14 -7.24
CA GLY H 58 54.84 0.25 -6.30
C GLY H 58 55.82 0.93 -5.38
N HIS H 59 56.28 2.11 -5.76
CA HIS H 59 57.01 2.95 -4.81
C HIS H 59 56.06 3.46 -3.74
N THR H 60 56.59 3.59 -2.52
CA THR H 60 55.82 4.11 -1.41
C THR H 60 56.30 5.51 -1.01
N GLY H 61 56.72 6.29 -1.99
CA GLY H 61 57.15 7.65 -1.77
C GLY H 61 57.28 8.32 -3.12
N GLU H 62 57.61 9.62 -3.08
CA GLU H 62 57.79 10.38 -4.30
C GLU H 62 58.93 9.82 -5.14
N ILE H 63 58.69 9.65 -6.43
CA ILE H 63 59.71 9.16 -7.35
C ILE H 63 60.52 10.35 -7.81
N PHE H 64 61.79 10.41 -7.43
CA PHE H 64 62.61 11.55 -7.77
C PHE H 64 63.40 11.34 -9.05
N THR H 65 63.68 10.10 -9.42
CA THR H 65 64.40 9.90 -10.66
C THR H 65 63.98 8.59 -11.30
N ALA H 66 64.08 8.54 -12.63
CA ALA H 66 63.76 7.34 -13.39
C ALA H 66 64.54 7.42 -14.69
N LYS H 67 65.32 6.40 -14.98
CA LYS H 67 66.22 6.41 -16.11
C LYS H 67 66.06 5.14 -16.92
N PHE H 68 66.36 5.26 -18.20
CA PHE H 68 66.28 4.18 -19.16
C PHE H 68 67.62 3.48 -19.30
N ASP H 69 67.56 2.23 -19.74
CA ASP H 69 68.74 1.48 -20.11
C ASP H 69 69.37 2.11 -21.36
N PRO H 70 70.68 1.98 -21.54
CA PRO H 70 71.28 2.40 -22.81
C PRO H 70 70.71 1.69 -24.01
N THR H 71 70.28 0.44 -23.85
CA THR H 71 69.53 -0.25 -24.90
C THR H 71 68.06 0.08 -24.88
N GLY H 72 67.57 0.79 -23.87
CA GLY H 72 66.17 1.17 -23.78
C GLY H 72 65.20 0.03 -23.58
N THR H 73 65.57 -0.99 -22.79
CA THR H 73 64.66 -2.07 -22.46
C THR H 73 64.43 -2.24 -20.97
N LEU H 74 65.25 -1.63 -20.12
CA LEU H 74 65.10 -1.68 -18.68
C LEU H 74 64.96 -0.27 -18.13
N ILE H 75 64.38 -0.15 -16.94
CA ILE H 75 64.16 1.14 -16.31
C ILE H 75 64.52 1.04 -14.84
N ALA H 76 65.30 2.00 -14.34
CA ALA H 76 65.63 2.08 -12.92
C ALA H 76 65.02 3.35 -12.36
N SER H 77 64.23 3.21 -11.31
CA SER H 77 63.57 4.35 -10.68
C SER H 77 63.99 4.45 -9.22
N GLY H 78 64.48 5.63 -8.83
CA GLY H 78 64.91 5.88 -7.47
C GLY H 78 63.96 6.84 -6.79
N SER H 79 63.55 6.47 -5.58
CA SER H 79 62.50 7.20 -4.90
C SER H 79 62.76 7.31 -3.41
N MET H 80 62.03 8.28 -2.82
CA MET H 80 62.22 8.78 -1.45
C MET H 80 61.84 7.74 -0.40
N ASP H 81 61.24 6.63 -0.79
CA ASP H 81 61.25 5.51 0.12
C ASP H 81 62.63 4.81 0.20
N ARG H 82 63.67 5.50 -0.30
CA ARG H 82 65.07 5.10 -0.23
C ARG H 82 65.33 3.86 -1.06
N THR H 83 64.56 3.66 -2.13
CA THR H 83 64.70 2.41 -2.88
C THR H 83 64.89 2.68 -4.36
N ILE H 84 65.39 1.66 -5.05
CA ILE H 84 65.47 1.65 -6.50
C ILE H 84 64.69 0.45 -7.01
N MET H 85 63.76 0.69 -7.92
CA MET H 85 62.95 -0.37 -8.52
C MET H 85 63.34 -0.54 -9.98
N LEU H 86 63.50 -1.80 -10.39
CA LEU H 86 64.02 -2.16 -11.70
C LEU H 86 62.94 -2.89 -12.48
N TRP H 87 62.60 -2.33 -13.64
CA TRP H 87 61.51 -2.78 -14.49
C TRP H 87 62.02 -3.17 -15.88
N ARG H 88 61.26 -4.05 -16.53
CA ARG H 88 61.45 -4.39 -17.94
C ARG H 88 60.30 -3.77 -18.72
N VAL H 89 60.62 -2.92 -19.71
CA VAL H 89 59.54 -2.22 -20.41
C VAL H 89 58.82 -3.15 -21.37
N TYR H 90 59.53 -4.06 -22.03
CA TYR H 90 58.92 -4.94 -22.99
C TYR H 90 58.59 -6.26 -22.33
N GLY H 91 58.20 -7.25 -23.14
CA GLY H 91 57.53 -8.41 -22.58
C GLY H 91 56.10 -8.00 -22.31
N ASP H 92 55.72 -7.86 -21.04
CA ASP H 92 54.48 -7.18 -20.71
C ASP H 92 54.70 -5.91 -19.89
N CYS H 93 55.21 -6.04 -18.66
CA CYS H 93 56.10 -5.19 -17.85
C CYS H 93 56.33 -5.96 -16.56
N GLU H 94 57.54 -5.92 -16.01
CA GLU H 94 57.86 -6.73 -14.85
C GLU H 94 58.81 -5.97 -13.94
N ASN H 95 58.39 -5.72 -12.72
CA ASN H 95 59.33 -5.28 -11.69
C ASN H 95 60.22 -6.46 -11.38
N TYR H 96 61.42 -6.46 -11.94
CA TYR H 96 62.33 -7.57 -11.73
C TYR H 96 63.36 -7.32 -10.64
N GLY H 97 63.49 -6.10 -10.15
CA GLY H 97 64.51 -5.83 -9.15
C GLY H 97 64.12 -4.78 -8.13
N VAL H 98 64.63 -4.94 -6.92
CA VAL H 98 64.59 -3.91 -5.89
C VAL H 98 65.98 -3.80 -5.29
N LEU H 99 66.51 -2.58 -5.25
CA LEU H 99 67.80 -2.30 -4.63
C LEU H 99 67.56 -1.46 -3.39
N ASN H 100 68.05 -1.97 -2.25
CA ASN H 100 67.95 -1.33 -0.95
C ASN H 100 69.34 -1.11 -0.39
N GLY H 101 69.47 -0.12 0.49
CA GLY H 101 70.74 0.13 1.12
C GLY H 101 71.00 1.59 1.39
N HIS H 102 70.28 2.47 0.72
CA HIS H 102 70.46 3.89 0.91
C HIS H 102 69.69 4.37 2.13
N LYS H 103 70.28 5.30 2.87
CA LYS H 103 69.71 5.75 4.13
C LYS H 103 68.78 6.95 3.96
N ALA H 104 68.63 7.48 2.75
CA ALA H 104 67.77 8.61 2.52
C ALA H 104 67.26 8.53 1.09
N ALA H 105 66.65 9.62 0.61
CA ALA H 105 65.99 9.61 -0.67
C ALA H 105 66.98 9.45 -1.82
N ILE H 106 66.56 8.71 -2.85
CA ILE H 106 67.37 8.54 -4.05
C ILE H 106 67.15 9.77 -4.90
N LEU H 107 68.11 10.67 -4.93
CA LEU H 107 67.91 11.91 -5.68
C LEU H 107 68.37 11.83 -7.12
N ASP H 108 69.32 10.95 -7.46
CA ASP H 108 69.65 10.78 -8.87
C ASP H 108 70.19 9.38 -9.11
N LEU H 109 70.11 8.93 -10.35
CA LEU H 109 70.76 7.69 -10.73
C LEU H 109 71.12 7.74 -12.21
N GLN H 110 72.03 6.85 -12.59
CA GLN H 110 72.54 6.72 -13.94
C GLN H 110 72.94 5.27 -14.16
N TRP H 111 73.10 4.90 -15.42
CA TRP H 111 73.54 3.56 -15.77
C TRP H 111 75.01 3.58 -16.19
N SER H 112 75.57 2.39 -16.33
CA SER H 112 76.89 2.28 -16.95
C SER H 112 76.76 2.39 -18.46
N ARG H 113 77.87 2.19 -19.17
CA ARG H 113 77.84 2.31 -20.62
C ARG H 113 77.07 1.15 -21.26
N ASP H 114 76.94 0.02 -20.57
CA ASP H 114 76.35 -1.17 -21.13
C ASP H 114 75.26 -1.81 -20.29
N GLY H 115 74.97 -1.28 -19.11
CA GLY H 115 73.79 -1.70 -18.39
C GLY H 115 73.95 -2.90 -17.46
N ASP H 116 75.07 -2.98 -16.76
CA ASP H 116 75.27 -3.98 -15.73
C ASP H 116 75.58 -3.37 -14.37
N ILE H 117 76.03 -2.12 -14.33
CA ILE H 117 76.29 -1.39 -13.11
C ILE H 117 75.38 -0.17 -13.10
N LEU H 118 74.73 0.07 -11.97
CA LEU H 118 73.89 1.24 -11.78
C LEU H 118 74.50 2.12 -10.72
N PHE H 119 74.62 3.41 -11.00
CA PHE H 119 75.17 4.36 -10.04
C PHE H 119 74.03 5.25 -9.54
N SER H 120 74.11 5.65 -8.27
CA SER H 120 73.02 6.42 -7.70
C SER H 120 73.53 7.34 -6.61
N ALA H 121 73.06 8.58 -6.60
CA ALA H 121 73.41 9.56 -5.59
C ALA H 121 72.21 9.81 -4.70
N SER H 122 72.45 9.84 -3.40
CA SER H 122 71.37 9.93 -2.44
C SER H 122 71.73 10.88 -1.31
N ALA H 123 70.67 11.42 -0.70
CA ALA H 123 70.68 12.43 0.34
C ALA H 123 71.23 11.91 1.66
N ASP H 124 71.63 10.64 1.71
CA ASP H 124 72.49 10.14 2.77
C ASP H 124 73.94 10.51 2.56
N MET H 125 74.19 11.50 1.69
CA MET H 125 75.50 12.03 1.37
C MET H 125 76.37 10.96 0.72
N HIS H 126 75.76 10.07 -0.04
CA HIS H 126 76.57 8.99 -0.60
C HIS H 126 76.23 8.75 -2.05
N LEU H 127 77.23 8.32 -2.82
CA LEU H 127 76.94 7.62 -4.06
C LEU H 127 77.05 6.14 -3.83
N ALA H 128 76.53 5.37 -4.77
CA ALA H 128 76.62 3.93 -4.67
C ALA H 128 76.63 3.34 -6.06
N SER H 129 77.36 2.25 -6.21
CA SER H 129 77.37 1.47 -7.44
C SER H 129 76.85 0.08 -7.11
N TRP H 130 75.95 -0.41 -7.96
CA TRP H 130 75.19 -1.64 -7.76
C TRP H 130 75.39 -2.55 -8.95
N ASP H 131 75.77 -3.81 -8.69
CA ASP H 131 75.78 -4.82 -9.72
C ASP H 131 74.36 -5.35 -9.90
N LEU H 132 73.85 -5.26 -11.13
CA LEU H 132 72.47 -5.63 -11.41
C LEU H 132 72.30 -7.09 -11.77
N THR H 133 73.39 -7.83 -11.98
CA THR H 133 73.25 -9.26 -12.20
C THR H 133 72.99 -9.98 -10.89
N THR H 134 73.58 -9.51 -9.80
CA THR H 134 73.33 -10.06 -8.48
C THR H 134 72.43 -9.16 -7.64
N GLY H 135 72.12 -7.95 -8.12
CA GLY H 135 71.28 -7.04 -7.38
C GLY H 135 71.88 -6.59 -6.07
N GLN H 136 73.20 -6.44 -6.03
CA GLN H 136 73.90 -6.18 -4.79
C GLN H 136 74.77 -4.95 -4.93
N ARG H 137 74.87 -4.19 -3.85
CA ARG H 137 75.69 -2.99 -3.86
C ARG H 137 77.16 -3.38 -3.95
N ILE H 138 77.79 -3.04 -5.08
CA ILE H 138 79.24 -3.08 -5.17
C ILE H 138 79.86 -2.23 -4.08
N ARG H 139 79.62 -0.92 -4.12
CA ARG H 139 80.30 -0.09 -3.14
C ARG H 139 79.61 1.26 -2.98
N ARG H 140 80.07 1.99 -1.97
CA ARG H 140 79.61 3.34 -1.68
C ARG H 140 80.76 4.31 -1.89
N TYR H 141 80.43 5.49 -2.40
CA TYR H 141 81.38 6.57 -2.61
C TYR H 141 81.07 7.66 -1.59
N ILE H 142 82.03 7.90 -0.69
CA ILE H 142 81.88 8.74 0.49
C ILE H 142 82.82 9.92 0.33
N GLY H 143 82.41 11.07 0.86
CA GLY H 143 83.24 12.25 0.87
C GLY H 143 82.45 13.53 0.76
N HIS H 144 81.22 13.44 0.28
CA HIS H 144 80.34 14.59 0.27
C HIS H 144 79.82 14.87 1.67
N GLU H 145 79.67 16.15 1.99
CA GLU H 145 79.26 16.55 3.34
C GLU H 145 77.81 17.01 3.42
N GLU H 146 77.12 17.19 2.30
CA GLU H 146 75.71 17.59 2.31
C GLU H 146 74.99 16.75 1.27
N ILE H 147 73.72 17.10 1.03
CA ILE H 147 72.86 16.31 0.15
C ILE H 147 73.41 16.38 -1.27
N ILE H 148 73.59 15.22 -1.90
CA ILE H 148 74.11 15.15 -3.26
C ILE H 148 72.92 15.31 -4.20
N ASN H 149 72.79 16.50 -4.78
CA ASN H 149 71.62 16.81 -5.58
C ASN H 149 71.65 16.12 -6.93
N ALA H 150 72.80 16.10 -7.59
CA ALA H 150 72.84 15.58 -8.94
C ALA H 150 74.06 14.71 -9.14
N MET H 151 74.00 13.86 -10.16
CA MET H 151 75.17 13.14 -10.60
C MET H 151 75.01 12.80 -12.07
N ASP H 152 76.15 12.61 -12.72
CA ASP H 152 76.23 12.20 -14.11
C ASP H 152 77.37 11.21 -14.22
N VAL H 153 77.34 10.43 -15.30
CA VAL H 153 78.35 9.41 -15.55
C VAL H 153 78.93 9.64 -16.95
N THR H 154 80.26 9.62 -17.05
CA THR H 154 80.93 9.83 -18.32
C THR H 154 80.96 8.48 -19.01
N GLN H 155 80.28 8.42 -20.17
CA GLN H 155 79.94 7.25 -21.00
C GLN H 155 80.96 6.88 -22.06
N ARG H 156 81.87 7.77 -22.43
CA ARG H 156 82.74 7.47 -23.55
C ARG H 156 84.17 7.84 -23.21
N GLY H 157 85.09 7.12 -23.85
CA GLY H 157 86.48 7.14 -23.42
C GLY H 157 86.65 6.16 -22.29
N GLU H 158 86.75 6.67 -21.06
CA GLU H 158 86.84 5.84 -19.88
C GLU H 158 85.89 6.40 -18.82
N GLU H 159 85.23 5.49 -18.10
CA GLU H 159 84.03 5.81 -17.34
C GLU H 159 84.34 6.62 -16.10
N LEU H 160 83.54 7.66 -15.85
CA LEU H 160 83.73 8.39 -14.58
C LEU H 160 82.39 8.76 -13.96
N LEU H 161 82.45 9.25 -12.72
CA LEU H 161 81.29 9.72 -11.99
C LEU H 161 81.51 11.18 -11.62
N ILE H 162 80.50 12.01 -11.84
CA ILE H 162 80.52 13.42 -11.50
C ILE H 162 79.34 13.67 -10.59
N SER H 163 79.55 14.42 -9.52
CA SER H 163 78.48 14.64 -8.56
C SER H 163 78.44 16.08 -8.11
N GLY H 164 77.24 16.61 -7.99
CA GLY H 164 77.06 17.97 -7.53
C GLY H 164 76.25 18.00 -6.25
N SER H 165 76.76 18.67 -5.24
CA SER H 165 76.18 18.58 -3.91
C SER H 165 76.23 19.91 -3.17
N ASP H 166 75.29 20.02 -2.21
CA ASP H 166 74.97 21.26 -1.49
C ASP H 166 76.10 21.80 -0.64
N ASP H 167 77.14 21.01 -0.40
CA ASP H 167 78.33 21.59 0.23
C ASP H 167 79.16 22.42 -0.74
N GLY H 168 78.60 22.73 -1.90
CA GLY H 168 79.29 23.44 -2.94
C GLY H 168 80.39 22.62 -3.58
N THR H 169 80.15 21.35 -3.84
CA THR H 169 81.23 20.53 -4.37
C THR H 169 80.80 19.72 -5.58
N ILE H 170 81.76 19.52 -6.47
CA ILE H 170 81.61 18.65 -7.63
C ILE H 170 82.64 17.54 -7.49
N GLY H 171 82.18 16.37 -7.06
CA GLY H 171 83.08 15.25 -6.89
C GLY H 171 83.34 14.54 -8.20
N ILE H 172 84.60 14.25 -8.46
CA ILE H 172 85.04 13.44 -9.59
C ILE H 172 85.48 12.11 -9.01
N TRP H 173 84.74 11.05 -9.34
CA TRP H 173 84.89 9.74 -8.73
C TRP H 173 85.28 8.72 -9.79
N ASP H 174 86.28 7.93 -9.49
CA ASP H 174 86.55 6.73 -10.25
C ASP H 174 85.68 5.59 -9.72
N PRO H 175 84.96 4.87 -10.58
CA PRO H 175 84.10 3.79 -10.07
C PRO H 175 84.85 2.51 -9.73
N ARG H 176 86.00 2.65 -9.09
CA ARG H 176 86.73 1.52 -8.50
C ARG H 176 87.21 1.80 -7.10
N THR H 177 87.28 3.06 -6.68
CA THR H 177 87.73 3.44 -5.35
C THR H 177 86.61 4.19 -4.63
N LYS H 178 86.46 3.90 -3.33
CA LYS H 178 85.52 4.65 -2.52
C LYS H 178 85.96 6.09 -2.26
N ASN H 179 87.20 6.43 -2.57
CA ASN H 179 87.73 7.77 -2.36
C ASN H 179 87.64 8.58 -3.64
N ALA H 180 87.38 9.88 -3.48
CA ALA H 180 87.21 10.76 -4.62
C ALA H 180 88.54 11.02 -5.31
N VAL H 181 88.54 10.92 -6.63
CA VAL H 181 89.71 11.31 -7.41
C VAL H 181 89.95 12.80 -7.27
N ASP H 182 88.89 13.60 -7.43
CA ASP H 182 89.01 15.04 -7.28
C ASP H 182 87.72 15.61 -6.73
N TYR H 183 87.76 16.88 -6.34
CA TYR H 183 86.54 17.61 -6.05
C TYR H 183 86.76 19.08 -6.33
N ILE H 184 85.87 19.64 -7.16
CA ILE H 184 85.83 21.07 -7.41
C ILE H 184 85.11 21.73 -6.25
N GLU H 185 85.70 22.78 -5.71
CA GLU H 185 85.20 23.45 -4.52
C GLU H 185 84.67 24.83 -4.92
N THR H 186 83.36 24.95 -5.02
CA THR H 186 82.70 26.23 -5.25
C THR H 186 82.38 26.85 -3.90
N ASP H 187 81.52 27.87 -3.90
CA ASP H 187 81.03 28.47 -2.68
C ASP H 187 79.51 28.64 -2.72
N PHE H 188 78.83 27.82 -3.51
CA PHE H 188 77.38 27.83 -3.63
C PHE H 188 76.91 26.40 -3.89
N PRO H 189 75.73 26.03 -3.39
CA PRO H 189 75.23 24.68 -3.63
C PRO H 189 74.97 24.41 -5.10
N ILE H 190 75.14 23.16 -5.49
CA ILE H 190 75.08 22.75 -6.89
C ILE H 190 73.95 21.73 -7.03
N THR H 191 73.04 21.99 -7.97
CA THR H 191 71.83 21.20 -8.10
C THR H 191 71.73 20.41 -9.40
N ALA H 192 72.50 20.75 -10.43
CA ALA H 192 72.49 20.00 -11.67
C ALA H 192 73.90 19.96 -12.23
N VAL H 193 74.31 18.78 -12.70
CA VAL H 193 75.61 18.59 -13.33
C VAL H 193 75.44 17.81 -14.61
N ALA H 194 76.34 18.04 -15.56
CA ALA H 194 76.37 17.31 -16.81
C ALA H 194 77.81 17.28 -17.30
N VAL H 195 78.11 16.28 -18.12
CA VAL H 195 79.45 16.07 -18.65
C VAL H 195 79.42 16.35 -20.15
N SER H 196 80.41 17.10 -20.62
CA SER H 196 80.59 17.28 -22.05
C SER H 196 80.92 15.96 -22.73
N GLU H 197 80.57 15.86 -24.00
CA GLU H 197 80.86 14.65 -24.77
C GLU H 197 82.37 14.44 -24.91
N ALA H 198 83.15 15.53 -24.87
CA ALA H 198 84.60 15.40 -24.87
C ALA H 198 85.11 14.70 -23.62
N GLY H 199 84.41 14.85 -22.50
CA GLY H 199 84.74 14.14 -21.28
C GLY H 199 85.58 14.90 -20.28
N ASN H 200 85.89 16.17 -20.53
CA ASN H 200 86.73 16.93 -19.61
C ASN H 200 86.19 18.32 -19.29
N GLU H 201 84.98 18.65 -19.72
CA GLU H 201 84.26 19.81 -19.21
C GLU H 201 83.01 19.37 -18.48
N ILE H 202 82.71 20.06 -17.39
CA ILE H 202 81.52 19.82 -16.58
C ILE H 202 80.68 21.08 -16.58
N TYR H 203 79.41 20.94 -16.97
CA TYR H 203 78.45 22.02 -16.85
C TYR H 203 77.72 21.85 -15.53
N SER H 204 77.76 22.87 -14.69
CA SER H 204 77.13 22.77 -13.38
C SER H 204 76.29 24.00 -13.12
N GLY H 205 75.08 23.80 -12.64
CA GLY H 205 74.25 24.88 -12.20
C GLY H 205 73.71 24.61 -10.81
N GLY H 206 73.50 25.69 -10.07
CA GLY H 206 73.04 25.59 -8.70
C GLY H 206 72.27 26.81 -8.29
N ILE H 207 72.52 27.27 -7.06
CA ILE H 207 71.76 28.37 -6.48
C ILE H 207 72.03 29.66 -7.22
N ASP H 208 73.23 29.84 -7.75
CA ASP H 208 73.68 31.12 -8.28
C ASP H 208 73.11 31.46 -9.65
N ASN H 209 72.20 30.64 -10.20
CA ASN H 209 71.46 30.86 -11.43
C ASN H 209 72.35 30.94 -12.67
N ASP H 210 73.63 30.57 -12.57
CA ASP H 210 74.55 30.66 -13.70
C ASP H 210 75.04 29.27 -14.04
N ILE H 211 75.02 28.92 -15.32
CA ILE H 211 75.56 27.63 -15.74
C ILE H 211 77.06 27.80 -15.90
N LYS H 212 77.83 27.28 -14.96
CA LYS H 212 79.27 27.41 -15.00
C LYS H 212 79.85 26.19 -15.71
N VAL H 213 80.60 26.45 -16.78
CA VAL H 213 81.34 25.41 -17.49
C VAL H 213 82.74 25.40 -16.93
N TRP H 214 83.15 24.25 -16.40
CA TRP H 214 84.45 24.01 -15.78
C TRP H 214 85.27 23.05 -16.62
N ASP H 215 86.57 23.25 -16.60
CA ASP H 215 87.53 22.27 -17.11
C ASP H 215 88.04 21.45 -15.94
N ILE H 216 88.00 20.12 -16.11
CA ILE H 216 88.35 19.19 -15.04
C ILE H 216 89.83 19.28 -14.72
N ARG H 217 90.68 19.18 -15.74
CA ARG H 217 92.12 19.08 -15.52
C ARG H 217 92.69 20.37 -14.94
N LYS H 218 92.10 21.51 -15.25
CA LYS H 218 92.47 22.75 -14.57
C LYS H 218 91.74 22.91 -13.25
N LYS H 219 90.69 22.13 -13.02
CA LYS H 219 89.77 22.31 -11.88
C LYS H 219 89.28 23.74 -11.81
N ALA H 220 88.93 24.31 -12.96
CA ALA H 220 88.73 25.75 -12.99
C ALA H 220 87.64 26.11 -14.00
N VAL H 221 86.96 27.22 -13.72
CA VAL H 221 85.83 27.62 -14.55
C VAL H 221 86.33 28.23 -15.86
N VAL H 222 85.93 27.63 -16.98
CA VAL H 222 86.11 28.26 -18.27
C VAL H 222 85.18 29.45 -18.41
N HIS H 223 83.87 29.22 -18.38
CA HIS H 223 82.98 30.36 -18.62
C HIS H 223 81.58 30.09 -18.11
N THR H 224 80.83 31.18 -17.88
CA THR H 224 79.52 31.11 -17.27
C THR H 224 78.46 31.55 -18.28
N MET H 225 77.58 30.63 -18.66
CA MET H 225 76.37 31.02 -19.37
C MET H 225 75.39 31.64 -18.39
N LEU H 226 74.84 32.78 -18.79
CA LEU H 226 74.02 33.61 -17.93
C LEU H 226 72.65 33.81 -18.57
N GLY H 227 71.64 34.03 -17.72
CA GLY H 227 70.31 34.31 -18.21
C GLY H 227 69.19 33.70 -17.39
N HIS H 228 69.46 32.59 -16.70
CA HIS H 228 68.47 32.03 -15.79
C HIS H 228 68.33 32.93 -14.57
N ASN H 229 67.15 32.89 -13.95
CA ASN H 229 66.88 33.73 -12.80
C ASN H 229 66.71 32.93 -11.52
N ASP H 230 66.32 31.66 -11.60
CA ASP H 230 66.21 30.81 -10.43
C ASP H 230 67.07 29.57 -10.64
N THR H 231 67.08 28.68 -9.66
CA THR H 231 68.11 27.66 -9.56
C THR H 231 67.92 26.59 -10.63
N ILE H 232 69.03 26.20 -11.27
CA ILE H 232 68.95 25.26 -12.39
C ILE H 232 68.63 23.87 -11.85
N THR H 233 67.60 23.24 -12.41
CA THR H 233 67.21 21.92 -11.96
C THR H 233 67.71 20.81 -12.88
N THR H 234 67.78 21.03 -14.19
CA THR H 234 68.41 20.03 -15.05
C THR H 234 69.35 20.68 -16.04
N LEU H 235 70.36 19.89 -16.44
CA LEU H 235 71.37 20.26 -17.41
C LEU H 235 71.66 19.00 -18.20
N ARG H 236 71.40 19.01 -19.51
CA ARG H 236 71.54 17.81 -20.32
C ARG H 236 72.04 18.18 -21.71
N VAL H 237 73.01 17.42 -22.21
CA VAL H 237 73.52 17.69 -23.55
C VAL H 237 72.70 16.89 -24.56
N SER H 238 72.62 17.41 -25.78
CA SER H 238 71.88 16.76 -26.84
C SER H 238 72.64 15.52 -27.33
N PRO H 239 71.95 14.55 -27.93
CA PRO H 239 72.64 13.33 -28.39
C PRO H 239 73.70 13.57 -29.44
N ASP H 240 73.52 14.56 -30.31
CA ASP H 240 74.59 14.90 -31.24
C ASP H 240 75.70 15.68 -30.54
N GLY H 241 75.36 16.49 -29.53
CA GLY H 241 76.35 17.05 -28.64
C GLY H 241 76.63 18.53 -28.79
N GLN H 242 75.89 19.26 -29.62
CA GLN H 242 76.17 20.66 -29.85
C GLN H 242 75.29 21.61 -29.06
N GLN H 243 74.37 21.12 -28.24
CA GLN H 243 73.51 22.03 -27.52
C GLN H 243 73.14 21.46 -26.16
N LEU H 244 72.74 22.36 -25.26
CA LEU H 244 72.55 22.06 -23.85
C LEU H 244 71.17 22.53 -23.41
N LEU H 245 70.34 21.59 -22.97
CA LEU H 245 69.07 21.92 -22.33
C LEU H 245 69.31 22.20 -20.85
N SER H 246 68.74 23.30 -20.37
CA SER H 246 68.78 23.61 -18.95
C SER H 246 67.38 24.03 -18.53
N TYR H 247 66.88 23.44 -17.46
CA TYR H 247 65.61 23.87 -16.89
C TYR H 247 65.85 24.34 -15.47
N ALA H 248 65.31 25.51 -15.15
CA ALA H 248 65.47 26.13 -13.85
C ALA H 248 64.10 26.34 -13.22
N MET H 249 64.10 26.88 -12.00
CA MET H 249 62.89 27.13 -11.25
C MET H 249 62.23 28.45 -11.59
N ASP H 250 62.58 29.05 -12.73
CA ASP H 250 61.81 30.17 -13.27
C ASP H 250 60.93 29.73 -14.43
N SER H 251 60.69 28.42 -14.55
CA SER H 251 59.73 27.82 -15.48
C SER H 251 60.11 28.06 -16.94
N THR H 252 61.40 28.26 -17.22
CA THR H 252 61.91 28.45 -18.56
C THR H 252 62.93 27.37 -18.87
N ALA H 253 62.72 26.63 -19.95
CA ALA H 253 63.67 25.61 -20.38
C ALA H 253 64.47 26.20 -21.54
N ARG H 254 65.75 26.49 -21.31
CA ARG H 254 66.55 27.16 -22.30
C ARG H 254 67.54 26.19 -22.95
N THR H 255 67.63 26.28 -24.27
CA THR H 255 68.64 25.57 -25.03
C THR H 255 69.76 26.55 -25.35
N TRP H 256 71.00 26.12 -25.07
CA TRP H 256 72.24 26.86 -25.22
C TRP H 256 73.11 26.15 -26.24
N ASP H 257 74.09 26.88 -26.79
CA ASP H 257 75.05 26.29 -27.70
C ASP H 257 76.24 25.72 -26.92
N ILE H 258 76.84 24.68 -27.48
CA ILE H 258 77.95 23.97 -26.84
C ILE H 258 79.19 23.92 -27.70
N ARG H 259 79.05 23.95 -29.02
CA ARG H 259 80.18 23.93 -29.93
C ARG H 259 81.08 25.15 -29.68
N PRO H 260 82.40 24.97 -29.70
CA PRO H 260 83.31 26.06 -29.27
C PRO H 260 83.21 27.35 -30.05
N PHE H 261 82.88 27.29 -31.33
CA PHE H 261 82.62 28.51 -32.10
C PHE H 261 81.17 28.89 -31.86
N ALA H 262 80.97 30.00 -31.14
CA ALA H 262 79.65 30.52 -30.84
C ALA H 262 79.80 31.99 -30.49
N PRO H 263 78.75 32.80 -30.65
CA PRO H 263 78.86 34.21 -30.25
C PRO H 263 78.94 34.41 -28.75
N THR H 264 79.02 35.67 -28.32
CA THR H 264 79.14 35.97 -26.90
C THR H 264 77.90 35.55 -26.13
N ASP H 265 76.73 35.79 -26.69
CA ASP H 265 75.47 35.29 -26.11
C ASP H 265 75.21 33.91 -26.70
N ARG H 266 75.42 32.88 -25.88
CA ARG H 266 75.38 31.49 -26.33
C ARG H 266 73.98 30.91 -26.26
N HIS H 267 72.98 31.71 -25.90
CA HIS H 267 71.63 31.22 -25.70
C HIS H 267 70.91 31.05 -27.02
N ILE H 268 70.40 29.85 -27.28
CA ILE H 268 69.68 29.58 -28.52
C ILE H 268 68.21 29.95 -28.34
N ARG H 269 67.52 29.30 -27.39
CA ARG H 269 66.08 29.54 -27.29
C ARG H 269 65.60 29.34 -25.86
N THR H 270 64.46 29.94 -25.55
CA THR H 270 63.85 29.91 -24.22
C THR H 270 62.43 29.34 -24.33
N PHE H 271 62.33 28.02 -24.26
CA PHE H 271 61.04 27.36 -24.32
C PHE H 271 60.23 27.62 -23.05
N ASP H 272 58.93 27.83 -23.22
CA ASP H 272 58.00 28.05 -22.12
C ASP H 272 56.84 27.07 -22.23
N GLY H 273 56.14 26.88 -21.12
CA GLY H 273 54.95 26.05 -21.12
C GLY H 273 54.91 25.02 -20.00
N ALA H 274 55.87 25.10 -19.09
CA ALA H 274 55.97 24.17 -17.96
C ALA H 274 56.20 24.97 -16.70
N PRO H 275 55.15 25.36 -15.99
CA PRO H 275 55.33 26.14 -14.77
C PRO H 275 55.86 25.29 -13.64
N LEU H 276 56.79 25.85 -12.88
CA LEU H 276 57.14 25.26 -11.60
C LEU H 276 55.95 25.39 -10.66
N GLY H 277 55.63 24.33 -9.95
CA GLY H 277 54.48 24.39 -9.07
C GLY H 277 54.81 25.05 -7.75
N LEU H 278 54.41 24.41 -6.66
CA LEU H 278 54.70 24.91 -5.32
C LEU H 278 55.76 24.09 -4.60
N GLU H 279 56.17 22.96 -5.18
CA GLU H 279 57.30 22.18 -4.67
C GLU H 279 58.56 22.63 -5.39
N LYS H 280 59.63 22.85 -4.62
CA LYS H 280 60.93 23.22 -5.19
C LYS H 280 61.72 21.97 -5.53
N ASN H 281 61.17 21.18 -6.44
CA ASN H 281 61.78 19.92 -6.86
C ASN H 281 62.79 20.17 -7.97
N LEU H 282 63.69 19.20 -8.13
CA LEU H 282 64.67 19.26 -9.21
C LEU H 282 64.10 18.51 -10.39
N ILE H 283 63.48 19.24 -11.32
CA ILE H 283 62.84 18.63 -12.46
C ILE H 283 63.88 18.30 -13.51
N ARG H 284 63.79 17.10 -14.09
CA ARG H 284 64.78 16.57 -14.99
C ARG H 284 64.17 16.31 -16.36
N GLY H 285 64.56 17.11 -17.35
CA GLY H 285 64.14 16.91 -18.72
C GLY H 285 65.13 16.09 -19.52
N SER H 286 64.87 16.02 -20.82
CA SER H 286 65.68 15.21 -21.72
C SER H 286 65.47 15.67 -23.15
N TRP H 287 66.34 15.18 -24.03
CA TRP H 287 66.22 15.30 -25.47
C TRP H 287 65.72 14.00 -26.06
N SER H 288 65.13 14.11 -27.26
CA SER H 288 64.82 12.92 -28.03
C SER H 288 66.11 12.31 -28.56
N LYS H 289 66.03 11.04 -28.96
CA LYS H 289 67.20 10.36 -29.52
C LYS H 289 67.68 11.04 -30.79
N ASP H 290 66.74 11.40 -31.66
CA ASP H 290 67.07 12.19 -32.84
C ASP H 290 67.31 13.66 -32.52
N GLY H 291 67.01 14.11 -31.30
CA GLY H 291 67.33 15.46 -30.88
C GLY H 291 66.36 16.52 -31.32
N LYS H 292 65.32 16.17 -32.07
CA LYS H 292 64.36 17.15 -32.53
C LYS H 292 63.34 17.53 -31.45
N LYS H 293 63.14 16.68 -30.45
CA LYS H 293 62.16 16.93 -29.41
C LYS H 293 62.85 17.15 -28.07
N ILE H 294 62.18 17.89 -27.19
CA ILE H 294 62.76 18.31 -25.92
C ILE H 294 61.67 18.33 -24.85
N ALA H 295 61.84 17.51 -23.81
CA ALA H 295 60.77 17.34 -22.82
C ALA H 295 61.25 17.71 -21.43
N VAL H 296 60.36 18.33 -20.66
CA VAL H 296 60.54 18.48 -19.22
C VAL H 296 59.25 18.08 -18.51
N GLY H 297 59.32 18.02 -17.19
CA GLY H 297 58.15 17.83 -16.37
C GLY H 297 57.67 19.14 -15.78
N ALA H 298 56.42 19.15 -15.36
CA ALA H 298 55.80 20.38 -14.86
C ALA H 298 54.87 20.05 -13.71
N GLY H 299 54.91 20.93 -12.70
CA GLY H 299 54.29 20.75 -11.41
C GLY H 299 52.79 20.60 -11.41
N ASP H 300 52.13 20.94 -12.52
CA ASP H 300 50.71 20.65 -12.67
C ASP H 300 50.45 19.22 -13.13
N GLY H 301 51.42 18.33 -12.94
CA GLY H 301 51.26 16.95 -13.34
C GLY H 301 51.46 16.69 -14.80
N THR H 302 52.06 17.61 -15.53
CA THR H 302 52.11 17.52 -16.99
C THR H 302 53.54 17.46 -17.49
N VAL H 303 53.83 16.51 -18.35
CA VAL H 303 55.07 16.50 -19.10
C VAL H 303 54.88 17.32 -20.38
N VAL H 304 55.76 18.28 -20.60
CA VAL H 304 55.67 19.22 -21.71
C VAL H 304 56.79 18.92 -22.68
N ILE H 305 56.43 18.75 -23.95
CA ILE H 305 57.38 18.47 -25.02
C ILE H 305 57.31 19.58 -26.05
N TRP H 306 58.46 20.16 -26.38
CA TRP H 306 58.61 21.11 -27.47
C TRP H 306 59.46 20.52 -28.58
N GLY H 307 59.54 21.28 -29.67
CA GLY H 307 60.49 21.00 -30.73
C GLY H 307 61.72 21.88 -30.55
N SER H 308 62.88 21.23 -30.43
CA SER H 308 64.12 21.91 -30.12
C SER H 308 64.58 22.82 -31.25
N ASP H 309 64.26 22.47 -32.49
CA ASP H 309 64.65 23.27 -33.64
C ASP H 309 63.73 24.46 -33.85
N THR H 310 62.43 24.28 -33.64
CA THR H 310 61.44 25.32 -33.94
C THR H 310 61.11 26.15 -32.71
N GLY H 311 60.59 25.51 -31.67
CA GLY H 311 60.17 26.20 -30.48
C GLY H 311 58.70 26.12 -30.16
N LYS H 312 57.94 25.28 -30.85
CA LYS H 312 56.51 25.17 -30.66
C LYS H 312 56.18 24.01 -29.72
N LEU H 313 55.13 24.20 -28.93
CA LEU H 313 54.73 23.24 -27.92
C LEU H 313 54.10 22.05 -28.62
N LEU H 314 54.85 20.95 -28.73
CA LEU H 314 54.35 19.78 -29.44
C LEU H 314 53.30 19.04 -28.64
N TYR H 315 53.54 18.84 -27.34
CA TYR H 315 52.63 18.11 -26.48
C TYR H 315 52.57 18.77 -25.11
N LYS H 316 51.48 18.54 -24.40
CA LYS H 316 51.32 18.91 -23.00
C LYS H 316 50.65 17.78 -22.24
N LEU H 317 51.23 16.58 -22.36
CA LEU H 317 50.59 15.34 -21.90
C LEU H 317 50.31 15.38 -20.39
N PRO H 318 49.07 15.08 -19.96
CA PRO H 318 48.75 15.04 -18.54
C PRO H 318 49.06 13.68 -17.92
N GLY H 319 48.63 13.46 -16.67
CA GLY H 319 48.60 12.12 -16.15
C GLY H 319 49.05 11.94 -14.73
N HIS H 320 49.56 13.00 -14.12
CA HIS H 320 50.15 12.90 -12.80
C HIS H 320 49.47 13.86 -11.85
N LYS H 321 49.44 13.48 -10.57
CA LYS H 321 48.77 14.27 -9.56
C LYS H 321 49.73 15.01 -8.65
N GLY H 322 51.01 14.73 -8.74
CA GLY H 322 52.02 15.54 -8.09
C GLY H 322 52.87 16.22 -9.14
N THR H 323 53.95 16.89 -8.72
CA THR H 323 54.89 17.46 -9.68
C THR H 323 55.58 16.33 -10.43
N VAL H 324 55.81 16.51 -11.72
CA VAL H 324 56.48 15.52 -12.52
C VAL H 324 57.98 15.78 -12.40
N ASN H 325 58.68 14.91 -11.68
CA ASN H 325 60.08 15.16 -11.38
C ASN H 325 61.01 14.73 -12.49
N CYS H 326 60.58 13.84 -13.38
CA CYS H 326 61.50 13.31 -14.38
C CYS H 326 60.75 13.00 -15.66
N ALA H 327 61.37 13.33 -16.80
CA ALA H 327 60.78 13.07 -18.11
C ALA H 327 61.89 12.61 -19.05
N GLU H 328 61.79 11.36 -19.50
CA GLU H 328 62.87 10.72 -20.25
C GLU H 328 62.35 10.13 -21.55
N PHE H 329 62.96 10.52 -22.66
CA PHE H 329 62.72 9.87 -23.93
C PHE H 329 63.46 8.53 -23.99
N ALA H 330 62.90 7.58 -24.72
CA ALA H 330 63.56 6.30 -24.92
C ALA H 330 64.84 6.49 -25.72
N PRO H 331 65.91 5.76 -25.38
CA PRO H 331 67.19 5.99 -26.06
C PRO H 331 67.36 5.23 -27.36
N ASP H 332 66.50 4.25 -27.65
CA ASP H 332 66.61 3.46 -28.86
C ASP H 332 65.84 4.07 -30.04
N GLY H 333 65.52 5.35 -29.96
CA GLY H 333 64.83 6.02 -31.03
C GLY H 333 63.33 5.81 -31.07
N ALA H 334 62.78 5.07 -30.12
CA ALA H 334 61.35 4.85 -30.06
C ALA H 334 60.63 6.14 -29.67
N PRO H 335 59.33 6.25 -29.98
CA PRO H 335 58.58 7.42 -29.52
C PRO H 335 58.11 7.30 -28.07
N ILE H 336 58.74 6.42 -27.31
CA ILE H 336 58.34 6.15 -25.94
C ILE H 336 58.81 7.29 -25.04
N ILE H 337 57.88 7.84 -24.26
CA ILE H 337 58.17 8.84 -23.25
C ILE H 337 57.86 8.25 -21.88
N LEU H 338 58.70 8.57 -20.90
CA LEU H 338 58.54 8.12 -19.52
C LEU H 338 58.45 9.33 -18.63
N SER H 339 57.45 9.35 -17.74
CA SER H 339 57.27 10.46 -16.82
C SER H 339 57.15 9.90 -15.42
N ALA H 340 57.98 10.41 -14.51
CA ALA H 340 57.99 9.99 -13.12
C ALA H 340 57.67 11.18 -12.26
N SER H 341 56.70 11.03 -11.37
CA SER H 341 56.17 12.13 -10.59
C SER H 341 56.27 11.83 -9.11
N SER H 342 55.87 12.83 -8.31
CA SER H 342 55.72 12.61 -6.88
C SER H 342 54.32 12.07 -6.61
N ASP H 343 53.94 11.06 -7.37
CA ASP H 343 52.68 10.35 -7.27
C ASP H 343 52.87 8.94 -6.77
N ARG H 344 54.10 8.56 -6.45
CA ARG H 344 54.50 7.19 -6.20
C ARG H 344 54.22 6.28 -7.41
N THR H 345 54.20 6.86 -8.61
CA THR H 345 53.98 6.09 -9.82
C THR H 345 54.62 6.79 -11.00
N MET H 346 54.73 6.06 -12.10
CA MET H 346 55.22 6.63 -13.35
C MET H 346 54.35 6.18 -14.50
N LEU H 347 54.39 6.96 -15.59
CA LEU H 347 53.59 6.72 -16.78
C LEU H 347 54.52 6.55 -17.97
N LEU H 348 54.38 5.43 -18.67
CA LEU H 348 55.21 5.09 -19.82
C LEU H 348 54.29 5.00 -21.03
N GLY H 349 54.38 5.98 -21.92
CA GLY H 349 53.50 6.07 -23.06
C GLY H 349 54.26 6.13 -24.38
N GLU H 350 53.52 6.04 -25.47
CA GLU H 350 54.06 6.16 -26.81
C GLU H 350 53.54 7.45 -27.44
N LEU H 351 54.35 8.03 -28.34
CA LEU H 351 53.99 9.28 -28.99
C LEU H 351 53.50 8.99 -30.41
N ILE H 352 52.21 8.66 -30.49
CA ILE H 352 51.56 8.38 -31.76
C ILE H 352 51.25 9.66 -32.51
N SER I 58 -69.84 9.88 -62.98
CA SER I 58 -69.11 9.95 -61.73
C SER I 58 -68.27 11.22 -61.66
N ASP I 59 -67.60 11.41 -60.53
CA ASP I 59 -66.67 12.52 -60.39
C ASP I 59 -65.47 12.28 -61.30
N PRO I 60 -64.99 13.32 -62.02
CA PRO I 60 -63.83 13.12 -62.91
C PRO I 60 -62.58 12.65 -62.19
N VAL I 61 -62.36 13.13 -60.97
CA VAL I 61 -61.21 12.68 -60.19
C VAL I 61 -61.37 11.21 -59.80
N LEU I 62 -62.56 10.85 -59.29
CA LEU I 62 -62.78 9.48 -58.84
C LEU I 62 -62.94 8.49 -59.99
N GLN I 63 -63.06 8.97 -61.23
CA GLN I 63 -63.07 8.07 -62.38
C GLN I 63 -61.78 8.11 -63.18
N HIS I 64 -60.92 9.11 -62.97
CA HIS I 64 -59.62 9.16 -63.61
C HIS I 64 -58.48 8.83 -62.68
N LEU I 65 -58.76 8.51 -61.42
CA LEU I 65 -57.81 7.86 -60.54
C LEU I 65 -58.12 6.37 -60.48
N SER I 66 -57.10 5.56 -60.21
CA SER I 66 -57.32 4.13 -60.13
C SER I 66 -57.88 3.68 -58.79
N LEU I 67 -57.82 4.55 -57.78
CA LEU I 67 -58.42 4.33 -56.45
C LEU I 67 -57.85 3.08 -55.76
N ARG I 68 -56.61 2.73 -56.06
CA ARG I 68 -55.97 1.60 -55.41
C ARG I 68 -55.14 2.00 -54.21
N ASN I 69 -54.32 3.03 -54.33
CA ASN I 69 -53.54 3.54 -53.21
C ASN I 69 -54.11 4.83 -52.63
N TYR I 70 -54.87 5.58 -53.42
CA TYR I 70 -55.39 6.87 -53.00
C TYR I 70 -56.76 6.72 -52.37
N ASP I 71 -57.00 7.48 -51.31
CA ASP I 71 -58.30 7.52 -50.66
C ASP I 71 -58.91 8.89 -50.87
N PRO I 72 -60.04 9.01 -51.55
CA PRO I 72 -60.54 10.32 -51.94
C PRO I 72 -61.30 11.05 -50.84
N VAL I 73 -61.93 10.31 -49.93
CA VAL I 73 -62.70 10.96 -48.87
C VAL I 73 -61.79 11.53 -47.78
N THR I 74 -60.55 11.04 -47.67
CA THR I 74 -59.59 11.59 -46.72
C THR I 74 -58.49 12.38 -47.40
N ARG I 75 -58.49 12.43 -48.74
CA ARG I 75 -57.50 13.18 -49.54
C ARG I 75 -56.07 12.74 -49.22
N GLY I 76 -55.88 11.44 -49.06
CA GLY I 76 -54.58 10.89 -48.75
C GLY I 76 -54.47 9.44 -49.15
N PRO I 77 -53.37 8.79 -48.77
CA PRO I 77 -53.18 7.38 -49.10
C PRO I 77 -54.13 6.48 -48.33
N LYS I 78 -54.41 5.33 -48.93
CA LYS I 78 -55.27 4.34 -48.30
C LYS I 78 -54.48 3.53 -47.28
N LEU I 79 -55.08 3.33 -46.11
CA LEU I 79 -54.40 2.70 -44.99
C LEU I 79 -54.76 1.22 -44.93
N GLY I 80 -53.74 0.37 -44.77
CA GLY I 80 -53.97 -1.03 -44.53
C GLY I 80 -54.36 -1.37 -43.11
N PHE I 81 -54.32 -0.39 -42.22
CA PHE I 81 -54.80 -0.61 -40.86
C PHE I 81 -56.30 -0.80 -40.84
N GLU I 82 -57.02 -0.06 -41.69
CA GLU I 82 -58.48 -0.13 -41.74
C GLU I 82 -58.96 -1.14 -42.78
N ALA I 83 -58.46 -1.04 -44.01
CA ALA I 83 -58.88 -1.92 -45.09
C ALA I 83 -57.70 -2.73 -45.57
N PRO I 84 -57.48 -3.93 -45.03
CA PRO I 84 -56.40 -4.78 -45.53
C PRO I 84 -56.70 -5.25 -46.94
N PRO I 85 -55.69 -5.53 -47.74
CA PRO I 85 -55.91 -6.18 -49.04
C PRO I 85 -56.41 -7.60 -48.96
N THR I 86 -56.29 -8.25 -47.79
CA THR I 86 -56.91 -9.53 -47.55
C THR I 86 -58.44 -9.47 -47.64
N GLU I 87 -59.03 -8.31 -47.36
CA GLU I 87 -60.45 -8.12 -47.67
C GLU I 87 -60.70 -8.18 -49.17
N ASN I 88 -59.86 -7.48 -49.95
CA ASN I 88 -60.04 -7.42 -51.40
C ASN I 88 -59.66 -8.71 -52.10
N LEU I 89 -59.02 -9.65 -51.42
CA LEU I 89 -58.69 -10.93 -52.04
C LEU I 89 -59.95 -11.74 -52.36
N ASN I 90 -59.83 -12.60 -53.36
CA ASN I 90 -60.87 -13.53 -53.74
C ASN I 90 -60.63 -14.95 -53.22
N THR I 91 -59.55 -15.16 -52.46
CA THR I 91 -59.14 -16.48 -52.02
C THR I 91 -58.92 -16.48 -50.52
N LEU I 92 -58.44 -17.61 -50.02
CA LEU I 92 -58.17 -17.80 -48.60
C LEU I 92 -56.69 -17.60 -48.32
N THR I 93 -56.39 -16.82 -47.28
CA THR I 93 -55.02 -16.62 -46.85
C THR I 93 -54.50 -17.90 -46.17
N LEU I 94 -53.23 -17.86 -45.76
CA LEU I 94 -52.57 -19.06 -45.30
C LEU I 94 -53.08 -19.47 -43.92
N GLU I 95 -53.49 -18.45 -43.12
CA GLU I 95 -53.94 -18.56 -41.73
C GLU I 95 -55.43 -18.90 -41.62
N GLU I 96 -56.27 -18.35 -42.51
CA GLU I 96 -57.63 -18.85 -42.69
C GLU I 96 -57.61 -20.29 -43.19
N LYS I 97 -56.89 -20.53 -44.28
CA LYS I 97 -56.37 -21.85 -44.59
C LYS I 97 -55.35 -22.20 -43.50
N ALA I 98 -54.98 -23.44 -43.38
CA ALA I 98 -54.37 -24.05 -42.18
C ALA I 98 -55.15 -23.87 -40.87
N ALA I 99 -56.01 -22.86 -40.72
CA ALA I 99 -56.94 -22.90 -39.59
C ALA I 99 -58.11 -23.82 -39.91
N ALA I 100 -58.53 -23.83 -41.17
CA ALA I 100 -59.46 -24.84 -41.64
C ALA I 100 -58.89 -26.24 -41.46
N LEU I 101 -57.57 -26.39 -41.67
CA LEU I 101 -56.94 -27.70 -41.46
C LEU I 101 -56.93 -28.10 -40.00
N GLU I 102 -56.65 -27.15 -39.09
CA GLU I 102 -56.73 -27.45 -37.66
C GLU I 102 -58.15 -27.84 -37.24
N ALA I 103 -59.16 -27.11 -37.74
CA ALA I 103 -60.54 -27.43 -37.40
C ALA I 103 -60.95 -28.80 -37.93
N GLU I 104 -60.56 -29.11 -39.16
CA GLU I 104 -60.85 -30.44 -39.73
C GLU I 104 -60.15 -31.53 -38.95
N ALA I 105 -58.91 -31.29 -38.52
CA ALA I 105 -58.17 -32.30 -37.78
C ALA I 105 -58.80 -32.58 -36.43
N ARG I 106 -59.20 -31.53 -35.70
CA ARG I 106 -59.83 -31.78 -34.40
C ARG I 106 -61.22 -32.39 -34.55
N ARG I 107 -61.95 -32.01 -35.61
CA ARG I 107 -63.24 -32.64 -35.88
C ARG I 107 -63.08 -34.13 -36.17
N LYS I 108 -62.09 -34.49 -37.00
CA LYS I 108 -61.91 -35.88 -37.35
C LYS I 108 -61.38 -36.68 -36.17
N ALA I 109 -60.56 -36.06 -35.32
CA ALA I 109 -60.07 -36.75 -34.12
C ALA I 109 -61.21 -37.03 -33.13
N GLN I 110 -62.08 -36.05 -32.91
CA GLN I 110 -63.24 -36.26 -32.05
C GLN I 110 -64.16 -37.31 -32.64
N GLU I 111 -64.38 -37.28 -33.96
CA GLU I 111 -65.22 -38.28 -34.60
C GLU I 111 -64.63 -39.68 -34.48
N GLU I 112 -63.31 -39.80 -34.62
CA GLU I 112 -62.66 -41.10 -34.51
C GLU I 112 -62.75 -41.65 -33.09
N GLN I 113 -62.52 -40.80 -32.08
CA GLN I 113 -62.58 -41.30 -30.71
C GLN I 113 -64.00 -41.65 -30.31
N GLU I 114 -65.00 -40.88 -30.76
CA GLU I 114 -66.38 -41.26 -30.44
C GLU I 114 -66.81 -42.49 -31.23
N ALA I 115 -66.24 -42.69 -32.42
CA ALA I 115 -66.53 -43.91 -33.18
C ALA I 115 -65.97 -45.14 -32.47
N ALA I 116 -64.75 -45.04 -31.94
CA ALA I 116 -64.17 -46.16 -31.19
C ALA I 116 -64.94 -46.43 -29.90
N ALA I 117 -65.39 -45.36 -29.23
CA ALA I 117 -66.11 -45.50 -27.96
C ALA I 117 -67.53 -46.02 -28.16
N GLN I 118 -68.19 -45.66 -29.27
CA GLN I 118 -69.43 -46.34 -29.64
C GLN I 118 -69.14 -47.79 -30.01
N ALA I 119 -68.01 -48.02 -30.67
CA ALA I 119 -67.39 -49.34 -30.79
C ALA I 119 -66.61 -49.62 -29.51
N ARG I 120 -65.72 -50.60 -29.57
CA ARG I 120 -65.11 -51.14 -28.36
C ARG I 120 -63.61 -51.40 -28.45
N GLY I 121 -63.03 -51.55 -29.64
CA GLY I 121 -61.63 -51.90 -29.74
C GLY I 121 -61.07 -51.81 -31.14
N LEU I 122 -60.06 -52.61 -31.43
CA LEU I 122 -59.33 -52.50 -32.68
C LEU I 122 -60.14 -53.05 -33.84
N ASP I 123 -60.23 -52.26 -34.90
CA ASP I 123 -60.57 -52.75 -36.23
C ASP I 123 -59.41 -52.48 -37.16
N ILE I 124 -59.38 -53.22 -38.27
CA ILE I 124 -58.25 -53.18 -39.19
C ILE I 124 -58.16 -51.81 -39.87
N THR I 125 -59.30 -51.24 -40.21
CA THR I 125 -59.38 -49.98 -40.95
C THR I 125 -59.01 -48.76 -40.12
N THR I 126 -58.73 -48.94 -38.82
CA THR I 126 -58.04 -47.91 -38.05
C THR I 126 -56.73 -48.36 -37.45
N LEU I 127 -56.47 -49.66 -37.34
CA LEU I 127 -55.13 -50.12 -37.00
C LEU I 127 -54.14 -49.76 -38.09
N GLN I 128 -54.61 -49.76 -39.35
CA GLN I 128 -53.77 -49.34 -40.47
C GLN I 128 -54.69 -48.80 -41.56
N PRO I 129 -55.10 -47.53 -41.44
CA PRO I 129 -56.21 -47.04 -42.28
C PRO I 129 -55.87 -46.85 -43.74
N LYS I 130 -54.65 -46.42 -44.06
CA LYS I 130 -54.22 -46.31 -45.44
C LYS I 130 -53.07 -47.26 -45.66
N LYS I 131 -53.07 -47.92 -46.82
CA LYS I 131 -52.17 -48.99 -47.21
C LYS I 131 -50.72 -48.48 -47.16
N PRO I 132 -49.76 -49.29 -46.75
CA PRO I 132 -48.36 -48.84 -46.75
C PRO I 132 -47.88 -48.51 -48.16
N ASN I 133 -47.04 -47.47 -48.24
CA ASN I 133 -46.53 -46.91 -49.49
C ASN I 133 -47.67 -46.46 -50.41
N TRP I 134 -48.73 -45.89 -49.83
CA TRP I 134 -49.85 -45.43 -50.65
C TRP I 134 -49.48 -44.19 -51.46
N ASP I 135 -48.69 -43.27 -50.88
CA ASP I 135 -48.18 -42.14 -51.63
C ASP I 135 -47.27 -42.60 -52.77
N LEU I 136 -46.44 -43.60 -52.47
CA LEU I 136 -45.58 -44.24 -53.47
C LEU I 136 -46.39 -44.76 -54.65
N LYS I 137 -47.44 -45.54 -54.37
CA LYS I 137 -48.25 -46.13 -55.44
C LYS I 137 -49.11 -45.08 -56.15
N ARG I 138 -49.58 -44.07 -55.43
CA ARG I 138 -50.32 -42.98 -56.05
C ARG I 138 -49.47 -42.22 -57.06
N GLU I 139 -48.25 -41.86 -56.66
CA GLU I 139 -47.40 -41.07 -57.55
C GLU I 139 -46.85 -41.95 -58.66
N PHE I 140 -46.73 -43.26 -58.38
CA PHE I 140 -46.45 -44.27 -59.39
C PHE I 140 -47.49 -44.31 -60.51
N LYS I 141 -48.77 -44.44 -60.17
CA LYS I 141 -49.75 -44.48 -61.25
C LYS I 141 -49.95 -43.10 -61.87
N GLN I 142 -49.66 -42.03 -61.12
CA GLN I 142 -49.66 -40.70 -61.71
C GLN I 142 -48.57 -40.56 -62.77
N ARG I 143 -47.40 -41.16 -62.54
CA ARG I 143 -46.39 -41.14 -63.59
C ARG I 143 -46.75 -42.04 -64.76
N MET I 144 -47.37 -43.19 -64.50
CA MET I 144 -48.02 -43.93 -65.58
C MET I 144 -49.51 -43.62 -65.66
N ALA I 145 -49.84 -42.34 -65.84
CA ALA I 145 -51.12 -41.92 -66.38
C ALA I 145 -51.13 -41.92 -67.90
N VAL I 146 -49.99 -42.20 -68.53
CA VAL I 146 -49.88 -42.13 -69.98
C VAL I 146 -49.51 -43.49 -70.58
N LEU I 147 -48.50 -44.16 -70.02
CA LEU I 147 -48.04 -45.41 -70.62
C LEU I 147 -49.05 -46.54 -70.44
N ASP I 148 -49.97 -46.44 -69.49
CA ASP I 148 -51.09 -47.37 -69.48
C ASP I 148 -51.98 -47.19 -70.71
N VAL I 149 -52.19 -45.95 -71.14
CA VAL I 149 -52.93 -45.70 -72.38
C VAL I 149 -52.15 -46.22 -73.57
N ARG I 150 -50.82 -46.03 -73.58
CA ARG I 150 -50.04 -46.55 -74.71
C ARG I 150 -50.01 -48.07 -74.75
N THR I 151 -49.91 -48.75 -73.60
CA THR I 151 -49.94 -50.21 -73.64
C THR I 151 -51.36 -50.73 -73.89
N GLU I 152 -52.39 -49.96 -73.53
CA GLU I 152 -53.75 -50.30 -73.92
C GLU I 152 -53.92 -50.23 -75.43
N ASN I 153 -53.38 -49.19 -76.05
CA ASN I 153 -53.38 -49.09 -77.50
C ASN I 153 -52.51 -50.17 -78.15
N ALA I 154 -51.43 -50.59 -77.50
CA ALA I 154 -50.64 -51.73 -77.94
C ALA I 154 -51.44 -53.03 -77.94
N ILE I 155 -52.20 -53.29 -76.86
CA ILE I 155 -53.11 -54.43 -76.84
C ILE I 155 -54.17 -54.31 -77.93
N ALA I 156 -54.68 -53.09 -78.14
CA ALA I 156 -55.71 -52.88 -79.16
C ALA I 156 -55.20 -53.18 -80.57
N ARG I 157 -54.03 -52.65 -80.92
CA ARG I 157 -53.46 -52.92 -82.23
C ARG I 157 -52.99 -54.37 -82.37
N MET I 158 -52.56 -55.00 -81.27
CA MET I 158 -52.18 -56.41 -81.32
C MET I 158 -53.40 -57.30 -81.55
N VAL I 159 -54.53 -56.96 -80.92
CA VAL I 159 -55.79 -57.65 -81.17
C VAL I 159 -56.22 -57.46 -82.61
N ARG I 160 -56.10 -56.23 -83.12
CA ARG I 160 -56.44 -55.93 -84.52
C ARG I 160 -55.58 -56.75 -85.47
N GLU I 161 -54.28 -56.86 -85.18
CA GLU I 161 -53.35 -57.66 -85.96
C GLU I 161 -53.73 -59.14 -85.97
N ARG I 162 -53.98 -59.71 -84.78
CA ARG I 162 -54.27 -61.14 -84.70
C ARG I 162 -55.61 -61.47 -85.35
N LEU I 163 -56.63 -60.65 -85.10
CA LEU I 163 -57.95 -60.87 -85.69
C LEU I 163 -57.93 -60.68 -87.21
N ALA I 164 -57.18 -59.69 -87.69
CA ALA I 164 -57.04 -59.50 -89.13
C ALA I 164 -56.25 -60.62 -89.78
N GLU I 165 -55.30 -61.22 -89.06
CA GLU I 165 -54.58 -62.37 -89.60
C GLU I 165 -55.49 -63.60 -89.64
N LYS I 166 -56.35 -63.76 -88.63
CA LYS I 166 -57.29 -64.88 -88.63
C LYS I 166 -58.34 -64.73 -89.73
N LYS I 167 -58.84 -63.52 -89.92
CA LYS I 167 -59.85 -63.27 -90.96
C LYS I 167 -59.21 -63.30 -92.35
N ASP J 19 -57.44 99.70 50.03
CA ASP J 19 -56.91 98.35 49.88
C ASP J 19 -55.94 98.28 48.70
N ASP J 20 -56.22 99.07 47.67
CA ASP J 20 -55.39 99.12 46.47
C ASP J 20 -54.24 100.11 46.59
N ALA J 21 -54.15 100.86 47.70
CA ALA J 21 -53.11 101.88 47.84
C ALA J 21 -51.68 101.33 47.86
N PRO J 22 -51.34 100.27 48.63
CA PRO J 22 -49.96 99.76 48.53
C PRO J 22 -49.60 99.22 47.15
N TYR J 23 -50.56 98.60 46.46
CA TYR J 23 -50.30 98.10 45.12
C TYR J 23 -50.11 99.25 44.12
N GLU J 24 -50.89 100.32 44.27
CA GLU J 24 -50.70 101.49 43.42
C GLU J 24 -49.36 102.17 43.71
N GLN J 25 -48.95 102.18 44.99
CA GLN J 25 -47.63 102.71 45.33
C GLN J 25 -46.52 101.87 44.72
N ASP J 26 -46.67 100.54 44.73
CA ASP J 26 -45.70 99.66 44.10
C ASP J 26 -45.66 99.87 42.59
N ILE J 27 -46.83 100.09 41.98
CA ILE J 27 -46.91 100.36 40.55
C ILE J 27 -46.21 101.67 40.20
N LEU J 28 -46.42 102.70 41.02
CA LEU J 28 -45.74 103.98 40.80
C LEU J 28 -44.24 103.88 41.04
N ARG J 29 -43.81 103.02 41.97
CA ARG J 29 -42.39 102.82 42.21
C ARG J 29 -41.73 102.08 41.05
N ASN J 30 -42.40 101.06 40.51
CA ASN J 30 -41.86 100.24 39.44
C ASN J 30 -42.87 100.17 38.31
N PRO J 31 -42.92 101.19 37.44
CA PRO J 31 -43.88 101.16 36.33
C PRO J 31 -43.54 100.15 35.25
N GLY J 32 -42.26 99.90 35.00
CA GLY J 32 -41.83 98.96 34.00
C GLY J 32 -41.76 97.51 34.44
N SER J 33 -42.02 97.24 35.72
CA SER J 33 -41.96 95.88 36.24
C SER J 33 -43.33 95.22 36.18
N ILE J 34 -43.32 93.91 35.99
CA ILE J 34 -44.57 93.14 35.89
C ILE J 34 -45.00 92.57 37.23
N ARG J 35 -44.11 92.54 38.23
CA ARG J 35 -44.46 91.93 39.52
C ARG J 35 -45.53 92.71 40.31
N PRO J 36 -45.46 94.05 40.45
CA PRO J 36 -46.58 94.74 41.13
C PRO J 36 -47.91 94.60 40.40
N TRP J 37 -47.89 94.58 39.06
CA TRP J 37 -49.12 94.35 38.31
C TRP J 37 -49.66 92.95 38.54
N LEU J 38 -48.78 91.95 38.60
CA LEU J 38 -49.21 90.59 38.88
C LEU J 38 -49.80 90.47 40.27
N SER J 39 -49.18 91.11 41.26
CA SER J 39 -49.69 91.07 42.63
C SER J 39 -51.04 91.76 42.74
N TYR J 40 -51.19 92.91 42.08
CA TYR J 40 -52.44 93.66 42.14
C TYR J 40 -53.56 92.95 41.38
N ILE J 41 -53.24 92.31 40.26
CA ILE J 41 -54.21 91.51 39.53
C ILE J 41 -54.64 90.29 40.34
N GLU J 42 -53.68 89.65 41.02
CA GLU J 42 -54.00 88.51 41.87
C GLU J 42 -54.87 88.92 43.05
N TYR J 43 -54.58 90.09 43.65
CA TYR J 43 -55.41 90.58 44.74
C TYR J 43 -56.82 90.91 44.28
N LYS J 44 -56.96 91.49 43.09
CA LYS J 44 -58.29 91.78 42.56
C LYS J 44 -59.03 90.48 42.19
N LEU J 45 -58.31 89.46 41.73
CA LEU J 45 -58.93 88.18 41.44
C LEU J 45 -59.39 87.49 42.72
N GLN J 46 -58.62 87.66 43.80
CA GLN J 46 -58.98 87.01 45.06
C GLN J 46 -60.11 87.73 45.77
N HIS J 47 -60.16 89.07 45.70
CA HIS J 47 -61.11 89.80 46.54
C HIS J 47 -61.99 90.78 45.76
N GLY J 48 -61.47 91.35 44.67
CA GLY J 48 -62.20 92.38 43.96
C GLY J 48 -63.34 91.83 43.11
N THR J 49 -64.21 92.74 42.69
CA THR J 49 -65.36 92.39 41.88
C THR J 49 -64.98 92.30 40.40
N LEU J 50 -65.95 91.89 39.58
CA LEU J 50 -65.68 91.64 38.16
C LEU J 50 -65.40 92.93 37.40
N ARG J 51 -66.19 93.99 37.65
CA ARG J 51 -65.96 95.26 37.00
C ARG J 51 -64.63 95.88 37.44
N GLU J 52 -64.30 95.74 38.73
CA GLU J 52 -63.01 96.21 39.23
C GLU J 52 -61.86 95.47 38.57
N GLN J 53 -61.99 94.15 38.41
CA GLN J 53 -60.95 93.37 37.74
C GLN J 53 -60.81 93.77 36.28
N ALA J 54 -61.94 94.00 35.60
CA ALA J 54 -61.90 94.42 34.20
C ALA J 54 -61.19 95.77 34.05
N PHE J 55 -61.50 96.71 34.95
CA PHE J 55 -60.80 98.00 34.95
C PHE J 55 -59.32 97.83 35.26
N VAL J 56 -58.98 96.90 36.16
CA VAL J 56 -57.59 96.71 36.57
C VAL J 56 -56.76 96.15 35.41
N MET J 57 -57.24 95.10 34.76
CA MET J 57 -56.48 94.58 33.62
C MET J 57 -56.56 95.51 32.41
N GLU J 58 -57.61 96.34 32.31
CA GLU J 58 -57.61 97.36 31.26
C GLU J 58 -56.51 98.39 31.48
N ARG J 59 -56.33 98.84 32.73
CA ARG J 59 -55.23 99.75 33.05
C ARG J 59 -53.88 99.07 32.85
N ALA J 60 -53.80 97.78 33.17
CA ALA J 60 -52.56 97.04 32.96
C ALA J 60 -52.20 96.95 31.48
N CYS J 61 -53.19 96.67 30.64
CA CYS J 61 -52.95 96.60 29.20
C CYS J 61 -52.67 97.97 28.60
N VAL J 62 -53.24 99.03 29.20
CA VAL J 62 -52.93 100.38 28.73
C VAL J 62 -51.49 100.74 29.06
N GLN J 63 -51.05 100.46 30.30
CA GLN J 63 -49.72 100.89 30.71
C GLN J 63 -48.61 100.01 30.15
N LEU J 64 -48.84 98.70 30.01
CA LEU J 64 -47.85 97.78 29.46
C LEU J 64 -48.51 96.99 28.33
N PRO J 65 -48.61 97.59 27.14
CA PRO J 65 -49.30 96.90 26.04
C PRO J 65 -48.49 95.78 25.43
N ARG J 66 -47.18 95.72 25.66
CA ARG J 66 -46.35 94.64 25.18
C ARG J 66 -46.36 93.43 26.10
N SER J 67 -47.09 93.50 27.21
CA SER J 67 -47.12 92.42 28.20
C SER J 67 -48.12 91.36 27.73
N TYR J 68 -47.62 90.39 26.96
CA TYR J 68 -48.47 89.32 26.43
C TYR J 68 -49.07 88.48 27.55
N LYS J 69 -48.33 88.27 28.64
CA LYS J 69 -48.86 87.49 29.76
C LYS J 69 -50.02 88.20 30.45
N LEU J 70 -49.84 89.49 30.76
CA LEU J 70 -50.90 90.25 31.42
C LEU J 70 -52.12 90.38 30.53
N TRP J 71 -51.91 90.61 29.22
CA TRP J 71 -53.07 90.64 28.33
C TRP J 71 -53.69 89.25 28.16
N LYS J 72 -52.90 88.18 28.33
CA LYS J 72 -53.47 86.84 28.30
C LYS J 72 -54.38 86.58 29.49
N MET J 73 -53.98 87.00 30.69
CA MET J 73 -54.91 86.91 31.81
C MET J 73 -56.11 87.82 31.61
N PHE J 74 -55.92 88.99 30.99
CA PHE J 74 -57.04 89.88 30.70
C PHE J 74 -58.05 89.21 29.76
N ARG J 75 -57.57 88.59 28.68
CA ARG J 75 -58.49 87.94 27.74
C ARG J 75 -59.10 86.68 28.35
N VAL J 76 -58.37 85.97 29.21
CA VAL J 76 -58.95 84.80 29.87
C VAL J 76 -60.08 85.22 30.80
N ASN J 77 -59.87 86.28 31.58
CA ASN J 77 -60.92 86.78 32.48
C ASN J 77 -62.10 87.32 31.68
N HIS J 78 -61.83 88.02 30.58
CA HIS J 78 -62.92 88.57 29.76
C HIS J 78 -63.74 87.46 29.12
N ILE J 79 -63.10 86.43 28.59
CA ILE J 79 -63.81 85.33 27.95
C ILE J 79 -64.57 84.51 29.01
N SER J 80 -63.99 84.33 30.20
CA SER J 80 -64.69 83.64 31.28
C SER J 80 -65.92 84.40 31.74
N LYS J 81 -65.84 85.74 31.81
CA LYS J 81 -67.02 86.53 32.13
C LYS J 81 -67.99 86.63 30.96
N LEU J 82 -67.54 86.36 29.74
CA LEU J 82 -68.40 86.45 28.57
C LEU J 82 -69.44 85.33 28.58
N ASN J 83 -70.67 85.67 28.89
CA ASN J 83 -71.80 84.81 28.57
C ASN J 83 -72.02 84.87 27.06
N PRO J 84 -72.15 83.72 26.38
CA PRO J 84 -72.46 83.76 24.93
C PRO J 84 -73.80 84.39 24.60
N ALA J 85 -74.71 84.53 25.56
CA ALA J 85 -75.96 85.23 25.32
C ALA J 85 -75.80 86.74 25.17
N ILE J 86 -74.68 87.30 25.61
CA ILE J 86 -74.46 88.74 25.45
C ILE J 86 -74.16 89.05 23.98
N PHE J 87 -74.48 90.28 23.57
CA PHE J 87 -74.69 90.61 22.18
C PHE J 87 -73.45 91.16 21.48
N ALA J 88 -73.68 91.67 20.27
CA ALA J 88 -72.65 92.18 19.38
C ALA J 88 -71.94 93.40 19.93
N THR J 89 -72.52 94.11 20.89
CA THR J 89 -71.81 95.21 21.55
C THR J 89 -70.58 94.69 22.29
N GLU J 90 -70.78 93.68 23.14
CA GLU J 90 -69.63 93.09 23.84
C GLU J 90 -68.76 92.28 22.89
N TYR J 91 -69.35 91.69 21.85
CA TYR J 91 -68.54 91.02 20.83
C TYR J 91 -67.58 91.99 20.15
N GLN J 92 -68.07 93.18 19.80
CA GLN J 92 -67.22 94.19 19.18
C GLN J 92 -66.26 94.83 20.18
N LYS J 93 -66.63 94.86 21.46
CA LYS J 93 -65.67 95.31 22.47
C LYS J 93 -64.48 94.37 22.56
N VAL J 94 -64.75 93.06 22.58
CA VAL J 94 -63.66 92.08 22.57
C VAL J 94 -62.89 92.15 21.25
N ASN J 95 -63.59 92.43 20.15
CA ASN J 95 -62.93 92.62 18.86
C ASN J 95 -61.97 93.81 18.90
N ALA J 96 -62.38 94.91 19.54
CA ALA J 96 -61.53 96.10 19.62
C ALA J 96 -60.33 95.85 20.53
N LEU J 97 -60.52 95.11 21.63
CA LEU J 97 -59.39 94.74 22.47
C LEU J 97 -58.40 93.85 21.72
N PHE J 98 -58.91 92.88 20.95
CA PHE J 98 -58.05 92.05 20.12
C PHE J 98 -57.34 92.86 19.05
N GLU J 99 -58.04 93.86 18.49
CA GLU J 99 -57.44 94.72 17.47
C GLU J 99 -56.31 95.56 18.04
N ARG J 100 -56.47 96.10 19.25
CA ARG J 100 -55.38 96.83 19.89
C ARG J 100 -54.21 95.91 20.20
N ALA J 101 -54.51 94.70 20.70
CA ALA J 101 -53.46 93.74 21.03
C ALA J 101 -52.71 93.26 19.79
N LEU J 102 -53.37 93.22 18.64
CA LEU J 102 -52.69 92.90 17.40
C LEU J 102 -52.05 94.12 16.74
N ILE J 103 -52.49 95.33 17.10
CA ILE J 103 -51.79 96.54 16.67
C ILE J 103 -50.41 96.59 17.32
N LEU J 104 -50.34 96.30 18.62
CA LEU J 104 -49.07 96.43 19.33
C LEU J 104 -48.38 95.09 19.59
N LEU J 105 -48.98 93.98 19.19
CA LEU J 105 -48.41 92.64 19.39
C LEU J 105 -48.66 91.77 18.16
N ASN J 106 -48.37 92.32 16.97
CA ASN J 106 -48.78 91.71 15.71
C ASN J 106 -48.12 90.36 15.43
N LYS J 107 -47.02 90.04 16.08
CA LYS J 107 -46.24 88.86 15.75
C LYS J 107 -46.54 87.67 16.67
N MET J 108 -47.75 87.57 17.21
CA MET J 108 -48.05 86.47 18.12
C MET J 108 -49.05 85.51 17.50
N PRO J 109 -48.62 84.31 17.11
CA PRO J 109 -49.55 83.35 16.51
C PRO J 109 -50.65 82.88 17.44
N ARG J 110 -50.42 82.84 18.76
CA ARG J 110 -51.48 82.44 19.68
C ARG J 110 -52.58 83.49 19.73
N ILE J 111 -52.21 84.77 19.75
CA ILE J 111 -53.20 85.85 19.71
C ILE J 111 -53.96 85.82 18.40
N TRP J 112 -53.25 85.58 17.29
CA TRP J 112 -53.91 85.44 16.00
C TRP J 112 -54.88 84.27 15.99
N GLU J 113 -54.50 83.14 16.59
CA GLU J 113 -55.36 81.97 16.64
C GLU J 113 -56.60 82.23 17.49
N MET J 114 -56.44 82.91 18.63
CA MET J 114 -57.59 83.21 19.48
C MET J 114 -58.54 84.19 18.82
N TYR J 115 -58.00 85.20 18.11
CA TYR J 115 -58.87 86.15 17.42
C TYR J 115 -59.60 85.48 16.26
N LEU J 116 -58.93 84.59 15.53
CA LEU J 116 -59.61 83.87 14.47
C LEU J 116 -60.64 82.87 15.00
N LYS J 117 -60.41 82.29 16.18
CA LYS J 117 -61.43 81.44 16.79
C LYS J 117 -62.64 82.26 17.23
N PHE J 118 -62.39 83.47 17.76
CA PHE J 118 -63.50 84.36 18.12
C PHE J 118 -64.27 84.79 16.88
N LEU J 119 -63.57 84.95 15.75
CA LEU J 119 -64.24 85.26 14.49
C LEU J 119 -64.94 84.05 13.90
N MET J 120 -64.48 82.83 14.22
CA MET J 120 -65.26 81.62 13.91
C MET J 120 -66.56 81.62 14.69
N GLN J 121 -66.49 82.05 15.96
CA GLN J 121 -67.70 82.13 16.78
C GLN J 121 -68.67 83.20 16.25
N GLN J 122 -68.13 84.34 15.76
CA GLN J 122 -69.01 85.39 15.23
C GLN J 122 -69.42 85.10 13.78
N PRO J 123 -70.60 85.57 13.36
CA PRO J 123 -70.99 85.50 11.92
C PRO J 123 -70.48 86.70 11.12
N LEU J 124 -69.17 86.72 10.90
CA LEU J 124 -68.46 87.86 10.32
C LEU J 124 -67.51 87.37 9.23
N VAL J 125 -68.08 86.70 8.22
CA VAL J 125 -67.31 85.92 7.23
C VAL J 125 -66.28 86.80 6.51
N THR J 126 -66.73 87.95 5.98
CA THR J 126 -65.85 88.77 5.14
C THR J 126 -64.74 89.42 5.96
N PHE J 127 -65.09 90.00 7.12
CA PHE J 127 -64.08 90.60 7.98
C PHE J 127 -63.14 89.55 8.55
N THR J 128 -63.63 88.33 8.75
CA THR J 128 -62.78 87.23 9.16
C THR J 128 -61.76 86.89 8.07
N ARG J 129 -62.20 86.88 6.81
CA ARG J 129 -61.27 86.63 5.71
C ARG J 129 -60.22 87.74 5.58
N ARG J 130 -60.66 89.00 5.76
CA ARG J 130 -59.71 90.12 5.71
C ARG J 130 -58.71 90.07 6.86
N THR J 131 -59.20 89.72 8.06
CA THR J 131 -58.32 89.55 9.21
C THR J 131 -57.37 88.37 9.00
N PHE J 132 -57.82 87.33 8.30
CA PHE J 132 -56.91 86.25 7.95
C PHE J 132 -55.82 86.72 7.00
N ASP J 133 -56.17 87.55 6.03
CA ASP J 133 -55.17 88.07 5.11
C ASP J 133 -54.15 88.91 5.85
N ARG J 134 -54.61 89.67 6.85
CA ARG J 134 -53.70 90.36 7.76
C ARG J 134 -52.82 89.38 8.52
N ALA J 135 -53.38 88.24 8.93
CA ALA J 135 -52.59 87.23 9.65
C ALA J 135 -51.48 86.65 8.77
N LEU J 136 -51.79 86.38 7.49
CA LEU J 136 -50.76 85.93 6.56
C LEU J 136 -49.71 87.01 6.34
N ARG J 137 -50.16 88.26 6.26
CA ARG J 137 -49.23 89.36 5.97
C ARG J 137 -48.30 89.64 7.14
N ALA J 138 -48.76 89.39 8.38
CA ALA J 138 -47.95 89.62 9.56
C ALA J 138 -47.09 88.41 9.95
N LEU J 139 -47.60 87.15 9.75
CA LEU J 139 -46.87 86.03 10.33
C LEU J 139 -45.99 85.35 9.29
N PRO J 140 -44.85 84.78 9.72
CA PRO J 140 -43.94 84.13 8.77
C PRO J 140 -44.46 82.77 8.32
N ILE J 141 -43.71 82.19 7.37
CA ILE J 141 -44.11 80.96 6.69
C ILE J 141 -44.17 79.76 7.64
N THR J 142 -43.34 79.75 8.69
CA THR J 142 -43.32 78.62 9.61
C THR J 142 -44.62 78.52 10.41
N GLN J 143 -45.16 79.65 10.85
CA GLN J 143 -46.45 79.67 11.54
C GLN J 143 -47.64 79.57 10.59
N HIS J 144 -47.39 79.72 9.28
CA HIS J 144 -48.46 79.62 8.29
C HIS J 144 -49.06 78.21 8.25
N ASN J 145 -48.33 77.20 8.72
CA ASN J 145 -48.91 75.86 8.82
C ASN J 145 -50.08 75.84 9.80
N ARG J 146 -49.88 76.37 11.01
CA ARG J 146 -50.96 76.49 11.98
C ARG J 146 -52.07 77.40 11.47
N ILE J 147 -51.67 78.51 10.86
CA ILE J 147 -52.62 79.54 10.44
C ILE J 147 -53.54 79.00 9.32
N TRP J 148 -52.96 78.28 8.36
CA TRP J 148 -53.75 77.60 7.33
C TRP J 148 -54.57 76.44 7.89
N ALA J 149 -54.04 75.72 8.90
CA ALA J 149 -54.78 74.61 9.50
C ALA J 149 -56.05 75.12 10.18
N LEU J 150 -55.98 76.30 10.79
CA LEU J 150 -57.19 76.93 11.27
C LEU J 150 -57.98 77.63 10.18
N TYR J 151 -57.39 77.86 8.99
CA TYR J 151 -58.12 78.64 8.02
C TYR J 151 -59.04 77.76 7.20
N ARG J 152 -58.62 76.54 6.87
CA ARG J 152 -59.37 75.71 5.91
C ARG J 152 -60.76 75.21 6.36
N PRO J 153 -61.06 74.92 7.65
CA PRO J 153 -62.47 74.61 7.98
C PRO J 153 -63.39 75.81 7.85
N PHE J 154 -62.88 77.03 7.95
CA PHE J 154 -63.66 78.21 7.62
C PHE J 154 -64.07 78.21 6.16
N ALA J 155 -63.17 77.79 5.26
CA ALA J 155 -63.52 77.65 3.86
C ALA J 155 -64.55 76.55 3.66
N ASN J 156 -64.35 75.40 4.32
CA ASN J 156 -65.29 74.28 4.19
C ASN J 156 -66.68 74.63 4.72
N SER J 157 -66.76 75.56 5.67
CA SER J 157 -68.07 76.00 6.14
C SER J 157 -68.65 77.11 5.29
N ALA J 158 -67.81 78.04 4.80
CA ALA J 158 -68.29 79.20 4.08
C ALA J 158 -68.71 78.89 2.65
N GLU J 159 -67.96 78.01 1.96
CA GLU J 159 -68.24 77.55 0.60
C GLU J 159 -68.19 78.68 -0.44
N GLY J 160 -68.34 78.32 -1.72
CA GLY J 160 -68.49 79.31 -2.76
C GLY J 160 -67.18 79.89 -3.27
N ILE J 161 -67.33 81.06 -3.91
CA ILE J 161 -66.21 81.73 -4.57
C ILE J 161 -65.17 82.19 -3.56
N THR J 162 -65.62 82.59 -2.37
CA THR J 162 -64.69 82.91 -1.29
C THR J 162 -63.84 81.69 -0.94
N ALA J 163 -64.48 80.52 -0.82
CA ALA J 163 -63.74 79.30 -0.49
C ALA J 163 -62.80 78.88 -1.61
N VAL J 164 -63.19 79.08 -2.87
CA VAL J 164 -62.26 78.69 -3.94
C VAL J 164 -61.08 79.66 -4.03
N LYS J 165 -61.29 80.94 -3.67
CA LYS J 165 -60.15 81.86 -3.57
C LYS J 165 -59.22 81.44 -2.43
N ILE J 166 -59.81 81.05 -1.29
CA ILE J 166 -59.05 80.50 -0.18
C ILE J 166 -58.21 79.32 -0.63
N TRP J 167 -58.82 78.41 -1.36
CA TRP J 167 -58.14 77.14 -1.54
C TRP J 167 -57.19 77.23 -2.74
N ARG J 168 -57.38 78.24 -3.60
CA ARG J 168 -56.36 78.63 -4.57
C ARG J 168 -55.11 79.12 -3.86
N ARG J 169 -55.26 79.99 -2.85
CA ARG J 169 -54.11 80.35 -2.04
C ARG J 169 -53.55 79.16 -1.26
N TYR J 170 -54.41 78.21 -0.89
CA TYR J 170 -53.95 76.99 -0.24
C TYR J 170 -53.15 76.11 -1.19
N MET J 171 -53.50 76.08 -2.46
CA MET J 171 -52.62 75.44 -3.46
C MET J 171 -51.35 76.23 -3.69
N GLN J 172 -51.39 77.56 -3.53
CA GLN J 172 -50.16 78.34 -3.59
C GLN J 172 -49.21 77.97 -2.47
N VAL J 173 -49.73 77.62 -1.29
CA VAL J 173 -48.86 77.33 -0.15
C VAL J 173 -48.56 75.83 0.00
N HIS J 174 -49.51 74.95 -0.34
CA HIS J 174 -49.44 73.54 0.00
C HIS J 174 -50.33 72.75 -0.95
N PRO J 175 -49.78 72.22 -2.06
CA PRO J 175 -50.56 71.41 -3.03
C PRO J 175 -50.70 69.91 -2.73
N GLU J 176 -51.66 69.55 -1.87
CA GLU J 176 -51.83 68.13 -1.54
C GLU J 176 -53.25 67.61 -1.69
N ASP J 177 -54.26 68.49 -1.65
CA ASP J 177 -55.66 68.10 -1.61
C ASP J 177 -56.39 68.41 -2.92
N ALA J 178 -55.73 68.07 -4.03
CA ALA J 178 -56.24 68.36 -5.37
C ALA J 178 -57.62 67.75 -5.60
N GLU J 179 -57.86 66.54 -5.08
CA GLU J 179 -59.17 65.92 -5.27
C GLU J 179 -60.27 66.67 -4.51
N ASP J 180 -59.95 67.20 -3.33
CA ASP J 180 -60.91 68.02 -2.61
C ASP J 180 -61.20 69.31 -3.36
N PHE J 181 -60.17 69.95 -3.95
CA PHE J 181 -60.45 71.16 -4.72
C PHE J 181 -61.20 70.83 -6.00
N ILE J 182 -61.01 69.64 -6.56
CA ILE J 182 -61.82 69.17 -7.68
C ILE J 182 -63.29 69.11 -7.26
N GLU J 183 -63.54 68.57 -6.06
CA GLU J 183 -64.91 68.48 -5.57
C GLU J 183 -65.54 69.86 -5.36
N LEU J 184 -64.79 70.80 -4.79
CA LEU J 184 -65.31 72.17 -4.67
C LEU J 184 -65.55 72.84 -6.03
N LEU J 185 -64.67 72.63 -7.00
CA LEU J 185 -64.89 73.22 -8.33
C LEU J 185 -66.13 72.63 -8.99
N ILE J 186 -66.34 71.32 -8.86
CA ILE J 186 -67.53 70.67 -9.40
C ILE J 186 -68.79 71.21 -8.72
N GLN J 187 -68.75 71.37 -7.39
CA GLN J 187 -69.90 71.89 -6.67
C GLN J 187 -70.19 73.34 -7.02
N CYS J 188 -69.15 74.15 -7.22
CA CYS J 188 -69.35 75.58 -7.46
C CYS J 188 -69.77 75.87 -8.90
N GLY J 189 -69.11 75.26 -9.88
CA GLY J 189 -69.44 75.56 -11.25
C GLY J 189 -68.30 76.22 -12.01
N LEU J 190 -67.07 75.86 -11.66
CA LEU J 190 -65.87 76.45 -12.24
C LEU J 190 -65.12 75.41 -13.05
N TYR J 191 -65.84 74.68 -13.90
CA TYR J 191 -65.29 73.52 -14.60
C TYR J 191 -64.16 73.89 -15.55
N THR J 192 -64.13 75.13 -16.06
CA THR J 192 -63.00 75.58 -16.87
C THR J 192 -61.71 75.61 -16.06
N GLU J 193 -61.77 76.23 -14.87
CA GLU J 193 -60.62 76.20 -13.97
C GLU J 193 -60.34 74.78 -13.48
N ALA J 194 -61.37 73.94 -13.38
CA ALA J 194 -61.15 72.54 -13.02
C ALA J 194 -60.36 71.80 -14.10
N VAL J 195 -60.67 72.07 -15.37
CA VAL J 195 -59.93 71.46 -16.48
C VAL J 195 -58.49 71.97 -16.51
N LYS J 196 -58.30 73.27 -16.27
CA LYS J 196 -56.94 73.82 -16.22
C LYS J 196 -56.14 73.21 -15.07
N LYS J 197 -56.79 73.06 -13.91
CA LYS J 197 -56.16 72.40 -12.76
C LYS J 197 -55.84 70.94 -13.06
N TYR J 198 -56.76 70.25 -13.75
CA TYR J 198 -56.52 68.89 -14.22
C TYR J 198 -55.24 68.81 -15.04
N ILE J 199 -55.10 69.72 -15.99
CA ILE J 199 -53.93 69.74 -16.86
C ILE J 199 -52.66 69.99 -16.05
N GLU J 200 -52.72 70.95 -15.11
CA GLU J 200 -51.53 71.28 -14.31
C GLU J 200 -51.12 70.13 -13.40
N ILE J 201 -52.08 69.51 -12.69
CA ILE J 201 -51.76 68.45 -11.75
C ILE J 201 -51.27 67.20 -12.49
N LEU J 202 -51.92 66.86 -13.61
CA LEU J 202 -51.45 65.71 -14.39
C LEU J 202 -50.11 65.99 -15.08
N ASN J 203 -49.83 67.26 -15.41
CA ASN J 203 -48.52 67.62 -15.95
C ASN J 203 -47.43 67.47 -14.89
N ASN J 204 -47.75 67.82 -13.66
CA ASN J 204 -46.82 67.62 -12.55
C ASN J 204 -46.66 66.13 -12.27
N PRO J 205 -45.50 65.52 -12.55
CA PRO J 205 -45.37 64.07 -12.38
C PRO J 205 -45.00 63.65 -10.98
N LYS J 206 -45.63 64.25 -9.97
CA LYS J 206 -45.37 63.91 -8.58
C LYS J 206 -46.62 63.73 -7.74
N PHE J 207 -47.80 64.06 -8.26
CA PHE J 207 -49.02 63.98 -7.46
C PHE J 207 -49.45 62.53 -7.26
N GLN J 208 -49.80 62.20 -6.02
CA GLN J 208 -50.37 60.90 -5.67
C GLN J 208 -51.74 61.15 -5.05
N SER J 209 -52.78 60.55 -5.64
CA SER J 209 -54.13 60.74 -5.14
C SER J 209 -54.33 60.01 -3.83
N LYS J 210 -54.91 60.70 -2.85
CA LYS J 210 -55.15 60.09 -1.54
C LYS J 210 -56.33 59.12 -1.57
N ASN J 211 -57.20 59.21 -2.56
CA ASN J 211 -58.33 58.31 -2.70
C ASN J 211 -58.02 57.11 -3.60
N ALA J 212 -56.73 56.79 -3.77
CA ALA J 212 -56.25 55.67 -4.59
C ALA J 212 -56.74 55.76 -6.03
N LYS J 213 -56.75 56.98 -6.58
CA LYS J 213 -57.13 57.20 -7.96
C LYS J 213 -55.87 57.20 -8.82
N GLY J 214 -55.83 56.32 -9.80
CA GLY J 214 -54.69 56.19 -10.69
C GLY J 214 -54.73 57.20 -11.82
N HIS J 215 -53.78 57.03 -12.75
CA HIS J 215 -53.71 57.90 -13.91
C HIS J 215 -54.94 57.72 -14.80
N TYR J 216 -55.37 56.47 -15.01
CA TYR J 216 -56.57 56.25 -15.80
C TYR J 216 -57.82 56.71 -15.06
N GLU J 217 -57.83 56.63 -13.72
CA GLU J 217 -58.94 57.20 -12.95
C GLU J 217 -59.02 58.71 -13.12
N LEU J 218 -57.87 59.37 -13.10
CA LEU J 218 -57.83 60.81 -13.37
C LEU J 218 -58.31 61.11 -14.79
N TRP J 219 -57.89 60.30 -15.77
CA TRP J 219 -58.31 60.50 -17.15
C TRP J 219 -59.82 60.34 -17.29
N SER J 220 -60.38 59.35 -16.59
CA SER J 220 -61.83 59.19 -16.53
C SER J 220 -62.49 60.40 -15.89
N GLU J 221 -61.84 60.99 -14.88
CA GLU J 221 -62.38 62.20 -14.26
C GLU J 221 -62.40 63.38 -15.23
N MET J 222 -61.31 63.57 -16.01
CA MET J 222 -61.32 64.64 -17.01
C MET J 222 -62.40 64.42 -18.06
N VAL J 223 -62.48 63.21 -18.63
CA VAL J 223 -63.45 63.01 -19.70
C VAL J 223 -64.88 63.05 -19.16
N ASP J 224 -65.10 62.61 -17.92
CA ASP J 224 -66.43 62.64 -17.33
C ASP J 224 -66.87 64.07 -17.04
N LEU J 225 -65.97 64.90 -16.49
CA LEU J 225 -66.34 66.28 -16.24
C LEU J 225 -66.55 67.05 -17.54
N LEU J 226 -65.73 66.78 -18.56
CA LEU J 226 -65.91 67.44 -19.86
C LEU J 226 -67.23 67.05 -20.51
N VAL J 227 -67.60 65.76 -20.44
CA VAL J 227 -68.85 65.35 -21.07
C VAL J 227 -70.05 65.77 -20.23
N GLU J 228 -69.90 65.91 -18.91
CA GLU J 228 -71.02 66.37 -18.09
C GLU J 228 -71.24 67.86 -18.23
N HIS J 229 -70.18 68.65 -18.43
CA HIS J 229 -70.32 70.06 -18.77
C HIS J 229 -69.44 70.34 -19.98
N ALA J 230 -69.96 70.01 -21.16
CA ALA J 230 -69.32 70.41 -22.42
C ALA J 230 -69.56 71.88 -22.75
N VAL J 231 -70.76 72.39 -22.45
CA VAL J 231 -71.09 73.77 -22.78
C VAL J 231 -70.48 74.78 -21.81
N ASP J 232 -70.00 74.34 -20.66
CA ASP J 232 -69.40 75.22 -19.68
C ASP J 232 -67.88 75.30 -19.80
N ILE J 233 -67.29 74.62 -20.78
CA ILE J 233 -65.84 74.67 -21.00
C ILE J 233 -65.56 75.66 -22.13
N GLU J 234 -64.75 76.66 -21.83
CA GLU J 234 -64.33 77.64 -22.83
C GLU J 234 -63.04 77.15 -23.48
N THR J 235 -63.13 76.73 -24.75
CA THR J 235 -61.98 76.18 -25.45
C THR J 235 -61.11 77.30 -26.01
N GLY J 236 -60.10 76.94 -26.79
CA GLY J 236 -59.18 77.90 -27.36
C GLY J 236 -57.85 77.88 -26.64
N HIS J 237 -56.88 78.58 -27.24
CA HIS J 237 -55.53 78.64 -26.69
C HIS J 237 -55.41 79.66 -25.57
N GLU J 238 -56.36 80.60 -25.44
CA GLU J 238 -56.33 81.55 -24.34
C GLU J 238 -56.55 80.86 -23.00
N THR J 239 -57.48 79.91 -22.93
CA THR J 239 -57.68 79.10 -21.73
C THR J 239 -56.79 77.87 -21.70
N GLY J 240 -56.11 77.55 -22.80
CA GLY J 240 -55.25 76.39 -22.85
C GLY J 240 -55.98 75.07 -23.01
N ILE J 241 -57.28 75.09 -23.25
CA ILE J 241 -58.09 73.87 -23.32
C ILE J 241 -58.28 73.47 -24.79
N ASP J 242 -57.88 72.25 -25.12
CA ASP J 242 -58.08 71.68 -26.45
C ASP J 242 -58.53 70.23 -26.27
N VAL J 243 -59.85 70.03 -26.35
CA VAL J 243 -60.44 68.73 -26.01
C VAL J 243 -60.02 67.66 -27.00
N GLU J 244 -60.03 67.99 -28.29
CA GLU J 244 -59.60 67.05 -29.32
C GLU J 244 -58.14 66.64 -29.12
N ARG J 245 -57.28 67.61 -28.82
CA ARG J 245 -55.87 67.30 -28.65
C ARG J 245 -55.60 66.48 -27.39
N ILE J 246 -56.27 66.81 -26.28
CA ILE J 246 -56.04 66.05 -25.05
C ILE J 246 -56.60 64.63 -25.18
N ILE J 247 -57.74 64.47 -25.85
CA ILE J 247 -58.28 63.12 -26.01
C ILE J 247 -57.46 62.31 -27.00
N ARG J 248 -56.89 62.94 -28.03
CA ARG J 248 -55.99 62.21 -28.92
C ARG J 248 -54.67 61.86 -28.23
N SER J 249 -54.21 62.72 -27.32
CA SER J 249 -53.07 62.36 -26.49
C SER J 249 -53.37 61.16 -25.61
N GLY J 250 -54.58 61.12 -25.06
CA GLY J 250 -55.02 59.93 -24.34
C GLY J 250 -55.13 58.70 -25.23
N ILE J 251 -55.51 58.90 -26.49
CA ILE J 251 -55.57 57.80 -27.45
C ILE J 251 -54.18 57.20 -27.67
N GLU J 252 -53.20 58.07 -27.94
CA GLU J 252 -51.85 57.58 -28.19
C GLU J 252 -51.13 57.14 -26.93
N ARG J 253 -51.61 57.52 -25.74
CA ARG J 253 -50.99 57.08 -24.50
C ARG J 253 -51.62 55.82 -23.93
N PHE J 254 -52.91 55.85 -23.62
CA PHE J 254 -53.63 54.71 -23.06
C PHE J 254 -54.35 54.00 -24.21
N SER J 255 -53.66 53.00 -24.78
CA SER J 255 -54.23 52.25 -25.88
C SER J 255 -55.26 51.23 -25.43
N ASP J 256 -55.31 50.90 -24.14
CA ASP J 256 -56.26 49.91 -23.65
C ASP J 256 -57.69 50.43 -23.71
N GLN J 257 -57.89 51.71 -23.39
CA GLN J 257 -59.21 52.33 -23.37
C GLN J 257 -59.34 53.36 -24.50
N ARG J 258 -58.78 53.03 -25.66
CA ARG J 258 -58.89 53.91 -26.83
C ARG J 258 -60.34 54.05 -27.26
N GLY J 259 -61.10 52.95 -27.25
CA GLY J 259 -62.51 53.04 -27.59
C GLY J 259 -63.30 53.85 -26.58
N LYS J 260 -62.94 53.73 -25.29
CA LYS J 260 -63.58 54.53 -24.26
C LYS J 260 -63.30 56.02 -24.47
N LEU J 261 -62.07 56.37 -24.86
CA LEU J 261 -61.75 57.77 -25.11
C LEU J 261 -62.42 58.28 -26.38
N TRP J 262 -62.53 57.44 -27.42
CA TRP J 262 -63.26 57.83 -28.62
C TRP J 262 -64.73 58.07 -28.32
N SER J 263 -65.34 57.18 -27.53
CA SER J 263 -66.73 57.35 -27.13
C SER J 263 -66.92 58.59 -26.27
N GLY J 264 -65.95 58.88 -25.39
CA GLY J 264 -66.02 60.09 -24.59
C GLY J 264 -65.93 61.36 -25.42
N LEU J 265 -65.04 61.37 -26.43
CA LEU J 265 -64.95 62.51 -27.32
C LEU J 265 -66.23 62.69 -28.15
N ALA J 266 -66.78 61.59 -28.65
CA ALA J 266 -68.01 61.67 -29.42
C ALA J 266 -69.18 62.14 -28.56
N THR J 267 -69.27 61.65 -27.32
CA THR J 267 -70.36 62.07 -26.44
C THR J 267 -70.17 63.51 -25.99
N TYR J 268 -68.92 63.96 -25.85
CA TYR J 268 -68.65 65.39 -25.62
C TYR J 268 -69.13 66.23 -26.79
N TRP J 269 -68.88 65.78 -28.02
CA TRP J 269 -69.30 66.56 -29.18
C TRP J 269 -70.82 66.58 -29.33
N ILE J 270 -71.50 65.48 -28.99
CA ILE J 270 -72.96 65.51 -29.05
C ILE J 270 -73.56 66.24 -27.85
N ARG J 271 -72.85 66.35 -26.73
CA ARG J 271 -73.28 67.23 -25.65
C ARG J 271 -73.18 68.69 -26.07
N ARG J 272 -72.10 69.03 -26.78
CA ARG J 272 -71.96 70.38 -27.33
C ARG J 272 -72.99 70.63 -28.43
N GLY J 273 -73.38 69.60 -29.17
CA GLY J 273 -74.31 69.73 -30.27
C GLY J 273 -73.68 69.68 -31.65
N ASN J 274 -72.37 69.43 -31.75
CA ASN J 274 -71.69 69.39 -33.04
C ASN J 274 -71.75 67.95 -33.58
N PHE J 275 -72.91 67.63 -34.16
CA PHE J 275 -73.20 66.26 -34.57
C PHE J 275 -72.34 65.83 -35.75
N ASP J 276 -72.11 66.74 -36.71
CA ASP J 276 -71.31 66.39 -37.88
C ASP J 276 -69.85 66.15 -37.51
N ARG J 277 -69.30 66.96 -36.59
CA ARG J 277 -67.93 66.73 -36.14
C ARG J 277 -67.84 65.50 -35.26
N ALA J 278 -68.90 65.20 -34.50
CA ALA J 278 -68.98 63.94 -33.78
C ALA J 278 -68.91 62.76 -34.74
N ARG J 279 -69.64 62.85 -35.86
CA ARG J 279 -69.61 61.79 -36.86
C ARG J 279 -68.25 61.69 -37.55
N ASP J 280 -67.60 62.84 -37.78
CA ASP J 280 -66.30 62.83 -38.45
C ASP J 280 -65.23 62.17 -37.57
N VAL J 281 -65.12 62.60 -36.31
CA VAL J 281 -64.18 61.97 -35.38
C VAL J 281 -64.59 60.53 -35.10
N PHE J 282 -65.90 60.24 -35.19
CA PHE J 282 -66.41 58.88 -34.99
C PHE J 282 -65.91 57.94 -36.07
N GLU J 283 -66.06 58.34 -37.35
CA GLU J 283 -65.56 57.51 -38.43
C GLU J 283 -64.05 57.47 -38.47
N GLU J 284 -63.38 58.54 -38.00
CA GLU J 284 -61.92 58.51 -37.89
C GLU J 284 -61.47 57.45 -36.90
N GLY J 285 -62.11 57.41 -35.71
CA GLY J 285 -61.80 56.37 -34.75
C GLY J 285 -62.18 54.98 -35.23
N ILE J 286 -63.27 54.88 -35.99
CA ILE J 286 -63.69 53.60 -36.56
C ILE J 286 -62.64 53.07 -37.53
N THR J 287 -62.12 53.95 -38.38
CA THR J 287 -61.10 53.53 -39.35
C THR J 287 -59.74 53.32 -38.71
N THR J 288 -59.42 54.00 -37.62
CA THR J 288 -58.10 53.92 -37.01
C THR J 288 -58.10 53.14 -35.69
N VAL J 289 -59.14 52.37 -35.42
CA VAL J 289 -59.14 51.49 -34.24
C VAL J 289 -58.61 50.13 -34.64
N MET J 290 -57.86 49.49 -33.73
CA MET J 290 -57.27 48.18 -33.98
C MET J 290 -57.84 47.11 -33.05
N THR J 291 -58.84 47.45 -32.24
CA THR J 291 -59.42 46.52 -31.28
C THR J 291 -60.88 46.28 -31.64
N VAL J 292 -61.26 45.00 -31.72
CA VAL J 292 -62.63 44.65 -32.03
C VAL J 292 -63.57 45.08 -30.91
N ARG J 293 -63.13 44.93 -29.65
CA ARG J 293 -63.93 45.37 -28.52
C ARG J 293 -64.20 46.87 -28.58
N ASP J 294 -63.16 47.66 -28.84
CA ASP J 294 -63.31 49.10 -28.94
C ASP J 294 -64.17 49.51 -30.13
N PHE J 295 -63.97 48.85 -31.28
CA PHE J 295 -64.78 49.11 -32.46
C PHE J 295 -66.25 48.83 -32.20
N THR J 296 -66.56 47.75 -31.50
CA THR J 296 -67.95 47.37 -31.35
C THR J 296 -68.65 48.12 -30.22
N MET J 297 -67.92 48.52 -29.18
CA MET J 297 -68.53 49.45 -28.21
C MET J 297 -68.75 50.81 -28.84
N ILE J 298 -67.85 51.22 -29.74
CA ILE J 298 -68.06 52.45 -30.51
C ILE J 298 -69.32 52.33 -31.37
N PHE J 299 -69.50 51.19 -32.04
CA PHE J 299 -70.68 51.02 -32.87
C PHE J 299 -71.96 50.90 -32.05
N ASP J 300 -71.87 50.34 -30.84
CA ASP J 300 -73.03 50.32 -29.95
C ASP J 300 -73.42 51.72 -29.51
N ALA J 301 -72.42 52.56 -29.21
CA ALA J 301 -72.70 53.96 -28.90
C ALA J 301 -73.31 54.67 -30.11
N TYR J 302 -72.83 54.35 -31.32
CA TYR J 302 -73.42 54.87 -32.54
C TYR J 302 -74.89 54.49 -32.66
N VAL J 303 -75.18 53.21 -32.42
CA VAL J 303 -76.55 52.70 -32.53
C VAL J 303 -77.46 53.42 -31.55
N GLU J 304 -77.02 53.56 -30.30
CA GLU J 304 -77.82 54.22 -29.28
C GLU J 304 -78.06 55.68 -29.62
N PHE J 305 -77.00 56.41 -29.99
CA PHE J 305 -77.10 57.84 -30.26
C PHE J 305 -77.99 58.11 -31.47
N GLU J 306 -77.72 57.44 -32.59
CA GLU J 306 -78.49 57.71 -33.81
C GLU J 306 -79.93 57.21 -33.67
N GLU J 307 -80.14 56.07 -33.02
CA GLU J 307 -81.49 55.56 -32.81
C GLU J 307 -82.30 56.52 -31.96
N SER J 308 -81.70 57.07 -30.89
CA SER J 308 -82.43 57.97 -30.01
C SER J 308 -82.75 59.30 -30.71
N VAL J 309 -81.80 59.85 -31.48
CA VAL J 309 -82.09 61.12 -32.14
C VAL J 309 -83.12 60.93 -33.27
N ILE J 310 -83.05 59.81 -34.00
CA ILE J 310 -84.05 59.64 -35.05
C ILE J 310 -85.40 59.29 -34.45
N GLY J 311 -85.43 58.67 -33.26
CA GLY J 311 -86.71 58.46 -32.59
C GLY J 311 -87.36 59.76 -32.15
N THR J 312 -86.56 60.67 -31.57
CA THR J 312 -87.07 61.99 -31.20
C THR J 312 -87.60 62.74 -32.42
N LEU J 313 -86.92 62.59 -33.56
CA LEU J 313 -87.49 63.22 -34.74
C LEU J 313 -88.64 62.39 -35.35
N MET J 314 -88.83 61.12 -34.96
CA MET J 314 -90.11 60.48 -35.28
C MET J 314 -91.26 61.16 -34.57
N GLU J 315 -91.11 61.46 -33.27
CA GLU J 315 -92.22 62.19 -32.62
C GLU J 315 -92.38 63.59 -33.22
N ALA J 316 -91.27 64.25 -33.56
CA ALA J 316 -91.36 65.58 -34.17
C ALA J 316 -92.07 65.53 -35.52
N ALA J 317 -91.67 64.60 -36.40
CA ALA J 317 -92.26 64.49 -37.72
C ALA J 317 -93.70 64.00 -37.65
N SER J 318 -94.02 63.12 -36.69
CA SER J 318 -95.40 62.66 -36.54
C SER J 318 -96.31 63.80 -36.10
N ARG J 319 -95.91 64.53 -35.04
CA ARG J 319 -96.73 65.62 -34.54
C ARG J 319 -96.81 66.79 -35.53
N ARG J 320 -95.85 66.89 -36.45
CA ARG J 320 -96.04 67.78 -37.59
C ARG J 320 -96.84 67.13 -38.71
N ALA J 321 -97.02 65.81 -38.68
CA ALA J 321 -97.72 65.10 -39.74
C ALA J 321 -99.21 64.97 -39.52
N GLU J 322 -99.72 65.02 -38.29
CA GLU J 322 -101.18 65.09 -38.18
C GLU J 322 -101.70 66.45 -38.64
N LYS J 323 -100.90 67.50 -38.52
CA LYS J 323 -101.27 68.81 -39.02
C LYS J 323 -100.73 69.10 -40.42
N GLY J 324 -100.10 68.12 -41.06
CA GLY J 324 -99.62 68.26 -42.42
C GLY J 324 -98.50 69.26 -42.62
N VAL J 325 -97.50 69.26 -41.74
CA VAL J 325 -96.35 70.14 -41.86
C VAL J 325 -95.15 69.29 -42.24
N VAL J 326 -94.59 69.54 -43.43
CA VAL J 326 -93.46 68.78 -43.94
C VAL J 326 -92.72 69.67 -44.93
N ASP J 327 -91.41 69.49 -45.02
CA ASP J 327 -90.57 70.27 -45.93
C ASP J 327 -89.35 69.43 -46.29
N GLU J 328 -88.37 70.08 -46.92
CA GLU J 328 -87.14 69.39 -47.29
C GLU J 328 -86.28 69.08 -46.06
N SER J 329 -86.37 69.92 -45.02
CA SER J 329 -85.57 69.75 -43.82
C SER J 329 -86.04 68.60 -42.94
N ALA J 330 -87.20 68.00 -43.22
CA ALA J 330 -87.71 66.89 -42.43
C ALA J 330 -87.77 65.58 -43.20
N ASP J 331 -88.49 65.55 -44.32
CA ASP J 331 -88.71 64.28 -45.04
C ASP J 331 -87.46 63.86 -45.79
N PHE J 332 -86.89 64.77 -46.58
CA PHE J 332 -85.69 64.45 -47.35
C PHE J 332 -84.50 64.24 -46.42
N ASP J 333 -84.44 65.03 -45.34
CA ASP J 333 -83.38 64.85 -44.34
C ASP J 333 -83.50 63.50 -43.65
N LEU J 334 -84.71 63.08 -43.30
CA LEU J 334 -84.89 61.77 -42.68
C LEU J 334 -84.54 60.65 -43.65
N ASP J 335 -84.89 60.82 -44.93
CA ASP J 335 -84.54 59.84 -45.95
C ASP J 335 -83.04 59.68 -46.08
N ILE J 336 -82.30 60.80 -46.12
CA ILE J 336 -80.85 60.69 -46.27
C ILE J 336 -80.18 60.21 -44.98
N ARG J 337 -80.76 60.49 -43.80
CA ARG J 337 -80.20 59.94 -42.56
C ARG J 337 -80.36 58.42 -42.53
N MET J 338 -81.53 57.92 -42.91
CA MET J 338 -81.70 56.47 -42.95
C MET J 338 -80.90 55.83 -44.06
N MET J 339 -80.67 56.53 -45.17
CA MET J 339 -79.75 56.06 -46.20
C MET J 339 -78.34 55.90 -45.62
N ARG J 340 -77.87 56.93 -44.90
CA ARG J 340 -76.55 56.88 -44.28
C ARG J 340 -76.46 55.75 -43.27
N PHE J 341 -77.49 55.59 -42.44
CA PHE J 341 -77.44 54.57 -41.39
C PHE J 341 -77.50 53.16 -41.97
N GLU J 342 -78.33 52.95 -43.00
CA GLU J 342 -78.42 51.64 -43.62
C GLU J 342 -77.12 51.26 -44.32
N HIS J 343 -76.52 52.18 -45.09
CA HIS J 343 -75.29 51.81 -45.80
C HIS J 343 -74.10 51.70 -44.84
N LEU J 344 -74.02 52.54 -43.81
CA LEU J 344 -72.96 52.36 -42.82
C LEU J 344 -73.15 51.08 -42.01
N MET J 345 -74.39 50.68 -41.75
CA MET J 345 -74.61 49.44 -41.01
C MET J 345 -74.33 48.22 -41.88
N ASP J 346 -74.55 48.35 -43.20
CA ASP J 346 -74.16 47.28 -44.11
C ASP J 346 -72.65 47.22 -44.30
N ARG J 347 -71.96 48.35 -44.20
CA ARG J 347 -70.51 48.40 -44.27
C ARG J 347 -69.84 48.09 -42.94
N ARG J 348 -70.61 48.01 -41.85
CA ARG J 348 -70.10 47.65 -40.54
C ARG J 348 -69.35 46.31 -40.49
N PRO J 349 -69.81 45.21 -41.10
CA PRO J 349 -68.97 44.00 -41.09
C PRO J 349 -67.70 44.14 -41.91
N PHE J 350 -67.69 44.98 -42.95
CA PHE J 350 -66.46 45.25 -43.69
C PHE J 350 -65.42 45.90 -42.77
N LEU J 351 -65.85 46.91 -42.01
CA LEU J 351 -64.95 47.56 -41.07
C LEU J 351 -64.56 46.64 -39.93
N LEU J 352 -65.46 45.73 -39.54
CA LEU J 352 -65.14 44.75 -38.50
C LEU J 352 -64.05 43.80 -38.98
N ASN J 353 -64.15 43.33 -40.23
CA ASN J 353 -63.11 42.49 -40.80
C ASN J 353 -61.81 43.25 -40.95
N ASP J 354 -61.89 44.54 -41.30
CA ASP J 354 -60.70 45.37 -41.38
C ASP J 354 -60.01 45.51 -40.03
N VAL J 355 -60.80 45.72 -38.97
CA VAL J 355 -60.25 45.80 -37.62
C VAL J 355 -59.63 44.47 -37.21
N LEU J 356 -60.28 43.36 -37.58
CA LEU J 356 -59.75 42.03 -37.25
C LEU J 356 -58.42 41.77 -37.95
N LEU J 357 -58.30 42.12 -39.23
CA LEU J 357 -57.04 41.92 -39.93
C LEU J 357 -55.98 42.93 -39.49
N ARG J 358 -56.38 44.10 -39.01
CA ARG J 358 -55.40 45.03 -38.43
C ARG J 358 -54.89 44.51 -37.10
N GLN J 359 -55.76 43.85 -36.33
CA GLN J 359 -55.33 43.20 -35.09
C GLN J 359 -54.38 42.05 -35.39
N ASN J 360 -54.72 41.22 -36.37
CA ASN J 360 -53.85 40.12 -36.77
C ASN J 360 -53.83 40.00 -38.29
N PRO J 361 -52.74 40.39 -38.95
CA PRO J 361 -52.62 40.24 -40.40
C PRO J 361 -52.14 38.85 -40.84
N ASN J 362 -52.73 37.81 -40.24
CA ASN J 362 -52.40 36.44 -40.60
C ASN J 362 -53.63 35.53 -40.62
N ASN J 363 -54.83 36.06 -40.38
CA ASN J 363 -56.03 35.24 -40.24
C ASN J 363 -56.62 34.96 -41.62
N VAL J 364 -56.28 33.78 -42.15
CA VAL J 364 -56.75 33.34 -43.45
C VAL J 364 -58.28 33.26 -43.46
N ALA J 365 -58.86 32.74 -42.37
CA ALA J 365 -60.32 32.66 -42.28
C ALA J 365 -60.96 34.05 -42.29
N GLU J 366 -60.32 35.02 -41.65
CA GLU J 366 -60.84 36.39 -41.68
C GLU J 366 -60.77 36.99 -43.07
N TRP J 367 -59.68 36.75 -43.80
CA TRP J 367 -59.60 37.27 -45.16
C TRP J 367 -60.63 36.61 -46.07
N GLU J 368 -60.86 35.30 -45.89
CA GLU J 368 -61.90 34.61 -46.66
C GLU J 368 -63.29 35.15 -46.33
N LYS J 369 -63.55 35.41 -45.05
CA LYS J 369 -64.84 35.97 -44.67
C LYS J 369 -65.03 37.36 -45.23
N ARG J 370 -63.97 38.18 -45.23
CA ARG J 370 -64.08 39.53 -45.80
C ARG J 370 -64.33 39.49 -47.30
N VAL J 371 -63.63 38.61 -48.03
CA VAL J 371 -63.83 38.58 -49.47
C VAL J 371 -65.18 37.96 -49.83
N ALA J 372 -65.68 37.01 -49.01
CA ALA J 372 -67.03 36.51 -49.22
C ALA J 372 -68.07 37.59 -48.94
N LEU J 373 -67.78 38.47 -47.98
CA LEU J 373 -68.63 39.63 -47.74
C LEU J 373 -68.58 40.60 -48.92
N TRP J 374 -67.41 40.75 -49.55
CA TRP J 374 -67.29 41.55 -50.77
C TRP J 374 -68.16 40.99 -51.88
N GLY J 375 -68.15 39.67 -52.04
CA GLY J 375 -69.17 39.00 -52.84
C GLY J 375 -68.80 38.94 -54.32
N ASP J 376 -69.66 39.49 -55.16
CA ASP J 376 -69.58 39.30 -56.61
C ASP J 376 -68.76 40.36 -57.32
N ASN J 377 -68.40 41.46 -56.66
CA ASN J 377 -67.61 42.51 -57.31
C ASN J 377 -66.17 42.05 -57.59
N LYS J 378 -65.90 41.79 -58.87
CA LYS J 378 -64.71 41.04 -59.27
C LYS J 378 -63.43 41.81 -59.00
N GLU J 379 -63.40 43.11 -59.28
CA GLU J 379 -62.19 43.90 -59.06
C GLU J 379 -61.85 43.97 -57.56
N GLU J 380 -62.87 44.15 -56.72
CA GLU J 380 -62.64 44.18 -55.28
C GLU J 380 -62.21 42.82 -54.75
N VAL J 381 -62.78 41.74 -55.28
CA VAL J 381 -62.35 40.39 -54.89
C VAL J 381 -60.89 40.17 -55.27
N VAL J 382 -60.52 40.59 -56.49
CA VAL J 382 -59.14 40.43 -56.95
C VAL J 382 -58.19 41.24 -56.09
N LYS J 383 -58.56 42.47 -55.75
CA LYS J 383 -57.65 43.29 -54.94
C LYS J 383 -57.57 42.81 -53.49
N THR J 384 -58.67 42.26 -52.93
CA THR J 384 -58.61 41.76 -51.57
C THR J 384 -57.79 40.48 -51.50
N TYR J 385 -57.95 39.61 -52.50
CA TYR J 385 -57.04 38.47 -52.64
C TYR J 385 -55.59 38.88 -52.83
N THR J 386 -55.33 39.93 -53.62
CA THR J 386 -53.95 40.36 -53.81
C THR J 386 -53.35 40.88 -52.51
N ASP J 387 -54.14 41.63 -51.73
CA ASP J 387 -53.70 42.05 -50.41
C ASP J 387 -53.51 40.87 -49.47
N ALA J 388 -54.35 39.83 -49.60
CA ALA J 388 -54.15 38.62 -48.82
C ALA J 388 -52.84 37.94 -49.17
N ILE J 389 -52.50 37.89 -50.47
CA ILE J 389 -51.27 37.25 -50.89
C ILE J 389 -50.06 38.03 -50.38
N ALA J 390 -50.04 39.33 -50.60
CA ALA J 390 -48.97 40.18 -50.07
C ALA J 390 -49.41 40.79 -48.74
N ALA J 391 -49.98 39.96 -47.86
CA ALA J 391 -50.21 40.37 -46.48
C ALA J 391 -49.91 39.31 -45.44
N ILE J 392 -49.94 38.02 -45.78
CA ILE J 392 -49.81 36.94 -44.80
C ILE J 392 -48.42 36.35 -44.92
N ASN J 393 -47.72 36.26 -43.80
CA ASN J 393 -46.47 35.51 -43.76
C ASN J 393 -46.78 34.03 -43.79
N PRO J 394 -46.25 33.27 -44.76
CA PRO J 394 -46.53 31.83 -44.83
C PRO J 394 -46.06 31.06 -43.59
N LYS J 395 -44.95 31.47 -42.99
CA LYS J 395 -44.47 30.79 -41.79
C LYS J 395 -45.28 31.18 -40.56
N LYS J 396 -45.80 32.40 -40.52
CA LYS J 396 -46.57 32.88 -39.37
C LYS J 396 -48.07 32.80 -39.60
N ALA J 397 -48.51 32.14 -40.68
CA ALA J 397 -49.93 32.02 -40.96
C ALA J 397 -50.61 31.13 -39.92
N VAL J 398 -51.87 31.47 -39.63
CA VAL J 398 -52.66 30.74 -38.64
C VAL J 398 -53.91 30.12 -39.27
N GLY J 399 -53.93 29.98 -40.59
CA GLY J 399 -55.09 29.41 -41.25
C GLY J 399 -54.72 28.41 -42.32
N ALA J 400 -55.54 28.35 -43.38
CA ALA J 400 -55.30 27.44 -44.50
C ALA J 400 -54.96 28.29 -45.73
N PHE J 401 -53.67 28.65 -45.82
CA PHE J 401 -53.20 29.43 -46.95
C PHE J 401 -53.31 28.64 -48.25
N HIS J 402 -53.18 27.32 -48.16
CA HIS J 402 -53.39 26.48 -49.34
C HIS J 402 -54.83 26.55 -49.82
N LEU J 403 -55.79 26.57 -48.88
CA LEU J 403 -57.19 26.68 -49.27
C LEU J 403 -57.49 28.07 -49.83
N LEU J 404 -56.87 29.11 -49.27
CA LEU J 404 -57.05 30.45 -49.81
C LEU J 404 -56.52 30.54 -51.24
N TRP J 405 -55.34 29.99 -51.48
CA TRP J 405 -54.77 30.05 -52.82
C TRP J 405 -55.58 29.21 -53.79
N ALA J 406 -56.11 28.07 -53.31
CA ALA J 406 -56.98 27.25 -54.14
C ALA J 406 -58.25 27.97 -54.53
N ASN J 407 -58.84 28.73 -53.59
CA ASN J 407 -60.02 29.53 -53.91
C ASN J 407 -59.70 30.60 -54.95
N TYR J 408 -58.55 31.27 -54.79
CA TYR J 408 -58.07 32.26 -55.77
C TYR J 408 -57.86 31.67 -57.17
N ALA J 409 -57.18 30.53 -57.25
CA ALA J 409 -56.93 29.90 -58.54
C ALA J 409 -58.22 29.39 -59.17
N LYS J 410 -59.09 28.75 -58.38
CA LYS J 410 -60.34 28.25 -58.94
C LYS J 410 -61.29 29.39 -59.29
N PHE J 411 -61.15 30.55 -58.64
CA PHE J 411 -61.96 31.70 -59.03
C PHE J 411 -61.56 32.20 -60.41
N TYR J 412 -60.26 32.37 -60.64
CA TYR J 412 -59.83 32.77 -61.99
C TYR J 412 -60.16 31.70 -63.03
N GLU J 413 -60.04 30.42 -62.65
CA GLU J 413 -60.29 29.35 -63.61
C GLU J 413 -61.77 29.25 -63.97
N LYS J 414 -62.66 29.27 -62.97
CA LYS J 414 -64.07 29.23 -63.24
C LYS J 414 -64.59 30.53 -63.85
N ALA J 415 -63.81 31.62 -63.77
CA ALA J 415 -64.20 32.80 -64.54
C ALA J 415 -63.76 32.67 -65.99
N GLY J 416 -62.46 32.79 -66.26
CA GLY J 416 -62.04 32.51 -67.63
C GLY J 416 -60.60 32.16 -67.97
N ASP J 417 -59.70 32.06 -67.00
CA ASP J 417 -58.31 32.42 -67.31
C ASP J 417 -57.34 31.29 -66.94
N LEU J 418 -57.16 30.38 -67.90
CA LEU J 418 -56.34 29.19 -67.70
C LEU J 418 -54.84 29.49 -67.69
N ARG J 419 -54.39 30.49 -68.46
CA ARG J 419 -52.97 30.82 -68.48
C ARG J 419 -52.51 31.35 -67.13
N THR J 420 -53.28 32.28 -66.55
CA THR J 420 -52.96 32.71 -65.20
C THR J 420 -53.27 31.63 -64.18
N ALA J 421 -54.15 30.66 -64.48
CA ALA J 421 -54.28 29.50 -63.61
C ALA J 421 -52.97 28.71 -63.56
N ARG J 422 -52.33 28.52 -64.71
CA ARG J 422 -51.05 27.83 -64.75
C ARG J 422 -49.99 28.60 -63.97
N ILE J 423 -49.89 29.91 -64.21
CA ILE J 423 -48.85 30.68 -63.52
C ILE J 423 -49.19 30.88 -62.05
N ILE J 424 -50.47 30.74 -61.68
CA ILE J 424 -50.86 31.04 -60.32
C ILE J 424 -50.57 29.81 -59.46
N MET J 425 -50.73 28.62 -60.03
CA MET J 425 -50.21 27.41 -59.41
C MET J 425 -48.68 27.42 -59.38
N GLU J 426 -48.04 27.97 -60.42
CA GLU J 426 -46.58 28.04 -60.44
C GLU J 426 -46.05 28.85 -59.25
N LYS J 427 -46.57 30.05 -59.06
CA LYS J 427 -46.11 30.83 -57.91
C LYS J 427 -46.67 30.30 -56.59
N ALA J 428 -47.77 29.55 -56.62
CA ALA J 428 -48.23 28.85 -55.41
C ALA J 428 -47.19 27.83 -54.95
N VAL J 429 -46.66 27.07 -55.90
CA VAL J 429 -45.54 26.17 -55.60
C VAL J 429 -44.34 26.95 -55.09
N LYS J 430 -44.05 28.08 -55.72
CA LYS J 430 -42.90 28.88 -55.30
C LYS J 430 -43.07 29.46 -53.89
N VAL J 431 -44.29 29.57 -53.40
CA VAL J 431 -44.50 29.99 -52.00
C VAL J 431 -43.95 28.92 -51.05
N PRO J 432 -43.09 29.28 -50.10
CA PRO J 432 -42.66 28.33 -49.06
C PRO J 432 -43.67 28.18 -47.93
N PHE J 433 -44.63 27.27 -48.11
CA PHE J 433 -45.68 27.04 -47.13
C PHE J 433 -45.11 26.55 -45.79
N LYS J 434 -45.96 26.63 -44.77
CA LYS J 434 -45.52 26.27 -43.42
C LYS J 434 -45.44 24.77 -43.20
N SER J 435 -46.01 23.97 -44.10
CA SER J 435 -46.03 22.53 -43.88
C SER J 435 -46.00 21.79 -45.21
N VAL J 436 -45.33 20.64 -45.20
CA VAL J 436 -45.30 19.75 -46.35
C VAL J 436 -46.69 19.26 -46.70
N ASN J 437 -47.59 19.18 -45.71
CA ASN J 437 -48.98 18.86 -46.00
C ASN J 437 -49.63 19.97 -46.81
N GLU J 438 -49.35 21.22 -46.49
CA GLU J 438 -49.89 22.33 -47.27
C GLU J 438 -49.36 22.31 -48.70
N LEU J 439 -48.05 22.09 -48.87
CA LEU J 439 -47.51 22.03 -50.22
C LEU J 439 -48.04 20.82 -51.00
N ALA J 440 -48.26 19.71 -50.30
CA ALA J 440 -48.88 18.54 -50.89
C ALA J 440 -50.29 18.85 -51.38
N ASP J 441 -51.05 19.57 -50.56
CA ASP J 441 -52.42 19.91 -50.94
C ASP J 441 -52.43 20.85 -52.13
N MET J 442 -51.47 21.77 -52.21
CA MET J 442 -51.43 22.66 -53.38
C MET J 442 -51.05 21.92 -54.65
N TRP J 443 -50.09 20.99 -54.57
CA TRP J 443 -49.72 20.22 -55.74
C TRP J 443 -50.88 19.35 -56.23
N ILE J 444 -51.57 18.69 -55.31
CA ILE J 444 -52.72 17.89 -55.74
C ILE J 444 -53.88 18.79 -56.15
N GLU J 445 -53.93 20.04 -55.69
CA GLU J 445 -54.94 20.97 -56.19
C GLU J 445 -54.67 21.33 -57.65
N TRP J 446 -53.41 21.54 -58.01
CA TRP J 446 -53.06 21.77 -59.41
C TRP J 446 -53.42 20.56 -60.28
N ALA J 447 -53.10 19.36 -59.80
CA ALA J 447 -53.44 18.14 -60.54
C ALA J 447 -54.95 17.97 -60.67
N GLU J 448 -55.69 18.27 -59.60
CA GLU J 448 -57.14 18.17 -59.65
C GLU J 448 -57.74 19.21 -60.59
N MET J 449 -57.11 20.39 -60.67
CA MET J 449 -57.59 21.43 -61.58
C MET J 449 -57.45 20.99 -63.03
N GLU J 450 -56.27 20.48 -63.39
CA GLU J 450 -56.08 19.98 -64.76
C GLU J 450 -57.01 18.80 -65.06
N LEU J 451 -57.16 17.91 -64.07
CA LEU J 451 -58.04 16.75 -64.23
C LEU J 451 -59.50 17.18 -64.38
N ARG J 452 -59.88 18.31 -63.76
CA ARG J 452 -61.20 18.87 -63.97
C ARG J 452 -61.37 19.38 -65.39
N ASN J 453 -60.42 20.23 -65.85
CA ASN J 453 -60.38 20.59 -67.26
C ASN J 453 -59.35 19.71 -67.94
N LYS J 454 -59.76 18.47 -68.19
CA LYS J 454 -58.95 17.27 -68.43
C LYS J 454 -57.77 17.47 -69.37
N ASN J 455 -56.58 17.35 -68.79
CA ASN J 455 -55.30 17.52 -69.46
C ASN J 455 -54.33 16.46 -68.94
N PHE J 456 -54.74 15.19 -69.05
CA PHE J 456 -54.14 14.09 -68.29
C PHE J 456 -52.62 14.04 -68.43
N ASP J 457 -52.10 14.31 -69.63
CA ASP J 457 -50.65 14.40 -69.82
C ASP J 457 -50.07 15.56 -69.00
N GLU J 458 -50.76 16.69 -68.98
CA GLU J 458 -50.28 17.82 -68.19
C GLU J 458 -50.33 17.52 -66.70
N ALA J 459 -51.39 16.82 -66.24
CA ALA J 459 -51.47 16.45 -64.83
C ALA J 459 -50.35 15.49 -64.45
N VAL J 460 -50.04 14.53 -65.33
CA VAL J 460 -48.95 13.61 -65.07
C VAL J 460 -47.61 14.34 -65.01
N ARG J 461 -47.38 15.29 -65.94
CA ARG J 461 -46.10 16.00 -65.90
C ARG J 461 -46.03 16.98 -64.72
N ILE J 462 -47.17 17.47 -64.25
CA ILE J 462 -47.20 18.30 -63.04
C ILE J 462 -46.85 17.47 -61.82
N MET J 463 -47.39 16.26 -61.71
CA MET J 463 -46.98 15.37 -60.62
C MET J 463 -45.52 14.95 -60.74
N ALA J 464 -45.01 14.81 -61.97
CA ALA J 464 -43.59 14.50 -62.14
C ALA J 464 -42.72 15.66 -61.67
N LYS J 465 -43.12 16.90 -62.00
CA LYS J 465 -42.43 18.07 -61.49
C LYS J 465 -42.53 18.18 -59.98
N ALA J 466 -43.66 17.75 -59.42
CA ALA J 466 -43.86 17.75 -57.98
C ALA J 466 -42.90 16.79 -57.29
N THR J 467 -42.84 15.56 -57.79
CA THR J 467 -42.08 14.50 -57.17
C THR J 467 -40.69 14.36 -57.76
N GLN J 468 -40.22 15.37 -58.49
CA GLN J 468 -38.85 15.35 -58.99
C GLN J 468 -37.86 15.39 -57.83
N ALA J 469 -36.82 14.57 -57.94
CA ALA J 469 -35.87 14.37 -56.86
C ALA J 469 -34.63 13.70 -57.43
N PRO J 470 -33.50 13.77 -56.74
CA PRO J 470 -32.32 12.99 -57.16
C PRO J 470 -32.56 11.50 -56.98
N LYS J 471 -31.66 10.72 -57.59
CA LYS J 471 -31.80 9.27 -57.60
C LYS J 471 -31.68 8.68 -56.20
N ARG J 472 -30.77 9.20 -55.40
CA ARG J 472 -30.45 8.63 -54.10
C ARG J 472 -30.58 9.70 -53.02
N SER J 473 -31.73 10.36 -53.00
CA SER J 473 -32.03 11.36 -51.99
C SER J 473 -32.63 10.69 -50.77
N THR J 474 -32.22 11.14 -49.58
CA THR J 474 -32.73 10.64 -48.30
C THR J 474 -33.07 11.81 -47.39
N VAL J 475 -33.77 12.81 -47.93
CA VAL J 475 -34.16 13.97 -47.15
C VAL J 475 -35.22 13.55 -46.14
N ASP J 476 -35.01 13.91 -44.88
CA ASP J 476 -35.99 13.59 -43.85
C ASP J 476 -37.28 14.35 -44.10
N TYR J 477 -38.39 13.63 -44.08
CA TYR J 477 -39.69 14.25 -44.36
C TYR J 477 -40.11 15.15 -43.20
N PHE J 478 -39.86 14.72 -41.97
CA PHE J 478 -40.27 15.46 -40.79
C PHE J 478 -39.20 16.42 -40.30
N ASP J 479 -38.26 16.79 -41.15
CA ASP J 479 -37.18 17.69 -40.79
C ASP J 479 -37.66 19.13 -40.93
N GLU J 480 -37.96 19.77 -39.81
CA GLU J 480 -38.38 21.17 -39.86
C GLU J 480 -37.17 22.10 -39.78
N SER J 481 -36.19 21.83 -40.63
CA SER J 481 -35.03 22.68 -40.84
C SER J 481 -34.71 22.91 -42.30
N LEU J 482 -35.17 22.04 -43.19
CA LEU J 482 -35.06 22.22 -44.63
C LEU J 482 -36.38 22.73 -45.18
N SER J 483 -36.36 23.12 -46.43
CA SER J 483 -37.53 23.71 -47.05
C SER J 483 -38.56 22.65 -47.41
N PRO J 484 -39.85 22.97 -47.28
CA PRO J 484 -40.89 22.05 -47.79
C PRO J 484 -40.77 21.78 -49.28
N GLN J 485 -40.27 22.73 -50.05
CA GLN J 485 -39.98 22.48 -51.46
C GLN J 485 -38.95 21.37 -51.61
N GLN J 486 -37.97 21.32 -50.70
CA GLN J 486 -36.99 20.23 -50.73
C GLN J 486 -37.62 18.91 -50.32
N ARG J 487 -38.46 18.91 -49.28
CA ARG J 487 -38.86 17.65 -48.67
C ARG J 487 -40.31 17.26 -48.91
N VAL J 488 -40.95 17.77 -49.97
CA VAL J 488 -42.21 17.16 -50.40
C VAL J 488 -42.03 16.10 -51.47
N HIS J 489 -40.80 15.89 -51.95
CA HIS J 489 -40.59 14.82 -52.93
C HIS J 489 -40.75 13.44 -52.30
N LYS J 490 -40.56 13.33 -50.99
CA LYS J 490 -40.80 12.09 -50.27
C LYS J 490 -42.14 12.08 -49.56
N SER J 491 -43.09 12.91 -50.01
CA SER J 491 -44.43 12.90 -49.45
C SER J 491 -45.20 11.71 -50.01
N TRP J 492 -45.86 10.97 -49.13
CA TRP J 492 -46.58 9.77 -49.56
C TRP J 492 -47.98 10.09 -50.07
N LYS J 493 -48.50 11.29 -49.83
CA LYS J 493 -49.75 11.70 -50.44
C LYS J 493 -49.59 11.86 -51.96
N LEU J 494 -48.55 12.60 -52.36
CA LEU J 494 -48.27 12.84 -53.77
C LEU J 494 -48.01 11.54 -54.51
N TRP J 495 -47.26 10.64 -53.90
CA TRP J 495 -46.87 9.43 -54.61
C TRP J 495 -48.03 8.48 -54.78
N SER J 496 -48.91 8.39 -53.78
CA SER J 496 -50.12 7.58 -53.90
C SER J 496 -51.01 8.14 -54.99
N PHE J 497 -51.22 9.46 -54.99
CA PHE J 497 -52.01 10.12 -56.03
C PHE J 497 -51.40 9.90 -57.40
N TYR J 498 -50.08 10.04 -57.51
CA TYR J 498 -49.39 9.93 -58.79
C TYR J 498 -49.44 8.52 -59.34
N VAL J 499 -49.23 7.52 -58.49
CA VAL J 499 -49.25 6.15 -59.00
C VAL J 499 -50.66 5.73 -59.37
N ASP J 500 -51.69 6.18 -58.63
CA ASP J 500 -53.05 5.83 -59.04
C ASP J 500 -53.45 6.56 -60.32
N LEU J 501 -53.00 7.81 -60.47
CA LEU J 501 -53.28 8.56 -61.68
C LEU J 501 -52.63 7.93 -62.90
N VAL J 502 -51.37 7.50 -62.78
CA VAL J 502 -50.69 6.86 -63.89
C VAL J 502 -51.31 5.50 -64.19
N GLU J 503 -51.74 4.78 -63.16
CA GLU J 503 -52.41 3.49 -63.37
C GLU J 503 -53.71 3.67 -64.13
N SER J 504 -54.48 4.71 -63.80
CA SER J 504 -55.75 4.90 -64.49
C SER J 504 -55.57 5.47 -65.89
N THR J 505 -54.64 6.42 -66.09
CA THR J 505 -54.57 7.17 -67.32
C THR J 505 -53.33 6.86 -68.16
N SER J 506 -52.66 5.74 -67.91
CA SER J 506 -51.50 5.39 -68.69
C SER J 506 -51.38 3.87 -68.72
N SER J 507 -50.21 3.38 -69.10
CA SER J 507 -50.02 1.95 -69.34
C SER J 507 -49.30 1.28 -68.18
N LEU J 508 -49.17 -0.05 -68.32
CA LEU J 508 -48.56 -0.89 -67.30
C LEU J 508 -47.10 -0.53 -67.08
N GLU J 509 -46.36 -0.25 -68.15
CA GLU J 509 -44.93 0.06 -68.03
C GLU J 509 -44.72 1.38 -67.30
N GLU J 510 -45.56 2.39 -67.59
CA GLU J 510 -45.46 3.65 -66.87
C GLU J 510 -45.82 3.52 -65.40
N THR J 511 -46.91 2.80 -65.10
CA THR J 511 -47.26 2.55 -63.70
C THR J 511 -46.17 1.76 -62.99
N ARG J 512 -45.57 0.81 -63.69
CA ARG J 512 -44.49 0.01 -63.14
C ARG J 512 -43.27 0.86 -62.83
N LYS J 513 -42.95 1.82 -63.69
CA LYS J 513 -41.86 2.76 -63.41
C LYS J 513 -42.15 3.62 -62.19
N ILE J 514 -43.39 4.08 -62.01
CA ILE J 514 -43.74 4.85 -60.83
C ILE J 514 -43.60 4.00 -59.56
N TYR J 515 -44.03 2.73 -59.64
CA TYR J 515 -43.89 1.85 -58.49
C TYR J 515 -42.44 1.58 -58.14
N GLU J 516 -41.59 1.39 -59.15
CA GLU J 516 -40.17 1.19 -58.90
C GLU J 516 -39.53 2.44 -58.32
N ARG J 517 -40.00 3.62 -58.72
CA ARG J 517 -39.46 4.83 -58.12
C ARG J 517 -39.87 4.99 -56.66
N ILE J 518 -41.10 4.57 -56.31
CA ILE J 518 -41.50 4.55 -54.91
C ILE J 518 -40.63 3.59 -54.11
N PHE J 519 -40.38 2.41 -54.66
CA PHE J 519 -39.53 1.42 -53.99
C PHE J 519 -38.11 1.93 -53.81
N GLU J 520 -37.60 2.68 -54.80
CA GLU J 520 -36.27 3.26 -54.67
C GLU J 520 -36.25 4.38 -53.64
N LEU J 521 -37.30 5.19 -53.59
CA LEU J 521 -37.39 6.24 -52.59
C LEU J 521 -37.65 5.71 -51.19
N ARG J 522 -37.93 4.41 -51.04
CA ARG J 522 -37.98 3.70 -49.77
C ARG J 522 -39.14 4.15 -48.90
N ILE J 523 -40.16 4.76 -49.48
CA ILE J 523 -41.42 4.99 -48.78
C ILE J 523 -42.42 3.88 -49.07
N ALA J 524 -41.95 2.78 -49.64
CA ALA J 524 -42.82 1.65 -49.93
C ALA J 524 -43.32 1.02 -48.64
N THR J 525 -44.50 0.44 -48.73
CA THR J 525 -45.30 -0.12 -47.66
C THR J 525 -45.71 -1.51 -48.10
N PRO J 526 -45.94 -2.45 -47.18
CA PRO J 526 -46.45 -3.76 -47.59
C PRO J 526 -47.75 -3.69 -48.36
N GLN J 527 -48.58 -2.70 -48.04
CA GLN J 527 -49.73 -2.40 -48.87
C GLN J 527 -49.32 -2.11 -50.30
N THR J 528 -48.23 -1.37 -50.48
CA THR J 528 -47.79 -1.05 -51.83
C THR J 528 -47.17 -2.26 -52.52
N VAL J 529 -46.50 -3.13 -51.77
CA VAL J 529 -45.99 -4.37 -52.33
C VAL J 529 -47.14 -5.22 -52.86
N VAL J 530 -48.20 -5.32 -52.07
CA VAL J 530 -49.36 -6.11 -52.47
C VAL J 530 -50.09 -5.45 -53.64
N ASN J 531 -50.20 -4.12 -53.65
CA ASN J 531 -50.85 -3.42 -54.75
C ASN J 531 -50.09 -3.59 -56.06
N TYR J 532 -48.76 -3.47 -56.01
CA TYR J 532 -47.91 -3.67 -57.17
C TYR J 532 -48.01 -5.10 -57.69
N ALA J 533 -47.96 -6.08 -56.78
CA ALA J 533 -48.10 -7.47 -57.18
C ALA J 533 -49.48 -7.76 -57.73
N ASN J 534 -50.51 -7.13 -57.18
CA ASN J 534 -51.86 -7.29 -57.68
C ASN J 534 -52.05 -6.67 -59.05
N LEU J 535 -51.41 -5.53 -59.31
CA LEU J 535 -51.45 -4.94 -60.64
C LEU J 535 -50.82 -5.86 -61.67
N LEU J 536 -49.66 -6.43 -61.34
CA LEU J 536 -49.03 -7.36 -62.26
C LEU J 536 -49.81 -8.66 -62.42
N GLU J 537 -50.47 -9.13 -61.37
CA GLU J 537 -51.28 -10.34 -61.47
C GLU J 537 -52.55 -10.11 -62.27
N GLU J 538 -53.14 -8.92 -62.16
CA GLU J 538 -54.30 -8.58 -62.98
C GLU J 538 -53.91 -8.41 -64.43
N HIS J 539 -52.70 -7.92 -64.70
CA HIS J 539 -52.20 -7.97 -66.07
C HIS J 539 -51.54 -9.30 -66.41
N HIS J 540 -51.69 -10.30 -65.54
CA HIS J 540 -51.36 -11.70 -65.80
C HIS J 540 -49.86 -11.94 -65.88
N TYR J 541 -49.08 -11.12 -65.18
CA TYR J 541 -47.65 -11.36 -65.02
C TYR J 541 -47.45 -12.00 -63.65
N TYR J 542 -47.67 -13.32 -63.60
CA TYR J 542 -47.61 -14.04 -62.33
C TYR J 542 -46.19 -14.15 -61.82
N GLU J 543 -45.22 -14.40 -62.70
CA GLU J 543 -43.83 -14.44 -62.27
C GLU J 543 -43.31 -13.09 -61.82
N GLU J 544 -43.73 -12.01 -62.48
CA GLU J 544 -43.37 -10.68 -62.01
C GLU J 544 -44.02 -10.36 -60.67
N SER J 545 -45.25 -10.85 -60.45
CA SER J 545 -45.88 -10.72 -59.15
C SER J 545 -45.08 -11.44 -58.08
N PHE J 546 -44.58 -12.63 -58.40
CA PHE J 546 -43.77 -13.39 -57.45
C PHE J 546 -42.46 -12.66 -57.16
N LYS J 547 -41.86 -12.06 -58.19
CA LYS J 547 -40.65 -11.28 -58.01
C LYS J 547 -40.87 -10.07 -57.11
N ILE J 548 -42.01 -9.39 -57.26
CA ILE J 548 -42.30 -8.25 -56.40
C ILE J 548 -42.54 -8.69 -54.97
N TYR J 549 -43.17 -9.84 -54.79
CA TYR J 549 -43.32 -10.38 -53.45
C TYR J 549 -41.98 -10.71 -52.83
N GLU J 550 -41.04 -11.26 -53.60
CA GLU J 550 -39.71 -11.53 -53.09
C GLU J 550 -38.97 -10.26 -52.70
N ARG J 551 -39.12 -9.21 -53.50
CA ARG J 551 -38.51 -7.93 -53.18
C ARG J 551 -39.06 -7.34 -51.89
N GLY J 552 -40.38 -7.37 -51.72
CA GLY J 552 -40.95 -6.94 -50.45
C GLY J 552 -40.52 -7.81 -49.29
N LEU J 553 -40.30 -9.10 -49.55
CA LEU J 553 -39.94 -10.03 -48.50
C LEU J 553 -38.53 -9.77 -47.97
N ASP J 554 -37.60 -9.37 -48.83
CA ASP J 554 -36.33 -9.00 -48.23
C ASP J 554 -36.24 -7.52 -47.88
N LEU J 555 -37.25 -6.71 -48.23
CA LEU J 555 -37.30 -5.37 -47.69
C LEU J 555 -37.84 -5.31 -46.27
N PHE J 556 -38.79 -6.17 -45.91
CA PHE J 556 -39.35 -6.19 -44.56
C PHE J 556 -38.93 -7.46 -43.84
N SER J 557 -38.56 -7.35 -42.55
CA SER J 557 -37.67 -8.39 -42.07
C SER J 557 -38.34 -9.70 -41.67
N TYR J 558 -38.83 -9.88 -40.43
CA TYR J 558 -39.83 -10.95 -40.44
C TYR J 558 -41.25 -10.51 -40.13
N PRO J 559 -41.56 -9.82 -38.97
CA PRO J 559 -42.96 -9.83 -38.49
C PRO J 559 -43.95 -9.08 -39.39
N VAL J 560 -43.44 -8.46 -40.44
CA VAL J 560 -44.26 -7.89 -41.49
C VAL J 560 -44.15 -8.74 -42.76
N ALA J 561 -42.98 -9.37 -42.92
CA ALA J 561 -42.81 -10.35 -43.97
C ALA J 561 -43.75 -11.53 -43.81
N PHE J 562 -44.33 -11.75 -42.63
CA PHE J 562 -45.33 -12.81 -42.53
C PHE J 562 -46.62 -12.45 -43.24
N GLU J 563 -47.05 -11.19 -43.18
CA GLU J 563 -48.21 -10.76 -43.94
C GLU J 563 -47.94 -10.97 -45.42
N LEU J 564 -46.75 -10.55 -45.86
CA LEU J 564 -46.38 -10.81 -47.25
C LEU J 564 -46.28 -12.29 -47.55
N TRP J 565 -45.85 -13.09 -46.58
CA TRP J 565 -45.68 -14.53 -46.79
C TRP J 565 -47.02 -15.23 -46.92
N ASN J 566 -48.01 -14.79 -46.14
CA ASN J 566 -49.38 -15.27 -46.26
C ASN J 566 -49.84 -15.15 -47.70
N LEU J 567 -49.84 -13.90 -48.17
CA LEU J 567 -50.36 -13.69 -49.53
C LEU J 567 -49.51 -14.38 -50.59
N TYR J 568 -48.18 -14.30 -50.47
CA TYR J 568 -47.29 -14.86 -51.49
C TYR J 568 -47.39 -16.38 -51.53
N LEU J 569 -47.45 -17.04 -50.38
CA LEU J 569 -47.44 -18.50 -50.38
C LEU J 569 -48.77 -19.05 -50.88
N THR J 570 -49.88 -18.40 -50.52
CA THR J 570 -51.15 -18.83 -51.09
C THR J 570 -51.18 -18.63 -52.60
N LYS J 571 -50.69 -17.49 -53.09
CA LYS J 571 -50.71 -17.25 -54.52
C LYS J 571 -49.77 -18.18 -55.27
N ALA J 572 -48.62 -18.52 -54.68
CA ALA J 572 -47.69 -19.41 -55.36
C ALA J 572 -48.22 -20.84 -55.41
N VAL J 573 -48.83 -21.31 -54.32
CA VAL J 573 -49.41 -22.65 -54.33
C VAL J 573 -50.57 -22.71 -55.32
N ASP J 574 -51.39 -21.65 -55.39
CA ASP J 574 -52.48 -21.61 -56.36
C ASP J 574 -51.96 -21.59 -57.79
N ARG J 575 -50.86 -20.88 -58.03
CA ARG J 575 -50.25 -20.85 -59.36
C ARG J 575 -49.59 -22.17 -59.72
N LYS J 576 -49.24 -22.99 -58.73
CA LYS J 576 -48.71 -24.34 -58.93
C LYS J 576 -47.38 -24.30 -59.70
N ILE J 577 -46.41 -23.61 -59.13
CA ILE J 577 -45.04 -23.61 -59.60
C ILE J 577 -44.39 -24.92 -59.18
N SER J 578 -43.16 -25.16 -59.66
CA SER J 578 -42.46 -26.42 -59.44
C SER J 578 -42.32 -26.74 -57.95
N ILE J 579 -42.36 -28.04 -57.64
CA ILE J 579 -42.41 -28.48 -56.25
C ILE J 579 -41.12 -28.15 -55.52
N GLU J 580 -39.98 -28.21 -56.20
CA GLU J 580 -38.72 -27.82 -55.57
C GLU J 580 -38.68 -26.31 -55.32
N ARG J 581 -39.26 -25.54 -56.23
CA ARG J 581 -39.35 -24.09 -56.03
C ARG J 581 -40.24 -23.74 -54.84
N LEU J 582 -41.37 -24.44 -54.71
CA LEU J 582 -42.25 -24.23 -53.56
C LEU J 582 -41.61 -24.69 -52.25
N ARG J 583 -40.86 -25.79 -52.30
CA ARG J 583 -40.09 -26.23 -51.15
C ARG J 583 -39.07 -25.20 -50.73
N ASP J 584 -38.39 -24.58 -51.69
CA ASP J 584 -37.45 -23.52 -51.39
C ASP J 584 -38.14 -22.33 -50.74
N LEU J 585 -39.31 -21.96 -51.24
CA LEU J 585 -40.08 -20.87 -50.62
C LEU J 585 -40.44 -21.19 -49.18
N PHE J 586 -40.87 -22.42 -48.92
CA PHE J 586 -41.31 -22.75 -47.56
C PHE J 586 -40.12 -22.82 -46.61
N GLU J 587 -38.97 -23.34 -47.07
CA GLU J 587 -37.77 -23.27 -46.24
C GLU J 587 -37.34 -21.83 -46.01
N GLN J 588 -37.54 -20.95 -47.00
CA GLN J 588 -37.17 -19.55 -46.86
C GLN J 588 -38.01 -18.84 -45.80
N ALA J 589 -39.29 -19.18 -45.71
CA ALA J 589 -40.11 -18.61 -44.62
C ALA J 589 -39.76 -19.24 -43.28
N ILE J 590 -39.52 -20.55 -43.27
CA ILE J 590 -39.24 -21.28 -42.05
C ILE J 590 -37.89 -20.90 -41.46
N THR J 591 -36.99 -20.34 -42.27
CA THR J 591 -35.65 -19.94 -41.85
C THR J 591 -35.65 -19.06 -40.60
N ASP J 592 -36.49 -18.05 -40.56
CA ASP J 592 -36.60 -17.20 -39.37
C ASP J 592 -38.05 -16.86 -39.05
N CYS J 593 -38.98 -17.79 -39.28
CA CYS J 593 -40.30 -17.64 -38.68
C CYS J 593 -40.22 -17.56 -37.15
N PRO J 594 -40.87 -16.60 -36.52
CA PRO J 594 -41.14 -16.71 -35.09
C PRO J 594 -42.12 -17.84 -34.85
N PRO J 595 -42.13 -18.44 -33.67
CA PRO J 595 -42.98 -19.62 -33.41
C PRO J 595 -44.48 -19.40 -33.66
N LYS J 596 -44.89 -18.17 -33.34
CA LYS J 596 -46.27 -17.72 -33.51
C LYS J 596 -46.78 -17.95 -34.92
N PHE J 597 -45.97 -17.63 -35.92
CA PHE J 597 -46.30 -17.88 -37.30
C PHE J 597 -45.75 -19.22 -37.79
N ALA J 598 -44.85 -19.82 -37.02
CA ALA J 598 -44.24 -21.07 -37.43
C ALA J 598 -45.25 -22.19 -37.41
N LYS J 599 -46.22 -22.11 -36.50
CA LYS J 599 -47.33 -23.06 -36.52
C LYS J 599 -48.03 -23.09 -37.88
N VAL J 600 -48.44 -21.91 -38.37
CA VAL J 600 -49.16 -21.81 -39.63
C VAL J 600 -48.28 -22.26 -40.80
N LEU J 601 -47.03 -21.77 -40.82
CA LEU J 601 -46.15 -22.06 -41.95
C LEU J 601 -45.82 -23.55 -42.02
N TYR J 602 -45.59 -24.17 -40.87
CA TYR J 602 -45.25 -25.59 -40.86
C TYR J 602 -46.47 -26.44 -41.21
N LEU J 603 -47.66 -26.02 -40.78
CA LEU J 603 -48.87 -26.73 -41.17
C LEU J 603 -49.05 -26.70 -42.68
N MET J 604 -48.85 -25.55 -43.31
CA MET J 604 -49.02 -25.49 -44.75
C MET J 604 -47.88 -26.15 -45.51
N TYR J 605 -46.67 -26.16 -44.95
CA TYR J 605 -45.59 -26.92 -45.58
C TYR J 605 -45.93 -28.40 -45.58
N GLY J 606 -46.43 -28.93 -44.46
CA GLY J 606 -46.87 -30.31 -44.42
C GLY J 606 -48.05 -30.59 -45.33
N ASN J 607 -48.97 -29.63 -45.46
CA ASN J 607 -50.12 -29.81 -46.36
C ASN J 607 -49.69 -29.88 -47.82
N LEU J 608 -48.80 -28.98 -48.24
CA LEU J 608 -48.27 -29.04 -49.60
C LEU J 608 -47.50 -30.32 -49.83
N GLU J 609 -46.72 -30.76 -48.83
CA GLU J 609 -45.97 -31.99 -48.95
C GLU J 609 -46.88 -33.21 -49.05
N GLU J 610 -48.04 -33.17 -48.39
CA GLU J 610 -48.99 -34.27 -48.53
C GLU J 610 -49.67 -34.26 -49.89
N GLU J 611 -50.13 -33.10 -50.35
CA GLU J 611 -50.88 -33.04 -51.60
C GLU J 611 -50.01 -33.18 -52.83
N ARG J 612 -48.71 -32.91 -52.75
CA ARG J 612 -47.88 -32.95 -53.95
C ARG J 612 -46.52 -33.61 -53.77
N GLY J 613 -46.22 -34.16 -52.60
CA GLY J 613 -44.94 -34.83 -52.40
C GLY J 613 -45.12 -36.20 -51.77
N LEU J 614 -44.40 -36.47 -50.69
CA LEU J 614 -44.47 -37.75 -50.00
C LEU J 614 -44.79 -37.55 -48.52
N ALA J 615 -45.62 -38.48 -48.00
CA ALA J 615 -46.09 -38.39 -46.63
C ALA J 615 -44.99 -38.61 -45.60
N ARG J 616 -43.93 -39.35 -45.95
CA ARG J 616 -42.78 -39.43 -45.04
C ARG J 616 -42.11 -38.07 -44.88
N HIS J 617 -41.99 -37.33 -45.98
CA HIS J 617 -41.46 -35.97 -45.91
C HIS J 617 -42.39 -35.08 -45.12
N ALA J 618 -43.70 -35.25 -45.30
CA ALA J 618 -44.66 -34.48 -44.50
C ALA J 618 -44.52 -34.79 -43.02
N MET J 619 -44.28 -36.05 -42.67
CA MET J 619 -44.10 -36.43 -41.27
C MET J 619 -42.84 -35.82 -40.68
N ARG J 620 -41.74 -35.79 -41.45
CA ARG J 620 -40.55 -35.16 -40.89
C ARG J 620 -40.70 -33.64 -40.79
N ILE J 621 -41.49 -33.05 -41.69
CA ILE J 621 -41.84 -31.64 -41.58
C ILE J 621 -42.63 -31.38 -40.31
N TYR J 622 -43.59 -32.25 -40.00
CA TYR J 622 -44.37 -32.12 -38.78
C TYR J 622 -43.51 -32.36 -37.53
N GLU J 623 -42.49 -33.20 -37.62
CA GLU J 623 -41.60 -33.38 -36.48
C GLU J 623 -40.79 -32.13 -36.21
N ARG J 624 -40.23 -31.52 -37.26
CA ARG J 624 -39.58 -30.22 -37.11
C ARG J 624 -40.55 -29.17 -36.58
N ALA J 625 -41.81 -29.26 -36.98
CA ALA J 625 -42.83 -28.35 -36.48
C ALA J 625 -43.05 -28.52 -34.98
N THR J 626 -43.14 -29.76 -34.51
CA THR J 626 -43.29 -30.01 -33.09
C THR J 626 -42.11 -29.51 -32.30
N ARG J 627 -40.91 -29.54 -32.91
CA ARG J 627 -39.77 -28.94 -32.23
C ARG J 627 -39.83 -27.42 -32.24
N ALA J 628 -40.35 -26.80 -33.30
CA ALA J 628 -40.15 -25.36 -33.51
C ALA J 628 -41.41 -24.50 -33.35
N VAL J 629 -42.52 -25.04 -32.85
CA VAL J 629 -43.67 -24.19 -32.54
C VAL J 629 -43.51 -23.58 -31.16
N ALA J 630 -44.39 -22.64 -30.84
CA ALA J 630 -44.40 -21.99 -29.53
C ALA J 630 -44.82 -22.96 -28.44
N ASP J 631 -44.50 -22.59 -27.20
CA ASP J 631 -44.86 -23.41 -26.05
C ASP J 631 -46.36 -23.47 -25.84
N GLU J 632 -47.09 -22.45 -26.31
CA GLU J 632 -48.54 -22.47 -26.24
C GLU J 632 -49.14 -23.47 -27.20
N ASP J 633 -48.52 -23.67 -28.36
CA ASP J 633 -49.08 -24.52 -29.40
C ASP J 633 -48.35 -25.85 -29.52
N ARG J 634 -47.48 -26.20 -28.58
CA ARG J 634 -46.64 -27.38 -28.77
C ARG J 634 -47.43 -28.67 -28.58
N ALA J 635 -48.29 -28.73 -27.56
CA ALA J 635 -49.13 -29.90 -27.36
C ALA J 635 -50.14 -30.04 -28.50
N ASP J 636 -50.67 -28.91 -28.97
CA ASP J 636 -51.56 -28.93 -30.12
C ASP J 636 -50.85 -29.45 -31.36
N MET J 637 -49.59 -29.05 -31.54
CA MET J 637 -48.84 -29.50 -32.71
C MET J 637 -48.49 -30.98 -32.60
N PHE J 638 -48.18 -31.44 -31.38
CA PHE J 638 -47.93 -32.87 -31.17
C PHE J 638 -49.19 -33.68 -31.46
N ASN J 639 -50.35 -33.19 -31.03
CA ASN J 639 -51.59 -33.89 -31.30
C ASN J 639 -51.92 -33.91 -32.78
N PHE J 640 -51.65 -32.80 -33.49
CA PHE J 640 -51.82 -32.77 -34.93
C PHE J 640 -50.91 -33.79 -35.61
N TYR J 641 -49.65 -33.84 -35.18
CA TYR J 641 -48.69 -34.81 -35.71
C TYR J 641 -49.18 -36.23 -35.46
N ILE J 642 -49.71 -36.49 -34.27
CA ILE J 642 -50.16 -37.84 -33.93
C ILE J 642 -51.36 -38.24 -34.76
N THR J 643 -52.32 -37.32 -34.94
CA THR J 643 -53.51 -37.64 -35.74
C THR J 643 -53.15 -37.90 -37.19
N LYS J 644 -52.29 -37.05 -37.77
CA LYS J 644 -51.93 -37.26 -39.17
C LYS J 644 -51.05 -38.49 -39.35
N SER J 645 -50.19 -38.79 -38.38
CA SER J 645 -49.38 -40.00 -38.46
C SER J 645 -50.23 -41.26 -38.28
N ALA J 646 -51.27 -41.18 -37.45
CA ALA J 646 -52.19 -42.30 -37.33
C ALA J 646 -53.03 -42.49 -38.58
N SER J 647 -53.37 -41.40 -39.26
CA SER J 647 -54.11 -41.53 -40.51
C SER J 647 -53.23 -42.11 -41.61
N ASN J 648 -52.01 -41.58 -41.76
CA ASN J 648 -51.15 -41.98 -42.87
C ASN J 648 -50.34 -43.23 -42.60
N PHE J 649 -50.26 -43.69 -41.35
CA PHE J 649 -49.39 -44.80 -40.98
C PHE J 649 -50.06 -45.55 -39.83
N GLY J 650 -49.28 -46.38 -39.14
CA GLY J 650 -49.81 -47.19 -38.08
C GLY J 650 -49.68 -46.59 -36.69
N LEU J 651 -50.49 -47.11 -35.78
CA LEU J 651 -50.40 -46.70 -34.37
C LEU J 651 -49.09 -47.15 -33.75
N ALA J 652 -48.55 -48.26 -34.21
CA ALA J 652 -47.19 -48.65 -33.83
C ALA J 652 -46.17 -47.62 -34.29
N SER J 653 -46.47 -46.91 -35.38
CA SER J 653 -45.62 -45.81 -35.80
C SER J 653 -45.93 -44.50 -35.09
N THR J 654 -47.10 -44.39 -34.46
CA THR J 654 -47.36 -43.23 -33.63
C THR J 654 -46.85 -43.39 -32.21
N ARG J 655 -46.39 -44.59 -31.85
CA ARG J 655 -45.76 -44.78 -30.54
C ARG J 655 -44.55 -43.87 -30.28
N PRO J 656 -43.54 -43.75 -31.15
CA PRO J 656 -42.37 -42.93 -30.78
C PRO J 656 -42.67 -41.46 -30.70
N ILE J 657 -43.68 -40.98 -31.42
CA ILE J 657 -44.12 -39.60 -31.28
C ILE J 657 -44.66 -39.36 -29.88
N TYR J 658 -45.44 -40.31 -29.36
CA TYR J 658 -45.93 -40.24 -27.99
C TYR J 658 -44.78 -40.24 -26.99
N GLU J 659 -43.78 -41.09 -27.23
CA GLU J 659 -42.63 -41.16 -26.33
C GLU J 659 -41.86 -39.85 -26.30
N ARG J 660 -41.61 -39.26 -27.48
CA ARG J 660 -40.90 -37.99 -27.56
C ARG J 660 -41.70 -36.86 -26.91
N ALA J 661 -43.02 -36.85 -27.13
CA ALA J 661 -43.85 -35.81 -26.56
C ALA J 661 -43.87 -35.87 -25.04
N ILE J 662 -44.02 -37.07 -24.47
CA ILE J 662 -44.03 -37.17 -23.01
C ILE J 662 -42.64 -37.03 -22.43
N ALA J 663 -41.59 -37.13 -23.24
CA ALA J 663 -40.25 -36.82 -22.75
C ALA J 663 -39.94 -35.33 -22.77
N THR J 664 -40.53 -34.58 -23.70
CA THR J 664 -40.16 -33.18 -23.87
C THR J 664 -41.13 -32.17 -23.28
N LEU J 665 -42.42 -32.50 -23.19
CA LEU J 665 -43.45 -31.52 -22.86
C LEU J 665 -43.41 -31.09 -21.39
N PRO J 666 -44.03 -29.97 -21.04
CA PRO J 666 -44.19 -29.60 -19.62
C PRO J 666 -45.08 -30.57 -18.86
N ASP J 667 -45.33 -30.25 -17.59
CA ASP J 667 -45.90 -31.24 -16.66
C ASP J 667 -47.33 -31.63 -17.01
N ASN J 668 -48.22 -30.64 -17.19
CA ASN J 668 -49.62 -30.95 -17.49
C ASN J 668 -49.75 -31.58 -18.86
N GLU J 669 -48.98 -31.07 -19.83
CA GLU J 669 -48.98 -31.62 -21.17
C GLU J 669 -48.50 -33.07 -21.16
N ALA J 670 -47.46 -33.36 -20.37
CA ALA J 670 -46.94 -34.71 -20.28
C ALA J 670 -47.93 -35.64 -19.61
N ARG J 671 -48.67 -35.14 -18.61
CA ARG J 671 -49.71 -35.95 -17.99
C ARG J 671 -50.79 -36.31 -19.00
N ASP J 672 -51.26 -35.32 -19.77
CA ASP J 672 -52.30 -35.58 -20.75
C ASP J 672 -51.83 -36.52 -21.85
N MET J 673 -50.59 -36.34 -22.31
CA MET J 673 -50.08 -37.20 -23.38
C MET J 673 -49.78 -38.60 -22.86
N CYS J 674 -49.37 -38.74 -21.61
CA CYS J 674 -49.22 -40.06 -21.01
C CYS J 674 -50.57 -40.77 -20.92
N LEU J 675 -51.63 -40.03 -20.56
CA LEU J 675 -52.95 -40.64 -20.52
C LEU J 675 -53.41 -41.09 -21.91
N LYS J 676 -53.18 -40.25 -22.93
CA LYS J 676 -53.52 -40.64 -24.30
C LYS J 676 -52.71 -41.84 -24.77
N PHE J 677 -51.42 -41.87 -24.42
CA PHE J 677 -50.53 -42.98 -24.79
C PHE J 677 -50.98 -44.27 -24.13
N ALA J 678 -51.36 -44.21 -22.84
CA ALA J 678 -51.83 -45.39 -22.14
C ALA J 678 -53.15 -45.89 -22.72
N ASP J 679 -54.05 -44.96 -23.08
CA ASP J 679 -55.30 -45.37 -23.72
C ASP J 679 -55.05 -46.04 -25.06
N MET J 680 -54.12 -45.50 -25.85
CA MET J 680 -53.81 -46.10 -27.14
C MET J 680 -53.19 -47.48 -26.98
N GLU J 681 -52.30 -47.64 -26.01
CA GLU J 681 -51.67 -48.94 -25.80
C GLU J 681 -52.65 -49.96 -25.23
N LYS J 682 -53.60 -49.52 -24.40
CA LYS J 682 -54.65 -50.41 -23.93
C LYS J 682 -55.55 -50.84 -25.09
N ARG J 683 -55.87 -49.91 -25.98
CA ARG J 683 -56.66 -50.23 -27.17
C ARG J 683 -55.92 -51.24 -28.06
N LEU J 684 -54.61 -51.09 -28.20
CA LEU J 684 -53.83 -52.09 -28.92
C LEU J 684 -53.74 -53.41 -28.15
N GLY J 685 -53.91 -53.37 -26.84
CA GLY J 685 -53.93 -54.58 -26.04
C GLY J 685 -52.71 -54.83 -25.17
N GLU J 686 -51.75 -53.92 -25.12
CA GLU J 686 -50.54 -54.10 -24.31
C GLU J 686 -50.80 -53.56 -22.92
N ILE J 687 -51.36 -54.43 -22.07
CA ILE J 687 -51.75 -54.05 -20.72
C ILE J 687 -50.54 -53.72 -19.86
N ASP J 688 -49.46 -54.48 -20.03
CA ASP J 688 -48.24 -54.21 -19.27
C ASP J 688 -47.61 -52.88 -19.67
N ARG J 689 -47.61 -52.56 -20.96
CA ARG J 689 -47.10 -51.26 -21.40
C ARG J 689 -47.97 -50.13 -20.89
N ALA J 690 -49.29 -50.30 -20.89
CA ALA J 690 -50.18 -49.30 -20.32
C ALA J 690 -49.93 -49.12 -18.83
N ARG J 691 -49.65 -50.22 -18.13
CA ARG J 691 -49.33 -50.14 -16.71
C ARG J 691 -48.04 -49.37 -16.47
N ALA J 692 -47.03 -49.57 -17.33
CA ALA J 692 -45.78 -48.84 -17.19
C ALA J 692 -45.99 -47.34 -17.44
N ILE J 693 -46.80 -46.99 -18.43
CA ILE J 693 -47.09 -45.59 -18.72
C ILE J 693 -47.83 -44.96 -17.54
N TYR J 694 -48.78 -45.69 -16.96
CA TYR J 694 -49.52 -45.18 -15.81
C TYR J 694 -48.61 -45.03 -14.60
N GLY J 695 -47.63 -45.92 -14.43
CA GLY J 695 -46.68 -45.76 -13.34
C GLY J 695 -45.79 -44.53 -13.49
N HIS J 696 -45.35 -44.27 -14.72
CA HIS J 696 -44.57 -43.07 -15.01
C HIS J 696 -45.37 -41.79 -14.70
N ALA J 697 -46.60 -41.73 -15.22
CA ALA J 697 -47.43 -40.56 -14.94
C ALA J 697 -47.79 -40.47 -13.45
N SER J 698 -47.87 -41.60 -12.76
CA SER J 698 -48.11 -41.59 -11.32
C SER J 698 -46.95 -40.97 -10.58
N GLN J 699 -45.72 -41.28 -11.01
CA GLN J 699 -44.55 -40.60 -10.49
C GLN J 699 -44.67 -39.10 -10.65
N PHE J 700 -45.07 -38.65 -11.84
CA PHE J 700 -45.09 -37.21 -12.07
C PHE J 700 -46.30 -36.49 -11.48
N CYS J 701 -47.37 -37.19 -11.11
CA CYS J 701 -48.63 -36.54 -10.78
C CYS J 701 -48.94 -36.66 -9.29
N ASP J 702 -49.26 -35.53 -8.67
CA ASP J 702 -49.59 -35.45 -7.25
C ASP J 702 -51.08 -35.72 -7.04
N PRO J 703 -51.46 -36.63 -6.13
CA PRO J 703 -52.87 -37.01 -6.00
C PRO J 703 -53.83 -35.89 -5.63
N ARG J 704 -53.43 -34.95 -4.79
CA ARG J 704 -54.37 -33.91 -4.41
C ARG J 704 -54.52 -32.83 -5.47
N THR J 705 -53.82 -32.95 -6.59
CA THR J 705 -54.04 -32.08 -7.74
C THR J 705 -54.36 -32.84 -9.02
N ASN J 706 -54.37 -34.17 -9.00
CA ASN J 706 -54.78 -34.97 -10.16
C ASN J 706 -55.75 -36.10 -9.78
N PRO J 707 -56.94 -35.76 -9.25
CA PRO J 707 -57.88 -36.81 -8.87
C PRO J 707 -58.42 -37.56 -10.07
N GLU J 708 -58.62 -36.89 -11.20
CA GLU J 708 -59.10 -37.56 -12.39
C GLU J 708 -58.06 -38.51 -12.97
N PHE J 709 -56.77 -38.15 -12.89
CA PHE J 709 -55.73 -39.10 -13.30
C PHE J 709 -55.72 -40.34 -12.43
N TRP J 710 -55.81 -40.16 -11.10
CA TRP J 710 -55.80 -41.34 -10.24
C TRP J 710 -57.06 -42.18 -10.41
N ALA J 711 -58.20 -41.52 -10.67
CA ALA J 711 -59.42 -42.26 -10.97
C ALA J 711 -59.31 -43.03 -12.28
N LYS J 712 -58.64 -42.45 -13.28
CA LYS J 712 -58.42 -43.15 -14.54
C LYS J 712 -57.54 -44.38 -14.35
N TRP J 713 -56.50 -44.26 -13.52
CA TRP J 713 -55.67 -45.44 -13.26
C TRP J 713 -56.46 -46.49 -12.47
N GLU J 714 -57.33 -46.05 -11.56
CA GLU J 714 -58.17 -47.01 -10.84
C GLU J 714 -59.13 -47.73 -11.81
N GLN J 715 -59.69 -47.00 -12.77
CA GLN J 715 -60.55 -47.61 -13.78
C GLN J 715 -59.78 -48.63 -14.61
N PHE J 716 -58.55 -48.28 -15.00
CA PHE J 716 -57.73 -49.20 -15.77
C PHE J 716 -57.39 -50.44 -14.96
N GLU J 717 -57.15 -50.28 -13.66
CA GLU J 717 -56.78 -51.43 -12.84
C GLU J 717 -57.97 -52.32 -12.51
N VAL J 718 -59.18 -51.76 -12.44
CA VAL J 718 -60.34 -52.62 -12.22
C VAL J 718 -60.86 -53.22 -13.51
N GLN J 719 -60.52 -52.66 -14.66
CA GLN J 719 -60.87 -53.28 -15.93
C GLN J 719 -59.82 -54.29 -16.39
N HIS J 720 -58.56 -54.08 -16.02
CA HIS J 720 -57.45 -54.96 -16.39
C HIS J 720 -56.52 -55.02 -15.19
N GLY J 721 -56.65 -56.04 -14.37
CA GLY J 721 -55.73 -56.19 -13.26
C GLY J 721 -56.32 -57.06 -12.17
N ASN J 722 -55.52 -57.25 -11.12
CA ASN J 722 -55.89 -58.04 -9.97
C ASN J 722 -55.58 -57.24 -8.71
N GLU J 723 -55.81 -57.88 -7.55
CA GLU J 723 -55.64 -57.15 -6.29
C GLU J 723 -54.18 -56.92 -5.96
N ASP J 724 -53.27 -57.73 -6.50
CA ASP J 724 -51.84 -57.47 -6.29
C ASP J 724 -51.40 -56.21 -7.01
N THR J 725 -51.80 -56.04 -8.27
CA THR J 725 -51.52 -54.79 -8.96
C THR J 725 -52.30 -53.63 -8.36
N PHE J 726 -53.47 -53.90 -7.78
CA PHE J 726 -54.22 -52.83 -7.14
C PHE J 726 -53.53 -52.34 -5.86
N LYS J 727 -53.02 -53.26 -5.04
CA LYS J 727 -52.29 -52.83 -3.85
C LYS J 727 -50.96 -52.20 -4.24
N GLU J 728 -50.36 -52.63 -5.36
CA GLU J 728 -49.19 -51.93 -5.88
C GLU J 728 -49.53 -50.51 -6.28
N MET J 729 -50.69 -50.31 -6.92
CA MET J 729 -51.15 -48.98 -7.27
C MET J 729 -51.35 -48.10 -6.05
N LEU J 730 -51.95 -48.65 -4.99
CA LEU J 730 -52.16 -47.85 -3.78
C LEU J 730 -50.85 -47.60 -3.04
N ARG J 731 -49.91 -48.55 -3.07
CA ARG J 731 -48.58 -48.31 -2.49
C ARG J 731 -47.88 -47.18 -3.23
N VAL J 732 -47.95 -47.17 -4.56
CA VAL J 732 -47.37 -46.10 -5.35
C VAL J 732 -48.08 -44.78 -5.05
N LYS J 733 -49.41 -44.83 -4.88
CA LYS J 733 -50.17 -43.61 -4.61
C LYS J 733 -49.77 -42.96 -3.29
N ARG J 734 -49.66 -43.77 -2.24
CA ARG J 734 -49.26 -43.16 -0.97
C ARG J 734 -47.78 -42.84 -0.91
N SER J 735 -46.94 -43.51 -1.72
CA SER J 735 -45.56 -43.08 -1.84
C SER J 735 -45.45 -41.72 -2.52
N VAL J 736 -46.26 -41.48 -3.54
CA VAL J 736 -46.27 -40.18 -4.22
C VAL J 736 -46.83 -39.11 -3.28
N GLN J 737 -47.82 -39.47 -2.46
CA GLN J 737 -48.29 -38.54 -1.44
C GLN J 737 -47.20 -38.17 -0.45
N ALA J 738 -46.41 -39.16 -0.04
CA ALA J 738 -45.27 -38.88 0.85
C ALA J 738 -44.23 -37.99 0.18
N LYS J 739 -43.96 -38.23 -1.10
CA LYS J 739 -43.00 -37.40 -1.84
C LYS J 739 -43.48 -35.96 -1.93
N TYR J 740 -44.75 -35.76 -2.23
CA TYR J 740 -45.31 -34.42 -2.37
C TYR J 740 -45.76 -33.83 -1.05
N ASN J 741 -45.48 -34.50 0.07
CA ASN J 741 -45.86 -34.01 1.40
C ASN J 741 -44.93 -32.89 1.89
N THR J 742 -44.82 -31.84 1.09
CA THR J 742 -43.96 -30.70 1.43
C THR J 742 -44.77 -29.43 1.56
N ASP J 743 -44.12 -28.41 2.13
CA ASP J 743 -44.75 -27.11 2.34
C ASP J 743 -45.09 -26.44 1.02
N VAL J 744 -44.21 -26.54 0.04
CA VAL J 744 -44.42 -25.92 -1.27
C VAL J 744 -45.64 -26.52 -1.96
N ASN J 745 -45.72 -27.85 -1.98
CA ASN J 745 -46.86 -28.51 -2.58
C ASN J 745 -48.13 -28.27 -1.77
N PHE J 746 -47.99 -28.07 -0.45
CA PHE J 746 -49.14 -27.70 0.36
C PHE J 746 -49.69 -26.33 -0.04
N ILE J 747 -48.78 -25.36 -0.28
CA ILE J 747 -49.21 -24.03 -0.73
C ILE J 747 -49.95 -24.15 -2.05
N ALA J 748 -49.36 -24.89 -3.00
CA ALA J 748 -49.99 -25.03 -4.32
C ALA J 748 -51.35 -25.73 -4.24
N SER J 749 -51.43 -26.80 -3.44
CA SER J 749 -52.67 -27.56 -3.36
C SER J 749 -53.77 -26.79 -2.64
N GLN J 750 -53.43 -26.05 -1.58
CA GLN J 750 -54.44 -25.25 -0.89
C GLN J 750 -54.93 -24.11 -1.77
N ALA J 751 -54.01 -23.49 -2.52
CA ALA J 751 -54.42 -22.45 -3.45
C ALA J 751 -55.35 -22.98 -4.53
N LEU J 752 -55.05 -24.17 -5.06
CA LEU J 752 -55.92 -24.76 -6.07
C LEU J 752 -57.26 -25.18 -5.49
N ALA J 753 -57.25 -25.68 -4.24
CA ALA J 753 -58.49 -26.12 -3.60
C ALA J 753 -59.42 -24.96 -3.31
N ARG J 754 -58.89 -23.83 -2.84
CA ARG J 754 -59.73 -22.68 -2.57
C ARG J 754 -59.85 -21.74 -3.78
N SER J 755 -59.21 -22.06 -4.90
CA SER J 755 -59.54 -21.43 -6.16
C SER J 755 -60.57 -22.21 -6.95
N GLN J 756 -60.73 -23.50 -6.65
CA GLN J 756 -61.76 -24.32 -7.28
C GLN J 756 -62.98 -24.42 -6.38
N ASN K 12 -49.18 -30.42 32.66
CA ASN K 12 -49.86 -30.69 31.39
C ASN K 12 -48.93 -31.41 30.43
N LYS K 13 -49.30 -32.63 30.05
CA LYS K 13 -48.49 -33.45 29.17
C LYS K 13 -49.16 -33.70 27.83
N ALA K 14 -50.22 -32.97 27.51
CA ALA K 14 -50.82 -33.05 26.19
C ALA K 14 -49.90 -32.36 25.18
N PRO K 15 -49.82 -32.86 23.95
CA PRO K 15 -48.88 -32.26 22.98
C PRO K 15 -49.23 -30.83 22.63
N ALA K 16 -48.21 -29.99 22.59
CA ALA K 16 -48.40 -28.57 22.36
C ALA K 16 -48.88 -28.31 20.94
N PRO K 17 -49.75 -27.30 20.74
CA PRO K 17 -50.16 -26.96 19.37
C PRO K 17 -49.02 -26.46 18.50
N ILE K 18 -48.03 -25.80 19.08
CA ILE K 18 -46.89 -25.24 18.36
C ILE K 18 -45.66 -26.02 18.78
N GLN K 19 -44.96 -26.59 17.81
CA GLN K 19 -43.72 -27.32 18.05
C GLN K 19 -42.55 -26.47 17.59
N ILE K 20 -41.57 -26.28 18.48
CA ILE K 20 -40.38 -25.48 18.16
C ILE K 20 -39.62 -26.11 17.00
N SER K 21 -38.85 -25.28 16.30
CA SER K 21 -37.97 -25.75 15.24
C SER K 21 -36.63 -25.03 15.33
N ALA K 22 -35.65 -25.60 14.62
CA ALA K 22 -34.31 -25.06 14.65
C ALA K 22 -34.25 -23.67 14.04
N GLU K 23 -35.04 -23.43 12.99
CA GLU K 23 -35.09 -22.11 12.38
C GLU K 23 -35.75 -21.09 13.29
N GLN K 24 -36.74 -21.51 14.08
CA GLN K 24 -37.32 -20.62 15.08
C GLN K 24 -36.30 -20.27 16.15
N LEU K 25 -35.49 -21.24 16.56
CA LEU K 25 -34.40 -20.98 17.50
C LEU K 25 -33.40 -19.98 16.93
N LEU K 26 -33.03 -20.14 15.66
CA LEU K 26 -32.10 -19.21 15.03
C LEU K 26 -32.69 -17.81 14.93
N ARG K 27 -33.97 -17.70 14.59
CA ARG K 27 -34.62 -16.41 14.53
C ARG K 27 -34.64 -15.73 15.89
N GLU K 28 -34.91 -16.49 16.94
CA GLU K 28 -34.90 -15.93 18.28
C GLU K 28 -33.49 -15.51 18.70
N ALA K 29 -32.46 -16.27 18.30
CA ALA K 29 -31.08 -15.88 18.62
C ALA K 29 -30.69 -14.58 17.91
N VAL K 30 -31.09 -14.44 16.64
CA VAL K 30 -30.89 -13.18 15.92
C VAL K 30 -31.62 -12.05 16.62
N ASP K 31 -32.84 -12.29 17.08
CA ASP K 31 -33.61 -11.24 17.77
C ASP K 31 -32.94 -10.81 19.07
N ARG K 32 -32.42 -11.77 19.83
CA ARG K 32 -31.72 -11.47 21.07
C ARG K 32 -30.31 -10.95 20.84
N GLN K 33 -29.80 -11.00 19.62
CA GLN K 33 -28.50 -10.43 19.30
C GLN K 33 -28.49 -8.91 19.42
N GLN K 42 -19.64 13.71 15.45
CA GLN K 42 -19.05 14.64 16.41
C GLN K 42 -19.57 16.05 16.19
N ARG K 43 -19.27 16.93 17.15
CA ARG K 43 -19.52 18.37 17.02
C ARG K 43 -18.23 19.05 17.47
N PHE K 44 -17.29 19.27 16.55
CA PHE K 44 -16.05 19.95 16.92
C PHE K 44 -16.31 21.42 17.18
N ALA K 45 -15.76 21.93 18.27
CA ALA K 45 -15.91 23.34 18.62
C ALA K 45 -14.64 24.14 18.40
N ASP K 46 -13.55 23.50 17.99
CA ASP K 46 -12.26 24.18 17.97
C ASP K 46 -11.32 23.43 17.03
N LEU K 47 -10.32 24.17 16.54
CA LEU K 47 -9.26 23.54 15.76
C LEU K 47 -8.48 22.52 16.58
N GLU K 48 -8.37 22.72 17.89
CA GLU K 48 -7.66 21.75 18.72
C GLU K 48 -8.42 20.43 18.82
N GLU K 49 -9.75 20.49 18.98
CA GLU K 49 -10.54 19.26 18.97
C GLU K 49 -10.50 18.60 17.60
N LEU K 50 -10.52 19.41 16.53
CA LEU K 50 -10.42 18.85 15.19
C LEU K 50 -9.10 18.13 14.99
N LYS K 51 -7.99 18.75 15.41
CA LYS K 51 -6.68 18.12 15.24
C LYS K 51 -6.54 16.88 16.10
N GLU K 52 -7.15 16.87 17.28
CA GLU K 52 -7.13 15.66 18.10
C GLU K 52 -7.84 14.51 17.40
N TYR K 53 -9.05 14.77 16.89
CA TYR K 53 -9.81 13.76 16.18
C TYR K 53 -9.08 13.30 14.93
N GLN K 54 -8.49 14.24 14.20
CA GLN K 54 -7.79 13.93 12.97
C GLN K 54 -6.56 13.08 13.23
N GLY K 55 -5.83 13.35 14.32
CA GLY K 55 -4.70 12.53 14.67
C GLY K 55 -5.10 11.12 15.06
N ARG K 56 -6.22 11.00 15.78
CA ARG K 56 -6.73 9.67 16.14
C ARG K 56 -7.10 8.86 14.90
N LYS K 57 -7.80 9.50 13.96
CA LYS K 57 -8.22 8.81 12.74
C LYS K 57 -7.02 8.44 11.88
N ARG K 58 -6.06 9.36 11.75
CA ARG K 58 -4.85 9.09 11.00
C ARG K 58 -4.06 7.94 11.60
N ARG K 59 -4.01 7.85 12.93
CA ARG K 59 -3.34 6.73 13.56
C ARG K 59 -4.04 5.41 13.27
N GLU K 60 -5.37 5.37 13.36
CA GLU K 60 -6.05 4.09 13.09
C GLU K 60 -5.91 3.67 11.62
N PHE K 61 -5.95 4.64 10.71
CA PHE K 61 -5.77 4.33 9.29
C PHE K 61 -4.39 3.78 9.03
N GLU K 62 -3.35 4.42 9.58
CA GLU K 62 -2.04 3.88 9.28
C GLU K 62 -1.70 2.63 10.06
N ASP K 63 -2.36 2.36 11.18
CA ASP K 63 -2.24 1.04 11.78
C ASP K 63 -2.79 -0.04 10.88
N TYR K 64 -3.90 0.21 10.20
CA TYR K 64 -4.38 -0.81 9.28
C TYR K 64 -3.56 -0.92 8.00
N ILE K 65 -2.97 0.17 7.53
CA ILE K 65 -2.03 0.04 6.41
C ILE K 65 -0.78 -0.78 6.79
N ARG K 66 -0.20 -0.56 7.99
CA ARG K 66 0.90 -1.41 8.43
C ARG K 66 0.50 -2.87 8.62
N ARG K 67 -0.69 -3.16 9.13
CA ARG K 67 -1.08 -4.56 9.23
C ARG K 67 -1.28 -5.20 7.86
N ASN K 68 -1.99 -4.54 6.95
CA ASN K 68 -2.25 -5.12 5.63
C ASN K 68 -2.19 -4.02 4.57
N ARG K 69 -0.99 -3.78 4.05
CA ARG K 69 -0.82 -2.83 2.97
C ARG K 69 -1.41 -3.31 1.66
N LEU K 70 -1.61 -4.61 1.51
CA LEU K 70 -2.13 -5.17 0.27
C LEU K 70 -3.63 -4.99 0.12
N ARG K 71 -4.30 -4.40 1.09
CA ARG K 71 -5.74 -4.21 1.03
C ARG K 71 -6.05 -2.80 0.51
N LEU K 72 -6.60 -2.79 -0.71
CA LEU K 72 -6.98 -1.53 -1.36
C LEU K 72 -7.97 -0.75 -0.53
N GLN K 73 -8.92 -1.42 0.14
CA GLN K 73 -9.91 -0.71 0.94
C GLN K 73 -9.27 0.08 2.08
N ASN K 74 -8.19 -0.45 2.66
CA ASN K 74 -7.43 0.30 3.66
C ASN K 74 -6.91 1.59 3.08
N TRP K 75 -6.23 1.49 1.94
CA TRP K 75 -5.76 2.71 1.26
C TRP K 75 -6.92 3.63 0.84
N PHE K 76 -8.00 3.06 0.32
CA PHE K 76 -9.11 3.83 -0.26
C PHE K 76 -9.84 4.63 0.79
N GLN K 77 -10.16 4.00 1.91
CA GLN K 77 -10.86 4.69 2.99
C GLN K 77 -10.00 5.76 3.61
N TYR K 78 -8.68 5.52 3.75
CA TYR K 78 -7.80 6.58 4.24
C TYR K 78 -7.81 7.80 3.32
N ALA K 79 -7.67 7.58 2.00
CA ALA K 79 -7.59 8.71 1.08
C ALA K 79 -8.92 9.45 0.98
N GLN K 80 -10.03 8.71 1.00
CA GLN K 80 -11.34 9.35 0.96
C GLN K 80 -11.61 10.18 2.21
N TRP K 81 -11.16 9.71 3.38
CA TRP K 81 -11.31 10.51 4.58
C TRP K 81 -10.48 11.80 4.51
N GLU K 82 -9.24 11.74 4.01
CA GLU K 82 -8.47 12.98 3.88
C GLU K 82 -9.09 13.94 2.87
N LEU K 83 -9.68 13.41 1.80
CA LEU K 83 -10.38 14.28 0.85
C LEU K 83 -11.56 14.95 1.51
N GLU K 84 -12.28 14.21 2.37
CA GLU K 84 -13.37 14.80 3.13
C GLU K 84 -12.89 15.86 4.12
N GLN K 85 -11.67 15.72 4.64
CA GLN K 85 -11.08 16.77 5.47
C GLN K 85 -10.44 17.88 4.66
N LYS K 86 -10.48 17.80 3.33
CA LYS K 86 -9.93 18.81 2.41
C LYS K 86 -8.42 18.92 2.52
N GLU K 87 -7.78 17.83 2.91
CA GLU K 87 -6.33 17.71 2.89
C GLU K 87 -5.98 17.04 1.57
N PHE K 88 -5.84 17.85 0.52
CA PHE K 88 -5.57 17.29 -0.79
C PHE K 88 -4.14 16.81 -0.93
N ALA K 89 -3.19 17.49 -0.30
CA ALA K 89 -1.82 17.00 -0.30
C ALA K 89 -1.71 15.67 0.43
N ARG K 90 -2.42 15.53 1.55
CA ARG K 90 -2.39 14.28 2.30
C ARG K 90 -3.07 13.15 1.55
N ALA K 91 -4.22 13.42 0.93
CA ALA K 91 -4.89 12.39 0.13
C ALA K 91 -4.07 11.99 -1.08
N ARG K 92 -3.42 12.96 -1.73
CA ARG K 92 -2.52 12.66 -2.84
C ARG K 92 -1.38 11.77 -2.39
N SER K 93 -0.79 12.07 -1.25
CA SER K 93 0.31 11.26 -0.74
C SER K 93 -0.14 9.84 -0.44
N ILE K 94 -1.34 9.68 0.12
CA ILE K 94 -1.87 8.33 0.35
C ILE K 94 -2.07 7.60 -0.97
N PHE K 95 -2.62 8.28 -1.97
CA PHE K 95 -2.81 7.65 -3.28
C PHE K 95 -1.48 7.24 -3.91
N GLU K 96 -0.44 8.06 -3.75
CA GLU K 96 0.85 7.72 -4.31
C GLU K 96 1.56 6.59 -3.57
N ARG K 97 1.41 6.53 -2.24
CA ARG K 97 1.95 5.39 -1.51
C ARG K 97 1.21 4.11 -1.86
N ALA K 98 -0.09 4.21 -2.08
CA ALA K 98 -0.87 3.08 -2.58
C ALA K 98 -0.41 2.66 -3.97
N LEU K 99 -0.07 3.62 -4.82
CA LEU K 99 0.49 3.29 -6.12
C LEU K 99 1.88 2.67 -6.03
N ASP K 100 2.64 2.99 -4.98
CA ASP K 100 3.89 2.28 -4.77
C ASP K 100 3.65 0.82 -4.41
N VAL K 101 2.59 0.53 -3.68
CA VAL K 101 2.31 -0.85 -3.34
C VAL K 101 1.60 -1.58 -4.49
N HIS K 102 0.72 -0.90 -5.22
CA HIS K 102 -0.08 -1.50 -6.30
C HIS K 102 0.12 -0.71 -7.59
N PRO K 103 1.29 -0.83 -8.22
CA PRO K 103 1.61 0.04 -9.35
C PRO K 103 0.72 -0.12 -10.57
N ASN K 104 0.11 -1.28 -10.75
CA ASN K 104 -0.57 -1.63 -11.98
C ASN K 104 -2.05 -1.86 -11.75
N ASN K 105 -2.63 -1.22 -10.75
CA ASN K 105 -4.01 -1.46 -10.34
C ASN K 105 -4.94 -0.43 -10.98
N THR K 106 -5.82 -0.90 -11.87
CA THR K 106 -6.71 -0.02 -12.63
C THR K 106 -7.69 0.70 -11.73
N GLN K 107 -8.26 -0.01 -10.74
CA GLN K 107 -9.22 0.57 -9.82
C GLN K 107 -8.60 1.71 -9.01
N LEU K 108 -7.37 1.51 -8.56
CA LEU K 108 -6.66 2.53 -7.81
C LEU K 108 -6.35 3.75 -8.66
N TRP K 109 -5.90 3.54 -9.91
CA TRP K 109 -5.62 4.65 -10.80
C TRP K 109 -6.88 5.47 -11.06
N ILE K 110 -8.02 4.78 -11.23
CA ILE K 110 -9.28 5.47 -11.46
C ILE K 110 -9.72 6.26 -10.24
N ARG K 111 -9.56 5.69 -9.03
CA ARG K 111 -9.91 6.42 -7.81
C ARG K 111 -9.12 7.71 -7.68
N TYR K 112 -7.80 7.64 -7.89
CA TYR K 112 -6.97 8.83 -7.80
C TYR K 112 -7.37 9.88 -8.84
N ILE K 113 -7.54 9.45 -10.09
CA ILE K 113 -7.91 10.38 -11.16
C ILE K 113 -9.25 11.03 -10.86
N GLU K 114 -10.19 10.25 -10.34
CA GLU K 114 -11.53 10.77 -10.07
C GLU K 114 -11.54 11.68 -8.86
N ALA K 115 -10.70 11.42 -7.86
CA ALA K 115 -10.59 12.36 -6.74
C ALA K 115 -10.12 13.72 -7.23
N GLU K 116 -9.12 13.75 -8.12
CA GLU K 116 -8.69 15.04 -8.67
C GLU K 116 -9.77 15.71 -9.50
N LEU K 117 -10.45 14.95 -10.35
CA LEU K 117 -11.48 15.52 -11.21
C LEU K 117 -12.68 16.00 -10.41
N LYS K 118 -13.07 15.27 -9.37
CA LYS K 118 -14.21 15.67 -8.54
C LYS K 118 -13.90 16.95 -7.80
N ASN K 119 -12.67 17.11 -7.33
CA ASN K 119 -12.29 18.33 -6.64
C ASN K 119 -11.72 19.38 -7.57
N ARG K 120 -11.90 19.20 -8.89
CA ARG K 120 -11.66 20.19 -9.94
C ARG K 120 -10.19 20.46 -10.18
N ASN K 121 -9.32 19.55 -9.75
CA ASN K 121 -7.88 19.67 -10.02
C ASN K 121 -7.62 19.04 -11.39
N ILE K 122 -8.00 19.79 -12.43
CA ILE K 122 -7.99 19.29 -13.80
C ILE K 122 -6.57 19.00 -14.26
N ASN K 123 -5.61 19.84 -13.89
CA ASN K 123 -4.24 19.65 -14.36
C ASN K 123 -3.57 18.48 -13.64
N HIS K 124 -3.80 18.36 -12.33
CA HIS K 124 -3.42 17.17 -11.59
C HIS K 124 -4.00 15.91 -12.21
N ALA K 125 -5.27 15.98 -12.61
CA ALA K 125 -5.95 14.81 -13.15
C ALA K 125 -5.41 14.44 -14.52
N ARG K 126 -5.10 15.42 -15.36
CA ARG K 126 -4.53 15.12 -16.67
C ARG K 126 -3.11 14.59 -16.56
N ASN K 127 -2.36 15.05 -15.56
CA ASN K 127 -1.05 14.46 -15.30
C ASN K 127 -1.18 13.01 -14.88
N LEU K 128 -2.18 12.71 -14.05
CA LEU K 128 -2.46 11.34 -13.67
C LEU K 128 -2.90 10.49 -14.84
N LEU K 129 -3.69 11.06 -15.75
CA LEU K 129 -4.15 10.32 -16.91
C LEU K 129 -3.00 10.00 -17.87
N ASP K 130 -2.09 10.94 -18.10
CA ASP K 130 -0.88 10.62 -18.86
C ASP K 130 -0.03 9.57 -18.17
N ARG K 131 0.13 9.68 -16.85
CA ARG K 131 0.90 8.70 -16.11
C ARG K 131 0.27 7.32 -16.20
N ALA K 132 -1.07 7.25 -16.09
CA ALA K 132 -1.77 5.97 -16.07
C ALA K 132 -1.74 5.30 -17.43
N VAL K 133 -1.96 6.04 -18.53
CA VAL K 133 -1.88 5.38 -19.84
C VAL K 133 -0.45 5.15 -20.29
N THR K 134 0.53 5.80 -19.66
CA THR K 134 1.91 5.37 -19.83
C THR K 134 2.18 4.06 -19.11
N ARG K 135 1.71 3.97 -17.86
CA ARG K 135 1.91 2.78 -17.04
C ARG K 135 1.20 1.57 -17.61
N LEU K 136 -0.04 1.74 -18.07
CA LEU K 136 -0.89 0.63 -18.50
C LEU K 136 -1.45 0.90 -19.88
N PRO K 137 -0.63 0.80 -20.96
CA PRO K 137 -1.11 1.14 -22.27
C PRO K 137 -2.00 0.11 -22.97
N ARG K 138 -2.25 -1.02 -22.35
CA ARG K 138 -3.17 -2.00 -22.96
C ARG K 138 -4.40 -2.13 -22.10
N VAL K 139 -4.60 -1.22 -21.15
CA VAL K 139 -5.86 -1.19 -20.36
C VAL K 139 -6.71 -0.11 -21.00
N SER K 140 -7.67 -0.49 -21.81
CA SER K 140 -8.55 0.37 -22.57
C SER K 140 -9.49 1.17 -21.69
N LYS K 141 -9.71 0.73 -20.44
CA LYS K 141 -10.48 1.55 -19.51
C LYS K 141 -9.83 2.90 -19.26
N LEU K 142 -8.51 2.92 -19.06
CA LEU K 142 -7.84 4.18 -18.81
C LEU K 142 -7.82 5.03 -20.06
N TRP K 143 -7.63 4.40 -21.22
CA TRP K 143 -7.73 5.20 -22.44
C TRP K 143 -9.13 5.79 -22.68
N TYR K 144 -10.18 5.01 -22.41
CA TYR K 144 -11.56 5.49 -22.57
C TYR K 144 -11.88 6.60 -21.59
N LYS K 145 -11.40 6.48 -20.35
CA LYS K 145 -11.60 7.54 -19.37
C LYS K 145 -10.91 8.82 -19.82
N TYR K 146 -9.72 8.71 -20.40
CA TYR K 146 -9.00 9.91 -20.80
C TYR K 146 -9.68 10.60 -21.99
N VAL K 147 -10.11 9.84 -23.00
CA VAL K 147 -10.80 10.47 -24.14
C VAL K 147 -12.15 11.05 -23.70
N TYR K 148 -12.82 10.38 -22.77
CA TYR K 148 -14.10 10.88 -22.28
C TYR K 148 -13.92 12.17 -21.50
N VAL K 149 -12.87 12.25 -20.70
CA VAL K 149 -12.63 13.44 -19.90
C VAL K 149 -12.30 14.62 -20.80
N MET K 150 -11.49 14.41 -21.83
CA MET K 150 -11.19 15.53 -22.72
C MET K 150 -12.40 15.98 -23.52
N GLU K 151 -13.27 15.04 -23.90
CA GLU K 151 -14.48 15.47 -24.59
C GLU K 151 -15.45 16.19 -23.66
N MET K 152 -15.52 15.80 -22.39
CA MET K 152 -16.28 16.58 -21.41
C MET K 152 -15.72 17.97 -21.23
N LEU K 153 -14.39 18.09 -21.16
CA LEU K 153 -13.76 19.40 -21.04
C LEU K 153 -13.87 20.22 -22.31
N GLY K 154 -14.28 19.62 -23.42
CA GLY K 154 -14.53 20.38 -24.61
C GLY K 154 -13.32 20.61 -25.47
N ASP K 155 -12.19 19.99 -25.13
CA ASP K 155 -10.98 20.04 -25.94
C ASP K 155 -11.08 18.92 -26.95
N ILE K 156 -11.66 19.21 -28.10
CA ILE K 156 -11.78 18.20 -29.15
C ILE K 156 -10.42 17.95 -29.80
N PRO K 157 -9.56 18.96 -30.01
CA PRO K 157 -8.15 18.62 -30.32
C PRO K 157 -7.44 17.80 -29.26
N GLY K 158 -7.71 18.05 -27.97
CA GLY K 158 -7.12 17.22 -26.95
C GLY K 158 -7.62 15.79 -26.99
N THR K 159 -8.91 15.61 -27.30
CA THR K 159 -9.49 14.28 -27.48
C THR K 159 -8.83 13.57 -28.65
N ARG K 160 -8.63 14.29 -29.75
CA ARG K 160 -7.91 13.73 -30.90
C ARG K 160 -6.47 13.38 -30.55
N GLN K 161 -5.84 14.15 -29.68
CA GLN K 161 -4.47 13.86 -29.27
C GLN K 161 -4.40 12.54 -28.50
N VAL K 162 -5.28 12.39 -27.52
CA VAL K 162 -5.31 11.14 -26.74
C VAL K 162 -5.63 9.96 -27.64
N PHE K 163 -6.58 10.13 -28.55
CA PHE K 163 -6.90 9.03 -29.47
C PHE K 163 -5.74 8.68 -30.39
N ASP K 164 -4.98 9.69 -30.83
CA ASP K 164 -3.83 9.42 -31.69
C ASP K 164 -2.75 8.64 -30.97
N ARG K 165 -2.49 8.97 -29.71
CA ARG K 165 -1.56 8.19 -28.92
C ARG K 165 -2.04 6.75 -28.72
N TRP K 166 -3.34 6.58 -28.47
CA TRP K 166 -3.92 5.25 -28.35
C TRP K 166 -3.74 4.44 -29.64
N MET K 167 -3.97 5.08 -30.79
CA MET K 167 -3.87 4.37 -32.05
C MET K 167 -2.44 3.97 -32.34
N LYS K 168 -1.48 4.79 -31.89
CA LYS K 168 -0.08 4.37 -31.92
C LYS K 168 0.11 3.09 -31.13
N TRP K 169 -0.59 2.95 -30.01
CA TRP K 169 -0.49 1.67 -29.31
C TRP K 169 -1.23 0.53 -29.99
N GLU K 170 -1.96 0.81 -31.06
CA GLU K 170 -2.66 -0.16 -31.92
C GLU K 170 -3.70 -0.95 -31.17
N PRO K 171 -4.72 -0.30 -30.66
CA PRO K 171 -5.68 -0.98 -29.80
C PRO K 171 -6.63 -1.87 -30.57
N ASP K 172 -7.68 -2.29 -29.91
CA ASP K 172 -8.63 -3.15 -30.57
C ASP K 172 -9.66 -2.35 -31.36
N GLU K 173 -10.51 -3.13 -32.00
CA GLU K 173 -11.49 -2.60 -32.95
C GLU K 173 -12.44 -1.63 -32.28
N ASP K 174 -12.75 -1.83 -31.00
CA ASP K 174 -13.65 -0.90 -30.32
C ASP K 174 -13.06 0.49 -30.19
N ALA K 175 -11.74 0.60 -30.03
CA ALA K 175 -11.11 1.92 -29.94
C ALA K 175 -11.04 2.58 -31.30
N TRP K 176 -10.75 1.82 -32.35
CA TRP K 176 -10.81 2.38 -33.71
C TRP K 176 -12.23 2.85 -34.05
N ASN K 177 -13.24 2.08 -33.68
CA ASN K 177 -14.63 2.47 -33.89
C ASN K 177 -14.98 3.73 -33.11
N ALA K 178 -14.51 3.83 -31.87
CA ALA K 178 -14.82 5.00 -31.06
C ALA K 178 -14.22 6.26 -31.66
N TYR K 179 -13.04 6.14 -32.26
CA TYR K 179 -12.44 7.33 -32.85
C TYR K 179 -13.07 7.72 -34.19
N ILE K 180 -13.48 6.73 -34.98
CA ILE K 180 -14.32 7.01 -36.14
C ILE K 180 -15.61 7.71 -35.73
N LYS K 181 -16.23 7.26 -34.63
CA LYS K 181 -17.49 7.85 -34.21
C LYS K 181 -17.30 9.24 -33.63
N LEU K 182 -16.14 9.53 -33.04
CA LEU K 182 -15.82 10.90 -32.64
C LEU K 182 -15.81 11.84 -33.85
N GLU K 183 -15.09 11.44 -34.91
CA GLU K 183 -15.04 12.31 -36.08
C GLU K 183 -16.38 12.41 -36.78
N LYS K 184 -17.19 11.36 -36.75
CA LYS K 184 -18.54 11.46 -37.32
C LYS K 184 -19.44 12.33 -36.47
N ARG K 185 -19.27 12.31 -35.14
CA ARG K 185 -20.01 13.20 -34.25
C ARG K 185 -19.75 14.65 -34.60
N TYR K 186 -18.50 15.00 -34.86
CA TYR K 186 -18.17 16.39 -35.12
C TYR K 186 -18.10 16.75 -36.59
N GLY K 187 -18.43 15.82 -37.48
CA GLY K 187 -18.66 16.16 -38.86
C GLY K 187 -17.47 16.01 -39.78
N GLU K 188 -16.37 15.41 -39.33
CA GLU K 188 -15.19 15.29 -40.18
C GLU K 188 -15.15 13.92 -40.81
N TYR K 189 -15.89 13.78 -41.91
CA TYR K 189 -16.00 12.51 -42.59
C TYR K 189 -14.72 12.14 -43.32
N GLU K 190 -13.94 13.12 -43.75
CA GLU K 190 -12.64 12.80 -44.35
C GLU K 190 -11.66 12.30 -43.29
N ARG K 191 -11.73 12.86 -42.09
CA ARG K 191 -10.88 12.38 -41.00
C ARG K 191 -11.28 10.96 -40.60
N ALA K 192 -12.57 10.65 -40.59
CA ALA K 192 -13.03 9.28 -40.36
C ALA K 192 -12.61 8.33 -41.48
N ARG K 193 -12.57 8.82 -42.72
CA ARG K 193 -12.04 8.04 -43.84
C ARG K 193 -10.57 7.68 -43.61
N GLN K 194 -9.78 8.64 -43.13
CA GLN K 194 -8.39 8.37 -42.81
C GLN K 194 -8.27 7.32 -41.70
N ILE K 195 -9.16 7.38 -40.72
CA ILE K 195 -9.11 6.40 -39.65
C ILE K 195 -9.45 5.00 -40.16
N PHE K 196 -10.41 4.87 -41.09
CA PHE K 196 -10.60 3.57 -41.73
C PHE K 196 -9.40 3.09 -42.52
N ALA K 197 -8.65 3.99 -43.16
CA ALA K 197 -7.42 3.55 -43.82
C ALA K 197 -6.46 2.89 -42.83
N ALA K 198 -6.21 3.58 -41.72
CA ALA K 198 -5.33 3.00 -40.68
C ALA K 198 -5.95 1.75 -40.04
N TYR K 199 -7.27 1.77 -39.85
CA TYR K 199 -8.00 0.69 -39.22
C TYR K 199 -7.93 -0.59 -40.04
N THR K 200 -8.07 -0.49 -41.36
CA THR K 200 -7.93 -1.68 -42.18
C THR K 200 -6.49 -2.14 -42.25
N GLN K 201 -5.52 -1.24 -42.06
CA GLN K 201 -4.15 -1.73 -41.96
C GLN K 201 -3.92 -2.53 -40.69
N VAL K 202 -4.51 -2.12 -39.57
CA VAL K 202 -4.24 -2.83 -38.32
C VAL K 202 -5.14 -4.05 -38.15
N HIS K 203 -6.41 -3.96 -38.55
CA HIS K 203 -7.40 -5.03 -38.37
C HIS K 203 -7.99 -5.35 -39.74
N PRO K 204 -7.29 -6.12 -40.56
CA PRO K 204 -7.70 -6.29 -41.96
C PRO K 204 -8.82 -7.29 -42.17
N GLU K 205 -9.57 -7.62 -41.13
CA GLU K 205 -10.66 -8.55 -41.26
C GLU K 205 -11.80 -8.00 -42.11
N PRO K 206 -12.58 -8.93 -42.71
CA PRO K 206 -13.81 -8.55 -43.40
C PRO K 206 -14.74 -7.66 -42.63
N ARG K 207 -14.82 -7.82 -41.30
CA ARG K 207 -15.66 -6.97 -40.47
C ARG K 207 -15.31 -5.49 -40.65
N THR K 208 -14.03 -5.17 -40.58
CA THR K 208 -13.62 -3.77 -40.65
C THR K 208 -13.73 -3.23 -42.07
N TRP K 209 -13.45 -4.09 -43.07
CA TRP K 209 -13.66 -3.64 -44.45
C TRP K 209 -15.13 -3.35 -44.73
N LEU K 210 -16.03 -4.19 -44.22
CA LEU K 210 -17.46 -3.95 -44.42
C LEU K 210 -17.95 -2.73 -43.66
N LYS K 211 -17.38 -2.45 -42.50
CA LYS K 211 -17.68 -1.20 -41.80
C LYS K 211 -17.27 0.01 -42.63
N TRP K 212 -16.10 -0.06 -43.27
CA TRP K 212 -15.68 1.03 -44.15
C TRP K 212 -16.62 1.18 -45.34
N ALA K 213 -17.07 0.06 -45.90
CA ALA K 213 -17.95 0.12 -47.06
C ALA K 213 -19.31 0.71 -46.70
N LYS K 214 -19.84 0.37 -45.52
CA LYS K 214 -21.08 0.97 -45.07
C LYS K 214 -20.90 2.46 -44.79
N PHE K 215 -19.74 2.85 -44.24
CA PHE K 215 -19.43 4.26 -44.05
C PHE K 215 -19.45 5.00 -45.36
N GLU K 216 -18.83 4.45 -46.40
CA GLU K 216 -18.76 5.15 -47.66
C GLU K 216 -20.10 5.16 -48.37
N GLU K 217 -20.92 4.14 -48.15
CA GLU K 217 -22.28 4.19 -48.68
C GLU K 217 -23.09 5.30 -48.04
N GLU K 218 -22.83 5.62 -46.78
CA GLU K 218 -23.58 6.73 -46.19
C GLU K 218 -22.97 8.09 -46.49
N PHE K 219 -21.64 8.21 -46.46
CA PHE K 219 -20.98 9.51 -46.45
C PHE K 219 -20.07 9.75 -47.64
N GLY K 220 -20.10 8.90 -48.64
CA GLY K 220 -19.17 9.03 -49.75
C GLY K 220 -19.89 8.98 -51.09
N THR K 221 -19.24 8.35 -52.05
CA THR K 221 -19.80 8.13 -53.37
C THR K 221 -19.76 6.63 -53.68
N ALA K 222 -20.59 6.23 -54.64
CA ALA K 222 -20.66 4.82 -55.02
C ALA K 222 -19.34 4.34 -55.61
N ASP K 223 -18.59 5.24 -56.24
CA ASP K 223 -17.25 4.89 -56.71
C ASP K 223 -16.33 4.55 -55.56
N MET K 224 -16.41 5.30 -54.44
CA MET K 224 -15.57 4.95 -53.31
C MET K 224 -16.07 3.71 -52.57
N VAL K 225 -17.37 3.45 -52.56
CA VAL K 225 -17.83 2.16 -52.04
C VAL K 225 -17.27 1.02 -52.86
N ARG K 226 -17.27 1.16 -54.18
CA ARG K 226 -16.71 0.14 -55.05
C ARG K 226 -15.22 0.00 -54.85
N ASP K 227 -14.50 1.11 -54.65
CA ASP K 227 -13.08 1.04 -54.39
C ASP K 227 -12.77 0.33 -53.08
N VAL K 228 -13.58 0.58 -52.05
CA VAL K 228 -13.41 -0.11 -50.77
C VAL K 228 -13.63 -1.60 -50.93
N PHE K 229 -14.66 -1.99 -51.68
CA PHE K 229 -14.92 -3.41 -51.87
C PHE K 229 -13.83 -4.09 -52.68
N GLN K 230 -13.37 -3.46 -53.76
CA GLN K 230 -12.30 -4.02 -54.58
C GLN K 230 -11.00 -4.11 -53.78
N SER K 231 -10.69 -3.09 -52.98
CA SER K 231 -9.50 -3.13 -52.15
C SER K 231 -9.57 -4.23 -51.10
N ALA K 232 -10.76 -4.47 -50.55
CA ALA K 232 -10.91 -5.56 -49.58
C ALA K 232 -10.69 -6.91 -50.23
N ILE K 233 -11.29 -7.14 -51.41
CA ILE K 233 -11.10 -8.39 -52.13
C ILE K 233 -9.62 -8.60 -52.45
N GLN K 234 -8.97 -7.55 -52.97
CA GLN K 234 -7.57 -7.65 -53.36
C GLN K 234 -6.66 -7.88 -52.16
N TYR K 235 -6.89 -7.15 -51.07
CA TYR K 235 -6.03 -7.27 -49.89
C TYR K 235 -6.12 -8.67 -49.28
N ILE K 236 -7.35 -9.14 -49.06
CA ILE K 236 -7.50 -10.45 -48.45
C ILE K 236 -7.03 -11.55 -49.40
N ALA K 237 -7.13 -11.32 -50.71
CA ALA K 237 -6.57 -12.27 -51.66
C ALA K 237 -5.05 -12.34 -51.56
N GLU K 238 -4.39 -11.18 -51.63
CA GLU K 238 -2.93 -11.14 -51.62
C GLU K 238 -2.32 -11.57 -50.30
N THR K 239 -3.08 -11.49 -49.21
CA THR K 239 -2.55 -11.95 -47.92
C THR K 239 -2.92 -13.40 -47.64
N LEU K 240 -4.20 -13.70 -47.60
CA LEU K 240 -4.66 -15.00 -47.13
C LEU K 240 -4.78 -16.05 -48.23
N GLY K 241 -4.69 -15.66 -49.49
CA GLY K 241 -4.91 -16.58 -50.58
C GLY K 241 -6.26 -16.36 -51.26
N ASP K 242 -6.34 -16.85 -52.50
CA ASP K 242 -7.50 -16.56 -53.34
C ASP K 242 -8.75 -17.33 -52.94
N ASP K 243 -8.62 -18.44 -52.22
CA ASP K 243 -9.80 -19.15 -51.75
C ASP K 243 -10.25 -18.71 -50.37
N ALA K 244 -9.51 -17.79 -49.73
CA ALA K 244 -9.85 -17.32 -48.40
C ALA K 244 -10.54 -15.96 -48.41
N VAL K 245 -10.87 -15.43 -49.59
CA VAL K 245 -11.70 -14.25 -49.66
C VAL K 245 -13.11 -14.63 -49.25
N ASP K 246 -13.78 -13.74 -48.52
CA ASP K 246 -15.00 -14.11 -47.82
C ASP K 246 -16.25 -13.86 -48.64
N GLU K 247 -17.17 -14.82 -48.56
CA GLU K 247 -18.49 -14.67 -49.14
C GLU K 247 -19.23 -13.49 -48.54
N ARG K 248 -18.89 -13.05 -47.33
CA ARG K 248 -19.49 -11.85 -46.78
C ARG K 248 -19.12 -10.62 -47.60
N LEU K 249 -17.86 -10.53 -48.03
CA LEU K 249 -17.46 -9.45 -48.94
C LEU K 249 -18.21 -9.53 -50.25
N PHE K 250 -18.31 -10.73 -50.81
CA PHE K 250 -18.98 -10.85 -52.10
C PHE K 250 -20.47 -10.54 -51.99
N ILE K 251 -21.12 -11.01 -50.93
CA ILE K 251 -22.54 -10.75 -50.70
C ILE K 251 -22.78 -9.27 -50.51
N ALA K 252 -21.95 -8.60 -49.71
CA ALA K 252 -22.18 -7.18 -49.44
C ALA K 252 -21.93 -6.33 -50.67
N PHE K 253 -20.95 -6.71 -51.49
CA PHE K 253 -20.69 -6.00 -52.74
C PHE K 253 -21.86 -6.14 -53.70
N ALA K 254 -22.35 -7.38 -53.84
CA ALA K 254 -23.48 -7.62 -54.73
C ALA K 254 -24.75 -6.93 -54.23
N ARG K 255 -24.95 -6.89 -52.92
CA ARG K 255 -26.12 -6.23 -52.37
C ARG K 255 -26.03 -4.72 -52.49
N PHE K 256 -24.83 -4.16 -52.41
CA PHE K 256 -24.67 -2.73 -52.69
C PHE K 256 -25.01 -2.41 -54.13
N GLU K 257 -24.57 -3.24 -55.06
CA GLU K 257 -24.89 -2.99 -56.46
C GLU K 257 -26.38 -3.16 -56.72
N THR K 258 -27.01 -4.12 -56.06
CA THR K 258 -28.46 -4.28 -56.15
C THR K 258 -29.18 -3.05 -55.63
N ARG K 259 -28.68 -2.45 -54.55
CA ARG K 259 -29.22 -1.19 -54.08
C ARG K 259 -29.02 -0.08 -55.10
N GLN K 260 -27.90 -0.11 -55.82
CA GLN K 260 -27.62 0.86 -56.87
C GLN K 260 -28.39 0.59 -58.15
N LYS K 261 -29.12 -0.52 -58.22
CA LYS K 261 -29.85 -1.00 -59.41
C LYS K 261 -28.92 -1.44 -60.53
N GLU K 262 -27.69 -1.85 -60.18
CA GLU K 262 -26.78 -2.46 -61.13
C GLU K 262 -27.00 -3.96 -61.05
N TYR K 263 -28.06 -4.43 -61.70
CA TYR K 263 -28.41 -5.84 -61.60
C TYR K 263 -27.42 -6.71 -62.35
N GLU K 264 -26.86 -6.21 -63.45
CA GLU K 264 -25.85 -6.97 -64.17
C GLU K 264 -24.56 -7.07 -63.37
N ARG K 265 -24.15 -5.98 -62.73
CA ARG K 265 -22.97 -6.01 -61.87
C ARG K 265 -23.18 -6.91 -60.66
N ALA K 266 -24.38 -6.88 -60.08
CA ALA K 266 -24.68 -7.76 -58.95
C ALA K 266 -24.66 -9.21 -59.37
N ARG K 267 -25.22 -9.53 -60.53
CA ARG K 267 -25.19 -10.90 -61.04
C ARG K 267 -23.77 -11.34 -61.34
N ALA K 268 -22.94 -10.44 -61.87
CA ALA K 268 -21.54 -10.75 -62.13
C ALA K 268 -20.77 -11.02 -60.84
N ILE K 269 -21.03 -10.23 -59.79
CA ILE K 269 -20.37 -10.45 -58.51
C ILE K 269 -20.78 -11.78 -57.90
N TYR K 270 -22.07 -12.08 -57.92
CA TYR K 270 -22.57 -13.35 -57.37
C TYR K 270 -21.98 -14.53 -58.12
N LYS K 271 -22.00 -14.46 -59.46
CA LYS K 271 -21.47 -15.54 -60.29
C LYS K 271 -19.97 -15.72 -60.09
N PHE K 272 -19.22 -14.61 -60.02
CA PHE K 272 -17.79 -14.70 -59.83
C PHE K 272 -17.43 -15.31 -58.49
N GLY K 273 -18.13 -14.89 -57.42
CA GLY K 273 -17.86 -15.45 -56.11
C GLY K 273 -18.18 -16.92 -56.03
N LEU K 274 -19.30 -17.33 -56.63
CA LEU K 274 -19.66 -18.74 -56.64
C LEU K 274 -18.69 -19.56 -57.46
N ASP K 275 -18.18 -19.00 -58.56
CA ASP K 275 -17.24 -19.75 -59.40
C ASP K 275 -15.87 -19.86 -58.76
N ASN K 276 -15.47 -18.87 -57.95
CA ASN K 276 -14.12 -18.84 -57.43
C ASN K 276 -14.04 -19.12 -55.94
N LEU K 277 -15.13 -19.56 -55.33
CA LEU K 277 -15.00 -19.98 -53.95
C LEU K 277 -15.36 -21.46 -53.80
N PRO K 278 -14.79 -22.14 -52.81
CA PRO K 278 -15.29 -23.48 -52.47
C PRO K 278 -16.73 -23.42 -52.00
N ARG K 279 -17.48 -24.51 -52.27
CA ARG K 279 -18.91 -24.49 -51.98
C ARG K 279 -19.19 -24.50 -50.48
N SER K 280 -18.31 -25.13 -49.70
CA SER K 280 -18.47 -25.19 -48.26
C SER K 280 -18.35 -23.82 -47.61
N ARG K 281 -17.69 -22.88 -48.27
CA ARG K 281 -17.58 -21.51 -47.81
C ARG K 281 -18.19 -20.53 -48.82
N SER K 282 -19.07 -21.02 -49.70
CA SER K 282 -19.91 -20.16 -50.53
C SER K 282 -21.38 -20.57 -50.45
N MET K 283 -21.72 -21.39 -49.45
CA MET K 283 -23.11 -21.68 -49.07
C MET K 283 -24.00 -20.43 -49.06
N GLN K 284 -23.66 -19.47 -48.21
CA GLN K 284 -24.52 -18.30 -48.03
C GLN K 284 -24.50 -17.39 -49.25
N LEU K 285 -23.38 -17.38 -49.97
CA LEU K 285 -23.32 -16.68 -51.24
C LEU K 285 -24.33 -17.24 -52.23
N HIS K 286 -24.46 -18.57 -52.27
CA HIS K 286 -25.44 -19.18 -53.16
C HIS K 286 -26.86 -18.91 -52.69
N ALA K 287 -27.09 -18.91 -51.38
CA ALA K 287 -28.43 -18.60 -50.87
C ALA K 287 -28.84 -17.17 -51.24
N GLN K 288 -27.91 -16.23 -51.10
CA GLN K 288 -28.19 -14.86 -51.49
C GLN K 288 -28.37 -14.72 -52.99
N TYR K 289 -27.63 -15.50 -53.79
CA TYR K 289 -27.81 -15.48 -55.23
C TYR K 289 -29.18 -16.00 -55.62
N THR K 290 -29.66 -17.03 -54.92
CA THR K 290 -30.99 -17.57 -55.18
C THR K 290 -32.06 -16.54 -54.89
N THR K 291 -31.97 -15.87 -53.74
CA THR K 291 -32.94 -14.82 -53.42
C THR K 291 -32.84 -13.67 -54.41
N PHE K 292 -31.63 -13.35 -54.87
CA PHE K 292 -31.45 -12.28 -55.85
C PHE K 292 -32.15 -12.62 -57.16
N GLU K 293 -31.99 -13.85 -57.64
CA GLU K 293 -32.62 -14.21 -58.90
C GLU K 293 -34.13 -14.33 -58.76
N LYS K 294 -34.61 -14.75 -57.59
CA LYS K 294 -36.05 -14.72 -57.36
C LYS K 294 -36.58 -13.30 -57.32
N GLN K 295 -35.74 -12.33 -56.95
CA GLN K 295 -36.18 -10.94 -56.91
C GLN K 295 -36.11 -10.27 -58.28
N PHE K 296 -35.06 -10.53 -59.06
CA PHE K 296 -34.80 -9.75 -60.26
C PHE K 296 -34.52 -10.56 -61.51
N GLY K 297 -34.19 -11.83 -61.41
CA GLY K 297 -33.84 -12.58 -62.59
C GLY K 297 -35.04 -12.99 -63.40
N ASP K 298 -34.77 -13.52 -64.59
CA ASP K 298 -35.82 -14.10 -65.41
C ASP K 298 -36.16 -15.50 -64.90
N LYS K 299 -37.24 -16.06 -65.46
CA LYS K 299 -37.78 -17.31 -64.94
C LYS K 299 -36.79 -18.46 -65.10
N GLU K 300 -36.14 -18.56 -66.26
CA GLU K 300 -35.19 -19.65 -66.47
C GLU K 300 -34.01 -19.55 -65.53
N GLY K 301 -33.57 -18.32 -65.23
CA GLY K 301 -32.57 -18.15 -64.19
C GLY K 301 -33.07 -18.57 -62.82
N VAL K 302 -34.35 -18.34 -62.55
CA VAL K 302 -34.93 -18.73 -61.27
C VAL K 302 -34.89 -20.24 -61.10
N GLU K 303 -35.40 -21.01 -62.07
CA GLU K 303 -35.30 -22.46 -61.88
C GLU K 303 -33.87 -22.97 -62.03
N ASP K 304 -32.98 -22.24 -62.71
CA ASP K 304 -31.59 -22.68 -62.76
C ASP K 304 -30.97 -22.61 -61.37
N VAL K 305 -31.13 -21.46 -60.69
CA VAL K 305 -30.49 -21.32 -59.39
C VAL K 305 -31.22 -22.14 -58.32
N VAL K 306 -32.54 -22.32 -58.44
CA VAL K 306 -33.24 -23.20 -57.50
C VAL K 306 -32.83 -24.65 -57.73
N LEU K 307 -32.59 -25.04 -58.98
CA LEU K 307 -32.09 -26.37 -59.28
C LEU K 307 -30.72 -26.61 -58.64
N THR K 308 -29.83 -25.63 -58.76
CA THR K 308 -28.50 -25.78 -58.15
C THR K 308 -28.59 -25.84 -56.62
N LYS K 309 -29.44 -24.99 -56.03
CA LYS K 309 -29.57 -24.93 -54.58
C LYS K 309 -30.14 -26.22 -54.01
N ARG K 310 -31.24 -26.71 -54.60
CA ARG K 310 -31.84 -27.95 -54.13
C ARG K 310 -30.97 -29.15 -54.43
N ARG K 311 -30.21 -29.11 -55.53
CA ARG K 311 -29.27 -30.18 -55.84
C ARG K 311 -28.21 -30.29 -54.76
N ARG K 312 -27.65 -29.15 -54.34
CA ARG K 312 -26.67 -29.17 -53.26
C ARG K 312 -27.27 -29.62 -51.94
N LEU K 313 -28.49 -29.17 -51.63
CA LEU K 313 -29.14 -29.59 -50.38
C LEU K 313 -29.37 -31.10 -50.35
N TYR K 314 -29.89 -31.66 -51.44
CA TYR K 314 -30.12 -33.09 -51.50
C TYR K 314 -28.80 -33.86 -51.49
N GLU K 315 -27.74 -33.29 -52.09
CA GLU K 315 -26.44 -33.92 -52.03
C GLU K 315 -25.92 -34.00 -50.60
N GLU K 316 -26.12 -32.94 -49.83
CA GLU K 316 -25.75 -32.98 -48.41
C GLU K 316 -26.57 -34.01 -47.66
N GLN K 317 -27.87 -34.10 -47.97
CA GLN K 317 -28.73 -35.06 -47.29
C GLN K 317 -28.33 -36.50 -47.61
N VAL K 318 -27.94 -36.76 -48.86
CA VAL K 318 -27.43 -38.08 -49.23
C VAL K 318 -26.09 -38.35 -48.57
N LYS K 319 -25.24 -37.32 -48.46
CA LYS K 319 -23.94 -37.49 -47.81
C LYS K 319 -24.11 -37.87 -46.34
N GLU K 320 -25.12 -37.30 -45.68
CA GLU K 320 -25.43 -37.75 -44.32
C GLU K 320 -26.02 -39.16 -44.34
N ASN K 321 -27.17 -39.34 -44.99
CA ASN K 321 -27.86 -40.62 -45.03
C ASN K 321 -27.87 -41.14 -46.46
N PRO K 322 -27.01 -42.11 -46.80
CA PRO K 322 -26.99 -42.61 -48.19
C PRO K 322 -28.20 -43.43 -48.55
N LYS K 323 -29.00 -43.86 -47.57
CA LYS K 323 -30.09 -44.80 -47.79
C LYS K 323 -31.46 -44.17 -47.63
N ASN K 324 -31.57 -42.84 -47.61
CA ASN K 324 -32.88 -42.19 -47.50
C ASN K 324 -33.56 -42.23 -48.87
N TYR K 325 -34.52 -43.13 -48.98
CA TYR K 325 -35.08 -43.46 -50.30
C TYR K 325 -36.00 -42.36 -50.81
N ASP K 326 -36.79 -41.75 -49.94
CA ASP K 326 -37.62 -40.64 -50.37
C ASP K 326 -36.79 -39.41 -50.76
N VAL K 327 -35.65 -39.20 -50.09
CA VAL K 327 -34.70 -38.17 -50.49
C VAL K 327 -34.15 -38.49 -51.88
N TRP K 328 -33.84 -39.76 -52.12
CA TRP K 328 -33.37 -40.20 -53.43
C TRP K 328 -34.43 -39.98 -54.50
N PHE K 329 -35.69 -40.24 -54.17
CA PHE K 329 -36.80 -40.03 -55.08
C PHE K 329 -37.01 -38.55 -55.41
N ASP K 330 -36.91 -37.68 -54.42
CA ASP K 330 -37.04 -36.24 -54.66
C ASP K 330 -35.90 -35.66 -55.46
N PHE K 331 -34.66 -36.08 -55.19
CA PHE K 331 -33.53 -35.65 -56.00
C PHE K 331 -33.59 -36.25 -57.40
N ALA K 332 -34.19 -37.44 -57.51
CA ALA K 332 -34.49 -38.03 -58.81
C ALA K 332 -35.43 -37.13 -59.61
N ARG K 333 -36.54 -36.74 -59.01
CA ARG K 333 -37.50 -35.88 -59.71
C ARG K 333 -36.91 -34.51 -60.01
N LEU K 334 -36.05 -34.01 -59.12
CA LEU K 334 -35.35 -32.75 -59.38
C LEU K 334 -34.47 -32.86 -60.62
N GLU K 335 -33.73 -33.96 -60.73
CA GLU K 335 -32.90 -34.15 -61.92
C GLU K 335 -33.71 -34.37 -63.18
N GLU K 336 -34.83 -35.08 -63.09
CA GLU K 336 -35.71 -35.28 -64.25
C GLU K 336 -36.32 -33.96 -64.72
N MET K 337 -36.74 -33.11 -63.79
CA MET K 337 -37.28 -31.81 -64.17
C MET K 337 -36.17 -30.88 -64.67
N GLY K 338 -34.94 -31.08 -64.20
CA GLY K 338 -33.82 -30.35 -64.78
C GLY K 338 -33.55 -30.75 -66.21
N GLY K 339 -33.60 -32.05 -66.51
CA GLY K 339 -33.46 -32.51 -67.88
C GLY K 339 -32.05 -32.70 -68.36
N ASP K 340 -31.14 -33.08 -67.47
CA ASP K 340 -29.76 -33.39 -67.86
C ASP K 340 -29.61 -34.90 -67.87
N PRO K 341 -29.54 -35.54 -69.05
CA PRO K 341 -29.71 -36.99 -69.11
C PRO K 341 -28.57 -37.78 -68.49
N ASP K 342 -27.33 -37.39 -68.75
CA ASP K 342 -26.20 -38.08 -68.13
C ASP K 342 -26.20 -37.91 -66.62
N ARG K 343 -26.62 -36.73 -66.14
CA ARG K 343 -26.77 -36.53 -64.70
C ARG K 343 -27.83 -37.43 -64.10
N VAL K 344 -28.98 -37.55 -64.77
CA VAL K 344 -30.05 -38.41 -64.26
C VAL K 344 -29.59 -39.88 -64.22
N ARG K 345 -28.88 -40.31 -65.28
CA ARG K 345 -28.37 -41.67 -65.33
C ARG K 345 -27.37 -41.92 -64.21
N GLU K 346 -26.48 -40.96 -63.95
CA GLU K 346 -25.51 -41.11 -62.88
C GLU K 346 -26.19 -41.14 -61.51
N VAL K 347 -27.23 -40.33 -61.35
CA VAL K 347 -27.96 -40.29 -60.07
C VAL K 347 -28.66 -41.62 -59.80
N TYR K 348 -29.38 -42.13 -60.80
CA TYR K 348 -29.96 -43.47 -60.69
C TYR K 348 -28.92 -44.57 -60.51
N GLU K 349 -27.74 -44.42 -61.10
CA GLU K 349 -26.73 -45.46 -60.91
C GLU K 349 -26.17 -45.45 -59.50
N ARG K 350 -25.96 -44.25 -58.92
CA ARG K 350 -25.56 -44.18 -57.52
C ARG K 350 -26.66 -44.68 -56.60
N ALA K 351 -27.92 -44.40 -56.95
CA ALA K 351 -29.05 -44.88 -56.18
C ALA K 351 -29.15 -46.40 -56.20
N ILE K 352 -28.87 -47.00 -57.36
CA ILE K 352 -28.85 -48.45 -57.47
C ILE K 352 -27.70 -49.03 -56.66
N ALA K 353 -26.51 -48.41 -56.77
CA ALA K 353 -25.35 -48.86 -56.01
C ALA K 353 -25.57 -48.75 -54.51
N GLN K 354 -26.46 -47.87 -54.06
CA GLN K 354 -26.89 -47.85 -52.67
C GLN K 354 -27.82 -49.05 -52.42
N VAL K 355 -27.20 -50.20 -52.26
CA VAL K 355 -27.93 -51.46 -52.08
C VAL K 355 -28.33 -51.60 -50.61
N PRO K 356 -29.59 -51.89 -50.30
CA PRO K 356 -29.98 -52.12 -48.90
C PRO K 356 -29.37 -53.40 -48.38
N PRO K 357 -28.55 -53.32 -47.32
CA PRO K 357 -27.96 -54.53 -46.76
C PRO K 357 -28.97 -55.43 -46.08
N THR K 358 -30.02 -54.86 -45.51
CA THR K 358 -31.10 -55.66 -44.94
C THR K 358 -31.90 -56.33 -46.05
N GLN K 359 -32.20 -57.62 -45.87
CA GLN K 359 -32.99 -58.37 -46.82
C GLN K 359 -34.49 -58.25 -46.58
N GLU K 360 -34.92 -57.21 -45.88
CA GLU K 360 -36.35 -57.04 -45.63
C GLU K 360 -37.06 -56.55 -46.88
N LYS K 361 -38.16 -57.23 -47.22
CA LYS K 361 -38.99 -56.80 -48.33
C LYS K 361 -39.62 -55.44 -48.08
N ARG K 362 -39.74 -54.98 -46.83
CA ARG K 362 -40.27 -53.67 -46.52
C ARG K 362 -39.33 -52.54 -46.95
N HIS K 363 -38.05 -52.83 -47.17
CA HIS K 363 -37.13 -51.86 -47.76
C HIS K 363 -37.01 -52.16 -49.24
N TRP K 364 -37.14 -53.43 -49.59
CA TRP K 364 -37.05 -53.80 -50.99
C TRP K 364 -38.22 -53.28 -51.82
N ARG K 365 -39.36 -52.96 -51.19
CA ARG K 365 -40.43 -52.22 -51.85
C ARG K 365 -39.90 -50.97 -52.53
N ARG K 366 -39.34 -50.06 -51.74
CA ARG K 366 -38.85 -48.79 -52.23
C ARG K 366 -37.62 -48.95 -53.13
N TYR K 367 -36.76 -49.94 -52.85
CA TYR K 367 -35.61 -50.13 -53.72
C TYR K 367 -35.99 -50.63 -55.12
N ILE K 368 -36.86 -51.64 -55.21
CA ILE K 368 -37.37 -52.11 -56.49
C ILE K 368 -38.19 -51.01 -57.16
N PHE K 369 -38.85 -50.18 -56.35
CA PHE K 369 -39.63 -49.08 -56.87
C PHE K 369 -38.72 -48.02 -57.50
N LEU K 370 -37.53 -47.86 -56.94
CA LEU K 370 -36.51 -47.00 -57.53
C LEU K 370 -36.04 -47.54 -58.88
N PHE K 371 -35.88 -48.87 -58.98
CA PHE K 371 -35.66 -49.46 -60.30
C PHE K 371 -36.81 -49.16 -61.25
N LEU K 372 -38.04 -49.17 -60.75
CA LEU K 372 -39.21 -48.87 -61.58
C LEU K 372 -39.16 -47.46 -62.14
N PHE K 373 -38.73 -46.48 -61.32
CA PHE K 373 -38.56 -45.13 -61.85
C PHE K 373 -37.36 -44.96 -62.77
N TYR K 374 -36.26 -45.70 -62.57
CA TYR K 374 -35.20 -45.65 -63.57
C TYR K 374 -35.70 -46.18 -64.91
N ALA K 375 -36.52 -47.24 -64.87
CA ALA K 375 -37.14 -47.75 -66.09
C ALA K 375 -38.10 -46.73 -66.70
N ILE K 376 -38.92 -46.07 -65.89
CA ILE K 376 -39.88 -45.15 -66.47
C ILE K 376 -39.18 -43.93 -67.08
N TRP K 377 -38.07 -43.49 -66.47
CA TRP K 377 -37.35 -42.38 -67.08
C TRP K 377 -36.68 -42.80 -68.38
N GLU K 378 -35.94 -43.93 -68.39
CA GLU K 378 -35.44 -44.40 -69.67
C GLU K 378 -36.43 -45.29 -70.40
N GLU K 379 -37.71 -44.93 -70.35
CA GLU K 379 -38.68 -45.33 -71.36
C GLU K 379 -39.41 -44.11 -71.90
N LYS K 380 -39.71 -43.14 -71.03
CA LYS K 380 -40.55 -42.01 -71.41
C LYS K 380 -39.78 -40.74 -71.72
N ASP K 381 -38.56 -40.58 -71.20
CA ASP K 381 -37.82 -39.34 -71.46
C ASP K 381 -36.60 -39.60 -72.32
N ALA K 382 -35.72 -40.50 -71.87
CA ALA K 382 -34.52 -40.80 -72.63
C ALA K 382 -34.83 -41.65 -73.86
N LYS K 383 -35.94 -42.39 -73.83
CA LYS K 383 -36.37 -43.28 -74.91
C LYS K 383 -35.30 -44.30 -75.28
N ASN K 384 -34.68 -44.88 -74.26
CA ASN K 384 -33.61 -45.87 -74.43
C ASN K 384 -34.19 -47.24 -74.08
N ILE K 385 -34.67 -47.94 -75.11
CA ILE K 385 -35.35 -49.22 -74.91
C ILE K 385 -34.38 -50.29 -74.47
N GLU K 386 -33.19 -50.32 -75.08
CA GLU K 386 -32.17 -51.29 -74.67
C GLU K 386 -31.73 -51.05 -73.24
N ARG K 387 -31.59 -49.78 -72.85
CA ARG K 387 -31.23 -49.45 -71.48
C ARG K 387 -32.34 -49.84 -70.51
N ALA K 388 -33.60 -49.68 -70.92
CA ALA K 388 -34.71 -50.11 -70.07
C ALA K 388 -34.73 -51.63 -69.90
N ARG K 389 -34.42 -52.37 -70.97
CA ARG K 389 -34.30 -53.81 -70.89
C ARG K 389 -33.17 -54.21 -69.96
N ALA K 390 -32.04 -53.49 -70.02
CA ALA K 390 -30.93 -53.74 -69.11
C ALA K 390 -31.33 -53.44 -67.67
N ILE K 391 -32.16 -52.40 -67.46
CA ILE K 391 -32.67 -52.07 -66.14
C ILE K 391 -33.48 -53.23 -65.58
N TYR K 392 -34.39 -53.76 -66.40
CA TYR K 392 -35.24 -54.85 -65.95
C TYR K 392 -34.42 -56.12 -65.70
N ASP K 393 -33.42 -56.38 -66.55
CA ASP K 393 -32.58 -57.56 -66.35
C ASP K 393 -31.75 -57.45 -65.07
N THR K 394 -31.17 -56.27 -64.80
CA THR K 394 -30.42 -56.08 -63.57
C THR K 394 -31.32 -56.13 -62.35
N CYS K 395 -32.55 -55.65 -62.48
CA CYS K 395 -33.52 -55.75 -61.39
C CYS K 395 -33.85 -57.21 -61.10
N LEU K 396 -34.05 -58.01 -62.15
CA LEU K 396 -34.30 -59.44 -61.97
C LEU K 396 -33.10 -60.14 -61.36
N ASN K 397 -31.88 -59.70 -61.72
CA ASN K 397 -30.68 -60.25 -61.10
C ASN K 397 -30.62 -59.92 -59.62
N LEU K 398 -31.02 -58.70 -59.24
CA LEU K 398 -30.85 -58.26 -57.87
C LEU K 398 -31.98 -58.67 -56.93
N ILE K 399 -33.17 -58.97 -57.45
CA ILE K 399 -34.25 -59.39 -56.55
C ILE K 399 -33.98 -60.82 -56.06
N PRO K 400 -33.98 -61.06 -54.75
CA PRO K 400 -33.91 -62.44 -54.26
C PRO K 400 -35.24 -63.16 -54.45
N HIS K 401 -35.44 -63.71 -55.64
CA HIS K 401 -36.72 -64.32 -56.00
C HIS K 401 -37.04 -65.56 -55.18
N LYS K 402 -36.04 -66.20 -54.57
CA LYS K 402 -36.31 -67.36 -53.72
C LYS K 402 -37.06 -66.98 -52.45
N LYS K 403 -36.89 -65.75 -51.98
CA LYS K 403 -37.58 -65.27 -50.79
C LYS K 403 -38.83 -64.47 -51.14
N PHE K 404 -38.72 -63.56 -52.11
CA PHE K 404 -39.83 -62.67 -52.47
C PHE K 404 -39.61 -62.16 -53.89
N THR K 405 -40.67 -62.20 -54.69
CA THR K 405 -40.67 -61.57 -56.01
C THR K 405 -41.66 -60.42 -56.01
N PHE K 406 -41.55 -59.55 -57.02
CA PHE K 406 -42.34 -58.33 -57.06
C PHE K 406 -43.22 -58.23 -58.30
N ALA K 407 -44.52 -58.40 -58.07
CA ALA K 407 -45.51 -58.25 -59.13
C ALA K 407 -45.49 -56.87 -59.75
N LYS K 408 -45.05 -55.84 -59.01
CA LYS K 408 -44.92 -54.50 -59.58
C LYS K 408 -43.97 -54.50 -60.77
N VAL K 409 -42.74 -55.01 -60.56
CA VAL K 409 -41.76 -54.99 -61.63
C VAL K 409 -42.10 -56.01 -62.71
N TRP K 410 -42.71 -57.15 -62.35
CA TRP K 410 -43.14 -58.10 -63.36
C TRP K 410 -44.20 -57.50 -64.28
N ILE K 411 -45.21 -56.83 -63.70
CA ILE K 411 -46.25 -56.14 -64.45
C ILE K 411 -45.64 -55.04 -65.31
N ALA K 412 -44.71 -54.27 -64.74
CA ALA K 412 -44.15 -53.11 -65.43
C ALA K 412 -43.37 -53.54 -66.67
N LYS K 413 -42.49 -54.53 -66.53
CA LYS K 413 -41.76 -54.95 -67.72
C LYS K 413 -42.60 -55.79 -68.66
N ALA K 414 -43.66 -56.44 -68.17
CA ALA K 414 -44.60 -57.10 -69.08
C ALA K 414 -45.27 -56.09 -69.99
N HIS K 415 -45.80 -55.01 -69.42
CA HIS K 415 -46.42 -53.97 -70.23
C HIS K 415 -45.38 -53.22 -71.07
N PHE K 416 -44.14 -53.12 -70.59
CA PHE K 416 -43.08 -52.49 -71.37
C PHE K 416 -42.78 -53.31 -72.63
N GLU K 417 -42.64 -54.63 -72.47
CA GLU K 417 -42.40 -55.48 -73.63
C GLU K 417 -43.63 -55.56 -74.54
N ILE K 418 -44.82 -55.39 -73.96
CA ILE K 418 -46.02 -55.27 -74.79
C ILE K 418 -45.98 -54.01 -75.64
N ARG K 419 -45.58 -52.88 -75.05
CA ARG K 419 -45.43 -51.64 -75.81
C ARG K 419 -44.36 -51.78 -76.88
N GLN K 420 -43.27 -52.49 -76.56
CA GLN K 420 -42.22 -52.72 -77.55
C GLN K 420 -42.69 -53.65 -78.67
N GLY K 421 -43.57 -54.59 -78.36
CA GLY K 421 -44.03 -55.56 -79.33
C GLY K 421 -43.41 -56.93 -79.21
N ASN K 422 -42.66 -57.21 -78.14
CA ASN K 422 -41.99 -58.49 -77.97
C ASN K 422 -42.93 -59.46 -77.25
N LEU K 423 -43.82 -60.06 -78.03
CA LEU K 423 -44.81 -61.00 -77.49
C LEU K 423 -44.14 -62.21 -76.87
N THR K 424 -43.26 -62.86 -77.64
CA THR K 424 -42.60 -64.08 -77.18
C THR K 424 -41.70 -63.81 -75.98
N ALA K 425 -40.96 -62.70 -76.02
CA ALA K 425 -40.10 -62.34 -74.89
C ALA K 425 -40.91 -62.04 -73.64
N ALA K 426 -42.02 -61.32 -73.77
CA ALA K 426 -42.89 -61.02 -72.63
C ALA K 426 -43.46 -62.30 -72.03
N ARG K 427 -43.96 -63.19 -72.89
CA ARG K 427 -44.52 -64.45 -72.41
C ARG K 427 -43.45 -65.34 -71.77
N LYS K 428 -42.24 -65.35 -72.32
CA LYS K 428 -41.13 -66.11 -71.76
C LYS K 428 -40.76 -65.59 -70.37
N THR K 429 -40.69 -64.25 -70.23
CA THR K 429 -40.35 -63.65 -68.95
C THR K 429 -41.42 -63.94 -67.88
N LEU K 430 -42.69 -63.82 -68.24
CA LEU K 430 -43.72 -64.09 -67.25
C LEU K 430 -43.82 -65.59 -66.95
N GLY K 431 -43.54 -66.46 -67.92
CA GLY K 431 -43.49 -67.88 -67.64
C GLY K 431 -42.35 -68.23 -66.72
N ARG K 432 -41.20 -67.56 -66.88
CA ARG K 432 -40.10 -67.72 -65.93
C ARG K 432 -40.51 -67.24 -64.54
N ALA K 433 -41.28 -66.15 -64.48
CA ALA K 433 -41.80 -65.67 -63.21
C ALA K 433 -42.73 -66.69 -62.54
N ILE K 434 -43.61 -67.29 -63.34
CA ILE K 434 -44.56 -68.28 -62.81
C ILE K 434 -43.82 -69.51 -62.33
N GLY K 435 -42.83 -69.99 -63.11
CA GLY K 435 -42.05 -71.14 -62.69
C GLY K 435 -41.14 -70.86 -61.51
N MET K 436 -40.76 -69.59 -61.33
CA MET K 436 -39.94 -69.24 -60.17
C MET K 436 -40.79 -69.15 -58.92
N CYS K 437 -41.77 -68.23 -58.90
CA CYS K 437 -42.65 -68.05 -57.77
C CYS K 437 -44.02 -67.63 -58.26
N PRO K 438 -45.06 -68.46 -58.09
CA PRO K 438 -46.41 -68.04 -58.46
C PRO K 438 -46.94 -66.95 -57.54
N LYS K 439 -47.84 -66.12 -58.05
CA LYS K 439 -48.44 -65.07 -57.23
C LYS K 439 -49.85 -64.80 -57.73
N ASP K 440 -50.75 -64.53 -56.78
CA ASP K 440 -52.16 -64.32 -57.09
C ASP K 440 -52.36 -63.10 -57.97
N LYS K 441 -51.69 -62.00 -57.64
CA LYS K 441 -51.78 -60.79 -58.46
C LYS K 441 -51.20 -61.02 -59.84
N LEU K 442 -50.09 -61.77 -59.92
CA LEU K 442 -49.46 -62.07 -61.21
C LEU K 442 -50.39 -62.86 -62.11
N PHE K 443 -51.02 -63.89 -61.56
CA PHE K 443 -51.99 -64.68 -62.31
C PHE K 443 -53.21 -63.85 -62.73
N ARG K 444 -53.73 -63.02 -61.82
CA ARG K 444 -54.87 -62.18 -62.12
C ARG K 444 -54.55 -61.16 -63.21
N GLU K 445 -53.39 -60.51 -63.16
CA GLU K 445 -53.06 -59.51 -64.16
C GLU K 445 -52.78 -60.14 -65.52
N TYR K 446 -52.16 -61.33 -65.58
CA TYR K 446 -51.98 -61.90 -66.91
C TYR K 446 -53.29 -62.46 -67.45
N ILE K 447 -54.19 -62.91 -66.57
CA ILE K 447 -55.53 -63.28 -67.00
C ILE K 447 -56.25 -62.07 -67.58
N ALA K 448 -56.13 -60.91 -66.93
CA ALA K 448 -56.73 -59.68 -67.45
C ALA K 448 -56.09 -59.26 -68.76
N ILE K 449 -54.77 -59.42 -68.89
CA ILE K 449 -54.08 -59.04 -70.11
C ILE K 449 -54.53 -59.91 -71.27
N GLU K 450 -54.63 -61.23 -71.05
CA GLU K 450 -55.09 -62.10 -72.12
C GLU K 450 -56.58 -61.90 -72.41
N GLN K 451 -57.36 -61.50 -71.41
CA GLN K 451 -58.76 -61.14 -71.65
C GLN K 451 -58.87 -59.92 -72.55
N LYS K 452 -58.03 -58.91 -72.32
CA LYS K 452 -57.95 -57.79 -73.24
C LYS K 452 -57.41 -58.20 -74.59
N LEU K 453 -56.56 -59.23 -74.62
CA LEU K 453 -55.99 -59.76 -75.85
C LEU K 453 -56.99 -60.59 -76.64
N TYR K 454 -58.09 -61.00 -76.02
CA TYR K 454 -59.24 -61.66 -76.65
C TYR K 454 -58.89 -63.03 -77.23
N GLU K 455 -57.73 -63.57 -76.90
CA GLU K 455 -57.43 -64.93 -77.30
C GLU K 455 -58.08 -65.91 -76.33
N PHE K 456 -58.09 -67.19 -76.72
CA PHE K 456 -58.89 -68.16 -76.00
C PHE K 456 -58.06 -69.32 -75.45
N ASP K 457 -57.19 -69.90 -76.28
CA ASP K 457 -56.50 -71.14 -75.90
C ASP K 457 -55.44 -70.89 -74.83
N ARG K 458 -54.61 -69.85 -75.01
CA ARG K 458 -53.57 -69.59 -74.03
C ARG K 458 -54.15 -69.16 -72.69
N CYS K 459 -55.22 -68.35 -72.70
CA CYS K 459 -55.83 -67.98 -71.44
C CYS K 459 -56.57 -69.15 -70.81
N ARG K 460 -57.08 -70.09 -71.61
CA ARG K 460 -57.61 -71.32 -71.06
C ARG K 460 -56.52 -72.12 -70.34
N THR K 461 -55.33 -72.21 -70.94
CA THR K 461 -54.22 -72.90 -70.28
C THR K 461 -53.79 -72.18 -69.02
N LEU K 462 -53.84 -70.84 -69.04
CA LEU K 462 -53.49 -70.07 -67.84
C LEU K 462 -54.52 -70.26 -66.73
N TYR K 463 -55.80 -70.34 -67.09
CA TYR K 463 -56.84 -70.66 -66.12
C TYR K 463 -56.63 -72.04 -65.53
N GLU K 464 -56.23 -73.00 -66.37
CA GLU K 464 -55.91 -74.34 -65.87
C GLU K 464 -54.72 -74.33 -64.93
N LYS K 465 -53.69 -73.54 -65.25
CA LYS K 465 -52.52 -73.42 -64.37
C LYS K 465 -52.89 -72.77 -63.05
N HIS K 466 -53.76 -71.75 -63.07
CA HIS K 466 -54.20 -71.12 -61.83
C HIS K 466 -55.08 -72.06 -61.02
N ALA K 467 -55.88 -72.89 -61.69
CA ALA K 467 -56.64 -73.92 -60.98
C ALA K 467 -55.71 -74.94 -60.34
N LEU K 468 -54.63 -75.30 -61.02
CA LEU K 468 -53.65 -76.23 -60.47
C LEU K 468 -52.94 -75.62 -59.25
N PHE K 469 -52.62 -74.33 -59.32
CA PHE K 469 -51.96 -73.67 -58.20
C PHE K 469 -52.92 -73.52 -57.02
N ASN K 470 -54.12 -73.03 -57.27
CA ASN K 470 -55.13 -72.88 -56.23
C ASN K 470 -56.52 -73.01 -56.86
N PRO K 471 -57.22 -74.12 -56.61
CA PRO K 471 -58.54 -74.31 -57.23
C PRO K 471 -59.64 -73.46 -56.61
N ALA K 472 -59.36 -72.76 -55.50
CA ALA K 472 -60.39 -72.07 -54.74
C ALA K 472 -60.63 -70.64 -55.21
N ASN K 473 -59.99 -70.20 -56.30
CA ASN K 473 -60.14 -68.81 -56.73
C ASN K 473 -61.44 -68.69 -57.51
N CYS K 474 -62.51 -68.36 -56.78
CA CYS K 474 -63.83 -68.20 -57.37
C CYS K 474 -63.88 -67.05 -58.35
N GLN K 475 -63.04 -66.03 -58.17
CA GLN K 475 -62.95 -64.94 -59.13
C GLN K 475 -62.51 -65.45 -60.49
N THR K 476 -61.44 -66.25 -60.53
CA THR K 476 -60.96 -66.82 -61.78
C THR K 476 -61.93 -67.82 -62.36
N TRP K 477 -62.59 -68.61 -61.52
CA TRP K 477 -63.60 -69.55 -62.02
C TRP K 477 -64.76 -68.81 -62.68
N ILE K 478 -65.24 -67.74 -62.05
CA ILE K 478 -66.34 -66.95 -62.59
C ILE K 478 -65.91 -66.25 -63.88
N ARG K 479 -64.69 -65.72 -63.91
CA ARG K 479 -64.20 -65.03 -65.10
C ARG K 479 -64.03 -65.99 -66.28
N TRP K 480 -63.47 -67.18 -66.03
CA TRP K 480 -63.35 -68.19 -67.09
C TRP K 480 -64.72 -68.65 -67.57
N ALA K 481 -65.66 -68.82 -66.64
CA ALA K 481 -67.01 -69.23 -67.02
C ALA K 481 -67.71 -68.17 -67.86
N GLU K 482 -67.53 -66.89 -67.51
CA GLU K 482 -68.13 -65.82 -68.30
C GLU K 482 -67.47 -65.69 -69.66
N LEU K 483 -66.15 -65.93 -69.74
CA LEU K 483 -65.47 -65.92 -71.02
C LEU K 483 -65.95 -67.06 -71.92
N GLU K 484 -66.15 -68.24 -71.35
CA GLU K 484 -66.69 -69.35 -72.13
C GLU K 484 -68.14 -69.12 -72.52
N ARG K 485 -68.90 -68.43 -71.66
CA ARG K 485 -70.27 -68.06 -72.01
C ARG K 485 -70.30 -67.08 -73.18
N GLY K 486 -69.38 -66.12 -73.19
CA GLY K 486 -69.23 -65.26 -74.36
C GLY K 486 -68.77 -66.01 -75.58
N LEU K 487 -67.92 -67.02 -75.40
CA LEU K 487 -67.52 -67.94 -76.46
C LEU K 487 -68.64 -68.85 -76.94
N ASP K 488 -69.75 -68.93 -76.17
CA ASP K 488 -70.93 -69.74 -76.49
C ASP K 488 -70.59 -71.23 -76.56
N ASP K 489 -69.56 -71.64 -75.82
CA ASP K 489 -69.28 -73.05 -75.59
C ASP K 489 -69.93 -73.40 -74.25
N LEU K 490 -71.26 -73.55 -74.29
CA LEU K 490 -72.04 -73.69 -73.07
C LEU K 490 -71.80 -75.05 -72.40
N ASP K 491 -71.53 -76.08 -73.19
CA ASP K 491 -71.22 -77.39 -72.61
C ASP K 491 -69.92 -77.36 -71.82
N ARG K 492 -68.89 -76.75 -72.39
CA ARG K 492 -67.63 -76.58 -71.67
C ARG K 492 -67.79 -75.63 -70.49
N THR K 493 -68.66 -74.63 -70.61
CA THR K 493 -68.94 -73.71 -69.52
C THR K 493 -69.55 -74.45 -68.33
N ARG K 494 -70.55 -75.29 -68.60
CA ARG K 494 -71.20 -76.04 -67.53
C ARG K 494 -70.28 -77.11 -66.97
N ALA K 495 -69.40 -77.68 -67.81
CA ALA K 495 -68.39 -78.60 -67.30
C ALA K 495 -67.42 -77.90 -66.36
N ILE K 496 -67.01 -76.68 -66.70
CA ILE K 496 -66.13 -75.89 -65.84
C ILE K 496 -66.83 -75.56 -64.53
N PHE K 497 -68.12 -75.18 -64.60
CA PHE K 497 -68.91 -74.94 -63.39
C PHE K 497 -68.98 -76.17 -62.51
N GLU K 498 -69.23 -77.34 -63.12
CA GLU K 498 -69.36 -78.57 -62.34
C GLU K 498 -68.04 -78.98 -61.71
N VAL K 499 -66.92 -78.82 -62.44
CA VAL K 499 -65.61 -79.13 -61.88
C VAL K 499 -65.28 -78.19 -60.72
N ALA K 500 -65.55 -76.89 -60.90
CA ALA K 500 -65.25 -75.92 -59.86
C ALA K 500 -66.10 -76.14 -58.61
N ILE K 501 -67.37 -76.51 -58.80
CA ILE K 501 -68.23 -76.79 -57.66
C ILE K 501 -67.80 -78.08 -56.97
N SER K 502 -67.51 -79.13 -57.76
CA SER K 502 -67.17 -80.42 -57.20
C SER K 502 -65.78 -80.46 -56.58
N GLN K 503 -64.93 -79.48 -56.86
CA GLN K 503 -63.67 -79.38 -56.13
C GLN K 503 -63.96 -79.06 -54.67
N PRO K 504 -63.41 -79.84 -53.73
CA PRO K 504 -63.81 -79.66 -52.32
C PRO K 504 -63.30 -78.39 -51.69
N VAL K 505 -62.16 -77.87 -52.14
CA VAL K 505 -61.62 -76.63 -51.61
C VAL K 505 -62.31 -75.47 -52.33
N LEU K 506 -63.17 -74.76 -51.61
CA LEU K 506 -63.96 -73.68 -52.18
C LEU K 506 -63.85 -72.45 -51.29
N ASP K 507 -63.94 -71.27 -51.92
CA ASP K 507 -63.85 -70.02 -51.19
C ASP K 507 -65.22 -69.55 -50.69
N MET K 508 -66.14 -69.31 -51.63
CA MET K 508 -67.50 -68.86 -51.29
C MET K 508 -68.48 -69.67 -52.14
N PRO K 509 -68.82 -70.88 -51.70
CA PRO K 509 -69.69 -71.75 -52.51
C PRO K 509 -71.09 -71.19 -52.73
N GLU K 510 -71.60 -70.39 -51.81
CA GLU K 510 -72.91 -69.78 -52.01
C GLU K 510 -72.92 -68.84 -53.20
N VAL K 511 -71.91 -67.97 -53.28
CA VAL K 511 -71.81 -67.04 -54.42
C VAL K 511 -71.49 -67.81 -55.70
N VAL K 512 -70.68 -68.86 -55.61
CA VAL K 512 -70.38 -69.68 -56.80
C VAL K 512 -71.65 -70.32 -57.34
N TRP K 513 -72.44 -70.93 -56.45
CA TRP K 513 -73.69 -71.57 -56.87
C TRP K 513 -74.70 -70.56 -57.37
N LYS K 514 -74.77 -69.39 -56.73
CA LYS K 514 -75.69 -68.34 -57.20
C LYS K 514 -75.28 -67.81 -58.57
N ALA K 515 -73.97 -67.70 -58.83
CA ALA K 515 -73.50 -67.30 -60.14
C ALA K 515 -73.84 -68.33 -61.20
N TYR K 516 -73.70 -69.62 -60.87
CA TYR K 516 -74.11 -70.67 -61.81
C TYR K 516 -75.61 -70.65 -62.06
N ILE K 517 -76.40 -70.41 -61.00
CA ILE K 517 -77.85 -70.32 -61.14
C ILE K 517 -78.23 -69.14 -62.03
N ASP K 518 -77.60 -67.99 -61.83
CA ASP K 518 -77.89 -66.83 -62.66
C ASP K 518 -77.43 -67.03 -64.10
N PHE K 519 -76.32 -67.75 -64.30
CA PHE K 519 -75.86 -68.09 -65.65
C PHE K 519 -76.89 -68.95 -66.36
N GLU K 520 -77.42 -69.96 -65.67
CA GLU K 520 -78.44 -70.81 -66.28
C GLU K 520 -79.74 -70.06 -66.50
N GLU K 521 -80.09 -69.14 -65.59
CA GLU K 521 -81.30 -68.33 -65.77
C GLU K 521 -81.16 -67.39 -66.98
N GLU K 522 -79.97 -66.81 -67.17
CA GLU K 522 -79.74 -65.97 -68.33
C GLU K 522 -79.70 -66.78 -69.62
N GLU K 523 -79.18 -68.01 -69.56
CA GLU K 523 -79.22 -68.88 -70.73
C GLU K 523 -80.62 -69.41 -71.02
N GLY K 524 -81.51 -69.40 -70.03
CA GLY K 524 -82.88 -69.81 -70.23
C GLY K 524 -83.22 -71.21 -69.79
N GLU K 525 -82.29 -71.92 -69.15
CA GLU K 525 -82.54 -73.28 -68.68
C GLU K 525 -83.13 -73.20 -67.27
N TYR K 526 -84.44 -72.95 -67.23
CA TYR K 526 -85.14 -72.80 -65.94
C TYR K 526 -85.21 -74.12 -65.20
N GLU K 527 -85.41 -75.23 -65.91
CA GLU K 527 -85.42 -76.54 -65.27
C GLU K 527 -84.05 -76.89 -64.70
N ARG K 528 -82.99 -76.56 -65.45
CA ARG K 528 -81.63 -76.78 -64.94
C ARG K 528 -81.34 -75.92 -63.73
N ALA K 529 -81.82 -74.68 -63.73
CA ALA K 529 -81.65 -73.82 -62.56
C ALA K 529 -82.45 -74.30 -61.36
N ARG K 530 -83.64 -74.88 -61.61
CA ARG K 530 -84.40 -75.51 -60.53
C ARG K 530 -83.64 -76.70 -59.95
N ALA K 531 -83.03 -77.51 -60.81
CA ALA K 531 -82.22 -78.63 -60.35
C ALA K 531 -81.02 -78.16 -59.55
N LEU K 532 -80.39 -77.06 -59.99
CA LEU K 532 -79.27 -76.48 -59.24
C LEU K 532 -79.72 -75.95 -57.89
N TYR K 533 -80.91 -75.34 -57.83
CA TYR K 533 -81.46 -74.89 -56.56
C TYR K 533 -81.72 -76.06 -55.62
N GLU K 534 -82.26 -77.15 -56.15
CA GLU K 534 -82.49 -78.34 -55.33
C GLU K 534 -81.17 -78.94 -54.83
N ARG K 535 -80.16 -78.98 -55.69
CA ARG K 535 -78.85 -79.49 -55.29
C ARG K 535 -78.21 -78.61 -54.22
N LEU K 536 -78.31 -77.29 -54.38
CA LEU K 536 -77.76 -76.37 -53.40
C LEU K 536 -78.48 -76.47 -52.06
N LEU K 537 -79.80 -76.65 -52.09
CA LEU K 537 -80.55 -76.81 -50.84
C LEU K 537 -80.23 -78.15 -50.19
N GLN K 538 -80.01 -79.20 -50.99
CA GLN K 538 -79.62 -80.49 -50.44
C GLN K 538 -78.24 -80.41 -49.80
N LYS K 539 -77.31 -79.67 -50.42
CA LYS K 539 -75.99 -79.49 -49.83
C LYS K 539 -76.07 -78.66 -48.54
N ALA K 540 -76.90 -77.61 -48.55
CA ALA K 540 -77.08 -76.77 -47.37
C ALA K 540 -78.41 -76.05 -47.50
N ASP K 541 -79.34 -76.35 -46.60
CA ASP K 541 -80.63 -75.67 -46.58
C ASP K 541 -80.48 -74.32 -45.90
N HIS K 542 -80.72 -73.24 -46.64
CA HIS K 542 -80.63 -71.91 -46.09
C HIS K 542 -81.82 -71.07 -46.49
N PRO K 543 -82.30 -70.20 -45.60
CA PRO K 543 -83.41 -69.29 -45.96
C PRO K 543 -83.08 -68.36 -47.12
N LYS K 544 -81.83 -67.93 -47.25
CA LYS K 544 -81.44 -67.12 -48.40
C LYS K 544 -81.57 -67.89 -49.70
N VAL K 545 -81.17 -69.16 -49.70
CA VAL K 545 -81.30 -69.99 -50.89
C VAL K 545 -82.78 -70.24 -51.20
N TRP K 546 -83.60 -70.44 -50.17
CA TRP K 546 -85.03 -70.62 -50.38
C TRP K 546 -85.67 -69.36 -50.95
N ILE K 547 -85.27 -68.18 -50.44
CA ILE K 547 -85.77 -66.91 -50.95
C ILE K 547 -85.38 -66.72 -52.41
N SER K 548 -84.12 -67.04 -52.74
CA SER K 548 -83.66 -66.90 -54.12
C SER K 548 -84.37 -67.89 -55.05
N TYR K 549 -84.67 -69.09 -54.55
CA TYR K 549 -85.44 -70.06 -55.34
C TYR K 549 -86.85 -69.54 -55.59
N ALA K 550 -87.49 -68.97 -54.57
CA ALA K 550 -88.83 -68.41 -54.74
C ALA K 550 -88.82 -67.23 -55.71
N GLN K 551 -87.80 -66.38 -55.63
CA GLN K 551 -87.70 -65.23 -56.52
C GLN K 551 -87.41 -65.67 -57.95
N PHE K 552 -86.63 -66.73 -58.13
CA PHE K 552 -86.41 -67.29 -59.46
C PHE K 552 -87.69 -67.89 -60.02
N GLU K 553 -88.49 -68.54 -59.17
CA GLU K 553 -89.78 -69.05 -59.61
C GLU K 553 -90.73 -67.92 -59.99
N ILE K 554 -90.64 -66.79 -59.30
CA ILE K 554 -91.38 -65.59 -59.72
C ILE K 554 -90.89 -65.12 -61.08
N ASN K 555 -89.56 -65.07 -61.27
CA ASN K 555 -88.96 -64.58 -62.49
C ASN K 555 -89.12 -65.52 -63.67
N ILE K 556 -89.56 -66.76 -63.45
CA ILE K 556 -89.81 -67.70 -64.54
C ILE K 556 -90.99 -67.21 -65.36
N PRO K 557 -90.83 -67.02 -66.67
CA PRO K 557 -91.96 -66.57 -67.50
C PRO K 557 -92.83 -67.73 -67.96
N ASP K 558 -93.82 -67.43 -68.80
CA ASP K 558 -94.70 -68.44 -69.36
C ASP K 558 -94.70 -68.31 -70.87
N THR K 559 -95.00 -69.42 -71.55
CA THR K 559 -95.04 -69.41 -73.01
C THR K 559 -96.16 -68.52 -73.54
N GLU K 560 -97.35 -68.59 -72.91
CA GLU K 560 -98.46 -67.75 -73.33
C GLU K 560 -98.17 -66.28 -73.05
N THR K 561 -97.54 -65.98 -71.91
CA THR K 561 -97.17 -64.60 -71.59
C THR K 561 -96.13 -64.07 -72.57
N GLU K 562 -95.16 -64.90 -72.97
CA GLU K 562 -94.17 -64.49 -73.94
C GLU K 562 -94.79 -64.28 -75.32
N ALA K 563 -95.78 -65.11 -75.68
CA ALA K 563 -96.43 -64.97 -76.97
C ALA K 563 -97.32 -63.73 -77.02
N GLN K 564 -97.99 -63.41 -75.91
CA GLN K 564 -98.91 -62.29 -75.86
C GLN K 564 -98.24 -60.98 -75.42
N ALA K 565 -96.96 -61.03 -75.04
CA ALA K 565 -96.26 -59.84 -74.58
C ALA K 565 -95.64 -59.11 -75.76
N ALA K 566 -95.90 -57.80 -75.84
CA ALA K 566 -95.35 -56.96 -76.89
C ALA K 566 -94.04 -56.31 -76.43
N GLU K 567 -93.33 -55.72 -77.38
CA GLU K 567 -92.07 -55.06 -77.06
C GLU K 567 -92.33 -53.75 -76.33
N GLY K 568 -91.47 -53.46 -75.36
CA GLY K 568 -91.57 -52.24 -74.58
C GLY K 568 -92.52 -52.29 -73.40
N GLU K 569 -93.16 -53.44 -73.15
CA GLU K 569 -94.10 -53.59 -72.05
C GLU K 569 -93.54 -54.58 -71.03
N GLU K 570 -93.73 -54.26 -69.74
CA GLU K 570 -93.25 -55.13 -68.68
C GLU K 570 -94.07 -56.41 -68.62
N ILE K 571 -93.40 -57.52 -68.33
CA ILE K 571 -94.06 -58.82 -68.20
C ILE K 571 -94.74 -58.87 -66.83
N PRO K 572 -96.05 -59.08 -66.78
CA PRO K 572 -96.72 -59.20 -65.48
C PRO K 572 -96.33 -60.49 -64.77
N VAL K 573 -96.40 -60.44 -63.44
CA VAL K 573 -96.06 -61.60 -62.61
C VAL K 573 -97.18 -62.63 -62.74
N SER K 574 -96.82 -63.86 -63.08
CA SER K 574 -97.81 -64.90 -63.31
C SER K 574 -98.39 -65.40 -61.98
N GLU K 575 -99.69 -65.71 -62.00
CA GLU K 575 -100.31 -66.32 -60.83
C GLU K 575 -99.76 -67.70 -60.56
N ALA K 576 -99.42 -68.45 -61.62
CA ALA K 576 -98.75 -69.74 -61.44
C ALA K 576 -97.37 -69.55 -60.82
N ALA K 577 -96.66 -68.49 -61.21
CA ALA K 577 -95.37 -68.19 -60.60
C ALA K 577 -95.52 -67.83 -59.13
N LYS K 578 -96.56 -67.06 -58.80
CA LYS K 578 -96.83 -66.72 -57.39
C LYS K 578 -97.17 -67.96 -56.58
N ALA K 579 -97.97 -68.86 -57.14
CA ALA K 579 -98.31 -70.11 -56.45
C ALA K 579 -97.08 -70.99 -56.28
N ARG K 580 -96.20 -71.04 -57.28
CA ARG K 580 -94.96 -71.80 -57.16
C ARG K 580 -94.06 -71.22 -56.07
N ALA K 581 -93.96 -69.88 -56.02
CA ALA K 581 -93.17 -69.23 -54.97
C ALA K 581 -93.76 -69.49 -53.59
N ARG K 582 -95.09 -69.50 -53.48
CA ARG K 582 -95.73 -69.82 -52.22
C ARG K 582 -95.48 -71.27 -51.81
N GLY K 583 -95.47 -72.20 -52.78
CA GLY K 583 -95.13 -73.58 -52.46
C GLY K 583 -93.69 -73.74 -52.03
N VAL K 584 -92.77 -73.00 -52.67
CA VAL K 584 -91.37 -72.98 -52.25
C VAL K 584 -91.24 -72.45 -50.83
N PHE K 585 -91.97 -71.38 -50.52
CA PHE K 585 -91.91 -70.82 -49.17
C PHE K 585 -92.51 -71.77 -48.14
N GLU K 586 -93.57 -72.50 -48.50
CA GLU K 586 -94.17 -73.47 -47.58
C GLU K 586 -93.22 -74.65 -47.34
N ARG K 587 -92.57 -75.14 -48.38
CA ARG K 587 -91.58 -76.20 -48.21
C ARG K 587 -90.39 -75.72 -47.38
N ALA K 588 -89.99 -74.46 -47.58
CA ALA K 588 -88.96 -73.85 -46.75
C ALA K 588 -89.38 -73.80 -45.29
N LEU K 589 -90.63 -73.41 -45.03
CA LEU K 589 -91.15 -73.36 -43.68
C LEU K 589 -91.17 -74.76 -43.05
N LYS K 590 -91.53 -75.78 -43.84
CA LYS K 590 -91.57 -77.14 -43.33
C LYS K 590 -90.19 -77.65 -42.96
N SER K 591 -89.22 -77.50 -43.86
CA SER K 591 -87.86 -77.97 -43.58
C SER K 591 -87.21 -77.17 -42.46
N MET K 592 -87.44 -75.86 -42.43
CA MET K 592 -86.93 -75.00 -41.38
C MET K 592 -87.57 -75.32 -40.03
N LYS K 593 -88.86 -75.68 -40.02
CA LYS K 593 -89.51 -76.06 -38.77
C LYS K 593 -89.03 -77.42 -38.29
N GLU K 594 -88.67 -78.30 -39.23
CA GLU K 594 -87.96 -79.52 -38.83
C GLU K 594 -86.61 -79.21 -38.22
N ARG K 595 -85.91 -78.22 -38.78
CA ARG K 595 -84.59 -77.84 -38.28
C ARG K 595 -84.63 -77.01 -36.99
N ASP K 596 -85.79 -76.45 -36.63
CA ASP K 596 -86.02 -75.73 -35.38
C ASP K 596 -85.08 -74.53 -35.22
N LEU K 597 -85.28 -73.55 -36.10
CA LEU K 597 -84.48 -72.31 -36.10
C LEU K 597 -85.44 -71.12 -36.04
N LYS K 598 -85.50 -70.48 -34.86
CA LYS K 598 -86.48 -69.42 -34.63
C LYS K 598 -86.08 -68.10 -35.28
N ALA K 599 -84.79 -67.76 -35.28
CA ALA K 599 -84.34 -66.56 -35.96
C ALA K 599 -84.55 -66.67 -37.47
N GLU K 600 -84.25 -67.84 -38.03
CA GLU K 600 -84.56 -68.09 -39.44
C GLU K 600 -86.06 -68.12 -39.67
N ARG K 601 -86.85 -68.52 -38.67
CA ARG K 601 -88.30 -68.46 -38.80
C ARG K 601 -88.79 -67.02 -38.91
N VAL K 602 -88.25 -66.14 -38.07
CA VAL K 602 -88.60 -64.71 -38.15
C VAL K 602 -88.18 -64.13 -39.49
N ALA K 603 -86.97 -64.47 -39.95
CA ALA K 603 -86.48 -63.96 -41.23
C ALA K 603 -87.31 -64.46 -42.40
N LEU K 604 -87.68 -65.74 -42.40
CA LEU K 604 -88.46 -66.30 -43.50
C LEU K 604 -89.89 -65.79 -43.50
N LEU K 605 -90.47 -65.59 -42.31
CA LEU K 605 -91.80 -65.01 -42.22
C LEU K 605 -91.81 -63.58 -42.72
N ARG K 606 -90.77 -62.80 -42.38
CA ARG K 606 -90.68 -61.43 -42.88
C ARG K 606 -90.46 -61.40 -44.38
N ALA K 607 -89.68 -62.35 -44.92
CA ALA K 607 -89.47 -62.43 -46.36
C ALA K 607 -90.76 -62.78 -47.10
N TRP K 608 -91.52 -63.74 -46.58
CA TRP K 608 -92.80 -64.08 -47.20
C TRP K 608 -93.80 -62.93 -47.08
N LEU K 609 -93.74 -62.20 -45.95
CA LEU K 609 -94.57 -61.01 -45.80
C LEU K 609 -94.22 -59.95 -46.84
N GLU K 610 -92.92 -59.75 -47.10
CA GLU K 610 -92.49 -58.81 -48.13
C GLU K 610 -92.94 -59.25 -49.52
N PHE K 611 -92.84 -60.55 -49.80
CA PHE K 611 -93.26 -61.07 -51.10
C PHE K 611 -94.76 -60.87 -51.31
N GLU K 612 -95.57 -61.19 -50.30
CA GLU K 612 -97.01 -61.03 -50.45
C GLU K 612 -97.44 -59.57 -50.37
N ARG K 613 -96.61 -58.69 -49.81
CA ARG K 613 -96.88 -57.26 -49.91
C ARG K 613 -96.59 -56.74 -51.31
N THR K 614 -95.50 -57.22 -51.92
CA THR K 614 -95.11 -56.72 -53.24
C THR K 614 -96.00 -57.26 -54.34
N HIS K 615 -96.33 -58.56 -54.30
CA HIS K 615 -97.04 -59.17 -55.41
C HIS K 615 -98.30 -59.91 -54.98
N GLY K 616 -98.32 -60.39 -53.74
CA GLY K 616 -99.39 -61.24 -53.26
C GLY K 616 -100.61 -60.47 -52.79
N ALA K 617 -101.39 -61.14 -51.94
CA ALA K 617 -102.67 -60.62 -51.48
C ALA K 617 -102.60 -60.18 -50.02
N ALA K 618 -103.50 -59.26 -49.67
CA ALA K 618 -103.57 -58.75 -48.31
C ALA K 618 -104.05 -59.81 -47.33
N GLU K 619 -104.85 -60.77 -47.80
CA GLU K 619 -105.25 -61.88 -46.94
C GLU K 619 -104.05 -62.74 -46.55
N ASP K 620 -103.17 -63.03 -47.52
CA ASP K 620 -101.94 -63.75 -47.21
C ASP K 620 -101.00 -62.91 -46.36
N VAL K 621 -101.01 -61.59 -46.56
CA VAL K 621 -100.21 -60.70 -45.71
C VAL K 621 -100.66 -60.78 -44.26
N GLU K 622 -101.98 -60.74 -44.04
CA GLU K 622 -102.52 -60.85 -42.69
C GLU K 622 -102.29 -62.23 -42.09
N ARG K 623 -102.35 -63.28 -42.93
CA ARG K 623 -102.07 -64.63 -42.45
C ARG K 623 -100.62 -64.77 -42.00
N ILE K 624 -99.68 -64.19 -42.75
CA ILE K 624 -98.28 -64.24 -42.38
C ILE K 624 -98.02 -63.40 -41.14
N ARG K 625 -98.68 -62.25 -41.03
CA ARG K 625 -98.55 -61.42 -39.82
C ARG K 625 -99.08 -62.14 -38.59
N ARG K 626 -100.17 -62.90 -38.74
CA ARG K 626 -100.66 -63.73 -37.64
C ARG K 626 -99.69 -64.86 -37.32
N GLN K 627 -99.05 -65.43 -38.36
CA GLN K 627 -98.07 -66.48 -38.17
C GLN K 627 -96.80 -65.96 -37.51
N VAL L 4 -30.77 -39.20 34.37
CA VAL L 4 -29.51 -39.69 33.83
C VAL L 4 -29.40 -39.36 32.34
N LYS L 5 -28.19 -39.50 31.80
CA LYS L 5 -27.94 -39.19 30.40
C LYS L 5 -28.55 -40.24 29.49
N GLY L 6 -29.75 -39.98 29.00
CA GLY L 6 -30.41 -40.92 28.09
C GLY L 6 -31.88 -40.64 28.02
N GLY L 7 -32.63 -41.69 27.73
CA GLY L 7 -34.07 -41.58 27.68
C GLY L 7 -34.59 -41.33 26.28
N VAL L 8 -35.82 -40.88 26.24
CA VAL L 8 -36.51 -40.64 24.98
C VAL L 8 -35.98 -39.35 24.36
N TRP L 9 -35.99 -39.30 23.03
CA TRP L 9 -35.64 -38.11 22.28
C TRP L 9 -36.92 -37.33 22.00
N THR L 10 -36.96 -36.08 22.41
CA THR L 10 -38.14 -35.25 22.22
C THR L 10 -37.89 -34.26 21.10
N ASN L 11 -38.92 -33.46 20.81
CA ASN L 11 -38.84 -32.51 19.70
C ASN L 11 -37.90 -31.36 20.04
N ILE L 12 -37.90 -30.91 21.29
CA ILE L 12 -36.94 -29.88 21.73
C ILE L 12 -35.52 -30.36 21.49
N GLU L 13 -35.24 -31.60 21.88
CA GLU L 13 -33.90 -32.15 21.74
C GLU L 13 -33.52 -32.32 20.28
N ASP L 14 -34.45 -32.78 19.43
CA ASP L 14 -34.13 -32.97 18.03
C ASP L 14 -33.90 -31.65 17.32
N GLU L 15 -34.68 -30.62 17.65
CA GLU L 15 -34.51 -29.34 16.97
C GLU L 15 -33.27 -28.62 17.44
N ILE L 16 -32.97 -28.69 18.74
CA ILE L 16 -31.72 -28.12 19.24
C ILE L 16 -30.54 -28.88 18.65
N LEU L 17 -30.67 -30.20 18.49
CA LEU L 17 -29.62 -30.98 17.85
C LEU L 17 -29.38 -30.53 16.42
N LYS L 18 -30.45 -30.29 15.66
CA LYS L 18 -30.28 -29.83 14.28
C LYS L 18 -29.66 -28.44 14.21
N ALA L 19 -30.09 -27.52 15.08
CA ALA L 19 -29.50 -26.18 15.08
C ALA L 19 -28.04 -26.22 15.53
N ALA L 20 -27.72 -27.09 16.48
CA ALA L 20 -26.36 -27.25 16.94
C ALA L 20 -25.48 -27.86 15.86
N VAL L 21 -26.01 -28.79 15.09
CA VAL L 21 -25.28 -29.34 13.96
C VAL L 21 -25.05 -28.27 12.91
N SER L 22 -26.02 -27.36 12.76
CA SER L 22 -25.86 -26.29 11.80
C SER L 22 -24.79 -25.29 12.23
N LYS L 23 -24.61 -25.11 13.54
CA LYS L 23 -23.47 -24.31 13.98
C LYS L 23 -22.15 -25.09 13.98
N TYR L 24 -22.15 -26.35 14.42
CA TYR L 24 -20.94 -27.03 14.83
C TYR L 24 -20.47 -28.11 13.88
N GLY L 25 -21.24 -28.42 12.84
CA GLY L 25 -20.95 -29.52 11.97
C GLY L 25 -21.23 -30.86 12.61
N LEU L 26 -20.61 -31.89 12.03
CA LEU L 26 -20.84 -33.28 12.41
C LEU L 26 -19.62 -33.94 13.03
N ASN L 27 -18.61 -33.17 13.40
CA ASN L 27 -17.40 -33.71 14.01
C ASN L 27 -17.11 -33.07 15.37
N GLN L 28 -18.12 -32.53 16.04
CA GLN L 28 -17.96 -31.79 17.29
C GLN L 28 -19.11 -32.14 18.24
N TRP L 29 -19.37 -33.43 18.37
CA TRP L 29 -20.51 -33.93 19.14
C TRP L 29 -20.44 -33.58 20.61
N ALA L 30 -19.27 -33.27 21.15
CA ALA L 30 -19.20 -32.80 22.53
C ALA L 30 -19.74 -31.39 22.68
N ARG L 31 -19.47 -30.50 21.72
CA ARG L 31 -20.12 -29.20 21.72
C ARG L 31 -21.63 -29.33 21.54
N VAL L 32 -22.05 -30.23 20.64
CA VAL L 32 -23.46 -30.43 20.39
C VAL L 32 -24.18 -30.95 21.64
N SER L 33 -23.57 -31.93 22.31
CA SER L 33 -24.14 -32.48 23.52
C SER L 33 -24.14 -31.49 24.66
N SER L 34 -23.15 -30.61 24.68
CA SER L 34 -23.11 -29.52 25.64
C SER L 34 -24.33 -28.62 25.51
N LEU L 35 -24.82 -28.41 24.29
CA LEU L 35 -26.14 -27.79 24.20
C LEU L 35 -27.22 -28.74 24.70
N LEU L 36 -27.21 -29.98 24.25
CA LEU L 36 -28.23 -30.95 24.68
C LEU L 36 -27.87 -31.64 25.98
N ALA L 37 -27.62 -30.90 27.03
CA ALA L 37 -27.22 -31.51 28.30
C ALA L 37 -28.37 -32.28 28.98
N ARG L 38 -28.85 -33.31 28.29
CA ARG L 38 -29.48 -34.50 28.84
C ARG L 38 -29.00 -35.74 28.10
N LYS L 39 -28.17 -35.59 27.08
CA LYS L 39 -27.67 -36.68 26.25
C LYS L 39 -26.16 -36.62 26.18
N THR L 40 -25.54 -37.78 25.98
CA THR L 40 -24.11 -37.88 25.77
C THR L 40 -23.74 -37.51 24.33
N PRO L 41 -22.46 -37.18 24.08
CA PRO L 41 -22.02 -37.00 22.69
C PRO L 41 -22.23 -38.23 21.82
N LYS L 42 -22.06 -39.42 22.39
CA LYS L 42 -22.32 -40.66 21.67
C LYS L 42 -23.79 -40.78 21.32
N GLN L 43 -24.67 -40.33 22.20
CA GLN L 43 -26.11 -40.39 21.93
C GLN L 43 -26.52 -39.37 20.88
N CYS L 44 -25.94 -38.17 20.92
CA CYS L 44 -26.24 -37.17 19.90
C CYS L 44 -25.78 -37.64 18.53
N LYS L 45 -24.59 -38.25 18.48
CA LYS L 45 -24.11 -38.81 17.22
C LYS L 45 -24.98 -39.95 16.73
N ALA L 46 -25.40 -40.84 17.65
CA ALA L 46 -26.26 -41.95 17.26
C ALA L 46 -27.62 -41.46 16.78
N ARG L 47 -28.15 -40.40 17.40
CA ARG L 47 -29.42 -39.83 16.96
C ARG L 47 -29.31 -39.24 15.56
N TRP L 48 -28.21 -38.53 15.26
CA TRP L 48 -28.03 -38.05 13.90
C TRP L 48 -27.89 -39.19 12.91
N ASN L 49 -27.09 -40.20 13.26
CA ASN L 49 -26.78 -41.25 12.30
C ASN L 49 -27.96 -42.18 12.07
N GLU L 50 -28.80 -42.41 13.08
CA GLU L 50 -29.88 -43.36 12.95
C GLU L 50 -31.23 -42.72 12.68
N TRP L 51 -31.43 -41.45 13.03
CA TRP L 51 -32.69 -40.81 12.73
C TRP L 51 -32.59 -39.54 11.90
N LEU L 52 -31.76 -38.58 12.31
CA LEU L 52 -31.91 -37.21 11.82
C LEU L 52 -31.14 -36.92 10.54
N ASP L 53 -30.29 -37.81 10.11
CA ASP L 53 -29.60 -37.64 8.84
C ASP L 53 -30.62 -37.58 7.71
N PRO L 54 -30.51 -36.63 6.78
CA PRO L 54 -31.55 -36.49 5.74
C PRO L 54 -31.54 -37.57 4.69
N SER L 55 -30.62 -38.51 4.71
CA SER L 55 -30.65 -39.59 3.74
C SER L 55 -31.44 -40.79 4.23
N ILE L 56 -32.07 -40.69 5.39
CA ILE L 56 -32.76 -41.81 5.99
C ILE L 56 -34.20 -41.82 5.53
N LYS L 57 -34.62 -42.92 4.90
CA LYS L 57 -35.97 -43.07 4.39
C LYS L 57 -36.86 -43.61 5.51
N LYS L 58 -37.86 -42.82 5.90
CA LYS L 58 -38.81 -43.25 6.91
C LYS L 58 -40.18 -43.53 6.33
N ILE L 59 -40.28 -43.67 5.02
CA ILE L 59 -41.52 -44.06 4.35
C ILE L 59 -41.65 -45.58 4.42
N GLU L 60 -42.81 -46.10 4.05
CA GLU L 60 -43.06 -47.53 4.15
C GLU L 60 -42.25 -48.29 3.09
N TRP L 61 -41.89 -49.52 3.43
CA TRP L 61 -41.01 -50.32 2.58
C TRP L 61 -41.74 -50.79 1.34
N SER L 62 -41.07 -50.70 0.20
CA SER L 62 -41.65 -51.23 -1.02
C SER L 62 -41.38 -52.73 -1.10
N ARG L 63 -42.02 -53.37 -2.08
CA ARG L 63 -41.87 -54.81 -2.25
C ARG L 63 -40.49 -55.18 -2.75
N GLU L 64 -39.90 -54.34 -3.61
CA GLU L 64 -38.52 -54.59 -4.04
C GLU L 64 -37.56 -54.49 -2.87
N GLU L 65 -37.78 -53.50 -1.99
CA GLU L 65 -36.96 -53.36 -0.80
C GLU L 65 -37.09 -54.57 0.11
N ASP L 66 -38.32 -55.07 0.29
CA ASP L 66 -38.51 -56.24 1.14
C ASP L 66 -37.83 -57.47 0.55
N GLU L 67 -37.92 -57.64 -0.77
CA GLU L 67 -37.27 -58.78 -1.41
C GLU L 67 -35.76 -58.70 -1.28
N LYS L 68 -35.19 -57.50 -1.45
CA LYS L 68 -33.76 -57.31 -1.27
C LYS L 68 -33.33 -57.58 0.16
N LEU L 69 -34.13 -57.14 1.14
CA LEU L 69 -33.79 -57.33 2.54
C LEU L 69 -33.78 -58.80 2.91
N LEU L 70 -34.81 -59.54 2.50
CA LEU L 70 -34.84 -60.97 2.82
C LEU L 70 -33.73 -61.73 2.09
N HIS L 71 -33.47 -61.36 0.85
CA HIS L 71 -32.42 -62.03 0.08
C HIS L 71 -31.05 -61.82 0.71
N LEU L 72 -30.75 -60.58 1.13
CA LEU L 72 -29.47 -60.32 1.76
C LEU L 72 -29.38 -60.90 3.16
N ALA L 73 -30.48 -60.93 3.91
CA ALA L 73 -30.44 -61.56 5.22
C ALA L 73 -30.24 -63.05 5.12
N LYS L 74 -30.65 -63.65 4.01
CA LYS L 74 -30.31 -65.05 3.77
C LYS L 74 -28.85 -65.21 3.38
N LEU L 75 -28.31 -64.29 2.58
CA LEU L 75 -26.92 -64.41 2.15
C LEU L 75 -25.93 -64.19 3.30
N MET L 76 -25.98 -63.01 3.93
CA MET L 76 -25.02 -62.66 4.97
C MET L 76 -25.74 -62.64 6.31
N PRO L 77 -25.86 -63.78 7.00
CA PRO L 77 -26.78 -63.84 8.14
C PRO L 77 -26.29 -63.04 9.32
N THR L 78 -27.25 -62.43 10.01
CA THR L 78 -27.14 -61.55 11.19
C THR L 78 -26.10 -60.44 11.04
N GLN L 79 -25.68 -60.12 9.82
CA GLN L 79 -24.68 -59.09 9.59
C GLN L 79 -25.39 -57.81 9.14
N TRP L 80 -26.00 -57.13 10.10
CA TRP L 80 -26.92 -56.05 9.78
C TRP L 80 -26.20 -54.77 9.39
N ARG L 81 -25.07 -54.47 10.00
CA ARG L 81 -24.28 -53.32 9.57
C ARG L 81 -23.71 -53.50 8.17
N THR L 82 -23.57 -54.73 7.71
CA THR L 82 -23.17 -54.99 6.33
C THR L 82 -24.35 -54.96 5.38
N ILE L 83 -25.48 -55.52 5.81
CA ILE L 83 -26.66 -55.61 4.98
C ILE L 83 -27.24 -54.23 4.70
N ALA L 84 -27.24 -53.36 5.71
CA ALA L 84 -27.98 -52.10 5.63
C ALA L 84 -27.57 -51.15 4.50
N PRO L 85 -26.29 -50.91 4.19
CA PRO L 85 -25.99 -50.07 3.02
C PRO L 85 -26.42 -50.66 1.70
N ILE L 86 -26.44 -51.98 1.56
CA ILE L 86 -26.87 -52.58 0.30
C ILE L 86 -28.38 -52.44 0.12
N VAL L 87 -29.14 -52.65 1.18
CA VAL L 87 -30.58 -52.45 1.12
C VAL L 87 -30.91 -50.98 0.91
N GLY L 88 -30.27 -50.10 1.65
CA GLY L 88 -30.50 -48.67 1.56
C GLY L 88 -31.18 -48.06 2.76
N ARG L 89 -31.45 -48.83 3.80
CA ARG L 89 -32.03 -48.34 5.04
C ARG L 89 -31.01 -48.51 6.16
N THR L 90 -31.34 -48.02 7.34
CA THR L 90 -30.45 -48.18 8.47
C THR L 90 -30.46 -49.63 8.95
N ALA L 91 -29.47 -49.98 9.76
CA ALA L 91 -29.36 -51.33 10.28
C ALA L 91 -30.52 -51.66 11.21
N ASN L 92 -30.94 -50.70 12.03
CA ASN L 92 -32.08 -50.94 12.90
C ASN L 92 -33.38 -51.00 12.12
N GLN L 93 -33.51 -50.20 11.06
CA GLN L 93 -34.69 -50.28 10.21
C GLN L 93 -34.76 -51.62 9.50
N CYS L 94 -33.64 -52.11 8.99
CA CYS L 94 -33.61 -53.40 8.31
C CYS L 94 -33.93 -54.52 9.26
N LEU L 95 -33.38 -54.48 10.47
CA LEU L 95 -33.62 -55.52 11.45
C LEU L 95 -35.07 -55.54 11.92
N GLU L 96 -35.64 -54.35 12.17
CA GLU L 96 -37.01 -54.28 12.63
C GLU L 96 -37.98 -54.69 11.55
N ARG L 97 -37.71 -54.31 10.29
CA ARG L 97 -38.56 -54.74 9.19
C ARG L 97 -38.45 -56.23 8.95
N TYR L 98 -37.26 -56.80 9.09
CA TYR L 98 -37.08 -58.22 8.89
C TYR L 98 -37.84 -59.03 9.94
N GLN L 99 -37.77 -58.62 11.20
CA GLN L 99 -38.52 -59.36 12.21
C GLN L 99 -40.02 -59.10 12.08
N LYS L 100 -40.41 -57.92 11.57
CA LYS L 100 -41.83 -57.68 11.32
C LYS L 100 -42.35 -58.56 10.18
N LEU L 101 -41.56 -58.75 9.13
CA LEU L 101 -41.96 -59.63 8.04
C LEU L 101 -42.06 -61.08 8.50
N LEU L 102 -41.10 -61.53 9.31
CA LEU L 102 -41.18 -62.89 9.84
C LEU L 102 -42.40 -63.08 10.74
N ASP L 103 -42.71 -62.09 11.57
CA ASP L 103 -43.89 -62.21 12.43
C ASP L 103 -45.18 -62.13 11.63
N GLU L 104 -45.21 -61.33 10.56
CA GLU L 104 -46.39 -61.27 9.71
C GLU L 104 -46.63 -62.60 9.01
N ALA L 105 -45.58 -63.23 8.52
CA ALA L 105 -45.75 -64.54 7.89
C ALA L 105 -46.11 -65.61 8.91
N GLU L 106 -45.61 -65.49 10.14
CA GLU L 106 -46.04 -66.39 11.21
C GLU L 106 -47.53 -66.26 11.51
N GLN L 107 -48.03 -65.02 11.57
CA GLN L 107 -49.45 -64.81 11.83
C GLN L 107 -50.30 -65.28 10.65
N ARG L 108 -49.82 -65.13 9.43
CA ARG L 108 -50.61 -65.63 8.30
C ARG L 108 -50.59 -67.15 8.24
N GLU L 109 -49.50 -67.78 8.71
CA GLU L 109 -49.49 -69.24 8.84
C GLU L 109 -50.50 -69.71 9.88
N ALA L 110 -50.54 -69.02 11.03
CA ALA L 110 -51.50 -69.37 12.07
C ALA L 110 -52.94 -69.16 11.60
N SER L 111 -53.18 -68.08 10.85
CA SER L 111 -54.52 -67.82 10.34
C SER L 111 -54.92 -68.83 9.27
N GLU L 112 -53.97 -69.25 8.44
CA GLU L 112 -54.26 -70.25 7.42
C GLU L 112 -54.55 -71.61 8.03
N LEU L 113 -53.80 -71.98 9.08
CA LEU L 113 -54.08 -73.23 9.76
C LEU L 113 -55.39 -73.16 10.54
N GLY L 114 -55.73 -71.99 11.09
CA GLY L 114 -56.94 -71.86 11.87
C GLY L 114 -56.88 -72.58 13.20
N LEU L 115 -55.73 -72.54 13.89
CA LEU L 115 -55.63 -73.15 15.21
C LEU L 115 -56.51 -72.43 16.22
N THR L 116 -56.55 -71.10 16.18
CA THR L 116 -57.41 -70.33 17.05
C THR L 116 -58.84 -70.32 16.52
N GLY L 117 -59.77 -69.98 17.41
CA GLY L 117 -61.17 -69.92 17.05
C GLY L 117 -61.55 -68.58 16.46
N PRO L 118 -62.67 -68.02 16.92
CA PRO L 118 -63.07 -66.70 16.45
C PRO L 118 -62.14 -65.62 16.97
N ASP L 119 -62.05 -64.52 16.20
CA ASP L 119 -61.21 -63.38 16.58
C ASP L 119 -61.97 -62.41 17.48
N GLY L 120 -62.50 -62.93 18.59
CA GLY L 120 -63.20 -62.12 19.55
C GLY L 120 -62.93 -62.58 20.97
N GLY L 121 -61.95 -63.46 21.14
CA GLY L 121 -61.58 -64.01 22.42
C GLY L 121 -60.20 -63.56 22.87
N GLU L 122 -59.81 -64.07 24.04
CA GLU L 122 -58.55 -63.74 24.67
C GLU L 122 -57.56 -64.90 24.63
N THR L 123 -57.74 -65.83 23.71
CA THR L 123 -56.87 -67.00 23.59
C THR L 123 -55.72 -66.80 22.61
N ARG L 124 -55.57 -65.59 22.05
CA ARG L 124 -54.48 -65.34 21.11
C ARG L 124 -53.15 -65.26 21.85
N ALA L 125 -52.14 -65.95 21.31
CA ALA L 125 -50.80 -65.83 21.84
C ALA L 125 -50.24 -64.44 21.53
N PRO L 126 -49.46 -63.84 22.43
CA PRO L 126 -48.91 -62.51 22.17
C PRO L 126 -47.85 -62.55 21.08
N THR L 127 -47.69 -61.41 20.40
CA THR L 127 -46.73 -61.30 19.31
C THR L 127 -45.31 -61.18 19.85
N ALA L 128 -44.34 -61.24 18.94
CA ALA L 128 -42.95 -61.02 19.32
C ALA L 128 -42.74 -59.60 19.82
N GLU L 129 -43.38 -58.62 19.16
CA GLU L 129 -43.36 -57.25 19.67
C GLU L 129 -44.12 -57.12 20.97
N ASP L 130 -45.08 -58.00 21.23
CA ASP L 130 -45.76 -57.99 22.53
C ASP L 130 -44.87 -58.53 23.64
N VAL L 131 -44.11 -59.58 23.38
CA VAL L 131 -43.14 -60.07 24.35
C VAL L 131 -42.02 -59.06 24.53
N ARG L 132 -41.62 -58.39 23.45
CA ARG L 132 -40.60 -57.36 23.52
C ARG L 132 -41.13 -56.03 24.04
N LYS L 133 -42.44 -55.91 24.23
CA LYS L 133 -42.99 -54.75 24.94
C LYS L 133 -42.44 -54.75 26.36
N LEU L 134 -42.03 -53.57 26.80
CA LEU L 134 -41.13 -53.44 27.94
C LEU L 134 -41.76 -53.95 29.24
N ARG L 135 -40.93 -54.59 30.05
CA ARG L 135 -41.29 -54.88 31.43
C ARG L 135 -41.47 -53.57 32.19
N PRO L 136 -42.26 -53.58 33.26
CA PRO L 136 -42.24 -52.44 34.18
C PRO L 136 -40.87 -52.33 34.81
N GLY L 137 -40.12 -51.30 34.40
CA GLY L 137 -38.72 -51.20 34.76
C GLY L 137 -37.81 -51.82 33.71
N GLU L 138 -38.07 -51.52 32.44
CA GLU L 138 -37.24 -51.96 31.32
C GLU L 138 -36.88 -50.75 30.49
N ILE L 139 -35.62 -50.71 30.04
CA ILE L 139 -35.10 -49.56 29.29
C ILE L 139 -35.16 -49.87 27.80
N ASP L 140 -35.50 -48.85 27.02
CA ASP L 140 -35.38 -48.93 25.57
C ASP L 140 -33.91 -48.99 25.19
N PRO L 141 -33.48 -49.96 24.37
CA PRO L 141 -32.10 -49.95 23.90
C PRO L 141 -31.85 -49.06 22.69
N ASP L 142 -32.88 -48.63 21.94
CA ASP L 142 -32.68 -47.80 20.75
C ASP L 142 -33.63 -46.59 20.70
N PRO L 143 -33.54 -45.70 21.69
CA PRO L 143 -34.35 -44.48 21.61
C PRO L 143 -33.87 -43.52 20.55
N GLU L 144 -32.65 -43.68 20.06
CA GLU L 144 -32.17 -42.89 18.94
C GLU L 144 -32.81 -43.33 17.64
N THR L 145 -33.32 -44.55 17.57
CA THR L 145 -34.06 -44.99 16.39
C THR L 145 -35.54 -44.72 16.51
N LYS L 146 -36.08 -44.64 17.72
CA LYS L 146 -37.48 -44.25 17.86
C LYS L 146 -37.71 -42.80 17.41
N PRO L 147 -38.87 -42.50 16.84
CA PRO L 147 -39.15 -41.12 16.39
C PRO L 147 -39.34 -40.16 17.56
N ALA L 148 -39.41 -38.88 17.22
CA ALA L 148 -39.40 -37.82 18.22
C ALA L 148 -40.74 -37.69 18.91
N ARG L 149 -40.70 -37.39 20.18
CA ARG L 149 -41.90 -37.20 20.99
C ARG L 149 -42.27 -35.72 21.04
N PRO L 150 -43.52 -35.36 20.75
CA PRO L 150 -43.88 -33.94 20.67
C PRO L 150 -43.81 -33.24 22.01
N ASP L 151 -43.63 -31.91 21.93
CA ASP L 151 -43.54 -31.08 23.11
C ASP L 151 -44.89 -30.98 23.81
N THR L 152 -44.85 -31.01 25.14
CA THR L 152 -46.05 -30.87 25.94
C THR L 152 -46.45 -29.40 26.05
N ILE L 153 -47.64 -29.17 26.60
CA ILE L 153 -48.13 -27.80 26.80
C ILE L 153 -47.22 -27.05 27.76
N ASP L 154 -46.94 -27.65 28.91
CA ASP L 154 -46.02 -27.10 29.89
C ASP L 154 -44.71 -27.84 29.77
N LEU L 155 -43.65 -27.12 29.44
CA LEU L 155 -42.32 -27.68 29.40
C LEU L 155 -41.80 -27.79 30.83
N ASP L 156 -40.76 -28.60 31.03
CA ASP L 156 -40.16 -28.58 32.35
C ASP L 156 -38.93 -27.66 32.37
N GLU L 157 -38.40 -27.44 33.58
CA GLU L 157 -37.43 -26.37 33.79
C GLU L 157 -36.11 -26.67 33.11
N ASP L 158 -35.73 -27.95 33.04
CA ASP L 158 -34.55 -28.34 32.27
C ASP L 158 -34.71 -27.96 30.80
N GLU L 159 -35.93 -28.08 30.27
CA GLU L 159 -36.16 -27.72 28.88
C GLU L 159 -36.24 -26.21 28.66
N LYS L 160 -36.76 -25.44 29.61
CA LYS L 160 -36.67 -23.99 29.45
C LYS L 160 -35.23 -23.50 29.49
N GLU L 161 -34.42 -24.03 30.41
CA GLU L 161 -33.02 -23.63 30.45
C GLU L 161 -32.28 -24.11 29.21
N MET L 162 -32.66 -25.27 28.69
CA MET L 162 -32.06 -25.81 27.48
C MET L 162 -32.34 -24.91 26.29
N LEU L 163 -33.58 -24.41 26.17
CA LEU L 163 -33.90 -23.48 25.08
C LEU L 163 -33.18 -22.15 25.24
N SER L 164 -33.10 -21.62 26.45
CA SER L 164 -32.42 -20.34 26.66
C SER L 164 -30.93 -20.43 26.34
N GLU L 165 -30.29 -21.50 26.81
CA GLU L 165 -28.88 -21.68 26.52
C GLU L 165 -28.62 -21.99 25.07
N ALA L 166 -29.56 -22.66 24.40
CA ALA L 166 -29.44 -22.88 22.97
C ALA L 166 -29.44 -21.56 22.22
N ARG L 167 -30.35 -20.65 22.58
CA ARG L 167 -30.40 -19.35 21.91
C ARG L 167 -29.12 -18.54 22.15
N ALA L 168 -28.64 -18.52 23.39
CA ALA L 168 -27.43 -17.75 23.68
C ALA L 168 -26.21 -18.33 22.97
N ARG L 169 -26.08 -19.65 22.96
CA ARG L 169 -24.92 -20.29 22.37
C ARG L 169 -24.92 -20.15 20.85
N LEU L 170 -26.10 -20.24 20.24
CA LEU L 170 -26.19 -20.02 18.80
C LEU L 170 -25.89 -18.58 18.44
N ALA L 171 -26.27 -17.63 19.28
CA ALA L 171 -26.01 -16.23 18.96
C ALA L 171 -24.53 -15.88 19.10
N ASN L 172 -23.85 -16.45 20.10
CA ASN L 172 -22.46 -16.10 20.37
C ASN L 172 -21.53 -16.53 19.24
N THR L 173 -20.60 -15.63 18.88
CA THR L 173 -19.62 -15.92 17.83
C THR L 173 -18.20 -15.57 18.20
N GLN L 174 -17.95 -14.85 19.27
CA GLN L 174 -16.64 -14.27 19.50
C GLN L 174 -15.87 -15.01 20.56
N GLY L 175 -14.55 -14.79 20.56
CA GLY L 175 -13.70 -15.22 21.62
C GLY L 175 -13.43 -14.10 22.62
N LYS L 176 -12.59 -14.44 23.59
CA LYS L 176 -12.36 -13.57 24.74
C LYS L 176 -11.60 -12.31 24.37
N LYS L 177 -10.58 -12.42 23.53
CA LYS L 177 -9.85 -11.22 23.14
C LYS L 177 -10.70 -10.29 22.29
N ALA L 178 -11.52 -10.82 21.39
CA ALA L 178 -12.39 -9.99 20.59
C ALA L 178 -13.41 -9.26 21.45
N LYS L 179 -13.94 -9.95 22.47
CA LYS L 179 -14.87 -9.30 23.37
C LYS L 179 -14.19 -8.21 24.21
N ARG L 180 -12.96 -8.43 24.66
CA ARG L 180 -12.28 -7.38 25.40
C ARG L 180 -11.95 -6.19 24.50
N LYS L 181 -11.64 -6.43 23.23
CA LYS L 181 -11.37 -5.29 22.34
C LYS L 181 -12.62 -4.46 22.12
N ALA L 182 -13.78 -5.09 21.96
CA ALA L 182 -15.01 -4.32 21.85
C ALA L 182 -15.30 -3.52 23.12
N ARG L 183 -15.12 -4.16 24.28
CA ARG L 183 -15.33 -3.48 25.56
C ARG L 183 -14.39 -2.30 25.72
N GLU L 184 -13.12 -2.47 25.37
CA GLU L 184 -12.17 -1.40 25.55
C GLU L 184 -12.33 -0.31 24.49
N ARG L 185 -12.89 -0.62 23.31
CA ARG L 185 -13.29 0.43 22.39
C ARG L 185 -14.36 1.33 23.00
N GLN L 186 -15.38 0.72 23.62
CA GLN L 186 -16.40 1.54 24.27
C GLN L 186 -15.82 2.33 25.44
N GLN L 187 -14.95 1.72 26.24
CA GLN L 187 -14.41 2.41 27.41
C GLN L 187 -13.47 3.54 27.00
N GLU L 188 -12.68 3.35 25.94
CA GLU L 188 -11.84 4.43 25.45
C GLU L 188 -12.67 5.56 24.86
N GLU L 189 -13.79 5.23 24.19
CA GLU L 189 -14.68 6.26 23.68
C GLU L 189 -15.26 7.11 24.81
N SER L 190 -15.73 6.45 25.88
CA SER L 190 -16.31 7.21 26.99
C SER L 190 -15.25 8.01 27.73
N ARG L 191 -14.06 7.45 27.91
CA ARG L 191 -12.98 8.17 28.59
C ARG L 191 -12.55 9.38 27.79
N ARG L 192 -12.49 9.26 26.46
CA ARG L 192 -12.14 10.39 25.62
C ARG L 192 -13.22 11.46 25.66
N LEU L 193 -14.49 11.07 25.70
CA LEU L 193 -15.57 12.05 25.84
C LEU L 193 -15.47 12.81 27.16
N ALA L 194 -15.18 12.09 28.25
CA ALA L 194 -15.03 12.76 29.55
C ALA L 194 -13.85 13.71 29.56
N ALA L 195 -12.71 13.29 28.99
CA ALA L 195 -11.54 14.17 28.95
C ALA L 195 -11.79 15.38 28.07
N LEU L 196 -12.54 15.20 26.97
CA LEU L 196 -12.91 16.32 26.13
C LEU L 196 -13.77 17.31 26.88
N GLN L 197 -14.72 16.82 27.67
CA GLN L 197 -15.56 17.69 28.48
C GLN L 197 -14.74 18.49 29.49
N LYS L 198 -13.80 17.83 30.17
CA LYS L 198 -12.98 18.53 31.14
C LYS L 198 -12.08 19.57 30.48
N ARG L 199 -11.52 19.24 29.31
CA ARG L 199 -10.67 20.19 28.62
C ARG L 199 -11.46 21.40 28.12
N ARG L 200 -12.68 21.18 27.63
CA ARG L 200 -13.52 22.29 27.21
C ARG L 200 -13.88 23.18 28.39
N GLU L 201 -14.14 22.59 29.56
CA GLU L 201 -14.44 23.41 30.72
C GLU L 201 -13.23 24.24 31.16
N LEU L 202 -12.03 23.66 31.10
CA LEU L 202 -10.84 24.44 31.43
C LEU L 202 -10.60 25.57 30.43
N LYS L 203 -10.76 25.28 29.14
CA LYS L 203 -10.56 26.29 28.11
C LYS L 203 -11.59 27.40 28.21
N THR L 204 -12.83 27.06 28.60
CA THR L 204 -13.83 28.08 28.86
C THR L 204 -13.47 28.91 30.10
N ALA L 205 -13.07 28.24 31.19
CA ALA L 205 -12.63 28.95 32.38
C ALA L 205 -11.12 29.16 32.38
N GLY L 206 -10.62 29.64 31.25
CA GLY L 206 -9.37 30.36 31.21
C GLY L 206 -8.11 29.58 30.88
N ILE L 207 -7.73 28.62 31.73
CA ILE L 207 -6.43 27.97 31.55
C ILE L 207 -6.47 27.06 30.33
N ASN L 208 -5.51 27.25 29.44
CA ASN L 208 -5.35 26.42 28.25
C ASN L 208 -4.07 25.63 28.39
N ILE L 209 -4.17 24.31 28.31
CA ILE L 209 -2.97 23.43 28.45
C ILE L 209 -3.00 22.35 27.37
N LYS L 210 -1.83 21.84 26.97
CA LYS L 210 -1.76 20.84 25.87
C LYS L 210 -1.80 19.42 26.45
N ILE L 211 -2.99 18.82 26.55
CA ILE L 211 -3.08 17.40 26.98
C ILE L 211 -2.47 16.57 25.85
N THR L 212 -1.28 16.01 26.06
CA THR L 212 -0.61 15.34 24.96
C THR L 212 -0.53 13.83 25.26
N THR L 213 -1.31 13.04 24.52
CA THR L 213 -1.32 11.58 24.68
C THR L 213 -0.20 10.88 23.91
N ARG L 214 0.79 11.64 23.44
CA ARG L 214 1.82 11.10 22.55
C ARG L 214 2.69 10.11 23.31
N LYS L 215 2.65 8.85 22.92
CA LYS L 215 3.30 7.78 23.65
C LYS L 215 4.78 7.69 23.30
N LYS L 216 5.40 6.59 23.72
CA LYS L 216 6.77 6.24 23.36
C LYS L 216 6.71 5.25 22.21
N GLY L 217 7.17 5.66 21.04
CA GLY L 217 7.14 4.82 19.86
C GLY L 217 5.96 5.04 18.93
N GLN L 218 5.52 6.27 18.76
CA GLN L 218 4.38 6.60 17.90
C GLN L 218 4.69 7.89 17.16
N MET L 219 4.37 7.92 15.87
CA MET L 219 4.61 9.11 15.06
C MET L 219 3.54 10.16 15.30
N ASP L 220 3.83 11.37 14.86
CA ASP L 220 2.90 12.48 14.97
C ASP L 220 2.37 12.79 13.57
N TYR L 221 1.31 12.06 13.22
CA TYR L 221 0.69 12.16 11.92
C TYR L 221 0.05 13.51 11.70
N ASN L 222 -0.35 14.20 12.77
CA ASN L 222 -0.79 15.58 12.65
C ASN L 222 0.37 16.49 12.33
N ALA L 223 1.53 16.23 12.95
CA ALA L 223 2.66 17.13 12.80
C ALA L 223 3.15 17.15 11.38
N ASP L 224 3.17 16.00 10.72
CA ASP L 224 3.78 16.04 9.41
C ASP L 224 3.06 15.05 8.50
N ILE L 225 3.09 15.29 7.19
CA ILE L 225 2.52 14.31 6.26
C ILE L 225 3.42 13.10 6.30
N PRO L 226 2.91 11.94 6.67
CA PRO L 226 3.78 10.78 6.90
C PRO L 226 4.22 10.15 5.59
N PHE L 227 5.52 9.91 5.46
CA PHE L 227 6.13 9.21 4.33
C PHE L 227 5.72 9.83 3.01
N GLU L 228 5.82 11.16 2.97
CA GLU L 228 5.18 11.95 1.94
C GLU L 228 5.70 11.61 0.56
N LYS L 229 4.77 11.31 -0.34
CA LYS L 229 5.06 11.02 -1.72
C LYS L 229 4.28 12.06 -2.52
N LYS L 230 4.98 12.99 -3.10
CA LYS L 230 4.35 14.01 -3.91
C LYS L 230 4.01 13.43 -5.30
N PRO L 231 2.92 13.91 -5.90
CA PRO L 231 2.63 13.54 -7.29
C PRO L 231 3.76 13.94 -8.21
N ALA L 232 4.03 13.08 -9.18
CA ALA L 232 5.05 13.34 -10.16
C ALA L 232 4.65 14.54 -11.01
N PRO L 233 5.57 15.45 -11.31
CA PRO L 233 5.28 16.51 -12.27
C PRO L 233 5.01 15.94 -13.65
N GLY L 234 4.11 16.59 -14.37
CA GLY L 234 3.76 16.17 -15.71
C GLY L 234 3.86 17.34 -16.66
N PHE L 235 3.27 17.23 -17.84
CA PHE L 235 3.34 18.32 -18.79
C PHE L 235 2.41 19.47 -18.44
N TYR L 236 1.51 19.30 -17.51
CA TYR L 236 0.57 20.34 -17.12
C TYR L 236 1.01 20.98 -15.81
N ASP L 237 0.90 22.30 -15.76
CA ASP L 237 1.23 23.05 -14.58
C ASP L 237 0.15 22.95 -13.52
N THR L 238 0.57 22.73 -12.28
CA THR L 238 -0.35 22.52 -11.17
C THR L 238 -0.15 23.51 -10.03
N THR L 239 0.55 24.62 -10.28
CA THR L 239 0.85 25.57 -9.20
C THR L 239 -0.41 26.26 -8.70
N GLU L 240 -1.30 26.65 -9.61
CA GLU L 240 -2.54 27.30 -9.22
C GLU L 240 -3.44 26.35 -8.46
N GLU L 241 -3.50 25.10 -8.90
CA GLU L 241 -4.29 24.09 -8.19
C GLU L 241 -3.72 23.81 -6.81
N ILE L 242 -2.39 23.78 -6.68
CA ILE L 242 -1.75 23.58 -5.38
C ILE L 242 -2.07 24.74 -4.45
N ALA L 243 -2.01 25.97 -4.96
CA ALA L 243 -2.32 27.15 -4.15
C ALA L 243 -3.77 27.15 -3.71
N ARG L 244 -4.68 26.80 -4.61
CA ARG L 244 -6.09 26.73 -4.26
C ARG L 244 -6.35 25.62 -3.25
N ASN L 245 -5.66 24.49 -3.38
CA ASN L 245 -5.86 23.40 -2.44
C ASN L 245 -5.35 23.76 -1.05
N GLU L 246 -4.23 24.50 -0.99
CA GLU L 246 -3.75 24.99 0.29
C GLU L 246 -4.71 26.02 0.89
N TRP L 247 -5.33 26.84 0.04
CA TRP L 247 -6.35 27.77 0.53
C TRP L 247 -7.55 27.04 1.12
N GLN L 248 -8.03 25.99 0.44
CA GLN L 248 -9.15 25.22 0.95
C GLN L 248 -8.81 24.52 2.25
N ARG L 249 -7.58 24.01 2.36
CA ARG L 249 -7.14 23.38 3.60
C ARG L 249 -7.12 24.38 4.75
N ALA L 250 -6.62 25.59 4.48
CA ALA L 250 -6.59 26.62 5.52
C ALA L 250 -7.98 27.08 5.91
N HIS L 251 -8.93 27.08 4.98
CA HIS L 251 -10.26 27.61 5.26
C HIS L 251 -11.30 26.51 5.46
N PHE L 252 -10.88 25.28 5.75
CA PHE L 252 -11.80 24.18 5.96
C PHE L 252 -12.68 24.38 7.20
N ASP L 253 -13.98 24.06 7.04
CA ASP L 253 -14.99 24.19 8.09
C ASP L 253 -15.60 22.83 8.42
N PRO L 254 -15.23 22.26 9.57
CA PRO L 254 -15.77 20.95 9.96
C PRO L 254 -17.28 20.94 10.17
N LYS L 255 -17.87 22.02 10.67
CA LYS L 255 -19.31 22.07 10.83
C LYS L 255 -20.01 22.05 9.48
N LYS L 256 -19.45 22.76 8.49
CA LYS L 256 -20.02 22.74 7.15
C LYS L 256 -19.90 21.37 6.51
N GLN L 257 -18.87 20.59 6.85
CA GLN L 257 -18.76 19.25 6.28
C GLN L 257 -19.43 18.18 7.14
N GLN L 258 -19.96 18.53 8.31
CA GLN L 258 -20.50 17.54 9.25
C GLN L 258 -21.66 16.74 8.66
N VAL L 259 -22.76 17.41 8.35
CA VAL L 259 -24.01 16.73 8.00
C VAL L 259 -23.91 16.17 6.59
N GLY L 260 -24.12 14.86 6.45
CA GLY L 260 -24.06 14.21 5.16
C GLY L 260 -24.84 12.90 5.10
N GLY L 282 -47.83 -0.76 2.02
CA GLY L 282 -48.34 -0.58 0.67
C GLY L 282 -48.99 -1.82 0.09
N PRO L 283 -48.17 -2.72 -0.46
CA PRO L 283 -48.71 -3.97 -1.00
C PRO L 283 -49.23 -4.88 0.11
N SER L 284 -50.17 -5.74 -0.27
CA SER L 284 -50.81 -6.62 0.69
C SER L 284 -50.01 -7.90 0.89
N ALA L 285 -50.32 -8.59 1.99
CA ALA L 285 -49.69 -9.87 2.27
C ALA L 285 -50.03 -10.90 1.20
N SER L 286 -51.23 -10.84 0.64
CA SER L 286 -51.59 -11.73 -0.47
C SER L 286 -50.75 -11.45 -1.70
N LEU L 287 -50.46 -10.17 -1.97
CA LEU L 287 -49.62 -9.83 -3.10
C LEU L 287 -48.18 -10.27 -2.89
N GLN L 288 -47.68 -10.14 -1.65
CA GLN L 288 -46.35 -10.66 -1.33
C GLN L 288 -46.31 -12.17 -1.48
N ALA L 289 -47.38 -12.85 -1.08
CA ALA L 289 -47.51 -14.29 -1.30
C ALA L 289 -47.51 -14.62 -2.77
N ALA L 290 -48.16 -13.79 -3.59
CA ALA L 290 -48.20 -14.01 -5.03
C ALA L 290 -46.82 -13.90 -5.65
N LEU L 291 -46.05 -12.88 -5.28
CA LEU L 291 -44.74 -12.70 -5.89
C LEU L 291 -43.74 -13.75 -5.41
N LYS L 292 -43.77 -14.09 -4.11
CA LYS L 292 -42.95 -15.19 -3.63
C LYS L 292 -43.39 -16.51 -4.24
N ALA L 293 -44.68 -16.65 -4.55
CA ALA L 293 -45.16 -17.88 -5.18
C ALA L 293 -44.73 -17.96 -6.63
N GLY L 294 -44.67 -16.84 -7.34
CA GLY L 294 -44.16 -16.85 -8.70
C GLY L 294 -42.69 -17.21 -8.78
N GLN L 295 -41.86 -16.58 -7.93
CA GLN L 295 -40.44 -16.94 -7.88
C GLN L 295 -40.25 -18.37 -7.42
N MET L 296 -41.02 -18.77 -6.40
CA MET L 296 -41.10 -20.13 -5.90
C MET L 296 -41.41 -21.13 -7.01
N GLN L 297 -42.42 -20.85 -7.82
CA GLN L 297 -42.87 -21.83 -8.79
C GLN L 297 -41.91 -21.90 -9.96
N LYS L 298 -41.24 -20.80 -10.29
CA LYS L 298 -40.17 -20.86 -11.29
C LYS L 298 -39.00 -21.72 -10.80
N LEU L 299 -38.63 -21.58 -9.51
CA LEU L 299 -37.59 -22.43 -8.95
C LEU L 299 -38.00 -23.90 -8.95
N ARG L 300 -39.25 -24.18 -8.56
CA ARG L 300 -39.72 -25.55 -8.56
C ARG L 300 -39.79 -26.13 -9.96
N GLU L 301 -40.12 -25.30 -10.96
CA GLU L 301 -40.18 -25.77 -12.33
C GLU L 301 -38.79 -26.08 -12.86
N ALA L 302 -37.79 -25.26 -12.50
CA ALA L 302 -36.41 -25.59 -12.86
C ALA L 302 -35.97 -26.91 -12.23
N GLU L 303 -36.33 -27.09 -10.95
CA GLU L 303 -36.15 -28.39 -10.30
C GLU L 303 -36.76 -29.50 -11.12
N GLN L 304 -38.08 -29.45 -11.35
CA GLN L 304 -38.81 -30.55 -11.99
C GLN L 304 -38.31 -30.85 -13.40
N SER L 305 -37.97 -29.81 -14.16
CA SER L 305 -37.38 -30.00 -15.48
C SER L 305 -36.05 -30.73 -15.40
N SER L 306 -35.28 -30.52 -14.32
CA SER L 306 -34.15 -31.41 -14.08
C SER L 306 -34.55 -32.77 -13.50
N LYS L 307 -35.63 -32.82 -12.71
CA LYS L 307 -35.95 -33.98 -11.87
C LYS L 307 -36.64 -35.09 -12.65
N ARG L 308 -37.07 -34.82 -13.88
CA ARG L 308 -37.72 -35.86 -14.68
C ARG L 308 -36.79 -37.05 -14.94
N LYS L 309 -37.37 -38.25 -14.93
CA LYS L 309 -36.64 -39.46 -15.26
C LYS L 309 -37.31 -40.13 -16.46
N PRO L 310 -36.55 -40.88 -17.27
CA PRO L 310 -37.14 -41.46 -18.49
C PRO L 310 -38.16 -42.55 -18.22
N LEU L 311 -38.83 -42.98 -19.28
CA LEU L 311 -39.83 -44.05 -19.21
C LEU L 311 -39.29 -45.28 -19.92
N ILE L 312 -39.25 -46.40 -19.19
CA ILE L 312 -38.81 -47.67 -19.73
C ILE L 312 -40.05 -48.47 -20.07
N LEU L 313 -40.23 -48.74 -21.32
CA LEU L 313 -41.43 -49.49 -21.65
C LEU L 313 -41.11 -50.96 -21.87
N PRO L 314 -42.04 -51.86 -21.53
CA PRO L 314 -41.85 -53.27 -21.88
C PRO L 314 -41.90 -53.44 -23.39
N ALA L 315 -41.18 -54.45 -23.86
CA ALA L 315 -41.21 -54.78 -25.28
C ALA L 315 -42.61 -55.28 -25.64
N PRO L 316 -43.21 -54.76 -26.71
CA PRO L 316 -44.57 -55.19 -27.06
C PRO L 316 -44.58 -56.64 -27.55
N GLN L 317 -45.57 -57.40 -27.07
CA GLN L 317 -45.67 -58.80 -27.44
C GLN L 317 -46.08 -58.98 -28.89
N VAL L 318 -46.70 -57.98 -29.50
CA VAL L 318 -47.16 -58.03 -30.88
C VAL L 318 -46.39 -56.95 -31.62
N SER L 319 -45.32 -57.35 -32.31
CA SER L 319 -44.42 -56.41 -32.97
C SER L 319 -44.85 -56.16 -34.42
N ASP L 320 -44.08 -55.30 -35.09
CA ASP L 320 -44.49 -54.74 -36.38
C ASP L 320 -44.67 -55.80 -37.46
N SER L 321 -43.86 -56.86 -37.43
CA SER L 321 -44.02 -57.92 -38.42
C SER L 321 -45.38 -58.59 -38.30
N GLU L 322 -45.72 -59.06 -37.10
CA GLU L 322 -47.03 -59.68 -36.93
C GLU L 322 -48.17 -58.69 -37.05
N LEU L 323 -47.94 -57.40 -36.82
CA LEU L 323 -48.89 -56.39 -37.30
C LEU L 323 -49.07 -56.49 -38.82
N ASP L 324 -47.99 -56.70 -39.56
CA ASP L 324 -48.10 -56.73 -41.01
C ASP L 324 -48.90 -57.93 -41.50
N GLU L 325 -48.65 -59.13 -40.95
CA GLU L 325 -49.51 -60.21 -41.44
C GLU L 325 -50.91 -60.18 -40.84
N ILE L 326 -51.12 -59.57 -39.66
CA ILE L 326 -52.49 -59.50 -39.18
C ILE L 326 -53.29 -58.48 -40.01
N VAL L 327 -52.66 -57.40 -40.46
CA VAL L 327 -53.39 -56.46 -41.32
C VAL L 327 -53.55 -57.06 -42.71
N LYS L 328 -52.61 -57.92 -43.13
CA LYS L 328 -52.76 -58.63 -44.41
C LYS L 328 -53.95 -59.59 -44.36
N MET L 329 -54.09 -60.35 -43.27
CA MET L 329 -55.23 -61.25 -43.14
C MET L 329 -56.53 -60.46 -43.01
N GLY L 330 -56.49 -59.32 -42.32
CA GLY L 330 -57.69 -58.50 -42.19
C GLY L 330 -58.16 -57.94 -43.52
N MET L 331 -57.22 -57.43 -44.33
CA MET L 331 -57.62 -56.91 -45.63
C MET L 331 -58.05 -58.02 -46.58
N ILE L 332 -57.43 -59.21 -46.44
CA ILE L 332 -57.85 -60.36 -47.24
C ILE L 332 -59.28 -60.76 -46.90
N GLY L 333 -59.60 -60.79 -45.60
CA GLY L 333 -60.95 -61.14 -45.20
C GLY L 333 -61.98 -60.12 -45.62
N GLU L 334 -61.66 -58.83 -45.44
CA GLU L 334 -62.65 -57.84 -45.86
C GLU L 334 -62.76 -57.72 -47.37
N ARG L 335 -61.71 -57.95 -48.17
CA ARG L 335 -61.87 -58.01 -49.62
C ARG L 335 -62.58 -59.27 -50.09
N ALA L 336 -62.45 -60.39 -49.38
CA ALA L 336 -63.29 -61.55 -49.68
C ALA L 336 -64.75 -61.25 -49.41
N SER L 337 -65.04 -60.56 -48.30
CA SER L 337 -66.41 -60.11 -48.03
C SER L 337 -66.89 -59.12 -49.09
N ALA L 338 -66.00 -58.24 -49.53
CA ALA L 338 -66.36 -57.26 -50.56
C ALA L 338 -66.68 -57.93 -51.90
N MET L 339 -65.88 -58.93 -52.31
CA MET L 339 -66.18 -59.60 -53.56
C MET L 339 -67.39 -60.51 -53.44
N ALA L 340 -67.65 -61.05 -52.24
CA ALA L 340 -68.87 -61.82 -52.02
C ALA L 340 -70.11 -60.94 -52.11
N ARG L 341 -70.02 -59.72 -51.58
CA ARG L 341 -71.15 -58.79 -51.67
C ARG L 341 -71.31 -58.22 -53.07
N GLU L 342 -70.21 -58.03 -53.80
CA GLU L 342 -70.28 -57.48 -55.15
C GLU L 342 -70.78 -58.52 -56.15
N SER L 343 -70.38 -59.77 -55.99
CA SER L 343 -70.78 -60.82 -56.91
C SER L 343 -72.04 -61.53 -56.40
N GLY L 361 -62.84 -63.40 -25.82
CA GLY L 361 -62.76 -62.59 -24.63
C GLY L 361 -62.60 -61.11 -24.92
N ALA L 362 -63.68 -60.36 -24.74
CA ALA L 362 -63.63 -58.91 -24.99
C ALA L 362 -62.68 -58.16 -24.05
N PRO L 363 -62.66 -58.36 -22.74
CA PRO L 363 -61.63 -57.70 -21.93
C PRO L 363 -60.41 -58.59 -21.73
N ILE L 364 -59.32 -57.94 -21.29
CA ILE L 364 -58.06 -58.62 -21.00
C ILE L 364 -57.71 -58.33 -19.55
N ARG L 365 -57.40 -59.38 -18.79
CA ARG L 365 -57.04 -59.26 -17.39
C ARG L 365 -55.58 -59.67 -17.21
N THR L 366 -54.90 -59.00 -16.29
CA THR L 366 -53.53 -59.35 -15.95
C THR L 366 -53.52 -60.66 -15.19
N PRO L 367 -52.80 -61.68 -15.64
CA PRO L 367 -52.79 -62.95 -14.92
C PRO L 367 -52.07 -62.83 -13.58
N ARG L 368 -52.60 -63.53 -12.59
CA ARG L 368 -52.00 -63.55 -11.26
C ARG L 368 -50.70 -64.34 -11.28
N ALA L 369 -49.70 -63.84 -10.56
CA ALA L 369 -48.51 -64.64 -10.32
C ALA L 369 -48.86 -65.82 -9.43
N PRO L 370 -48.29 -67.01 -9.70
CA PRO L 370 -48.61 -68.18 -8.88
C PRO L 370 -48.16 -68.01 -7.45
N ALA L 371 -48.90 -68.63 -6.52
CA ALA L 371 -48.62 -68.47 -5.10
C ALA L 371 -47.29 -69.08 -4.69
N GLN L 372 -46.83 -70.11 -5.41
CA GLN L 372 -45.53 -70.67 -5.13
C GLN L 372 -44.39 -69.85 -5.75
N GLU L 373 -44.72 -68.83 -6.53
CA GLU L 373 -43.75 -67.84 -6.98
C GLU L 373 -43.78 -66.58 -6.11
N ASP L 374 -44.44 -66.63 -4.96
CA ASP L 374 -44.36 -65.55 -3.99
C ASP L 374 -42.98 -65.60 -3.35
N HIS L 375 -42.01 -64.92 -3.97
CA HIS L 375 -40.62 -65.01 -3.56
C HIS L 375 -40.42 -64.53 -2.14
N ILE L 376 -41.22 -63.56 -1.69
CA ILE L 376 -41.13 -63.09 -0.31
C ILE L 376 -41.47 -64.21 0.66
N ALA L 377 -42.68 -64.78 0.57
CA ALA L 377 -43.11 -65.81 1.51
C ALA L 377 -42.23 -67.06 1.42
N ASN L 378 -41.79 -67.39 0.20
CA ASN L 378 -40.80 -68.44 0.02
C ASN L 378 -39.52 -68.12 0.80
N GLU L 379 -39.12 -66.86 0.83
CA GLU L 379 -37.89 -66.52 1.54
C GLU L 379 -38.07 -66.44 3.05
N ILE L 380 -39.25 -66.06 3.57
CA ILE L 380 -39.46 -66.21 5.01
C ILE L 380 -39.41 -67.68 5.42
N ARG L 381 -40.04 -68.57 4.65
CA ARG L 381 -39.98 -69.96 5.10
C ARG L 381 -38.60 -70.58 4.87
N ASN L 382 -37.88 -70.13 3.84
CA ASN L 382 -36.48 -70.53 3.68
C ASN L 382 -35.60 -70.04 4.83
N ILE L 383 -35.80 -68.78 5.24
CA ILE L 383 -35.04 -68.20 6.34
C ILE L 383 -35.33 -68.93 7.65
N LYS L 384 -36.59 -69.23 7.91
CA LYS L 384 -36.93 -69.96 9.13
C LYS L 384 -36.37 -71.38 9.10
N ALA L 385 -36.32 -72.00 7.91
CA ALA L 385 -35.78 -73.34 7.82
C ALA L 385 -34.25 -73.36 7.93
N LEU L 386 -33.59 -72.27 7.57
CA LEU L 386 -32.13 -72.23 7.62
C LEU L 386 -31.57 -71.48 8.82
N THR L 387 -32.41 -70.88 9.66
CA THR L 387 -31.94 -70.02 10.73
C THR L 387 -32.30 -70.53 12.11
N GLU L 388 -33.57 -70.78 12.40
CA GLU L 388 -33.97 -71.34 13.68
C GLU L 388 -34.02 -72.85 13.55
N THR L 389 -32.84 -73.47 13.65
CA THR L 389 -32.70 -74.87 13.29
C THR L 389 -31.93 -75.72 14.28
N GLN L 390 -31.12 -75.14 15.17
CA GLN L 390 -30.23 -75.73 16.18
C GLN L 390 -29.20 -76.70 15.58
N SER L 391 -28.24 -77.12 16.41
CA SER L 391 -26.98 -77.66 15.95
C SER L 391 -27.16 -78.99 15.19
N SER L 392 -26.27 -79.22 14.24
CA SER L 392 -26.36 -80.43 13.42
C SER L 392 -25.77 -81.65 14.10
N LEU L 393 -25.06 -81.48 15.22
CA LEU L 393 -24.59 -82.61 16.00
C LEU L 393 -25.70 -83.27 16.78
N LEU L 394 -26.81 -82.57 16.98
CA LEU L 394 -27.95 -83.10 17.71
C LEU L 394 -28.86 -83.94 16.84
N GLY L 395 -28.47 -84.23 15.60
CA GLY L 395 -29.38 -84.87 14.68
C GLY L 395 -30.54 -83.95 14.36
N GLY L 396 -31.72 -84.52 14.32
CA GLY L 396 -32.91 -83.73 14.07
C GLY L 396 -33.27 -83.71 12.60
N GLU L 397 -34.44 -83.16 12.33
CA GLU L 397 -35.00 -83.13 10.99
C GLU L 397 -34.75 -81.78 10.36
N ASN L 398 -34.20 -81.79 9.15
CA ASN L 398 -34.11 -80.57 8.36
C ASN L 398 -35.49 -80.14 7.92
N ALA L 399 -35.84 -78.89 8.24
CA ALA L 399 -37.11 -78.33 7.78
C ALA L 399 -37.09 -78.22 6.26
N PRO L 400 -38.24 -78.40 5.60
CA PRO L 400 -38.23 -78.42 4.13
C PRO L 400 -38.01 -77.04 3.54
N LEU L 401 -37.06 -76.95 2.62
CA LEU L 401 -36.81 -75.73 1.85
C LEU L 401 -37.80 -75.69 0.70
N ALA L 402 -38.97 -75.11 0.95
CA ALA L 402 -39.98 -74.99 -0.11
C ALA L 402 -39.52 -73.90 -1.05
N GLU L 403 -38.70 -74.29 -2.03
CA GLU L 403 -38.06 -73.36 -2.95
C GLU L 403 -38.93 -73.10 -4.18
N GLY L 404 -39.29 -74.15 -4.91
CA GLY L 404 -40.04 -73.95 -6.13
C GLY L 404 -39.17 -73.32 -7.21
N ALA L 405 -39.69 -72.28 -7.85
CA ALA L 405 -38.95 -71.57 -8.88
C ALA L 405 -39.38 -70.11 -8.94
N LYS L 496 -76.89 -27.71 -57.96
CA LYS L 496 -76.50 -27.20 -59.26
C LYS L 496 -75.03 -27.48 -59.55
N GLN L 497 -74.76 -28.11 -60.68
CA GLN L 497 -73.39 -28.39 -61.10
C GLN L 497 -72.79 -27.15 -61.75
N GLU L 498 -71.67 -26.69 -61.22
CA GLU L 498 -71.03 -25.49 -61.75
C GLU L 498 -70.38 -25.79 -63.10
N PRO L 499 -70.68 -25.03 -64.15
CA PRO L 499 -70.02 -25.24 -65.45
C PRO L 499 -68.57 -24.80 -65.40
N LYS L 500 -67.67 -25.70 -65.77
CA LYS L 500 -66.23 -25.44 -65.75
C LYS L 500 -65.80 -24.85 -67.08
N THR L 501 -65.76 -23.52 -67.14
CA THR L 501 -65.26 -22.84 -68.33
C THR L 501 -63.74 -22.95 -68.37
N GLN L 502 -63.23 -23.72 -69.31
CA GLN L 502 -61.80 -24.04 -69.35
C GLN L 502 -61.04 -22.85 -69.94
N GLU L 503 -60.43 -22.05 -69.06
CA GLU L 503 -59.43 -21.10 -69.51
C GLU L 503 -58.16 -21.84 -69.88
N GLU L 504 -57.43 -21.31 -70.86
CA GLU L 504 -56.15 -21.89 -71.25
C GLU L 504 -55.18 -21.70 -70.08
N LEU L 505 -54.95 -22.80 -69.34
CA LEU L 505 -54.61 -22.84 -67.92
C LEU L 505 -53.53 -21.83 -67.60
N GLU L 506 -53.92 -20.80 -66.84
CA GLU L 506 -53.72 -19.42 -67.26
C GLU L 506 -52.37 -19.15 -67.88
N GLU L 507 -52.36 -18.78 -69.15
CA GLU L 507 -51.11 -18.49 -69.83
C GLU L 507 -50.49 -17.22 -69.24
N ASP L 508 -49.24 -17.34 -68.81
CA ASP L 508 -48.53 -16.20 -68.24
C ASP L 508 -48.23 -15.18 -69.33
N ALA L 509 -48.41 -13.90 -68.99
CA ALA L 509 -48.25 -12.85 -69.99
C ALA L 509 -46.80 -12.72 -70.44
N ALA L 510 -45.85 -13.07 -69.58
CA ALA L 510 -44.45 -13.11 -70.01
C ALA L 510 -44.22 -14.19 -71.05
N ASP L 511 -44.84 -15.36 -70.87
CA ASP L 511 -44.77 -16.41 -71.88
C ASP L 511 -45.45 -15.99 -73.17
N ARG L 512 -46.58 -15.29 -73.06
CA ARG L 512 -47.26 -14.78 -74.25
C ARG L 512 -46.41 -13.77 -75.01
N ASP L 513 -45.75 -12.87 -74.27
CA ASP L 513 -44.88 -11.89 -74.90
C ASP L 513 -43.66 -12.54 -75.54
N ARG L 514 -43.09 -13.57 -74.89
CA ARG L 514 -42.00 -14.31 -75.49
C ARG L 514 -42.44 -15.03 -76.76
N ARG L 515 -43.64 -15.61 -76.74
CA ARG L 515 -44.17 -16.31 -77.91
C ARG L 515 -44.36 -15.35 -79.08
N GLU L 516 -44.97 -14.19 -78.83
CA GLU L 516 -45.21 -13.26 -79.92
C GLU L 516 -43.89 -12.66 -80.43
N ARG L 517 -42.95 -12.40 -79.52
CA ARG L 517 -41.65 -11.89 -79.94
C ARG L 517 -40.89 -12.91 -80.77
N GLU L 518 -40.93 -14.19 -80.38
CA GLU L 518 -40.19 -15.18 -81.13
C GLU L 518 -40.85 -15.53 -82.47
N LEU L 519 -42.20 -15.45 -82.55
CA LEU L 519 -42.80 -15.64 -83.87
C LEU L 519 -42.55 -14.45 -84.78
N ARG L 520 -42.50 -13.23 -84.22
CA ARG L 520 -42.10 -12.07 -85.01
C ARG L 520 -40.66 -12.20 -85.48
N GLU L 521 -39.78 -12.72 -84.63
CA GLU L 521 -38.38 -12.92 -85.04
C GLU L 521 -38.25 -14.01 -86.08
N ALA L 522 -39.07 -15.06 -85.99
CA ALA L 522 -39.09 -16.09 -87.03
C ALA L 522 -39.60 -15.51 -88.35
N ARG L 523 -40.60 -14.64 -88.29
CA ARG L 523 -41.07 -13.95 -89.49
C ARG L 523 -39.98 -13.06 -90.08
N GLU L 524 -39.21 -12.39 -89.23
CA GLU L 524 -38.13 -11.54 -89.73
C GLU L 524 -37.01 -12.39 -90.33
N LEU L 525 -36.75 -13.57 -89.76
CA LEU L 525 -35.76 -14.47 -90.34
C LEU L 525 -36.25 -15.00 -91.70
N ALA L 526 -37.56 -15.25 -91.82
CA ALA L 526 -38.12 -15.61 -93.11
C ALA L 526 -37.97 -14.47 -94.11
N GLU L 527 -38.11 -13.23 -93.65
CA GLU L 527 -37.85 -12.08 -94.51
C GLU L 527 -36.39 -12.02 -94.93
N ARG L 528 -35.47 -12.35 -94.03
CA ARG L 528 -34.05 -12.41 -94.38
C ARG L 528 -33.79 -13.49 -95.43
N ARG L 529 -34.46 -14.64 -95.29
CA ARG L 529 -34.35 -15.68 -96.31
C ARG L 529 -34.95 -15.23 -97.63
N ARG L 530 -35.99 -14.40 -97.60
CA ARG L 530 -36.52 -13.79 -98.81
C ARG L 530 -35.48 -12.89 -99.47
N ARG L 531 -34.76 -12.11 -98.66
CA ARG L 531 -33.72 -11.24 -99.20
C ARG L 531 -32.56 -12.06 -99.75
N THR L 532 -31.90 -11.49 -100.75
CA THR L 532 -30.78 -12.15 -101.40
C THR L 532 -29.54 -12.12 -100.49
N GLN L 533 -28.79 -13.23 -100.53
CA GLN L 533 -27.56 -13.37 -99.78
C GLN L 533 -26.34 -12.87 -100.53
N VAL L 534 -26.46 -12.63 -101.83
CA VAL L 534 -25.32 -12.22 -102.65
C VAL L 534 -24.87 -10.82 -102.26
N MET L 535 -25.79 -9.99 -101.80
CA MET L 535 -25.45 -8.68 -101.28
C MET L 535 -25.28 -8.69 -99.77
N GLN L 536 -25.77 -9.74 -99.10
CA GLN L 536 -25.41 -9.95 -97.70
C GLN L 536 -23.91 -10.22 -97.58
N ARG L 537 -23.35 -10.96 -98.54
CA ARG L 537 -21.91 -10.92 -98.75
C ARG L 537 -21.56 -9.51 -99.21
N GLU L 538 -20.93 -8.73 -98.33
CA GLU L 538 -20.88 -7.28 -98.45
C GLU L 538 -20.21 -6.80 -99.73
N LEU L 539 -18.87 -7.01 -99.85
CA LEU L 539 -18.04 -6.77 -101.04
C LEU L 539 -18.39 -5.45 -101.72
N PRO L 540 -17.97 -4.28 -101.14
CA PRO L 540 -18.76 -3.04 -101.20
C PRO L 540 -19.39 -2.67 -102.54
N ARG L 541 -20.72 -2.66 -102.55
CA ARG L 541 -21.53 -2.49 -103.74
C ARG L 541 -22.07 -1.07 -103.82
N THR L 542 -22.81 -0.79 -104.89
CA THR L 542 -23.26 0.56 -105.18
C THR L 542 -24.39 0.98 -104.23
N ALA L 543 -24.27 2.18 -103.67
CA ALA L 543 -25.33 2.73 -102.83
C ALA L 543 -26.48 3.28 -103.66
N VAL L 544 -26.23 3.63 -104.91
CA VAL L 544 -27.23 4.25 -105.79
C VAL L 544 -27.62 3.25 -106.86
N VAL L 545 -28.92 3.02 -107.00
CA VAL L 545 -29.47 2.07 -107.97
C VAL L 545 -30.54 2.79 -108.77
N ASP L 546 -30.42 2.72 -110.11
CA ASP L 546 -31.38 3.35 -111.02
C ASP L 546 -32.29 2.27 -111.59
N ILE L 547 -33.49 2.16 -111.01
CA ILE L 547 -34.48 1.18 -111.49
C ILE L 547 -34.89 1.48 -112.93
N ASP L 548 -35.05 2.76 -113.27
CA ASP L 548 -35.52 3.12 -114.62
C ASP L 548 -34.50 2.78 -115.67
N ALA L 549 -33.24 3.20 -115.46
CA ALA L 549 -32.19 2.92 -116.43
C ALA L 549 -31.88 1.44 -116.52
N LEU L 550 -31.91 0.74 -115.37
CA LEU L 550 -31.65 -0.70 -115.38
C LEU L 550 -32.74 -1.46 -116.12
N LEU L 551 -34.01 -1.11 -115.90
CA LEU L 551 -35.11 -1.76 -116.61
C LEU L 551 -35.10 -1.40 -118.09
N ARG L 552 -34.73 -0.17 -118.44
CA ARG L 552 -34.61 0.21 -119.85
C ARG L 552 -33.54 -0.60 -120.56
N ALA L 553 -32.37 -0.77 -119.91
CA ALA L 553 -31.31 -1.59 -120.50
C ALA L 553 -31.73 -3.05 -120.60
N ALA L 554 -32.44 -3.56 -119.58
CA ALA L 554 -32.91 -4.94 -119.61
C ALA L 554 -33.92 -5.17 -120.73
N ASP L 555 -34.82 -4.22 -120.95
CA ASP L 555 -35.77 -4.34 -122.05
C ASP L 555 -35.09 -4.15 -123.40
N GLU L 556 -34.03 -3.34 -123.45
CA GLU L 556 -33.29 -3.14 -124.69
C GLU L 556 -32.33 -4.28 -124.99
N ILE L 557 -32.12 -5.20 -124.04
CA ILE L 557 -31.34 -6.40 -124.33
C ILE L 557 -32.09 -7.26 -125.35
N GLU L 558 -31.41 -7.64 -126.42
CA GLU L 558 -32.06 -8.32 -127.54
C GLU L 558 -32.43 -9.76 -127.19
N ASP L 559 -31.60 -10.42 -126.38
CA ASP L 559 -31.90 -11.78 -125.96
C ASP L 559 -33.11 -11.78 -125.04
N PRO L 560 -34.15 -12.59 -125.31
CA PRO L 560 -35.33 -12.56 -124.42
C PRO L 560 -35.08 -13.17 -123.06
N ALA L 561 -34.40 -14.33 -123.00
CA ALA L 561 -34.13 -14.97 -121.71
C ALA L 561 -33.18 -14.13 -120.86
N ARG L 562 -32.10 -13.65 -121.47
CA ARG L 562 -31.18 -12.77 -120.75
C ARG L 562 -31.82 -11.43 -120.42
N ALA L 563 -32.78 -10.98 -121.25
CA ALA L 563 -33.52 -9.77 -120.93
C ALA L 563 -34.38 -9.95 -119.70
N LEU L 564 -35.05 -11.10 -119.57
CA LEU L 564 -35.81 -11.40 -118.37
C LEU L 564 -34.90 -11.52 -117.15
N VAL L 565 -33.72 -12.13 -117.35
CA VAL L 565 -32.74 -12.26 -116.27
C VAL L 565 -32.30 -10.89 -115.79
N ALA L 566 -31.97 -9.99 -116.72
CA ALA L 566 -31.55 -8.64 -116.35
C ALA L 566 -32.69 -7.83 -115.77
N ARG L 567 -33.93 -8.07 -116.19
CA ARG L 567 -35.08 -7.37 -115.63
C ARG L 567 -35.30 -7.76 -114.18
N GLU L 568 -35.29 -9.06 -113.89
CA GLU L 568 -35.42 -9.49 -112.51
C GLU L 568 -34.20 -9.11 -111.68
N ALA L 569 -33.03 -9.02 -112.32
CA ALA L 569 -31.85 -8.48 -111.63
C ALA L 569 -32.06 -7.02 -111.24
N ALA L 570 -32.62 -6.22 -112.16
CA ALA L 570 -32.90 -4.82 -111.87
C ALA L 570 -33.90 -4.70 -110.73
N LEU L 571 -34.91 -5.57 -110.71
CA LEU L 571 -35.82 -5.64 -109.57
C LEU L 571 -35.07 -6.00 -108.30
N LEU L 572 -34.07 -6.88 -108.40
CA LEU L 572 -33.29 -7.27 -107.22
C LEU L 572 -32.45 -6.11 -106.69
N MET L 573 -31.79 -5.35 -107.58
CA MET L 573 -31.05 -4.17 -107.12
C MET L 573 -31.98 -3.13 -106.52
N ALA L 574 -33.17 -2.95 -107.11
CA ALA L 574 -34.14 -2.01 -106.55
C ALA L 574 -34.59 -2.45 -105.15
N HIS L 575 -34.86 -3.74 -104.98
CA HIS L 575 -35.25 -4.27 -103.67
C HIS L 575 -34.13 -4.10 -102.64
N ASP L 576 -32.89 -4.38 -103.06
CA ASP L 576 -31.76 -4.29 -102.14
C ASP L 576 -31.50 -2.85 -101.71
N ALA L 577 -31.44 -1.93 -102.68
CA ALA L 577 -31.21 -0.53 -102.34
C ALA L 577 -32.42 0.12 -101.69
N ALA L 578 -33.60 -0.49 -101.78
CA ALA L 578 -34.77 0.07 -101.13
C ALA L 578 -34.86 -0.34 -99.67
N LYS L 579 -34.84 -1.65 -99.41
CA LYS L 579 -35.06 -2.13 -98.05
C LYS L 579 -33.77 -2.32 -97.26
N TYR L 580 -32.61 -2.23 -97.89
CA TYR L 580 -31.32 -2.28 -97.19
C TYR L 580 -30.53 -1.01 -97.54
N PRO L 581 -30.63 0.04 -96.73
CA PRO L 581 -29.94 1.30 -97.06
C PRO L 581 -28.48 1.28 -96.64
N LEU L 582 -27.59 1.55 -97.58
CA LEU L 582 -26.18 1.72 -97.27
C LEU L 582 -25.92 3.11 -96.70
N PRO L 583 -24.82 3.28 -95.96
CA PRO L 583 -24.42 4.64 -95.56
C PRO L 583 -24.06 5.49 -96.77
N GLY L 584 -24.80 6.58 -96.96
CA GLY L 584 -24.69 7.41 -98.13
C GLY L 584 -25.74 7.15 -99.18
N ALA L 585 -26.41 6.01 -99.14
CA ALA L 585 -27.50 5.73 -100.05
C ALA L 585 -28.70 6.63 -99.73
N PRO L 586 -29.43 7.09 -100.74
CA PRO L 586 -30.62 7.89 -100.47
C PRO L 586 -31.71 7.03 -99.84
N PRO L 587 -32.50 7.59 -98.93
CA PRO L 587 -33.58 6.84 -98.31
C PRO L 587 -34.88 6.97 -99.10
N GLY L 588 -35.89 6.23 -98.64
CA GLY L 588 -37.20 6.31 -99.24
C GLY L 588 -37.34 5.67 -100.61
N VAL L 589 -36.43 4.77 -100.97
CA VAL L 589 -36.53 4.07 -102.24
C VAL L 589 -37.65 3.05 -102.18
N LYS L 590 -38.47 2.99 -103.22
CA LYS L 590 -39.65 2.14 -103.21
C LYS L 590 -39.27 0.69 -103.51
N PRO L 591 -39.65 -0.25 -102.65
CA PRO L 591 -39.41 -1.66 -102.96
C PRO L 591 -40.39 -2.20 -103.99
N VAL L 592 -40.03 -3.34 -104.56
CA VAL L 592 -40.82 -4.00 -105.60
C VAL L 592 -41.26 -5.37 -105.07
N GLU L 593 -42.53 -5.69 -105.23
CA GLU L 593 -43.08 -6.95 -104.75
C GLU L 593 -42.62 -8.12 -105.63
N ILE L 594 -42.36 -9.25 -104.98
CA ILE L 594 -41.93 -10.48 -105.66
C ILE L 594 -42.89 -11.60 -105.25
N PRO L 595 -43.35 -12.42 -106.19
CA PRO L 595 -44.17 -13.59 -105.82
C PRO L 595 -43.39 -14.59 -104.97
N ARG L 596 -44.11 -15.25 -104.07
CA ARG L 596 -43.51 -16.19 -103.14
C ARG L 596 -43.15 -17.49 -103.85
N PHE L 597 -42.19 -18.21 -103.29
CA PHE L 597 -41.69 -19.44 -103.90
C PHE L 597 -41.33 -20.46 -102.81
N SER L 598 -40.89 -21.64 -103.24
CA SER L 598 -40.57 -22.75 -102.35
C SER L 598 -39.13 -23.22 -102.55
N ASP L 599 -38.49 -23.57 -101.43
CA ASP L 599 -37.09 -23.98 -101.45
C ASP L 599 -36.89 -25.32 -102.14
N ASP L 600 -37.91 -26.18 -102.14
CA ASP L 600 -37.79 -27.47 -102.84
C ASP L 600 -37.64 -27.27 -104.34
N GLU L 601 -38.47 -26.41 -104.93
CA GLU L 601 -38.33 -26.16 -106.36
C GLU L 601 -37.14 -25.24 -106.66
N LEU L 602 -36.71 -24.45 -105.66
CA LEU L 602 -35.42 -23.77 -105.80
C LEU L 602 -34.28 -24.78 -105.93
N ALA L 603 -34.31 -25.84 -105.11
CA ALA L 603 -33.32 -26.90 -105.21
C ALA L 603 -33.47 -27.66 -106.52
N GLU L 604 -34.69 -27.78 -107.03
CA GLU L 604 -34.91 -28.38 -108.35
C GLU L 604 -34.24 -27.56 -109.46
N ALA L 605 -34.39 -26.22 -109.40
CA ALA L 605 -33.72 -25.35 -110.36
C ALA L 605 -32.20 -25.47 -110.24
N ARG L 606 -31.69 -25.53 -109.01
CA ARG L 606 -30.26 -25.70 -108.79
C ARG L 606 -29.77 -27.05 -109.33
N LEU L 607 -30.61 -28.09 -109.21
CA LEU L 607 -30.27 -29.39 -109.77
C LEU L 607 -30.25 -29.35 -111.30
N GLN L 608 -31.16 -28.58 -111.89
CA GLN L 608 -31.13 -28.38 -113.34
C GLN L 608 -29.84 -27.71 -113.78
N ILE L 609 -29.40 -26.69 -113.05
CA ILE L 609 -28.14 -26.03 -113.38
C ILE L 609 -26.96 -26.97 -113.16
N LEU L 610 -27.01 -27.77 -112.10
CA LEU L 610 -25.91 -28.67 -111.77
C LEU L 610 -25.78 -29.81 -112.76
N MET L 611 -26.90 -30.26 -113.34
CA MET L 611 -26.79 -31.22 -114.41
C MET L 611 -26.47 -30.55 -115.75
N GLU L 612 -26.62 -29.22 -115.84
CA GLU L 612 -26.11 -28.50 -117.00
C GLU L 612 -24.66 -28.04 -116.83
N MET L 613 -24.01 -28.35 -115.71
CA MET L 613 -22.57 -28.17 -115.58
C MET L 613 -21.78 -28.91 -116.67
N LYS L 614 -20.80 -28.20 -117.22
CA LYS L 614 -19.76 -28.79 -118.05
C LYS L 614 -18.57 -29.15 -117.14
N GLU L 615 -17.42 -29.44 -117.75
CA GLU L 615 -16.20 -29.64 -116.97
C GLU L 615 -15.72 -28.32 -116.39
N LYS L 616 -15.38 -28.33 -115.11
CA LYS L 616 -14.90 -27.12 -114.46
C LYS L 616 -13.48 -26.80 -114.94
N PRO L 617 -13.18 -25.53 -115.22
CA PRO L 617 -11.82 -25.17 -115.62
C PRO L 617 -10.83 -25.31 -114.47
N ALA L 618 -9.59 -25.63 -114.82
CA ALA L 618 -8.54 -25.76 -113.83
C ALA L 618 -8.15 -24.40 -113.27
N PRO L 619 -7.82 -24.32 -111.98
CA PRO L 619 -7.37 -23.04 -111.42
C PRO L 619 -6.12 -22.49 -112.07
N GLU L 620 -5.20 -23.36 -112.50
CA GLU L 620 -4.04 -22.89 -113.25
C GLU L 620 -4.44 -22.30 -114.59
N VAL L 621 -5.45 -22.91 -115.25
CA VAL L 621 -5.95 -22.37 -116.50
C VAL L 621 -6.60 -21.01 -116.29
N VAL L 622 -7.38 -20.85 -115.22
CA VAL L 622 -8.01 -19.56 -114.92
C VAL L 622 -6.96 -18.51 -114.59
N HIS L 623 -5.93 -18.90 -113.83
CA HIS L 623 -4.84 -17.98 -113.51
C HIS L 623 -4.07 -17.56 -114.76
N ALA L 624 -3.82 -18.49 -115.67
CA ALA L 624 -3.14 -18.15 -116.92
C ALA L 624 -4.01 -17.24 -117.80
N ILE L 625 -5.33 -17.49 -117.82
CA ILE L 625 -6.25 -16.65 -118.58
C ILE L 625 -6.25 -15.23 -118.02
N TRP L 626 -6.31 -15.09 -116.69
CA TRP L 626 -6.33 -13.76 -116.11
C TRP L 626 -4.96 -13.08 -116.17
N ASN L 627 -3.88 -13.86 -116.21
CA ASN L 627 -2.56 -13.27 -116.41
C ASN L 627 -2.42 -12.74 -117.84
N ARG L 628 -2.94 -13.49 -118.82
CA ARG L 628 -2.98 -12.98 -120.19
C ARG L 628 -3.87 -11.75 -120.30
N ARG L 629 -4.97 -11.73 -119.55
CA ARG L 629 -5.83 -10.55 -119.50
C ARG L 629 -5.09 -9.36 -118.90
N GLU L 630 -4.30 -9.59 -117.85
CA GLU L 630 -3.51 -8.53 -117.25
C GLU L 630 -2.46 -8.00 -118.21
N GLU L 631 -1.79 -8.90 -118.94
CA GLU L 631 -0.76 -8.49 -119.90
C GLU L 631 -1.38 -7.72 -121.07
N ASN L 632 -2.56 -8.12 -121.53
CA ASN L 632 -3.24 -7.39 -122.59
C ASN L 632 -3.72 -6.02 -122.09
N LEU L 633 -4.37 -5.99 -120.93
CA LEU L 633 -4.80 -4.76 -120.27
C LEU L 633 -4.20 -4.83 -118.87
N ASN L 634 -3.16 -4.02 -118.65
CA ASN L 634 -2.34 -4.04 -117.43
C ASN L 634 -3.09 -3.66 -116.17
N ALA L 635 -2.36 -3.62 -115.05
CA ALA L 635 -2.97 -3.54 -113.72
C ALA L 635 -3.82 -2.28 -113.56
N LEU L 636 -3.39 -1.16 -114.15
CA LEU L 636 -4.22 0.04 -114.14
C LEU L 636 -5.48 -0.15 -114.96
N ARG L 637 -5.38 -0.81 -116.11
CA ARG L 637 -6.52 -0.97 -117.00
C ARG L 637 -7.57 -1.90 -116.39
N LEU L 638 -7.14 -2.99 -115.77
CA LEU L 638 -8.08 -3.87 -115.10
C LEU L 638 -8.54 -3.28 -113.77
N GLY L 639 -7.71 -2.45 -113.13
CA GLY L 639 -8.14 -1.77 -111.92
C GLY L 639 -9.23 -0.75 -112.18
N LEU L 640 -9.20 -0.09 -113.34
CA LEU L 640 -10.29 0.78 -113.74
C LEU L 640 -11.45 -0.07 -114.24
N GLY L 641 -12.59 0.01 -113.55
CA GLY L 641 -13.74 -0.80 -113.87
C GLY L 641 -14.58 -0.33 -115.04
N TYR L 642 -14.22 0.80 -115.64
CA TYR L 642 -14.95 1.32 -116.80
C TYR L 642 -14.44 0.77 -118.12
N TYR L 643 -13.49 -0.17 -118.08
CA TYR L 643 -12.95 -0.77 -119.30
C TYR L 643 -13.65 -2.08 -119.57
N ASP L 644 -14.75 -2.01 -120.31
CA ASP L 644 -15.37 -3.21 -120.85
C ASP L 644 -14.53 -3.75 -122.01
N SER L 645 -14.78 -5.02 -122.36
CA SER L 645 -14.04 -5.65 -123.45
C SER L 645 -14.39 -5.05 -124.81
N ASP L 646 -15.54 -4.39 -124.93
CA ASP L 646 -15.98 -3.79 -126.18
C ASP L 646 -15.61 -2.32 -126.31
N SER L 647 -14.92 -1.75 -125.31
CA SER L 647 -14.60 -0.32 -125.30
C SER L 647 -13.23 -0.12 -125.92
N GLU L 648 -13.20 0.13 -127.22
CA GLU L 648 -11.96 0.44 -127.94
C GLU L 648 -11.80 1.93 -128.20
N ASP L 649 -12.70 2.76 -127.68
CA ASP L 649 -12.67 4.19 -127.97
C ASP L 649 -11.61 4.87 -127.11
N GLY L 650 -10.60 5.45 -127.77
CA GLY L 650 -9.57 6.16 -127.03
C GLY L 650 -10.10 7.41 -126.33
N GLU L 651 -11.03 8.11 -126.96
CA GLU L 651 -11.63 9.28 -126.33
C GLU L 651 -12.45 8.89 -125.10
N ASP L 652 -13.18 7.78 -125.17
CA ASP L 652 -13.92 7.30 -124.00
C ASP L 652 -12.98 6.83 -122.91
N ASP L 653 -11.86 6.23 -123.28
CA ASP L 653 -10.85 5.83 -122.29
C ASP L 653 -10.26 7.05 -121.60
N VAL L 654 -9.95 8.11 -122.36
CA VAL L 654 -9.41 9.34 -121.79
C VAL L 654 -10.44 10.00 -120.87
N ALA L 655 -11.72 9.98 -121.27
CA ALA L 655 -12.77 10.54 -120.42
C ALA L 655 -12.93 9.74 -119.12
N ASN L 656 -12.82 8.42 -119.21
CA ASN L 656 -12.89 7.57 -118.02
C ASN L 656 -11.74 7.85 -117.06
N ILE L 657 -10.52 7.95 -117.61
CA ILE L 657 -9.36 8.26 -116.77
C ILE L 657 -9.49 9.66 -116.19
N ARG L 658 -10.07 10.60 -116.94
CA ARG L 658 -10.26 11.96 -116.44
C ARG L 658 -11.24 12.00 -115.28
N ALA L 659 -12.38 11.31 -115.40
CA ALA L 659 -13.34 11.27 -114.30
C ALA L 659 -12.77 10.55 -113.07
N THR L 660 -12.06 9.44 -113.29
CA THR L 660 -11.43 8.71 -112.19
C THR L 660 -10.34 9.56 -111.53
N LEU L 661 -9.58 10.32 -112.32
CA LEU L 661 -8.54 11.18 -111.76
C LEU L 661 -9.14 12.34 -110.99
N GLU L 662 -10.28 12.87 -111.45
CA GLU L 662 -10.96 13.92 -110.70
C GLU L 662 -11.45 13.41 -109.34
N ALA L 663 -12.06 12.22 -109.32
CA ALA L 663 -12.47 11.63 -108.05
C ALA L 663 -11.27 11.31 -107.17
N ALA L 664 -10.18 10.84 -107.78
CA ALA L 664 -8.96 10.56 -107.04
C ALA L 664 -8.38 11.81 -106.40
N LEU L 665 -8.31 12.91 -107.15
CA LEU L 665 -7.80 14.17 -106.62
C LEU L 665 -8.69 14.72 -105.52
N ASP L 666 -10.02 14.51 -105.64
CA ASP L 666 -10.92 14.82 -104.54
C ASP L 666 -10.52 14.06 -103.29
N ARG L 667 -10.25 12.76 -103.44
CA ARG L 667 -9.74 11.96 -102.32
C ARG L 667 -8.41 12.50 -101.81
N LEU L 668 -7.53 12.95 -102.71
CA LEU L 668 -6.23 13.51 -102.30
C LEU L 668 -6.39 14.70 -101.37
N MET L 669 -7.15 15.72 -101.78
CA MET L 669 -7.13 16.86 -100.84
C MET L 669 -8.05 16.63 -99.65
N ALA L 670 -9.05 15.75 -99.75
CA ALA L 670 -9.84 15.41 -98.57
C ALA L 670 -8.98 14.70 -97.52
N SER L 671 -8.26 13.66 -97.93
CA SER L 671 -7.41 12.93 -96.99
C SER L 671 -6.21 13.76 -96.56
N ALA L 672 -5.76 14.70 -97.41
CA ALA L 672 -4.66 15.58 -97.01
C ALA L 672 -5.11 16.56 -95.94
N GLU L 673 -6.33 17.11 -96.06
CA GLU L 673 -6.88 17.96 -95.01
C GLU L 673 -7.06 17.18 -93.71
N LYS L 674 -7.57 15.94 -93.81
CA LYS L 674 -7.75 15.11 -92.62
C LYS L 674 -6.40 14.82 -91.94
N GLY L 675 -5.39 14.43 -92.73
CA GLY L 675 -4.09 14.11 -92.17
C GLY L 675 -3.39 15.32 -91.58
N ASN L 676 -3.50 16.48 -92.25
CA ASN L 676 -2.90 17.69 -91.72
C ASN L 676 -3.56 18.15 -90.43
N LYS L 677 -4.90 18.06 -90.36
CA LYS L 677 -5.59 18.41 -89.14
C LYS L 677 -5.23 17.47 -87.99
N LEU L 678 -5.15 16.17 -88.27
CA LEU L 678 -4.80 15.22 -87.23
C LEU L 678 -3.35 15.38 -86.79
N GLU L 679 -2.45 15.69 -87.72
CA GLU L 679 -1.05 15.92 -87.38
C GLU L 679 -0.88 17.18 -86.56
N LYS L 680 -1.63 18.24 -86.89
CA LYS L 680 -1.60 19.45 -86.08
C LYS L 680 -2.13 19.19 -84.68
N LYS L 681 -3.19 18.40 -84.56
CA LYS L 681 -3.76 18.05 -83.26
C LYS L 681 -2.76 17.26 -82.42
N LEU L 682 -2.09 16.28 -83.03
CA LEU L 682 -1.14 15.48 -82.25
C LEU L 682 0.12 16.28 -81.95
N ASN L 683 0.47 17.23 -82.83
CA ASN L 683 1.57 18.15 -82.57
C ASN L 683 1.30 18.99 -81.33
N LEU L 684 0.12 19.63 -81.27
CA LEU L 684 -0.21 20.43 -80.10
C LEU L 684 -0.46 19.57 -78.87
N HIS L 685 -0.75 18.28 -79.05
CA HIS L 685 -0.91 17.38 -77.91
C HIS L 685 0.43 16.91 -77.34
N LEU L 686 1.45 16.73 -78.19
CA LEU L 686 2.66 16.03 -77.79
C LEU L 686 3.92 16.89 -77.82
N GLY L 687 3.83 18.16 -78.24
CA GLY L 687 5.01 19.01 -78.30
C GLY L 687 5.65 19.28 -76.96
N GLY L 688 4.86 19.28 -75.88
CA GLY L 688 5.41 19.46 -74.56
C GLY L 688 6.36 18.35 -74.15
N TYR L 689 5.99 17.11 -74.45
CA TYR L 689 6.90 15.99 -74.24
C TYR L 689 7.99 15.93 -75.31
N LYS L 690 7.74 16.51 -76.48
CA LYS L 690 8.77 16.57 -77.51
C LYS L 690 9.91 17.51 -77.13
N ASN L 691 9.61 18.59 -76.39
CA ASN L 691 10.63 19.58 -76.07
C ASN L 691 11.63 19.07 -75.03
N ARG L 692 11.23 18.13 -74.18
CA ARG L 692 12.10 17.62 -73.12
C ARG L 692 13.24 16.78 -73.69
N ALA L 693 12.99 16.07 -74.80
CA ALA L 693 13.93 15.10 -75.31
C ALA L 693 15.22 15.76 -75.79
N GLU L 694 15.13 16.94 -76.41
CA GLU L 694 16.31 17.63 -76.89
C GLU L 694 17.21 18.05 -75.73
N MET L 695 16.63 18.58 -74.66
CA MET L 695 17.40 18.97 -73.49
C MET L 695 18.04 17.76 -72.83
N LEU L 696 17.30 16.64 -72.78
CA LEU L 696 17.85 15.43 -72.17
C LEU L 696 19.00 14.86 -73.00
N ARG L 697 18.90 14.94 -74.33
CA ARG L 697 20.00 14.53 -75.20
C ARG L 697 21.22 15.42 -75.02
N LYS L 698 21.00 16.74 -74.88
CA LYS L 698 22.10 17.66 -74.64
C LYS L 698 22.80 17.36 -73.32
N LYS L 699 22.01 17.05 -72.28
CA LYS L 699 22.59 16.68 -70.99
C LYS L 699 23.39 15.39 -71.09
N LEU L 700 22.89 14.42 -71.86
CA LEU L 700 23.63 13.17 -72.06
C LEU L 700 24.95 13.42 -72.80
N GLY L 701 24.94 14.29 -73.80
CA GLY L 701 26.17 14.61 -74.51
C GLY L 701 27.20 15.31 -73.63
N GLU L 702 26.75 16.27 -72.83
CA GLU L 702 27.65 16.93 -71.88
C GLU L 702 28.21 15.93 -70.87
N ALA L 703 27.37 15.01 -70.40
CA ALA L 703 27.81 13.99 -69.46
C ALA L 703 28.87 13.08 -70.07
N HIS L 704 28.67 12.67 -71.32
CA HIS L 704 29.66 11.80 -71.98
C HIS L 704 30.98 12.52 -72.20
N ALA L 705 30.92 13.79 -72.60
CA ALA L 705 32.16 14.56 -72.78
C ALA L 705 32.90 14.73 -71.47
N ALA L 706 32.18 15.02 -70.38
CA ALA L 706 32.80 15.15 -69.07
C ALA L 706 33.39 13.84 -68.60
N LEU L 707 32.72 12.72 -68.91
CA LEU L 707 33.25 11.41 -68.53
C LEU L 707 34.53 11.09 -69.28
N GLU L 708 34.60 11.44 -70.57
CA GLU L 708 35.83 11.23 -71.32
C GLU L 708 36.98 12.07 -70.78
N LYS L 709 36.69 13.33 -70.44
CA LYS L 709 37.71 14.18 -69.82
C LYS L 709 38.17 13.60 -68.48
N ALA L 710 37.22 13.08 -67.69
CA ALA L 710 37.56 12.53 -66.39
C ALA L 710 38.40 11.26 -66.50
N ARG L 711 38.12 10.38 -67.46
CA ARG L 711 38.92 9.16 -67.58
C ARG L 711 40.32 9.47 -68.11
N ASN L 712 40.44 10.44 -69.04
CA ASN L 712 41.77 10.84 -69.50
C ASN L 712 42.57 11.44 -68.36
N ALA L 713 41.93 12.27 -67.54
CA ALA L 713 42.58 12.83 -66.36
C ALA L 713 42.98 11.74 -65.38
N LEU L 714 42.13 10.73 -65.20
CA LEU L 714 42.44 9.64 -64.28
C LEU L 714 43.71 8.89 -64.71
N ALA L 715 43.80 8.55 -65.99
CA ALA L 715 45.00 7.87 -66.49
C ALA L 715 46.25 8.73 -66.32
N GLY L 716 46.15 10.01 -66.73
CA GLY L 716 47.32 10.89 -66.67
C GLY L 716 47.79 11.14 -65.26
N PHE L 717 46.86 11.47 -64.35
CA PHE L 717 47.22 11.63 -62.94
C PHE L 717 47.80 10.35 -62.34
N GLN L 718 47.21 9.17 -62.55
CA GLN L 718 47.72 8.00 -61.85
C GLN L 718 49.13 7.63 -62.32
N VAL L 719 49.42 7.78 -63.61
CA VAL L 719 50.77 7.53 -64.09
C VAL L 719 51.76 8.53 -63.49
N LEU L 720 51.39 9.82 -63.46
CA LEU L 720 52.32 10.76 -62.87
C LEU L 720 52.37 10.67 -61.34
N ARG L 721 51.37 10.07 -60.69
CA ARG L 721 51.46 9.84 -59.26
C ARG L 721 52.53 8.80 -58.97
N ALA L 722 52.57 7.73 -59.76
CA ALA L 722 53.64 6.74 -59.62
C ALA L 722 55.01 7.37 -59.87
N SER L 723 55.09 8.22 -60.91
CA SER L 723 56.34 8.92 -61.20
C SER L 723 56.75 9.84 -60.04
N GLU L 724 55.77 10.54 -59.45
CA GLU L 724 56.08 11.42 -58.33
C GLU L 724 56.48 10.65 -57.10
N GLU L 725 55.93 9.44 -56.92
CA GLU L 725 56.36 8.59 -55.81
C GLU L 725 57.85 8.26 -55.92
N GLN L 726 58.27 7.82 -57.11
CA GLN L 726 59.70 7.55 -57.29
C GLN L 726 60.55 8.82 -57.18
N ALA L 727 60.02 9.95 -57.65
CA ALA L 727 60.76 11.21 -57.57
C ALA L 727 60.96 11.64 -56.12
N ILE L 728 59.92 11.52 -55.30
CA ILE L 728 60.03 11.81 -53.87
C ILE L 728 61.08 10.92 -53.22
N GLN L 729 61.03 9.62 -53.53
CA GLN L 729 61.99 8.69 -52.93
C GLN L 729 63.43 9.11 -53.25
N ARG L 730 63.73 9.29 -54.54
CA ARG L 730 65.10 9.60 -54.94
C ARG L 730 65.54 10.96 -54.42
N ARG L 731 64.60 11.91 -54.26
CA ARG L 731 64.94 13.18 -53.65
C ARG L 731 65.29 13.01 -52.17
N LEU L 732 64.60 12.10 -51.46
CA LEU L 732 65.03 11.79 -50.09
C LEU L 732 66.45 11.25 -50.03
N GLU L 733 66.80 10.26 -50.87
CA GLU L 733 68.19 9.78 -50.76
C GLU L 733 69.20 10.85 -51.16
N ALA L 734 68.88 11.68 -52.17
CA ALA L 734 69.81 12.71 -52.60
C ALA L 734 70.06 13.75 -51.51
N LEU L 735 68.97 14.29 -50.95
CA LEU L 735 69.13 15.32 -49.92
C LEU L 735 69.69 14.76 -48.63
N ARG L 736 69.35 13.52 -48.27
CA ARG L 736 69.90 12.91 -47.07
C ARG L 736 71.41 12.71 -47.21
N ALA L 737 71.86 12.24 -48.39
CA ALA L 737 73.29 12.09 -48.62
C ALA L 737 74.01 13.43 -48.58
N GLU L 738 73.41 14.46 -49.18
CA GLU L 738 74.02 15.78 -49.19
C GLU L 738 74.18 16.35 -47.78
N VAL L 739 73.11 16.28 -46.98
CA VAL L 739 73.19 16.85 -45.64
C VAL L 739 74.08 16.00 -44.73
N ALA L 740 74.15 14.68 -44.96
CA ALA L 740 75.06 13.84 -44.19
C ALA L 740 76.52 14.17 -44.51
N PHE L 741 76.83 14.41 -45.78
CA PHE L 741 78.18 14.80 -46.15
C PHE L 741 78.55 16.17 -45.56
N VAL L 742 77.59 17.11 -45.59
CA VAL L 742 77.86 18.44 -45.03
C VAL L 742 78.10 18.34 -43.52
N SER L 743 77.30 17.53 -42.81
CA SER L 743 77.50 17.38 -41.38
C SER L 743 78.80 16.66 -41.06
N THR L 744 79.19 15.67 -41.87
CA THR L 744 80.47 15.00 -41.65
C THR L 744 81.64 15.96 -41.87
N ARG L 745 81.54 16.83 -42.89
CA ARG L 745 82.58 17.83 -43.11
C ARG L 745 82.58 18.85 -41.98
N GLU L 746 81.42 19.14 -41.39
CA GLU L 746 81.38 19.97 -40.20
C GLU L 746 82.10 19.32 -39.03
N ARG L 747 81.89 18.01 -38.84
CA ARG L 747 82.60 17.27 -37.79
C ARG L 747 84.10 17.31 -38.01
N LYS L 748 84.54 17.17 -39.26
CA LYS L 748 85.95 17.32 -39.57
C LYS L 748 86.44 18.73 -39.29
N ALA L 749 85.57 19.74 -39.48
CA ALA L 749 85.93 21.11 -39.14
C ALA L 749 86.15 21.28 -37.64
N GLN L 750 85.28 20.66 -36.82
CA GLN L 750 85.53 20.73 -35.38
C GLN L 750 86.76 19.93 -34.96
N GLU L 751 87.04 18.82 -35.66
CA GLU L 751 88.27 18.07 -35.37
C GLU L 751 89.50 18.90 -35.69
N LEU L 752 89.48 19.61 -36.82
CA LEU L 752 90.56 20.53 -37.15
C LEU L 752 90.65 21.67 -36.15
N TYR L 753 89.51 22.17 -35.68
CA TYR L 753 89.52 23.20 -34.64
C TYR L 753 90.16 22.70 -33.36
N ARG L 754 89.85 21.46 -32.96
CA ARG L 754 90.45 20.89 -31.76
C ARG L 754 91.95 20.69 -31.93
N LYS L 755 92.38 20.23 -33.10
CA LYS L 755 93.81 20.04 -33.33
C LYS L 755 94.57 21.37 -33.31
N LEU L 756 94.02 22.41 -33.96
CA LEU L 756 94.71 23.70 -33.95
C LEU L 756 94.64 24.35 -32.58
N ARG L 757 93.55 24.13 -31.83
CA ARG L 757 93.47 24.66 -30.48
C ARG L 757 94.47 23.98 -29.56
N ASP L 758 94.65 22.66 -29.72
CA ASP L 758 95.67 21.94 -28.96
C ASP L 758 97.07 22.42 -29.32
N GLU L 759 97.32 22.70 -30.61
CA GLU L 759 98.62 23.24 -31.01
C GLU L 759 98.85 24.63 -30.42
N LEU L 760 97.81 25.46 -30.39
CA LEU L 760 97.93 26.79 -29.80
C LEU L 760 98.18 26.72 -28.30
N GLU L 761 97.48 25.82 -27.61
CA GLU L 761 97.72 25.64 -26.18
C GLU L 761 99.11 25.07 -25.91
N GLU L 762 99.60 24.20 -26.79
CA GLU L 762 100.96 23.69 -26.66
C GLU L 762 102.00 24.78 -26.86
N LEU L 763 101.78 25.68 -27.81
CA LEU L 763 102.71 26.80 -27.98
C LEU L 763 102.62 27.78 -26.82
N ARG L 764 101.42 27.94 -26.23
CA ARG L 764 101.31 28.72 -25.00
C ARG L 764 102.10 28.09 -23.86
N LEU L 765 102.05 26.76 -23.76
CA LEU L 765 102.82 26.05 -22.74
C LEU L 765 104.31 26.18 -22.97
N GLU L 766 104.74 26.13 -24.25
CA GLU L 766 106.16 26.23 -24.56
C GLU L 766 106.68 27.64 -24.32
N GLN L 767 105.88 28.66 -24.62
CA GLN L 767 106.29 30.04 -24.35
C GLN L 767 106.29 30.33 -22.85
N ALA L 768 105.26 29.90 -22.14
CA ALA L 768 105.15 30.14 -20.70
C ALA L 768 105.99 29.14 -19.92
N MET M 1 45.71 3.42 -72.17
CA MET M 1 46.61 3.65 -71.04
C MET M 1 47.89 4.34 -71.50
N PRO M 2 48.39 5.27 -70.69
CA PRO M 2 49.65 5.95 -71.02
C PRO M 2 50.83 5.00 -70.95
N ALA M 3 51.83 5.28 -71.78
CA ALA M 3 53.03 4.45 -71.87
C ALA M 3 54.32 5.21 -71.61
N ILE M 4 54.27 6.40 -71.02
CA ILE M 4 55.46 7.20 -70.79
C ILE M 4 55.95 6.96 -69.37
N THR M 5 57.23 6.59 -69.25
CA THR M 5 57.84 6.32 -67.95
C THR M 5 58.88 7.37 -67.57
N THR M 6 58.88 8.51 -68.24
CA THR M 6 59.78 9.60 -67.89
C THR M 6 59.38 10.21 -66.55
N VAL M 7 60.35 10.37 -65.67
CA VAL M 7 60.11 10.79 -64.29
C VAL M 7 60.74 12.16 -64.09
N HIS M 8 59.92 13.15 -63.77
CA HIS M 8 60.38 14.47 -63.36
C HIS M 8 60.33 14.58 -61.84
N GLU M 9 61.13 15.49 -61.29
CA GLU M 9 61.07 15.80 -59.87
C GLU M 9 60.11 16.95 -59.59
N SER M 10 58.90 16.86 -60.13
CA SER M 10 57.90 17.91 -60.00
C SER M 10 56.86 17.46 -58.98
N LEU M 11 56.75 18.22 -57.89
CA LEU M 11 55.79 17.92 -56.83
C LEU M 11 54.93 19.16 -56.65
N PRO M 12 53.82 19.26 -57.38
CA PRO M 12 53.12 20.56 -57.49
C PRO M 12 52.43 21.00 -56.21
N TYR M 13 52.00 20.08 -55.36
CA TYR M 13 51.29 20.47 -54.15
C TYR M 13 52.20 21.09 -53.09
N ILE M 14 53.52 20.95 -53.23
CA ILE M 14 54.45 21.47 -52.25
C ILE M 14 55.50 22.40 -52.84
N ASP M 15 55.80 22.29 -54.13
CA ASP M 15 56.72 23.24 -54.75
C ASP M 15 56.06 24.61 -54.87
N PRO M 16 56.84 25.68 -54.80
CA PRO M 16 56.27 27.02 -54.96
C PRO M 16 55.73 27.24 -56.36
N GLU M 17 54.75 28.12 -56.46
CA GLU M 17 54.09 28.40 -57.73
C GLU M 17 55.03 29.16 -58.65
N PRO M 18 55.29 28.67 -59.87
CA PRO M 18 56.20 29.38 -60.77
C PRO M 18 55.59 30.67 -61.28
N THR M 19 56.37 31.75 -61.17
CA THR M 19 55.93 33.07 -61.63
C THR M 19 55.87 33.11 -63.15
N PRO M 20 54.94 33.89 -63.72
CA PRO M 20 54.75 33.88 -65.18
C PRO M 20 55.97 34.32 -65.99
N GLU M 21 56.80 35.22 -65.46
CA GLU M 21 57.94 35.73 -66.24
C GLU M 21 58.98 34.64 -66.47
N GLN M 22 59.43 33.97 -65.40
CA GLN M 22 60.38 32.89 -65.60
C GLN M 22 59.69 31.63 -66.13
N ARG M 23 58.37 31.54 -65.99
CA ARG M 23 57.61 30.51 -66.70
C ARG M 23 57.76 30.68 -68.21
N ALA M 24 57.47 31.90 -68.71
CA ALA M 24 57.59 32.18 -70.13
C ALA M 24 59.03 32.03 -70.60
N ALA M 25 59.99 32.37 -69.74
CA ALA M 25 61.39 32.06 -70.02
C ALA M 25 61.61 30.55 -70.16
N ALA M 26 60.91 29.75 -69.35
CA ALA M 26 61.05 28.30 -69.44
C ALA M 26 60.51 27.74 -70.75
N GLU M 27 59.32 28.20 -71.20
CA GLU M 27 58.90 27.74 -72.53
C GLU M 27 59.78 28.31 -73.63
N ALA M 28 60.33 29.52 -73.48
CA ALA M 28 61.23 30.05 -74.50
C ALA M 28 62.50 29.22 -74.62
N LEU M 29 63.08 28.83 -73.48
CA LEU M 29 64.27 28.00 -73.54
C LEU M 29 63.95 26.61 -74.06
N ILE M 30 62.86 25.99 -73.58
CA ILE M 30 62.48 24.66 -74.04
C ILE M 30 62.22 24.67 -75.54
N ALA M 31 61.67 25.77 -76.06
CA ALA M 31 61.54 25.95 -77.50
C ALA M 31 62.89 26.02 -78.20
N GLU M 32 63.88 26.70 -77.61
CA GLU M 32 65.13 26.82 -78.36
C GLU M 32 65.95 25.52 -78.34
N GLU M 33 65.97 24.79 -77.21
CA GLU M 33 66.59 23.46 -77.33
C GLU M 33 65.73 22.48 -78.12
N ARG M 34 64.41 22.68 -78.23
CA ARG M 34 63.64 21.88 -79.18
C ARG M 34 64.03 22.20 -80.62
N ALA M 35 64.36 23.46 -80.88
CA ALA M 35 64.83 23.85 -82.21
C ALA M 35 66.17 23.20 -82.52
N LYS M 36 67.10 23.19 -81.57
CA LYS M 36 68.41 22.60 -81.87
C LYS M 36 68.40 21.07 -81.86
N VAL M 37 67.49 20.45 -81.10
CA VAL M 37 67.39 19.00 -81.06
C VAL M 37 66.55 18.55 -82.25
N PRO M 38 67.05 17.63 -83.09
CA PRO M 38 66.23 17.13 -84.19
C PRO M 38 65.05 16.32 -83.71
N ASP M 39 63.96 16.37 -84.48
CA ASP M 39 62.73 15.67 -84.14
C ASP M 39 62.75 14.27 -84.73
N ASP M 40 62.32 13.28 -83.94
CA ASP M 40 62.34 11.89 -84.36
C ASP M 40 60.95 11.48 -84.81
N PRO M 41 60.72 11.26 -86.11
CA PRO M 41 59.36 10.87 -86.56
C PRO M 41 59.00 9.43 -86.27
N TYR M 42 59.98 8.54 -86.07
CA TYR M 42 59.73 7.12 -85.85
C TYR M 42 59.99 6.72 -84.40
N HIS M 43 59.74 7.64 -83.47
CA HIS M 43 59.93 7.37 -82.05
C HIS M 43 58.99 6.27 -81.57
N ALA M 44 59.52 5.37 -80.74
CA ALA M 44 58.76 4.23 -80.28
C ALA M 44 57.65 4.63 -79.31
N LEU M 45 57.83 5.76 -78.61
CA LEU M 45 56.79 6.24 -77.70
C LEU M 45 55.60 6.79 -78.47
N LEU M 46 55.80 7.23 -79.71
CA LEU M 46 54.70 7.67 -80.54
C LEU M 46 53.83 6.48 -80.94
N PRO M 47 52.51 6.61 -80.87
CA PRO M 47 51.61 5.56 -81.35
C PRO M 47 51.70 5.43 -82.86
N PRO M 48 51.31 4.29 -83.41
CA PRO M 48 51.34 4.13 -84.88
C PRO M 48 50.38 5.10 -85.53
N PRO M 49 50.71 5.56 -86.75
CA PRO M 49 49.90 6.60 -87.39
C PRO M 49 48.55 6.08 -87.86
N LEU M 50 47.66 7.01 -88.12
CA LEU M 50 46.32 6.69 -88.61
C LEU M 50 46.43 6.15 -90.03
N PRO M 51 45.95 4.95 -90.31
CA PRO M 51 46.02 4.42 -91.68
C PRO M 51 45.09 5.18 -92.60
N PRO M 52 45.45 5.33 -93.88
CA PRO M 52 44.55 5.98 -94.84
C PRO M 52 43.31 5.15 -95.15
N LEU M 53 42.40 5.73 -95.93
CA LEU M 53 41.06 5.15 -96.08
C LEU M 53 41.04 3.94 -97.00
N ASN M 54 41.93 3.89 -98.00
CA ASN M 54 41.77 2.92 -99.09
C ASN M 54 42.07 1.49 -98.66
N GLU M 55 43.15 1.28 -97.92
CA GLU M 55 43.56 -0.07 -97.54
C GLU M 55 42.79 -0.61 -96.34
N SER M 56 42.02 0.24 -95.67
CA SER M 56 41.27 -0.18 -94.50
C SER M 56 40.19 -1.19 -94.86
N ARG M 57 40.08 -2.24 -94.05
CA ARG M 57 39.04 -3.24 -94.26
C ARG M 57 37.67 -2.72 -93.85
N HIS M 58 37.63 -1.60 -93.13
CA HIS M 58 36.37 -1.05 -92.65
C HIS M 58 35.58 -0.42 -93.79
N LEU M 59 36.12 0.63 -94.40
CA LEU M 59 35.36 1.45 -95.32
C LEU M 59 35.22 0.77 -96.68
N THR M 60 33.99 0.70 -97.16
CA THR M 60 33.70 0.19 -98.49
C THR M 60 34.04 1.24 -99.54
N PRO M 61 34.29 0.82 -100.80
CA PRO M 61 34.59 1.80 -101.87
C PRO M 61 33.55 2.88 -102.04
N ILE M 62 32.28 2.57 -101.77
CA ILE M 62 31.24 3.60 -101.69
C ILE M 62 31.57 4.61 -100.59
N LEU M 63 32.13 4.12 -99.48
CA LEU M 63 32.46 5.04 -98.38
C LEU M 63 33.67 5.90 -98.70
N GLN M 64 34.70 5.35 -99.38
CA GLN M 64 35.77 6.24 -99.84
C GLN M 64 35.27 7.23 -100.89
N ASN M 65 34.33 6.83 -101.75
CA ASN M 65 33.77 7.75 -102.72
C ASN M 65 33.01 8.89 -102.04
N GLU M 66 32.21 8.57 -101.03
CA GLU M 66 31.47 9.61 -100.31
C GLU M 66 32.40 10.50 -99.49
N LEU M 67 33.45 9.91 -98.90
CA LEU M 67 34.43 10.71 -98.16
C LEU M 67 35.17 11.66 -99.09
N ALA M 68 35.54 11.19 -100.29
CA ALA M 68 36.20 12.05 -101.26
C ALA M 68 35.26 13.16 -101.74
N ARG M 69 33.97 12.83 -101.92
CA ARG M 69 32.99 13.84 -102.32
C ARG M 69 32.85 14.93 -101.25
N LEU M 70 32.72 14.51 -99.98
CA LEU M 70 32.49 15.48 -98.93
C LEU M 70 33.77 16.24 -98.60
N ALA M 71 34.94 15.66 -98.87
CA ALA M 71 36.19 16.38 -98.71
C ALA M 71 36.39 17.40 -99.82
N SER M 72 36.05 17.03 -101.06
CA SER M 72 36.12 17.96 -102.18
C SER M 72 35.07 19.06 -102.08
N SER M 73 33.99 18.83 -101.34
CA SER M 73 33.06 19.89 -101.02
C SER M 73 33.77 20.94 -100.16
N PRO M 74 33.76 22.22 -100.56
CA PRO M 74 34.52 23.23 -99.81
C PRO M 74 33.97 23.53 -98.43
N ASP M 75 32.69 23.26 -98.18
CA ASP M 75 32.09 23.45 -96.85
C ASP M 75 31.55 22.09 -96.43
N PRO M 76 32.34 21.31 -95.69
CA PRO M 76 31.86 19.99 -95.24
C PRO M 76 30.65 20.03 -94.34
N GLN M 77 30.50 21.08 -93.53
CA GLN M 77 29.35 21.17 -92.63
C GLN M 77 28.06 21.41 -93.40
N ALA M 78 28.13 22.15 -94.50
CA ALA M 78 26.97 22.41 -95.33
C ALA M 78 26.81 21.41 -96.47
N ALA M 79 27.65 20.37 -96.52
CA ALA M 79 27.52 19.33 -97.53
C ALA M 79 26.24 18.54 -97.28
N LYS M 80 25.47 18.32 -98.34
CA LYS M 80 24.14 17.73 -98.23
C LYS M 80 24.00 16.59 -99.23
N MET M 81 22.96 15.78 -99.03
CA MET M 81 22.73 14.59 -99.81
C MET M 81 21.82 14.91 -101.01
N ASP M 82 22.03 14.19 -102.10
CA ASP M 82 21.17 14.33 -103.28
C ASP M 82 19.76 13.89 -102.92
N ALA M 83 18.85 14.86 -102.81
CA ALA M 83 17.51 14.60 -102.30
C ALA M 83 16.68 13.82 -103.30
N LEU M 84 15.63 13.18 -102.79
CA LEU M 84 14.73 12.39 -103.61
C LEU M 84 13.74 13.32 -104.31
N ASP M 85 12.80 12.75 -105.05
CA ASP M 85 11.87 13.55 -105.85
C ASP M 85 10.62 13.86 -105.03
N PHE M 86 10.80 14.81 -104.11
CA PHE M 86 9.66 15.32 -103.34
C PHE M 86 8.70 16.12 -104.20
N SER M 87 9.19 16.72 -105.29
CA SER M 87 8.30 17.35 -106.25
C SER M 87 7.38 16.32 -106.89
N ARG M 88 7.89 15.12 -107.17
CA ARG M 88 7.05 14.04 -107.65
C ARG M 88 6.16 13.47 -106.54
N TYR M 89 6.63 13.47 -105.28
CA TYR M 89 5.78 13.08 -104.17
C TYR M 89 4.65 14.06 -103.89
N GLU M 90 4.78 15.31 -104.33
CA GLU M 90 3.74 16.31 -104.12
C GLU M 90 2.48 15.95 -104.91
N ALA M 91 1.37 16.60 -104.53
CA ALA M 91 0.07 16.29 -105.11
C ALA M 91 0.02 16.71 -106.58
N PRO M 92 -0.57 15.89 -107.44
CA PRO M 92 -0.58 16.21 -108.87
C PRO M 92 -1.66 17.21 -109.22
N GLU M 93 -1.37 18.00 -110.25
CA GLU M 93 -2.35 18.91 -110.83
C GLU M 93 -3.02 18.27 -112.02
N MET M 94 -4.07 18.91 -112.51
CA MET M 94 -4.74 18.43 -113.72
C MET M 94 -3.88 18.74 -114.93
N PRO M 95 -3.46 17.74 -115.71
CA PRO M 95 -2.62 18.02 -116.87
C PRO M 95 -3.40 18.70 -117.98
N SER M 96 -2.68 19.49 -118.78
CA SER M 96 -3.27 20.20 -119.90
C SER M 96 -3.37 19.26 -121.09
N ILE M 97 -4.58 18.83 -121.42
CA ILE M 97 -4.79 17.96 -122.58
C ILE M 97 -4.88 18.84 -123.82
N ASP M 98 -3.93 18.66 -124.72
CA ASP M 98 -3.89 19.45 -125.95
C ASP M 98 -4.77 18.80 -126.99
N SER M 99 -5.46 19.64 -127.78
CA SER M 99 -6.28 19.12 -128.88
C SER M 99 -5.42 18.49 -129.96
N SER M 100 -4.27 19.10 -130.26
CA SER M 100 -3.35 18.55 -131.25
C SER M 100 -2.56 17.35 -130.74
N GLN M 101 -2.57 17.10 -129.43
CA GLN M 101 -1.91 15.93 -128.88
C GLN M 101 -2.64 14.66 -129.30
N SER M 102 -1.86 13.62 -129.61
CA SER M 102 -2.44 12.35 -130.02
C SER M 102 -3.14 11.68 -128.85
N LEU M 103 -4.11 10.81 -129.19
CA LEU M 103 -4.90 10.13 -128.17
C LEU M 103 -4.04 9.19 -127.33
N GLU M 104 -3.10 8.48 -127.98
CA GLU M 104 -2.23 7.57 -127.23
C GLU M 104 -1.32 8.31 -126.27
N GLU M 105 -0.74 9.43 -126.71
CA GLU M 105 0.11 10.23 -125.83
C GLU M 105 -0.69 10.84 -124.67
N THR M 106 -1.90 11.34 -124.97
CA THR M 106 -2.76 11.89 -123.94
C THR M 106 -3.15 10.82 -122.92
N ALA M 107 -3.49 9.62 -123.39
CA ALA M 107 -3.81 8.52 -122.49
C ALA M 107 -2.62 8.10 -121.66
N SER M 108 -1.41 8.11 -122.25
CA SER M 108 -0.21 7.73 -121.52
C SER M 108 0.12 8.73 -120.42
N GLN M 109 0.00 10.03 -120.70
CA GLN M 109 0.30 10.99 -119.65
C GLN M 109 -0.81 11.08 -118.60
N LEU M 110 -2.06 10.81 -118.98
CA LEU M 110 -3.10 10.58 -117.98
C LEU M 110 -2.81 9.34 -117.13
N TRP M 111 -2.24 8.29 -117.75
CA TRP M 111 -1.85 7.11 -116.99
C TRP M 111 -0.76 7.43 -115.98
N GLU M 112 0.22 8.25 -116.38
CA GLU M 112 1.28 8.65 -115.46
C GLU M 112 0.74 9.50 -114.31
N THR M 113 -0.18 10.41 -114.62
CA THR M 113 -0.82 11.21 -113.58
C THR M 113 -1.63 10.32 -112.62
N LEU M 114 -2.30 9.31 -113.16
CA LEU M 114 -3.04 8.36 -112.33
C LEU M 114 -2.11 7.54 -111.46
N LYS M 115 -0.95 7.14 -111.99
CA LYS M 115 0.05 6.43 -111.19
C LYS M 115 0.52 7.26 -110.02
N GLN M 116 0.84 8.53 -110.29
CA GLN M 116 1.31 9.42 -109.22
C GLN M 116 0.21 9.67 -108.19
N ALA M 117 -1.02 9.86 -108.65
CA ALA M 117 -2.14 10.09 -107.73
C ALA M 117 -2.40 8.86 -106.86
N TYR M 118 -2.31 7.66 -107.44
CA TYR M 118 -2.56 6.45 -106.66
C TYR M 118 -1.44 6.19 -105.66
N THR M 119 -0.19 6.45 -106.06
CA THR M 119 0.93 6.32 -105.13
C THR M 119 0.80 7.29 -103.97
N ALA M 120 0.41 8.54 -104.27
CA ALA M 120 0.21 9.52 -103.21
C ALA M 120 -0.98 9.14 -102.32
N GLN M 121 -2.02 8.54 -102.91
CA GLN M 121 -3.16 8.07 -102.14
C GLN M 121 -2.76 7.00 -101.14
N ALA M 122 -1.99 6.01 -101.61
CA ALA M 122 -1.55 4.93 -100.72
C ALA M 122 -0.61 5.45 -99.64
N TYR M 123 0.30 6.36 -100.01
CA TYR M 123 1.20 6.96 -99.02
C TYR M 123 0.43 7.74 -97.96
N LEU M 124 -0.57 8.52 -98.38
CA LEU M 124 -1.33 9.33 -97.44
C LEU M 124 -2.23 8.47 -96.56
N SER M 125 -2.75 7.36 -97.11
CA SER M 125 -3.51 6.42 -96.30
C SER M 125 -2.65 5.76 -95.23
N ALA M 126 -1.43 5.37 -95.61
CA ALA M 126 -0.51 4.79 -94.62
C ALA M 126 -0.12 5.83 -93.56
N ARG M 127 0.07 7.08 -93.98
CA ARG M 127 0.38 8.15 -93.04
C ARG M 127 -0.76 8.37 -92.05
N ARG M 128 -2.00 8.37 -92.56
CA ARG M 128 -3.16 8.54 -91.67
C ARG M 128 -3.32 7.37 -90.72
N ALA M 129 -3.05 6.14 -91.19
CA ALA M 129 -3.11 4.97 -90.32
C ALA M 129 -2.07 5.06 -89.21
N HIS M 130 -0.84 5.45 -89.54
CA HIS M 130 0.18 5.62 -88.52
C HIS M 130 -0.14 6.76 -87.57
N LEU M 131 -0.77 7.83 -88.08
CA LEU M 131 -1.17 8.94 -87.23
C LEU M 131 -2.24 8.52 -86.23
N ALA M 132 -3.22 7.71 -86.68
CA ALA M 132 -4.23 7.19 -85.77
C ALA M 132 -3.62 6.25 -84.74
N LEU M 133 -2.67 5.41 -85.16
CA LEU M 133 -1.98 4.52 -84.23
C LEU M 133 -1.20 5.30 -83.18
N LEU M 134 -0.54 6.39 -83.59
CA LEU M 134 0.16 7.24 -82.64
C LEU M 134 -0.80 7.98 -81.73
N ASP M 135 -2.00 8.31 -82.23
CA ASP M 135 -3.02 8.93 -81.37
C ASP M 135 -3.49 7.97 -80.29
N THR M 136 -3.69 6.70 -80.64
CA THR M 136 -4.27 5.78 -79.67
C THR M 136 -3.23 5.13 -78.76
N HIS M 137 -1.97 4.98 -79.20
CA HIS M 137 -0.99 4.27 -78.38
C HIS M 137 0.40 4.90 -78.46
N GLY M 138 0.48 6.22 -78.60
CA GLY M 138 1.77 6.85 -78.74
C GLY M 138 2.34 7.48 -77.48
N LYS M 139 1.46 7.91 -76.57
CA LYS M 139 1.92 8.62 -75.38
C LYS M 139 2.67 7.72 -74.43
N ASN M 140 2.20 6.47 -74.25
CA ASN M 140 2.91 5.54 -73.38
C ASN M 140 4.27 5.16 -73.97
N ALA M 141 4.35 5.01 -75.29
CA ALA M 141 5.62 4.73 -75.95
C ALA M 141 6.58 5.91 -75.79
N TRP M 142 6.07 7.14 -75.92
CA TRP M 142 6.91 8.31 -75.70
C TRP M 142 7.41 8.39 -74.27
N LEU M 143 6.53 8.08 -73.30
CA LEU M 143 6.92 8.07 -71.90
C LEU M 143 7.98 7.03 -71.62
N ILE M 144 7.81 5.81 -72.15
CA ILE M 144 8.77 4.75 -71.87
C ILE M 144 10.10 5.01 -72.59
N GLY M 145 10.06 5.65 -73.76
CA GLY M 145 11.30 6.03 -74.42
C GLY M 145 12.06 7.10 -73.68
N ASN M 146 11.36 8.14 -73.20
CA ASN M 146 12.01 9.18 -72.42
C ASN M 146 12.55 8.62 -71.10
N TRP M 147 11.81 7.69 -70.50
CA TRP M 147 12.26 7.04 -69.26
C TRP M 147 13.52 6.22 -69.48
N HIS M 148 13.59 5.46 -70.58
CA HIS M 148 14.81 4.71 -70.88
C HIS M 148 15.98 5.64 -71.19
N LEU M 149 15.71 6.74 -71.90
CA LEU M 149 16.78 7.66 -72.26
C LEU M 149 17.34 8.34 -71.02
N GLU M 150 16.47 8.76 -70.10
CA GLU M 150 16.96 9.34 -68.86
C GLU M 150 17.59 8.29 -67.94
N GLY M 151 17.22 7.02 -68.08
CA GLY M 151 17.95 5.98 -67.37
C GLY M 151 19.39 5.84 -67.86
N GLU M 152 19.58 5.91 -69.16
CA GLU M 152 20.94 5.91 -69.71
C GLU M 152 21.70 7.16 -69.28
N VAL M 153 20.99 8.30 -69.20
CA VAL M 153 21.58 9.53 -68.66
C VAL M 153 22.06 9.31 -67.24
N LYS M 154 21.25 8.64 -66.41
CA LYS M 154 21.63 8.36 -65.03
C LYS M 154 22.84 7.44 -64.96
N ALA M 155 22.92 6.46 -65.87
CA ALA M 155 24.07 5.56 -65.88
C ALA M 155 25.36 6.31 -66.22
N VAL M 156 25.31 7.18 -67.24
CA VAL M 156 26.50 7.97 -67.57
C VAL M 156 26.85 8.93 -66.44
N GLU M 157 25.83 9.47 -65.77
CA GLU M 157 26.07 10.41 -64.67
C GLU M 157 26.73 9.72 -63.48
N LYS M 158 26.31 8.50 -63.15
CA LYS M 158 26.97 7.82 -62.05
C LYS M 158 28.37 7.38 -62.42
N GLU M 159 28.61 7.07 -63.71
CA GLU M 159 29.97 6.75 -64.13
C GLU M 159 30.90 7.95 -64.00
N LEU M 160 30.46 9.13 -64.44
CA LEU M 160 31.29 10.31 -64.31
C LEU M 160 31.47 10.70 -62.84
N ALA M 161 30.44 10.52 -62.02
CA ALA M 161 30.57 10.81 -60.59
C ALA M 161 31.56 9.88 -59.90
N GLU M 162 31.57 8.60 -60.30
CA GLU M 162 32.54 7.66 -59.75
C GLU M 162 33.96 8.03 -60.14
N THR M 163 34.16 8.43 -61.40
CA THR M 163 35.49 8.86 -61.83
C THR M 163 35.93 10.12 -61.10
N LYS M 164 35.01 11.08 -60.90
CA LYS M 164 35.35 12.28 -60.15
C LYS M 164 35.68 11.98 -58.70
N ARG M 165 34.98 11.02 -58.09
CA ARG M 165 35.33 10.60 -56.74
C ARG M 165 36.71 9.96 -56.69
N GLU M 166 37.06 9.19 -57.73
CA GLU M 166 38.42 8.64 -57.82
C GLU M 166 39.47 9.74 -57.89
N ILE M 167 39.21 10.78 -58.69
CA ILE M 167 40.13 11.92 -58.78
C ILE M 167 40.26 12.62 -57.44
N ASP M 168 39.13 12.83 -56.75
CA ASP M 168 39.13 13.52 -55.46
C ASP M 168 39.91 12.72 -54.42
N ARG M 169 39.73 11.39 -54.42
CA ARG M 169 40.43 10.51 -53.50
C ARG M 169 41.95 10.57 -53.72
N VAL M 170 42.36 10.46 -54.99
CA VAL M 170 43.79 10.49 -55.33
C VAL M 170 44.39 11.83 -54.93
N SER M 171 43.70 12.92 -55.25
CA SER M 171 44.22 14.25 -54.96
C SER M 171 44.38 14.48 -53.46
N LEU M 172 43.39 14.08 -52.66
CA LEU M 172 43.49 14.32 -51.22
C LEU M 172 44.58 13.45 -50.57
N ALA M 173 44.63 12.16 -50.95
CA ALA M 173 45.64 11.28 -50.38
C ALA M 173 47.05 11.74 -50.73
N ARG M 174 47.24 12.22 -51.96
CA ARG M 174 48.58 12.65 -52.35
C ARG M 174 48.88 14.04 -51.85
N GLN M 175 47.85 14.86 -51.57
CA GLN M 175 48.08 16.10 -50.84
C GLN M 175 48.70 15.80 -49.48
N GLY M 176 48.13 14.83 -48.76
CA GLY M 176 48.70 14.47 -47.46
C GLY M 176 50.11 13.93 -47.56
N MET M 177 50.33 12.97 -48.46
CA MET M 177 51.65 12.34 -48.54
C MET M 177 52.70 13.33 -49.05
N GLN M 178 52.34 14.16 -50.03
CA GLN M 178 53.22 15.19 -50.55
C GLN M 178 53.55 16.21 -49.48
N GLU M 179 52.58 16.57 -48.63
CA GLU M 179 52.85 17.55 -47.58
C GLU M 179 53.81 17.00 -46.53
N ALA M 180 53.67 15.72 -46.19
CA ALA M 180 54.63 15.10 -45.27
C ALA M 180 56.04 15.09 -45.85
N ALA M 181 56.15 14.68 -47.12
CA ALA M 181 57.44 14.68 -47.79
C ALA M 181 58.01 16.10 -47.91
N GLY M 182 57.14 17.07 -48.18
CA GLY M 182 57.59 18.44 -48.34
C GLY M 182 58.11 19.04 -47.05
N ALA M 183 57.48 18.70 -45.93
CA ALA M 183 58.03 19.09 -44.63
C ALA M 183 59.40 18.48 -44.42
N GLU M 184 59.57 17.20 -44.80
CA GLU M 184 60.88 16.56 -44.65
C GLU M 184 61.96 17.25 -45.50
N LEU M 185 61.67 17.49 -46.78
CA LEU M 185 62.64 18.15 -47.65
C LEU M 185 62.90 19.59 -47.25
N LYS M 186 61.89 20.30 -46.75
CA LYS M 186 62.12 21.67 -46.27
C LYS M 186 63.08 21.67 -45.09
N SER M 187 62.89 20.72 -44.16
CA SER M 187 63.79 20.61 -43.02
C SER M 187 65.23 20.30 -43.47
N LEU M 188 65.37 19.33 -44.38
CA LEU M 188 66.71 18.97 -44.86
C LEU M 188 67.38 20.11 -45.63
N GLU M 189 66.62 20.85 -46.44
CA GLU M 189 67.19 21.94 -47.21
C GLU M 189 67.64 23.10 -46.31
N GLU M 190 66.81 23.46 -45.32
CA GLU M 190 67.22 24.51 -44.41
C GLU M 190 68.42 24.08 -43.57
N THR M 191 68.45 22.81 -43.16
CA THR M 191 69.61 22.29 -42.42
C THR M 191 70.87 22.32 -43.27
N TRP M 192 70.75 21.99 -44.55
CA TRP M 192 71.89 22.01 -45.46
C TRP M 192 72.42 23.44 -45.64
N LYS M 193 71.52 24.40 -45.84
CA LYS M 193 71.96 25.80 -45.99
C LYS M 193 72.63 26.32 -44.72
N ALA M 194 72.03 26.03 -43.56
CA ALA M 194 72.61 26.46 -42.29
C ALA M 194 73.96 25.79 -42.05
N GLY M 195 74.09 24.52 -42.43
CA GLY M 195 75.36 23.84 -42.29
C GLY M 195 76.44 24.40 -43.19
N VAL M 196 76.07 24.79 -44.40
CA VAL M 196 77.03 25.43 -45.30
C VAL M 196 77.52 26.75 -44.71
N GLY M 197 76.58 27.59 -44.23
CA GLY M 197 76.98 28.84 -43.61
C GLY M 197 77.82 28.65 -42.37
N ARG M 198 77.45 27.67 -41.53
CA ARG M 198 78.20 27.40 -40.31
C ARG M 198 79.60 26.89 -40.59
N VAL M 199 79.74 26.01 -41.59
CA VAL M 199 81.07 25.48 -41.88
C VAL M 199 81.94 26.54 -42.54
N LEU M 200 81.35 27.47 -43.30
CA LEU M 200 82.13 28.57 -43.84
C LEU M 200 82.63 29.49 -42.74
N GLU M 201 81.75 29.85 -41.79
CA GLU M 201 82.19 30.67 -40.66
C GLU M 201 83.22 29.95 -39.81
N THR M 202 83.01 28.65 -39.59
CA THR M 202 83.93 27.83 -38.82
C THR M 202 85.32 27.79 -39.45
N GLU M 203 85.39 27.56 -40.75
CA GLU M 203 86.69 27.50 -41.39
C GLU M 203 87.33 28.87 -41.50
N ALA M 204 86.53 29.94 -41.54
CA ALA M 204 87.10 31.29 -41.49
C ALA M 204 87.76 31.55 -40.15
N ALA M 205 87.06 31.22 -39.05
CA ALA M 205 87.64 31.40 -37.72
C ALA M 205 88.83 30.48 -37.51
N ALA M 206 88.77 29.26 -38.04
CA ALA M 206 89.90 28.34 -37.94
C ALA M 206 91.09 28.83 -38.74
N GLU M 207 90.86 29.46 -39.89
CA GLU M 207 91.95 30.06 -40.65
C GLU M 207 92.58 31.22 -39.91
N LYS M 208 91.76 32.03 -39.24
CA LYS M 208 92.30 33.12 -38.43
C LYS M 208 93.16 32.57 -37.29
N LEU M 209 92.65 31.56 -36.56
CA LEU M 209 93.45 30.93 -35.51
C LEU M 209 94.69 30.23 -36.07
N ARG M 210 94.62 29.77 -37.32
CA ARG M 210 95.81 29.27 -37.98
C ARG M 210 96.83 30.39 -38.19
N ILE M 211 96.36 31.61 -38.48
CA ILE M 211 97.28 32.74 -38.59
C ILE M 211 97.96 33.02 -37.25
N GLU M 212 97.21 33.01 -36.15
CA GLU M 212 97.92 33.23 -34.87
C GLU M 212 98.83 32.07 -34.48
N VAL M 213 98.46 30.82 -34.78
CA VAL M 213 99.34 29.72 -34.38
C VAL M 213 100.59 29.70 -35.25
N LEU M 214 100.47 30.14 -36.51
CA LEU M 214 101.67 30.31 -37.34
C LEU M 214 102.52 31.47 -36.84
N GLU M 215 101.88 32.52 -36.33
CA GLU M 215 102.62 33.61 -35.72
C GLU M 215 103.42 33.14 -34.51
N GLU M 216 102.81 32.30 -33.69
CA GLU M 216 103.54 31.79 -32.53
C GLU M 216 104.60 30.77 -32.93
N ARG M 217 104.37 30.00 -33.99
CA ARG M 217 105.42 29.12 -34.51
C ARG M 217 106.61 29.93 -35.01
N ARG M 218 106.35 31.03 -35.71
CA ARG M 218 107.44 31.92 -36.12
C ARG M 218 108.12 32.58 -34.93
N ARG M 219 107.36 32.86 -33.86
CA ARG M 219 107.96 33.42 -32.65
C ARG M 219 108.93 32.43 -32.00
N LEU M 220 108.52 31.16 -31.89
CA LEU M 220 109.42 30.15 -31.37
C LEU M 220 110.62 29.91 -32.27
N ALA M 221 110.42 29.95 -33.59
CA ALA M 221 111.54 29.79 -34.52
C ALA M 221 112.54 30.95 -34.37
N GLU M 222 112.03 32.17 -34.24
CA GLU M 222 112.90 33.32 -34.03
C GLU M 222 113.62 33.24 -32.69
N ALA M 223 112.95 32.77 -31.65
CA ALA M 223 113.58 32.61 -30.34
C ALA M 223 114.70 31.57 -30.39
N GLN M 224 114.46 30.44 -31.08
CA GLN M 224 115.49 29.42 -31.23
C GLN M 224 116.67 29.94 -32.05
N ALA M 225 116.39 30.69 -33.12
CA ALA M 225 117.48 31.26 -33.91
C ALA M 225 118.30 32.27 -33.11
N ALA M 226 117.64 33.11 -32.32
CA ALA M 226 118.34 34.07 -31.49
C ALA M 226 119.17 33.39 -30.42
N LEU M 227 118.63 32.33 -29.79
CA LEU M 227 119.38 31.59 -28.78
C LEU M 227 120.58 30.88 -29.39
N ALA M 228 120.41 30.31 -30.59
CA ALA M 228 121.53 29.65 -31.26
C ALA M 228 122.60 30.64 -31.68
N VAL M 229 122.21 31.86 -32.08
CA VAL M 229 123.19 32.90 -32.42
C VAL M 229 123.93 33.35 -31.17
N GLY M 230 123.20 33.60 -30.07
CA GLY M 230 123.81 34.07 -28.84
C GLY M 230 124.64 33.03 -28.12
N ASN M 231 124.38 31.75 -28.36
CA ASN M 231 125.16 30.69 -27.74
C ASN M 231 126.28 30.21 -28.66
N MET N 1 14.97 -1.42 -72.30
CA MET N 1 15.25 -2.60 -71.50
C MET N 1 14.50 -2.56 -70.17
N LEU N 2 14.17 -3.73 -69.64
CA LEU N 2 13.48 -3.88 -68.37
C LEU N 2 14.17 -4.95 -67.54
N CYS N 3 14.34 -4.68 -66.25
CA CYS N 3 14.78 -5.72 -65.33
C CYS N 3 13.65 -6.72 -65.11
N ALA N 4 14.03 -7.97 -64.86
CA ALA N 4 13.03 -9.03 -64.74
C ALA N 4 12.24 -8.91 -63.44
N LEU N 5 12.94 -8.88 -62.30
CA LEU N 5 12.26 -8.96 -61.01
C LEU N 5 11.59 -7.65 -60.61
N SER N 6 12.16 -6.50 -61.00
CA SER N 6 11.62 -5.21 -60.59
C SER N 6 10.76 -4.55 -61.66
N GLY N 7 10.92 -4.93 -62.92
CA GLY N 7 10.20 -4.28 -64.00
C GLY N 7 10.59 -2.84 -64.22
N GLU N 8 11.89 -2.54 -64.20
CA GLU N 8 12.40 -1.20 -64.45
C GLU N 8 13.79 -1.32 -65.04
N ILE N 9 14.50 -0.21 -65.12
CA ILE N 9 15.91 -0.23 -65.52
C ILE N 9 16.77 -0.54 -64.29
N PRO N 10 17.66 -1.54 -64.35
CA PRO N 10 18.48 -1.85 -63.19
C PRO N 10 19.64 -0.87 -63.06
N GLU N 11 19.90 -0.47 -61.81
CA GLU N 11 21.03 0.42 -61.55
C GLU N 11 22.36 -0.30 -61.79
N GLU N 12 22.45 -1.56 -61.35
CA GLU N 12 23.63 -2.39 -61.59
C GLU N 12 23.17 -3.64 -62.32
N PRO N 13 23.19 -3.64 -63.65
CA PRO N 13 22.69 -4.78 -64.42
C PRO N 13 23.59 -6.01 -64.29
N VAL N 14 23.09 -7.07 -63.67
CA VAL N 14 23.83 -8.30 -63.44
C VAL N 14 23.13 -9.42 -64.19
N VAL N 15 23.90 -10.24 -64.89
CA VAL N 15 23.39 -11.25 -65.81
C VAL N 15 23.53 -12.63 -65.17
N SER N 16 22.43 -13.36 -65.12
CA SER N 16 22.49 -14.79 -64.78
C SER N 16 23.22 -15.54 -65.88
N LYS N 17 24.30 -16.24 -65.52
CA LYS N 17 25.09 -16.94 -66.52
C LYS N 17 24.37 -18.19 -67.03
N LYS N 18 23.49 -18.79 -66.23
CA LYS N 18 22.86 -20.04 -66.63
C LYS N 18 21.80 -19.83 -67.70
N THR N 19 21.01 -18.77 -67.59
CA THR N 19 19.90 -18.54 -68.50
C THR N 19 19.99 -17.24 -69.30
N GLY N 20 20.88 -16.33 -68.94
CA GLY N 20 21.01 -15.08 -69.67
C GLY N 20 19.82 -14.15 -69.54
N VAL N 21 19.35 -13.92 -68.32
CA VAL N 21 18.25 -13.02 -68.04
C VAL N 21 18.75 -11.84 -67.21
N LEU N 22 18.25 -10.65 -67.52
CA LEU N 22 18.75 -9.42 -66.93
C LEU N 22 18.17 -9.23 -65.53
N PHE N 23 19.06 -9.07 -64.55
CA PHE N 23 18.73 -8.91 -63.14
C PHE N 23 19.35 -7.65 -62.57
N GLU N 24 18.88 -7.30 -61.36
CA GLU N 24 19.48 -6.27 -60.54
C GLU N 24 20.01 -6.88 -59.25
N LYS N 25 21.23 -6.47 -58.87
CA LYS N 25 22.02 -7.19 -57.88
C LYS N 25 21.35 -7.19 -56.51
N ARG N 26 20.78 -6.06 -56.10
CA ARG N 26 20.21 -5.96 -54.76
C ARG N 26 18.95 -6.80 -54.63
N LEU N 27 18.07 -6.71 -55.63
CA LEU N 27 16.83 -7.48 -55.59
C LEU N 27 17.11 -8.97 -55.71
N ILE N 28 18.13 -9.37 -56.48
CA ILE N 28 18.39 -10.80 -56.54
C ILE N 28 19.21 -11.32 -55.38
N LEU N 29 19.99 -10.46 -54.70
CA LEU N 29 20.56 -10.88 -53.42
C LEU N 29 19.44 -11.12 -52.41
N LYS N 30 18.44 -10.23 -52.39
CA LYS N 30 17.23 -10.46 -51.62
C LYS N 30 16.56 -11.78 -52.00
N TYR N 31 16.42 -12.03 -53.31
CA TYR N 31 15.74 -13.22 -53.79
C TYR N 31 16.47 -14.50 -53.40
N LEU N 32 17.79 -14.52 -53.55
CA LEU N 32 18.52 -15.74 -53.22
C LEU N 32 18.59 -15.97 -51.72
N GLU N 33 18.74 -14.89 -50.93
CA GLU N 33 18.78 -15.06 -49.49
C GLU N 33 17.40 -15.32 -48.89
N GLU N 34 16.32 -15.09 -49.65
CA GLU N 34 14.98 -15.40 -49.18
C GLU N 34 14.35 -16.59 -49.91
N HIS N 35 15.08 -17.22 -50.85
CA HIS N 35 14.55 -18.36 -51.57
C HIS N 35 15.55 -19.51 -51.67
N ASN N 36 16.72 -19.42 -51.01
CA ASN N 36 17.80 -20.40 -51.09
C ASN N 36 18.27 -20.60 -52.53
N ASN N 37 18.84 -19.52 -53.05
CA ASN N 37 19.54 -19.42 -54.35
C ASN N 37 18.76 -20.04 -55.51
N ILE N 38 17.44 -19.80 -55.51
CA ILE N 38 16.56 -20.29 -56.55
C ILE N 38 16.33 -19.18 -57.57
N GLU N 39 16.53 -19.51 -58.84
CA GLU N 39 16.31 -18.55 -59.92
C GLU N 39 14.83 -18.18 -60.02
N PRO N 40 14.51 -16.90 -60.21
CA PRO N 40 13.10 -16.52 -60.43
C PRO N 40 12.59 -17.05 -61.75
N GLY N 41 11.42 -17.68 -61.71
CA GLY N 41 10.75 -18.15 -62.90
C GLY N 41 11.14 -19.54 -63.35
N THR N 42 12.31 -20.02 -62.94
CA THR N 42 12.79 -21.36 -63.29
C THR N 42 13.04 -22.16 -62.02
N THR N 43 13.43 -23.42 -62.21
CA THR N 43 13.80 -24.32 -61.12
C THR N 43 15.31 -24.41 -60.94
N GLU N 44 16.08 -23.58 -61.64
CA GLU N 44 17.53 -23.67 -61.60
C GLU N 44 18.08 -22.99 -60.36
N GLU N 45 19.23 -23.49 -59.89
CA GLU N 45 19.94 -22.89 -58.77
C GLU N 45 21.00 -21.94 -59.30
N LEU N 46 21.02 -20.73 -58.77
CA LEU N 46 21.93 -19.68 -59.23
C LEU N 46 22.98 -19.38 -58.18
N ASP N 47 24.19 -19.09 -58.65
CA ASP N 47 25.33 -18.80 -57.77
C ASP N 47 25.73 -17.34 -57.90
N PRO N 48 25.58 -16.54 -56.85
CA PRO N 48 25.91 -15.10 -56.94
C PRO N 48 27.38 -14.83 -57.20
N GLU N 49 28.28 -15.70 -56.72
CA GLU N 49 29.70 -15.46 -56.89
C GLU N 49 30.28 -16.11 -58.14
N THR N 50 29.64 -17.13 -58.70
CA THR N 50 30.13 -17.75 -59.92
C THR N 50 29.14 -17.65 -61.08
N ASP N 51 27.84 -17.80 -60.84
CA ASP N 51 26.87 -17.82 -61.92
C ASP N 51 26.22 -16.46 -62.17
N LEU N 52 26.62 -15.42 -61.47
CA LEU N 52 26.14 -14.07 -61.74
C LEU N 52 27.27 -13.19 -62.25
N LEU N 53 26.95 -12.31 -63.20
CA LEU N 53 27.94 -11.48 -63.87
C LEU N 53 27.37 -10.09 -64.18
N PRO N 54 28.06 -9.02 -63.78
CA PRO N 54 27.57 -7.67 -64.09
C PRO N 54 27.71 -7.29 -65.56
N ILE N 55 27.31 -6.06 -65.90
CA ILE N 55 27.37 -5.56 -67.27
C ILE N 55 28.26 -4.32 -67.27
N LYS N 56 29.24 -4.30 -68.17
CA LYS N 56 30.13 -3.16 -68.35
C LYS N 56 29.79 -2.48 -69.66
N THR N 57 29.43 -1.20 -69.59
CA THR N 57 29.02 -0.42 -70.75
C THR N 57 30.16 0.51 -71.12
N SER N 58 30.98 0.09 -72.08
CA SER N 58 32.08 0.91 -72.54
C SER N 58 31.54 2.12 -73.31
N ARG N 59 32.11 3.28 -73.04
CA ARG N 59 31.65 4.54 -73.63
C ARG N 59 32.64 5.07 -74.66
N VAL N 60 33.26 4.17 -75.42
CA VAL N 60 34.21 4.59 -76.46
C VAL N 60 33.48 5.32 -77.58
N VAL N 61 32.40 4.73 -78.08
CA VAL N 61 31.60 5.34 -79.13
C VAL N 61 30.66 6.38 -78.52
N ARG N 62 30.53 7.52 -79.21
CA ARG N 62 29.52 8.49 -78.84
C ARG N 62 28.14 7.86 -78.91
N PRO N 63 27.41 7.78 -77.80
CA PRO N 63 26.14 7.06 -77.81
C PRO N 63 24.98 7.86 -78.38
N ARG N 64 24.38 7.34 -79.44
CA ARG N 64 23.17 7.95 -79.98
C ARG N 64 21.98 7.54 -79.13
N PRO N 65 21.16 8.49 -78.67
CA PRO N 65 20.00 8.14 -77.87
C PRO N 65 18.98 7.38 -78.71
N PRO N 66 18.21 6.48 -78.10
CA PRO N 66 17.25 5.68 -78.87
C PRO N 66 16.05 6.47 -79.36
N ASN N 67 16.23 7.22 -80.44
CA ASN N 67 15.15 7.99 -81.04
C ASN N 67 14.74 7.35 -82.36
N PHE N 68 13.47 7.57 -82.75
CA PHE N 68 12.93 6.99 -83.96
C PHE N 68 13.54 7.57 -85.22
N THR N 69 14.12 8.77 -85.15
CA THR N 69 14.70 9.39 -86.33
C THR N 69 15.99 8.71 -86.77
N SER N 70 16.60 7.90 -85.90
CA SER N 70 17.89 7.30 -86.20
C SER N 70 17.77 6.26 -87.31
N ILE N 71 18.89 6.08 -88.03
CA ILE N 71 18.89 5.14 -89.16
C ILE N 71 18.62 3.68 -88.78
N PRO N 72 19.14 3.11 -87.68
CA PRO N 72 18.66 1.77 -87.29
C PRO N 72 17.16 1.71 -87.04
N SER N 73 16.61 2.73 -86.37
CA SER N 73 15.16 2.80 -86.17
C SER N 73 14.43 2.98 -87.49
N LEU N 74 14.99 3.80 -88.39
CA LEU N 74 14.35 4.05 -89.67
C LEU N 74 14.35 2.79 -90.55
N LEU N 75 15.43 2.01 -90.53
CA LEU N 75 15.45 0.79 -91.31
C LEU N 75 14.59 -0.31 -90.69
N LYS N 76 14.49 -0.35 -89.36
CA LYS N 76 13.53 -1.25 -88.73
C LYS N 76 12.10 -0.87 -89.09
N ALA N 77 11.81 0.43 -89.14
CA ALA N 77 10.50 0.90 -89.59
C ALA N 77 10.25 0.55 -91.05
N PHE N 78 11.28 0.67 -91.90
CA PHE N 78 11.15 0.30 -93.30
C PHE N 78 10.85 -1.18 -93.47
N GLN N 79 11.58 -2.05 -92.76
CA GLN N 79 11.33 -3.48 -92.92
C GLN N 79 10.01 -3.89 -92.28
N ASP N 80 9.58 -3.23 -91.20
CA ASP N 80 8.28 -3.53 -90.62
C ASP N 80 7.14 -3.09 -91.53
N GLU N 81 7.27 -1.91 -92.13
CA GLU N 81 6.25 -1.43 -93.07
C GLU N 81 6.23 -2.29 -94.32
N TRP N 82 7.39 -2.72 -94.79
CA TRP N 82 7.45 -3.64 -95.93
C TRP N 82 6.81 -4.98 -95.57
N ASP N 83 7.04 -5.47 -94.36
CA ASP N 83 6.39 -6.69 -93.88
C ASP N 83 4.88 -6.56 -93.91
N ALA N 84 4.36 -5.45 -93.35
CA ALA N 84 2.92 -5.24 -93.29
C ALA N 84 2.32 -5.08 -94.68
N LEU N 85 2.98 -4.32 -95.55
CA LEU N 85 2.44 -4.06 -96.87
C LEU N 85 2.50 -5.31 -97.75
N VAL N 86 3.56 -6.10 -97.62
CA VAL N 86 3.67 -7.35 -98.39
C VAL N 86 2.67 -8.39 -97.90
N LEU N 87 2.44 -8.48 -96.58
CA LEU N 87 1.43 -9.43 -96.12
C LEU N 87 0.02 -8.98 -96.51
N GLU N 88 -0.22 -7.66 -96.53
CA GLU N 88 -1.49 -7.15 -97.02
C GLU N 88 -1.68 -7.47 -98.50
N THR N 89 -0.62 -7.27 -99.31
CA THR N 89 -0.69 -7.58 -100.74
C THR N 89 -0.88 -9.08 -100.97
N TYR N 90 -0.21 -9.90 -100.16
CA TYR N 90 -0.33 -11.35 -100.27
C TYR N 90 -1.75 -11.80 -99.94
N THR N 91 -2.33 -11.25 -98.87
CA THR N 91 -3.72 -11.58 -98.55
C THR N 91 -4.65 -11.15 -99.67
N THR N 92 -4.52 -9.90 -100.11
CA THR N 92 -5.39 -9.33 -101.14
C THR N 92 -5.31 -10.14 -102.43
N ARG N 93 -4.11 -10.58 -102.81
CA ARG N 93 -3.97 -11.50 -103.94
C ARG N 93 -4.58 -12.86 -103.66
N GLU N 94 -4.58 -13.31 -102.39
CA GLU N 94 -5.17 -14.61 -102.09
C GLU N 94 -6.69 -14.60 -102.29
N GLN N 95 -7.40 -13.63 -101.70
CA GLN N 95 -8.84 -13.63 -102.03
C GLN N 95 -9.11 -13.08 -103.43
N LEU N 96 -8.16 -12.39 -104.06
CA LEU N 96 -8.34 -12.03 -105.46
C LEU N 96 -8.33 -13.26 -106.36
N ALA N 97 -7.39 -14.19 -106.11
CA ALA N 97 -7.36 -15.45 -106.86
C ALA N 97 -8.56 -16.31 -106.52
N ARG N 98 -8.99 -16.30 -105.25
CA ARG N 98 -10.20 -17.04 -104.86
C ARG N 98 -11.43 -16.49 -105.58
N VAL N 99 -11.57 -15.16 -105.62
CA VAL N 99 -12.68 -14.51 -106.30
C VAL N 99 -12.62 -14.76 -107.80
N ARG N 100 -11.42 -14.80 -108.38
CA ARG N 100 -11.31 -15.09 -109.82
C ARG N 100 -11.66 -16.55 -110.13
N GLU N 101 -11.30 -17.47 -109.24
CA GLU N 101 -11.67 -18.88 -109.45
C GLU N 101 -13.17 -19.07 -109.36
N GLU N 102 -13.80 -18.53 -108.32
CA GLU N 102 -15.26 -18.60 -108.27
C GLU N 102 -15.92 -17.71 -109.32
N LEU N 103 -15.19 -16.75 -109.89
CA LEU N 103 -15.70 -15.97 -111.02
C LEU N 103 -15.75 -16.83 -112.28
N ALA N 104 -14.72 -17.62 -112.53
CA ALA N 104 -14.75 -18.55 -113.65
C ALA N 104 -15.87 -19.58 -113.49
N THR N 105 -16.01 -20.10 -112.26
CA THR N 105 -17.13 -21.01 -111.97
C THR N 105 -18.47 -20.31 -112.15
N ALA N 106 -18.55 -19.05 -111.72
CA ALA N 106 -19.79 -18.28 -111.80
C ALA N 106 -20.16 -17.97 -113.25
N LEU N 107 -19.16 -17.68 -114.08
CA LEU N 107 -19.42 -17.42 -115.50
C LEU N 107 -19.86 -18.70 -116.21
N TYR N 108 -19.23 -19.84 -115.91
CA TYR N 108 -19.65 -21.09 -116.53
C TYR N 108 -21.05 -21.50 -116.08
N GLN N 109 -21.36 -21.31 -114.80
CA GLN N 109 -22.71 -21.62 -114.35
C GLN N 109 -23.72 -20.60 -114.82
N HIS N 110 -23.30 -19.37 -115.12
CA HIS N 110 -24.20 -18.41 -115.77
C HIS N 110 -24.51 -18.82 -117.20
N ASP N 111 -23.50 -19.35 -117.90
CA ASP N 111 -23.74 -19.87 -119.24
C ASP N 111 -24.70 -21.06 -119.21
N ALA N 112 -24.52 -21.95 -118.23
CA ALA N 112 -25.45 -23.07 -118.06
C ALA N 112 -26.84 -22.59 -117.68
N ALA N 113 -26.93 -21.56 -116.84
CA ALA N 113 -28.22 -21.00 -116.45
C ALA N 113 -28.92 -20.36 -117.64
N VAL N 114 -28.16 -19.68 -118.50
CA VAL N 114 -28.71 -19.09 -119.71
C VAL N 114 -29.22 -20.19 -120.64
N ARG N 115 -28.48 -21.29 -120.74
CA ARG N 115 -28.92 -22.42 -121.56
C ARG N 115 -30.23 -23.02 -121.05
N VAL N 116 -30.31 -23.28 -119.74
CA VAL N 116 -31.52 -23.91 -119.21
C VAL N 116 -32.69 -22.93 -119.21
N ILE N 117 -32.45 -21.63 -119.07
CA ILE N 117 -33.58 -20.70 -119.12
C ILE N 117 -34.05 -20.51 -120.56
N ALA N 118 -33.16 -20.59 -121.55
CA ALA N 118 -33.62 -20.62 -122.94
C ALA N 118 -34.45 -21.86 -123.22
N ARG N 119 -34.00 -23.02 -122.72
CA ARG N 119 -34.74 -24.26 -122.90
C ARG N 119 -36.11 -24.21 -122.22
N LEU N 120 -36.15 -23.70 -120.98
CA LEU N 120 -37.41 -23.63 -120.24
C LEU N 120 -38.34 -22.57 -120.83
N THR N 121 -37.78 -21.47 -121.35
CA THR N 121 -38.61 -20.46 -122.03
C THR N 121 -39.25 -21.04 -123.28
N ARG N 122 -38.48 -21.80 -124.07
CA ARG N 122 -39.06 -22.43 -125.26
C ARG N 122 -40.08 -23.50 -124.88
N GLU N 123 -39.82 -24.26 -123.81
CA GLU N 123 -40.75 -25.27 -123.35
C GLU N 123 -42.06 -24.66 -122.87
N ARG N 124 -41.97 -23.59 -122.08
CA ARG N 124 -43.16 -22.88 -121.62
C ARG N 124 -43.92 -22.27 -122.80
N ASP N 125 -43.19 -21.74 -123.78
CA ASP N 125 -43.83 -21.19 -124.96
C ASP N 125 -44.63 -22.25 -125.71
N GLU N 126 -43.96 -23.35 -126.09
CA GLU N 126 -44.62 -24.39 -126.87
C GLU N 126 -45.76 -25.03 -126.08
N ALA N 127 -45.64 -25.09 -124.76
CA ALA N 127 -46.78 -25.49 -123.93
C ALA N 127 -47.93 -24.49 -124.03
N ARG N 128 -47.61 -23.19 -124.10
CA ARG N 128 -48.65 -22.17 -124.14
C ARG N 128 -49.41 -22.17 -125.47
N GLU N 129 -48.69 -22.22 -126.60
CA GLU N 129 -49.43 -22.35 -127.87
C GLU N 129 -50.05 -23.73 -128.05
N ALA N 130 -49.51 -24.78 -127.42
CA ALA N 130 -50.19 -26.07 -127.45
C ALA N 130 -51.53 -26.01 -126.71
N LEU N 131 -51.53 -25.38 -125.54
CA LEU N 131 -52.77 -25.20 -124.79
C LEU N 131 -53.75 -24.31 -125.55
N ALA N 132 -53.23 -23.26 -126.21
CA ALA N 132 -54.07 -22.37 -126.99
C ALA N 132 -54.72 -23.10 -128.17
N ARG N 133 -53.94 -23.92 -128.88
CA ARG N 133 -54.50 -24.68 -130.00
C ARG N 133 -55.50 -25.72 -129.52
N LEU N 134 -55.24 -26.35 -128.37
CA LEU N 134 -56.19 -27.31 -127.82
C LEU N 134 -57.49 -26.64 -127.41
N THR N 135 -57.41 -25.44 -126.81
CA THR N 135 -58.63 -24.72 -126.43
C THR N 135 -59.40 -24.24 -127.65
N VAL N 136 -58.69 -23.86 -128.72
CA VAL N 136 -59.38 -23.48 -129.96
C VAL N 136 -60.07 -24.69 -130.57
N THR N 137 -59.39 -25.84 -130.63
CA THR N 137 -59.98 -27.01 -131.26
C THR N 137 -61.11 -27.63 -130.43
N GLY N 138 -61.04 -27.52 -129.11
CA GLY N 138 -62.09 -28.06 -128.27
C GLY N 138 -63.28 -27.14 -128.13
N ALA N 139 -64.08 -27.03 -129.18
CA ALA N 139 -65.26 -26.18 -129.16
C ALA N 139 -66.43 -26.88 -128.46
N MET O 1 14.14 -21.03 -106.92
CA MET O 1 13.66 -21.14 -105.55
C MET O 1 13.38 -19.77 -104.94
N LEU O 2 12.10 -19.47 -104.73
CA LEU O 2 11.68 -18.21 -104.15
C LEU O 2 10.67 -18.47 -103.04
N CYS O 3 10.59 -17.52 -102.10
CA CYS O 3 9.61 -17.61 -101.02
C CYS O 3 8.20 -17.44 -101.55
N ALA O 4 7.26 -18.15 -100.92
CA ALA O 4 5.87 -18.11 -101.38
C ALA O 4 5.20 -16.78 -101.03
N LEU O 5 5.54 -16.19 -99.89
CA LEU O 5 4.85 -14.98 -99.43
C LEU O 5 5.25 -13.75 -100.24
N SER O 6 6.53 -13.65 -100.62
CA SER O 6 7.03 -12.45 -101.28
C SER O 6 7.42 -12.66 -102.73
N GLY O 7 7.59 -13.90 -103.18
CA GLY O 7 8.08 -14.14 -104.52
C GLY O 7 9.55 -13.85 -104.70
N GLU O 8 10.29 -13.77 -103.60
CA GLU O 8 11.71 -13.44 -103.61
C GLU O 8 12.48 -14.53 -102.88
N ILE O 9 13.81 -14.42 -102.91
CA ILE O 9 14.67 -15.31 -102.13
C ILE O 9 14.59 -14.88 -100.68
N PRO O 10 14.15 -15.75 -99.77
CA PRO O 10 14.08 -15.35 -98.36
C PRO O 10 15.47 -15.28 -97.73
N GLU O 11 15.64 -14.30 -96.85
CA GLU O 11 16.93 -14.14 -96.18
C GLU O 11 17.17 -15.26 -95.16
N GLU O 12 16.11 -15.68 -94.47
CA GLU O 12 16.17 -16.81 -93.55
C GLU O 12 15.06 -17.78 -93.95
N PRO O 13 15.36 -18.72 -94.84
CA PRO O 13 14.30 -19.62 -95.34
C PRO O 13 13.87 -20.64 -94.30
N VAL O 14 12.58 -20.93 -94.30
CA VAL O 14 11.99 -22.01 -93.54
C VAL O 14 11.08 -22.79 -94.48
N VAL O 15 10.73 -24.01 -94.08
CA VAL O 15 9.92 -24.89 -94.92
C VAL O 15 8.75 -25.40 -94.12
N SER O 16 7.53 -25.14 -94.60
CA SER O 16 6.36 -25.86 -94.12
C SER O 16 6.41 -27.30 -94.63
N LYS O 17 6.50 -28.24 -93.69
CA LYS O 17 6.65 -29.66 -94.01
C LYS O 17 5.35 -30.29 -94.50
N LYS O 18 4.20 -29.73 -94.14
CA LYS O 18 2.92 -30.35 -94.50
C LYS O 18 2.71 -30.34 -96.01
N THR O 19 3.14 -29.28 -96.68
CA THR O 19 3.07 -29.20 -98.14
C THR O 19 4.42 -29.04 -98.79
N GLY O 20 5.51 -28.99 -98.02
CA GLY O 20 6.84 -28.81 -98.57
C GLY O 20 7.02 -27.47 -99.25
N VAL O 21 6.60 -26.40 -98.59
CA VAL O 21 6.52 -25.08 -99.21
C VAL O 21 7.46 -24.11 -98.49
N LEU O 22 8.29 -23.41 -99.26
CA LEU O 22 9.22 -22.44 -98.71
C LEU O 22 8.49 -21.20 -98.21
N PHE O 23 9.00 -20.62 -97.12
CA PHE O 23 8.48 -19.40 -96.53
C PHE O 23 9.63 -18.62 -95.91
N GLU O 24 9.38 -17.35 -95.63
CA GLU O 24 10.29 -16.54 -94.83
C GLU O 24 9.77 -16.50 -93.40
N LYS O 25 10.70 -16.64 -92.44
CA LYS O 25 10.33 -16.94 -91.06
C LYS O 25 9.57 -15.79 -90.40
N ARG O 26 10.08 -14.56 -90.52
CA ARG O 26 9.44 -13.43 -89.87
C ARG O 26 8.08 -13.12 -90.48
N LEU O 27 7.98 -13.18 -91.81
CA LEU O 27 6.70 -12.95 -92.47
C LEU O 27 5.69 -14.02 -92.09
N ILE O 28 6.13 -15.29 -92.03
CA ILE O 28 5.18 -16.36 -91.75
C ILE O 28 4.75 -16.34 -90.29
N LEU O 29 5.63 -15.93 -89.35
CA LEU O 29 5.21 -15.86 -87.96
C LEU O 29 4.28 -14.67 -87.73
N LYS O 30 4.54 -13.55 -88.41
CA LYS O 30 3.63 -12.42 -88.34
C LYS O 30 2.26 -12.76 -88.94
N TYR O 31 2.27 -13.53 -90.05
CA TYR O 31 1.03 -13.99 -90.64
C TYR O 31 0.26 -14.92 -89.71
N LEU O 32 0.96 -15.84 -89.04
CA LEU O 32 0.31 -16.74 -88.09
C LEU O 32 -0.27 -15.97 -86.91
N GLU O 33 0.45 -14.96 -86.43
CA GLU O 33 -0.07 -14.11 -85.35
C GLU O 33 -1.32 -13.37 -85.79
N GLU O 34 -1.33 -12.84 -87.01
CA GLU O 34 -2.48 -12.07 -87.46
C GLU O 34 -3.68 -12.96 -87.78
N HIS O 35 -3.45 -14.18 -88.28
CA HIS O 35 -4.53 -15.03 -88.75
C HIS O 35 -4.77 -16.24 -87.85
N ASN O 36 -4.25 -16.19 -86.61
CA ASN O 36 -4.48 -17.24 -85.60
C ASN O 36 -3.96 -18.60 -86.05
N ASN O 37 -2.71 -18.60 -86.52
CA ASN O 37 -1.98 -19.81 -86.92
C ASN O 37 -2.71 -20.58 -88.03
N ILE O 38 -2.82 -19.94 -89.19
CA ILE O 38 -3.41 -20.55 -90.37
C ILE O 38 -2.37 -20.51 -91.50
N GLU O 39 -2.07 -21.67 -92.07
CA GLU O 39 -1.11 -21.75 -93.18
C GLU O 39 -1.67 -21.05 -94.41
N PRO O 40 -0.88 -20.23 -95.10
CA PRO O 40 -1.39 -19.56 -96.31
C PRO O 40 -1.68 -20.55 -97.42
N GLY O 41 -2.73 -20.24 -98.19
CA GLY O 41 -3.17 -21.09 -99.28
C GLY O 41 -4.08 -22.23 -98.85
N THR O 42 -3.89 -22.75 -97.63
CA THR O 42 -4.67 -23.86 -97.11
C THR O 42 -5.45 -23.41 -95.88
N THR O 43 -6.08 -24.38 -95.22
CA THR O 43 -6.86 -24.15 -94.01
C THR O 43 -6.17 -24.70 -92.76
N GLU O 44 -5.35 -25.73 -92.92
CA GLU O 44 -4.71 -26.41 -91.81
C GLU O 44 -3.75 -25.47 -91.07
N GLU O 45 -3.63 -25.70 -89.76
CA GLU O 45 -2.79 -24.86 -88.92
C GLU O 45 -1.32 -25.17 -89.18
N LEU O 46 -0.47 -24.19 -88.85
CA LEU O 46 0.97 -24.29 -89.05
C LEU O 46 1.68 -24.13 -87.71
N ASP O 47 2.70 -24.96 -87.49
CA ASP O 47 3.51 -24.88 -86.29
C ASP O 47 4.86 -24.25 -86.62
N PRO O 48 5.13 -23.02 -86.17
CA PRO O 48 6.46 -22.43 -86.42
C PRO O 48 7.56 -23.08 -85.60
N GLU O 49 7.23 -23.83 -84.55
CA GLU O 49 8.22 -24.45 -83.69
C GLU O 49 8.64 -25.83 -84.19
N THR O 50 7.70 -26.63 -84.68
CA THR O 50 7.96 -28.00 -85.10
C THR O 50 7.79 -28.21 -86.60
N ASP O 51 6.69 -27.72 -87.18
CA ASP O 51 6.42 -27.97 -88.59
C ASP O 51 7.34 -27.16 -89.49
N LEU O 52 7.75 -25.96 -89.07
CA LEU O 52 8.67 -25.18 -89.85
C LEU O 52 10.07 -25.80 -89.82
N LEU O 53 10.75 -25.75 -90.97
CA LEU O 53 12.06 -26.38 -91.13
C LEU O 53 13.00 -25.44 -91.86
N PRO O 54 14.02 -24.90 -91.19
CA PRO O 54 14.95 -24.00 -91.87
C PRO O 54 15.85 -24.75 -92.86
N ILE O 55 16.33 -24.01 -93.85
CA ILE O 55 17.25 -24.54 -94.85
C ILE O 55 18.60 -23.89 -94.63
N LYS O 56 19.63 -24.72 -94.43
CA LYS O 56 21.00 -24.24 -94.26
C LYS O 56 21.74 -24.48 -95.57
N THR O 57 21.97 -23.40 -96.32
CA THR O 57 22.67 -23.46 -97.59
C THR O 57 23.62 -22.28 -97.69
N SER O 58 24.34 -22.20 -98.81
CA SER O 58 25.27 -21.09 -99.03
C SER O 58 24.51 -19.80 -99.28
N ARG O 59 25.15 -18.68 -98.92
CA ARG O 59 24.54 -17.37 -99.09
C ARG O 59 24.45 -17.03 -100.58
N VAL O 60 23.34 -16.40 -100.97
CA VAL O 60 23.14 -16.01 -102.36
C VAL O 60 24.03 -14.81 -102.66
N VAL O 61 24.84 -14.92 -103.70
CA VAL O 61 25.78 -13.84 -104.06
C VAL O 61 25.02 -12.92 -104.99
N ARG O 62 24.28 -12.00 -104.41
CA ARG O 62 23.61 -10.97 -105.20
C ARG O 62 24.63 -9.95 -105.67
N PRO O 63 24.75 -9.70 -106.97
CA PRO O 63 25.77 -8.77 -107.45
C PRO O 63 25.42 -7.32 -107.11
N ARG O 64 26.44 -6.56 -106.71
CA ARG O 64 26.27 -5.15 -106.48
C ARG O 64 26.71 -4.40 -107.73
N PRO O 65 25.80 -3.78 -108.45
CA PRO O 65 26.13 -3.25 -109.78
C PRO O 65 26.93 -1.96 -109.68
N PRO O 66 27.73 -1.65 -110.71
CA PRO O 66 28.54 -0.41 -110.67
C PRO O 66 27.72 0.86 -110.59
N ASN O 67 26.51 0.88 -111.16
CA ASN O 67 25.64 2.03 -110.92
C ASN O 67 25.18 2.07 -109.47
N PHE O 68 24.82 0.91 -108.91
CA PHE O 68 24.50 0.84 -107.49
C PHE O 68 25.73 0.49 -106.65
N THR O 69 26.83 1.17 -106.94
CA THR O 69 27.95 1.32 -106.01
C THR O 69 28.06 2.75 -105.52
N SER O 70 26.92 3.39 -105.28
CA SER O 70 26.86 4.76 -104.78
C SER O 70 25.53 4.97 -104.09
N ILE O 71 25.58 5.59 -102.92
CA ILE O 71 24.37 5.82 -102.13
C ILE O 71 23.32 6.76 -102.75
N PRO O 72 23.62 7.72 -103.65
CA PRO O 72 22.49 8.37 -104.34
C PRO O 72 21.69 7.43 -105.22
N SER O 73 22.39 6.58 -105.98
CA SER O 73 21.71 5.59 -106.81
C SER O 73 20.95 4.59 -105.96
N LEU O 74 21.52 4.21 -104.80
CA LEU O 74 20.79 3.35 -103.86
C LEU O 74 19.52 4.02 -103.34
N LEU O 75 19.60 5.32 -103.03
CA LEU O 75 18.44 6.01 -102.49
C LEU O 75 17.34 6.17 -103.52
N LYS O 76 17.69 6.58 -104.74
CA LYS O 76 16.66 6.65 -105.79
C LYS O 76 16.16 5.27 -106.21
N ALA O 77 17.00 4.22 -106.11
CA ALA O 77 16.53 2.88 -106.42
C ALA O 77 15.51 2.41 -105.40
N PHE O 78 15.79 2.62 -104.10
CA PHE O 78 14.83 2.29 -103.06
C PHE O 78 13.56 3.12 -103.20
N GLN O 79 13.72 4.39 -103.55
CA GLN O 79 12.57 5.27 -103.76
C GLN O 79 11.66 4.78 -104.87
N ASP O 80 12.24 4.47 -106.03
CA ASP O 80 11.44 4.03 -107.18
C ASP O 80 10.84 2.66 -106.94
N GLU O 81 11.58 1.76 -106.27
CA GLU O 81 11.06 0.43 -106.03
C GLU O 81 9.95 0.45 -104.98
N TRP O 82 10.08 1.30 -103.96
CA TRP O 82 9.01 1.47 -102.98
C TRP O 82 7.76 2.07 -103.61
N ASP O 83 7.95 3.07 -104.49
CA ASP O 83 6.82 3.65 -105.21
C ASP O 83 6.14 2.61 -106.09
N ALA O 84 6.93 1.79 -106.80
CA ALA O 84 6.37 0.76 -107.68
C ALA O 84 5.63 -0.30 -106.88
N LEU O 85 6.17 -0.72 -105.74
CA LEU O 85 5.52 -1.76 -104.95
C LEU O 85 4.24 -1.26 -104.31
N VAL O 86 4.24 -0.01 -103.82
CA VAL O 86 3.01 0.51 -103.22
C VAL O 86 1.97 0.82 -104.30
N LEU O 87 2.40 1.18 -105.51
CA LEU O 87 1.46 1.32 -106.62
C LEU O 87 0.90 -0.04 -107.02
N GLU O 88 1.73 -1.09 -106.96
CA GLU O 88 1.25 -2.44 -107.21
C GLU O 88 0.19 -2.85 -106.18
N THR O 89 0.43 -2.51 -104.91
CA THR O 89 -0.54 -2.80 -103.87
C THR O 89 -1.84 -2.06 -104.10
N TYR O 90 -1.75 -0.77 -104.45
CA TYR O 90 -2.98 0.00 -104.69
C TYR O 90 -3.74 -0.52 -105.90
N THR O 91 -3.02 -0.89 -106.97
CA THR O 91 -3.68 -1.39 -108.16
C THR O 91 -4.32 -2.76 -107.93
N THR O 92 -3.66 -3.63 -107.15
CA THR O 92 -4.28 -4.92 -106.88
C THR O 92 -5.45 -4.79 -105.90
N ARG O 93 -5.41 -3.78 -105.02
CA ARG O 93 -6.57 -3.52 -104.16
C ARG O 93 -7.75 -2.99 -104.97
N GLU O 94 -7.48 -2.09 -105.92
CA GLU O 94 -8.54 -1.58 -106.79
C GLU O 94 -9.07 -2.69 -107.70
N GLN O 95 -8.17 -3.60 -108.14
CA GLN O 95 -8.60 -4.76 -108.91
C GLN O 95 -9.51 -5.66 -108.10
N LEU O 96 -9.16 -5.90 -106.83
CA LEU O 96 -10.01 -6.72 -105.98
C LEU O 96 -11.37 -6.07 -105.75
N ALA O 97 -11.38 -4.74 -105.55
CA ALA O 97 -12.65 -4.03 -105.37
C ALA O 97 -13.52 -4.07 -106.61
N ARG O 98 -12.92 -3.86 -107.78
CA ARG O 98 -13.69 -3.86 -109.02
C ARG O 98 -14.15 -5.26 -109.39
N VAL O 99 -13.33 -6.28 -109.12
CA VAL O 99 -13.79 -7.63 -109.40
C VAL O 99 -14.84 -8.06 -108.38
N ARG O 100 -14.80 -7.51 -107.17
CA ARG O 100 -15.87 -7.78 -106.22
C ARG O 100 -17.18 -7.15 -106.67
N GLU O 101 -17.11 -5.93 -107.23
CA GLU O 101 -18.31 -5.31 -107.79
C GLU O 101 -18.82 -6.10 -109.00
N GLU O 102 -17.90 -6.57 -109.84
CA GLU O 102 -18.29 -7.37 -111.01
C GLU O 102 -18.93 -8.69 -110.60
N LEU O 103 -18.39 -9.35 -109.57
CA LEU O 103 -19.01 -10.56 -109.05
C LEU O 103 -20.34 -10.27 -108.36
N ALA O 104 -20.48 -9.10 -107.74
CA ALA O 104 -21.76 -8.72 -107.16
C ALA O 104 -22.82 -8.61 -108.25
N THR O 105 -22.51 -7.89 -109.33
CA THR O 105 -23.43 -7.79 -110.46
C THR O 105 -23.67 -9.15 -111.12
N ALA O 106 -22.62 -9.97 -111.20
CA ALA O 106 -22.73 -11.31 -111.79
C ALA O 106 -23.69 -12.18 -111.00
N LEU O 107 -23.51 -12.24 -109.67
CA LEU O 107 -24.40 -13.03 -108.83
C LEU O 107 -25.81 -12.43 -108.73
N TYR O 108 -25.95 -11.12 -108.91
CA TYR O 108 -27.27 -10.53 -109.10
C TYR O 108 -27.95 -11.13 -110.33
N GLN O 109 -27.21 -11.20 -111.44
CA GLN O 109 -27.73 -11.86 -112.63
C GLN O 109 -27.99 -13.35 -112.37
N HIS O 110 -27.14 -13.98 -111.56
CA HIS O 110 -27.24 -15.43 -111.34
C HIS O 110 -28.50 -15.79 -110.55
N ASP O 111 -28.73 -15.14 -109.41
CA ASP O 111 -29.93 -15.48 -108.67
C ASP O 111 -31.19 -14.89 -109.30
N ALA O 112 -31.05 -13.83 -110.12
CA ALA O 112 -32.16 -13.41 -110.96
C ALA O 112 -32.52 -14.50 -111.97
N ALA O 113 -31.50 -15.10 -112.59
CA ALA O 113 -31.72 -16.21 -113.53
C ALA O 113 -32.33 -17.41 -112.82
N VAL O 114 -31.90 -17.67 -111.59
CA VAL O 114 -32.48 -18.74 -110.78
C VAL O 114 -33.96 -18.47 -110.53
N ARG O 115 -34.31 -17.22 -110.24
CA ARG O 115 -35.72 -16.87 -110.02
C ARG O 115 -36.54 -16.97 -111.30
N VAL O 116 -35.94 -16.61 -112.45
CA VAL O 116 -36.68 -16.74 -113.70
C VAL O 116 -36.87 -18.21 -114.06
N ILE O 117 -35.86 -19.05 -113.82
CA ILE O 117 -35.99 -20.50 -113.97
C ILE O 117 -37.09 -21.03 -113.07
N ALA O 118 -37.14 -20.51 -111.84
CA ALA O 118 -38.18 -20.88 -110.88
C ALA O 118 -39.58 -20.54 -111.38
N ARG O 119 -39.78 -19.29 -111.79
CA ARG O 119 -41.09 -18.84 -112.25
C ARG O 119 -41.52 -19.57 -113.52
N LEU O 120 -40.58 -19.76 -114.46
CA LEU O 120 -40.93 -20.46 -115.69
C LEU O 120 -41.14 -21.95 -115.45
N THR O 121 -40.50 -22.53 -114.44
CA THR O 121 -40.78 -23.91 -114.07
C THR O 121 -42.18 -24.04 -113.50
N ARG O 122 -42.59 -23.09 -112.65
CA ARG O 122 -43.97 -23.10 -112.15
C ARG O 122 -44.97 -22.93 -113.29
N GLU O 123 -44.69 -22.02 -114.22
CA GLU O 123 -45.60 -21.80 -115.35
C GLU O 123 -45.66 -23.01 -116.26
N ARG O 124 -44.53 -23.67 -116.49
CA ARG O 124 -44.50 -24.90 -117.28
C ARG O 124 -45.30 -26.01 -116.59
N ASP O 125 -45.16 -26.13 -115.27
CA ASP O 125 -45.89 -27.16 -114.54
C ASP O 125 -47.40 -26.92 -114.59
N GLU O 126 -47.84 -25.67 -114.38
CA GLU O 126 -49.27 -25.40 -114.43
C GLU O 126 -49.82 -25.51 -115.86
N ALA O 127 -49.03 -25.14 -116.87
CA ALA O 127 -49.45 -25.32 -118.25
C ALA O 127 -49.59 -26.80 -118.60
N ARG O 128 -48.64 -27.63 -118.14
CA ARG O 128 -48.72 -29.07 -118.36
C ARG O 128 -49.93 -29.68 -117.66
N GLU O 129 -50.21 -29.23 -116.44
CA GLU O 129 -51.38 -29.75 -115.71
C GLU O 129 -52.68 -29.35 -116.39
N ALA O 130 -52.78 -28.09 -116.84
CA ALA O 130 -53.97 -27.63 -117.52
C ALA O 130 -54.16 -28.34 -118.86
N LEU O 131 -53.06 -28.57 -119.59
CA LEU O 131 -53.15 -29.29 -120.86
C LEU O 131 -53.54 -30.74 -120.65
N ALA O 132 -53.03 -31.36 -119.58
CA ALA O 132 -53.42 -32.73 -119.25
C ALA O 132 -54.90 -32.80 -118.91
N ARG O 133 -55.40 -31.84 -118.14
CA ARG O 133 -56.83 -31.80 -117.82
C ARG O 133 -57.66 -31.58 -119.07
N LEU O 134 -57.19 -30.72 -119.98
CA LEU O 134 -57.91 -30.48 -121.23
C LEU O 134 -57.95 -31.72 -122.10
N THR O 135 -56.84 -32.47 -122.18
CA THR O 135 -56.84 -33.70 -122.96
C THR O 135 -57.67 -34.79 -122.32
N VAL O 136 -57.74 -34.82 -120.98
CA VAL O 136 -58.62 -35.76 -120.30
C VAL O 136 -60.09 -35.45 -120.59
N THR O 137 -60.46 -34.15 -120.53
CA THR O 137 -61.83 -33.77 -120.78
C THR O 137 -62.23 -33.98 -122.25
N GLY O 138 -61.29 -33.72 -123.17
CA GLY O 138 -61.59 -33.93 -124.57
C GLY O 138 -61.54 -35.40 -124.96
N ALA O 139 -62.22 -35.72 -126.07
CA ALA O 139 -62.30 -37.08 -126.59
C ALA O 139 -61.32 -37.21 -127.75
N ALA O 140 -60.23 -37.93 -127.52
CA ALA O 140 -59.24 -38.14 -128.57
C ALA O 140 -59.75 -39.16 -129.58
N PRO O 141 -59.81 -38.83 -130.87
CA PRO O 141 -60.29 -39.76 -131.91
C PRO O 141 -59.29 -40.87 -132.20
N MET P 1 21.41 0.15 -70.44
CA MET P 1 22.74 -0.18 -70.95
C MET P 1 22.72 -0.16 -72.47
N LEU P 2 23.89 0.01 -73.09
CA LEU P 2 23.97 0.18 -74.53
C LEU P 2 25.02 -0.75 -75.11
N CYS P 3 24.86 -1.06 -76.40
CA CYS P 3 25.90 -1.76 -77.14
C CYS P 3 27.05 -0.80 -77.40
N ALA P 4 28.23 -1.14 -76.85
CA ALA P 4 29.37 -0.22 -76.93
C ALA P 4 29.90 -0.08 -78.35
N LEU P 5 29.76 -1.13 -79.17
CA LEU P 5 30.18 -1.02 -80.56
C LEU P 5 29.25 -0.11 -81.36
N SER P 6 27.96 -0.07 -81.00
CA SER P 6 26.99 0.73 -81.72
C SER P 6 26.73 2.08 -81.05
N GLY P 7 26.58 2.10 -79.73
CA GLY P 7 26.19 3.31 -79.02
C GLY P 7 24.70 3.51 -78.89
N GLU P 8 23.90 2.70 -79.57
CA GLU P 8 22.44 2.75 -79.48
C GLU P 8 21.94 1.51 -78.76
N ILE P 9 20.62 1.40 -78.66
CA ILE P 9 20.02 0.22 -78.01
C ILE P 9 20.16 -0.98 -78.94
N PRO P 10 20.69 -2.11 -78.45
CA PRO P 10 20.75 -3.31 -79.28
C PRO P 10 19.45 -4.11 -79.23
N GLU P 11 19.03 -4.60 -80.40
CA GLU P 11 17.79 -5.36 -80.49
C GLU P 11 17.99 -6.85 -80.26
N GLU P 12 19.18 -7.37 -80.51
CA GLU P 12 19.53 -8.75 -80.18
C GLU P 12 20.80 -8.71 -79.34
N PRO P 13 20.69 -8.32 -78.08
CA PRO P 13 21.89 -8.02 -77.29
C PRO P 13 22.53 -9.28 -76.73
N VAL P 14 23.86 -9.34 -76.86
CA VAL P 14 24.67 -10.46 -76.40
C VAL P 14 25.78 -9.94 -75.51
N VAL P 15 25.95 -10.54 -74.34
CA VAL P 15 26.98 -10.12 -73.39
C VAL P 15 28.22 -10.97 -73.64
N SER P 16 29.32 -10.31 -74.02
CA SER P 16 30.63 -10.92 -73.94
C SER P 16 31.01 -11.06 -72.47
N LYS P 17 31.09 -12.30 -72.00
CA LYS P 17 31.19 -12.56 -70.57
C LYS P 17 32.61 -12.45 -70.03
N LYS P 18 33.63 -12.57 -70.89
CA LYS P 18 35.00 -12.40 -70.42
C LYS P 18 35.27 -10.97 -70.01
N THR P 19 34.70 -10.01 -70.75
CA THR P 19 34.77 -8.60 -70.38
C THR P 19 33.49 -8.08 -69.75
N GLY P 20 32.41 -8.86 -69.80
CA GLY P 20 31.14 -8.41 -69.24
C GLY P 20 30.55 -7.23 -69.97
N VAL P 21 30.67 -7.20 -71.29
CA VAL P 21 30.31 -6.03 -72.10
C VAL P 21 29.22 -6.42 -73.08
N LEU P 22 28.19 -5.59 -73.17
CA LEU P 22 27.05 -5.84 -74.05
C LEU P 22 27.35 -5.37 -75.45
N PHE P 23 27.25 -6.28 -76.42
CA PHE P 23 27.44 -5.98 -77.83
C PHE P 23 26.26 -6.52 -78.63
N GLU P 24 25.96 -5.86 -79.74
CA GLU P 24 25.02 -6.41 -80.70
C GLU P 24 25.65 -7.64 -81.36
N LYS P 25 24.81 -8.65 -81.62
CA LYS P 25 25.32 -9.96 -82.03
C LYS P 25 26.04 -9.90 -83.38
N ARG P 26 25.49 -9.16 -84.34
CA ARG P 26 26.13 -9.05 -85.64
C ARG P 26 27.48 -8.36 -85.53
N LEU P 27 27.55 -7.31 -84.70
CA LEU P 27 28.79 -6.57 -84.52
C LEU P 27 29.86 -7.43 -83.85
N ILE P 28 29.50 -8.18 -82.81
CA ILE P 28 30.50 -8.97 -82.11
C ILE P 28 30.95 -10.15 -82.97
N LEU P 29 30.03 -10.78 -83.72
CA LEU P 29 30.43 -11.85 -84.63
C LEU P 29 31.36 -11.36 -85.74
N LYS P 30 31.04 -10.22 -86.35
CA LYS P 30 31.90 -9.73 -87.43
C LYS P 30 33.26 -9.29 -86.88
N TYR P 31 33.29 -8.71 -85.67
CA TYR P 31 34.55 -8.27 -85.09
C TYR P 31 35.44 -9.46 -84.72
N LEU P 32 34.85 -10.49 -84.10
CA LEU P 32 35.61 -11.69 -83.78
C LEU P 32 36.11 -12.40 -85.03
N GLU P 33 35.26 -12.47 -86.07
CA GLU P 33 35.65 -13.20 -87.27
C GLU P 33 36.73 -12.47 -88.06
N GLU P 34 36.66 -11.15 -88.14
CA GLU P 34 37.63 -10.38 -88.91
C GLU P 34 38.74 -9.79 -88.05
N HIS P 35 38.80 -10.15 -86.77
CA HIS P 35 39.96 -9.86 -85.93
C HIS P 35 40.45 -11.11 -85.21
N ASN P 36 40.05 -12.30 -85.69
CA ASN P 36 40.56 -13.60 -85.23
C ASN P 36 40.23 -13.83 -83.75
N ASN P 37 38.93 -13.76 -83.44
CA ASN P 37 38.37 -14.10 -82.13
C ASN P 37 38.97 -13.26 -81.01
N ILE P 38 39.14 -11.96 -81.26
CA ILE P 38 39.63 -11.02 -80.26
C ILE P 38 38.55 -9.96 -80.06
N GLU P 39 38.09 -9.82 -78.81
CA GLU P 39 37.02 -8.88 -78.52
C GLU P 39 37.52 -7.44 -78.65
N PRO P 40 36.62 -6.49 -78.93
CA PRO P 40 37.04 -5.08 -78.97
C PRO P 40 37.53 -4.59 -77.62
N GLY P 41 38.48 -3.67 -77.67
CA GLY P 41 39.07 -3.10 -76.46
C GLY P 41 40.30 -3.79 -75.92
N THR P 42 40.17 -5.06 -75.55
CA THR P 42 41.25 -5.82 -74.96
C THR P 42 41.84 -6.79 -75.98
N THR P 43 43.00 -7.36 -75.62
CA THR P 43 43.77 -8.22 -76.52
C THR P 43 43.57 -9.69 -76.20
N GLU P 44 42.60 -10.04 -75.36
CA GLU P 44 42.34 -11.42 -75.00
C GLU P 44 41.56 -12.11 -76.13
N GLU P 45 41.43 -13.43 -76.02
CA GLU P 45 40.67 -14.22 -76.98
C GLU P 45 39.25 -14.38 -76.50
N LEU P 46 38.29 -14.24 -77.42
CA LEU P 46 36.87 -14.39 -77.12
C LEU P 46 36.25 -15.42 -78.05
N ASP P 47 35.42 -16.30 -77.49
CA ASP P 47 34.78 -17.35 -78.27
C ASP P 47 33.38 -16.91 -78.67
N PRO P 48 33.10 -16.77 -79.96
CA PRO P 48 31.72 -16.44 -80.40
C PRO P 48 30.72 -17.55 -80.12
N GLU P 49 31.16 -18.79 -79.93
CA GLU P 49 30.26 -19.90 -79.69
C GLU P 49 29.97 -20.10 -78.21
N THR P 50 30.99 -20.06 -77.36
CA THR P 50 30.85 -20.33 -75.94
C THR P 50 30.96 -19.08 -75.08
N ASP P 51 31.98 -18.25 -75.30
CA ASP P 51 32.18 -17.07 -74.47
C ASP P 51 31.17 -15.97 -74.75
N LEU P 52 30.40 -16.06 -75.83
CA LEU P 52 29.32 -15.11 -76.05
C LEU P 52 28.04 -15.60 -75.38
N LEU P 53 27.45 -14.75 -74.54
CA LEU P 53 26.24 -15.09 -73.81
C LEU P 53 25.14 -14.09 -74.11
N PRO P 54 24.08 -14.47 -74.80
CA PRO P 54 23.00 -13.52 -75.11
C PRO P 54 22.16 -13.22 -73.88
N ILE P 55 21.43 -12.11 -73.96
CA ILE P 55 20.51 -11.70 -72.91
C ILE P 55 19.09 -11.86 -73.45
N LYS P 56 18.14 -12.05 -72.54
CA LYS P 56 16.73 -12.27 -72.90
C LYS P 56 15.91 -11.11 -72.34
N THR P 57 15.73 -10.08 -73.15
CA THR P 57 14.94 -8.90 -72.79
C THR P 57 13.78 -8.75 -73.75
N SER P 58 13.06 -7.64 -73.62
CA SER P 58 11.94 -7.32 -74.48
C SER P 58 12.35 -6.31 -75.54
N ARG P 59 11.43 -6.06 -76.47
CA ARG P 59 11.67 -5.09 -77.53
C ARG P 59 11.62 -3.68 -76.96
N VAL P 60 12.72 -2.95 -77.09
CA VAL P 60 12.77 -1.57 -76.61
C VAL P 60 12.03 -0.69 -77.62
N VAL P 61 11.07 0.08 -77.14
CA VAL P 61 10.16 0.81 -78.00
C VAL P 61 10.71 2.22 -78.22
N ARG P 62 10.84 2.60 -79.50
CA ARG P 62 11.24 3.94 -79.88
C ARG P 62 10.02 4.67 -80.44
N PRO P 63 9.58 5.77 -79.83
CA PRO P 63 8.30 6.38 -80.20
C PRO P 63 8.37 7.13 -81.51
N ARG P 64 7.43 6.85 -82.40
CA ARG P 64 7.37 7.53 -83.68
C ARG P 64 6.93 8.97 -83.49
N PRO P 65 7.67 9.95 -84.00
CA PRO P 65 7.30 11.36 -83.81
C PRO P 65 6.16 11.75 -84.73
N PRO P 66 5.44 12.84 -84.41
CA PRO P 66 4.33 13.28 -85.27
C PRO P 66 4.71 13.63 -86.71
N ASN P 67 5.91 14.20 -86.90
CA ASN P 67 6.28 14.61 -88.25
C ASN P 67 6.64 13.41 -89.13
N PHE P 68 7.20 12.36 -88.54
CA PHE P 68 7.72 11.23 -89.32
C PHE P 68 6.72 10.10 -89.41
N THR P 69 5.52 10.39 -89.93
CA THR P 69 4.48 9.38 -90.08
C THR P 69 4.29 8.93 -91.52
N SER P 70 4.72 9.72 -92.50
CA SER P 70 4.62 9.34 -93.89
C SER P 70 5.96 8.78 -94.38
N ILE P 71 5.88 7.98 -95.44
CA ILE P 71 7.10 7.44 -96.06
C ILE P 71 8.02 8.53 -96.60
N PRO P 72 7.54 9.60 -97.28
CA PRO P 72 8.48 10.69 -97.64
C PRO P 72 9.13 11.38 -96.44
N SER P 73 8.41 11.51 -95.32
CA SER P 73 9.01 12.07 -94.12
C SER P 73 10.13 11.17 -93.58
N LEU P 74 9.89 9.85 -93.60
CA LEU P 74 10.93 8.91 -93.19
C LEU P 74 12.12 8.96 -94.16
N LEU P 75 11.87 9.18 -95.44
CA LEU P 75 12.96 9.24 -96.41
C LEU P 75 13.79 10.50 -96.23
N LYS P 76 13.15 11.65 -96.02
CA LYS P 76 13.93 12.87 -95.79
C LYS P 76 14.66 12.81 -94.45
N ALA P 77 14.08 12.15 -93.46
CA ALA P 77 14.81 11.88 -92.22
C ALA P 77 16.01 10.97 -92.47
N PHE P 78 15.86 10.00 -93.37
CA PHE P 78 16.95 9.10 -93.73
C PHE P 78 18.11 9.88 -94.34
N GLN P 79 17.81 10.76 -95.30
CA GLN P 79 18.87 11.57 -95.91
C GLN P 79 19.51 12.52 -94.92
N ASP P 80 18.69 13.16 -94.05
CA ASP P 80 19.24 14.12 -93.09
C ASP P 80 20.15 13.43 -92.08
N GLU P 81 19.72 12.28 -91.56
CA GLU P 81 20.54 11.53 -90.61
C GLU P 81 21.81 11.01 -91.26
N TRP P 82 21.71 10.55 -92.52
CA TRP P 82 22.89 10.10 -93.24
C TRP P 82 23.90 11.23 -93.40
N ASP P 83 23.43 12.42 -93.78
CA ASP P 83 24.31 13.59 -93.88
C ASP P 83 24.96 13.92 -92.55
N ALA P 84 24.16 13.92 -91.47
CA ALA P 84 24.67 14.30 -90.16
C ALA P 84 25.75 13.35 -89.68
N LEU P 85 25.53 12.04 -89.81
CA LEU P 85 26.54 11.11 -89.34
C LEU P 85 27.76 10.99 -90.26
N VAL P 86 27.61 11.17 -91.58
CA VAL P 86 28.83 11.16 -92.38
C VAL P 86 29.64 12.43 -92.13
N LEU P 87 28.98 13.55 -91.85
CA LEU P 87 29.70 14.75 -91.43
C LEU P 87 30.40 14.54 -90.10
N GLU P 88 29.74 13.84 -89.17
CA GLU P 88 30.35 13.51 -87.89
C GLU P 88 31.57 12.62 -88.06
N THR P 89 31.48 11.61 -88.94
CA THR P 89 32.62 10.73 -89.21
C THR P 89 33.79 11.50 -89.82
N TYR P 90 33.48 12.38 -90.78
CA TYR P 90 34.52 13.19 -91.42
C TYR P 90 35.22 14.09 -90.40
N THR P 91 34.43 14.88 -89.65
CA THR P 91 34.99 15.79 -88.67
C THR P 91 35.76 15.05 -87.59
N THR P 92 35.30 13.84 -87.23
CA THR P 92 36.04 12.99 -86.31
C THR P 92 37.40 12.60 -86.88
N ARG P 93 37.44 12.29 -88.18
CA ARG P 93 38.70 11.90 -88.81
C ARG P 93 39.72 13.03 -88.79
N GLU P 94 39.31 14.24 -89.22
CA GLU P 94 40.30 15.33 -89.17
C GLU P 94 40.60 15.83 -87.76
N GLN P 95 39.67 15.74 -86.80
CA GLN P 95 40.08 16.15 -85.45
C GLN P 95 41.02 15.12 -84.85
N LEU P 96 40.85 13.83 -85.17
CA LEU P 96 41.80 12.82 -84.73
C LEU P 96 43.17 13.07 -85.34
N ALA P 97 43.21 13.46 -86.62
CA ALA P 97 44.49 13.82 -87.24
C ALA P 97 45.14 15.02 -86.56
N ARG P 98 44.34 16.04 -86.25
CA ARG P 98 44.88 17.24 -85.60
C ARG P 98 45.41 16.94 -84.19
N VAL P 99 44.66 16.14 -83.42
CA VAL P 99 45.11 15.80 -82.07
C VAL P 99 46.32 14.87 -82.13
N ARG P 100 46.42 14.03 -83.16
CA ARG P 100 47.63 13.22 -83.35
C ARG P 100 48.85 14.10 -83.65
N GLU P 101 48.66 15.13 -84.48
CA GLU P 101 49.75 16.07 -84.76
C GLU P 101 50.15 16.83 -83.50
N GLU P 102 49.17 17.23 -82.69
CA GLU P 102 49.47 17.88 -81.42
C GLU P 102 50.19 16.94 -80.46
N LEU P 103 49.85 15.65 -80.51
CA LEU P 103 50.55 14.65 -79.71
C LEU P 103 52.01 14.53 -80.13
N ALA P 104 52.27 14.55 -81.44
CA ALA P 104 53.65 14.51 -81.91
C ALA P 104 54.41 15.75 -81.49
N THR P 105 53.76 16.92 -81.56
CA THR P 105 54.38 18.17 -81.12
C THR P 105 54.71 18.13 -79.63
N ALA P 106 53.77 17.64 -78.81
CA ALA P 106 54.02 17.52 -77.38
C ALA P 106 55.09 16.48 -77.08
N LEU P 107 55.18 15.42 -77.88
CA LEU P 107 56.24 14.43 -77.72
C LEU P 107 57.61 15.05 -77.98
N TYR P 108 57.72 15.84 -79.04
CA TYR P 108 58.98 16.53 -79.32
C TYR P 108 59.34 17.52 -78.21
N GLN P 109 58.34 18.28 -77.74
CA GLN P 109 58.57 19.21 -76.65
C GLN P 109 59.01 18.51 -75.38
N HIS P 110 58.40 17.36 -75.07
CA HIS P 110 58.73 16.64 -73.85
C HIS P 110 60.10 15.99 -73.94
N ASP P 111 60.48 15.48 -75.12
CA ASP P 111 61.82 14.92 -75.28
C ASP P 111 62.89 16.00 -75.14
N ALA P 112 62.67 17.16 -75.75
CA ALA P 112 63.59 18.27 -75.58
C ALA P 112 63.65 18.71 -74.11
N ALA P 113 62.49 18.75 -73.46
CA ALA P 113 62.43 19.15 -72.06
C ALA P 113 63.18 18.18 -71.16
N VAL P 114 63.06 16.88 -71.40
CA VAL P 114 63.74 15.92 -70.53
C VAL P 114 65.25 15.92 -70.80
N ARG P 115 65.67 16.24 -72.03
CA ARG P 115 67.11 16.40 -72.25
C ARG P 115 67.65 17.63 -71.53
N VAL P 116 66.91 18.75 -71.55
CA VAL P 116 67.32 19.93 -70.79
C VAL P 116 67.30 19.64 -69.29
N ILE P 117 66.35 18.81 -68.84
CA ILE P 117 66.28 18.42 -67.43
C ILE P 117 67.51 17.62 -67.04
N ALA P 118 67.95 16.70 -67.90
CA ALA P 118 69.15 15.92 -67.62
C ALA P 118 70.39 16.81 -67.56
N ARG P 119 70.52 17.74 -68.53
CA ARG P 119 71.67 18.63 -68.56
C ARG P 119 71.70 19.54 -67.32
N LEU P 120 70.55 20.10 -66.96
CA LEU P 120 70.48 20.93 -65.77
C LEU P 120 70.62 20.10 -64.50
N THR P 121 70.32 18.80 -64.54
CA THR P 121 70.54 17.95 -63.38
C THR P 121 72.02 17.80 -63.09
N ARG P 122 72.81 17.48 -64.13
CA ARG P 122 74.26 17.51 -63.94
C ARG P 122 74.78 18.90 -63.58
N GLU P 123 74.17 19.97 -64.10
CA GLU P 123 74.61 21.31 -63.74
C GLU P 123 74.36 21.61 -62.26
N ARG P 124 73.18 21.24 -61.74
CA ARG P 124 72.89 21.45 -60.33
C ARG P 124 73.80 20.59 -59.45
N ASP P 125 74.05 19.34 -59.86
CA ASP P 125 74.96 18.49 -59.09
C ASP P 125 76.36 19.08 -59.03
N GLU P 126 76.85 19.59 -60.17
CA GLU P 126 78.17 20.20 -60.19
C GLU P 126 78.24 21.45 -59.30
N ALA P 127 77.28 22.36 -59.46
CA ALA P 127 77.29 23.61 -58.69
C ALA P 127 77.12 23.36 -57.20
N ARG P 128 76.18 22.48 -56.83
CA ARG P 128 75.91 22.21 -55.42
C ARG P 128 77.06 21.47 -54.76
N GLU P 129 77.66 20.49 -55.45
CA GLU P 129 78.80 19.79 -54.86
C GLU P 129 80.02 20.68 -54.79
N ALA P 130 80.19 21.60 -55.75
CA ALA P 130 81.30 22.54 -55.69
C ALA P 130 81.14 23.51 -54.52
N LEU P 131 79.92 24.03 -54.32
CA LEU P 131 79.71 24.94 -53.20
C LEU P 131 79.74 24.22 -51.87
N ALA P 132 79.46 22.91 -51.85
CA ALA P 132 79.51 22.16 -50.61
C ALA P 132 80.93 21.91 -50.15
N ARG P 133 81.89 21.87 -51.07
CA ARG P 133 83.30 21.69 -50.74
C ARG P 133 84.08 22.98 -50.80
N LEU P 134 83.41 24.12 -50.74
CA LEU P 134 84.08 25.42 -50.83
C LEU P 134 84.80 25.70 -49.53
N THR P 135 86.10 25.44 -49.50
CA THR P 135 86.92 25.69 -48.33
C THR P 135 87.22 27.18 -48.19
N VAL P 136 87.85 27.53 -47.08
CA VAL P 136 88.27 28.90 -46.82
C VAL P 136 89.78 28.95 -46.94
N THR P 137 90.28 29.68 -47.94
CA THR P 137 91.70 29.94 -48.06
C THR P 137 92.12 31.03 -47.09
N GLY P 138 93.43 31.16 -46.90
CA GLY P 138 93.97 32.21 -46.06
C GLY P 138 93.73 33.58 -46.65
N ALA P 139 92.87 34.36 -46.00
CA ALA P 139 92.51 35.70 -46.50
C ALA P 139 93.67 36.65 -46.23
N ALA P 140 94.68 36.56 -47.08
CA ALA P 140 95.86 37.38 -46.93
C ALA P 140 95.59 38.80 -47.38
N PRO P 141 95.89 39.81 -46.56
CA PRO P 141 95.71 41.19 -46.99
C PRO P 141 96.71 41.57 -48.08
N ALA P 142 96.31 42.54 -48.90
CA ALA P 142 97.13 43.00 -50.02
C ALA P 142 98.27 43.84 -49.48
N ALA P 143 99.45 43.23 -49.37
CA ALA P 143 100.63 43.93 -48.88
C ALA P 143 101.22 44.83 -49.95
N MET Q 1 21.70 -19.21 -104.10
CA MET Q 1 21.47 -20.53 -103.52
C MET Q 1 22.18 -21.62 -104.33
N LEU Q 2 22.77 -22.58 -103.62
CA LEU Q 2 23.52 -23.66 -104.24
C LEU Q 2 23.19 -24.97 -103.53
N CYS Q 3 23.36 -26.07 -104.26
CA CYS Q 3 23.22 -27.39 -103.66
C CYS Q 3 24.42 -27.72 -102.79
N ALA Q 4 24.20 -28.59 -101.80
CA ALA Q 4 25.27 -28.97 -100.88
C ALA Q 4 26.16 -30.09 -101.40
N LEU Q 5 25.82 -30.69 -102.55
CA LEU Q 5 26.62 -31.77 -103.13
C LEU Q 5 27.39 -31.33 -104.36
N SER Q 6 26.72 -30.68 -105.32
CA SER Q 6 27.36 -30.26 -106.55
C SER Q 6 27.68 -28.77 -106.60
N GLY Q 7 27.09 -27.98 -105.70
CA GLY Q 7 27.32 -26.55 -105.71
C GLY Q 7 26.59 -25.79 -106.79
N GLU Q 8 25.53 -26.37 -107.35
CA GLU Q 8 24.74 -25.75 -108.41
C GLU Q 8 23.29 -25.62 -107.95
N ILE Q 9 22.43 -25.20 -108.87
CA ILE Q 9 21.00 -25.05 -108.58
C ILE Q 9 20.32 -26.41 -108.78
N PRO Q 10 19.69 -26.96 -107.74
CA PRO Q 10 19.00 -28.26 -107.90
C PRO Q 10 17.69 -28.09 -108.66
N GLU Q 11 17.48 -28.92 -109.68
CA GLU Q 11 16.25 -28.86 -110.45
C GLU Q 11 15.08 -29.49 -109.69
N GLU Q 12 15.37 -30.47 -108.82
CA GLU Q 12 14.38 -31.08 -107.94
C GLU Q 12 14.94 -31.01 -106.52
N PRO Q 13 14.78 -29.88 -105.85
CA PRO Q 13 15.38 -29.73 -104.51
C PRO Q 13 14.63 -30.54 -103.46
N VAL Q 14 15.39 -31.19 -102.58
CA VAL Q 14 14.86 -31.89 -101.42
C VAL Q 14 15.63 -31.41 -100.21
N VAL Q 15 15.08 -31.66 -99.02
CA VAL Q 15 15.71 -31.25 -97.77
C VAL Q 15 15.72 -32.44 -96.82
N SER Q 16 16.91 -32.81 -96.36
CA SER Q 16 17.01 -33.71 -95.21
C SER Q 16 16.50 -32.98 -93.98
N LYS Q 17 15.43 -33.51 -93.38
CA LYS Q 17 14.72 -32.82 -92.31
C LYS Q 17 15.48 -32.88 -90.99
N LYS Q 18 16.15 -34.01 -90.71
CA LYS Q 18 16.82 -34.19 -89.44
C LYS Q 18 17.98 -33.21 -89.25
N THR Q 19 18.61 -32.80 -90.35
CA THR Q 19 19.63 -31.76 -90.30
C THR Q 19 19.18 -30.46 -90.94
N GLY Q 20 18.04 -30.46 -91.64
CA GLY Q 20 17.55 -29.27 -92.31
C GLY Q 20 18.46 -28.81 -93.43
N VAL Q 21 18.94 -29.75 -94.23
CA VAL Q 21 19.99 -29.48 -95.21
C VAL Q 21 19.47 -29.76 -96.61
N LEU Q 22 19.65 -28.78 -97.50
CA LEU Q 22 19.20 -28.90 -98.88
C LEU Q 22 20.13 -29.82 -99.69
N PHE Q 23 19.53 -30.61 -100.58
CA PHE Q 23 20.25 -31.47 -101.50
C PHE Q 23 19.47 -31.52 -102.81
N GLU Q 24 20.17 -31.92 -103.88
CA GLU Q 24 19.50 -32.30 -105.10
C GLU Q 24 19.01 -33.73 -104.97
N LYS Q 25 17.83 -34.01 -105.54
CA LYS Q 25 17.16 -35.28 -105.28
C LYS Q 25 17.90 -36.46 -105.89
N ARG Q 26 18.29 -36.34 -107.17
CA ARG Q 26 19.00 -37.43 -107.83
C ARG Q 26 20.38 -37.66 -107.21
N LEU Q 27 21.09 -36.57 -106.89
CA LEU Q 27 22.41 -36.68 -106.28
C LEU Q 27 22.33 -37.31 -104.90
N ILE Q 28 21.35 -36.90 -104.09
CA ILE Q 28 21.23 -37.47 -102.76
C ILE Q 28 20.75 -38.92 -102.83
N LEU Q 29 19.94 -39.27 -103.83
CA LEU Q 29 19.49 -40.65 -104.00
C LEU Q 29 20.66 -41.56 -104.37
N LYS Q 30 21.49 -41.12 -105.32
CA LYS Q 30 22.64 -41.95 -105.71
C LYS Q 30 23.68 -42.00 -104.60
N TYR Q 31 23.84 -40.93 -103.81
CA TYR Q 31 24.82 -40.95 -102.74
C TYR Q 31 24.37 -41.87 -101.61
N LEU Q 32 23.07 -41.84 -101.27
CA LEU Q 32 22.54 -42.77 -100.28
C LEU Q 32 22.62 -44.20 -100.75
N GLU Q 33 22.37 -44.43 -102.04
CA GLU Q 33 22.51 -45.79 -102.60
C GLU Q 33 23.96 -46.27 -102.55
N GLU Q 34 24.90 -45.36 -102.81
CA GLU Q 34 26.31 -45.75 -102.81
C GLU Q 34 26.83 -46.01 -101.40
N HIS Q 35 26.44 -45.18 -100.43
CA HIS Q 35 27.00 -45.24 -99.09
C HIS Q 35 26.01 -45.73 -98.04
N ASN Q 36 24.98 -46.46 -98.46
CA ASN Q 36 24.06 -47.20 -97.58
C ASN Q 36 23.33 -46.23 -96.63
N ASN Q 37 22.65 -45.27 -97.24
CA ASN Q 37 21.72 -44.34 -96.57
C ASN Q 37 22.42 -43.53 -95.48
N ILE Q 38 23.46 -42.81 -95.88
CA ILE Q 38 24.22 -41.94 -94.98
C ILE Q 38 24.24 -40.54 -95.56
N GLU Q 39 23.77 -39.56 -94.80
CA GLU Q 39 23.78 -38.17 -95.25
C GLU Q 39 25.20 -37.65 -95.32
N PRO Q 40 25.53 -36.80 -96.30
CA PRO Q 40 26.84 -36.15 -96.30
C PRO Q 40 27.02 -35.25 -95.08
N GLY Q 41 28.25 -35.23 -94.57
CA GLY Q 41 28.60 -34.44 -93.40
C GLY Q 41 28.32 -35.09 -92.06
N THR Q 42 27.22 -35.83 -91.97
CA THR Q 42 26.80 -36.49 -90.74
C THR Q 42 27.00 -37.99 -90.86
N THR Q 43 26.82 -38.68 -89.73
CA THR Q 43 26.95 -40.13 -89.66
C THR Q 43 25.62 -40.80 -89.35
N GLU Q 44 24.51 -40.08 -89.47
CA GLU Q 44 23.20 -40.64 -89.17
C GLU Q 44 22.56 -41.20 -90.44
N GLU Q 45 21.51 -41.99 -90.24
CA GLU Q 45 20.85 -42.70 -91.34
C GLU Q 45 19.82 -41.79 -91.99
N LEU Q 46 20.02 -41.49 -93.27
CA LEU Q 46 19.12 -40.66 -94.05
C LEU Q 46 18.24 -41.53 -94.92
N ASP Q 47 16.91 -41.36 -94.81
CA ASP Q 47 15.97 -42.18 -95.55
C ASP Q 47 15.60 -41.48 -96.84
N PRO Q 48 15.85 -42.09 -98.00
CA PRO Q 48 15.47 -41.46 -99.27
C PRO Q 48 13.97 -41.42 -99.51
N GLU Q 49 13.19 -42.19 -98.76
CA GLU Q 49 11.74 -42.26 -98.95
C GLU Q 49 10.96 -41.43 -97.94
N THR Q 50 11.33 -41.49 -96.66
CA THR Q 50 10.62 -40.77 -95.61
C THR Q 50 11.35 -39.53 -95.12
N ASP Q 51 12.67 -39.61 -94.90
CA ASP Q 51 13.41 -38.45 -94.42
C ASP Q 51 13.63 -37.42 -95.51
N LEU Q 52 13.60 -37.81 -96.78
CA LEU Q 52 13.66 -36.83 -97.86
C LEU Q 52 12.36 -36.06 -97.94
N LEU Q 53 12.47 -34.73 -98.00
CA LEU Q 53 11.30 -33.85 -98.03
C LEU Q 53 11.16 -33.21 -99.40
N PRO Q 54 10.09 -33.50 -100.15
CA PRO Q 54 9.88 -32.81 -101.43
C PRO Q 54 9.56 -31.34 -101.22
N ILE Q 55 9.96 -30.53 -102.19
CA ILE Q 55 9.79 -29.08 -102.14
C ILE Q 55 8.85 -28.66 -103.26
N LYS Q 56 7.78 -27.95 -102.90
CA LYS Q 56 6.83 -27.41 -103.86
C LYS Q 56 7.01 -25.90 -103.98
N THR Q 57 6.72 -25.38 -105.17
CA THR Q 57 6.85 -23.96 -105.47
C THR Q 57 5.47 -23.36 -105.70
N SER Q 58 5.21 -22.22 -105.08
CA SER Q 58 3.96 -21.51 -105.22
C SER Q 58 4.17 -20.29 -106.11
N ARG Q 59 3.29 -20.13 -107.10
CA ARG Q 59 3.41 -19.05 -108.08
C ARG Q 59 2.23 -18.09 -108.00
N VAL Q 60 1.65 -17.94 -106.81
CA VAL Q 60 0.60 -16.94 -106.62
C VAL Q 60 1.18 -15.53 -106.74
N VAL Q 61 2.35 -15.31 -106.15
CA VAL Q 61 3.06 -14.04 -106.25
C VAL Q 61 3.90 -14.07 -107.53
N ARG Q 62 3.96 -12.93 -108.22
CA ARG Q 62 4.77 -12.82 -109.42
C ARG Q 62 6.25 -13.04 -109.09
N PRO Q 63 6.95 -13.93 -109.80
CA PRO Q 63 8.35 -14.21 -109.45
C PRO Q 63 9.29 -13.06 -109.79
N ARG Q 64 9.84 -12.44 -108.75
CA ARG Q 64 10.81 -11.36 -108.90
C ARG Q 64 12.21 -11.93 -109.06
N PRO Q 65 13.03 -11.36 -109.95
CA PRO Q 65 14.39 -11.85 -110.11
C PRO Q 65 15.24 -11.51 -108.90
N PRO Q 66 16.24 -12.33 -108.57
CA PRO Q 66 17.14 -12.02 -107.43
C PRO Q 66 18.16 -10.94 -107.80
N ASN Q 67 17.67 -9.74 -108.02
CA ASN Q 67 18.50 -8.62 -108.43
C ASN Q 67 18.81 -7.73 -107.22
N PHE Q 68 19.52 -6.63 -107.49
CA PHE Q 68 19.87 -5.68 -106.45
C PHE Q 68 18.74 -4.71 -106.12
N THR Q 69 17.67 -4.70 -106.91
CA THR Q 69 16.58 -3.75 -106.73
C THR Q 69 15.50 -4.24 -105.76
N SER Q 70 15.54 -5.50 -105.34
CA SER Q 70 14.54 -6.01 -104.43
C SER Q 70 14.69 -5.38 -103.05
N ILE Q 71 13.56 -5.19 -102.36
CA ILE Q 71 13.57 -4.45 -101.09
C ILE Q 71 14.36 -5.14 -99.99
N PRO Q 72 14.27 -6.47 -99.76
CA PRO Q 72 15.19 -7.08 -98.79
C PRO Q 72 16.66 -6.91 -99.14
N SER Q 73 17.02 -6.96 -100.42
CA SER Q 73 18.41 -6.74 -100.82
C SER Q 73 18.83 -5.31 -100.55
N LEU Q 74 17.94 -4.34 -100.82
CA LEU Q 74 18.26 -2.94 -100.55
C LEU Q 74 18.42 -2.68 -99.05
N LEU Q 75 17.54 -3.28 -98.25
CA LEU Q 75 17.65 -3.13 -96.80
C LEU Q 75 18.92 -3.79 -96.26
N LYS Q 76 19.28 -4.95 -96.83
CA LYS Q 76 20.52 -5.61 -96.44
C LYS Q 76 21.74 -4.78 -96.82
N ALA Q 77 21.68 -4.13 -97.99
CA ALA Q 77 22.77 -3.25 -98.40
C ALA Q 77 22.90 -2.03 -97.49
N PHE Q 78 21.77 -1.44 -97.09
CA PHE Q 78 21.80 -0.34 -96.13
C PHE Q 78 22.38 -0.81 -94.80
N GLN Q 79 21.97 -1.99 -94.34
CA GLN Q 79 22.47 -2.54 -93.09
C GLN Q 79 23.97 -2.80 -93.16
N ASP Q 80 24.46 -3.32 -94.30
CA ASP Q 80 25.87 -3.65 -94.43
C ASP Q 80 26.73 -2.39 -94.53
N GLU Q 81 26.25 -1.36 -95.25
CA GLU Q 81 27.04 -0.13 -95.33
C GLU Q 81 27.07 0.59 -94.00
N TRP Q 82 25.93 0.62 -93.28
CA TRP Q 82 25.93 1.16 -91.92
C TRP Q 82 26.75 0.29 -90.98
N ASP Q 83 26.87 -1.00 -91.28
CA ASP Q 83 27.61 -1.93 -90.43
C ASP Q 83 29.12 -1.66 -90.53
N ALA Q 84 29.62 -1.54 -91.76
CA ALA Q 84 31.01 -1.15 -91.97
C ALA Q 84 31.29 0.25 -91.46
N LEU Q 85 30.28 1.12 -91.55
CA LEU Q 85 30.36 2.46 -90.97
C LEU Q 85 30.53 2.38 -89.45
N VAL Q 86 29.82 1.45 -88.81
CA VAL Q 86 29.97 1.22 -87.37
C VAL Q 86 31.38 0.73 -87.06
N LEU Q 87 31.92 -0.17 -87.88
CA LEU Q 87 33.30 -0.63 -87.73
C LEU Q 87 34.29 0.52 -87.76
N GLU Q 88 34.23 1.35 -88.80
CA GLU Q 88 35.19 2.44 -88.93
C GLU Q 88 35.00 3.48 -87.84
N THR Q 89 33.75 3.75 -87.43
CA THR Q 89 33.50 4.72 -86.38
C THR Q 89 34.03 4.22 -85.04
N TYR Q 90 33.85 2.93 -84.74
CA TYR Q 90 34.37 2.38 -83.49
C TYR Q 90 35.88 2.42 -83.45
N THR Q 91 36.54 2.02 -84.54
CA THR Q 91 38.00 2.05 -84.54
C THR Q 91 38.54 3.47 -84.48
N THR Q 92 37.91 4.39 -85.20
CA THR Q 92 38.31 5.79 -85.16
C THR Q 92 38.17 6.36 -83.76
N ARG Q 93 37.08 6.03 -83.07
CA ARG Q 93 36.92 6.50 -81.69
C ARG Q 93 37.85 5.78 -80.72
N GLU Q 94 38.27 4.56 -81.05
CA GLU Q 94 39.23 3.85 -80.21
C GLU Q 94 40.59 4.53 -80.24
N GLN Q 95 41.10 4.81 -81.45
CA GLN Q 95 42.33 5.61 -81.52
C GLN Q 95 42.11 7.04 -81.05
N LEU Q 96 40.89 7.57 -81.13
CA LEU Q 96 40.60 8.87 -80.53
C LEU Q 96 40.85 8.85 -79.04
N ALA Q 97 40.32 7.83 -78.35
CA ALA Q 97 40.51 7.71 -76.91
C ALA Q 97 41.97 7.52 -76.54
N ARG Q 98 42.68 6.65 -77.29
CA ARG Q 98 44.09 6.40 -76.99
C ARG Q 98 44.94 7.66 -77.20
N VAL Q 99 44.72 8.36 -78.32
CA VAL Q 99 45.48 9.56 -78.62
C VAL Q 99 45.16 10.66 -77.61
N ARG Q 100 43.88 10.76 -77.18
CA ARG Q 100 43.51 11.76 -76.20
C ARG Q 100 44.16 11.52 -74.84
N GLU Q 101 44.17 10.26 -74.38
CA GLU Q 101 44.79 10.01 -73.08
C GLU Q 101 46.30 10.18 -73.14
N GLU Q 102 46.93 9.78 -74.26
CA GLU Q 102 48.37 10.01 -74.39
C GLU Q 102 48.70 11.50 -74.48
N LEU Q 103 47.85 12.28 -75.15
CA LEU Q 103 48.05 13.73 -75.21
C LEU Q 103 47.90 14.37 -73.83
N ALA Q 104 46.92 13.93 -73.05
CA ALA Q 104 46.75 14.46 -71.69
C ALA Q 104 47.96 14.11 -70.82
N THR Q 105 48.47 12.88 -70.95
CA THR Q 105 49.68 12.50 -70.22
C THR Q 105 50.88 13.34 -70.64
N ALA Q 106 51.02 13.59 -71.94
CA ALA Q 106 52.12 14.41 -72.44
C ALA Q 106 52.01 15.84 -71.94
N LEU Q 107 50.80 16.40 -71.91
CA LEU Q 107 50.60 17.77 -71.44
C LEU Q 107 50.93 17.89 -69.96
N TYR Q 108 50.45 16.94 -69.15
CA TYR Q 108 50.72 16.99 -67.72
C TYR Q 108 52.20 16.79 -67.42
N GLN Q 109 52.85 15.85 -68.12
CA GLN Q 109 54.29 15.65 -67.91
C GLN Q 109 55.10 16.83 -68.43
N HIS Q 110 54.62 17.51 -69.46
CA HIS Q 110 55.31 18.71 -69.94
C HIS Q 110 55.20 19.84 -68.94
N ASP Q 111 54.03 20.02 -68.32
CA ASP Q 111 53.92 21.02 -67.25
C ASP Q 111 54.78 20.65 -66.06
N ALA Q 112 54.88 19.36 -65.76
CA ALA Q 112 55.80 18.89 -64.72
C ALA Q 112 57.25 19.22 -65.06
N ALA Q 113 57.63 19.02 -66.33
CA ALA Q 113 58.98 19.34 -66.77
C ALA Q 113 59.26 20.84 -66.67
N VAL Q 114 58.26 21.67 -67.01
CA VAL Q 114 58.41 23.12 -66.85
C VAL Q 114 58.60 23.49 -65.38
N ARG Q 115 57.87 22.84 -64.48
CA ARG Q 115 58.05 23.11 -63.06
C ARG Q 115 59.44 22.70 -62.55
N VAL Q 116 59.94 21.56 -63.03
CA VAL Q 116 61.31 21.16 -62.65
C VAL Q 116 62.33 22.13 -63.23
N ILE Q 117 62.08 22.63 -64.44
CA ILE Q 117 62.94 23.63 -65.06
C ILE Q 117 63.00 24.87 -64.18
N ALA Q 118 61.84 25.33 -63.70
CA ALA Q 118 61.78 26.50 -62.84
C ALA Q 118 62.52 26.28 -61.53
N ARG Q 119 62.30 25.12 -60.91
CA ARG Q 119 62.94 24.83 -59.62
C ARG Q 119 64.47 24.73 -59.75
N LEU Q 120 64.94 24.06 -60.81
CA LEU Q 120 66.38 23.98 -61.04
C LEU Q 120 66.97 25.34 -61.39
N THR Q 121 66.21 26.18 -62.10
CA THR Q 121 66.69 27.53 -62.40
C THR Q 121 66.87 28.34 -61.13
N ARG Q 122 65.92 28.26 -60.20
CA ARG Q 122 66.08 28.93 -58.91
C ARG Q 122 67.26 28.36 -58.12
N GLU Q 123 67.46 27.04 -58.16
CA GLU Q 123 68.59 26.43 -57.47
C GLU Q 123 69.92 26.93 -58.02
N ARG Q 124 70.05 26.94 -59.36
CA ARG Q 124 71.28 27.40 -59.99
C ARG Q 124 71.52 28.88 -59.72
N ASP Q 125 70.46 29.70 -59.78
CA ASP Q 125 70.61 31.11 -59.52
C ASP Q 125 71.08 31.37 -58.09
N GLU Q 126 70.46 30.69 -57.12
CA GLU Q 126 70.87 30.88 -55.73
C GLU Q 126 72.30 30.42 -55.49
N ALA Q 127 72.67 29.25 -56.03
CA ALA Q 127 74.02 28.73 -55.81
C ALA Q 127 75.08 29.60 -56.47
N ARG Q 128 74.84 30.04 -57.71
CA ARG Q 128 75.81 30.87 -58.41
C ARG Q 128 75.91 32.25 -57.78
N GLU Q 129 74.79 32.83 -57.36
CA GLU Q 129 74.82 34.13 -56.72
C GLU Q 129 75.54 34.08 -55.38
N ALA Q 130 75.31 33.01 -54.60
CA ALA Q 130 76.01 32.86 -53.33
C ALA Q 130 77.52 32.67 -53.55
N LEU Q 131 77.89 31.86 -54.54
CA LEU Q 131 79.31 31.64 -54.82
C LEU Q 131 79.98 32.92 -55.28
N ALA Q 132 79.29 33.69 -56.14
CA ALA Q 132 79.85 34.96 -56.61
C ALA Q 132 80.01 35.96 -55.47
N ARG Q 133 79.00 36.06 -54.60
CA ARG Q 133 79.07 36.97 -53.47
C ARG Q 133 80.19 36.58 -52.52
N LEU Q 134 80.36 35.28 -52.26
CA LEU Q 134 81.39 34.84 -51.34
C LEU Q 134 82.78 35.02 -51.93
N THR Q 135 82.95 34.78 -53.23
CA THR Q 135 84.24 35.00 -53.86
C THR Q 135 84.58 36.48 -53.95
N VAL Q 136 83.57 37.35 -54.09
CA VAL Q 136 83.84 38.79 -54.06
C VAL Q 136 84.23 39.24 -52.65
N THR Q 137 83.50 38.77 -51.64
CA THR Q 137 83.72 39.26 -50.28
C THR Q 137 84.98 38.67 -49.67
N GLY Q 138 85.03 37.35 -49.50
CA GLY Q 138 86.18 36.71 -48.89
C GLY Q 138 86.14 36.73 -47.38
N ALA Q 139 86.16 37.92 -46.78
CA ALA Q 139 86.10 38.06 -45.32
C ALA Q 139 84.63 38.10 -44.90
N ALA Q 140 84.09 36.92 -44.62
CA ALA Q 140 82.69 36.76 -44.25
C ALA Q 140 82.43 37.28 -42.85
N MET R 1 66.77 -5.30 43.30
CA MET R 1 65.56 -5.03 42.52
C MET R 1 64.79 -3.82 43.04
N PRO R 2 64.07 -3.13 42.15
CA PRO R 2 63.11 -2.12 42.62
C PRO R 2 61.81 -2.70 43.16
N ALA R 3 61.64 -4.01 43.13
CA ALA R 3 60.63 -4.63 43.99
C ALA R 3 61.12 -4.64 45.43
N ILE R 4 60.19 -4.50 46.37
CA ILE R 4 60.56 -4.31 47.75
C ILE R 4 60.96 -5.66 48.36
N ARG R 5 62.15 -5.71 48.91
CA ARG R 5 62.65 -6.91 49.55
C ARG R 5 62.26 -6.91 51.01
N PRO R 6 62.32 -8.06 51.71
CA PRO R 6 61.97 -8.04 53.13
C PRO R 6 62.79 -7.10 54.00
N ALA R 7 64.08 -7.33 54.17
CA ALA R 7 64.95 -6.56 55.07
C ALA R 7 66.31 -7.24 55.17
N SER R 8 66.29 -8.52 55.54
CA SER R 8 67.50 -9.33 55.50
C SER R 8 67.98 -9.52 54.08
N LYS R 9 67.07 -9.54 53.11
CA LYS R 9 67.42 -9.66 51.71
C LYS R 9 67.90 -8.35 51.12
N ARG R 10 67.77 -7.25 51.84
CA ARG R 10 68.05 -5.93 51.28
C ARG R 10 69.54 -5.65 51.24
N LYS R 11 70.04 -5.28 50.07
CA LYS R 11 71.41 -4.86 49.78
C LYS R 11 71.56 -3.36 50.03
N PRO R 12 72.68 -2.90 50.59
CA PRO R 12 72.80 -1.48 50.90
C PRO R 12 73.02 -0.65 49.66
N PRO R 13 72.60 0.61 49.66
CA PRO R 13 72.90 1.52 48.54
C PRO R 13 74.36 1.92 48.52
N PRO R 14 74.86 2.47 47.41
CA PRO R 14 76.27 2.90 47.37
C PRO R 14 76.57 4.10 48.24
N ASP R 15 77.82 4.56 48.20
CA ASP R 15 78.26 5.64 49.07
C ASP R 15 77.89 6.99 48.50
N GLY R 16 77.47 7.90 49.38
CA GLY R 16 76.88 9.16 49.00
C GLY R 16 75.37 9.19 49.14
N PHE R 17 74.74 8.02 49.23
CA PHE R 17 73.31 7.95 49.42
C PHE R 17 72.89 8.54 50.75
N SER R 18 73.72 8.37 51.78
CA SER R 18 73.45 9.04 53.06
C SER R 18 73.53 10.56 52.90
N ASP R 19 74.34 11.03 51.97
CA ASP R 19 74.47 12.46 51.73
C ASP R 19 73.28 13.03 50.97
N ILE R 20 72.67 12.26 50.06
CA ILE R 20 71.58 12.78 49.22
C ILE R 20 70.21 12.30 49.65
N GLU R 21 70.12 11.46 50.69
CA GLU R 21 68.87 10.84 51.08
C GLU R 21 67.82 11.85 51.51
N GLU R 22 68.23 12.98 52.09
CA GLU R 22 67.26 13.96 52.56
C GLU R 22 66.54 14.62 51.40
N ASP R 23 67.28 15.01 50.36
CA ASP R 23 66.64 15.60 49.19
C ASP R 23 65.83 14.57 48.43
N LEU R 24 66.31 13.33 48.37
CA LEU R 24 65.52 12.28 47.71
C LEU R 24 64.21 12.03 48.44
N LEU R 25 64.22 12.05 49.78
CA LEU R 25 62.99 11.89 50.53
C LEU R 25 62.09 13.11 50.44
N ILE R 26 62.68 14.30 50.26
CA ILE R 26 61.87 15.49 50.01
C ILE R 26 61.08 15.33 48.72
N PHE R 27 61.74 14.84 47.67
CA PHE R 27 61.06 14.59 46.41
C PHE R 27 60.01 13.49 46.55
N ALA R 28 60.32 12.44 47.32
CA ALA R 28 59.36 11.36 47.50
C ALA R 28 58.11 11.82 48.24
N ASN R 29 58.27 12.64 49.28
CA ASN R 29 57.10 13.12 50.00
C ASN R 29 56.33 14.15 49.19
N LYS R 30 57.03 14.92 48.35
CA LYS R 30 56.36 15.80 47.41
C LYS R 30 55.50 15.00 46.44
N MET R 31 55.99 13.85 46.01
CA MET R 31 55.25 13.00 45.10
C MET R 31 54.02 12.38 45.78
N LYS R 32 54.16 11.98 47.04
CA LYS R 32 53.00 11.49 47.77
C LYS R 32 51.95 12.57 47.99
N ASP R 33 52.39 13.81 48.23
CA ASP R 33 51.43 14.90 48.37
C ASP R 33 50.73 15.19 47.05
N ALA R 34 51.45 15.05 45.93
CA ALA R 34 50.80 15.15 44.63
C ALA R 34 49.78 14.05 44.43
N GLN R 35 50.05 12.86 44.97
CA GLN R 35 49.05 11.80 44.93
C GLN R 35 47.82 12.19 45.73
N ASN R 36 48.01 12.85 46.87
CA ASN R 36 46.90 13.19 47.76
C ASN R 36 46.23 14.53 47.45
N THR R 37 46.64 15.24 46.40
CA THR R 37 46.05 16.53 46.10
C THR R 37 44.57 16.39 45.71
N PRO R 38 43.75 17.40 45.96
CA PRO R 38 42.36 17.36 45.50
C PRO R 38 42.22 17.71 44.03
N THR R 39 41.18 17.15 43.42
CA THR R 39 40.92 17.26 42.00
C THR R 39 39.57 17.85 41.66
N ASP R 40 38.78 18.24 42.67
CA ASP R 40 37.42 18.73 42.42
C ASP R 40 37.41 20.10 41.76
N ASN R 41 38.37 20.94 42.11
CA ASN R 41 38.37 22.33 41.66
C ASN R 41 39.16 22.56 40.39
N ILE R 42 39.77 21.53 39.82
CA ILE R 42 40.58 21.67 38.61
C ILE R 42 40.15 20.61 37.61
N PRO R 43 40.47 20.80 36.33
CA PRO R 43 40.26 19.73 35.35
C PRO R 43 41.13 18.49 35.54
N LYS R 44 40.98 17.54 34.62
CA LYS R 44 41.49 16.18 34.79
C LYS R 44 42.93 16.02 34.34
N HIS R 45 43.27 16.56 33.16
CA HIS R 45 44.67 16.59 32.77
C HIS R 45 45.45 17.50 33.72
N GLN R 46 44.81 18.56 34.19
CA GLN R 46 45.43 19.38 35.23
C GLN R 46 45.63 18.61 36.51
N ALA R 47 44.80 17.61 36.78
CA ALA R 47 45.04 16.76 37.93
C ALA R 47 46.28 15.91 37.75
N GLN R 48 46.60 15.52 36.51
CA GLN R 48 47.81 14.71 36.36
C GLN R 48 49.10 15.53 36.20
N TRP R 49 49.01 16.83 35.94
CA TRP R 49 50.22 17.66 35.76
C TRP R 49 51.28 17.62 36.88
N PRO R 50 50.97 17.66 38.19
CA PRO R 50 52.04 17.72 39.20
C PRO R 50 52.95 16.51 39.25
N ILE R 51 52.46 15.32 38.90
CA ILE R 51 53.32 14.13 38.87
C ILE R 51 54.44 14.31 37.85
N PHE R 52 54.10 14.84 36.67
CA PHE R 52 55.11 15.08 35.65
C PHE R 52 56.07 16.17 36.08
N GLN R 53 55.55 17.19 36.76
CA GLN R 53 56.42 18.26 37.26
C GLN R 53 57.43 17.74 38.28
N ILE R 54 56.96 16.98 39.27
CA ILE R 54 57.85 16.47 40.31
C ILE R 54 58.80 15.42 39.76
N ALA R 55 58.36 14.61 38.80
CA ALA R 55 59.25 13.64 38.17
C ALA R 55 60.38 14.33 37.42
N HIS R 56 60.05 15.40 36.67
CA HIS R 56 61.08 16.21 36.03
C HIS R 56 62.04 16.79 37.06
N GLN R 57 61.53 17.30 38.18
CA GLN R 57 62.40 17.94 39.16
C GLN R 57 63.34 16.94 39.83
N ARG R 58 62.83 15.76 40.17
CA ARG R 58 63.67 14.73 40.78
C ARG R 58 64.75 14.26 39.83
N SER R 59 64.40 14.01 38.56
CA SER R 59 65.39 13.61 37.59
C SER R 59 66.39 14.73 37.32
N ARG R 60 65.96 15.99 37.39
CA ARG R 60 66.90 17.09 37.17
C ARG R 60 67.87 17.22 38.32
N TYR R 61 67.40 16.97 39.55
CA TYR R 61 68.28 16.94 40.70
C TYR R 61 69.38 15.90 40.53
N VAL R 62 68.99 14.68 40.17
CA VAL R 62 69.99 13.62 39.97
C VAL R 62 70.92 13.95 38.81
N TYR R 63 70.36 14.46 37.71
CA TYR R 63 71.13 14.72 36.50
C TYR R 63 72.17 15.81 36.71
N GLU R 64 71.78 16.93 37.32
CA GLU R 64 72.77 17.96 37.54
C GLU R 64 73.64 17.70 38.76
N LEU R 65 73.24 16.80 39.65
CA LEU R 65 74.16 16.39 40.69
C LEU R 65 75.26 15.51 40.14
N TYR R 66 75.00 14.78 39.07
CA TYR R 66 76.08 13.96 38.52
C TYR R 66 76.88 14.71 37.45
N TYR R 67 76.21 15.39 36.53
CA TYR R 67 76.86 15.89 35.34
C TYR R 67 77.40 17.31 35.50
N GLN R 68 76.67 18.19 36.16
CA GLN R 68 77.07 19.59 36.21
C GLN R 68 77.95 19.87 37.42
N LYS R 69 77.42 19.66 38.61
CA LYS R 69 78.16 19.86 39.85
C LYS R 69 78.47 18.48 40.39
N GLN R 70 79.62 17.93 39.98
CA GLN R 70 79.92 16.52 40.21
C GLN R 70 80.04 16.19 41.68
N ALA R 71 79.01 15.56 42.22
CA ALA R 71 78.94 15.31 43.65
C ALA R 71 78.55 13.88 43.98
N ILE R 72 78.30 13.03 43.00
CA ILE R 72 77.99 11.62 43.23
C ILE R 72 78.85 10.78 42.32
N SER R 73 79.18 9.59 42.79
CA SER R 73 79.95 8.66 41.99
C SER R 73 79.09 8.08 40.88
N LYS R 74 79.75 7.56 39.84
CA LYS R 74 79.04 6.95 38.73
C LYS R 74 78.29 5.70 39.16
N GLN R 75 78.85 4.96 40.14
CA GLN R 75 78.14 3.83 40.72
C GLN R 75 76.82 4.27 41.36
N LEU R 76 76.85 5.36 42.12
CA LEU R 76 75.63 5.85 42.75
C LEU R 76 74.65 6.38 41.73
N TYR R 77 75.14 7.05 40.69
CA TYR R 77 74.25 7.58 39.66
C TYR R 77 73.56 6.47 38.90
N ASP R 78 74.31 5.43 38.53
CA ASP R 78 73.72 4.28 37.87
C ASP R 78 72.75 3.56 38.77
N TRP R 79 73.03 3.51 40.07
CA TRP R 79 72.11 2.89 41.01
C TRP R 79 70.82 3.70 41.13
N LEU R 80 70.90 5.03 41.14
CA LEU R 80 69.70 5.85 41.21
C LEU R 80 68.84 5.67 39.96
N LEU R 81 69.48 5.66 38.79
CA LEU R 81 68.72 5.44 37.56
C LEU R 81 68.11 4.04 37.52
N LYS R 82 68.79 3.06 38.10
CA LYS R 82 68.21 1.72 38.08
C LYS R 82 67.10 1.55 39.10
N ASN R 83 67.20 2.20 40.24
CA ASN R 83 66.25 2.00 41.32
C ASN R 83 65.13 3.01 41.32
N GLY R 84 65.07 3.90 40.33
CA GLY R 84 63.87 4.65 40.09
C GLY R 84 63.81 6.02 40.71
N TYR R 85 64.93 6.53 41.17
CA TYR R 85 64.98 7.91 41.64
C TYR R 85 65.06 8.91 40.50
N ALA R 86 65.38 8.47 39.29
CA ALA R 86 65.41 9.40 38.17
C ALA R 86 65.05 8.66 36.90
N ASP R 87 64.57 9.42 35.92
CA ASP R 87 64.12 8.91 34.63
C ASP R 87 65.29 8.92 33.67
N ALA R 88 65.78 7.73 33.32
CA ALA R 88 66.94 7.60 32.45
C ALA R 88 66.65 8.10 31.04
N MET R 89 65.42 7.93 30.55
CA MET R 89 65.10 8.37 29.20
C MET R 89 64.94 9.89 29.12
N LEU R 90 64.37 10.51 30.16
CA LEU R 90 64.32 11.95 30.23
C LEU R 90 65.72 12.54 30.34
N ILE R 91 66.59 11.90 31.11
CA ILE R 91 67.96 12.35 31.22
C ILE R 91 68.70 12.19 29.89
N ALA R 92 68.42 11.12 29.16
CA ALA R 92 68.99 10.92 27.84
C ALA R 92 68.59 12.04 26.88
N LYS R 93 67.31 12.43 26.92
CA LYS R 93 66.90 13.56 26.10
C LYS R 93 67.55 14.86 26.56
N TRP R 94 67.75 15.03 27.87
CA TRP R 94 68.45 16.23 28.34
C TRP R 94 69.89 16.28 27.86
N LYS R 95 70.50 15.11 27.67
CA LYS R 95 71.83 15.06 27.08
C LYS R 95 71.79 15.40 25.60
N LYS R 96 70.72 15.05 24.89
CA LYS R 96 70.61 15.43 23.48
C LYS R 96 70.57 16.95 23.32
N GLN R 97 70.91 17.41 22.13
CA GLN R 97 71.02 18.83 21.84
C GLN R 97 69.75 19.35 21.18
N GLY R 98 69.22 20.43 21.73
CA GLY R 98 67.89 20.88 21.37
C GLY R 98 66.80 20.32 22.26
N TYR R 99 67.17 19.50 23.24
CA TYR R 99 66.24 18.94 24.20
C TYR R 99 66.76 19.11 25.62
N GLU R 100 67.53 20.15 25.82
CA GLU R 100 68.21 20.32 27.13
C GLU R 100 67.21 20.64 28.23
N LYS R 101 65.98 21.01 27.91
CA LYS R 101 65.06 21.43 28.97
C LYS R 101 63.71 20.73 28.80
N LEU R 102 63.65 19.58 28.13
CA LEU R 102 62.37 18.90 27.83
C LEU R 102 61.60 18.62 29.11
N CYS R 103 60.30 18.85 29.10
CA CYS R 103 59.44 18.62 30.26
C CYS R 103 59.15 17.13 30.40
N CYS R 104 58.84 16.48 29.30
CA CYS R 104 58.46 15.05 29.36
C CYS R 104 58.52 14.40 27.99
N LEU R 105 58.72 13.11 27.92
CA LEU R 105 58.84 12.28 26.74
C LEU R 105 57.54 12.20 25.98
N ARG R 106 56.44 12.44 26.67
CA ARG R 106 55.12 12.39 26.00
C ARG R 106 54.95 13.64 25.16
N CYS R 107 55.77 14.64 25.42
CA CYS R 107 55.62 15.93 24.71
C CYS R 107 56.46 15.94 23.45
N ILE R 108 57.38 14.99 23.31
CA ILE R 108 58.11 14.86 22.03
C ILE R 108 57.58 13.59 21.37
N GLN R 109 56.68 12.85 22.01
CA GLN R 109 56.16 11.69 21.28
C GLN R 109 55.27 12.13 20.12
N THR R 110 55.80 12.05 18.89
CA THR R 110 55.10 12.51 17.71
C THR R 110 54.18 11.48 17.09
N LYS R 111 54.30 10.21 17.46
CA LYS R 111 53.35 9.26 16.90
C LYS R 111 51.98 9.37 17.54
N GLU R 112 51.85 10.11 18.63
CA GLU R 112 50.63 10.16 19.42
C GLU R 112 49.88 11.47 19.29
N THR R 113 50.21 12.31 18.34
CA THR R 113 49.47 13.53 18.09
C THR R 113 48.71 13.41 16.78
N ASN R 114 47.76 14.32 16.58
CA ASN R 114 46.82 14.23 15.46
C ASN R 114 47.53 14.37 14.13
N PHE R 115 48.51 15.27 14.03
CA PHE R 115 49.16 15.56 12.78
C PHE R 115 50.65 15.26 12.84
N ASN R 116 51.00 14.33 13.73
CA ASN R 116 52.40 13.88 13.90
C ASN R 116 53.25 15.09 14.24
N SER R 117 52.79 15.87 15.19
CA SER R 117 53.54 17.06 15.64
C SER R 117 54.03 16.87 17.05
N THR R 118 54.95 17.69 17.53
CA THR R 118 55.32 17.65 18.95
C THR R 118 54.31 18.56 19.63
N CYS R 119 54.45 18.83 20.92
CA CYS R 119 53.42 19.75 21.44
C CYS R 119 53.84 21.18 21.24
N ILE R 120 52.93 22.11 21.50
CA ILE R 120 53.22 23.54 21.27
C ILE R 120 54.23 24.00 22.30
N CYS R 121 54.49 23.24 23.35
CA CYS R 121 55.39 23.73 24.41
C CYS R 121 56.84 23.61 23.95
N ARG R 122 57.08 22.88 22.88
CA ARG R 122 58.44 22.70 22.36
C ARG R 122 58.76 23.79 21.35
N VAL R 123 57.79 24.65 21.03
CA VAL R 123 58.00 25.70 19.99
C VAL R 123 58.65 26.90 20.64
N PRO R 124 59.75 27.44 20.07
CA PRO R 124 60.36 28.65 20.61
C PRO R 124 59.33 29.76 20.75
N ARG R 125 59.14 30.30 21.96
CA ARG R 125 58.17 31.36 22.21
C ARG R 125 58.41 32.60 21.36
N ALA R 126 59.52 32.67 20.64
CA ALA R 126 59.72 33.77 19.72
C ALA R 126 58.80 33.70 18.52
N GLN R 127 58.25 32.52 18.22
CA GLN R 127 57.39 32.33 17.07
C GLN R 127 55.92 32.25 17.43
N LEU R 128 55.57 32.58 18.65
CA LEU R 128 54.18 32.53 19.09
C LEU R 128 53.68 33.94 19.38
N LYS R 129 52.36 34.05 19.55
CA LYS R 129 51.75 35.34 19.81
C LYS R 129 52.21 35.88 21.17
N GLU R 130 52.24 37.20 21.28
CA GLU R 130 52.56 37.81 22.55
C GLU R 130 51.39 37.66 23.50
N ASP R 131 51.69 37.39 24.77
CA ASP R 131 50.72 37.11 25.83
C ASP R 131 49.83 35.91 25.47
N GLN R 132 50.36 34.98 24.68
CA GLN R 132 49.70 33.72 24.38
C GLN R 132 50.20 32.71 25.39
N ASP R 133 49.47 32.56 26.48
CA ASP R 133 49.90 31.72 27.58
C ASP R 133 49.59 30.26 27.26
N ILE R 134 50.61 29.51 26.89
CA ILE R 134 50.51 28.08 26.66
C ILE R 134 50.72 27.35 27.97
N GLN R 135 49.89 26.33 28.23
CA GLN R 135 50.09 25.38 29.35
C GLN R 135 49.65 24.07 28.75
N CYS R 136 50.57 23.26 28.20
CA CYS R 136 50.18 22.06 27.40
C CYS R 136 49.34 21.03 28.15
N VAL R 137 48.45 20.35 27.44
CA VAL R 137 47.51 19.39 28.08
C VAL R 137 48.27 18.23 28.70
N ASN R 138 49.46 17.90 28.20
CA ASN R 138 50.16 16.71 28.67
C ASN R 138 50.73 16.91 30.07
N CYS R 139 51.42 18.02 30.30
CA CYS R 139 52.05 18.25 31.59
C CYS R 139 51.92 19.65 32.12
N GLY R 140 51.40 20.57 31.33
CA GLY R 140 51.21 21.95 31.82
C GLY R 140 52.44 22.78 31.64
N CYS R 141 53.30 22.41 30.70
CA CYS R 141 54.59 23.11 30.52
C CYS R 141 54.32 24.42 29.79
N ARG R 142 55.00 25.47 30.21
CA ARG R 142 54.71 26.79 29.64
C ARG R 142 55.75 27.14 28.58
N GLY R 143 56.71 26.26 28.31
CA GLY R 143 57.80 26.53 27.36
C GLY R 143 59.00 25.70 27.68
N CYS R 144 59.36 24.78 26.81
CA CYS R 144 60.47 23.84 27.07
C CYS R 144 61.63 24.10 26.14
N ALA R 145 61.39 24.75 25.02
CA ALA R 145 62.45 24.92 24.02
C ALA R 145 63.74 25.37 24.69
N SER R 146 64.86 24.91 24.18
CA SER R 146 66.13 25.22 24.86
C SER R 146 66.41 26.73 24.77
N THR R 147 65.97 27.39 23.70
CA THR R 147 66.12 28.86 23.58
C THR R 147 65.31 29.54 24.68
N ASP R 148 64.13 29.05 24.98
CA ASP R 148 63.26 29.55 26.04
C ASP R 148 63.85 29.31 27.43
N MET S 1 20.30 39.97 -54.08
CA MET S 1 21.15 38.80 -54.28
C MET S 1 21.02 37.81 -53.14
N ALA S 2 20.11 36.85 -53.30
CA ALA S 2 19.86 35.82 -52.30
C ALA S 2 20.04 34.46 -52.95
N THR S 3 20.60 33.52 -52.18
CA THR S 3 20.81 32.16 -52.68
C THR S 3 20.19 31.16 -51.71
N ASP S 4 19.47 30.17 -52.24
CA ASP S 4 18.89 29.17 -51.37
C ASP S 4 19.90 28.07 -51.09
N VAL S 5 19.96 27.62 -49.84
CA VAL S 5 20.73 26.46 -49.45
C VAL S 5 19.81 25.54 -48.67
N ALA S 6 19.67 24.32 -49.12
CA ALA S 6 18.77 23.36 -48.49
C ALA S 6 19.57 22.45 -47.58
N LEU S 7 19.23 22.46 -46.29
CA LEU S 7 19.77 21.53 -45.31
C LEU S 7 18.66 20.53 -44.99
N GLU S 8 18.77 19.33 -45.56
CA GLU S 8 17.89 18.23 -45.16
C GLU S 8 18.49 17.61 -43.91
N THR S 9 17.80 17.80 -42.79
CA THR S 9 18.18 17.29 -41.48
C THR S 9 17.27 16.12 -41.12
N THR S 10 17.47 15.62 -39.90
CA THR S 10 16.67 14.52 -39.38
C THR S 10 15.35 14.99 -38.78
N MET S 11 15.09 16.29 -38.76
CA MET S 11 13.87 16.83 -38.18
C MET S 11 13.08 17.67 -39.18
N GLY S 12 13.46 17.66 -40.45
CA GLY S 12 12.82 18.45 -41.48
C GLY S 12 13.85 19.09 -42.36
N THR S 13 13.39 19.97 -43.26
CA THR S 13 14.23 20.61 -44.24
C THR S 13 14.28 22.11 -43.97
N ILE S 14 15.48 22.65 -43.83
CA ILE S 14 15.71 24.07 -43.67
C ILE S 14 16.08 24.63 -45.03
N ILE S 15 15.43 25.72 -45.44
CA ILE S 15 15.84 26.48 -46.61
C ILE S 15 16.46 27.77 -46.12
N LEU S 16 17.68 28.05 -46.54
CA LEU S 16 18.45 29.18 -46.06
C LEU S 16 18.59 30.21 -47.18
N GLU S 17 18.28 31.45 -46.85
CA GLU S 17 18.40 32.58 -47.77
C GLU S 17 19.70 33.29 -47.46
N LEU S 18 20.67 33.19 -48.36
CA LEU S 18 22.01 33.73 -48.17
C LEU S 18 22.12 35.10 -48.83
N TYR S 19 22.70 36.05 -48.10
CA TYR S 19 22.76 37.47 -48.44
C TYR S 19 24.07 37.78 -49.14
N ASN S 20 24.10 37.65 -50.47
CA ASN S 20 25.35 37.85 -51.20
C ASN S 20 25.75 39.32 -51.25
N GLN S 21 24.79 40.23 -51.10
CA GLN S 21 25.09 41.65 -51.18
C GLN S 21 25.81 42.15 -49.92
N HIS S 22 25.59 41.49 -48.79
CA HIS S 22 26.06 42.00 -47.50
C HIS S 22 27.33 41.31 -47.01
N ALA S 23 27.39 39.99 -47.06
CA ALA S 23 28.53 39.22 -46.58
C ALA S 23 28.95 38.21 -47.64
N PRO S 24 29.58 38.69 -48.72
CA PRO S 24 29.75 37.82 -49.91
C PRO S 24 30.75 36.69 -49.72
N ARG S 25 31.89 36.96 -49.08
CA ARG S 25 32.90 35.92 -48.90
C ARG S 25 32.38 34.80 -48.01
N THR S 26 31.73 35.15 -46.90
CA THR S 26 31.15 34.15 -46.01
C THR S 26 30.03 33.39 -46.70
N CYS S 27 29.19 34.08 -47.47
CA CYS S 27 28.11 33.41 -48.18
C CYS S 27 28.64 32.42 -49.20
N GLU S 28 29.62 32.82 -50.01
CA GLU S 28 30.16 31.88 -50.99
C GLU S 28 30.98 30.78 -50.34
N ASN S 29 31.55 31.02 -49.15
CA ASN S 29 32.14 29.94 -48.36
C ASN S 29 31.08 28.91 -48.00
N PHE S 30 29.91 29.38 -47.58
CA PHE S 30 28.81 28.45 -47.26
C PHE S 30 28.35 27.69 -48.50
N LYS S 31 28.24 28.38 -49.65
CA LYS S 31 27.85 27.72 -50.89
C LYS S 31 28.83 26.63 -51.28
N THR S 32 30.13 26.94 -51.24
CA THR S 32 31.13 25.98 -51.66
C THR S 32 31.19 24.78 -50.71
N LEU S 33 31.08 25.02 -49.40
CA LEU S 33 31.09 23.89 -48.47
C LEU S 33 29.88 22.99 -48.66
N ALA S 34 28.70 23.59 -48.83
CA ALA S 34 27.49 22.80 -49.07
C ALA S 34 27.57 22.05 -50.40
N ALA S 35 28.12 22.69 -51.43
CA ALA S 35 28.19 22.07 -52.76
C ALA S 35 29.20 20.94 -52.79
N ARG S 36 30.35 21.11 -52.12
CA ARG S 36 31.29 20.01 -51.99
C ARG S 36 30.72 18.88 -51.15
N GLY S 37 29.83 19.19 -50.22
CA GLY S 37 29.28 18.19 -49.35
C GLY S 37 29.96 18.10 -48.01
N TYR S 38 30.58 19.18 -47.56
CA TYR S 38 31.31 19.22 -46.30
C TYR S 38 30.37 19.13 -45.10
N TYR S 39 29.08 19.33 -45.31
CA TYR S 39 28.07 19.31 -44.28
C TYR S 39 27.24 18.03 -44.27
N ASP S 40 27.52 17.08 -45.16
CA ASP S 40 26.72 15.87 -45.25
C ASP S 40 26.92 15.00 -44.02
N GLY S 41 25.82 14.66 -43.35
CA GLY S 41 25.88 13.86 -42.15
C GLY S 41 26.61 14.54 -41.01
N THR S 42 26.41 15.83 -40.84
CA THR S 42 27.14 16.60 -39.84
C THR S 42 26.19 17.14 -38.80
N ILE S 43 26.54 17.00 -37.55
CA ILE S 43 25.56 17.14 -36.48
C ILE S 43 25.53 18.58 -35.99
N PHE S 44 24.46 18.91 -35.28
CA PHE S 44 24.31 20.19 -34.60
C PHE S 44 24.80 19.99 -33.17
N HIS S 45 26.06 20.32 -32.92
CA HIS S 45 26.72 19.92 -31.68
C HIS S 45 26.30 20.77 -30.48
N ARG S 46 25.70 21.93 -30.69
CA ARG S 46 25.22 22.74 -29.58
C ARG S 46 23.81 23.22 -29.87
N VAL S 47 22.90 22.97 -28.92
CA VAL S 47 21.58 23.60 -28.92
C VAL S 47 21.33 24.16 -27.54
N ILE S 48 21.14 25.47 -27.44
CA ILE S 48 20.76 26.13 -26.21
C ILE S 48 19.41 26.76 -26.44
N LYS S 49 18.42 26.38 -25.62
CA LYS S 49 17.06 26.84 -25.84
C LYS S 49 16.96 28.35 -25.59
N ASP S 50 16.17 29.01 -26.42
CA ASP S 50 15.97 30.45 -26.46
C ASP S 50 17.25 31.22 -26.78
N PHE S 51 18.29 30.55 -27.26
CA PHE S 51 19.51 31.24 -27.68
C PHE S 51 19.94 30.92 -29.11
N MET S 52 20.00 29.63 -29.48
CA MET S 52 20.99 29.22 -30.46
C MET S 52 20.80 27.78 -30.91
N VAL S 53 21.10 27.53 -32.19
CA VAL S 53 21.46 26.21 -32.70
C VAL S 53 22.74 26.39 -33.52
N GLN S 54 23.80 25.64 -33.17
CA GLN S 54 25.09 25.74 -33.84
C GLN S 54 25.43 24.39 -34.48
N GLY S 55 25.95 24.45 -35.70
CA GLY S 55 26.37 23.24 -36.37
C GLY S 55 27.48 23.49 -37.37
N GLY S 56 27.67 22.57 -38.30
CA GLY S 56 28.69 22.69 -39.31
C GLY S 56 30.02 22.08 -38.97
N ASP S 57 30.20 21.62 -37.73
CA ASP S 57 31.46 21.02 -37.33
C ASP S 57 31.52 19.58 -37.83
N PRO S 58 32.53 19.21 -38.63
CA PRO S 58 32.63 17.82 -39.08
C PRO S 58 33.15 16.88 -38.01
N THR S 59 33.86 17.40 -37.01
CA THR S 59 34.33 16.58 -35.91
C THR S 59 33.30 16.44 -34.79
N GLY S 60 32.29 17.31 -34.76
CA GLY S 60 31.23 17.21 -33.78
C GLY S 60 31.60 17.67 -32.40
N THR S 61 32.74 18.35 -32.24
CA THR S 61 33.23 18.73 -30.91
C THR S 61 33.14 20.21 -30.62
N GLY S 62 33.21 21.06 -31.65
CA GLY S 62 33.19 22.48 -31.44
C GLY S 62 34.54 23.17 -31.53
N ARG S 63 35.62 22.43 -31.75
CA ARG S 63 36.92 23.04 -32.05
C ARG S 63 37.33 22.92 -33.50
N GLY S 64 36.70 22.05 -34.28
CA GLY S 64 37.06 21.87 -35.68
C GLY S 64 36.46 22.93 -36.58
N GLY S 65 36.31 22.58 -37.85
CA GLY S 65 35.79 23.51 -38.82
C GLY S 65 36.86 24.07 -39.73
N ARG S 66 36.82 23.70 -41.01
CA ARG S 66 37.87 24.06 -41.96
C ARG S 66 37.21 24.79 -43.13
N SER S 67 37.51 26.08 -43.28
CA SER S 67 36.90 26.90 -44.30
C SER S 67 37.58 26.65 -45.66
N ILE S 68 37.21 27.46 -46.66
CA ILE S 68 37.77 27.30 -48.00
C ILE S 68 38.89 28.28 -48.31
N TYR S 69 39.12 29.27 -47.44
CA TYR S 69 40.22 30.22 -47.61
C TYR S 69 41.42 29.86 -46.75
N GLY S 70 41.68 28.56 -46.59
CA GLY S 70 42.77 28.13 -45.75
C GLY S 70 42.25 27.59 -44.44
N ASP S 71 42.42 28.36 -43.36
CA ASP S 71 41.89 27.98 -42.06
C ASP S 71 40.80 28.94 -41.59
N THR S 72 41.10 30.24 -41.52
CA THR S 72 40.14 31.23 -41.07
C THR S 72 40.14 32.41 -42.02
N PHE S 73 39.17 33.30 -41.83
CA PHE S 73 39.09 34.54 -42.59
C PHE S 73 38.47 35.61 -41.71
N GLU S 74 38.32 36.81 -42.27
CA GLU S 74 38.01 37.99 -41.48
C GLU S 74 36.51 38.14 -41.25
N ASP S 75 36.18 38.96 -40.25
CA ASP S 75 34.80 39.26 -39.91
C ASP S 75 34.26 40.34 -40.84
N GLU S 76 33.01 40.16 -41.27
CA GLU S 76 32.32 41.15 -42.11
C GLU S 76 31.14 41.69 -41.31
N ILE S 77 31.40 42.70 -40.49
CA ILE S 77 30.36 43.31 -39.66
C ILE S 77 29.78 44.47 -40.47
N HIS S 78 28.84 44.14 -41.34
CA HIS S 78 28.12 45.18 -42.04
C HIS S 78 27.12 45.82 -41.07
N PRO S 79 27.17 47.15 -40.88
CA PRO S 79 26.42 47.77 -39.78
C PRO S 79 24.92 47.88 -40.00
N GLY S 80 24.36 47.25 -41.03
CA GLY S 80 22.93 47.25 -41.23
C GLY S 80 22.29 45.95 -40.81
N LEU S 81 23.11 44.93 -40.56
CA LEU S 81 22.62 43.61 -40.17
C LEU S 81 22.86 43.40 -38.68
N ARG S 82 21.78 43.04 -37.97
CA ARG S 82 21.82 42.78 -36.54
C ARG S 82 21.17 41.42 -36.27
N HIS S 83 21.36 40.93 -35.05
CA HIS S 83 20.78 39.64 -34.64
C HIS S 83 19.38 39.89 -34.09
N THR S 84 18.48 40.25 -35.01
CA THR S 84 17.22 40.85 -34.60
C THR S 84 16.17 39.85 -34.16
N GLY S 85 16.34 38.57 -34.44
CA GLY S 85 15.28 37.65 -34.10
C GLY S 85 15.68 36.21 -34.34
N ALA S 86 14.67 35.34 -34.25
CA ALA S 86 14.88 33.91 -34.40
C ALA S 86 15.25 33.57 -35.83
N GLY S 87 15.94 32.45 -35.99
CA GLY S 87 16.29 31.94 -37.30
C GLY S 87 17.23 32.81 -38.10
N ILE S 88 18.27 33.35 -37.47
CA ILE S 88 19.20 34.22 -38.20
C ILE S 88 20.56 33.53 -38.28
N LEU S 89 21.07 33.34 -39.48
CA LEU S 89 22.30 32.61 -39.73
C LEU S 89 23.51 33.51 -39.54
N SER S 90 24.48 33.07 -38.75
CA SER S 90 25.74 33.78 -38.55
C SER S 90 26.87 32.77 -38.47
N MET S 91 28.10 33.28 -38.46
CA MET S 91 29.28 32.44 -38.43
C MET S 91 29.79 32.36 -37.00
N ALA S 92 29.91 31.15 -36.47
CA ALA S 92 30.44 30.97 -35.13
C ALA S 92 31.95 31.13 -35.17
N ASN S 93 32.50 31.86 -34.20
CA ASN S 93 33.92 32.17 -34.20
C ASN S 93 34.48 32.05 -32.79
N ALA S 94 35.76 31.68 -32.71
CA ALA S 94 36.45 31.68 -31.42
C ALA S 94 36.69 33.11 -30.95
N GLY S 95 37.09 33.99 -31.86
CA GLY S 95 37.27 35.39 -31.54
C GLY S 95 37.03 36.23 -32.77
N PRO S 96 37.52 37.47 -32.76
CA PRO S 96 37.41 38.31 -33.97
C PRO S 96 38.29 37.78 -35.09
N ASN S 97 37.75 37.85 -36.31
CA ASN S 97 38.43 37.46 -37.55
C ASN S 97 38.91 36.00 -37.51
N THR S 98 38.07 35.12 -36.96
CA THR S 98 38.38 33.70 -36.83
C THR S 98 37.25 32.84 -37.38
N ASN S 99 36.60 33.31 -38.44
CA ASN S 99 35.48 32.55 -39.01
C ASN S 99 35.99 31.31 -39.74
N GLY S 100 35.42 30.17 -39.41
CA GLY S 100 35.82 28.92 -40.03
C GLY S 100 34.70 28.27 -40.81
N SER S 101 34.17 27.17 -40.28
CA SER S 101 33.09 26.45 -40.95
C SER S 101 31.82 26.33 -40.14
N GLN S 102 31.88 26.50 -38.82
CA GLN S 102 30.71 26.28 -37.98
C GLN S 102 29.78 27.48 -38.07
N PHE S 103 28.49 27.21 -38.27
CA PHE S 103 27.49 28.25 -38.36
C PHE S 103 26.65 28.27 -37.08
N PHE S 104 26.67 29.42 -36.44
CA PHE S 104 25.72 29.88 -35.45
C PHE S 104 24.37 30.18 -36.10
N LEU S 105 23.28 29.98 -35.36
CA LEU S 105 22.00 30.39 -35.92
C LEU S 105 21.07 30.73 -34.77
N THR S 106 20.64 32.00 -34.70
CA THR S 106 19.81 32.44 -33.59
C THR S 106 18.44 31.81 -33.67
N LEU S 107 17.98 31.31 -32.51
CA LEU S 107 16.61 30.92 -32.19
C LEU S 107 15.83 32.02 -31.49
N ALA S 108 16.44 33.16 -31.22
CA ALA S 108 15.80 34.25 -30.49
C ALA S 108 16.56 35.53 -30.79
N PRO S 109 15.94 36.70 -30.56
CA PRO S 109 16.70 37.95 -30.72
C PRO S 109 17.85 38.03 -29.73
N THR S 110 19.06 38.11 -30.25
CA THR S 110 20.28 38.12 -29.44
C THR S 110 21.13 39.34 -29.81
N PRO S 111 20.69 40.55 -29.47
CA PRO S 111 21.42 41.75 -29.90
C PRO S 111 22.57 42.16 -29.00
N TRP S 112 23.38 41.20 -28.57
CA TRP S 112 24.65 41.48 -27.89
C TRP S 112 25.82 40.90 -28.65
N LEU S 113 25.55 40.25 -29.78
CA LEU S 113 26.57 39.71 -30.67
C LEU S 113 26.82 40.60 -31.88
N ASP S 114 26.19 41.77 -31.94
CA ASP S 114 26.51 42.73 -32.97
C ASP S 114 27.91 43.29 -32.75
N GLY S 115 28.67 43.40 -33.84
CA GLY S 115 30.05 43.79 -33.76
C GLY S 115 31.03 42.66 -33.61
N LYS S 116 30.55 41.43 -33.42
CA LYS S 116 31.44 40.29 -33.26
C LYS S 116 30.97 39.04 -33.97
N HIS S 117 29.81 39.05 -34.64
CA HIS S 117 29.38 37.93 -35.44
C HIS S 117 28.85 38.45 -36.78
N THR S 118 29.01 37.63 -37.81
CA THR S 118 28.77 38.05 -39.19
C THR S 118 27.47 37.43 -39.66
N ILE S 119 26.40 38.22 -39.71
CA ILE S 119 25.13 37.74 -40.25
C ILE S 119 25.28 37.59 -41.76
N PHE S 120 24.93 36.42 -42.28
CA PHE S 120 25.04 36.21 -43.71
C PHE S 120 23.86 35.43 -44.27
N GLY S 121 22.71 35.51 -43.60
CA GLY S 121 21.52 34.88 -44.16
C GLY S 121 20.42 34.80 -43.13
N ARG S 122 19.42 33.99 -43.48
CA ARG S 122 18.30 33.69 -42.61
C ARG S 122 17.68 32.40 -43.10
N VAL S 123 16.58 31.98 -42.47
CA VAL S 123 15.76 30.88 -42.98
C VAL S 123 14.61 31.47 -43.77
N LYS S 124 14.40 30.94 -44.97
CA LYS S 124 13.25 31.28 -45.79
C LYS S 124 12.12 30.27 -45.65
N LYS S 125 12.44 29.00 -45.37
CA LYS S 125 11.46 27.98 -45.01
C LYS S 125 12.07 27.07 -43.94
N GLY S 126 11.21 26.46 -43.14
CA GLY S 126 11.64 25.52 -42.11
C GLY S 126 11.76 26.08 -40.70
N ILE S 127 11.08 27.18 -40.39
CA ILE S 127 11.25 27.81 -39.09
C ILE S 127 10.71 26.93 -37.96
N ARG S 128 9.69 26.10 -38.25
CA ARG S 128 9.22 25.16 -37.23
C ARG S 128 10.18 24.00 -37.03
N VAL S 129 10.86 23.58 -38.10
CA VAL S 129 11.94 22.60 -37.97
C VAL S 129 13.02 23.15 -37.04
N LEU S 130 13.38 24.42 -37.22
CA LEU S 130 14.34 25.06 -36.33
C LEU S 130 13.81 25.15 -34.90
N GLN S 131 12.53 25.47 -34.73
CA GLN S 131 11.95 25.55 -33.39
C GLN S 131 12.03 24.22 -32.65
N ARG S 132 11.70 23.13 -33.32
CA ARG S 132 11.75 21.83 -32.66
C ARG S 132 13.20 21.39 -32.43
N MET S 133 14.12 21.74 -33.33
CA MET S 133 15.54 21.55 -33.07
C MET S 133 15.97 22.31 -31.82
N GLY S 134 15.36 23.46 -31.56
CA GLY S 134 15.59 24.13 -30.28
C GLY S 134 14.95 23.44 -29.11
N LEU S 135 13.90 22.66 -29.34
CA LEU S 135 13.18 21.98 -28.27
C LEU S 135 13.69 20.57 -27.96
N VAL S 136 14.74 20.10 -28.63
CA VAL S 136 15.33 18.81 -28.26
C VAL S 136 15.98 18.83 -26.89
N PRO S 137 16.09 17.70 -26.20
CA PRO S 137 16.81 17.67 -24.91
C PRO S 137 18.32 17.53 -25.06
N THR S 138 19.03 18.13 -24.10
CA THR S 138 20.49 18.21 -24.15
C THR S 138 21.14 17.73 -22.86
N ASP S 139 22.44 17.94 -22.72
CA ASP S 139 23.18 17.62 -21.50
C ASP S 139 23.75 18.92 -20.90
N ALA S 140 24.62 18.74 -19.91
CA ALA S 140 25.21 19.89 -19.21
C ALA S 140 26.06 20.75 -20.12
N ASP S 141 26.74 20.16 -21.10
CA ASP S 141 27.54 20.90 -22.07
C ASP S 141 26.77 21.21 -23.34
N ASP S 142 25.43 21.29 -23.24
CA ASP S 142 24.51 21.73 -24.28
C ASP S 142 24.48 20.83 -25.51
N ARG S 143 25.17 19.71 -25.47
CA ARG S 143 25.10 18.81 -26.62
C ARG S 143 23.79 18.05 -26.60
N PRO S 144 23.12 17.91 -27.74
CA PRO S 144 21.84 17.17 -27.77
C PRO S 144 22.05 15.69 -27.49
N LYS S 145 21.36 15.19 -26.46
CA LYS S 145 21.32 13.75 -26.22
C LYS S 145 20.66 13.05 -27.38
N THR S 146 19.58 13.61 -27.90
CA THR S 146 18.90 13.10 -29.07
C THR S 146 19.53 13.71 -30.31
N GLU S 147 19.97 12.86 -31.23
CA GLU S 147 21.00 13.24 -32.17
C GLU S 147 20.40 13.97 -33.37
N ILE S 148 20.94 15.14 -33.70
CA ILE S 148 20.47 15.95 -34.83
C ILE S 148 21.61 16.09 -35.81
N LYS S 149 21.40 15.66 -37.05
CA LYS S 149 22.41 15.84 -38.08
C LYS S 149 21.80 16.35 -39.36
N ILE S 150 22.53 17.25 -40.02
CA ILE S 150 22.27 17.61 -41.41
C ILE S 150 22.59 16.37 -42.24
N ILE S 151 21.53 15.76 -42.79
CA ILE S 151 21.72 14.58 -43.64
C ILE S 151 22.39 14.98 -44.95
N ARG S 152 21.89 16.04 -45.60
CA ARG S 152 22.56 16.52 -46.80
C ARG S 152 22.30 18.00 -46.99
N ALA S 153 23.35 18.74 -47.33
CA ALA S 153 23.23 20.16 -47.63
C ALA S 153 23.60 20.38 -49.08
N TYR S 154 22.75 21.13 -49.80
CA TYR S 154 23.01 21.46 -51.19
C TYR S 154 22.51 22.87 -51.47
N VAL S 155 22.63 23.29 -52.73
CA VAL S 155 22.37 24.68 -53.10
C VAL S 155 21.26 24.71 -54.15
N VAL S 156 20.40 25.73 -54.05
CA VAL S 156 19.33 26.01 -55.00
C VAL S 156 19.46 27.46 -55.44
N GLY S 157 19.37 27.68 -56.75
CA GLY S 157 19.44 29.02 -57.31
C GLY S 157 18.65 29.16 -58.59
N PRO T 169 12.33 -16.50 -41.64
CA PRO T 169 13.37 -17.44 -41.24
C PRO T 169 12.91 -18.90 -41.28
N ARG T 170 13.44 -19.68 -42.22
CA ARG T 170 13.07 -21.07 -42.35
C ARG T 170 13.73 -21.92 -41.25
N PRO T 171 12.97 -22.80 -40.60
CA PRO T 171 13.56 -23.65 -39.57
C PRO T 171 14.56 -24.64 -40.12
N ASP T 172 15.57 -24.92 -39.30
CA ASP T 172 16.43 -26.06 -39.56
C ASP T 172 15.71 -27.33 -39.12
N TRP T 173 16.13 -28.45 -39.67
CA TRP T 173 15.52 -29.71 -39.31
C TRP T 173 16.16 -30.27 -38.05
N HIS T 174 15.33 -30.85 -37.19
CA HIS T 174 15.78 -31.53 -35.99
C HIS T 174 14.99 -32.81 -35.88
N PRO T 175 15.60 -33.91 -35.43
CA PRO T 175 14.86 -35.14 -35.25
C PRO T 175 13.95 -35.05 -34.02
N PRO T 176 12.88 -35.82 -33.98
CA PRO T 176 12.06 -35.87 -32.78
C PRO T 176 12.78 -36.58 -31.65
N TRP T 177 12.29 -36.36 -30.45
CA TRP T 177 12.82 -36.98 -29.26
C TRP T 177 11.85 -38.04 -28.78
N LYS T 178 12.38 -39.05 -28.10
CA LYS T 178 11.57 -40.15 -27.63
C LYS T 178 12.10 -40.59 -26.29
N LEU T 179 11.22 -41.19 -25.49
CA LEU T 179 11.56 -41.56 -24.13
C LEU T 179 12.46 -42.79 -24.15
N MET T 180 13.64 -42.64 -23.59
CA MET T 180 14.68 -43.66 -23.56
C MET T 180 14.71 -44.42 -22.24
N ARG T 181 14.53 -43.74 -21.11
CA ARG T 181 14.67 -44.42 -19.83
C ARG T 181 13.86 -43.73 -18.76
N VAL T 182 13.25 -44.52 -17.87
CA VAL T 182 12.55 -44.00 -16.69
C VAL T 182 13.27 -44.50 -15.45
N ILE T 183 13.67 -43.58 -14.58
CA ILE T 183 14.37 -43.88 -13.34
C ILE T 183 13.46 -43.51 -12.18
N SER T 184 13.16 -44.49 -11.34
CA SER T 184 12.39 -44.32 -10.12
C SER T 184 13.30 -44.39 -8.90
N GLY T 185 12.82 -43.87 -7.79
CA GLY T 185 13.61 -43.91 -6.58
C GLY T 185 13.49 -42.74 -5.64
N HIS T 186 13.34 -41.51 -6.14
CA HIS T 186 12.89 -40.45 -5.25
C HIS T 186 11.49 -40.68 -4.71
N LEU T 187 11.31 -40.25 -3.47
CA LEU T 187 10.04 -40.31 -2.77
C LEU T 187 9.32 -38.96 -2.79
N GLY T 188 9.80 -38.02 -3.59
CA GLY T 188 9.15 -36.75 -3.78
C GLY T 188 9.34 -36.28 -5.21
N TRP T 189 8.73 -35.14 -5.53
CA TRP T 189 8.86 -34.53 -6.84
C TRP T 189 10.30 -34.17 -7.14
N VAL T 190 10.76 -34.50 -8.35
CA VAL T 190 12.12 -34.23 -8.73
C VAL T 190 12.18 -32.78 -9.19
N ARG T 191 12.74 -31.92 -8.35
CA ARG T 191 12.64 -30.49 -8.58
C ARG T 191 13.94 -29.85 -9.05
N ALA T 192 15.08 -30.48 -8.85
CA ALA T 192 16.33 -29.91 -9.29
C ALA T 192 17.15 -30.93 -10.04
N LEU T 193 17.91 -30.47 -11.03
CA LEU T 193 18.81 -31.32 -11.80
C LEU T 193 20.09 -30.58 -12.11
N ALA T 194 21.22 -31.25 -11.94
CA ALA T 194 22.50 -30.69 -12.36
C ALA T 194 23.36 -31.79 -12.94
N VAL T 195 24.05 -31.49 -14.03
CA VAL T 195 24.92 -32.46 -14.69
C VAL T 195 26.36 -32.08 -14.36
N GLU T 196 27.19 -33.06 -14.02
CA GLU T 196 28.54 -32.67 -13.67
C GLU T 196 29.35 -32.37 -14.94
N PRO T 197 30.35 -31.48 -14.88
CA PRO T 197 30.92 -30.92 -16.11
C PRO T 197 31.66 -31.90 -17.01
N ASN T 198 31.92 -33.14 -16.58
CA ASN T 198 32.53 -34.14 -17.42
C ASN T 198 31.53 -35.19 -17.90
N ASN T 199 30.24 -34.97 -17.69
CA ASN T 199 29.15 -35.72 -18.29
C ASN T 199 29.09 -37.18 -17.84
N GLN T 200 29.57 -37.49 -16.64
CA GLN T 200 29.51 -38.87 -16.17
C GLN T 200 28.38 -39.11 -15.20
N TRP T 201 28.02 -38.14 -14.38
CA TRP T 201 26.93 -38.30 -13.44
C TRP T 201 26.10 -37.03 -13.39
N PHE T 202 24.90 -37.17 -12.87
CA PHE T 202 24.07 -36.00 -12.58
C PHE T 202 23.44 -36.15 -11.22
N ALA T 203 23.19 -35.02 -10.59
CA ALA T 203 22.50 -34.92 -9.33
C ALA T 203 21.05 -34.53 -9.57
N SER T 204 20.18 -35.12 -8.76
CA SER T 204 18.77 -34.78 -8.73
C SER T 204 18.39 -34.40 -7.31
N GLY T 205 17.54 -33.40 -7.20
CA GLY T 205 17.10 -32.89 -5.92
C GLY T 205 15.60 -32.98 -5.82
N ALA T 206 15.11 -33.49 -4.71
CA ALA T 206 13.71 -33.81 -4.64
C ALA T 206 13.10 -33.50 -3.28
N GLY T 207 11.78 -33.37 -3.32
CA GLY T 207 10.87 -33.17 -2.21
C GLY T 207 10.90 -34.20 -1.09
N ASP T 208 11.59 -35.30 -1.30
CA ASP T 208 11.93 -36.18 -0.20
C ASP T 208 13.20 -35.75 0.51
N ARG T 209 13.62 -34.48 0.33
CA ARG T 209 14.67 -33.81 1.11
C ARG T 209 16.04 -34.20 0.59
N THR T 210 16.10 -34.93 -0.54
CA THR T 210 17.34 -35.64 -0.85
C THR T 210 17.99 -35.17 -2.15
N ILE T 211 19.27 -35.50 -2.25
CA ILE T 211 20.07 -35.32 -3.46
C ILE T 211 20.63 -36.67 -3.86
N LYS T 212 20.30 -37.13 -5.04
CA LYS T 212 20.80 -38.40 -5.52
C LYS T 212 21.79 -38.16 -6.65
N ILE T 213 22.85 -38.97 -6.67
CA ILE T 213 23.85 -38.97 -7.73
C ILE T 213 23.62 -40.21 -8.56
N TRP T 214 23.46 -40.02 -9.87
CA TRP T 214 23.16 -41.07 -10.83
C TRP T 214 24.23 -41.09 -11.89
N ASP T 215 24.73 -42.28 -12.19
CA ASP T 215 25.53 -42.53 -13.38
C ASP T 215 24.68 -42.32 -14.60
N LEU T 216 25.16 -41.49 -15.53
CA LEU T 216 24.38 -41.00 -16.66
C LEU T 216 24.19 -42.07 -17.73
N ALA T 217 25.21 -42.88 -17.98
CA ALA T 217 25.11 -43.87 -19.05
C ALA T 217 24.18 -45.01 -18.65
N SER T 218 24.32 -45.51 -17.44
CA SER T 218 23.45 -46.59 -16.98
C SER T 218 22.22 -46.10 -16.23
N GLY T 219 22.15 -44.81 -15.91
CA GLY T 219 21.04 -44.28 -15.14
C GLY T 219 20.97 -44.82 -13.74
N GLN T 220 22.12 -45.09 -13.14
CA GLN T 220 22.17 -45.97 -11.99
C GLN T 220 22.52 -45.19 -10.72
N LEU T 221 21.93 -45.56 -9.60
CA LEU T 221 22.05 -44.78 -8.37
C LEU T 221 23.39 -45.03 -7.72
N ARG T 222 24.27 -44.04 -7.77
CA ARG T 222 25.53 -44.12 -7.03
C ARG T 222 25.35 -43.73 -5.58
N LEU T 223 24.66 -42.62 -5.30
CA LEU T 223 24.72 -42.15 -3.92
C LEU T 223 23.49 -41.31 -3.56
N THR T 224 23.10 -41.37 -2.28
CA THR T 224 22.07 -40.50 -1.74
C THR T 224 22.69 -39.64 -0.64
N LEU T 225 22.48 -38.33 -0.75
CA LEU T 225 22.98 -37.34 0.18
C LEU T 225 21.78 -36.67 0.84
N THR T 226 21.81 -36.61 2.16
CA THR T 226 20.79 -35.93 2.94
C THR T 226 21.49 -34.78 3.65
N GLY T 227 20.73 -33.75 4.02
CA GLY T 227 21.34 -32.51 4.45
C GLY T 227 20.47 -31.31 4.19
N HIS T 228 19.34 -31.52 3.55
CA HIS T 228 18.28 -30.53 3.55
C HIS T 228 17.13 -31.09 4.35
N ILE T 229 16.39 -30.21 5.00
CA ILE T 229 15.22 -30.66 5.73
C ILE T 229 13.92 -30.32 5.01
N SER T 230 13.99 -29.66 3.87
CA SER T 230 12.85 -29.49 2.97
C SER T 230 13.22 -29.93 1.56
N THR T 231 12.35 -29.63 0.60
CA THR T 231 12.60 -29.93 -0.81
C THR T 231 13.85 -29.24 -1.32
N VAL T 232 14.70 -29.99 -2.01
CA VAL T 232 15.82 -29.43 -2.72
C VAL T 232 15.31 -28.82 -4.02
N ARG T 233 15.53 -27.53 -4.20
CA ARG T 233 15.07 -26.84 -5.38
C ARG T 233 16.19 -26.45 -6.34
N GLY T 234 17.42 -26.40 -5.88
CA GLY T 234 18.47 -25.97 -6.78
C GLY T 234 19.75 -26.74 -6.61
N LEU T 235 20.36 -27.13 -7.72
CA LEU T 235 21.59 -27.91 -7.75
C LEU T 235 22.53 -27.32 -8.79
N ALA T 236 23.81 -27.22 -8.42
CA ALA T 236 24.84 -26.84 -9.39
C ALA T 236 26.10 -27.61 -9.09
N VAL T 237 26.75 -28.16 -10.10
CA VAL T 237 28.06 -28.76 -9.92
C VAL T 237 29.08 -27.81 -10.52
N SER T 238 30.09 -27.45 -9.74
CA SER T 238 31.04 -26.45 -10.19
C SER T 238 31.98 -27.03 -11.24
N PRO T 239 32.27 -26.29 -12.32
CA PRO T 239 33.29 -26.75 -13.26
C PRO T 239 34.71 -26.45 -12.83
N ARG T 240 34.92 -25.57 -11.86
CA ARG T 240 36.26 -25.21 -11.44
C ARG T 240 36.67 -25.78 -10.09
N HIS T 241 35.72 -26.25 -9.31
CA HIS T 241 35.94 -26.72 -7.96
C HIS T 241 35.25 -28.06 -7.78
N PRO T 242 35.73 -28.90 -6.88
CA PRO T 242 35.03 -30.16 -6.56
C PRO T 242 33.86 -29.95 -5.61
N TYR T 243 32.93 -29.10 -6.01
CA TYR T 243 31.83 -28.66 -5.17
C TYR T 243 30.51 -28.86 -5.90
N MET T 244 29.49 -29.17 -5.13
CA MET T 244 28.12 -29.09 -5.62
C MET T 244 27.34 -28.21 -4.67
N PHE T 245 26.52 -27.33 -5.21
CA PHE T 245 25.78 -26.37 -4.40
C PHE T 245 24.30 -26.71 -4.44
N SER T 246 23.69 -26.75 -3.27
CA SER T 246 22.29 -27.12 -3.14
C SER T 246 21.54 -26.02 -2.41
N CYS T 247 20.37 -25.70 -2.90
CA CYS T 247 19.50 -24.73 -2.25
C CYS T 247 18.15 -25.37 -2.04
N GLY T 248 17.51 -24.98 -0.94
CA GLY T 248 16.23 -25.56 -0.64
C GLY T 248 15.29 -24.62 0.10
N GLU T 249 14.05 -25.10 0.15
CA GLU T 249 12.87 -24.51 0.77
C GLU T 249 12.93 -24.45 2.28
N ASP T 250 13.95 -25.05 2.90
CA ASP T 250 14.25 -24.83 4.30
C ASP T 250 15.13 -23.62 4.52
N LYS T 251 15.16 -22.70 3.56
CA LYS T 251 15.94 -21.47 3.48
C LYS T 251 17.43 -21.70 3.34
N MET T 252 17.89 -22.89 3.01
CA MET T 252 19.32 -23.14 3.21
C MET T 252 20.03 -23.31 1.87
N VAL T 253 21.21 -22.71 1.77
CA VAL T 253 22.10 -22.83 0.63
C VAL T 253 23.39 -23.45 1.12
N LYS T 254 23.77 -24.58 0.56
CA LYS T 254 24.89 -25.36 1.07
C LYS T 254 25.89 -25.65 -0.02
N CYS T 255 27.16 -25.51 0.33
CA CYS T 255 28.25 -26.02 -0.49
C CYS T 255 28.61 -27.42 0.00
N TRP T 256 28.60 -28.38 -0.90
CA TRP T 256 29.01 -29.75 -0.64
C TRP T 256 30.39 -29.97 -1.25
N ASP T 257 31.34 -30.37 -0.40
CA ASP T 257 32.63 -30.89 -0.83
C ASP T 257 32.44 -32.30 -1.35
N LEU T 258 32.73 -32.50 -2.65
CA LEU T 258 32.55 -33.80 -3.29
C LEU T 258 33.74 -34.71 -3.09
N GLU T 259 34.85 -34.20 -2.60
CA GLU T 259 35.95 -35.04 -2.16
C GLU T 259 35.72 -35.65 -0.79
N THR T 260 34.72 -35.19 -0.04
CA THR T 260 34.37 -35.78 1.24
C THR T 260 32.91 -36.17 1.35
N ASN T 261 32.10 -35.84 0.34
CA ASN T 261 30.65 -36.00 0.35
C ASN T 261 30.01 -35.29 1.54
N LYS T 262 30.47 -34.10 1.86
CA LYS T 262 29.97 -33.45 3.07
C LYS T 262 29.70 -31.98 2.82
N VAL T 263 28.67 -31.47 3.49
CA VAL T 263 28.42 -30.03 3.55
C VAL T 263 29.56 -29.37 4.29
N ILE T 264 30.10 -28.30 3.72
CA ILE T 264 31.20 -27.57 4.37
C ILE T 264 30.92 -26.08 4.50
N ARG T 265 30.01 -25.50 3.73
CA ARG T 265 29.67 -24.10 3.84
C ARG T 265 28.17 -23.93 3.79
N HIS T 266 27.67 -22.92 4.48
CA HIS T 266 26.31 -22.43 4.34
C HIS T 266 26.34 -21.03 3.78
N TYR T 267 25.30 -20.65 3.06
CA TYR T 267 25.13 -19.30 2.58
C TYR T 267 23.77 -18.90 3.10
N HIS T 268 23.75 -18.44 4.33
CA HIS T 268 22.54 -18.25 5.10
C HIS T 268 22.05 -16.81 5.00
N GLY T 269 20.75 -16.63 4.87
CA GLY T 269 20.20 -15.30 4.74
C GLY T 269 18.93 -15.07 3.96
N HIS T 270 18.52 -15.98 3.09
CA HIS T 270 17.18 -15.92 2.53
C HIS T 270 16.13 -16.07 3.63
N LEU T 271 15.10 -15.23 3.58
CA LEU T 271 14.12 -15.20 4.65
C LEU T 271 13.12 -16.33 4.56
N SER T 272 13.06 -17.00 3.43
CA SER T 272 12.10 -18.05 3.17
C SER T 272 12.73 -19.00 2.17
N GLY T 273 11.92 -19.83 1.53
CA GLY T 273 12.43 -20.90 0.70
C GLY T 273 13.17 -20.42 -0.53
N VAL T 274 14.27 -21.09 -0.83
CA VAL T 274 15.19 -20.71 -1.91
C VAL T 274 14.84 -21.55 -3.11
N TYR T 275 14.49 -20.89 -4.20
CA TYR T 275 13.97 -21.56 -5.37
C TYR T 275 15.01 -21.85 -6.42
N THR T 276 16.05 -21.04 -6.52
CA THR T 276 16.94 -21.17 -7.66
C THR T 276 18.36 -20.81 -7.26
N LEU T 277 19.30 -21.57 -7.79
CA LEU T 277 20.71 -21.38 -7.54
C LEU T 277 21.47 -21.52 -8.85
N LYS T 278 22.35 -20.57 -9.14
CA LYS T 278 23.23 -20.64 -10.28
C LYS T 278 24.63 -20.22 -9.90
N LEU T 279 25.61 -20.82 -10.55
CA LEU T 279 27.00 -20.44 -10.37
C LEU T 279 27.40 -19.46 -11.46
N HIS T 280 28.28 -18.54 -11.13
CA HIS T 280 28.78 -17.63 -12.15
C HIS T 280 29.74 -18.35 -13.07
N PRO T 281 29.69 -18.12 -14.38
CA PRO T 281 30.60 -18.84 -15.29
C PRO T 281 32.07 -18.55 -15.09
N THR T 282 32.45 -17.31 -14.75
CA THR T 282 33.88 -16.98 -14.61
C THR T 282 34.29 -16.54 -13.22
N LEU T 283 33.37 -16.09 -12.37
CA LEU T 283 33.73 -15.63 -11.04
C LEU T 283 33.31 -16.64 -9.99
N ASP T 284 33.97 -16.61 -8.83
CA ASP T 284 33.70 -17.56 -7.74
C ASP T 284 32.53 -17.07 -6.89
N VAL T 285 31.38 -17.06 -7.54
CA VAL T 285 30.20 -16.33 -7.12
C VAL T 285 29.00 -17.24 -7.32
N LEU T 286 28.12 -17.23 -6.35
CA LEU T 286 26.88 -17.96 -6.41
C LEU T 286 25.75 -16.92 -6.42
N VAL T 287 24.67 -17.21 -7.12
CA VAL T 287 23.48 -16.36 -7.07
C VAL T 287 22.29 -17.25 -6.74
N THR T 288 21.52 -16.85 -5.74
CA THR T 288 20.30 -17.56 -5.39
C THR T 288 19.11 -16.63 -5.44
N GLY T 289 17.95 -17.21 -5.67
CA GLY T 289 16.72 -16.46 -5.65
C GLY T 289 15.67 -17.23 -4.89
N GLY T 290 14.84 -16.48 -4.18
CA GLY T 290 13.91 -17.08 -3.25
C GLY T 290 12.61 -16.34 -3.11
N ARG T 291 11.80 -16.82 -2.17
CA ARG T 291 10.48 -16.30 -1.91
C ARG T 291 10.49 -14.96 -1.22
N ASP T 292 11.64 -14.51 -0.74
CA ASP T 292 11.76 -13.19 -0.12
C ASP T 292 12.00 -12.11 -1.14
N GLY T 293 11.76 -12.38 -2.42
CA GLY T 293 11.70 -11.39 -3.44
C GLY T 293 13.04 -10.93 -4.00
N VAL T 294 14.15 -11.44 -3.50
CA VAL T 294 15.46 -10.91 -3.88
C VAL T 294 16.30 -12.02 -4.47
N ALA T 295 17.27 -11.62 -5.28
CA ALA T 295 18.40 -12.47 -5.62
C ALA T 295 19.55 -12.12 -4.69
N ARG T 296 20.25 -13.11 -4.17
CA ARG T 296 21.39 -12.89 -3.30
C ARG T 296 22.65 -13.35 -4.00
N VAL T 297 23.59 -12.42 -4.14
CA VAL T 297 24.90 -12.70 -4.70
C VAL T 297 25.85 -12.98 -3.55
N TRP T 298 26.37 -14.20 -3.52
CA TRP T 298 27.27 -14.74 -2.50
C TRP T 298 28.67 -14.90 -3.07
N ASP T 299 29.66 -14.46 -2.30
CA ASP T 299 31.04 -14.86 -2.48
C ASP T 299 31.22 -16.28 -1.95
N MET T 300 31.69 -17.17 -2.84
CA MET T 300 31.74 -18.60 -2.59
C MET T 300 32.69 -18.95 -1.46
N ARG T 301 33.85 -18.31 -1.43
CA ARG T 301 34.87 -18.64 -0.43
C ARG T 301 34.44 -18.18 0.95
N THR T 302 34.15 -16.90 1.11
CA THR T 302 33.91 -16.31 2.42
C THR T 302 32.48 -16.49 2.91
N ARG T 303 31.61 -17.07 2.07
CA ARG T 303 30.18 -17.18 2.30
C ARG T 303 29.54 -15.81 2.49
N SER T 304 30.07 -14.82 1.79
CA SER T 304 29.65 -13.45 2.04
C SER T 304 28.50 -13.08 1.14
N ASN T 305 27.55 -12.32 1.66
CA ASN T 305 26.40 -11.94 0.84
C ASN T 305 26.72 -10.53 0.37
N VAL T 306 27.34 -10.45 -0.82
CA VAL T 306 27.88 -9.19 -1.30
C VAL T 306 26.81 -8.34 -1.98
N HIS T 307 25.77 -8.95 -2.53
CA HIS T 307 24.67 -8.12 -3.05
C HIS T 307 23.33 -8.72 -2.71
N VAL T 308 22.39 -7.87 -2.38
CA VAL T 308 20.98 -8.24 -2.36
C VAL T 308 20.33 -7.50 -3.54
N LEU T 309 20.07 -8.23 -4.62
CA LEU T 309 19.45 -7.71 -5.83
C LEU T 309 17.96 -7.59 -5.55
N SER T 310 17.52 -6.36 -5.31
CA SER T 310 16.20 -6.03 -4.83
C SER T 310 15.42 -5.22 -5.85
N GLY T 311 14.11 -5.41 -5.86
CA GLY T 311 13.27 -4.72 -6.81
C GLY T 311 12.10 -5.55 -7.27
N HIS T 312 12.23 -6.87 -7.24
CA HIS T 312 11.08 -7.71 -7.50
C HIS T 312 10.09 -7.63 -6.34
N THR T 313 8.82 -7.83 -6.66
CA THR T 313 7.76 -7.84 -5.65
C THR T 313 7.14 -9.21 -5.47
N GLY T 314 7.63 -10.20 -6.20
CA GLY T 314 7.21 -11.56 -5.97
C GLY T 314 8.41 -12.45 -5.77
N THR T 315 8.18 -13.75 -5.74
CA THR T 315 9.24 -14.72 -5.60
C THR T 315 10.18 -14.70 -6.82
N VAL T 316 11.48 -14.77 -6.58
CA VAL T 316 12.44 -14.90 -7.68
C VAL T 316 12.44 -16.38 -8.03
N ALA T 317 11.63 -16.75 -9.03
CA ALA T 317 11.46 -18.16 -9.35
C ALA T 317 12.62 -18.73 -10.13
N ASP T 318 13.19 -17.97 -11.07
CA ASP T 318 14.34 -18.48 -11.81
C ASP T 318 15.30 -17.35 -12.08
N LEU T 319 16.44 -17.71 -12.65
CA LEU T 319 17.64 -16.90 -12.59
C LEU T 319 18.67 -17.54 -13.51
N VAL T 320 19.40 -16.71 -14.24
CA VAL T 320 20.57 -17.15 -15.00
C VAL T 320 21.72 -16.19 -14.73
N CYS T 321 22.94 -16.72 -14.88
CA CYS T 321 24.17 -15.96 -14.73
C CYS T 321 24.95 -16.04 -16.03
N GLN T 322 25.37 -14.90 -16.54
CA GLN T 322 26.16 -14.82 -17.77
C GLN T 322 27.56 -14.34 -17.44
N GLU T 323 28.42 -14.42 -18.45
CA GLU T 323 29.79 -13.97 -18.31
C GLU T 323 30.01 -12.54 -18.78
N ALA T 324 29.01 -11.91 -19.39
CA ALA T 324 29.06 -10.52 -19.78
C ALA T 324 27.78 -9.83 -19.35
N ASP T 325 27.84 -8.51 -19.23
CA ASP T 325 26.68 -7.73 -18.79
C ASP T 325 25.53 -7.86 -19.78
N PRO T 326 24.29 -8.09 -19.33
CA PRO T 326 23.88 -8.22 -17.93
C PRO T 326 24.25 -9.56 -17.29
N GLN T 327 25.05 -9.54 -16.25
CA GLN T 327 25.52 -10.79 -15.71
C GLN T 327 24.49 -11.53 -14.87
N VAL T 328 23.48 -10.87 -14.32
CA VAL T 328 22.43 -11.66 -13.69
C VAL T 328 21.11 -11.29 -14.33
N ILE T 329 20.32 -12.29 -14.73
CA ILE T 329 18.95 -12.05 -15.17
C ILE T 329 18.02 -12.87 -14.27
N THR T 330 17.07 -12.20 -13.64
CA THR T 330 16.13 -12.87 -12.76
C THR T 330 14.71 -12.78 -13.31
N GLY T 331 13.98 -13.87 -13.20
CA GLY T 331 12.59 -13.92 -13.60
C GLY T 331 11.73 -14.25 -12.40
N SER T 332 10.63 -13.53 -12.28
CA SER T 332 9.89 -13.53 -11.05
C SER T 332 8.41 -13.69 -11.31
N LEU T 333 7.75 -14.33 -10.34
CA LEU T 333 6.33 -14.57 -10.19
C LEU T 333 5.52 -13.28 -10.07
N ASP T 334 6.14 -12.12 -9.91
CA ASP T 334 5.46 -10.87 -10.16
C ASP T 334 5.29 -10.57 -11.66
N SER T 335 5.59 -11.57 -12.51
CA SER T 335 5.50 -11.58 -13.97
C SER T 335 6.62 -10.81 -14.65
N THR T 336 7.68 -10.49 -13.94
CA THR T 336 8.65 -9.49 -14.39
C THR T 336 10.05 -10.10 -14.47
N VAL T 337 10.82 -9.69 -15.47
CA VAL T 337 12.21 -10.10 -15.62
C VAL T 337 13.09 -8.88 -15.41
N ARG T 338 14.18 -9.03 -14.68
CA ARG T 338 15.12 -7.95 -14.46
C ARG T 338 16.51 -8.36 -14.90
N MET T 339 17.15 -7.51 -15.69
CA MET T 339 18.56 -7.64 -15.98
C MET T 339 19.35 -6.74 -15.06
N TRP T 340 20.42 -7.29 -14.48
CA TRP T 340 21.17 -6.73 -13.37
C TRP T 340 22.64 -6.61 -13.71
N ASP T 341 23.15 -5.40 -13.46
CA ASP T 341 24.57 -5.08 -13.31
C ASP T 341 25.05 -5.61 -11.97
N LEU T 342 25.89 -6.65 -12.04
CA LEU T 342 26.37 -7.39 -10.89
C LEU T 342 27.47 -6.66 -10.12
N ALA T 343 28.26 -5.81 -10.79
CA ALA T 343 29.27 -5.04 -10.08
C ALA T 343 28.64 -4.04 -9.11
N ALA T 344 27.63 -3.31 -9.55
CA ALA T 344 26.97 -2.33 -8.71
C ALA T 344 25.72 -2.87 -8.01
N GLY T 345 25.29 -4.08 -8.35
CA GLY T 345 24.09 -4.63 -7.76
C GLY T 345 22.82 -3.89 -8.09
N LYS T 346 22.68 -3.40 -9.32
CA LYS T 346 21.52 -2.59 -9.68
C LYS T 346 20.87 -3.11 -10.94
N THR T 347 19.60 -2.77 -11.10
CA THR T 347 18.87 -3.17 -12.29
C THR T 347 19.23 -2.28 -13.47
N MET T 348 19.71 -2.91 -14.52
CA MET T 348 19.85 -2.26 -15.81
C MET T 348 18.52 -2.16 -16.50
N GLY T 349 17.68 -3.19 -16.41
CA GLY T 349 16.43 -3.12 -17.13
C GLY T 349 15.36 -4.02 -16.60
N VAL T 350 14.11 -3.62 -16.82
CA VAL T 350 12.93 -4.35 -16.39
C VAL T 350 12.15 -4.71 -17.65
N LEU T 351 11.86 -5.99 -17.83
CA LEU T 351 11.01 -6.50 -18.90
C LEU T 351 9.67 -6.92 -18.31
N THR T 352 8.61 -6.24 -18.75
CA THR T 352 7.26 -6.41 -18.25
C THR T 352 6.34 -7.04 -19.28
N HIS T 353 6.89 -7.78 -20.23
CA HIS T 353 6.11 -8.31 -21.33
C HIS T 353 5.26 -9.52 -20.96
N HIS T 354 5.63 -10.31 -19.95
CA HIS T 354 4.86 -11.49 -19.60
C HIS T 354 3.69 -11.10 -18.73
N LYS T 355 2.57 -11.78 -18.94
CA LYS T 355 1.38 -11.52 -18.16
C LYS T 355 1.33 -12.34 -16.88
N LYS T 356 1.93 -13.51 -16.84
CA LYS T 356 1.92 -14.36 -15.67
C LYS T 356 3.33 -14.52 -15.13
N GLY T 357 3.45 -15.24 -14.01
CA GLY T 357 4.70 -15.43 -13.32
C GLY T 357 5.79 -16.10 -14.14
N VAL T 358 6.95 -15.47 -14.23
CA VAL T 358 8.08 -16.01 -14.97
C VAL T 358 8.73 -17.12 -14.13
N ARG T 359 8.62 -18.34 -14.60
CA ARG T 359 9.15 -19.50 -13.90
C ARG T 359 10.39 -20.06 -14.54
N ALA T 360 10.68 -19.74 -15.80
CA ALA T 360 11.84 -20.36 -16.41
C ALA T 360 12.64 -19.35 -17.22
N LEU T 361 13.96 -19.45 -17.15
CA LEU T 361 14.87 -18.67 -17.97
C LEU T 361 16.02 -19.53 -18.46
N VAL T 362 16.51 -19.25 -19.65
CA VAL T 362 17.64 -19.99 -20.20
C VAL T 362 18.41 -19.05 -21.12
N THR T 363 19.74 -19.17 -21.16
CA THR T 363 20.54 -18.41 -22.10
C THR T 363 21.06 -19.33 -23.19
N HIS T 364 21.27 -18.77 -24.36
CA HIS T 364 21.82 -19.58 -25.43
C HIS T 364 23.32 -19.76 -25.23
N PRO T 365 23.84 -20.96 -25.53
CA PRO T 365 25.28 -21.18 -25.30
C PRO T 365 26.19 -20.51 -26.29
N THR T 366 25.76 -20.26 -27.53
CA THR T 366 26.69 -19.70 -28.50
C THR T 366 26.29 -18.35 -29.08
N GLU T 367 25.05 -17.91 -28.89
CA GLU T 367 24.69 -16.56 -29.28
C GLU T 367 24.11 -15.84 -28.08
N PHE T 368 24.08 -14.52 -28.17
CA PHE T 368 23.95 -13.67 -26.98
C PHE T 368 22.48 -13.28 -26.79
N THR T 369 21.68 -14.30 -26.50
CA THR T 369 20.22 -14.21 -26.40
C THR T 369 19.73 -15.11 -25.27
N PHE T 370 18.53 -14.84 -24.79
CA PHE T 370 17.94 -15.67 -23.75
C PHE T 370 16.45 -15.85 -24.00
N ALA T 371 15.86 -16.80 -23.29
CA ALA T 371 14.44 -17.08 -23.38
C ALA T 371 13.84 -17.11 -21.99
N THR T 372 12.62 -16.59 -21.89
CA THR T 372 11.86 -16.51 -20.66
C THR T 372 10.52 -17.17 -20.87
N ALA T 373 10.08 -17.90 -19.86
CA ALA T 373 8.83 -18.63 -19.91
C ALA T 373 7.96 -18.28 -18.72
N SER T 374 6.76 -17.80 -19.01
CA SER T 374 5.58 -17.79 -18.15
C SER T 374 4.50 -18.64 -18.80
N THR T 375 3.28 -18.57 -18.25
CA THR T 375 2.17 -19.41 -18.69
C THR T 375 1.77 -19.12 -20.13
N GLY T 376 1.96 -20.10 -21.00
CA GLY T 376 1.59 -19.99 -22.40
C GLY T 376 2.48 -19.15 -23.27
N SER T 377 3.61 -18.65 -22.77
CA SER T 377 4.35 -17.63 -23.53
C SER T 377 5.85 -17.78 -23.37
N ILE T 378 6.56 -18.00 -24.48
CA ILE T 378 8.00 -18.00 -24.48
C ILE T 378 8.52 -16.83 -25.34
N LYS T 379 9.30 -16.01 -24.68
CA LYS T 379 9.85 -14.83 -25.32
C LYS T 379 11.35 -15.00 -25.41
N GLN T 380 11.89 -14.57 -26.52
CA GLN T 380 13.32 -14.59 -26.78
C GLN T 380 13.79 -13.14 -26.78
N TRP T 381 14.97 -12.91 -26.24
CA TRP T 381 15.50 -11.58 -26.03
C TRP T 381 16.95 -11.51 -26.43
N LYS T 382 17.33 -10.40 -27.02
CA LYS T 382 18.70 -10.10 -27.35
C LYS T 382 19.32 -9.34 -26.18
N CYS T 383 20.45 -9.86 -25.70
CA CYS T 383 21.37 -9.18 -24.81
C CYS T 383 22.25 -8.22 -25.60
N PRO T 384 22.79 -7.17 -24.97
CA PRO T 384 22.72 -6.71 -23.58
C PRO T 384 21.54 -5.83 -23.27
N GLU T 385 20.81 -5.40 -24.29
CA GLU T 385 19.77 -4.40 -24.08
C GLU T 385 18.40 -5.00 -23.82
N GLY T 386 18.27 -6.32 -23.89
CA GLY T 386 16.98 -6.96 -23.69
C GLY T 386 15.93 -6.62 -24.72
N ALA T 387 16.29 -6.67 -26.01
CA ALA T 387 15.33 -6.37 -27.06
C ALA T 387 14.52 -7.61 -27.41
N PHE T 388 13.23 -7.44 -27.63
CA PHE T 388 12.36 -8.60 -27.89
C PHE T 388 12.61 -9.16 -29.28
N MET T 389 12.75 -10.48 -29.37
CA MET T 389 13.08 -11.20 -30.59
C MET T 389 11.88 -11.94 -31.12
N GLN T 390 11.35 -12.89 -30.39
CA GLN T 390 10.29 -13.68 -30.99
C GLN T 390 9.51 -14.38 -29.91
N ASN T 391 8.34 -14.81 -30.26
CA ASN T 391 7.53 -15.57 -29.31
C ASN T 391 7.53 -17.01 -29.77
N PHE T 392 7.69 -17.96 -28.86
CA PHE T 392 7.48 -19.37 -29.21
C PHE T 392 6.02 -19.57 -28.86
N GLU T 393 5.16 -19.75 -29.85
CA GLU T 393 3.71 -19.78 -29.72
C GLU T 393 3.20 -21.21 -29.65
N GLY T 394 2.20 -21.43 -28.82
CA GLY T 394 1.43 -22.65 -28.88
C GLY T 394 1.55 -23.59 -27.71
N HIS T 395 2.53 -23.43 -26.84
CA HIS T 395 2.61 -24.29 -25.66
C HIS T 395 1.72 -23.67 -24.59
N ASN T 396 0.46 -24.09 -24.56
CA ASN T 396 -0.53 -23.49 -23.66
C ASN T 396 -0.56 -24.24 -22.35
N ALA T 397 0.38 -23.88 -21.48
CA ALA T 397 0.57 -24.53 -20.21
C ALA T 397 1.33 -23.58 -19.32
N ILE T 398 1.27 -23.82 -18.02
CA ILE T 398 2.30 -23.27 -17.14
C ILE T 398 3.60 -23.96 -17.50
N ILE T 399 4.58 -23.19 -17.96
CA ILE T 399 5.90 -23.76 -18.24
C ILE T 399 6.77 -23.67 -17.01
N ASN T 400 7.17 -24.82 -16.50
CA ASN T 400 8.13 -24.87 -15.41
C ASN T 400 9.56 -24.77 -15.91
N THR T 401 9.86 -25.37 -17.06
CA THR T 401 11.27 -25.42 -17.46
C THR T 401 11.52 -25.06 -18.91
N LEU T 402 12.69 -24.53 -19.13
CA LEU T 402 13.27 -24.34 -20.44
C LEU T 402 14.64 -24.98 -20.43
N ALA T 403 15.01 -25.64 -21.51
CA ALA T 403 16.35 -26.13 -21.70
C ALA T 403 16.77 -25.87 -23.13
N VAL T 404 18.04 -25.59 -23.35
CA VAL T 404 18.51 -25.29 -24.70
C VAL T 404 19.78 -26.06 -24.99
N ASN T 405 19.91 -26.51 -26.22
CA ASN T 405 21.07 -27.21 -26.76
C ASN T 405 22.08 -26.22 -27.32
N ASP T 406 23.21 -26.71 -27.76
CA ASP T 406 24.02 -25.94 -28.70
C ASP T 406 23.70 -26.26 -30.15
N GLN T 407 22.85 -27.24 -30.40
CA GLN T 407 22.29 -27.45 -31.73
C GLN T 407 20.95 -26.77 -31.92
N ASN T 408 20.67 -25.73 -31.14
CA ASN T 408 19.50 -24.86 -31.29
C ASN T 408 18.19 -25.60 -31.09
N VAL T 409 18.18 -26.60 -30.22
CA VAL T 409 16.94 -27.23 -29.77
C VAL T 409 16.59 -26.63 -28.42
N LEU T 410 15.43 -26.00 -28.34
CA LEU T 410 14.86 -25.53 -27.08
C LEU T 410 13.75 -26.48 -26.68
N PHE T 411 13.80 -26.95 -25.44
CA PHE T 411 12.75 -27.73 -24.83
C PHE T 411 11.99 -26.84 -23.88
N SER T 412 10.67 -26.89 -23.92
CA SER T 412 9.83 -26.27 -22.93
C SER T 412 9.03 -27.38 -22.26
N GLY T 413 9.01 -27.34 -20.94
CA GLY T 413 8.37 -28.36 -20.15
C GLY T 413 7.31 -27.81 -19.24
N GLY T 414 6.10 -28.35 -19.40
CA GLY T 414 4.90 -27.77 -18.85
C GLY T 414 4.31 -28.59 -17.71
N ASP T 415 3.93 -27.85 -16.67
CA ASP T 415 3.37 -28.29 -15.39
C ASP T 415 2.23 -29.28 -15.50
N ASN T 416 1.53 -29.32 -16.62
CA ASN T 416 0.51 -30.35 -16.84
C ASN T 416 1.07 -31.59 -17.51
N GLY T 417 2.38 -31.65 -17.71
CA GLY T 417 2.98 -32.79 -18.34
C GLY T 417 3.21 -32.66 -19.83
N SER T 418 3.14 -31.46 -20.36
CA SER T 418 3.23 -31.31 -21.81
C SER T 418 4.59 -30.80 -22.21
N MET T 419 5.11 -31.29 -23.33
CA MET T 419 6.47 -31.02 -23.75
C MET T 419 6.49 -30.51 -25.17
N SER T 420 7.31 -29.49 -25.41
CA SER T 420 7.50 -28.94 -26.74
C SER T 420 8.97 -28.84 -27.05
N PHE T 421 9.32 -29.13 -28.30
CA PHE T 421 10.66 -29.00 -28.83
C PHE T 421 10.62 -28.03 -30.00
N TRP T 422 11.42 -26.97 -29.89
CA TRP T 422 11.42 -25.83 -30.79
C TRP T 422 12.78 -25.65 -31.42
N ASP T 423 12.78 -25.25 -32.68
CA ASP T 423 13.96 -24.69 -33.31
C ASP T 423 14.18 -23.28 -32.78
N TRP T 424 15.39 -23.03 -32.27
CA TRP T 424 15.64 -21.81 -31.51
C TRP T 424 15.68 -20.58 -32.41
N LYS T 425 16.20 -20.71 -33.63
CA LYS T 425 16.39 -19.54 -34.47
C LYS T 425 15.06 -19.04 -35.03
N SER T 426 14.21 -19.95 -35.46
CA SER T 426 13.00 -19.61 -36.18
C SER T 426 11.75 -19.61 -35.31
N GLY T 427 11.80 -20.24 -34.15
CA GLY T 427 10.64 -20.30 -33.29
C GLY T 427 9.65 -21.38 -33.64
N TYR T 428 10.02 -22.32 -34.49
CA TYR T 428 9.11 -23.33 -34.99
C TYR T 428 9.08 -24.52 -34.04
N ARG T 429 7.89 -24.99 -33.72
CA ARG T 429 7.70 -26.13 -32.84
C ARG T 429 7.75 -27.39 -33.66
N PHE T 430 8.87 -28.12 -33.61
CA PHE T 430 8.94 -29.33 -34.38
C PHE T 430 8.45 -30.55 -33.63
N GLN T 431 8.25 -30.47 -32.32
CA GLN T 431 7.66 -31.61 -31.65
C GLN T 431 6.79 -31.17 -30.48
N SER T 432 5.65 -31.84 -30.34
CA SER T 432 4.79 -31.74 -29.18
C SER T 432 4.44 -33.13 -28.70
N LEU T 433 4.45 -33.32 -27.38
CA LEU T 433 4.04 -34.59 -26.81
C LEU T 433 3.66 -34.36 -25.34
N ASP T 434 3.19 -35.41 -24.70
CA ASP T 434 3.00 -35.42 -23.26
C ASP T 434 3.86 -36.51 -22.66
N THR T 435 4.34 -36.26 -21.45
CA THR T 435 5.01 -37.30 -20.70
C THR T 435 3.98 -38.30 -20.16
N THR T 436 4.46 -39.40 -19.62
CA THR T 436 3.62 -40.45 -19.07
C THR T 436 3.89 -40.55 -17.59
N ALA T 437 2.85 -40.77 -16.80
CA ALA T 437 3.04 -40.85 -15.36
C ALA T 437 3.33 -42.29 -14.95
N GLN T 438 4.26 -42.42 -14.01
CA GLN T 438 4.60 -43.69 -13.42
C GLN T 438 3.36 -44.34 -12.79
N PRO T 439 3.23 -45.67 -12.86
CA PRO T 439 2.06 -46.33 -12.25
C PRO T 439 1.91 -46.07 -10.76
N GLY T 440 0.67 -45.82 -10.35
CA GLY T 440 0.32 -45.31 -9.06
C GLY T 440 0.01 -43.83 -9.03
N SER T 441 0.44 -43.09 -10.05
CA SER T 441 0.24 -41.66 -10.07
C SER T 441 -1.20 -41.28 -10.35
N LEU T 442 -1.62 -40.17 -9.77
CA LEU T 442 -2.85 -39.53 -10.16
C LEU T 442 -2.66 -38.88 -11.51
N ASP T 443 -3.77 -38.66 -12.21
CA ASP T 443 -3.69 -37.83 -13.41
C ASP T 443 -3.36 -36.39 -13.08
N ALA T 444 -3.59 -35.95 -11.84
CA ALA T 444 -3.11 -34.66 -11.40
C ALA T 444 -1.61 -34.60 -11.21
N GLU T 445 -0.91 -35.73 -11.26
CA GLU T 445 0.52 -35.79 -10.99
C GLU T 445 1.38 -35.82 -12.25
N LEU T 446 0.76 -35.65 -13.42
CA LEU T 446 1.50 -35.47 -14.64
C LEU T 446 2.04 -34.05 -14.72
N GLY T 447 3.36 -33.90 -14.74
CA GLY T 447 3.97 -32.58 -14.81
C GLY T 447 5.48 -32.57 -14.80
N ILE T 448 6.09 -31.80 -15.70
CA ILE T 448 7.53 -31.63 -15.75
C ILE T 448 7.90 -30.52 -14.78
N MET T 449 8.80 -30.82 -13.85
CA MET T 449 9.19 -29.87 -12.83
C MET T 449 10.62 -29.36 -12.98
N SER T 450 11.50 -30.14 -13.60
CA SER T 450 12.87 -29.71 -13.82
C SER T 450 13.37 -30.31 -15.13
N SER T 451 14.38 -29.69 -15.72
CA SER T 451 14.95 -30.22 -16.94
C SER T 451 16.35 -29.63 -17.15
N THR T 452 17.20 -30.44 -17.77
CA THR T 452 18.48 -30.02 -18.35
C THR T 452 18.82 -30.95 -19.49
N PHE T 453 19.61 -30.46 -20.42
CA PHE T 453 20.32 -31.39 -21.27
C PHE T 453 21.58 -31.85 -20.54
N ASP T 454 22.13 -32.98 -21.00
CA ASP T 454 23.48 -33.36 -20.57
C ASP T 454 24.50 -32.43 -21.23
N MET T 455 25.77 -32.62 -20.90
CA MET T 455 26.83 -31.75 -21.38
C MET T 455 27.03 -31.80 -22.89
N SER T 456 26.55 -32.86 -23.55
CA SER T 456 26.69 -32.99 -24.99
C SER T 456 25.47 -32.55 -25.78
N GLY T 457 24.31 -32.44 -25.14
CA GLY T 457 23.10 -32.11 -25.84
C GLY T 457 22.33 -33.28 -26.41
N ALA T 458 22.86 -34.49 -26.28
CA ALA T 458 22.23 -35.67 -26.86
C ALA T 458 21.20 -36.30 -25.93
N ARG T 459 21.18 -35.94 -24.66
CA ARG T 459 20.23 -36.50 -23.72
C ARG T 459 19.50 -35.36 -23.03
N LEU T 460 18.18 -35.45 -22.98
CA LEU T 460 17.38 -34.58 -22.16
C LEU T 460 17.01 -35.30 -20.88
N ILE T 461 17.28 -34.67 -19.75
CA ILE T 461 16.90 -35.19 -18.44
C ILE T 461 15.78 -34.31 -17.92
N THR T 462 14.67 -34.94 -17.56
CA THR T 462 13.55 -34.26 -16.93
C THR T 462 13.26 -34.87 -15.57
N GLY T 463 12.95 -34.00 -14.62
CA GLY T 463 12.46 -34.42 -13.33
C GLY T 463 10.98 -34.08 -13.21
N GLU T 464 10.20 -35.07 -12.77
CA GLU T 464 8.77 -35.03 -12.90
C GLU T 464 8.07 -35.26 -11.57
N ALA T 465 6.86 -34.68 -11.52
CA ALA T 465 5.96 -34.68 -10.37
C ALA T 465 5.35 -36.04 -10.09
N ASP T 466 5.55 -37.02 -10.96
CA ASP T 466 5.28 -38.42 -10.64
C ASP T 466 6.47 -39.07 -9.94
N LYS T 467 7.41 -38.23 -9.49
CA LYS T 467 8.64 -38.58 -8.78
C LYS T 467 9.61 -39.33 -9.66
N THR T 468 9.66 -39.03 -10.95
CA THR T 468 10.61 -39.78 -11.77
C THR T 468 11.67 -38.88 -12.36
N ILE T 469 12.73 -39.50 -12.82
CA ILE T 469 13.66 -38.90 -13.75
C ILE T 469 13.46 -39.60 -15.07
N LYS T 470 13.30 -38.85 -16.14
CA LYS T 470 13.14 -39.42 -17.46
C LYS T 470 14.27 -38.92 -18.36
N ILE T 471 14.86 -39.84 -19.10
CA ILE T 471 15.91 -39.55 -20.05
C ILE T 471 15.31 -39.72 -21.44
N TRP T 472 15.45 -38.67 -22.26
CA TRP T 472 14.92 -38.58 -23.60
C TRP T 472 16.08 -38.50 -24.57
N LYS T 473 15.96 -39.17 -25.71
CA LYS T 473 17.00 -39.07 -26.72
C LYS T 473 16.37 -38.88 -28.09
N GLU T 474 17.15 -38.32 -29.01
CA GLU T 474 16.70 -38.14 -30.38
C GLU T 474 16.52 -39.47 -31.09
N ASP T 475 15.56 -39.49 -32.02
CA ASP T 475 15.25 -40.66 -32.82
C ASP T 475 16.28 -40.76 -33.95
N THR T 476 17.11 -41.81 -33.91
CA THR T 476 18.19 -41.94 -34.87
C THR T 476 17.69 -42.29 -36.25
N THR T 477 16.56 -42.98 -36.35
CA THR T 477 16.01 -43.41 -37.62
C THR T 477 15.18 -42.34 -38.32
N ALA T 478 14.98 -41.19 -37.68
CA ALA T 478 14.22 -40.13 -38.30
C ALA T 478 15.04 -39.42 -39.36
N THR T 479 14.35 -38.83 -40.32
CA THR T 479 14.93 -38.28 -41.54
C THR T 479 14.14 -37.04 -41.88
N PRO T 480 14.75 -36.05 -42.55
CA PRO T 480 13.97 -34.89 -42.99
C PRO T 480 12.83 -35.20 -43.94
N GLU T 481 12.81 -36.38 -44.57
CA GLU T 481 11.67 -36.80 -45.36
C GLU T 481 10.72 -37.72 -44.61
N THR T 482 11.18 -38.35 -43.54
CA THR T 482 10.27 -39.10 -42.67
C THR T 482 9.48 -38.16 -41.77
N HIS T 483 10.11 -37.09 -41.29
CA HIS T 483 9.49 -36.11 -40.41
C HIS T 483 9.70 -34.74 -41.03
N PRO T 484 8.94 -34.39 -42.07
CA PRO T 484 9.16 -33.12 -42.76
C PRO T 484 8.73 -31.94 -41.92
N ILE T 485 9.35 -30.80 -42.19
CA ILE T 485 9.04 -29.56 -41.50
C ILE T 485 7.73 -29.02 -42.08
N GLU T 486 6.69 -28.98 -41.26
CA GLU T 486 5.38 -28.51 -41.69
C GLU T 486 5.21 -27.02 -41.44
N TRP T 487 6.15 -26.26 -41.96
CA TRP T 487 6.14 -24.80 -41.73
C TRP T 487 5.98 -24.09 -43.06
N LYS T 488 4.97 -23.24 -43.15
CA LYS T 488 4.86 -22.39 -44.36
C LYS T 488 5.15 -20.98 -43.88
N PRO T 489 5.81 -20.13 -44.68
CA PRO T 489 5.99 -18.74 -44.27
C PRO T 489 4.57 -18.18 -44.11
N SER T 490 4.05 -18.15 -42.88
CA SER T 490 2.64 -17.71 -42.64
C SER T 490 2.43 -16.26 -43.08
N LEU T 491 1.18 -15.89 -43.31
CA LEU T 491 0.91 -14.52 -43.82
C LEU T 491 -0.36 -13.98 -43.15
N VAL T 492 -0.36 -13.86 -41.82
CA VAL T 492 -1.50 -13.22 -41.11
C VAL T 492 -0.92 -12.05 -40.33
N ARG T 493 -1.76 -11.38 -39.55
CA ARG T 493 -1.22 -10.30 -38.71
C ARG T 493 -1.17 -10.84 -37.30
N ARG T 494 0.03 -11.05 -36.77
CA ARG T 494 0.07 -11.40 -35.34
C ARG T 494 -0.14 -10.06 -34.66
N LYS T 495 -1.27 -9.94 -33.97
CA LYS T 495 -1.59 -8.66 -33.31
C LYS T 495 -0.73 -8.63 -32.05
N TYR T 496 0.45 -8.02 -32.15
CA TYR T 496 1.36 -7.95 -31.00
C TYR T 496 0.90 -6.79 -30.13
N ALA U 398 -23.82 -17.14 63.84
CA ALA U 398 -25.20 -17.58 63.67
C ALA U 398 -25.44 -18.92 64.36
N ILE U 399 -26.25 -18.90 65.42
CA ILE U 399 -26.58 -20.06 66.24
C ILE U 399 -25.31 -20.70 66.80
N VAL U 400 -24.76 -20.09 67.84
CA VAL U 400 -23.58 -20.53 68.59
C VAL U 400 -22.38 -20.62 67.64
N LEU U 401 -22.14 -21.81 67.06
CA LEU U 401 -21.04 -22.07 66.13
C LEU U 401 -19.68 -21.75 66.76
N ASP U 402 -19.35 -22.54 67.78
CA ASP U 402 -18.17 -22.29 68.59
C ASP U 402 -16.92 -22.88 67.95
N ALA U 403 -15.82 -22.91 68.72
CA ALA U 403 -14.57 -23.49 68.24
C ALA U 403 -14.70 -25.00 68.04
N SER U 404 -15.59 -25.65 68.79
CA SER U 404 -15.88 -27.07 68.58
C SER U 404 -16.49 -27.31 67.21
N TYR U 405 -17.11 -26.30 66.64
CA TYR U 405 -17.73 -26.40 65.33
C TYR U 405 -16.82 -25.88 64.23
N ASN U 406 -15.92 -24.96 64.57
CA ASN U 406 -14.79 -24.67 63.69
C ASN U 406 -13.64 -24.24 64.57
N ARG U 407 -12.60 -25.08 64.66
CA ARG U 407 -11.44 -24.83 65.49
C ARG U 407 -10.70 -23.55 65.13
N MET U 408 -10.91 -23.01 63.93
CA MET U 408 -10.37 -21.69 63.60
C MET U 408 -11.24 -20.55 64.12
N LEU U 409 -12.43 -20.84 64.66
CA LEU U 409 -13.23 -19.86 65.39
C LEU U 409 -12.87 -19.92 66.87
N ALA U 410 -11.63 -19.57 67.16
CA ALA U 410 -11.11 -19.62 68.53
C ALA U 410 -10.24 -18.38 68.76
N GLY U 411 -10.87 -17.33 69.29
CA GLY U 411 -10.16 -16.12 69.64
C GLY U 411 -9.64 -15.36 68.45
N PRO U 412 -8.67 -14.48 68.68
CA PRO U 412 -8.08 -13.72 67.57
C PRO U 412 -7.16 -14.58 66.73
N ARG U 413 -7.15 -14.30 65.44
CA ARG U 413 -6.22 -14.93 64.51
C ARG U 413 -5.00 -14.03 64.41
N HIS U 414 -3.96 -14.36 65.17
CA HIS U 414 -2.74 -13.56 65.19
C HIS U 414 -1.79 -13.93 64.07
N GLU U 415 -2.13 -14.92 63.25
CA GLU U 415 -1.33 -15.27 62.09
C GLU U 415 -1.71 -14.47 60.85
N VAL U 416 -2.82 -13.74 60.89
CA VAL U 416 -3.31 -13.04 59.73
C VAL U 416 -3.00 -11.55 59.87
N LYS U 417 -3.25 -10.81 58.79
CA LYS U 417 -2.96 -9.38 58.72
C LYS U 417 -3.80 -8.81 57.59
N ALA U 418 -4.56 -7.76 57.89
CA ALA U 418 -5.45 -7.18 56.88
C ALA U 418 -4.64 -6.54 55.76
N VAL U 419 -5.09 -6.75 54.54
CA VAL U 419 -4.35 -6.29 53.36
C VAL U 419 -4.59 -4.81 53.17
N THR U 420 -3.51 -4.07 52.88
CA THR U 420 -3.55 -2.61 52.81
C THR U 420 -4.27 -2.08 51.58
N THR U 421 -4.47 -2.90 50.55
CA THR U 421 -5.03 -2.43 49.29
C THR U 421 -6.52 -2.19 49.43
N LYS U 422 -7.13 -1.65 48.37
CA LYS U 422 -8.56 -1.36 48.38
C LYS U 422 -9.38 -2.64 48.45
N ARG U 423 -9.04 -3.64 47.64
CA ARG U 423 -9.76 -4.90 47.70
C ARG U 423 -9.49 -5.64 48.99
N GLY U 424 -8.30 -5.48 49.58
CA GLY U 424 -8.05 -6.01 50.90
C GLY U 424 -8.82 -5.30 52.00
N ARG U 425 -9.21 -4.05 51.77
CA ARG U 425 -10.12 -3.38 52.68
C ARG U 425 -11.55 -3.90 52.52
N GLU U 426 -12.03 -4.02 51.29
CA GLU U 426 -13.46 -4.23 51.07
C GLU U 426 -13.87 -5.69 50.92
N ARG U 427 -13.11 -6.50 50.18
CA ARG U 427 -13.44 -7.94 50.11
C ARG U 427 -13.10 -8.62 51.42
N GLY U 428 -11.93 -8.34 51.96
CA GLY U 428 -11.53 -8.90 53.23
C GLY U 428 -10.47 -9.98 53.13
N GLN U 429 -9.51 -9.82 52.22
CA GLN U 429 -8.38 -10.73 52.23
C GLN U 429 -7.49 -10.47 53.44
N VAL U 430 -6.69 -11.47 53.77
CA VAL U 430 -5.68 -11.39 54.81
C VAL U 430 -4.35 -11.87 54.24
N GLU U 431 -3.32 -11.84 55.08
CA GLU U 431 -1.97 -12.19 54.65
C GLU U 431 -1.27 -12.85 55.84
N ALA U 432 0.05 -12.95 55.77
CA ALA U 432 0.84 -13.61 56.80
C ALA U 432 1.43 -12.56 57.73
N ASN U 433 1.27 -12.79 59.04
CA ASN U 433 1.81 -11.88 60.05
C ASN U 433 3.21 -12.35 60.38
N GLU U 434 4.19 -11.84 59.64
CA GLU U 434 5.55 -12.36 59.73
C GLU U 434 6.29 -11.86 60.97
N ASP U 435 5.70 -10.99 61.76
CA ASP U 435 6.24 -10.61 63.06
C ASP U 435 5.32 -11.13 64.16
N MET U 436 5.61 -12.34 64.59
CA MET U 436 4.78 -13.09 65.51
C MET U 436 5.65 -13.83 66.52
N THR U 437 5.06 -14.18 67.66
CA THR U 437 5.81 -14.62 68.84
C THR U 437 5.40 -16.04 69.25
N ILE U 438 5.86 -16.43 70.44
CA ILE U 438 5.51 -17.67 71.14
C ILE U 438 4.01 -17.86 71.12
N GLU U 439 3.30 -16.84 71.64
CA GLU U 439 1.85 -16.86 71.75
C GLU U 439 1.20 -17.11 70.40
N ASP U 440 1.60 -16.34 69.39
CA ASP U 440 0.93 -16.35 68.10
C ASP U 440 1.15 -17.67 67.38
N MET U 441 2.41 -18.13 67.32
CA MET U 441 2.71 -19.38 66.63
C MET U 441 2.05 -20.56 67.33
N ILE U 442 2.12 -20.62 68.67
CA ILE U 442 1.54 -21.76 69.38
C ILE U 442 0.04 -21.79 69.21
N SER U 443 -0.61 -20.62 69.28
CA SER U 443 -2.04 -20.55 69.04
C SER U 443 -2.40 -21.00 67.63
N GLU U 444 -1.56 -20.65 66.65
CA GLU U 444 -1.83 -21.04 65.27
C GLU U 444 -1.75 -22.55 65.09
N GLU U 445 -0.70 -23.19 65.60
CA GLU U 445 -0.59 -24.64 65.47
C GLU U 445 -1.70 -25.36 66.23
N ARG U 446 -2.06 -24.84 67.40
CA ARG U 446 -3.17 -25.41 68.18
C ARG U 446 -4.47 -25.35 67.40
N ARG U 447 -4.71 -24.25 66.69
CA ARG U 447 -5.95 -24.14 65.94
C ARG U 447 -5.91 -24.95 64.65
N THR U 448 -4.74 -25.12 64.04
CA THR U 448 -4.65 -25.76 62.73
C THR U 448 -4.26 -27.23 62.77
N ARG U 449 -4.11 -27.85 63.94
CA ARG U 449 -4.10 -29.31 63.93
C ARG U 449 -5.49 -29.85 63.63
N GLY U 450 -5.54 -30.97 62.93
CA GLY U 450 -6.80 -31.60 62.58
C GLY U 450 -7.47 -31.07 61.34
N GLN U 451 -6.83 -30.16 60.60
CA GLN U 451 -7.43 -29.65 59.37
C GLN U 451 -7.43 -30.76 58.32
N PRO U 452 -8.49 -30.84 57.51
CA PRO U 452 -8.49 -31.80 56.39
C PRO U 452 -7.40 -31.44 55.39
N GLY U 453 -6.69 -32.45 54.92
CA GLY U 453 -5.60 -32.25 53.99
C GLY U 453 -4.30 -31.86 54.68
N GLY U 454 -4.31 -30.72 55.36
CA GLY U 454 -3.12 -30.25 56.04
C GLY U 454 -2.27 -29.30 55.22
N GLU U 455 -0.97 -29.34 55.49
CA GLU U 455 -0.04 -28.43 54.81
C GLU U 455 0.09 -28.78 53.33
N GLY U 456 -0.11 -30.05 52.98
CA GLY U 456 -0.19 -30.41 51.58
C GLY U 456 -1.35 -29.75 50.88
N LEU U 457 -2.51 -29.73 51.53
CA LEU U 457 -3.67 -29.04 50.94
C LEU U 457 -3.46 -27.54 50.87
N ARG U 458 -2.73 -26.95 51.83
CA ARG U 458 -2.49 -25.52 51.76
C ARG U 458 -1.54 -25.17 50.61
N LEU U 459 -0.49 -25.96 50.42
CA LEU U 459 0.37 -25.73 49.25
C LEU U 459 -0.37 -26.00 47.95
N ALA U 460 -1.28 -26.96 47.96
CA ALA U 460 -2.12 -27.21 46.79
C ALA U 460 -3.00 -26.00 46.47
N GLU U 461 -3.52 -25.34 47.50
CA GLU U 461 -4.34 -24.15 47.26
C GLU U 461 -3.50 -22.99 46.72
N ARG U 462 -2.27 -22.87 47.19
CA ARG U 462 -1.37 -21.86 46.65
C ARG U 462 -1.07 -22.12 45.17
N ILE U 463 -0.80 -23.38 44.81
CA ILE U 463 -0.55 -23.72 43.41
C ILE U 463 -1.80 -23.50 42.56
N ALA U 464 -2.97 -23.84 43.10
CA ALA U 464 -4.20 -23.66 42.35
C ALA U 464 -4.57 -22.20 42.17
N LYS U 465 -4.08 -21.32 43.05
CA LYS U 465 -4.23 -19.89 42.78
C LYS U 465 -3.25 -19.40 41.71
N ASP U 466 -1.99 -19.85 41.76
CA ASP U 466 -0.98 -19.40 40.79
C ASP U 466 -1.32 -19.74 39.34
N ALA U 467 -1.62 -18.71 38.55
CA ALA U 467 -2.04 -18.93 37.13
C ALA U 467 -0.81 -19.05 36.23
N ARG U 468 0.33 -18.47 36.63
CA ARG U 468 1.59 -18.57 35.83
C ARG U 468 2.37 -19.81 36.24
N PHE U 469 1.74 -20.75 36.97
CA PHE U 469 2.49 -21.91 37.52
C PHE U 469 3.01 -22.87 36.45
N GLU U 470 4.32 -23.08 36.38
CA GLU U 470 4.89 -24.13 35.55
C GLU U 470 5.46 -25.21 36.46
N ASN U 471 5.16 -26.46 36.16
CA ASN U 471 5.71 -27.58 36.94
C ASN U 471 7.14 -27.82 36.48
N ASP U 472 8.04 -27.01 37.00
CA ASP U 472 9.39 -26.93 36.48
C ASP U 472 10.27 -26.52 37.64
N LEU U 473 11.45 -27.13 37.76
CA LEU U 473 12.31 -26.84 38.89
C LEU U 473 12.84 -25.41 38.86
N GLU U 474 13.10 -24.87 37.67
CA GLU U 474 13.51 -23.48 37.56
C GLU U 474 12.42 -22.55 38.07
N TYR U 475 11.18 -22.81 37.69
CA TYR U 475 10.05 -22.00 38.15
C TYR U 475 9.88 -22.12 39.65
N LEU U 476 9.98 -23.33 40.20
CA LEU U 476 9.78 -23.51 41.63
C LEU U 476 10.87 -22.82 42.43
N GLU U 477 12.12 -22.89 41.98
CA GLU U 477 13.21 -22.21 42.67
C GLU U 477 13.07 -20.69 42.57
N GLU U 478 12.70 -20.17 41.39
CA GLU U 478 12.58 -18.73 41.24
C GLU U 478 11.38 -18.17 41.99
N ASN U 479 10.28 -18.91 42.05
CA ASN U 479 9.07 -18.47 42.72
C ASN U 479 8.89 -19.13 44.07
N ALA U 480 9.99 -19.58 44.69
CA ALA U 480 9.93 -20.34 45.94
C ALA U 480 9.27 -19.56 47.06
N GLU U 481 9.61 -18.26 47.18
CA GLU U 481 9.07 -17.44 48.26
C GLU U 481 7.55 -17.31 48.18
N TRP U 482 7.05 -16.96 46.99
CA TRP U 482 5.61 -16.75 46.83
C TRP U 482 4.84 -18.05 46.92
N LEU U 483 5.44 -19.15 46.48
CA LEU U 483 4.81 -20.44 46.62
C LEU U 483 4.81 -20.89 48.08
N ALA U 484 5.90 -20.61 48.80
CA ALA U 484 5.98 -20.99 50.20
C ALA U 484 5.02 -20.20 51.06
N LYS U 485 4.69 -18.98 50.65
CA LYS U 485 3.71 -18.17 51.36
C LYS U 485 2.36 -18.87 51.40
N ARG U 486 1.81 -19.04 52.60
CA ARG U 486 0.54 -19.74 52.73
C ARG U 486 -0.60 -18.86 52.25
N VAL U 487 -1.79 -19.44 52.32
CA VAL U 487 -3.03 -18.74 52.01
C VAL U 487 -3.97 -18.92 53.20
N HIS U 488 -4.56 -17.82 53.66
CA HIS U 488 -5.45 -17.83 54.79
C HIS U 488 -6.83 -17.36 54.35
N LYS U 489 -7.84 -18.10 54.75
CA LYS U 489 -9.19 -17.84 54.28
C LYS U 489 -9.79 -16.65 55.01
N THR U 490 -10.71 -15.97 54.31
CA THR U 490 -11.49 -14.91 54.92
C THR U 490 -12.46 -15.50 55.94
N ASP U 491 -12.85 -14.66 56.90
CA ASP U 491 -13.74 -15.13 57.95
C ASP U 491 -15.12 -15.49 57.41
N LEU U 492 -15.54 -14.88 56.31
CA LEU U 492 -16.82 -15.26 55.70
C LEU U 492 -16.77 -16.68 55.16
N SER U 493 -15.70 -17.01 54.43
CA SER U 493 -15.54 -18.38 53.93
C SER U 493 -15.32 -19.36 55.06
N LEU U 494 -14.67 -18.93 56.13
CA LEU U 494 -14.44 -19.81 57.27
C LEU U 494 -15.75 -20.09 58.00
N LYS U 495 -16.62 -19.09 58.11
CA LYS U 495 -17.97 -19.32 58.63
C LYS U 495 -18.79 -20.19 57.67
N ASN U 496 -18.55 -20.07 56.36
CA ASN U 496 -19.21 -20.96 55.42
C ASN U 496 -18.80 -22.40 55.64
N ILE U 497 -17.51 -22.62 55.92
CA ILE U 497 -17.01 -23.94 56.26
C ILE U 497 -17.68 -24.47 57.53
N ALA U 498 -17.81 -23.59 58.54
CA ALA U 498 -18.43 -24.00 59.80
C ALA U 498 -19.90 -24.36 59.62
N VAL U 499 -20.65 -23.55 58.87
CA VAL U 499 -22.07 -23.85 58.69
C VAL U 499 -22.25 -25.05 57.77
N ASN U 500 -21.32 -25.28 56.85
CA ASN U 500 -21.38 -26.47 56.00
C ASN U 500 -21.16 -27.74 56.81
N GLU U 501 -20.16 -27.74 57.69
CA GLU U 501 -19.95 -28.92 58.51
C GLU U 501 -21.09 -29.11 59.50
N TYR U 502 -21.68 -28.01 59.98
CA TYR U 502 -22.87 -28.14 60.82
C TYR U 502 -24.02 -28.81 60.10
N GLN U 503 -24.28 -28.41 58.86
CA GLN U 503 -25.39 -29.02 58.13
C GLN U 503 -25.12 -30.49 57.84
N LYS U 504 -23.89 -30.81 57.41
CA LYS U 504 -23.55 -32.22 57.16
C LYS U 504 -23.59 -33.05 58.45
N LEU U 505 -23.05 -32.51 59.54
CA LEU U 505 -23.01 -33.23 60.81
C LEU U 505 -24.41 -33.42 61.38
N ASN U 506 -25.28 -32.40 61.26
CA ASN U 506 -26.65 -32.54 61.71
C ASN U 506 -27.40 -33.60 60.90
N ARG U 507 -27.20 -33.61 59.58
CA ARG U 507 -27.85 -34.61 58.75
C ARG U 507 -27.38 -36.02 59.11
N ILE U 508 -26.07 -36.19 59.28
CA ILE U 508 -25.52 -37.50 59.61
C ILE U 508 -25.97 -37.95 61.00
N LEU U 509 -25.96 -37.03 61.97
CA LEU U 509 -26.36 -37.35 63.34
C LEU U 509 -27.83 -37.72 63.41
N GLU U 510 -28.68 -37.03 62.65
CA GLU U 510 -30.10 -37.36 62.66
C GLU U 510 -30.38 -38.67 61.93
N THR U 511 -29.67 -38.92 60.83
CA THR U 511 -29.94 -40.11 60.03
C THR U 511 -29.27 -41.36 60.61
N CYS U 512 -28.36 -41.21 61.55
CA CYS U 512 -27.61 -42.35 62.08
C CYS U 512 -28.51 -43.28 62.88
N PRO U 513 -28.59 -44.57 62.54
CA PRO U 513 -29.50 -45.49 63.23
C PRO U 513 -28.99 -46.02 64.55
N LEU U 514 -27.96 -45.43 65.15
CA LEU U 514 -27.42 -45.94 66.40
C LEU U 514 -27.27 -44.89 67.49
N CYS U 515 -27.51 -43.62 67.20
CA CYS U 515 -27.35 -42.58 68.22
C CYS U 515 -28.48 -42.61 69.22
N TYR U 516 -28.17 -42.22 70.46
CA TYR U 516 -29.15 -42.06 71.52
C TYR U 516 -28.99 -40.69 72.13
N HIS U 517 -30.04 -39.87 72.04
CA HIS U 517 -30.07 -38.56 72.67
C HIS U 517 -31.38 -38.39 73.42
N GLU U 518 -31.35 -37.52 74.42
CA GLU U 518 -32.49 -37.28 75.29
C GLU U 518 -33.35 -36.11 74.81
N ASP U 519 -33.18 -35.68 73.56
CA ASP U 519 -33.88 -34.48 73.10
C ASP U 519 -35.23 -34.82 72.47
N ARG U 520 -35.24 -35.63 71.41
CA ARG U 520 -36.49 -35.89 70.71
C ARG U 520 -37.36 -36.87 71.48
N ASN U 521 -38.67 -36.72 71.32
CA ASN U 521 -39.65 -37.41 72.13
C ASN U 521 -39.74 -38.89 71.77
N PRO U 522 -40.25 -39.73 72.69
CA PRO U 522 -40.54 -41.11 72.31
C PRO U 522 -41.65 -41.17 71.29
N PRO U 523 -41.66 -42.19 70.41
CA PRO U 523 -40.75 -43.34 70.37
C PRO U 523 -39.46 -43.07 69.59
N GLN U 524 -39.22 -41.81 69.23
CA GLN U 524 -38.03 -41.46 68.45
C GLN U 524 -36.78 -41.32 69.32
N ASN U 525 -36.91 -41.35 70.65
CA ASN U 525 -35.74 -41.27 71.51
C ASN U 525 -34.88 -42.52 71.40
N LEU U 526 -35.51 -43.68 71.26
CA LEU U 526 -34.76 -44.92 71.04
C LEU U 526 -34.18 -44.92 69.62
N PRO U 527 -33.02 -45.57 69.44
CA PRO U 527 -32.45 -45.65 68.09
C PRO U 527 -33.21 -46.66 67.25
N ILE U 528 -32.88 -46.67 65.95
CA ILE U 528 -33.47 -47.65 65.04
C ILE U 528 -33.06 -49.05 65.43
N ALA U 529 -31.85 -49.21 65.93
CA ALA U 529 -31.41 -50.49 66.46
C ALA U 529 -32.10 -50.78 67.78
N PRO U 530 -32.81 -51.90 67.92
CA PRO U 530 -33.53 -52.17 69.17
C PRO U 530 -32.63 -52.58 70.33
N VAL U 531 -32.57 -51.72 71.35
CA VAL U 531 -31.63 -51.87 72.45
C VAL U 531 -31.97 -53.09 73.29
N ILE U 532 -30.96 -53.89 73.62
CA ILE U 532 -31.16 -55.06 74.47
C ILE U 532 -30.65 -54.79 75.87
N SER U 533 -29.35 -54.59 76.00
CA SER U 533 -28.72 -54.29 77.28
C SER U 533 -27.96 -52.99 77.13
N LEU U 534 -28.16 -52.08 78.07
CA LEU U 534 -27.63 -50.74 77.98
C LEU U 534 -26.84 -50.43 79.25
N GLY U 535 -25.52 -50.35 79.10
CA GLY U 535 -24.66 -49.92 80.18
C GLY U 535 -24.71 -48.42 80.33
N THR U 536 -23.78 -47.89 81.13
CA THR U 536 -23.85 -46.46 81.43
C THR U 536 -23.54 -45.61 80.20
N ARG U 537 -22.74 -46.12 79.26
CA ARG U 537 -22.37 -45.31 78.11
C ARG U 537 -22.13 -46.10 76.82
N THR U 538 -22.37 -47.42 76.82
CA THR U 538 -22.50 -48.21 75.60
C THR U 538 -23.76 -49.05 75.69
N TYR U 539 -24.06 -49.76 74.61
CA TYR U 539 -25.16 -50.73 74.61
C TYR U 539 -24.90 -51.77 73.52
N LEU U 540 -25.89 -52.63 73.30
CA LEU U 540 -25.72 -53.81 72.45
C LEU U 540 -27.01 -54.06 71.67
N THR U 541 -26.89 -54.30 70.36
CA THR U 541 -28.02 -54.73 69.55
C THR U 541 -27.55 -55.87 68.65
N LEU U 542 -28.37 -56.22 67.66
CA LEU U 542 -28.04 -57.30 66.73
C LEU U 542 -27.39 -56.79 65.45
N ALA U 543 -26.81 -57.74 64.70
CA ALA U 543 -26.42 -57.48 63.33
C ALA U 543 -27.64 -57.48 62.42
N PRO U 544 -27.70 -56.62 61.42
CA PRO U 544 -28.89 -56.53 60.57
C PRO U 544 -28.98 -57.69 59.58
N GLU U 545 -30.19 -57.87 59.06
CA GLU U 545 -30.49 -58.88 58.05
C GLU U 545 -30.05 -58.42 56.67
N PRO U 546 -29.55 -59.33 55.82
CA PRO U 546 -29.30 -60.75 56.09
C PRO U 546 -27.99 -60.99 56.81
N GLU U 547 -27.93 -62.05 57.59
CA GLU U 547 -26.68 -62.46 58.22
C GLU U 547 -26.02 -63.56 57.40
N ILE U 548 -24.76 -63.83 57.70
CA ILE U 548 -24.05 -64.93 57.06
C ILE U 548 -24.51 -66.24 57.69
N ASN U 549 -24.97 -67.17 56.85
CA ASN U 549 -25.45 -68.45 57.35
C ASN U 549 -24.31 -69.26 57.97
N GLY U 550 -24.60 -69.84 59.13
CA GLY U 550 -23.57 -70.42 59.96
C GLY U 550 -23.01 -69.47 60.99
N ALA U 551 -23.35 -68.19 60.93
CA ALA U 551 -22.91 -67.19 61.90
C ALA U 551 -24.10 -66.39 62.40
N GLU U 552 -25.24 -67.06 62.55
CA GLU U 552 -26.46 -66.38 62.95
C GLU U 552 -26.43 -66.01 64.42
N GLY U 553 -27.21 -64.99 64.78
CA GLY U 553 -27.19 -64.50 66.14
C GLY U 553 -26.07 -63.55 66.46
N GLY U 554 -25.55 -62.85 65.45
CA GLY U 554 -24.46 -61.93 65.67
C GLY U 554 -24.92 -60.64 66.32
N ALA U 555 -24.02 -60.03 67.08
CA ALA U 555 -24.36 -58.84 67.83
C ALA U 555 -23.45 -57.68 67.42
N VAL U 556 -23.80 -56.49 67.87
CA VAL U 556 -22.94 -55.32 67.76
C VAL U 556 -22.92 -54.60 69.11
N ILE U 557 -21.71 -54.26 69.54
CA ILE U 557 -21.47 -53.46 70.73
C ILE U 557 -21.23 -52.04 70.26
N VAL U 558 -22.06 -51.11 70.68
CA VAL U 558 -21.98 -49.74 70.16
C VAL U 558 -22.07 -48.72 71.29
N PRO U 559 -21.15 -47.76 71.37
CA PRO U 559 -21.26 -46.72 72.38
C PRO U 559 -22.34 -45.72 72.03
N LEU U 560 -22.80 -45.01 73.07
CA LEU U 560 -23.77 -43.94 72.88
C LEU U 560 -23.17 -42.80 72.08
N THR U 561 -21.90 -42.48 72.33
CA THR U 561 -21.24 -41.38 71.64
C THR U 561 -20.90 -41.78 70.22
N HIS U 562 -21.42 -41.01 69.26
CA HIS U 562 -21.26 -41.28 67.83
C HIS U 562 -19.82 -40.95 67.42
N HIS U 563 -18.92 -41.87 67.71
CA HIS U 563 -17.52 -41.72 67.35
C HIS U 563 -17.31 -42.10 65.88
N THR U 564 -16.06 -42.05 65.45
CA THR U 564 -15.63 -42.74 64.25
C THR U 564 -14.64 -43.87 64.53
N ASN U 565 -13.97 -43.82 65.67
CA ASN U 565 -12.99 -44.84 66.04
C ASN U 565 -13.21 -45.32 67.47
N LEU U 566 -13.02 -46.60 67.67
CA LEU U 566 -12.84 -47.11 69.02
C LEU U 566 -11.43 -46.84 69.54
N LEU U 567 -10.62 -46.08 68.81
CA LEU U 567 -9.52 -45.37 69.39
C LEU U 567 -9.92 -43.97 69.84
N GLU U 568 -10.96 -43.41 69.23
CA GLU U 568 -11.54 -42.16 69.74
C GLU U 568 -12.35 -42.40 71.00
N CYS U 569 -12.84 -43.62 71.21
CA CYS U 569 -13.67 -43.92 72.36
C CYS U 569 -12.90 -43.71 73.67
N ASP U 570 -13.66 -43.55 74.75
CA ASP U 570 -13.09 -43.21 76.05
C ASP U 570 -12.69 -44.46 76.83
N ASP U 571 -11.99 -44.25 77.95
CA ASP U 571 -11.45 -45.35 78.73
C ASP U 571 -12.57 -46.18 79.37
N ASP U 572 -13.57 -45.53 79.95
CA ASP U 572 -14.68 -46.27 80.53
C ASP U 572 -15.62 -46.87 79.47
N GLU U 573 -15.77 -46.18 78.32
CA GLU U 573 -16.45 -46.78 77.18
C GLU U 573 -15.75 -48.08 76.77
N TRP U 574 -14.43 -48.04 76.71
CA TRP U 574 -13.68 -49.21 76.27
C TRP U 574 -13.71 -50.30 77.34
N GLU U 575 -13.75 -49.91 78.61
CA GLU U 575 -13.82 -50.91 79.68
C GLU U 575 -15.15 -51.67 79.65
N GLU U 576 -16.26 -50.95 79.48
CA GLU U 576 -17.50 -51.70 79.41
C GLU U 576 -17.72 -52.36 78.06
N ILE U 577 -17.02 -51.90 77.00
CA ILE U 577 -16.95 -52.69 75.78
C ILE U 577 -16.21 -54.00 76.02
N ARG U 578 -15.13 -53.97 76.81
CA ARG U 578 -14.45 -55.21 77.17
C ARG U 578 -15.36 -56.13 77.99
N ASN U 579 -16.16 -55.55 78.88
CA ASN U 579 -17.12 -56.35 79.64
C ASN U 579 -18.17 -56.98 78.73
N PHE U 580 -18.65 -56.23 77.74
CA PHE U 580 -19.57 -56.79 76.74
C PHE U 580 -18.90 -57.90 75.95
N MET U 581 -17.63 -57.74 75.61
CA MET U 581 -16.89 -58.76 74.87
C MET U 581 -16.73 -60.02 75.70
N LYS U 582 -16.43 -59.88 76.99
CA LYS U 582 -16.31 -61.02 77.89
C LYS U 582 -17.64 -61.76 78.04
N SER U 583 -18.72 -61.00 78.18
CA SER U 583 -20.04 -61.61 78.32
C SER U 583 -20.44 -62.35 77.05
N LEU U 584 -20.17 -61.77 75.88
CA LEU U 584 -20.50 -62.43 74.63
C LEU U 584 -19.62 -63.65 74.38
N THR U 585 -18.34 -63.58 74.78
CA THR U 585 -17.46 -64.73 74.68
C THR U 585 -17.95 -65.87 75.54
N ARG U 586 -18.37 -65.58 76.77
CA ARG U 586 -18.91 -66.60 77.66
C ARG U 586 -20.22 -67.18 77.10
N LEU U 587 -21.10 -66.32 76.57
CA LEU U 587 -22.34 -66.77 75.97
C LEU U 587 -22.10 -67.71 74.80
N TYR U 588 -21.17 -67.35 73.92
CA TYR U 588 -20.95 -68.19 72.76
C TYR U 588 -20.17 -69.45 73.10
N HIS U 589 -19.32 -69.42 74.13
CA HIS U 589 -18.68 -70.65 74.57
C HIS U 589 -19.69 -71.60 75.19
N ASP U 590 -20.70 -71.07 75.89
CA ASP U 590 -21.80 -71.93 76.33
C ASP U 590 -22.64 -72.40 75.15
N GLN U 591 -22.70 -71.60 74.09
CA GLN U 591 -23.35 -72.02 72.85
C GLN U 591 -22.54 -73.10 72.13
N GLY U 592 -21.25 -73.21 72.42
CA GLY U 592 -20.39 -74.18 71.78
C GLY U 592 -19.55 -73.64 70.64
N ARG U 593 -19.63 -72.35 70.37
CA ARG U 593 -18.97 -71.72 69.23
C ARG U 593 -17.95 -70.70 69.72
N ASP U 594 -16.90 -70.50 68.94
CA ASP U 594 -16.00 -69.40 69.20
C ASP U 594 -16.60 -68.11 68.67
N VAL U 595 -16.01 -66.98 69.06
CA VAL U 595 -16.48 -65.67 68.63
C VAL U 595 -15.29 -64.85 68.18
N ILE U 596 -15.50 -64.02 67.17
CA ILE U 596 -14.52 -63.01 66.77
C ILE U 596 -15.22 -61.66 66.79
N PHE U 597 -14.43 -60.62 66.91
CA PHE U 597 -14.95 -59.26 66.93
C PHE U 597 -14.21 -58.46 65.89
N TYR U 598 -14.88 -57.50 65.27
CA TYR U 598 -14.16 -56.64 64.33
C TYR U 598 -14.70 -55.23 64.36
N GLU U 599 -13.81 -54.29 64.06
CA GLU U 599 -14.15 -52.90 63.85
C GLU U 599 -13.74 -52.50 62.44
N ASN U 600 -14.69 -51.96 61.68
CA ASN U 600 -14.49 -51.52 60.32
C ASN U 600 -14.37 -50.01 60.32
N ALA U 601 -13.19 -49.51 60.64
CA ALA U 601 -12.92 -48.08 60.57
C ALA U 601 -12.23 -47.74 59.26
N ALA U 602 -12.63 -48.40 58.18
CA ALA U 602 -11.93 -48.26 56.91
C ALA U 602 -12.31 -47.02 56.14
N ALA U 603 -13.45 -46.41 56.47
CA ALA U 603 -13.92 -45.21 55.76
C ALA U 603 -14.24 -44.14 56.79
N PRO U 604 -13.22 -43.45 57.32
CA PRO U 604 -13.48 -42.40 58.32
C PRO U 604 -14.09 -41.15 57.75
N LYS U 605 -14.10 -40.97 56.44
CA LYS U 605 -14.72 -39.81 55.82
C LYS U 605 -16.21 -39.96 55.62
N ARG U 606 -16.77 -41.11 55.98
CA ARG U 606 -18.22 -41.29 55.97
C ARG U 606 -18.85 -41.01 57.32
N ARG U 607 -18.04 -41.00 58.39
CA ARG U 607 -18.47 -40.69 59.75
C ARG U 607 -19.60 -41.61 60.23
N GLN U 608 -19.41 -42.91 59.99
CA GLN U 608 -20.33 -43.91 60.51
C GLN U 608 -20.18 -44.01 62.02
N HIS U 609 -21.21 -44.58 62.66
CA HIS U 609 -21.13 -44.81 64.09
C HIS U 609 -20.19 -45.97 64.36
N ALA U 610 -19.17 -45.74 65.18
CA ALA U 610 -18.17 -46.76 65.46
C ALA U 610 -18.79 -47.88 66.27
N ALA U 611 -18.90 -49.07 65.67
CA ALA U 611 -19.49 -50.22 66.32
C ALA U 611 -18.55 -51.40 66.20
N LEU U 612 -18.56 -52.25 67.23
CA LEU U 612 -17.72 -53.44 67.28
C LEU U 612 -18.63 -54.64 67.06
N VAL U 613 -18.50 -55.29 65.91
CA VAL U 613 -19.40 -56.38 65.56
C VAL U 613 -18.85 -57.68 66.11
N ALA U 614 -19.69 -58.42 66.83
CA ALA U 614 -19.38 -59.75 67.33
C ALA U 614 -20.02 -60.77 66.42
N VAL U 615 -19.17 -61.60 65.79
CA VAL U 615 -19.60 -62.64 64.86
C VAL U 615 -19.28 -63.99 65.50
N PRO U 616 -20.26 -64.88 65.67
CA PRO U 616 -19.97 -66.23 66.18
C PRO U 616 -19.67 -67.23 65.08
N ILE U 617 -18.58 -67.98 65.25
CA ILE U 617 -18.16 -68.97 64.24
C ILE U 617 -17.94 -70.30 64.94
N PRO U 618 -18.10 -71.43 64.25
CA PRO U 618 -17.83 -72.73 64.88
C PRO U 618 -16.36 -72.95 65.17
N TYR U 619 -16.05 -74.15 65.66
CA TYR U 619 -14.86 -74.37 66.48
C TYR U 619 -13.58 -74.44 65.64
N GLU U 620 -13.58 -75.26 64.59
CA GLU U 620 -12.35 -75.51 63.84
C GLU U 620 -11.92 -74.27 63.05
N LEU U 621 -12.85 -73.64 62.36
CA LEU U 621 -12.55 -72.37 61.72
C LEU U 621 -12.39 -71.24 62.74
N GLY U 622 -12.88 -71.41 63.96
CA GLY U 622 -12.48 -70.51 65.02
C GLY U 622 -11.03 -70.64 65.39
N ASP U 623 -10.46 -71.82 65.18
CA ASP U 623 -9.00 -71.94 65.30
C ASP U 623 -8.29 -71.34 64.11
N THR U 624 -8.81 -71.54 62.90
CA THR U 624 -8.09 -71.12 61.69
C THR U 624 -8.44 -69.72 61.21
N ALA U 625 -9.24 -68.96 61.95
CA ALA U 625 -9.60 -67.60 61.58
C ALA U 625 -8.44 -66.62 61.34
N PRO U 626 -7.35 -66.62 62.13
CA PRO U 626 -6.24 -65.72 61.80
C PRO U 626 -5.63 -65.95 60.43
N ALA U 627 -5.64 -67.18 59.91
CA ALA U 627 -5.13 -67.42 58.56
C ALA U 627 -6.01 -66.75 57.51
N PHE U 628 -7.33 -66.84 57.66
CA PHE U 628 -8.24 -66.21 56.71
C PHE U 628 -8.08 -64.69 56.73
N PHE U 629 -7.99 -64.11 57.91
CA PHE U 629 -7.91 -62.65 57.98
C PHE U 629 -6.53 -62.15 57.56
N ARG U 630 -5.48 -62.92 57.88
CA ARG U 630 -4.13 -62.64 57.38
C ARG U 630 -4.09 -62.64 55.87
N GLU U 631 -4.68 -63.65 55.23
CA GLU U 631 -4.66 -63.72 53.77
C GLU U 631 -5.43 -62.58 53.15
N ALA U 632 -6.59 -62.26 53.71
CA ALA U 632 -7.40 -61.20 53.13
C ALA U 632 -6.73 -59.84 53.25
N MET U 633 -6.15 -59.53 54.42
CA MET U 633 -5.47 -58.26 54.56
C MET U 633 -4.11 -58.22 53.87
N LEU U 634 -3.54 -59.38 53.53
CA LEU U 634 -2.34 -59.36 52.71
C LEU U 634 -2.67 -59.21 51.23
N SER U 635 -3.89 -59.53 50.82
CA SER U 635 -4.19 -59.50 49.40
C SER U 635 -5.12 -58.37 48.97
N SER U 636 -5.79 -57.68 49.89
CA SER U 636 -6.89 -56.80 49.51
C SER U 636 -6.52 -55.32 49.45
N ASP U 637 -5.25 -54.97 49.57
CA ASP U 637 -4.88 -53.56 49.58
C ASP U 637 -3.68 -53.36 48.66
N GLU U 638 -3.13 -52.15 48.71
CA GLU U 638 -2.01 -51.75 47.89
C GLU U 638 -0.82 -52.68 48.11
N GLU U 639 -0.21 -53.10 47.01
CA GLU U 639 0.87 -54.07 47.08
C GLU U 639 2.13 -53.45 47.68
N TRP U 640 2.48 -52.24 47.27
CA TRP U 640 3.65 -51.55 47.81
C TRP U 640 3.19 -50.54 48.85
N ALA U 641 2.74 -51.10 49.97
CA ALA U 641 2.06 -50.35 51.01
C ALA U 641 3.04 -49.49 51.81
N GLN U 642 2.51 -48.42 52.39
CA GLN U 642 3.35 -47.50 53.16
C GLN U 642 3.72 -48.08 54.51
N HIS U 643 2.82 -48.83 55.13
CA HIS U 643 3.05 -49.44 56.42
C HIS U 643 3.09 -50.95 56.29
N ARG U 644 3.22 -51.64 57.42
CA ARG U 644 3.12 -53.09 57.42
C ARG U 644 1.69 -53.49 57.12
N LYS U 645 1.54 -54.54 56.32
CA LYS U 645 0.21 -54.91 55.85
C LYS U 645 -0.61 -55.53 56.96
N VAL U 646 0.02 -56.26 57.87
CA VAL U 646 -0.63 -56.81 59.05
C VAL U 646 0.17 -56.38 60.27
N ILE U 647 -0.51 -55.72 61.21
CA ILE U 647 0.07 -55.39 62.51
C ILE U 647 -0.58 -56.29 63.55
N ASP U 648 0.24 -57.03 64.29
CA ASP U 648 -0.22 -58.10 65.18
C ASP U 648 -0.33 -57.56 66.59
N THR U 649 -1.51 -57.02 66.90
CA THR U 649 -1.77 -56.49 68.23
C THR U 649 -1.79 -57.60 69.27
N GLY U 650 -2.21 -58.81 68.89
CA GLY U 650 -2.10 -59.94 69.81
C GLY U 650 -0.66 -60.27 70.15
N LYS U 651 0.23 -60.20 69.17
CA LYS U 651 1.64 -60.46 69.43
C LYS U 651 2.25 -59.38 70.30
N LYS U 652 1.88 -58.11 70.07
CA LYS U 652 2.37 -57.04 70.93
C LYS U 652 1.86 -57.18 72.36
N ALA U 653 0.58 -57.56 72.51
CA ALA U 653 0.00 -57.79 73.84
C ALA U 653 0.70 -58.94 74.55
N LYS U 654 1.02 -60.01 73.83
CA LYS U 654 1.77 -61.10 74.43
C LYS U 654 3.19 -60.67 74.78
N GLU U 655 3.80 -59.80 73.97
CA GLU U 655 5.14 -59.32 74.30
C GLU U 655 5.11 -58.50 75.59
N ALA U 656 4.64 -57.24 75.53
CA ALA U 656 4.20 -56.51 76.72
C ALA U 656 3.45 -55.25 76.29
N LEU U 657 2.13 -55.37 76.13
CA LEU U 657 1.28 -54.19 76.15
C LEU U 657 -0.04 -54.44 76.87
N GLY U 658 -0.30 -55.67 77.31
CA GLY U 658 -1.51 -55.96 78.06
C GLY U 658 -2.76 -55.82 77.21
N ARG U 659 -3.82 -55.31 77.82
CA ARG U 659 -5.02 -54.92 77.10
C ARG U 659 -4.74 -53.82 76.09
N MET U 660 -3.79 -52.95 76.40
CA MET U 660 -3.62 -51.68 75.70
C MET U 660 -2.90 -51.82 74.37
N ALA U 661 -2.81 -53.04 73.82
CA ALA U 661 -2.11 -53.22 72.55
C ALA U 661 -2.84 -52.57 71.39
N PHE U 662 -4.14 -52.82 71.28
CA PHE U 662 -4.91 -52.22 70.19
C PHE U 662 -4.97 -50.70 70.33
N ARG U 663 -5.23 -50.21 71.54
CA ARG U 663 -5.41 -48.78 71.70
C ARG U 663 -4.09 -48.03 71.74
N ARG U 664 -2.98 -48.73 71.94
CA ARG U 664 -1.67 -48.12 71.94
C ARG U 664 -0.83 -48.52 70.75
N SER U 665 -1.41 -49.18 69.75
CA SER U 665 -0.66 -49.60 68.58
C SER U 665 -1.06 -48.91 67.29
N ILE U 666 -2.28 -48.41 67.19
CA ILE U 666 -2.79 -47.78 65.98
C ILE U 666 -3.09 -46.31 66.27
N ALA U 667 -2.59 -45.43 65.42
CA ALA U 667 -2.95 -44.02 65.51
C ALA U 667 -4.42 -43.83 65.17
N LYS U 668 -5.07 -42.91 65.87
CA LYS U 668 -6.51 -42.73 65.73
C LYS U 668 -6.89 -41.94 64.49
N GLU U 669 -5.93 -41.34 63.79
CA GLU U 669 -6.22 -40.52 62.63
C GLU U 669 -6.15 -41.30 61.32
N MET U 670 -5.91 -42.60 61.38
CA MET U 670 -5.72 -43.38 60.19
C MET U 670 -6.91 -44.29 59.94
N PRO U 671 -7.20 -44.63 58.67
CA PRO U 671 -8.27 -45.58 58.38
C PRO U 671 -7.78 -47.00 58.60
N TYR U 672 -8.57 -47.82 59.27
CA TYR U 672 -8.11 -49.16 59.60
C TYR U 672 -9.27 -50.14 59.65
N PHE U 673 -8.89 -51.41 59.76
CA PHE U 673 -9.78 -52.51 60.09
C PHE U 673 -9.07 -53.31 61.15
N HIS U 674 -9.82 -53.80 62.14
CA HIS U 674 -9.19 -54.60 63.18
C HIS U 674 -10.07 -55.78 63.52
N VAL U 675 -9.45 -56.93 63.80
CA VAL U 675 -10.20 -58.10 64.23
C VAL U 675 -9.57 -58.65 65.51
N TRP U 676 -10.40 -58.89 66.51
CA TRP U 676 -10.02 -59.51 67.77
C TRP U 676 -10.44 -60.98 67.75
N PHE U 677 -9.49 -61.86 68.05
CA PHE U 677 -9.78 -63.23 68.39
C PHE U 677 -9.70 -63.47 69.90
N ASN U 678 -8.80 -62.78 70.58
CA ASN U 678 -8.67 -62.82 72.02
C ASN U 678 -9.49 -61.69 72.63
N LEU U 679 -9.27 -61.42 73.92
CA LEU U 679 -9.79 -60.23 74.56
C LEU U 679 -8.78 -59.10 74.60
N ASP U 680 -7.49 -59.40 74.46
CA ASP U 680 -6.44 -58.41 74.54
C ASP U 680 -5.76 -58.12 73.22
N GLY U 681 -6.06 -58.87 72.18
CA GLY U 681 -5.35 -58.71 70.91
C GLY U 681 -6.12 -59.16 69.71
N GLY U 682 -5.37 -59.59 68.70
CA GLY U 682 -5.90 -59.82 67.37
C GLY U 682 -4.94 -59.22 66.37
N LEU U 683 -5.44 -58.78 65.22
CA LEU U 683 -4.59 -58.17 64.22
C LEU U 683 -5.39 -57.30 63.27
N GLY U 684 -4.72 -56.26 62.74
CA GLY U 684 -5.41 -55.20 62.02
C GLY U 684 -4.59 -54.70 60.85
N HIS U 685 -5.18 -53.77 60.11
CA HIS U 685 -4.65 -53.31 58.84
C HIS U 685 -4.99 -51.86 58.60
N ILE U 686 -4.01 -51.09 58.14
CA ILE U 686 -4.22 -49.71 57.75
C ILE U 686 -4.64 -49.68 56.29
N VAL U 687 -5.85 -49.18 56.04
CA VAL U 687 -6.40 -49.14 54.70
C VAL U 687 -5.78 -47.97 53.95
N GLU U 688 -4.97 -48.27 52.94
CA GLU U 688 -4.23 -47.24 52.21
C GLU U 688 -4.73 -47.01 50.79
N ASP U 689 -5.54 -47.91 50.24
CA ASP U 689 -6.07 -47.76 48.89
C ASP U 689 -7.59 -47.82 48.99
N GLU U 690 -8.21 -46.65 48.99
CA GLU U 690 -9.66 -46.55 49.14
C GLU U 690 -10.41 -47.18 47.96
N ASN U 691 -9.81 -47.19 46.77
CA ASN U 691 -10.45 -47.85 45.64
C ASN U 691 -10.34 -49.36 45.73
N LYS U 692 -9.16 -49.88 46.09
CA LYS U 692 -8.96 -51.32 46.10
C LYS U 692 -9.61 -51.99 47.30
N TRP U 693 -9.71 -51.31 48.43
CA TRP U 693 -10.39 -51.90 49.58
C TRP U 693 -11.89 -52.00 49.30
N PRO U 694 -12.55 -53.04 49.82
CA PRO U 694 -14.00 -53.16 49.62
C PRO U 694 -14.77 -52.05 50.31
N LYS U 695 -15.92 -51.73 49.74
CA LYS U 695 -16.74 -50.63 50.23
C LYS U 695 -17.62 -51.10 51.39
N GLY U 696 -17.69 -50.29 52.44
CA GLY U 696 -18.55 -50.62 53.56
C GLY U 696 -18.00 -51.78 54.38
N ASP U 697 -18.89 -52.65 54.83
CA ASP U 697 -18.53 -53.83 55.61
C ASP U 697 -18.32 -55.04 54.71
N LEU U 698 -18.12 -54.79 53.40
CA LEU U 698 -17.99 -55.86 52.43
C LEU U 698 -16.75 -56.71 52.67
N PHE U 699 -15.68 -56.11 53.21
CA PHE U 699 -14.46 -56.87 53.46
C PHE U 699 -14.70 -57.98 54.46
N ALA U 700 -15.26 -57.63 55.63
CA ALA U 700 -15.49 -58.62 56.66
C ALA U 700 -16.59 -59.59 56.25
N ARG U 701 -17.60 -59.11 55.52
CA ARG U 701 -18.63 -60.03 55.04
C ARG U 701 -18.04 -61.06 54.07
N GLU U 702 -17.15 -60.62 53.18
CA GLU U 702 -16.48 -61.53 52.25
C GLU U 702 -15.61 -62.55 52.99
N VAL U 703 -14.86 -62.10 53.99
CA VAL U 703 -13.99 -63.03 54.71
C VAL U 703 -14.80 -64.04 55.49
N ILE U 704 -15.84 -63.58 56.19
CA ILE U 704 -16.67 -64.47 57.00
C ILE U 704 -17.41 -65.46 56.12
N GLY U 705 -17.89 -65.02 54.96
CA GLY U 705 -18.48 -65.96 54.03
C GLY U 705 -17.49 -66.95 53.47
N GLY U 706 -16.25 -66.51 53.24
CA GLY U 706 -15.24 -67.41 52.74
C GLY U 706 -14.90 -68.52 53.71
N MET U 707 -14.80 -68.20 55.00
CA MET U 707 -14.72 -69.26 56.01
C MET U 707 -15.99 -70.10 56.00
N LEU U 708 -17.10 -69.49 56.36
CA LEU U 708 -18.42 -70.12 56.30
C LEU U 708 -18.93 -69.93 54.89
N ASP U 709 -18.59 -70.88 54.01
CA ASP U 709 -18.97 -70.88 52.60
C ASP U 709 -20.44 -70.59 52.42
N ALA U 710 -20.72 -69.45 51.81
CA ALA U 710 -22.05 -68.87 51.80
C ALA U 710 -22.40 -68.44 50.39
N GLU U 711 -23.66 -68.09 50.20
CA GLU U 711 -24.08 -67.58 48.92
C GLU U 711 -23.54 -66.17 48.76
N PRO U 712 -22.90 -65.86 47.62
CA PRO U 712 -22.36 -64.51 47.43
C PRO U 712 -23.42 -63.42 47.44
N ASP U 713 -24.68 -63.75 47.13
CA ASP U 713 -25.75 -62.76 47.31
C ASP U 713 -25.90 -62.38 48.77
N VAL U 714 -25.93 -63.38 49.65
CA VAL U 714 -25.98 -63.14 51.08
C VAL U 714 -24.74 -62.40 51.54
N ILE U 715 -23.61 -62.60 50.84
CA ILE U 715 -22.39 -61.88 51.17
C ILE U 715 -22.53 -60.39 50.83
N LYS U 716 -22.72 -60.08 49.55
CA LYS U 716 -22.85 -58.69 49.14
C LYS U 716 -24.31 -58.25 49.11
N LYS U 717 -25.04 -58.56 50.17
CA LYS U 717 -26.26 -57.85 50.52
C LYS U 717 -26.00 -57.15 51.85
N GLN U 718 -25.82 -55.83 51.80
CA GLN U 718 -25.57 -55.05 53.01
C GLN U 718 -26.77 -55.07 53.94
N GLY U 719 -26.49 -55.15 55.24
CA GLY U 719 -27.54 -55.24 56.24
C GLY U 719 -28.29 -53.93 56.40
N ARG U 720 -29.59 -54.05 56.70
CA ARG U 720 -30.47 -52.92 56.89
C ARG U 720 -31.16 -53.05 58.23
N TRP U 721 -31.19 -51.97 59.00
CA TRP U 721 -31.73 -52.03 60.36
C TRP U 721 -33.24 -51.81 60.37
N THR U 722 -33.90 -52.43 61.34
CA THR U 722 -35.31 -52.22 61.61
C THR U 722 -35.50 -52.04 63.11
N ARG U 723 -36.65 -51.47 63.49
CA ARG U 723 -36.89 -51.13 64.88
C ARG U 723 -37.53 -52.28 65.66
N SER U 724 -38.64 -52.81 65.17
CA SER U 724 -39.31 -53.96 65.79
C SER U 724 -38.81 -55.23 65.11
N ASP U 725 -38.25 -56.16 65.88
CA ASP U 725 -37.58 -57.28 65.25
C ASP U 725 -37.66 -58.51 66.15
N GLU U 726 -38.29 -59.56 65.61
CA GLU U 726 -38.63 -60.75 66.36
C GLU U 726 -37.39 -61.49 66.84
N ARG U 727 -36.37 -61.60 65.98
CA ARG U 727 -35.16 -62.29 66.40
C ARG U 727 -34.34 -61.46 67.38
N VAL U 728 -34.52 -60.13 67.39
CA VAL U 728 -33.96 -59.33 68.49
C VAL U 728 -34.64 -59.68 69.81
N GLU U 729 -35.97 -59.85 69.78
CA GLU U 729 -36.66 -60.29 70.99
C GLU U 729 -36.18 -61.68 71.43
N GLY U 730 -36.00 -62.58 70.47
CA GLY U 730 -35.50 -63.91 70.80
C GLY U 730 -34.08 -63.90 71.33
N PHE U 731 -33.22 -63.07 70.76
CA PHE U 731 -31.86 -62.98 71.25
C PHE U 731 -31.81 -62.34 72.64
N LYS U 732 -32.75 -61.42 72.93
CA LYS U 732 -32.81 -60.87 74.28
C LYS U 732 -33.24 -61.93 75.29
N LYS U 733 -34.27 -62.72 74.94
CA LYS U 733 -34.73 -63.78 75.81
C LYS U 733 -33.75 -64.95 75.88
N ARG U 734 -32.75 -64.99 75.00
CA ARG U 734 -31.62 -65.87 75.16
C ARG U 734 -30.48 -65.22 75.95
N TRP U 735 -30.35 -63.89 75.85
CA TRP U 735 -29.20 -63.16 76.38
C TRP U 735 -29.32 -62.87 77.87
N ARG U 736 -30.54 -62.76 78.39
CA ARG U 736 -30.77 -62.21 79.73
C ARG U 736 -30.09 -62.99 80.87
N LYS U 737 -29.51 -64.15 80.60
CA LYS U 737 -28.77 -64.86 81.64
C LYS U 737 -27.43 -64.19 81.94
N PHE U 738 -26.70 -63.79 80.90
CA PHE U 738 -25.31 -63.37 81.03
C PHE U 738 -25.14 -61.88 81.26
N ASP U 739 -26.23 -61.15 81.44
CA ASP U 739 -26.23 -59.69 81.35
C ASP U 739 -25.66 -59.06 82.61
N TRP U 740 -24.42 -58.55 82.51
CA TRP U 740 -23.85 -57.87 83.67
C TRP U 740 -24.51 -56.51 83.91
N THR U 741 -25.11 -55.92 82.88
CA THR U 741 -25.92 -54.73 83.13
C THR U 741 -27.15 -55.07 83.96
N ARG U 742 -27.73 -56.26 83.74
CA ARG U 742 -28.81 -56.72 84.61
C ARG U 742 -28.33 -56.96 86.04
N VAL U 743 -27.15 -57.58 86.20
CA VAL U 743 -26.72 -57.81 87.58
C VAL U 743 -26.23 -56.52 88.25
N LEU U 744 -25.90 -55.49 87.46
CA LEU U 744 -25.66 -54.17 88.03
C LEU U 744 -26.96 -53.49 88.42
N THR U 745 -28.00 -53.66 87.62
CA THR U 745 -29.31 -53.10 87.94
C THR U 745 -30.14 -54.06 88.78
N ASP V 18 33.94 12.75 -0.41
CA ASP V 18 35.01 12.46 0.53
C ASP V 18 35.66 13.72 1.07
N PHE V 19 35.08 14.87 0.73
CA PHE V 19 35.63 16.15 1.14
C PHE V 19 34.45 17.02 1.56
N PRO V 20 34.56 17.73 2.67
CA PRO V 20 33.42 18.49 3.18
C PRO V 20 33.05 19.68 2.32
N SER V 21 31.79 20.09 2.42
CA SER V 21 31.31 21.31 1.77
C SER V 21 31.23 22.40 2.81
N VAL V 22 32.37 23.00 3.10
CA VAL V 22 32.51 24.02 4.13
C VAL V 22 32.90 25.33 3.47
N CYS V 23 32.28 26.42 3.90
CA CYS V 23 32.53 27.72 3.31
C CYS V 23 33.83 28.32 3.82
N GLU V 24 34.26 29.38 3.15
CA GLU V 24 35.58 29.94 3.38
C GLU V 24 35.69 30.71 4.69
N ASN V 25 34.57 31.18 5.25
CA ASN V 25 34.66 31.83 6.55
C ASN V 25 34.69 30.82 7.68
N CYS V 26 34.07 29.66 7.49
CA CYS V 26 34.20 28.58 8.45
C CYS V 26 35.55 27.89 8.35
N LEU V 27 36.15 27.87 7.16
CA LEU V 27 37.49 27.37 6.98
C LEU V 27 38.50 28.32 7.63
N PRO V 28 39.69 27.84 8.00
CA PRO V 28 40.67 28.72 8.64
C PRO V 28 41.23 29.78 7.70
N GLU V 29 41.83 30.81 8.30
CA GLU V 29 42.46 31.85 7.48
C GLU V 29 43.74 31.34 6.83
N ASN V 30 44.44 30.44 7.48
CA ASN V 30 45.60 29.78 6.91
C ASN V 30 45.16 28.98 5.70
N PRO V 31 45.74 29.20 4.52
CA PRO V 31 45.32 28.45 3.32
C PRO V 31 45.69 26.98 3.36
N TYR V 32 46.45 26.54 4.35
CA TYR V 32 46.92 25.17 4.48
C TYR V 32 46.20 24.58 5.68
N VAL V 33 45.32 23.62 5.44
CA VAL V 33 44.35 23.19 6.43
C VAL V 33 44.73 21.80 6.92
N LYS V 34 44.71 21.64 8.24
CA LYS V 34 44.86 20.36 8.91
C LYS V 34 43.48 19.89 9.37
N MET V 35 42.87 18.98 8.62
CA MET V 35 41.60 18.39 9.01
C MET V 35 41.75 17.00 9.59
N LEU V 36 40.88 16.70 10.55
CA LEU V 36 40.65 15.37 11.07
C LEU V 36 39.36 14.84 10.47
N LYS V 37 39.38 13.57 10.09
CA LYS V 37 38.23 12.91 9.51
C LYS V 37 37.88 11.70 10.35
N GLU V 38 36.60 11.57 10.71
CA GLU V 38 36.14 10.44 11.50
C GLU V 38 34.86 9.90 10.89
N ASP V 39 34.91 8.68 10.37
CA ASP V 39 33.71 8.03 9.86
C ASP V 39 32.77 7.73 11.01
N TYR V 40 31.47 7.98 10.78
CA TYR V 40 30.41 7.81 11.79
C TYR V 40 30.71 8.62 13.05
N GLY V 41 31.20 9.83 12.86
CA GLY V 41 31.65 10.64 13.98
C GLY V 41 30.56 11.29 14.78
N ALA V 42 29.43 11.62 14.15
CA ALA V 42 28.37 12.34 14.84
C ALA V 42 27.04 12.04 14.20
N GLU V 43 25.99 12.41 14.90
CA GLU V 43 24.65 12.47 14.34
C GLU V 43 24.45 13.76 13.58
N CYS V 44 23.82 13.68 12.41
CA CYS V 44 23.44 14.89 11.70
C CYS V 44 22.40 15.65 12.52
N LYS V 45 22.57 16.96 12.60
CA LYS V 45 21.61 17.74 13.37
C LYS V 45 20.24 17.77 12.72
N LEU V 46 20.20 17.56 11.40
CA LEU V 46 18.97 17.67 10.62
C LEU V 46 18.23 16.34 10.53
N CYS V 47 18.90 15.28 10.08
CA CYS V 47 18.23 14.01 9.84
C CYS V 47 18.49 12.98 10.92
N THR V 48 19.39 13.27 11.87
CA THR V 48 19.82 12.38 12.94
C THR V 48 20.31 11.03 12.40
N ARG V 49 21.11 11.10 11.37
CA ARG V 49 21.81 9.91 10.93
C ARG V 49 23.31 10.07 11.15
N PRO V 50 24.05 8.98 11.33
CA PRO V 50 25.50 9.11 11.50
C PRO V 50 26.19 9.41 10.17
N PHE V 51 27.14 10.34 10.23
CA PHE V 51 27.85 10.80 9.05
C PHE V 51 29.32 11.05 9.39
N THR V 52 30.16 11.04 8.37
CA THR V 52 31.58 11.32 8.52
C THR V 52 31.81 12.77 8.92
N VAL V 53 32.52 12.99 10.02
CA VAL V 53 32.78 14.32 10.55
C VAL V 53 34.16 14.76 10.09
N PHE V 54 34.26 15.99 9.62
CA PHE V 54 35.52 16.66 9.34
C PHE V 54 35.64 17.82 10.32
N SER V 55 36.79 17.93 10.96
CA SER V 55 37.00 18.93 12.00
C SER V 55 38.39 19.54 11.85
N TRP V 56 38.49 20.83 12.14
CA TRP V 56 39.74 21.54 11.95
C TRP V 56 39.95 22.50 13.11
N ALA V 57 41.19 22.59 13.54
CA ALA V 57 41.58 23.55 14.58
C ALA V 57 41.50 24.95 14.01
N GLY V 58 40.98 25.86 14.81
CA GLY V 58 40.66 27.19 14.33
C GLY V 58 41.87 28.06 14.11
N ASP V 59 41.65 29.36 14.29
CA ASP V 59 42.69 30.34 13.98
C ASP V 59 43.41 30.84 15.21
N GLY V 60 42.73 30.90 16.36
CA GLY V 60 43.25 31.59 17.53
C GLY V 60 43.59 30.75 18.73
N ARG V 61 43.64 29.42 18.59
CA ARG V 61 43.89 28.48 19.70
C ARG V 61 42.91 28.70 20.85
N ALA V 62 41.66 29.01 20.49
CA ALA V 62 40.58 29.12 21.46
C ALA V 62 40.34 27.76 22.09
N HIS V 63 39.89 27.77 23.35
CA HIS V 63 39.73 26.54 24.09
C HIS V 63 38.73 25.62 23.41
N GLY V 64 37.44 26.00 23.42
CA GLY V 64 36.37 25.50 22.58
C GLY V 64 36.43 24.04 22.18
N ARG V 65 36.33 23.82 20.87
CA ARG V 65 36.75 22.59 20.19
C ARG V 65 37.26 22.96 18.82
N LYS V 66 37.38 21.94 17.98
CA LYS V 66 37.61 22.17 16.58
C LYS V 66 36.30 22.47 15.89
N LYS V 67 36.36 23.31 14.86
CA LYS V 67 35.17 23.56 14.06
C LYS V 67 34.91 22.35 13.19
N ARG V 68 33.69 21.83 13.23
CA ARG V 68 33.41 20.58 12.57
C ARG V 68 32.18 20.72 11.68
N THR V 69 32.06 19.77 10.77
CA THR V 69 30.81 19.62 10.02
C THR V 69 29.73 19.10 10.96
N ASN V 70 28.56 19.74 10.91
CA ASN V 70 27.47 19.42 11.81
C ASN V 70 26.30 18.71 11.13
N ILE V 71 26.21 18.79 9.81
CA ILE V 71 25.17 18.10 9.06
C ILE V 71 25.82 17.26 8.00
N CYS V 72 25.08 16.28 7.49
CA CYS V 72 25.68 15.42 6.49
C CYS V 72 25.73 16.13 5.13
N LEU V 73 26.46 15.52 4.20
CA LEU V 73 26.56 16.06 2.85
C LEU V 73 25.23 15.99 2.13
N THR V 74 24.41 14.99 2.44
CA THR V 74 23.09 14.88 1.84
C THR V 74 22.19 16.02 2.29
N CYS V 75 22.17 16.32 3.59
CA CYS V 75 21.39 17.44 4.07
C CYS V 75 21.95 18.77 3.60
N ALA V 76 23.27 18.87 3.45
CA ALA V 76 23.85 20.09 2.92
C ALA V 76 23.47 20.32 1.47
N ARG V 77 23.44 19.25 0.66
CA ARG V 77 23.03 19.39 -0.73
C ARG V 77 21.54 19.67 -0.86
N LEU V 78 20.72 19.02 -0.04
CA LEU V 78 19.28 19.25 -0.08
C LEU V 78 18.85 20.59 0.47
N LYS V 79 19.63 21.21 1.36
CA LYS V 79 19.27 22.52 1.87
C LYS V 79 20.18 23.62 1.35
N ASN V 80 21.12 23.28 0.45
CA ASN V 80 22.13 24.20 -0.09
C ASN V 80 22.85 24.96 1.01
N ALA V 81 23.31 24.24 2.02
CA ALA V 81 23.84 24.85 3.23
C ALA V 81 25.33 24.60 3.37
N CYS V 82 26.00 25.46 4.12
CA CYS V 82 27.34 25.11 4.55
C CYS V 82 27.26 24.03 5.60
N GLN V 83 28.24 23.15 5.59
CA GLN V 83 28.15 21.96 6.40
C GLN V 83 28.58 22.22 7.85
N CYS V 84 29.25 23.32 8.11
CA CYS V 84 29.57 23.74 9.47
C CYS V 84 28.54 24.74 10.03
N CYS V 85 28.39 25.89 9.37
CA CYS V 85 27.59 26.99 9.91
C CYS V 85 26.10 26.80 9.71
N ILE V 86 25.71 25.89 8.81
CA ILE V 86 24.33 25.62 8.40
C ILE V 86 23.74 26.94 7.93
N MET V 87 24.47 27.65 7.08
CA MET V 87 23.91 28.82 6.41
C MET V 87 23.88 28.59 4.92
N ASP V 88 22.95 29.29 4.27
CA ASP V 88 22.70 29.15 2.84
C ASP V 88 23.92 29.52 2.02
N LEU V 89 24.29 28.67 1.08
CA LEU V 89 25.53 28.86 0.33
C LEU V 89 25.45 29.96 -0.72
N GLN V 90 24.29 30.55 -0.94
CA GLN V 90 24.15 31.57 -1.97
C GLN V 90 24.03 32.99 -1.43
N PHE V 91 23.62 33.19 -0.17
CA PHE V 91 23.47 34.53 0.39
C PHE V 91 24.00 34.70 1.79
N GLY V 92 24.29 33.64 2.52
CA GLY V 92 24.73 33.80 3.90
C GLY V 92 23.62 33.98 4.88
N LEU V 93 22.51 33.33 4.67
CA LEU V 93 21.36 33.42 5.54
C LEU V 93 21.19 32.11 6.30
N PRO V 94 20.56 32.14 7.47
CA PRO V 94 20.05 30.90 8.04
C PRO V 94 19.08 30.24 7.08
N ILE V 95 19.08 28.91 7.09
CA ILE V 95 18.31 28.14 6.11
C ILE V 95 16.83 28.43 6.25
N VAL V 96 16.36 28.58 7.49
CA VAL V 96 14.96 28.86 7.73
C VAL V 96 14.58 30.26 7.22
N ILE V 97 15.49 31.24 7.38
CA ILE V 97 15.21 32.59 6.89
C ILE V 97 15.20 32.63 5.37
N ARG V 98 16.19 31.97 4.74
CA ARG V 98 16.26 31.89 3.29
C ARG V 98 14.99 31.26 2.73
N ASP V 99 14.58 30.12 3.28
CA ASP V 99 13.45 29.42 2.72
C ASP V 99 12.12 30.02 3.13
N LYS V 100 12.06 30.77 4.23
CA LYS V 100 10.84 31.45 4.58
C LYS V 100 10.61 32.67 3.69
N ALA V 101 11.66 33.43 3.42
CA ALA V 101 11.53 34.63 2.60
C ALA V 101 11.43 34.29 1.10
N LEU V 102 12.18 33.29 0.65
CA LEU V 102 12.14 32.81 -0.73
C LEU V 102 11.55 31.41 -0.72
N GLU V 103 10.42 31.25 -0.02
CA GLU V 103 9.87 29.94 0.34
C GLU V 103 9.69 28.99 -0.84
N LEU V 104 9.67 29.50 -2.07
CA LEU V 104 9.45 28.67 -3.24
C LEU V 104 10.63 27.74 -3.55
N ILE V 105 11.66 27.62 -2.70
CA ILE V 105 12.72 26.65 -2.96
C ILE V 105 12.24 25.26 -2.58
N ALA V 106 11.99 25.04 -1.27
CA ALA V 106 11.67 23.72 -0.75
C ALA V 106 11.22 23.74 0.70
N PRO V 107 10.29 22.86 1.07
CA PRO V 107 10.02 22.58 2.50
C PRO V 107 10.96 21.53 3.07
N GLY V 108 10.68 21.05 4.30
CA GLY V 108 11.37 19.92 4.85
C GLY V 108 10.68 19.26 6.04
N PRO V 109 10.82 17.93 6.18
CA PRO V 109 10.17 17.20 7.27
C PRO V 109 11.04 17.04 8.50
N GLN V 110 10.41 17.13 9.67
CA GLN V 110 11.16 17.11 10.90
C GLN V 110 10.59 16.18 11.98
N SER V 111 9.40 15.63 11.77
CA SER V 111 8.96 14.50 12.58
C SER V 111 9.95 13.35 12.46
N GLU V 112 9.94 12.49 13.48
CA GLU V 112 11.06 11.59 13.76
C GLU V 112 11.40 10.65 12.62
N ILE V 113 10.57 9.62 12.40
CA ILE V 113 11.01 8.67 11.39
C ILE V 113 10.69 9.19 10.00
N ASN V 114 9.85 10.24 9.89
CA ASN V 114 9.68 10.94 8.63
C ASN V 114 10.98 11.54 8.15
N ARG V 115 11.75 12.14 9.06
CA ARG V 115 12.98 12.78 8.62
C ARG V 115 14.06 11.76 8.30
N GLU V 116 14.16 10.64 9.07
CA GLU V 116 15.15 9.66 8.58
C GLU V 116 14.72 9.04 7.27
N TYR V 117 13.42 8.79 7.09
CA TYR V 117 12.91 8.16 5.86
C TYR V 117 13.14 9.04 4.65
N PHE V 118 12.88 10.34 4.80
CA PHE V 118 13.12 11.29 3.74
C PHE V 118 14.60 11.38 3.38
N ALA V 119 15.47 11.42 4.39
CA ALA V 119 16.90 11.51 4.10
C ALA V 119 17.43 10.24 3.44
N GLN V 120 16.99 9.06 3.89
CA GLN V 120 17.45 7.82 3.27
C GLN V 120 16.95 7.70 1.84
N ASN V 121 15.73 8.17 1.54
CA ASN V 121 15.24 8.04 0.18
C ASN V 121 15.92 9.02 -0.75
N ASN V 122 16.17 10.25 -0.28
CA ASN V 122 16.90 11.21 -1.10
C ASN V 122 18.33 10.78 -1.33
N GLU V 123 18.99 10.22 -0.31
CA GLU V 123 20.37 9.81 -0.47
C GLU V 123 20.49 8.63 -1.41
N ARG V 124 19.59 7.66 -1.30
CA ARG V 124 19.62 6.52 -2.21
C ARG V 124 19.33 6.95 -3.64
N ALA V 125 18.35 7.83 -3.83
CA ALA V 125 18.06 8.36 -5.17
C ALA V 125 19.27 9.09 -5.76
N ILE V 126 19.83 10.04 -5.01
CA ILE V 126 20.96 10.83 -5.51
C ILE V 126 22.14 9.93 -5.83
N GLU V 127 22.43 8.96 -4.98
CA GLU V 127 23.59 8.11 -5.20
C GLU V 127 23.40 7.17 -6.37
N GLU V 128 22.19 6.66 -6.62
CA GLU V 128 22.03 5.76 -7.75
C GLU V 128 21.63 6.49 -9.02
N GLY V 129 21.61 7.81 -8.98
CA GLY V 129 21.64 8.57 -10.21
C GLY V 129 20.43 9.45 -10.45
N ARG V 130 19.28 8.95 -10.06
CA ARG V 130 18.02 9.67 -10.20
C ARG V 130 17.97 10.81 -9.18
N ALA V 131 16.94 11.64 -9.31
CA ALA V 131 16.75 12.76 -8.39
C ALA V 131 15.29 13.21 -8.37
N LYS V 138 21.34 29.74 -9.52
CA LYS V 138 21.11 28.79 -10.62
C LYS V 138 19.63 28.42 -10.71
N THR V 139 18.91 28.63 -9.60
CA THR V 139 17.49 28.31 -9.53
C THR V 139 16.65 29.38 -8.84
N ASP V 140 17.26 30.36 -8.15
CA ASP V 140 16.56 31.28 -7.27
C ASP V 140 16.83 32.75 -7.58
N GLU V 141 17.47 33.04 -8.71
CA GLU V 141 17.61 34.42 -9.18
C GLU V 141 16.26 35.10 -9.29
N LYS V 142 15.32 34.44 -9.96
CA LYS V 142 13.97 34.95 -10.10
C LYS V 142 13.32 35.14 -8.73
N ALA V 143 13.59 34.22 -7.80
CA ALA V 143 13.01 34.29 -6.48
C ALA V 143 13.46 35.53 -5.72
N ARG V 144 14.76 35.84 -5.73
CA ARG V 144 15.08 37.05 -4.98
C ARG V 144 14.86 38.35 -5.74
N GLU V 145 14.85 38.31 -7.07
CA GLU V 145 14.36 39.48 -7.81
C GLU V 145 12.92 39.80 -7.42
N LEU V 146 12.06 38.76 -7.38
CA LEU V 146 10.68 38.95 -6.95
C LEU V 146 10.59 39.41 -5.51
N LEU V 147 11.47 38.91 -4.62
CA LEU V 147 11.42 39.33 -3.23
C LEU V 147 11.72 40.81 -3.09
N ARG V 148 12.70 41.32 -3.81
CA ARG V 148 12.97 42.75 -3.71
C ARG V 148 11.90 43.61 -4.36
N ARG V 149 11.28 43.12 -5.44
CA ARG V 149 10.08 43.79 -5.96
C ARG V 149 8.99 43.88 -4.90
N LEU V 150 8.71 42.77 -4.22
CA LEU V 150 7.66 42.75 -3.20
C LEU V 150 8.00 43.64 -2.01
N ALA V 151 9.25 43.62 -1.56
CA ALA V 151 9.63 44.39 -0.38
C ALA V 151 9.66 45.88 -0.68
N ASN V 152 9.90 46.27 -1.93
CA ASN V 152 9.81 47.67 -2.29
C ASN V 152 8.42 48.09 -2.75
N SER V 153 7.51 47.15 -2.94
CA SER V 153 6.10 47.48 -2.83
C SER V 153 5.79 47.77 -1.36
N LYS V 154 5.61 49.04 -1.02
CA LYS V 154 5.51 49.47 0.36
C LYS V 154 4.16 49.11 0.98
N PRO V 155 4.06 49.03 2.32
CA PRO V 155 2.75 48.75 2.91
C PRO V 155 1.79 49.93 2.81
N ALA V 221 -14.79 65.08 18.71
CA ALA V 221 -14.18 66.40 18.57
C ALA V 221 -12.65 66.29 18.52
N ALA V 222 -12.01 67.28 17.92
CA ALA V 222 -10.56 67.29 17.83
C ALA V 222 -9.94 67.57 19.20
N LEU V 223 -8.95 66.76 19.55
CA LEU V 223 -8.30 66.92 20.85
C LEU V 223 -7.39 68.15 20.82
N PRO V 224 -7.31 68.91 21.92
CA PRO V 224 -6.52 70.14 21.92
C PRO V 224 -5.04 69.84 21.98
N PRO V 225 -4.19 70.75 21.52
CA PRO V 225 -2.74 70.62 21.72
C PRO V 225 -2.40 70.81 23.18
N PRO V 226 -1.21 70.36 23.63
CA PRO V 226 -0.82 70.55 25.03
C PRO V 226 -0.67 72.02 25.38
N GLY V 227 -0.94 72.33 26.65
CA GLY V 227 -0.95 73.70 27.12
C GLY V 227 0.06 73.97 28.21
N PRO V 228 0.00 75.18 28.79
CA PRO V 228 0.97 75.55 29.84
C PRO V 228 0.92 74.65 31.06
N LYS V 229 -0.27 74.16 31.42
CA LYS V 229 -0.34 73.14 32.46
C LYS V 229 0.30 71.83 32.02
N ASP V 230 0.33 71.56 30.72
CA ASP V 230 0.92 70.32 30.23
C ASP V 230 2.44 70.36 30.16
N TRP V 231 3.04 71.49 29.76
CA TRP V 231 4.50 71.56 29.82
C TRP V 231 5.06 72.22 31.07
N LEU V 232 4.21 72.61 32.03
CA LEU V 232 4.81 73.16 33.24
C LEU V 232 4.97 72.06 34.28
N PRO V 233 6.14 71.96 34.92
CA PRO V 233 6.37 70.91 35.92
C PRO V 233 5.50 71.13 37.15
N PRO V 234 4.80 70.10 37.61
CA PRO V 234 3.99 70.24 38.82
C PRO V 234 4.86 70.39 40.06
N ALA V 235 4.28 71.01 41.08
CA ALA V 235 4.98 71.23 42.34
C ALA V 235 5.21 69.94 43.11
N ASP V 236 4.44 68.90 42.84
CA ASP V 236 4.62 67.61 43.49
C ASP V 236 5.89 66.96 42.95
N LYS V 237 6.98 67.08 43.72
CA LYS V 237 8.26 66.50 43.31
C LYS V 237 8.30 64.98 43.47
N SER V 238 7.31 64.40 44.15
CA SER V 238 7.22 62.95 44.23
C SER V 238 6.82 62.32 42.90
N ILE V 239 6.13 63.07 42.04
CA ILE V 239 5.75 62.56 40.72
C ILE V 239 6.99 62.66 39.82
N MET V 240 7.55 61.50 39.46
CA MET V 240 8.74 61.42 38.64
C MET V 240 8.46 60.92 37.24
N SER V 241 7.33 60.25 37.03
CA SER V 241 7.06 59.52 35.80
C SER V 241 6.55 60.46 34.71
N LEU V 242 7.17 60.38 33.55
CA LEU V 242 6.66 61.01 32.34
C LEU V 242 5.79 60.00 31.58
N PHE V 243 4.84 60.51 30.81
CA PHE V 243 3.86 59.69 30.12
C PHE V 243 3.90 60.02 28.64
N ILE V 244 4.11 59.00 27.81
CA ILE V 244 4.25 59.16 26.36
C ILE V 244 3.03 58.57 25.68
N THR V 245 2.54 59.28 24.66
CA THR V 245 1.23 59.07 24.07
C THR V 245 1.37 58.76 22.58
N GLY V 246 0.61 57.77 22.11
CA GLY V 246 0.50 57.50 20.69
C GLY V 246 1.67 56.75 20.10
N ILE V 247 1.86 55.51 20.51
CA ILE V 247 3.00 54.70 20.12
C ILE V 247 2.57 53.71 19.05
N GLU V 248 3.25 53.77 17.90
CA GLU V 248 3.03 52.82 16.82
C GLU V 248 3.66 51.49 17.16
N ASP V 249 3.22 50.44 16.45
CA ASP V 249 3.69 49.08 16.71
C ASP V 249 5.18 48.92 16.44
N ASP V 250 5.75 49.75 15.56
CA ASP V 250 7.14 49.62 15.14
C ASP V 250 8.04 50.63 15.83
N LEU V 251 7.76 50.97 17.09
CA LEU V 251 8.58 51.91 17.86
C LEU V 251 9.32 51.17 18.97
N PRO V 252 10.63 51.00 18.86
CA PRO V 252 11.35 50.17 19.83
C PRO V 252 12.02 50.89 21.00
N GLU V 253 12.06 50.14 22.11
CA GLU V 253 12.55 50.67 23.37
C GLU V 253 14.03 50.96 23.36
N TRP V 254 14.82 50.37 22.45
CA TRP V 254 16.24 50.68 22.47
C TRP V 254 16.51 52.11 22.01
N LYS V 255 15.89 52.54 20.91
CA LYS V 255 16.06 53.94 20.50
C LYS V 255 15.34 54.88 21.45
N ILE V 256 14.20 54.46 22.02
CA ILE V 256 13.53 55.30 23.01
C ILE V 256 14.43 55.53 24.22
N ARG V 257 15.08 54.46 24.69
CA ARG V 257 15.96 54.54 25.85
C ARG V 257 17.23 55.31 25.52
N ASP V 258 17.74 55.18 24.29
CA ASP V 258 18.92 55.96 23.90
C ASP V 258 18.62 57.45 23.87
N PHE V 259 17.44 57.82 23.37
CA PHE V 259 17.06 59.23 23.33
C PHE V 259 16.89 59.80 24.74
N PHE V 260 16.16 59.07 25.59
CA PHE V 260 16.02 59.56 26.95
C PHE V 260 17.28 59.38 27.79
N LYS V 261 18.25 58.59 27.32
CA LYS V 261 19.52 58.44 28.03
C LYS V 261 20.48 59.56 27.67
N GLN V 262 20.48 59.99 26.41
CA GLN V 262 21.26 61.18 26.06
C GLN V 262 20.62 62.44 26.61
N TYR V 263 19.32 62.41 26.96
CA TYR V 263 18.81 63.52 27.78
C TYR V 263 19.17 63.36 29.26
N GLY V 264 18.68 62.32 29.92
CA GLY V 264 18.85 62.19 31.35
C GLY V 264 19.16 60.76 31.75
N LYS V 265 19.10 60.51 33.06
CA LYS V 265 19.38 59.20 33.63
C LYS V 265 18.07 58.48 33.93
N ILE V 266 17.88 57.31 33.31
CA ILE V 266 16.62 56.59 33.36
C ILE V 266 16.70 55.51 34.43
N LYS V 267 15.68 55.47 35.29
CA LYS V 267 15.53 54.34 36.20
C LYS V 267 14.83 53.17 35.52
N SER V 268 13.75 53.46 34.79
CA SER V 268 13.03 52.43 34.06
C SER V 268 12.25 53.07 32.93
N LEU V 269 11.88 52.24 31.96
CA LEU V 269 11.13 52.70 30.79
C LEU V 269 10.19 51.58 30.38
N VAL V 270 8.89 51.80 30.52
CA VAL V 270 7.87 50.83 30.16
C VAL V 270 7.18 51.32 28.89
N VAL V 271 7.12 50.47 27.88
CA VAL V 271 6.46 50.80 26.62
C VAL V 271 5.52 49.66 26.27
N SER V 272 4.24 49.98 26.08
CA SER V 272 3.24 49.00 25.66
C SER V 272 2.75 49.40 24.28
N HIS V 273 3.13 48.62 23.27
CA HIS V 273 2.61 48.81 21.92
C HIS V 273 1.17 48.35 21.79
N MET V 274 0.70 47.51 22.71
CA MET V 274 -0.69 47.06 22.65
C MET V 274 -1.67 48.18 22.96
N THR V 275 -1.31 49.09 23.85
CA THR V 275 -2.16 50.21 24.22
C THR V 275 -1.56 51.55 23.80
N HIS V 276 -0.46 51.54 23.05
CA HIS V 276 0.21 52.74 22.53
C HIS V 276 0.61 53.69 23.66
N CYS V 277 1.09 53.13 24.77
CA CYS V 277 1.37 53.92 25.97
C CYS V 277 2.84 53.77 26.36
N ALA V 278 3.35 54.76 27.10
CA ALA V 278 4.64 54.57 27.74
C ALA V 278 4.73 55.35 29.04
N PHE V 279 5.44 54.76 30.00
CA PHE V 279 5.84 55.43 31.22
C PHE V 279 7.36 55.50 31.26
N VAL V 280 7.89 56.60 31.76
CA VAL V 280 9.33 56.78 31.94
C VAL V 280 9.56 57.18 33.38
N ASN V 281 10.32 56.38 34.11
CA ASN V 281 10.76 56.73 35.46
C ASN V 281 12.22 57.11 35.37
N TYR V 282 12.52 58.38 35.56
CA TYR V 282 13.90 58.85 35.51
C TYR V 282 14.59 58.58 36.85
N GLU V 283 15.86 58.92 36.91
CA GLU V 283 16.63 58.83 38.14
C GLU V 283 16.84 60.18 38.82
N THR V 284 17.15 61.22 38.04
CA THR V 284 17.36 62.55 38.56
C THR V 284 16.12 63.40 38.31
N ARG V 285 15.61 64.01 39.38
CA ARG V 285 14.48 64.93 39.24
C ARG V 285 14.85 66.13 38.37
N GLU V 286 16.06 66.66 38.56
CA GLU V 286 16.54 67.78 37.75
C GLU V 286 16.65 67.39 36.28
N GLY V 287 17.19 66.18 36.01
CA GLY V 287 17.31 65.74 34.64
C GLY V 287 15.96 65.50 33.97
N ALA V 288 15.02 64.91 34.70
CA ALA V 288 13.68 64.72 34.16
C ALA V 288 13.00 66.05 33.89
N GLU V 289 13.14 67.01 34.81
CA GLU V 289 12.54 68.32 34.62
C GLU V 289 13.15 69.05 33.43
N LYS V 290 14.48 69.00 33.27
CA LYS V 290 15.09 69.72 32.17
C LYS V 290 14.79 69.06 30.82
N ALA V 291 14.69 67.72 30.80
CA ALA V 291 14.33 67.04 29.56
C ALA V 291 12.89 67.33 29.17
N ALA V 292 11.97 67.30 30.13
CA ALA V 292 10.58 67.59 29.81
C ALA V 292 10.36 69.06 29.51
N THR V 293 11.21 69.95 30.05
CA THR V 293 11.16 71.35 29.67
C THR V 293 11.71 71.55 28.26
N GLU V 294 12.71 70.75 27.89
CA GLU V 294 13.22 70.79 26.53
C GLU V 294 12.18 70.34 25.51
N LEU V 295 11.43 69.29 25.85
CA LEU V 295 10.52 68.72 24.86
C LEU V 295 9.11 69.31 24.89
N LYS V 296 8.65 69.79 26.05
CA LYS V 296 7.37 70.48 26.21
C LYS V 296 6.17 69.61 25.78
N GLY V 297 6.21 68.32 26.13
CA GLY V 297 5.17 67.43 25.68
C GLY V 297 5.21 67.06 24.21
N ARG V 298 6.22 67.52 23.47
CA ARG V 298 6.33 67.21 22.04
C ARG V 298 7.67 66.55 21.76
N ALA V 299 7.65 65.47 20.97
CA ALA V 299 8.88 64.77 20.64
C ALA V 299 8.78 64.18 19.24
N VAL V 300 9.87 64.30 18.49
CA VAL V 300 9.98 63.71 17.16
C VAL V 300 11.00 62.58 17.27
N ILE V 301 10.51 61.35 17.32
CA ILE V 301 11.37 60.17 17.46
C ILE V 301 11.14 59.28 16.24
N ALA V 302 12.13 59.26 15.33
CA ALA V 302 12.13 58.40 14.14
C ALA V 302 10.89 58.62 13.26
N GLY V 303 10.50 59.88 13.11
CA GLY V 303 9.33 60.20 12.32
C GLY V 303 8.01 59.90 13.01
N CYS V 304 8.02 59.60 14.30
CA CYS V 304 6.81 59.34 15.05
C CYS V 304 6.56 60.46 16.03
N PRO V 305 5.47 61.22 15.90
CA PRO V 305 5.18 62.28 16.87
C PRO V 305 4.69 61.69 18.19
N LEU V 306 5.26 62.17 19.29
CA LEU V 306 4.93 61.66 20.62
C LEU V 306 4.64 62.83 21.55
N ARG V 307 3.60 62.67 22.37
CA ARG V 307 3.23 63.67 23.36
C ARG V 307 3.71 63.20 24.73
N ILE V 308 4.62 63.95 25.34
CA ILE V 308 5.11 63.66 26.68
C ILE V 308 4.67 64.76 27.64
N ARG V 309 4.16 64.33 28.79
CA ARG V 309 3.64 65.18 29.85
C ARG V 309 4.11 64.57 31.17
N TRP V 310 3.49 64.99 32.27
CA TRP V 310 3.66 64.34 33.57
C TRP V 310 2.40 63.58 33.94
N SER V 311 2.58 62.42 34.57
CA SER V 311 1.47 61.62 35.07
C SER V 311 1.96 60.69 36.16
N ILE V 312 1.02 60.26 36.99
CA ILE V 312 1.32 59.28 38.05
C ILE V 312 1.58 57.92 37.41
N PRO V 313 2.60 57.18 37.85
CA PRO V 313 2.84 55.84 37.27
C PRO V 313 1.69 54.89 37.55
N ARG V 314 1.08 54.39 36.48
CA ARG V 314 -0.14 53.61 36.52
C ARG V 314 0.05 52.28 35.80
N PRO V 315 -0.51 51.20 36.32
CA PRO V 315 -0.44 49.91 35.60
C PRO V 315 -1.30 49.96 34.34
N ILE V 316 -0.66 49.68 33.20
CA ILE V 316 -1.38 49.60 31.92
C ILE V 316 -2.20 48.32 31.92
N GLY V 317 -3.52 48.47 32.08
CA GLY V 317 -4.41 47.34 32.06
C GLY V 317 -4.87 47.00 30.65
N THR V 318 -5.90 46.15 30.59
CA THR V 318 -6.52 45.77 29.32
C THR V 318 -7.50 46.87 28.95
N MET V 319 -6.99 47.91 28.30
CA MET V 319 -7.80 49.07 27.97
C MET V 319 -8.82 48.74 26.88
N ASN V 320 -9.84 49.57 26.78
CA ASN V 320 -10.85 49.45 25.75
C ASN V 320 -10.23 49.73 24.38
N LYS V 321 -10.83 49.14 23.35
CA LYS V 321 -10.42 49.44 21.98
C LYS V 321 -10.63 50.91 21.66
N GLU V 322 -11.74 51.49 22.14
CA GLU V 322 -11.92 52.93 22.03
C GLU V 322 -10.89 53.71 22.83
N GLU V 323 -10.47 53.17 23.98
CA GLU V 323 -9.46 53.85 24.78
C GLU V 323 -8.12 53.91 24.05
N ARG V 324 -7.66 52.79 23.50
CA ARG V 324 -6.40 52.82 22.76
C ARG V 324 -6.54 53.56 21.44
N ALA V 325 -7.74 53.57 20.84
CA ALA V 325 -7.95 54.37 19.64
C ALA V 325 -7.82 55.86 19.93
N GLU V 326 -8.51 56.36 20.96
CA GLU V 326 -8.37 57.75 21.36
C GLU V 326 -6.95 58.06 21.81
N MET V 327 -6.26 57.08 22.38
CA MET V 327 -4.86 57.23 22.76
C MET V 327 -4.01 57.48 21.52
N LEU V 328 -4.27 56.73 20.46
CA LEU V 328 -3.56 56.88 19.20
C LEU V 328 -3.87 58.23 18.53
N ARG V 329 -5.14 58.63 18.50
CA ARG V 329 -5.47 59.95 17.96
C ARG V 329 -4.90 61.08 18.80
N ASP V 330 -4.76 60.90 20.12
CA ASP V 330 -4.08 61.91 20.93
C ASP V 330 -2.61 62.03 20.55
N GLY V 331 -1.95 60.88 20.35
CA GLY V 331 -0.57 60.91 19.89
C GLY V 331 -0.42 61.52 18.51
N ARG V 332 -1.39 61.30 17.63
CA ARG V 332 -1.34 61.91 16.31
C ARG V 332 -1.62 63.41 16.36
N SER V 333 -2.55 63.83 17.22
CA SER V 333 -2.94 65.22 17.35
C SER V 333 -2.04 66.01 18.28
N ALA V 334 -0.98 65.38 18.81
CA ALA V 334 0.07 66.14 19.48
C ALA V 334 0.67 67.19 18.56
N PHE V 335 0.83 66.87 17.27
CA PHE V 335 1.27 67.83 16.26
C PHE V 335 0.06 68.27 15.45
N PRO V 336 -0.22 69.58 15.36
CA PRO V 336 -1.34 70.10 14.57
C PRO V 336 -1.10 69.96 13.06
N ARG W 51 39.71 46.50 33.19
CA ARG W 51 39.76 45.85 34.49
C ARG W 51 39.76 44.32 34.35
N PRO W 52 40.43 43.62 35.26
CA PRO W 52 40.37 42.17 35.25
C PRO W 52 38.99 41.67 35.67
N ALA W 53 38.69 40.45 35.26
CA ALA W 53 37.43 39.82 35.64
C ALA W 53 37.50 39.36 37.08
N ARG W 54 36.57 39.82 37.88
CA ARG W 54 36.59 39.44 39.28
C ARG W 54 35.97 38.06 39.49
N PRO W 55 36.34 37.34 40.55
CA PRO W 55 35.63 36.11 40.87
C PRO W 55 34.30 36.42 41.55
N GLN W 56 33.28 35.65 41.19
CA GLN W 56 31.93 35.91 41.66
C GLN W 56 31.64 35.17 42.97
N ILE W 57 32.06 33.92 43.06
CA ILE W 57 31.98 33.11 44.27
C ILE W 57 33.31 32.38 44.44
N ASP W 58 33.37 31.50 45.43
CA ASP W 58 34.65 30.82 45.62
C ASP W 58 34.54 29.30 45.43
N PRO W 59 35.63 28.66 44.97
CA PRO W 59 35.58 27.21 44.71
C PRO W 59 35.32 26.36 45.95
N ALA W 60 35.50 26.91 47.16
CA ALA W 60 35.12 26.20 48.37
C ALA W 60 33.64 25.85 48.38
N LEU W 61 32.80 26.68 47.75
CA LEU W 61 31.42 26.32 47.50
C LEU W 61 31.15 26.01 46.03
N VAL W 62 32.17 26.01 45.18
CA VAL W 62 32.04 25.43 43.83
C VAL W 62 32.77 24.07 43.76
N LYS W 63 32.86 23.37 44.88
CA LYS W 63 33.27 21.97 44.83
C LYS W 63 32.16 21.12 44.21
N SER W 64 32.55 19.97 43.65
CA SER W 64 31.63 19.10 42.95
C SER W 64 31.21 17.95 43.84
N GLU W 65 29.90 17.74 43.97
CA GLU W 65 29.38 16.73 44.87
C GLU W 65 27.99 16.35 44.40
N ARG W 66 27.45 15.27 44.99
CA ARG W 66 26.22 14.65 44.54
C ARG W 66 25.02 15.57 44.76
N PRO W 67 23.93 15.33 44.04
CA PRO W 67 22.65 15.91 44.44
C PRO W 67 22.19 15.30 45.76
N PRO W 68 21.36 16.01 46.52
CA PRO W 68 20.84 15.44 47.77
C PRO W 68 20.00 14.20 47.52
N GLN W 69 20.07 13.28 48.48
CA GLN W 69 19.54 11.93 48.30
C GLN W 69 18.01 11.97 48.22
N THR W 70 17.47 11.58 47.06
CA THR W 70 16.04 11.38 46.87
C THR W 70 15.76 9.99 46.34
N GLY W 71 16.44 8.97 46.88
CA GLY W 71 16.25 7.63 46.39
C GLY W 71 16.96 6.62 47.25
N THR W 72 16.74 5.35 46.91
CA THR W 72 17.33 4.25 47.68
C THR W 72 18.81 4.10 47.34
N VAL W 73 19.19 4.32 46.08
CA VAL W 73 20.51 3.96 45.59
C VAL W 73 20.93 4.96 44.51
N PHE W 74 22.21 5.30 44.49
CA PHE W 74 22.72 6.28 43.54
C PHE W 74 23.23 5.56 42.29
N ASN W 75 22.63 5.90 41.15
CA ASN W 75 23.01 5.35 39.87
C ASN W 75 24.20 6.12 39.33
N ILE W 76 25.32 5.43 39.18
CA ILE W 76 26.59 6.03 38.80
C ILE W 76 26.73 6.22 37.30
N TRP W 77 25.98 5.49 36.48
CA TRP W 77 25.99 5.78 35.05
C TRP W 77 25.30 7.10 34.77
N TYR W 78 24.04 7.21 35.14
CA TYR W 78 23.26 8.40 34.87
C TYR W 78 23.44 9.47 35.92
N ASN W 79 24.13 9.15 37.02
CA ASN W 79 24.42 10.05 38.13
C ASN W 79 23.14 10.64 38.71
N LYS W 80 22.25 9.73 39.11
CA LYS W 80 20.92 10.13 39.58
C LYS W 80 20.48 9.21 40.69
N TRP W 81 19.56 9.67 41.51
CA TRP W 81 19.05 8.81 42.59
C TRP W 81 17.90 7.96 42.09
N SER W 82 17.81 6.74 42.65
CA SER W 82 16.89 5.73 42.17
C SER W 82 16.26 5.02 43.35
N GLY W 83 15.08 4.46 43.11
CA GLY W 83 14.29 3.87 44.17
C GLY W 83 13.39 4.83 44.89
N GLY W 84 13.10 5.99 44.31
CA GLY W 84 12.33 7.01 44.99
C GLY W 84 10.95 7.25 44.39
N ASP W 85 10.67 8.49 44.00
CA ASP W 85 9.37 8.78 43.34
C ASP W 85 9.56 9.69 42.12
N ARG W 86 8.47 10.23 41.57
CA ARG W 86 8.52 11.09 40.37
C ARG W 86 7.97 12.47 40.70
N GLU W 87 7.00 12.55 41.61
CA GLU W 87 6.35 13.84 41.96
C GLU W 87 7.39 14.83 42.50
N ASP W 88 8.25 14.38 43.41
CA ASP W 88 9.31 15.25 44.00
C ASP W 88 10.05 16.01 42.88
N LYS W 89 10.56 15.30 41.87
CA LYS W 89 11.31 15.94 40.76
C LYS W 89 10.47 17.04 40.10
N TYR W 90 9.20 16.76 39.80
CA TYR W 90 8.33 17.72 39.07
C TYR W 90 8.26 19.07 39.82
N LEU W 91 7.88 19.06 41.10
CA LEU W 91 7.68 20.34 41.84
C LEU W 91 9.01 21.00 42.22
N SER W 92 10.09 20.23 42.42
CA SER W 92 11.34 20.81 42.89
C SER W 92 12.00 21.65 41.79
N GLN W 93 12.02 22.97 41.98
CA GLN W 93 12.74 23.91 41.12
C GLN W 93 13.27 25.01 42.05
N THR W 94 14.52 24.87 42.47
CA THR W 94 15.07 25.71 43.52
C THR W 94 15.44 27.10 42.99
N HIS W 95 15.83 27.97 43.92
CA HIS W 95 16.29 29.32 43.58
C HIS W 95 17.72 29.27 43.06
N ALA W 96 18.07 30.29 42.27
CA ALA W 96 19.41 30.41 41.76
C ALA W 96 20.40 30.75 42.87
N LYS W 97 21.62 30.25 42.74
CA LYS W 97 22.65 30.44 43.75
C LYS W 97 23.47 31.71 43.52
N GLY W 98 23.17 32.49 42.50
CA GLY W 98 23.94 33.70 42.25
C GLY W 98 23.33 34.50 41.12
N ARG W 99 23.92 35.68 40.91
CA ARG W 99 23.57 36.58 39.81
C ARG W 99 24.80 37.41 39.50
N CYS W 100 24.87 37.94 38.28
CA CYS W 100 26.06 38.67 37.86
C CYS W 100 25.76 40.14 37.62
N ASN W 101 26.82 40.94 37.67
CA ASN W 101 26.74 42.39 37.53
C ASN W 101 27.63 42.87 36.40
N ILE W 102 27.08 43.74 35.55
CA ILE W 102 27.86 44.32 34.47
C ILE W 102 28.93 45.24 35.04
N ALA W 103 28.55 46.12 35.97
CA ALA W 103 29.52 47.05 36.54
C ALA W 103 30.51 46.34 37.45
N ARG W 104 30.02 45.48 38.34
CA ARG W 104 30.90 44.90 39.35
C ARG W 104 31.69 43.71 38.83
N ASP W 105 31.05 42.81 38.06
CA ASP W 105 31.67 41.55 37.71
C ASP W 105 32.26 41.51 36.31
N SER W 106 31.60 42.13 35.33
CA SER W 106 32.05 42.00 33.94
C SER W 106 33.39 42.69 33.72
N GLY W 107 34.30 41.99 33.08
CA GLY W 107 35.65 42.50 32.91
C GLY W 107 36.36 41.81 31.77
N TYR W 108 37.68 41.70 31.91
CA TYR W 108 38.55 41.19 30.85
C TYR W 108 39.12 39.83 31.24
N THR W 109 39.44 39.02 30.23
CA THR W 109 39.96 37.68 30.49
C THR W 109 40.74 37.19 29.27
N ARG W 110 41.21 35.94 29.38
CA ARG W 110 41.95 35.29 28.32
C ARG W 110 41.10 35.10 27.07
N ALA W 111 39.78 35.11 27.20
CA ALA W 111 38.90 35.16 26.04
C ALA W 111 38.82 36.55 25.41
N ASP W 112 39.04 37.61 26.18
CA ASP W 112 39.23 38.91 25.53
C ASP W 112 40.58 38.94 24.83
N SER W 113 41.55 38.17 25.31
CA SER W 113 42.80 38.02 24.56
C SER W 113 42.59 37.22 23.28
N ARG W 114 41.88 36.09 23.38
CA ARG W 114 41.74 35.16 22.25
C ARG W 114 40.60 35.59 21.33
N PRO W 115 40.85 35.86 20.05
CA PRO W 115 39.77 36.24 19.16
C PRO W 115 38.83 35.07 18.86
N GLY W 116 37.56 35.40 18.64
CA GLY W 116 36.57 34.43 18.23
C GLY W 116 36.25 33.35 19.25
N SER W 117 36.02 33.73 20.50
CA SER W 117 35.59 32.82 21.54
C SER W 117 34.21 33.23 22.05
N TYR W 118 33.69 32.46 22.98
CA TYR W 118 32.30 32.54 23.42
C TYR W 118 32.20 33.15 24.80
N PHE W 119 30.98 33.51 25.16
CA PHE W 119 30.71 34.06 26.49
C PHE W 119 30.64 32.93 27.51
N CYS W 120 30.82 33.29 28.78
CA CYS W 120 30.85 32.32 29.85
C CYS W 120 29.44 32.09 30.39
N LEU W 121 28.96 30.87 30.26
CA LEU W 121 27.63 30.52 30.75
C LEU W 121 27.55 30.63 32.26
N TYR W 122 28.63 30.29 32.94
CA TYR W 122 28.64 30.40 34.39
C TYR W 122 28.81 31.84 34.85
N PHE W 123 29.44 32.68 34.02
CA PHE W 123 29.38 34.11 34.29
C PHE W 123 27.96 34.65 34.10
N ALA W 124 27.24 34.14 33.11
CA ALA W 124 25.85 34.54 32.92
C ALA W 124 24.99 34.12 34.10
N ARG W 125 25.21 32.92 34.60
CA ARG W 125 24.50 32.46 35.79
C ARG W 125 25.03 33.07 37.07
N GLY W 126 26.16 33.78 37.02
CA GLY W 126 26.70 34.40 38.21
C GLY W 126 27.40 33.44 39.14
N ILE W 127 27.78 32.26 38.65
CA ILE W 127 28.42 31.24 39.47
C ILE W 127 29.77 30.89 38.90
N CYS W 128 30.47 31.88 38.33
CA CYS W 128 31.78 31.66 37.75
C CYS W 128 32.86 32.11 38.72
N PRO W 129 33.50 31.21 39.46
CA PRO W 129 34.56 31.61 40.39
C PRO W 129 35.91 31.80 39.73
N LYS W 130 35.97 31.71 38.40
CA LYS W 130 37.25 31.67 37.69
C LYS W 130 37.91 33.04 37.59
N GLY W 131 37.11 34.07 37.38
CA GLY W 131 37.68 35.42 37.31
C GLY W 131 38.40 35.64 35.99
N GLN W 132 39.62 36.16 36.08
CA GLN W 132 40.40 36.46 34.89
C GLN W 132 40.89 35.21 34.17
N ASP W 133 40.91 34.07 34.85
CA ASP W 133 41.44 32.84 34.29
C ASP W 133 40.40 32.02 33.55
N CYS W 134 39.17 32.49 33.45
CA CYS W 134 38.18 31.83 32.63
C CYS W 134 38.55 32.01 31.15
N ASP W 135 38.21 31.00 30.35
CA ASP W 135 38.51 31.03 28.93
C ASP W 135 37.35 31.55 28.09
N TYR W 136 36.33 32.11 28.73
CA TYR W 136 35.15 32.58 28.02
C TYR W 136 34.81 33.99 28.49
N LEU W 137 34.20 34.78 27.61
CA LEU W 137 34.05 36.21 27.85
C LEU W 137 33.13 36.51 29.02
N HIS W 138 33.54 37.45 29.86
CA HIS W 138 32.73 37.95 30.97
C HIS W 138 32.12 39.29 30.58
N ARG W 139 31.08 39.23 29.74
CA ARG W 139 30.54 40.44 29.14
C ARG W 139 29.16 40.17 28.55
N LEU W 140 28.31 41.19 28.58
CA LEU W 140 27.11 41.16 27.75
C LEU W 140 27.46 41.36 26.28
N PRO W 141 26.85 40.58 25.38
CA PRO W 141 27.05 40.82 23.96
C PRO W 141 26.48 42.17 23.54
N THR W 142 27.17 42.81 22.61
CA THR W 142 26.68 44.04 22.01
C THR W 142 25.84 43.70 20.78
N ILE W 143 25.50 44.70 19.98
CA ILE W 143 24.78 44.44 18.75
C ILE W 143 25.72 43.88 17.67
N HIS W 144 27.03 44.08 17.81
CA HIS W 144 28.00 43.55 16.86
C HIS W 144 28.37 42.11 17.14
N ASP W 145 27.88 41.54 18.24
CA ASP W 145 28.14 40.15 18.59
C ASP W 145 27.06 39.30 17.93
N ILE W 146 27.40 38.70 16.80
CA ILE W 146 26.51 37.78 16.10
C ILE W 146 27.12 36.39 16.16
N PHE W 147 26.26 35.39 15.99
CA PHE W 147 26.69 34.00 16.03
C PHE W 147 25.99 33.23 14.92
N ASN W 148 26.62 32.15 14.50
CA ASN W 148 26.06 31.31 13.47
C ASN W 148 24.87 30.53 14.04
N PRO W 149 23.98 30.03 13.17
CA PRO W 149 22.82 29.28 13.68
C PRO W 149 23.15 28.01 14.42
N ASN W 150 24.31 27.38 14.18
CA ASN W 150 24.57 26.07 14.79
C ASN W 150 24.96 26.15 16.25
N VAL W 151 25.33 27.33 16.75
CA VAL W 151 25.77 27.48 18.13
C VAL W 151 25.04 28.68 18.74
N ASP W 152 25.06 28.74 20.06
CA ASP W 152 24.53 29.90 20.75
C ASP W 152 25.68 30.76 21.25
N CYS W 153 25.37 31.80 22.02
CA CYS W 153 26.40 32.73 22.49
C CYS W 153 27.35 32.10 23.50
N PHE W 154 26.96 30.99 24.12
CA PHE W 154 27.81 30.32 25.09
C PHE W 154 28.59 29.16 24.49
N GLY W 155 28.55 28.99 23.17
CA GLY W 155 29.23 27.91 22.52
C GLY W 155 28.52 26.58 22.55
N ARG W 156 27.36 26.50 23.19
CA ARG W 156 26.60 25.26 23.23
C ARG W 156 25.86 25.08 21.92
N ASP W 157 25.81 23.84 21.45
CA ASP W 157 25.20 23.54 20.16
C ASP W 157 23.70 23.78 20.19
N LYS W 158 23.18 24.39 19.14
CA LYS W 158 21.74 24.52 18.98
C LYS W 158 21.21 23.34 18.19
N PHE W 159 19.89 23.20 18.18
CA PHE W 159 19.24 21.96 17.77
C PHE W 159 18.30 22.22 16.61
N ALA W 160 17.86 21.14 15.98
CA ALA W 160 16.81 21.26 14.97
C ALA W 160 15.45 21.47 15.58
N ASP W 161 15.29 21.14 16.86
CA ASP W 161 13.99 21.21 17.51
C ASP W 161 14.04 22.04 18.79
N TYR W 162 12.95 22.02 19.53
CA TYR W 162 12.89 22.58 20.86
C TYR W 162 12.68 21.45 21.84
N ARG W 163 13.09 21.68 23.08
CA ARG W 163 12.62 20.80 24.15
C ARG W 163 11.13 21.03 24.33
N ASP W 164 10.43 19.97 24.73
CA ASP W 164 8.97 20.03 24.79
C ASP W 164 8.46 20.96 25.89
N ASP W 165 9.33 21.42 26.79
CA ASP W 165 9.02 22.50 27.70
C ASP W 165 9.65 23.83 27.28
N MET W 166 10.20 23.90 26.07
CA MET W 166 10.85 25.11 25.52
C MET W 166 11.98 25.62 26.41
N GLY W 167 12.70 24.70 27.03
CA GLY W 167 13.86 25.08 27.82
C GLY W 167 15.14 24.65 27.14
N GLY W 168 16.25 25.24 27.53
CA GLY W 168 17.53 24.78 27.03
C GLY W 168 18.28 25.74 26.14
N VAL W 169 18.82 25.24 25.03
CA VAL W 169 19.69 26.03 24.18
C VAL W 169 18.91 26.76 23.11
N GLY W 170 18.05 26.07 22.39
CA GLY W 170 17.24 26.69 21.36
C GLY W 170 17.34 25.92 20.08
N SER W 171 16.80 26.51 19.02
CA SER W 171 16.68 25.85 17.74
C SER W 171 17.23 26.73 16.63
N PHE W 172 17.94 26.13 15.68
CA PHE W 172 18.32 26.85 14.48
C PHE W 172 17.24 26.81 13.41
N ASN W 173 16.16 26.08 13.64
CA ASN W 173 15.01 26.07 12.76
C ASN W 173 14.03 27.21 13.05
N ARG W 174 14.33 28.06 14.01
CA ARG W 174 13.56 29.28 14.25
C ARG W 174 14.46 30.29 14.92
N GLN W 175 14.59 31.48 14.32
CA GLN W 175 15.47 32.53 14.84
C GLN W 175 14.73 33.29 15.93
N ASN W 176 14.67 32.67 17.10
CA ASN W 176 13.84 33.17 18.20
C ASN W 176 14.62 34.15 19.06
N ARG W 177 14.09 35.36 19.22
CA ARG W 177 14.69 36.37 20.07
C ARG W 177 13.80 36.72 21.26
N THR W 178 12.81 35.87 21.54
CA THR W 178 11.77 36.17 22.52
C THR W 178 11.80 35.13 23.63
N ILE W 179 12.06 35.60 24.85
CA ILE W 179 12.00 34.73 26.00
C ILE W 179 10.67 34.92 26.72
N TYR W 180 10.31 33.91 27.50
CA TYR W 180 9.00 33.77 28.14
C TYR W 180 9.27 33.62 29.64
N VAL W 181 8.90 34.61 30.43
CA VAL W 181 9.23 34.63 31.85
C VAL W 181 7.93 34.42 32.61
N GLY W 182 7.77 33.23 33.19
CA GLY W 182 6.62 32.91 34.00
C GLY W 182 6.95 32.83 35.48
N ARG W 183 5.93 32.49 36.27
CA ARG W 183 5.95 32.46 37.73
C ARG W 183 6.39 33.81 38.29
N ILE W 184 5.61 34.84 37.96
CA ILE W 184 5.83 36.20 38.44
C ILE W 184 4.74 36.53 39.45
N HIS W 185 5.13 37.13 40.56
CA HIS W 185 4.15 37.59 41.56
C HIS W 185 3.35 38.76 41.00
N VAL W 186 2.04 38.61 40.95
CA VAL W 186 1.17 39.57 40.28
C VAL W 186 0.97 40.78 41.19
N THR W 187 1.64 41.88 40.87
CA THR W 187 1.38 43.18 41.50
C THR W 187 1.15 44.22 40.41
N ASP W 188 1.11 45.49 40.78
CA ASP W 188 0.87 46.56 39.81
C ASP W 188 2.15 47.14 39.23
N ASP W 189 3.29 47.01 39.93
CA ASP W 189 4.55 47.53 39.45
C ASP W 189 5.34 46.50 38.65
N ILE W 190 4.69 45.42 38.21
CA ILE W 190 5.38 44.32 37.55
C ILE W 190 5.99 44.77 36.23
N GLU W 191 5.30 45.66 35.52
CA GLU W 191 5.83 46.15 34.25
C GLU W 191 7.10 46.97 34.48
N GLU W 192 7.10 47.81 35.51
CA GLU W 192 8.29 48.59 35.86
C GLU W 192 9.45 47.67 36.25
N ILE W 193 9.16 46.65 37.05
CA ILE W 193 10.21 45.75 37.51
C ILE W 193 10.81 44.94 36.35
N VAL W 194 9.95 44.41 35.48
CA VAL W 194 10.39 43.67 34.30
C VAL W 194 11.21 44.56 33.38
N ALA W 195 10.73 45.79 33.14
CA ALA W 195 11.46 46.71 32.28
C ALA W 195 12.84 47.02 32.85
N ARG W 196 12.92 47.26 34.17
CA ARG W 196 14.21 47.59 34.79
C ARG W 196 15.19 46.44 34.70
N HIS W 197 14.77 45.23 35.10
CA HIS W 197 15.70 44.11 35.15
C HIS W 197 16.12 43.66 33.76
N PHE W 198 15.20 43.58 32.81
CA PHE W 198 15.60 43.11 31.49
C PHE W 198 16.30 44.19 30.68
N ALA W 199 16.05 45.48 30.96
CA ALA W 199 16.89 46.53 30.41
C ALA W 199 18.30 46.43 30.94
N GLU W 200 18.45 46.01 32.20
CA GLU W 200 19.78 45.71 32.72
C GLU W 200 20.39 44.52 31.99
N TRP W 201 19.55 43.57 31.54
CA TRP W 201 20.13 42.40 30.89
C TRP W 201 20.37 42.54 29.39
N GLY W 202 19.89 43.59 28.74
CA GLY W 202 20.25 43.75 27.33
C GLY W 202 19.44 44.84 26.66
N GLN W 203 19.38 44.75 25.32
CA GLN W 203 18.74 45.74 24.48
C GLN W 203 17.46 45.17 23.88
N ILE W 204 16.36 45.87 24.05
CA ILE W 204 15.02 45.32 23.86
C ILE W 204 14.36 45.93 22.63
N GLU W 205 13.76 45.06 21.82
CA GLU W 205 12.84 45.49 20.77
C GLU W 205 11.39 45.52 21.22
N ARG W 206 10.95 44.63 22.11
CA ARG W 206 9.55 44.59 22.50
C ARG W 206 9.28 43.87 23.82
N ILE W 207 8.84 44.60 24.85
CA ILE W 207 8.45 43.95 26.13
C ILE W 207 6.92 43.84 26.16
N ARG W 208 6.39 42.62 26.35
CA ARG W 208 4.93 42.40 26.41
C ARG W 208 4.60 41.62 27.68
N VAL W 209 4.21 42.32 28.76
CA VAL W 209 3.98 41.64 30.07
C VAL W 209 2.47 41.47 30.31
N LEU W 210 2.02 40.22 30.46
CA LEU W 210 0.59 39.92 30.77
C LEU W 210 0.45 39.90 32.30
N ASN W 211 -0.68 40.38 32.83
CA ASN W 211 -0.82 40.49 34.31
C ASN W 211 -1.70 39.35 34.82
N ASN W 212 -2.64 38.86 34.00
CA ASN W 212 -3.57 37.77 34.40
C ASN W 212 -2.77 36.58 34.96
N ARG W 213 -1.84 36.05 34.17
CA ARG W 213 -1.06 34.86 34.61
C ARG W 213 0.33 35.29 35.11
N GLY W 214 0.64 36.60 35.08
CA GLY W 214 1.98 37.08 35.49
C GLY W 214 3.05 36.51 34.57
N VAL W 215 3.05 36.92 33.29
CA VAL W 215 4.02 36.38 32.30
C VAL W 215 4.58 37.52 31.44
N ALA W 216 5.91 37.65 31.34
CA ALA W 216 6.54 38.67 30.54
C ALA W 216 7.18 38.03 29.32
N PHE W 217 6.73 38.43 28.13
CA PHE W 217 7.40 38.06 26.89
C PHE W 217 8.34 39.20 26.52
N ILE W 218 9.63 38.92 26.46
CA ILE W 218 10.63 39.93 26.15
C ILE W 218 11.28 39.55 24.83
N THR W 219 11.24 40.45 23.85
CA THR W 219 11.83 40.23 22.55
C THR W 219 13.03 41.16 22.40
N TYR W 220 14.22 40.60 22.50
CA TYR W 220 15.44 41.36 22.28
C TYR W 220 15.68 41.53 20.79
N THR W 221 16.63 42.38 20.45
CA THR W 221 16.99 42.57 19.05
C THR W 221 18.19 41.72 18.64
N ASN W 222 18.87 41.10 19.59
CA ASN W 222 19.96 40.17 19.31
C ASN W 222 19.64 38.82 19.94
N GLU W 223 19.77 37.76 19.15
CA GLU W 223 19.53 36.42 19.65
C GLU W 223 20.51 36.05 20.76
N ALA W 224 21.74 36.53 20.68
CA ALA W 224 22.70 36.31 21.75
C ALA W 224 22.28 37.00 23.03
N ASN W 225 21.69 38.19 22.92
CA ASN W 225 21.14 38.86 24.09
C ASN W 225 19.98 38.07 24.68
N ALA W 226 19.13 37.50 23.83
CA ALA W 226 18.03 36.67 24.33
C ALA W 226 18.54 35.44 25.06
N GLN W 227 19.56 34.79 24.50
CA GLN W 227 20.13 33.59 25.15
C GLN W 227 20.77 33.93 26.48
N PHE W 228 21.53 35.03 26.52
CA PHE W 228 22.15 35.49 27.76
C PHE W 228 21.09 35.84 28.80
N ALA W 229 20.01 36.50 28.37
CA ALA W 229 18.96 36.89 29.30
C ALA W 229 18.24 35.68 29.87
N LYS W 230 17.99 34.67 29.04
CA LYS W 230 17.34 33.45 29.52
C LYS W 230 18.22 32.73 30.53
N GLU W 231 19.51 32.61 30.24
CA GLU W 231 20.39 31.90 31.17
C GLU W 231 20.67 32.71 32.41
N ALA W 232 20.60 34.04 32.33
CA ALA W 232 20.87 34.90 33.46
C ALA W 232 19.64 35.19 34.30
N MET W 233 18.44 34.92 33.78
CA MET W 233 17.22 35.18 34.53
C MET W 233 16.47 33.92 34.93
N ALA W 234 16.87 32.75 34.43
CA ALA W 234 16.26 31.52 34.92
C ALA W 234 16.56 31.32 36.40
N HIS W 235 15.52 30.96 37.16
CA HIS W 235 15.56 30.66 38.59
C HIS W 235 15.98 31.84 39.45
N GLN W 236 16.05 33.05 38.88
CA GLN W 236 16.35 34.23 39.66
C GLN W 236 15.06 34.87 40.14
N SER W 237 15.18 35.99 40.83
CA SER W 237 14.04 36.65 41.45
C SER W 237 14.01 38.13 41.08
N LEU W 238 12.80 38.64 40.92
CA LEU W 238 12.52 40.07 40.82
C LEU W 238 12.50 40.68 42.21
N ASP W 239 11.85 41.83 42.36
CA ASP W 239 11.76 42.51 43.66
C ASP W 239 11.17 41.65 44.76
N HIS W 240 10.36 40.65 44.42
CA HIS W 240 9.92 39.63 45.36
C HIS W 240 10.73 38.36 45.19
N ASN W 241 10.78 37.55 46.25
CA ASN W 241 11.51 36.29 46.22
C ASN W 241 10.71 35.19 45.50
N GLU W 242 11.06 34.96 44.24
CA GLU W 242 10.30 34.06 43.38
C GLU W 242 11.24 33.32 42.45
N ILE W 243 10.75 32.19 41.93
CA ILE W 243 11.54 31.30 41.08
C ILE W 243 11.04 31.49 39.66
N LEU W 244 11.73 32.33 38.89
CA LEU W 244 11.27 32.65 37.55
C LEU W 244 11.44 31.48 36.59
N ASN W 245 10.40 31.23 35.79
CA ASN W 245 10.42 30.16 34.80
C ASN W 245 10.67 30.82 33.43
N VAL W 246 11.95 30.95 33.09
CA VAL W 246 12.36 31.66 31.88
C VAL W 246 12.66 30.64 30.80
N ARG W 247 11.81 30.58 29.78
CA ARG W 247 11.88 29.63 28.70
C ARG W 247 11.96 30.38 27.38
N TRP W 248 11.94 29.63 26.28
CA TRP W 248 11.83 30.20 24.94
C TRP W 248 10.36 30.39 24.63
N ALA W 249 10.00 31.57 24.13
CA ALA W 249 8.60 31.80 23.83
C ALA W 249 8.21 31.07 22.56
N THR W 250 6.93 30.71 22.49
CA THR W 250 6.38 30.08 21.31
C THR W 250 6.10 31.17 20.28
N ALA W 251 5.86 30.78 19.02
CA ALA W 251 5.49 31.72 17.98
C ALA W 251 4.17 32.41 18.32
N ASP W 252 4.13 33.72 18.17
CA ASP W 252 3.02 34.54 18.64
C ASP W 252 1.80 34.33 17.75
N PRO W 253 0.66 33.92 18.31
CA PRO W 253 -0.55 33.73 17.48
C PRO W 253 -1.22 35.03 17.07
N ASN W 254 -0.75 36.17 17.55
CA ASN W 254 -1.28 37.46 17.13
C ASN W 254 -0.88 37.74 15.68
N PRO W 255 -1.83 37.94 14.77
CA PRO W 255 -1.46 38.14 13.36
C PRO W 255 -0.68 39.41 13.09
N LEU W 256 -0.79 40.44 13.95
CA LEU W 256 0.11 41.58 13.83
C LEU W 256 1.56 41.16 14.06
N ALA W 257 1.79 40.35 15.09
CA ALA W 257 3.14 39.86 15.36
C ALA W 257 3.61 38.92 14.25
N GLN W 258 2.69 38.12 13.69
CA GLN W 258 3.05 37.28 12.56
C GLN W 258 3.47 38.13 11.36
N LYS W 259 2.73 39.21 11.09
CA LYS W 259 3.08 40.10 9.99
C LYS W 259 4.43 40.76 10.22
N ARG W 260 4.69 41.24 11.44
CA ARG W 260 5.95 41.94 11.68
C ARG W 260 7.13 40.98 11.67
N GLU W 261 6.94 39.74 12.13
CA GLU W 261 8.01 38.76 12.07
C GLU W 261 8.32 38.36 10.63
N GLN W 262 7.27 38.17 9.82
CA GLN W 262 7.49 37.84 8.42
C GLN W 262 8.16 39.01 7.70
N ARG W 263 7.75 40.24 7.99
CA ARG W 263 8.36 41.40 7.36
C ARG W 263 9.82 41.54 7.77
N ARG W 264 10.15 41.21 9.02
CA ARG W 264 11.55 41.21 9.44
C ARG W 264 12.35 40.12 8.73
N ILE W 265 11.72 38.97 8.47
CA ILE W 265 12.38 37.91 7.70
C ILE W 265 12.73 38.38 6.29
N GLU W 266 11.76 38.96 5.57
CA GLU W 266 12.10 39.52 4.26
C GLU W 266 13.04 40.71 4.32
N GLU W 267 13.03 41.50 5.39
CA GLU W 267 13.99 42.61 5.49
C GLU W 267 15.41 42.08 5.63
N GLN W 268 15.61 41.10 6.51
CA GLN W 268 16.93 40.49 6.67
C GLN W 268 17.39 39.81 5.39
N ALA W 269 16.48 39.06 4.75
CA ALA W 269 16.84 38.36 3.52
C ALA W 269 17.18 39.34 2.40
N ALA W 270 16.39 40.40 2.23
CA ALA W 270 16.66 41.39 1.20
C ALA W 270 17.94 42.14 1.48
N GLU W 271 18.29 42.34 2.75
CA GLU W 271 19.59 42.89 3.09
C GLU W 271 20.71 41.99 2.59
N ALA W 272 20.54 40.67 2.78
CA ALA W 272 21.54 39.73 2.28
C ALA W 272 21.61 39.75 0.75
N ILE W 273 20.45 39.86 0.09
CA ILE W 273 20.41 39.93 -1.37
C ILE W 273 21.13 41.18 -1.88
N ARG W 274 20.86 42.32 -1.24
CA ARG W 274 21.46 43.57 -1.72
C ARG W 274 22.95 43.61 -1.44
N ARG W 275 23.41 42.93 -0.40
CA ARG W 275 24.85 42.77 -0.24
C ARG W 275 25.42 41.85 -1.32
N ALA W 276 24.67 40.81 -1.72
CA ALA W 276 25.15 39.89 -2.74
C ALA W 276 25.24 40.54 -4.11
N LEU W 277 24.26 41.33 -4.47
CA LEU W 277 24.12 41.92 -5.80
C LEU W 277 24.75 43.30 -5.84
N PRO W 278 25.22 43.75 -7.00
CA PRO W 278 25.71 45.13 -7.11
C PRO W 278 24.57 46.13 -6.96
N ALA W 279 24.94 47.34 -6.52
CA ALA W 279 23.94 48.37 -6.25
C ALA W 279 23.22 48.80 -7.53
N GLU W 280 23.85 48.63 -8.68
CA GLU W 280 23.23 49.01 -9.94
C GLU W 280 22.23 47.97 -10.45
N PHE W 281 22.51 46.66 -10.29
CA PHE W 281 21.44 45.67 -10.45
C PHE W 281 20.33 45.88 -9.43
N VAL W 282 20.69 46.31 -8.22
CA VAL W 282 19.69 46.58 -7.20
C VAL W 282 18.75 47.70 -7.65
N ALA W 283 19.33 48.80 -8.14
CA ALA W 283 18.52 49.94 -8.60
C ALA W 283 17.66 49.56 -9.80
N GLU W 284 18.24 48.83 -10.76
CA GLU W 284 17.51 48.45 -11.96
C GLU W 284 16.36 47.50 -11.65
N ILE W 285 16.58 46.56 -10.72
CA ILE W 285 15.53 45.60 -10.41
C ILE W 285 14.46 46.24 -9.51
N GLU W 286 14.89 47.12 -8.59
CA GLU W 286 13.95 47.77 -7.69
C GLU W 286 13.00 48.68 -8.46
N GLY W 287 13.57 49.55 -9.31
CA GLY W 287 12.74 50.36 -10.19
C GLY W 287 11.85 51.37 -9.50
N LYS W 288 12.25 51.85 -8.32
CA LYS W 288 11.46 52.86 -7.62
C LYS W 288 11.74 54.27 -8.14
N ASP W 289 12.76 54.44 -8.97
CA ASP W 289 13.12 55.74 -9.51
C ASP W 289 13.30 55.71 -11.02
N PRO W 290 12.88 56.77 -11.71
CA PRO W 290 12.83 56.72 -13.18
C PRO W 290 14.19 56.75 -13.85
N GLU W 291 15.22 57.24 -13.18
CA GLU W 291 16.55 57.22 -13.80
C GLU W 291 17.08 55.80 -13.91
N ALA W 292 16.96 55.00 -12.84
CA ALA W 292 17.35 53.60 -12.96
C ALA W 292 16.37 52.83 -13.82
N ARG W 293 15.10 53.27 -13.88
CA ARG W 293 14.16 52.65 -14.79
C ARG W 293 14.57 52.84 -16.25
N LYS W 294 14.98 54.05 -16.63
CA LYS W 294 15.35 54.29 -18.01
C LYS W 294 16.71 53.67 -18.35
N ARG W 295 17.65 53.62 -17.39
CA ARG W 295 18.82 52.77 -17.60
C ARG W 295 18.42 51.32 -17.81
N ARG W 296 17.39 50.84 -17.11
CA ARG W 296 16.94 49.46 -17.29
C ARG W 296 16.43 49.23 -18.71
N LYS W 297 15.59 50.15 -19.23
CA LYS W 297 15.12 49.97 -20.61
C LYS W 297 16.27 50.03 -21.61
N LEU W 298 17.20 50.98 -21.46
CA LEU W 298 18.26 51.11 -22.46
C LEU W 298 19.21 49.92 -22.44
N GLU W 299 19.68 49.55 -21.25
CA GLU W 299 20.61 48.42 -21.12
C GLU W 299 19.94 47.11 -21.49
N SER W 300 18.64 46.94 -21.21
CA SER W 300 17.95 45.75 -21.67
C SER W 300 17.66 45.79 -23.16
N SER W 301 17.63 46.98 -23.76
CA SER W 301 17.44 47.06 -25.20
C SER W 301 18.68 46.58 -25.95
N TYR W 302 19.87 47.01 -25.50
CA TYR W 302 21.15 46.62 -26.13
C TYR W 302 21.19 46.97 -27.63
N GLY W 303 20.88 48.23 -27.95
CA GLY W 303 20.72 48.54 -29.36
C GLY W 303 19.30 48.58 -29.85
N LEU W 304 18.80 47.45 -30.38
CA LEU W 304 17.44 47.31 -30.92
C LEU W 304 16.36 47.93 -30.06
N GLU W 305 15.40 48.56 -30.74
CA GLU W 305 14.25 49.14 -30.09
C GLU W 305 13.21 48.07 -29.80
N GLY W 306 12.63 48.12 -28.61
CA GLY W 306 11.62 47.17 -28.21
C GLY W 306 12.12 45.74 -28.10
N TYR W 307 13.26 45.54 -27.43
CA TYR W 307 13.75 44.19 -27.21
C TYR W 307 13.33 43.64 -25.86
N GLU W 308 13.52 44.42 -24.78
CA GLU W 308 13.24 44.05 -23.40
C GLU W 308 13.78 42.65 -23.06
N ALA W 309 15.13 42.57 -23.01
CA ALA W 309 15.93 41.40 -22.67
C ALA W 309 15.39 40.62 -21.48
N PRO W 310 15.55 39.29 -21.47
CA PRO W 310 15.12 38.51 -20.31
C PRO W 310 15.91 38.89 -19.07
N ASP W 311 15.26 38.73 -17.91
CA ASP W 311 15.92 39.03 -16.65
C ASP W 311 17.11 38.12 -16.43
N ALA W 312 17.00 36.85 -16.84
CA ALA W 312 18.11 35.92 -16.72
C ALA W 312 19.32 36.36 -17.53
N VAL W 313 19.10 36.79 -18.77
CA VAL W 313 20.21 37.23 -19.61
C VAL W 313 20.78 38.55 -19.09
N HIS W 314 19.91 39.45 -18.64
CA HIS W 314 20.37 40.78 -18.26
C HIS W 314 21.07 40.80 -16.91
N PHE W 315 20.68 39.90 -15.99
CA PHE W 315 21.28 39.86 -14.67
C PHE W 315 22.08 38.59 -14.44
N ALA W 316 22.40 37.85 -15.50
CA ALA W 316 23.29 36.69 -15.38
C ALA W 316 24.69 37.19 -15.09
N ARG W 317 25.11 37.06 -13.83
CA ARG W 317 26.40 37.57 -13.43
C ARG W 317 27.51 36.59 -13.78
N GLY W 318 28.68 37.14 -14.07
CA GLY W 318 29.82 36.36 -14.46
C GLY W 318 30.92 37.29 -14.92
N PRO W 319 32.05 36.73 -15.36
CA PRO W 319 33.12 37.60 -15.85
C PRO W 319 32.84 38.19 -17.23
N ASN W 320 32.22 37.41 -18.11
CA ASN W 320 32.13 37.79 -19.51
C ASN W 320 30.78 37.42 -20.13
N ALA W 321 29.70 37.45 -19.35
CA ALA W 321 28.49 36.80 -19.83
C ALA W 321 27.76 37.62 -20.90
N VAL W 322 27.07 38.69 -20.50
CA VAL W 322 26.50 39.64 -21.47
C VAL W 322 26.77 41.06 -21.01
N ASN W 323 26.29 41.38 -19.82
CA ASN W 323 26.26 42.75 -19.35
C ASN W 323 27.67 43.20 -18.94
N PRO W 324 28.07 44.42 -19.29
CA PRO W 324 29.32 44.96 -18.72
C PRO W 324 29.27 45.14 -17.21
N ARG W 325 28.09 45.12 -16.60
CA ARG W 325 27.95 45.07 -15.15
C ARG W 325 28.13 43.63 -14.68
N GLY W 326 29.38 43.17 -14.74
CA GLY W 326 29.72 41.83 -14.33
C GLY W 326 31.21 41.56 -14.45
N MET X 1 -0.16 -11.24 -59.69
CA MET X 1 -0.50 -12.31 -58.74
C MET X 1 -1.93 -12.17 -58.25
N ALA X 2 -2.48 -10.96 -58.32
CA ALA X 2 -3.84 -10.69 -57.86
C ALA X 2 -4.84 -11.18 -58.92
N SER X 3 -4.90 -12.50 -59.06
CA SER X 3 -5.67 -13.10 -60.15
C SER X 3 -7.16 -12.99 -59.89
N ILE X 4 -7.60 -13.26 -58.65
CA ILE X 4 -9.03 -13.21 -58.36
C ILE X 4 -9.55 -11.77 -58.35
N ALA X 5 -8.76 -10.82 -57.85
CA ALA X 5 -9.15 -9.42 -57.93
C ALA X 5 -9.19 -8.92 -59.37
N ALA X 6 -8.21 -9.32 -60.18
CA ALA X 6 -8.20 -8.94 -61.59
C ALA X 6 -9.37 -9.58 -62.33
N GLY X 7 -9.70 -10.82 -62.01
CA GLY X 7 -10.84 -11.47 -62.63
C GLY X 7 -12.15 -10.84 -62.24
N LEU X 8 -12.27 -10.38 -60.99
CA LEU X 8 -13.46 -9.68 -60.56
C LEU X 8 -13.61 -8.35 -61.30
N ALA X 9 -12.52 -7.58 -61.39
CA ALA X 9 -12.57 -6.32 -62.10
C ALA X 9 -12.83 -6.50 -63.59
N ALA X 10 -12.39 -7.63 -64.16
CA ALA X 10 -12.68 -7.92 -65.55
C ALA X 10 -14.12 -8.36 -65.75
N ALA X 11 -14.65 -9.20 -64.85
CA ALA X 11 -15.98 -9.74 -65.02
C ALA X 11 -17.06 -8.71 -64.77
N LEU X 12 -16.77 -7.70 -63.96
CA LEU X 12 -17.79 -6.69 -63.68
C LEU X 12 -18.02 -5.80 -64.89
N PRO X 13 -19.26 -5.64 -65.34
CA PRO X 13 -19.53 -4.66 -66.40
C PRO X 13 -19.41 -3.24 -65.90
N LYS X 14 -19.39 -2.28 -66.80
CA LYS X 14 -19.44 -0.89 -66.37
C LYS X 14 -20.81 -0.57 -65.79
N PRO X 15 -20.88 0.29 -64.79
CA PRO X 15 -22.18 0.69 -64.24
C PRO X 15 -22.99 1.47 -65.26
N LYS X 16 -24.24 1.06 -65.45
CA LYS X 16 -25.10 1.71 -66.42
C LYS X 16 -25.68 3.02 -65.90
N TYR X 17 -25.48 3.34 -64.63
CA TYR X 17 -25.88 4.61 -64.06
C TYR X 17 -24.60 5.40 -63.80
N SER X 18 -24.50 6.57 -64.41
CA SER X 18 -23.28 7.36 -64.34
C SER X 18 -23.08 7.90 -62.93
N SER X 19 -21.81 7.92 -62.50
CA SER X 19 -21.46 8.38 -61.17
C SER X 19 -20.39 9.47 -61.18
N GLU X 20 -19.95 9.90 -62.36
CA GLU X 20 -18.87 10.88 -62.45
C GLU X 20 -19.28 12.26 -61.95
N HIS X 21 -20.58 12.54 -61.89
CA HIS X 21 -21.08 13.83 -61.43
C HIS X 21 -21.56 13.77 -59.98
N GLU X 22 -21.20 12.72 -59.24
CA GLU X 22 -21.73 12.50 -57.91
C GLU X 22 -20.90 13.25 -56.87
N GLU X 23 -21.57 14.10 -56.11
CA GLU X 23 -21.00 14.71 -54.91
C GLU X 23 -21.12 13.71 -53.76
N PRO X 24 -20.38 13.91 -52.67
CA PRO X 24 -20.54 13.03 -51.50
C PRO X 24 -21.95 13.05 -50.95
N ARG X 25 -22.38 11.89 -50.45
CA ARG X 25 -23.76 11.69 -50.01
C ARG X 25 -24.08 12.41 -48.71
N ALA X 26 -23.09 12.99 -48.05
CA ALA X 26 -23.34 13.90 -46.93
C ALA X 26 -22.26 14.96 -46.95
N THR X 27 -22.69 16.22 -47.05
CA THR X 27 -21.78 17.33 -47.27
C THR X 27 -21.05 17.69 -45.98
N GLN X 28 -19.82 18.17 -46.14
CA GLN X 28 -18.98 18.61 -45.03
C GLN X 28 -19.19 20.11 -44.82
N ARG X 29 -19.44 20.50 -43.57
CA ARG X 29 -19.66 21.92 -43.25
C ARG X 29 -18.33 22.64 -43.33
N GLY X 30 -18.04 23.23 -44.49
CA GLY X 30 -16.76 23.87 -44.73
C GLY X 30 -16.57 25.13 -43.93
N PRO X 31 -15.39 25.76 -44.01
CA PRO X 31 -14.33 25.65 -45.03
C PRO X 31 -13.42 24.43 -44.92
N ARG X 32 -12.95 23.98 -46.07
CA ARG X 32 -12.08 22.82 -46.13
C ARG X 32 -10.70 23.18 -45.58
N ILE X 33 -10.21 22.36 -44.66
CA ILE X 33 -8.87 22.49 -44.12
C ILE X 33 -8.14 21.21 -44.47
N VAL X 34 -7.12 21.32 -45.31
CA VAL X 34 -6.46 20.14 -45.84
C VAL X 34 -4.96 20.44 -45.77
N SER X 35 -4.11 19.62 -46.36
CA SER X 35 -2.66 19.75 -46.13
C SER X 35 -1.87 19.96 -47.42
N ALA X 36 -0.54 19.94 -47.27
CA ALA X 36 0.37 20.12 -48.38
C ALA X 36 0.29 18.97 -49.38
N ASP X 37 -0.21 17.82 -48.97
CA ASP X 37 -0.53 16.75 -49.91
C ASP X 37 -1.57 17.23 -50.92
N GLN X 38 -2.60 17.93 -50.45
CA GLN X 38 -3.60 18.44 -51.38
C GLN X 38 -3.13 19.69 -52.09
N ILE X 39 -2.16 20.42 -51.53
CA ILE X 39 -1.47 21.45 -52.33
C ILE X 39 -0.79 20.80 -53.53
N ASP X 40 -0.04 19.72 -53.30
CA ASP X 40 0.64 19.02 -54.39
C ASP X 40 -0.36 18.42 -55.38
N GLU X 41 -1.47 17.89 -54.87
CA GLU X 41 -2.47 17.26 -55.74
C GLU X 41 -3.20 18.28 -56.60
N THR X 42 -3.66 19.37 -55.99
CA THR X 42 -4.40 20.39 -56.73
C THR X 42 -3.46 21.29 -57.52
N PRO X 52 8.65 40.93 -48.96
CA PRO X 52 9.51 41.48 -50.02
C PRO X 52 10.79 40.68 -50.18
N PRO X 53 11.32 40.57 -51.40
CA PRO X 53 12.55 39.81 -51.61
C PRO X 53 13.79 40.59 -51.20
N TYR X 54 14.94 39.93 -51.25
CA TYR X 54 16.21 40.55 -50.94
C TYR X 54 16.77 41.26 -52.18
N PRO X 55 17.38 42.45 -52.02
CA PRO X 55 17.61 43.25 -50.82
C PRO X 55 16.85 44.56 -50.75
N ASN X 56 15.60 44.61 -51.22
CA ASN X 56 14.83 45.84 -51.25
C ASN X 56 13.73 45.83 -50.21
N ARG X 57 14.04 45.31 -49.01
CA ARG X 57 13.10 45.27 -47.91
C ARG X 57 13.12 46.53 -47.06
N ALA X 58 13.75 47.60 -47.53
CA ALA X 58 13.75 48.86 -46.80
C ALA X 58 12.34 49.44 -46.76
N GLY X 59 11.94 49.90 -45.58
CA GLY X 59 10.61 50.38 -45.33
C GLY X 59 9.63 49.30 -44.92
N TRP X 60 9.86 48.07 -45.37
CA TRP X 60 9.04 46.94 -44.93
C TRP X 60 9.28 46.66 -43.45
N ARG X 61 8.20 46.34 -42.75
CA ARG X 61 8.22 46.23 -41.30
C ARG X 61 7.15 45.23 -40.89
N PRO X 62 7.54 43.98 -40.60
CA PRO X 62 6.55 42.92 -40.44
C PRO X 62 5.78 43.03 -39.12
N ARG X 63 4.57 42.47 -39.14
CA ARG X 63 3.67 42.51 -38.00
C ARG X 63 3.33 41.16 -37.41
N ALA X 64 3.54 40.06 -38.14
CA ALA X 64 2.99 38.78 -37.74
C ALA X 64 3.76 37.67 -38.44
N PRO X 65 3.67 36.43 -37.94
CA PRO X 65 4.23 35.30 -38.69
C PRO X 65 3.63 35.10 -40.08
N GLU X 66 2.44 35.65 -40.35
CA GLU X 66 2.00 35.84 -41.74
C GLU X 66 3.07 36.56 -42.54
N ASP X 67 3.54 37.69 -42.01
CA ASP X 67 4.50 38.52 -42.71
C ASP X 67 5.86 37.85 -42.76
N PHE X 68 6.20 37.04 -41.76
CA PHE X 68 7.42 36.25 -41.89
C PHE X 68 7.29 35.12 -42.90
N GLY X 69 6.06 34.69 -43.19
CA GLY X 69 5.85 33.63 -44.15
C GLY X 69 6.10 32.28 -43.52
N ASP X 70 7.08 31.53 -44.04
CA ASP X 70 7.60 30.36 -43.36
C ASP X 70 8.74 30.71 -42.42
N GLY X 71 8.74 31.93 -41.89
CA GLY X 71 9.60 32.30 -40.79
C GLY X 71 10.95 32.80 -41.22
N GLY X 72 11.70 33.27 -40.23
CA GLY X 72 13.00 33.87 -40.47
C GLY X 72 12.96 35.36 -40.26
N ALA X 73 13.65 35.83 -39.23
CA ALA X 73 13.74 37.27 -39.01
C ALA X 73 14.58 37.92 -40.10
N PHE X 74 14.34 39.21 -40.30
CA PHE X 74 15.08 39.96 -41.28
C PHE X 74 16.14 40.78 -40.57
N PRO X 75 17.42 40.46 -40.72
CA PRO X 75 18.47 41.21 -39.99
C PRO X 75 18.61 42.66 -40.42
N GLU X 76 18.17 43.02 -41.63
CA GLU X 76 18.30 44.38 -42.09
C GLU X 76 17.26 45.33 -41.51
N ILE X 77 16.21 44.80 -40.88
CA ILE X 77 15.20 45.62 -40.22
C ILE X 77 15.62 45.80 -38.76
N PRO X 78 15.83 47.02 -38.28
CA PRO X 78 16.33 47.26 -36.92
C PRO X 78 15.25 47.24 -35.84
N VAL X 79 14.38 46.22 -35.88
CA VAL X 79 13.36 45.98 -34.86
C VAL X 79 13.45 44.52 -34.50
N ALA X 80 13.15 44.20 -33.23
CA ALA X 80 13.14 42.81 -32.80
C ALA X 80 11.99 42.06 -33.46
N GLN X 81 12.28 40.90 -34.03
CA GLN X 81 11.28 40.10 -34.70
C GLN X 81 11.08 38.75 -34.00
N TYR X 82 9.87 38.22 -34.13
CA TYR X 82 9.48 36.95 -33.54
C TYR X 82 8.76 36.13 -34.60
N PRO X 83 9.48 35.29 -35.35
CA PRO X 83 8.85 34.52 -36.43
C PRO X 83 7.80 33.52 -35.97
N TRP X 84 7.80 33.11 -34.70
CA TRP X 84 6.78 32.20 -34.20
C TRP X 84 6.11 32.73 -32.94
N GLY X 85 6.20 34.02 -32.69
CA GLY X 85 5.48 34.57 -31.56
C GLY X 85 6.40 34.95 -30.41
N LYS X 86 6.01 36.00 -29.70
CA LYS X 86 6.72 36.42 -28.50
C LYS X 86 6.56 35.39 -27.39
N ASN X 87 7.62 35.20 -26.61
CA ASN X 87 7.52 34.53 -25.33
C ASN X 87 7.32 35.60 -24.26
N ASP X 88 6.20 35.54 -23.56
CA ASP X 88 5.95 36.50 -22.49
C ASP X 88 6.86 36.21 -21.31
N SER X 89 6.68 35.05 -20.68
CA SER X 89 7.50 34.60 -19.56
C SER X 89 7.21 33.11 -19.35
N SER X 90 7.68 32.59 -18.22
CA SER X 90 7.30 31.27 -17.72
C SER X 90 7.37 31.37 -16.21
N SER X 91 6.22 31.62 -15.57
CA SER X 91 6.20 32.10 -14.20
C SER X 91 6.44 31.01 -13.17
N LYS X 92 7.54 30.28 -13.34
CA LYS X 92 7.88 29.08 -12.56
C LYS X 92 6.70 28.12 -12.47
N SER X 93 6.30 27.61 -13.63
CA SER X 93 5.44 26.44 -13.65
C SER X 93 6.22 25.23 -13.14
N ASN X 94 5.49 24.28 -12.58
CA ASN X 94 6.12 23.02 -12.18
C ASN X 94 6.02 21.95 -13.25
N ALA X 95 5.57 22.30 -14.45
CA ALA X 95 5.38 21.33 -15.50
C ALA X 95 6.71 20.83 -16.04
N LEU X 96 6.69 19.59 -16.54
CA LEU X 96 7.80 19.09 -17.33
C LEU X 96 7.93 19.91 -18.60
N VAL X 97 9.16 20.12 -19.03
CA VAL X 97 9.40 20.78 -20.30
C VAL X 97 9.02 19.85 -21.42
N VAL X 98 8.21 20.35 -22.35
CA VAL X 98 7.82 19.55 -23.52
C VAL X 98 9.04 19.43 -24.43
N GLN X 99 9.39 18.19 -24.76
CA GLN X 99 10.53 17.94 -25.61
C GLN X 99 10.07 17.22 -26.87
N VAL X 100 11.01 17.05 -27.79
CA VAL X 100 10.72 16.32 -29.02
C VAL X 100 11.73 15.21 -29.20
N ASP X 101 11.36 14.25 -30.03
CA ASP X 101 12.13 13.05 -30.27
C ASP X 101 13.10 13.28 -31.43
N SER X 102 13.65 12.20 -32.00
CA SER X 102 14.66 12.31 -33.05
C SER X 102 14.13 12.97 -34.30
N GLU X 103 12.87 12.76 -34.64
CA GLU X 103 12.29 13.31 -35.86
C GLU X 103 11.16 14.30 -35.58
N GLY X 104 11.26 14.99 -34.44
CA GLY X 104 10.54 16.23 -34.21
C GLY X 104 9.14 16.11 -33.65
N LYS X 105 8.71 14.94 -33.22
CA LYS X 105 7.37 14.76 -32.69
C LYS X 105 7.39 14.95 -31.17
N VAL X 106 6.21 15.26 -30.61
CA VAL X 106 6.09 15.44 -29.16
C VAL X 106 6.21 14.09 -28.47
N ASP X 107 7.03 14.04 -27.41
CA ASP X 107 7.46 12.79 -26.80
C ASP X 107 6.92 12.65 -25.37
N TYR X 108 6.28 11.51 -25.09
CA TYR X 108 5.70 11.18 -23.79
C TYR X 108 6.52 10.12 -23.05
N THR X 109 7.58 9.64 -23.68
CA THR X 109 8.52 8.82 -22.95
C THR X 109 9.23 9.59 -21.85
N ALA X 110 9.16 10.92 -21.83
CA ALA X 110 9.61 11.67 -20.66
C ALA X 110 8.83 11.25 -19.43
N ILE X 111 7.51 11.07 -19.57
CA ILE X 111 6.70 10.54 -18.49
C ILE X 111 7.14 9.14 -18.14
N ALA X 112 7.42 8.32 -19.16
CA ALA X 112 7.88 6.96 -18.85
C ALA X 112 9.21 6.95 -18.09
N ARG X 113 10.11 7.87 -18.40
CA ARG X 113 11.46 7.88 -17.89
C ARG X 113 11.65 8.78 -16.67
N GLN X 114 10.60 9.47 -16.23
CA GLN X 114 10.68 10.39 -15.11
C GLN X 114 11.09 9.67 -13.84
N GLY X 115 12.21 10.09 -13.26
CA GLY X 115 12.68 9.54 -12.01
C GLY X 115 13.66 8.41 -12.13
N HIS X 116 14.16 8.13 -13.32
CA HIS X 116 15.17 7.12 -13.55
C HIS X 116 16.45 7.80 -14.00
N SER X 117 17.50 7.00 -14.18
CA SER X 117 18.72 7.54 -14.75
C SER X 117 18.62 7.51 -16.27
N SER X 118 19.67 8.05 -16.91
CA SER X 118 19.64 8.17 -18.35
C SER X 118 19.89 6.84 -19.05
N ASP X 119 20.63 5.94 -18.42
CA ASP X 119 21.01 4.68 -19.06
C ASP X 119 20.14 3.51 -18.67
N ARG X 120 19.08 3.75 -17.91
CA ARG X 120 18.11 2.70 -17.65
C ARG X 120 17.39 2.35 -18.94
N ILE X 121 17.30 1.06 -19.24
CA ILE X 121 16.55 0.57 -20.38
C ILE X 121 15.08 0.53 -19.98
N ILE X 122 14.25 1.35 -20.64
CA ILE X 122 12.82 1.38 -20.37
C ILE X 122 12.08 1.18 -21.67
N HIS X 123 11.32 0.10 -21.76
CA HIS X 123 10.43 -0.14 -22.89
C HIS X 123 9.14 0.63 -22.69
N ALA X 124 8.81 1.50 -23.64
CA ALA X 124 7.63 2.34 -23.47
C ALA X 124 6.84 2.49 -24.76
N SER X 125 7.20 1.81 -25.82
CA SER X 125 6.50 2.09 -27.09
C SER X 125 6.07 0.79 -27.75
N PHE X 126 5.17 0.89 -28.71
CA PHE X 126 4.71 -0.32 -29.42
C PHE X 126 5.90 -0.93 -30.14
N LYS X 127 6.89 -0.12 -30.45
CA LYS X 127 8.03 -0.63 -31.23
C LYS X 127 8.78 -1.67 -30.44
N ASP X 128 8.68 -1.67 -29.11
CA ASP X 128 9.43 -2.60 -28.26
C ASP X 128 8.68 -3.91 -28.18
N LEU X 129 7.52 -4.00 -28.82
CA LEU X 129 6.68 -5.21 -28.79
C LEU X 129 6.73 -5.89 -30.16
N ILE X 130 7.34 -5.26 -31.15
CA ILE X 130 7.47 -5.85 -32.51
C ILE X 130 8.75 -6.68 -32.54
N PRO X 131 8.74 -7.94 -33.00
CA PRO X 131 9.97 -8.70 -33.10
C PRO X 131 11.10 -7.95 -33.80
N LEU X 132 12.32 -7.96 -33.28
CA LEU X 132 13.45 -7.17 -33.82
C LEU X 132 13.70 -7.43 -35.30
N ARG X 133 13.55 -8.65 -35.77
CA ARG X 133 13.87 -8.97 -37.18
C ARG X 133 12.82 -8.38 -38.11
N GLN X 134 11.75 -7.80 -37.58
CA GLN X 134 10.68 -7.18 -38.38
C GLN X 134 10.65 -5.68 -38.15
N ARG X 135 11.56 -5.17 -37.34
CA ARG X 135 11.64 -3.71 -37.11
C ARG X 135 12.33 -3.13 -38.34
N ALA X 136 11.71 -2.16 -39.00
CA ALA X 136 12.19 -1.65 -40.27
C ALA X 136 13.57 -1.02 -40.18
N GLU X 137 13.95 -0.53 -38.99
CA GLU X 137 15.21 0.19 -38.84
C GLU X 137 16.42 -0.72 -38.88
N ALA X 138 16.25 -2.04 -38.79
CA ALA X 138 17.36 -2.98 -38.73
C ALA X 138 17.31 -3.92 -39.93
N GLY X 139 18.49 -4.32 -40.40
CA GLY X 139 18.58 -5.31 -41.46
C GLY X 139 19.38 -6.56 -41.12
N GLN X 140 20.38 -6.41 -40.25
CA GLN X 140 21.25 -7.53 -39.89
C GLN X 140 21.63 -7.38 -38.43
N ILE X 141 21.15 -8.31 -37.60
CA ILE X 141 21.36 -8.26 -36.16
C ILE X 141 22.58 -9.12 -35.84
N ASP X 142 23.48 -8.59 -35.03
CA ASP X 142 24.68 -9.30 -34.62
C ASP X 142 24.41 -10.03 -33.31
N LEU X 143 24.15 -11.33 -33.41
CA LEU X 143 23.92 -12.17 -32.23
C LEU X 143 25.16 -12.99 -31.92
N SER X 144 26.15 -12.34 -31.32
CA SER X 144 27.39 -13.01 -30.95
C SER X 144 27.72 -12.67 -29.50
N ARG X 145 28.07 -13.68 -28.73
CA ARG X 145 28.53 -13.46 -27.38
C ARG X 145 29.85 -12.70 -27.42
N PRO X 146 30.14 -11.87 -26.41
CA PRO X 146 31.35 -11.05 -26.44
C PRO X 146 32.63 -11.87 -26.45
N SER X 147 33.67 -11.27 -27.00
CA SER X 147 34.95 -11.96 -27.18
C SER X 147 35.66 -12.13 -25.85
N LYS X 148 36.79 -12.84 -25.91
CA LYS X 148 37.55 -13.17 -24.72
C LYS X 148 38.07 -11.92 -24.01
N GLU X 149 38.51 -10.92 -24.78
CA GLU X 149 39.04 -9.71 -24.17
C GLU X 149 37.95 -8.93 -23.44
N GLU X 150 36.75 -8.87 -24.03
CA GLU X 150 35.65 -8.18 -23.37
C GLU X 150 35.17 -8.94 -22.15
N VAL X 151 35.16 -10.27 -22.22
CA VAL X 151 34.80 -11.09 -21.07
C VAL X 151 35.81 -10.92 -19.93
N GLU X 152 37.11 -10.87 -20.25
CA GLU X 152 38.11 -10.69 -19.22
C GLU X 152 38.13 -9.28 -18.66
N ALA X 153 37.84 -8.27 -19.47
CA ALA X 153 37.68 -6.93 -18.94
C ALA X 153 36.50 -6.85 -18.00
N THR X 154 35.38 -7.48 -18.36
CA THR X 154 34.21 -7.55 -17.48
C THR X 154 34.52 -8.29 -16.19
N ALA X 155 35.23 -9.42 -16.30
CA ALA X 155 35.55 -10.22 -15.13
C ALA X 155 36.46 -9.45 -14.19
N GLU X 156 37.40 -8.68 -14.74
CA GLU X 156 38.28 -7.89 -13.90
C GLU X 156 37.53 -6.78 -13.19
N ARG X 157 36.68 -6.04 -13.91
CA ARG X 157 35.92 -4.96 -13.31
C ARG X 157 34.99 -5.46 -12.21
N THR X 158 34.30 -6.56 -12.47
CA THR X 158 33.36 -7.09 -11.49
C THR X 158 34.08 -7.79 -10.35
N LYS X 159 35.21 -8.43 -10.61
CA LYS X 159 35.99 -9.03 -9.54
C LYS X 159 36.54 -7.97 -8.61
N ASN X 160 36.91 -6.80 -9.14
CA ASN X 160 37.37 -5.72 -8.28
C ASN X 160 36.25 -5.18 -7.40
N ALA X 161 35.08 -4.91 -8.01
CA ALA X 161 33.97 -4.37 -7.22
C ALA X 161 33.49 -5.37 -6.18
N LEU X 162 33.35 -6.64 -6.56
CA LEU X 162 32.92 -7.66 -5.63
C LEU X 162 33.97 -7.94 -4.57
N ALA X 163 35.26 -7.88 -4.92
CA ALA X 163 36.31 -8.06 -3.93
C ALA X 163 36.29 -6.97 -2.87
N ALA X 164 36.05 -5.73 -3.29
CA ALA X 164 35.90 -4.67 -2.31
C ALA X 164 34.72 -4.94 -1.38
N LEU X 165 33.60 -5.42 -1.94
CA LEU X 165 32.47 -5.77 -1.08
C LEU X 165 32.75 -6.98 -0.19
N VAL X 166 33.57 -7.93 -0.65
CA VAL X 166 33.93 -9.09 0.17
C VAL X 166 34.79 -8.64 1.34
N SER X 167 35.73 -7.73 1.10
CA SER X 167 36.52 -7.18 2.19
C SER X 167 35.65 -6.41 3.18
N GLY X 168 34.66 -5.67 2.67
CA GLY X 168 33.72 -4.99 3.55
C GLY X 168 32.94 -5.96 4.41
N ALA X 169 32.42 -7.03 3.79
CA ALA X 169 31.67 -8.03 4.52
C ALA X 169 32.52 -8.77 5.53
N LEU X 170 33.77 -9.09 5.18
CA LEU X 170 34.68 -9.76 6.11
C LEU X 170 35.00 -8.89 7.29
N ALA X 171 35.26 -7.61 7.06
CA ALA X 171 35.59 -6.72 8.16
C ALA X 171 34.38 -6.43 9.03
N ALA X 172 33.18 -6.54 8.45
CA ALA X 172 31.95 -6.45 9.25
C ALA X 172 31.70 -7.72 10.06
N GLN X 173 31.95 -8.88 9.46
CA GLN X 173 31.66 -10.15 10.10
C GLN X 173 32.66 -10.43 11.21
N LYS X 174 33.93 -10.06 11.00
CA LYS X 174 34.97 -10.13 12.01
C LYS X 174 35.50 -8.71 12.21
N PRO X 175 34.98 -7.97 13.18
CA PRO X 175 35.67 -6.75 13.62
C PRO X 175 37.09 -7.08 14.03
N LYS X 176 38.01 -6.18 13.69
CA LYS X 176 39.43 -6.52 13.68
C LYS X 176 40.05 -6.24 15.07
N ASN X 177 39.42 -6.82 16.09
CA ASN X 177 39.84 -6.78 17.49
C ASN X 177 40.00 -5.34 18.01
N VAL X 178 41.07 -4.68 17.58
CA VAL X 178 41.31 -3.26 17.88
C VAL X 178 41.13 -2.49 16.60
N GLN X 179 40.26 -1.50 16.61
CA GLN X 179 39.92 -0.78 15.39
C GLN X 179 40.80 0.46 15.21
N VAL X 180 42.11 0.30 15.38
CA VAL X 180 43.04 1.36 15.02
C VAL X 180 43.91 0.84 13.90
N ASN X 181 44.42 1.76 13.09
CA ASN X 181 45.34 1.45 12.02
C ASN X 181 46.69 2.07 12.34
N THR X 182 47.77 1.32 12.09
CA THR X 182 49.10 1.89 12.20
C THR X 182 49.41 2.77 11.00
N LYS X 183 48.99 2.33 9.81
CA LYS X 183 49.21 3.09 8.58
C LYS X 183 48.23 4.26 8.50
N ARG X 184 48.46 5.28 9.33
CA ARG X 184 47.58 6.45 9.36
C ARG X 184 48.23 7.64 8.64
N GLU X 185 48.46 7.46 7.34
CA GLU X 185 49.03 8.53 6.53
C GLU X 185 47.96 9.56 6.17
N ALA X 186 48.42 10.69 5.64
CA ALA X 186 47.57 11.82 5.34
C ALA X 186 47.25 11.87 3.84
N THR X 187 46.04 12.31 3.54
CA THR X 187 45.64 12.64 2.19
C THR X 187 45.79 14.15 2.01
N PHE X 188 46.19 14.58 0.83
CA PHE X 188 46.23 15.99 0.48
C PHE X 188 45.19 16.27 -0.60
N VAL X 189 44.50 17.39 -0.46
CA VAL X 189 43.44 17.79 -1.39
C VAL X 189 43.74 19.20 -1.85
N LYS X 190 43.60 19.43 -3.16
CA LYS X 190 44.12 20.64 -3.79
C LYS X 190 43.27 21.88 -3.50
N TYR X 191 41.96 21.71 -3.37
CA TYR X 191 40.86 22.64 -3.07
C TYR X 191 40.84 24.02 -3.74
N THR X 192 40.46 24.09 -5.01
CA THR X 192 40.04 25.36 -5.58
C THR X 192 38.64 25.73 -5.10
N PRO X 193 38.46 26.83 -4.37
CA PRO X 193 37.12 27.20 -3.91
C PRO X 193 36.29 27.88 -4.99
N SER X 194 34.98 27.82 -4.79
CA SER X 194 34.03 28.69 -5.48
C SER X 194 33.96 30.01 -4.71
N ALA X 195 32.96 30.85 -5.00
CA ALA X 195 33.08 32.24 -4.59
C ALA X 195 32.97 32.49 -3.09
N GLN X 196 31.76 32.41 -2.53
CA GLN X 196 31.48 32.65 -1.11
C GLN X 196 29.98 32.44 -0.96
N MET X 197 29.42 32.62 0.24
CA MET X 197 27.98 32.85 0.33
C MET X 197 27.62 34.11 -0.44
N GLY X 198 28.04 35.27 0.04
CA GLY X 198 27.61 36.53 -0.52
C GLY X 198 28.64 37.30 -1.32
N ASN X 199 29.89 36.83 -1.39
CA ASN X 199 30.95 37.55 -2.07
C ASN X 199 31.30 36.83 -3.35
N ASN X 200 31.55 37.58 -4.42
CA ASN X 200 31.99 37.00 -5.67
C ASN X 200 33.46 37.29 -5.97
N THR X 201 34.17 37.89 -5.02
CA THR X 201 35.61 38.06 -5.15
C THR X 201 36.32 36.72 -5.04
N LYS X 202 37.33 36.52 -5.87
CA LYS X 202 38.10 35.29 -5.86
C LYS X 202 39.03 35.29 -4.65
N LYS X 203 39.25 34.10 -4.10
CA LYS X 203 40.14 33.97 -2.95
C LYS X 203 40.94 32.69 -3.06
N GLN X 204 41.87 32.55 -2.11
CA GLN X 204 43.09 31.78 -2.36
C GLN X 204 42.86 30.28 -2.39
N GLU X 205 43.62 29.64 -3.26
CA GLU X 205 43.60 28.20 -3.48
C GLU X 205 44.09 27.48 -2.22
N ARG X 206 43.51 26.31 -1.92
CA ARG X 206 43.64 25.72 -0.59
C ARG X 206 44.13 24.28 -0.64
N ILE X 207 45.20 24.03 0.12
CA ILE X 207 45.77 22.69 0.32
C ILE X 207 45.26 22.14 1.65
N ILE X 208 44.59 20.99 1.60
CA ILE X 208 43.96 20.40 2.76
C ILE X 208 44.72 19.14 3.12
N LYS X 209 45.13 19.03 4.38
CA LYS X 209 45.75 17.81 4.91
C LYS X 209 44.72 17.09 5.77
N ILE X 210 44.23 15.96 5.29
CA ILE X 210 43.19 15.21 5.96
C ILE X 210 43.81 13.94 6.53
N VAL X 211 43.69 13.78 7.85
CA VAL X 211 44.10 12.54 8.52
C VAL X 211 42.89 11.94 9.21
N GLU X 212 42.86 10.61 9.26
CA GLU X 212 41.85 9.90 10.03
C GLU X 212 42.17 10.03 11.51
N ARG X 213 41.15 10.32 12.31
CA ARG X 213 41.35 10.64 13.71
C ARG X 213 41.71 9.41 14.53
N GLN X 214 42.63 9.57 15.47
CA GLN X 214 42.94 8.52 16.45
C GLN X 214 41.76 8.32 17.38
N ARG X 215 41.03 7.23 17.22
CA ARG X 215 39.95 6.93 18.14
C ARG X 215 40.41 5.94 19.21
N ASP X 216 39.84 6.09 20.39
CA ASP X 216 40.12 5.26 21.55
C ASP X 216 39.70 3.82 21.27
N PRO X 217 40.60 2.85 21.36
CA PRO X 217 40.27 1.48 20.97
C PRO X 217 39.28 0.78 21.90
N MET X 218 39.05 1.32 23.09
CA MET X 218 38.16 0.70 24.05
C MET X 218 36.71 1.11 23.86
N GLU X 219 36.45 2.07 22.98
CA GLU X 219 35.12 2.64 22.82
C GLU X 219 34.18 1.69 22.09
N PRO X 220 32.96 1.52 22.57
CA PRO X 220 31.91 0.86 21.79
C PRO X 220 31.40 1.80 20.70
N PRO X 221 30.53 1.34 19.78
CA PRO X 221 29.98 2.28 18.81
C PRO X 221 29.07 3.30 19.48
N LYS X 222 28.97 4.45 18.83
CA LYS X 222 28.43 5.64 19.49
C LYS X 222 26.92 5.70 19.46
N PHE X 223 26.29 5.15 18.44
CA PHE X 223 24.91 5.46 18.15
C PHE X 223 24.05 4.21 18.07
N LYS X 224 22.90 4.28 18.71
CA LYS X 224 21.94 3.21 18.65
C LYS X 224 21.27 3.18 17.27
N HIS X 225 21.09 1.99 16.74
CA HIS X 225 20.51 1.85 15.41
C HIS X 225 19.00 2.03 15.46
N LYS X 226 18.42 2.32 14.30
CA LYS X 226 17.01 2.65 14.21
C LYS X 226 16.34 1.84 13.11
N LYS X 227 15.04 1.60 13.28
CA LYS X 227 14.19 0.93 12.30
C LYS X 227 13.48 2.00 11.50
N ILE X 228 13.77 2.06 10.21
CA ILE X 228 13.14 2.99 9.28
C ILE X 228 12.46 2.10 8.26
N PRO X 229 11.22 2.38 7.87
CA PRO X 229 10.61 1.61 6.78
C PRO X 229 11.41 1.80 5.50
N ARG X 230 11.46 0.74 4.70
CA ARG X 230 12.16 0.83 3.43
C ARG X 230 11.43 1.80 2.51
N GLY X 231 12.21 2.50 1.70
CA GLY X 231 11.69 3.51 0.83
C GLY X 231 10.94 2.93 -0.34
N PRO X 232 10.26 3.79 -1.09
CA PRO X 232 9.50 3.34 -2.25
C PRO X 232 10.40 2.80 -3.33
N PRO X 233 9.91 1.91 -4.20
CA PRO X 233 10.74 1.45 -5.31
C PRO X 233 11.09 2.55 -6.32
N SEP X 234 11.91 2.19 -7.28
CA SEP X 234 12.19 3.00 -8.44
CB SEP X 234 13.32 2.38 -9.23
OG SEP X 234 13.57 1.13 -8.64
C SEP X 234 10.90 3.03 -9.25
O SEP X 234 10.19 2.06 -9.22
P SEP X 234 14.27 0.09 -9.61
O1P SEP X 234 15.60 0.75 -10.19
O2P SEP X 234 13.25 -0.32 -10.75
O3P SEP X 234 14.64 -1.19 -8.71
N PRO X 235 10.61 4.15 -9.94
CA PRO X 235 9.36 4.33 -10.73
C PRO X 235 9.03 3.15 -11.64
N PRO X 236 7.90 2.52 -11.40
CA PRO X 236 7.58 1.26 -12.07
C PRO X 236 7.47 1.43 -13.58
N PRO X 237 7.93 0.46 -14.34
CA PRO X 237 7.99 0.60 -15.78
C PRO X 237 6.62 0.40 -16.41
N PRO X 238 6.44 0.86 -17.64
CA PRO X 238 5.20 0.54 -18.38
C PRO X 238 5.00 -0.96 -18.53
N VAL X 239 3.75 -1.38 -18.37
CA VAL X 239 3.37 -2.78 -18.43
C VAL X 239 3.14 -3.13 -19.89
N MET X 240 4.05 -3.90 -20.48
CA MET X 240 4.09 -4.08 -21.93
C MET X 240 3.42 -5.39 -22.33
N HIS X 241 2.15 -5.47 -22.07
CA HIS X 241 1.43 -6.74 -22.30
C HIS X 241 0.85 -6.78 -23.69
N SEP X 242 0.57 -7.98 -24.19
CA SEP X 242 -0.04 -8.15 -25.52
CB SEP X 242 0.22 -9.57 -25.95
OG SEP X 242 -0.75 -10.46 -25.41
C SEP X 242 -1.52 -7.83 -25.38
O SEP X 242 -1.98 -7.72 -24.26
P SEP X 242 -0.55 -11.99 -25.73
O1P SEP X 242 -0.99 -12.16 -27.14
O2P SEP X 242 0.92 -12.24 -25.54
O3P SEP X 242 -1.40 -12.76 -24.75
N PRO X 243 -2.28 -7.65 -26.47
CA PRO X 243 -3.66 -7.28 -26.31
C PRO X 243 -4.41 -8.27 -25.42
N PRO X 244 -5.31 -7.80 -24.54
CA PRO X 244 -6.02 -8.68 -23.62
C PRO X 244 -6.80 -9.85 -24.22
N ARG X 245 -6.90 -10.98 -23.52
CA ARG X 245 -7.65 -12.11 -24.01
C ARG X 245 -9.14 -11.83 -23.97
N LYS X 246 -9.84 -12.18 -25.02
CA LYS X 246 -11.27 -11.96 -25.10
C LYS X 246 -11.97 -13.13 -24.44
N LEU X 247 -12.58 -12.88 -23.28
CA LEU X 247 -13.23 -13.93 -22.51
C LEU X 247 -14.73 -13.86 -22.70
N THR X 248 -15.37 -14.99 -22.49
CA THR X 248 -16.81 -15.06 -22.49
C THR X 248 -17.33 -15.19 -21.06
N ALA X 249 -18.64 -14.96 -20.93
CA ALA X 249 -19.30 -15.20 -19.66
C ALA X 249 -19.24 -16.67 -19.27
N GLU X 250 -19.13 -17.57 -20.24
CA GLU X 250 -18.92 -18.97 -19.94
C GLU X 250 -17.53 -19.23 -19.37
N ASP X 251 -16.52 -18.48 -19.81
CA ASP X 251 -15.21 -18.55 -19.19
C ASP X 251 -15.24 -18.08 -17.75
N GLN X 252 -15.95 -16.97 -17.50
CA GLN X 252 -16.09 -16.49 -16.13
C GLN X 252 -16.80 -17.51 -15.24
N GLU X 253 -17.88 -18.10 -15.74
CA GLU X 253 -18.60 -19.13 -14.98
C GLU X 253 -17.75 -20.38 -14.76
N ALA X 254 -16.92 -20.74 -15.75
CA ALA X 254 -16.10 -21.92 -15.61
C ALA X 254 -14.97 -21.72 -14.62
N TRP X 255 -14.63 -20.49 -14.29
CA TRP X 255 -13.60 -20.28 -13.29
C TRP X 255 -14.10 -19.69 -11.98
N ARG X 256 -15.41 -19.53 -11.80
CA ARG X 256 -15.92 -19.21 -10.47
C ARG X 256 -15.72 -20.38 -9.51
N ILE X 257 -15.50 -20.06 -8.24
CA ILE X 257 -15.03 -20.99 -7.23
C ILE X 257 -16.11 -21.17 -6.17
N PRO X 258 -16.47 -22.40 -5.81
CA PRO X 258 -17.50 -22.62 -4.78
C PRO X 258 -17.07 -22.09 -3.43
N PRO X 259 -18.00 -21.57 -2.64
CA PRO X 259 -17.69 -21.17 -1.29
C PRO X 259 -17.43 -22.38 -0.42
N PRO X 260 -16.25 -22.45 0.22
CA PRO X 260 -15.90 -23.63 1.01
C PRO X 260 -16.70 -23.66 2.31
N VAL X 261 -17.40 -24.77 2.52
CA VAL X 261 -17.98 -25.12 3.81
C VAL X 261 -17.14 -26.25 4.39
N SER X 262 -16.49 -25.98 5.51
CA SER X 262 -15.71 -27.02 6.18
C SER X 262 -16.60 -27.92 7.01
N MET X 263 -16.23 -29.18 7.10
CA MET X 263 -16.84 -30.12 8.02
C MET X 263 -16.21 -30.09 9.41
N TRP X 264 -15.20 -29.31 9.60
CA TRP X 264 -14.50 -29.22 10.88
C TRP X 264 -14.39 -27.80 11.39
N LYS X 265 -14.12 -26.84 10.53
CA LYS X 265 -13.76 -25.48 10.92
C LYS X 265 -14.93 -24.54 10.74
N ASN X 266 -15.09 -23.63 11.72
CA ASN X 266 -16.05 -22.53 11.60
C ASN X 266 -15.49 -21.33 12.38
N PRO X 267 -14.48 -20.65 11.83
CA PRO X 267 -13.84 -19.57 12.60
C PRO X 267 -14.76 -18.43 13.02
N LYS X 268 -15.75 -18.09 12.21
CA LYS X 268 -16.66 -17.02 12.55
C LYS X 268 -17.91 -17.49 13.30
N GLY X 269 -18.02 -18.78 13.56
CA GLY X 269 -19.18 -19.30 14.25
C GLY X 269 -20.48 -19.24 13.47
N PHE X 270 -20.41 -19.28 12.14
CA PHE X 270 -21.61 -19.23 11.31
C PHE X 270 -22.50 -20.43 11.54
N THR X 271 -23.77 -20.21 11.32
CA THR X 271 -24.75 -21.28 11.27
C THR X 271 -25.04 -21.58 9.80
N ILE X 272 -24.57 -22.73 9.34
CA ILE X 272 -24.67 -23.11 7.93
C ILE X 272 -25.87 -24.05 7.77
N PRO X 273 -26.70 -23.89 6.75
CA PRO X 273 -27.80 -24.83 6.54
C PRO X 273 -27.28 -26.22 6.25
N LEU X 274 -28.05 -27.23 6.67
CA LEU X 274 -27.52 -28.58 6.72
C LEU X 274 -27.32 -29.17 5.33
N ASP X 275 -28.13 -28.77 4.36
CA ASP X 275 -27.88 -29.18 2.97
C ASP X 275 -26.57 -28.61 2.46
N LYS X 276 -26.26 -27.37 2.82
CA LYS X 276 -24.97 -26.79 2.44
C LYS X 276 -23.83 -27.47 3.17
N ARG X 277 -24.06 -27.90 4.40
CA ARG X 277 -23.05 -28.61 5.16
C ARG X 277 -22.77 -29.99 4.58
N LEU X 278 -23.78 -30.65 4.02
CA LEU X 278 -23.62 -31.99 3.47
C LEU X 278 -23.42 -32.01 1.95
N ALA X 279 -23.37 -30.85 1.29
CA ALA X 279 -23.22 -30.80 -0.16
C ALA X 279 -21.96 -31.49 -0.64
N ALA X 280 -20.80 -31.14 -0.05
CA ALA X 280 -19.51 -31.64 -0.52
C ALA X 280 -19.20 -33.06 -0.07
N ASP X 281 -20.10 -33.70 0.67
CA ASP X 281 -19.89 -35.09 1.04
C ASP X 281 -20.25 -36.02 -0.12
N GLY X 282 -19.34 -36.92 -0.44
CA GLY X 282 -19.59 -37.95 -1.43
C GLY X 282 -20.08 -39.25 -0.86
N ARG X 283 -20.26 -39.33 0.46
CA ARG X 283 -20.83 -40.54 1.05
C ARG X 283 -22.32 -40.67 0.72
N GLN X 284 -22.98 -39.57 0.35
CA GLN X 284 -24.29 -39.69 -0.30
C GLN X 284 -24.15 -40.31 -1.69
N LEU X 285 -23.06 -40.00 -2.38
CA LEU X 285 -22.85 -40.58 -3.71
C LEU X 285 -22.53 -42.07 -3.63
N GLN X 286 -21.82 -42.47 -2.58
CA GLN X 286 -21.15 -43.77 -2.53
C GLN X 286 -22.11 -44.96 -2.66
N GLU X 287 -21.82 -45.82 -3.62
CA GLU X 287 -22.66 -46.94 -4.01
C GLU X 287 -21.98 -48.26 -3.68
N VAL X 288 -22.72 -49.17 -3.07
CA VAL X 288 -22.18 -50.46 -2.64
C VAL X 288 -22.90 -51.59 -3.37
N GLN X 289 -22.15 -52.34 -4.17
CA GLN X 289 -22.55 -53.65 -4.66
C GLN X 289 -21.48 -54.66 -4.29
N ILE X 290 -21.91 -55.89 -4.03
CA ILE X 290 -21.02 -56.93 -3.56
C ILE X 290 -21.00 -58.08 -4.56
N ASN X 291 -20.02 -58.96 -4.39
CA ASN X 291 -19.78 -60.08 -5.27
C ASN X 291 -20.91 -61.10 -5.18
N ASP X 292 -21.06 -61.91 -6.23
CA ASP X 292 -21.99 -63.05 -6.21
C ASP X 292 -21.42 -64.25 -5.49
N LYS X 293 -20.11 -64.24 -5.26
CA LYS X 293 -19.48 -65.24 -4.43
C LYS X 293 -20.07 -65.28 -3.04
N PHE X 294 -20.64 -64.18 -2.55
CA PHE X 294 -21.35 -64.20 -1.28
C PHE X 294 -22.54 -65.14 -1.34
N ALA X 295 -23.29 -65.12 -2.43
CA ALA X 295 -24.43 -66.00 -2.60
C ALA X 295 -23.99 -67.46 -2.69
N GLN X 296 -22.97 -67.74 -3.51
CA GLN X 296 -22.52 -69.14 -3.63
C GLN X 296 -21.93 -69.65 -2.32
N PHE X 297 -21.16 -68.83 -1.62
CA PHE X 297 -20.56 -69.19 -0.34
C PHE X 297 -21.62 -69.51 0.69
N SER X 298 -22.63 -68.64 0.81
CA SER X 298 -23.68 -68.82 1.79
C SER X 298 -24.47 -70.09 1.53
N GLU X 299 -24.87 -70.30 0.27
CA GLU X 299 -25.65 -71.49 -0.03
C GLU X 299 -24.85 -72.77 0.15
N ALA X 300 -23.55 -72.73 -0.17
CA ALA X 300 -22.71 -73.92 0.06
C ALA X 300 -22.63 -74.26 1.54
N LEU X 301 -22.48 -73.26 2.39
CA LEU X 301 -22.45 -73.53 3.83
C LEU X 301 -23.78 -74.07 4.34
N PHE X 302 -24.90 -73.54 3.84
CA PHE X 302 -26.20 -74.02 4.30
C PHE X 302 -26.45 -75.47 3.89
N MET X 303 -26.12 -75.83 2.65
CA MET X 303 -26.30 -77.21 2.23
C MET X 303 -25.33 -78.15 2.96
N ALA X 304 -24.12 -77.68 3.26
CA ALA X 304 -23.20 -78.50 4.04
C ALA X 304 -23.76 -78.76 5.44
N ASP X 305 -24.38 -77.74 6.04
CA ASP X 305 -24.99 -77.91 7.36
C ASP X 305 -26.13 -78.92 7.32
N ARG X 306 -26.99 -78.83 6.30
CA ARG X 306 -28.12 -79.75 6.20
C ARG X 306 -27.67 -81.17 5.90
N HIS X 307 -26.63 -81.32 5.08
CA HIS X 307 -26.05 -82.63 4.81
C HIS X 307 -25.47 -83.25 6.07
N ALA X 308 -24.75 -82.46 6.88
CA ALA X 308 -24.19 -82.98 8.11
C ALA X 308 -25.28 -83.38 9.09
N ARG X 309 -26.36 -82.60 9.16
CA ARG X 309 -27.47 -82.95 10.04
C ARG X 309 -28.12 -84.26 9.63
N GLU X 310 -28.30 -84.47 8.33
CA GLU X 310 -28.87 -85.74 7.87
C GLU X 310 -27.94 -86.92 8.13
N GLU X 311 -26.63 -86.73 7.94
CA GLU X 311 -25.69 -87.81 8.22
C GLU X 311 -25.70 -88.19 9.70
N VAL X 312 -25.77 -87.18 10.57
CA VAL X 312 -25.83 -87.45 12.01
C VAL X 312 -27.11 -88.18 12.37
N ARG X 313 -28.24 -87.78 11.77
CA ARG X 313 -29.51 -88.46 12.06
C ARG X 313 -29.49 -89.92 11.62
N GLN X 314 -29.01 -90.18 10.40
CA GLN X 314 -28.95 -91.54 9.89
C GLN X 314 -28.01 -92.40 10.73
N ARG X 315 -26.85 -91.86 11.09
CA ARG X 315 -25.91 -92.63 11.88
C ARG X 315 -26.46 -92.90 13.29
N ALA X 316 -27.18 -91.92 13.85
CA ALA X 316 -27.80 -92.13 15.16
C ALA X 316 -28.83 -93.24 15.11
N MET X 317 -29.61 -93.31 14.03
CA MET X 317 -30.54 -94.42 13.88
C MET X 317 -29.82 -95.76 13.70
N MET X 318 -28.67 -95.74 13.01
CA MET X 318 -27.92 -96.99 12.83
C MET X 318 -27.38 -97.54 14.14
N GLN X 319 -26.72 -96.69 14.95
CA GLN X 319 -26.31 -97.24 16.25
C GLN X 319 -27.48 -97.43 17.21
N GLN X 320 -28.63 -96.79 17.00
CA GLN X 320 -29.81 -97.14 17.78
C GLN X 320 -30.25 -98.58 17.49
N ARG X 321 -30.30 -98.95 16.21
CA ARG X 321 -30.69 -100.31 15.86
C ARG X 321 -29.64 -101.33 16.29
N LEU X 322 -28.36 -100.95 16.20
CA LEU X 322 -27.30 -101.84 16.68
C LEU X 322 -27.38 -102.04 18.19
N ALA X 323 -27.71 -100.97 18.93
CA ALA X 323 -27.94 -101.10 20.37
C ALA X 323 -29.14 -101.98 20.67
N GLU X 324 -30.19 -101.88 19.85
CA GLU X 324 -31.35 -102.75 20.00
C GLU X 324 -30.97 -104.22 19.83
N LYS X 325 -30.19 -104.52 18.79
CA LYS X 325 -29.78 -105.91 18.55
C LYS X 325 -28.84 -106.41 19.63
N GLU X 326 -27.94 -105.55 20.12
CA GLU X 326 -27.04 -105.95 21.20
C GLU X 326 -27.81 -106.19 22.49
N ARG X 327 -28.82 -105.37 22.77
CA ARG X 327 -29.66 -105.60 23.95
C ARG X 327 -30.45 -106.90 23.83
N GLN X 328 -30.97 -107.20 22.63
CA GLN X 328 -31.69 -108.46 22.44
C GLN X 328 -30.77 -109.66 22.59
N GLN X 329 -29.54 -109.56 22.09
CA GLN X 329 -28.57 -110.64 22.26
C GLN X 329 -28.19 -110.82 23.72
N LYS X 330 -28.04 -109.72 24.46
CA LYS X 330 -27.77 -109.81 25.89
C LYS X 330 -28.93 -110.45 26.65
N GLU X 331 -30.16 -110.11 26.25
CA GLU X 331 -31.33 -110.72 26.86
C GLU X 331 -31.39 -112.22 26.59
N GLU X 332 -31.06 -112.63 25.35
CA GLU X 332 -31.03 -114.06 25.04
C GLU X 332 -29.93 -114.78 25.80
N HIS X 333 -28.76 -114.14 25.95
CA HIS X 333 -27.67 -114.72 26.73
C HIS X 333 -28.05 -114.88 28.20
N LEU X 334 -28.73 -113.87 28.76
CA LEU X 334 -29.18 -113.96 30.15
C LEU X 334 -30.26 -115.03 30.32
N ARG X 335 -31.14 -115.17 29.32
CA ARG X 335 -32.15 -116.23 29.36
C ARG X 335 -31.50 -117.61 29.31
N GLN X 336 -30.48 -117.78 28.47
CA GLN X 336 -29.76 -119.05 28.40
C GLN X 336 -29.03 -119.34 29.71
N LEU X 337 -28.44 -118.32 30.33
CA LEU X 337 -27.76 -118.51 31.61
C LEU X 337 -28.76 -118.87 32.71
N ALA X 338 -29.94 -118.24 32.70
CA ALA X 338 -30.97 -118.58 33.67
C ALA X 338 -31.49 -120.00 33.47
N GLN X 339 -31.63 -120.43 32.21
CA GLN X 339 -32.04 -121.80 31.93
C GLN X 339 -30.98 -122.80 32.40
N GLN X 340 -29.70 -122.47 32.20
CA GLN X 340 -28.62 -123.33 32.68
C GLN X 340 -28.61 -123.40 34.20
N ALA X 341 -28.84 -122.28 34.88
CA ALA X 341 -28.90 -122.27 36.33
C ALA X 341 -30.09 -123.08 36.84
N ARG X 342 -31.24 -122.98 36.17
CA ARG X 342 -32.41 -123.78 36.54
C ARG X 342 -32.16 -125.27 36.33
N ALA X 343 -31.48 -125.63 35.24
CA ALA X 343 -31.14 -127.02 35.00
C ALA X 343 -30.17 -127.55 36.05
N GLU X 344 -29.19 -126.73 36.43
CA GLU X 344 -28.25 -127.13 37.48
C GLU X 344 -28.94 -127.29 38.83
N ARG X 345 -29.89 -126.39 39.14
CA ARG X 345 -30.65 -126.51 40.38
C ARG X 345 -31.54 -127.76 40.39
N ALA X 346 -32.15 -128.08 39.23
CA ALA X 346 -32.96 -129.28 39.13
C ALA X 346 -32.11 -130.54 39.25
N ALA X 347 -30.90 -130.52 38.70
CA ALA X 347 -30.00 -131.66 38.82
C ALA X 347 -29.51 -131.83 40.25
N ALA X 348 -29.23 -130.71 40.94
CA ALA X 348 -28.79 -130.80 42.33
C ALA X 348 -29.91 -131.24 43.26
N ALA X 349 -31.13 -130.81 42.98
CA ALA X 349 -32.28 -131.18 43.82
C ALA X 349 -32.71 -132.62 43.52
N VAL Y 34 47.33 12.01 -28.95
CA VAL Y 34 46.57 12.67 -30.02
C VAL Y 34 45.65 13.82 -29.53
N PRO Y 35 44.84 13.65 -28.47
CA PRO Y 35 44.11 14.81 -27.95
C PRO Y 35 44.99 15.84 -27.29
N TYR Y 36 46.21 15.47 -26.92
CA TYR Y 36 47.10 16.33 -26.16
C TYR Y 36 48.16 16.97 -27.04
N THR Y 37 48.03 16.83 -28.35
CA THR Y 37 48.92 17.52 -29.29
C THR Y 37 48.74 19.02 -29.14
N GLY Y 38 49.84 19.75 -29.37
CA GLY Y 38 49.82 21.20 -29.20
C GLY Y 38 48.81 21.91 -30.08
N GLU Y 39 48.59 21.41 -31.30
CA GLU Y 39 47.58 21.98 -32.17
C GLU Y 39 46.18 21.78 -31.61
N ASN Y 40 45.89 20.56 -31.12
CA ASN Y 40 44.57 20.27 -30.56
C ASN Y 40 44.31 21.07 -29.29
N LEU Y 41 45.35 21.29 -28.49
CA LEU Y 41 45.16 22.12 -27.31
C LEU Y 41 45.09 23.60 -27.67
N ALA Y 42 45.71 24.00 -28.77
CA ALA Y 42 45.69 25.40 -29.18
C ALA Y 42 44.35 25.81 -29.77
N ARG Y 43 43.69 24.90 -30.46
CA ARG Y 43 42.40 25.25 -31.07
C ARG Y 43 41.34 25.42 -29.99
N PRO Y 44 40.66 26.56 -29.94
CA PRO Y 44 39.63 26.78 -28.91
C PRO Y 44 38.24 26.43 -29.42
N SER Y 45 37.32 26.29 -28.47
CA SER Y 45 35.94 25.97 -28.79
C SER Y 45 35.24 27.19 -29.35
N TYR Y 46 34.55 27.00 -30.47
CA TYR Y 46 33.96 28.11 -31.21
C TYR Y 46 32.68 28.60 -30.54
N GLY Y 47 31.99 29.48 -31.25
CA GLY Y 47 30.65 29.89 -30.85
C GLY Y 47 30.65 30.96 -29.80
N PRO Y 48 29.55 31.71 -29.71
CA PRO Y 48 29.40 32.67 -28.62
C PRO Y 48 29.09 31.97 -27.31
N ALA Y 49 29.42 32.65 -26.21
CA ALA Y 49 29.24 32.08 -24.90
C ALA Y 49 27.76 31.97 -24.54
N ASN Y 50 27.46 31.11 -23.59
CA ASN Y 50 26.10 30.96 -23.10
C ASN Y 50 25.70 32.19 -22.31
N PRO Y 51 24.62 32.89 -22.68
CA PRO Y 51 24.23 34.10 -21.94
C PRO Y 51 23.47 33.81 -20.66
N PHE Y 52 23.22 32.56 -20.33
CA PHE Y 52 22.46 32.23 -19.13
C PHE Y 52 23.36 31.86 -17.96
N LYS Y 69 33.53 22.90 -13.66
CA LYS Y 69 32.51 21.94 -13.28
C LYS Y 69 32.81 21.37 -11.89
N ASN Y 70 32.24 22.03 -10.87
CA ASN Y 70 32.57 21.72 -9.48
C ASN Y 70 31.99 20.39 -9.06
N ASN Y 71 32.80 19.60 -8.36
CA ASN Y 71 32.35 18.35 -7.78
C ASN Y 71 32.00 18.47 -6.30
N VAL Y 72 32.53 19.48 -5.63
CA VAL Y 72 32.16 19.83 -4.27
C VAL Y 72 31.15 20.96 -4.36
N LEU Y 73 30.23 21.03 -3.40
CA LEU Y 73 29.18 22.04 -3.41
C LEU Y 73 29.72 23.44 -3.21
N THR Y 74 30.96 23.59 -2.72
CA THR Y 74 31.54 24.89 -2.44
C THR Y 74 32.79 25.17 -3.25
N GLY Y 75 33.09 24.36 -4.25
CA GLY Y 75 34.31 24.54 -5.00
C GLY Y 75 34.72 23.26 -5.69
N HIS Y 76 35.97 23.23 -6.13
CA HIS Y 76 36.53 22.06 -6.79
C HIS Y 76 37.64 21.49 -5.92
N ALA Y 77 37.54 20.21 -5.59
CA ALA Y 77 38.54 19.50 -4.80
C ALA Y 77 39.17 18.40 -5.65
N GLU Y 78 40.49 18.34 -5.63
CA GLU Y 78 41.22 17.36 -6.41
C GLU Y 78 42.26 16.69 -5.52
N GLU Y 79 42.39 15.37 -5.66
CA GLU Y 79 43.40 14.66 -4.89
C GLU Y 79 44.78 15.02 -5.37
N MET Y 80 45.69 15.27 -4.43
CA MET Y 80 46.98 15.86 -4.73
C MET Y 80 48.06 15.11 -3.96
N TYR Y 81 49.29 15.24 -4.41
CA TYR Y 81 50.39 14.43 -3.89
C TYR Y 81 51.62 15.28 -3.63
N ILE Y 82 51.45 16.39 -2.91
CA ILE Y 82 52.61 17.17 -2.50
C ILE Y 82 53.33 16.46 -1.37
N SER Y 83 54.52 16.96 -1.02
CA SER Y 83 55.36 16.39 0.00
C SER Y 83 54.99 16.93 1.38
N GLU Y 84 55.24 16.09 2.38
CA GLU Y 84 54.92 16.44 3.76
C GLU Y 84 55.75 17.63 4.23
N ALA Y 85 57.02 17.67 3.83
CA ALA Y 85 57.88 18.80 4.16
C ALA Y 85 57.39 20.08 3.51
N THR Y 86 56.92 19.98 2.27
CA THR Y 86 56.34 21.14 1.59
C THR Y 86 55.15 21.69 2.35
N PHE Y 87 54.22 20.81 2.74
CA PHE Y 87 53.05 21.27 3.50
C PHE Y 87 53.46 21.87 4.83
N ARG Y 88 54.38 21.23 5.55
CA ARG Y 88 54.75 21.71 6.87
C ARG Y 88 55.45 23.05 6.78
N ALA Y 89 56.29 23.24 5.77
CA ALA Y 89 57.00 24.50 5.63
C ALA Y 89 56.06 25.63 5.24
N LYS Y 90 55.14 25.40 4.30
CA LYS Y 90 54.21 26.46 3.93
C LYS Y 90 53.27 26.80 5.07
N HIS Y 91 52.80 25.77 5.79
CA HIS Y 91 51.97 25.99 6.95
C HIS Y 91 52.69 26.78 8.02
N ARG Y 92 53.97 26.49 8.24
CA ARG Y 92 54.78 27.24 9.19
C ARG Y 92 54.96 28.69 8.76
N ALA Y 93 55.17 28.90 7.46
CA ALA Y 93 55.36 30.26 6.96
C ALA Y 93 54.13 31.11 7.21
N VAL Y 94 52.95 30.52 7.04
CA VAL Y 94 51.73 31.28 7.36
C VAL Y 94 51.54 31.38 8.87
N GLU Y 95 51.82 30.31 9.62
CA GLU Y 95 51.37 30.17 11.01
C GLU Y 95 52.27 30.82 12.04
N ALA Y 96 53.59 30.81 11.84
CA ALA Y 96 54.47 31.43 12.81
C ALA Y 96 54.34 32.94 12.73
N VAL Y 97 54.54 33.61 13.86
CA VAL Y 97 54.58 35.06 13.83
C VAL Y 97 55.93 35.51 13.29
N GLY Y 98 55.98 36.73 12.78
CA GLY Y 98 57.18 37.20 12.13
C GLY Y 98 57.48 36.49 10.83
N GLY Y 99 56.47 36.30 9.99
CA GLY Y 99 56.70 35.64 8.71
C GLY Y 99 57.58 36.49 7.80
N GLY Y 100 58.35 35.80 6.96
CA GLY Y 100 59.37 36.51 6.19
C GLY Y 100 60.46 36.99 7.13
N VAL Y 101 60.66 38.32 7.14
CA VAL Y 101 61.54 39.03 8.06
C VAL Y 101 63.01 38.66 7.94
N MET Y 102 63.78 39.59 7.37
CA MET Y 102 65.24 39.56 7.37
C MET Y 102 65.72 39.59 8.81
N ARG Y 103 66.09 38.42 9.34
CA ARG Y 103 66.47 38.35 10.74
C ARG Y 103 67.40 37.17 10.99
N SER Y 104 68.58 37.49 11.51
CA SER Y 104 69.75 36.63 11.59
C SER Y 104 69.76 35.82 12.87
N ASN Y 105 70.68 34.85 12.94
CA ASN Y 105 70.77 33.96 14.09
C ASN Y 105 71.26 34.68 15.33
N ARG Y 106 72.16 35.65 15.18
CA ARG Y 106 72.61 36.40 16.36
C ARG Y 106 71.44 37.15 16.99
N GLU Y 107 70.62 37.81 16.18
CA GLU Y 107 69.51 38.56 16.77
C GLU Y 107 68.32 37.67 17.12
N MET Y 108 68.24 36.46 16.55
CA MET Y 108 67.52 35.37 17.23
C MET Y 108 67.98 35.25 18.67
N LYS Y 109 69.30 35.24 18.89
CA LYS Y 109 69.80 34.97 20.23
C LYS Y 109 69.46 36.13 21.18
N GLU Y 110 69.56 37.38 20.72
CA GLU Y 110 69.12 38.46 21.62
C GLU Y 110 67.60 38.48 21.82
N VAL Y 111 66.79 38.19 20.80
CA VAL Y 111 65.35 38.13 21.02
C VAL Y 111 64.99 37.08 22.05
N ASN Y 112 65.63 35.90 21.95
CA ASN Y 112 65.44 34.87 22.96
C ASN Y 112 65.96 35.30 24.32
N LYS Y 113 67.01 36.12 24.37
CA LYS Y 113 67.50 36.61 25.65
C LYS Y 113 66.49 37.53 26.32
N ARG Y 114 65.96 38.52 25.59
CA ARG Y 114 64.93 39.39 26.17
C ARG Y 114 63.71 38.60 26.60
N LEU Y 115 63.30 37.60 25.82
CA LEU Y 115 62.19 36.76 26.24
C LEU Y 115 62.52 35.94 27.49
N ARG Y 116 63.78 35.50 27.62
CA ARG Y 116 64.14 34.63 28.73
C ARG Y 116 64.28 35.38 30.04
N GLU Y 117 64.60 36.67 30.00
CA GLU Y 117 64.40 37.46 31.22
C GLU Y 117 63.04 38.14 31.32
N MET Y 118 62.16 38.04 30.31
CA MET Y 118 60.76 38.26 30.62
C MET Y 118 60.16 37.09 31.39
N ARG Y 119 60.63 35.88 31.12
CA ARG Y 119 60.20 34.72 31.88
C ARG Y 119 60.77 34.77 33.30
N GLU Y 120 60.10 34.10 34.23
CA GLU Y 120 60.53 34.12 35.62
C GLU Y 120 61.69 33.15 35.83
N ASP Y 121 62.13 33.03 37.08
CA ASP Y 121 63.35 32.31 37.40
C ASP Y 121 63.08 30.82 37.48
N LYS Y 122 63.91 30.03 36.78
CA LYS Y 122 63.69 28.59 36.72
C LYS Y 122 64.06 27.91 38.02
N GLY Y 123 65.06 28.43 38.73
CA GLY Y 123 65.56 27.78 39.93
C GLY Y 123 66.86 27.04 39.65
N SER Y 124 67.36 26.38 40.70
CA SER Y 124 68.72 25.88 40.69
C SER Y 124 68.84 24.39 40.40
N ALA Y 125 67.82 23.59 40.71
CA ALA Y 125 67.75 22.15 40.49
C ALA Y 125 68.81 21.36 41.23
N THR Y 126 69.42 21.92 42.26
CA THR Y 126 70.12 21.15 43.26
C THR Y 126 69.58 21.47 44.65
N ILE Y 127 68.64 22.39 44.75
CA ILE Y 127 67.89 22.66 45.96
C ILE Y 127 66.52 22.03 45.78
N ALA Y 128 66.22 21.02 46.58
CA ALA Y 128 64.99 20.27 46.39
C ALA Y 128 63.77 21.06 46.84
N ASP Y 129 63.87 21.75 47.97
CA ASP Y 129 62.71 22.36 48.59
C ASP Y 129 62.98 23.83 48.88
N GLY Y 130 61.95 24.50 49.37
CA GLY Y 130 62.10 25.90 49.77
C GLY Y 130 62.23 26.84 48.59
N GLU Y 131 62.75 28.02 48.87
CA GLU Y 131 62.95 29.02 47.83
C GLU Y 131 64.20 28.68 47.04
N GLY Y 132 64.17 29.01 45.75
CA GLY Y 132 65.26 28.67 44.85
C GLY Y 132 65.14 27.31 44.20
N ALA Y 133 64.10 26.56 44.50
CA ALA Y 133 63.93 25.22 43.94
C ALA Y 133 63.63 25.30 42.45
N TYR Y 134 63.84 24.17 41.78
CA TYR Y 134 63.68 24.11 40.34
C TYR Y 134 62.21 24.15 39.97
N ILE Y 135 61.86 25.01 39.02
CA ILE Y 135 60.56 24.93 38.38
C ILE Y 135 60.66 24.75 36.88
N GLY Y 136 61.82 25.09 36.32
CA GLY Y 136 62.11 24.84 34.91
C GLY Y 136 61.06 25.21 33.93
N PRO Y 137 60.70 24.31 33.01
CA PRO Y 137 59.78 24.66 31.95
C PRO Y 137 58.40 25.09 32.44
N TRP Y 138 58.11 24.96 33.72
CA TRP Y 138 56.80 25.35 34.28
C TRP Y 138 56.89 26.75 34.83
N ALA Y 139 57.97 27.47 34.51
CA ALA Y 139 58.11 28.86 34.92
C ALA Y 139 57.11 29.73 34.17
N ARG Y 140 56.46 30.63 34.90
CA ARG Y 140 55.47 31.51 34.29
C ARG Y 140 56.14 32.62 33.51
N TYR Y 141 55.58 32.92 32.35
CA TYR Y 141 55.95 34.14 31.64
C TYR Y 141 55.28 35.30 32.34
N LYS Y 142 56.09 36.21 32.90
CA LYS Y 142 55.56 37.29 33.71
C LYS Y 142 54.80 38.29 32.84
N ARG Y 143 53.51 38.45 33.12
CA ARG Y 143 52.70 39.44 32.45
C ARG Y 143 51.77 40.15 33.42
N LYS Y 242 -38.60 32.35 35.21
CA LYS Y 242 -38.87 33.48 34.33
C LYS Y 242 -37.64 34.37 34.19
N LEU Y 243 -37.43 34.89 32.98
CA LEU Y 243 -36.32 35.79 32.68
C LEU Y 243 -36.88 37.12 32.23
N ILE Y 244 -36.53 38.19 32.93
CA ILE Y 244 -37.02 39.52 32.60
C ILE Y 244 -35.85 40.47 32.41
N TYR Y 245 -34.99 40.58 33.42
CA TYR Y 245 -33.84 41.47 33.39
C TYR Y 245 -32.56 40.65 33.32
N THR Y 246 -31.70 41.00 32.37
CA THR Y 246 -30.43 40.32 32.17
C THR Y 246 -29.33 41.14 32.84
N TRP Y 247 -28.65 40.54 33.82
CA TRP Y 247 -27.56 41.20 34.53
C TRP Y 247 -26.28 41.05 33.70
N ARG Y 248 -25.92 42.12 32.99
CA ARG Y 248 -24.75 42.12 32.12
C ARG Y 248 -23.52 42.72 32.80
N HIS Y 249 -23.38 42.54 34.11
CA HIS Y 249 -22.25 43.09 34.85
C HIS Y 249 -20.97 42.27 34.67
N HIS Y 250 -21.04 41.09 34.06
CA HIS Y 250 -19.87 40.25 33.88
C HIS Y 250 -18.96 40.73 32.76
N GLY Y 251 -19.41 41.67 31.92
CA GLY Y 251 -18.58 42.21 30.88
C GLY Y 251 -18.34 41.30 29.70
N GLY Y 252 -19.22 40.31 29.50
CA GLY Y 252 -19.08 39.38 28.39
C GLY Y 252 -18.21 38.19 28.68
N LYS Y 253 -17.44 38.20 29.77
CA LYS Y 253 -16.65 37.04 30.14
C LYS Y 253 -17.57 35.92 30.63
N PRO Y 254 -17.10 34.68 30.53
CA PRO Y 254 -17.97 33.54 30.89
C PRO Y 254 -18.24 33.48 32.39
N ILE Y 255 -19.51 33.40 32.74
CA ILE Y 255 -19.95 33.30 34.13
C ILE Y 255 -19.85 31.84 34.55
N THR Y 256 -19.13 31.57 35.63
CA THR Y 256 -18.82 30.21 36.03
C THR Y 256 -19.76 29.66 37.11
N ALA Y 257 -20.07 30.45 38.13
CA ALA Y 257 -20.89 29.97 39.24
C ALA Y 257 -21.98 30.99 39.56
N LEU Y 258 -23.14 30.48 39.98
CA LEU Y 258 -24.25 31.33 40.39
C LEU Y 258 -24.85 30.76 41.68
N GLN Y 259 -25.09 31.63 42.65
CA GLN Y 259 -25.67 31.24 43.93
C GLN Y 259 -26.62 32.32 44.41
N LEU Y 260 -27.53 31.94 45.29
CA LEU Y 260 -28.54 32.84 45.83
C LEU Y 260 -28.42 32.92 47.35
N PHE Y 261 -29.06 33.94 47.91
CA PHE Y 261 -29.07 34.12 49.35
C PHE Y 261 -29.87 33.02 50.03
N PRO Y 262 -29.54 32.70 51.29
CA PRO Y 262 -30.23 31.61 51.98
C PRO Y 262 -31.64 32.01 52.40
N ARG Y 263 -32.63 31.31 51.84
CA ARG Y 263 -34.06 31.44 52.16
C ARG Y 263 -34.61 32.83 51.89
N SER Y 264 -33.96 33.62 51.04
CA SER Y 264 -34.44 34.96 50.72
C SER Y 264 -34.61 35.20 49.24
N SER Y 265 -33.68 34.67 48.41
CA SER Y 265 -33.69 34.81 46.95
C SER Y 265 -33.71 36.28 46.50
N HIS Y 266 -33.06 37.15 47.28
CA HIS Y 266 -32.97 38.57 46.94
C HIS Y 266 -31.56 39.00 46.58
N LEU Y 267 -30.54 38.26 47.01
CA LEU Y 267 -29.15 38.55 46.71
C LEU Y 267 -28.58 37.42 45.86
N GLY Y 268 -27.88 37.78 44.79
CA GLY Y 268 -27.28 36.80 43.92
C GLY Y 268 -25.79 37.01 43.75
N LEU Y 269 -25.01 35.95 43.97
CA LEU Y 269 -23.57 35.99 43.82
C LEU Y 269 -23.18 35.25 42.54
N ALA Y 270 -22.43 35.94 41.67
CA ALA Y 270 -22.02 35.37 40.40
C ALA Y 270 -20.50 35.44 40.28
N GLY Y 271 -19.89 34.31 39.95
CA GLY Y 271 -18.47 34.24 39.71
C GLY Y 271 -18.19 33.97 38.24
N SER Y 272 -17.41 34.85 37.61
CA SER Y 272 -17.16 34.79 36.19
C SER Y 272 -15.75 34.26 35.92
N ALA Y 273 -15.36 34.26 34.64
CA ALA Y 273 -14.05 33.80 34.24
C ALA Y 273 -12.93 34.78 34.54
N ASP Y 274 -13.26 36.03 34.87
CA ASP Y 274 -12.27 37.05 35.17
C ASP Y 274 -11.84 37.03 36.63
N GLY Y 275 -12.39 36.12 37.44
CA GLY Y 275 -12.01 36.05 38.84
C GLY Y 275 -12.63 37.12 39.71
N VAL Y 276 -13.72 37.74 39.28
CA VAL Y 276 -14.40 38.77 40.04
C VAL Y 276 -15.78 38.26 40.42
N VAL Y 277 -16.09 38.30 41.72
CA VAL Y 277 -17.36 37.82 42.23
C VAL Y 277 -18.27 39.03 42.45
N LYS Y 278 -19.40 39.05 41.76
CA LYS Y 278 -20.34 40.17 41.84
C LYS Y 278 -21.56 39.76 42.66
N ILE Y 279 -21.88 40.56 43.68
CA ILE Y 279 -23.06 40.38 44.49
C ILE Y 279 -24.07 41.44 44.10
N PHE Y 280 -25.26 41.00 43.70
CA PHE Y 280 -26.28 41.88 43.15
C PHE Y 280 -27.58 41.72 43.92
N ASP Y 281 -28.23 42.84 44.22
CA ASP Y 281 -29.58 42.83 44.78
C ASP Y 281 -30.57 42.80 43.62
N VAL Y 282 -31.33 41.71 43.53
CA VAL Y 282 -32.23 41.47 42.41
C VAL Y 282 -33.65 41.96 42.70
N TYR Y 283 -34.17 41.63 43.88
CA TYR Y 283 -35.53 42.02 44.22
C TYR Y 283 -35.63 43.52 44.49
N ARG Y 284 -34.56 44.12 45.01
CA ARG Y 284 -34.60 45.54 45.36
C ARG Y 284 -34.52 46.42 44.13
N GLY Y 285 -33.43 46.32 43.37
CA GLY Y 285 -33.25 47.18 42.22
C GLY Y 285 -32.70 46.48 40.98
N ARG Y 286 -32.44 45.18 41.10
CA ARG Y 286 -31.83 44.35 40.05
C ARG Y 286 -30.51 44.95 39.57
N GLU Y 287 -29.64 45.26 40.54
CA GLU Y 287 -28.37 45.91 40.25
C GLU Y 287 -27.28 45.34 41.15
N LEU Y 288 -26.05 45.40 40.66
CA LEU Y 288 -24.90 44.88 41.39
C LEU Y 288 -24.51 45.85 42.49
N LEU Y 289 -24.59 45.38 43.75
CA LEU Y 289 -24.28 46.23 44.89
C LEU Y 289 -22.82 46.11 45.32
N ARG Y 290 -22.23 44.91 45.22
CA ARG Y 290 -20.88 44.70 45.71
C ARG Y 290 -20.07 43.89 44.70
N SER Y 291 -18.75 44.06 44.78
CA SER Y 291 -17.83 43.31 43.94
C SER Y 291 -16.60 42.93 44.74
N TYR Y 292 -16.11 41.72 44.53
CA TYR Y 292 -14.92 41.21 45.20
C TYR Y 292 -13.92 40.76 44.15
N SER Y 293 -12.67 41.19 44.30
CA SER Y 293 -11.62 40.86 43.37
C SER Y 293 -10.41 40.32 44.12
N GLY Y 294 -9.57 39.59 43.40
CA GLY Y 294 -8.38 39.01 43.99
C GLY Y 294 -8.03 37.64 43.44
N HIS Y 295 -8.97 36.98 42.78
CA HIS Y 295 -8.72 35.67 42.19
C HIS Y 295 -7.86 35.82 40.96
N ASN Y 296 -6.66 35.20 40.98
CA ASN Y 296 -5.71 35.34 39.90
C ASN Y 296 -6.14 34.65 38.62
N LYS Y 297 -7.09 33.72 38.71
CA LYS Y 297 -7.60 33.02 37.54
C LYS Y 297 -9.12 32.97 37.57
N ALA Y 298 -9.72 32.16 36.71
CA ALA Y 298 -11.17 32.03 36.69
C ALA Y 298 -11.66 31.37 37.97
N ILE Y 299 -12.78 31.88 38.49
CA ILE Y 299 -13.33 31.34 39.73
C ILE Y 299 -13.95 29.98 39.47
N THR Y 300 -13.52 28.98 40.21
CA THR Y 300 -14.01 27.62 40.00
C THR Y 300 -15.30 27.34 40.76
N ASP Y 301 -15.39 27.78 42.01
CA ASP Y 301 -16.59 27.53 42.80
C ASP Y 301 -16.81 28.66 43.78
N LEU Y 302 -18.07 28.84 44.19
CA LEU Y 302 -18.43 29.85 45.18
C LEU Y 302 -19.67 29.38 45.92
N SER Y 303 -19.62 29.43 47.25
CA SER Y 303 -20.72 28.94 48.07
C SER Y 303 -20.85 29.80 49.32
N PHE Y 304 -22.07 30.24 49.62
CA PHE Y 304 -22.32 31.01 50.82
C PHE Y 304 -22.51 30.09 52.02
N CYS Y 305 -22.49 30.68 53.21
CA CYS Y 305 -22.67 29.93 54.45
C CYS Y 305 -24.16 29.72 54.72
N ASN Y 306 -24.49 29.21 55.91
CA ASN Y 306 -25.88 28.97 56.26
C ASN Y 306 -26.63 30.28 56.47
N ASP Y 307 -26.00 31.26 57.11
CA ASP Y 307 -26.63 32.54 57.36
C ASP Y 307 -26.44 33.53 56.22
N GLY Y 308 -25.55 33.23 55.27
CA GLY Y 308 -25.30 34.13 54.16
C GLY Y 308 -24.39 35.30 54.46
N THR Y 309 -23.87 35.40 55.69
CA THR Y 309 -22.97 36.49 56.04
C THR Y 309 -21.58 36.30 55.45
N LYS Y 310 -21.16 35.05 55.24
CA LYS Y 310 -19.85 34.75 54.69
C LYS Y 310 -20.01 33.88 53.44
N PHE Y 311 -19.02 33.96 52.57
CA PHE Y 311 -19.01 33.19 51.34
C PHE Y 311 -17.59 32.74 51.04
N LEU Y 312 -17.43 31.46 50.71
CA LEU Y 312 -16.14 30.88 50.38
C LEU Y 312 -16.07 30.63 48.88
N SER Y 313 -15.04 31.16 48.24
CA SER Y 313 -14.84 31.04 46.80
C SER Y 313 -13.49 30.39 46.53
N GLY Y 314 -13.50 29.33 45.72
CA GLY Y 314 -12.28 28.66 45.31
C GLY Y 314 -11.97 29.00 43.86
N GLY Y 315 -10.76 29.51 43.65
CA GLY Y 315 -10.32 29.96 42.34
C GLY Y 315 -9.13 29.16 41.85
N PHE Y 316 -9.06 29.00 40.52
CA PHE Y 316 -8.17 28.16 39.71
C PHE Y 316 -6.71 28.49 39.86
N ASP Y 317 -6.31 29.49 40.64
CA ASP Y 317 -4.92 29.66 41.04
C ASP Y 317 -4.59 28.84 42.28
N ARG Y 318 -5.36 27.78 42.55
CA ARG Y 318 -5.27 26.97 43.76
C ARG Y 318 -5.42 27.82 45.01
N LYS Y 319 -6.44 28.68 45.00
CA LYS Y 319 -6.65 29.60 46.11
C LYS Y 319 -8.08 29.47 46.63
N ILE Y 320 -8.26 29.77 47.91
CA ILE Y 320 -9.58 29.79 48.54
C ILE Y 320 -9.68 31.07 49.35
N ARG Y 321 -10.82 31.75 49.25
CA ARG Y 321 -11.04 33.02 49.94
C ARG Y 321 -12.40 32.98 50.61
N LEU Y 322 -12.42 33.09 51.93
CA LEU Y 322 -13.65 33.24 52.70
C LEU Y 322 -13.82 34.71 53.03
N TRP Y 323 -14.91 35.30 52.56
CA TRP Y 323 -15.12 36.73 52.67
C TRP Y 323 -16.45 37.01 53.37
N ASP Y 324 -16.41 37.98 54.28
CA ASP Y 324 -17.64 38.54 54.82
C ASP Y 324 -18.28 39.44 53.77
N THR Y 325 -19.50 39.08 53.36
CA THR Y 325 -20.16 39.78 52.26
C THR Y 325 -20.70 41.13 52.71
N GLU Y 326 -21.21 41.21 53.93
CA GLU Y 326 -21.70 42.49 54.46
C GLU Y 326 -20.57 43.49 54.60
N THR Y 327 -19.41 43.03 55.10
CA THR Y 327 -18.22 43.88 55.11
C THR Y 327 -17.59 43.98 53.72
N GLY Y 328 -17.86 43.02 52.85
CA GLY Y 328 -17.23 42.98 51.55
C GLY Y 328 -15.73 42.77 51.61
N GLN Y 329 -15.27 41.95 52.55
CA GLN Y 329 -13.84 41.82 52.82
C GLN Y 329 -13.45 40.36 52.98
N CYS Y 330 -12.35 39.97 52.34
CA CYS Y 330 -11.83 38.61 52.43
C CYS Y 330 -11.20 38.42 53.79
N VAL Y 331 -11.95 37.83 54.73
CA VAL Y 331 -11.46 37.67 56.09
C VAL Y 331 -10.41 36.58 56.16
N ASN Y 332 -10.63 35.47 55.45
CA ASN Y 332 -9.76 34.31 55.53
C ASN Y 332 -9.26 33.93 54.14
N ARG Y 333 -8.01 33.47 54.09
CA ARG Y 333 -7.39 33.03 52.85
C ARG Y 333 -6.74 31.68 53.07
N PHE Y 334 -6.72 30.87 52.02
CA PHE Y 334 -6.13 29.53 52.07
C PHE Y 334 -5.40 29.27 50.76
N ASN Y 335 -4.12 28.92 50.87
CA ASN Y 335 -3.29 28.55 49.71
C ASN Y 335 -3.04 27.05 49.82
N ILE Y 336 -3.72 26.28 48.96
CA ILE Y 336 -3.61 24.82 49.01
C ILE Y 336 -2.50 24.30 48.12
N GLY Y 337 -2.43 24.79 46.89
CA GLY Y 337 -1.49 24.28 45.90
C GLY Y 337 -2.13 23.39 44.86
N LYS Y 338 -3.34 22.89 45.10
CA LYS Y 338 -4.09 22.11 44.14
C LYS Y 338 -5.35 22.86 43.76
N THR Y 339 -5.80 22.65 42.53
CA THR Y 339 -6.94 23.39 42.00
C THR Y 339 -8.22 22.94 42.70
N PRO Y 340 -8.93 23.82 43.39
CA PRO Y 340 -10.15 23.40 44.09
C PRO Y 340 -11.33 23.33 43.13
N HIS Y 341 -11.83 22.12 42.89
CA HIS Y 341 -12.92 21.94 41.95
C HIS Y 341 -14.26 22.37 42.53
N VAL Y 342 -14.66 21.78 43.67
CA VAL Y 342 -15.94 22.09 44.30
C VAL Y 342 -15.69 22.42 45.76
N ILE Y 343 -16.43 23.38 46.28
CA ILE Y 343 -16.34 23.78 47.69
C ILE Y 343 -17.75 24.01 48.21
N LYS Y 344 -18.02 23.55 49.42
CA LYS Y 344 -19.34 23.73 50.01
C LYS Y 344 -19.25 23.70 51.53
N PHE Y 345 -19.85 24.69 52.18
CA PHE Y 345 -19.95 24.67 53.63
C PHE Y 345 -21.03 23.68 54.06
N ASN Y 346 -20.85 23.11 55.23
CA ASN Y 346 -21.81 22.13 55.74
C ASN Y 346 -23.09 22.83 56.17
N PRO Y 347 -24.26 22.34 55.75
CA PRO Y 347 -25.52 23.01 56.12
C PRO Y 347 -25.94 22.79 57.56
N SER Y 348 -25.26 21.93 58.31
CA SER Y 348 -25.61 21.69 59.70
C SER Y 348 -25.31 22.92 60.54
N SER Y 349 -26.20 23.18 61.51
CA SER Y 349 -26.01 24.33 62.39
C SER Y 349 -24.80 24.17 63.29
N GLU Y 350 -24.56 22.97 63.81
CA GLU Y 350 -23.37 22.72 64.61
C GLU Y 350 -22.10 22.78 63.77
N ASN Y 351 -22.18 22.36 62.52
CA ASN Y 351 -21.04 22.39 61.60
C ASN Y 351 -21.15 23.56 60.62
N GLY Y 352 -21.69 24.69 61.09
CA GLY Y 352 -21.82 25.85 60.24
C GLY Y 352 -20.50 26.51 59.88
N HIS Y 353 -19.47 26.30 60.68
CA HIS Y 353 -18.14 26.83 60.39
C HIS Y 353 -17.29 25.84 59.60
N GLU Y 354 -17.79 24.64 59.32
CA GLU Y 354 -17.03 23.63 58.59
C GLU Y 354 -17.38 23.67 57.12
N PHE Y 355 -16.37 23.42 56.28
CA PHE Y 355 -16.55 23.40 54.84
C PHE Y 355 -15.70 22.29 54.24
N LEU Y 356 -16.29 21.58 53.27
CA LEU Y 356 -15.63 20.49 52.58
C LEU Y 356 -15.40 20.88 51.13
N ALA Y 357 -14.19 20.60 50.63
CA ALA Y 357 -13.81 20.93 49.27
C ALA Y 357 -13.22 19.70 48.59
N GLY Y 358 -13.75 19.36 47.43
CA GLY Y 358 -13.19 18.33 46.59
C GLY Y 358 -12.30 18.97 45.52
N LEU Y 359 -11.04 18.56 45.52
CA LEU Y 359 -10.02 19.13 44.65
C LEU Y 359 -9.54 18.10 43.65
N SER Y 360 -9.21 18.58 42.45
CA SER Y 360 -8.86 17.80 41.27
C SER Y 360 -7.53 17.07 41.40
N ASP Y 361 -6.88 17.10 42.56
CA ASP Y 361 -5.79 16.20 42.90
C ASP Y 361 -6.31 14.90 43.52
N LYS Y 362 -7.54 14.52 43.18
CA LYS Y 362 -8.24 13.36 43.73
C LYS Y 362 -8.34 13.44 45.26
N ARG Y 363 -8.60 14.65 45.76
CA ARG Y 363 -8.55 14.88 47.20
C ARG Y 363 -9.86 15.47 47.70
N ILE Y 364 -10.16 15.20 48.97
CA ILE Y 364 -11.27 15.85 49.67
C ILE Y 364 -10.75 16.34 51.00
N VAL Y 365 -10.96 17.63 51.29
CA VAL Y 365 -10.48 18.23 52.52
C VAL Y 365 -11.65 18.95 53.20
N GLN Y 366 -11.95 18.54 54.43
CA GLN Y 366 -12.97 19.19 55.24
C GLN Y 366 -12.28 19.88 56.41
N TYR Y 367 -12.54 21.19 56.56
CA TYR Y 367 -11.86 21.97 57.59
C TYR Y 367 -12.77 23.07 58.08
N ASP Y 368 -12.48 23.57 59.27
CA ASP Y 368 -13.24 24.64 59.91
C ASP Y 368 -12.61 25.99 59.60
N THR Y 369 -13.44 27.03 59.68
CA THR Y 369 -12.99 28.39 59.40
C THR Y 369 -12.20 29.00 60.54
N ARG Y 370 -12.30 28.45 61.75
CA ARG Y 370 -11.55 28.94 62.89
C ARG Y 370 -10.38 28.03 63.25
N ALA Y 371 -10.10 27.01 62.44
CA ALA Y 371 -9.01 26.07 62.72
C ALA Y 371 -7.67 26.56 62.19
N GLY Y 372 -7.63 27.71 61.51
CA GLY Y 372 -6.38 28.21 60.99
C GLY Y 372 -6.07 27.69 59.59
N ASN Y 373 -4.78 27.56 59.28
CA ASN Y 373 -4.34 27.08 57.97
C ASN Y 373 -3.94 25.61 57.98
N ASP Y 374 -4.63 24.77 58.76
CA ASP Y 374 -4.33 23.36 58.85
C ASP Y 374 -5.55 22.54 58.44
N THR Y 375 -5.31 21.47 57.70
CA THR Y 375 -6.38 20.57 57.30
C THR Y 375 -6.85 19.75 58.50
N VAL Y 376 -8.15 19.41 58.50
CA VAL Y 376 -8.75 18.67 59.59
C VAL Y 376 -9.03 17.23 59.15
N GLN Y 377 -9.88 17.08 58.14
CA GLN Y 377 -10.29 15.77 57.64
C GLN Y 377 -9.86 15.62 56.19
N GLU Y 378 -9.25 14.49 55.87
CA GLU Y 378 -8.71 14.23 54.54
C GLU Y 378 -9.25 12.91 54.00
N TYR Y 379 -9.59 12.90 52.71
CA TYR Y 379 -10.02 11.70 52.01
C TYR Y 379 -9.29 11.62 50.67
N ASP Y 380 -8.72 10.46 50.39
CA ASP Y 380 -7.91 10.23 49.19
C ASP Y 380 -8.30 8.93 48.52
N ARG Y 381 -9.60 8.71 48.34
CA ARG Y 381 -10.11 7.49 47.74
C ARG Y 381 -10.54 7.68 46.29
N HIS Y 382 -10.23 8.83 45.69
CA HIS Y 382 -10.63 9.11 44.31
C HIS Y 382 -9.54 8.68 43.34
N LEU Y 383 -9.95 8.07 42.23
CA LEU Y 383 -9.04 7.74 41.14
C LEU Y 383 -9.00 8.82 40.08
N GLY Y 384 -9.80 9.87 40.23
CA GLY Y 384 -9.80 11.00 39.33
C GLY Y 384 -10.13 12.26 40.09
N PRO Y 385 -10.36 13.36 39.37
CA PRO Y 385 -10.74 14.61 40.06
C PRO Y 385 -12.09 14.48 40.76
N ILE Y 386 -12.19 15.13 41.92
CA ILE Y 386 -13.44 15.13 42.65
C ILE Y 386 -14.41 16.11 42.00
N ASN Y 387 -15.47 15.57 41.40
CA ASN Y 387 -16.38 16.37 40.58
C ASN Y 387 -17.53 16.96 41.39
N THR Y 388 -18.30 16.12 42.06
CA THR Y 388 -19.51 16.57 42.75
C THR Y 388 -19.51 16.05 44.17
N ILE Y 389 -20.12 16.82 45.09
CA ILE Y 389 -20.25 16.44 46.48
C ILE Y 389 -21.68 16.66 46.91
N GLU Y 390 -22.28 15.65 47.55
CA GLU Y 390 -23.65 15.73 48.04
C GLU Y 390 -23.69 15.25 49.48
N TYR Y 391 -24.48 15.94 50.31
CA TYR Y 391 -24.65 15.56 51.71
C TYR Y 391 -26.03 14.95 51.91
N ILE Y 392 -26.09 13.87 52.69
CA ILE Y 392 -27.32 13.16 52.98
C ILE Y 392 -27.28 12.66 54.42
N ASP Y 393 -28.43 12.11 54.87
CA ASP Y 393 -28.60 11.55 56.20
C ASP Y 393 -28.30 12.58 57.30
N GLU Y 394 -29.04 13.69 57.23
CA GLU Y 394 -28.85 14.86 58.11
C GLU Y 394 -27.42 15.38 58.03
N ASN Y 395 -26.90 15.47 56.80
CA ASN Y 395 -25.55 15.96 56.49
C ASN Y 395 -24.47 15.16 57.21
N ARG Y 396 -24.65 13.83 57.24
CA ARG Y 396 -23.66 12.94 57.84
C ARG Y 396 -23.00 12.00 56.85
N ARG Y 397 -23.59 11.78 55.68
CA ARG Y 397 -23.01 10.94 54.65
C ARG Y 397 -22.67 11.80 53.45
N PHE Y 398 -21.41 11.73 53.03
CA PHE Y 398 -20.89 12.50 51.89
C PHE Y 398 -20.74 11.57 50.70
N MET Y 399 -21.52 11.81 49.66
CA MET Y 399 -21.41 11.09 48.40
C MET Y 399 -20.62 11.98 47.44
N SER Y 400 -19.40 11.55 47.12
CA SER Y 400 -18.50 12.30 46.25
C SER Y 400 -18.42 11.58 44.91
N THR Y 401 -19.02 12.18 43.89
CA THR Y 401 -18.90 11.69 42.52
C THR Y 401 -17.56 12.15 41.94
N SER Y 402 -16.75 11.18 41.54
CA SER Y 402 -15.39 11.39 41.08
C SER Y 402 -15.27 11.04 39.60
N ASP Y 403 -14.35 11.75 38.94
CA ASP Y 403 -14.17 11.75 37.48
C ASP Y 403 -13.57 10.46 36.96
N ASP Y 404 -13.41 9.43 37.78
CA ASP Y 404 -13.11 8.08 37.34
C ASP Y 404 -14.37 7.31 36.93
N ARG Y 405 -15.43 8.04 36.59
CA ARG Y 405 -16.78 7.50 36.40
C ARG Y 405 -17.22 6.73 37.63
N SER Y 406 -16.99 7.31 38.81
CA SER Y 406 -17.24 6.58 40.04
C SER Y 406 -17.92 7.50 41.05
N LEU Y 407 -18.37 6.91 42.16
CA LEU Y 407 -18.89 7.65 43.30
C LEU Y 407 -18.46 6.93 44.57
N LYS Y 408 -18.08 7.71 45.58
CA LYS Y 408 -17.64 7.17 46.87
C LYS Y 408 -18.47 7.76 47.98
N VAL Y 409 -19.12 6.89 48.75
CA VAL Y 409 -19.88 7.30 49.93
C VAL Y 409 -18.98 7.14 51.14
N TRP Y 410 -18.90 8.18 51.96
CA TRP Y 410 -18.12 8.17 53.19
C TRP Y 410 -18.93 8.83 54.30
N GLU Y 411 -18.45 8.66 55.53
CA GLU Y 411 -19.07 9.31 56.67
C GLU Y 411 -18.39 10.64 56.97
N TYR Y 412 -19.07 11.47 57.74
CA TYR Y 412 -18.52 12.76 58.12
C TYR Y 412 -17.38 12.57 59.12
N GLY Y 413 -16.17 12.97 58.71
CA GLY Y 413 -15.00 12.82 59.55
C GLY Y 413 -14.36 11.46 59.54
N ILE Y 414 -14.89 10.51 58.78
CA ILE Y 414 -14.34 9.16 58.67
C ILE Y 414 -13.59 9.07 57.35
N PRO Y 415 -12.27 8.83 57.36
CA PRO Y 415 -11.53 8.72 56.10
C PRO Y 415 -11.76 7.41 55.35
N VAL Y 416 -12.49 6.47 55.94
CA VAL Y 416 -12.80 5.19 55.30
C VAL Y 416 -14.07 5.36 54.49
N GLU Y 417 -14.01 4.95 53.22
CA GLU Y 417 -15.18 5.06 52.35
C GLU Y 417 -16.26 4.08 52.80
N ILE Y 418 -17.48 4.57 52.93
CA ILE Y 418 -18.60 3.71 53.31
C ILE Y 418 -18.94 2.75 52.17
N LYS Y 419 -18.93 3.26 50.94
CA LYS Y 419 -19.26 2.42 49.78
C LYS Y 419 -18.64 3.02 48.53
N THR Y 420 -18.61 2.22 47.47
CA THR Y 420 -18.14 2.68 46.17
C THR Y 420 -19.08 2.16 45.10
N ILE Y 421 -19.62 3.07 44.29
CA ILE Y 421 -20.53 2.73 43.19
C ILE Y 421 -19.88 3.15 41.90
N SER Y 422 -19.60 2.18 41.02
CA SER Y 422 -18.90 2.45 39.77
C SER Y 422 -19.22 1.34 38.79
N GLU Y 423 -19.40 1.69 37.52
CA GLU Y 423 -19.61 0.72 36.46
C GLU Y 423 -19.05 1.24 35.15
N PRO Y 424 -18.69 0.36 34.22
CA PRO Y 424 -18.42 0.82 32.85
C PRO Y 424 -19.64 1.37 32.16
N ASP Y 425 -20.83 0.82 32.45
CA ASP Y 425 -22.07 1.34 31.89
C ASP Y 425 -22.44 2.69 32.46
N MET Y 426 -21.97 3.02 33.67
CA MET Y 426 -22.22 4.30 34.29
C MET Y 426 -21.11 5.27 33.91
N PHE Y 427 -21.48 6.40 33.32
CA PHE Y 427 -20.50 7.40 32.91
C PHE Y 427 -20.08 8.24 34.11
N ALA Y 428 -19.32 9.30 33.83
CA ALA Y 428 -18.95 10.25 34.87
C ALA Y 428 -20.15 11.12 35.21
N LEU Y 429 -20.38 11.32 36.50
CA LEU Y 429 -21.46 12.20 36.96
C LEU Y 429 -21.01 13.64 36.81
N THR Y 430 -21.63 14.35 35.89
CA THR Y 430 -21.22 15.73 35.59
C THR Y 430 -21.88 16.74 36.52
N LYS Y 431 -23.19 16.63 36.75
CA LYS Y 431 -23.91 17.58 37.59
C LYS Y 431 -24.67 16.84 38.66
N SER Y 432 -24.82 17.47 39.83
CA SER Y 432 -25.52 16.88 40.95
C SER Y 432 -26.52 17.89 41.52
N ALA Y 433 -27.70 17.40 41.88
CA ALA Y 433 -28.71 18.26 42.51
C ALA Y 433 -29.60 17.40 43.39
N GLN Y 434 -29.58 17.65 44.70
CA GLN Y 434 -30.45 16.93 45.62
C GLN Y 434 -31.85 17.54 45.59
N HIS Y 435 -32.86 16.68 45.63
CA HIS Y 435 -34.24 17.14 45.59
C HIS Y 435 -34.63 17.77 46.93
N PRO Y 436 -35.70 18.57 46.94
CA PRO Y 436 -36.16 19.16 48.19
C PRO Y 436 -36.67 18.14 49.21
N ASN Y 437 -37.05 16.94 48.77
CA ASN Y 437 -37.50 15.91 49.68
C ASN Y 437 -36.36 15.31 50.51
N GLY Y 438 -35.12 15.45 50.05
CA GLY Y 438 -33.98 14.95 50.79
C GLY Y 438 -33.73 13.46 50.66
N LYS Y 439 -34.48 12.77 49.80
CA LYS Y 439 -34.31 11.33 49.63
C LYS Y 439 -33.71 10.95 48.29
N TYR Y 440 -33.72 11.85 47.31
CA TYR Y 440 -33.23 11.56 45.98
C TYR Y 440 -32.28 12.65 45.51
N VAL Y 441 -31.31 12.25 44.69
CA VAL Y 441 -30.37 13.17 44.05
C VAL Y 441 -30.35 12.88 42.56
N LEU Y 442 -30.61 13.90 41.75
CA LEU Y 442 -30.55 13.78 40.30
C LEU Y 442 -29.14 14.13 39.83
N TYR Y 443 -28.52 13.22 39.09
CA TYR Y 443 -27.19 13.41 38.54
C TYR Y 443 -27.28 13.45 37.02
N GLN Y 444 -26.76 14.53 36.44
CA GLN Y 444 -26.64 14.63 35.00
C GLN Y 444 -25.31 14.04 34.57
N CYS Y 445 -25.36 13.08 33.65
CA CYS Y 445 -24.19 12.35 33.17
C CYS Y 445 -24.01 12.55 31.67
N SER Y 446 -22.75 12.43 31.24
CA SER Y 446 -22.24 12.83 29.93
C SER Y 446 -22.79 12.00 28.78
N ASP Y 447 -23.69 11.07 29.02
CA ASP Y 447 -24.48 10.45 27.97
C ASP Y 447 -25.68 11.29 27.58
N ASN Y 448 -25.64 12.59 27.88
CA ASN Y 448 -26.76 13.52 27.77
C ASN Y 448 -27.98 13.00 28.53
N SER Y 449 -27.74 12.50 29.74
CA SER Y 449 -28.80 11.88 30.53
C SER Y 449 -28.85 12.49 31.91
N ILE Y 450 -29.99 12.30 32.57
CA ILE Y 450 -30.15 12.65 33.98
C ILE Y 450 -30.80 11.47 34.67
N VAL Y 451 -30.11 10.89 35.65
CA VAL Y 451 -30.58 9.69 36.34
C VAL Y 451 -30.70 9.99 37.83
N ALA Y 452 -31.65 9.31 38.47
CA ALA Y 452 -31.93 9.54 39.88
C ALA Y 452 -31.12 8.58 40.73
N TYR Y 453 -30.90 8.97 41.99
CA TYR Y 453 -30.25 8.11 42.98
C TYR Y 453 -30.98 8.31 44.30
N SER Y 454 -31.72 7.29 44.72
CA SER Y 454 -32.41 7.34 46.00
C SER Y 454 -31.44 6.95 47.10
N CYS Y 455 -31.06 7.93 47.93
CA CYS Y 455 -30.13 7.71 49.03
C CYS Y 455 -30.86 7.47 50.35
N SER Y 456 -32.14 7.12 50.29
CA SER Y 456 -32.90 6.82 51.50
C SER Y 456 -32.40 5.52 52.13
N GLY Y 457 -32.32 5.52 53.45
CA GLY Y 457 -31.83 4.35 54.16
C GLY Y 457 -30.33 4.18 53.98
N ASP Y 458 -29.87 2.97 54.30
CA ASP Y 458 -28.46 2.63 54.18
C ASP Y 458 -28.07 2.19 52.78
N LYS Y 459 -29.04 2.05 51.86
CA LYS Y 459 -28.78 1.59 50.51
C LYS Y 459 -29.04 2.74 49.54
N PHE Y 460 -28.05 3.05 48.70
CA PHE Y 460 -28.18 4.04 47.65
C PHE Y 460 -28.57 3.30 46.37
N ARG Y 461 -29.81 3.48 45.92
CA ARG Y 461 -30.34 2.75 44.78
C ARG Y 461 -30.41 3.66 43.57
N GLN Y 462 -29.78 3.23 42.47
CA GLN Y 462 -29.82 3.99 41.23
C GLN Y 462 -31.19 3.84 40.57
N HIS Y 463 -31.53 4.83 39.74
CA HIS Y 463 -32.80 4.86 39.02
C HIS Y 463 -32.54 5.43 37.65
N ARG Y 464 -32.42 4.55 36.65
CA ARG Y 464 -32.38 4.97 35.26
C ARG Y 464 -33.77 4.95 34.63
N LYS Y 465 -34.78 4.44 35.34
CA LYS Y 465 -36.15 4.48 34.84
C LYS Y 465 -36.65 5.91 34.74
N LYS Y 466 -36.35 6.73 35.76
CA LYS Y 466 -36.63 8.16 35.70
C LYS Y 466 -35.45 8.84 35.02
N ALA Y 467 -35.53 8.98 33.69
CA ALA Y 467 -34.42 9.50 32.91
C ALA Y 467 -34.92 10.64 32.04
N TRP Y 468 -34.44 11.85 32.33
CA TRP Y 468 -34.81 13.02 31.56
C TRP Y 468 -33.93 13.11 30.32
N ARG Y 469 -34.54 13.03 29.15
CA ARG Y 469 -33.84 13.08 27.88
C ARG Y 469 -34.54 14.06 26.95
N GLY Y 470 -33.75 14.60 26.02
CA GLY Y 470 -34.27 15.57 25.08
C GLY Y 470 -33.29 16.70 24.81
N HIS Y 471 -32.22 16.74 25.57
CA HIS Y 471 -31.18 17.75 25.42
C HIS Y 471 -29.82 17.06 25.26
N ASN Y 472 -28.99 17.63 24.40
CA ASN Y 472 -27.66 17.12 24.13
C ASN Y 472 -26.64 17.98 24.85
N THR Y 473 -25.70 17.35 25.54
CA THR Y 473 -24.70 18.05 26.34
C THR Y 473 -23.29 17.90 25.82
N ALA Y 474 -22.91 16.72 25.31
CA ALA Y 474 -21.54 16.39 24.90
C ALA Y 474 -20.54 16.64 26.02
N GLY Y 475 -20.97 16.35 27.25
CA GLY Y 475 -20.14 16.48 28.43
C GLY Y 475 -20.01 17.89 28.98
N SER Y 476 -20.55 18.90 28.29
CA SER Y 476 -20.43 20.27 28.75
C SER Y 476 -21.20 20.46 30.05
N ALA Y 477 -20.56 21.12 31.02
CA ALA Y 477 -21.09 21.26 32.37
C ALA Y 477 -22.30 22.19 32.33
N ILE Y 478 -23.49 21.60 32.44
CA ILE Y 478 -24.75 22.32 32.47
C ILE Y 478 -25.36 22.14 33.85
N GLY Y 479 -25.76 23.24 34.47
CA GLY Y 479 -26.28 23.17 35.82
C GLY Y 479 -27.64 22.52 35.89
N LEU Y 480 -27.93 21.92 37.04
CA LEU Y 480 -29.21 21.29 37.31
C LEU Y 480 -29.78 21.84 38.61
N THR Y 481 -31.09 22.07 38.61
CA THR Y 481 -31.78 22.63 39.76
C THR Y 481 -33.16 22.01 39.88
N CYS Y 482 -33.73 22.11 41.08
CA CYS Y 482 -35.05 21.57 41.36
C CYS Y 482 -35.94 22.64 41.97
N SER Y 483 -37.24 22.51 41.72
CA SER Y 483 -38.20 23.43 42.29
C SER Y 483 -38.37 23.16 43.79
N PRO Y 484 -38.95 24.12 44.52
CA PRO Y 484 -39.21 23.88 45.96
C PRO Y 484 -40.13 22.71 46.23
N ASP Y 485 -41.08 22.43 45.33
CA ASP Y 485 -41.93 21.27 45.47
C ASP Y 485 -41.26 19.99 45.00
N GLY Y 486 -40.13 20.09 44.31
CA GLY Y 486 -39.44 18.90 43.84
C GLY Y 486 -40.06 18.23 42.63
N GLN Y 487 -41.03 18.87 41.99
CA GLN Y 487 -41.69 18.31 40.83
C GLN Y 487 -41.08 18.77 39.51
N PHE Y 488 -40.52 19.98 39.46
CA PHE Y 488 -39.92 20.52 38.26
C PHE Y 488 -38.40 20.48 38.39
N VAL Y 489 -37.75 19.95 37.35
CA VAL Y 489 -36.29 19.86 37.30
C VAL Y 489 -35.83 20.64 36.09
N ALA Y 490 -34.92 21.59 36.33
CA ALA Y 490 -34.39 22.46 35.28
C ALA Y 490 -32.95 22.08 34.99
N SER Y 491 -32.63 21.89 33.71
CA SER Y 491 -31.29 21.54 33.29
C SER Y 491 -30.89 22.40 32.11
N GLY Y 492 -29.59 22.51 31.89
CA GLY Y 492 -29.07 23.30 30.79
C GLY Y 492 -28.82 22.47 29.55
N ASP Y 493 -29.01 23.11 28.40
CA ASP Y 493 -28.79 22.48 27.10
C ASP Y 493 -27.86 23.36 26.28
N THR Y 494 -26.84 22.73 25.69
CA THR Y 494 -25.73 23.42 25.02
C THR Y 494 -26.15 24.21 23.80
N SER Y 495 -27.37 24.01 23.31
CA SER Y 495 -27.96 24.86 22.28
C SER Y 495 -28.59 26.13 22.84
N GLY Y 496 -28.13 26.58 24.02
CA GLY Y 496 -28.66 27.75 24.67
C GLY Y 496 -30.08 27.59 25.18
N SER Y 497 -30.38 26.44 25.79
CA SER Y 497 -31.74 26.16 26.21
C SER Y 497 -31.78 25.81 27.69
N VAL Y 498 -32.94 26.04 28.30
CA VAL Y 498 -33.24 25.61 29.65
C VAL Y 498 -34.41 24.64 29.53
N CYS Y 499 -34.17 23.38 29.91
CA CYS Y 499 -35.17 22.33 29.81
C CYS Y 499 -35.75 22.06 31.19
N PHE Y 500 -37.06 22.30 31.33
CA PHE Y 500 -37.78 22.02 32.56
C PHE Y 500 -38.65 20.78 32.35
N TRP Y 501 -38.50 19.81 33.23
CA TRP Y 501 -39.16 18.51 33.09
C TRP Y 501 -39.86 18.14 34.38
N ASP Y 502 -40.97 17.40 34.24
CA ASP Y 502 -41.65 16.85 35.41
C ASP Y 502 -40.94 15.58 35.86
N PHE Y 503 -40.55 15.54 37.13
CA PHE Y 503 -39.79 14.41 37.66
C PHE Y 503 -40.63 13.17 37.86
N LYS Y 504 -41.96 13.30 37.92
CA LYS Y 504 -42.82 12.14 38.13
C LYS Y 504 -42.83 11.23 36.91
N THR Y 505 -43.03 11.80 35.73
CA THR Y 505 -43.10 11.03 34.49
C THR Y 505 -41.79 11.06 33.71
N CYS Y 506 -40.80 11.82 34.17
CA CYS Y 506 -39.49 11.97 33.51
C CYS Y 506 -39.64 12.45 32.08
N LYS Y 507 -40.58 13.37 31.86
CA LYS Y 507 -40.89 13.89 30.53
C LYS Y 507 -40.53 15.37 30.48
N LEU Y 508 -39.85 15.78 29.42
CA LEU Y 508 -39.45 17.18 29.24
C LEU Y 508 -40.68 18.01 28.94
N TYR Y 509 -40.98 18.98 29.81
CA TYR Y 509 -42.19 19.79 29.69
C TYR Y 509 -41.97 21.05 28.86
N SER Y 510 -40.93 21.84 29.15
CA SER Y 510 -40.67 23.08 28.45
C SER Y 510 -39.19 23.17 28.09
N LYS Y 511 -38.89 23.90 27.02
CA LYS Y 511 -37.52 24.14 26.56
C LYS Y 511 -37.45 25.59 26.12
N LEU Y 512 -36.99 26.46 27.04
CA LEU Y 512 -36.93 27.89 26.77
C LEU Y 512 -35.56 28.27 26.24
N THR Y 513 -35.53 28.93 25.08
CA THR Y 513 -34.28 29.36 24.47
C THR Y 513 -33.78 30.59 25.21
N ALA Y 514 -32.81 30.38 26.11
CA ALA Y 514 -32.30 31.49 26.92
C ALA Y 514 -31.44 32.42 26.09
N ASP Y 515 -30.62 31.87 25.21
CA ASP Y 515 -29.74 32.65 24.35
C ASP Y 515 -30.06 32.33 22.89
N SER Y 516 -30.12 33.37 22.06
CA SER Y 516 -30.38 33.18 20.64
C SER Y 516 -29.16 32.75 19.86
N ALA Y 517 -27.96 32.83 20.45
CA ALA Y 517 -26.74 32.38 19.82
C ALA Y 517 -26.36 30.95 20.20
N GLY Y 518 -27.17 30.28 21.03
CA GLY Y 518 -26.86 28.94 21.47
C GLY Y 518 -25.67 28.85 22.41
N GLY Y 519 -25.52 29.83 23.31
CA GLY Y 519 -24.39 29.81 24.21
C GLY Y 519 -24.51 28.70 25.26
N ILE Y 520 -23.35 28.30 25.77
CA ILE Y 520 -23.31 27.21 26.74
C ILE Y 520 -23.83 27.71 28.08
N ILE Y 521 -24.92 27.10 28.54
CA ILE Y 521 -25.53 27.49 29.82
C ILE Y 521 -24.71 26.88 30.94
N ASN Y 522 -24.12 27.72 31.78
CA ASN Y 522 -23.25 27.26 32.85
C ASN Y 522 -23.98 26.96 34.14
N CYS Y 523 -24.90 27.83 34.56
CA CYS Y 523 -25.61 27.65 35.82
C CYS Y 523 -27.10 27.91 35.63
N VAL Y 524 -27.93 27.11 36.29
CA VAL Y 524 -29.37 27.29 36.31
C VAL Y 524 -29.82 27.24 37.77
N ALA Y 525 -30.57 28.26 38.19
CA ALA Y 525 -31.04 28.33 39.57
C ALA Y 525 -32.52 28.69 39.58
N TRP Y 526 -33.23 28.18 40.59
CA TRP Y 526 -34.64 28.45 40.78
C TRP Y 526 -34.84 29.12 42.13
N SER Y 527 -35.68 30.16 42.16
CA SER Y 527 -35.91 30.89 43.40
C SER Y 527 -36.79 30.06 44.33
N GLU Y 528 -36.35 29.93 45.59
CA GLU Y 528 -37.11 29.19 46.58
C GLU Y 528 -38.32 29.95 47.10
N GLN Y 529 -38.30 31.28 47.00
CA GLN Y 529 -39.41 32.10 47.47
C GLN Y 529 -40.36 32.52 46.36
N GLU Y 530 -40.13 32.04 45.13
CA GLU Y 530 -40.99 32.37 44.00
C GLU Y 530 -41.38 31.09 43.27
N THR Y 531 -42.56 31.13 42.64
CA THR Y 531 -43.10 29.93 42.01
C THR Y 531 -42.35 29.57 40.73
N SER Y 532 -42.08 30.55 39.87
CA SER Y 532 -41.52 30.28 38.55
C SER Y 532 -40.44 31.29 38.19
N LYS Y 533 -39.55 31.58 39.13
CA LYS Y 533 -38.42 32.48 38.87
C LYS Y 533 -37.17 31.63 38.65
N VAL Y 534 -36.57 31.77 37.46
CA VAL Y 534 -35.40 31.00 37.08
C VAL Y 534 -34.32 31.96 36.59
N PHE Y 535 -33.11 31.79 37.10
CA PHE Y 535 -31.95 32.59 36.69
C PHE Y 535 -30.96 31.68 35.98
N THR Y 536 -30.57 32.07 34.76
CA THR Y 536 -29.65 31.30 33.95
C THR Y 536 -28.40 32.12 33.67
N ALA Y 537 -27.24 31.53 33.93
CA ALA Y 537 -25.95 32.16 33.66
C ALA Y 537 -25.21 31.34 32.60
N GLY Y 538 -24.81 32.02 31.52
CA GLY Y 538 -24.14 31.34 30.43
C GLY Y 538 -22.75 31.86 30.16
N ALA Y 539 -22.22 31.58 28.97
CA ALA Y 539 -20.89 32.00 28.58
C ALA Y 539 -20.82 33.45 28.14
N LYS Y 540 -21.96 34.08 27.84
CA LYS Y 540 -21.98 35.45 27.37
C LYS Y 540 -21.97 36.47 28.51
N GLY Y 541 -21.94 36.01 29.75
CA GLY Y 541 -21.92 36.92 30.87
C GLY Y 541 -23.23 37.61 31.15
N GLU Y 542 -24.34 37.06 30.68
CA GLU Y 542 -25.67 37.63 30.91
C GLU Y 542 -26.45 36.71 31.82
N ILE Y 543 -26.97 37.27 32.92
CA ILE Y 543 -27.78 36.51 33.86
C ILE Y 543 -29.24 36.91 33.69
N LYS Y 544 -29.96 36.17 32.84
CA LYS Y 544 -31.35 36.48 32.55
C LYS Y 544 -32.27 36.05 33.68
N THR Z 2 -11.95 -15.05 15.03
CA THR Z 2 -10.72 -14.68 15.73
C THR Z 2 -9.55 -14.65 14.76
N THR Z 3 -9.20 -13.47 14.26
CA THR Z 3 -8.21 -13.33 13.21
C THR Z 3 -6.80 -13.11 13.72
N ALA Z 4 -6.55 -13.36 15.01
CA ALA Z 4 -5.19 -13.39 15.55
C ALA Z 4 -4.35 -14.46 14.87
N HIS Z 5 -4.95 -15.59 14.56
CA HIS Z 5 -4.18 -16.70 14.02
C HIS Z 5 -4.53 -16.82 12.54
N ARG Z 6 -3.57 -16.48 11.69
CA ARG Z 6 -3.83 -16.07 10.33
C ARG Z 6 -2.81 -16.66 9.38
N PRO Z 7 -3.13 -16.73 8.09
CA PRO Z 7 -2.14 -17.14 7.10
C PRO Z 7 -1.25 -15.98 6.66
N THR Z 8 -0.32 -16.31 5.78
CA THR Z 8 0.60 -15.32 5.23
C THR Z 8 0.25 -15.08 3.77
N PHE Z 9 -0.19 -13.86 3.45
CA PHE Z 9 -0.43 -13.42 2.08
C PHE Z 9 0.68 -12.55 1.52
N ASP Z 10 1.52 -11.95 2.37
CA ASP Z 10 2.50 -10.94 2.00
C ASP Z 10 3.80 -11.28 2.71
N PRO Z 11 4.53 -12.29 2.26
CA PRO Z 11 5.69 -12.76 3.02
C PRO Z 11 6.84 -11.77 2.94
N ALA Z 12 7.65 -11.76 3.99
CA ALA Z 12 8.66 -10.74 4.23
C ALA Z 12 9.65 -10.63 3.08
N ARG Z 13 9.95 -9.40 2.69
CA ARG Z 13 10.82 -9.10 1.57
C ARG Z 13 12.25 -8.91 2.06
N GLY Z 14 13.20 -9.45 1.29
CA GLY Z 14 14.59 -9.35 1.66
C GLY Z 14 15.11 -7.92 1.57
N LYS Z 15 15.99 -7.57 2.47
CA LYS Z 15 16.44 -6.21 2.64
C LYS Z 15 17.95 -6.10 2.40
N GLU Z 16 18.36 -4.96 1.85
CA GLU Z 16 19.75 -4.56 1.88
C GLU Z 16 20.26 -4.53 3.32
N ALA Z 17 21.51 -4.89 3.50
CA ALA Z 17 22.09 -4.90 4.84
C ALA Z 17 22.21 -3.47 5.38
N LEU Z 18 22.00 -3.35 6.69
CA LEU Z 18 22.36 -2.14 7.41
C LEU Z 18 23.86 -1.87 7.24
N ARG Z 19 24.22 -0.60 7.18
CA ARG Z 19 25.60 -0.19 7.00
C ARG Z 19 26.06 0.65 8.19
N GLY Z 20 27.18 0.27 8.78
CA GLY Z 20 27.65 0.92 9.98
C GLY Z 20 29.00 0.41 10.42
N PRO Z 21 29.45 0.83 11.59
CA PRO Z 21 30.76 0.40 12.08
C PRO Z 21 30.72 -1.02 12.63
N ALA Z 22 31.84 -1.70 12.52
CA ALA Z 22 31.93 -3.14 12.77
C ALA Z 22 32.23 -3.40 14.25
N TYR Z 23 31.21 -3.81 14.99
CA TYR Z 23 31.40 -4.21 16.37
C TYR Z 23 30.86 -5.60 16.69
N HIS Z 24 29.66 -5.92 16.23
CA HIS Z 24 29.04 -7.20 16.50
C HIS Z 24 29.70 -8.29 15.66
N GLN Z 25 30.00 -9.42 16.28
CA GLN Z 25 30.63 -10.55 15.59
C GLN Z 25 29.57 -11.59 15.26
N ARG Z 26 29.36 -11.81 13.97
CA ARG Z 26 28.29 -12.68 13.50
C ARG Z 26 28.77 -14.03 12.99
N LEU Z 27 29.74 -14.06 12.09
CA LEU Z 27 30.03 -15.25 11.30
C LEU Z 27 31.52 -15.57 11.40
N LEU Z 28 31.85 -16.60 12.17
CA LEU Z 28 33.26 -16.91 12.42
C LEU Z 28 33.91 -17.51 11.17
N PRO Z 29 35.13 -17.12 10.84
CA PRO Z 29 35.78 -17.62 9.62
C PRO Z 29 35.94 -19.13 9.63
N ALA Z 30 35.75 -19.73 8.47
CA ALA Z 30 35.71 -21.18 8.34
C ALA Z 30 35.86 -21.50 6.87
N TYR Z 31 36.66 -22.53 6.59
CA TYR Z 31 36.86 -23.06 5.23
C TYR Z 31 37.29 -21.96 4.28
N THR Z 32 38.29 -21.21 4.70
CA THR Z 32 38.69 -19.96 4.09
C THR Z 32 39.55 -20.14 2.84
N THR Z 33 39.69 -21.36 2.36
CA THR Z 33 40.40 -21.65 1.13
C THR Z 33 39.47 -22.43 0.20
N LEU Z 34 39.39 -22.00 -1.05
CA LEU Z 34 38.68 -22.77 -2.06
C LEU Z 34 39.54 -23.91 -2.56
N LYS Z 35 38.92 -25.08 -2.74
CA LYS Z 35 39.55 -26.17 -3.46
C LYS Z 35 39.29 -26.01 -4.94
N PHE Z 36 40.31 -26.29 -5.74
CA PHE Z 36 40.18 -26.25 -7.18
C PHE Z 36 40.37 -27.65 -7.73
N ARG Z 37 39.75 -27.90 -8.88
CA ARG Z 37 39.88 -29.19 -9.51
C ARG Z 37 41.29 -29.42 -10.01
N GLN Z 38 41.88 -30.53 -9.59
CA GLN Z 38 43.27 -30.85 -9.85
C GLN Z 38 43.39 -31.62 -11.15
N PRO Z 39 44.62 -31.80 -11.66
CA PRO Z 39 44.86 -32.78 -12.73
C PRO Z 39 44.31 -34.16 -12.39
N GLY Z 40 43.42 -34.66 -13.24
CA GLY Z 40 42.73 -35.90 -13.00
C GLY Z 40 41.34 -35.74 -12.40
N GLN Z 41 41.02 -34.57 -11.87
CA GLN Z 41 39.70 -34.29 -11.30
C GLN Z 41 38.75 -33.67 -12.30
N GLY Z 42 39.16 -33.46 -13.54
CA GLY Z 42 38.27 -33.07 -14.61
C GLY Z 42 37.80 -31.63 -14.55
N GLY Z 43 36.53 -31.43 -14.91
CA GLY Z 43 35.89 -30.13 -14.80
C GLY Z 43 36.36 -29.13 -15.83
N ALA Z 44 37.62 -28.72 -15.72
CA ALA Z 44 38.22 -27.85 -16.71
C ALA Z 44 38.78 -28.68 -17.86
N ALA Z 45 37.95 -29.58 -18.40
CA ALA Z 45 38.33 -30.46 -19.50
C ALA Z 45 37.12 -30.57 -20.42
N ASP Z 46 37.05 -29.69 -21.41
CA ASP Z 46 36.08 -29.80 -22.48
C ASP Z 46 36.71 -30.50 -23.68
N LYS Z 47 35.94 -31.39 -24.30
CA LYS Z 47 36.42 -31.95 -25.55
C LYS Z 47 35.81 -31.21 -26.73
N SER Z 48 34.51 -31.40 -26.93
CA SER Z 48 33.69 -30.81 -27.98
C SER Z 48 32.29 -31.38 -27.80
N THR Z 49 31.32 -30.77 -28.49
CA THR Z 49 29.95 -31.27 -28.48
C THR Z 49 29.84 -32.64 -29.12
N ARG Z 50 30.40 -32.79 -30.33
CA ARG Z 50 30.33 -34.07 -31.02
C ARG Z 50 31.22 -35.11 -30.35
N ASP Z 51 32.36 -34.69 -29.79
CA ASP Z 51 33.19 -35.62 -29.03
C ASP Z 51 32.44 -36.16 -27.83
N LEU Z 52 31.85 -35.26 -27.03
CA LEU Z 52 31.11 -35.65 -25.84
C LEU Z 52 29.91 -36.53 -26.19
N ARG Z 53 29.24 -36.22 -27.31
CA ARG Z 53 28.20 -37.09 -27.82
C ARG Z 53 28.74 -38.48 -28.08
N ALA Z 54 29.90 -38.57 -28.74
CA ALA Z 54 30.47 -39.85 -29.09
C ALA Z 54 30.83 -40.68 -27.86
N GLU Z 55 31.45 -40.07 -26.84
CA GLU Z 55 31.69 -40.86 -25.64
C GLU Z 55 30.41 -41.20 -24.92
N LEU Z 56 29.38 -40.38 -25.05
CA LEU Z 56 28.10 -40.72 -24.43
C LEU Z 56 27.50 -41.99 -25.03
N GLU Z 57 27.40 -42.07 -26.37
CA GLU Z 57 26.82 -43.31 -26.88
C GLU Z 57 27.79 -44.47 -26.76
N ALA Z 58 29.10 -44.23 -26.71
CA ALA Z 58 30.03 -45.32 -26.45
C ALA Z 58 29.81 -45.94 -25.08
N ALA Z 59 29.74 -45.10 -24.05
CA ALA Z 59 29.52 -45.58 -22.69
C ALA Z 59 28.16 -46.22 -22.53
N GLU Z 60 27.14 -45.64 -23.15
CA GLU Z 60 25.79 -46.18 -23.01
C GLU Z 60 25.63 -47.50 -23.75
N ALA Z 61 26.24 -47.62 -24.93
CA ALA Z 61 26.22 -48.89 -25.65
C ALA Z 61 27.03 -49.95 -24.92
N ALA Z 62 28.12 -49.56 -24.25
CA ALA Z 62 28.86 -50.51 -23.42
C ALA Z 62 28.01 -51.03 -22.28
N HIS Z 63 27.26 -50.15 -21.62
CA HIS Z 63 26.37 -50.57 -20.54
C HIS Z 63 25.26 -51.50 -21.06
N TYR Z 64 24.65 -51.15 -22.19
CA TYR Z 64 23.60 -51.99 -22.76
C TYR Z 64 24.15 -53.34 -23.19
N ALA Z 65 25.36 -53.37 -23.74
CA ALA Z 65 25.96 -54.63 -24.18
C ALA Z 65 26.34 -55.51 -23.00
N LYS Z 66 26.83 -54.91 -21.91
CA LYS Z 66 27.12 -55.68 -20.72
C LYS Z 66 25.84 -56.24 -20.10
N LEU Z 67 24.75 -55.48 -20.16
CA LEU Z 67 23.46 -56.00 -19.70
C LEU Z 67 22.97 -57.16 -20.56
N LYS Z 68 23.10 -57.03 -21.87
CA LYS Z 68 22.61 -58.07 -22.76
C LYS Z 68 23.52 -59.29 -22.78
N GLY Z 69 24.77 -59.12 -22.35
CA GLY Z 69 25.72 -60.21 -22.36
C GLY Z 69 26.68 -60.21 -23.53
N ALA Z 70 26.85 -59.09 -24.22
CA ALA Z 70 27.71 -59.04 -25.40
C ALA Z 70 29.16 -58.90 -24.98
N PRO Z 71 30.06 -59.80 -25.40
CA PRO Z 71 31.49 -59.67 -25.11
C PRO Z 71 32.16 -58.58 -25.95
N ARG Z 217 -1.21 -96.22 4.79
CA ARG Z 217 -1.74 -94.86 4.75
C ARG Z 217 -0.67 -93.86 5.16
N ARG Z 218 -0.61 -92.73 4.44
CA ARG Z 218 0.47 -91.77 4.63
C ARG Z 218 0.08 -90.63 5.56
N TRP Z 219 1.08 -90.19 6.33
CA TRP Z 219 0.88 -89.17 7.34
C TRP Z 219 0.44 -87.84 6.73
N ASP Z 220 0.88 -87.55 5.51
CA ASP Z 220 0.47 -86.33 4.82
C ASP Z 220 -0.67 -86.57 3.86
N GLU Z 221 -1.22 -87.79 3.80
CA GLU Z 221 -2.45 -87.97 3.05
C GLU Z 221 -3.66 -88.12 3.96
N ASP Z 222 -3.46 -88.15 5.27
CA ASP Z 222 -4.60 -87.98 6.17
C ASP Z 222 -5.24 -86.60 6.01
N VAL Z 223 -4.44 -85.56 5.74
CA VAL Z 223 -4.86 -84.16 5.87
C VAL Z 223 -5.86 -83.74 4.80
N VAL Z 224 -6.45 -82.56 5.00
CA VAL Z 224 -7.63 -82.13 4.24
C VAL Z 224 -7.29 -81.14 3.13
N PHE Z 225 -6.26 -80.32 3.32
CA PHE Z 225 -5.87 -79.33 2.32
C PHE Z 225 -4.47 -79.62 1.82
N LYS Z 226 -4.32 -79.64 0.51
CA LYS Z 226 -3.09 -80.12 -0.12
C LYS Z 226 -2.57 -79.10 -1.11
N ASN Z 227 -1.24 -78.94 -1.13
CA ASN Z 227 -0.52 -78.10 -2.08
C ASN Z 227 -0.99 -76.65 -2.03
N GLN Z 228 -1.35 -76.18 -0.83
CA GLN Z 228 -1.93 -74.86 -0.68
C GLN Z 228 -0.91 -73.75 -0.79
N ALA Z 229 0.38 -74.07 -0.88
CA ALA Z 229 1.42 -73.06 -1.01
C ALA Z 229 2.17 -73.16 -2.33
N ARG Z 230 1.57 -73.76 -3.34
CA ARG Z 230 2.09 -73.63 -4.70
C ARG Z 230 1.74 -72.26 -5.24
N GLY Z 231 2.63 -71.69 -6.06
CA GLY Z 231 2.41 -70.39 -6.62
C GLY Z 231 2.60 -69.25 -5.64
N THR Z 232 3.23 -69.50 -4.50
CA THR Z 232 3.48 -68.44 -3.52
C THR Z 232 4.95 -68.01 -3.53
N GLU Z 233 5.86 -68.99 -3.53
CA GLU Z 233 7.29 -68.70 -3.55
C GLU Z 233 7.77 -68.17 -4.90
N ASP Z 234 6.94 -68.23 -5.93
CA ASP Z 234 7.30 -67.73 -7.24
C ASP Z 234 7.16 -66.21 -7.35
N LYS Z 235 6.71 -65.54 -6.31
CA LYS Z 235 6.78 -64.08 -6.25
C LYS Z 235 8.25 -63.64 -6.22
N GLY Z 236 8.55 -62.53 -6.88
CA GLY Z 236 9.92 -62.06 -6.93
C GLY Z 236 10.55 -62.01 -8.30
N LYS Z 237 9.74 -61.72 -9.33
CA LYS Z 237 10.31 -61.58 -10.67
C LYS Z 237 10.91 -60.18 -10.88
N ARG Z 238 10.09 -59.15 -10.80
CA ARG Z 238 10.58 -57.78 -10.92
C ARG Z 238 9.97 -56.90 -9.86
N LYS Z 239 10.80 -56.05 -9.27
CA LYS Z 239 10.35 -55.09 -8.27
C LYS Z 239 9.71 -53.89 -8.95
N GLU Z 240 8.45 -53.65 -8.62
CA GLU Z 240 7.66 -52.58 -9.21
C GLU Z 240 7.61 -51.42 -8.25
N PHE Z 241 8.10 -50.27 -8.68
CA PHE Z 241 7.88 -49.04 -7.92
C PHE Z 241 6.45 -48.60 -8.16
N VAL Z 242 5.77 -48.22 -7.10
CA VAL Z 242 4.39 -47.77 -7.17
C VAL Z 242 4.34 -46.36 -6.63
N ASN Z 243 3.83 -45.43 -7.43
CA ASN Z 243 3.74 -44.03 -7.02
C ASN Z 243 2.47 -43.80 -6.22
N ASP Z 244 2.23 -44.63 -5.23
CA ASP Z 244 1.19 -44.39 -4.26
C ASP Z 244 1.67 -45.02 -2.96
N LEU Z 245 2.05 -44.14 -2.03
CA LEU Z 245 2.83 -44.57 -0.87
C LEU Z 245 2.05 -45.56 -0.01
N LEU Z 246 0.76 -45.31 0.20
CA LEU Z 246 -0.04 -46.19 1.04
C LEU Z 246 -0.32 -47.56 0.42
N ARG Z 247 -0.02 -47.77 -0.86
CA ARG Z 247 -0.16 -49.09 -1.46
C ARG Z 247 1.17 -49.69 -1.85
N SER Z 248 2.27 -49.08 -1.43
CA SER Z 248 3.57 -49.65 -1.69
C SER Z 248 3.83 -50.85 -0.76
N ASP Z 249 4.71 -51.74 -1.23
CA ASP Z 249 5.13 -52.86 -0.40
C ASP Z 249 5.92 -52.39 0.81
N PHE Z 250 6.62 -51.27 0.71
CA PHE Z 250 7.29 -50.70 1.86
C PHE Z 250 6.32 -50.35 2.97
N HIS Z 251 5.21 -49.69 2.62
CA HIS Z 251 4.23 -49.31 3.61
C HIS Z 251 3.49 -50.52 4.13
N LYS Z 252 3.21 -51.48 3.26
CA LYS Z 252 2.53 -52.69 3.71
C LYS Z 252 3.41 -53.46 4.70
N ARG Z 253 4.71 -53.53 4.41
CA ARG Z 253 5.67 -54.15 5.31
C ARG Z 253 5.71 -53.42 6.64
N PHE Z 254 5.74 -52.09 6.59
CA PHE Z 254 5.79 -51.24 7.77
C PHE Z 254 4.60 -51.49 8.67
N MET Z 255 3.40 -51.50 8.10
CA MET Z 255 2.20 -51.67 8.91
C MET Z 255 2.09 -53.06 9.48
N SER Z 256 2.53 -54.06 8.71
CA SER Z 256 2.57 -55.44 9.21
C SER Z 256 3.53 -55.58 10.37
N LYS Z 257 4.70 -54.94 10.28
CA LYS Z 257 5.68 -55.04 11.35
C LYS Z 257 5.19 -54.32 12.61
N TYR Z 258 4.61 -53.13 12.45
CA TYR Z 258 4.42 -52.27 13.61
C TYR Z 258 3.02 -52.27 14.18
N VAL Z 259 1.98 -52.57 13.42
CA VAL Z 259 0.64 -52.67 13.99
C VAL Z 259 0.32 -54.15 14.11
N ARG Z 260 0.09 -54.61 15.33
CA ARG Z 260 -0.12 -56.02 15.52
C ARG Z 260 -1.34 -56.27 16.37
N THR AA 24 -28.99 98.57 -63.96
CA THR AA 24 -28.90 99.52 -62.87
C THR AA 24 -28.90 100.95 -63.38
N LEU AA 25 -28.72 101.90 -62.46
CA LEU AA 25 -28.64 103.31 -62.85
C LEU AA 25 -27.42 103.58 -63.71
N GLU AA 26 -26.28 102.99 -63.37
CA GLU AA 26 -25.08 103.15 -64.18
C GLU AA 26 -25.22 102.44 -65.53
N ASP AA 27 -25.91 101.29 -65.55
CA ASP AA 27 -26.17 100.60 -66.81
C ASP AA 27 -27.07 101.43 -67.71
N LEU AA 28 -28.06 102.11 -67.14
CA LEU AA 28 -28.88 103.02 -67.94
C LEU AA 28 -28.10 104.25 -68.38
N GLU AA 29 -27.19 104.74 -67.53
CA GLU AA 29 -26.34 105.88 -67.89
C GLU AA 29 -25.40 105.54 -69.04
N GLY AA 30 -24.93 104.30 -69.10
CA GLY AA 30 -24.06 103.88 -70.17
C GLY AA 30 -24.79 103.79 -71.51
N GLU AA 31 -24.01 103.54 -72.56
CA GLU AA 31 -24.55 103.52 -73.92
C GLU AA 31 -25.38 102.26 -74.15
N ASN AA 32 -26.66 102.31 -73.77
CA ASN AA 32 -27.57 101.19 -73.93
C ASN AA 32 -28.37 101.34 -75.22
N GLN AA 33 -29.03 100.23 -75.60
CA GLN AA 33 -29.85 100.23 -76.81
C GLN AA 33 -31.07 101.14 -76.65
N PHE AA 34 -31.65 101.17 -75.45
CA PHE AA 34 -32.79 102.05 -75.18
C PHE AA 34 -32.38 103.51 -75.29
N THR AA 35 -31.22 103.86 -74.74
CA THR AA 35 -30.70 105.22 -74.86
C THR AA 35 -30.41 105.57 -76.32
N ASN AA 36 -29.85 104.61 -77.07
CA ASN AA 36 -29.53 104.86 -78.47
C ASN AA 36 -30.79 105.09 -79.30
N LEU AA 37 -31.84 104.28 -79.07
CA LEU AA 37 -33.07 104.47 -79.84
C LEU AA 37 -33.79 105.74 -79.41
N ALA AA 38 -33.72 106.10 -78.11
CA ALA AA 38 -34.31 107.36 -77.66
C ALA AA 38 -33.60 108.56 -78.28
N ARG AA 39 -32.27 108.50 -78.38
CA ARG AA 39 -31.51 109.57 -79.01
C ARG AA 39 -31.80 109.65 -80.51
N GLN AA 40 -31.97 108.49 -81.16
CA GLN AA 40 -32.25 108.48 -82.58
C GLN AA 40 -33.67 108.96 -82.88
N HIS AA 41 -34.61 108.72 -81.98
CA HIS AA 41 -36.00 109.08 -82.24
C HIS AA 41 -36.31 110.52 -81.84
N TRP AA 42 -35.86 110.93 -80.66
CA TRP AA 42 -36.29 112.19 -80.07
C TRP AA 42 -35.25 113.31 -80.14
N LEU AA 43 -33.97 112.97 -80.16
CA LEU AA 43 -32.90 113.98 -80.20
C LEU AA 43 -32.42 114.26 -81.62
N ASN AA 44 -33.31 114.16 -82.61
CA ASN AA 44 -33.00 114.52 -83.99
C ASN AA 44 -33.26 115.99 -84.29
N VAL AA 45 -33.25 116.83 -83.26
CA VAL AA 45 -33.43 118.28 -83.44
C VAL AA 45 -32.22 118.85 -84.17
N PRO AA 46 -32.41 119.66 -85.22
CA PRO AA 46 -31.26 120.19 -85.96
C PRO AA 46 -30.61 121.40 -85.30
N GLN AA 47 -30.93 121.66 -84.03
CA GLN AA 47 -30.27 122.73 -83.29
C GLN AA 47 -28.80 122.40 -83.07
N GLN AA 48 -27.93 123.39 -83.29
CA GLN AA 48 -26.50 123.20 -83.18
C GLN AA 48 -26.08 123.32 -81.72
N ALA AA 49 -26.29 122.23 -80.98
CA ALA AA 49 -25.89 122.19 -79.58
C ALA AA 49 -24.38 122.08 -79.46
N ALA AA 50 -23.85 122.65 -78.38
CA ALA AA 50 -22.42 122.63 -78.14
C ALA AA 50 -21.95 121.22 -77.77
N LYS AA 51 -20.70 120.92 -78.12
CA LYS AA 51 -20.10 119.61 -77.84
C LYS AA 51 -19.58 119.58 -76.40
N ILE AA 52 -20.52 119.43 -75.47
CA ILE AA 52 -20.23 119.36 -74.05
C ILE AA 52 -20.46 117.93 -73.57
N LYS AA 53 -19.46 117.36 -72.91
CA LYS AA 53 -19.52 115.98 -72.42
C LYS AA 53 -20.37 115.95 -71.15
N VAL AA 54 -21.68 116.00 -71.34
CA VAL AA 54 -22.63 115.96 -70.23
C VAL AA 54 -22.93 114.50 -69.91
N LYS AA 55 -22.77 114.13 -68.64
CA LYS AA 55 -23.08 112.77 -68.22
C LYS AA 55 -24.59 112.56 -68.20
N THR AA 56 -25.08 111.67 -69.06
CA THR AA 56 -26.51 111.41 -69.21
C THR AA 56 -27.02 110.60 -68.03
N ASP AA 57 -27.25 111.31 -66.93
CA ASP AA 57 -27.80 110.71 -65.73
C ASP AA 57 -29.25 110.29 -65.95
N VAL AA 58 -29.66 109.23 -65.25
CA VAL AA 58 -31.04 108.77 -65.31
C VAL AA 58 -31.98 109.82 -64.71
N LEU AA 59 -31.53 110.50 -63.67
CA LEU AA 59 -32.32 111.59 -63.08
C LEU AA 59 -32.50 112.74 -64.05
N LYS AA 60 -31.44 113.11 -64.79
CA LYS AA 60 -31.56 114.14 -65.81
C LYS AA 60 -32.46 113.69 -66.96
N ARG AA 61 -32.38 112.41 -67.33
CA ARG AA 61 -33.28 111.88 -68.36
C ARG AA 61 -34.73 111.94 -67.91
N GLU AA 62 -34.99 111.63 -66.64
CA GLU AA 62 -36.34 111.75 -66.10
C GLU AA 62 -36.82 113.19 -66.10
N LEU AA 63 -35.94 114.12 -65.70
CA LEU AA 63 -36.27 115.54 -65.69
C LEU AA 63 -36.46 116.10 -67.09
N TYR AA 64 -35.87 115.47 -68.10
CA TYR AA 64 -36.08 115.89 -69.49
C TYR AA 64 -37.28 115.20 -70.15
N LEU AA 65 -37.67 114.02 -69.67
CA LEU AA 65 -38.70 113.22 -70.34
C LEU AA 65 -40.07 113.32 -69.69
N TRP AA 66 -40.16 113.32 -68.36
CA TRP AA 66 -41.46 113.36 -67.71
C TRP AA 66 -42.13 114.75 -67.84
N PRO AA 67 -41.43 115.88 -67.72
CA PRO AA 67 -42.03 117.13 -68.20
C PRO AA 67 -42.33 117.13 -69.69
N GLY AA 68 -41.52 116.44 -70.49
CA GLY AA 68 -41.77 116.32 -71.92
C GLY AA 68 -42.74 115.24 -72.32
N TYR AA 69 -43.26 114.48 -71.35
CA TYR AA 69 -44.23 113.44 -71.64
C TYR AA 69 -45.57 114.06 -72.04
N GLY AA 70 -46.30 113.34 -72.89
CA GLY AA 70 -47.60 113.79 -73.32
C GLY AA 70 -48.39 112.67 -73.94
N GLU AA 71 -49.55 113.04 -74.51
CA GLU AA 71 -50.38 112.06 -75.21
C GLU AA 71 -49.77 111.65 -76.55
N ASP AA 72 -48.81 112.42 -77.06
CA ASP AA 72 -48.12 112.11 -78.31
C ASP AA 72 -46.87 111.27 -78.08
N SER AA 73 -46.62 110.84 -76.85
CA SER AA 73 -45.44 110.02 -76.55
C SER AA 73 -45.61 108.61 -77.11
N SER AA 74 -44.56 107.82 -76.97
CA SER AA 74 -44.51 106.49 -77.57
C SER AA 74 -44.52 105.39 -76.51
N ASN AA 75 -44.76 104.17 -76.99
CA ASN AA 75 -44.64 103.00 -76.13
C ASN AA 75 -43.21 102.82 -75.64
N TYR AA 76 -42.23 103.27 -76.41
CA TYR AA 76 -40.85 103.30 -75.94
C TYR AA 76 -40.70 104.26 -74.77
N HIS AA 77 -41.37 105.42 -74.84
CA HIS AA 77 -41.38 106.34 -73.71
C HIS AA 77 -42.02 105.73 -72.47
N VAL AA 78 -43.14 105.02 -72.68
CA VAL AA 78 -43.82 104.36 -71.56
C VAL AA 78 -42.93 103.29 -70.94
N LEU AA 79 -42.26 102.49 -71.79
CA LEU AA 79 -41.37 101.44 -71.31
C LEU AA 79 -40.17 102.02 -70.58
N LEU AA 80 -39.60 103.11 -71.08
CA LEU AA 80 -38.46 103.75 -70.41
C LEU AA 80 -38.88 104.32 -69.05
N ILE AA 81 -40.05 104.94 -68.98
CA ILE AA 81 -40.56 105.47 -67.72
C ILE AA 81 -40.79 104.34 -66.72
N ILE AA 82 -41.37 103.23 -67.19
CA ILE AA 82 -41.63 102.08 -66.33
C ILE AA 82 -40.34 101.44 -65.84
N LEU AA 83 -39.32 101.35 -66.71
CA LEU AA 83 -38.03 100.80 -66.31
C LEU AA 83 -37.35 101.69 -65.27
N ILE AA 84 -37.42 103.02 -65.47
CA ILE AA 84 -36.85 103.95 -64.50
C ILE AA 84 -37.57 103.84 -63.16
N VAL AA 85 -38.89 103.71 -63.19
CA VAL AA 85 -39.68 103.57 -61.96
C VAL AA 85 -39.33 102.26 -61.25
N ASN AA 86 -39.17 101.17 -62.00
CA ASN AA 86 -38.81 99.89 -61.40
C ASN AA 86 -37.42 99.94 -60.78
N ALA AA 87 -36.46 100.58 -61.45
CA ALA AA 87 -35.12 100.73 -60.88
C ALA AA 87 -35.15 101.60 -59.62
N LYS AA 88 -35.94 102.67 -59.65
CA LYS AA 88 -36.03 103.56 -58.49
C LYS AA 88 -36.71 102.85 -57.31
N ARG AA 89 -37.71 102.01 -57.59
CA ARG AA 89 -38.36 101.26 -56.52
C ARG AA 89 -37.45 100.17 -55.97
N ARG AA 90 -36.62 99.55 -56.82
CA ARG AA 90 -35.64 98.59 -56.34
C ARG AA 90 -34.56 99.26 -55.50
N GLU AA 91 -34.21 100.50 -55.84
CA GLU AA 91 -33.27 101.28 -55.05
C GLU AA 91 -33.96 102.08 -53.93
N ARG AA 92 -35.28 101.90 -53.77
CA ARG AA 92 -36.09 102.56 -52.73
C ARG AA 92 -36.05 104.08 -52.88
N VAL AA 93 -36.39 104.55 -54.08
CA VAL AA 93 -36.50 105.97 -54.39
C VAL AA 93 -37.91 106.22 -54.90
N SER AA 94 -38.58 107.22 -54.35
CA SER AA 94 -39.96 107.50 -54.69
C SER AA 94 -40.09 108.08 -56.09
N THR AA 95 -41.22 107.78 -56.73
CA THR AA 95 -41.56 108.27 -58.06
C THR AA 95 -42.87 109.04 -58.11
N TRP AA 96 -43.84 108.66 -57.29
CA TRP AA 96 -45.17 109.26 -57.35
C TRP AA 96 -45.17 110.71 -56.87
N ASP AA 97 -44.21 111.09 -56.03
CA ASP AA 97 -44.08 112.50 -55.65
C ASP AA 97 -43.74 113.37 -56.86
N ILE AA 98 -42.85 112.88 -57.73
CA ILE AA 98 -42.58 113.59 -58.98
C ILE AA 98 -43.76 113.48 -59.93
N PHE AA 99 -44.42 112.31 -59.97
CA PHE AA 99 -45.51 112.10 -60.90
C PHE AA 99 -46.77 112.87 -60.56
N ALA AA 100 -46.91 113.34 -59.32
CA ALA AA 100 -48.14 114.01 -58.89
C ALA AA 100 -48.32 115.40 -59.50
N ASP AA 101 -47.31 115.94 -60.18
CA ASP AA 101 -47.45 117.28 -60.76
C ASP AA 101 -48.39 117.28 -61.96
N ARG AA 102 -48.49 116.15 -62.68
CA ARG AA 102 -49.33 116.03 -63.87
C ARG AA 102 -50.24 114.83 -63.70
N PRO AA 103 -51.40 115.01 -63.06
CA PRO AA 103 -52.28 113.84 -62.82
C PRO AA 103 -52.92 113.31 -64.10
N ALA AA 104 -53.28 114.18 -65.04
CA ALA AA 104 -53.85 113.72 -66.31
C ALA AA 104 -52.81 112.95 -67.13
N ASP AA 105 -51.57 113.43 -67.15
CA ASP AA 105 -50.51 112.71 -67.85
C ASP AA 105 -50.18 111.39 -67.18
N PHE AA 106 -50.23 111.36 -65.84
CA PHE AA 106 -50.03 110.10 -65.12
C PHE AA 106 -51.14 109.11 -65.42
N SER AA 107 -52.39 109.59 -65.50
CA SER AA 107 -53.51 108.73 -65.86
C SER AA 107 -53.37 108.19 -67.28
N ASP AA 108 -52.93 109.04 -68.21
CA ASP AA 108 -52.70 108.61 -69.59
C ASP AA 108 -51.59 107.57 -69.66
N LEU AA 109 -50.51 107.77 -68.89
CA LEU AA 109 -49.42 106.80 -68.84
C LEU AA 109 -49.89 105.46 -68.27
N PHE AA 110 -50.70 105.51 -67.21
CA PHE AA 110 -51.24 104.27 -66.63
C PHE AA 110 -52.16 103.56 -67.62
N ARG AA 111 -53.00 104.32 -68.32
CA ARG AA 111 -53.90 103.73 -69.32
C ARG AA 111 -53.12 103.09 -70.47
N ARG AA 112 -52.05 103.75 -70.93
CA ARG AA 112 -51.23 103.19 -71.98
C ARG AA 112 -50.48 101.94 -71.49
N ALA AA 113 -50.07 101.93 -70.22
CA ALA AA 113 -49.45 100.74 -69.65
C ALA AA 113 -50.43 99.57 -69.61
N LEU AA 114 -51.69 99.83 -69.24
CA LEU AA 114 -52.71 98.79 -69.27
C LEU AA 114 -52.94 98.30 -70.70
N SER AA 115 -52.95 99.23 -71.66
CA SER AA 115 -53.14 98.87 -73.06
C SER AA 115 -52.02 97.97 -73.57
N MET AA 116 -50.78 98.30 -73.23
CA MET AA 116 -49.66 97.49 -73.72
C MET AA 116 -49.49 96.19 -72.92
N THR AA 117 -50.04 96.10 -71.71
CA THR AA 117 -50.11 94.79 -71.05
C THR AA 117 -51.16 93.91 -71.70
N LEU AA 118 -52.29 94.50 -72.11
CA LEU AA 118 -53.28 93.75 -72.87
C LEU AA 118 -52.74 93.32 -74.24
N ASP AA 119 -51.93 94.18 -74.87
CA ASP AA 119 -51.31 93.83 -76.14
C ASP AA 119 -50.26 92.74 -75.92
N SER AA 120 -50.50 91.56 -76.48
CA SER AA 120 -49.59 90.43 -76.34
C SER AA 120 -48.55 90.37 -77.47
N SER AA 121 -48.55 91.35 -78.36
CA SER AA 121 -47.61 91.37 -79.47
C SER AA 121 -46.19 91.70 -79.04
N LEU AA 122 -46.01 92.28 -77.85
CA LEU AA 122 -44.70 92.65 -77.35
C LEU AA 122 -44.16 91.54 -76.44
N SER AA 123 -42.92 91.72 -75.98
CA SER AA 123 -42.18 90.64 -75.35
C SER AA 123 -42.67 90.37 -73.92
N TRP AA 124 -42.53 89.11 -73.52
CA TRP AA 124 -42.95 88.70 -72.19
C TRP AA 124 -42.05 89.29 -71.10
N THR AA 125 -40.79 89.59 -71.42
CA THR AA 125 -39.93 90.27 -70.45
C THR AA 125 -40.41 91.69 -70.19
N ILE AA 126 -40.83 92.41 -71.25
CA ILE AA 126 -41.39 93.74 -71.08
C ILE AA 126 -42.72 93.67 -70.33
N ARG AA 127 -43.53 92.65 -70.64
CA ARG AA 127 -44.76 92.43 -69.88
C ARG AA 127 -44.48 92.17 -68.40
N THR AA 128 -43.41 91.42 -68.12
CA THR AA 128 -42.99 91.17 -66.74
C THR AA 128 -42.56 92.45 -66.03
N HIS AA 129 -41.80 93.31 -66.73
CA HIS AA 129 -41.37 94.57 -66.15
C HIS AA 129 -42.55 95.49 -65.84
N VAL AA 130 -43.50 95.58 -66.77
CA VAL AA 130 -44.68 96.43 -66.52
C VAL AA 130 -45.58 95.81 -65.46
N LEU AA 131 -45.64 94.49 -65.36
CA LEU AA 131 -46.37 93.85 -64.28
C LEU AA 131 -45.71 94.12 -62.94
N LEU AA 132 -44.38 94.19 -62.90
CA LEU AA 132 -43.68 94.60 -61.69
C LEU AA 132 -43.98 96.04 -61.34
N PHE AA 133 -44.11 96.90 -62.36
CA PHE AA 133 -44.53 98.28 -62.14
C PHE AA 133 -45.95 98.35 -61.55
N ILE AA 134 -46.84 97.50 -62.04
CA ILE AA 134 -48.21 97.43 -61.51
C ILE AA 134 -48.18 96.96 -60.06
N ILE AA 135 -47.31 95.99 -59.76
CA ILE AA 135 -47.13 95.51 -58.39
C ILE AA 135 -46.64 96.64 -57.49
N HIS AA 136 -45.67 97.43 -57.98
CA HIS AA 136 -45.15 98.56 -57.22
C HIS AA 136 -46.23 99.62 -56.97
N ALA AA 137 -47.06 99.89 -57.98
CA ALA AA 137 -48.15 100.84 -57.81
C ALA AA 137 -49.19 100.34 -56.79
N PHE AA 138 -49.53 99.05 -56.87
CA PHE AA 138 -50.49 98.49 -55.91
C PHE AA 138 -49.92 98.43 -54.50
N GLN AA 139 -48.61 98.28 -54.37
CA GLN AA 139 -47.97 98.41 -53.06
C GLN AA 139 -47.95 99.85 -52.57
N SER AA 140 -47.82 100.81 -53.49
CA SER AA 140 -47.83 102.23 -53.17
C SER AA 140 -49.17 102.87 -53.49
N LEU AA 141 -50.26 102.13 -53.26
CA LEU AA 141 -51.63 102.63 -53.44
C LEU AA 141 -52.01 103.76 -52.48
N ASP AA 142 -51.13 104.15 -51.55
CA ASP AA 142 -51.45 105.23 -50.62
C ASP AA 142 -51.60 106.58 -51.34
N TYR AA 143 -50.97 106.73 -52.50
CA TYR AA 143 -51.11 107.95 -53.27
C TYR AA 143 -52.50 108.04 -53.88
N ALA AA 144 -53.06 109.26 -53.89
CA ALA AA 144 -54.43 109.46 -54.34
C ALA AA 144 -54.59 109.19 -55.83
N ILE AA 145 -53.61 109.59 -56.64
CA ILE AA 145 -53.69 109.36 -58.09
C ILE AA 145 -53.60 107.87 -58.40
N VAL AA 146 -52.73 107.14 -57.69
CA VAL AA 146 -52.61 105.70 -57.90
C VAL AA 146 -53.88 104.98 -57.46
N ARG AA 147 -54.46 105.41 -56.34
CA ARG AA 147 -55.71 104.81 -55.86
C ARG AA 147 -56.84 105.07 -56.83
N LYS AA 148 -56.93 106.30 -57.37
CA LYS AA 148 -57.96 106.63 -58.35
C LYS AA 148 -57.77 105.83 -59.64
N GLU AA 149 -56.52 105.63 -60.08
CA GLU AA 149 -56.29 104.86 -61.29
C GLU AA 149 -56.56 103.37 -61.09
N CYS AA 150 -56.32 102.85 -59.89
CA CYS AA 150 -56.49 101.42 -59.66
C CYS AA 150 -57.87 101.03 -59.14
N ALA AA 151 -58.70 102.01 -58.74
CA ALA AA 151 -60.04 101.68 -58.26
C ALA AA 151 -60.94 101.03 -59.32
N PRO AA 152 -61.05 101.52 -60.56
CA PRO AA 152 -61.83 100.76 -61.56
C PRO AA 152 -61.22 99.43 -61.94
N LEU AA 153 -59.91 99.24 -61.72
CA LEU AA 153 -59.29 97.94 -61.96
C LEU AA 153 -59.81 96.89 -60.99
N VAL AA 154 -59.96 97.25 -59.72
CA VAL AA 154 -60.37 96.32 -58.68
C VAL AA 154 -61.80 96.59 -58.21
N SER AA 155 -62.58 97.29 -59.03
CA SER AA 155 -63.97 97.57 -58.69
C SER AA 155 -64.85 96.34 -58.92
N ILE AA 156 -66.17 96.54 -58.91
CA ILE AA 156 -67.13 95.44 -58.97
C ILE AA 156 -67.42 95.17 -60.46
N SER AA 157 -66.66 95.83 -61.33
CA SER AA 157 -66.71 95.51 -62.76
C SER AA 157 -66.18 94.11 -63.06
N ILE AA 158 -65.32 93.55 -62.20
CA ILE AA 158 -64.95 92.15 -62.41
C ILE AA 158 -66.09 91.23 -61.97
N TRP AA 159 -66.93 91.68 -61.03
CA TRP AA 159 -68.14 90.93 -60.74
C TRP AA 159 -69.17 91.07 -61.86
N HIS AA 160 -69.12 92.19 -62.58
CA HIS AA 160 -69.82 92.27 -63.87
C HIS AA 160 -69.27 91.22 -64.84
N ASN AA 161 -67.95 91.04 -64.85
CA ASN AA 161 -67.32 90.02 -65.70
C ASN AA 161 -67.53 88.60 -65.20
N LEU AA 162 -68.06 88.40 -63.99
CA LEU AA 162 -68.27 87.05 -63.48
C LEU AA 162 -69.27 86.30 -64.35
N SER AA 163 -69.01 84.99 -64.52
CA SER AA 163 -69.72 84.21 -65.50
C SER AA 163 -71.16 83.92 -65.07
N THR AA 164 -71.35 83.56 -63.80
CA THR AA 164 -72.63 83.07 -63.31
C THR AA 164 -73.45 84.22 -62.73
N GLU AA 165 -74.47 84.65 -63.47
CA GLU AA 165 -75.37 85.69 -62.98
C GLU AA 165 -76.17 85.21 -61.76
N GLU AA 166 -76.47 83.91 -61.70
CA GLU AA 166 -77.17 83.37 -60.53
C GLU AA 166 -76.32 83.44 -59.28
N LYS AA 167 -75.03 83.09 -59.39
CA LYS AA 167 -74.11 83.21 -58.26
C LYS AA 167 -73.91 84.66 -57.88
N ARG AA 168 -73.82 85.55 -58.87
CA ARG AA 168 -73.70 86.98 -58.59
C ARG AA 168 -74.92 87.51 -57.85
N GLU AA 169 -76.13 87.12 -58.28
CA GLU AA 169 -77.34 87.56 -57.61
C GLU AA 169 -77.47 86.94 -56.22
N ALA AA 170 -76.97 85.71 -56.05
CA ALA AA 170 -76.96 85.11 -54.72
C ALA AA 170 -76.05 85.89 -53.77
N LEU AA 171 -74.88 86.32 -54.26
CA LEU AA 171 -73.99 87.15 -53.44
C LEU AA 171 -74.63 88.50 -53.12
N LEU AA 172 -75.29 89.11 -54.12
CA LEU AA 172 -75.93 90.41 -53.91
C LEU AA 172 -77.11 90.30 -52.95
N ASP AA 173 -77.82 89.17 -52.95
CA ASP AA 173 -78.89 88.96 -51.98
C ASP AA 173 -78.36 88.63 -50.60
N SER AA 174 -77.21 87.94 -50.52
CA SER AA 174 -76.60 87.65 -49.23
C SER AA 174 -76.10 88.92 -48.56
N ASN AA 175 -75.50 89.83 -49.32
CA ASN AA 175 -75.01 91.09 -48.76
C ASN AA 175 -75.75 92.27 -49.36
N PRO AA 176 -76.66 92.92 -48.62
CA PRO AA 176 -77.33 94.12 -49.15
C PRO AA 176 -76.39 95.29 -49.38
N HIS AA 177 -75.27 95.37 -48.67
CA HIS AA 177 -74.27 96.39 -48.96
C HIS AA 177 -73.64 96.16 -50.32
N LEU AA 178 -73.40 94.90 -50.68
CA LEU AA 178 -72.94 94.56 -52.03
C LEU AA 178 -74.00 94.94 -53.06
N ARG AA 179 -75.28 94.76 -52.72
CA ARG AA 179 -76.35 95.16 -53.62
C ARG AA 179 -76.38 96.67 -53.82
N LYS AA 180 -76.15 97.44 -52.75
CA LYS AA 180 -76.11 98.90 -52.88
C LYS AA 180 -74.90 99.35 -53.70
N ALA AA 181 -73.74 98.72 -53.49
CA ALA AA 181 -72.57 99.04 -54.29
C ALA AA 181 -72.78 98.68 -55.75
N TRP AA 182 -73.42 97.54 -56.01
CA TRP AA 182 -73.76 97.13 -57.37
C TRP AA 182 -74.71 98.13 -58.03
N ARG AA 183 -75.72 98.59 -57.29
CA ARG AA 183 -76.67 99.55 -57.84
C ARG AA 183 -76.02 100.89 -58.13
N ALA AA 184 -75.14 101.35 -57.23
CA ALA AA 184 -74.43 102.61 -57.47
C ALA AA 184 -73.49 102.51 -58.67
N ALA AA 185 -72.77 101.38 -58.77
CA ALA AA 185 -71.86 101.20 -59.90
C ALA AA 185 -72.62 101.06 -61.22
N THR AA 186 -73.78 100.40 -61.19
CA THR AA 186 -74.59 100.27 -62.39
C THR AA 186 -75.18 101.62 -62.80
N LYS AA 187 -75.57 102.44 -61.82
CA LYS AA 187 -76.06 103.78 -62.11
C LYS AA 187 -74.97 104.65 -62.72
N ARG AA 188 -73.74 104.56 -62.19
CA ARG AA 188 -72.63 105.31 -62.78
C ARG AA 188 -72.28 104.77 -64.16
N PHE AA 189 -72.39 103.46 -64.36
CA PHE AA 189 -72.13 102.84 -65.65
C PHE AA 189 -73.14 103.29 -66.70
N GLU AA 190 -74.42 103.39 -66.31
CA GLU AA 190 -75.45 103.82 -67.25
C GLU AA 190 -75.37 105.31 -67.52
N SER AA 191 -75.14 106.13 -66.49
CA SER AA 191 -75.04 107.57 -66.68
C SER AA 191 -73.70 108.01 -67.26
N ALA AA 192 -72.73 107.09 -67.36
CA ALA AA 192 -71.44 107.41 -67.94
C ALA AA 192 -71.56 107.67 -69.44
N ASP AA 193 -70.71 108.56 -69.94
CA ASP AA 193 -70.67 108.86 -71.36
C ASP AA 193 -69.91 107.76 -72.09
N ASP AA 194 -69.72 107.92 -73.40
CA ASP AA 194 -69.10 106.86 -74.19
C ASP AA 194 -67.62 106.71 -73.87
N ALA AA 195 -66.96 107.79 -73.46
CA ALA AA 195 -65.54 107.72 -73.13
C ALA AA 195 -65.30 106.93 -71.84
N THR AA 196 -66.03 107.28 -70.77
CA THR AA 196 -65.84 106.61 -69.49
C THR AA 196 -66.45 105.21 -69.46
N LYS AA 197 -67.47 104.96 -70.27
CA LYS AA 197 -67.92 103.58 -70.51
C LYS AA 197 -66.79 102.74 -71.07
N ALA AA 198 -66.07 103.28 -72.05
CA ALA AA 198 -64.90 102.60 -72.59
C ALA AA 198 -63.79 102.48 -71.55
N ARG AA 199 -63.66 103.47 -70.67
CA ARG AA 199 -62.65 103.40 -69.61
C ARG AA 199 -62.92 102.23 -68.66
N LEU AA 200 -64.16 102.14 -68.17
CA LEU AA 200 -64.52 101.07 -67.23
C LEU AA 200 -64.47 99.70 -67.91
N ARG AA 201 -64.98 99.61 -69.14
CA ARG AA 201 -64.92 98.35 -69.88
C ARG AA 201 -63.49 97.93 -70.15
N PHE AA 202 -62.62 98.89 -70.48
CA PHE AA 202 -61.22 98.60 -70.73
C PHE AA 202 -60.51 98.15 -69.46
N ASP AA 203 -60.83 98.76 -68.31
CA ASP AA 203 -60.21 98.33 -67.06
C ASP AA 203 -60.62 96.92 -66.68
N ARG AA 204 -61.93 96.62 -66.76
CA ARG AA 204 -62.40 95.30 -66.39
C ARG AA 204 -61.93 94.24 -67.40
N ALA AA 205 -61.86 94.61 -68.68
CA ALA AA 205 -61.30 93.70 -69.68
C ALA AA 205 -59.80 93.53 -69.49
N TRP AA 206 -59.11 94.55 -68.99
CA TRP AA 206 -57.69 94.43 -68.68
C TRP AA 206 -57.47 93.38 -67.62
N LEU AA 207 -58.23 93.45 -66.52
CA LEU AA 207 -58.03 92.46 -65.45
C LEU AA 207 -58.45 91.06 -65.91
N TYR AA 208 -59.61 90.95 -66.57
CA TYR AA 208 -60.12 89.64 -66.97
C TYR AA 208 -59.23 89.00 -68.03
N SER AA 209 -58.85 89.74 -69.07
CA SER AA 209 -57.98 89.22 -70.10
C SER AA 209 -56.54 89.07 -69.64
N LEU AA 210 -56.12 89.78 -68.59
CA LEU AA 210 -54.81 89.53 -68.02
C LEU AA 210 -54.78 88.19 -67.30
N VAL AA 211 -55.85 87.87 -66.55
CA VAL AA 211 -55.98 86.55 -65.95
C VAL AA 211 -56.05 85.47 -67.03
N LEU AA 212 -56.82 85.74 -68.09
CA LEU AA 212 -56.95 84.77 -69.19
C LEU AA 212 -55.62 84.56 -69.92
N ASP AA 213 -54.86 85.63 -70.14
CA ASP AA 213 -53.57 85.50 -70.80
C ASP AA 213 -52.53 84.83 -69.91
N PHE AA 214 -52.62 85.06 -68.59
CA PHE AA 214 -51.75 84.33 -67.67
C PHE AA 214 -52.03 82.83 -67.71
N LEU AA 215 -53.32 82.45 -67.74
CA LEU AA 215 -53.65 81.03 -67.88
C LEU AA 215 -53.27 80.50 -69.26
N THR AA 216 -53.34 81.34 -70.29
CA THR AA 216 -52.93 80.96 -71.64
C THR AA 216 -51.44 80.67 -71.68
N LEU AA 217 -50.63 81.50 -71.04
CA LEU AA 217 -49.19 81.24 -70.96
C LEU AA 217 -48.91 80.04 -70.07
N LEU AA 218 -49.74 79.80 -69.06
CA LEU AA 218 -49.59 78.61 -68.21
C LEU AA 218 -49.80 77.34 -69.02
N TYR AA 219 -50.85 77.30 -69.84
CA TYR AA 219 -51.20 76.11 -70.59
C TYR AA 219 -50.63 76.09 -72.01
N SER AA 220 -49.81 77.08 -72.36
CA SER AA 220 -49.22 77.11 -73.70
C SER AA 220 -48.16 76.02 -73.85
N GLY AA 221 -47.37 75.77 -72.81
CA GLY AA 221 -46.30 74.81 -72.87
C GLY AA 221 -45.03 75.39 -73.49
N ASN AA 222 -43.95 74.61 -73.33
CA ASN AA 222 -42.61 74.98 -73.79
C ASN AA 222 -42.18 76.33 -73.22
N ALA AA 223 -42.42 76.51 -71.92
CA ALA AA 223 -42.12 77.77 -71.28
C ALA AA 223 -40.63 78.00 -71.15
N LYS AA 224 -40.22 79.25 -71.27
CA LYS AA 224 -38.83 79.66 -71.15
C LYS AA 224 -38.62 80.45 -69.87
N GLN AA 225 -37.43 81.02 -69.72
CA GLN AA 225 -37.07 81.74 -68.49
C GLN AA 225 -37.95 82.98 -68.31
N GLU AA 226 -38.22 83.72 -69.39
CA GLU AA 226 -39.08 84.89 -69.27
C GLU AA 226 -40.53 84.49 -68.99
N HIS AA 227 -40.98 83.35 -69.52
CA HIS AA 227 -42.32 82.85 -69.17
C HIS AA 227 -42.41 82.48 -67.69
N VAL AA 228 -41.37 81.83 -67.17
CA VAL AA 228 -41.33 81.47 -65.75
C VAL AA 228 -41.32 82.72 -64.88
N LEU AA 229 -40.53 83.73 -65.28
CA LEU AA 229 -40.46 84.98 -64.53
C LEU AA 229 -41.80 85.72 -64.56
N TYR AA 230 -42.47 85.73 -65.72
CA TYR AA 230 -43.77 86.38 -65.82
C TYR AA 230 -44.82 85.65 -64.97
N CYS AA 231 -44.78 84.31 -64.97
CA CYS AA 231 -45.71 83.56 -64.14
C CYS AA 231 -45.46 83.80 -62.65
N GLU AA 232 -44.18 83.86 -62.25
CA GLU AA 232 -43.86 84.14 -60.85
C GLU AA 232 -44.29 85.54 -60.44
N ARG AA 233 -44.10 86.52 -61.33
CA ARG AA 233 -44.52 87.88 -61.03
C ARG AA 233 -46.05 88.00 -61.01
N PHE AA 234 -46.75 87.22 -61.83
CA PHE AA 234 -48.21 87.23 -61.79
C PHE AA 234 -48.72 86.60 -60.50
N VAL AA 235 -48.08 85.52 -60.05
CA VAL AA 235 -48.45 84.91 -58.78
C VAL AA 235 -48.16 85.87 -57.63
N GLU AA 236 -47.06 86.62 -57.70
CA GLU AA 236 -46.76 87.64 -56.70
C GLU AA 236 -47.78 88.77 -56.73
N PHE AA 237 -48.24 89.16 -57.93
CA PHE AA 237 -49.26 90.20 -58.05
C PHE AA 237 -50.58 89.76 -57.45
N LEU AA 238 -50.99 88.52 -57.73
CA LEU AA 238 -52.21 87.99 -57.12
C LEU AA 238 -52.06 87.80 -55.62
N THR AA 239 -50.85 87.47 -55.16
CA THR AA 239 -50.57 87.37 -53.73
C THR AA 239 -50.72 88.73 -53.06
N ASP AA 240 -50.20 89.79 -53.67
CA ASP AA 240 -50.36 91.14 -53.13
C ASP AA 240 -51.83 91.57 -53.14
N LEU AA 241 -52.56 91.21 -54.21
CA LEU AA 241 -53.99 91.53 -54.28
C LEU AA 241 -54.78 90.83 -53.18
N GLN AA 242 -54.46 89.56 -52.92
CA GLN AA 242 -55.13 88.83 -51.85
C GLN AA 242 -54.66 89.25 -50.46
N SER AA 243 -53.47 89.85 -50.36
CA SER AA 243 -52.95 90.29 -49.06
C SER AA 243 -53.43 91.68 -48.69
N GLN AA 244 -53.78 92.52 -49.66
CA GLN AA 244 -54.35 93.82 -49.35
C GLN AA 244 -55.87 93.74 -49.30
N LEU AA 245 -56.46 94.56 -48.42
CA LEU AA 245 -57.86 94.35 -48.04
C LEU AA 245 -58.87 94.75 -49.13
N PRO AA 246 -58.94 96.02 -49.58
CA PRO AA 246 -60.14 96.42 -50.34
C PRO AA 246 -60.23 95.82 -51.73
N THR AA 247 -59.11 95.55 -52.38
CA THR AA 247 -59.15 94.90 -53.69
C THR AA 247 -59.56 93.44 -53.59
N ARG AA 248 -59.20 92.79 -52.48
CA ARG AA 248 -59.50 91.38 -52.29
C ARG AA 248 -61.00 91.10 -52.33
N ARG AA 249 -61.81 92.09 -51.93
CA ARG AA 249 -63.26 91.97 -51.78
C ARG AA 249 -63.94 91.51 -53.07
N TYR AA 250 -63.36 91.81 -54.22
CA TYR AA 250 -63.82 91.26 -55.49
C TYR AA 250 -62.77 90.43 -56.20
N VAL AA 251 -61.46 90.67 -55.96
CA VAL AA 251 -60.41 89.91 -56.62
C VAL AA 251 -60.45 88.45 -56.19
N ASN AA 252 -60.67 88.18 -54.89
CA ASN AA 252 -60.69 86.81 -54.40
C ASN AA 252 -61.85 86.03 -55.00
N THR AA 253 -63.03 86.66 -55.08
CA THR AA 253 -64.19 86.00 -55.70
C THR AA 253 -63.96 85.76 -57.19
N LEU AA 254 -63.37 86.73 -57.89
CA LEU AA 254 -63.09 86.57 -59.32
C LEU AA 254 -62.10 85.43 -59.56
N LEU AA 255 -61.03 85.37 -58.75
CA LEU AA 255 -60.02 84.33 -58.95
C LEU AA 255 -60.55 82.96 -58.56
N GLN AA 256 -61.40 82.89 -57.53
CA GLN AA 256 -61.99 81.61 -57.14
C GLN AA 256 -63.01 81.13 -58.17
N ASP AA 257 -63.72 82.04 -58.83
CA ASP AA 257 -64.63 81.64 -59.89
C ASP AA 257 -63.86 81.23 -61.15
N LEU AA 258 -62.77 81.92 -61.44
CA LEU AA 258 -61.97 81.61 -62.62
C LEU AA 258 -61.05 80.41 -62.43
N HIS AA 259 -60.87 79.94 -61.19
CA HIS AA 259 -60.08 78.75 -60.87
C HIS AA 259 -58.63 78.90 -61.34
N VAL AA 260 -57.99 80.00 -60.93
CA VAL AA 260 -56.61 80.24 -61.30
C VAL AA 260 -55.67 79.28 -60.58
N LEU AA 261 -55.98 78.96 -59.32
CA LEU AA 261 -55.14 78.04 -58.56
C LEU AA 261 -55.11 76.61 -59.11
N PRO AA 262 -56.23 75.96 -59.48
CA PRO AA 262 -56.09 74.64 -60.13
C PRO AA 262 -55.43 74.69 -61.48
N ALA AA 263 -55.63 75.77 -62.25
CA ALA AA 263 -54.93 75.93 -63.52
C ALA AA 263 -53.43 76.06 -63.31
N LEU AA 264 -53.03 76.76 -62.24
CA LEU AA 264 -51.62 76.81 -61.86
C LEU AA 264 -51.10 75.42 -61.49
N SER AA 265 -51.82 74.73 -60.61
CA SER AA 265 -51.35 73.44 -60.10
C SER AA 265 -51.31 72.36 -61.18
N LEU AA 266 -52.11 72.48 -62.23
CA LEU AA 266 -52.03 71.56 -63.35
C LEU AA 266 -51.26 72.14 -64.54
N SER AA 267 -50.75 73.35 -64.43
CA SER AA 267 -49.94 73.92 -65.50
C SER AA 267 -48.56 73.26 -65.51
N PRO AA 268 -48.00 72.99 -66.69
CA PRO AA 268 -46.67 72.34 -66.76
C PRO AA 268 -45.54 73.22 -66.26
N ILE AA 269 -45.71 74.54 -66.22
CA ILE AA 269 -44.68 75.43 -65.69
C ILE AA 269 -44.51 75.21 -64.19
N TYR AA 270 -45.63 75.12 -63.48
CA TYR AA 270 -45.59 74.79 -62.05
C TYR AA 270 -45.14 73.35 -61.83
N ASN AA 271 -45.47 72.44 -62.76
CA ASN AA 271 -45.05 71.06 -62.65
C ASN AA 271 -43.57 70.86 -62.95
N ASP AA 272 -42.90 71.88 -63.48
CA ASP AA 272 -41.46 71.78 -63.73
C ASP AA 272 -40.69 71.72 -62.42
N GLU AA 273 -39.67 70.87 -62.37
CA GLU AA 273 -38.92 70.67 -61.14
C GLU AA 273 -38.06 71.88 -60.78
N GLY AA 274 -37.65 72.67 -61.78
CA GLY AA 274 -36.83 73.84 -61.51
C GLY AA 274 -37.58 75.01 -60.92
N ASN AA 275 -38.91 75.00 -61.00
CA ASN AA 275 -39.72 76.10 -60.50
C ASN AA 275 -40.19 75.87 -59.07
N GLY AA 276 -39.25 75.55 -58.18
CA GLY AA 276 -39.57 75.46 -56.76
C GLY AA 276 -39.93 76.79 -56.16
N LEU AA 277 -39.31 77.87 -56.64
CA LEU AA 277 -39.72 79.22 -56.23
C LEU AA 277 -41.15 79.51 -56.66
N LEU AA 278 -41.53 79.10 -57.87
CA LEU AA 278 -42.91 79.25 -58.32
C LEU AA 278 -43.86 78.40 -57.48
N ARG AA 279 -43.41 77.19 -57.08
CA ARG AA 279 -44.23 76.36 -56.22
C ARG AA 279 -44.47 76.98 -54.85
N GLU AA 280 -43.42 77.56 -54.26
CA GLU AA 280 -43.56 78.23 -52.97
C GLU AA 280 -44.43 79.48 -53.08
N LEU AA 281 -44.29 80.22 -54.18
CA LEU AA 281 -45.14 81.38 -54.43
C LEU AA 281 -46.60 80.96 -54.59
N CYS AA 282 -46.84 79.83 -55.26
CA CYS AA 282 -48.20 79.33 -55.41
C CYS AA 282 -48.77 78.88 -54.07
N ASN AA 283 -47.94 78.30 -53.21
CA ASN AA 283 -48.40 77.94 -51.86
C ASN AA 283 -48.75 79.18 -51.04
N LEU AA 284 -47.93 80.23 -51.15
CA LEU AA 284 -48.22 81.48 -50.45
C LEU AA 284 -49.51 82.12 -50.98
N PHE AA 285 -49.71 82.06 -52.30
CA PHE AA 285 -50.95 82.58 -52.89
C PHE AA 285 -52.15 81.74 -52.49
N THR AA 286 -51.98 80.43 -52.34
CA THR AA 286 -53.07 79.58 -51.85
C THR AA 286 -53.45 79.93 -50.42
N HIS AA 287 -52.46 80.16 -49.57
CA HIS AA 287 -52.72 80.58 -48.19
C HIS AA 287 -53.42 81.93 -48.15
N TYR AA 288 -52.95 82.89 -48.94
CA TYR AA 288 -53.57 84.21 -48.94
C TYR AA 288 -54.92 84.22 -49.64
N THR AA 289 -55.20 83.22 -50.47
CA THR AA 289 -56.54 83.07 -51.03
C THR AA 289 -57.49 82.49 -50.00
N TYR AA 290 -57.16 81.33 -49.45
CA TYR AA 290 -57.97 80.73 -48.39
C TYR AA 290 -57.47 81.13 -47.00
N PHE AA 291 -57.25 82.42 -46.81
CA PHE AA 291 -56.96 82.96 -45.49
C PHE AA 291 -58.24 83.02 -44.65
N ALA AA 292 -58.05 83.03 -43.33
CA ALA AA 292 -59.16 83.13 -42.38
C ALA AA 292 -59.52 84.60 -42.17
N VAL AA 293 -60.10 85.18 -43.21
CA VAL AA 293 -60.56 86.57 -43.20
C VAL AA 293 -61.92 86.63 -43.87
N ASP AA 294 -62.78 87.53 -43.41
CA ASP AA 294 -64.11 87.68 -43.99
C ASP AA 294 -64.01 88.22 -45.41
N ASP AA 295 -64.87 87.70 -46.29
CA ASP AA 295 -64.83 88.07 -47.70
C ASP AA 295 -65.36 89.47 -47.95
N GLN AA 296 -66.25 89.99 -47.10
CA GLN AA 296 -66.79 91.33 -47.30
C GLN AA 296 -66.52 92.27 -46.14
N SER AA 297 -66.85 91.88 -44.91
CA SER AA 297 -66.71 92.79 -43.78
C SER AA 297 -65.27 92.95 -43.33
N GLY AA 298 -64.42 91.95 -43.55
CA GLY AA 298 -63.05 92.01 -43.09
C GLY AA 298 -62.84 91.65 -41.64
N VAL AA 299 -63.90 91.24 -40.93
CA VAL AA 299 -63.76 90.82 -39.55
C VAL AA 299 -63.02 89.49 -39.49
N GLN AA 300 -62.07 89.38 -38.57
CA GLN AA 300 -61.28 88.17 -38.43
C GLN AA 300 -62.15 87.01 -37.96
N LEU AA 301 -62.24 85.98 -38.79
CA LEU AA 301 -63.02 84.79 -38.49
C LEU AA 301 -62.11 83.66 -38.03
N SER AA 302 -62.57 82.92 -37.03
CA SER AA 302 -61.74 81.92 -36.36
C SER AA 302 -61.93 80.55 -37.03
N ARG AA 303 -61.40 79.52 -36.36
CA ARG AA 303 -61.48 78.15 -36.89
C ARG AA 303 -62.92 77.68 -36.97
N GLU AA 304 -63.72 77.99 -35.95
CA GLU AA 304 -65.11 77.54 -35.93
C GLU AA 304 -65.93 78.16 -37.06
N GLN AA 305 -65.76 79.47 -37.28
CA GLN AA 305 -66.50 80.12 -38.37
C GLN AA 305 -65.98 79.69 -39.73
N ALA AA 306 -64.66 79.50 -39.86
CA ALA AA 306 -64.08 79.02 -41.11
C ALA AA 306 -64.62 77.64 -41.48
N TYR AA 307 -64.62 76.73 -40.51
CA TYR AA 307 -65.11 75.40 -40.80
C TYR AA 307 -66.63 75.33 -40.86
N ASP AA 308 -67.35 76.30 -40.27
CA ASP AA 308 -68.79 76.36 -40.48
C ASP AA 308 -69.12 76.81 -41.90
N ARG AA 309 -68.36 77.78 -42.43
CA ARG AA 309 -68.51 78.15 -43.83
C ARG AA 309 -68.16 76.99 -44.75
N HIS AA 310 -67.09 76.26 -44.42
CA HIS AA 310 -66.72 75.07 -45.18
C HIS AA 310 -67.80 74.00 -45.08
N CYS AA 311 -68.42 73.85 -43.91
CA CYS AA 311 -69.49 72.87 -43.74
C CYS AA 311 -70.71 73.25 -44.55
N ALA AA 312 -71.04 74.54 -44.63
CA ALA AA 312 -72.15 74.98 -45.47
C ALA AA 312 -71.85 74.73 -46.95
N ILE AA 313 -70.60 74.97 -47.37
CA ILE AA 313 -70.22 74.71 -48.75
C ILE AA 313 -70.31 73.23 -49.08
N LEU AA 314 -69.81 72.38 -48.17
CA LEU AA 314 -69.87 70.95 -48.39
C LEU AA 314 -71.30 70.42 -48.25
N ALA AA 315 -72.15 71.10 -47.47
CA ALA AA 315 -73.55 70.72 -47.39
C ALA AA 315 -74.27 71.00 -48.71
N LYS AA 316 -74.00 72.16 -49.31
CA LYS AA 316 -74.52 72.42 -50.66
C LYS AA 316 -73.98 71.42 -51.66
N LEU AA 317 -72.69 71.06 -51.52
CA LEU AA 317 -72.08 70.05 -52.38
C LEU AA 317 -72.81 68.72 -52.31
N GLN AA 318 -72.98 68.20 -51.08
CA GLN AA 318 -73.60 66.88 -50.94
C GLN AA 318 -75.08 66.93 -51.29
N ARG AA 319 -75.76 68.05 -50.99
CA ARG AA 319 -77.19 68.16 -51.28
C ARG AA 319 -77.45 68.16 -52.78
N ILE AA 320 -76.68 68.95 -53.53
CA ILE AA 320 -76.85 68.97 -54.99
C ILE AA 320 -76.42 67.64 -55.60
N ALA AA 321 -75.36 67.04 -55.04
CA ALA AA 321 -74.87 65.76 -55.56
C ALA AA 321 -75.90 64.65 -55.40
N MET AA 322 -76.55 64.57 -54.25
CA MET AA 322 -77.57 63.55 -54.05
C MET AA 322 -78.92 63.94 -54.63
N LYS AA 323 -79.11 65.22 -54.96
CA LYS AA 323 -80.34 65.61 -55.66
C LYS AA 323 -80.28 65.24 -57.13
N HIS AA 324 -79.10 65.34 -57.76
CA HIS AA 324 -79.01 65.14 -59.20
C HIS AA 324 -78.36 63.83 -59.61
N PHE AA 325 -77.48 63.26 -58.79
CA PHE AA 325 -76.74 62.04 -59.13
C PHE AA 325 -76.76 61.07 -57.96
N LYS AA 326 -77.96 60.81 -57.43
CA LYS AA 326 -78.13 59.95 -56.27
C LYS AA 326 -77.68 58.52 -56.55
N GLU AA 327 -77.95 58.02 -57.75
CA GLU AA 327 -77.66 56.63 -58.09
C GLU AA 327 -76.17 56.33 -58.12
N LYS AA 328 -75.32 57.32 -58.36
CA LYS AA 328 -73.87 57.10 -58.39
C LYS AA 328 -73.12 57.77 -57.26
N LEU AA 329 -73.58 58.92 -56.77
CA LEU AA 329 -72.93 59.62 -55.67
C LEU AA 329 -73.58 59.32 -54.34
N THR AA 330 -74.20 58.15 -54.20
CA THR AA 330 -74.65 57.69 -52.89
C THR AA 330 -73.47 57.51 -51.95
N VAL AA 331 -72.37 56.96 -52.45
CA VAL AA 331 -71.15 56.83 -51.66
C VAL AA 331 -70.56 58.20 -51.33
N LEU AA 332 -70.68 59.16 -52.25
CA LEU AA 332 -70.21 60.52 -51.98
C LEU AA 332 -71.04 61.17 -50.87
N ALA AA 333 -72.35 60.94 -50.88
CA ALA AA 333 -73.19 61.45 -49.78
C ALA AA 333 -72.89 60.73 -48.47
N LEU AA 334 -72.52 59.44 -48.55
CA LEU AA 334 -72.10 58.71 -47.36
C LEU AA 334 -70.82 59.30 -46.78
N SER AA 335 -69.87 59.63 -47.64
CA SER AA 335 -68.57 60.14 -47.23
C SER AA 335 -68.76 61.52 -46.62
N ASN AA 336 -68.47 61.65 -45.32
CA ASN AA 336 -68.72 62.87 -44.59
C ASN AA 336 -67.62 63.90 -44.88
N TYR AA 337 -67.66 65.01 -44.14
CA TYR AA 337 -66.82 66.16 -44.49
C TYR AA 337 -65.35 65.90 -44.22
N GLY AA 338 -65.05 65.21 -43.12
CA GLY AA 338 -63.70 64.77 -42.85
C GLY AA 338 -63.23 63.63 -43.71
N SER AA 339 -64.12 63.04 -44.51
CA SER AA 339 -63.76 62.02 -45.48
C SER AA 339 -63.89 62.51 -46.92
N ILE AA 340 -64.22 63.78 -47.13
CA ILE AA 340 -64.16 64.39 -48.46
C ILE AA 340 -63.20 65.57 -48.52
N ASP AA 341 -62.75 66.09 -47.39
CA ASP AA 341 -61.75 67.16 -47.42
C ASP AA 341 -60.42 66.67 -47.97
N LYS AA 342 -60.08 65.41 -47.70
CA LYS AA 342 -58.88 64.81 -48.29
C LYS AA 342 -59.10 64.54 -49.77
N ARG AA 343 -58.05 64.80 -50.57
CA ARG AA 343 -58.17 64.61 -52.01
C ARG AA 343 -58.19 63.14 -52.40
N SER AA 344 -57.44 62.30 -51.68
CA SER AA 344 -57.34 60.89 -52.05
C SER AA 344 -58.65 60.15 -51.80
N GLU AA 345 -59.41 60.55 -50.78
CA GLU AA 345 -60.70 59.92 -50.52
C GLU AA 345 -61.77 60.41 -51.48
N LEU AA 346 -61.72 61.68 -51.86
CA LEU AA 346 -62.71 62.24 -52.78
C LEU AA 346 -62.45 61.85 -54.22
N GLU AA 347 -61.21 61.44 -54.55
CA GLU AA 347 -60.86 61.12 -55.93
C GLU AA 347 -61.65 59.97 -56.55
N PRO AA 348 -61.77 58.77 -55.94
CA PRO AA 348 -62.50 57.68 -56.62
C PRO AA 348 -63.98 57.97 -56.86
N LEU AA 349 -64.60 58.81 -56.04
CA LEU AA 349 -65.94 59.29 -56.36
C LEU AA 349 -65.94 60.11 -57.63
N LEU AA 350 -64.87 60.89 -57.85
CA LEU AA 350 -64.77 61.69 -59.07
C LEU AA 350 -64.48 60.83 -60.30
N GLN AA 351 -63.72 59.74 -60.16
CA GLN AA 351 -63.65 58.83 -61.30
C GLN AA 351 -64.93 58.03 -61.51
N ALA AA 352 -65.70 57.78 -60.44
CA ALA AA 352 -67.02 57.17 -60.60
C ALA AA 352 -67.96 58.09 -61.36
N LEU AA 353 -67.86 59.40 -61.11
CA LEU AA 353 -68.59 60.37 -61.90
C LEU AA 353 -68.10 60.38 -63.34
N THR AA 354 -69.04 60.45 -64.27
CA THR AA 354 -68.72 60.53 -65.69
C THR AA 354 -68.62 61.99 -66.13
N ASP AA 355 -68.29 62.19 -67.41
CA ASP AA 355 -68.04 63.54 -67.92
C ASP AA 355 -69.30 64.38 -67.95
N ASP AA 356 -70.41 63.80 -68.43
CA ASP AA 356 -71.68 64.53 -68.44
C ASP AA 356 -72.15 64.83 -67.02
N GLU AA 357 -71.94 63.89 -66.09
CA GLU AA 357 -72.34 64.09 -64.71
C GLU AA 357 -71.56 65.22 -64.05
N LEU AA 358 -70.23 65.25 -64.25
CA LEU AA 358 -69.44 66.33 -63.68
C LEU AA 358 -69.74 67.68 -64.34
N VAL AA 359 -69.99 67.69 -65.65
CA VAL AA 359 -70.31 68.95 -66.33
C VAL AA 359 -71.64 69.51 -65.83
N GLN AA 360 -72.65 68.64 -65.72
CA GLN AA 360 -73.95 69.07 -65.21
C GLN AA 360 -73.85 69.49 -63.75
N LEU AA 361 -73.06 68.76 -62.94
CA LEU AA 361 -72.92 69.09 -61.53
C LEU AA 361 -72.27 70.45 -61.34
N SER AA 362 -71.17 70.72 -62.06
CA SER AA 362 -70.51 72.01 -61.90
C SER AA 362 -71.32 73.15 -62.50
N ASN AA 363 -72.07 72.89 -63.57
CA ASN AA 363 -72.94 73.91 -64.13
C ASN AA 363 -74.09 74.25 -63.18
N LEU AA 364 -74.61 73.26 -62.45
CA LEU AA 364 -75.59 73.54 -61.41
C LEU AA 364 -74.96 74.23 -60.21
N MET AA 365 -73.68 73.95 -59.95
CA MET AA 365 -72.98 74.46 -58.77
C MET AA 365 -72.26 75.76 -59.05
N ASN AA 366 -72.46 76.35 -60.24
CA ASN AA 366 -71.90 77.64 -60.62
C ASN AA 366 -70.38 77.59 -60.69
N ILE AA 367 -69.84 76.43 -61.01
CA ILE AA 367 -68.40 76.26 -61.17
C ILE AA 367 -68.08 76.37 -62.66
N ARG AA 368 -67.09 77.20 -62.99
CA ARG AA 368 -66.79 77.53 -64.37
C ARG AA 368 -66.24 76.31 -65.11
N THR AA 369 -66.97 75.85 -66.13
CA THR AA 369 -66.55 74.73 -66.96
C THR AA 369 -66.14 75.14 -68.36
N SER AA 370 -66.47 76.35 -68.80
CA SER AA 370 -66.15 76.82 -70.12
C SER AA 370 -65.33 78.10 -70.03
N TYR AA 371 -64.41 78.25 -70.97
CA TYR AA 371 -63.54 79.41 -71.07
C TYR AA 371 -63.55 79.92 -72.50
N PRO AA 372 -63.24 81.19 -72.71
CA PRO AA 372 -63.17 81.72 -74.08
C PRO AA 372 -62.10 80.99 -74.90
N ASP AA 373 -62.41 80.79 -76.18
CA ASP AA 373 -61.54 80.02 -77.06
C ASP AA 373 -60.24 80.74 -77.40
N ALA AA 374 -60.19 82.06 -77.20
CA ALA AA 374 -58.93 82.78 -77.37
C ALA AA 374 -57.90 82.34 -76.35
N ALA AA 375 -58.32 82.11 -75.11
CA ALA AA 375 -57.43 81.59 -74.08
C ALA AA 375 -57.15 80.09 -74.24
N ARG AA 376 -58.01 79.39 -74.99
CA ARG AA 376 -57.97 77.96 -75.33
C ARG AA 376 -57.50 77.05 -74.19
N ILE AA 377 -57.94 77.35 -72.97
CA ILE AA 377 -57.54 76.60 -71.78
C ILE AA 377 -58.19 75.23 -71.81
N PRO AA 378 -57.39 74.15 -71.74
CA PRO AA 378 -57.98 72.81 -71.79
C PRO AA 378 -58.70 72.44 -70.50
N VAL AA 379 -60.02 72.38 -70.57
CA VAL AA 379 -60.86 72.01 -69.44
C VAL AA 379 -61.32 70.58 -69.67
N ASP AA 380 -60.73 69.65 -68.94
CA ASP AA 380 -61.05 68.23 -69.07
C ASP AA 380 -61.37 67.66 -67.69
N ARG AA 381 -61.43 66.32 -67.63
CA ARG AA 381 -61.76 65.63 -66.39
C ARG AA 381 -60.72 65.90 -65.31
N LYS AA 382 -59.43 65.86 -65.68
CA LYS AA 382 -58.38 66.13 -64.71
C LYS AA 382 -58.44 67.56 -64.19
N PHE AA 383 -58.71 68.53 -65.08
CA PHE AA 383 -58.81 69.92 -64.67
C PHE AA 383 -59.99 70.14 -63.73
N ILE AA 384 -61.14 69.53 -64.03
CA ILE AA 384 -62.29 69.76 -63.16
C ILE AA 384 -62.17 68.99 -61.85
N VAL AA 385 -61.48 67.84 -61.84
CA VAL AA 385 -61.17 67.16 -60.59
C VAL AA 385 -60.25 68.02 -59.73
N GLU AA 386 -59.24 68.63 -60.35
CA GLU AA 386 -58.37 69.55 -59.61
C GLU AA 386 -59.14 70.75 -59.08
N VAL AA 387 -60.08 71.27 -59.86
CA VAL AA 387 -60.90 72.40 -59.43
C VAL AA 387 -61.75 72.01 -58.21
N LEU AA 388 -62.40 70.85 -58.28
CA LEU AA 388 -63.25 70.41 -57.17
C LEU AA 388 -62.43 70.11 -55.93
N LEU AA 389 -61.25 69.50 -56.08
CA LEU AA 389 -60.41 69.19 -54.93
C LEU AA 389 -59.86 70.46 -54.29
N THR AA 390 -59.47 71.45 -55.11
CA THR AA 390 -59.02 72.73 -54.57
C THR AA 390 -60.15 73.46 -53.85
N THR AA 391 -61.36 73.41 -54.40
CA THR AA 391 -62.49 74.11 -53.79
C THR AA 391 -62.90 73.46 -52.46
N PHE AA 392 -62.99 72.13 -52.43
CA PHE AA 392 -63.53 71.42 -51.28
C PHE AA 392 -62.45 70.83 -50.37
N GLU AA 393 -61.18 71.16 -50.60
CA GLU AA 393 -60.11 70.69 -49.73
C GLU AA 393 -60.02 71.59 -48.49
N ARG AA 394 -59.85 70.96 -47.33
CA ARG AA 394 -59.69 71.71 -46.09
C ARG AA 394 -58.35 72.45 -46.10
N ARG AA 395 -58.37 73.70 -45.65
CA ARG AA 395 -57.21 74.56 -45.68
C ARG AA 395 -56.74 74.90 -44.28
N LYS AA 396 -55.45 75.18 -44.15
CA LYS AA 396 -54.86 75.58 -42.88
C LYS AA 396 -54.96 77.09 -42.68
N THR AA 397 -55.21 77.50 -41.45
CA THR AA 397 -55.33 78.91 -41.11
C THR AA 397 -53.97 79.47 -40.69
N PHE AA 398 -53.96 80.76 -40.35
CA PHE AA 398 -52.73 81.38 -39.88
C PHE AA 398 -52.34 80.86 -38.50
N GLN AA 399 -53.34 80.59 -37.65
CA GLN AA 399 -53.08 79.95 -36.36
C GLN AA 399 -52.50 78.56 -36.54
N ASP AA 400 -53.05 77.79 -37.48
CA ASP AA 400 -52.52 76.46 -37.78
C ASP AA 400 -51.10 76.53 -38.33
N ALA AA 401 -50.83 77.53 -39.19
CA ALA AA 401 -49.49 77.68 -39.73
C ALA AA 401 -48.48 78.06 -38.65
N ALA AA 402 -48.86 78.95 -37.73
CA ALA AA 402 -47.96 79.32 -36.64
C ALA AA 402 -47.75 78.18 -35.67
N GLN AA 403 -48.79 77.36 -35.45
CA GLN AA 403 -48.64 76.19 -34.59
C GLN AA 403 -47.75 75.14 -35.23
N ALA AA 404 -47.84 74.97 -36.55
CA ALA AA 404 -47.01 74.00 -37.25
C ALA AA 404 -45.57 74.48 -37.42
N LEU AA 405 -45.35 75.78 -37.50
CA LEU AA 405 -44.00 76.30 -37.66
C LEU AA 405 -43.19 76.12 -36.38
N SER AA 406 -41.98 75.58 -36.53
CA SER AA 406 -41.11 75.32 -35.39
C SER AA 406 -40.26 76.54 -35.08
N VAL AA 407 -40.13 76.86 -33.79
CA VAL AA 407 -39.32 78.00 -33.38
C VAL AA 407 -37.84 77.65 -33.38
N LEU AA 408 -37.49 76.54 -32.72
CA LEU AA 408 -36.09 76.11 -32.69
C LEU AA 408 -35.69 75.55 -34.04
N PRO AA 409 -34.55 75.94 -34.60
CA PRO AA 409 -34.20 75.53 -35.96
C PRO AA 409 -33.72 74.09 -36.04
N THR AA 410 -33.93 73.50 -37.22
CA THR AA 410 -33.39 72.21 -37.61
C THR AA 410 -32.48 72.42 -38.82
N GLU AA 411 -31.82 71.34 -39.25
CA GLU AA 411 -30.91 71.45 -40.38
C GLU AA 411 -31.66 71.72 -41.68
N GLU AA 412 -32.84 71.11 -41.84
CA GLU AA 412 -33.62 71.34 -43.06
C GLU AA 412 -34.19 72.76 -43.09
N THR AA 413 -34.61 73.29 -41.95
CA THR AA 413 -35.10 74.66 -41.92
C THR AA 413 -33.97 75.67 -42.07
N LEU AA 414 -32.77 75.33 -41.60
CA LEU AA 414 -31.63 76.23 -41.76
C LEU AA 414 -31.07 76.20 -43.18
N PHE AA 415 -31.16 75.08 -43.87
CA PHE AA 415 -30.64 74.94 -45.23
C PHE AA 415 -31.75 74.61 -46.22
N ASP AA 416 -32.92 75.20 -46.01
CA ASP AA 416 -34.02 75.05 -46.95
C ASP AA 416 -33.70 75.74 -48.28
N ILE AA 417 -34.35 75.26 -49.34
CA ILE AA 417 -34.13 75.81 -50.67
C ILE AA 417 -34.65 77.24 -50.76
N SER AA 418 -35.76 77.53 -50.07
CA SER AA 418 -36.30 78.89 -50.07
C SER AA 418 -35.35 79.87 -49.39
N LEU AA 419 -34.71 79.45 -48.29
CA LEU AA 419 -33.76 80.32 -47.61
C LEU AA 419 -32.53 80.59 -48.49
N LYS AA 420 -32.04 79.56 -49.18
CA LYS AA 420 -30.93 79.77 -50.12
C LYS AA 420 -31.34 80.65 -51.29
N ARG AA 421 -32.60 80.56 -51.72
CA ARG AA 421 -33.10 81.45 -52.77
C ARG AA 421 -33.14 82.89 -52.28
N THR AA 422 -33.50 83.10 -51.01
CA THR AA 422 -33.43 84.45 -50.44
C THR AA 422 -32.00 84.95 -50.35
N ASP AA 423 -31.06 84.07 -50.02
CA ASP AA 423 -29.66 84.48 -49.93
C ASP AA 423 -29.10 84.79 -51.32
N GLN AA 424 -29.56 84.08 -52.35
CA GLN AA 424 -29.15 84.35 -53.72
C GLN AA 424 -30.04 85.37 -54.42
N TYR AA 425 -31.02 85.94 -53.71
CA TYR AA 425 -31.89 86.96 -54.29
C TYR AA 425 -31.11 88.23 -54.61
N ASP AA 426 -31.38 88.81 -55.78
CA ASP AA 426 -30.69 90.01 -56.21
C ASP AA 426 -31.63 91.01 -56.88
N GLY AA 427 -32.95 90.81 -56.79
CA GLY AA 427 -33.90 91.70 -57.43
C GLY AA 427 -34.36 91.29 -58.81
N SER AA 428 -33.70 90.30 -59.42
CA SER AA 428 -34.10 89.85 -60.75
C SER AA 428 -35.34 88.96 -60.69
N ARG AA 429 -35.50 88.20 -59.62
CA ARG AA 429 -36.63 87.29 -59.47
C ARG AA 429 -37.39 87.59 -58.18
N PRO AA 430 -38.70 87.39 -58.16
CA PRO AA 430 -39.46 87.56 -56.92
C PRO AA 430 -39.19 86.42 -55.94
N LEU AA 431 -39.70 86.60 -54.73
CA LEU AA 431 -39.55 85.60 -53.68
C LEU AA 431 -40.92 85.28 -53.09
N ALA AA 432 -41.02 84.10 -52.48
CA ALA AA 432 -42.24 83.69 -51.79
C ALA AA 432 -42.23 84.12 -50.33
N LEU AA 433 -41.99 85.41 -50.11
CA LEU AA 433 -41.96 85.98 -48.78
C LEU AA 433 -43.09 86.99 -48.64
N PRO AA 434 -43.85 86.94 -47.54
CA PRO AA 434 -44.83 88.00 -47.29
C PRO AA 434 -44.14 89.32 -47.03
N LYS AA 435 -44.79 90.41 -47.45
CA LYS AA 435 -44.19 91.73 -47.44
C LYS AA 435 -44.90 92.61 -46.41
N LEU AA 436 -44.11 93.32 -45.61
CA LEU AA 436 -44.65 94.32 -44.69
C LEU AA 436 -44.98 95.56 -45.51
N ASN AA 437 -46.26 95.73 -45.85
CA ASN AA 437 -46.72 96.80 -46.72
C ASN AA 437 -47.50 97.82 -45.88
N LEU AA 438 -48.03 98.83 -46.57
CA LEU AA 438 -48.84 99.84 -45.90
C LEU AA 438 -50.23 99.31 -45.57
N GLN AA 439 -50.68 98.26 -46.26
CA GLN AA 439 -52.00 97.68 -46.07
C GLN AA 439 -51.87 96.18 -45.88
N TYR AA 440 -52.63 95.65 -44.91
CA TYR AA 440 -52.69 94.22 -44.65
C TYR AA 440 -54.14 93.76 -44.64
N LEU AA 441 -54.33 92.44 -44.63
CA LEU AA 441 -55.66 91.88 -44.44
C LEU AA 441 -56.18 92.18 -43.05
N SER AA 442 -55.36 91.94 -42.03
CA SER AA 442 -55.76 92.16 -40.65
C SER AA 442 -54.51 92.31 -39.80
N VAL AA 443 -54.73 92.66 -38.53
CA VAL AA 443 -53.64 92.68 -37.56
C VAL AA 443 -53.11 91.27 -37.35
N GLY AA 444 -54.00 90.27 -37.36
CA GLY AA 444 -53.55 88.89 -37.28
C GLY AA 444 -52.71 88.47 -38.47
N ASP AA 445 -53.10 88.89 -39.67
CA ASP AA 445 -52.31 88.61 -40.86
C ASP AA 445 -50.95 89.30 -40.80
N PHE AA 446 -50.93 90.56 -40.30
CA PHE AA 446 -49.67 91.28 -40.13
C PHE AA 446 -48.74 90.57 -39.17
N LEU AA 447 -49.27 90.14 -38.02
CA LEU AA 447 -48.41 89.51 -37.04
C LEU AA 447 -47.99 88.11 -37.48
N TRP AA 448 -48.82 87.41 -38.25
CA TRP AA 448 -48.41 86.13 -38.82
C TRP AA 448 -47.26 86.32 -39.82
N ARG AA 449 -47.38 87.32 -40.70
CA ARG AA 449 -46.33 87.55 -41.68
C ARG AA 449 -45.06 88.08 -41.01
N SER AA 450 -45.21 88.84 -39.92
CA SER AA 450 -44.04 89.29 -39.17
C SER AA 450 -43.38 88.14 -38.44
N PHE AA 451 -44.19 87.17 -37.96
CA PHE AA 451 -43.64 85.96 -37.37
C PHE AA 451 -42.82 85.17 -38.38
N VAL AA 452 -43.36 85.02 -39.59
CA VAL AA 452 -42.65 84.29 -40.65
C VAL AA 452 -41.36 85.01 -41.03
N LEU AA 453 -41.45 86.34 -41.20
CA LEU AA 453 -40.27 87.12 -41.61
C LEU AA 453 -39.19 87.12 -40.54
N TYR AA 454 -39.57 87.29 -39.27
CA TYR AA 454 -38.59 87.26 -38.19
C TYR AA 454 -38.00 85.87 -38.01
N ARG AA 455 -38.82 84.83 -38.21
CA ARG AA 455 -38.33 83.45 -38.12
C ARG AA 455 -37.28 83.17 -39.18
N CYS AA 456 -37.56 83.53 -40.44
CA CYS AA 456 -36.58 83.25 -41.49
C CYS AA 456 -35.37 84.18 -41.41
N GLU AA 457 -35.55 85.41 -40.92
CA GLU AA 457 -34.40 86.30 -40.72
C GLU AA 457 -33.49 85.78 -39.62
N SER AA 458 -34.06 85.32 -38.51
CA SER AA 458 -33.25 84.74 -37.44
C SER AA 458 -32.60 83.45 -37.89
N PHE AA 459 -33.28 82.67 -38.73
CA PHE AA 459 -32.66 81.45 -39.26
C PHE AA 459 -31.50 81.77 -40.19
N TYR AA 460 -31.62 82.83 -40.98
CA TYR AA 460 -30.50 83.28 -41.81
C TYR AA 460 -29.34 83.77 -40.97
N ALA AA 461 -29.65 84.48 -39.87
CA ALA AA 461 -28.58 84.94 -38.97
C ALA AA 461 -27.87 83.76 -38.32
N ILE AA 462 -28.64 82.74 -37.89
CA ILE AA 462 -28.06 81.54 -37.30
C ILE AA 462 -27.19 80.81 -38.32
N ARG AA 463 -27.67 80.69 -39.55
CA ARG AA 463 -26.91 80.02 -40.59
C ARG AA 463 -25.64 80.78 -40.95
N GLN AA 464 -25.70 82.11 -40.97
CA GLN AA 464 -24.49 82.91 -41.22
C GLN AA 464 -23.48 82.75 -40.10
N ASP AA 465 -23.95 82.71 -38.85
CA ASP AA 465 -23.04 82.49 -37.72
C ASP AA 465 -22.42 81.10 -37.78
N LEU AA 466 -23.20 80.09 -38.16
CA LEU AA 466 -22.67 78.74 -38.30
C LEU AA 466 -21.67 78.65 -39.44
N GLU AA 467 -21.93 79.36 -40.55
CA GLU AA 467 -20.99 79.41 -41.66
C GLU AA 467 -19.67 80.06 -41.25
N ASP AA 468 -19.76 81.16 -40.48
CA ASP AA 468 -18.56 81.83 -39.99
C ASP AA 468 -17.77 80.91 -39.05
N ALA AA 469 -18.48 80.19 -38.17
CA ALA AA 469 -17.82 79.26 -37.26
C ALA AA 469 -17.14 78.12 -38.00
N LEU AA 470 -17.80 77.57 -39.03
CA LEU AA 470 -17.20 76.49 -39.81
C LEU AA 470 -16.02 76.98 -40.63
N ILE AA 471 -16.10 78.20 -41.17
CA ILE AA 471 -15.00 78.78 -41.92
C ILE AA 471 -13.80 79.01 -41.01
N ARG AA 472 -14.04 79.50 -39.79
CA ARG AA 472 -12.94 79.67 -38.84
C ARG AA 472 -12.36 78.33 -38.38
N LEU AA 473 -13.20 77.30 -38.26
CA LEU AA 473 -12.74 76.02 -37.74
C LEU AA 473 -11.95 75.23 -38.78
N LYS AA 474 -12.37 75.28 -40.05
CA LYS AA 474 -11.81 74.52 -41.17
C LYS AA 474 -11.74 73.03 -40.87
N PRO AA 475 -12.88 72.32 -40.89
CA PRO AA 475 -12.85 70.87 -40.62
C PRO AA 475 -12.06 70.10 -41.66
N GLU AA 476 -11.40 69.04 -41.21
CA GLU AA 476 -10.53 68.25 -42.06
C GLU AA 476 -10.58 66.79 -41.62
N VAL AA 477 -10.03 65.92 -42.47
CA VAL AA 477 -10.01 64.49 -42.22
C VAL AA 477 -8.70 64.14 -41.53
N ARG AA 478 -8.79 63.53 -40.36
CA ARG AA 478 -7.63 63.06 -39.62
C ARG AA 478 -7.45 61.56 -39.87
N ARG AA 479 -6.51 60.95 -39.16
CA ARG AA 479 -6.29 59.52 -39.28
C ARG AA 479 -7.44 58.74 -38.64
N GLY AA 480 -7.86 57.67 -39.31
CA GLY AA 480 -8.95 56.86 -38.82
C GLY AA 480 -10.34 57.40 -39.10
N GLY AA 481 -10.47 58.40 -39.98
CA GLY AA 481 -11.76 58.96 -40.28
C GLY AA 481 -12.31 59.90 -39.25
N VAL AA 482 -11.49 60.38 -38.33
CA VAL AA 482 -11.94 61.29 -37.29
C VAL AA 482 -12.03 62.69 -37.86
N THR AA 483 -13.19 63.33 -37.69
CA THR AA 483 -13.40 64.70 -38.16
C THR AA 483 -12.67 65.66 -37.22
N GLY AA 484 -11.59 66.27 -37.71
CA GLY AA 484 -10.81 67.18 -36.91
C GLY AA 484 -10.84 68.60 -37.41
N PHE AA 485 -10.59 69.57 -36.52
CA PHE AA 485 -10.60 70.98 -36.86
C PHE AA 485 -9.19 71.55 -36.71
N ALA AA 486 -8.70 72.20 -37.77
CA ALA AA 486 -7.37 72.78 -37.75
C ALA AA 486 -7.37 74.24 -37.31
N GLY AA 487 -8.42 74.99 -37.64
CA GLY AA 487 -8.51 76.38 -37.24
C GLY AA 487 -9.06 76.56 -35.84
N PHE AA 488 -9.28 77.82 -35.49
CA PHE AA 488 -9.75 78.20 -34.16
C PHE AA 488 -10.99 79.07 -34.28
N SER AA 489 -11.99 78.79 -33.45
CA SER AA 489 -13.20 79.58 -33.36
C SER AA 489 -13.46 79.92 -31.91
N LYS AA 490 -13.71 81.20 -31.63
CA LYS AA 490 -13.93 81.64 -30.25
C LYS AA 490 -15.31 81.24 -29.75
N MET AA 491 -16.29 81.11 -30.63
CA MET AA 491 -17.66 80.79 -30.24
C MET AA 491 -18.03 79.33 -30.54
N ALA AA 492 -17.06 78.51 -30.95
CA ALA AA 492 -17.31 77.11 -31.24
C ALA AA 492 -16.22 76.26 -30.60
N LEU AA 493 -16.61 75.06 -30.19
CA LEU AA 493 -15.70 74.14 -29.49
C LEU AA 493 -15.97 72.71 -29.92
N PRO AA 494 -14.92 71.93 -30.21
CA PRO AA 494 -15.12 70.49 -30.46
C PRO AA 494 -15.40 69.77 -29.15
N ILE AA 495 -16.37 68.86 -29.18
CA ILE AA 495 -16.84 68.13 -28.01
C ILE AA 495 -17.09 66.68 -28.40
N SER AA 496 -17.41 65.87 -27.39
CA SER AA 496 -17.85 64.51 -27.61
C SER AA 496 -19.37 64.51 -27.76
N LYS AA 497 -19.97 63.32 -27.84
CA LYS AA 497 -21.42 63.23 -27.93
C LYS AA 497 -22.05 63.56 -26.59
N PRO AA 498 -23.21 64.23 -26.58
CA PRO AA 498 -23.90 64.49 -25.32
C PRO AA 498 -24.43 63.21 -24.70
N VAL AA 499 -24.52 63.22 -23.37
CA VAL AA 499 -25.06 62.10 -22.59
C VAL AA 499 -26.43 62.51 -22.09
N ILE AA 500 -27.46 61.81 -22.54
CA ILE AA 500 -28.85 62.13 -22.19
C ILE AA 500 -29.07 61.62 -20.77
N LEU AA 501 -29.08 62.53 -19.80
CA LEU AA 501 -29.14 62.12 -18.40
C LEU AA 501 -30.53 61.66 -18.00
N ASP AA 502 -31.57 62.37 -18.42
CA ASP AA 502 -32.93 62.05 -17.99
C ASP AA 502 -33.92 62.58 -19.02
N VAL AA 503 -34.91 61.76 -19.35
CA VAL AA 503 -36.06 62.17 -20.15
C VAL AA 503 -37.28 61.94 -19.28
N MET AA 504 -37.68 62.97 -18.54
CA MET AA 504 -38.90 62.89 -17.75
C MET AA 504 -40.12 62.91 -18.68
N PRO AA 505 -41.24 62.30 -18.27
CA PRO AA 505 -42.33 62.07 -19.22
C PRO AA 505 -42.95 63.37 -19.69
N PRO AA 506 -43.51 63.39 -20.90
CA PRO AA 506 -43.99 64.66 -21.47
C PRO AA 506 -45.23 65.19 -20.77
N GLN AA 507 -45.65 66.37 -21.21
CA GLN AA 507 -46.84 66.99 -20.66
C GLN AA 507 -48.09 66.24 -21.11
N VAL AA 508 -49.19 66.50 -20.42
CA VAL AA 508 -50.45 65.86 -20.72
C VAL AA 508 -51.22 66.73 -21.70
N GLY AA 509 -51.10 66.44 -22.99
CA GLY AA 509 -51.72 67.25 -24.02
C GLY AA 509 -50.87 67.41 -25.27
N ASP AA 510 -49.68 66.83 -25.27
CA ASP AA 510 -48.79 66.91 -26.42
C ASP AA 510 -48.01 65.61 -26.55
N ASP AA 511 -47.43 65.41 -27.73
CA ASP AA 511 -46.63 64.23 -28.02
C ASP AA 511 -45.13 64.47 -27.87
N LYS AA 512 -44.67 65.70 -28.05
CA LYS AA 512 -43.27 66.02 -27.86
C LYS AA 512 -42.90 65.93 -26.38
N PRO AA 513 -41.66 65.51 -26.07
CA PRO AA 513 -41.25 65.42 -24.66
C PRO AA 513 -41.23 66.79 -23.99
N SER AA 514 -41.55 66.80 -22.70
CA SER AA 514 -41.57 68.06 -21.96
C SER AA 514 -40.17 68.55 -21.65
N CYS AA 515 -39.27 67.65 -21.25
CA CYS AA 515 -37.92 68.04 -20.90
C CYS AA 515 -36.94 66.94 -21.27
N VAL AA 516 -35.93 67.30 -22.07
CA VAL AA 516 -34.86 66.38 -22.47
C VAL AA 516 -33.57 66.98 -21.92
N LYS AA 517 -33.04 66.39 -20.86
CA LYS AA 517 -31.87 66.91 -20.18
C LYS AA 517 -30.63 66.14 -20.61
N ALA AA 518 -29.60 66.87 -21.05
CA ALA AA 518 -28.38 66.27 -21.54
C ALA AA 518 -27.17 66.93 -20.87
N GLU AA 519 -26.03 66.25 -20.94
CA GLU AA 519 -24.77 66.74 -20.41
C GLU AA 519 -23.73 66.74 -21.52
N VAL AA 520 -23.01 67.86 -21.66
CA VAL AA 520 -21.97 68.03 -22.66
C VAL AA 520 -20.67 68.37 -21.94
N THR AA 521 -19.62 67.61 -22.23
CA THR AA 521 -18.31 67.84 -21.63
C THR AA 521 -17.48 68.74 -22.53
N ILE AA 522 -17.02 69.87 -21.98
CA ILE AA 522 -16.22 70.84 -22.71
C ILE AA 522 -14.87 70.99 -22.03
N ASP AA 523 -13.89 71.46 -22.80
CA ASP AA 523 -12.54 71.68 -22.31
C ASP AA 523 -12.15 73.13 -22.56
N LEU AA 524 -11.39 73.69 -21.60
CA LEU AA 524 -11.00 75.10 -21.63
C LEU AA 524 -9.49 75.25 -21.61
N ARG AA 525 -8.77 74.22 -22.05
CA ARG AA 525 -7.30 74.23 -21.93
C ARG AA 525 -6.67 75.17 -22.95
N ARG AA 526 -7.14 75.16 -24.19
CA ARG AA 526 -6.53 75.92 -25.26
C ARG AA 526 -7.21 77.27 -25.50
N LEU AA 527 -8.12 77.67 -24.62
CA LEU AA 527 -8.84 78.92 -24.78
C LEU AA 527 -8.23 80.02 -23.93
N THR AA 528 -8.44 81.27 -24.35
CA THR AA 528 -7.99 82.41 -23.59
C THR AA 528 -8.83 82.56 -22.31
N PRO AA 529 -8.32 83.27 -21.30
CA PRO AA 529 -9.13 83.50 -20.10
C PRO AA 529 -10.44 84.24 -20.35
N GLN AA 530 -10.50 85.14 -21.32
CA GLN AA 530 -11.74 85.84 -21.62
C GLN AA 530 -12.80 84.90 -22.19
N ILE AA 531 -12.41 84.05 -23.15
CA ILE AA 531 -13.33 83.08 -23.73
C ILE AA 531 -13.73 82.03 -22.69
N ARG AA 532 -12.78 81.65 -21.82
CA ARG AA 532 -13.09 80.73 -20.73
C ARG AA 532 -14.10 81.32 -19.77
N ARG AA 533 -13.94 82.59 -19.42
CA ARG AA 533 -14.88 83.27 -18.54
C ARG AA 533 -16.26 83.39 -19.19
N ASP AA 534 -16.29 83.69 -20.49
CA ASP AA 534 -17.57 83.78 -21.20
C ASP AA 534 -18.28 82.42 -21.24
N TRP AA 535 -17.53 81.35 -21.50
CA TRP AA 535 -18.12 80.02 -21.55
C TRP AA 535 -18.62 79.56 -20.18
N GLU AA 536 -17.86 79.88 -19.12
CA GLU AA 536 -18.28 79.50 -17.78
C GLU AA 536 -19.34 80.42 -17.19
N SER AA 537 -19.53 81.61 -17.77
CA SER AA 537 -20.55 82.55 -17.31
C SER AA 537 -21.62 82.79 -18.36
N LEU AA 538 -21.81 81.86 -19.30
CA LEU AA 538 -22.96 81.89 -20.18
C LEU AA 538 -24.25 81.87 -19.36
N ARG AA 539 -25.19 82.72 -19.75
CA ARG AA 539 -26.41 82.91 -18.98
C ARG AA 539 -27.30 81.67 -19.03
N PRO AA 540 -28.06 81.40 -17.96
CA PRO AA 540 -28.97 80.26 -17.98
C PRO AA 540 -30.09 80.43 -19.01
N ASP AA 541 -30.59 79.29 -19.48
CA ASP AA 541 -31.63 79.22 -20.52
C ASP AA 541 -31.22 79.96 -21.79
N ASP AA 542 -29.95 79.80 -22.18
CA ASP AA 542 -29.47 80.43 -23.41
C ASP AA 542 -29.69 79.47 -24.59
N VAL AA 543 -29.26 79.89 -25.78
CA VAL AA 543 -29.43 79.09 -26.99
C VAL AA 543 -28.05 78.76 -27.54
N VAL AA 544 -27.80 77.48 -27.78
CA VAL AA 544 -26.60 77.01 -28.46
C VAL AA 544 -27.01 76.00 -29.52
N PHE AA 545 -26.04 75.60 -30.34
CA PHE AA 545 -26.30 74.67 -31.43
C PHE AA 545 -25.28 73.55 -31.40
N LEU AA 546 -25.76 72.31 -31.34
CA LEU AA 546 -24.92 71.13 -31.40
C LEU AA 546 -24.80 70.68 -32.85
N LEU AA 547 -23.58 70.47 -33.31
CA LEU AA 547 -23.28 70.31 -34.72
C LEU AA 547 -22.58 68.99 -34.98
N ALA AA 548 -22.97 68.35 -36.09
CA ALA AA 548 -22.32 67.17 -36.62
C ALA AA 548 -21.90 67.48 -38.05
N VAL AA 549 -20.58 67.49 -38.28
CA VAL AA 549 -19.96 67.90 -39.53
C VAL AA 549 -19.15 66.73 -40.07
N ASP AA 550 -19.26 66.48 -41.38
CA ASP AA 550 -18.60 65.33 -42.01
C ASP AA 550 -17.55 65.81 -43.02
N ALA AA 551 -16.29 65.81 -42.58
CA ALA AA 551 -15.18 66.12 -43.46
C ALA AA 551 -14.96 65.03 -44.51
N SER AA 552 -15.44 63.81 -44.27
CA SER AA 552 -15.45 62.81 -45.33
C SER AA 552 -16.40 63.21 -46.45
N ARG AA 553 -17.54 63.80 -46.11
CA ARG AA 553 -18.43 64.32 -47.14
C ARG AA 553 -17.85 65.56 -47.79
N GLN AA 554 -17.05 66.35 -47.06
CA GLN AA 554 -16.25 67.40 -47.69
C GLN AA 554 -15.29 66.81 -48.72
N LYS AA 555 -14.64 65.71 -48.37
CA LYS AA 555 -13.70 65.07 -49.28
C LYS AA 555 -14.39 64.51 -50.52
N GLN AA 556 -15.59 63.94 -50.37
CA GLN AA 556 -16.29 63.44 -51.55
C GLN AA 556 -16.86 64.59 -52.39
N SER AA 557 -17.20 65.72 -51.76
CA SER AA 557 -17.59 66.90 -52.52
C SER AA 557 -16.42 67.43 -53.33
N ALA AA 558 -15.21 67.41 -52.76
CA ALA AA 558 -14.02 67.75 -53.52
C ALA AA 558 -13.75 66.71 -54.61
N ASN AA 559 -14.06 65.45 -54.33
CA ASN AA 559 -13.88 64.39 -55.32
C ASN AA 559 -14.85 64.51 -56.48
N GLY AA 560 -15.97 65.22 -56.30
CA GLY AA 560 -16.80 65.53 -57.45
C GLY AA 560 -18.08 64.75 -57.60
N GLY AA 561 -18.85 64.61 -56.51
CA GLY AA 561 -20.17 63.99 -56.57
C GLY AA 561 -21.21 64.89 -57.20
N ALA AA 562 -22.44 64.77 -56.71
CA ALA AA 562 -23.53 65.58 -57.22
C ALA AA 562 -23.40 67.03 -56.74
N VAL AA 563 -24.25 67.89 -57.30
CA VAL AA 563 -24.28 69.30 -56.88
C VAL AA 563 -24.83 69.39 -55.47
N LEU AA 564 -24.09 70.05 -54.59
CA LEU AA 564 -24.38 70.04 -53.17
C LEU AA 564 -24.73 71.44 -52.68
N SER AA 565 -25.43 71.48 -51.54
CA SER AA 565 -25.84 72.73 -50.92
C SER AA 565 -24.69 73.28 -50.08
N GLU AA 566 -24.95 74.34 -49.32
CA GLU AA 566 -23.90 74.95 -48.51
C GLU AA 566 -23.53 74.07 -47.33
N ALA AA 567 -24.53 73.44 -46.70
CA ALA AA 567 -24.25 72.53 -45.58
C ALA AA 567 -23.43 71.32 -46.04
N GLU AA 568 -23.75 70.78 -47.21
CA GLU AA 568 -23.00 69.65 -47.72
C GLU AA 568 -21.62 70.06 -48.21
N ARG AA 569 -21.48 71.28 -48.73
CA ARG AA 569 -20.18 71.79 -49.14
C ARG AA 569 -19.27 72.01 -47.93
N LEU AA 570 -19.82 72.53 -46.84
CA LEU AA 570 -19.05 72.69 -45.61
C LEU AA 570 -18.97 71.40 -44.81
N GLY AA 571 -19.68 70.35 -45.22
CA GLY AA 571 -19.68 69.09 -44.51
C GLY AA 571 -20.64 69.02 -43.35
N LEU AA 572 -21.35 70.10 -43.05
CA LEU AA 572 -22.27 70.12 -41.91
C LEU AA 572 -23.49 69.27 -42.22
N VAL AA 573 -23.74 68.28 -41.36
CA VAL AA 573 -24.83 67.34 -41.57
C VAL AA 573 -25.98 67.65 -40.63
N HIS AA 574 -25.69 67.78 -39.34
CA HIS AA 574 -26.74 67.91 -38.34
C HIS AA 574 -26.55 69.16 -37.50
N VAL AA 575 -27.65 69.89 -37.30
CA VAL AA 575 -27.71 71.01 -36.37
C VAL AA 575 -28.90 70.79 -35.45
N ARG AA 576 -28.65 70.76 -34.15
CA ARG AA 576 -29.70 70.58 -33.15
C ARG AA 576 -29.66 71.75 -32.18
N ALA AA 577 -30.79 72.44 -32.03
CA ALA AA 577 -30.88 73.56 -31.10
C ALA AA 577 -30.94 73.03 -29.67
N ALA AA 578 -30.13 73.61 -28.78
CA ALA AA 578 -30.08 73.21 -27.38
C ALA AA 578 -30.18 74.46 -26.51
N GLU AA 579 -30.69 74.27 -25.30
CA GLU AA 579 -30.89 75.35 -24.35
C GLU AA 579 -29.90 75.20 -23.21
N ILE AA 580 -29.01 76.18 -23.07
CA ILE AA 580 -28.14 76.28 -21.90
C ILE AA 580 -28.99 76.40 -20.65
N ILE AA 581 -28.96 75.36 -19.81
CA ILE AA 581 -29.59 75.41 -18.50
C ILE AA 581 -28.54 75.85 -17.49
N GLN AA 582 -27.46 75.09 -17.36
CA GLN AA 582 -26.45 75.48 -16.38
C GLN AA 582 -25.09 74.93 -16.76
N VAL AA 583 -24.06 75.46 -16.10
CA VAL AA 583 -22.67 75.05 -16.28
C VAL AA 583 -22.15 74.52 -14.95
N LEU AA 584 -21.60 73.31 -14.97
CA LEU AA 584 -21.06 72.63 -13.81
C LEU AA 584 -19.56 72.44 -13.98
N ASP AA 585 -18.88 72.19 -12.87
CA ASP AA 585 -17.44 71.96 -12.88
C ASP AA 585 -17.14 70.52 -13.33
N ASP AA 586 -15.90 70.09 -13.16
CA ASP AA 586 -15.52 68.73 -13.51
C ASP AA 586 -16.14 67.70 -12.56
N LYS AA 587 -16.51 68.11 -11.35
CA LYS AA 587 -17.14 67.21 -10.39
C LYS AA 587 -18.66 67.24 -10.44
N GLY AA 588 -19.25 68.04 -11.34
CA GLY AA 588 -20.69 68.11 -11.45
C GLY AA 588 -21.37 68.92 -10.38
N LYS AA 589 -20.64 69.76 -9.66
CA LYS AA 589 -21.20 70.59 -8.59
C LYS AA 589 -21.52 71.98 -9.11
N ALA AA 590 -22.52 72.60 -8.52
CA ALA AA 590 -22.94 73.94 -8.94
C ALA AA 590 -21.91 74.98 -8.56
N ILE AA 591 -21.67 75.91 -9.47
CA ILE AA 591 -20.75 77.02 -9.22
C ILE AA 591 -21.52 78.06 -8.40
N ARG AA 592 -21.29 78.06 -7.09
CA ARG AA 592 -22.03 78.97 -6.21
C ARG AA 592 -21.57 80.40 -6.37
N ASP AA 593 -20.26 80.62 -6.46
CA ASP AA 593 -19.70 81.96 -6.64
C ASP AA 593 -18.91 82.00 -7.94
N PRO AA 594 -19.51 82.50 -9.03
CA PRO AA 594 -18.75 82.58 -10.30
C PRO AA 594 -17.56 83.52 -10.24
N GLN AA 595 -17.68 84.63 -9.50
CA GLN AA 595 -16.55 85.56 -9.38
C GLN AA 595 -15.39 84.94 -8.61
N ALA AA 596 -15.68 84.24 -7.53
CA ALA AA 596 -14.64 83.55 -6.78
C ALA AA 596 -14.06 82.39 -7.57
N TYR AA 597 -14.87 81.72 -8.39
CA TYR AA 597 -14.37 80.66 -9.25
C TYR AA 597 -13.43 81.22 -10.32
N PHE AA 598 -13.76 82.39 -10.87
CA PHE AA 598 -12.89 83.03 -11.85
C PHE AA 598 -11.59 83.51 -11.21
N ASP AA 599 -11.69 84.06 -9.99
CA ASP AA 599 -10.50 84.62 -9.34
C ASP AA 599 -9.57 83.52 -8.84
N GLY AA 600 -10.12 82.46 -8.27
CA GLY AA 600 -9.31 81.39 -7.75
C GLY AA 600 -8.73 80.51 -8.83
N HIS AA 601 -7.73 79.71 -8.44
CA HIS AA 601 -7.06 78.80 -9.36
C HIS AA 601 -7.94 77.58 -9.58
N THR AA 602 -8.39 77.39 -10.81
CA THR AA 602 -9.22 76.24 -11.13
C THR AA 602 -8.37 74.97 -11.17
N ARG AA 603 -8.84 73.93 -10.48
CA ARG AA 603 -8.09 72.68 -10.43
C ARG AA 603 -8.11 71.95 -11.77
N SER AA 604 -9.23 72.03 -12.49
CA SER AA 604 -9.38 71.36 -13.78
C SER AA 604 -9.97 72.33 -14.80
N ASP AA 605 -9.59 72.12 -16.06
CA ASP AA 605 -10.13 72.89 -17.17
C ASP AA 605 -11.28 72.18 -17.88
N ILE AA 606 -11.75 71.07 -17.31
CA ILE AA 606 -12.86 70.31 -17.85
C ILE AA 606 -14.15 70.78 -17.19
N ARG AA 607 -15.13 71.20 -17.99
CA ARG AA 607 -16.41 71.65 -17.49
C ARG AA 607 -17.52 70.81 -18.10
N LYS AA 608 -18.68 70.86 -17.46
CA LYS AA 608 -19.88 70.18 -17.94
C LYS AA 608 -20.95 71.22 -18.19
N ILE AA 609 -21.82 70.96 -19.15
CA ILE AA 609 -22.96 71.82 -19.45
C ILE AA 609 -24.21 70.97 -19.41
N GLN AA 610 -25.14 71.32 -18.51
CA GLN AA 610 -26.46 70.73 -18.49
C GLN AA 610 -27.35 71.52 -19.43
N LEU AA 611 -27.90 70.80 -20.42
CA LEU AA 611 -28.59 71.36 -21.57
C LEU AA 611 -30.02 70.83 -21.64
N ARG AA 612 -30.91 71.66 -22.19
CA ARG AA 612 -32.27 71.23 -22.54
C ARG AA 612 -32.30 71.10 -24.06
N LEU AA 613 -32.35 69.88 -24.54
CA LEU AA 613 -32.37 69.63 -25.98
C LEU AA 613 -33.73 70.00 -26.57
N ASP AA 614 -33.75 70.15 -27.89
CA ASP AA 614 -35.00 70.47 -28.59
C ASP AA 614 -35.93 69.28 -28.53
N ALA AA 615 -37.18 69.54 -28.12
CA ALA AA 615 -38.14 68.47 -27.92
C ALA AA 615 -38.57 67.83 -29.24
N THR AA 616 -38.89 68.66 -30.23
CA THR AA 616 -39.31 68.15 -31.53
C THR AA 616 -38.16 67.44 -32.24
N SER AA 617 -36.94 68.00 -32.14
CA SER AA 617 -35.78 67.35 -32.74
C SER AA 617 -35.47 66.02 -32.06
N TYR AA 618 -35.58 65.96 -30.74
CA TYR AA 618 -35.35 64.72 -30.01
C TYR AA 618 -36.39 63.67 -30.36
N LYS AA 619 -37.66 64.08 -30.47
CA LYS AA 619 -38.72 63.15 -30.86
C LYS AA 619 -38.52 62.65 -32.29
N ALA AA 620 -38.09 63.54 -33.20
CA ALA AA 620 -37.82 63.14 -34.58
C ALA AA 620 -36.66 62.15 -34.66
N ASP AA 621 -35.60 62.40 -33.88
CA ASP AA 621 -34.47 61.47 -33.84
C ASP AA 621 -34.89 60.12 -33.25
N THR AA 622 -35.74 60.14 -32.22
CA THR AA 622 -36.22 58.91 -31.61
C THR AA 622 -37.07 58.09 -32.57
N GLU AA 623 -37.96 58.75 -33.31
CA GLU AA 623 -38.81 58.00 -34.25
C GLU AA 623 -38.05 57.57 -35.50
N ALA AA 624 -37.02 58.32 -35.90
CA ALA AA 624 -36.23 57.93 -37.05
C ALA AA 624 -35.11 56.96 -36.71
N ASN AA 625 -34.83 56.74 -35.41
CA ASN AA 625 -33.80 55.82 -34.94
C ASN AA 625 -32.43 56.17 -35.51
N ARG AA 626 -32.14 57.46 -35.61
CA ARG AA 626 -30.87 57.96 -36.11
C ARG AA 626 -30.03 58.48 -34.96
N ASN AA 627 -28.73 58.21 -35.01
CA ASN AA 627 -27.81 58.61 -33.94
C ASN AA 627 -27.22 59.98 -34.24
N VAL AA 628 -28.11 60.97 -34.32
CA VAL AA 628 -27.70 62.35 -34.56
C VAL AA 628 -26.90 62.89 -33.39
N TYR AA 629 -27.40 62.66 -32.17
CA TYR AA 629 -26.68 63.11 -30.98
C TYR AA 629 -25.37 62.36 -30.79
N GLU AA 630 -25.31 61.10 -31.20
CA GLU AA 630 -24.06 60.36 -31.14
C GLU AA 630 -23.07 60.85 -32.18
N ASP AA 631 -23.56 61.34 -33.32
CA ASP AA 631 -22.70 61.90 -34.35
C ASP AA 631 -22.33 63.36 -34.10
N ILE AA 632 -23.00 64.02 -33.16
CA ILE AA 632 -22.70 65.42 -32.85
C ILE AA 632 -21.31 65.52 -32.23
N ASN AA 633 -20.49 66.44 -32.76
CA ASN AA 633 -19.13 66.59 -32.29
C ASN AA 633 -18.72 68.05 -32.07
N LEU AA 634 -19.64 69.00 -32.21
CA LEU AA 634 -19.29 70.40 -32.04
C LEU AA 634 -20.38 71.12 -31.26
N ILE AA 635 -20.00 72.19 -30.55
CA ILE AA 635 -20.95 73.07 -29.90
C ILE AA 635 -20.65 74.50 -30.33
N VAL AA 636 -21.69 75.24 -30.69
CA VAL AA 636 -21.57 76.62 -31.15
C VAL AA 636 -22.43 77.51 -30.27
N ARG AA 637 -21.84 78.55 -29.70
CA ARG AA 637 -22.55 79.53 -28.89
C ARG AA 637 -22.63 80.85 -29.64
N ARG AA 638 -23.55 81.70 -29.17
CA ARG AA 638 -23.76 83.01 -29.77
C ARG AA 638 -23.95 84.04 -28.68
N SER AA 639 -23.82 85.31 -29.06
CA SER AA 639 -24.06 86.40 -28.14
C SER AA 639 -25.54 86.48 -27.77
N SER AA 640 -25.83 87.05 -26.60
CA SER AA 640 -27.19 87.09 -26.10
C SER AA 640 -28.07 88.02 -26.94
N ARG AA 641 -27.51 89.15 -27.41
CA ARG AA 641 -28.28 90.13 -28.16
C ARG AA 641 -28.74 89.55 -29.50
N GLU AA 642 -27.89 88.78 -30.17
CA GLU AA 642 -28.26 88.14 -31.42
C GLU AA 642 -28.89 86.77 -31.22
N ASN AA 643 -28.88 86.24 -30.00
CA ASN AA 643 -29.39 84.91 -29.70
C ASN AA 643 -30.72 84.92 -28.96
N ASN AA 644 -31.21 86.10 -28.57
CA ASN AA 644 -32.54 86.20 -27.98
C ASN AA 644 -33.57 86.29 -29.11
N PHE AA 645 -33.80 85.14 -29.75
CA PHE AA 645 -34.76 85.04 -30.85
C PHE AA 645 -35.94 84.14 -30.54
N LYS AA 646 -35.72 83.04 -29.81
CA LYS AA 646 -36.81 82.10 -29.52
C LYS AA 646 -37.87 82.60 -28.53
N PRO AA 647 -37.60 83.43 -27.50
CA PRO AA 647 -38.74 83.93 -26.72
C PRO AA 647 -39.57 84.94 -27.47
N VAL AA 648 -38.96 85.73 -28.36
CA VAL AA 648 -39.72 86.65 -29.21
C VAL AA 648 -40.62 85.88 -30.16
N LEU AA 649 -40.09 84.82 -30.78
CA LEU AA 649 -40.87 84.00 -31.69
C LEU AA 649 -42.00 83.28 -30.95
N GLU AA 650 -41.73 82.81 -29.73
CA GLU AA 650 -42.77 82.18 -28.92
C GLU AA 650 -43.85 83.19 -28.54
N SER AA 651 -43.47 84.43 -28.23
CA SER AA 651 -44.45 85.46 -27.90
C SER AA 651 -45.32 85.79 -29.09
N ILE AA 652 -44.73 85.89 -30.29
CA ILE AA 652 -45.53 86.18 -31.48
C ILE AA 652 -46.42 84.99 -31.84
N GLN AA 653 -45.95 83.76 -31.60
CA GLN AA 653 -46.80 82.59 -31.82
C GLN AA 653 -47.97 82.55 -30.84
N ASP AA 654 -47.73 82.93 -29.58
CA ASP AA 654 -48.82 83.05 -28.61
C ASP AA 654 -49.79 84.14 -29.00
N LEU AA 655 -49.28 85.25 -29.55
CA LEU AA 655 -50.16 86.30 -30.07
C LEU AA 655 -50.99 85.80 -31.25
N THR AA 656 -50.40 84.95 -32.10
CA THR AA 656 -51.14 84.37 -33.22
C THR AA 656 -52.25 83.45 -32.73
N LEU AA 657 -51.95 82.64 -31.72
CA LEU AA 657 -52.98 81.78 -31.13
C LEU AA 657 -54.04 82.60 -30.41
N SER AA 658 -53.68 83.76 -29.89
CA SER AA 658 -54.66 84.71 -29.39
C SER AA 658 -55.44 85.33 -30.56
N GLU AA 659 -56.62 85.86 -30.24
CA GLU AA 659 -57.54 86.36 -31.26
C GLU AA 659 -57.47 87.88 -31.42
N VAL AA 660 -57.70 88.63 -30.35
CA VAL AA 660 -57.79 90.09 -30.44
C VAL AA 660 -56.65 90.72 -29.65
N PRO AA 661 -55.57 91.15 -30.33
CA PRO AA 661 -54.46 91.82 -29.62
C PRO AA 661 -54.50 93.34 -29.62
N LEU AA 662 -55.52 93.97 -30.21
CA LEU AA 662 -55.57 95.42 -30.27
C LEU AA 662 -57.01 95.88 -30.19
N ALA AA 663 -57.19 97.12 -29.71
CA ALA AA 663 -58.51 97.71 -29.60
C ALA AA 663 -59.03 98.11 -30.98
N SER AA 664 -60.29 98.58 -31.01
CA SER AA 664 -60.95 98.86 -32.28
C SER AA 664 -60.33 100.06 -32.99
N TRP AA 665 -60.13 101.17 -32.25
CA TRP AA 665 -59.64 102.39 -32.87
C TRP AA 665 -58.20 102.25 -33.33
N LEU AA 666 -57.32 101.72 -32.47
CA LEU AA 666 -55.93 101.50 -32.86
C LEU AA 666 -55.80 100.41 -33.90
N HIS AA 667 -56.72 99.43 -33.88
CA HIS AA 667 -56.76 98.39 -34.92
C HIS AA 667 -57.07 98.99 -36.28
N GLU AA 668 -58.08 99.87 -36.35
CA GLU AA 668 -58.45 100.49 -37.61
C GLU AA 668 -57.36 101.45 -38.10
N VAL AA 669 -56.73 102.18 -37.18
CA VAL AA 669 -55.67 103.11 -37.57
C VAL AA 669 -54.43 102.35 -38.04
N PHE AA 670 -54.10 101.24 -37.36
CA PHE AA 670 -52.96 100.42 -37.76
C PHE AA 670 -53.21 99.77 -39.12
N LEU AA 671 -54.44 99.33 -39.38
CA LEU AA 671 -54.74 98.83 -40.71
C LEU AA 671 -54.79 99.93 -41.76
N GLY AA 672 -55.04 101.17 -41.35
CA GLY AA 672 -54.99 102.30 -42.26
C GLY AA 672 -56.08 102.34 -43.30
N TYR AA 673 -57.31 101.97 -42.93
CA TYR AA 673 -58.45 102.04 -43.82
C TYR AA 673 -59.46 103.02 -43.27
N GLY AA 674 -59.92 103.93 -44.12
CA GLY AA 674 -60.83 104.98 -43.69
C GLY AA 674 -60.08 106.27 -43.37
N ASP AA 675 -60.34 106.84 -42.21
CA ASP AA 675 -59.67 108.07 -41.80
C ASP AA 675 -58.30 107.74 -41.19
N PRO AA 676 -57.20 108.26 -41.74
CA PRO AA 676 -55.90 108.09 -41.07
C PRO AA 676 -55.80 108.77 -39.72
N ALA AA 677 -56.64 109.77 -39.45
CA ALA AA 677 -56.70 110.45 -38.17
C ALA AA 677 -57.74 109.84 -37.24
N GLY AA 678 -58.00 108.54 -37.35
CA GLY AA 678 -59.04 107.89 -36.58
C GLY AA 678 -58.75 107.77 -35.09
N ALA AA 679 -57.48 107.90 -34.68
CA ALA AA 679 -57.12 107.85 -33.27
C ALA AA 679 -56.73 109.21 -32.71
N THR AA 680 -56.86 110.27 -33.49
CA THR AA 680 -56.56 111.60 -33.01
C THR AA 680 -57.65 112.07 -32.05
N PHE AA 681 -57.23 112.84 -31.03
CA PHE AA 681 -58.16 113.32 -30.02
C PHE AA 681 -59.08 114.42 -30.53
N LYS AA 682 -58.83 114.97 -31.72
CA LYS AA 682 -59.71 115.98 -32.28
C LYS AA 682 -61.09 115.40 -32.60
N GLN AA 683 -61.13 114.18 -33.14
CA GLN AA 683 -62.39 113.52 -33.45
C GLN AA 683 -62.85 112.57 -32.34
N LEU AA 684 -61.98 112.23 -31.41
CA LEU AA 684 -62.33 111.27 -30.37
C LEU AA 684 -63.29 111.90 -29.36
N PRO AA 685 -64.43 111.25 -29.08
CA PRO AA 685 -65.36 111.80 -28.07
C PRO AA 685 -64.81 111.76 -26.64
N ASN AA 686 -63.76 110.99 -26.39
CA ASN AA 686 -63.16 110.89 -25.05
C ASN AA 686 -62.10 111.96 -24.80
N ARG AA 687 -62.11 113.05 -25.58
CA ARG AA 687 -61.12 114.10 -25.44
C ARG AA 687 -61.26 114.80 -24.09
N LEU AA 688 -60.13 114.99 -23.41
CA LEU AA 688 -60.13 115.63 -22.10
C LEU AA 688 -60.47 117.11 -22.23
N LYS AA 689 -61.53 117.53 -21.54
CA LYS AA 689 -61.91 118.95 -21.58
C LYS AA 689 -60.97 119.80 -20.74
N LYS AA 690 -60.59 119.32 -19.56
CA LYS AA 690 -59.77 120.09 -18.63
C LYS AA 690 -58.53 119.27 -18.27
N ILE AA 691 -57.36 119.87 -18.46
CA ILE AA 691 -56.08 119.21 -18.19
C ILE AA 691 -55.22 120.13 -17.34
N ASN AA 692 -54.72 119.62 -16.22
CA ASN AA 692 -53.81 120.35 -15.35
C ASN AA 692 -52.39 120.12 -15.86
N PHE AA 693 -51.80 121.14 -16.49
CA PHE AA 693 -50.45 121.02 -17.04
C PHE AA 693 -49.36 121.36 -16.03
N ARG AA 694 -49.72 121.96 -14.89
CA ARG AA 694 -48.82 122.31 -13.80
C ARG AA 694 -47.66 123.20 -14.27
N ASP AA 695 -46.46 122.63 -14.33
CA ASP AA 695 -45.25 123.37 -14.67
C ASP AA 695 -44.84 123.20 -16.13
N THR AA 696 -45.78 122.80 -17.00
CA THR AA 696 -45.46 122.66 -18.41
C THR AA 696 -45.15 124.01 -19.05
N PHE AA 697 -45.87 125.05 -18.66
CA PHE AA 697 -45.65 126.40 -19.14
C PHE AA 697 -44.88 127.18 -18.09
N LEU AA 698 -43.84 127.89 -18.52
CA LEU AA 698 -43.02 128.67 -17.59
C LEU AA 698 -43.81 129.82 -17.00
N ASP AA 699 -44.53 130.57 -17.84
CA ASP AA 699 -45.35 131.68 -17.40
C ASP AA 699 -46.43 131.94 -18.43
N TRP AA 700 -47.21 133.01 -18.20
CA TRP AA 700 -48.31 133.36 -19.08
C TRP AA 700 -47.81 133.75 -20.47
N GLN AA 701 -46.67 134.43 -20.55
CA GLN AA 701 -46.08 134.77 -21.84
C GLN AA 701 -45.67 133.52 -22.61
N HIS AA 702 -45.10 132.53 -21.91
CA HIS AA 702 -44.76 131.27 -22.56
C HIS AA 702 -46.00 130.53 -23.03
N LEU AA 703 -47.07 130.55 -22.23
CA LEU AA 703 -48.31 129.91 -22.65
C LEU AA 703 -48.92 130.59 -23.87
N VAL AA 704 -48.92 131.92 -23.89
CA VAL AA 704 -49.45 132.67 -25.03
C VAL AA 704 -48.63 132.41 -26.29
N GLU AA 705 -47.29 132.40 -26.16
CA GLU AA 705 -46.43 132.11 -27.31
C GLU AA 705 -46.62 130.67 -27.79
N SER AA 706 -46.79 129.73 -26.87
CA SER AA 706 -46.93 128.32 -27.23
C SER AA 706 -48.29 127.99 -27.81
N PHE AA 707 -49.33 128.77 -27.50
CA PHE AA 707 -50.67 128.54 -28.03
C PHE AA 707 -51.10 129.72 -28.89
N PRO AA 708 -50.80 129.72 -30.18
CA PRO AA 708 -51.32 130.75 -31.08
C PRO AA 708 -52.63 130.35 -31.72
N GLY AA 709 -53.31 131.34 -32.29
CA GLY AA 709 -54.57 131.10 -32.97
C GLY AA 709 -55.74 130.97 -32.01
N LYS AA 710 -55.73 129.92 -31.19
CA LYS AA 710 -56.76 129.74 -30.18
C LYS AA 710 -56.64 130.83 -29.11
N ILE AA 711 -57.78 131.30 -28.63
CA ILE AA 711 -57.78 132.40 -27.68
C ILE AA 711 -57.57 131.85 -26.29
N ILE AA 712 -57.00 132.67 -25.41
CA ILE AA 712 -56.66 132.28 -24.04
C ILE AA 712 -57.34 133.27 -23.10
N GLU AA 713 -58.17 132.76 -22.20
CA GLU AA 713 -58.92 133.60 -21.29
C GLU AA 713 -58.79 133.06 -19.87
N PRO AA 714 -58.60 133.91 -18.86
CA PRO AA 714 -58.61 133.43 -17.48
C PRO AA 714 -60.01 132.99 -17.06
N SER AA 715 -60.05 131.98 -16.20
CA SER AA 715 -61.34 131.48 -15.72
C SER AA 715 -61.96 132.44 -14.72
N ASP AA 716 -61.15 133.05 -13.85
CA ASP AA 716 -61.65 133.99 -12.87
C ASP AA 716 -61.85 135.36 -13.50
N ASP AA 717 -62.39 136.28 -12.70
CA ASP AA 717 -62.62 137.64 -13.16
C ASP AA 717 -61.39 138.53 -13.06
N VAL AA 718 -60.29 138.02 -12.53
CA VAL AA 718 -59.05 138.79 -12.42
C VAL AA 718 -58.38 138.83 -13.78
N SER AA 719 -58.15 140.04 -14.30
CA SER AA 719 -57.57 140.19 -15.62
C SER AA 719 -56.04 140.10 -15.62
N SER AA 720 -55.41 140.14 -14.44
CA SER AA 720 -53.97 140.07 -14.39
C SER AA 720 -53.47 138.66 -14.66
N SER AA 721 -52.32 138.57 -15.34
CA SER AA 721 -51.74 137.26 -15.65
C SER AA 721 -51.15 136.63 -14.39
N PHE AA 722 -51.22 135.30 -14.33
CA PHE AA 722 -50.70 134.54 -13.20
C PHE AA 722 -49.72 133.49 -13.68
N GLY AA 723 -48.87 133.05 -12.75
CA GLY AA 723 -47.83 132.09 -13.05
C GLY AA 723 -48.29 130.65 -12.90
N PRO AA 724 -47.33 129.74 -12.84
CA PRO AA 724 -47.68 128.31 -12.68
C PRO AA 724 -48.19 128.03 -11.29
N PRO AA 725 -48.99 126.97 -11.09
CA PRO AA 725 -49.45 125.96 -12.06
C PRO AA 725 -50.61 126.44 -12.94
N TYR AA 726 -50.85 125.73 -14.04
CA TYR AA 726 -51.88 126.08 -15.01
C TYR AA 726 -52.82 124.89 -15.22
N VAL AA 727 -54.12 125.17 -15.31
CA VAL AA 727 -55.12 124.19 -15.70
C VAL AA 727 -55.86 124.75 -16.90
N LEU AA 728 -55.75 124.07 -18.03
CA LEU AA 728 -56.35 124.52 -19.28
C LEU AA 728 -57.65 123.78 -19.53
N GLU AA 729 -58.73 124.52 -19.74
CA GLU AA 729 -60.02 123.96 -20.12
C GLU AA 729 -60.28 124.36 -21.57
N SER AA 730 -60.47 123.36 -22.43
CA SER AA 730 -60.73 123.61 -23.85
C SER AA 730 -62.23 123.80 -24.05
N VAL AA 731 -62.63 124.99 -24.50
CA VAL AA 731 -64.02 125.33 -24.72
C VAL AA 731 -64.22 125.56 -26.22
N GLU AA 732 -65.19 124.86 -26.79
CA GLU AA 732 -65.58 125.06 -28.18
C GLU AA 732 -66.73 126.07 -28.25
N LYS AA 733 -66.77 126.81 -29.35
CA LYS AA 733 -67.78 127.86 -29.51
C LYS AA 733 -69.12 127.24 -29.86
N GLN AA 734 -70.11 127.45 -29.00
CA GLN AA 734 -71.49 127.06 -29.31
C GLN AA 734 -72.03 128.02 -30.36
N VAL AA 735 -72.27 127.51 -31.57
CA VAL AA 735 -72.69 128.36 -32.68
C VAL AA 735 -74.12 128.81 -32.44
N GLU AA 736 -74.31 130.11 -32.25
CA GLU AA 736 -75.62 130.69 -32.01
C GLU AA 736 -76.41 130.68 -33.31
N GLU AA 737 -77.36 129.75 -33.43
CA GLU AA 737 -78.16 129.63 -34.64
C GLU AA 737 -79.19 130.74 -34.69
N HIS AA 738 -78.86 131.83 -35.40
CA HIS AA 738 -79.79 132.94 -35.53
C HIS AA 738 -80.98 132.53 -36.40
N PRO AA 739 -82.18 133.04 -36.11
CA PRO AA 739 -83.37 132.66 -36.89
C PRO AA 739 -83.42 133.36 -38.25
N SER AA 740 -82.49 133.01 -39.12
CA SER AA 740 -82.46 133.55 -40.48
C SER AA 740 -83.37 132.74 -41.38
N LYS AA 741 -84.01 133.43 -42.32
CA LYS AA 741 -84.91 132.75 -43.25
C LYS AA 741 -84.12 131.91 -44.23
N PRO AA 742 -84.58 130.70 -44.54
CA PRO AA 742 -83.83 129.80 -45.46
C PRO AA 742 -83.93 130.21 -46.93
N SER AA 743 -83.06 131.14 -47.32
CA SER AA 743 -83.01 131.59 -48.70
C SER AA 743 -82.43 130.50 -49.59
N LYS AA 744 -83.18 130.11 -50.61
CA LYS AA 744 -82.78 129.03 -51.50
C LYS AA 744 -81.99 129.49 -52.71
N LYS AA 745 -81.80 130.80 -52.89
CA LYS AA 745 -81.13 131.30 -54.07
C LYS AA 745 -79.61 131.24 -53.93
N ARG AA 746 -79.06 131.92 -52.91
CA ARG AA 746 -77.62 132.04 -52.74
C ARG AA 746 -77.08 130.80 -52.04
N ARG AA 747 -76.98 129.71 -52.80
CA ARG AA 747 -76.38 128.48 -52.30
C ARG AA 747 -75.47 127.80 -53.31
N ARG AA 748 -75.29 128.36 -54.50
CA ARG AA 748 -74.45 127.74 -55.53
C ARG AA 748 -72.99 128.17 -55.39
N ASP AA 749 -72.74 129.48 -55.43
CA ASP AA 749 -71.37 130.00 -55.36
C ASP AA 749 -70.83 130.08 -53.93
N VAL AA 750 -71.66 129.79 -52.93
CA VAL AA 750 -71.21 129.83 -51.53
C VAL AA 750 -70.44 128.54 -51.27
N GLU AA 751 -69.11 128.62 -51.37
CA GLU AA 751 -68.28 127.48 -51.09
C GLU AA 751 -68.25 127.19 -49.59
N PRO AA 752 -68.11 125.91 -49.20
CA PRO AA 752 -67.98 125.60 -47.76
C PRO AA 752 -66.64 126.07 -47.21
N ALA AA 753 -66.69 127.13 -46.40
CA ALA AA 753 -65.45 127.71 -45.86
C ALA AA 753 -64.87 126.81 -44.79
N LEU AA 754 -63.55 126.58 -44.86
CA LEU AA 754 -62.86 125.75 -43.88
C LEU AA 754 -62.47 126.61 -42.68
N MET AA 755 -63.48 127.02 -41.93
CA MET AA 755 -63.27 127.83 -40.74
C MET AA 755 -62.66 126.98 -39.63
N SER AA 756 -61.75 127.57 -38.87
CA SER AA 756 -61.10 126.91 -37.76
C SER AA 756 -61.82 127.27 -36.46
N LYS AA 757 -62.19 126.25 -35.70
CA LYS AA 757 -62.84 126.47 -34.40
C LYS AA 757 -61.80 127.02 -33.43
N VAL AA 758 -61.87 128.33 -33.17
CA VAL AA 758 -60.93 128.98 -32.27
C VAL AA 758 -61.25 128.57 -30.84
N GLU AA 759 -60.43 127.69 -30.29
CA GLU AA 759 -60.69 127.17 -28.95
C GLU AA 759 -60.43 128.22 -27.89
N THR AA 760 -61.30 128.27 -26.89
CA THR AA 760 -61.11 129.12 -25.72
C THR AA 760 -60.38 128.30 -24.66
N LEU AA 761 -59.16 128.71 -24.34
CA LEU AA 761 -58.38 128.08 -23.27
C LEU AA 761 -58.72 128.82 -21.98
N LYS AA 762 -59.67 128.27 -21.23
CA LYS AA 762 -59.97 128.77 -19.90
C LYS AA 762 -58.85 128.34 -18.98
N VAL AA 763 -57.97 129.27 -18.65
CA VAL AA 763 -56.82 128.99 -17.82
C VAL AA 763 -57.16 129.31 -16.37
N SER AA 764 -56.95 128.34 -15.49
CA SER AA 764 -57.24 128.49 -14.07
C SER AA 764 -56.01 128.16 -13.25
N THR AA 765 -55.91 128.78 -12.09
CA THR AA 765 -54.80 128.58 -11.18
C THR AA 765 -55.31 128.01 -9.87
N TYR AA 766 -54.45 127.23 -9.22
CA TYR AA 766 -54.71 126.72 -7.88
C TYR AA 766 -53.43 126.86 -7.06
N LYS AA 767 -53.59 127.09 -5.78
CA LYS AA 767 -52.44 127.19 -4.89
C LYS AA 767 -51.81 125.81 -4.75
N PRO AA 768 -50.50 125.67 -5.01
CA PRO AA 768 -49.85 124.37 -4.89
C PRO AA 768 -49.83 123.89 -3.44
N PRO AA 769 -50.22 122.65 -3.19
CA PRO AA 769 -50.25 122.16 -1.80
C PRO AA 769 -48.84 121.97 -1.27
N ASN AA 770 -48.61 122.47 -0.05
CA ASN AA 770 -47.33 122.31 0.60
C ASN AA 770 -47.10 120.84 0.97
N ASN AA 771 -45.88 120.38 0.74
CA ASN AA 771 -45.50 119.00 1.07
C ASN AA 771 -44.69 118.91 2.35
N GLY AA 772 -44.58 120.00 3.10
CA GLY AA 772 -43.81 120.03 4.31
C GLY AA 772 -42.92 121.25 4.39
N PRO AA 773 -42.49 121.61 5.60
CA PRO AA 773 -41.63 122.80 5.77
C PRO AA 773 -40.19 122.58 5.35
N TYR AA 774 -39.78 121.34 5.12
CA TYR AA 774 -38.40 121.08 4.72
C TYR AA 774 -38.17 121.52 3.27
N PRO AA 775 -36.96 121.99 2.95
CA PRO AA 775 -36.65 122.34 1.55
C PRO AA 775 -36.65 121.14 0.61
N VAL AA 776 -36.48 119.93 1.13
CA VAL AA 776 -36.56 118.73 0.29
C VAL AA 776 -37.98 118.53 -0.24
N ASP AA 777 -38.98 118.88 0.57
CA ASP AA 777 -40.38 118.71 0.19
C ASP AA 777 -40.84 119.63 -0.93
N ALA AA 778 -40.04 120.63 -1.30
CA ALA AA 778 -40.41 121.52 -2.39
C ALA AA 778 -40.38 120.77 -3.71
N PRO AA 779 -41.47 120.76 -4.48
CA PRO AA 779 -41.49 120.00 -5.73
C PRO AA 779 -40.61 120.63 -6.80
N LYS AA 780 -40.09 119.79 -7.69
CA LYS AA 780 -39.26 120.24 -8.79
C LYS AA 780 -40.14 120.78 -9.92
N LEU AA 781 -39.69 121.87 -10.53
CA LEU AA 781 -40.43 122.53 -11.60
C LEU AA 781 -39.60 122.49 -12.88
N ASN AA 782 -40.29 122.46 -14.01
CA ASN AA 782 -39.63 122.47 -15.31
C ASN AA 782 -38.97 123.82 -15.56
N LYS AA 783 -37.76 123.78 -16.12
CA LYS AA 783 -36.97 124.99 -16.33
C LYS AA 783 -36.69 125.30 -17.79
N ILE AA 784 -37.00 124.39 -18.71
CA ILE AA 784 -36.75 124.62 -20.13
C ILE AA 784 -37.96 125.31 -20.75
N ARG AA 785 -37.72 126.09 -21.79
CA ARG AA 785 -38.78 126.80 -22.50
C ARG AA 785 -39.11 126.03 -23.77
N PHE AA 786 -40.28 125.39 -23.78
CA PHE AA 786 -40.69 124.59 -24.91
C PHE AA 786 -41.18 125.47 -26.07
N THR AA 787 -40.94 124.99 -27.29
CA THR AA 787 -41.45 125.65 -28.47
C THR AA 787 -42.95 125.38 -28.58
N PRO AA 788 -43.68 126.18 -29.40
CA PRO AA 788 -45.10 125.86 -29.64
C PRO AA 788 -45.34 124.47 -30.21
N THR AA 789 -44.44 123.99 -31.09
CA THR AA 789 -44.57 122.63 -31.61
C THR AA 789 -44.39 121.59 -30.51
N GLN AA 790 -43.41 121.80 -29.63
CA GLN AA 790 -43.21 120.88 -28.51
C GLN AA 790 -44.39 120.92 -27.55
N ILE AA 791 -44.97 122.09 -27.33
CA ILE AA 791 -46.13 122.21 -26.44
C ILE AA 791 -47.35 121.52 -27.05
N ASP AA 792 -47.52 121.65 -28.37
CA ASP AA 792 -48.61 120.93 -29.05
C ASP AA 792 -48.39 119.42 -28.99
N ALA AA 793 -47.14 118.97 -29.12
CA ALA AA 793 -46.84 117.55 -28.97
C ALA AA 793 -47.15 117.06 -27.55
N ILE AA 794 -46.83 117.88 -26.54
CA ILE AA 794 -47.13 117.52 -25.16
C ILE AA 794 -48.63 117.45 -24.93
N TYR AA 795 -49.38 118.41 -25.51
CA TYR AA 795 -50.83 118.40 -25.41
C TYR AA 795 -51.43 117.17 -26.07
N SER AA 796 -50.92 116.79 -27.24
CA SER AA 796 -51.44 115.61 -27.93
C SER AA 796 -51.08 114.33 -27.19
N GLY AA 797 -49.89 114.29 -26.57
CA GLY AA 797 -49.53 113.13 -25.76
C GLY AA 797 -50.37 113.01 -24.51
N THR AA 798 -50.70 114.14 -23.88
CA THR AA 798 -51.55 114.11 -22.69
C THR AA 798 -52.98 113.73 -23.05
N GLN AA 799 -53.49 114.22 -24.18
CA GLN AA 799 -54.82 113.85 -24.62
C GLN AA 799 -54.85 112.39 -25.07
N PRO AA 800 -55.96 111.68 -24.86
CA PRO AA 800 -56.01 110.27 -25.22
C PRO AA 800 -55.98 110.05 -26.73
N GLY AA 801 -55.43 108.89 -27.11
CA GLY AA 801 -55.34 108.53 -28.51
C GLY AA 801 -53.93 108.23 -28.97
N LEU AA 802 -53.67 108.43 -30.25
CA LEU AA 802 -52.36 108.20 -30.84
C LEU AA 802 -51.66 109.53 -31.07
N THR AA 803 -50.43 109.64 -30.55
CA THR AA 803 -49.60 110.81 -30.75
C THR AA 803 -48.35 110.38 -31.51
N ILE AA 804 -48.01 111.13 -32.55
CA ILE AA 804 -46.81 110.88 -33.35
C ILE AA 804 -45.97 112.15 -33.32
N ILE AA 805 -44.73 112.02 -32.85
CA ILE AA 805 -43.83 113.16 -32.70
C ILE AA 805 -42.59 112.90 -33.56
N VAL AA 806 -42.50 113.64 -34.66
CA VAL AA 806 -41.33 113.58 -35.55
C VAL AA 806 -40.31 114.58 -35.02
N GLY AA 807 -39.22 114.07 -34.46
CA GLY AA 807 -38.22 114.92 -33.87
C GLY AA 807 -36.82 114.67 -34.40
N PRO AA 808 -36.21 115.69 -34.97
CA PRO AA 808 -34.79 115.61 -35.32
C PRO AA 808 -33.94 115.52 -34.08
N PRO AA 809 -32.71 114.99 -34.19
CA PRO AA 809 -31.83 114.92 -33.01
C PRO AA 809 -31.51 116.30 -32.46
N GLY AA 810 -31.56 116.41 -31.13
CA GLY AA 810 -31.32 117.68 -30.47
C GLY AA 810 -32.52 118.60 -30.37
N THR AA 811 -33.71 118.12 -30.71
CA THR AA 811 -34.92 118.93 -30.65
C THR AA 811 -35.73 118.67 -29.39
N GLY AA 812 -35.19 117.93 -28.43
CA GLY AA 812 -35.88 117.70 -27.18
C GLY AA 812 -36.97 116.66 -27.22
N LYS AA 813 -36.76 115.57 -27.97
CA LYS AA 813 -37.71 114.46 -27.97
C LYS AA 813 -37.84 113.84 -26.60
N THR AA 814 -36.70 113.60 -25.93
CA THR AA 814 -36.73 113.02 -24.59
C THR AA 814 -37.33 113.98 -23.59
N ASP AA 815 -37.08 115.29 -23.74
CA ASP AA 815 -37.69 116.29 -22.87
C ASP AA 815 -39.20 116.30 -23.02
N VAL AA 816 -39.70 116.25 -24.26
CA VAL AA 816 -41.14 116.23 -24.52
C VAL AA 816 -41.76 114.95 -23.95
N ALA AA 817 -41.10 113.81 -24.17
CA ALA AA 817 -41.62 112.54 -23.66
C ALA AA 817 -41.67 112.53 -22.13
N VAL AA 818 -40.61 113.02 -21.48
CA VAL AA 818 -40.58 113.05 -20.02
C VAL AA 818 -41.61 114.02 -19.47
N GLN AA 819 -41.85 115.14 -20.18
CA GLN AA 819 -42.90 116.07 -19.78
C GLN AA 819 -44.28 115.43 -19.88
N ILE AA 820 -44.53 114.66 -20.95
CA ILE AA 820 -45.80 113.96 -21.08
C ILE AA 820 -45.96 112.90 -20.00
N ILE AA 821 -44.87 112.18 -19.69
CA ILE AA 821 -44.90 111.16 -18.65
C ILE AA 821 -45.22 111.78 -17.29
N SER AA 822 -44.58 112.91 -16.98
CA SER AA 822 -44.83 113.59 -15.72
C SER AA 822 -46.24 114.15 -15.64
N ASN AA 823 -46.75 114.69 -16.75
CA ASN AA 823 -48.11 115.21 -16.78
C ASN AA 823 -49.13 114.09 -16.57
N ILE AA 824 -48.91 112.93 -17.20
CA ILE AA 824 -49.80 111.79 -17.01
C ILE AA 824 -49.71 111.28 -15.58
N TYR AA 825 -48.50 111.23 -15.02
CA TYR AA 825 -48.31 110.76 -13.65
C TYR AA 825 -49.01 111.66 -12.65
N HIS AA 826 -48.94 112.99 -12.86
CA HIS AA 826 -49.59 113.91 -11.94
C HIS AA 826 -51.10 113.94 -12.12
N ASN AA 827 -51.58 113.82 -13.37
CA ASN AA 827 -53.01 113.91 -13.62
C ASN AA 827 -53.76 112.64 -13.20
N PHE AA 828 -53.20 111.47 -13.51
CA PHE AA 828 -53.91 110.20 -13.31
C PHE AA 828 -53.09 109.27 -12.42
N PRO AA 829 -53.37 109.21 -11.12
CA PRO AA 829 -52.67 108.26 -10.26
C PRO AA 829 -53.08 106.81 -10.51
N GLU AA 830 -54.28 106.57 -11.04
CA GLU AA 830 -54.76 105.22 -11.27
C GLU AA 830 -54.29 104.62 -12.58
N GLN AA 831 -53.72 105.43 -13.48
CA GLN AA 831 -53.25 104.92 -14.76
C GLN AA 831 -51.79 104.50 -14.66
N LYS AA 832 -51.40 103.59 -15.55
CA LYS AA 832 -50.05 103.08 -15.61
C LYS AA 832 -49.40 103.47 -16.93
N THR AA 833 -48.14 103.87 -16.87
CA THR AA 833 -47.40 104.35 -18.03
C THR AA 833 -46.28 103.38 -18.35
N LEU AA 834 -46.29 102.87 -19.57
CA LEU AA 834 -45.34 101.86 -20.04
C LEU AA 834 -44.34 102.55 -20.96
N LEU AA 835 -43.10 102.69 -20.48
CA LEU AA 835 -42.03 103.31 -21.25
C LEU AA 835 -41.31 102.24 -22.05
N VAL AA 836 -41.25 102.42 -23.37
CA VAL AA 836 -40.54 101.52 -24.25
C VAL AA 836 -39.43 102.30 -24.94
N ALA AA 837 -38.20 101.80 -24.84
CA ALA AA 837 -37.05 102.44 -25.47
C ALA AA 837 -36.34 101.45 -26.37
N HIS AA 838 -35.39 101.96 -27.14
CA HIS AA 838 -34.57 101.11 -28.00
C HIS AA 838 -33.20 100.80 -27.40
N SER AA 839 -32.67 101.69 -26.58
CA SER AA 839 -31.34 101.52 -26.02
C SER AA 839 -31.33 101.81 -24.53
N ASN AA 840 -30.40 101.17 -23.83
CA ASN AA 840 -30.22 101.42 -22.40
C ASN AA 840 -29.75 102.84 -22.14
N GLN AA 841 -29.00 103.43 -23.08
CA GLN AA 841 -28.65 104.84 -22.97
C GLN AA 841 -29.89 105.73 -23.03
N ALA AA 842 -30.83 105.40 -23.91
CA ALA AA 842 -32.09 106.14 -23.97
C ALA AA 842 -32.91 105.97 -22.69
N LEU AA 843 -32.92 104.75 -22.14
CA LEU AA 843 -33.61 104.53 -20.87
C LEU AA 843 -32.97 105.33 -19.74
N ASN AA 844 -31.64 105.36 -19.70
CA ASN AA 844 -30.93 106.13 -18.68
C ASN AA 844 -31.18 107.63 -18.82
N GLN AA 845 -31.22 108.12 -20.07
CA GLN AA 845 -31.51 109.54 -20.31
C GLN AA 845 -32.94 109.88 -19.88
N LEU AA 846 -33.89 108.99 -20.18
CA LEU AA 846 -35.28 109.21 -19.75
C LEU AA 846 -35.40 109.23 -18.23
N PHE AA 847 -34.74 108.29 -17.55
CA PHE AA 847 -34.78 108.25 -16.10
C PHE AA 847 -34.12 109.47 -15.48
N ALA AA 848 -32.98 109.91 -16.05
CA ALA AA 848 -32.29 111.09 -15.55
C ALA AA 848 -33.14 112.34 -15.74
N LYS AA 849 -33.85 112.45 -16.88
CA LYS AA 849 -34.70 113.61 -17.09
C LYS AA 849 -35.92 113.59 -16.18
N ILE AA 850 -36.46 112.40 -15.88
CA ILE AA 850 -37.54 112.29 -14.90
C ILE AA 850 -37.08 112.71 -13.50
N VAL AA 851 -35.86 112.27 -13.12
CA VAL AA 851 -35.28 112.61 -11.82
C VAL AA 851 -34.97 114.10 -11.72
N ALA AA 852 -34.55 114.73 -12.83
CA ALA AA 852 -34.50 116.19 -12.88
C ALA AA 852 -35.91 116.77 -12.73
N LEU AA 853 -36.89 116.15 -13.38
CA LEU AA 853 -38.30 116.34 -13.09
C LEU AA 853 -38.69 115.48 -11.88
N ASP AA 854 -39.98 115.22 -11.70
CA ASP AA 854 -40.51 114.79 -10.40
C ASP AA 854 -41.52 113.67 -10.57
N ILE AA 855 -41.03 112.43 -10.49
CA ILE AA 855 -41.86 111.24 -10.36
C ILE AA 855 -41.20 110.37 -9.29
N ASP AA 856 -42.02 109.85 -8.36
CA ASP AA 856 -41.49 109.13 -7.21
C ASP AA 856 -40.77 107.85 -7.62
N GLU AA 857 -39.65 107.57 -6.95
CA GLU AA 857 -38.88 106.36 -7.22
C GLU AA 857 -39.59 105.11 -6.73
N ARG AA 858 -40.57 105.24 -5.83
CA ARG AA 858 -41.39 104.11 -5.45
C ARG AA 858 -42.31 103.65 -6.59
N HIS AA 859 -42.57 104.53 -7.56
CA HIS AA 859 -43.34 104.17 -8.75
C HIS AA 859 -42.48 104.00 -9.97
N LEU AA 860 -41.30 104.60 -10.00
CA LEU AA 860 -40.36 104.38 -11.10
C LEU AA 860 -39.81 102.96 -11.06
N LEU AA 861 -39.74 102.32 -12.23
CA LEU AA 861 -39.27 100.94 -12.32
C LEU AA 861 -38.70 100.71 -13.71
N ARG AA 862 -37.53 100.07 -13.77
CA ARG AA 862 -36.89 99.72 -15.02
C ARG AA 862 -36.75 98.21 -15.10
N LEU AA 863 -37.10 97.65 -16.26
CA LEU AA 863 -36.99 96.21 -16.52
C LEU AA 863 -35.92 95.96 -17.56
N GLY AA 864 -35.10 94.95 -17.32
CA GLY AA 864 -34.03 94.63 -18.25
C GLY AA 864 -33.10 93.60 -17.63
N HIS AA 865 -31.98 93.38 -18.33
CA HIS AA 865 -30.97 92.45 -17.85
C HIS AA 865 -30.28 93.01 -16.61
N GLY AA 866 -30.02 92.13 -15.64
CA GLY AA 866 -29.40 92.55 -14.40
C GLY AA 866 -27.91 92.83 -14.47
N GLU AA 867 -27.25 92.39 -15.56
CA GLU AA 867 -25.83 92.64 -15.74
C GLU AA 867 -25.54 93.96 -16.45
N GLU AA 868 -26.57 94.68 -16.88
CA GLU AA 868 -26.38 95.95 -17.56
C GLU AA 868 -25.99 97.03 -16.56
N GLU AA 869 -24.99 97.83 -16.94
CA GLU AA 869 -24.55 98.93 -16.08
C GLU AA 869 -25.58 100.05 -16.09
N LEU AA 870 -25.90 100.56 -14.90
CA LEU AA 870 -26.89 101.62 -14.74
C LEU AA 870 -26.16 102.95 -14.60
N GLU AA 871 -26.31 103.82 -15.61
CA GLU AA 871 -25.67 105.12 -15.58
C GLU AA 871 -26.40 106.11 -14.69
N THR AA 872 -27.63 105.82 -14.29
CA THR AA 872 -28.37 106.71 -13.43
C THR AA 872 -27.85 106.66 -12.00
N GLU AA 873 -28.19 107.70 -11.23
CA GLU AA 873 -27.75 107.76 -9.83
C GLU AA 873 -28.40 106.67 -8.99
N GLY AA 874 -29.69 106.42 -9.21
CA GLY AA 874 -30.41 105.38 -8.50
C GLY AA 874 -30.49 104.10 -9.30
N SER AA 875 -30.48 102.97 -8.59
CA SER AA 875 -30.58 101.65 -9.20
C SER AA 875 -32.05 101.34 -9.44
N PHE AA 876 -32.48 101.40 -10.69
CA PHE AA 876 -33.88 101.25 -11.06
C PHE AA 876 -34.24 99.82 -11.44
N SER AA 877 -33.34 98.86 -11.24
CA SER AA 877 -33.66 97.46 -11.45
C SER AA 877 -34.53 96.95 -10.30
N LYS AA 878 -34.88 95.66 -10.36
CA LYS AA 878 -35.75 95.08 -9.35
C LYS AA 878 -35.07 95.03 -7.98
N HIS AA 879 -33.85 94.50 -7.92
CA HIS AA 879 -33.13 94.44 -6.66
C HIS AA 879 -32.72 95.82 -6.17
N GLY AA 880 -32.38 96.72 -7.09
CA GLY AA 880 -32.07 98.08 -6.69
C GLY AA 880 -33.25 98.81 -6.10
N ARG AA 881 -34.44 98.63 -6.70
CA ARG AA 881 -35.65 99.22 -6.13
C ARG AA 881 -36.01 98.57 -4.80
N VAL AA 882 -35.76 97.27 -4.64
CA VAL AA 882 -35.98 96.62 -3.35
C VAL AA 882 -35.05 97.20 -2.28
N GLU AA 883 -33.78 97.41 -2.63
CA GLU AA 883 -32.83 98.00 -1.69
C GLU AA 883 -33.20 99.44 -1.34
N SER AA 884 -33.66 100.22 -2.33
CA SER AA 884 -34.12 101.58 -2.08
C SER AA 884 -35.35 101.59 -1.18
N PHE AA 885 -36.26 100.63 -1.40
CA PHE AA 885 -37.44 100.50 -0.54
C PHE AA 885 -37.03 100.16 0.90
N LEU AA 886 -36.04 99.29 1.07
CA LEU AA 886 -35.57 98.94 2.40
C LEU AA 886 -34.90 100.12 3.10
N ASP AA 887 -34.10 100.90 2.34
CA ASP AA 887 -33.46 102.08 2.91
C ASP AA 887 -34.49 103.13 3.32
N ASN AA 888 -35.49 103.35 2.47
CA ASN AA 888 -36.58 104.26 2.81
C ASN AA 888 -37.38 103.75 4.00
N ARG AA 889 -37.53 102.43 4.10
CA ARG AA 889 -38.21 101.83 5.25
C ARG AA 889 -37.46 102.11 6.53
N GLN AA 890 -36.14 101.93 6.52
CA GLN AA 890 -35.34 102.20 7.71
C GLN AA 890 -35.38 103.67 8.10
N ARG AA 891 -35.25 104.56 7.11
CA ARG AA 891 -35.28 106.00 7.39
C ARG AA 891 -36.64 106.44 7.93
N PHE AA 892 -37.72 105.95 7.32
CA PHE AA 892 -39.05 106.37 7.78
C PHE AA 892 -39.44 105.69 9.08
N LEU AA 893 -38.90 104.50 9.37
CA LEU AA 893 -39.12 103.89 10.68
C LEU AA 893 -38.38 104.66 11.77
N TYR AA 894 -37.18 105.17 11.46
CA TYR AA 894 -36.50 106.06 12.39
C TYR AA 894 -37.28 107.35 12.58
N GLU AA 895 -37.88 107.87 11.51
CA GLU AA 895 -38.72 109.07 11.62
C GLU AA 895 -39.95 108.82 12.49
N VAL AA 896 -40.58 107.65 12.34
CA VAL AA 896 -41.74 107.31 13.15
C VAL AA 896 -41.34 107.11 14.62
N SER AA 897 -40.16 106.53 14.86
CA SER AA 897 -39.66 106.42 16.23
C SER AA 897 -39.41 107.78 16.85
N ARG AA 898 -38.86 108.72 16.06
CA ARG AA 898 -38.67 110.08 16.54
C ARG AA 898 -40.01 110.77 16.81
N LEU AA 899 -41.00 110.54 15.94
CA LEU AA 899 -42.33 111.10 16.15
C LEU AA 899 -42.99 110.54 17.41
N ALA AA 900 -42.83 109.24 17.65
CA ALA AA 900 -43.39 108.63 18.86
C ALA AA 900 -42.69 109.14 20.11
N ALA AA 901 -41.37 109.35 20.03
CA ALA AA 901 -40.65 109.93 21.16
C ALA AA 901 -41.06 111.36 21.42
N SER AA 902 -41.35 112.13 20.36
CA SER AA 902 -41.82 113.50 20.52
C SER AA 902 -43.22 113.54 21.13
N MET AA 903 -44.09 112.62 20.69
CA MET AA 903 -45.45 112.57 21.22
C MET AA 903 -45.52 111.95 22.60
N GLY AA 904 -44.48 111.22 23.03
CA GLY AA 904 -44.49 110.61 24.34
C GLY AA 904 -45.33 109.36 24.45
N ALA AA 905 -45.66 108.72 23.32
CA ALA AA 905 -46.44 107.49 23.37
C ALA AA 905 -45.58 106.34 23.88
N PRO AA 906 -46.16 105.41 24.66
CA PRO AA 906 -45.37 104.29 25.16
C PRO AA 906 -45.00 103.31 24.06
N GLY AA 907 -43.85 102.64 24.27
CA GLY AA 907 -43.39 101.64 23.34
C GLY AA 907 -42.65 102.22 22.15
N ALA AA 908 -41.99 101.33 21.42
CA ALA AA 908 -41.26 101.69 20.19
C ALA AA 908 -42.16 101.37 19.00
N HIS AA 909 -42.74 102.41 18.41
CA HIS AA 909 -43.70 102.25 17.32
C HIS AA 909 -43.04 102.22 15.95
N GLY AA 910 -41.72 102.30 15.88
CA GLY AA 910 -41.02 102.21 14.62
C GLY AA 910 -40.49 100.82 14.35
N ASN AA 911 -41.19 99.81 14.88
CA ASN AA 911 -40.76 98.42 14.70
C ASN AA 911 -40.94 97.98 13.26
N SER AA 912 -42.08 98.30 12.66
CA SER AA 912 -42.36 97.88 11.29
C SER AA 912 -43.34 98.87 10.66
N ALA AA 913 -43.56 98.70 9.36
CA ALA AA 913 -44.44 99.60 8.62
C ALA AA 913 -45.88 99.45 9.07
N GLU AA 914 -46.34 98.22 9.32
CA GLU AA 914 -47.71 98.00 9.79
C GLU AA 914 -47.91 98.59 11.17
N THR AA 915 -46.93 98.43 12.07
CA THR AA 915 -47.01 99.03 13.39
C THR AA 915 -47.00 100.56 13.31
N ALA AA 916 -46.20 101.11 12.41
CA ALA AA 916 -46.17 102.56 12.23
C ALA AA 916 -47.51 103.09 11.70
N GLY AA 917 -48.11 102.38 10.74
CA GLY AA 917 -49.40 102.80 10.22
C GLY AA 917 -50.51 102.68 11.25
N TYR AA 918 -50.48 101.61 12.06
CA TYR AA 918 -51.46 101.47 13.13
C TYR AA 918 -51.27 102.53 14.21
N PHE AA 919 -50.02 102.87 14.54
CA PHE AA 919 -49.75 103.98 15.44
C PHE AA 919 -50.29 105.29 14.90
N ASN AA 920 -50.11 105.51 13.58
CA ASN AA 920 -50.66 106.71 12.95
C ASN AA 920 -52.17 106.76 13.08
N LYS AA 921 -52.85 105.67 12.71
CA LYS AA 921 -54.30 105.62 12.76
C LYS AA 921 -54.85 105.71 14.17
N VAL AA 922 -54.08 105.26 15.17
CA VAL AA 922 -54.56 105.30 16.54
C VAL AA 922 -54.35 106.69 17.16
N TYR AA 923 -53.18 107.30 16.94
CA TYR AA 923 -52.84 108.55 17.62
C TYR AA 923 -53.06 109.79 16.76
N VAL AA 924 -52.45 109.84 15.57
CA VAL AA 924 -52.38 111.09 14.82
C VAL AA 924 -53.75 111.47 14.25
N GLU AA 925 -54.50 110.48 13.75
CA GLU AA 925 -55.79 110.77 13.15
C GLU AA 925 -56.84 111.33 14.12
N PRO AA 926 -57.02 110.80 15.35
CA PRO AA 926 -57.89 111.54 16.30
C PRO AA 926 -57.34 112.90 16.68
N ALA AA 927 -56.01 113.04 16.79
CA ALA AA 927 -55.42 114.34 17.08
C ALA AA 927 -55.64 115.32 15.94
N TRP AA 928 -55.50 114.85 14.69
CA TRP AA 928 -55.77 115.71 13.55
C TRP AA 928 -57.26 116.02 13.44
N ALA AA 929 -58.13 115.10 13.83
CA ALA AA 929 -59.57 115.39 13.84
C ALA AA 929 -59.92 116.45 14.88
N LYS AA 930 -59.30 116.36 16.07
CA LYS AA 930 -59.51 117.39 17.08
C LYS AA 930 -58.97 118.74 16.62
N PHE AA 931 -57.80 118.74 15.97
CA PHE AA 931 -57.24 119.98 15.43
C PHE AA 931 -58.14 120.57 14.34
N ASN AA 932 -58.71 119.71 13.49
CA ASN AA 932 -59.65 120.16 12.46
C ASN AA 932 -60.93 120.71 13.07
N ASP AA 933 -61.40 120.12 14.17
CA ASP AA 933 -62.55 120.69 14.88
C ASP AA 933 -62.23 122.05 15.46
N ILE AA 934 -61.01 122.21 16.00
CA ILE AA 934 -60.57 123.51 16.51
C ILE AA 934 -60.52 124.53 15.37
N ILE AA 935 -60.02 124.12 14.20
CA ILE AA 935 -59.97 125.00 13.03
C ILE AA 935 -61.39 125.38 12.59
N GLN AA 936 -62.29 124.40 12.54
CA GLN AA 936 -63.67 124.65 12.13
C GLN AA 936 -64.44 125.51 13.12
N ARG AA 937 -64.01 125.55 14.38
CA ARG AA 937 -64.55 126.50 15.33
C ARG AA 937 -64.25 127.93 14.87
N GLU AA 938 -65.32 128.71 14.67
CA GLU AA 938 -65.17 130.03 14.06
C GLU AA 938 -64.57 131.06 14.99
N ASP AA 939 -64.55 130.79 16.30
CA ASP AA 939 -63.97 131.72 17.27
C ASP AA 939 -62.48 131.47 17.49
N VAL AA 940 -61.88 130.55 16.75
CA VAL AA 940 -60.49 130.19 16.92
C VAL AA 940 -59.65 130.99 15.92
N GLY AA 941 -58.66 131.73 16.44
CA GLY AA 941 -57.81 132.55 15.61
C GLY AA 941 -56.55 131.85 15.18
N PRO AA 942 -55.72 132.55 14.40
CA PRO AA 942 -54.45 131.95 13.94
C PRO AA 942 -53.49 131.61 15.07
N GLU AA 943 -53.45 132.42 16.12
CA GLU AA 943 -52.59 132.10 17.27
C GLU AA 943 -53.11 130.89 18.01
N ASP AA 944 -54.43 130.75 18.12
CA ASP AA 944 -55.01 129.56 18.71
C ASP AA 944 -54.72 128.32 17.87
N ILE AA 945 -54.74 128.46 16.55
CA ILE AA 945 -54.36 127.37 15.65
C ILE AA 945 -52.90 126.99 15.87
N VAL AA 946 -52.03 128.00 16.03
CA VAL AA 946 -50.60 127.77 16.22
C VAL AA 946 -50.35 127.01 17.52
N ARG AA 947 -51.00 127.44 18.62
CA ARG AA 947 -50.79 126.76 19.89
C ARG AA 947 -51.51 125.40 19.94
N ALA AA 948 -52.54 125.19 19.12
CA ALA AA 948 -53.20 123.90 19.02
C ALA AA 948 -52.54 122.97 18.02
N PHE AA 949 -51.54 123.44 17.29
CA PHE AA 949 -50.79 122.58 16.38
C PHE AA 949 -50.00 121.56 17.19
N PRO AA 950 -50.20 120.26 16.99
CA PRO AA 950 -49.58 119.26 17.85
C PRO AA 950 -48.25 118.71 17.37
N PHE AA 951 -47.82 119.02 16.15
CA PHE AA 951 -46.60 118.47 15.58
C PHE AA 951 -45.40 119.40 15.70
N HIS AA 952 -45.44 120.32 16.66
CA HIS AA 952 -44.31 121.23 16.88
C HIS AA 952 -43.08 120.47 17.35
N ALA AA 953 -43.25 119.48 18.23
CA ALA AA 953 -42.12 118.71 18.72
C ALA AA 953 -41.48 117.87 17.62
N TYR AA 954 -42.31 117.30 16.73
CA TYR AA 954 -41.76 116.51 15.63
C TYR AA 954 -41.13 117.39 14.56
N PHE AA 955 -41.72 118.57 14.30
CA PHE AA 955 -41.21 119.49 13.30
C PHE AA 955 -40.33 120.58 13.90
N SER AA 956 -39.75 120.34 15.08
CA SER AA 956 -38.79 121.28 15.65
C SER AA 956 -37.50 121.36 14.84
N ASP AA 957 -37.19 120.33 14.05
CA ASP AA 957 -36.00 120.35 13.21
C ASP AA 957 -36.21 121.13 11.92
N ALA AA 958 -37.44 121.58 11.64
CA ALA AA 958 -37.70 122.44 10.50
C ALA AA 958 -37.07 123.81 10.72
N PRO AA 959 -36.76 124.53 9.63
CA PRO AA 959 -36.25 125.91 9.79
C PRO AA 959 -37.25 126.82 10.48
N GLN AA 960 -36.85 127.31 11.65
CA GLN AA 960 -37.72 128.16 12.45
C GLN AA 960 -37.87 129.54 11.79
N PRO AA 961 -39.04 130.18 11.94
CA PRO AA 961 -40.25 129.70 12.63
C PRO AA 961 -41.13 128.81 11.75
N LEU AA 962 -41.89 127.92 12.38
CA LEU AA 962 -42.87 127.13 11.65
C LEU AA 962 -44.00 128.01 11.13
N PHE AA 963 -44.49 128.92 11.97
CA PHE AA 963 -45.51 129.89 11.59
C PHE AA 963 -44.96 131.30 11.83
N PRO AA 964 -44.85 132.13 10.81
CA PRO AA 964 -44.39 133.50 11.03
C PRO AA 964 -45.40 134.29 11.84
N PRO AA 965 -44.95 135.27 12.64
CA PRO AA 965 -45.91 136.09 13.40
C PRO AA 965 -46.79 136.96 12.54
N GLU AA 966 -46.30 137.43 11.38
CA GLU AA 966 -47.11 138.23 10.48
C GLU AA 966 -47.99 137.37 9.57
N ALA AA 967 -47.84 136.06 9.60
CA ALA AA 967 -48.64 135.18 8.78
C ALA AA 967 -50.09 135.15 9.25
N ASP AA 968 -51.02 135.17 8.31
CA ASP AA 968 -52.43 135.13 8.64
C ASP AA 968 -52.95 133.69 8.64
N ARG AA 969 -54.25 133.55 8.89
CA ARG AA 969 -54.85 132.26 9.18
C ARG AA 969 -54.78 131.32 7.98
N GLU AA 970 -54.92 131.86 6.76
CA GLU AA 970 -54.92 131.02 5.56
C GLU AA 970 -53.57 130.34 5.36
N THR AA 971 -52.48 131.10 5.42
CA THR AA 971 -51.16 130.48 5.26
C THR AA 971 -50.71 129.71 6.49
N VAL AA 972 -51.20 130.05 7.68
CA VAL AA 972 -50.95 129.20 8.85
C VAL AA 972 -51.59 127.83 8.66
N LEU AA 973 -52.83 127.81 8.16
CA LEU AA 973 -53.49 126.54 7.84
C LEU AA 973 -52.77 125.82 6.72
N GLU AA 974 -52.23 126.57 5.75
CA GLU AA 974 -51.47 125.96 4.66
C GLU AA 974 -50.20 125.29 5.18
N ILE AA 975 -49.49 125.94 6.10
CA ILE AA 975 -48.28 125.35 6.67
C ILE AA 975 -48.61 124.12 7.52
N ALA AA 976 -49.70 124.19 8.31
CA ALA AA 976 -50.12 123.04 9.10
C ALA AA 976 -50.54 121.88 8.21
N ASN AA 977 -51.26 122.17 7.11
CA ASN AA 977 -51.63 121.13 6.16
C ASN AA 977 -50.42 120.57 5.43
N GLY AA 978 -49.39 121.40 5.19
CA GLY AA 978 -48.17 120.89 4.60
C GLY AA 978 -47.41 119.96 5.53
N CYS AA 979 -47.36 120.29 6.81
CA CYS AA 979 -46.75 119.39 7.79
C CYS AA 979 -47.51 118.08 7.90
N TYR AA 980 -48.85 118.16 7.92
CA TYR AA 980 -49.66 116.94 7.96
C TYR AA 980 -49.52 116.14 6.67
N ARG AA 981 -49.35 116.81 5.53
CA ARG AA 981 -49.15 116.12 4.28
C ARG AA 981 -47.78 115.44 4.23
N HIS AA 982 -46.77 116.06 4.85
CA HIS AA 982 -45.47 115.40 4.97
C HIS AA 982 -45.56 114.15 5.83
N ILE AA 983 -46.27 114.25 6.95
CA ILE AA 983 -46.46 113.08 7.82
C ILE AA 983 -47.22 111.97 7.11
N SER AA 984 -48.30 112.35 6.40
CA SER AA 984 -49.09 111.38 5.67
C SER AA 984 -48.32 110.79 4.48
N LYS AA 985 -47.44 111.57 3.86
CA LYS AA 985 -46.61 111.04 2.79
C LYS AA 985 -45.60 110.02 3.31
N ILE AA 986 -45.02 110.29 4.49
CA ILE AA 986 -44.13 109.32 5.11
C ILE AA 986 -44.87 108.03 5.45
N PHE AA 987 -46.08 108.16 6.01
CA PHE AA 987 -46.85 106.97 6.35
C PHE AA 987 -47.35 106.22 5.12
N GLU AA 988 -47.67 106.93 4.04
CA GLU AA 988 -48.05 106.27 2.80
C GLU AA 988 -46.87 105.58 2.13
N GLU AA 989 -45.68 106.16 2.23
CA GLU AA 989 -44.47 105.49 1.77
C GLU AA 989 -44.24 104.20 2.55
N LEU AA 990 -44.43 104.24 3.88
CA LEU AA 990 -44.30 103.03 4.69
C LEU AA 990 -45.36 102.00 4.32
N ALA AA 991 -46.59 102.44 4.05
CA ALA AA 991 -47.65 101.53 3.65
C ALA AA 991 -47.35 100.89 2.30
N ASP AA 992 -46.70 101.64 1.39
CA ASP AA 992 -46.28 101.06 0.13
C ASP AA 992 -45.12 100.09 0.30
N VAL AA 993 -44.22 100.36 1.25
CA VAL AA 993 -43.12 99.44 1.54
C VAL AA 993 -43.66 98.15 2.14
N LEU AA 994 -44.72 98.23 2.92
CA LEU AA 994 -45.22 97.11 3.73
C LEU AA 994 -45.48 95.80 2.98
N PRO AA 995 -46.04 95.77 1.76
CA PRO AA 995 -46.10 94.48 1.03
C PRO AA 995 -44.74 93.87 0.73
N PHE AA 996 -43.69 94.67 0.55
CA PHE AA 996 -42.37 94.11 0.37
C PHE AA 996 -41.86 93.47 1.65
N GLU AA 997 -42.22 94.03 2.81
CA GLU AA 997 -41.92 93.37 4.08
C GLU AA 997 -42.75 92.11 4.25
N ILE AA 998 -43.97 92.10 3.71
CA ILE AA 998 -44.85 90.94 3.81
C ILE AA 998 -44.28 89.78 3.01
N LEU AA 999 -43.90 90.05 1.75
CA LEU AA 999 -43.33 89.01 0.91
C LEU AA 999 -41.92 88.67 1.35
N ARG AA 1000 -41.56 87.40 1.18
CA ARG AA 1000 -40.24 86.91 1.57
C ARG AA 1000 -39.32 86.67 0.38
N ARG AA 1001 -39.86 86.38 -0.79
CA ARG AA 1001 -39.05 86.11 -1.97
C ARG AA 1001 -38.86 87.37 -2.80
N ASP AA 1002 -37.62 87.56 -3.28
CA ASP AA 1002 -37.31 88.72 -4.10
C ASP AA 1002 -38.05 88.67 -5.44
N LYS AA 1003 -38.24 87.47 -6.00
CA LYS AA 1003 -39.04 87.34 -7.21
C LYS AA 1003 -40.49 87.72 -6.96
N ASP AA 1004 -41.04 87.34 -5.81
CA ASP AA 1004 -42.40 87.74 -5.45
C ASP AA 1004 -42.50 89.24 -5.26
N LYS AA 1005 -41.48 89.85 -4.63
CA LYS AA 1005 -41.46 91.31 -4.46
C LYS AA 1005 -41.42 92.02 -5.81
N ALA AA 1006 -40.58 91.54 -6.73
CA ALA AA 1006 -40.49 92.15 -8.06
C ALA AA 1006 -41.78 91.97 -8.84
N ASN AA 1007 -42.40 90.79 -8.73
CA ASN AA 1007 -43.67 90.55 -9.42
C ASN AA 1007 -44.78 91.45 -8.88
N TYR AA 1008 -44.86 91.62 -7.56
CA TYR AA 1008 -45.88 92.49 -6.99
C TYR AA 1008 -45.61 93.95 -7.35
N LEU AA 1009 -44.33 94.35 -7.38
CA LEU AA 1009 -43.97 95.71 -7.80
C LEU AA 1009 -44.36 95.97 -9.24
N LEU AA 1010 -44.14 94.98 -10.12
CA LEU AA 1010 -44.50 95.14 -11.53
C LEU AA 1010 -46.02 95.17 -11.70
N THR AA 1011 -46.74 94.29 -11.02
CA THR AA 1011 -48.18 94.17 -11.23
C THR AA 1011 -48.96 95.32 -10.60
N SER AA 1012 -48.64 95.69 -9.36
CA SER AA 1012 -49.49 96.62 -8.61
C SER AA 1012 -48.77 97.89 -8.18
N GLU AA 1013 -47.58 97.77 -7.60
CA GLU AA 1013 -46.99 98.90 -6.87
C GLU AA 1013 -46.51 100.00 -7.81
N ALA AA 1014 -45.80 99.63 -8.87
CA ALA AA 1014 -45.22 100.63 -9.77
C ALA AA 1014 -46.28 101.17 -10.72
N ARG AA 1015 -46.32 102.50 -10.87
CA ARG AA 1015 -47.24 103.15 -11.79
C ARG AA 1015 -46.58 103.51 -13.12
N ILE AA 1016 -45.25 103.54 -13.17
CA ILE AA 1016 -44.50 103.81 -14.40
C ILE AA 1016 -43.43 102.74 -14.52
N ILE AA 1017 -43.50 101.94 -15.59
CA ILE AA 1017 -42.59 100.81 -15.77
C ILE AA 1017 -41.91 100.94 -17.12
N ALA AA 1018 -40.58 100.88 -17.13
CA ALA AA 1018 -39.77 101.15 -18.30
C ALA AA 1018 -38.98 99.92 -18.70
N MET AA 1019 -38.85 99.69 -20.01
CA MET AA 1019 -37.98 98.63 -20.52
C MET AA 1019 -37.65 98.91 -21.98
N THR AA 1020 -36.88 98.01 -22.57
CA THR AA 1020 -36.59 98.02 -24.00
C THR AA 1020 -37.58 97.12 -24.74
N SER AA 1021 -37.68 97.35 -26.05
CA SER AA 1021 -38.65 96.61 -26.87
C SER AA 1021 -38.30 95.14 -26.95
N THR AA 1022 -37.00 94.82 -27.04
CA THR AA 1022 -36.59 93.41 -27.07
C THR AA 1022 -36.88 92.72 -25.75
N HIS AA 1023 -36.69 93.42 -24.63
CA HIS AA 1023 -37.03 92.87 -23.32
C HIS AA 1023 -38.54 92.65 -23.19
N ALA AA 1024 -39.34 93.59 -23.71
CA ALA AA 1024 -40.79 93.41 -23.71
C ALA AA 1024 -41.20 92.22 -24.58
N ALA AA 1025 -40.53 92.04 -25.72
CA ALA AA 1025 -40.82 90.93 -26.61
C ALA AA 1025 -40.48 89.59 -25.97
N MET AA 1026 -39.34 89.52 -25.26
CA MET AA 1026 -39.00 88.26 -24.61
C MET AA 1026 -39.75 88.04 -23.31
N LYS AA 1027 -40.35 89.09 -22.73
CA LYS AA 1027 -41.10 88.97 -21.49
C LYS AA 1027 -42.60 89.16 -21.72
N ARG AA 1028 -43.07 89.03 -22.96
CA ARG AA 1028 -44.51 89.13 -23.23
C ARG AA 1028 -45.28 88.01 -22.53
N GLY AA 1029 -44.74 86.80 -22.52
CA GLY AA 1029 -45.42 85.69 -21.86
C GLY AA 1029 -45.52 85.86 -20.36
N GLU AA 1030 -44.43 86.32 -19.73
CA GLU AA 1030 -44.44 86.51 -18.28
C GLU AA 1030 -45.35 87.67 -17.88
N ILE AA 1031 -45.35 88.75 -18.66
CA ILE AA 1031 -46.20 89.90 -18.37
C ILE AA 1031 -47.68 89.52 -18.51
N ALA AA 1032 -48.03 88.79 -19.58
CA ALA AA 1032 -49.40 88.35 -19.76
C ALA AA 1032 -49.81 87.33 -18.71
N SER AA 1033 -48.87 86.50 -18.25
CA SER AA 1033 -49.18 85.57 -17.17
C SER AA 1033 -49.41 86.29 -15.85
N LEU AA 1034 -48.62 87.33 -15.57
CA LEU AA 1034 -48.80 88.11 -14.37
C LEU AA 1034 -50.04 89.00 -14.42
N GLY AA 1035 -50.52 89.31 -15.62
CA GLY AA 1035 -51.73 90.09 -15.77
C GLY AA 1035 -51.50 91.57 -15.55
N PHE AA 1036 -50.70 92.18 -16.42
CA PHE AA 1036 -50.44 93.61 -16.34
C PHE AA 1036 -51.68 94.40 -16.76
N GLN AA 1037 -51.77 95.62 -16.25
CA GLN AA 1037 -52.95 96.45 -16.45
C GLN AA 1037 -52.55 97.87 -16.83
N TYR AA 1038 -51.66 98.01 -17.82
CA TYR AA 1038 -51.24 99.33 -18.25
C TYR AA 1038 -52.38 100.08 -18.93
N ASP AA 1039 -52.29 101.41 -18.88
CA ASP AA 1039 -53.27 102.28 -19.53
C ASP AA 1039 -52.69 103.08 -20.67
N ASN AA 1040 -51.48 103.62 -20.51
CA ASN AA 1040 -50.84 104.42 -21.55
C ASN AA 1040 -49.46 103.87 -21.84
N VAL AA 1041 -49.06 103.89 -23.11
CA VAL AA 1041 -47.75 103.44 -23.55
C VAL AA 1041 -47.06 104.57 -24.28
N ILE AA 1042 -45.85 104.91 -23.85
CA ILE AA 1042 -45.02 105.94 -24.48
C ILE AA 1042 -43.71 105.29 -24.90
N MET AA 1043 -43.33 105.47 -26.16
CA MET AA 1043 -42.15 104.78 -26.67
C MET AA 1043 -41.31 105.76 -27.50
N GLU AA 1044 -40.02 105.45 -27.55
CA GLU AA 1044 -39.03 106.25 -28.25
C GLU AA 1044 -38.31 105.42 -29.30
N GLU AA 1045 -37.73 106.13 -30.28
CA GLU AA 1045 -36.97 105.53 -31.39
C GLU AA 1045 -37.82 104.55 -32.20
N ALA AA 1046 -38.99 105.03 -32.62
CA ALA AA 1046 -39.93 104.21 -33.37
C ALA AA 1046 -39.40 103.83 -34.74
N ALA AA 1047 -38.60 104.70 -35.37
CA ALA AA 1047 -37.98 104.33 -36.62
C ALA AA 1047 -36.81 103.36 -36.41
N GLN AA 1048 -36.25 103.32 -35.22
CA GLN AA 1048 -35.17 102.39 -34.91
C GLN AA 1048 -35.66 101.04 -34.38
N ILE AA 1049 -36.94 100.92 -34.04
CA ILE AA 1049 -37.52 99.65 -33.62
C ILE AA 1049 -38.52 99.18 -34.68
N THR AA 1050 -38.51 97.87 -34.96
CA THR AA 1050 -39.39 97.29 -35.96
C THR AA 1050 -40.85 97.28 -35.50
N GLU AA 1051 -41.73 96.76 -36.36
CA GLU AA 1051 -43.16 96.94 -36.18
C GLU AA 1051 -43.72 96.00 -35.12
N ILE AA 1052 -43.49 94.69 -35.26
CA ILE AA 1052 -44.05 93.72 -34.33
C ILE AA 1052 -43.38 93.84 -32.96
N GLU AA 1053 -42.11 94.27 -32.93
CA GLU AA 1053 -41.41 94.50 -31.67
C GLU AA 1053 -42.01 95.66 -30.88
N ASN AA 1054 -42.76 96.54 -31.54
CA ASN AA 1054 -43.52 97.58 -30.86
C ASN AA 1054 -44.98 97.23 -30.68
N PHE AA 1055 -45.52 96.32 -31.50
CA PHE AA 1055 -46.89 95.87 -31.28
C PHE AA 1055 -46.97 94.95 -30.07
N ILE AA 1056 -45.87 94.27 -29.72
CA ILE AA 1056 -45.86 93.46 -28.50
C ILE AA 1056 -46.11 94.29 -27.24
N PRO AA 1057 -45.53 95.50 -27.06
CA PRO AA 1057 -46.03 96.38 -25.97
C PRO AA 1057 -47.49 96.74 -26.10
N LEU AA 1058 -48.02 96.87 -27.33
CA LEU AA 1058 -49.43 97.18 -27.51
C LEU AA 1058 -50.34 96.01 -27.17
N ALA AA 1059 -49.80 94.80 -27.03
CA ALA AA 1059 -50.59 93.61 -26.70
C ALA AA 1059 -49.97 92.85 -25.54
N LEU AA 1060 -49.24 93.55 -24.66
CA LEU AA 1060 -48.67 92.92 -23.47
C LEU AA 1060 -49.75 92.40 -22.54
N GLN AA 1061 -50.82 93.16 -22.34
CA GLN AA 1061 -51.84 92.80 -21.36
C GLN AA 1061 -52.95 91.97 -22.01
N LYS AA 1062 -53.75 91.36 -21.15
CA LYS AA 1062 -54.87 90.53 -21.60
C LYS AA 1062 -56.03 91.40 -22.04
N PRO AA 1063 -56.67 91.10 -23.18
CA PRO AA 1063 -57.87 91.84 -23.56
C PRO AA 1063 -59.04 91.55 -22.62
N LYS AA 1064 -59.92 92.53 -22.49
CA LYS AA 1064 -61.09 92.39 -21.64
C LYS AA 1064 -62.24 93.17 -22.25
N ASN AA 1065 -63.46 92.64 -22.06
CA ASN AA 1065 -64.71 93.21 -22.56
C ASN AA 1065 -64.69 93.39 -24.08
N GLY AA 1066 -64.04 92.48 -24.79
CA GLY AA 1066 -63.99 92.52 -26.24
C GLY AA 1066 -63.02 93.51 -26.84
N GLN AA 1067 -62.23 94.19 -26.02
CA GLN AA 1067 -61.29 95.19 -26.53
C GLN AA 1067 -60.08 95.24 -25.60
N MET AA 1068 -59.30 96.31 -25.72
CA MET AA 1068 -58.10 96.51 -24.94
C MET AA 1068 -58.29 97.67 -23.97
N ALA AA 1069 -57.55 97.62 -22.87
CA ALA AA 1069 -57.57 98.70 -21.88
C ALA AA 1069 -56.63 99.85 -22.23
N LEU AA 1070 -55.93 99.76 -23.36
CA LEU AA 1070 -55.01 100.82 -23.77
C LEU AA 1070 -55.77 102.06 -24.16
N GLN AA 1071 -55.30 103.22 -23.68
CA GLN AA 1071 -55.95 104.50 -23.95
C GLN AA 1071 -55.06 105.45 -24.74
N ARG AA 1072 -53.80 105.59 -24.35
CA ARG AA 1072 -52.87 106.50 -25.01
C ARG AA 1072 -51.68 105.73 -25.55
N VAL AA 1073 -51.27 106.04 -26.77
CA VAL AA 1073 -50.02 105.56 -27.33
C VAL AA 1073 -49.26 106.75 -27.89
N VAL AA 1074 -47.97 106.84 -27.56
CA VAL AA 1074 -47.10 107.94 -27.95
C VAL AA 1074 -45.91 107.37 -28.69
N LEU AA 1075 -45.66 107.87 -29.90
CA LEU AA 1075 -44.59 107.39 -30.76
C LEU AA 1075 -43.63 108.55 -30.99
N CYS AA 1076 -42.54 108.60 -30.21
CA CYS AA 1076 -41.53 109.63 -30.37
C CYS AA 1076 -40.42 109.09 -31.26
N GLY AA 1077 -40.35 109.56 -32.49
CA GLY AA 1077 -39.39 109.02 -33.41
C GLY AA 1077 -39.03 109.98 -34.51
N ASP AA 1078 -38.32 109.46 -35.51
CA ASP AA 1078 -37.88 110.26 -36.65
C ASP AA 1078 -37.68 109.30 -37.83
N HIS AA 1079 -38.65 109.28 -38.74
CA HIS AA 1079 -38.58 108.38 -39.89
C HIS AA 1079 -37.49 108.75 -40.88
N TYR AA 1080 -36.89 109.93 -40.75
CA TYR AA 1080 -35.72 110.29 -41.54
C TYR AA 1080 -34.42 109.77 -40.93
N GLN AA 1081 -34.48 109.08 -39.79
CA GLN AA 1081 -33.28 108.52 -39.16
C GLN AA 1081 -33.08 107.08 -39.62
N ASN AA 1082 -32.13 106.39 -39.00
CA ASN AA 1082 -31.66 105.11 -39.48
C ASN AA 1082 -32.68 104.00 -39.27
N SER AA 1083 -32.68 103.04 -40.21
CA SER AA 1083 -33.51 101.85 -40.12
C SER AA 1083 -32.92 100.89 -39.08
N PRO AA 1084 -33.74 99.93 -38.57
CA PRO AA 1084 -33.18 98.93 -37.64
C PRO AA 1084 -32.18 98.00 -38.29
N VAL AA 1085 -31.55 97.14 -37.47
CA VAL AA 1085 -30.50 96.25 -37.94
C VAL AA 1085 -31.14 94.95 -38.38
N ILE AA 1086 -31.08 94.68 -39.68
CA ILE AA 1086 -31.56 93.42 -40.27
C ILE AA 1086 -30.43 92.83 -41.09
N GLN AA 1087 -30.05 91.59 -40.79
CA GLN AA 1087 -28.91 90.97 -41.46
C GLN AA 1087 -29.27 90.54 -42.88
N GLY AA 1088 -30.51 90.12 -43.11
CA GLY AA 1088 -30.89 89.60 -44.41
C GLY AA 1088 -31.13 90.66 -45.47
N LEU AA 1089 -30.41 90.56 -46.58
CA LEU AA 1089 -30.57 91.52 -47.68
C LEU AA 1089 -31.92 91.33 -48.38
N ALA AA 1090 -32.34 90.08 -48.55
CA ALA AA 1090 -33.64 89.82 -49.16
C ALA AA 1090 -34.79 90.32 -48.30
N PHE AA 1091 -34.70 90.12 -46.99
CA PHE AA 1091 -35.72 90.65 -46.10
C PHE AA 1091 -35.62 92.16 -45.96
N ARG AA 1092 -34.44 92.72 -46.20
CA ARG AA 1092 -34.28 94.17 -46.20
C ARG AA 1092 -34.96 94.81 -47.41
N HIS AA 1093 -34.75 94.23 -48.59
CA HIS AA 1093 -35.23 94.85 -49.84
C HIS AA 1093 -36.61 94.34 -50.24
N TYR AA 1094 -36.74 93.03 -50.47
CA TYR AA 1094 -37.98 92.49 -51.01
C TYR AA 1094 -39.09 92.46 -49.96
N ALA AA 1095 -38.80 91.90 -48.79
CA ALA AA 1095 -39.82 91.69 -47.77
C ALA AA 1095 -40.18 92.96 -47.00
N ASN AA 1096 -39.38 94.03 -47.16
CA ASN AA 1096 -39.63 95.33 -46.53
C ASN AA 1096 -39.70 95.23 -45.01
N LEU AA 1097 -38.78 94.45 -44.43
CA LEU AA 1097 -38.70 94.31 -42.98
C LEU AA 1097 -38.09 95.54 -42.31
N GLU AA 1098 -37.38 96.39 -43.07
CA GLU AA 1098 -36.71 97.53 -42.49
C GLU AA 1098 -37.66 98.65 -42.09
N GLN AA 1099 -38.77 98.81 -42.81
CA GLN AA 1099 -39.70 99.89 -42.51
C GLN AA 1099 -40.41 99.63 -41.19
N SER AA 1100 -40.63 100.69 -40.44
CA SER AA 1100 -41.14 100.60 -39.08
C SER AA 1100 -42.57 101.13 -39.02
N LEU AA 1101 -43.14 101.09 -37.81
CA LEU AA 1101 -44.48 101.61 -37.59
C LEU AA 1101 -44.54 103.11 -37.81
N PHE AA 1102 -43.48 103.83 -37.41
CA PHE AA 1102 -43.40 105.27 -37.63
C PHE AA 1102 -43.42 105.62 -39.11
N SER AA 1103 -42.57 104.94 -39.89
CA SER AA 1103 -42.52 105.17 -41.32
C SER AA 1103 -43.83 104.76 -42.01
N ARG AA 1104 -44.41 103.64 -41.58
CA ARG AA 1104 -45.66 103.18 -42.16
C ARG AA 1104 -46.80 104.16 -41.89
N LEU AA 1105 -46.87 104.69 -40.68
CA LEU AA 1105 -47.95 105.63 -40.34
C LEU AA 1105 -47.75 106.97 -41.05
N VAL AA 1106 -46.50 107.45 -41.15
CA VAL AA 1106 -46.30 108.73 -41.81
C VAL AA 1106 -46.47 108.58 -43.33
N ARG AA 1107 -46.26 107.37 -43.88
CA ARG AA 1107 -46.57 107.14 -45.28
C ARG AA 1107 -48.07 107.00 -45.51
N LEU AA 1108 -48.78 106.39 -44.55
CA LEU AA 1108 -50.24 106.26 -44.67
C LEU AA 1108 -50.93 107.61 -44.59
N GLY AA 1109 -50.48 108.48 -43.69
CA GLY AA 1109 -51.04 109.82 -43.62
C GLY AA 1109 -51.63 110.18 -42.27
N VAL AA 1110 -51.18 109.52 -41.22
CA VAL AA 1110 -51.59 109.89 -39.86
C VAL AA 1110 -51.01 111.27 -39.53
N PRO AA 1111 -51.76 112.15 -38.88
CA PRO AA 1111 -51.21 113.47 -38.52
C PRO AA 1111 -50.07 113.36 -37.51
N THR AA 1112 -48.94 113.99 -37.84
CA THR AA 1112 -47.75 113.99 -37.01
C THR AA 1112 -47.44 115.42 -36.58
N ILE AA 1113 -46.80 115.57 -35.43
CA ILE AA 1113 -46.33 116.86 -34.94
C ILE AA 1113 -44.81 116.87 -35.07
N ASN AA 1114 -44.28 117.83 -35.82
CA ASN AA 1114 -42.86 117.89 -36.14
C ASN AA 1114 -42.19 118.96 -35.29
N LEU AA 1115 -41.12 118.58 -34.59
CA LEU AA 1115 -40.33 119.55 -33.84
C LEU AA 1115 -39.49 120.36 -34.80
N ASP AA 1116 -39.52 121.69 -34.66
CA ASP AA 1116 -38.94 122.60 -35.64
C ASP AA 1116 -37.86 123.49 -35.06
N GLN AA 1117 -37.25 123.10 -33.94
CA GLN AA 1117 -36.17 123.87 -33.33
C GLN AA 1117 -35.18 122.92 -32.68
N GLN AA 1118 -33.92 122.97 -33.12
CA GLN AA 1118 -32.88 122.14 -32.58
C GLN AA 1118 -32.01 122.92 -31.59
N GLY AA 1119 -31.50 122.22 -30.58
CA GLY AA 1119 -30.69 122.85 -29.56
C GLY AA 1119 -29.43 122.08 -29.23
N ARG AA 1120 -28.80 121.46 -30.24
CA ARG AA 1120 -27.68 120.57 -30.02
C ARG AA 1120 -26.38 121.08 -30.65
N ALA AA 1121 -26.41 121.48 -31.91
CA ALA AA 1121 -25.20 121.71 -32.68
C ALA AA 1121 -25.09 123.18 -33.12
N ARG AA 1122 -24.08 123.45 -33.93
CA ARG AA 1122 -23.84 124.78 -34.48
C ARG AA 1122 -24.91 125.14 -35.50
N PRO AA 1123 -25.07 126.42 -35.83
CA PRO AA 1123 -25.97 126.80 -36.93
C PRO AA 1123 -25.60 126.18 -38.27
N SER AA 1124 -24.30 125.98 -38.53
CA SER AA 1124 -23.87 125.34 -39.76
C SER AA 1124 -24.36 123.90 -39.84
N ILE AA 1125 -24.23 123.15 -38.74
CA ILE AA 1125 -24.71 121.78 -38.72
C ILE AA 1125 -26.24 121.74 -38.72
N SER AA 1126 -26.90 122.74 -38.13
CA SER AA 1126 -28.35 122.80 -38.18
C SER AA 1126 -28.81 122.95 -39.63
N ASN AA 1127 -28.12 123.77 -40.42
CA ASN AA 1127 -28.40 123.82 -41.86
C ASN AA 1127 -28.03 122.50 -42.54
N LEU AA 1128 -26.93 121.88 -42.10
CA LEU AA 1128 -26.41 120.66 -42.73
C LEU AA 1128 -27.32 119.46 -42.54
N TYR AA 1129 -28.23 119.49 -41.56
CA TYR AA 1129 -29.32 118.51 -41.57
C TYR AA 1129 -30.69 119.15 -41.78
N ARG AA 1130 -30.77 120.48 -41.91
CA ARG AA 1130 -32.01 121.15 -42.24
C ARG AA 1130 -32.30 121.14 -43.72
N TRP AA 1131 -31.28 120.88 -44.55
CA TRP AA 1131 -31.54 120.70 -45.98
C TRP AA 1131 -32.37 119.45 -46.24
N ARG AA 1132 -32.34 118.47 -45.32
CA ARG AA 1132 -33.13 117.25 -45.42
C ARG AA 1132 -34.50 117.39 -44.76
N TYR AA 1133 -34.53 117.85 -43.50
CA TYR AA 1133 -35.79 118.02 -42.79
C TYR AA 1133 -36.60 119.16 -43.40
N PRO AA 1134 -37.94 119.07 -43.36
CA PRO AA 1134 -38.78 120.14 -43.95
C PRO AA 1134 -38.67 121.47 -43.23
N GLN AA 1135 -38.85 121.47 -41.91
CA GLN AA 1135 -38.83 122.70 -41.14
C GLN AA 1135 -38.01 122.49 -39.87
N LEU AA 1136 -37.01 123.35 -39.66
CA LEU AA 1136 -36.21 123.33 -38.45
C LEU AA 1136 -35.72 124.74 -38.16
N GLY AA 1137 -35.39 124.99 -36.90
CA GLY AA 1137 -34.86 126.27 -36.49
C GLY AA 1137 -33.70 126.13 -35.53
N ASP AA 1138 -33.29 127.23 -34.90
CA ASP AA 1138 -32.20 127.22 -33.94
C ASP AA 1138 -32.64 127.95 -32.67
N LEU AA 1139 -32.30 127.37 -31.53
CA LEU AA 1139 -32.63 127.98 -30.25
C LEU AA 1139 -31.81 129.25 -30.03
N PRO AA 1140 -32.40 130.28 -29.40
CA PRO AA 1140 -31.64 131.50 -29.11
C PRO AA 1140 -30.45 131.27 -28.19
N HIS AA 1141 -30.54 130.34 -27.25
CA HIS AA 1141 -29.40 130.07 -26.39
C HIS AA 1141 -28.27 129.40 -27.16
N THR AA 1142 -28.60 128.54 -28.13
CA THR AA 1142 -27.57 127.98 -28.99
C THR AA 1142 -26.98 129.04 -29.91
N GLN AA 1143 -27.79 130.00 -30.34
CA GLN AA 1143 -27.27 131.07 -31.19
C GLN AA 1143 -26.42 132.07 -30.42
N THR AA 1144 -26.65 132.23 -29.12
CA THR AA 1144 -25.97 133.25 -28.34
C THR AA 1144 -24.86 132.73 -27.44
N GLU AA 1145 -24.80 131.43 -27.17
CA GLU AA 1145 -23.75 130.91 -26.29
C GLU AA 1145 -22.40 130.95 -27.01
N PRO AA 1146 -21.32 131.29 -26.29
CA PRO AA 1146 -20.00 131.33 -26.94
C PRO AA 1146 -19.47 129.97 -27.37
N GLU AA 1147 -19.98 128.86 -26.81
CA GLU AA 1147 -19.50 127.54 -27.18
C GLU AA 1147 -19.88 127.17 -28.60
N PHE AA 1148 -20.97 127.74 -29.14
CA PHE AA 1148 -21.33 127.55 -30.53
C PHE AA 1148 -20.80 128.65 -31.44
N LEU AA 1149 -20.34 129.77 -30.87
CA LEU AA 1149 -19.82 130.87 -31.66
C LEU AA 1149 -18.31 130.81 -31.84
N THR AA 1150 -17.58 130.33 -30.84
CA THR AA 1150 -16.14 130.23 -30.95
C THR AA 1150 -15.75 129.09 -31.89
N ALA AA 1151 -14.83 129.37 -32.80
CA ALA AA 1151 -14.36 128.39 -33.75
C ALA AA 1151 -13.42 127.39 -33.07
N ASN AA 1152 -13.12 126.31 -33.79
CA ASN AA 1152 -12.21 125.29 -33.26
C ASN AA 1152 -10.78 125.82 -33.22
N ALA AA 1153 -10.06 125.46 -32.17
CA ALA AA 1153 -8.68 125.89 -32.03
C ALA AA 1153 -7.78 125.12 -32.98
N GLY AA 1154 -7.00 125.86 -33.77
CA GLY AA 1154 -6.12 125.24 -34.75
C GLY AA 1154 -6.80 124.80 -36.03
N PHE AA 1155 -8.10 125.03 -36.17
CA PHE AA 1155 -8.85 124.66 -37.36
C PHE AA 1155 -9.43 125.91 -37.99
N ARG AA 1156 -9.18 126.10 -39.28
CA ARG AA 1156 -9.78 127.22 -40.01
C ARG AA 1156 -11.28 127.04 -40.14
N TYR AA 1157 -11.73 125.81 -40.39
CA TYR AA 1157 -13.14 125.52 -40.59
C TYR AA 1157 -13.63 124.54 -39.54
N ASP AA 1158 -14.83 124.79 -39.00
CA ASP AA 1158 -15.41 123.89 -38.02
C ASP AA 1158 -15.84 122.57 -38.66
N TYR AA 1159 -16.36 122.63 -39.89
CA TYR AA 1159 -16.70 121.43 -40.62
C TYR AA 1159 -16.05 121.49 -42.00
N GLN AA 1160 -15.55 120.34 -42.46
CA GLN AA 1160 -14.87 120.27 -43.73
C GLN AA 1160 -14.91 118.84 -44.25
N PHE AA 1161 -15.05 118.71 -45.57
CA PHE AA 1161 -14.95 117.43 -46.25
C PHE AA 1161 -13.65 117.38 -47.03
N VAL AA 1162 -12.89 116.31 -46.86
CA VAL AA 1162 -11.56 116.17 -47.44
C VAL AA 1162 -11.56 114.97 -48.38
N ASN AA 1163 -11.12 115.20 -49.62
CA ASN AA 1163 -10.91 114.14 -50.58
C ASN AA 1163 -9.58 113.46 -50.28
N VAL AA 1164 -9.64 112.26 -49.72
CA VAL AA 1164 -8.45 111.48 -49.37
C VAL AA 1164 -8.01 110.73 -50.63
N PRO AA 1165 -6.82 110.99 -51.16
CA PRO AA 1165 -6.36 110.29 -52.36
C PRO AA 1165 -5.85 108.89 -52.01
N ASP AA 1166 -5.33 108.21 -53.01
CA ASP AA 1166 -4.76 106.88 -52.81
C ASP AA 1166 -3.47 106.99 -52.00
N TYR AA 1167 -3.36 106.17 -50.96
CA TYR AA 1167 -2.21 106.18 -50.07
C TYR AA 1167 -1.33 104.97 -50.39
N ARG AA 1168 -0.05 105.24 -50.66
CA ARG AA 1168 0.93 104.23 -51.07
C ARG AA 1168 0.46 103.44 -52.30
N GLY AA 1169 -0.19 104.16 -53.23
CA GLY AA 1169 -0.72 103.52 -54.42
C GLY AA 1169 -1.97 102.70 -54.22
N MET AA 1170 -2.62 102.80 -53.05
CA MET AA 1170 -3.77 101.98 -52.72
C MET AA 1170 -4.86 102.89 -52.14
N GLY AA 1171 -6.10 102.64 -52.54
CA GLY AA 1171 -7.23 103.43 -52.10
C GLY AA 1171 -8.02 102.73 -51.01
N GLU AA 1172 -9.12 102.09 -51.38
CA GLU AA 1172 -9.83 101.21 -50.47
C GLU AA 1172 -9.30 99.79 -50.60
N SER AA 1173 -9.40 99.03 -49.51
CA SER AA 1173 -8.89 97.67 -49.47
C SER AA 1173 -9.95 96.73 -48.93
N GLU AA 1174 -10.08 95.57 -49.57
CA GLU AA 1174 -11.04 94.54 -49.17
C GLU AA 1174 -10.32 93.20 -49.10
N PRO AA 1175 -9.58 92.95 -48.01
CA PRO AA 1175 -8.91 91.65 -47.88
C PRO AA 1175 -9.86 90.47 -47.75
N THR AA 1176 -10.99 90.67 -47.09
CA THR AA 1176 -12.05 89.67 -46.95
C THR AA 1176 -13.37 90.32 -47.34
N PRO AA 1177 -14.34 89.52 -47.82
CA PRO AA 1177 -15.64 90.09 -48.20
C PRO AA 1177 -16.39 90.70 -47.02
N HIS AA 1178 -17.18 91.74 -47.33
CA HIS AA 1178 -17.91 92.55 -46.34
C HIS AA 1178 -16.96 93.13 -45.29
N PHE AA 1179 -15.80 93.60 -45.74
CA PHE AA 1179 -14.78 94.16 -44.85
C PHE AA 1179 -13.98 95.18 -45.66
N ILE AA 1180 -14.36 96.45 -45.53
CA ILE AA 1180 -13.78 97.53 -46.32
C ILE AA 1180 -12.89 98.37 -45.41
N GLN AA 1181 -11.66 98.62 -45.86
CA GLN AA 1181 -10.69 99.41 -45.12
C GLN AA 1181 -10.08 100.47 -46.02
N ASN AA 1182 -9.69 101.58 -45.42
CA ASN AA 1182 -9.01 102.68 -46.12
C ASN AA 1182 -7.86 103.13 -45.23
N LEU AA 1183 -6.64 102.72 -45.59
CA LEU AA 1183 -5.46 103.05 -44.79
C LEU AA 1183 -5.20 104.56 -44.79
N GLY AA 1184 -5.40 105.21 -45.94
CA GLY AA 1184 -5.21 106.65 -46.01
C GLY AA 1184 -6.18 107.43 -45.15
N GLU AA 1185 -7.46 107.06 -45.19
CA GLU AA 1185 -8.46 107.71 -44.34
C GLU AA 1185 -8.21 107.43 -42.87
N ALA AA 1186 -7.81 106.20 -42.53
CA ALA AA 1186 -7.52 105.85 -41.15
C ALA AA 1186 -6.33 106.65 -40.61
N GLU AA 1187 -5.25 106.75 -41.40
CA GLU AA 1187 -4.10 107.53 -40.98
C GLU AA 1187 -4.41 109.02 -40.93
N TYR AA 1188 -5.27 109.49 -41.82
CA TYR AA 1188 -5.71 110.89 -41.80
C TYR AA 1188 -6.46 111.20 -40.51
N ALA AA 1189 -7.38 110.31 -40.13
CA ALA AA 1189 -8.14 110.49 -38.89
C ALA AA 1189 -7.23 110.39 -37.67
N VAL AA 1190 -6.26 109.48 -37.70
CA VAL AA 1190 -5.31 109.36 -36.59
C VAL AA 1190 -4.46 110.62 -36.47
N ALA AA 1191 -4.03 111.19 -37.60
CA ALA AA 1191 -3.27 112.43 -37.59
C ALA AA 1191 -4.11 113.59 -37.06
N ILE AA 1192 -5.39 113.65 -37.43
CA ILE AA 1192 -6.27 114.69 -36.91
C ILE AA 1192 -6.45 114.53 -35.40
N PHE AA 1193 -6.64 113.30 -34.93
CA PHE AA 1193 -6.79 113.05 -33.50
C PHE AA 1193 -5.54 113.44 -32.73
N GLN AA 1194 -4.36 113.12 -33.26
CA GLN AA 1194 -3.11 113.51 -32.62
C GLN AA 1194 -2.94 115.03 -32.64
N TYR AA 1195 -3.39 115.67 -33.71
CA TYR AA 1195 -3.32 117.13 -33.81
C TYR AA 1195 -4.17 117.79 -32.73
N MET AA 1196 -5.41 117.32 -32.56
CA MET AA 1196 -6.26 117.85 -31.49
C MET AA 1196 -5.71 117.55 -30.11
N ARG AA 1197 -5.17 116.35 -29.92
CA ARG AA 1197 -4.64 115.98 -28.61
C ARG AA 1197 -3.41 116.79 -28.24
N LEU AA 1198 -2.57 117.12 -29.24
CA LEU AA 1198 -1.40 117.94 -28.96
C LEU AA 1198 -1.77 119.41 -28.78
N LEU AA 1199 -2.84 119.88 -29.44
CA LEU AA 1199 -3.30 121.23 -29.17
C LEU AA 1199 -3.93 121.34 -27.78
N GLY AA 1200 -4.63 120.29 -27.33
CA GLY AA 1200 -5.20 120.31 -26.00
C GLY AA 1200 -6.68 119.99 -25.96
N TYR AA 1201 -7.19 119.38 -27.02
CA TYR AA 1201 -8.59 118.98 -27.05
C TYR AA 1201 -8.84 117.81 -26.10
N PRO AA 1202 -10.02 117.74 -25.50
CA PRO AA 1202 -10.34 116.59 -24.63
C PRO AA 1202 -10.55 115.32 -25.45
N ALA AA 1203 -9.87 114.25 -25.05
CA ALA AA 1203 -9.98 112.97 -25.74
C ALA AA 1203 -11.38 112.40 -25.61
N SER AA 1204 -12.08 112.70 -24.51
CA SER AA 1204 -13.48 112.32 -24.40
C SER AA 1204 -14.35 113.12 -25.37
N LYS AA 1205 -14.00 114.37 -25.63
CA LYS AA 1205 -14.74 115.18 -26.59
C LYS AA 1205 -14.42 114.83 -28.03
N ILE AA 1206 -13.28 114.18 -28.29
CA ILE AA 1206 -12.96 113.72 -29.63
C ILE AA 1206 -13.54 112.32 -29.84
N SER AA 1207 -14.31 112.17 -30.92
CA SER AA 1207 -14.84 110.87 -31.31
C SER AA 1207 -14.57 110.65 -32.79
N ILE AA 1208 -14.22 109.40 -33.13
CA ILE AA 1208 -13.92 109.02 -34.51
C ILE AA 1208 -14.94 107.98 -34.95
N LEU AA 1209 -15.60 108.23 -36.08
CA LEU AA 1209 -16.63 107.37 -36.62
C LEU AA 1209 -16.22 106.86 -37.99
N ALA AA 1210 -16.58 105.62 -38.29
CA ALA AA 1210 -16.33 105.00 -39.58
C ALA AA 1210 -17.64 104.50 -40.15
N THR AA 1211 -17.79 104.58 -41.47
CA THR AA 1211 -19.01 104.07 -42.09
C THR AA 1211 -19.00 102.56 -42.27
N TYR AA 1212 -17.89 101.89 -41.99
CA TYR AA 1212 -17.80 100.45 -42.11
C TYR AA 1212 -17.05 99.87 -40.92
N ALA AA 1213 -17.40 98.63 -40.58
CA ALA AA 1213 -16.75 97.95 -39.45
C ALA AA 1213 -15.29 97.65 -39.74
N GLY AA 1214 -14.93 97.39 -41.00
CA GLY AA 1214 -13.54 97.20 -41.35
C GLY AA 1214 -12.72 98.46 -41.15
N GLN AA 1215 -13.26 99.61 -41.56
CA GLN AA 1215 -12.58 100.88 -41.31
C GLN AA 1215 -12.51 101.20 -39.83
N LYS AA 1216 -13.55 100.85 -39.08
CA LYS AA 1216 -13.53 101.05 -37.63
C LYS AA 1216 -12.43 100.21 -36.97
N ALA AA 1217 -12.29 98.95 -37.40
CA ALA AA 1217 -11.23 98.09 -36.86
C ALA AA 1217 -9.85 98.59 -37.26
N LEU AA 1218 -9.70 99.06 -38.51
CA LEU AA 1218 -8.41 99.60 -38.94
C LEU AA 1218 -8.05 100.87 -38.18
N ILE AA 1219 -9.03 101.75 -37.95
CA ILE AA 1219 -8.80 102.97 -37.19
C ILE AA 1219 -8.41 102.62 -35.75
N LYS AA 1220 -9.09 101.64 -35.16
CA LYS AA 1220 -8.74 101.20 -33.81
C LYS AA 1220 -7.32 100.63 -33.76
N ASP AA 1221 -6.95 99.83 -34.76
CA ASP AA 1221 -5.61 99.23 -34.77
C ASP AA 1221 -4.52 100.28 -34.93
N VAL AA 1222 -4.70 101.23 -35.85
CA VAL AA 1222 -3.70 102.26 -36.07
C VAL AA 1222 -3.64 103.20 -34.86
N LEU AA 1223 -4.79 103.51 -34.27
CA LEU AA 1223 -4.84 104.33 -33.06
C LEU AA 1223 -4.11 103.67 -31.91
N ALA AA 1224 -4.31 102.36 -31.73
CA ALA AA 1224 -3.58 101.63 -30.69
C ALA AA 1224 -2.09 101.64 -30.96
N HIS AA 1225 -1.67 101.26 -32.17
CA HIS AA 1225 -0.26 101.16 -32.51
C HIS AA 1225 0.46 102.50 -32.48
N ARG AA 1226 -0.26 103.61 -32.63
CA ARG AA 1226 0.37 104.92 -32.62
C ARG AA 1226 0.17 105.71 -31.34
N CYS AA 1227 -0.74 105.30 -30.45
CA CYS AA 1227 -1.06 106.11 -29.28
C CYS AA 1227 -1.16 105.35 -27.96
N ALA AA 1228 -1.06 104.02 -27.95
CA ALA AA 1228 -1.26 103.29 -26.70
C ALA AA 1228 -0.06 103.44 -25.77
N LYS AA 1229 1.15 103.42 -26.32
CA LYS AA 1229 2.36 103.55 -25.53
C LYS AA 1229 2.79 104.99 -25.33
N ASN AA 1230 2.12 105.95 -25.98
CA ASN AA 1230 2.44 107.36 -25.83
C ASN AA 1230 1.36 108.05 -25.01
N PRO AA 1231 1.67 108.52 -23.79
CA PRO AA 1231 0.65 109.21 -22.98
C PRO AA 1231 0.28 110.59 -23.50
N ILE AA 1232 1.04 111.15 -24.43
CA ILE AA 1232 0.74 112.49 -24.95
C ILE AA 1232 -0.48 112.48 -25.87
N PHE AA 1233 -0.92 111.31 -26.32
CA PHE AA 1233 -2.09 111.19 -27.18
C PHE AA 1233 -3.29 110.57 -26.47
N GLY AA 1234 -3.10 109.41 -25.84
CA GLY AA 1234 -4.22 108.73 -25.23
C GLY AA 1234 -5.11 108.08 -26.27
N LEU AA 1235 -6.36 107.84 -25.87
CA LEU AA 1235 -7.35 107.22 -26.73
C LEU AA 1235 -8.62 108.05 -26.75
N PRO AA 1236 -9.37 108.03 -27.86
CA PRO AA 1236 -10.63 108.79 -27.91
C PRO AA 1236 -11.73 108.18 -27.06
N ARG AA 1237 -12.92 108.80 -27.09
CA ARG AA 1237 -14.03 108.32 -26.28
C ARG AA 1237 -14.50 106.94 -26.74
N VAL AA 1238 -14.77 106.80 -28.04
CA VAL AA 1238 -15.21 105.53 -28.61
C VAL AA 1238 -14.95 105.59 -30.11
N VAL AA 1239 -14.62 104.43 -30.69
CA VAL AA 1239 -14.47 104.27 -32.13
C VAL AA 1239 -15.49 103.22 -32.56
N THR AA 1240 -16.55 103.67 -33.24
CA THR AA 1240 -17.64 102.77 -33.61
C THR AA 1240 -18.30 103.29 -34.88
N THR AA 1241 -19.19 102.48 -35.43
CA THR AA 1241 -19.89 102.82 -36.66
C THR AA 1241 -20.96 103.87 -36.38
N VAL AA 1242 -21.50 104.43 -37.47
CA VAL AA 1242 -22.53 105.47 -37.35
C VAL AA 1242 -23.83 104.88 -36.82
N ASP AA 1243 -24.17 103.66 -37.26
CA ASP AA 1243 -25.39 103.00 -36.78
C ASP AA 1243 -25.32 102.70 -35.29
N LYS AA 1244 -24.15 102.27 -34.80
CA LYS AA 1244 -23.99 102.03 -33.38
C LYS AA 1244 -23.88 103.34 -32.60
N TYR AA 1245 -23.40 104.41 -33.24
CA TYR AA 1245 -23.29 105.71 -32.61
C TYR AA 1245 -24.57 106.52 -32.71
N GLN AA 1246 -25.60 106.00 -33.37
CA GLN AA 1246 -26.89 106.66 -33.41
C GLN AA 1246 -27.48 106.75 -32.00
N GLY AA 1247 -27.97 107.94 -31.65
CA GLY AA 1247 -28.40 108.22 -30.29
C GLY AA 1247 -27.34 108.80 -29.39
N GLU AA 1248 -26.08 108.84 -29.84
CA GLU AA 1248 -24.98 109.42 -29.08
C GLU AA 1248 -24.59 110.75 -29.70
N GLN AA 1249 -23.80 111.51 -28.96
CA GLN AA 1249 -23.38 112.84 -29.41
C GLN AA 1249 -22.01 113.17 -28.83
N ASN AA 1250 -21.29 114.01 -29.56
CA ASN AA 1250 -20.00 114.54 -29.09
C ASN AA 1250 -19.74 115.85 -29.82
N ASP AA 1251 -18.80 116.63 -29.27
CA ASP AA 1251 -18.52 117.95 -29.82
C ASP AA 1251 -17.84 117.85 -31.18
N TYR AA 1252 -16.89 116.94 -31.34
CA TYR AA 1252 -16.12 116.82 -32.57
C TYR AA 1252 -16.22 115.40 -33.11
N ILE AA 1253 -16.54 115.29 -34.39
CA ILE AA 1253 -16.72 114.01 -35.07
C ILE AA 1253 -15.79 113.97 -36.28
N ILE AA 1254 -14.93 112.98 -36.34
CA ILE AA 1254 -14.06 112.71 -37.48
C ILE AA 1254 -14.62 111.46 -38.16
N LEU AA 1255 -15.28 111.66 -39.30
CA LEU AA 1255 -16.00 110.60 -39.98
C LEU AA 1255 -15.22 110.11 -41.20
N SER AA 1256 -15.15 108.79 -41.36
CA SER AA 1256 -14.47 108.17 -42.49
C SER AA 1256 -15.50 107.47 -43.36
N LEU AA 1257 -15.71 107.98 -44.58
CA LEU AA 1257 -16.69 107.41 -45.50
C LEU AA 1257 -16.20 106.13 -46.16
N THR AA 1258 -14.88 106.03 -46.39
CA THR AA 1258 -14.15 104.81 -46.75
C THR AA 1258 -14.43 104.39 -48.20
N ARG AA 1259 -15.38 105.05 -48.86
CA ARG AA 1259 -15.82 104.65 -50.19
C ARG AA 1259 -15.04 105.46 -51.24
N THR AA 1260 -14.34 104.75 -52.12
CA THR AA 1260 -13.56 105.37 -53.18
C THR AA 1260 -13.97 104.95 -54.59
N THR AA 1261 -14.59 103.78 -54.74
CA THR AA 1261 -15.00 103.28 -56.05
C THR AA 1261 -16.50 103.46 -56.32
N ARG AA 1262 -17.34 103.09 -55.36
CA ARG AA 1262 -18.78 103.21 -55.49
C ARG AA 1262 -19.35 103.83 -54.22
N VAL AA 1263 -20.59 104.29 -54.31
CA VAL AA 1263 -21.23 104.91 -53.15
C VAL AA 1263 -21.53 103.87 -52.08
N GLY AA 1264 -22.06 102.72 -52.49
CA GLY AA 1264 -22.28 101.64 -51.54
C GLY AA 1264 -23.46 101.92 -50.62
N TYR AA 1265 -23.25 101.67 -49.32
CA TYR AA 1265 -24.29 101.84 -48.32
C TYR AA 1265 -24.50 103.30 -47.91
N LEU AA 1266 -23.65 104.21 -48.40
CA LEU AA 1266 -23.73 105.62 -48.03
C LEU AA 1266 -24.73 106.40 -48.90
N ARG AA 1267 -25.41 105.73 -49.82
CA ARG AA 1267 -26.46 106.38 -50.60
C ARG AA 1267 -27.72 106.63 -49.77
N ASP AA 1268 -27.81 106.07 -48.57
CA ASP AA 1268 -28.98 106.28 -47.72
C ASP AA 1268 -28.98 107.71 -47.18
N LEU AA 1269 -30.05 108.44 -47.49
CA LEU AA 1269 -30.21 109.80 -46.97
C LEU AA 1269 -30.37 109.79 -45.46
N ARG AA 1270 -31.00 108.74 -44.91
CA ARG AA 1270 -31.10 108.61 -43.46
C ARG AA 1270 -29.74 108.42 -42.82
N ARG AA 1271 -28.88 107.59 -43.42
CA ARG AA 1271 -27.53 107.40 -42.91
C ARG AA 1271 -26.72 108.68 -43.01
N LEU AA 1272 -26.86 109.42 -44.12
CA LEU AA 1272 -26.16 110.69 -44.26
C LEU AA 1272 -26.64 111.71 -43.22
N THR AA 1273 -27.95 111.77 -42.98
CA THR AA 1273 -28.49 112.70 -41.99
C THR AA 1273 -28.02 112.35 -40.59
N VAL AA 1274 -28.00 111.06 -40.24
CA VAL AA 1274 -27.51 110.64 -38.93
C VAL AA 1274 -26.03 110.97 -38.77
N ALA AA 1275 -25.23 110.69 -39.81
CA ALA AA 1275 -23.80 110.98 -39.74
C ALA AA 1275 -23.52 112.47 -39.65
N LEU AA 1276 -24.33 113.30 -40.31
CA LEU AA 1276 -24.17 114.74 -40.19
C LEU AA 1276 -24.64 115.27 -38.84
N SER AA 1277 -25.68 114.65 -38.26
CA SER AA 1277 -26.22 115.11 -36.98
C SER AA 1277 -25.46 114.58 -35.79
N ARG AA 1278 -24.56 113.60 -35.97
CA ARG AA 1278 -23.74 113.14 -34.85
C ARG AA 1278 -22.79 114.20 -34.31
N ALA AA 1279 -22.45 115.21 -35.11
CA ALA AA 1279 -21.50 116.24 -34.70
C ALA AA 1279 -22.21 117.40 -34.03
N ARG AA 1280 -21.48 118.09 -33.15
CA ARG AA 1280 -21.98 119.27 -32.44
C ARG AA 1280 -21.22 120.54 -32.78
N LEU AA 1281 -19.89 120.49 -32.75
CA LEU AA 1281 -19.07 121.65 -33.04
C LEU AA 1281 -18.15 121.44 -34.24
N GLY AA 1282 -17.42 120.35 -34.28
CA GLY AA 1282 -16.51 120.06 -35.37
C GLY AA 1282 -16.95 118.82 -36.13
N LEU AA 1283 -16.87 118.89 -37.45
CA LEU AA 1283 -17.32 117.80 -38.33
C LEU AA 1283 -16.35 117.67 -39.49
N TYR AA 1284 -15.45 116.69 -39.40
CA TYR AA 1284 -14.41 116.49 -40.41
C TYR AA 1284 -14.68 115.16 -41.11
N ILE AA 1285 -15.21 115.24 -42.32
CA ILE AA 1285 -15.60 114.06 -43.10
C ILE AA 1285 -14.52 113.78 -44.12
N LEU AA 1286 -14.22 112.50 -44.33
CA LEU AA 1286 -13.09 112.07 -45.15
C LEU AA 1286 -13.60 111.07 -46.18
N GLY AA 1287 -13.57 111.44 -47.46
CA GLY AA 1287 -14.11 110.59 -48.51
C GLY AA 1287 -13.48 110.86 -49.87
N ARG AA 1288 -14.27 110.65 -50.91
CA ARG AA 1288 -13.82 110.84 -52.29
C ARG AA 1288 -14.71 111.89 -52.96
N ARG AA 1289 -14.09 113.01 -53.35
CA ARG AA 1289 -14.84 114.15 -53.87
C ARG AA 1289 -15.53 113.82 -55.19
N ALA AA 1290 -14.82 113.13 -56.10
CA ALA AA 1290 -15.38 112.85 -57.43
C ALA AA 1290 -16.59 111.93 -57.35
N VAL AA 1291 -16.47 110.83 -56.62
CA VAL AA 1291 -17.59 109.88 -56.50
C VAL AA 1291 -18.74 110.50 -55.71
N PHE AA 1292 -18.43 111.18 -54.61
CA PHE AA 1292 -19.49 111.73 -53.77
C PHE AA 1292 -20.09 113.01 -54.31
N GLU AA 1293 -19.52 113.58 -55.38
CA GLU AA 1293 -20.19 114.65 -56.11
C GLU AA 1293 -20.86 114.16 -57.39
N SER AA 1294 -20.44 113.00 -57.91
CA SER AA 1294 -21.20 112.37 -58.99
C SER AA 1294 -22.47 111.74 -58.47
N CYS AA 1295 -22.48 111.32 -57.20
CA CYS AA 1295 -23.70 110.83 -56.57
C CYS AA 1295 -24.68 111.98 -56.41
N TYR AA 1296 -25.77 111.96 -57.19
CA TYR AA 1296 -26.74 113.05 -57.16
C TYR AA 1296 -27.60 113.02 -55.89
N GLU AA 1297 -27.75 111.85 -55.27
CA GLU AA 1297 -28.58 111.75 -54.07
C GLU AA 1297 -27.99 112.49 -52.88
N LEU AA 1298 -26.68 112.72 -52.88
CA LEU AA 1298 -26.00 113.45 -51.81
C LEU AA 1298 -25.44 114.78 -52.30
N ARG AA 1299 -25.99 115.29 -53.40
CA ARG AA 1299 -25.40 116.44 -54.10
C ARG AA 1299 -25.46 117.71 -53.26
N ASP AA 1300 -26.61 117.98 -52.64
CA ASP AA 1300 -26.78 119.22 -51.88
C ASP AA 1300 -25.89 119.23 -50.64
N ALA AA 1301 -25.85 118.11 -49.90
CA ALA AA 1301 -25.01 118.03 -48.71
C ALA AA 1301 -23.53 118.11 -49.07
N PHE AA 1302 -23.12 117.44 -50.14
CA PHE AA 1302 -21.71 117.51 -50.51
C PHE AA 1302 -21.34 118.84 -51.16
N SER AA 1303 -22.29 119.56 -51.76
CA SER AA 1303 -22.01 120.92 -52.19
C SER AA 1303 -21.84 121.85 -50.98
N LEU AA 1304 -22.69 121.71 -49.97
CA LEU AA 1304 -22.55 122.47 -48.74
C LEU AA 1304 -21.29 122.09 -47.97
N LEU AA 1305 -20.74 120.90 -48.20
CA LEU AA 1305 -19.48 120.51 -47.61
C LEU AA 1305 -18.27 120.88 -48.47
N LEU AA 1306 -18.46 121.06 -49.77
CA LEU AA 1306 -17.35 121.24 -50.71
C LEU AA 1306 -17.29 122.61 -51.35
N ARG AA 1307 -18.11 123.57 -50.91
CA ARG AA 1307 -17.86 124.94 -51.35
C ARG AA 1307 -16.78 125.62 -50.52
N ARG AA 1308 -16.22 124.90 -49.53
CA ARG AA 1308 -14.94 125.11 -48.87
C ARG AA 1308 -13.88 124.23 -49.53
N PRO AA 1309 -12.60 124.63 -49.49
CA PRO AA 1309 -11.56 123.79 -50.11
C PRO AA 1309 -11.42 122.44 -49.42
N ASP AA 1310 -11.18 121.41 -50.23
CA ASP AA 1310 -11.04 120.06 -49.70
C ASP AA 1310 -9.70 119.84 -49.02
N LYS AA 1311 -8.67 120.57 -49.42
CA LYS AA 1311 -7.38 120.51 -48.75
C LYS AA 1311 -7.49 121.10 -47.36
N LEU AA 1312 -6.73 120.55 -46.42
CA LEU AA 1312 -6.92 120.89 -45.01
C LEU AA 1312 -6.32 122.25 -44.72
N ALA AA 1313 -7.12 123.16 -44.18
CA ALA AA 1313 -6.66 124.48 -43.78
C ALA AA 1313 -6.61 124.53 -42.26
N LEU AA 1314 -5.41 124.77 -41.72
CA LEU AA 1314 -5.20 124.82 -40.28
C LEU AA 1314 -4.55 126.15 -39.92
N VAL AA 1315 -4.65 126.52 -38.65
CA VAL AA 1315 -4.07 127.75 -38.14
C VAL AA 1315 -3.10 127.39 -37.02
N THR AA 1316 -1.85 127.82 -37.16
CA THR AA 1316 -0.82 127.54 -36.18
C THR AA 1316 -0.83 128.58 -35.07
N GLY AA 1317 -0.23 128.21 -33.94
CA GLY AA 1317 -0.17 129.11 -32.81
C GLY AA 1317 -1.43 129.24 -32.00
N GLU AA 1318 -2.42 128.39 -32.25
CA GLU AA 1318 -3.70 128.42 -31.54
C GLU AA 1318 -3.82 127.16 -30.71
N LEU AA 1319 -4.21 127.33 -29.44
CA LEU AA 1319 -4.34 126.22 -28.51
C LEU AA 1319 -5.75 126.23 -27.91
N TRP AA 1320 -6.23 125.03 -27.58
CA TRP AA 1320 -7.56 124.90 -27.00
C TRP AA 1320 -7.57 125.43 -25.57
N PRO AA 1321 -8.59 126.20 -25.16
CA PRO AA 1321 -9.74 126.64 -25.96
C PRO AA 1321 -9.45 127.88 -26.81
N SER AA 1322 -10.22 128.06 -27.89
CA SER AA 1322 -10.01 129.15 -28.82
C SER AA 1322 -10.87 130.35 -28.46
N LYS AA 1323 -10.35 131.54 -28.76
CA LYS AA 1323 -11.08 132.80 -28.60
C LYS AA 1323 -11.43 133.41 -29.96
N ARG AA 1324 -11.31 132.64 -31.03
CA ARG AA 1324 -11.62 133.09 -32.38
C ARG AA 1324 -13.07 132.74 -32.71
N LEU AA 1325 -13.76 133.68 -33.35
CA LEU AA 1325 -15.21 133.59 -33.54
C LEU AA 1325 -15.56 133.35 -34.99
N LEU AA 1326 -16.62 132.59 -35.22
CA LEU AA 1326 -17.15 132.40 -36.57
C LEU AA 1326 -17.74 133.70 -37.12
N ALA AA 1327 -18.09 134.65 -36.26
CA ALA AA 1327 -18.59 135.94 -36.72
C ALA AA 1327 -17.52 136.70 -37.51
N ASP AA 1328 -16.27 136.65 -37.05
CA ASP AA 1328 -15.16 137.17 -37.85
C ASP AA 1328 -14.58 136.14 -38.80
N GLU AA 1329 -15.01 134.87 -38.70
CA GLU AA 1329 -14.61 133.83 -39.64
C GLU AA 1329 -15.65 133.60 -40.74
N THR AA 1330 -16.63 134.51 -40.90
CA THR AA 1330 -17.58 134.39 -42.00
C THR AA 1330 -16.90 134.47 -43.36
N ASP AA 1331 -15.94 135.38 -43.52
CA ASP AA 1331 -15.28 135.59 -44.80
C ASP AA 1331 -14.27 134.47 -45.00
N ASP AA 1332 -14.68 133.43 -45.73
CA ASP AA 1332 -13.80 132.30 -46.00
C ASP AA 1332 -12.74 132.61 -47.04
N THR AA 1333 -12.95 133.64 -47.86
CA THR AA 1333 -11.98 134.00 -48.89
C THR AA 1333 -10.76 134.70 -48.33
N LYS AA 1334 -10.84 135.22 -47.11
CA LYS AA 1334 -9.70 135.90 -46.48
C LYS AA 1334 -8.88 134.88 -45.69
N LYS AA 1335 -7.60 134.77 -46.03
CA LYS AA 1335 -6.70 133.86 -45.33
C LYS AA 1335 -6.33 134.44 -43.97
N LEU AA 1336 -6.44 133.64 -42.93
CA LEU AA 1336 -6.12 134.07 -41.59
C LEU AA 1336 -4.60 134.12 -41.39
N GLU AA 1337 -4.19 134.80 -40.33
CA GLU AA 1337 -2.77 134.88 -39.99
C GLU AA 1337 -2.29 133.54 -39.44
N GLY AA 1338 -1.15 133.08 -39.94
CA GLY AA 1338 -0.64 131.79 -39.53
C GLY AA 1338 -1.42 130.61 -40.07
N GLU AA 1339 -2.11 130.79 -41.19
CA GLU AA 1339 -2.90 129.72 -41.79
C GLU AA 1339 -2.09 128.99 -42.85
N VAL AA 1340 -2.04 127.67 -42.74
CA VAL AA 1340 -1.34 126.81 -43.69
C VAL AA 1340 -2.34 125.79 -44.24
N VAL AA 1341 -2.30 125.60 -45.56
CA VAL AA 1341 -3.16 124.63 -46.24
C VAL AA 1341 -2.28 123.50 -46.75
N MET AA 1342 -2.53 122.30 -46.23
CA MET AA 1342 -1.77 121.13 -46.66
C MET AA 1342 -2.71 120.13 -47.33
N GLU AA 1343 -2.08 119.14 -47.97
CA GLU AA 1343 -2.78 118.21 -48.87
C GLU AA 1343 -3.34 117.00 -48.13
N GLY AA 1344 -2.47 116.21 -47.49
CA GLY AA 1344 -2.93 114.95 -46.95
C GLY AA 1344 -2.09 114.26 -45.90
N VAL AA 1345 -2.00 112.94 -46.05
CA VAL AA 1345 -1.54 112.06 -44.98
C VAL AA 1345 -0.06 112.30 -44.67
N GLU AA 1346 0.78 112.41 -45.71
CA GLU AA 1346 2.21 112.54 -45.49
C GLU AA 1346 2.56 113.87 -44.82
N HIS AA 1347 1.96 114.97 -45.29
CA HIS AA 1347 2.24 116.27 -44.69
C HIS AA 1347 1.66 116.37 -43.28
N LEU AA 1348 0.48 115.80 -43.03
CA LEU AA 1348 -0.07 115.79 -41.68
C LEU AA 1348 0.80 114.95 -40.75
N GLY AA 1349 1.31 113.81 -41.24
CA GLY AA 1349 2.19 112.99 -40.43
C GLY AA 1349 3.50 113.70 -40.10
N GLN AA 1350 4.06 114.41 -41.07
CA GLN AA 1350 5.27 115.19 -40.83
C GLN AA 1350 5.03 116.29 -39.81
N TRP AA 1351 3.90 117.00 -39.93
CA TRP AA 1351 3.57 118.06 -38.98
C TRP AA 1351 3.34 117.52 -37.58
N VAL AA 1352 2.61 116.40 -37.46
CA VAL AA 1352 2.36 115.78 -36.17
C VAL AA 1352 3.66 115.29 -35.54
N PHE AA 1353 4.55 114.70 -36.36
CA PHE AA 1353 5.82 114.21 -35.83
C PHE AA 1353 6.70 115.36 -35.34
N GLU AA 1354 6.82 116.44 -36.12
CA GLU AA 1354 7.69 117.54 -35.71
C GLU AA 1354 7.12 118.28 -34.50
N MET AA 1355 5.80 118.47 -34.44
CA MET AA 1355 5.25 119.14 -33.27
C MET AA 1355 5.11 118.22 -32.06
N THR AA 1356 5.08 116.90 -32.26
CA THR AA 1356 5.23 115.97 -31.15
C THR AA 1356 6.64 116.02 -30.58
N LYS AA 1357 7.64 116.14 -31.45
CA LYS AA 1357 9.01 116.33 -30.97
C LYS AA 1357 9.15 117.65 -30.21
N THR AA 1358 8.50 118.71 -30.71
CA THR AA 1358 8.51 119.99 -30.02
C THR AA 1358 7.83 119.90 -28.65
N LYS AA 1359 6.69 119.21 -28.58
CA LYS AA 1359 5.97 119.07 -27.31
C LYS AA 1359 6.75 118.18 -26.34
N ILE AA 1360 7.44 117.16 -26.85
CA ILE AA 1360 8.27 116.31 -26.00
C ILE AA 1360 9.44 117.10 -25.44
N ALA AA 1361 10.07 117.94 -26.26
CA ALA AA 1361 11.14 118.81 -25.78
C ALA AA 1361 10.63 119.81 -24.75
N GLU AA 1362 9.42 120.36 -24.97
CA GLU AA 1362 8.83 121.27 -24.00
C GLU AA 1362 8.54 120.58 -22.67
N LEU AA 1363 8.01 119.36 -22.73
CA LEU AA 1363 7.73 118.61 -21.50
C LEU AA 1363 9.01 118.22 -20.77
N ARG AA 1364 10.06 117.89 -21.53
CA ARG AA 1364 11.34 117.56 -20.90
C ARG AA 1364 11.98 118.78 -20.26
N LYS AA 1365 11.83 119.96 -20.89
CA LYS AA 1365 12.30 121.20 -20.28
C LYS AA 1365 11.51 121.56 -19.04
N GLU AA 1366 10.19 121.32 -19.07
CA GLU AA 1366 9.35 121.60 -17.90
C GLU AA 1366 9.68 120.66 -16.75
N LYS AA 1367 9.92 119.38 -17.04
CA LYS AA 1367 10.23 118.40 -16.00
C LYS AA 1367 11.73 118.37 -15.72
N LEU BA 13 -48.94 17.76 65.42
CA LEU BA 13 -49.68 18.97 65.12
C LEU BA 13 -51.09 18.64 64.64
N LEU BA 14 -52.08 18.91 65.49
CA LEU BA 14 -53.48 18.64 65.16
C LEU BA 14 -54.15 19.93 64.72
N PRO BA 15 -54.57 20.04 63.46
CA PRO BA 15 -55.25 21.25 63.01
C PRO BA 15 -56.66 21.32 63.60
N PRO BA 16 -57.25 22.52 63.66
CA PRO BA 16 -58.64 22.63 64.16
C PRO BA 16 -59.64 21.88 63.30
N ILE BA 17 -59.45 21.85 61.98
CA ILE BA 17 -60.36 21.11 61.10
C ILE BA 17 -60.24 19.62 61.36
N ASN BA 18 -59.02 19.12 61.54
CA ASN BA 18 -58.82 17.70 61.85
C ASN BA 18 -59.40 17.35 63.22
N PHE BA 19 -59.26 18.26 64.20
CA PHE BA 19 -59.83 18.03 65.52
C PHE BA 19 -61.36 18.01 65.46
N LEU BA 20 -61.96 18.91 64.67
CA LEU BA 20 -63.41 18.92 64.51
C LEU BA 20 -63.90 17.66 63.80
N PHE BA 21 -63.16 17.20 62.80
CA PHE BA 21 -63.52 15.96 62.11
C PHE BA 21 -63.42 14.76 63.03
N ARG BA 22 -62.37 14.70 63.86
CA ARG BA 22 -62.23 13.62 64.83
C ARG BA 22 -63.33 13.65 65.88
N LEU BA 23 -63.71 14.84 66.34
CA LEU BA 23 -64.80 14.96 67.30
C LEU BA 23 -66.13 14.54 66.68
N LEU BA 24 -66.37 14.90 65.42
CA LEU BA 24 -67.59 14.49 64.74
C LEU BA 24 -67.62 12.98 64.50
N GLN BA 25 -66.47 12.38 64.21
CA GLN BA 25 -66.41 10.94 64.03
C GLN BA 25 -66.63 10.20 65.35
N GLN BA 26 -66.05 10.71 66.44
CA GLN BA 26 -66.20 10.07 67.73
C GLN BA 26 -67.55 10.32 68.38
N ARG BA 27 -68.27 11.37 67.94
CA ARG BA 27 -69.59 11.76 68.46
C ARG BA 27 -69.55 12.00 69.97
N THR BA 28 -68.45 12.57 70.45
CA THR BA 28 -68.30 12.89 71.86
C THR BA 28 -69.09 14.12 72.23
N PRO BA 29 -69.37 14.31 73.52
CA PRO BA 29 -70.09 15.52 73.95
C PRO BA 29 -69.20 16.75 73.84
N VAL BA 30 -69.74 17.80 73.22
CA VAL BA 30 -69.02 19.05 73.01
C VAL BA 30 -69.88 20.20 73.49
N GLN BA 31 -69.30 21.09 74.28
CA GLN BA 31 -69.96 22.31 74.75
C GLN BA 31 -69.22 23.50 74.15
N ILE BA 32 -69.97 24.36 73.47
CA ILE BA 32 -69.40 25.52 72.78
C ILE BA 32 -69.98 26.77 73.44
N TRP BA 33 -69.13 27.55 74.09
CA TRP BA 33 -69.50 28.87 74.59
C TRP BA 33 -69.47 29.86 73.43
N LEU BA 34 -70.52 30.65 73.33
CA LEU BA 34 -70.73 31.54 72.20
C LEU BA 34 -69.82 32.76 72.28
N TYR BA 35 -69.74 33.49 71.17
CA TYR BA 35 -68.93 34.69 71.06
C TYR BA 35 -69.69 35.88 71.63
N GLU BA 36 -68.95 36.76 72.33
CA GLU BA 36 -69.48 37.96 73.00
C GLU BA 36 -70.56 37.61 74.02
N GLN BA 37 -70.53 36.38 74.54
CA GLN BA 37 -71.48 35.94 75.57
C GLN BA 37 -70.82 34.80 76.33
N LEU BA 38 -70.30 35.11 77.53
CA LEU BA 38 -69.63 34.11 78.34
C LEU BA 38 -70.60 33.22 79.10
N ALA BA 39 -71.89 33.53 79.10
CA ALA BA 39 -72.89 32.75 79.82
C ALA BA 39 -73.81 31.96 78.91
N ILE BA 40 -73.53 31.94 77.60
CA ILE BA 40 -74.36 31.23 76.63
C ILE BA 40 -73.54 30.08 76.05
N ARG BA 41 -74.06 28.86 76.18
CA ARG BA 41 -73.37 27.69 75.67
C ARG BA 41 -74.36 26.79 74.94
N ILE BA 42 -73.81 25.98 74.02
CA ILE BA 42 -74.57 24.97 73.30
C ILE BA 42 -73.86 23.64 73.51
N THR BA 43 -74.57 22.67 74.11
CA THR BA 43 -74.01 21.38 74.43
C THR BA 43 -74.68 20.30 73.58
N GLY BA 44 -73.87 19.45 72.97
CA GLY BA 44 -74.42 18.38 72.14
C GLY BA 44 -73.38 17.51 71.47
N VAL BA 45 -73.72 17.00 70.28
CA VAL BA 45 -72.82 16.18 69.48
C VAL BA 45 -72.78 16.77 68.08
N ILE BA 46 -71.56 17.04 67.59
CA ILE BA 46 -71.40 17.66 66.28
C ILE BA 46 -71.70 16.64 65.19
N ARG BA 47 -72.57 17.02 64.25
CA ARG BA 47 -72.95 16.17 63.14
C ARG BA 47 -72.51 16.68 61.78
N GLY BA 48 -72.28 17.98 61.64
CA GLY BA 48 -71.86 18.55 60.36
C GLY BA 48 -71.02 19.79 60.57
N PHE BA 49 -70.22 20.10 59.55
CA PHE BA 49 -69.34 21.26 59.59
C PHE BA 49 -69.14 21.77 58.17
N ASP BA 50 -68.72 23.03 58.08
CA ASP BA 50 -68.48 23.67 56.78
C ASP BA 50 -67.15 24.40 56.77
N GLU BA 51 -66.88 25.15 55.70
CA GLU BA 51 -65.63 25.90 55.60
C GLU BA 51 -65.63 27.10 56.53
N PHE BA 52 -66.79 27.67 56.82
CA PHE BA 52 -66.92 28.80 57.73
C PHE BA 52 -67.18 28.38 59.18
N MET BA 53 -66.78 27.15 59.54
CA MET BA 53 -66.96 26.58 60.88
C MET BA 53 -68.42 26.55 61.32
N ASN BA 54 -69.33 26.37 60.37
CA ASN BA 54 -70.76 26.29 60.68
C ASN BA 54 -71.06 24.89 61.19
N LEU BA 55 -71.09 24.75 62.52
CA LEU BA 55 -71.28 23.45 63.15
C LEU BA 55 -72.77 23.22 63.40
N VAL BA 56 -73.31 22.16 62.81
CA VAL BA 56 -74.68 21.74 63.03
C VAL BA 56 -74.64 20.56 63.99
N ILE BA 57 -75.22 20.75 65.18
CA ILE BA 57 -75.16 19.75 66.25
C ILE BA 57 -76.56 19.21 66.48
N ASP BA 58 -76.68 17.88 66.43
CA ASP BA 58 -77.94 17.22 66.71
C ASP BA 58 -78.12 17.05 68.21
N ASP BA 59 -79.39 17.10 68.65
CA ASP BA 59 -79.78 17.03 70.07
C ASP BA 59 -79.08 18.09 70.90
N ALA BA 60 -78.99 19.30 70.34
CA ALA BA 60 -78.32 20.39 71.02
C ALA BA 60 -79.19 20.95 72.15
N VAL BA 61 -78.52 21.45 73.19
CA VAL BA 61 -79.19 22.09 74.32
C VAL BA 61 -78.53 23.43 74.57
N GLU BA 62 -79.33 24.49 74.63
CA GLU BA 62 -78.84 25.82 74.95
C GLU BA 62 -78.86 26.01 76.46
N ILE BA 63 -77.72 26.42 77.01
CA ILE BA 63 -77.54 26.59 78.44
C ILE BA 63 -77.20 28.05 78.71
N LYS BA 64 -78.00 28.70 79.55
CA LYS BA 64 -77.73 30.04 80.05
C LYS BA 64 -77.28 29.93 81.49
N LEU BA 65 -76.05 30.35 81.76
CA LEU BA 65 -75.44 30.23 83.07
C LEU BA 65 -75.69 31.48 83.91
N SER BA 66 -75.61 31.32 85.23
CA SER BA 66 -75.76 32.44 86.14
C SER BA 66 -74.54 33.36 86.04
N PRO BA 67 -74.73 34.66 86.28
CA PRO BA 67 -73.61 35.60 86.19
C PRO BA 67 -72.79 35.72 87.46
N LYS BA 68 -73.20 35.06 88.55
CA LYS BA 68 -72.49 35.19 89.83
C LYS BA 68 -71.46 34.09 90.02
N THR BA 69 -71.90 32.83 90.03
CA THR BA 69 -71.01 31.69 90.27
C THR BA 69 -70.77 30.85 89.02
N ASN BA 70 -71.27 31.31 87.86
CA ASN BA 70 -71.13 30.62 86.57
C ASN BA 70 -71.71 29.20 86.61
N GLU BA 71 -72.77 29.01 87.39
CA GLU BA 71 -73.46 27.73 87.48
C GLU BA 71 -74.55 27.64 86.42
N PRO BA 72 -74.94 26.42 86.04
CA PRO BA 72 -76.00 26.28 85.02
C PRO BA 72 -77.36 26.68 85.54
N GLU BA 73 -77.90 27.79 85.02
CA GLU BA 73 -79.17 28.32 85.49
C GLU BA 73 -80.35 27.79 84.68
N SER BA 74 -80.32 27.96 83.36
CA SER BA 74 -81.41 27.54 82.49
C SER BA 74 -80.87 26.62 81.41
N LYS BA 75 -81.62 25.55 81.13
CA LYS BA 75 -81.26 24.60 80.08
C LYS BA 75 -82.49 24.34 79.22
N ARG BA 76 -82.31 24.36 77.91
CA ARG BA 76 -83.43 24.14 77.00
C ARG BA 76 -82.98 23.38 75.76
N PRO BA 77 -83.52 22.20 75.51
CA PRO BA 77 -83.16 21.48 74.27
C PRO BA 77 -83.78 22.13 73.05
N LEU BA 78 -83.11 21.96 71.91
CA LEU BA 78 -83.59 22.50 70.65
C LEU BA 78 -83.52 21.53 69.49
N GLY BA 79 -82.96 20.34 69.68
CA GLY BA 79 -82.84 19.37 68.59
C GLY BA 79 -81.62 19.63 67.76
N GLN BA 80 -81.79 19.65 66.44
CA GLN BA 80 -80.70 19.93 65.52
C GLN BA 80 -80.57 21.45 65.34
N ILE BA 81 -79.47 22.00 65.83
CA ILE BA 81 -79.22 23.44 65.78
C ILE BA 81 -77.92 23.68 65.02
N LEU BA 82 -77.97 24.59 64.05
CA LEU BA 82 -76.81 24.95 63.25
C LEU BA 82 -76.22 26.24 63.82
N LEU BA 83 -75.05 26.13 64.43
CA LEU BA 83 -74.37 27.28 65.03
C LEU BA 83 -73.37 27.87 64.06
N LYS BA 84 -73.39 29.19 63.93
CA LYS BA 84 -72.47 29.87 63.03
C LYS BA 84 -71.05 29.83 63.56
N GLY BA 85 -70.09 29.90 62.63
CA GLY BA 85 -68.69 29.92 63.03
C GLY BA 85 -68.30 31.18 63.78
N ASP BA 86 -68.87 32.32 63.39
CA ASP BA 86 -68.64 33.55 64.14
C ASP BA 86 -69.36 33.53 65.48
N ASN BA 87 -70.51 32.83 65.56
CA ASN BA 87 -71.24 32.75 66.81
C ASN BA 87 -70.54 31.86 67.83
N ILE BA 88 -70.07 30.70 67.40
CA ILE BA 88 -69.39 29.77 68.29
C ILE BA 88 -67.97 30.24 68.53
N SER BA 89 -67.57 30.32 69.80
CA SER BA 89 -66.26 30.85 70.17
C SER BA 89 -65.34 29.79 70.77
N LEU BA 90 -65.76 29.12 71.85
CA LEU BA 90 -64.89 28.21 72.58
C LEU BA 90 -65.55 26.85 72.68
N ILE BA 91 -65.07 25.87 71.92
CA ILE BA 91 -65.62 24.53 71.91
C ILE BA 91 -64.71 23.62 72.71
N GLN BA 92 -65.27 22.95 73.72
CA GLN BA 92 -64.52 22.02 74.56
C GLN BA 92 -65.23 20.67 74.58
N ALA BA 93 -64.45 19.61 74.47
CA ALA BA 93 -64.98 18.25 74.44
C ALA BA 93 -64.87 17.63 75.82
N LEU BA 94 -65.97 17.04 76.28
CA LEU BA 94 -66.03 16.37 77.58
C LEU BA 94 -66.11 14.87 77.37
N SER BA 95 -65.26 14.13 78.07
CA SER BA 95 -65.22 12.68 77.94
C SER BA 95 -66.34 12.05 78.77
N GLY BA 96 -67.11 11.17 78.13
CA GLY BA 96 -68.19 10.51 78.83
C GLY BA 96 -67.69 9.46 79.81
N SER BA 97 -68.50 9.20 80.84
CA SER BA 97 -68.17 8.21 81.86
C SER BA 97 -68.75 6.87 81.44
N ALA BA 98 -67.88 5.95 81.04
CA ALA BA 98 -68.30 4.63 80.60
C ALA BA 98 -68.39 3.67 81.79
N ASN CA 9 -73.21 18.97 56.90
CA ASN CA 9 -73.02 20.11 56.02
C ASN CA 9 -74.10 21.16 56.23
N PRO CA 10 -73.69 22.39 56.55
CA PRO CA 10 -74.68 23.47 56.71
C PRO CA 10 -75.46 23.76 55.43
N ARG CA 11 -74.81 23.68 54.27
CA ARG CA 11 -75.53 23.84 53.01
C ARG CA 11 -76.56 22.74 52.78
N PRO CA 12 -76.23 21.45 52.97
CA PRO CA 12 -77.27 20.42 52.87
C PRO CA 12 -78.35 20.55 53.93
N PHE CA 13 -78.02 21.02 55.13
CA PHE CA 13 -79.03 21.26 56.16
C PHE CA 13 -79.99 22.37 55.74
N LEU CA 14 -79.45 23.45 55.16
CA LEU CA 14 -80.31 24.53 54.68
C LEU CA 14 -81.15 24.08 53.49
N GLN CA 15 -80.59 23.23 52.63
CA GLN CA 15 -81.37 22.70 51.51
C GLN CA 15 -82.50 21.80 51.98
N ASP CA 16 -82.24 21.00 53.02
CA ASP CA 16 -83.30 20.16 53.58
C ASP CA 16 -84.34 20.97 54.34
N LEU CA 17 -83.93 22.06 54.98
CA LEU CA 17 -84.83 22.92 55.72
C LEU CA 17 -85.49 23.98 54.85
N VAL CA 18 -85.16 24.03 53.56
CA VAL CA 18 -85.85 24.93 52.64
C VAL CA 18 -87.30 24.49 52.49
N ASN CA 19 -88.21 25.47 52.51
CA ASN CA 19 -89.67 25.27 52.50
C ASN CA 19 -90.10 24.36 53.64
N GLN CA 20 -89.54 24.61 54.83
CA GLN CA 20 -89.84 23.82 56.01
C GLN CA 20 -89.96 24.73 57.22
N ASP CA 21 -90.56 24.20 58.28
CA ASP CA 21 -90.79 24.96 59.51
C ASP CA 21 -89.49 25.08 60.27
N VAL CA 22 -88.88 26.27 60.22
CA VAL CA 22 -87.61 26.52 60.88
C VAL CA 22 -87.75 27.74 61.78
N ILE CA 23 -86.95 27.75 62.84
CA ILE CA 23 -86.88 28.86 63.79
C ILE CA 23 -85.45 29.38 63.80
N VAL CA 24 -85.29 30.67 63.58
CA VAL CA 24 -83.99 31.34 63.58
C VAL CA 24 -83.93 32.25 64.79
N ARG CA 25 -82.93 32.06 65.63
CA ARG CA 25 -82.72 32.85 66.83
C ARG CA 25 -81.58 33.83 66.60
N LEU CA 26 -81.83 35.11 66.87
CA LEU CA 26 -80.84 36.15 66.67
C LEU CA 26 -79.88 36.20 67.85
N LYS CA 27 -78.83 37.02 67.70
CA LYS CA 27 -77.80 37.16 68.71
C LYS CA 27 -78.04 38.34 69.66
N TRP CA 28 -79.12 39.08 69.48
CA TRP CA 28 -79.40 40.24 70.31
C TRP CA 28 -80.85 40.22 70.76
N GLY CA 29 -81.07 40.40 72.06
CA GLY CA 29 -82.40 40.49 72.61
C GLY CA 29 -83.10 39.16 72.82
N GLN CA 30 -82.42 38.04 72.55
CA GLN CA 30 -82.97 36.68 72.65
C GLN CA 30 -84.26 36.54 71.82
N THR CA 31 -84.24 37.14 70.62
CA THR CA 31 -85.38 37.12 69.74
C THR CA 31 -85.33 35.88 68.83
N GLU CA 32 -86.50 35.36 68.51
CA GLU CA 32 -86.62 34.21 67.62
C GLU CA 32 -87.70 34.48 66.59
N TYR CA 33 -87.56 33.86 65.42
CA TYR CA 33 -88.54 33.95 64.35
C TYR CA 33 -88.79 32.55 63.82
N LYS CA 34 -90.02 32.06 64.00
CA LYS CA 34 -90.40 30.71 63.59
C LYS CA 34 -91.39 30.80 62.44
N GLY CA 35 -91.11 30.06 61.37
CA GLY CA 35 -91.99 30.09 60.21
C GLY CA 35 -91.49 29.16 59.13
N ARG CA 36 -92.23 29.16 58.03
CA ARG CA 36 -91.92 28.30 56.89
C ARG CA 36 -90.85 28.99 56.03
N LEU CA 37 -89.59 28.63 56.27
CA LEU CA 37 -88.50 29.15 55.45
C LEU CA 37 -88.54 28.48 54.07
N VAL CA 38 -88.43 29.29 53.02
CA VAL CA 38 -88.55 28.82 51.65
C VAL CA 38 -87.31 29.16 50.83
N SER CA 39 -86.85 30.40 50.89
CA SER CA 39 -85.77 30.88 50.05
C SER CA 39 -84.48 30.98 50.87
N ILE CA 40 -83.39 30.43 50.32
CA ILE CA 40 -82.07 30.50 50.93
C ILE CA 40 -81.07 30.91 49.86
N ASP CA 41 -79.94 31.44 50.31
CA ASP CA 41 -78.90 31.92 49.42
C ASP CA 41 -77.54 31.41 49.90
N SER CA 42 -76.52 31.67 49.10
CA SER CA 42 -75.16 31.27 49.45
C SER CA 42 -74.55 32.15 50.53
N TYR CA 43 -75.14 33.31 50.80
CA TYR CA 43 -74.67 34.21 51.84
C TYR CA 43 -75.44 34.04 53.14
N MET CA 44 -76.08 32.88 53.33
CA MET CA 44 -76.86 32.54 54.53
C MET CA 44 -77.98 33.56 54.80
N ASN CA 45 -78.66 33.96 53.73
CA ASN CA 45 -79.82 34.83 53.82
C ASN CA 45 -81.07 33.98 53.67
N ILE CA 46 -81.96 34.05 54.67
CA ILE CA 46 -83.13 33.19 54.74
C ILE CA 46 -84.38 34.04 54.64
N GLN CA 47 -85.25 33.69 53.69
CA GLN CA 47 -86.55 34.34 53.53
C GLN CA 47 -87.63 33.34 53.91
N LEU CA 48 -88.50 33.73 54.84
CA LEU CA 48 -89.55 32.88 55.35
C LEU CA 48 -90.91 33.54 55.17
N ALA CA 49 -91.93 32.71 55.04
CA ALA CA 49 -93.30 33.17 54.87
C ALA CA 49 -94.15 32.76 56.05
N ASN CA 50 -95.10 33.64 56.41
CA ASN CA 50 -95.98 33.48 57.57
C ASN CA 50 -95.19 33.27 58.87
N THR CA 51 -94.11 34.03 59.01
CA THR CA 51 -93.24 33.91 60.17
C THR CA 51 -93.83 34.66 61.36
N GLU CA 52 -93.53 34.17 62.55
CA GLU CA 52 -93.93 34.81 63.80
C GLU CA 52 -92.69 35.05 64.66
N GLU CA 53 -92.58 36.28 65.16
CA GLU CA 53 -91.47 36.69 66.01
C GLU CA 53 -91.88 36.58 67.48
N PHE CA 54 -90.95 36.11 68.30
CA PHE CA 54 -91.12 35.95 69.74
C PHE CA 54 -89.90 36.52 70.45
N ILE CA 55 -90.14 37.08 71.64
CA ILE CA 55 -89.08 37.67 72.45
C ILE CA 55 -89.19 37.15 73.88
N ASN CA 56 -88.07 36.72 74.44
CA ASN CA 56 -87.95 36.23 75.83
C ASN CA 56 -88.91 35.07 76.10
N TYR CA 57 -88.94 34.11 75.16
CA TYR CA 57 -89.81 32.93 75.21
C TYR CA 57 -91.28 33.30 75.32
N LYS CA 58 -91.65 34.41 74.70
CA LYS CA 58 -93.04 34.88 74.64
C LYS CA 58 -93.29 35.42 73.25
N SER CA 59 -94.42 35.02 72.65
CA SER CA 59 -94.72 35.38 71.28
C SER CA 59 -95.01 36.88 71.17
N THR CA 60 -94.33 37.54 70.22
CA THR CA 60 -94.55 38.95 69.97
C THR CA 60 -95.55 39.22 68.85
N GLY CA 61 -95.60 38.36 67.84
CA GLY CA 61 -96.62 38.49 66.82
C GLY CA 61 -96.13 38.03 65.47
N HIS CA 62 -97.07 37.81 64.56
CA HIS CA 62 -96.77 37.34 63.21
C HIS CA 62 -96.49 38.52 62.29
N LEU CA 63 -95.46 38.39 61.47
CA LEU CA 63 -95.07 39.43 60.52
C LEU CA 63 -95.38 39.05 59.07
N GLY CA 64 -95.08 37.82 58.68
CA GLY CA 64 -95.32 37.38 57.32
C GLY CA 64 -94.04 37.07 56.57
N GLN CA 65 -93.85 37.70 55.42
CA GLN CA 65 -92.62 37.52 54.65
C GLN CA 65 -91.49 38.27 55.33
N VAL CA 66 -90.54 37.52 55.89
CA VAL CA 66 -89.44 38.09 56.67
C VAL CA 66 -88.12 37.59 56.08
N LEU CA 67 -87.20 38.51 55.84
CA LEU CA 67 -85.87 38.20 55.34
C LEU CA 67 -84.84 38.49 56.43
N ILE CA 68 -84.01 37.50 56.74
CA ILE CA 68 -83.00 37.61 57.77
C ILE CA 68 -81.64 37.30 57.16
N ARG CA 69 -80.65 38.14 57.44
CA ARG CA 69 -79.30 37.96 56.95
C ARG CA 69 -78.44 37.25 57.99
N CYS CA 70 -77.25 36.83 57.56
CA CYS CA 70 -76.32 36.15 58.45
C CYS CA 70 -75.72 37.09 59.49
N ASN CA 71 -75.75 38.39 59.24
CA ASN CA 71 -75.23 39.34 60.22
C ASN CA 71 -76.13 39.42 61.45
N ASN CA 72 -77.42 39.14 61.30
CA ASN CA 72 -78.35 39.14 62.41
C ASN CA 72 -78.79 37.77 62.87
N VAL CA 73 -78.64 36.74 62.03
CA VAL CA 73 -79.03 35.38 62.39
C VAL CA 73 -77.87 34.72 63.13
N LEU CA 74 -78.16 34.21 64.33
CA LEU CA 74 -77.16 33.54 65.15
C LEU CA 74 -77.27 32.02 65.09
N TRP CA 75 -78.48 31.49 65.29
CA TRP CA 75 -78.69 30.05 65.28
C TRP CA 75 -79.94 29.73 64.47
N VAL CA 76 -79.99 28.51 63.94
CA VAL CA 76 -81.13 28.05 63.15
C VAL CA 76 -81.44 26.61 63.56
N THR CA 77 -82.74 26.30 63.71
CA THR CA 77 -83.18 24.97 64.07
C THR CA 77 -84.46 24.66 63.31
N ALA CA 78 -84.82 23.38 63.29
CA ALA CA 78 -86.04 22.92 62.64
C ALA CA 78 -87.08 22.58 63.68
N ALA CA 79 -88.28 23.15 63.55
CA ALA CA 79 -89.34 22.92 64.52
C ALA CA 79 -90.01 21.58 64.29
N GLY DA 509 -84.50 33.70 45.98
CA GLY DA 509 -83.72 34.12 47.12
C GLY DA 509 -84.02 35.53 47.57
N PRO DA 510 -83.20 36.05 48.49
CA PRO DA 510 -83.39 37.45 48.92
C PRO DA 510 -83.22 38.46 47.80
N LEU DA 511 -82.28 38.21 46.87
CA LEU DA 511 -82.10 39.11 45.73
C LEU DA 511 -83.31 39.08 44.81
N SER DA 512 -83.88 37.88 44.58
CA SER DA 512 -85.08 37.77 43.76
C SER DA 512 -86.28 38.44 44.44
N LEU DA 513 -86.39 38.31 45.76
CA LEU DA 513 -87.45 38.98 46.50
C LEU DA 513 -87.31 40.49 46.44
N LEU DA 514 -86.08 41.00 46.56
CA LEU DA 514 -85.85 42.43 46.45
C LEU DA 514 -86.15 42.94 45.06
N GLN DA 515 -85.79 42.18 44.03
CA GLN DA 515 -86.11 42.56 42.65
C GLN DA 515 -87.62 42.57 42.41
N THR DA 516 -88.33 41.58 42.95
CA THR DA 516 -89.78 41.54 42.81
C THR DA 516 -90.44 42.70 43.54
N ALA DA 517 -89.93 43.05 44.73
CA ALA DA 517 -90.46 44.20 45.47
C ALA DA 517 -90.19 45.50 44.73
N VAL DA 518 -89.02 45.63 44.12
CA VAL DA 518 -88.69 46.83 43.36
C VAL DA 518 -89.57 46.94 42.11
N ARG DA 519 -89.85 45.80 41.47
CA ARG DA 519 -90.73 45.81 40.30
C ARG DA 519 -92.17 46.14 40.69
N SER DA 520 -92.64 45.61 41.82
CA SER DA 520 -94.00 45.86 42.26
C SER DA 520 -94.19 47.25 42.86
N HIS DA 521 -93.09 47.89 43.31
CA HIS DA 521 -93.12 49.22 43.93
C HIS DA 521 -94.04 49.26 45.15
N THR DA 522 -94.01 48.19 45.95
CA THR DA 522 -94.83 48.08 47.14
C THR DA 522 -94.03 48.50 48.37
N GLN DA 523 -94.74 49.03 49.36
CA GLN DA 523 -94.09 49.50 50.58
C GLN DA 523 -93.59 48.31 51.40
N VAL DA 524 -92.35 48.40 51.86
CA VAL DA 524 -91.72 47.37 52.68
C VAL DA 524 -91.06 48.03 53.88
N LEU DA 525 -90.89 47.25 54.94
CA LEU DA 525 -90.33 47.73 56.20
C LEU DA 525 -88.95 47.12 56.40
N ILE DA 526 -87.94 47.98 56.53
CA ILE DA 526 -86.57 47.56 56.78
C ILE DA 526 -86.25 47.90 58.23
N SER DA 527 -85.86 46.89 59.00
CA SER DA 527 -85.51 47.05 60.40
C SER DA 527 -83.99 47.15 60.51
N VAL DA 528 -83.52 48.28 61.03
CA VAL DA 528 -82.09 48.55 61.21
C VAL DA 528 -81.74 48.31 62.67
N ARG DA 529 -80.59 47.68 62.90
CA ARG DA 529 -80.16 47.15 64.19
C ARG DA 529 -79.94 48.24 65.24
N SER DA 530 -79.87 49.50 64.85
CA SER DA 530 -79.84 50.62 65.79
C SER DA 530 -81.21 50.96 66.35
N GLY DA 531 -82.19 50.06 66.21
CA GLY DA 531 -83.54 50.31 66.68
C GLY DA 531 -84.36 51.18 65.75
N ARG DA 532 -84.16 51.05 64.44
CA ARG DA 532 -84.85 51.89 63.48
C ARG DA 532 -85.75 51.08 62.58
N LYS DA 533 -86.84 51.71 62.12
CA LYS DA 533 -87.72 51.12 61.13
C LYS DA 533 -87.88 52.08 59.97
N LEU DA 534 -87.84 51.56 58.75
CA LEU DA 534 -87.96 52.36 57.54
C LEU DA 534 -89.02 51.75 56.65
N LEU DA 535 -90.17 52.42 56.54
CA LEU DA 535 -91.25 51.99 55.66
C LEU DA 535 -91.12 52.77 54.35
N ALA DA 536 -90.81 52.06 53.27
CA ALA DA 536 -90.59 52.71 51.99
C ALA DA 536 -90.78 51.70 50.87
N ARG DA 537 -91.20 52.21 49.71
CA ARG DA 537 -91.33 51.39 48.52
C ARG DA 537 -89.97 51.12 47.92
N VAL DA 538 -89.75 49.88 47.51
CA VAL DA 538 -88.46 49.48 46.95
C VAL DA 538 -88.34 50.01 45.53
N LYS DA 539 -87.21 50.67 45.25
CA LYS DA 539 -86.94 51.22 43.93
C LYS DA 539 -85.67 50.64 43.30
N ALA DA 540 -84.62 50.46 44.08
CA ALA DA 540 -83.37 49.92 43.58
C ALA DA 540 -82.76 48.99 44.63
N PHE DA 541 -81.91 48.08 44.17
CA PHE DA 541 -81.26 47.12 45.05
C PHE DA 541 -79.88 46.78 44.50
N ASP DA 542 -79.03 46.28 45.38
CA ASP DA 542 -77.66 45.92 45.03
C ASP DA 542 -77.38 44.50 45.53
N ARG DA 543 -76.21 43.99 45.13
CA ARG DA 543 -75.81 42.64 45.54
C ARG DA 543 -75.38 42.60 46.99
N HIS DA 544 -74.93 43.74 47.54
CA HIS DA 544 -74.51 43.82 48.94
C HIS DA 544 -75.66 44.25 49.86
N CYS DA 545 -76.91 43.94 49.49
CA CYS DA 545 -78.12 44.28 50.24
C CYS DA 545 -78.29 45.77 50.46
N ASN DA 546 -77.75 46.59 49.56
CA ASN DA 546 -77.92 48.03 49.62
C ASN DA 546 -79.08 48.44 48.71
N MET DA 547 -80.00 49.24 49.25
CA MET DA 547 -81.22 49.60 48.55
C MET DA 547 -81.36 51.10 48.48
N ILE DA 548 -82.05 51.56 47.44
CA ILE DA 548 -82.41 52.96 47.27
C ILE DA 548 -83.92 53.05 47.20
N LEU DA 549 -84.51 53.91 48.03
CA LEU DA 549 -85.97 53.98 48.15
C LEU DA 549 -86.41 55.44 48.14
N GLU DA 550 -87.69 55.63 47.86
CA GLU DA 550 -88.31 56.95 47.82
C GLU DA 550 -89.51 56.98 48.75
N ASN DA 551 -89.76 58.17 49.32
CA ASN DA 551 -90.85 58.43 50.26
C ASN DA 551 -90.76 57.49 51.47
N VAL DA 552 -89.67 57.65 52.22
CA VAL DA 552 -89.35 56.76 53.34
C VAL DA 552 -89.87 57.37 54.64
N LYS DA 553 -90.54 56.56 55.44
CA LYS DA 553 -90.98 56.95 56.77
C LYS DA 553 -90.10 56.24 57.79
N GLU DA 554 -89.36 57.02 58.58
CA GLU DA 554 -88.43 56.49 59.57
C GLU DA 554 -89.06 56.60 60.95
N MET DA 555 -89.10 55.48 61.67
CA MET DA 555 -89.69 55.41 62.99
C MET DA 555 -88.69 54.85 63.99
N TRP DA 556 -88.76 55.37 65.22
CA TRP DA 556 -87.86 54.93 66.28
C TRP DA 556 -88.57 55.09 67.62
N THR DA 557 -88.04 54.39 68.63
CA THR DA 557 -88.56 54.46 69.98
C THR DA 557 -87.51 55.09 70.89
N GLU DA 558 -87.91 56.12 71.64
CA GLU DA 558 -87.01 56.86 72.52
C GLU DA 558 -87.55 56.83 73.93
N THR DA 559 -86.64 56.64 74.89
CA THR DA 559 -86.99 56.63 76.32
C THR DA 559 -86.31 57.80 77.00
N PRO DA 560 -87.02 58.91 77.22
CA PRO DA 560 -86.40 60.06 77.91
C PRO DA 560 -86.18 59.77 79.39
N VAL DA 561 -85.17 60.44 79.95
CA VAL DA 561 -84.82 60.31 81.35
C VAL DA 561 -85.01 61.68 82.01
N THR DA 562 -85.83 61.72 83.05
CA THR DA 562 -86.09 62.95 83.79
C THR DA 562 -85.76 62.73 85.26
N ASN DA 563 -84.84 63.56 85.78
CA ASN DA 563 -84.39 63.51 87.17
C ASN DA 563 -83.83 62.15 87.56
N GLY DA 564 -83.13 61.51 86.62
CA GLY DA 564 -82.53 60.21 86.86
C GLY DA 564 -83.50 59.05 86.81
N LYS DA 565 -84.74 59.26 86.37
CA LYS DA 565 -85.74 58.21 86.29
C LYS DA 565 -86.13 57.98 84.83
N LYS DA 566 -86.27 56.73 84.45
CA LYS DA 566 -86.62 56.37 83.08
C LYS DA 566 -88.10 56.67 82.84
N GLY DA 567 -88.38 57.38 81.75
CA GLY DA 567 -89.74 57.73 81.39
C GLY DA 567 -90.37 56.70 80.46
N ARG DA 568 -91.62 56.99 80.08
CA ARG DA 568 -92.33 56.12 79.17
C ARG DA 568 -91.76 56.24 77.75
N PRO DA 569 -91.87 55.18 76.95
CA PRO DA 569 -91.37 55.25 75.57
C PRO DA 569 -92.22 56.15 74.70
N VAL DA 570 -91.59 56.74 73.69
CA VAL DA 570 -92.25 57.64 72.75
C VAL DA 570 -91.81 57.26 71.34
N ASN DA 571 -92.78 57.24 70.43
CA ASN DA 571 -92.51 56.91 69.03
C ASN DA 571 -92.24 58.18 68.25
N LYS DA 572 -91.06 58.27 67.64
CA LYS DA 572 -90.66 59.41 66.83
C LYS DA 572 -90.64 59.00 65.37
N ASP DA 573 -91.27 59.82 64.52
CA ASP DA 573 -91.39 59.53 63.11
C ASP DA 573 -90.92 60.72 62.29
N ARG DA 574 -90.36 60.43 61.12
CA ARG DA 574 -89.85 61.45 60.22
C ARG DA 574 -90.03 60.97 58.78
N PHE DA 575 -89.98 61.93 57.85
CA PHE DA 575 -90.18 61.65 56.43
C PHE DA 575 -88.94 62.06 55.65
N ILE DA 576 -88.56 61.23 54.68
CA ILE DA 576 -87.42 61.49 53.81
C ILE DA 576 -87.86 61.29 52.37
N SER DA 577 -87.40 62.18 51.49
CA SER DA 577 -87.78 62.10 50.08
C SER DA 577 -87.11 60.90 49.40
N LYS DA 578 -85.78 60.86 49.42
CA LYS DA 578 -85.02 59.75 48.88
C LYS DA 578 -84.01 59.28 49.92
N MET DA 579 -83.91 57.96 50.08
CA MET DA 579 -83.03 57.39 51.09
C MET DA 579 -82.25 56.22 50.49
N PHE DA 580 -81.07 55.96 51.07
CA PHE DA 580 -80.23 54.83 50.68
C PHE DA 580 -79.84 54.08 51.94
N LEU DA 581 -80.08 52.77 51.95
CA LEU DA 581 -79.77 51.93 53.09
C LEU DA 581 -78.70 50.91 52.72
N ARG DA 582 -77.74 50.74 53.63
CA ARG DA 582 -76.65 49.78 53.43
C ARG DA 582 -77.03 48.42 53.99
N GLY DA 583 -76.39 47.38 53.44
CA GLY DA 583 -76.68 46.03 53.90
C GLY DA 583 -76.19 45.74 55.30
N ASP DA 584 -75.12 46.43 55.72
CA ASP DA 584 -74.66 46.28 57.09
C ASP DA 584 -75.62 46.90 58.09
N SER DA 585 -76.13 48.10 57.77
CA SER DA 585 -77.09 48.75 58.66
C SER DA 585 -78.44 48.06 58.65
N VAL DA 586 -78.85 47.51 57.51
CA VAL DA 586 -80.12 46.80 57.43
C VAL DA 586 -79.98 45.43 58.10
N VAL DA 587 -80.87 45.14 59.05
CA VAL DA 587 -80.86 43.89 59.79
C VAL DA 587 -81.95 42.95 59.31
N ILE DA 588 -83.18 43.44 59.18
CA ILE DA 588 -84.30 42.61 58.77
C ILE DA 588 -85.08 43.33 57.67
N VAL DA 589 -85.80 42.55 56.88
CA VAL DA 589 -86.64 43.06 55.80
C VAL DA 589 -87.99 42.36 55.84
N LEU DA 590 -89.07 43.13 55.68
CA LEU DA 590 -90.42 42.60 55.68
C LEU DA 590 -91.18 43.20 54.51
N LEU DA 591 -91.70 42.34 53.64
CA LEU DA 591 -92.45 42.78 52.47
C LEU DA 591 -93.93 42.81 52.78
N SER DA 592 -94.58 43.93 52.50
CA SER DA 592 -96.00 44.08 52.75
C SER DA 592 -96.79 44.07 51.44
N MET EA 1 -79.10 46.97 39.49
CA MET EA 1 -77.93 47.71 39.02
C MET EA 1 -76.80 47.65 40.05
N LYS EA 2 -75.84 48.55 39.92
CA LYS EA 2 -74.70 48.63 40.81
C LYS EA 2 -74.82 49.86 41.69
N LEU EA 3 -74.58 49.69 43.00
CA LEU EA 3 -74.66 50.81 43.93
C LEU EA 3 -73.57 51.83 43.68
N VAL EA 4 -72.35 51.36 43.35
CA VAL EA 4 -71.25 52.27 43.06
C VAL EA 4 -71.51 53.05 41.78
N ARG EA 5 -72.06 52.38 40.75
CA ARG EA 5 -72.40 53.06 39.51
C ARG EA 5 -73.53 54.07 39.72
N PHE EA 6 -74.52 53.72 40.56
CA PHE EA 6 -75.59 54.66 40.88
C PHE EA 6 -75.07 55.87 41.63
N LEU EA 7 -74.14 55.66 42.57
CA LEU EA 7 -73.54 56.78 43.29
C LEU EA 7 -72.71 57.66 42.37
N MET EA 8 -71.98 57.05 41.43
CA MET EA 8 -71.22 57.82 40.46
C MET EA 8 -72.13 58.63 39.53
N LYS EA 9 -73.26 58.05 39.14
CA LYS EA 9 -74.21 58.78 38.30
C LYS EA 9 -74.91 59.89 39.07
N CYS EA 10 -75.17 59.69 40.35
CA CYS EA 10 -75.86 60.67 41.18
C CYS EA 10 -74.90 61.57 41.95
N ALA EA 11 -73.60 61.51 41.64
CA ALA EA 11 -72.62 62.37 42.30
C ALA EA 11 -72.77 63.82 41.85
N ASN EA 12 -71.90 64.67 42.40
CA ASN EA 12 -71.91 66.12 42.20
C ASN EA 12 -73.27 66.73 42.58
N GLU EA 13 -73.84 66.25 43.68
CA GLU EA 13 -75.11 66.74 44.20
C GLU EA 13 -75.03 66.84 45.71
N THR EA 14 -75.86 67.71 46.27
CA THR EA 14 -75.90 67.92 47.71
C THR EA 14 -76.64 66.76 48.37
N VAL EA 15 -75.94 66.04 49.26
CA VAL EA 15 -76.50 64.88 49.94
C VAL EA 15 -76.15 64.95 51.42
N THR EA 16 -76.93 64.23 52.22
CA THR EA 16 -76.72 64.12 53.66
C THR EA 16 -76.52 62.65 54.01
N ILE EA 17 -75.40 62.35 54.66
CA ILE EA 17 -75.04 60.99 55.03
C ILE EA 17 -75.09 60.86 56.53
N GLU EA 18 -75.81 59.86 57.02
CA GLU EA 18 -75.88 59.55 58.44
C GLU EA 18 -74.97 58.37 58.73
N LEU EA 19 -73.96 58.61 59.55
CA LEU EA 19 -73.01 57.59 59.96
C LEU EA 19 -73.44 56.98 61.30
N LYS EA 20 -73.16 55.68 61.44
CA LYS EA 20 -73.68 54.84 62.52
C LYS EA 20 -73.20 55.25 63.90
N ASN EA 21 -72.18 56.10 64.01
CA ASN EA 21 -71.78 56.69 65.27
C ASN EA 21 -72.64 57.89 65.66
N GLY EA 22 -73.81 58.04 65.03
CA GLY EA 22 -74.68 59.18 65.28
C GLY EA 22 -74.33 60.43 64.53
N ALA EA 23 -73.53 60.34 63.47
CA ALA EA 23 -73.05 61.51 62.78
C ALA EA 23 -73.94 61.87 61.60
N ILE EA 24 -74.00 63.16 61.29
CA ILE EA 24 -74.73 63.66 60.13
C ILE EA 24 -73.82 64.61 59.37
N VAL EA 25 -73.51 64.29 58.12
CA VAL EA 25 -72.63 65.10 57.30
C VAL EA 25 -73.40 65.50 56.04
N HIS EA 26 -73.59 66.80 55.86
CA HIS EA 26 -74.36 67.33 54.74
C HIS EA 26 -73.45 68.16 53.84
N GLY EA 27 -73.51 67.90 52.54
CA GLY EA 27 -72.71 68.65 51.60
C GLY EA 27 -72.75 68.03 50.23
N THR EA 28 -72.14 68.75 49.28
CA THR EA 28 -72.08 68.30 47.90
C THR EA 28 -70.91 67.34 47.71
N ILE EA 29 -71.17 66.20 47.07
CA ILE EA 29 -70.14 65.20 46.87
C ILE EA 29 -69.22 65.63 45.73
N ALA EA 30 -67.91 65.50 45.96
CA ALA EA 30 -66.90 65.82 44.95
C ALA EA 30 -66.40 64.61 44.20
N SER EA 31 -66.22 63.48 44.87
CA SER EA 31 -65.77 62.26 44.23
C SER EA 31 -66.31 61.06 44.99
N VAL EA 32 -66.67 60.01 44.27
CA VAL EA 32 -67.21 58.79 44.85
C VAL EA 32 -66.34 57.62 44.39
N THR EA 33 -65.70 56.95 45.35
CA THR EA 33 -64.86 55.81 45.05
C THR EA 33 -65.70 54.56 44.81
N PRO EA 34 -65.11 53.55 44.16
CA PRO EA 34 -65.85 52.28 43.95
C PRO EA 34 -66.14 51.53 45.24
N LYS EA 35 -65.40 51.79 46.31
CA LYS EA 35 -65.61 51.13 47.60
C LYS EA 35 -66.46 51.98 48.54
N MET EA 36 -67.37 52.79 47.97
CA MET EA 36 -68.29 53.66 48.71
C MET EA 36 -67.56 54.66 49.60
N ASP EA 37 -66.36 55.08 49.17
CA ASP EA 37 -65.58 56.08 49.90
C ASP EA 37 -65.80 57.43 49.22
N THR EA 38 -66.91 58.07 49.57
CA THR EA 38 -67.30 59.32 48.94
C THR EA 38 -66.59 60.50 49.59
N ALA EA 39 -65.98 61.34 48.76
CA ALA EA 39 -65.34 62.57 49.21
C ALA EA 39 -66.24 63.74 48.83
N LEU EA 40 -66.56 64.59 49.80
CA LEU EA 40 -67.51 65.67 49.61
C LEU EA 40 -66.81 67.02 49.75
N ARG EA 41 -67.38 68.03 49.11
CA ARG EA 41 -66.89 69.40 49.16
C ARG EA 41 -67.88 70.27 49.89
N ASN EA 42 -67.36 71.19 50.71
CA ASN EA 42 -68.14 72.10 51.56
C ASN EA 42 -69.10 71.32 52.45
N VAL EA 43 -68.52 70.49 53.31
CA VAL EA 43 -69.27 69.57 54.16
C VAL EA 43 -69.46 70.17 55.54
N ARG EA 44 -70.62 69.92 56.13
CA ARG EA 44 -70.90 70.26 57.52
C ARG EA 44 -71.21 68.98 58.27
N TYR EA 45 -70.41 68.67 59.29
CA TYR EA 45 -70.50 67.42 60.03
C TYR EA 45 -70.87 67.71 61.47
N THR EA 46 -71.91 67.04 61.95
CA THR EA 46 -72.35 67.14 63.35
C THR EA 46 -72.38 65.74 63.95
N PRO EA 47 -71.57 65.46 64.97
CA PRO EA 47 -71.59 64.13 65.59
C PRO EA 47 -72.67 64.04 66.66
N LYS EA 48 -72.80 62.83 67.22
CA LYS EA 48 -73.77 62.60 68.28
C LYS EA 48 -73.25 63.17 69.59
N GLY EA 49 -73.97 64.15 70.13
CA GLY EA 49 -73.55 64.78 71.36
C GLY EA 49 -72.37 65.71 71.23
N GLU EA 50 -72.09 66.20 70.03
CA GLU EA 50 -70.96 67.08 69.79
C GLU EA 50 -71.40 68.25 68.92
N GLU EA 51 -70.67 69.36 69.04
CA GLU EA 51 -70.99 70.55 68.27
C GLU EA 51 -70.65 70.35 66.80
N PRO EA 52 -71.41 70.96 65.90
CA PRO EA 52 -71.14 70.81 64.47
C PRO EA 52 -69.90 71.59 64.04
N TYR EA 53 -69.31 71.14 62.93
CA TYR EA 53 -68.15 71.78 62.36
C TYR EA 53 -68.29 71.79 60.84
N SER EA 54 -67.48 72.64 60.19
CA SER EA 54 -67.50 72.79 58.75
C SER EA 54 -66.10 72.51 58.20
N VAL EA 55 -66.03 71.66 57.18
CA VAL EA 55 -64.75 71.30 56.55
C VAL EA 55 -64.88 71.46 55.05
N GLU EA 56 -63.77 71.82 54.41
CA GLU EA 56 -63.78 72.00 52.96
C GLU EA 56 -63.82 70.66 52.23
N SER EA 57 -63.06 69.68 52.71
CA SER EA 57 -63.03 68.35 52.10
C SER EA 57 -63.01 67.30 53.20
N LEU EA 58 -63.79 66.24 53.01
CA LEU EA 58 -63.87 65.16 53.99
C LEU EA 58 -64.23 63.86 53.28
N THR EA 59 -63.68 62.76 53.78
CA THR EA 59 -63.92 61.43 53.24
C THR EA 59 -64.62 60.58 54.29
N VAL EA 60 -65.69 59.91 53.87
CA VAL EA 60 -66.47 59.05 54.76
C VAL EA 60 -66.43 57.64 54.21
N ARG EA 61 -66.07 56.68 55.06
CA ARG EA 61 -66.00 55.29 54.66
C ARG EA 61 -67.40 54.71 54.46
N GLY EA 62 -67.51 53.78 53.51
CA GLY EA 62 -68.80 53.15 53.26
C GLY EA 62 -69.25 52.26 54.41
N ASN EA 63 -68.32 51.59 55.08
CA ASN EA 63 -68.66 50.78 56.23
C ASN EA 63 -69.14 51.64 57.40
N THR EA 64 -68.49 52.80 57.61
CA THR EA 64 -68.90 53.68 58.69
C THR EA 64 -70.19 54.41 58.36
N ILE EA 65 -70.47 54.63 57.07
CA ILE EA 65 -71.70 55.31 56.66
C ILE EA 65 -72.87 54.33 56.77
N ARG EA 66 -73.91 54.74 57.48
CA ARG EA 66 -75.07 53.89 57.69
C ARG EA 66 -76.16 54.13 56.65
N TYR EA 67 -76.47 55.40 56.38
CA TYR EA 67 -77.52 55.74 55.43
C TYR EA 67 -77.14 57.00 54.67
N TYR EA 68 -77.78 57.20 53.52
CA TYR EA 68 -77.55 58.37 52.70
C TYR EA 68 -78.88 58.86 52.13
N ILE EA 69 -78.99 60.18 51.99
CA ILE EA 69 -80.18 60.82 51.43
C ILE EA 69 -79.72 61.84 50.40
N LEU EA 70 -80.18 61.68 49.17
CA LEU EA 70 -79.82 62.58 48.08
C LEU EA 70 -80.87 63.67 47.93
N PRO EA 71 -80.68 64.62 47.02
CA PRO EA 71 -81.69 65.66 46.80
C PRO EA 71 -82.95 65.08 46.17
N ASP EA 72 -84.09 65.73 46.47
CA ASP EA 72 -85.36 65.28 45.95
C ASP EA 72 -85.54 65.60 44.47
N SER EA 73 -84.80 66.57 43.94
CA SER EA 73 -84.89 66.95 42.54
C SER EA 73 -83.90 66.19 41.66
N LEU EA 74 -83.14 65.26 42.22
CA LEU EA 74 -82.19 64.50 41.43
C LEU EA 74 -82.92 63.50 40.54
N PRO EA 75 -82.50 63.35 39.29
CA PRO EA 75 -83.16 62.37 38.41
C PRO EA 75 -82.73 60.95 38.72
N LEU EA 76 -83.41 60.33 39.70
CA LEU EA 76 -83.05 58.97 40.12
C LEU EA 76 -83.31 57.97 39.02
N ASP EA 77 -84.43 58.11 38.30
CA ASP EA 77 -84.74 57.21 37.20
C ASP EA 77 -83.72 57.31 36.07
N THR EA 78 -83.32 58.54 35.73
CA THR EA 78 -82.31 58.74 34.70
C THR EA 78 -80.94 58.24 35.15
N LEU EA 79 -80.63 58.36 36.44
CA LEU EA 79 -79.36 57.85 36.95
C LEU EA 79 -79.33 56.33 36.96
N LEU EA 80 -80.45 55.69 37.31
CA LEU EA 80 -80.52 54.24 37.33
C LEU EA 80 -80.77 53.63 35.95
N ILE EA 81 -81.15 54.43 34.97
CA ILE EA 81 -81.35 53.92 33.62
C ILE EA 81 -80.02 53.69 32.93
N GLY FA 9 -57.36 59.28 42.70
CA GLY FA 9 -57.13 60.66 42.32
C GLY FA 9 -57.19 61.63 43.49
N LYS FA 10 -58.33 61.61 44.20
CA LYS FA 10 -58.51 62.48 45.36
C LYS FA 10 -57.57 62.08 46.49
N MET FA 11 -57.39 60.79 46.71
CA MET FA 11 -56.47 60.32 47.75
C MET FA 11 -55.02 60.68 47.41
N ALA FA 12 -54.66 60.57 46.13
CA ALA FA 12 -53.32 60.97 45.72
C ALA FA 12 -53.11 62.48 45.86
N GLY FA 13 -54.15 63.26 45.54
CA GLY FA 13 -54.05 64.71 45.71
C GLY FA 13 -53.96 65.15 47.16
N TYR FA 14 -54.69 64.47 48.04
CA TYR FA 14 -54.72 64.83 49.45
C TYR FA 14 -53.68 64.07 50.28
N ILE FA 15 -52.88 63.21 49.65
CA ILE FA 15 -51.86 62.48 50.39
C ILE FA 15 -50.71 63.42 50.78
N ASN FA 16 -49.96 63.00 51.81
CA ASN FA 16 -48.84 63.77 52.38
C ASN FA 16 -49.25 65.17 52.82
N TRP FA 17 -50.42 65.31 53.41
CA TRP FA 17 -50.96 66.60 53.80
C TRP FA 17 -51.54 66.54 55.21
N ARG FA 18 -51.93 67.70 55.73
CA ARG FA 18 -52.47 67.79 57.08
C ARG FA 18 -53.90 67.29 57.09
N MET FA 19 -54.13 66.15 57.74
CA MET FA 19 -55.45 65.54 57.79
C MET FA 19 -55.80 65.18 59.23
N ARG FA 20 -57.10 65.20 59.51
CA ARG FA 20 -57.66 64.78 60.80
C ARG FA 20 -58.67 63.68 60.55
N VAL FA 21 -58.50 62.56 61.24
CA VAL FA 21 -59.34 61.39 61.07
C VAL FA 21 -60.02 61.06 62.39
N THR FA 22 -61.34 60.93 62.35
CA THR FA 22 -62.12 60.51 63.51
C THR FA 22 -62.44 59.03 63.37
N LEU FA 23 -62.15 58.26 64.43
CA LEU FA 23 -62.33 56.83 64.41
C LEU FA 23 -63.72 56.45 64.94
N ASN FA 24 -63.97 55.15 65.06
CA ASN FA 24 -65.25 54.69 65.56
C ASN FA 24 -65.38 54.91 67.06
N ASP FA 25 -64.25 54.97 67.77
CA ASP FA 25 -64.24 55.20 69.21
C ASP FA 25 -64.31 56.67 69.59
N GLY FA 26 -64.32 57.57 68.61
CA GLY FA 26 -64.41 58.99 68.85
C GLY FA 26 -63.08 59.71 68.99
N ARG FA 27 -61.97 58.97 69.06
CA ARG FA 27 -60.66 59.60 69.13
C ARG FA 27 -60.28 60.19 67.77
N GLN FA 28 -59.82 61.42 67.78
CA GLN FA 28 -59.44 62.13 66.56
C GLN FA 28 -57.93 62.24 66.47
N MET FA 29 -57.37 61.71 65.38
CA MET FA 29 -55.93 61.77 65.13
C MET FA 29 -55.67 62.79 64.04
N THR FA 30 -54.91 63.82 64.36
CA THR FA 30 -54.60 64.90 63.44
C THR FA 30 -53.09 64.95 63.20
N GLY FA 31 -52.70 65.17 61.95
CA GLY FA 31 -51.30 65.27 61.63
C GLY FA 31 -51.06 65.16 60.14
N GLN FA 32 -49.77 65.13 59.80
CA GLN FA 32 -49.36 65.06 58.40
C GLN FA 32 -49.43 63.61 57.93
N MET FA 33 -50.53 63.25 57.28
CA MET FA 33 -50.64 61.93 56.69
C MET FA 33 -49.75 61.83 55.46
N LEU FA 34 -48.94 60.79 55.41
CA LEU FA 34 -47.94 60.61 54.36
C LEU FA 34 -48.19 59.38 53.49
N ALA FA 35 -48.78 58.32 54.04
CA ALA FA 35 -48.98 57.11 53.25
C ALA FA 35 -50.43 56.66 53.37
N PHE FA 36 -50.97 56.21 52.24
CA PHE FA 36 -52.34 55.72 52.17
C PHE FA 36 -52.38 54.40 51.41
N ASP FA 37 -53.24 53.49 51.89
CA ASP FA 37 -53.41 52.19 51.26
C ASP FA 37 -54.90 51.90 51.16
N LYS FA 38 -55.25 51.17 50.09
CA LYS FA 38 -56.64 51.08 49.63
C LYS FA 38 -57.53 50.30 50.59
N HIS FA 39 -56.96 49.63 51.59
CA HIS FA 39 -57.73 49.03 52.66
C HIS FA 39 -58.03 50.01 53.78
N MET FA 40 -58.07 51.31 53.45
CA MET FA 40 -58.18 52.41 54.42
C MET FA 40 -57.08 52.34 55.47
N ASN FA 41 -55.83 52.28 55.01
CA ASN FA 41 -54.68 52.24 55.91
C ASN FA 41 -53.95 53.57 55.79
N LEU FA 42 -53.94 54.34 56.87
CA LEU FA 42 -53.32 55.66 56.89
C LEU FA 42 -52.10 55.65 57.79
N VAL FA 43 -50.95 55.96 57.22
CA VAL FA 43 -49.70 56.08 57.96
C VAL FA 43 -49.32 57.55 58.01
N LEU FA 44 -49.23 58.09 59.21
CA LEU FA 44 -48.99 59.52 59.42
C LEU FA 44 -47.83 59.71 60.38
N ALA FA 45 -47.23 60.91 60.33
CA ALA FA 45 -46.13 61.28 61.21
C ALA FA 45 -46.55 62.46 62.08
N ASP FA 46 -45.99 62.50 63.29
CA ASP FA 46 -46.28 63.53 64.30
C ASP FA 46 -47.77 63.61 64.60
N THR FA 47 -48.38 62.45 64.80
CA THR FA 47 -49.82 62.38 65.05
C THR FA 47 -50.16 62.87 66.44
N GLU FA 48 -51.28 63.58 66.56
CA GLU FA 48 -51.82 64.04 67.83
C GLU FA 48 -53.20 63.42 68.00
N GLU FA 49 -53.40 62.69 69.10
CA GLU FA 49 -54.65 62.02 69.39
C GLU FA 49 -55.40 62.80 70.46
N PHE FA 50 -56.65 63.17 70.15
CA PHE FA 50 -57.52 63.89 71.07
C PHE FA 50 -58.73 63.03 71.38
N ARG FA 51 -59.05 62.92 72.66
CA ARG FA 51 -60.19 62.12 73.09
C ARG FA 51 -61.08 62.91 74.06
N GLU FA 72 -58.72 65.27 76.39
CA GLU FA 72 -57.29 65.02 76.59
C GLU FA 72 -56.58 64.85 75.25
N LYS FA 73 -55.46 65.56 75.08
CA LYS FA 73 -54.68 65.51 73.86
C LYS FA 73 -53.27 64.99 74.17
N ARG FA 74 -52.78 64.11 73.30
CA ARG FA 74 -51.46 63.51 73.45
C ARG FA 74 -50.81 63.43 72.08
N THR FA 75 -49.49 63.24 72.08
CA THR FA 75 -48.71 63.12 70.87
C THR FA 75 -48.12 61.72 70.78
N LEU FA 76 -48.23 61.10 69.60
CA LEU FA 76 -47.73 59.75 69.39
C LEU FA 76 -46.60 59.65 68.37
N GLY FA 77 -46.46 60.63 67.49
CA GLY FA 77 -45.41 60.57 66.47
C GLY FA 77 -45.89 59.80 65.25
N LEU FA 78 -45.14 58.78 64.88
CA LEU FA 78 -45.54 57.92 63.76
C LEU FA 78 -46.68 57.02 64.19
N THR FA 79 -47.75 57.01 63.39
CA THR FA 79 -48.94 56.24 63.72
C THR FA 79 -49.50 55.59 62.46
N ILE FA 80 -50.17 54.46 62.66
CA ILE FA 80 -50.83 53.72 61.58
C ILE FA 80 -52.26 53.44 62.02
N VAL FA 81 -53.22 53.79 61.18
CA VAL FA 81 -54.64 53.62 61.45
C VAL FA 81 -55.23 52.71 60.39
N ARG FA 82 -55.92 51.66 60.83
CA ARG FA 82 -56.53 50.70 59.92
C ARG FA 82 -58.03 50.99 59.76
N GLY FA 83 -58.57 50.58 58.62
CA GLY FA 83 -59.98 50.74 58.33
C GLY FA 83 -60.90 49.93 59.23
N ALA FA 84 -60.37 48.96 59.97
CA ALA FA 84 -61.17 48.26 60.96
C ALA FA 84 -61.60 49.15 62.11
N ASN FA 85 -60.87 50.25 62.36
CA ASN FA 85 -61.22 51.21 63.39
C ASN FA 85 -61.49 52.61 62.86
N ILE FA 86 -61.02 52.93 61.65
CA ILE FA 86 -61.18 54.27 61.09
C ILE FA 86 -62.61 54.45 60.60
N ILE FA 87 -63.20 55.59 60.92
CA ILE FA 87 -64.57 55.92 60.54
C ILE FA 87 -64.61 56.96 59.43
N ALA FA 88 -64.00 58.12 59.65
CA ALA FA 88 -64.02 59.19 58.66
C ALA FA 88 -62.73 59.98 58.74
N LEU FA 89 -62.43 60.71 57.66
CA LEU FA 89 -61.23 61.52 57.59
C LEU FA 89 -61.52 62.79 56.81
N SER FA 90 -60.76 63.85 57.11
CA SER FA 90 -60.91 65.12 56.42
C SER FA 90 -59.53 65.76 56.29
N VAL FA 91 -59.40 66.64 55.29
CA VAL FA 91 -58.17 67.38 55.05
C VAL FA 91 -58.27 68.70 55.80
N GLU FA 92 -57.54 68.81 56.92
CA GLU FA 92 -57.63 70.01 57.75
C GLU FA 92 -56.87 71.17 57.14
N SER FA 93 -55.75 70.91 56.49
CA SER FA 93 -54.94 71.97 55.89
C SER FA 93 -54.15 71.36 54.74
N PRO FA 94 -53.41 72.18 54.01
CA PRO FA 94 -52.59 71.65 52.91
C PRO FA 94 -51.29 71.08 53.42
N PRO FA 95 -50.39 70.67 52.52
CA PRO FA 95 -49.09 70.14 52.96
C PRO FA 95 -48.25 71.22 53.60
N PRO FA 96 -47.57 70.92 54.70
CA PRO FA 96 -46.77 71.94 55.40
C PRO FA 96 -45.47 72.23 54.66
N ALA FA 97 -44.89 73.38 55.02
CA ALA FA 97 -43.62 73.78 54.43
C ALA FA 97 -42.49 72.87 54.90
N ASP FA 98 -41.59 72.55 53.98
CA ASP FA 98 -40.47 71.68 54.29
C ASP FA 98 -39.42 72.43 55.11
N PRO FA 99 -38.51 71.69 55.77
CA PRO FA 99 -37.40 72.35 56.47
C PRO FA 99 -36.50 73.15 55.56
N SER FA 100 -36.28 72.68 54.32
CA SER FA 100 -35.51 73.46 53.35
C SER FA 100 -36.27 74.72 52.94
N ALA FA 101 -37.59 74.62 52.82
CA ALA FA 101 -38.40 75.81 52.51
C ALA FA 101 -38.36 76.82 53.65
N ARG FA 102 -38.33 76.33 54.89
CA ARG FA 102 -38.18 77.24 56.04
C ARG FA 102 -36.80 77.89 56.05
N LEU FA 103 -35.75 77.09 55.95
CA LEU FA 103 -34.38 77.60 55.88
C LEU FA 103 -33.89 77.72 54.45
N GLY FA 104 -34.67 78.37 53.59
CA GLY FA 104 -34.28 78.60 52.22
C GLY FA 104 -33.20 79.67 52.10
N LYS FA 105 -32.74 79.84 50.86
CA LYS FA 105 -31.69 80.79 50.57
C LYS FA 105 -32.21 82.23 50.67
N THR FA 106 -31.27 83.14 50.91
CA THR FA 106 -31.59 84.56 51.06
C THR FA 106 -31.19 85.31 49.80
N THR FA 107 -32.11 86.13 49.28
CA THR FA 107 -31.85 86.91 48.07
C THR FA 107 -31.17 88.22 48.41
N ILE GA 5 -48.17 44.17 47.77
CA ILE GA 5 -48.46 44.40 49.18
C ILE GA 5 -48.93 45.84 49.39
N GLY GA 6 -48.66 46.38 50.57
CA GLY GA 6 -49.05 47.74 50.89
C GLY GA 6 -47.91 48.51 51.52
N ILE GA 7 -48.00 49.84 51.42
CA ILE GA 7 -47.03 50.71 52.07
C ILE GA 7 -47.07 50.55 53.57
N PRO GA 8 -48.24 50.50 54.22
CA PRO GA 8 -48.25 50.21 55.67
C PRO GA 8 -47.71 48.84 56.03
N ILE GA 9 -47.91 47.83 55.16
CA ILE GA 9 -47.36 46.51 55.42
C ILE GA 9 -45.83 46.55 55.35
N LYS GA 10 -45.29 47.26 54.35
CA LYS GA 10 -43.84 47.41 54.24
C LYS GA 10 -43.28 48.20 55.42
N LEU GA 11 -44.01 49.23 55.87
CA LEU GA 11 -43.58 50.00 57.03
C LEU GA 11 -43.57 49.16 58.30
N LEU GA 12 -44.58 48.30 58.47
CA LEU GA 12 -44.62 47.40 59.62
C LEU GA 12 -43.50 46.37 59.55
N ASN GA 13 -43.20 45.87 58.36
CA ASN GA 13 -42.10 44.92 58.19
C ASN GA 13 -40.76 45.58 58.50
N GLU GA 14 -40.59 46.84 58.10
CA GLU GA 14 -39.35 47.55 58.41
C GLU GA 14 -39.25 47.87 59.89
N ALA GA 15 -40.37 48.21 60.53
CA ALA GA 15 -40.38 48.55 61.94
C ALA GA 15 -40.39 47.33 62.85
N GLN GA 16 -40.56 46.13 62.30
CA GLN GA 16 -40.50 44.92 63.11
C GLN GA 16 -39.08 44.69 63.63
N GLY GA 17 -39.00 43.97 64.75
CA GLY GA 17 -37.73 43.73 65.39
C GLY GA 17 -37.08 44.95 66.01
N HIS GA 18 -37.89 45.81 66.65
CA HIS GA 18 -37.38 47.00 67.30
C HIS GA 18 -38.33 47.38 68.44
N ILE GA 19 -37.94 48.39 69.20
CA ILE GA 19 -38.75 48.88 70.31
C ILE GA 19 -39.90 49.69 69.71
N VAL GA 20 -41.13 49.18 69.85
CA VAL GA 20 -42.32 49.78 69.28
C VAL GA 20 -43.44 49.71 70.31
N THR GA 21 -44.62 50.21 69.92
CA THR GA 21 -45.79 50.16 70.77
C THR GA 21 -47.00 49.75 69.94
N LEU GA 22 -47.97 49.13 70.61
CA LEU GA 22 -49.23 48.74 69.98
C LEU GA 22 -50.38 49.06 70.90
N GLU GA 23 -51.52 49.42 70.30
CA GLU GA 23 -52.76 49.67 71.01
C GLU GA 23 -53.83 48.76 70.42
N LEU GA 24 -54.47 47.97 71.28
CA LEU GA 24 -55.44 46.97 70.87
C LEU GA 24 -56.85 47.52 70.97
N THR GA 25 -57.78 46.81 70.32
CA THR GA 25 -59.19 47.19 70.38
C THR GA 25 -59.83 46.86 71.73
N THR GA 26 -59.22 45.98 72.51
CA THR GA 26 -59.74 45.61 73.81
C THR GA 26 -59.39 46.63 74.91
N GLY GA 27 -58.55 47.61 74.59
CA GLY GA 27 -58.13 48.62 75.54
C GLY GA 27 -56.74 48.41 76.11
N GLN GA 28 -56.18 47.22 75.98
CA GLN GA 28 -54.84 46.95 76.48
C GLN GA 28 -53.80 47.54 75.53
N THR GA 29 -52.87 48.31 76.07
CA THR GA 29 -51.81 48.94 75.30
C THR GA 29 -50.47 48.36 75.72
N TYR GA 30 -49.69 47.90 74.75
CA TYR GA 30 -48.41 47.26 75.01
C TYR GA 30 -47.29 48.09 74.40
N ARG GA 31 -46.11 48.02 75.02
CA ARG GA 31 -44.91 48.65 74.50
C ARG GA 31 -43.73 47.74 74.78
N GLY GA 32 -42.94 47.45 73.76
CA GLY GA 32 -41.83 46.53 73.95
C GLY GA 32 -41.14 46.22 72.65
N LYS GA 33 -40.33 45.16 72.68
CA LYS GA 33 -39.50 44.79 71.54
C LYS GA 33 -40.30 43.89 70.60
N LEU GA 34 -40.91 44.49 69.59
CA LEU GA 34 -41.61 43.72 68.58
C LEU GA 34 -40.60 42.98 67.71
N ILE GA 35 -40.78 41.67 67.57
CA ILE GA 35 -39.81 40.80 66.91
C ILE GA 35 -40.25 40.45 65.50
N GLU GA 36 -41.40 39.77 65.37
CA GLU GA 36 -41.87 39.29 64.08
C GLU GA 36 -43.18 39.98 63.72
N ALA GA 37 -43.30 40.34 62.44
CA ALA GA 37 -44.53 40.93 61.91
C ALA GA 37 -44.82 40.28 60.56
N GLU GA 38 -46.10 40.25 60.20
CA GLU GA 38 -46.57 39.64 58.97
C GLU GA 38 -47.35 40.65 58.15
N ASP GA 39 -47.54 40.31 56.86
CA ASP GA 39 -48.35 41.16 55.99
C ASP GA 39 -49.83 41.11 56.33
N ASN GA 40 -50.27 40.06 57.03
CA ASN GA 40 -51.66 39.94 57.47
C ASN GA 40 -51.85 40.44 58.90
N MET GA 41 -50.96 41.35 59.35
CA MET GA 41 -51.00 41.96 60.68
C MET GA 41 -50.95 40.91 61.80
N ASN GA 42 -49.99 40.01 61.69
CA ASN GA 42 -49.71 39.03 62.74
C ASN GA 42 -48.39 39.39 63.39
N VAL GA 43 -48.44 39.92 64.61
CA VAL GA 43 -47.27 40.45 65.30
C VAL GA 43 -46.87 39.50 66.42
N GLN GA 44 -45.59 39.12 66.42
CA GLN GA 44 -45.00 38.32 67.50
C GLN GA 44 -43.94 39.17 68.18
N LEU GA 45 -44.09 39.35 69.49
CA LEU GA 45 -43.20 40.22 70.24
C LEU GA 45 -42.67 39.51 71.47
N LYS GA 46 -41.47 39.90 71.89
CA LYS GA 46 -40.86 39.41 73.12
C LYS GA 46 -40.36 40.62 73.92
N ASP GA 47 -40.40 40.49 75.24
CA ASP GA 47 -40.03 41.57 76.17
C ASP GA 47 -40.88 42.82 75.92
N ILE GA 48 -42.16 42.67 76.27
CA ILE GA 48 -43.11 43.78 76.18
C ILE GA 48 -43.73 44.01 77.55
N THR GA 49 -44.31 45.19 77.74
CA THR GA 49 -45.09 45.52 78.93
C THR GA 49 -46.46 45.98 78.48
N VAL GA 50 -47.51 45.35 79.00
CA VAL GA 50 -48.88 45.60 78.58
C VAL GA 50 -49.68 46.11 79.77
N THR GA 51 -50.35 47.25 79.59
CA THR GA 51 -51.19 47.85 80.62
C THR GA 51 -52.63 47.85 80.13
N ALA GA 52 -53.55 47.43 81.00
CA ALA GA 52 -54.97 47.41 80.67
C ALA GA 52 -55.56 48.83 80.72
N ARG GA 53 -56.88 48.91 80.52
CA ARG GA 53 -57.53 50.21 80.49
C ARG GA 53 -57.56 50.87 81.86
N ASP GA 54 -57.81 50.09 82.91
CA ASP GA 54 -57.88 50.61 84.28
C ASP GA 54 -56.77 49.94 85.08
N GLY GA 55 -55.57 50.53 85.05
CA GLY GA 55 -54.44 49.94 85.73
C GLY GA 55 -54.02 48.64 85.06
N ARG GA 56 -53.58 47.68 85.89
CA ARG GA 56 -53.23 46.32 85.48
C ARG GA 56 -52.12 46.34 84.41
N VAL GA 57 -50.94 46.78 84.85
CA VAL GA 57 -49.75 46.83 84.01
C VAL GA 57 -48.87 45.64 84.39
N SER GA 58 -48.68 44.73 83.44
CA SER GA 58 -47.87 43.54 83.64
C SER GA 58 -46.86 43.41 82.50
N HIS GA 59 -46.06 42.36 82.56
CA HIS GA 59 -45.01 42.09 81.57
C HIS GA 59 -45.39 40.89 80.73
N LEU GA 60 -44.68 40.72 79.62
CA LEU GA 60 -44.92 39.62 78.69
C LEU GA 60 -43.60 39.24 78.03
N GLU GA 61 -43.16 38.01 78.30
CA GLU GA 61 -41.96 37.50 77.64
C GLU GA 61 -42.25 37.09 76.20
N GLN GA 62 -43.51 36.77 75.90
CA GLN GA 62 -43.91 36.42 74.55
C GLN GA 62 -45.38 36.80 74.37
N ILE GA 63 -45.66 37.49 73.27
CA ILE GA 63 -47.01 37.95 72.97
C ILE GA 63 -47.28 37.77 71.48
N TYR GA 64 -48.48 37.27 71.16
CA TYR GA 64 -48.94 37.14 69.79
C TYR GA 64 -50.21 37.98 69.63
N ILE GA 65 -50.22 38.84 68.62
CA ILE GA 65 -51.31 39.78 68.41
C ILE GA 65 -51.76 39.70 66.95
N ARG GA 66 -53.07 39.85 66.74
CA ARG GA 66 -53.65 39.90 65.41
C ARG GA 66 -54.27 41.27 65.17
N GLY GA 67 -54.30 41.69 63.91
CA GLY GA 67 -54.80 43.00 63.56
C GLY GA 67 -56.31 43.16 63.67
N SER GA 68 -57.05 42.07 63.85
CA SER GA 68 -58.48 42.18 64.06
C SER GA 68 -58.79 42.86 65.39
N HIS GA 69 -58.04 42.53 66.44
CA HIS GA 69 -58.21 43.12 67.76
C HIS GA 69 -57.19 44.21 68.05
N VAL GA 70 -56.38 44.60 67.08
CA VAL GA 70 -55.37 45.63 67.24
C VAL GA 70 -55.86 46.91 66.59
N ARG GA 71 -55.73 48.02 67.31
CA ARG GA 71 -56.22 49.31 66.84
C ARG GA 71 -55.17 50.14 66.12
N PHE GA 72 -53.99 50.31 66.71
CA PHE GA 72 -52.98 51.18 66.12
C PHE GA 72 -51.60 50.73 66.55
N PHE GA 73 -50.58 51.26 65.89
CA PHE GA 73 -49.19 50.97 66.19
C PHE GA 73 -48.38 52.26 66.20
N ILE GA 74 -47.31 52.27 67.00
CA ILE GA 74 -46.38 53.38 67.11
C ILE GA 74 -44.99 52.85 66.84
N VAL GA 75 -44.31 53.44 65.85
CA VAL GA 75 -43.02 52.96 65.36
C VAL GA 75 -41.98 54.07 65.45
N PRO GA 76 -40.74 53.81 65.08
CA PRO GA 76 -39.68 54.81 65.26
C PRO GA 76 -39.71 55.89 64.19
N ASP GA 77 -39.06 57.01 64.51
CA ASP GA 77 -38.96 58.13 63.58
C ASP GA 77 -38.11 57.78 62.36
N MET GA 78 -37.11 56.91 62.53
CA MET GA 78 -36.33 56.44 61.39
C MET GA 78 -37.20 55.63 60.43
N LEU GA 79 -38.08 54.77 60.97
CA LEU GA 79 -39.02 54.04 60.13
C LEU GA 79 -40.04 54.97 59.49
N ARG GA 80 -40.43 56.04 60.19
CA ARG GA 80 -41.34 57.02 59.61
C ARG GA 80 -40.69 57.78 58.46
N ASN GA 81 -39.42 58.16 58.61
CA ASN GA 81 -38.68 58.92 57.61
C ASN GA 81 -37.72 58.04 56.80
N ALA GA 82 -38.04 56.76 56.64
CA ALA GA 82 -37.23 55.88 55.82
C ALA GA 82 -37.33 56.27 54.34
N PRO GA 83 -36.38 55.82 53.53
CA PRO GA 83 -36.33 56.25 52.12
C PRO GA 83 -37.43 55.66 51.24
N MET GA 84 -38.30 54.80 51.77
CA MET GA 84 -39.41 54.26 50.98
C MET GA 84 -40.48 55.30 50.68
N PHE GA 85 -40.49 56.43 51.39
CA PHE GA 85 -41.47 57.49 51.17
C PHE GA 85 -41.01 58.51 50.12
N ARG GA 86 -39.86 58.29 49.49
CA ARG GA 86 -39.37 59.22 48.48
C ARG GA 86 -40.24 59.17 47.23
N SER GA 87 -40.33 60.32 46.56
CA SER GA 87 -41.15 60.42 45.36
C SER GA 87 -40.50 59.68 44.19
N ARG GA 88 -41.34 59.15 43.31
CA ARG GA 88 -40.87 58.41 42.14
C ARG GA 88 -40.37 59.37 41.07
N ALA HA 4 -51.76 33.60 54.45
CA ALA HA 4 -50.56 33.41 55.27
C ALA HA 4 -50.90 32.70 56.57
N GLN HA 5 -50.31 31.51 56.76
CA GLN HA 5 -50.54 30.75 57.97
C GLN HA 5 -49.84 31.43 59.16
N PRO HA 6 -50.40 31.28 60.36
CA PRO HA 6 -49.76 31.89 61.54
C PRO HA 6 -48.48 31.18 61.91
N GLU HA 7 -47.58 31.93 62.55
CA GLU HA 7 -46.29 31.40 62.98
C GLU HA 7 -46.42 30.83 64.40
N LEU HA 8 -47.15 29.72 64.48
CA LEU HA 8 -47.40 29.04 65.75
C LEU HA 8 -46.54 27.80 65.91
N LYS HA 9 -45.51 27.61 65.07
CA LYS HA 9 -44.64 26.46 65.19
C LYS HA 9 -43.77 26.53 66.44
N LYS HA 10 -43.33 27.74 66.82
CA LYS HA 10 -42.52 27.90 68.02
C LYS HA 10 -43.34 27.72 69.30
N TYR HA 11 -44.64 27.97 69.24
CA TYR HA 11 -45.51 27.80 70.41
C TYR HA 11 -46.16 26.42 70.45
N LEU HA 12 -45.87 25.55 69.48
CA LEU HA 12 -46.44 24.21 69.47
C LEU HA 12 -45.80 23.35 70.55
N ASP HA 13 -46.62 22.48 71.14
CA ASP HA 13 -46.20 21.56 72.22
C ASP HA 13 -45.61 22.32 73.41
N LYS HA 14 -46.19 23.47 73.72
CA LYS HA 14 -45.75 24.29 74.83
C LYS HA 14 -46.96 24.79 75.62
N ARG HA 15 -46.76 24.96 76.93
CA ARG HA 15 -47.82 25.44 77.79
C ARG HA 15 -47.99 26.95 77.58
N LEU HA 16 -49.18 27.35 77.11
CA LEU HA 16 -49.47 28.75 76.84
C LEU HA 16 -50.82 29.10 77.43
N PHE HA 17 -50.96 30.38 77.78
CA PHE HA 17 -52.23 30.95 78.23
C PHE HA 17 -52.75 31.90 77.15
N VAL HA 18 -54.02 31.75 76.81
CA VAL HA 18 -54.67 32.56 75.80
C VAL HA 18 -55.71 33.43 76.51
N GLU HA 19 -55.59 34.74 76.34
CA GLU HA 19 -56.56 35.69 76.85
C GLU HA 19 -57.57 35.98 75.75
N LEU HA 20 -58.85 35.76 76.05
CA LEU HA 20 -59.94 35.92 75.11
C LEU HA 20 -61.01 36.82 75.71
N ASN HA 21 -61.86 37.34 74.82
CA ASN HA 21 -62.87 38.33 75.18
C ASN HA 21 -63.88 37.76 76.17
N GLY HA 22 -64.47 38.65 76.96
CA GLY HA 22 -65.22 38.23 78.13
C GLY HA 22 -64.36 37.99 79.34
N SER HA 23 -63.08 38.40 79.29
CA SER HA 23 -62.09 38.20 80.35
C SER HA 23 -61.93 36.71 80.67
N ARG HA 24 -61.52 35.96 79.66
CA ARG HA 24 -61.32 34.52 79.81
C ARG HA 24 -59.85 34.17 79.61
N ARG HA 25 -59.33 33.28 80.45
CA ARG HA 25 -57.95 32.81 80.33
C ARG HA 25 -57.97 31.29 80.16
N VAL HA 26 -57.53 30.82 78.99
CA VAL HA 26 -57.47 29.39 78.70
C VAL HA 26 -56.00 28.98 78.73
N ILE HA 27 -55.61 28.21 79.74
CA ILE HA 27 -54.24 27.78 79.92
C ILE HA 27 -54.13 26.31 79.57
N GLY HA 28 -53.20 25.98 78.68
CA GLY HA 28 -53.05 24.59 78.28
C GLY HA 28 -51.88 24.41 77.34
N VAL HA 29 -51.58 23.15 77.05
CA VAL HA 29 -50.52 22.80 76.11
C VAL HA 29 -51.07 22.88 74.69
N LEU HA 30 -50.40 23.67 73.85
CA LEU HA 30 -50.85 23.83 72.47
C LEU HA 30 -50.60 22.55 71.68
N ARG HA 31 -51.63 22.11 70.95
CA ARG HA 31 -51.54 20.88 70.16
C ARG HA 31 -51.39 21.13 68.67
N GLY HA 32 -51.84 22.26 68.17
CA GLY HA 32 -51.71 22.56 66.75
C GLY HA 32 -52.34 23.88 66.43
N TYR HA 33 -52.24 24.26 65.15
CA TYR HA 33 -52.80 25.52 64.68
C TYR HA 33 -53.12 25.38 63.19
N ASP HA 34 -53.98 26.27 62.71
CA ASP HA 34 -54.40 26.30 61.31
C ASP HA 34 -53.94 27.62 60.68
N VAL HA 35 -54.31 27.80 59.42
CA VAL HA 35 -53.95 29.03 58.70
C VAL HA 35 -54.82 30.20 59.11
N PHE HA 36 -55.96 29.96 59.74
CA PHE HA 36 -56.87 31.02 60.17
C PHE HA 36 -56.73 31.34 61.66
N LEU HA 37 -55.54 31.11 62.21
CA LEU HA 37 -55.22 31.36 63.62
C LEU HA 37 -56.12 30.59 64.58
N ASN HA 38 -56.54 29.40 64.17
CA ASN HA 38 -57.40 28.55 65.00
C ASN HA 38 -56.50 27.57 65.75
N ILE HA 39 -56.37 27.79 67.06
CA ILE HA 39 -55.47 27.00 67.91
C ILE HA 39 -56.29 26.01 68.73
N VAL HA 40 -55.82 24.78 68.80
CA VAL HA 40 -56.43 23.73 69.61
C VAL HA 40 -55.44 23.36 70.71
N LEU HA 41 -55.91 23.40 71.96
CA LEU HA 41 -55.06 23.16 73.11
C LEU HA 41 -55.55 21.95 73.88
N ASP HA 42 -54.60 21.18 74.42
CA ASP HA 42 -54.90 20.01 75.23
C ASP HA 42 -54.72 20.33 76.70
N ASP HA 43 -55.50 19.64 77.54
CA ASP HA 43 -55.53 19.84 79.00
C ASP HA 43 -55.84 21.30 79.34
N ALA HA 44 -56.86 21.85 78.68
CA ALA HA 44 -57.20 23.25 78.83
C ALA HA 44 -57.89 23.50 80.17
N VAL HA 45 -57.56 24.63 80.78
CA VAL HA 45 -58.20 25.09 82.00
C VAL HA 45 -58.69 26.51 81.76
N GLU HA 46 -59.97 26.75 82.04
CA GLU HA 46 -60.59 28.05 81.87
C GLU HA 46 -60.62 28.79 83.20
N GLU HA 47 -60.28 30.07 83.16
CA GLU HA 47 -60.24 30.91 84.35
C GLU HA 47 -60.93 32.24 84.06
N ARG HA 48 -61.82 32.64 84.96
CA ARG HA 48 -62.50 33.93 84.92
C ARG HA 48 -61.69 34.95 85.71
N PRO HA 49 -62.17 36.20 85.82
CA PRO HA 49 -61.44 37.20 86.60
C PRO HA 49 -61.37 36.89 88.10
N ASN HA 50 -62.24 36.02 88.62
CA ASN HA 50 -62.20 35.67 90.03
C ASN HA 50 -60.96 34.84 90.39
N GLY HA 51 -60.34 34.18 89.43
CA GLY HA 51 -59.15 33.40 89.66
C GLY HA 51 -59.37 31.90 89.77
N GLU HA 52 -60.62 31.44 89.75
CA GLU HA 52 -60.90 30.01 89.82
C GLU HA 52 -60.64 29.37 88.47
N LYS HA 53 -59.91 28.25 88.47
CA LYS HA 53 -59.57 27.54 87.26
C LYS HA 53 -60.33 26.22 87.21
N VAL HA 54 -61.02 25.97 86.10
CA VAL HA 54 -61.79 24.75 85.91
C VAL HA 54 -61.27 24.04 84.67
N LYS HA 55 -60.90 22.77 84.82
CA LYS HA 55 -60.41 21.99 83.70
C LYS HA 55 -61.56 21.63 82.75
N LEU HA 56 -61.26 21.60 81.45
CA LEU HA 56 -62.27 21.25 80.46
C LEU HA 56 -61.79 20.11 79.57
N GLY HA 57 -60.47 19.95 79.47
CA GLY HA 57 -59.91 18.90 78.64
C GLY HA 57 -59.26 19.45 77.38
N MET HA 58 -59.59 18.87 76.23
CA MET HA 58 -59.08 19.32 74.95
C MET HA 58 -60.08 20.28 74.34
N VAL HA 59 -59.64 21.52 74.09
CA VAL HA 59 -60.50 22.58 73.57
C VAL HA 59 -59.79 23.27 72.42
N THR HA 60 -60.59 23.96 71.61
CA THR HA 60 -60.08 24.71 70.47
C THR HA 60 -60.60 26.14 70.53
N ILE HA 61 -59.79 27.07 70.02
CA ILE HA 61 -60.12 28.49 70.03
C ILE HA 61 -60.14 28.98 68.59
N ARG HA 62 -61.22 29.67 68.21
CA ARG HA 62 -61.33 30.22 66.86
C ARG HA 62 -60.38 31.39 66.68
N GLY HA 63 -60.10 31.71 65.41
CA GLY HA 63 -59.21 32.81 65.11
C GLY HA 63 -59.76 34.16 65.53
N ASN HA 64 -61.05 34.38 65.29
CA ASN HA 64 -61.67 35.64 65.74
C ASN HA 64 -61.82 35.67 67.25
N SER HA 65 -62.06 34.52 67.88
CA SER HA 65 -62.25 34.48 69.33
C SER HA 65 -60.94 34.66 70.08
N VAL HA 66 -59.83 34.19 69.52
CA VAL HA 66 -58.53 34.31 70.17
C VAL HA 66 -58.04 35.75 70.04
N VAL HA 67 -57.67 36.35 71.17
CA VAL HA 67 -57.21 37.73 71.22
C VAL HA 67 -55.70 37.81 71.49
N ILE HA 68 -55.25 37.26 72.60
CA ILE HA 68 -53.84 37.30 72.98
C ILE HA 68 -53.38 35.89 73.34
N LEU HA 69 -52.12 35.58 73.03
CA LEU HA 69 -51.51 34.31 73.38
C LEU HA 69 -50.15 34.56 74.00
N GLU HA 70 -49.81 33.79 75.03
CA GLU HA 70 -48.53 33.97 75.71
C GLU HA 70 -48.04 32.64 76.27
N PRO HA 71 -46.87 32.15 75.83
CA PRO HA 71 -46.33 30.90 76.39
C PRO HA 71 -45.75 31.15 77.78
N LEU HA 72 -46.17 30.33 78.74
CA LEU HA 72 -45.70 30.46 80.12
C LEU HA 72 -44.39 29.74 80.36
N GLU HA 73 -43.87 29.01 79.38
CA GLU HA 73 -42.61 28.30 79.49
C GLU HA 73 -41.60 28.90 78.53
N ARG HA 74 -40.39 28.33 78.53
CA ARG HA 74 -39.34 28.79 77.64
C ARG HA 74 -39.65 28.40 76.21
N ILE HA 75 -39.38 29.31 75.28
CA ILE HA 75 -39.63 29.07 73.86
C ILE HA 75 -38.60 29.79 73.01
N MET IA 1 -43.10 94.28 61.33
CA MET IA 1 -44.10 94.62 60.31
C MET IA 1 -45.49 94.26 60.80
N ARG IA 2 -46.50 94.62 60.00
CA ARG IA 2 -47.88 94.33 60.36
C ARG IA 2 -48.17 92.84 60.20
N LEU IA 3 -48.98 92.31 61.10
CA LEU IA 3 -49.35 90.89 61.08
C LEU IA 3 -50.45 90.70 60.03
N THR IA 4 -50.08 90.13 58.89
CA THR IA 4 -51.00 89.90 57.79
C THR IA 4 -51.19 88.40 57.57
N ALA IA 5 -52.02 88.09 56.58
CA ALA IA 5 -52.27 86.68 56.23
C ALA IA 5 -51.01 86.03 55.67
N GLU IA 6 -50.25 86.76 54.86
CA GLU IA 6 -49.00 86.23 54.32
C GLU IA 6 -47.98 85.98 55.44
N LEU IA 7 -47.91 86.89 56.41
CA LEU IA 7 -47.00 86.69 57.54
C LEU IA 7 -47.45 85.52 58.42
N ILE IA 8 -48.76 85.35 58.58
CA ILE IA 8 -49.28 84.22 59.36
C ILE IA 8 -48.99 82.91 58.65
N GLN IA 9 -49.10 82.89 57.31
CA GLN IA 9 -48.76 81.69 56.55
C GLN IA 9 -47.26 81.41 56.57
N ASN IA 10 -46.44 82.46 56.58
CA ASN IA 10 -44.99 82.30 56.63
C ASN IA 10 -44.45 82.11 58.04
N SER IA 11 -45.31 82.18 59.06
CA SER IA 11 -44.88 81.89 60.42
C SER IA 11 -44.51 80.42 60.56
N LEU IA 12 -43.55 80.15 61.44
CA LEU IA 12 -42.95 78.82 61.56
C LEU IA 12 -43.88 77.93 62.38
N SER IA 13 -44.47 76.94 61.72
CA SER IA 13 -45.33 75.96 62.39
C SER IA 13 -44.55 74.64 62.49
N TYR IA 14 -44.33 74.18 63.71
CA TYR IA 14 -43.53 72.98 63.94
C TYR IA 14 -44.03 72.30 65.20
N LEU IA 15 -43.22 71.40 65.75
CA LEU IA 15 -43.55 70.68 66.97
C LEU IA 15 -42.73 71.25 68.12
N ASN IA 16 -43.41 71.60 69.20
CA ASN IA 16 -42.73 72.15 70.37
C ASN IA 16 -41.96 71.06 71.11
N PRO IA 17 -41.02 71.46 71.97
CA PRO IA 17 -40.28 70.46 72.76
C PRO IA 17 -41.14 69.68 73.75
N LEU IA 18 -42.31 70.21 74.12
CA LEU IA 18 -43.24 69.52 74.99
C LEU IA 18 -44.25 68.67 74.22
N LYS IA 19 -43.92 68.27 73.00
CA LYS IA 19 -44.75 67.42 72.13
C LYS IA 19 -46.11 68.06 71.86
N GLU IA 20 -46.07 69.24 71.23
CA GLU IA 20 -47.29 69.96 70.86
C GLU IA 20 -47.01 70.80 69.63
N ARG IA 21 -48.08 71.13 68.91
CA ARG IA 21 -47.97 71.95 67.71
C ARG IA 21 -47.78 73.41 68.11
N GLU IA 22 -46.70 74.02 67.65
CA GLU IA 22 -46.34 75.38 68.01
C GLU IA 22 -46.18 76.23 66.77
N LEU IA 23 -46.82 77.39 66.77
CA LEU IA 23 -46.68 78.40 65.72
C LEU IA 23 -45.93 79.59 66.29
N ASP IA 24 -44.81 79.95 65.66
CA ASP IA 24 -43.96 81.04 66.11
C ASP IA 24 -43.90 82.11 65.04
N LEU IA 25 -44.07 83.36 65.45
CA LEU IA 25 -43.99 84.51 64.57
C LEU IA 25 -42.85 85.44 64.99
N ARG IA 26 -41.73 84.84 65.41
CA ARG IA 26 -40.58 85.62 65.85
C ARG IA 26 -39.89 86.28 64.68
N GLY IA 27 -39.31 87.46 64.95
CA GLY IA 27 -38.63 88.22 63.91
C GLY IA 27 -39.52 88.97 62.97
N HIS IA 28 -40.82 89.06 63.25
CA HIS IA 28 -41.76 89.78 62.40
C HIS IA 28 -42.15 91.15 62.94
N ARG IA 29 -41.95 91.38 64.25
CA ARG IA 29 -42.27 92.65 64.91
C ARG IA 29 -43.73 93.05 64.73
N ILE IA 30 -44.62 92.12 65.06
CA ILE IA 30 -46.06 92.34 64.95
C ILE IA 30 -46.50 93.34 66.01
N PRO IA 31 -47.16 94.44 65.63
CA PRO IA 31 -47.55 95.44 66.63
C PRO IA 31 -48.78 95.02 67.42
N ALA IA 32 -49.60 94.14 66.83
CA ALA IA 32 -50.81 93.69 67.50
C ALA IA 32 -51.12 92.27 67.03
N ILE IA 33 -51.94 91.58 67.81
CA ILE IA 33 -52.36 90.22 67.50
C ILE IA 33 -53.51 90.30 66.51
N GLU IA 34 -53.30 89.74 65.31
CA GLU IA 34 -54.30 89.78 64.26
C GLU IA 34 -54.14 88.55 63.38
N ASN IA 35 -55.14 88.35 62.51
CA ASN IA 35 -55.21 87.23 61.56
C ASN IA 35 -55.14 85.88 62.29
N LEU IA 36 -55.83 85.79 63.42
CA LEU IA 36 -55.92 84.55 64.17
C LEU IA 36 -56.67 83.46 63.41
N GLY IA 37 -57.73 83.80 62.69
CA GLY IA 37 -58.39 82.84 61.82
C GLY IA 37 -57.54 82.38 60.66
N VAL IA 38 -56.71 83.27 60.12
CA VAL IA 38 -55.76 82.88 59.07
C VAL IA 38 -54.69 81.95 59.64
N ALA IA 39 -54.27 82.20 60.88
CA ALA IA 39 -53.31 81.31 61.54
C ALA IA 39 -53.93 79.95 61.82
N GLY IA 40 -55.21 79.92 62.18
CA GLY IA 40 -55.92 78.68 62.40
C GLY IA 40 -55.72 78.13 63.80
N PRO IA 41 -55.84 76.80 63.94
CA PRO IA 41 -55.73 76.18 65.26
C PRO IA 41 -54.28 75.89 65.61
N HIS IA 42 -53.83 76.39 66.76
CA HIS IA 42 -52.47 76.17 67.24
C HIS IA 42 -52.51 75.95 68.73
N ASP IA 43 -51.81 74.91 69.20
CA ASP IA 43 -51.73 74.60 70.62
C ASP IA 43 -50.77 75.53 71.36
N ALA IA 44 -49.68 75.93 70.71
CA ALA IA 44 -48.72 76.85 71.30
C ALA IA 44 -48.51 78.03 70.35
N ILE IA 45 -48.46 79.22 70.92
CA ILE IA 45 -48.22 80.46 70.18
C ILE IA 45 -46.95 81.09 70.75
N ASP IA 46 -46.05 81.51 69.85
CA ASP IA 46 -44.78 82.11 70.25
C ASP IA 46 -44.64 83.44 69.50
N LEU IA 47 -44.98 84.54 70.18
CA LEU IA 47 -44.86 85.88 69.62
C LEU IA 47 -43.66 86.61 70.21
N THR IA 48 -42.57 85.88 70.42
CA THR IA 48 -41.36 86.46 70.99
C THR IA 48 -40.67 87.36 69.98
N ASP IA 49 -39.89 88.31 70.51
CA ASP IA 49 -39.15 89.31 69.74
C ASP IA 49 -40.07 90.12 68.81
N ASN IA 50 -41.23 90.50 69.35
CA ASN IA 50 -42.22 91.27 68.63
C ASN IA 50 -42.50 92.56 69.39
N ASP IA 51 -43.43 93.36 68.88
CA ASP IA 51 -43.80 94.64 69.46
C ASP IA 51 -45.29 94.67 69.81
N ILE IA 52 -45.80 93.57 70.35
CA ILE IA 52 -47.20 93.47 70.72
C ILE IA 52 -47.41 94.24 72.02
N GLN IA 53 -48.33 95.20 71.99
CA GLN IA 53 -48.60 96.04 73.15
C GLN IA 53 -49.87 95.65 73.90
N VAL IA 54 -50.84 95.05 73.22
CA VAL IA 54 -52.10 94.65 73.83
C VAL IA 54 -52.20 93.12 73.75
N LEU IA 55 -52.40 92.48 74.90
CA LEU IA 55 -52.56 91.03 74.97
C LEU IA 55 -54.05 90.71 74.86
N GLY IA 56 -54.52 90.68 73.61
CA GLY IA 56 -55.91 90.41 73.37
C GLY IA 56 -56.22 90.33 71.90
N ASN IA 57 -57.50 90.54 71.57
CA ASN IA 57 -58.02 90.50 70.20
C ASN IA 57 -57.73 89.15 69.53
N PHE IA 58 -57.86 88.06 70.30
CA PHE IA 58 -57.65 86.73 69.78
C PHE IA 58 -58.99 86.06 69.48
N PRO IA 59 -59.02 85.13 68.54
CA PRO IA 59 -60.27 84.45 68.19
C PRO IA 59 -60.52 83.28 69.14
N LEU IA 60 -61.60 82.55 68.87
CA LEU IA 60 -61.99 81.40 69.68
C LEU IA 60 -61.04 80.24 69.38
N SER IA 61 -60.05 80.04 70.24
CA SER IA 61 -59.05 78.99 70.08
C SER IA 61 -59.00 78.17 71.35
N PRO IA 62 -59.96 77.25 71.54
CA PRO IA 62 -59.91 76.38 72.72
C PRO IA 62 -58.76 75.39 72.71
N ARG IA 63 -58.16 75.12 71.55
CA ARG IA 63 -57.03 74.19 71.47
C ARG IA 63 -55.72 74.83 71.91
N LEU IA 64 -55.68 76.14 72.10
CA LEU IA 64 -54.47 76.81 72.55
C LEU IA 64 -54.18 76.48 74.01
N ARG IA 65 -52.95 76.08 74.30
CA ARG IA 65 -52.57 75.69 75.65
C ARG IA 65 -51.36 76.49 76.13
N THR IA 66 -50.43 76.79 75.23
CA THR IA 66 -49.21 77.49 75.59
C THR IA 66 -49.13 78.82 74.84
N LEU IA 67 -48.80 79.87 75.57
CA LEU IA 67 -48.60 81.20 74.99
C LEU IA 67 -47.29 81.76 75.52
N LEU IA 68 -46.47 82.30 74.62
CA LEU IA 68 -45.18 82.89 74.97
C LEU IA 68 -45.07 84.23 74.24
N VAL IA 69 -45.37 85.31 74.96
CA VAL IA 69 -45.32 86.66 74.40
C VAL IA 69 -44.17 87.42 75.05
N ALA IA 70 -43.12 86.68 75.41
CA ALA IA 70 -41.98 87.28 76.07
C ALA IA 70 -41.19 88.16 75.13
N ARG IA 71 -40.35 89.03 75.71
CA ARG IA 71 -39.54 90.01 75.00
C ARG IA 71 -40.39 90.93 74.12
N ASN IA 72 -41.54 91.34 74.65
CA ASN IA 72 -42.46 92.23 73.97
C ASN IA 72 -42.73 93.46 74.84
N ARG IA 73 -43.64 94.31 74.39
CA ARG IA 73 -44.00 95.54 75.08
C ARG IA 73 -45.46 95.53 75.51
N VAL IA 74 -45.93 94.37 75.95
CA VAL IA 74 -47.32 94.23 76.40
C VAL IA 74 -47.43 94.81 77.81
N ALA IA 75 -48.33 95.78 77.98
CA ALA IA 75 -48.52 96.44 79.26
C ALA IA 75 -49.85 96.11 79.92
N MET IA 76 -50.80 95.51 79.20
CA MET IA 76 -52.09 95.18 79.76
C MET IA 76 -52.62 93.92 79.10
N ILE IA 77 -53.55 93.26 79.78
CA ILE IA 77 -54.18 92.04 79.29
C ILE IA 77 -55.67 92.31 79.13
N HIS IA 78 -56.21 92.03 77.95
CA HIS IA 78 -57.62 92.26 77.69
C HIS IA 78 -58.47 91.25 78.46
N PRO IA 79 -59.68 91.66 78.89
CA PRO IA 79 -60.55 90.71 79.61
C PRO IA 79 -61.10 89.60 78.72
N THR IA 80 -61.09 89.78 77.39
CA THR IA 80 -61.58 88.74 76.49
C THR IA 80 -60.54 87.68 76.17
N LEU IA 81 -59.28 87.89 76.59
CA LEU IA 81 -58.26 86.87 76.38
C LEU IA 81 -58.55 85.59 77.14
N PRO IA 82 -58.95 85.63 78.42
CA PRO IA 82 -59.34 84.38 79.09
C PRO IA 82 -60.56 83.71 78.47
N ASN IA 83 -61.49 84.48 77.92
CA ASN IA 83 -62.63 83.89 77.23
C ASN IA 83 -62.22 83.28 75.89
N ALA IA 84 -61.26 83.91 75.19
CA ALA IA 84 -60.80 83.38 73.91
C ALA IA 84 -59.94 82.14 74.11
N ILE IA 85 -59.20 82.07 75.20
CA ILE IA 85 -58.33 80.93 75.47
C ILE IA 85 -58.63 80.40 76.88
N PRO IA 86 -59.77 79.74 77.09
CA PRO IA 86 -60.07 79.22 78.44
C PRO IA 86 -59.28 77.97 78.81
N ASN IA 87 -58.66 77.31 77.84
CA ASN IA 87 -57.89 76.08 78.10
C ASN IA 87 -56.40 76.31 78.08
N LEU IA 88 -55.94 77.57 78.10
CA LEU IA 88 -54.52 77.86 78.11
C LEU IA 88 -53.90 77.47 79.45
N ARG IA 89 -52.82 76.70 79.40
CA ARG IA 89 -52.18 76.17 80.60
C ARG IA 89 -50.87 76.87 80.94
N ASN IA 90 -50.05 77.19 79.94
CA ASN IA 90 -48.77 77.85 80.15
C ASN IA 90 -48.83 79.25 79.55
N LEU IA 91 -48.45 80.24 80.36
CA LEU IA 91 -48.41 81.63 79.91
C LEU IA 91 -47.08 82.24 80.33
N VAL IA 92 -46.34 82.74 79.34
CA VAL IA 92 -45.03 83.37 79.56
C VAL IA 92 -45.10 84.78 79.02
N LEU IA 93 -44.76 85.75 79.88
CA LEU IA 93 -44.75 87.16 79.51
C LEU IA 93 -43.53 87.84 80.09
N ALA IA 94 -42.36 87.20 79.98
CA ALA IA 94 -41.14 87.73 80.57
C ALA IA 94 -40.65 88.95 79.80
N SER IA 95 -39.97 89.85 80.53
CA SER IA 95 -39.41 91.10 79.99
C SER IA 95 -40.47 91.96 79.31
N ASN IA 96 -41.65 92.02 79.91
CA ASN IA 96 -42.76 92.81 79.41
C ASN IA 96 -43.07 93.94 80.38
N ASN IA 97 -44.09 94.73 80.04
CA ASN IA 97 -44.54 95.85 80.86
C ASN IA 97 -45.74 95.49 81.72
N LEU IA 98 -46.13 94.21 81.77
CA LEU IA 98 -47.27 93.78 82.55
C LEU IA 98 -46.88 93.73 84.03
N THR IA 99 -47.27 94.75 84.78
CA THR IA 99 -46.99 94.83 86.21
C THR IA 99 -48.19 95.33 86.99
N GLU IA 100 -49.39 94.99 86.53
CA GLU IA 100 -50.63 95.51 87.11
C GLU IA 100 -51.28 94.47 88.01
N LEU IA 101 -51.85 94.94 89.11
CA LEU IA 101 -52.62 94.06 89.99
C LEU IA 101 -53.87 93.53 89.29
N SER IA 102 -54.45 94.34 88.39
CA SER IA 102 -55.56 93.85 87.57
C SER IA 102 -55.12 92.73 86.64
N ASP IA 103 -53.92 92.85 86.06
CA ASP IA 103 -53.38 91.78 85.23
C ASP IA 103 -53.11 90.53 86.04
N LEU IA 104 -52.59 90.68 87.26
CA LEU IA 104 -52.38 89.54 88.14
C LEU IA 104 -53.70 88.88 88.52
N ASP IA 105 -54.74 89.69 88.77
CA ASP IA 105 -56.05 89.15 89.09
C ASP IA 105 -56.66 88.42 87.89
N VAL IA 106 -56.43 88.93 86.68
CA VAL IA 106 -56.91 88.25 85.48
C VAL IA 106 -56.17 86.92 85.28
N LEU IA 107 -54.86 86.90 85.53
CA LEU IA 107 -54.10 85.67 85.45
C LEU IA 107 -54.56 84.65 86.48
N GLY IA 108 -54.89 85.11 87.69
CA GLY IA 108 -55.44 84.21 88.69
C GLY IA 108 -56.83 83.71 88.34
N LYS IA 109 -57.66 84.58 87.74
CA LYS IA 109 -59.01 84.20 87.37
C LYS IA 109 -59.06 83.31 86.13
N PHE IA 110 -57.96 83.26 85.37
CA PHE IA 110 -57.86 82.28 84.30
C PHE IA 110 -57.88 80.87 84.88
N PRO IA 111 -58.81 80.01 84.48
CA PRO IA 111 -59.03 78.76 85.23
C PRO IA 111 -58.01 77.67 84.92
N ARG IA 112 -57.59 77.57 83.68
CA ARG IA 112 -56.69 76.49 83.26
C ARG IA 112 -55.22 76.85 83.35
N LEU IA 113 -54.89 78.09 83.74
CA LEU IA 113 -53.51 78.53 83.78
C LEU IA 113 -52.77 77.84 84.92
N THR IA 114 -51.79 77.01 84.58
CA THR IA 114 -51.00 76.28 85.56
C THR IA 114 -49.56 76.74 85.64
N HIS IA 115 -48.92 77.01 84.50
CA HIS IA 115 -47.54 77.48 84.46
C HIS IA 115 -47.55 78.96 84.11
N LEU IA 116 -46.91 79.77 84.96
CA LEU IA 116 -46.84 81.21 84.76
C LEU IA 116 -45.38 81.65 84.82
N VAL IA 117 -44.93 82.33 83.77
CA VAL IA 117 -43.58 82.88 83.69
C VAL IA 117 -43.70 84.39 83.59
N LEU IA 118 -43.18 85.10 84.59
CA LEU IA 118 -43.24 86.56 84.62
C LEU IA 118 -41.92 87.16 85.12
N MET IA 119 -40.81 86.49 84.84
CA MET IA 119 -39.51 86.98 85.29
C MET IA 119 -39.09 88.21 84.51
N ASP IA 120 -38.17 88.98 85.11
CA ASP IA 120 -37.64 90.23 84.56
C ASP IA 120 -38.75 91.24 84.25
N ASN IA 121 -39.72 91.33 85.16
CA ASN IA 121 -40.84 92.25 85.03
C ASN IA 121 -41.00 93.04 86.31
N PRO IA 122 -41.57 94.26 86.24
CA PRO IA 122 -41.75 95.11 87.41
C PRO IA 122 -42.88 94.63 88.31
N PRO JA 20 -18.83 75.31 72.82
CA PRO JA 20 -19.47 75.99 71.69
C PRO JA 20 -20.35 75.06 70.87
N ASN JA 21 -21.61 74.91 71.27
CA ASN JA 21 -22.55 74.03 70.58
C ASN JA 21 -23.96 74.51 70.84
N GLN JA 22 -24.90 74.01 70.02
CA GLN JA 22 -26.30 74.35 70.18
C GLN JA 22 -26.98 73.58 71.30
N THR JA 23 -26.31 72.58 71.87
CA THR JA 23 -26.85 71.78 72.95
C THR JA 23 -26.08 72.08 74.23
N LEU JA 24 -26.81 72.17 75.35
CA LEU JA 24 -26.23 72.45 76.65
C LEU JA 24 -26.76 71.46 77.67
N TYR JA 25 -25.92 71.13 78.65
CA TYR JA 25 -26.30 70.23 79.74
C TYR JA 25 -26.51 71.04 81.01
N VAL JA 26 -27.67 70.87 81.64
CA VAL JA 26 -28.01 71.53 82.89
C VAL JA 26 -27.99 70.49 83.99
N THR JA 27 -27.17 70.72 85.01
CA THR JA 27 -27.00 69.81 86.13
C THR JA 27 -27.37 70.52 87.43
N ASN JA 28 -27.34 69.74 88.53
CA ASN JA 28 -27.71 70.19 89.87
C ASN JA 28 -29.13 70.74 89.92
N LEU JA 29 -30.02 70.13 89.14
CA LEU JA 29 -31.42 70.52 89.13
C LEU JA 29 -32.17 69.89 90.29
N PRO JA 30 -33.28 70.51 90.72
CA PRO JA 30 -34.07 69.94 91.82
C PRO JA 30 -34.90 68.77 91.33
N SER JA 31 -34.53 67.56 91.78
CA SER JA 31 -35.24 66.34 91.38
C SER JA 31 -35.55 65.44 92.59
N ALA JA 32 -35.55 66.01 93.80
CA ALA JA 32 -35.87 65.21 94.98
C ALA JA 32 -37.36 64.86 95.03
N LYS JA 33 -38.22 65.83 94.76
CA LYS JA 33 -39.66 65.59 94.76
C LYS JA 33 -40.38 66.24 93.59
N ILE JA 34 -39.68 66.95 92.71
CA ILE JA 34 -40.31 67.61 91.57
C ILE JA 34 -40.64 66.58 90.51
N GLN JA 35 -41.84 66.71 89.92
CA GLN JA 35 -42.25 65.82 88.86
C GLN JA 35 -41.43 66.06 87.60
N LYS JA 36 -41.15 64.98 86.87
CA LYS JA 36 -40.33 65.09 85.66
C LYS JA 36 -41.03 65.88 84.58
N GLU JA 37 -42.33 65.65 84.39
CA GLU JA 37 -43.08 66.39 83.37
C GLU JA 37 -43.18 67.87 83.72
N ASP JA 38 -43.41 68.19 85.00
CA ASP JA 38 -43.47 69.59 85.42
C ASP JA 38 -42.13 70.28 85.28
N LEU JA 39 -41.04 69.57 85.62
CA LEU JA 39 -39.71 70.14 85.47
C LEU JA 39 -39.37 70.37 83.99
N ARG JA 40 -39.75 69.42 83.12
CA ARG JA 40 -39.52 69.59 81.69
C ARG JA 40 -40.33 70.75 81.13
N THR JA 41 -41.59 70.91 81.58
CA THR JA 41 -42.41 72.02 81.13
C THR JA 41 -41.84 73.36 81.60
N ALA JA 42 -41.36 73.41 82.85
CA ALA JA 42 -40.75 74.64 83.36
C ALA JA 42 -39.47 74.98 82.62
N LEU JA 43 -38.64 73.97 82.32
CA LEU JA 43 -37.41 74.21 81.56
C LEU JA 43 -37.72 74.66 80.13
N TYR JA 44 -38.74 74.07 79.51
CA TYR JA 44 -39.14 74.50 78.17
C TYR JA 44 -39.67 75.93 78.16
N MET JA 45 -40.46 76.29 79.18
CA MET JA 45 -40.96 77.66 79.28
C MET JA 45 -39.82 78.65 79.52
N LEU JA 46 -38.85 78.29 80.36
CA LEU JA 46 -37.71 79.17 80.59
C LEU JA 46 -36.86 79.32 79.33
N PHE JA 47 -36.65 78.23 78.58
CA PHE JA 47 -35.89 78.31 77.35
C PHE JA 47 -36.62 79.12 76.29
N SER JA 48 -37.95 79.00 76.22
CA SER JA 48 -38.73 79.79 75.28
C SER JA 48 -38.73 81.26 75.65
N THR JA 49 -38.73 81.58 76.95
CA THR JA 49 -38.61 82.97 77.36
C THR JA 49 -37.23 83.53 77.06
N TYR JA 50 -36.18 82.72 77.25
CA TYR JA 50 -34.82 83.17 76.99
C TYR JA 50 -34.49 83.23 75.51
N GLY JA 51 -35.22 82.52 74.66
CA GLY JA 51 -34.92 82.54 73.23
C GLY JA 51 -35.64 81.42 72.50
N SER JA 52 -35.01 80.97 71.42
CA SER JA 52 -35.56 79.89 70.61
C SER JA 52 -34.98 78.57 71.08
N VAL JA 53 -35.86 77.59 71.34
CA VAL JA 53 -35.48 76.28 71.83
C VAL JA 53 -36.01 75.22 70.87
N LEU JA 54 -35.16 74.26 70.52
CA LEU JA 54 -35.56 73.18 69.62
C LEU JA 54 -36.07 71.97 70.38
N ASP JA 55 -35.37 71.54 71.42
CA ASP JA 55 -35.76 70.34 72.16
C ASP JA 55 -35.24 70.42 73.59
N VAL JA 56 -35.98 69.77 74.48
CA VAL JA 56 -35.59 69.63 75.88
C VAL JA 56 -35.81 68.19 76.31
N VAL JA 57 -34.79 67.56 76.87
CA VAL JA 57 -34.84 66.17 77.30
C VAL JA 57 -34.46 66.10 78.77
N ALA JA 58 -35.30 65.44 79.56
CA ALA JA 58 -35.04 65.27 80.99
C ALA JA 58 -35.77 64.00 81.45
N LEU JA 59 -35.00 62.96 81.74
CA LEU JA 59 -35.57 61.68 82.18
C LEU JA 59 -35.44 61.55 83.70
N LYS JA 60 -35.98 60.45 84.22
CA LYS JA 60 -35.95 60.16 85.65
C LYS JA 60 -35.08 58.96 85.97
N THR JA 61 -33.96 58.84 85.25
CA THR JA 61 -33.03 57.75 85.47
C THR JA 61 -32.03 58.13 86.56
N MET JA 62 -31.08 57.21 86.83
CA MET JA 62 -30.06 57.49 87.84
C MET JA 62 -29.10 58.57 87.37
N LYS JA 63 -28.64 58.48 86.12
CA LYS JA 63 -27.77 59.51 85.56
C LYS JA 63 -28.55 60.71 85.06
N MET JA 64 -29.87 60.58 84.89
CA MET JA 64 -30.71 61.67 84.43
C MET JA 64 -31.38 62.42 85.58
N ARG JA 65 -31.11 62.02 86.83
CA ARG JA 65 -31.69 62.69 88.00
C ARG JA 65 -30.97 64.03 88.19
N GLY JA 66 -31.67 65.12 87.90
CA GLY JA 66 -31.08 66.45 87.97
C GLY JA 66 -30.28 66.86 86.76
N GLN JA 67 -30.20 66.01 85.74
CA GLN JA 67 -29.45 66.31 84.52
C GLN JA 67 -30.41 66.38 83.35
N ALA JA 68 -30.32 67.47 82.58
CA ALA JA 68 -31.18 67.67 81.43
C ALA JA 68 -30.35 68.21 80.27
N HIS JA 69 -30.86 67.99 79.05
CA HIS JA 69 -30.20 68.46 77.85
C HIS JA 69 -31.15 69.39 77.09
N ILE JA 70 -30.68 70.59 76.78
CA ILE JA 70 -31.48 71.58 76.07
C ILE JA 70 -30.76 71.93 74.77
N VAL JA 71 -31.41 71.67 73.64
CA VAL JA 71 -30.86 71.99 72.33
C VAL JA 71 -31.68 73.15 71.77
N TYR JA 72 -30.99 74.24 71.41
CA TYR JA 72 -31.64 75.42 70.89
C TYR JA 72 -31.64 75.40 69.36
N LYS JA 73 -32.20 76.46 68.77
CA LYS JA 73 -32.27 76.56 67.32
C LYS JA 73 -30.91 76.88 66.71
N ASP JA 74 -30.04 77.58 67.43
CA ASP JA 74 -28.74 77.95 66.91
C ASP JA 74 -27.72 77.89 68.04
N ILE JA 75 -26.44 77.77 67.65
CA ILE JA 75 -25.36 77.70 68.62
C ILE JA 75 -25.19 79.04 69.33
N GLN JA 76 -25.30 80.14 68.58
CA GLN JA 76 -25.21 81.47 69.18
C GLN JA 76 -26.38 81.73 70.13
N THR JA 77 -27.58 81.31 69.75
CA THR JA 77 -28.75 81.45 70.62
C THR JA 77 -28.60 80.61 71.88
N ALA JA 78 -28.06 79.40 71.75
CA ALA JA 78 -27.82 78.54 72.92
C ALA JA 78 -26.76 79.16 73.84
N THR JA 79 -25.71 79.73 73.26
CA THR JA 79 -24.69 80.40 74.08
C THR JA 79 -25.25 81.62 74.79
N MET JA 80 -26.09 82.40 74.10
CA MET JA 80 -26.73 83.56 74.73
C MET JA 80 -27.67 83.14 75.85
N ALA JA 81 -28.44 82.07 75.64
CA ALA JA 81 -29.32 81.56 76.69
C ALA JA 81 -28.54 81.04 77.89
N MET JA 82 -27.41 80.35 77.64
CA MET JA 82 -26.57 79.86 78.72
C MET JA 82 -25.94 81.01 79.50
N ARG JA 83 -25.52 82.06 78.79
CA ARG JA 83 -24.97 83.24 79.48
C ARG JA 83 -26.04 83.97 80.28
N ALA JA 84 -27.27 84.00 79.77
CA ALA JA 84 -28.35 84.69 80.49
C ALA JA 84 -28.80 83.89 81.71
N LEU JA 85 -28.83 82.56 81.62
CA LEU JA 85 -29.34 81.72 82.69
C LEU JA 85 -28.23 80.90 83.36
N ASP JA 86 -26.99 81.41 83.33
CA ASP JA 86 -25.90 80.74 84.02
C ASP JA 86 -26.03 80.92 85.52
N GLY JA 87 -26.17 79.81 86.24
CA GLY JA 87 -26.38 79.88 87.68
C GLY JA 87 -27.74 80.35 88.10
N PHE JA 88 -28.73 80.27 87.22
CA PHE JA 88 -30.08 80.70 87.55
C PHE JA 88 -30.74 79.70 88.50
N GLU JA 89 -31.43 80.22 89.50
CA GLU JA 89 -32.10 79.38 90.49
C GLU JA 89 -33.43 78.90 89.92
N PHE JA 90 -33.59 77.59 89.79
CA PHE JA 90 -34.82 76.97 89.30
C PHE JA 90 -35.43 76.16 90.42
N LEU JA 91 -36.63 76.57 90.87
CA LEU JA 91 -37.37 75.94 91.97
C LEU JA 91 -36.54 75.89 93.25
N GLY JA 92 -35.82 76.97 93.53
CA GLY JA 92 -35.01 77.06 94.72
C GLY JA 92 -33.64 76.40 94.63
N ARG JA 93 -33.26 75.88 93.47
CA ARG JA 93 -31.98 75.24 93.29
C ARG JA 93 -31.30 75.80 92.04
N PRO JA 94 -30.07 76.28 92.14
CA PRO JA 94 -29.37 76.78 90.95
C PRO JA 94 -29.01 75.65 90.01
N MET JA 95 -29.02 75.96 88.72
CA MET JA 95 -28.71 74.99 87.67
C MET JA 95 -27.37 75.34 87.04
N LYS JA 96 -26.49 74.35 86.94
CA LYS JA 96 -25.18 74.54 86.34
C LYS JA 96 -25.25 74.20 84.85
N ILE JA 97 -24.95 75.17 84.01
CA ILE JA 97 -25.04 75.03 82.55
C ILE JA 97 -23.65 74.82 81.99
N SER JA 98 -23.49 73.77 81.19
CA SER JA 98 -22.20 73.46 80.58
C SER JA 98 -22.42 73.08 79.12
N TYR JA 99 -21.35 73.15 78.33
CA TYR JA 99 -21.42 72.75 76.94
C TYR JA 99 -21.56 71.23 76.83
N ALA JA 100 -22.45 70.79 75.95
CA ALA JA 100 -22.68 69.36 75.77
C ALA JA 100 -21.51 68.72 75.03
N LYS JA 101 -21.12 67.54 75.49
CA LYS JA 101 -20.00 66.83 74.88
C LYS JA 101 -20.37 66.17 73.56
N GLY JA 102 -21.66 65.96 73.30
CA GLY JA 102 -22.09 65.31 72.08
C GLY JA 102 -23.20 66.08 71.41
N LYS JA 103 -23.43 65.74 70.14
CA LYS JA 103 -24.48 66.39 69.36
C LYS JA 103 -25.85 65.90 69.80
N SER JA 104 -26.86 66.75 69.60
CA SER JA 104 -28.22 66.42 69.98
C SER JA 104 -28.87 65.53 68.95
N HIS JA 105 -29.66 64.56 69.42
CA HIS JA 105 -30.36 63.65 68.52
C HIS JA 105 -31.43 64.39 67.72
N ILE JA 106 -32.13 65.34 68.36
CA ILE JA 106 -33.13 66.14 67.66
C ILE JA 106 -32.47 67.04 66.62
N ILE JA 107 -31.29 67.57 66.93
CA ILE JA 107 -30.55 68.39 65.99
C ILE JA 107 -30.09 67.55 64.79
N ALA JA 108 -29.64 66.32 65.05
CA ALA JA 108 -29.24 65.43 63.96
C ALA JA 108 -30.43 65.05 63.10
N LYS JA 109 -31.60 64.81 63.72
CA LYS JA 109 -32.81 64.49 62.96
C LYS JA 109 -33.27 65.67 62.12
N LEU JA 110 -33.14 66.89 62.65
CA LEU JA 110 -33.49 68.08 61.88
C LEU JA 110 -32.51 68.30 60.72
N ASP JA 111 -31.23 68.04 60.95
CA ASP JA 111 -30.24 68.18 59.89
C ASP JA 111 -30.33 67.08 58.84
N GLY JA 112 -30.91 65.94 59.20
CA GLY JA 112 -31.09 64.84 58.26
C GLY JA 112 -29.92 63.89 58.17
N THR JA 113 -28.81 64.16 58.86
CA THR JA 113 -27.64 63.28 58.85
C THR JA 113 -27.56 62.44 60.12
N PHE JA 114 -28.70 62.04 60.68
CA PHE JA 114 -28.71 61.27 61.91
C PHE JA 114 -28.27 59.83 61.64
N LYS JA 115 -27.31 59.35 62.43
CA LYS JA 115 -26.81 57.98 62.31
C LYS JA 115 -27.13 57.23 63.59
N PRO JA 116 -28.10 56.33 63.58
CA PRO JA 116 -28.41 55.56 64.79
C PRO JA 116 -27.27 54.59 65.11
N PRO JA 117 -27.05 54.31 66.39
CA PRO JA 117 -25.98 53.37 66.75
C PRO JA 117 -26.30 51.95 66.34
N THR JA 118 -25.24 51.21 65.99
CA THR JA 118 -25.39 49.82 65.58
C THR JA 118 -25.45 48.86 66.77
N ALA JA 119 -25.12 49.32 67.97
CA ALA JA 119 -25.15 48.45 69.14
C ALA JA 119 -26.59 48.22 69.59
N ALA JA 120 -26.93 46.96 69.84
CA ALA JA 120 -28.28 46.58 70.29
C ALA JA 120 -28.31 46.61 71.81
N LYS JA 121 -28.41 47.81 72.36
CA LYS JA 121 -28.45 47.99 73.81
C LYS JA 121 -29.88 48.15 74.30
N ARG KA 11 118.30 -59.91 9.51
CA ARG KA 11 119.26 -59.22 8.67
C ARG KA 11 119.75 -57.94 9.34
N VAL KA 12 120.99 -57.57 9.05
CA VAL KA 12 121.58 -56.36 9.60
C VAL KA 12 121.44 -55.23 8.58
N LEU KA 13 120.74 -54.18 8.98
CA LEU KA 13 120.59 -52.98 8.16
C LEU KA 13 121.61 -51.96 8.65
N LEU KA 14 122.49 -51.52 7.76
CA LEU KA 14 123.60 -50.66 8.15
C LEU KA 14 123.44 -49.28 7.55
N PRO KA 15 123.41 -48.23 8.37
CA PRO KA 15 123.31 -46.87 7.85
C PRO KA 15 124.60 -46.43 7.19
N PRO KA 16 124.53 -45.48 6.24
CA PRO KA 16 125.76 -44.92 5.66
C PRO KA 16 126.64 -44.22 6.66
N ILE KA 17 126.05 -43.57 7.67
CA ILE KA 17 126.85 -42.89 8.70
C ILE KA 17 127.57 -43.92 9.57
N ASN KA 18 126.89 -45.03 9.89
CA ASN KA 18 127.55 -46.11 10.61
C ASN KA 18 128.64 -46.75 9.78
N PHE KA 19 128.42 -46.85 8.47
CA PHE KA 19 129.47 -47.32 7.57
C PHE KA 19 130.68 -46.39 7.57
N LEU KA 20 130.43 -45.08 7.57
CA LEU KA 20 131.51 -44.11 7.65
C LEU KA 20 132.27 -44.21 8.97
N PHE KA 21 131.53 -44.40 10.06
CA PHE KA 21 132.16 -44.54 11.38
C PHE KA 21 133.02 -45.80 11.47
N ARG KA 22 132.53 -46.92 10.93
CA ARG KA 22 133.32 -48.15 11.03
C ARG KA 22 134.50 -48.13 10.07
N LEU KA 23 134.39 -47.50 8.90
CA LEU KA 23 135.57 -47.37 8.05
C LEU KA 23 136.58 -46.40 8.67
N LEU KA 24 136.10 -45.40 9.41
CA LEU KA 24 137.00 -44.53 10.16
C LEU KA 24 137.74 -45.31 11.24
N GLN KA 25 137.03 -46.15 11.99
CA GLN KA 25 137.67 -46.86 13.09
C GLN KA 25 138.57 -48.00 12.59
N GLN KA 26 138.31 -48.53 11.40
CA GLN KA 26 139.20 -49.53 10.83
C GLN KA 26 140.29 -48.94 9.95
N ARG KA 27 140.21 -47.64 9.64
CA ARG KA 27 141.25 -46.89 8.92
C ARG KA 27 141.58 -47.51 7.56
N THR KA 28 140.55 -47.99 6.87
CA THR KA 28 140.74 -48.57 5.56
C THR KA 28 141.07 -47.47 4.53
N PRO KA 29 141.84 -47.80 3.49
CA PRO KA 29 142.02 -46.87 2.38
C PRO KA 29 140.69 -46.60 1.67
N VAL KA 30 140.50 -45.35 1.28
CA VAL KA 30 139.25 -44.87 0.70
C VAL KA 30 139.54 -44.28 -0.66
N GLN KA 31 138.77 -44.71 -1.67
CA GLN KA 31 138.77 -44.12 -2.99
C GLN KA 31 137.52 -43.26 -3.14
N ILE KA 32 137.72 -41.99 -3.48
CA ILE KA 32 136.64 -41.01 -3.53
C ILE KA 32 136.51 -40.53 -4.97
N TRP KA 33 135.31 -40.68 -5.52
CA TRP KA 33 134.96 -40.13 -6.83
C TRP KA 33 134.13 -38.88 -6.60
N LEU KA 34 134.33 -37.87 -7.46
CA LEU KA 34 133.65 -36.60 -7.35
C LEU KA 34 132.58 -36.49 -8.44
N TYR KA 35 131.53 -35.72 -8.13
CA TYR KA 35 130.38 -35.64 -9.02
C TYR KA 35 130.69 -34.81 -10.25
N GLU KA 36 130.20 -35.29 -11.41
CA GLU KA 36 130.46 -34.81 -12.77
C GLU KA 36 131.96 -34.63 -13.06
N GLN KA 37 132.82 -35.33 -12.33
CA GLN KA 37 134.25 -35.37 -12.56
C GLN KA 37 134.64 -36.84 -12.68
N LEU KA 38 134.55 -37.36 -13.90
CA LEU KA 38 134.89 -38.76 -14.15
C LEU KA 38 136.38 -39.00 -14.23
N ALA KA 39 137.19 -37.95 -14.25
CA ALA KA 39 138.63 -38.06 -14.42
C ALA KA 39 139.43 -37.72 -13.18
N ILE KA 40 138.79 -37.29 -12.10
CA ILE KA 40 139.50 -36.89 -10.88
C ILE KA 40 139.04 -37.79 -9.75
N ARG KA 41 139.99 -38.44 -9.09
CA ARG KA 41 139.70 -39.31 -7.95
C ARG KA 41 140.71 -39.01 -6.84
N ILE KA 42 140.38 -39.42 -5.62
CA ILE KA 42 141.27 -39.19 -4.47
C ILE KA 42 141.39 -40.48 -3.68
N THR KA 43 142.62 -40.96 -3.48
CA THR KA 43 142.87 -42.16 -2.68
C THR KA 43 143.60 -41.77 -1.41
N GLY KA 44 143.05 -42.16 -0.26
CA GLY KA 44 143.66 -41.73 0.98
C GLY KA 44 143.27 -42.60 2.16
N VAL KA 45 143.62 -42.12 3.35
CA VAL KA 45 143.31 -42.78 4.61
C VAL KA 45 142.37 -41.88 5.40
N ILE KA 46 141.27 -42.45 5.88
CA ILE KA 46 140.20 -41.68 6.50
C ILE KA 46 140.65 -41.18 7.86
N ARG KA 47 140.28 -39.93 8.18
CA ARG KA 47 140.59 -39.31 9.46
C ARG KA 47 139.35 -38.90 10.26
N GLY KA 48 138.22 -38.66 9.60
CA GLY KA 48 137.02 -38.28 10.32
C GLY KA 48 135.96 -37.75 9.37
N PHE KA 49 134.82 -37.37 9.96
CA PHE KA 49 133.68 -36.88 9.20
C PHE KA 49 132.85 -35.98 10.12
N ASP KA 50 131.71 -35.53 9.60
CA ASP KA 50 130.81 -34.66 10.34
C ASP KA 50 129.38 -34.93 9.88
N GLU KA 51 128.47 -34.02 10.23
CA GLU KA 51 127.07 -34.17 9.82
C GLU KA 51 126.89 -33.95 8.32
N PHE KA 52 127.70 -33.09 7.72
CA PHE KA 52 127.71 -32.88 6.28
C PHE KA 52 128.64 -33.87 5.57
N MET KA 53 129.08 -34.92 6.28
CA MET KA 53 129.98 -35.99 5.81
C MET KA 53 131.21 -35.46 5.04
N ASN KA 54 131.70 -34.29 5.43
CA ASN KA 54 132.97 -33.79 4.93
C ASN KA 54 134.09 -34.69 5.46
N LEU KA 55 134.81 -35.33 4.55
CA LEU KA 55 135.81 -36.32 4.92
C LEU KA 55 137.18 -35.66 4.94
N VAL KA 56 137.74 -35.51 6.13
CA VAL KA 56 139.17 -35.24 6.26
C VAL KA 56 139.93 -36.52 5.94
N ILE KA 57 140.92 -36.41 5.07
CA ILE KA 57 141.58 -37.56 4.47
C ILE KA 57 143.07 -37.42 4.72
N ASP KA 58 143.74 -38.54 5.00
CA ASP KA 58 145.15 -38.55 5.36
C ASP KA 58 145.97 -39.27 4.30
N ASP KA 59 147.15 -38.71 4.02
CA ASP KA 59 148.09 -39.25 3.03
C ASP KA 59 147.44 -39.40 1.66
N ALA KA 60 146.59 -38.45 1.31
CA ALA KA 60 145.78 -38.57 0.10
C ALA KA 60 146.59 -38.22 -1.14
N VAL KA 61 146.32 -38.94 -2.21
CA VAL KA 61 146.86 -38.67 -3.53
C VAL KA 61 145.69 -38.43 -4.47
N GLU KA 62 145.72 -37.32 -5.19
CA GLU KA 62 144.77 -37.08 -6.26
C GLU KA 62 145.27 -37.77 -7.52
N ILE KA 63 144.33 -38.32 -8.29
CA ILE KA 63 144.64 -39.03 -9.52
C ILE KA 63 143.79 -38.41 -10.64
N LYS KA 64 144.46 -37.94 -11.68
CA LYS KA 64 143.81 -37.57 -12.92
C LYS KA 64 143.97 -38.75 -13.89
N LEU KA 65 142.83 -39.28 -14.34
CA LEU KA 65 142.77 -40.47 -15.17
C LEU KA 65 142.96 -40.11 -16.64
N SER KA 66 143.22 -41.14 -17.44
CA SER KA 66 143.29 -40.94 -18.88
C SER KA 66 141.90 -40.63 -19.44
N PRO KA 67 141.78 -39.65 -20.35
CA PRO KA 67 140.46 -39.28 -20.87
C PRO KA 67 139.86 -40.29 -21.83
N LYS KA 68 140.63 -41.29 -22.28
CA LYS KA 68 140.14 -42.28 -23.22
C LYS KA 68 140.05 -43.68 -22.64
N THR KA 69 141.15 -44.20 -22.09
CA THR KA 69 141.20 -45.55 -21.56
C THR KA 69 140.78 -45.64 -20.10
N ASN KA 70 140.54 -44.50 -19.44
CA ASN KA 70 140.14 -44.42 -18.03
C ASN KA 70 141.13 -45.11 -17.10
N GLU KA 71 142.42 -45.00 -17.43
CA GLU KA 71 143.47 -45.52 -16.57
C GLU KA 71 144.12 -44.38 -15.79
N PRO KA 72 144.69 -44.65 -14.61
CA PRO KA 72 145.35 -43.59 -13.84
C PRO KA 72 146.56 -43.00 -14.55
N GLU KA 73 146.45 -41.74 -14.95
CA GLU KA 73 147.47 -41.08 -15.76
C GLU KA 73 148.48 -40.34 -14.89
N SER KA 74 148.01 -39.39 -14.08
CA SER KA 74 148.89 -38.58 -13.24
C SER KA 74 148.47 -38.66 -11.79
N LYS KA 75 149.45 -38.76 -10.90
CA LYS KA 75 149.23 -38.81 -9.46
C LYS KA 75 149.89 -37.62 -8.80
N ARG KA 76 149.31 -37.15 -7.69
CA ARG KA 76 149.86 -36.04 -6.93
C ARG KA 76 149.44 -36.18 -5.49
N PRO KA 77 150.36 -36.58 -4.61
CA PRO KA 77 150.07 -36.55 -3.17
C PRO KA 77 149.89 -35.12 -2.68
N LEU KA 78 148.96 -34.93 -1.74
CA LEU KA 78 148.63 -33.59 -1.26
C LEU KA 78 148.53 -33.49 0.25
N GLY KA 79 148.86 -34.54 1.00
CA GLY KA 79 148.94 -34.45 2.45
C GLY KA 79 147.62 -34.76 3.12
N GLN KA 80 147.20 -33.89 4.04
CA GLN KA 80 145.95 -34.03 4.77
C GLN KA 80 144.97 -32.98 4.25
N ILE KA 81 143.81 -33.43 3.77
CA ILE KA 81 142.91 -32.59 2.98
C ILE KA 81 141.51 -32.66 3.58
N LEU KA 82 140.90 -31.50 3.77
CA LEU KA 82 139.45 -31.42 3.96
C LEU KA 82 138.77 -31.52 2.59
N LEU KA 83 137.94 -32.54 2.43
CA LEU KA 83 137.16 -32.73 1.20
C LEU KA 83 135.70 -32.44 1.48
N LYS KA 84 135.09 -31.65 0.61
CA LYS KA 84 133.76 -31.12 0.87
C LYS KA 84 132.69 -32.18 0.63
N GLY KA 85 131.64 -32.15 1.47
CA GLY KA 85 130.67 -33.23 1.47
C GLY KA 85 129.85 -33.31 0.19
N ASP KA 86 129.43 -32.15 -0.34
CA ASP KA 86 128.67 -32.18 -1.58
C ASP KA 86 129.57 -32.48 -2.77
N ASN KA 87 130.86 -32.17 -2.66
CA ASN KA 87 131.80 -32.54 -3.71
C ASN KA 87 132.09 -34.04 -3.73
N ILE KA 88 132.04 -34.69 -2.56
CA ILE KA 88 132.20 -36.14 -2.51
C ILE KA 88 130.97 -36.79 -3.13
N SER KA 89 131.19 -37.66 -4.12
CA SER KA 89 130.11 -38.37 -4.78
C SER KA 89 130.08 -39.85 -4.47
N LEU KA 90 131.18 -40.57 -4.68
CA LEU KA 90 131.21 -42.01 -4.43
C LEU KA 90 132.34 -42.33 -3.48
N ILE KA 91 132.07 -43.21 -2.51
CA ILE KA 91 133.04 -43.65 -1.52
C ILE KA 91 133.23 -45.15 -1.70
N GLN KA 92 134.47 -45.59 -1.84
CA GLN KA 92 134.79 -46.99 -2.05
C GLN KA 92 135.86 -47.41 -1.05
N ALA KA 93 135.54 -48.41 -0.23
CA ALA KA 93 136.49 -48.93 0.75
C ALA KA 93 137.42 -49.91 0.03
N LEU KA 94 138.65 -49.49 -0.26
CA LEU KA 94 139.60 -50.33 -0.96
C LEU KA 94 140.09 -51.43 -0.01
N SER KA 95 139.77 -52.68 -0.35
CA SER KA 95 140.15 -53.81 0.49
C SER KA 95 141.63 -54.09 0.28
N GLY KA 96 142.45 -53.83 1.30
CA GLY KA 96 143.86 -54.08 1.20
C GLY KA 96 144.18 -55.56 1.26
N SER KA 97 145.31 -55.92 0.64
CA SER KA 97 145.76 -57.32 0.60
C SER KA 97 146.57 -57.60 1.86
N ALA KA 98 145.96 -58.31 2.81
CA ALA KA 98 146.62 -58.64 4.07
C ALA KA 98 146.76 -60.16 4.21
N MET LA 1 109.76 -29.16 9.34
CA MET LA 1 109.38 -30.55 9.48
C MET LA 1 110.45 -31.48 8.90
N ALA LA 2 110.56 -32.67 9.48
CA ALA LA 2 111.64 -33.59 9.12
C ALA LA 2 111.41 -34.19 7.74
N PRO LA 3 112.48 -34.43 6.98
CA PRO LA 3 112.33 -35.08 5.67
C PRO LA 3 111.88 -36.52 5.82
N ALA LA 4 111.11 -36.97 4.83
CA ALA LA 4 110.54 -38.31 4.87
C ALA LA 4 111.57 -39.35 4.44
N GLN LA 5 111.56 -40.48 5.14
CA GLN LA 5 112.44 -41.59 4.81
C GLN LA 5 112.00 -42.22 3.49
N PRO LA 6 112.92 -42.47 2.56
CA PRO LA 6 112.51 -43.04 1.27
C PRO LA 6 111.98 -44.47 1.41
N GLU LA 7 111.16 -44.85 0.44
CA GLU LA 7 110.43 -46.11 0.45
C GLU LA 7 111.23 -47.26 -0.21
N LEU LA 8 112.48 -47.37 0.21
CA LEU LA 8 113.41 -48.32 -0.39
C LEU LA 8 113.40 -49.68 0.31
N LYS LA 9 112.41 -49.96 1.16
CA LYS LA 9 112.31 -51.24 1.85
C LYS LA 9 112.20 -52.43 0.89
N LYS LA 10 111.67 -52.20 -0.32
CA LYS LA 10 111.66 -53.28 -1.30
C LYS LA 10 113.04 -53.49 -1.90
N TYR LA 11 113.93 -52.51 -1.76
CA TYR LA 11 115.24 -52.56 -2.40
C TYR LA 11 116.35 -53.06 -1.48
N LEU LA 12 116.06 -53.35 -0.21
CA LEU LA 12 117.07 -53.91 0.67
C LEU LA 12 117.46 -55.31 0.22
N ASP LA 13 118.77 -55.54 0.14
CA ASP LA 13 119.36 -56.83 -0.26
C ASP LA 13 118.83 -57.28 -1.62
N LYS LA 14 118.76 -56.35 -2.57
CA LYS LA 14 118.14 -56.60 -3.87
C LYS LA 14 119.16 -56.40 -4.98
N ARG LA 15 119.15 -57.32 -5.94
CA ARG LA 15 120.06 -57.30 -7.10
C ARG LA 15 119.56 -56.19 -8.02
N LEU LA 16 120.26 -55.05 -8.08
CA LEU LA 16 119.70 -53.89 -8.76
C LEU LA 16 120.72 -53.00 -9.44
N PHE LA 17 120.29 -52.37 -10.52
CA PHE LA 17 121.09 -51.40 -11.27
C PHE LA 17 120.85 -49.98 -10.77
N VAL LA 18 121.89 -49.15 -10.78
CA VAL LA 18 121.82 -47.75 -10.41
C VAL LA 18 122.38 -46.93 -11.56
N GLU LA 19 121.65 -45.89 -11.96
CA GLU LA 19 122.12 -44.92 -12.94
C GLU LA 19 122.45 -43.61 -12.22
N LEU LA 20 123.67 -43.11 -12.45
CA LEU LA 20 124.17 -41.87 -11.88
C LEU LA 20 124.45 -40.87 -13.00
N ASN LA 21 124.38 -39.58 -12.66
CA ASN LA 21 124.64 -38.51 -13.60
C ASN LA 21 126.05 -38.61 -14.17
N GLY LA 22 126.16 -38.33 -15.47
CA GLY LA 22 127.32 -38.75 -16.23
C GLY LA 22 127.21 -40.15 -16.77
N SER LA 23 126.02 -40.75 -16.72
CA SER LA 23 125.72 -42.09 -17.22
C SER LA 23 126.61 -43.16 -16.57
N ARG LA 24 126.91 -42.97 -15.29
CA ARG LA 24 127.72 -43.94 -14.56
C ARG LA 24 126.80 -45.05 -14.05
N ARG LA 25 127.06 -46.29 -14.45
CA ARG LA 25 126.18 -47.39 -14.09
C ARG LA 25 126.85 -48.19 -12.98
N VAL LA 26 126.10 -48.44 -11.90
CA VAL LA 26 126.63 -49.15 -10.75
C VAL LA 26 125.67 -50.28 -10.41
N ILE LA 27 126.13 -51.52 -10.54
CA ILE LA 27 125.30 -52.69 -10.30
C ILE LA 27 125.56 -53.13 -8.86
N GLY LA 28 124.56 -52.97 -7.99
CA GLY LA 28 124.77 -53.19 -6.58
C GLY LA 28 123.61 -53.85 -5.89
N VAL LA 29 123.86 -54.23 -4.63
CA VAL LA 29 122.89 -54.83 -3.73
C VAL LA 29 122.89 -54.00 -2.45
N LEU LA 30 121.71 -53.61 -1.98
CA LEU LA 30 121.63 -52.77 -0.79
C LEU LA 30 121.98 -53.55 0.48
N ARG LA 31 122.40 -52.78 1.49
CA ARG LA 31 122.54 -53.27 2.86
C ARG LA 31 121.82 -52.33 3.80
N GLY LA 32 121.68 -51.07 3.38
CA GLY LA 32 120.96 -50.07 4.16
C GLY LA 32 121.02 -48.73 3.47
N TYR LA 33 120.21 -47.81 3.97
CA TYR LA 33 120.18 -46.45 3.41
C TYR LA 33 119.83 -45.49 4.55
N ASP LA 34 119.63 -44.23 4.19
CA ASP LA 34 119.28 -43.18 5.14
C ASP LA 34 118.19 -42.29 4.55
N VAL LA 35 117.79 -41.28 5.31
CA VAL LA 35 116.78 -40.33 4.84
C VAL LA 35 117.32 -39.48 3.68
N PHE LA 36 118.65 -39.39 3.54
CA PHE LA 36 119.29 -38.76 2.40
C PHE LA 36 119.48 -39.75 1.24
N LEU LA 37 118.93 -40.96 1.37
CA LEU LA 37 118.99 -42.03 0.36
C LEU LA 37 120.41 -42.28 -0.15
N ASN LA 38 121.38 -42.22 0.75
CA ASN LA 38 122.75 -42.55 0.40
C ASN LA 38 122.86 -44.04 0.22
N ILE LA 39 122.88 -44.49 -1.03
CA ILE LA 39 122.74 -45.90 -1.36
C ILE LA 39 124.06 -46.62 -1.07
N VAL LA 40 124.02 -47.57 -0.14
CA VAL LA 40 125.19 -48.36 0.23
C VAL LA 40 125.07 -49.72 -0.46
N LEU LA 41 126.09 -50.06 -1.25
CA LEU LA 41 126.07 -51.28 -2.06
C LEU LA 41 127.28 -52.14 -1.74
N ASP LA 42 127.03 -53.41 -1.45
CA ASP LA 42 128.09 -54.39 -1.33
C ASP LA 42 128.21 -55.20 -2.61
N ASP LA 43 129.36 -55.85 -2.78
CA ASP LA 43 129.81 -56.56 -3.99
C ASP LA 43 129.41 -55.82 -5.28
N ALA LA 44 129.70 -54.52 -5.29
CA ALA LA 44 129.28 -53.65 -6.39
C ALA LA 44 130.20 -53.81 -7.59
N VAL LA 45 129.61 -53.70 -8.78
CA VAL LA 45 130.36 -53.74 -10.04
C VAL LA 45 129.95 -52.53 -10.86
N GLU LA 46 130.90 -51.68 -11.21
CA GLU LA 46 130.54 -50.48 -11.93
C GLU LA 46 130.90 -50.62 -13.40
N GLU LA 47 130.37 -49.68 -14.19
CA GLU LA 47 130.22 -49.82 -15.62
C GLU LA 47 130.19 -48.43 -16.25
N ARG LA 48 130.98 -48.27 -17.32
CA ARG LA 48 131.23 -47.13 -18.19
C ARG LA 48 130.55 -47.37 -19.53
N PRO LA 49 130.22 -46.33 -20.30
CA PRO LA 49 129.39 -46.52 -21.51
C PRO LA 49 130.00 -47.40 -22.60
N ASN LA 50 131.31 -47.66 -22.58
CA ASN LA 50 131.89 -48.56 -23.57
C ASN LA 50 131.62 -50.03 -23.26
N GLY LA 51 131.13 -50.36 -22.06
CA GLY LA 51 130.75 -51.72 -21.75
C GLY LA 51 131.79 -52.55 -21.04
N GLU LA 52 132.36 -52.00 -19.95
CA GLU LA 52 133.38 -52.70 -19.17
C GLU LA 52 132.97 -52.73 -17.71
N LYS LA 53 133.09 -53.89 -17.08
CA LYS LA 53 132.62 -54.14 -15.73
C LYS LA 53 133.82 -54.31 -14.81
N VAL LA 54 133.89 -53.51 -13.75
CA VAL LA 54 134.96 -53.70 -12.77
C VAL LA 54 134.35 -53.83 -11.38
N LYS LA 55 135.09 -54.51 -10.50
CA LYS LA 55 134.62 -54.80 -9.15
C LYS LA 55 135.10 -53.71 -8.19
N LEU LA 56 134.18 -53.17 -7.39
CA LEU LA 56 134.50 -52.09 -6.47
C LEU LA 56 134.58 -52.51 -5.02
N GLY LA 57 133.74 -53.43 -4.58
CA GLY LA 57 133.66 -53.79 -3.18
C GLY LA 57 132.36 -53.32 -2.56
N MET LA 58 132.41 -53.16 -1.24
CA MET LA 58 131.27 -52.70 -0.45
C MET LA 58 131.39 -51.19 -0.32
N VAL LA 59 130.53 -50.48 -1.06
CA VAL LA 59 130.70 -49.06 -1.35
C VAL LA 59 129.41 -48.31 -0.99
N THR LA 60 129.46 -46.99 -1.13
CA THR LA 60 128.28 -46.15 -1.01
C THR LA 60 128.38 -45.00 -2.02
N ILE LA 61 127.21 -44.45 -2.36
CA ILE LA 61 127.09 -43.32 -3.28
C ILE LA 61 126.22 -42.26 -2.62
N ARG LA 62 126.61 -40.99 -2.74
CA ARG LA 62 125.83 -39.90 -2.19
C ARG LA 62 124.49 -39.78 -2.92
N GLY LA 63 123.44 -39.51 -2.15
CA GLY LA 63 122.09 -39.51 -2.69
C GLY LA 63 121.84 -38.48 -3.77
N ASN LA 64 122.50 -37.32 -3.68
CA ASN LA 64 122.36 -36.31 -4.73
C ASN LA 64 123.00 -36.77 -6.03
N SER LA 65 124.06 -37.58 -5.94
CA SER LA 65 124.61 -38.20 -7.13
C SER LA 65 123.74 -39.34 -7.61
N VAL LA 66 123.00 -39.98 -6.69
CA VAL LA 66 122.09 -41.05 -7.07
C VAL LA 66 120.91 -40.46 -7.85
N VAL LA 67 120.62 -41.04 -9.01
CA VAL LA 67 119.58 -40.51 -9.88
C VAL LA 67 118.46 -41.53 -10.07
N ILE LA 68 118.77 -42.69 -10.65
CA ILE LA 68 117.73 -43.64 -11.07
C ILE LA 68 118.05 -45.01 -10.51
N LEU LA 69 117.04 -45.67 -9.93
CA LEU LA 69 117.17 -47.04 -9.42
C LEU LA 69 116.32 -47.96 -10.29
N GLU LA 70 116.90 -49.09 -10.71
CA GLU LA 70 116.16 -50.09 -11.48
C GLU LA 70 116.46 -51.50 -10.98
N PRO LA 71 115.57 -52.13 -10.24
CA PRO LA 71 115.76 -53.55 -9.90
C PRO LA 71 115.60 -54.42 -11.12
N LEU LA 72 116.21 -55.62 -11.03
CA LEU LA 72 116.27 -56.54 -12.15
C LEU LA 72 115.29 -57.69 -12.04
N GLU LA 73 115.14 -58.28 -10.85
CA GLU LA 73 114.25 -59.42 -10.66
C GLU LA 73 112.93 -59.02 -10.00
N VAL MA 8 140.98 -36.71 13.66
CA VAL MA 8 140.56 -35.37 14.02
C VAL MA 8 139.28 -35.01 13.25
N ASN MA 9 138.38 -34.30 13.91
CA ASN MA 9 137.14 -33.89 13.26
C ASN MA 9 137.41 -32.71 12.33
N PRO MA 10 136.63 -32.58 11.25
CA PRO MA 10 136.89 -31.52 10.25
C PRO MA 10 136.80 -30.10 10.80
N ARG MA 11 135.88 -29.82 11.72
CA ARG MA 11 135.81 -28.47 12.27
C ARG MA 11 137.04 -28.12 13.11
N PRO MA 12 137.47 -28.93 14.10
CA PRO MA 12 138.76 -28.63 14.77
C PRO MA 12 139.95 -28.66 13.83
N PHE MA 13 139.90 -29.44 12.75
CA PHE MA 13 140.93 -29.33 11.72
C PHE MA 13 140.92 -27.95 11.08
N LEU MA 14 139.73 -27.38 10.90
CA LEU MA 14 139.64 -26.04 10.32
C LEU MA 14 140.15 -24.97 11.31
N GLN MA 15 139.83 -25.09 12.59
CA GLN MA 15 140.45 -24.12 13.52
C GLN MA 15 141.93 -24.38 13.73
N ASP MA 16 142.43 -25.59 13.43
CA ASP MA 16 143.86 -25.80 13.38
C ASP MA 16 144.47 -25.07 12.19
N LEU MA 17 143.80 -25.13 11.04
CA LEU MA 17 144.23 -24.38 9.85
C LEU MA 17 144.08 -22.88 10.01
N VAL MA 18 143.23 -22.42 10.94
CA VAL MA 18 143.15 -21.00 11.28
C VAL MA 18 144.50 -20.52 11.80
N ASN MA 19 144.93 -19.35 11.32
CA ASN MA 19 146.24 -18.76 11.59
C ASN MA 19 147.36 -19.70 11.14
N GLN MA 20 147.19 -20.29 9.96
CA GLN MA 20 148.17 -21.18 9.37
C GLN MA 20 148.05 -21.11 7.86
N ASP MA 21 149.18 -21.31 7.17
CA ASP MA 21 149.20 -21.24 5.72
C ASP MA 21 148.47 -22.45 5.13
N VAL MA 22 147.53 -22.19 4.22
CA VAL MA 22 146.72 -23.24 3.62
C VAL MA 22 146.80 -23.13 2.10
N ILE MA 23 146.51 -24.27 1.47
CA ILE MA 23 146.39 -24.39 0.02
C ILE MA 23 144.92 -24.65 -0.27
N VAL MA 24 144.27 -23.71 -0.93
CA VAL MA 24 142.83 -23.80 -1.20
C VAL MA 24 142.65 -23.94 -2.69
N ARG MA 25 142.19 -25.10 -3.14
CA ARG MA 25 141.97 -25.38 -4.56
C ARG MA 25 140.48 -25.33 -4.84
N LEU MA 26 140.09 -24.52 -5.82
CA LEU MA 26 138.69 -24.34 -6.17
C LEU MA 26 138.27 -25.40 -7.19
N LYS MA 27 136.99 -25.37 -7.56
CA LYS MA 27 136.41 -26.38 -8.43
C LYS MA 27 136.38 -25.95 -9.90
N TRP MA 28 136.93 -24.78 -10.24
CA TRP MA 28 136.85 -24.26 -11.59
C TRP MA 28 138.23 -23.83 -12.08
N GLY MA 29 138.59 -24.30 -13.28
CA GLY MA 29 139.77 -23.80 -13.97
C GLY MA 29 141.10 -24.15 -13.34
N GLN MA 30 141.13 -25.15 -12.45
CA GLN MA 30 142.34 -25.57 -11.72
C GLN MA 30 142.93 -24.39 -10.93
N THR MA 31 142.07 -23.56 -10.37
CA THR MA 31 142.49 -22.43 -9.56
C THR MA 31 142.94 -22.90 -8.19
N GLU MA 32 144.09 -22.41 -7.72
CA GLU MA 32 144.48 -22.69 -6.35
C GLU MA 32 145.08 -21.44 -5.73
N TYR MA 33 145.07 -21.42 -4.40
CA TYR MA 33 145.53 -20.27 -3.63
C TYR MA 33 146.49 -20.72 -2.53
N LYS MA 34 147.67 -20.09 -2.52
CA LYS MA 34 148.53 -20.01 -1.35
C LYS MA 34 147.94 -18.95 -0.44
N GLY MA 35 147.70 -19.27 0.83
CA GLY MA 35 147.16 -18.22 1.68
C GLY MA 35 147.30 -18.39 3.16
N ARG MA 36 147.80 -17.37 3.84
CA ARG MA 36 147.83 -17.36 5.30
C ARG MA 36 146.41 -17.12 5.79
N LEU MA 37 145.75 -18.18 6.24
CA LEU MA 37 144.36 -18.08 6.67
C LEU MA 37 144.28 -17.27 7.97
N VAL MA 38 143.21 -16.48 8.10
CA VAL MA 38 143.04 -15.62 9.26
C VAL MA 38 142.02 -16.23 10.21
N SER MA 39 140.81 -16.46 9.71
CA SER MA 39 139.72 -17.01 10.51
C SER MA 39 138.74 -17.71 9.59
N ILE MA 40 137.74 -18.37 10.19
CA ILE MA 40 136.71 -19.06 9.44
C ILE MA 40 135.46 -19.14 10.31
N ASP MA 41 134.30 -19.19 9.67
CA ASP MA 41 133.02 -19.27 10.34
C ASP MA 41 132.53 -20.72 10.35
N SER MA 42 131.29 -20.90 10.83
CA SER MA 42 130.73 -22.24 10.95
C SER MA 42 130.23 -22.79 9.62
N TYR MA 43 130.06 -21.95 8.61
CA TYR MA 43 129.58 -22.38 7.30
C TYR MA 43 130.63 -22.16 6.22
N MET MA 44 131.88 -22.52 6.53
CA MET MA 44 133.01 -22.68 5.57
C MET MA 44 133.13 -21.51 4.59
N ASN MA 45 133.42 -20.34 5.14
CA ASN MA 45 133.81 -19.17 4.36
C ASN MA 45 135.21 -18.74 4.80
N ILE MA 46 136.17 -18.90 3.91
CA ILE MA 46 137.59 -18.78 4.23
C ILE MA 46 137.98 -17.31 4.18
N GLN MA 47 138.45 -16.80 5.32
CA GLN MA 47 139.10 -15.49 5.39
C GLN MA 47 140.59 -15.68 5.17
N LEU MA 48 141.10 -15.22 4.03
CA LEU MA 48 142.46 -15.52 3.62
C LEU MA 48 143.29 -14.24 3.59
N ALA MA 49 144.56 -14.38 3.94
CA ALA MA 49 145.54 -13.31 3.81
C ALA MA 49 146.76 -13.85 3.10
N ASN MA 50 147.57 -12.93 2.56
CA ASN MA 50 148.74 -13.25 1.73
C ASN MA 50 148.34 -14.16 0.56
N THR MA 51 147.22 -13.82 -0.07
CA THR MA 51 146.63 -14.67 -1.09
C THR MA 51 147.42 -14.57 -2.39
N GLU MA 52 147.87 -15.72 -2.89
CA GLU MA 52 148.51 -15.81 -4.18
C GLU MA 52 147.83 -16.92 -4.97
N GLU MA 53 147.67 -16.70 -6.27
CA GLU MA 53 146.79 -17.52 -7.10
C GLU MA 53 147.58 -18.16 -8.23
N PHE MA 54 147.35 -19.47 -8.42
CA PHE MA 54 147.88 -20.23 -9.54
C PHE MA 54 146.75 -20.73 -10.42
N ILE MA 55 146.96 -20.67 -11.74
CA ILE MA 55 146.13 -21.34 -12.74
C ILE MA 55 146.99 -22.43 -13.38
N ASN MA 56 146.50 -23.66 -13.35
CA ASN MA 56 147.13 -24.82 -14.01
C ASN MA 56 148.56 -25.04 -13.52
N TYR MA 57 148.78 -24.80 -12.23
CA TYR MA 57 150.09 -24.91 -11.57
C TYR MA 57 151.14 -24.01 -12.20
N LYS MA 58 150.72 -22.84 -12.70
CA LYS MA 58 151.63 -21.79 -13.14
C LYS MA 58 151.36 -20.52 -12.36
N SER MA 59 152.37 -19.65 -12.31
CA SER MA 59 152.31 -18.44 -11.50
C SER MA 59 151.45 -17.39 -12.19
N THR MA 60 150.28 -17.11 -11.62
CA THR MA 60 149.45 -16.02 -12.10
C THR MA 60 149.47 -14.80 -11.20
N GLY MA 61 149.66 -14.97 -9.90
CA GLY MA 61 150.06 -13.82 -9.10
C GLY MA 61 149.39 -13.57 -7.77
N HIS MA 62 149.96 -12.65 -6.99
CA HIS MA 62 149.45 -12.29 -5.68
C HIS MA 62 148.30 -11.29 -5.81
N LEU MA 63 147.33 -11.41 -4.92
CA LEU MA 63 146.17 -10.52 -4.90
C LEU MA 63 146.05 -9.71 -3.61
N GLY MA 64 146.37 -10.31 -2.47
CA GLY MA 64 146.24 -9.62 -1.20
C GLY MA 64 145.61 -10.47 -0.12
N GLN MA 65 144.50 -9.99 0.44
CA GLN MA 65 143.71 -10.74 1.40
C GLN MA 65 142.27 -10.83 0.89
N VAL MA 66 141.76 -12.06 0.78
CA VAL MA 66 140.52 -12.34 0.07
C VAL MA 66 139.54 -13.08 0.97
N LEU MA 67 138.36 -13.32 0.43
CA LEU MA 67 137.31 -14.10 1.07
C LEU MA 67 136.79 -15.12 0.06
N ILE MA 68 136.70 -16.37 0.49
CA ILE MA 68 136.25 -17.48 -0.37
C ILE MA 68 134.97 -18.04 0.23
N ARG MA 69 133.96 -18.25 -0.61
CA ARG MA 69 132.69 -18.80 -0.14
C ARG MA 69 132.75 -20.32 -0.05
N CYS MA 70 131.82 -20.87 0.73
CA CYS MA 70 131.50 -22.31 0.69
C CYS MA 70 131.44 -22.87 -0.73
N ASN MA 71 130.63 -22.27 -1.60
CA ASN MA 71 130.26 -22.92 -2.86
C ASN MA 71 131.39 -22.97 -3.87
N ASN MA 72 132.48 -22.23 -3.67
CA ASN MA 72 133.54 -22.16 -4.67
C ASN MA 72 134.65 -23.18 -4.44
N VAL MA 73 134.74 -23.75 -3.25
CA VAL MA 73 135.89 -24.57 -2.85
C VAL MA 73 135.73 -25.99 -3.36
N LEU MA 74 136.80 -26.55 -3.91
CA LEU MA 74 136.90 -27.99 -4.12
C LEU MA 74 137.52 -28.68 -2.91
N TRP MA 75 138.71 -28.24 -2.48
CA TRP MA 75 139.30 -28.78 -1.27
C TRP MA 75 140.29 -27.78 -0.66
N VAL MA 76 140.63 -28.03 0.61
CA VAL MA 76 141.54 -27.20 1.38
C VAL MA 76 142.50 -28.13 2.12
N THR MA 77 143.81 -27.82 2.05
CA THR MA 77 144.81 -28.56 2.81
C THR MA 77 145.76 -27.57 3.47
N ALA MA 78 146.64 -28.08 4.33
CA ALA MA 78 147.67 -27.25 4.93
C ALA MA 78 148.83 -27.04 3.95
N ALA MA 79 149.65 -26.04 4.23
CA ALA MA 79 150.79 -25.71 3.37
C ALA MA 79 152.11 -26.01 4.04
N ALA MA 80 152.19 -27.13 4.75
CA ALA MA 80 153.41 -27.53 5.47
C ALA MA 80 154.30 -28.30 4.49
N GLY MA 81 155.12 -27.56 3.77
CA GLY MA 81 156.09 -28.16 2.85
C GLY MA 81 155.51 -28.89 1.67
N LYS MA 82 154.52 -28.31 1.01
CA LYS MA 82 153.89 -28.90 -0.16
C LYS MA 82 154.17 -28.05 -1.38
N GLN MA 83 154.59 -28.69 -2.47
CA GLN MA 83 155.00 -28.02 -3.70
C GLN MA 83 153.90 -28.07 -4.74
N MET MA 84 153.85 -27.03 -5.58
CA MET MA 84 152.79 -26.86 -6.56
C MET MA 84 153.24 -27.15 -7.99
N THR MA 85 154.38 -27.81 -8.19
CA THR MA 85 154.73 -28.25 -9.53
C THR MA 85 153.96 -29.51 -9.86
N PRO MA 86 153.49 -29.66 -11.10
CA PRO MA 86 152.72 -30.86 -11.47
C PRO MA 86 153.61 -32.10 -11.48
N THR MA 87 153.29 -33.04 -10.59
CA THR MA 87 154.07 -34.27 -10.48
C THR MA 87 153.82 -35.17 -11.68
N GLU MA 88 154.88 -35.82 -12.16
CA GLU MA 88 154.78 -36.71 -13.31
C GLU MA 88 154.77 -38.16 -12.86
N ALA NA 507 131.00 -12.61 13.19
CA ALA NA 507 131.39 -11.25 13.51
C ALA NA 507 132.89 -11.16 13.75
N ASN NA 508 133.59 -12.26 13.50
CA ASN NA 508 135.04 -12.31 13.65
C ASN NA 508 135.75 -12.79 12.39
N GLY NA 509 135.04 -12.88 11.27
CA GLY NA 509 135.56 -13.47 10.06
C GLY NA 509 135.15 -12.72 8.80
N PRO NA 510 134.49 -13.45 7.90
CA PRO NA 510 133.93 -12.81 6.69
C PRO NA 510 132.99 -11.67 7.00
N LEU NA 511 132.20 -11.79 8.07
CA LEU NA 511 131.36 -10.69 8.52
C LEU NA 511 132.23 -9.49 8.92
N SER NA 512 133.38 -9.74 9.55
CA SER NA 512 134.28 -8.66 9.90
C SER NA 512 134.87 -7.99 8.66
N LEU NA 513 135.25 -8.78 7.64
CA LEU NA 513 135.76 -8.17 6.41
C LEU NA 513 134.70 -7.34 5.71
N LEU NA 514 133.48 -7.87 5.61
CA LEU NA 514 132.41 -7.13 4.92
C LEU NA 514 132.01 -5.89 5.70
N GLN NA 515 131.98 -5.97 7.04
CA GLN NA 515 131.67 -4.80 7.85
C GLN NA 515 132.79 -3.77 7.80
N THR NA 516 134.05 -4.20 7.73
CA THR NA 516 135.16 -3.28 7.56
C THR NA 516 135.10 -2.58 6.21
N ALA NA 517 134.73 -3.32 5.16
CA ALA NA 517 134.52 -2.71 3.85
C ALA NA 517 133.38 -1.69 3.89
N VAL NA 518 132.31 -2.01 4.60
CA VAL NA 518 131.18 -1.09 4.75
C VAL NA 518 131.61 0.18 5.46
N ARG NA 519 132.36 0.04 6.56
CA ARG NA 519 132.78 1.20 7.34
C ARG NA 519 133.78 2.05 6.58
N SER NA 520 134.76 1.43 5.93
CA SER NA 520 135.81 2.18 5.25
C SER NA 520 135.40 2.70 3.89
N HIS NA 521 134.31 2.16 3.31
CA HIS NA 521 133.81 2.54 1.97
C HIS NA 521 134.88 2.38 0.90
N THR NA 522 135.73 1.36 1.04
CA THR NA 522 136.79 1.11 0.08
C THR NA 522 136.34 0.11 -0.98
N GLN NA 523 137.09 0.07 -2.07
CA GLN NA 523 136.70 -0.71 -3.24
C GLN NA 523 137.05 -2.18 -3.06
N VAL NA 524 136.30 -3.03 -3.75
CA VAL NA 524 136.57 -4.46 -3.85
C VAL NA 524 136.61 -4.84 -5.32
N LEU NA 525 137.47 -5.80 -5.62
CA LEU NA 525 137.62 -6.42 -6.92
C LEU NA 525 137.06 -7.83 -6.82
N ILE NA 526 136.02 -8.11 -7.60
CA ILE NA 526 135.25 -9.34 -7.45
C ILE NA 526 135.32 -10.11 -8.77
N SER NA 527 135.79 -11.34 -8.71
CA SER NA 527 135.64 -12.26 -9.83
C SER NA 527 134.43 -13.14 -9.56
N VAL NA 528 133.59 -13.30 -10.59
CA VAL NA 528 132.28 -13.93 -10.45
C VAL NA 528 132.08 -14.98 -11.53
N ARG NA 529 131.11 -15.86 -11.24
CA ARG NA 529 130.95 -17.18 -11.86
C ARG NA 529 130.61 -17.11 -13.34
N SER NA 530 130.20 -15.95 -13.84
CA SER NA 530 130.07 -15.74 -15.28
C SER NA 530 131.40 -15.43 -15.95
N GLY NA 531 132.51 -15.72 -15.26
CA GLY NA 531 133.82 -15.35 -15.74
C GLY NA 531 134.04 -13.85 -15.81
N ARG NA 532 133.44 -13.10 -14.89
CA ARG NA 532 133.45 -11.65 -15.02
C ARG NA 532 134.18 -11.00 -13.85
N LYS NA 533 134.58 -9.74 -14.05
CA LYS NA 533 135.40 -9.01 -13.10
C LYS NA 533 134.71 -7.69 -12.79
N LEU NA 534 134.73 -7.31 -11.52
CA LEU NA 534 133.98 -6.18 -11.00
C LEU NA 534 134.87 -5.33 -10.12
N LEU NA 535 134.75 -4.01 -10.24
CA LEU NA 535 135.44 -3.06 -9.36
C LEU NA 535 134.39 -2.12 -8.79
N ALA NA 536 134.09 -2.24 -7.50
CA ALA NA 536 133.00 -1.43 -6.96
C ALA NA 536 133.17 -1.27 -5.45
N ARG NA 537 132.47 -0.28 -4.90
CA ARG NA 537 132.52 0.00 -3.47
C ARG NA 537 131.46 -0.81 -2.73
N VAL NA 538 131.58 -0.82 -1.41
CA VAL NA 538 130.77 -1.66 -0.53
C VAL NA 538 129.89 -0.76 0.33
N LYS NA 539 128.59 -1.08 0.37
CA LYS NA 539 127.64 -0.34 1.18
C LYS NA 539 127.01 -1.17 2.29
N ALA NA 540 126.55 -2.39 1.97
CA ALA NA 540 125.84 -3.20 2.95
C ALA NA 540 126.02 -4.67 2.62
N PHE NA 541 125.76 -5.51 3.63
CA PHE NA 541 125.85 -6.96 3.48
C PHE NA 541 124.90 -7.60 4.49
N ASP NA 542 124.60 -8.87 4.25
CA ASP NA 542 123.72 -9.62 5.14
C ASP NA 542 124.37 -10.94 5.56
N ARG NA 543 123.59 -11.81 6.21
CA ARG NA 543 124.09 -13.12 6.60
C ARG NA 543 124.32 -14.02 5.38
N HIS NA 544 123.60 -13.76 4.28
CA HIS NA 544 123.84 -14.46 3.02
C HIS NA 544 125.00 -13.83 2.24
N CYS NA 545 125.54 -12.71 2.73
CA CYS NA 545 126.60 -11.95 2.07
C CYS NA 545 126.18 -11.48 0.68
N ASN NA 546 124.92 -11.10 0.54
CA ASN NA 546 124.48 -10.38 -0.65
C ASN NA 546 125.01 -8.96 -0.60
N MET NA 547 125.43 -8.44 -1.75
CA MET NA 547 126.22 -7.22 -1.81
C MET NA 547 125.45 -6.12 -2.55
N ILE NA 548 125.50 -4.91 -1.99
CA ILE NA 548 124.96 -3.71 -2.60
C ILE NA 548 126.15 -2.80 -2.95
N LEU NA 549 126.18 -2.31 -4.19
CA LEU NA 549 127.40 -1.77 -4.77
C LEU NA 549 127.17 -0.38 -5.34
N GLU NA 550 128.26 0.38 -5.44
CA GLU NA 550 128.28 1.71 -6.04
C GLU NA 550 129.53 1.86 -6.90
N ASN NA 551 129.50 2.89 -7.75
CA ASN NA 551 130.53 3.24 -8.77
C ASN NA 551 131.12 2.00 -9.43
N VAL NA 552 130.23 1.17 -9.96
CA VAL NA 552 130.58 -0.17 -10.39
C VAL NA 552 131.17 -0.13 -11.79
N LYS NA 553 132.35 -0.71 -11.96
CA LYS NA 553 132.98 -0.89 -13.25
C LYS NA 553 133.05 -2.38 -13.52
N GLU NA 554 132.31 -2.86 -14.52
CA GLU NA 554 132.23 -4.27 -14.83
C GLU NA 554 132.93 -4.55 -16.14
N MET NA 555 133.91 -5.46 -16.12
CA MET NA 555 134.59 -5.87 -17.34
C MET NA 555 134.60 -7.39 -17.46
N TRP NA 556 134.75 -7.84 -18.70
CA TRP NA 556 134.68 -9.26 -19.03
C TRP NA 556 135.43 -9.49 -20.33
N THR NA 557 135.73 -10.76 -20.59
CA THR NA 557 136.45 -11.17 -21.80
C THR NA 557 135.45 -11.74 -22.79
N GLU NA 558 135.37 -11.11 -23.96
CA GLU NA 558 134.48 -11.56 -25.03
C GLU NA 558 135.27 -11.75 -26.30
N THR NA 559 135.11 -12.90 -26.94
CA THR NA 559 135.80 -13.15 -28.20
C THR NA 559 134.82 -12.94 -29.35
N PRO NA 560 134.96 -11.88 -30.14
CA PRO NA 560 134.04 -11.67 -31.26
C PRO NA 560 134.30 -12.66 -32.38
N VAL NA 561 133.23 -13.29 -32.86
CA VAL NA 561 133.31 -14.25 -33.95
C VAL NA 561 133.15 -13.45 -35.24
N THR NA 562 134.25 -12.91 -35.73
CA THR NA 562 134.26 -12.17 -36.99
C THR NA 562 134.28 -13.16 -38.13
N ASN NA 563 133.28 -13.03 -39.03
CA ASN NA 563 132.99 -13.79 -40.25
C ASN NA 563 133.40 -15.26 -40.19
N GLY NA 564 133.02 -15.94 -39.11
CA GLY NA 564 133.32 -17.35 -38.93
C GLY NA 564 134.69 -17.66 -38.38
N LYS NA 565 135.51 -16.65 -38.09
CA LYS NA 565 136.87 -16.85 -37.60
C LYS NA 565 136.97 -16.34 -36.16
N LYS NA 566 137.79 -17.02 -35.36
CA LYS NA 566 137.99 -16.62 -33.98
C LYS NA 566 138.88 -15.40 -33.92
N GLY NA 567 138.33 -14.29 -33.38
CA GLY NA 567 139.09 -13.07 -33.27
C GLY NA 567 139.78 -12.93 -31.92
N ARG NA 568 140.58 -11.86 -31.81
CA ARG NA 568 141.26 -11.58 -30.56
C ARG NA 568 140.25 -11.09 -29.50
N PRO NA 569 140.49 -11.43 -28.23
CA PRO NA 569 139.51 -11.09 -27.18
C PRO NA 569 139.44 -9.60 -26.89
N VAL NA 570 138.29 -9.19 -26.37
CA VAL NA 570 138.01 -7.82 -25.98
C VAL NA 570 137.73 -7.80 -24.49
N ASN NA 571 138.40 -6.91 -23.77
CA ASN NA 571 138.09 -6.63 -22.37
C ASN NA 571 136.95 -5.62 -22.35
N LYS NA 572 135.74 -6.10 -22.62
CA LYS NA 572 134.57 -5.24 -22.74
C LYS NA 572 134.10 -4.83 -21.35
N ASP NA 573 133.87 -3.54 -21.18
CA ASP NA 573 133.57 -2.98 -19.86
C ASP NA 573 132.43 -1.97 -19.96
N ARG NA 574 131.68 -1.87 -18.88
CA ARG NA 574 130.58 -0.92 -18.74
C ARG NA 574 130.62 -0.34 -17.33
N PHE NA 575 129.90 0.76 -17.15
CA PHE NA 575 129.78 1.42 -15.86
C PHE NA 575 128.33 1.37 -15.40
N ILE NA 576 128.14 0.91 -14.16
CA ILE NA 576 126.83 0.83 -13.53
C ILE NA 576 126.86 1.68 -12.28
N SER NA 577 125.86 2.54 -12.12
CA SER NA 577 125.81 3.44 -10.97
C SER NA 577 125.53 2.67 -9.68
N LYS NA 578 124.38 1.98 -9.62
CA LYS NA 578 123.96 1.26 -8.43
C LYS NA 578 123.72 -0.21 -8.79
N MET NA 579 124.13 -1.10 -7.89
CA MET NA 579 124.20 -2.52 -8.21
C MET NA 579 123.88 -3.34 -6.96
N PHE NA 580 123.18 -4.45 -7.17
CA PHE NA 580 122.93 -5.43 -6.12
C PHE NA 580 123.42 -6.79 -6.58
N LEU NA 581 124.05 -7.52 -5.66
CA LEU NA 581 124.69 -8.78 -5.98
C LEU NA 581 124.23 -9.87 -5.02
N ARG NA 582 124.19 -11.09 -5.52
CA ARG NA 582 123.71 -12.25 -4.76
C ARG NA 582 124.90 -13.06 -4.26
N GLY NA 583 124.76 -13.61 -3.05
CA GLY NA 583 125.88 -14.24 -2.38
C GLY NA 583 126.39 -15.51 -3.04
N ASP NA 584 125.50 -16.24 -3.72
CA ASP NA 584 125.91 -17.51 -4.33
C ASP NA 584 126.57 -17.33 -5.69
N SER NA 585 126.62 -16.11 -6.22
CA SER NA 585 127.18 -15.85 -7.54
C SER NA 585 128.65 -15.45 -7.49
N VAL NA 586 129.28 -15.52 -6.33
CA VAL NA 586 130.65 -15.03 -6.14
C VAL NA 586 131.64 -16.16 -6.34
N VAL NA 587 132.76 -15.86 -6.99
CA VAL NA 587 133.92 -16.74 -6.97
C VAL NA 587 134.87 -16.23 -5.90
N ILE NA 588 135.32 -14.99 -6.02
CA ILE NA 588 136.26 -14.41 -5.06
C ILE NA 588 136.05 -12.91 -4.97
N VAL NA 589 136.18 -12.38 -3.76
CA VAL NA 589 136.18 -10.94 -3.51
C VAL NA 589 137.50 -10.57 -2.87
N LEU NA 590 138.08 -9.45 -3.32
CA LEU NA 590 139.33 -8.93 -2.79
C LEU NA 590 139.11 -7.49 -2.34
N LEU NA 591 139.39 -7.20 -1.08
CA LEU NA 591 139.21 -5.87 -0.52
C LEU NA 591 140.44 -5.04 -0.89
N SER NA 592 140.32 -4.25 -1.96
CA SER NA 592 141.46 -3.49 -2.46
C SER NA 592 141.67 -2.23 -1.64
N MET OA 1 119.08 -9.08 9.96
CA MET OA 1 118.21 -8.28 9.09
C MET OA 1 118.23 -8.82 7.66
N LYS OA 2 117.10 -8.78 6.99
CA LYS OA 2 116.92 -9.39 5.68
C LYS OA 2 117.07 -8.35 4.59
N LEU OA 3 118.07 -8.54 3.72
CA LEU OA 3 118.12 -7.80 2.47
C LEU OA 3 116.97 -8.16 1.55
N VAL OA 4 116.35 -9.33 1.75
CA VAL OA 4 115.12 -9.65 1.01
C VAL OA 4 114.02 -8.67 1.36
N ARG OA 5 113.83 -8.40 2.66
CA ARG OA 5 112.85 -7.40 3.09
C ARG OA 5 113.28 -5.99 2.70
N PHE OA 6 114.59 -5.74 2.68
CA PHE OA 6 115.10 -4.47 2.16
C PHE OA 6 114.68 -4.27 0.71
N LEU OA 7 114.82 -5.30 -0.12
CA LEU OA 7 114.41 -5.22 -1.51
C LEU OA 7 112.89 -5.13 -1.64
N MET OA 8 112.15 -5.76 -0.72
CA MET OA 8 110.70 -5.60 -0.68
C MET OA 8 110.31 -4.14 -0.52
N LYS OA 9 110.95 -3.44 0.41
CA LYS OA 9 110.56 -2.07 0.68
C LYS OA 9 111.37 -1.04 -0.09
N CYS OA 10 112.29 -1.46 -0.96
CA CYS OA 10 112.82 -0.58 -1.99
C CYS OA 10 112.51 -1.09 -3.39
N ALA OA 11 111.46 -1.90 -3.54
CA ALA OA 11 111.01 -2.37 -4.84
C ALA OA 11 110.16 -1.28 -5.52
N ASN OA 12 109.46 -1.68 -6.58
CA ASN OA 12 108.60 -0.83 -7.42
C ASN OA 12 109.43 0.25 -8.13
N GLU OA 13 110.34 -0.21 -9.00
CA GLU OA 13 111.06 0.66 -9.94
C GLU OA 13 111.28 -0.10 -11.24
N THR OA 14 111.48 0.67 -12.31
CA THR OA 14 111.96 0.20 -13.60
C THR OA 14 113.44 -0.13 -13.45
N VAL OA 15 113.71 -1.37 -13.03
CA VAL OA 15 115.05 -1.83 -12.70
C VAL OA 15 115.54 -2.72 -13.83
N THR OA 16 116.84 -3.04 -13.79
CA THR OA 16 117.48 -3.85 -14.83
C THR OA 16 118.04 -5.11 -14.21
N ILE OA 17 117.45 -6.26 -14.54
CA ILE OA 17 117.83 -7.52 -13.93
C ILE OA 17 118.43 -8.43 -14.99
N GLU OA 18 119.65 -8.90 -14.73
CA GLU OA 18 120.33 -9.86 -15.59
C GLU OA 18 120.04 -11.26 -15.06
N LEU OA 19 119.54 -12.12 -15.95
CA LEU OA 19 119.09 -13.45 -15.57
C LEU OA 19 120.27 -14.37 -15.26
N LYS OA 20 119.94 -15.58 -14.82
CA LYS OA 20 120.95 -16.51 -14.34
C LYS OA 20 121.80 -17.05 -15.49
N ASN OA 21 121.15 -17.24 -16.69
CA ASN OA 21 121.82 -17.79 -17.85
C ASN OA 21 122.10 -16.76 -18.95
N GLY OA 22 121.65 -15.51 -18.79
CA GLY OA 22 122.09 -14.47 -19.68
C GLY OA 22 121.03 -13.63 -20.37
N ALA OA 23 119.80 -13.67 -19.86
CA ALA OA 23 118.74 -12.82 -20.40
C ALA OA 23 118.63 -11.53 -19.59
N ILE OA 24 118.03 -10.52 -20.22
CA ILE OA 24 117.86 -9.22 -19.58
C ILE OA 24 116.38 -8.91 -19.52
N VAL OA 25 115.92 -8.39 -18.39
CA VAL OA 25 114.53 -8.02 -18.16
C VAL OA 25 114.50 -6.62 -17.56
N HIS OA 26 113.46 -5.85 -17.86
CA HIS OA 26 113.44 -4.47 -17.41
C HIS OA 26 112.01 -3.93 -17.37
N GLY OA 27 111.65 -3.30 -16.25
CA GLY OA 27 110.30 -2.77 -16.10
C GLY OA 27 110.06 -2.22 -14.71
N THR OA 28 108.80 -2.32 -14.28
CA THR OA 28 108.38 -1.79 -13.00
C THR OA 28 107.97 -2.92 -12.07
N ILE OA 29 108.59 -2.97 -10.89
CA ILE OA 29 108.39 -4.09 -9.97
C ILE OA 29 106.99 -4.04 -9.36
N ALA OA 30 106.35 -5.21 -9.28
CA ALA OA 30 105.08 -5.36 -8.57
C ALA OA 30 105.29 -5.71 -7.10
N SER OA 31 105.96 -6.83 -6.82
CA SER OA 31 106.23 -7.24 -5.45
C SER OA 31 107.41 -8.20 -5.44
N VAL OA 32 108.02 -8.36 -4.26
CA VAL OA 32 109.10 -9.30 -4.04
C VAL OA 32 108.73 -10.21 -2.87
N THR OA 33 108.80 -11.52 -3.09
CA THR OA 33 108.47 -12.52 -2.08
C THR OA 33 109.60 -12.63 -1.06
N PRO OA 34 109.33 -13.28 0.09
CA PRO OA 34 110.44 -13.68 0.98
C PRO OA 34 111.42 -14.63 0.34
N LYS OA 35 111.00 -15.40 -0.66
CA LYS OA 35 111.91 -16.24 -1.43
C LYS OA 35 112.49 -15.51 -2.63
N MET OA 36 112.49 -14.18 -2.62
CA MET OA 36 113.12 -13.28 -3.58
C MET OA 36 112.52 -13.36 -4.97
N ASP OA 37 111.38 -14.03 -5.14
CA ASP OA 37 110.74 -14.13 -6.45
C ASP OA 37 110.04 -12.82 -6.75
N THR OA 38 110.70 -11.97 -7.52
CA THR OA 38 110.13 -10.67 -7.80
C THR OA 38 109.07 -10.78 -8.91
N ALA OA 39 108.29 -9.71 -9.05
CA ALA OA 39 107.31 -9.59 -10.11
C ALA OA 39 107.45 -8.21 -10.75
N LEU OA 40 107.45 -8.17 -12.07
CA LEU OA 40 107.67 -6.94 -12.82
C LEU OA 40 106.45 -6.66 -13.67
N ARG OA 41 106.13 -5.36 -13.79
CA ARG OA 41 105.10 -4.89 -14.70
C ARG OA 41 105.78 -4.12 -15.83
N ASN OA 42 104.96 -3.75 -16.83
CA ASN OA 42 105.32 -3.09 -18.10
C ASN OA 42 106.71 -3.52 -18.63
N VAL OA 43 106.84 -4.83 -18.79
CA VAL OA 43 108.11 -5.51 -18.93
C VAL OA 43 108.56 -5.45 -20.39
N ARG OA 44 109.86 -5.27 -20.63
CA ARG OA 44 110.39 -5.75 -21.90
C ARG OA 44 111.66 -6.53 -21.61
N TYR OA 45 111.90 -7.52 -22.45
CA TYR OA 45 112.73 -8.68 -22.16
C TYR OA 45 113.53 -9.06 -23.38
N THR OA 46 114.85 -9.19 -23.23
CA THR OA 46 115.72 -9.62 -24.30
C THR OA 46 116.33 -10.98 -23.96
N PRO OA 47 116.03 -12.01 -24.74
CA PRO OA 47 116.67 -13.31 -24.53
C PRO OA 47 118.05 -13.39 -25.15
N LYS OA 48 118.63 -14.58 -25.17
CA LYS OA 48 119.99 -14.77 -25.65
C LYS OA 48 120.06 -14.66 -27.16
N GLY OA 49 120.33 -13.46 -27.66
CA GLY OA 49 120.54 -13.27 -29.09
C GLY OA 49 119.30 -13.40 -29.95
N GLU OA 50 118.11 -13.25 -29.37
CA GLU OA 50 116.87 -13.36 -30.11
C GLU OA 50 116.09 -12.05 -29.99
N GLU OA 51 114.91 -12.03 -30.59
CA GLU OA 51 114.10 -10.82 -30.64
C GLU OA 51 113.53 -10.49 -29.27
N PRO OA 52 113.50 -9.20 -28.90
CA PRO OA 52 112.92 -8.82 -27.60
C PRO OA 52 111.40 -8.92 -27.61
N TYR OA 53 110.85 -9.12 -26.42
CA TYR OA 53 109.42 -9.21 -26.20
C TYR OA 53 108.98 -8.17 -25.18
N SER OA 54 107.90 -7.46 -25.48
CA SER OA 54 107.32 -6.50 -24.56
C SER OA 54 105.98 -7.03 -24.07
N VAL OA 55 105.87 -7.26 -22.76
CA VAL OA 55 104.67 -7.85 -22.17
C VAL OA 55 104.20 -6.99 -21.01
N GLU OA 56 102.99 -7.32 -20.54
CA GLU OA 56 102.37 -6.56 -19.46
C GLU OA 56 103.00 -6.89 -18.10
N SER OA 57 103.24 -8.16 -17.83
CA SER OA 57 103.77 -8.57 -16.54
C SER OA 57 104.63 -9.81 -16.70
N LEU OA 58 105.52 -10.00 -15.74
CA LEU OA 58 106.49 -11.10 -15.79
C LEU OA 58 107.06 -11.32 -14.40
N THR OA 59 106.84 -12.50 -13.82
CA THR OA 59 107.42 -12.83 -12.54
C THR OA 59 108.69 -13.64 -12.73
N VAL OA 60 109.69 -13.36 -11.89
CA VAL OA 60 111.02 -13.95 -11.99
C VAL OA 60 111.36 -14.59 -10.66
N ARG OA 61 111.84 -15.83 -10.70
CA ARG OA 61 112.22 -16.53 -9.49
C ARG OA 61 113.51 -15.95 -8.92
N GLY OA 62 113.67 -16.08 -7.60
CA GLY OA 62 114.78 -15.45 -6.91
C GLY OA 62 116.14 -16.01 -7.30
N ASN OA 63 116.23 -17.34 -7.45
CA ASN OA 63 117.48 -17.93 -7.90
C ASN OA 63 117.76 -17.62 -9.36
N THR OA 64 116.71 -17.52 -10.18
CA THR OA 64 116.89 -17.12 -11.57
C THR OA 64 117.33 -15.68 -11.70
N ILE OA 65 117.02 -14.84 -10.70
CA ILE OA 65 117.62 -13.50 -10.62
C ILE OA 65 119.10 -13.68 -10.30
N ARG OA 66 119.95 -13.32 -11.26
CA ARG OA 66 121.39 -13.33 -10.97
C ARG OA 66 121.86 -11.94 -10.52
N TYR OA 67 121.64 -10.93 -11.36
CA TYR OA 67 122.20 -9.61 -11.14
C TYR OA 67 121.11 -8.56 -11.16
N TYR OA 68 121.27 -7.54 -10.32
CA TYR OA 68 120.22 -6.57 -10.07
C TYR OA 68 120.78 -5.16 -10.17
N ILE OA 69 120.10 -4.29 -10.92
CA ILE OA 69 120.54 -2.91 -11.14
C ILE OA 69 119.39 -1.98 -10.80
N LEU OA 70 119.60 -1.11 -9.83
CA LEU OA 70 118.63 -0.11 -9.41
C LEU OA 70 118.74 1.14 -10.29
N PRO OA 71 117.68 1.94 -10.36
CA PRO OA 71 117.80 3.26 -10.97
C PRO OA 71 118.70 4.17 -10.13
N ASP OA 72 119.32 5.13 -10.81
CA ASP OA 72 120.31 6.00 -10.20
C ASP OA 72 119.71 7.03 -9.24
N SER OA 73 118.39 7.20 -9.23
CA SER OA 73 117.73 8.20 -8.40
C SER OA 73 117.19 7.61 -7.10
N LEU OA 74 117.72 6.48 -6.66
CA LEU OA 74 117.20 5.83 -5.47
C LEU OA 74 117.69 6.53 -4.20
N PRO OA 75 116.81 6.79 -3.23
CA PRO OA 75 117.27 7.33 -1.95
C PRO OA 75 117.93 6.26 -1.08
N LEU OA 76 119.23 6.06 -1.31
CA LEU OA 76 119.93 4.89 -0.78
C LEU OA 76 119.98 4.89 0.75
N ASP OA 77 120.29 6.03 1.36
CA ASP OA 77 120.49 6.04 2.81
C ASP OA 77 119.18 5.81 3.56
N THR OA 78 118.13 6.57 3.22
CA THR OA 78 116.85 6.42 3.90
C THR OA 78 116.07 5.20 3.43
N LEU OA 79 116.54 4.51 2.39
CA LEU OA 79 116.02 3.20 2.09
C LEU OA 79 116.89 2.09 2.65
N LEU OA 80 118.08 2.40 3.15
CA LEU OA 80 118.93 1.46 3.86
C LEU OA 80 118.83 1.58 5.37
N ILE OA 81 118.05 2.54 5.88
CA ILE OA 81 117.80 2.59 7.32
C ILE OA 81 116.99 1.38 7.75
N ASP OA 82 117.09 1.04 9.03
CA ASP OA 82 116.44 -0.14 9.60
C ASP OA 82 115.19 0.26 10.38
N ASP OA 83 114.13 -0.54 10.23
CA ASP OA 83 112.89 -0.31 10.95
C ASP OA 83 112.36 -1.57 11.64
N ALA OA 84 113.04 -2.70 11.52
CA ALA OA 84 112.58 -3.94 12.12
C ALA OA 84 112.73 -3.89 13.63
N PRO OA 85 111.82 -4.53 14.37
CA PRO OA 85 111.95 -4.55 15.83
C PRO OA 85 113.09 -5.46 16.28
N LYS OA 86 113.83 -5.00 17.28
CA LYS OA 86 114.96 -5.77 17.80
C LYS OA 86 114.44 -6.88 18.72
N PRO OA 87 114.77 -8.15 18.44
CA PRO OA 87 114.32 -9.26 19.28
C PRO OA 87 115.07 -9.36 20.60
N TYR PA 14 95.04 -13.81 -9.88
CA TYR PA 14 95.90 -14.28 -10.96
C TYR PA 14 95.67 -15.76 -11.25
N ILE PA 15 94.96 -16.42 -10.33
CA ILE PA 15 94.56 -17.81 -10.53
C ILE PA 15 93.52 -17.87 -11.65
N ASN PA 16 93.57 -18.97 -12.43
CA ASN PA 16 92.62 -19.31 -13.49
C ASN PA 16 92.70 -18.35 -14.67
N TRP PA 17 93.82 -17.62 -14.81
CA TRP PA 17 94.13 -16.89 -16.02
C TRP PA 17 94.87 -17.80 -17.00
N ARG PA 18 95.03 -17.34 -18.23
CA ARG PA 18 95.80 -18.06 -19.24
C ARG PA 18 97.25 -17.61 -19.17
N MET PA 19 98.17 -18.57 -19.25
CA MET PA 19 99.58 -18.31 -19.02
C MET PA 19 100.44 -18.95 -20.11
N ARG PA 20 101.56 -18.30 -20.37
CA ARG PA 20 102.66 -18.87 -21.13
C ARG PA 20 103.88 -18.91 -20.23
N VAL PA 21 104.46 -20.09 -20.02
CA VAL PA 21 105.61 -20.22 -19.14
C VAL PA 21 106.82 -20.64 -19.97
N THR PA 22 107.93 -19.95 -19.76
CA THR PA 22 109.19 -20.18 -20.48
C THR PA 22 110.17 -20.86 -19.55
N LEU PA 23 110.77 -21.94 -20.04
CA LEU PA 23 111.54 -22.91 -19.27
C LEU PA 23 112.98 -22.93 -19.77
N ASN PA 24 113.89 -23.31 -18.86
CA ASN PA 24 115.27 -22.85 -18.84
C ASN PA 24 116.06 -23.20 -20.10
N ASP PA 25 115.75 -24.32 -20.74
CA ASP PA 25 116.40 -24.61 -22.01
C ASP PA 25 115.86 -23.75 -23.14
N GLY PA 26 114.75 -23.05 -22.90
CA GLY PA 26 114.08 -22.29 -23.92
C GLY PA 26 112.76 -22.86 -24.39
N ARG PA 27 112.04 -23.60 -23.55
CA ARG PA 27 110.77 -24.12 -24.02
C ARG PA 27 109.63 -23.21 -23.56
N GLN PA 28 108.44 -23.46 -24.10
CA GLN PA 28 107.25 -22.74 -23.70
C GLN PA 28 106.12 -23.73 -23.48
N MET PA 29 105.45 -23.60 -22.35
CA MET PA 29 104.30 -24.44 -22.01
C MET PA 29 103.13 -23.48 -21.84
N THR PA 30 102.03 -23.76 -22.54
CA THR PA 30 100.97 -22.77 -22.72
C THR PA 30 99.64 -23.32 -22.24
N GLY PA 31 98.80 -22.44 -21.70
CA GLY PA 31 97.41 -22.86 -21.51
C GLY PA 31 96.82 -22.31 -20.22
N GLN PA 32 95.86 -23.06 -19.68
CA GLN PA 32 95.06 -22.62 -18.54
C GLN PA 32 95.66 -23.15 -17.25
N MET PA 33 95.99 -22.25 -16.32
CA MET PA 33 96.59 -22.65 -15.07
C MET PA 33 95.53 -22.79 -13.98
N LEU PA 34 95.80 -23.70 -13.05
CA LEU PA 34 94.81 -24.06 -12.04
C LEU PA 34 95.21 -23.68 -10.63
N ALA PA 35 96.47 -23.92 -10.25
CA ALA PA 35 96.89 -23.65 -8.88
C ALA PA 35 98.40 -23.44 -8.86
N PHE PA 36 98.95 -23.40 -7.64
CA PHE PA 36 100.35 -23.10 -7.37
C PHE PA 36 100.65 -23.57 -5.96
N ASP PA 37 101.85 -23.28 -5.47
CA ASP PA 37 102.18 -23.56 -4.08
C ASP PA 37 103.22 -22.55 -3.61
N LYS PA 38 103.71 -22.75 -2.38
CA LYS PA 38 104.76 -21.89 -1.85
C LYS PA 38 106.05 -22.02 -2.66
N HIS PA 39 106.27 -23.19 -3.25
CA HIS PA 39 107.40 -23.46 -4.12
C HIS PA 39 107.13 -23.01 -5.55
N MET PA 40 105.99 -22.38 -5.81
CA MET PA 40 105.50 -21.96 -7.14
C MET PA 40 105.63 -23.06 -8.20
N ASN PA 41 105.44 -24.31 -7.78
CA ASN PA 41 105.17 -25.39 -8.70
C ASN PA 41 103.90 -25.07 -9.48
N LEU PA 42 103.97 -25.20 -10.80
CA LEU PA 42 102.89 -24.75 -11.66
C LEU PA 42 102.12 -25.95 -12.19
N VAL PA 43 100.85 -26.06 -11.79
CA VAL PA 43 99.90 -26.97 -12.41
C VAL PA 43 99.07 -26.18 -13.40
N LEU PA 44 98.87 -26.74 -14.59
CA LEU PA 44 98.29 -25.99 -15.69
C LEU PA 44 97.62 -26.99 -16.62
N ALA PA 45 96.45 -26.63 -17.12
CA ALA PA 45 95.60 -27.57 -17.85
C ALA PA 45 95.51 -27.21 -19.33
N ASP PA 46 94.89 -28.12 -20.09
CA ASP PA 46 94.70 -28.08 -21.55
C ASP PA 46 95.93 -27.56 -22.29
N THR PA 47 97.08 -28.15 -21.96
CA THR PA 47 98.35 -27.60 -22.38
C THR PA 47 98.73 -28.04 -23.78
N GLU PA 48 99.35 -27.11 -24.50
CA GLU PA 48 100.13 -27.44 -25.69
C GLU PA 48 101.50 -26.79 -25.55
N GLU PA 49 102.50 -27.53 -25.97
CA GLU PA 49 103.90 -27.19 -25.76
C GLU PA 49 104.51 -26.62 -27.03
N PHE PA 50 105.41 -25.66 -26.84
CA PHE PA 50 106.14 -25.00 -27.91
C PHE PA 50 107.63 -25.29 -27.76
N ARG PA 51 108.25 -25.76 -28.83
CA ARG PA 51 109.70 -25.83 -28.95
C ARG PA 51 110.14 -24.84 -30.01
N LYS PA 52 111.05 -23.94 -29.66
CA LYS PA 52 111.62 -22.99 -30.62
C LYS PA 52 112.91 -23.57 -31.18
N THR PA 53 112.74 -24.55 -32.08
CA THR PA 53 113.89 -25.17 -32.72
C THR PA 53 114.24 -24.34 -33.95
N LYS PA 54 115.41 -23.72 -33.94
CA LYS PA 54 115.84 -22.92 -35.08
C LYS PA 54 116.43 -23.87 -36.13
N ARG PA 55 115.62 -24.19 -37.14
CA ARG PA 55 115.99 -25.11 -38.19
C ARG PA 55 116.60 -24.36 -39.37
N MET PA 56 117.65 -24.95 -39.92
CA MET PA 56 118.39 -24.34 -41.03
C MET PA 56 117.76 -24.84 -42.33
N GLN PA 57 116.62 -24.24 -42.68
CA GLN PA 57 115.91 -24.58 -43.91
C GLN PA 57 116.62 -23.93 -45.08
N ALA PA 58 117.71 -24.58 -45.51
CA ALA PA 58 118.52 -24.07 -46.60
C ALA PA 58 117.80 -24.29 -47.92
N LYS PA 59 117.32 -23.21 -48.52
CA LYS PA 59 116.64 -23.31 -49.81
C LYS PA 59 117.65 -23.67 -50.90
N PRO PA 60 117.26 -24.49 -51.88
CA PRO PA 60 118.20 -24.85 -52.96
C PRO PA 60 118.52 -23.70 -53.90
N ASN PA 61 117.72 -22.63 -53.91
CA ASN PA 61 117.95 -21.51 -54.80
C ASN PA 61 118.66 -20.34 -54.13
N SER PA 62 118.52 -20.18 -52.82
CA SER PA 62 119.15 -19.08 -52.09
C SER PA 62 120.28 -19.62 -51.23
N SER PA 63 121.45 -18.99 -51.32
CA SER PA 63 122.60 -19.40 -50.55
C SER PA 63 122.53 -18.96 -49.10
N THR PA 64 121.64 -18.03 -48.77
CA THR PA 64 121.50 -17.55 -47.39
C THR PA 64 120.71 -18.58 -46.60
N THR PA 65 121.39 -19.24 -45.66
CA THR PA 65 120.75 -20.25 -44.82
C THR PA 65 119.85 -19.56 -43.79
N GLN PA 66 118.56 -19.48 -44.10
CA GLN PA 66 117.61 -18.82 -43.21
C GLN PA 66 117.33 -19.73 -42.03
N THR PA 67 117.95 -19.41 -40.88
CA THR PA 67 117.75 -20.18 -39.64
C THR PA 67 116.38 -19.81 -39.08
N LEU PA 68 115.36 -20.49 -39.58
CA LEU PA 68 113.99 -20.17 -39.22
C LEU PA 68 113.62 -20.84 -37.91
N ILE PA 69 113.12 -20.05 -36.96
CA ILE PA 69 112.82 -20.54 -35.61
C ILE PA 69 111.44 -21.19 -35.70
N GLN PA 70 111.44 -22.50 -35.99
CA GLN PA 70 110.20 -23.26 -36.00
C GLN PA 70 109.69 -23.45 -34.57
N GLU PA 71 108.50 -22.95 -34.29
CA GLU PA 71 107.85 -23.12 -33.00
C GLU PA 71 106.87 -24.28 -33.12
N GLU PA 72 107.39 -25.49 -32.96
CA GLU PA 72 106.56 -26.68 -33.05
C GLU PA 72 105.72 -26.84 -31.79
N LYS PA 73 104.53 -27.40 -31.94
CA LYS PA 73 103.56 -27.50 -30.86
C LYS PA 73 103.04 -28.92 -30.71
N ARG PA 74 102.61 -29.24 -29.50
CA ARG PA 74 102.04 -30.57 -29.21
C ARG PA 74 101.13 -30.48 -27.99
N THR PA 75 99.93 -31.06 -28.07
CA THR PA 75 99.02 -31.02 -26.93
C THR PA 75 99.23 -32.21 -26.01
N LEU PA 76 99.17 -31.96 -24.70
CA LEU PA 76 99.46 -33.01 -23.72
C LEU PA 76 98.38 -33.18 -22.65
N GLY PA 77 97.74 -32.10 -22.20
CA GLY PA 77 96.77 -32.25 -21.13
C GLY PA 77 97.01 -31.38 -19.89
N LEU PA 78 97.37 -31.99 -18.77
CA LEU PA 78 97.68 -31.27 -17.53
C LEU PA 78 99.15 -31.41 -17.18
N THR PA 79 99.79 -30.29 -16.88
CA THR PA 79 101.20 -30.29 -16.53
C THR PA 79 101.38 -30.11 -15.03
N ILE PA 80 102.51 -30.59 -14.54
CA ILE PA 80 102.98 -30.32 -13.17
C ILE PA 80 104.43 -29.90 -13.32
N VAL PA 81 104.68 -28.61 -13.42
CA VAL PA 81 106.01 -28.11 -13.73
C VAL PA 81 106.83 -28.03 -12.45
N ARG PA 82 108.04 -28.60 -12.48
CA ARG PA 82 108.92 -28.59 -11.33
C ARG PA 82 109.37 -27.17 -11.02
N GLY PA 83 109.26 -26.78 -9.74
CA GLY PA 83 109.44 -25.39 -9.34
C GLY PA 83 110.85 -24.86 -9.48
N ALA PA 84 111.85 -25.75 -9.57
CA ALA PA 84 113.22 -25.34 -9.79
C ALA PA 84 113.55 -25.24 -11.28
N ASN PA 85 112.55 -25.03 -12.12
CA ASN PA 85 112.73 -25.04 -13.56
C ASN PA 85 112.08 -23.86 -14.29
N ILE PA 86 111.09 -23.20 -13.68
CA ILE PA 86 110.41 -22.06 -14.31
C ILE PA 86 111.36 -20.89 -14.40
N ILE PA 87 111.42 -20.26 -15.57
CA ILE PA 87 112.11 -18.99 -15.73
C ILE PA 87 111.11 -17.84 -15.81
N ALA PA 88 110.24 -17.88 -16.81
CA ALA PA 88 109.41 -16.72 -17.13
C ALA PA 88 107.94 -17.11 -17.15
N LEU PA 89 107.08 -16.20 -16.70
CA LEU PA 89 105.63 -16.40 -16.72
C LEU PA 89 104.95 -15.16 -17.27
N SER PA 90 104.30 -15.30 -18.42
CA SER PA 90 103.61 -14.19 -19.07
C SER PA 90 102.11 -14.44 -19.08
N VAL PA 91 101.36 -13.47 -18.57
CA VAL PA 91 99.91 -13.51 -18.50
C VAL PA 91 99.35 -13.18 -19.87
N GLU PA 92 98.33 -13.91 -20.31
CA GLU PA 92 97.77 -13.70 -21.65
C GLU PA 92 96.36 -13.10 -21.62
N SER PA 93 95.41 -13.74 -20.96
CA SER PA 93 94.02 -13.32 -21.08
C SER PA 93 93.31 -13.41 -19.74
N PRO PA 94 92.28 -12.60 -19.51
CA PRO PA 94 91.46 -12.72 -18.31
C PRO PA 94 90.68 -14.02 -18.30
N PRO PA 95 90.27 -14.50 -17.13
CA PRO PA 95 89.48 -15.74 -17.05
C PRO PA 95 88.14 -15.59 -17.74
N PRO PA 96 87.63 -16.66 -18.38
CA PRO PA 96 86.36 -16.64 -19.11
C PRO PA 96 85.17 -16.46 -18.20
N THR PA 114 70.76 -12.24 -7.64
CA THR PA 114 69.84 -12.57 -6.58
C THR PA 114 68.73 -11.51 -6.55
N LEU PA 115 67.97 -11.43 -7.64
CA LEU PA 115 66.99 -10.36 -7.83
C LEU PA 115 65.61 -10.90 -7.49
N THR PA 116 65.17 -10.68 -6.26
CA THR PA 116 63.81 -11.00 -5.89
C THR PA 116 62.86 -10.02 -6.56
N ALA PA 117 61.77 -10.54 -7.13
CA ALA PA 117 60.80 -9.70 -7.81
C ALA PA 117 60.11 -8.77 -6.83
N GLY PA 118 59.92 -7.52 -7.23
CA GLY PA 118 59.51 -6.49 -6.33
C GLY PA 118 58.02 -6.32 -6.16
N PRO PA 119 57.63 -5.27 -5.44
CA PRO PA 119 56.21 -5.02 -5.16
C PRO PA 119 55.41 -4.51 -6.33
N GLY PA 120 56.07 -4.14 -7.43
CA GLY PA 120 55.43 -3.33 -8.43
C GLY PA 120 54.43 -4.09 -9.28
N VAL PA 121 53.34 -3.40 -9.62
CA VAL PA 121 52.39 -3.86 -10.62
C VAL PA 121 52.40 -2.87 -11.76
N ALA PA 122 51.98 -3.34 -12.93
CA ALA PA 122 51.90 -2.50 -14.12
C ALA PA 122 50.56 -2.74 -14.79
N ARG PA 123 49.84 -1.66 -15.07
CA ARG PA 123 48.52 -1.76 -15.66
C ARG PA 123 48.36 -0.69 -16.75
N PRO PA 124 47.56 -0.97 -17.77
CA PRO PA 124 47.18 0.09 -18.70
C PRO PA 124 46.35 1.16 -18.01
N ALA PA 125 46.52 2.39 -18.47
CA ALA PA 125 45.73 3.49 -17.93
C ALA PA 125 45.56 4.57 -18.99
N GLY PA 126 44.54 5.39 -18.78
CA GLY PA 126 44.36 6.59 -19.56
C GLY PA 126 45.24 7.70 -19.06
N ARG PA 127 45.12 8.85 -19.70
CA ARG PA 127 46.06 9.93 -19.46
C ARG PA 127 45.43 11.17 -18.81
N GLY PA 128 44.17 11.43 -19.02
CA GLY PA 128 43.55 12.57 -18.36
C GLY PA 128 42.46 13.17 -19.20
N ALA PA 129 41.93 14.29 -18.72
CA ALA PA 129 40.82 14.93 -19.44
C ALA PA 129 41.33 15.84 -20.55
N ALA PA 130 41.96 16.95 -20.19
CA ALA PA 130 42.33 17.88 -21.25
C ALA PA 130 43.75 18.41 -21.16
N ALA PA 131 44.21 18.76 -19.95
CA ALA PA 131 45.42 19.54 -19.69
C ALA PA 131 45.45 20.81 -20.54
N PRO PA 132 44.62 21.81 -20.23
CA PRO PA 132 44.66 23.06 -21.00
C PRO PA 132 45.96 23.84 -20.75
N ILE PA 133 46.36 24.58 -21.78
CA ILE PA 133 47.59 25.38 -21.73
C ILE PA 133 47.39 26.62 -20.86
N MET QA 1 104.76 -23.89 13.69
CA MET QA 1 103.91 -23.93 12.52
C MET QA 1 103.63 -25.36 12.07
N THR QA 2 102.44 -25.59 11.54
CA THR QA 2 102.05 -26.89 11.02
C THR QA 2 102.25 -26.91 9.51
N SER QA 3 102.92 -27.93 9.01
CA SER QA 3 103.37 -27.97 7.62
C SER QA 3 102.23 -28.43 6.72
N SER QA 4 101.82 -27.58 5.79
CA SER QA 4 100.91 -27.97 4.73
C SER QA 4 101.68 -28.47 3.51
N ILE QA 5 100.97 -29.12 2.61
CA ILE QA 5 101.56 -29.70 1.42
C ILE QA 5 101.05 -28.97 0.19
N GLY QA 6 101.89 -28.89 -0.84
CA GLY QA 6 101.53 -28.16 -2.04
C GLY QA 6 100.49 -28.87 -2.88
N ILE QA 7 99.74 -28.06 -3.63
CA ILE QA 7 98.69 -28.61 -4.50
C ILE QA 7 99.24 -29.51 -5.59
N PRO QA 8 100.31 -29.17 -6.33
CA PRO QA 8 100.88 -30.16 -7.25
C PRO QA 8 101.40 -31.42 -6.59
N ILE QA 9 101.93 -31.33 -5.37
CA ILE QA 9 102.40 -32.53 -4.68
C ILE QA 9 101.25 -33.46 -4.33
N LYS QA 10 100.18 -32.90 -3.76
CA LYS QA 10 99.02 -33.74 -3.49
C LYS QA 10 98.31 -34.15 -4.77
N LEU QA 11 98.53 -33.43 -5.87
CA LEU QA 11 97.99 -33.90 -7.14
C LEU QA 11 98.75 -35.14 -7.62
N LEU QA 12 100.07 -35.17 -7.40
CA LEU QA 12 100.81 -36.40 -7.64
C LEU QA 12 100.31 -37.53 -6.76
N ASN QA 13 100.02 -37.22 -5.49
CA ASN QA 13 99.47 -38.24 -4.59
C ASN QA 13 98.14 -38.77 -5.09
N GLU QA 14 97.29 -37.90 -5.65
CA GLU QA 14 96.05 -38.36 -6.24
C GLU QA 14 96.26 -39.02 -7.60
N ALA QA 15 97.38 -38.74 -8.26
CA ALA QA 15 97.68 -39.34 -9.54
C ALA QA 15 98.33 -40.71 -9.40
N GLN QA 16 98.70 -41.09 -8.18
CA GLN QA 16 99.18 -42.44 -7.94
C GLN QA 16 98.12 -43.47 -8.34
N GLY QA 17 98.53 -44.44 -9.15
CA GLY QA 17 97.66 -45.46 -9.66
C GLY QA 17 97.27 -45.32 -11.12
N HIS QA 18 97.44 -44.14 -11.70
CA HIS QA 18 97.07 -43.91 -13.09
C HIS QA 18 98.30 -43.95 -13.99
N ILE QA 19 98.04 -43.87 -15.30
CA ILE QA 19 99.09 -43.89 -16.31
C ILE QA 19 99.55 -42.45 -16.50
N VAL QA 20 100.64 -42.09 -15.84
CA VAL QA 20 101.22 -40.75 -15.90
C VAL QA 20 102.35 -40.77 -16.91
N THR QA 21 102.53 -39.68 -17.64
CA THR QA 21 103.72 -39.53 -18.48
C THR QA 21 104.52 -38.30 -18.07
N LEU QA 22 105.78 -38.52 -17.72
CA LEU QA 22 106.65 -37.51 -17.14
C LEU QA 22 107.88 -37.38 -18.01
N GLU QA 23 108.66 -36.32 -17.80
CA GLU QA 23 109.94 -36.24 -18.49
C GLU QA 23 110.95 -35.50 -17.61
N LEU QA 24 112.22 -35.81 -17.88
CA LEU QA 24 113.36 -35.63 -17.00
C LEU QA 24 114.48 -34.87 -17.70
N THR QA 25 115.37 -34.32 -16.84
CA THR QA 25 116.37 -33.31 -17.20
C THR QA 25 117.34 -33.75 -18.28
N THR QA 26 117.50 -35.06 -18.49
CA THR QA 26 118.20 -35.56 -19.67
C THR QA 26 117.28 -35.64 -20.88
N GLY QA 27 116.17 -34.91 -20.86
CA GLY QA 27 115.23 -34.90 -21.97
C GLY QA 27 114.56 -36.24 -22.20
N GLN QA 28 114.23 -36.96 -21.13
CA GLN QA 28 113.76 -38.34 -21.26
C GLN QA 28 112.30 -38.43 -20.81
N THR QA 29 111.44 -38.95 -21.69
CA THR QA 29 110.02 -39.08 -21.41
C THR QA 29 109.69 -40.52 -21.05
N TYR QA 30 109.07 -40.71 -19.89
CA TYR QA 30 108.73 -42.02 -19.37
C TYR QA 30 107.22 -42.08 -19.20
N ARG QA 31 106.64 -43.23 -19.54
CA ARG QA 31 105.20 -43.42 -19.40
C ARG QA 31 104.96 -44.64 -18.53
N GLY QA 32 103.97 -44.57 -17.65
CA GLY QA 32 103.59 -45.78 -16.94
C GLY QA 32 102.73 -45.49 -15.72
N LYS QA 33 102.43 -46.57 -15.02
CA LYS QA 33 101.60 -46.52 -13.83
C LYS QA 33 102.44 -46.11 -12.63
N LEU QA 34 102.06 -45.01 -12.00
CA LEU QA 34 102.75 -44.53 -10.82
C LEU QA 34 102.25 -45.33 -9.62
N ILE QA 35 103.18 -45.72 -8.75
CA ILE QA 35 102.82 -46.52 -7.58
C ILE QA 35 103.10 -45.82 -6.25
N GLU QA 36 104.03 -44.87 -6.19
CA GLU QA 36 104.21 -44.09 -4.98
C GLU QA 36 104.91 -42.79 -5.33
N ALA QA 37 104.40 -41.68 -4.79
CA ALA QA 37 105.02 -40.39 -4.96
C ALA QA 37 105.05 -39.69 -3.60
N GLU QA 38 106.20 -39.11 -3.27
CA GLU QA 38 106.39 -38.50 -1.97
C GLU QA 38 106.45 -36.98 -2.09
N ASP QA 39 106.60 -36.32 -0.93
CA ASP QA 39 106.53 -34.87 -0.88
C ASP QA 39 107.70 -34.20 -1.58
N ASN QA 40 108.84 -34.89 -1.67
CA ASN QA 40 109.98 -34.43 -2.45
C ASN QA 40 109.93 -34.91 -3.89
N MET QA 41 108.76 -35.38 -4.35
CA MET QA 41 108.43 -35.69 -5.74
C MET QA 41 109.26 -36.86 -6.28
N ASN QA 42 109.84 -37.66 -5.39
CA ASN QA 42 110.44 -38.93 -5.81
C ASN QA 42 109.32 -39.90 -6.19
N VAL QA 43 109.40 -40.46 -7.39
CA VAL QA 43 108.32 -41.32 -7.87
C VAL QA 43 108.87 -42.68 -8.27
N GLN QA 44 107.95 -43.64 -8.44
CA GLN QA 44 108.26 -44.91 -9.08
C GLN QA 44 107.25 -45.14 -10.19
N LEU QA 45 107.61 -46.00 -11.13
CA LEU QA 45 106.70 -46.40 -12.20
C LEU QA 45 106.94 -47.88 -12.49
N LYS QA 46 105.95 -48.53 -13.12
CA LYS QA 46 105.96 -49.98 -13.25
C LYS QA 46 105.80 -50.53 -14.67
N ASP QA 47 105.24 -49.78 -15.61
CA ASP QA 47 105.04 -50.29 -16.96
C ASP QA 47 105.65 -49.35 -17.98
N ILE QA 48 106.91 -49.00 -17.79
CA ILE QA 48 107.48 -47.78 -18.36
C ILE QA 48 107.75 -47.98 -19.85
N THR QA 49 107.22 -47.07 -20.65
CA THR QA 49 107.67 -46.82 -22.01
C THR QA 49 108.66 -45.66 -21.98
N VAL QA 50 109.85 -45.88 -22.52
CA VAL QA 50 110.97 -44.96 -22.43
C VAL QA 50 111.23 -44.36 -23.81
N THR QA 51 111.28 -43.03 -23.89
CA THR QA 51 111.78 -42.35 -25.07
C THR QA 51 112.84 -41.37 -24.61
N ALA QA 52 114.11 -41.71 -24.86
CA ALA QA 52 115.24 -40.88 -24.51
C ALA QA 52 115.65 -40.03 -25.71
N ARG QA 53 116.08 -38.79 -25.40
CA ARG QA 53 116.31 -37.74 -26.39
C ARG QA 53 117.34 -38.13 -27.45
N ASP QA 54 118.22 -39.07 -27.15
CA ASP QA 54 119.10 -39.64 -28.16
C ASP QA 54 118.35 -40.57 -29.15
N GLY QA 55 117.01 -40.63 -29.10
CA GLY QA 55 116.25 -41.49 -29.98
C GLY QA 55 116.05 -42.89 -29.47
N ARG QA 56 116.17 -43.12 -28.17
CA ARG QA 56 116.18 -44.48 -27.64
C ARG QA 56 114.78 -44.81 -27.14
N VAL QA 57 114.09 -45.71 -27.82
CA VAL QA 57 112.76 -46.16 -27.45
C VAL QA 57 112.88 -47.55 -26.84
N SER QA 58 112.31 -47.73 -25.65
CA SER QA 58 112.43 -49.00 -24.94
C SER QA 58 111.22 -49.17 -24.03
N HIS QA 59 111.19 -50.28 -23.30
CA HIS QA 59 110.11 -50.60 -22.40
C HIS QA 59 110.62 -51.51 -21.30
N LEU QA 60 110.32 -51.19 -20.05
CA LEU QA 60 110.78 -52.00 -18.93
C LEU QA 60 109.85 -51.76 -17.73
N GLU QA 61 110.28 -52.20 -16.55
CA GLU QA 61 109.44 -52.20 -15.37
C GLU QA 61 110.19 -51.66 -14.16
N GLN QA 62 109.42 -51.00 -13.27
CA GLN QA 62 109.80 -50.68 -11.89
C GLN QA 62 111.05 -49.79 -11.84
N ILE QA 63 110.86 -48.55 -12.31
CA ILE QA 63 111.93 -47.56 -12.28
C ILE QA 63 111.65 -46.59 -11.12
N TYR QA 64 112.71 -46.00 -10.60
CA TYR QA 64 112.69 -44.95 -9.58
C TYR QA 64 113.22 -43.66 -10.18
N ILE QA 65 112.52 -42.55 -9.95
CA ILE QA 65 112.84 -41.27 -10.55
C ILE QA 65 112.95 -40.21 -9.46
N ARG QA 66 114.03 -39.43 -9.51
CA ARG QA 66 114.24 -38.36 -8.55
C ARG QA 66 113.48 -37.09 -8.94
N GLY QA 67 112.86 -36.47 -7.94
CA GLY QA 67 112.11 -35.25 -8.16
C GLY QA 67 112.96 -34.03 -8.48
N SER QA 68 114.23 -34.06 -8.12
CA SER QA 68 115.13 -32.99 -8.55
C SER QA 68 115.45 -33.12 -10.03
N HIS QA 69 115.60 -34.36 -10.52
CA HIS QA 69 115.94 -34.60 -11.91
C HIS QA 69 114.74 -34.72 -12.82
N VAL QA 70 113.52 -34.69 -12.29
CA VAL QA 70 112.34 -34.67 -13.15
C VAL QA 70 112.11 -33.24 -13.64
N ARG QA 71 111.51 -33.11 -14.82
CA ARG QA 71 111.11 -31.80 -15.34
C ARG QA 71 109.62 -31.56 -15.19
N PHE QA 72 108.76 -32.42 -15.74
CA PHE QA 72 107.33 -32.26 -15.47
C PHE QA 72 106.58 -33.57 -15.65
N PHE QA 73 105.29 -33.53 -15.34
CA PHE QA 73 104.37 -34.67 -15.35
C PHE QA 73 103.14 -34.34 -16.17
N ILE QA 74 102.44 -35.38 -16.64
CA ILE QA 74 101.19 -35.27 -17.37
C ILE QA 74 100.20 -36.30 -16.83
N VAL QA 75 99.02 -35.81 -16.44
CA VAL QA 75 97.97 -36.54 -15.73
C VAL QA 75 96.62 -36.20 -16.38
N PRO QA 76 95.61 -37.06 -16.19
CA PRO QA 76 94.35 -36.89 -16.93
C PRO QA 76 93.40 -35.80 -16.43
N ASP QA 77 92.33 -35.63 -17.22
CA ASP QA 77 91.34 -34.59 -17.01
C ASP QA 77 90.43 -34.89 -15.82
N MET QA 78 90.28 -36.15 -15.45
CA MET QA 78 89.57 -36.42 -14.21
C MET QA 78 90.37 -35.93 -13.01
N LEU QA 79 91.69 -36.03 -13.07
CA LEU QA 79 92.52 -35.44 -12.06
C LEU QA 79 92.53 -33.92 -12.14
N ARG QA 80 92.19 -33.36 -13.31
CA ARG QA 80 91.78 -31.95 -13.31
C ARG QA 80 90.51 -31.74 -12.50
N ASN QA 81 89.55 -32.65 -12.63
CA ASN QA 81 88.24 -32.45 -12.03
C ASN QA 81 88.18 -32.95 -10.59
N ALA QA 82 89.33 -33.30 -10.00
CA ALA QA 82 89.53 -33.74 -8.62
C ALA QA 82 88.91 -32.80 -7.58
N PRO QA 83 88.59 -33.26 -6.37
CA PRO QA 83 87.86 -32.40 -5.42
C PRO QA 83 88.69 -31.29 -4.80
N MET QA 84 90.03 -31.41 -4.79
CA MET QA 84 90.84 -30.40 -4.14
C MET QA 84 90.89 -29.10 -4.91
N PHE QA 85 90.49 -29.09 -6.19
CA PHE QA 85 90.34 -27.84 -6.92
C PHE QA 85 89.09 -27.09 -6.54
N ARG QA 86 88.14 -27.75 -5.87
CA ARG QA 86 87.04 -27.05 -5.22
C ARG QA 86 87.56 -26.52 -3.88
N SER QA 87 87.83 -25.22 -3.83
CA SER QA 87 88.39 -24.60 -2.64
C SER QA 87 87.34 -24.57 -1.53
N ARG QA 88 87.50 -25.44 -0.54
CA ARG QA 88 86.58 -25.48 0.60
C ARG QA 88 86.90 -24.33 1.54
N ASN QA 89 85.97 -23.40 1.68
CA ASN QA 89 86.16 -22.26 2.56
C ASN QA 89 85.99 -22.69 4.00
N VAL QA 90 86.96 -22.35 4.85
CA VAL QA 90 86.95 -22.76 6.25
C VAL QA 90 86.88 -21.55 7.16
N ASP RA 381 53.89 -81.92 44.16
CA ASP RA 381 55.02 -81.01 44.20
C ASP RA 381 55.39 -80.55 42.79
N LEU RA 382 55.43 -81.50 41.85
CA LEU RA 382 55.77 -81.17 40.47
C LEU RA 382 54.69 -80.30 39.82
N TYR RA 383 53.42 -80.53 40.17
CA TYR RA 383 52.33 -79.72 39.63
C TYR RA 383 52.43 -78.27 40.11
N GLU RA 384 52.73 -78.07 41.40
CA GLU RA 384 52.91 -76.71 41.90
C GLU RA 384 54.19 -76.08 41.39
N GLY RA 385 55.22 -76.89 41.12
CA GLY RA 385 56.43 -76.36 40.52
C GLY RA 385 56.22 -75.88 39.10
N ARG RA 386 55.50 -76.67 38.29
CA ARG RA 386 55.29 -76.35 36.89
C ARG RA 386 54.10 -75.43 36.65
N GLY RA 387 53.25 -75.21 37.65
CA GLY RA 387 52.11 -74.34 37.50
C GLY RA 387 52.53 -72.89 37.37
N PRO RA 388 52.15 -72.26 36.26
CA PRO RA 388 52.48 -70.84 36.06
C PRO RA 388 51.89 -69.92 37.12
N ASP RA 389 50.69 -70.24 37.62
CA ASP RA 389 50.17 -69.52 38.77
C ASP RA 389 50.89 -69.93 40.04
N ASP RA 390 51.19 -71.22 40.19
CA ASP RA 390 51.80 -71.71 41.43
C ASP RA 390 53.30 -71.43 41.51
N ILE RA 391 53.99 -71.29 40.39
CA ILE RA 391 55.38 -70.82 40.41
C ILE RA 391 55.33 -69.35 40.82
N PRO RA 392 55.76 -69.00 42.03
CA PRO RA 392 55.51 -67.67 42.54
C PRO RA 392 56.35 -66.60 41.86
N ARG RA 393 55.80 -65.38 41.80
CA ARG RA 393 56.59 -64.23 41.41
C ARG RA 393 57.49 -63.81 42.57
N MET RA 394 58.73 -63.45 42.24
CA MET RA 394 59.76 -63.22 43.24
C MET RA 394 59.93 -61.73 43.52
N LYS RA 395 60.54 -61.45 44.66
CA LYS RA 395 60.92 -60.11 45.10
C LYS RA 395 62.26 -60.19 45.82
N PRO RA 396 62.98 -59.08 45.94
CA PRO RA 396 64.35 -59.13 46.45
C PRO RA 396 64.41 -59.25 47.97
N LEU RA 397 65.64 -59.36 48.47
CA LEU RA 397 65.91 -59.57 49.88
C LEU RA 397 65.78 -58.29 50.69
N PRO RA 398 65.74 -58.40 52.02
CA PRO RA 398 65.57 -57.22 52.88
C PRO RA 398 66.87 -56.50 53.20
N LYS RA 399 66.80 -55.52 54.09
CA LYS RA 399 67.96 -54.79 54.60
C LYS RA 399 68.08 -55.04 56.10
N LEU RA 400 69.23 -55.61 56.50
CA LEU RA 400 69.44 -55.95 57.91
C LEU RA 400 69.58 -54.69 58.78
N GLY RA 401 70.26 -53.67 58.26
CA GLY RA 401 70.35 -52.42 59.00
C GLY RA 401 69.00 -51.75 59.18
N ASP RA 402 68.17 -51.80 58.14
CA ASP RA 402 66.81 -51.26 58.24
C ASP RA 402 65.97 -52.06 59.23
N VAL RA 403 66.14 -53.38 59.26
CA VAL RA 403 65.40 -54.20 60.22
C VAL RA 403 65.83 -53.88 61.64
N LEU RA 404 67.14 -53.71 61.86
CA LEU RA 404 67.63 -53.33 63.19
C LEU RA 404 67.14 -51.95 63.59
N GLN RA 405 67.10 -51.01 62.65
CA GLN RA 405 66.57 -49.68 62.94
C GLN RA 405 65.08 -49.72 63.26
N ARG RA 406 64.32 -50.57 62.56
CA ARG RA 406 62.90 -50.72 62.85
C ARG RA 406 62.68 -51.32 64.23
N ILE RA 407 63.50 -52.30 64.62
CA ILE RA 407 63.40 -52.90 65.95
C ILE RA 407 63.74 -51.86 67.02
N ARG RA 408 64.80 -51.08 66.79
CA ARG RA 408 65.19 -50.05 67.75
C ARG RA 408 64.14 -48.95 67.85
N GLU RA 409 63.50 -48.61 66.73
CA GLU RA 409 62.43 -47.61 66.74
C GLU RA 409 61.21 -48.12 67.50
N ALA RA 410 60.88 -49.41 67.34
CA ALA RA 410 59.79 -49.99 68.12
C ALA RA 410 60.11 -50.00 69.61
N ILE RA 411 61.37 -50.30 69.96
CA ILE RA 411 61.78 -50.27 71.36
C ILE RA 411 61.70 -48.86 71.93
N GLN RA 412 62.15 -47.86 71.15
CA GLN RA 412 62.08 -46.48 71.61
C GLN RA 412 60.64 -45.99 71.72
N GLY RA 413 59.76 -46.45 70.82
CA GLY RA 413 58.35 -46.10 70.95
C GLY RA 413 57.71 -46.71 72.17
N LEU RA 414 58.06 -47.97 72.49
CA LEU RA 414 57.57 -48.59 73.71
C LEU RA 414 58.10 -47.86 74.95
N GLU RA 415 59.37 -47.42 74.90
CA GLU RA 415 59.93 -46.66 76.02
C GLU RA 415 59.23 -45.31 76.18
N GLY RA 416 58.92 -44.65 75.08
CA GLY RA 416 58.19 -43.39 75.15
C GLY RA 416 56.77 -43.55 75.67
N GLU RA 417 56.11 -44.65 75.28
CA GLU RA 417 54.78 -44.94 75.81
C GLU RA 417 54.85 -45.24 77.31
N VAL RA 418 55.89 -45.95 77.75
CA VAL RA 418 56.08 -46.22 79.17
C VAL RA 418 56.32 -44.92 79.93
N VAL RA 419 57.12 -44.02 79.36
CA VAL RA 419 57.39 -42.74 80.01
C VAL RA 419 56.13 -41.90 80.10
N ARG RA 420 55.31 -41.89 79.03
CA ARG RA 420 54.06 -41.16 79.05
C ARG RA 420 53.08 -41.73 80.08
N LYS RA 421 53.02 -43.06 80.18
CA LYS RA 421 52.15 -43.69 81.18
C LYS RA 421 52.64 -43.41 82.59
N ARG RA 422 53.96 -43.38 82.80
CA ARG RA 422 54.51 -43.04 84.11
C ARG RA 422 54.20 -41.60 84.48
N SER RA 423 54.31 -40.68 83.51
CA SER RA 423 53.97 -39.29 83.77
C SER RA 423 52.48 -39.13 84.07
N ARG RA 424 51.63 -39.87 83.36
CA ARG RA 424 50.19 -39.85 83.64
C ARG RA 424 49.88 -40.41 85.02
N ILE RA 425 50.60 -41.47 85.43
CA ILE RA 425 50.39 -42.05 86.75
C ILE RA 425 50.84 -41.08 87.84
N GLU RA 426 51.96 -40.37 87.60
CA GLU RA 426 52.42 -39.37 88.56
C GLU RA 426 51.45 -38.20 88.66
N GLY RA 427 50.89 -37.77 87.53
CA GLY RA 427 49.88 -36.72 87.57
C GLY RA 427 48.61 -37.16 88.27
N LEU RA 428 48.20 -38.40 88.06
CA LEU RA 428 47.02 -38.93 88.76
C LEU RA 428 47.27 -39.05 90.26
N GLU RA 429 48.50 -39.44 90.65
CA GLU RA 429 48.85 -39.49 92.06
C GLU RA 429 48.85 -38.10 92.69
N LYS RA 430 49.35 -37.10 91.96
CA LYS RA 430 49.31 -35.72 92.45
C LYS RA 430 47.88 -35.22 92.59
N GLU RA 431 47.02 -35.57 91.62
CA GLU RA 431 45.62 -35.20 91.69
C GLU RA 431 44.92 -35.88 92.86
N LYS RA 432 45.26 -37.15 93.12
CA LYS RA 432 44.69 -37.86 94.27
C LYS RA 432 45.15 -37.24 95.59
N ALA RA 433 46.42 -36.83 95.66
CA ALA RA 433 46.92 -36.16 96.86
C ALA RA 433 46.22 -34.82 97.07
N GLU RA 434 46.00 -34.06 95.98
CA GLU RA 434 45.27 -32.80 96.10
C GLU RA 434 43.82 -33.03 96.52
N ILE RA 435 43.20 -34.10 96.01
CA ILE RA 435 41.83 -34.43 96.39
C ILE RA 435 41.77 -34.83 97.86
N LEU RA 436 42.77 -35.57 98.34
CA LEU RA 436 42.83 -35.93 99.75
C LEU RA 436 43.02 -34.70 100.63
N VAL RA 437 43.85 -33.75 100.19
CA VAL RA 437 44.04 -32.51 100.93
C VAL RA 437 42.74 -31.70 100.96
N ARG RA 438 42.02 -31.66 99.83
CA ARG RA 438 40.74 -30.96 99.78
C ARG RA 438 39.70 -31.63 100.68
N GLU RA 439 39.70 -32.96 100.72
CA GLU RA 439 38.79 -33.69 101.60
C GLU RA 439 39.11 -33.44 103.06
N LYS RA 440 40.40 -33.38 103.40
CA LYS RA 440 40.80 -33.06 104.77
C LYS RA 440 40.38 -31.64 105.15
N GLU RA 441 40.54 -30.69 104.22
CA GLU RA 441 40.11 -29.32 104.47
C GLU RA 441 38.60 -29.23 104.64
N VAL RA 442 37.85 -30.00 103.84
CA VAL RA 442 36.40 -30.00 103.95
C VAL RA 442 35.96 -30.62 105.28
N GLN RA 443 36.64 -31.69 105.70
CA GLN RA 443 36.33 -32.29 106.99
C GLN RA 443 36.65 -31.34 108.14
N GLU RA 444 37.76 -30.60 108.04
CA GLU RA 444 38.09 -29.62 109.06
C GLU RA 444 37.06 -28.48 109.10
N ILE RA 445 36.60 -28.04 107.92
CA ILE RA 445 35.59 -27.00 107.86
C ILE RA 445 34.26 -27.49 108.46
N LEU RA 446 33.89 -28.74 108.18
CA LEU RA 446 32.68 -29.31 108.75
C LEU RA 446 32.79 -29.45 110.26
N ASN RA 447 33.95 -29.86 110.76
CA ASN RA 447 34.17 -29.96 112.20
C ASN RA 447 34.11 -28.59 112.86
N GLN RA 448 34.69 -27.57 112.22
CA GLN RA 448 34.64 -26.22 112.76
C GLN RA 448 33.21 -25.68 112.78
N ALA RA 449 32.43 -25.95 111.72
CA ALA RA 449 31.04 -25.52 111.69
C ALA RA 449 30.21 -26.23 112.75
N GLY RA 450 30.44 -27.53 112.94
CA GLY RA 450 29.74 -28.25 113.99
C GLY RA 450 30.10 -27.77 115.38
N GLN RA 451 31.38 -27.48 115.61
CA GLN RA 451 31.81 -26.94 116.90
C GLN RA 451 31.21 -25.56 117.15
N LYS RA 452 31.16 -24.71 116.11
CA LYS RA 452 30.54 -23.39 116.26
C LYS RA 452 29.05 -23.51 116.55
N TYR RA 453 28.36 -24.44 115.88
CA TYR RA 453 26.93 -24.65 116.13
C TYR RA 453 26.70 -25.17 117.55
N GLN RA 454 27.55 -26.09 118.02
CA GLN RA 454 27.42 -26.60 119.38
C GLN RA 454 27.68 -25.51 120.41
N GLU RA 455 28.69 -24.66 120.17
CA GLU RA 455 28.97 -23.56 121.09
C GLU RA 455 27.83 -22.55 121.11
N VAL RA 456 27.25 -22.26 119.95
CA VAL RA 456 26.12 -21.34 119.89
C VAL RA 456 24.91 -21.92 120.61
N VAL RA 457 24.65 -23.22 120.45
CA VAL RA 457 23.54 -23.87 121.14
C VAL RA 457 23.76 -23.87 122.65
N GLY RA 458 25.00 -24.13 123.08
CA GLY RA 458 25.28 -24.10 124.51
C GLY RA 458 25.15 -22.71 125.11
N GLY RA 459 25.61 -21.68 124.37
CA GLY RA 459 25.45 -20.32 124.85
C GLY RA 459 23.99 -19.90 124.91
N LEU RA 460 23.19 -20.29 123.91
CA LEU RA 460 21.77 -19.98 123.91
C LEU RA 460 21.06 -20.69 125.07
N GLY RA 461 21.42 -21.95 125.34
CA GLY RA 461 20.84 -22.65 126.47
C GLY RA 461 21.23 -22.05 127.80
N VAL RA 462 22.49 -21.61 127.94
CA VAL RA 462 22.94 -20.98 129.18
C VAL RA 462 22.25 -19.63 129.38
N HIS RA 463 22.02 -18.89 128.30
CA HIS RA 463 21.30 -17.64 128.42
C HIS RA 463 19.82 -17.85 128.72
N ASN RA 464 19.23 -18.92 128.18
CA ASN RA 464 17.80 -19.16 128.41
C ASN RA 464 17.55 -19.68 129.82
N VAL RA 465 18.41 -20.56 130.32
CA VAL RA 465 18.21 -21.12 131.66
C VAL RA 465 18.34 -20.06 132.75
N PRO RA 466 19.36 -19.19 132.74
CA PRO RA 466 19.46 -18.20 133.83
C PRO RA 466 18.37 -17.15 133.80
N LYS RA 467 17.93 -16.73 132.61
CA LYS RA 467 16.84 -15.77 132.51
C LYS RA 467 15.53 -16.36 133.01
N ILE RA 468 15.27 -17.63 132.68
CA ILE RA 468 14.07 -18.30 133.16
C ILE RA 468 14.13 -18.52 134.66
N VAL RA 469 15.33 -18.79 135.19
CA VAL RA 469 15.49 -18.99 136.62
C VAL RA 469 15.27 -17.67 137.37
N ALA RA 470 15.80 -16.57 136.83
CA ALA RA 470 15.64 -15.28 137.48
C ALA RA 470 14.21 -14.75 137.36
N GLY RA 471 13.55 -15.01 136.24
CA GLY RA 471 12.19 -14.54 136.05
C GLY RA 471 11.17 -15.33 136.83
N ARG SA 237 -86.22 55.65 7.89
CA ARG SA 237 -86.01 54.47 8.71
C ARG SA 237 -84.53 54.22 8.95
N THR SA 238 -84.17 53.91 10.19
CA THR SA 238 -82.79 53.64 10.54
C THR SA 238 -82.35 52.29 9.97
N ALA SA 239 -81.08 52.22 9.57
CA ALA SA 239 -80.51 51.01 8.99
C ALA SA 239 -80.30 49.99 10.12
N LEU SA 240 -81.18 49.01 10.20
CA LEU SA 240 -81.07 47.98 11.23
C LEU SA 240 -79.92 47.04 10.91
N PRO SA 241 -79.00 46.81 11.85
CA PRO SA 241 -77.91 45.87 11.60
C PRO SA 241 -78.39 44.44 11.53
N SER SA 242 -77.62 43.61 10.84
CA SER SA 242 -77.95 42.19 10.70
C SER SA 242 -77.83 41.49 12.04
N ALA SA 243 -78.74 40.54 12.29
CA ALA SA 243 -78.75 39.83 13.56
C ALA SA 243 -77.55 38.89 13.68
N PHE SA 244 -77.28 38.11 12.64
CA PHE SA 244 -76.18 37.15 12.64
C PHE SA 244 -74.99 37.79 11.93
N GLN SA 245 -74.12 38.43 12.71
CA GLN SA 245 -72.93 39.05 12.16
C GLN SA 245 -71.80 38.05 12.09
N PRO SA 246 -71.20 37.79 10.92
CA PRO SA 246 -70.09 36.84 10.84
C PRO SA 246 -68.79 37.51 11.26
N THR SA 247 -68.08 36.89 12.20
CA THR SA 247 -66.82 37.41 12.69
C THR SA 247 -65.67 36.93 11.83
N LYS SA 248 -64.44 37.26 12.24
CA LYS SA 248 -63.26 36.83 11.51
C LYS SA 248 -62.96 35.35 11.69
N ASP SA 249 -63.48 34.72 12.74
CA ASP SA 249 -63.29 33.30 12.99
C ASP SA 249 -64.29 32.43 12.26
N GLY SA 250 -65.22 33.02 11.52
CA GLY SA 250 -66.24 32.28 10.80
C GLY SA 250 -67.50 32.01 11.58
N LYS SA 251 -67.57 32.43 12.85
CA LYS SA 251 -68.75 32.21 13.67
C LYS SA 251 -69.71 33.39 13.55
N THR SA 252 -71.00 33.08 13.59
CA THR SA 252 -72.04 34.09 13.52
C THR SA 252 -72.47 34.46 14.93
N LYS SA 253 -72.29 35.73 15.29
CA LYS SA 253 -72.67 36.25 16.60
C LYS SA 253 -73.99 36.99 16.51
N ILE SA 254 -74.80 36.85 17.55
CA ILE SA 254 -76.10 37.51 17.62
C ILE SA 254 -75.88 38.93 18.15
N ASN SA 255 -76.05 39.92 17.29
CA ASN SA 255 -75.87 41.31 17.68
C ASN SA 255 -77.09 41.77 18.49
N PRO SA 256 -76.90 42.23 19.73
CA PRO SA 256 -78.07 42.64 20.54
C PRO SA 256 -78.69 43.95 20.06
N ASN SA 257 -78.00 44.74 19.25
CA ASN SA 257 -78.53 46.00 18.76
C ASN SA 257 -79.40 45.84 17.53
N SER SA 258 -79.55 44.63 17.01
CA SER SA 258 -80.37 44.39 15.83
C SER SA 258 -81.86 44.53 16.16
N PHE SA 259 -82.64 44.82 15.12
CA PHE SA 259 -84.09 44.94 15.28
C PHE SA 259 -84.71 43.60 15.68
N GLY SA 260 -84.22 42.51 15.11
CA GLY SA 260 -84.72 41.20 15.50
C GLY SA 260 -84.40 40.84 16.93
N ALA SA 261 -83.18 41.18 17.38
CA ALA SA 261 -82.80 40.93 18.77
C ALA SA 261 -83.63 41.80 19.72
N ARG SA 262 -83.90 43.05 19.33
CA ARG SA 262 -84.75 43.92 20.15
C ARG SA 262 -86.18 43.39 20.23
N MET SA 263 -86.71 42.89 19.11
CA MET SA 263 -88.04 42.30 19.11
C MET SA 263 -88.10 41.04 19.96
N LEU SA 264 -87.06 40.21 19.90
CA LEU SA 264 -87.00 39.02 20.73
C LEU SA 264 -86.91 39.37 22.22
N ALA SA 265 -86.12 40.39 22.56
CA ALA SA 265 -86.01 40.82 23.95
C ALA SA 265 -87.33 41.41 24.44
N LYS SA 266 -88.05 42.13 23.58
CA LYS SA 266 -89.37 42.64 23.95
C LYS SA 266 -90.38 41.52 24.13
N MET SA 267 -90.29 40.48 23.29
CA MET SA 267 -91.19 39.35 23.40
C MET SA 267 -90.90 38.51 24.64
N GLY SA 268 -89.64 38.43 25.05
CA GLY SA 268 -89.28 37.69 26.25
C GLY SA 268 -88.27 36.59 26.03
N TYR SA 269 -87.45 36.71 24.99
CA TYR SA 269 -86.42 35.72 24.74
C TYR SA 269 -85.30 35.85 25.75
N LYS SA 270 -84.74 34.70 26.15
CA LYS SA 270 -83.66 34.64 27.12
C LYS SA 270 -82.44 34.01 26.46
N GLU SA 271 -81.27 34.57 26.76
CA GLU SA 271 -80.02 34.05 26.21
C GLU SA 271 -79.69 32.70 26.84
N GLY SA 272 -79.39 31.71 25.99
CA GLY SA 272 -79.07 30.38 26.44
C GLY SA 272 -80.27 29.48 26.66
N GLN SA 273 -81.48 30.00 26.50
CA GLN SA 273 -82.70 29.22 26.68
C GLN SA 273 -83.59 29.38 25.45
N GLY SA 274 -84.20 28.28 25.03
CA GLY SA 274 -85.07 28.31 23.87
C GLY SA 274 -86.41 28.96 24.16
N LEU SA 275 -87.13 29.28 23.09
CA LEU SA 275 -88.44 29.90 23.18
C LEU SA 275 -89.51 28.82 23.38
N GLY SA 276 -90.77 29.25 23.38
CA GLY SA 276 -91.89 28.36 23.56
C GLY SA 276 -92.60 28.62 24.88
N LYS SA 277 -93.61 27.77 25.13
CA LYS SA 277 -94.38 27.88 26.37
C LYS SA 277 -93.53 27.53 27.58
N ASP SA 278 -92.69 26.49 27.48
CA ASP SA 278 -91.85 26.06 28.58
C ASP SA 278 -90.36 26.10 28.23
N GLY SA 279 -90.00 26.63 27.07
CA GLY SA 279 -88.61 26.67 26.68
C GLY SA 279 -88.03 25.32 26.31
N GLN SA 280 -88.86 24.37 25.88
CA GLN SA 280 -88.39 23.03 25.53
C GLN SA 280 -87.88 22.95 24.09
N GLY SA 281 -87.95 24.03 23.33
CA GLY SA 281 -87.45 24.01 21.97
C GLY SA 281 -85.94 24.02 21.91
N ARG SA 282 -85.43 23.71 20.72
CA ARG SA 282 -83.99 23.66 20.52
C ARG SA 282 -83.41 25.07 20.54
N ASN SA 283 -82.31 25.25 21.27
CA ASN SA 283 -81.66 26.54 21.38
C ASN SA 283 -80.69 26.82 20.25
N VAL SA 284 -80.41 25.83 19.40
CA VAL SA 284 -79.49 25.99 18.27
C VAL SA 284 -80.16 25.47 17.02
N ILE SA 285 -79.70 25.97 15.87
CA ILE SA 285 -80.23 25.56 14.58
C ILE SA 285 -79.66 24.20 14.20
N ILE SA 286 -80.26 23.56 13.21
CA ILE SA 286 -79.81 22.25 12.76
C ILE SA 286 -78.59 22.43 11.88
N GLU SA 287 -77.50 21.74 12.21
CA GLU SA 287 -76.25 21.82 11.47
C GLU SA 287 -76.17 20.66 10.50
N VAL SA 288 -75.85 20.95 9.24
CA VAL SA 288 -75.76 19.94 8.20
C VAL SA 288 -74.40 19.26 8.30
N ASN SA 289 -74.41 17.93 8.38
CA ASN SA 289 -73.17 17.17 8.43
C ASN SA 289 -72.62 16.97 7.03
N LEU SA 290 -71.34 17.25 6.85
CA LEU SA 290 -70.68 17.14 5.55
C LEU SA 290 -70.17 15.71 5.34
N ARG SA 291 -71.14 14.80 5.23
CA ARG SA 291 -70.81 13.40 4.99
C ARG SA 291 -70.39 13.21 3.53
N PRO SA 292 -69.52 12.23 3.27
CA PRO SA 292 -69.10 11.97 1.89
C PRO SA 292 -70.22 11.40 1.05
N GLN SA 293 -70.18 11.69 -0.24
CA GLN SA 293 -71.17 11.16 -1.18
C GLN SA 293 -70.92 9.67 -1.41
N GLY SA 294 -72.00 8.89 -1.38
CA GLY SA 294 -71.87 7.45 -1.51
C GLY SA 294 -71.25 6.77 -0.32
N VAL SA 295 -71.40 7.34 0.87
CA VAL SA 295 -70.84 6.79 2.10
C VAL SA 295 -71.99 6.30 2.97
N GLY SA 296 -71.84 5.11 3.54
CA GLY SA 296 -72.87 4.54 4.36
C GLY SA 296 -72.95 5.19 5.73
N LEU SA 297 -73.99 4.79 6.47
CA LEU SA 297 -74.20 5.32 7.82
C LEU SA 297 -73.15 4.77 8.77
N GLY SA 298 -72.63 5.65 9.63
CA GLY SA 298 -71.62 5.27 10.59
C GLY SA 298 -70.21 5.20 10.06
N ALA SA 299 -70.00 5.52 8.79
CA ALA SA 299 -68.66 5.47 8.19
C ALA SA 299 -67.82 6.66 8.65
N THR SA 409 4.19 -12.10 133.04
CA THR SA 409 4.58 -11.12 132.05
C THR SA 409 4.75 -11.77 130.67
N GLY SA 410 4.18 -11.12 129.66
CA GLY SA 410 4.25 -11.61 128.30
C GLY SA 410 5.52 -11.31 127.55
N ALA SA 411 6.43 -10.53 128.14
CA ALA SA 411 7.70 -10.23 127.49
C ALA SA 411 8.60 -11.45 127.44
N ALA SA 412 8.55 -12.28 128.49
CA ALA SA 412 9.36 -13.50 128.50
C ALA SA 412 8.96 -14.49 127.42
N PRO SA 413 7.68 -14.76 127.17
CA PRO SA 413 7.32 -15.71 126.10
C PRO SA 413 7.72 -15.24 124.71
N THR SA 414 7.65 -13.93 124.45
CA THR SA 414 8.08 -13.41 123.15
C THR SA 414 9.59 -13.57 122.96
N ALA SA 415 10.36 -13.30 124.02
CA ALA SA 415 11.81 -13.50 123.96
C ALA SA 415 12.15 -14.97 123.79
N GLU SA 416 11.41 -15.86 124.46
CA GLU SA 416 11.63 -17.30 124.31
C GLU SA 416 11.32 -17.75 122.88
N SER SA 417 10.24 -17.23 122.29
CA SER SA 417 9.89 -17.58 120.92
C SER SA 417 10.94 -17.06 119.94
N VAL SA 418 11.45 -15.85 120.17
CA VAL SA 418 12.49 -15.29 119.31
C VAL SA 418 13.78 -16.11 119.42
N GLU SA 419 14.14 -16.52 120.63
CA GLU SA 419 15.31 -17.36 120.83
C GLU SA 419 15.14 -18.73 120.17
N ALA SA 420 13.93 -19.30 120.25
CA ALA SA 420 13.66 -20.58 119.60
C ALA SA 420 13.74 -20.46 118.08
N ALA SA 421 13.22 -19.36 117.52
CA ALA SA 421 13.32 -19.14 116.08
C ALA SA 421 14.77 -18.95 115.64
N GLU SA 422 15.55 -18.21 116.42
CA GLU SA 422 16.96 -18.04 116.11
C GLU SA 422 17.72 -19.35 116.19
N LYS SA 423 17.43 -20.17 117.20
CA LYS SA 423 18.06 -21.48 117.32
C LYS SA 423 17.68 -22.41 116.17
N ARG SA 424 16.41 -22.36 115.74
CA ARG SA 424 15.98 -23.16 114.60
C ARG SA 424 16.67 -22.72 113.31
N LYS SA 425 16.82 -21.40 113.12
CA LYS SA 425 17.52 -20.89 111.95
C LYS SA 425 19.00 -21.29 111.97
N LEU SA 426 19.62 -21.23 113.15
CA LEU SA 426 21.02 -21.65 113.27
C LEU SA 426 21.18 -23.15 113.03
N ILE SA 427 20.23 -23.96 113.51
CA ILE SA 427 20.30 -25.40 113.28
C ILE SA 427 20.09 -25.72 111.81
N LYS SA 428 19.19 -25.01 111.14
CA LYS SA 428 18.98 -25.21 109.71
C LYS SA 428 20.22 -24.80 108.91
N ARG SA 429 20.86 -23.69 109.30
CA ARG SA 429 22.09 -23.28 108.63
C ARG SA 429 23.22 -24.28 108.86
N ALA SA 430 23.31 -24.83 110.07
CA ALA SA 430 24.32 -25.85 110.35
C ALA SA 430 24.06 -27.12 109.55
N GLN SA 431 22.79 -27.51 109.41
CA GLN SA 431 22.45 -28.69 108.61
C GLN SA 431 22.77 -28.45 107.14
N ALA SA 432 22.49 -27.25 106.62
CA ALA SA 432 22.83 -26.93 105.24
C ALA SA 432 24.34 -26.92 105.02
N ASP SA 433 25.09 -26.38 105.98
CA ASP SA 433 26.55 -26.39 105.88
C ASP SA 433 27.11 -27.82 105.93
N PHE SA 434 26.53 -28.66 106.78
CA PHE SA 434 26.94 -30.06 106.85
C PHE SA 434 26.63 -30.80 105.56
N MET SA 435 25.47 -30.52 104.96
CA MET SA 435 25.12 -31.12 103.68
C MET SA 435 26.06 -30.67 102.56
N ALA SA 436 26.42 -29.38 102.55
CA ALA SA 436 27.36 -28.86 101.57
C ALA SA 436 28.76 -29.47 101.75
N ILE SA 437 29.19 -29.63 103.00
CA ILE SA 437 30.49 -30.23 103.28
C ILE SA 437 30.49 -31.71 102.88
N LEU SA 438 29.38 -32.41 103.12
CA LEU SA 438 29.27 -33.80 102.70
C LEU SA 438 29.28 -33.93 101.17
N GLU SA 439 28.62 -33.00 100.48
CA GLU SA 439 28.65 -33.01 99.01
C GLU SA 439 30.04 -32.75 98.48
N GLU SA 440 30.76 -31.80 99.09
CA GLU SA 440 32.14 -31.52 98.66
C GLU SA 440 33.05 -32.71 98.95
N TRP SA 441 32.86 -33.37 100.09
CA TRP SA 441 33.66 -34.55 100.41
C TRP SA 441 33.36 -35.70 99.46
N GLN SA 442 32.10 -35.87 99.08
CA GLN SA 442 31.73 -36.89 98.11
C GLN SA 442 32.33 -36.61 96.74
N SER SA 443 32.34 -35.33 96.33
CA SER SA 443 32.97 -34.95 95.07
C SER SA 443 34.47 -35.20 95.10
N LEU SA 444 35.11 -34.87 96.22
CA LEU SA 444 36.55 -35.13 96.37
C LEU SA 444 36.84 -36.63 96.36
N GLN SA 445 35.98 -37.44 97.00
CA GLN SA 445 36.15 -38.88 96.99
C GLN SA 445 35.98 -39.46 95.60
N GLU SA 446 35.01 -38.96 94.84
CA GLU SA 446 34.82 -39.41 93.46
C GLU SA 446 36.03 -39.04 92.58
N ARG SA 447 36.54 -37.82 92.74
CA ARG SA 447 37.72 -37.40 92.00
C ARG SA 447 38.93 -38.24 92.37
N LYS SA 448 39.10 -38.54 93.66
CA LYS SA 448 40.22 -39.36 94.12
C LYS SA 448 40.11 -40.79 93.60
N ALA SA 449 38.89 -41.35 93.57
CA ALA SA 449 38.70 -42.69 93.04
C ALA SA 449 38.99 -42.74 91.54
N TYR SA 450 38.55 -41.72 90.79
CA TYR SA 450 38.85 -41.66 89.37
C TYR SA 450 40.35 -41.52 89.12
N ILE SA 451 41.02 -40.69 89.93
CA ILE SA 451 42.46 -40.51 89.80
C ILE SA 451 43.20 -41.80 90.14
N ASP SA 452 42.73 -42.53 91.14
CA ASP SA 452 43.35 -43.80 91.51
C ASP SA 452 43.17 -44.85 90.41
N LEU SA 453 41.97 -44.91 89.81
CA LEU SA 453 41.75 -45.83 88.71
C LEU SA 453 42.62 -45.48 87.50
N GLN SA 454 42.73 -44.19 87.19
CA GLN SA 454 43.59 -43.75 86.10
C GLN SA 454 45.05 -44.06 86.38
N LEU SA 455 45.49 -43.88 87.64
CA LEU SA 455 46.85 -44.20 88.03
C LEU SA 455 47.13 -45.69 87.92
N GLN SA 456 46.17 -46.53 88.31
CA GLN SA 456 46.34 -47.98 88.19
C GLN SA 456 46.43 -48.41 86.73
N GLN SA 457 45.57 -47.84 85.88
CA GLN SA 457 45.61 -48.16 84.46
C GLN SA 457 46.92 -47.70 83.82
N GLU SA 458 47.38 -46.50 84.19
CA GLU SA 458 48.63 -45.98 83.66
C GLU SA 458 49.82 -46.81 84.15
N ARG SA 459 49.78 -47.27 85.39
CA ARG SA 459 50.86 -48.12 85.92
C ARG SA 459 50.90 -49.46 85.20
N GLN SA 460 49.72 -50.05 84.94
CA GLN SA 460 49.67 -51.30 84.20
C GLN SA 460 50.19 -51.13 82.77
N GLU SA 461 49.80 -50.03 82.11
CA GLU SA 461 50.28 -49.76 80.76
C GLU SA 461 51.78 -49.50 80.75
N LEU SA 462 52.29 -48.79 81.76
CA LEU SA 462 53.72 -48.53 81.86
C LEU SA 462 54.51 -49.82 82.09
N GLU SA 463 53.98 -50.71 82.93
CA GLU SA 463 54.65 -51.99 83.17
C GLU SA 463 54.67 -52.85 81.91
N GLU SA 464 53.55 -52.89 81.18
CA GLU SA 464 53.51 -53.66 79.94
C GLU SA 464 54.47 -53.09 78.89
N LEU SA 465 54.49 -51.75 78.75
CA LEU SA 465 55.37 -51.12 77.77
C LEU SA 465 56.83 -51.28 78.16
N GLU SA 466 57.14 -51.23 79.46
CA GLU SA 466 58.51 -51.42 79.91
C GLU SA 466 58.97 -52.86 79.68
N ALA SA 467 58.08 -53.84 79.90
CA ALA SA 467 58.42 -55.23 79.63
C ALA SA 467 58.66 -55.46 78.13
N SER SA 468 57.80 -54.87 77.29
CA SER SA 468 57.97 -54.99 75.85
C SER SA 468 59.26 -54.32 75.38
N LEU SA 469 59.59 -53.14 75.95
CA LEU SA 469 60.80 -52.45 75.58
C LEU SA 469 62.04 -53.21 76.03
N GLN SA 470 61.99 -53.83 77.22
CA GLN SA 470 63.10 -54.64 77.69
C GLN SA 470 63.31 -55.87 76.81
N GLY SA 471 62.21 -56.52 76.39
CA GLY SA 471 62.33 -57.64 75.48
C GLY SA 471 62.88 -57.24 74.12
N ASN SA 472 62.43 -56.10 73.60
CA ASN SA 472 62.95 -55.62 72.31
C ASN SA 472 64.41 -55.22 72.42
N ARG SA 473 64.81 -54.64 73.55
CA ARG SA 473 66.22 -54.30 73.76
C ARG SA 473 67.09 -55.55 73.85
N SER SA 474 66.58 -56.60 74.52
CA SER SA 474 67.32 -57.85 74.58
C SER SA 474 67.43 -58.49 73.20
N VAL SA 475 66.36 -58.43 72.40
CA VAL SA 475 66.40 -58.98 71.05
C VAL SA 475 67.38 -58.19 70.18
N THR SA 476 67.41 -56.86 70.32
CA THR SA 476 68.35 -56.04 69.57
C THR SA 476 69.79 -56.32 69.98
N THR SA 477 70.02 -56.53 71.28
CA THR SA 477 71.37 -56.87 71.76
C THR SA 477 71.81 -58.22 71.22
N ALA SA 478 70.89 -59.20 71.20
CA ALA SA 478 71.22 -60.51 70.63
C ALA SA 478 71.50 -60.41 69.13
N CYS SA 479 70.72 -59.58 68.42
CA CYS SA 479 70.96 -59.38 66.99
C CYS SA 479 72.31 -58.72 66.74
N GLU SA 480 72.67 -57.73 67.57
CA GLU SA 480 73.98 -57.09 67.43
C GLU SA 480 75.11 -58.06 67.74
N THR SA 481 74.93 -58.92 68.75
CA THR SA 481 75.94 -59.93 69.07
C THR SA 481 76.10 -60.93 67.93
N ALA SA 482 74.99 -61.31 67.29
CA ALA SA 482 75.06 -62.22 66.15
C ALA SA 482 75.71 -61.53 64.95
N LEU SA 483 75.42 -60.25 64.75
CA LEU SA 483 75.98 -59.52 63.62
C LEU SA 483 77.46 -59.20 63.81
N ARG SA 484 77.94 -59.14 65.05
CA ARG SA 484 79.36 -58.89 65.27
C ARG SA 484 80.02 -60.15 65.81
N PRO SA 485 80.28 -61.13 64.95
CA PRO SA 485 80.92 -62.37 65.41
C PRO SA 485 82.42 -62.30 65.22
N PRO SA 486 83.15 -63.31 65.70
CA PRO SA 486 84.61 -63.31 65.52
C PRO SA 486 85.00 -63.67 64.09
N GLU SA 487 86.25 -63.35 63.75
CA GLU SA 487 86.78 -63.61 62.43
C GLU SA 487 87.05 -65.10 62.24
N SER SA 488 87.21 -65.48 60.98
CA SER SA 488 87.49 -66.87 60.60
C SER SA 488 88.90 -66.97 60.04
N GLY SA 489 89.63 -67.98 60.49
CA GLY SA 489 91.00 -68.20 60.10
C GLY SA 489 91.19 -68.99 58.81
N GLU SA 490 90.12 -69.31 58.10
CA GLU SA 490 90.23 -70.05 56.85
C GLU SA 490 90.86 -69.17 55.77
N LEU SA 491 91.87 -69.72 55.10
CA LEU SA 491 92.56 -68.95 54.06
C LEU SA 491 91.72 -68.82 52.80
N ASP SA 492 91.00 -69.87 52.42
CA ASP SA 492 90.16 -69.83 51.24
C ASP SA 492 88.93 -68.96 51.50
N GLN SA 493 88.55 -68.17 50.48
CA GLN SA 493 87.37 -67.31 50.60
C GLN SA 493 86.10 -68.13 50.72
N LYS SA 494 85.98 -69.22 49.95
CA LYS SA 494 84.81 -70.08 50.03
C LYS SA 494 84.72 -70.75 51.41
N LYS SA 495 85.84 -71.22 51.94
CA LYS SA 495 85.86 -71.83 53.26
C LYS SA 495 85.51 -70.82 54.35
N ASP SA 496 86.04 -69.59 54.24
CA ASP SA 496 85.74 -68.56 55.23
C ASP SA 496 84.27 -68.15 55.18
N LEU SA 497 83.71 -68.03 53.98
CA LEU SA 497 82.30 -67.70 53.84
C LEU SA 497 81.41 -68.84 54.35
N GLU SA 498 81.82 -70.09 54.11
CA GLU SA 498 81.08 -71.22 54.65
C GLU SA 498 81.12 -71.25 56.18
N TYR SA 499 82.28 -70.94 56.76
CA TYR SA 499 82.39 -70.88 58.21
C TYR SA 499 81.55 -69.75 58.79
N ARG SA 500 81.54 -68.59 58.12
CA ARG SA 500 80.72 -67.47 58.56
C ARG SA 500 79.23 -67.80 58.48
N LEU SA 501 78.81 -68.45 57.39
CA LEU SA 501 77.42 -68.84 57.26
C LEU SA 501 77.03 -69.89 58.28
N GLU SA 502 77.95 -70.83 58.57
CA GLU SA 502 77.69 -71.84 59.60
C GLU SA 502 77.56 -71.20 60.98
N ARG SA 503 78.42 -70.23 61.29
CA ARG SA 503 78.32 -69.52 62.57
C ARG SA 503 77.03 -68.72 62.67
N ILE SA 504 76.62 -68.08 61.56
CA ILE SA 504 75.38 -67.32 61.55
C ILE SA 504 74.18 -68.25 61.73
N ILE SA 505 74.19 -69.40 61.07
CA ILE SA 505 73.09 -70.35 61.18
C ILE SA 505 73.03 -70.95 62.58
N ALA SA 506 74.20 -71.23 63.18
CA ALA SA 506 74.23 -71.74 64.55
C ALA SA 506 73.72 -70.71 65.54
N GLY SA 507 74.09 -69.43 65.34
CA GLY SA 507 73.57 -68.38 66.20
C GLY SA 507 72.07 -68.19 66.05
N LEU SA 508 71.57 -68.26 64.81
CA LEU SA 508 70.13 -68.15 64.58
C LEU SA 508 69.37 -69.32 65.19
N ALA SA 509 69.91 -70.53 65.08
CA ALA SA 509 69.27 -71.69 65.68
C ALA SA 509 69.28 -71.61 67.21
N SER SA 510 70.39 -71.13 67.78
CA SER SA 510 70.46 -70.95 69.23
C SER SA 510 69.47 -69.89 69.71
N ALA SA 511 69.34 -68.79 68.96
CA ALA SA 511 68.39 -67.76 69.31
C ALA SA 511 66.94 -68.27 69.20
N THR SA 512 66.65 -69.06 68.17
CA THR SA 512 65.32 -69.63 68.01
C THR SA 512 65.00 -70.63 69.11
N THR SA 513 66.00 -71.40 69.54
CA THR SA 513 65.79 -72.34 70.64
C THR SA 513 65.62 -71.61 71.97
N SER SA 514 66.35 -70.51 72.17
CA SER SA 514 66.24 -69.77 73.42
C SER SA 514 64.92 -69.01 73.50
N LEU SA 515 64.48 -68.43 72.39
CA LEU SA 515 63.21 -67.71 72.38
C LEU SA 515 62.05 -68.70 72.37
N ILE SA 516 61.08 -68.49 73.27
CA ILE SA 516 59.92 -69.36 73.34
C ILE SA 516 59.01 -69.09 72.14
N VAL SA 517 58.45 -70.17 71.59
CA VAL SA 517 57.56 -70.04 70.43
C VAL SA 517 56.28 -69.34 70.82
N GLY SA 518 55.74 -69.65 72.01
CA GLY SA 518 54.53 -69.00 72.47
C GLY SA 518 54.74 -67.57 72.92
N THR SA 519 55.96 -67.20 73.30
CA THR SA 519 56.27 -65.85 73.75
C THR SA 519 56.83 -64.97 72.64
N MET SA 520 56.93 -65.48 71.42
CA MET SA 520 57.44 -64.72 70.30
C MET SA 520 56.29 -64.19 69.46
N LEU SA 521 56.28 -62.88 69.24
CA LEU SA 521 55.24 -62.27 68.44
C LEU SA 521 55.40 -62.65 66.96
N PRO SA 522 54.30 -62.74 66.21
CA PRO SA 522 54.42 -63.04 64.78
C PRO SA 522 55.15 -61.97 63.99
N GLN SA 523 55.00 -60.70 64.36
CA GLN SA 523 55.73 -59.63 63.69
C GLN SA 523 57.23 -59.75 63.94
N VAL SA 524 57.62 -60.08 65.18
CA VAL SA 524 59.03 -60.26 65.50
C VAL SA 524 59.58 -61.49 64.79
N ARG SA 525 58.76 -62.55 64.68
CA ARG SA 525 59.19 -63.75 63.97
C ARG SA 525 59.40 -63.47 62.48
N ASP SA 526 58.50 -62.71 61.87
CA ASP SA 526 58.65 -62.35 60.45
C ASP SA 526 59.84 -61.44 60.24
N GLU SA 527 60.08 -60.51 61.18
CA GLU SA 527 61.24 -59.63 61.09
C GLU SA 527 62.54 -60.43 61.20
N LEU SA 528 62.59 -61.39 62.13
CA LEU SA 528 63.78 -62.23 62.28
C LEU SA 528 64.00 -63.11 61.05
N GLY SA 529 62.92 -63.65 60.48
CA GLY SA 529 63.05 -64.45 59.27
C GLY SA 529 63.53 -63.64 58.08
N ALA SA 530 63.00 -62.42 57.91
CA ALA SA 530 63.45 -61.56 56.82
C ALA SA 530 64.90 -61.14 57.03
N LEU SA 531 65.30 -60.85 58.27
CA LEU SA 531 66.68 -60.48 58.56
C LEU SA 531 67.63 -61.65 58.27
N ALA SA 532 67.22 -62.87 58.63
CA ALA SA 532 68.03 -64.04 58.31
C ALA SA 532 68.12 -64.27 56.81
N VAL SA 533 67.03 -64.03 56.09
CA VAL SA 533 67.04 -64.16 54.64
C VAL SA 533 67.99 -63.15 54.00
N ALA SA 534 67.95 -61.90 54.49
CA ALA SA 534 68.81 -60.86 53.96
C ALA SA 534 70.27 -61.12 54.30
N ALA SA 535 70.54 -61.66 55.49
CA ALA SA 535 71.91 -61.98 55.86
C ALA SA 535 72.44 -63.17 55.08
N ILE SA 536 71.58 -64.13 54.75
CA ILE SA 536 72.04 -65.32 54.06
C ILE SA 536 72.14 -65.13 52.55
N HIS SA 537 71.32 -64.24 51.96
CA HIS SA 537 71.32 -64.08 50.51
C HIS SA 537 72.64 -63.55 49.97
N PRO SA 538 73.25 -62.51 50.55
CA PRO SA 538 74.56 -62.07 50.03
C PRO SA 538 75.66 -63.10 50.27
N LEU SA 539 75.62 -63.79 51.41
CA LEU SA 539 76.59 -64.85 51.65
C LEU SA 539 76.41 -66.01 50.68
N PHE SA 540 75.16 -66.37 50.38
CA PHE SA 540 74.90 -67.43 49.41
C PHE SA 540 75.32 -67.01 48.00
N ASN SA 541 75.16 -65.73 47.67
CA ASN SA 541 75.60 -65.23 46.37
C ASN SA 541 77.12 -65.25 46.27
N GLN SA 542 77.83 -64.88 47.34
CA GLN SA 542 79.27 -64.89 47.31
C GLN SA 542 79.84 -66.31 47.35
N PHE SA 543 79.10 -67.25 47.94
CA PHE SA 543 79.61 -68.62 48.05
C PHE SA 543 79.24 -69.49 46.84
N ARG SA 544 78.09 -69.24 46.22
CA ARG SA 544 77.61 -70.10 45.14
C ARG SA 544 78.44 -69.96 43.87
N GLN SA 545 79.14 -68.84 43.70
CA GLN SA 545 80.02 -68.70 42.54
C GLN SA 545 81.22 -69.63 42.64
N LEU SA 546 81.76 -69.79 43.84
CA LEU SA 546 82.95 -70.61 44.07
C LEU SA 546 82.63 -71.99 44.62
N TRP SA 547 81.37 -72.40 44.60
CA TRP SA 547 80.96 -73.71 45.09
C TRP SA 547 80.61 -74.60 43.90
N ASP SA 548 81.18 -75.80 43.89
CA ASP SA 548 80.89 -76.77 42.85
C ASP SA 548 79.90 -77.79 43.40
N PRO SA 549 78.66 -77.81 42.93
CA PRO SA 549 77.69 -78.80 43.46
C PRO SA 549 78.03 -80.23 43.08
N LEU SA 550 78.78 -80.44 42.00
CA LEU SA 550 79.21 -81.79 41.66
C LEU SA 550 80.32 -82.26 42.60
N GLU SA 551 81.27 -81.38 42.91
CA GLU SA 551 82.39 -81.75 43.77
C GLU SA 551 81.97 -81.87 45.23
N GLU SA 552 81.12 -80.98 45.71
CA GLU SA 552 80.67 -80.98 47.10
C GLU SA 552 79.15 -81.11 47.12
N PRO SA 553 78.63 -82.35 47.18
CA PRO SA 553 77.17 -82.52 47.22
C PRO SA 553 76.51 -81.91 48.45
N LYS SA 554 77.19 -81.92 49.59
CA LYS SA 554 76.66 -81.35 50.83
C LYS SA 554 77.54 -80.20 51.28
N PRO SA 555 76.98 -78.99 51.44
CA PRO SA 555 77.81 -77.86 51.86
C PRO SA 555 78.07 -77.90 53.36
N SER SA 556 78.86 -76.93 53.83
CA SER SA 556 79.23 -76.86 55.23
C SER SA 556 78.05 -76.45 56.11
N PHE SA 557 77.20 -75.55 55.60
CA PHE SA 557 76.07 -75.03 56.35
C PHE SA 557 74.75 -75.74 56.02
N VAL SA 558 74.82 -76.93 55.42
CA VAL SA 558 73.61 -77.66 55.08
C VAL SA 558 72.87 -78.12 56.33
N ASP SA 559 73.61 -78.54 57.36
CA ASP SA 559 72.99 -78.94 58.62
C ASP SA 559 72.31 -77.76 59.30
N GLY SA 560 72.95 -76.59 59.30
CA GLY SA 560 72.32 -75.40 59.86
C GLY SA 560 71.10 -74.97 59.08
N MET SA 561 71.15 -75.10 57.75
CA MET SA 561 69.98 -74.80 56.92
C MET SA 561 68.83 -75.76 57.21
N LYS SA 562 69.14 -77.05 57.38
CA LYS SA 562 68.10 -78.02 57.73
C LYS SA 562 67.53 -77.76 59.12
N GLU SA 563 68.36 -77.27 60.04
CA GLU SA 563 67.86 -76.93 61.37
C GLU SA 563 66.99 -75.69 61.35
N ILE SA 564 67.34 -74.69 60.52
CA ILE SA 564 66.63 -73.42 60.48
C ILE SA 564 65.60 -73.37 59.38
N ARG SA 565 65.31 -74.50 58.71
CA ARG SA 565 64.25 -74.54 57.72
C ARG SA 565 62.88 -74.22 58.31
N SER SA 566 62.67 -74.56 59.58
CA SER SA 566 61.40 -74.20 60.24
C SER SA 566 61.27 -72.69 60.37
N LEU SA 567 62.36 -72.00 60.71
CA LEU SA 567 62.34 -70.54 60.75
C LEU SA 567 62.22 -69.96 59.34
N LEU SA 568 62.82 -70.62 58.35
CA LEU SA 568 62.73 -70.17 56.97
C LEU SA 568 61.31 -70.30 56.41
N GLY SA 569 60.53 -71.27 56.89
CA GLY SA 569 59.15 -71.41 56.48
C GLY SA 569 58.90 -72.48 55.45
N LEU SA 570 59.90 -73.29 55.11
CA LEU SA 570 59.66 -74.41 54.19
C LEU SA 570 58.78 -75.47 54.83
N ASP SA 571 58.98 -75.74 56.12
CA ASP SA 571 58.17 -76.73 56.82
C ASP SA 571 56.74 -76.25 57.06
N GLN SA 572 56.51 -74.94 57.10
CA GLN SA 572 55.17 -74.42 57.27
C GLN SA 572 54.33 -74.65 56.01
N LYS SA 573 53.03 -74.80 56.21
CA LYS SA 573 52.12 -74.98 55.08
C LYS SA 573 52.03 -73.69 54.28
N PRO SA 574 51.89 -73.77 52.95
CA PRO SA 574 51.78 -72.54 52.15
C PRO SA 574 50.45 -71.85 52.36
N LYS SA 575 50.43 -70.54 52.12
CA LYS SA 575 49.22 -69.73 52.23
C LYS SA 575 48.73 -69.43 50.82
N LYS SA 576 47.70 -70.15 50.39
CA LYS SA 576 47.17 -70.03 49.03
C LYS SA 576 45.90 -69.19 49.05
N LYS SA 577 45.87 -68.14 48.22
CA LYS SA 577 44.72 -67.25 48.16
C LYS SA 577 43.64 -67.82 47.25
N THR SA 578 42.57 -67.02 47.07
CA THR SA 578 41.47 -67.43 46.22
C THR SA 578 41.62 -66.92 44.80
N TYR SA 579 42.26 -65.77 44.61
CA TYR SA 579 42.38 -65.15 43.30
C TYR SA 579 43.81 -64.80 42.91
N ARG SA 580 44.64 -64.38 43.86
CA ARG SA 580 45.99 -63.90 43.57
C ARG SA 580 47.03 -64.95 43.90
N LYS SA 581 48.02 -65.09 43.02
CA LYS SA 581 49.10 -66.03 43.26
C LYS SA 581 49.99 -65.54 44.39
N PRO SA 582 50.28 -66.37 45.39
CA PRO SA 582 51.08 -65.90 46.53
C PRO SA 582 52.56 -65.84 46.17
N SER SA 583 53.16 -64.66 46.37
CA SER SA 583 54.59 -64.53 46.20
C SER SA 583 55.32 -65.28 47.31
N ALA SA 584 56.38 -65.98 46.93
CA ALA SA 584 57.05 -66.87 47.87
C ALA SA 584 57.84 -66.07 48.91
N THR SA 585 58.40 -66.81 49.87
CA THR SA 585 59.18 -66.18 50.92
C THR SA 585 60.46 -65.60 50.35
N PRO SA 586 61.08 -64.64 51.06
CA PRO SA 586 62.33 -64.06 50.54
C PRO SA 586 63.48 -65.04 50.47
N TYR SA 587 63.72 -65.78 51.56
CA TYR SA 587 64.75 -66.81 51.57
C TYR SA 587 64.44 -67.92 50.57
N GLU SA 588 63.16 -68.28 50.47
CA GLU SA 588 62.75 -69.33 49.54
C GLU SA 588 62.99 -68.91 48.08
N THR SA 589 62.65 -67.67 47.75
CA THR SA 589 62.84 -67.19 46.38
C THR SA 589 64.32 -66.98 46.06
N MET SA 590 65.10 -66.49 47.02
CA MET SA 590 66.54 -66.36 46.82
C MET SA 590 67.21 -67.71 46.63
N MET SA 591 66.81 -68.70 47.44
CA MET SA 591 67.31 -70.06 47.28
C MET SA 591 66.89 -70.63 45.94
N TYR SA 592 65.63 -70.40 45.54
CA TYR SA 592 65.13 -70.83 44.23
C TYR SA 592 66.00 -70.29 43.12
N GLU SA 593 66.15 -68.96 43.03
CA GLU SA 593 66.94 -68.33 41.99
C GLU SA 593 68.39 -68.83 41.98
N LEU SA 594 69.13 -68.57 43.07
CA LEU SA 594 70.56 -68.87 43.10
C LEU SA 594 70.83 -70.38 43.03
N TRP SA 595 70.21 -71.16 43.92
CA TRP SA 595 70.50 -72.58 44.00
C TRP SA 595 69.98 -73.33 42.78
N LEU SA 596 68.78 -73.00 42.28
CA LEU SA 596 68.27 -73.68 41.10
C LEU SA 596 69.06 -73.33 39.86
N ARG SA 597 69.53 -72.07 39.75
CA ARG SA 597 70.40 -71.71 38.63
C ARG SA 597 71.72 -72.45 38.71
N THR SA 598 72.29 -72.57 39.92
CA THR SA 598 73.55 -73.31 40.07
C THR SA 598 73.37 -74.80 39.80
N VAL SA 599 72.24 -75.37 40.24
CA VAL SA 599 71.98 -76.79 40.01
C VAL SA 599 71.71 -77.06 38.53
N ALA SA 600 71.03 -76.14 37.85
CA ALA SA 600 70.84 -76.27 36.41
C ALA SA 600 72.16 -76.15 35.65
N ALA SA 601 73.03 -75.24 36.09
CA ALA SA 601 74.36 -75.14 35.47
C ALA SA 601 75.17 -76.41 35.68
N SER SA 602 75.10 -76.98 36.89
CA SER SA 602 75.80 -78.23 37.17
C SER SA 602 75.22 -79.38 36.36
N VAL SA 603 73.89 -79.41 36.17
CA VAL SA 603 73.25 -80.46 35.40
C VAL SA 603 73.64 -80.34 33.93
N ARG SA 604 73.75 -79.12 33.42
CA ARG SA 604 74.17 -78.93 32.04
C ARG SA 604 75.64 -79.29 31.85
N GLU SA 605 76.49 -78.96 32.83
CA GLU SA 605 77.92 -79.23 32.69
C GLU SA 605 78.28 -80.69 32.91
N TRP SA 606 77.57 -81.40 33.78
CA TRP SA 606 77.96 -82.74 34.16
C TRP SA 606 77.61 -83.75 33.07
N ASP SA 607 78.32 -84.88 33.10
CA ASP SA 607 78.06 -85.96 32.17
C ASP SA 607 76.82 -86.74 32.58
N VAL SA 608 76.04 -87.16 31.60
CA VAL SA 608 74.80 -87.87 31.87
C VAL SA 608 75.06 -89.28 32.38
N ARG SA 609 76.16 -89.90 31.94
CA ARG SA 609 76.43 -91.31 32.25
C ARG SA 609 76.79 -91.57 33.71
N GLU SA 610 77.12 -90.53 34.47
CA GLU SA 610 77.52 -90.68 35.88
C GLU SA 610 76.64 -89.74 36.72
N PRO SA 611 75.41 -90.14 36.99
CA PRO SA 611 74.50 -89.27 37.78
C PRO SA 611 74.60 -89.44 39.28
N GLU SA 612 75.58 -90.21 39.78
CA GLU SA 612 75.72 -90.40 41.22
C GLU SA 612 76.04 -89.11 41.97
N PRO SA 613 76.97 -88.26 41.50
CA PRO SA 613 77.23 -87.02 42.24
C PRO SA 613 76.07 -86.05 42.20
N LEU SA 614 75.35 -85.95 41.09
CA LEU SA 614 74.17 -85.11 41.02
C LEU SA 614 73.07 -85.64 41.94
N ILE SA 615 72.91 -86.96 42.01
CA ILE SA 615 71.91 -87.55 42.91
C ILE SA 615 72.31 -87.30 44.36
N ALA SA 616 73.61 -87.35 44.67
CA ALA SA 616 74.07 -87.04 46.01
C ALA SA 616 73.81 -85.59 46.38
N VAL SA 617 74.03 -84.68 45.43
CA VAL SA 617 73.75 -83.26 45.66
C VAL SA 617 72.26 -83.04 45.89
N LEU SA 618 71.42 -83.71 45.09
CA LEU SA 618 69.98 -83.59 45.24
C LEU SA 618 69.52 -84.15 46.59
N GLU SA 619 70.09 -85.27 47.01
CA GLU SA 619 69.73 -85.87 48.30
C GLU SA 619 70.18 -85.00 49.46
N ALA SA 620 71.35 -84.36 49.34
CA ALA SA 620 71.84 -83.53 50.42
C ALA SA 620 71.06 -82.22 50.53
N TRP SA 621 70.75 -81.59 49.40
CA TRP SA 621 70.09 -80.29 49.40
C TRP SA 621 68.59 -80.38 49.27
N ASP SA 622 68.03 -81.60 49.27
CA ASP SA 622 66.59 -81.77 49.10
C ASP SA 622 65.80 -81.36 50.34
N ALA SA 623 66.46 -81.21 51.49
CA ALA SA 623 65.75 -80.78 52.70
C ALA SA 623 65.32 -79.33 52.59
N LEU SA 624 66.21 -78.46 52.11
CA LEU SA 624 65.90 -77.04 51.97
C LEU SA 624 65.42 -76.66 50.58
N LEU SA 625 65.32 -77.62 49.66
CA LEU SA 625 64.91 -77.32 48.30
C LEU SA 625 63.40 -77.14 48.24
N PRO SA 626 62.91 -76.02 47.71
CA PRO SA 626 61.46 -75.86 47.55
C PRO SA 626 60.93 -76.72 46.41
N GLY SA 627 59.60 -76.83 46.37
CA GLY SA 627 58.95 -77.68 45.38
C GLY SA 627 59.15 -77.19 43.96
N PHE SA 628 59.13 -75.86 43.76
CA PHE SA 628 59.34 -75.31 42.44
C PHE SA 628 60.75 -75.58 41.93
N VAL SA 629 61.76 -75.41 42.79
CA VAL SA 629 63.14 -75.67 42.40
C VAL SA 629 63.34 -77.16 42.14
N ARG SA 630 62.71 -78.01 42.96
CA ARG SA 630 62.82 -79.46 42.75
C ARG SA 630 62.19 -79.88 41.44
N ALA SA 631 61.02 -79.30 41.11
CA ALA SA 631 60.36 -79.63 39.84
C ALA SA 631 61.18 -79.15 38.65
N GLN SA 632 61.76 -77.96 38.73
CA GLN SA 632 62.59 -77.46 37.64
C GLN SA 632 63.85 -78.30 37.46
N LEU SA 633 64.49 -78.68 38.56
CA LEU SA 633 65.69 -79.52 38.48
C LEU SA 633 65.35 -80.90 37.93
N LEU SA 634 64.20 -81.47 38.32
CA LEU SA 634 63.76 -82.74 37.76
C LEU SA 634 63.48 -82.62 36.27
N ARG SA 635 62.90 -81.49 35.85
CA ARG SA 635 62.67 -81.26 34.43
C ARG SA 635 63.98 -81.18 33.65
N ASP SA 636 64.98 -80.52 34.22
CA ASP SA 636 66.29 -80.44 33.56
C ASP SA 636 66.95 -81.81 33.47
N VAL SA 637 66.85 -82.61 34.54
CA VAL SA 637 67.43 -83.96 34.54
C VAL SA 637 66.72 -84.85 33.53
N VAL SA 638 65.38 -84.75 33.45
CA VAL SA 638 64.61 -85.54 32.50
C VAL SA 638 64.94 -85.14 31.07
N ARG SA 639 65.16 -83.83 30.84
CA ARG SA 639 65.56 -83.38 29.52
C ARG SA 639 66.93 -83.92 29.12
N LYS SA 640 67.88 -83.91 30.06
CA LYS SA 640 69.21 -84.47 29.78
C LYS SA 640 69.14 -85.97 29.50
N LEU SA 641 68.33 -86.70 30.28
CA LEU SA 641 68.20 -88.14 30.08
C LEU SA 641 67.52 -88.46 28.75
N GLU SA 642 66.47 -87.71 28.40
CA GLU SA 642 65.79 -87.94 27.13
C GLU SA 642 66.69 -87.59 25.95
N GLU SA 643 67.50 -86.53 26.08
CA GLU SA 643 68.47 -86.19 25.05
C GLU SA 643 69.50 -87.28 24.86
N ALA SA 644 70.00 -87.85 25.98
CA ALA SA 644 70.96 -88.94 25.89
C ALA SA 644 70.35 -90.18 25.25
N VAL SA 645 69.11 -90.49 25.62
CA VAL SA 645 68.44 -91.68 25.08
C VAL SA 645 68.15 -91.51 23.59
N GLU SA 646 67.80 -90.29 23.16
CA GLU SA 646 67.53 -90.06 21.75
C GLU SA 646 68.81 -90.04 20.93
N LYS SA 647 69.88 -89.45 21.47
CA LYS SA 647 71.13 -89.34 20.73
C LYS SA 647 71.91 -90.65 20.68
N TRP SA 648 71.83 -91.49 21.71
CA TRP SA 648 72.61 -92.71 21.75
C TRP SA 648 72.05 -93.74 20.77
N GLN SA 649 72.92 -94.32 19.96
CA GLN SA 649 72.52 -95.34 19.00
C GLN SA 649 72.33 -96.67 19.74
N PRO SA 650 71.15 -97.29 19.67
CA PRO SA 650 70.97 -98.57 20.36
C PRO SA 650 71.82 -99.70 19.81
N ARG SA 651 72.10 -99.70 18.50
CA ARG SA 651 72.88 -100.78 17.91
C ARG SA 651 74.38 -100.55 18.02
N LYS SA 652 74.83 -99.29 17.98
CA LYS SA 652 76.25 -98.98 17.92
C LYS SA 652 76.82 -98.56 19.28
N HIS SA 653 76.24 -97.52 19.89
CA HIS SA 653 76.78 -96.94 21.12
C HIS SA 653 76.27 -97.73 22.33
N THR SA 654 76.83 -98.93 22.49
CA THR SA 654 76.48 -99.80 23.60
C THR SA 654 77.43 -99.69 24.78
N HIS SA 655 78.42 -98.79 24.72
CA HIS SA 655 79.37 -98.66 25.82
C HIS SA 655 78.71 -98.04 27.05
N ASN SA 656 77.96 -96.95 26.86
CA ASN SA 656 77.22 -96.33 27.96
C ASN SA 656 75.83 -96.96 28.00
N LEU SA 657 75.59 -97.76 29.02
CA LEU SA 657 74.33 -98.49 29.13
C LEU SA 657 73.20 -97.52 29.49
N PRO SA 658 72.14 -97.44 28.69
CA PRO SA 658 71.02 -96.55 29.04
C PRO SA 658 70.32 -96.95 30.33
N HIS SA 659 70.23 -98.25 30.61
CA HIS SA 659 69.60 -98.70 31.85
C HIS SA 659 70.43 -98.27 33.07
N ARG SA 660 71.75 -98.44 33.00
CA ARG SA 660 72.61 -98.01 34.10
C ARG SA 660 72.65 -96.49 34.22
N TRP SA 661 72.49 -95.78 33.11
CA TRP SA 661 72.43 -94.32 33.17
C TRP SA 661 71.13 -93.83 33.79
N ILE SA 662 70.01 -94.48 33.50
CA ILE SA 662 68.71 -94.05 33.98
C ILE SA 662 68.36 -94.65 35.34
N PHE SA 663 69.16 -95.60 35.85
CA PHE SA 663 68.94 -96.18 37.16
C PHE SA 663 69.05 -95.14 38.27
N PRO SA 664 70.06 -94.27 38.24
CA PRO SA 664 70.26 -93.31 39.33
C PRO SA 664 69.14 -92.29 39.48
N TRP SA 665 68.50 -91.90 38.38
CA TRP SA 665 67.41 -90.94 38.43
C TRP SA 665 66.04 -91.59 38.36
N LEU SA 666 65.98 -92.92 38.47
CA LEU SA 666 64.70 -93.62 38.39
C LEU SA 666 63.74 -93.27 39.51
N PRO SA 667 64.16 -93.22 40.78
CA PRO SA 667 63.18 -92.91 41.85
C PRO SA 667 62.68 -91.47 41.82
N TYR SA 668 63.48 -90.53 41.33
CA TYR SA 668 63.09 -89.13 41.28
C TYR SA 668 62.45 -88.73 39.95
N LEU SA 669 62.33 -89.66 39.01
CA LEU SA 669 61.77 -89.34 37.71
C LEU SA 669 60.27 -89.08 37.81
N PRO SA 670 59.72 -88.25 36.94
CA PRO SA 670 58.29 -87.95 36.98
C PRO SA 670 57.46 -89.12 36.46
N ALA SA 671 56.17 -89.09 36.82
CA ALA SA 671 55.25 -90.13 36.38
C ALA SA 671 55.04 -90.09 34.87
N SER SA 672 54.97 -88.89 34.30
CA SER SA 672 54.78 -88.75 32.85
C SER SA 672 55.96 -89.29 32.08
N HIS SA 673 57.18 -89.04 32.56
CA HIS SA 673 58.36 -89.57 31.88
C HIS SA 673 58.50 -91.07 32.11
N LEU SA 674 58.23 -91.55 33.32
CA LEU SA 674 58.40 -92.96 33.65
C LEU SA 674 57.26 -93.83 33.15
N ASP SA 675 56.17 -93.24 32.67
CA ASP SA 675 55.06 -94.03 32.16
C ASP SA 675 55.43 -94.63 30.81
N ALA SA 676 55.46 -95.96 30.73
CA ALA SA 676 55.78 -96.62 29.47
C ALA SA 676 54.65 -96.48 28.45
N LYS SA 677 53.42 -96.28 28.92
CA LYS SA 677 52.29 -96.11 28.02
C LYS SA 677 52.24 -94.72 27.39
N ALA SA 678 53.06 -93.79 27.87
CA ALA SA 678 53.08 -92.44 27.33
C ALA SA 678 53.63 -92.42 25.91
N ALA SA 679 53.18 -91.45 25.12
CA ALA SA 679 53.69 -91.29 23.77
C ALA SA 679 55.07 -90.64 23.76
N THR SA 680 55.34 -89.75 24.72
CA THR SA 680 56.63 -89.07 24.83
C THR SA 680 57.14 -89.24 26.25
N GLY SA 681 58.44 -89.46 26.37
CA GLY SA 681 59.06 -89.62 27.67
C GLY SA 681 60.33 -90.43 27.57
N LEU SA 682 61.05 -90.47 28.69
CA LEU SA 682 62.26 -91.28 28.76
C LEU SA 682 61.94 -92.77 28.63
N VAL SA 683 60.88 -93.23 29.31
CA VAL SA 683 60.49 -94.62 29.23
C VAL SA 683 59.97 -94.97 27.83
N ALA SA 684 59.21 -94.06 27.23
CA ALA SA 684 58.71 -94.27 25.87
C ALA SA 684 59.85 -94.32 24.87
N ASP SA 685 60.84 -93.44 25.02
CA ASP SA 685 62.01 -93.46 24.14
C ASP SA 685 62.82 -94.73 24.33
N VAL SA 686 62.95 -95.20 25.57
CA VAL SA 686 63.68 -96.44 25.83
C VAL SA 686 62.95 -97.63 25.22
N ARG SA 687 61.63 -97.67 25.35
CA ARG SA 687 60.85 -98.75 24.75
C ARG SA 687 60.93 -98.73 23.22
N ARG SA 688 60.88 -97.54 22.63
CA ARG SA 688 60.99 -97.43 21.17
C ARG SA 688 62.39 -97.84 20.70
N LYS SA 689 63.43 -97.45 21.45
CA LYS SA 689 64.79 -97.86 21.10
C LYS SA 689 64.97 -99.36 21.24
N PHE SA 690 64.38 -99.97 22.27
CA PHE SA 690 64.44 -101.42 22.43
C PHE SA 690 63.70 -102.14 21.32
N ARG SA 691 62.55 -101.61 20.91
CA ARG SA 691 61.81 -102.20 19.79
C ARG SA 691 62.58 -102.08 18.49
N THR SA 692 63.22 -100.93 18.26
CA THR SA 692 64.02 -100.76 17.04
C THR SA 692 65.24 -101.68 17.04
N LEU SA 693 65.88 -101.84 18.21
CA LEU SA 693 67.02 -102.77 18.30
C LEU SA 693 66.58 -104.20 18.12
N ILE SA 694 65.40 -104.56 18.62
CA ILE SA 694 64.88 -105.92 18.43
C ILE SA 694 64.54 -106.15 16.96
N ASP SA 695 64.01 -105.12 16.28
CA ASP SA 695 63.66 -105.27 14.88
C ASP SA 695 64.90 -105.36 13.99
N ALA SA 696 65.93 -104.57 14.29
CA ALA SA 696 67.15 -104.54 13.49
C ALA SA 696 68.32 -105.24 14.19
N TRP SA 697 68.03 -106.24 15.02
CA TRP SA 697 69.06 -106.99 15.72
C TRP SA 697 69.22 -108.37 15.07
N ASP SA 698 70.45 -108.71 14.73
CA ASP SA 698 70.78 -110.03 14.21
C ASP SA 698 71.06 -110.98 15.36
N PHE SA 699 70.87 -112.28 15.10
CA PHE SA 699 71.12 -113.29 16.13
C PHE SA 699 72.60 -113.46 16.43
N SER SA 700 73.49 -113.07 15.50
CA SER SA 700 74.92 -113.23 15.71
C SER SA 700 75.47 -112.23 16.72
N ARG SA 701 74.87 -111.06 16.85
CA ARG SA 701 75.36 -110.04 17.77
C ARG SA 701 74.99 -110.31 19.22
N GLY SA 702 74.05 -111.22 19.48
CA GLY SA 702 73.66 -111.53 20.84
C GLY SA 702 72.43 -110.78 21.30
N VAL SA 703 72.27 -110.66 22.62
CA VAL SA 703 71.11 -109.98 23.18
C VAL SA 703 71.42 -108.50 23.35
N ILE SA 704 70.38 -107.70 23.48
CA ILE SA 704 70.52 -106.26 23.64
C ILE SA 704 70.89 -105.94 25.08
N PRO SA 705 71.97 -105.21 25.33
CA PRO SA 705 72.32 -104.85 26.71
C PRO SA 705 71.39 -103.78 27.25
N GLY SA 706 71.02 -103.94 28.52
CA GLY SA 706 70.09 -103.04 29.17
C GLY SA 706 68.62 -103.33 28.91
N LEU SA 707 68.32 -104.31 28.05
CA LEU SA 707 66.94 -104.63 27.72
C LEU SA 707 66.21 -105.26 28.90
N LYS SA 708 66.92 -106.01 29.75
CA LYS SA 708 66.30 -106.62 30.92
C LYS SA 708 65.82 -105.56 31.90
N HIS SA 709 66.67 -104.58 32.21
CA HIS SA 709 66.26 -103.51 33.11
C HIS SA 709 65.25 -102.57 32.45
N TRP SA 710 65.34 -102.40 31.12
CA TRP SA 710 64.34 -101.62 30.41
C TRP SA 710 62.96 -102.27 30.49
N LYS SA 711 62.91 -103.59 30.33
CA LYS SA 711 61.65 -104.31 30.46
C LYS SA 711 61.16 -104.32 31.90
N GLN SA 712 62.07 -104.37 32.86
CA GLN SA 712 61.67 -104.27 34.27
C GLN SA 712 61.08 -102.91 34.59
N VAL SA 713 61.63 -101.85 34.01
CA VAL SA 713 61.08 -100.50 34.22
C VAL SA 713 59.75 -100.34 33.50
N LEU SA 714 59.64 -100.86 32.28
CA LEU SA 714 58.47 -100.64 31.44
C LEU SA 714 57.39 -101.71 31.60
N TRP SA 715 57.59 -102.68 32.49
CA TRP SA 715 56.60 -103.74 32.69
C TRP SA 715 55.67 -103.33 33.84
N PRO SA 716 54.39 -103.11 33.59
CA PRO SA 716 53.47 -102.81 34.70
C PRO SA 716 53.24 -104.03 35.57
N GLU SA 717 53.04 -103.76 36.87
CA GLU SA 717 52.78 -104.85 37.80
C GLU SA 717 51.38 -105.44 37.59
N HIS SA 718 50.38 -104.59 37.38
CA HIS SA 718 49.01 -105.03 37.13
C HIS SA 718 48.46 -104.25 35.94
N GLY SA 719 47.73 -104.96 35.08
CA GLY SA 719 47.13 -104.33 33.91
C GLY SA 719 47.69 -104.86 32.61
N ARG SA 720 46.85 -105.55 31.83
CA ARG SA 720 47.28 -106.09 30.56
C ARG SA 720 47.36 -105.00 29.49
N SER SA 721 46.46 -104.03 29.53
CA SER SA 721 46.44 -102.95 28.54
C SER SA 721 47.56 -101.95 28.75
N SER SA 722 48.11 -101.85 29.95
CA SER SA 722 49.18 -100.91 30.25
C SER SA 722 50.56 -101.53 30.21
N ASP SA 723 50.67 -102.82 29.91
CA ASP SA 723 51.96 -103.50 29.83
C ASP SA 723 52.51 -103.35 28.41
N TYR SA 724 53.50 -102.46 28.26
CA TYR SA 724 54.10 -102.20 26.96
C TYR SA 724 55.37 -103.02 26.71
N TRP SA 725 55.73 -103.92 27.62
CA TRP SA 725 56.95 -104.69 27.48
C TRP SA 725 56.72 -105.98 26.69
N THR SA 726 55.74 -106.79 27.10
CA THR SA 726 55.44 -108.08 26.48
C THR SA 726 54.99 -107.93 25.04
N PRO SA 727 54.10 -106.97 24.74
CA PRO SA 727 53.60 -106.84 23.36
C PRO SA 727 54.65 -106.35 22.39
N LEU SA 728 55.43 -105.33 22.76
CA LEU SA 728 56.49 -104.84 21.89
C LEU SA 728 57.57 -105.90 21.67
N MET SA 729 57.90 -106.65 22.72
CA MET SA 729 58.88 -107.73 22.58
C MET SA 729 58.36 -108.82 21.65
N MET SA 730 57.12 -109.27 21.86
CA MET SA 730 56.54 -110.32 21.03
C MET SA 730 56.28 -109.86 19.60
N ASN SA 731 56.18 -108.55 19.36
CA ASN SA 731 55.99 -108.05 18.01
C ASN SA 731 57.30 -107.71 17.30
N HIS SA 732 58.38 -107.49 18.03
CA HIS SA 732 59.65 -107.09 17.42
C HIS SA 732 60.72 -108.17 17.53
N LEU SA 733 61.04 -108.64 18.73
CA LEU SA 733 62.16 -109.56 18.90
C LEU SA 733 61.80 -110.98 18.46
N LEU SA 734 60.57 -111.41 18.75
CA LEU SA 734 60.16 -112.78 18.39
C LEU SA 734 60.12 -113.01 16.89
N PRO SA 735 59.50 -112.14 16.08
CA PRO SA 735 59.55 -112.35 14.62
C PRO SA 735 60.96 -112.23 14.06
N ALA SA 736 61.78 -111.32 14.62
CA ALA SA 736 63.16 -111.19 14.17
C ALA SA 736 63.98 -112.43 14.51
N MET SA 737 63.79 -112.97 15.72
CA MET SA 737 64.49 -114.20 16.09
C MET SA 737 64.03 -115.38 15.24
N ALA SA 738 62.72 -115.45 14.94
CA ALA SA 738 62.21 -116.52 14.08
C ALA SA 738 62.78 -116.41 12.67
N LYS SA 739 62.86 -115.19 12.12
CA LYS SA 739 63.44 -115.00 10.80
C LYS SA 739 64.93 -115.33 10.79
N TYR SA 740 65.65 -114.96 11.85
CA TYR SA 740 67.07 -115.28 11.93
C TYR SA 740 67.31 -116.78 12.04
N LEU SA 741 66.46 -117.49 12.81
CA LEU SA 741 66.58 -118.93 12.90
C LEU SA 741 66.21 -119.62 11.59
N ARG SA 742 65.24 -119.07 10.85
CA ARG SA 742 64.87 -119.65 9.57
C ARG SA 742 65.95 -119.42 8.52
N GLN SA 743 66.60 -118.26 8.55
CA GLN SA 743 67.58 -117.91 7.52
C GLN SA 743 68.98 -118.42 7.83
N LYS SA 744 69.30 -118.66 9.10
CA LYS SA 744 70.65 -119.06 9.49
C LYS SA 744 70.73 -120.50 9.99
N PHE SA 745 69.89 -120.88 10.94
CA PHE SA 745 69.94 -122.22 11.49
C PHE SA 745 69.40 -123.24 10.50
N ARG SA 746 70.11 -124.36 10.37
CA ARG SA 746 69.70 -125.45 9.50
C ARG SA 746 69.95 -126.77 10.20
N VAL SA 747 69.18 -127.79 9.81
CA VAL SA 747 69.28 -129.12 10.40
C VAL SA 747 70.22 -129.94 9.53
N ASP SA 748 71.41 -130.21 10.06
CA ASP SA 748 72.41 -131.01 9.36
C ASP SA 748 72.97 -132.02 10.36
N PRO SA 749 72.75 -133.33 10.15
CA PRO SA 749 73.27 -134.31 11.12
C PRO SA 749 74.76 -134.56 11.02
N ARG SA 750 75.38 -134.29 9.86
CA ARG SA 750 76.81 -134.53 9.72
C ARG SA 750 77.62 -133.49 10.48
N ASP SA 751 77.25 -132.21 10.36
CA ASP SA 751 77.96 -131.13 11.05
C ASP SA 751 76.99 -129.98 11.24
N GLN SA 752 76.81 -129.56 12.49
CA GLN SA 752 75.84 -128.52 12.83
C GLN SA 752 76.44 -127.51 13.79
N GLY SA 753 77.64 -127.03 13.47
CA GLY SA 753 78.30 -125.99 14.24
C GLY SA 753 77.55 -124.67 14.20
N PRO SA 754 77.16 -124.26 12.99
CA PRO SA 754 76.31 -123.06 12.88
C PRO SA 754 74.95 -123.23 13.53
N TYR SA 755 74.38 -124.43 13.49
CA TYR SA 755 73.12 -124.68 14.18
C TYR SA 755 73.30 -124.61 15.70
N ILE SA 756 74.43 -125.07 16.21
CA ILE SA 756 74.70 -124.98 17.64
C ILE SA 756 74.91 -123.52 18.04
N ASP SA 757 75.57 -122.74 17.19
CA ASP SA 757 75.74 -121.31 17.47
C ASP SA 757 74.40 -120.58 17.46
N ILE SA 758 73.53 -120.92 16.51
CA ILE SA 758 72.19 -120.32 16.46
C ILE SA 758 71.37 -120.76 17.66
N LEU SA 759 71.54 -121.99 18.13
CA LEU SA 759 70.85 -122.46 19.32
C LEU SA 759 71.35 -121.74 20.57
N ASP SA 760 72.65 -121.45 20.62
CA ASP SA 760 73.19 -120.67 21.74
C ASP SA 760 72.65 -119.24 21.71
N LYS SA 761 72.53 -118.65 20.51
CA LYS SA 761 71.92 -117.33 20.39
C LYS SA 761 70.46 -117.35 20.82
N VAL SA 762 69.73 -118.41 20.45
CA VAL SA 762 68.33 -118.56 20.87
C VAL SA 762 68.23 -118.75 22.38
N PHE SA 763 69.20 -119.45 22.98
CA PHE SA 763 69.20 -119.61 24.43
C PHE SA 763 69.49 -118.29 25.14
N GLU SA 764 70.39 -117.48 24.58
CA GLU SA 764 70.61 -116.14 25.12
C GLU SA 764 69.36 -115.27 25.00
N TRP SA 765 68.67 -115.37 23.86
CA TRP SA 765 67.41 -114.65 23.69
C TRP SA 765 66.32 -115.17 24.63
N THR SA 766 66.37 -116.46 24.98
CA THR SA 766 65.43 -117.01 25.95
C THR SA 766 65.74 -116.53 27.36
N GLU SA 767 67.02 -116.39 27.68
CA GLU SA 767 67.41 -115.86 28.98
C GLU SA 767 67.06 -114.37 29.10
N VAL SA 768 67.15 -113.63 28.00
CA VAL SA 768 66.83 -112.20 28.02
C VAL SA 768 65.37 -111.91 27.70
N ILE SA 769 64.58 -112.91 27.32
CA ILE SA 769 63.21 -112.71 26.86
C ILE SA 769 62.29 -113.69 27.57
N ARG SA 770 61.03 -113.72 27.14
CA ARG SA 770 60.08 -114.68 27.70
C ARG SA 770 60.48 -116.10 27.33
N PRO SA 771 60.65 -117.00 28.31
CA PRO SA 771 61.18 -118.33 27.99
C PRO SA 771 60.20 -119.21 27.23
N GLU SA 772 58.91 -119.17 27.59
CA GLU SA 772 57.92 -119.96 26.87
C GLU SA 772 57.76 -119.48 25.44
N MET SA 773 57.74 -118.16 25.23
CA MET SA 773 57.64 -117.62 23.88
C MET SA 773 58.87 -117.95 23.04
N VAL SA 774 60.06 -117.86 23.65
CA VAL SA 774 61.29 -118.16 22.93
C VAL SA 774 61.35 -119.66 22.59
N GLY SA 775 60.91 -120.51 23.52
CA GLY SA 775 60.86 -121.94 23.23
C GLY SA 775 59.86 -122.28 22.15
N GLU SA 776 58.70 -121.61 22.14
CA GLU SA 776 57.72 -121.82 21.07
C GLU SA 776 58.27 -121.37 19.73
N VAL SA 777 58.99 -120.24 19.69
CA VAL SA 777 59.59 -119.75 18.45
C VAL SA 777 60.66 -120.73 17.97
N ILE SA 778 61.49 -121.24 18.88
CA ILE SA 778 62.53 -122.19 18.51
C ILE SA 778 61.92 -123.49 18.01
N VAL SA 779 60.82 -123.93 18.62
CA VAL SA 779 60.13 -125.13 18.17
C VAL SA 779 59.56 -124.93 16.77
N ALA SA 780 58.89 -123.79 16.55
CA ALA SA 780 58.31 -123.51 15.24
C ALA SA 780 59.37 -123.28 14.17
N GLU SA 781 60.60 -122.93 14.56
CA GLU SA 781 61.66 -122.75 13.58
C GLU SA 781 62.52 -123.99 13.36
N VAL SA 782 62.52 -124.94 14.29
CA VAL SA 782 63.43 -126.08 14.20
C VAL SA 782 62.72 -127.42 14.05
N PHE SA 783 61.43 -127.55 14.37
CA PHE SA 783 60.72 -128.82 14.31
C PHE SA 783 60.61 -129.32 12.88
N PRO SA 784 60.26 -128.46 11.92
CA PRO SA 784 60.07 -128.95 10.54
C PRO SA 784 61.37 -129.40 9.88
N MET SA 785 62.47 -128.66 10.07
CA MET SA 785 63.74 -129.04 9.48
C MET SA 785 64.27 -130.33 10.09
N TRP SA 786 64.17 -130.46 11.42
CA TRP SA 786 64.62 -131.69 12.08
C TRP SA 786 63.75 -132.88 11.69
N HIS SA 787 62.44 -132.67 11.56
CA HIS SA 787 61.54 -133.73 11.13
C HIS SA 787 61.84 -134.17 9.70
N ASP SA 788 62.13 -133.20 8.81
CA ASP SA 788 62.48 -133.54 7.43
C ASP SA 788 63.81 -134.28 7.37
N ALA SA 789 64.78 -133.87 8.19
CA ALA SA 789 66.07 -134.57 8.22
C ALA SA 789 65.90 -136.00 8.74
N LEU SA 790 65.09 -136.19 9.78
CA LEU SA 790 64.84 -137.52 10.30
C LEU SA 790 64.09 -138.39 9.29
N TYR SA 791 63.13 -137.79 8.56
CA TYR SA 791 62.41 -138.53 7.54
C TYR SA 791 63.33 -138.94 6.39
N GLN SA 792 64.24 -138.05 5.98
CA GLN SA 792 65.20 -138.38 4.94
C GLN SA 792 66.16 -139.47 5.39
N TRP SA 793 66.60 -139.40 6.66
CA TRP SA 793 67.49 -140.43 7.19
C TRP SA 793 66.78 -141.78 7.26
N LEU SA 794 65.50 -141.78 7.64
CA LEU SA 794 64.74 -143.03 7.68
C LEU SA 794 64.50 -143.58 6.28
N LEU SA 795 64.24 -142.70 5.31
CA LEU SA 795 64.00 -143.12 3.93
C LEU SA 795 65.27 -143.53 3.21
N LEU SA 796 66.44 -143.15 3.73
CA LEU SA 796 67.70 -143.58 3.13
C LEU SA 796 67.88 -145.08 3.29
N GLU SA 797 68.36 -145.73 2.22
CA GLU SA 797 68.54 -147.17 2.23
C GLU SA 797 69.68 -147.61 3.12
N ASP SA 798 70.66 -146.74 3.39
CA ASP SA 798 71.78 -147.04 4.27
C ASP SA 798 71.57 -146.49 5.67
N ALA SA 799 70.32 -146.52 6.15
CA ALA SA 799 69.99 -145.95 7.45
C ALA SA 799 70.58 -146.79 8.58
N ASN SA 800 71.17 -146.12 9.56
CA ASN SA 800 71.68 -146.75 10.77
C ASN SA 800 70.76 -146.36 11.92
N TYR SA 801 70.04 -147.35 12.47
CA TYR SA 801 69.08 -147.10 13.54
C TYR SA 801 69.79 -146.61 14.81
N GLU SA 802 70.94 -147.21 15.14
CA GLU SA 802 71.68 -146.79 16.33
C GLU SA 802 72.21 -145.36 16.17
N GLU SA 803 72.72 -145.02 15.00
CA GLU SA 803 73.21 -143.67 14.75
C GLU SA 803 72.08 -142.65 14.77
N ILE SA 804 70.93 -143.01 14.21
CA ILE SA 804 69.77 -142.12 14.22
C ILE SA 804 69.28 -141.89 15.65
N GLY SA 805 69.23 -142.96 16.45
CA GLY SA 805 68.84 -142.81 17.85
C GLY SA 805 69.83 -142.00 18.66
N GLN SA 806 71.13 -142.18 18.40
CA GLN SA 806 72.14 -141.38 19.08
C GLN SA 806 72.04 -139.90 18.70
N TRP SA 807 71.79 -139.61 17.41
CA TRP SA 807 71.62 -138.23 16.99
C TRP SA 807 70.37 -137.61 17.59
N PHE SA 808 69.28 -138.38 17.66
CA PHE SA 808 68.05 -137.88 18.28
C PHE SA 808 68.24 -137.61 19.77
N GLU SA 809 68.94 -138.51 20.46
CA GLU SA 809 69.23 -138.31 21.88
C GLU SA 809 70.12 -137.10 22.11
N TRP SA 810 71.13 -136.91 21.25
CA TRP SA 810 72.01 -135.75 21.36
C TRP SA 810 71.24 -134.45 21.11
N TRP SA 811 70.34 -134.45 20.13
CA TRP SA 811 69.54 -133.26 19.86
C TRP SA 811 68.54 -132.99 20.98
N GLN SA 812 68.03 -134.03 21.62
CA GLN SA 812 67.08 -133.85 22.71
C GLN SA 812 67.77 -133.42 24.01
N ASP SA 813 69.01 -133.84 24.23
CA ASP SA 813 69.69 -133.56 25.49
C ASP SA 813 70.63 -132.37 25.42
N GLN SA 814 71.60 -132.37 24.51
CA GLN SA 814 72.65 -131.36 24.49
C GLN SA 814 72.32 -130.14 23.65
N VAL SA 815 71.55 -130.31 22.58
CA VAL SA 815 71.21 -129.17 21.73
C VAL SA 815 70.24 -128.23 22.44
N PHE SA 816 69.23 -128.77 23.10
CA PHE SA 816 68.28 -127.92 23.79
C PHE SA 816 68.74 -127.62 25.21
N PRO SA 817 68.33 -126.50 25.78
CA PRO SA 817 68.68 -126.17 27.17
C PRO SA 817 67.71 -126.84 28.13
N ASP SA 818 67.89 -126.55 29.42
CA ASP SA 818 67.01 -127.09 30.45
C ASP SA 818 65.59 -126.56 30.31
N ASP SA 819 65.45 -125.25 30.05
CA ASP SA 819 64.13 -124.66 29.86
C ASP SA 819 63.47 -125.20 28.60
N ILE SA 820 64.24 -125.37 27.53
CA ILE SA 820 63.70 -125.91 26.29
C ILE SA 820 63.27 -127.36 26.46
N LYS SA 821 64.02 -128.13 27.25
CA LYS SA 821 63.65 -129.51 27.51
C LYS SA 821 62.41 -129.59 28.40
N ALA SA 822 62.29 -128.68 29.37
CA ALA SA 822 61.12 -128.67 30.23
C ALA SA 822 59.88 -128.11 29.54
N LEU SA 823 60.06 -127.34 28.46
CA LEU SA 823 58.92 -126.84 27.70
C LEU SA 823 58.20 -128.01 27.01
N PRO SA 824 56.87 -127.97 26.94
CA PRO SA 824 56.14 -129.10 26.36
C PRO SA 824 56.19 -129.17 24.84
N SER SA 825 56.54 -128.07 24.16
CA SER SA 825 56.58 -128.08 22.70
C SER SA 825 57.73 -128.93 22.19
N ILE SA 826 58.92 -128.77 22.77
CA ILE SA 826 60.07 -129.59 22.37
C ILE SA 826 59.86 -131.04 22.76
N THR SA 827 59.21 -131.27 23.91
CA THR SA 827 58.88 -132.64 24.32
C THR SA 827 57.87 -133.27 23.36
N ALA SA 828 56.89 -132.50 22.91
CA ALA SA 828 55.93 -133.00 21.92
C ALA SA 828 56.62 -133.29 20.59
N GLU SA 829 57.56 -132.44 20.18
CA GLU SA 829 58.30 -132.68 18.94
C GLU SA 829 59.17 -133.94 19.06
N PHE SA 830 59.80 -134.14 20.22
CA PHE SA 830 60.59 -135.36 20.43
C PHE SA 830 59.72 -136.60 20.45
N GLU SA 831 58.53 -136.50 21.05
CA GLU SA 831 57.60 -137.63 21.05
C GLU SA 831 57.11 -137.95 19.64
N LYS SA 832 56.84 -136.92 18.84
CA LYS SA 832 56.43 -137.14 17.45
C LYS SA 832 57.56 -137.76 16.63
N GLY SA 833 58.80 -137.31 16.86
CA GLY SA 833 59.93 -137.92 16.17
C GLY SA 833 60.15 -139.38 16.58
N THR SA 834 59.98 -139.67 17.87
CA THR SA 834 60.08 -141.06 18.34
C THR SA 834 58.99 -141.93 17.75
N ALA SA 835 57.76 -141.40 17.65
CA ALA SA 835 56.67 -142.14 17.05
C ALA SA 835 56.92 -142.39 15.56
N MET SA 836 57.47 -141.40 14.86
CA MET SA 836 57.82 -141.57 13.45
C MET SA 836 58.92 -142.60 13.27
N ILE SA 837 59.92 -142.60 14.17
CA ILE SA 837 60.99 -143.59 14.11
C ILE SA 837 60.46 -144.99 14.38
N GLU SA 838 59.53 -145.11 15.35
CA GLU SA 838 58.92 -146.40 15.64
C GLU SA 838 58.08 -146.90 14.46
N ARG SA 839 57.35 -146.00 13.80
CA ARG SA 839 56.57 -146.37 12.63
C ARG SA 839 57.47 -146.81 11.48
N ALA SA 840 58.60 -146.10 11.29
CA ALA SA 840 59.55 -146.50 10.24
C ALA SA 840 60.19 -147.85 10.56
N LEU SA 841 60.49 -148.11 11.84
CA LEU SA 841 61.06 -149.40 12.21
C LEU SA 841 60.04 -150.52 12.05
N ASP SA 842 58.76 -150.25 12.34
CA ASP SA 842 57.73 -151.24 12.14
C ASP SA 842 57.50 -151.52 10.66
N LEU SA 843 57.59 -150.49 9.82
CA LEU SA 843 57.46 -150.69 8.38
C LEU SA 843 58.64 -151.46 7.82
N GLY SA 844 59.85 -151.18 8.31
CA GLY SA 844 61.04 -151.88 7.88
C GLY SA 844 61.48 -151.52 6.47
N ASN SA 845 61.50 -152.49 5.57
CA ASN SA 845 61.90 -152.25 4.19
C ASN SA 845 60.84 -151.50 3.40
N ARG SA 846 59.60 -151.46 3.88
CA ARG SA 846 58.52 -150.77 3.20
C ARG SA 846 58.40 -149.30 3.61
N ALA SA 847 59.29 -148.82 4.48
CA ALA SA 847 59.23 -147.43 4.91
C ALA SA 847 59.70 -146.47 3.82
N LYS SA 848 60.46 -146.94 2.83
CA LYS SA 848 60.90 -146.07 1.75
C LYS SA 848 59.74 -145.67 0.84
N ASP SA 849 58.82 -146.60 0.59
CA ASP SA 849 57.66 -146.32 -0.26
C ASP SA 849 56.40 -145.98 0.53
N GLU SA 850 56.25 -146.53 1.74
CA GLU SA 850 55.07 -146.25 2.56
C GLU SA 850 55.46 -145.57 3.86
N SER TA 51 -134.34 12.59 11.87
CA SER TA 51 -133.22 12.08 11.09
C SER TA 51 -132.15 11.48 12.01
N LEU TA 52 -131.15 10.85 11.39
CA LEU TA 52 -130.06 10.25 12.16
C LEU TA 52 -129.22 11.32 12.86
N LEU TA 53 -128.96 12.44 12.18
CA LEU TA 53 -128.22 13.53 12.80
C LEU TA 53 -129.00 14.20 13.92
N ASP TA 54 -130.32 14.29 13.77
CA ASP TA 54 -131.14 14.84 14.84
C ASP TA 54 -131.22 13.88 16.03
N LYS TA 55 -131.25 12.58 15.76
CA LYS TA 55 -131.26 11.60 16.84
C LYS TA 55 -129.94 11.56 17.59
N LEU TA 56 -128.82 11.67 16.88
CA LEU TA 56 -127.51 11.69 17.50
C LEU TA 56 -127.30 13.01 18.24
N GLU TA 57 -126.72 12.93 19.44
CA GLU TA 57 -126.47 14.09 20.28
C GLU TA 57 -125.04 14.57 20.10
N ARG TA 58 -124.85 15.87 20.26
CA ARG TA 58 -123.51 16.46 20.14
C ARG TA 58 -122.66 16.07 21.34
N ARG TA 59 -121.46 15.54 21.06
CA ARG TA 59 -120.49 15.09 22.04
C ARG TA 59 -121.03 13.98 22.96
N ASN TA 60 -122.09 13.29 22.54
CA ASN TA 60 -122.64 12.20 23.32
C ASN TA 60 -123.09 11.03 22.45
N THR TA 61 -122.75 11.02 21.16
CA THR TA 61 -123.18 9.95 20.28
C THR TA 61 -122.41 8.67 20.57
N THR TA 62 -123.14 7.56 20.64
CA THR TA 62 -122.51 6.27 20.92
C THR TA 62 -121.95 5.65 19.64
N ALA TA 63 -121.03 4.72 19.82
CA ALA TA 63 -120.45 3.99 18.68
C ALA TA 63 -121.50 3.13 18.00
N LYS TA 64 -122.39 2.50 18.77
CA LYS TA 64 -123.47 1.71 18.19
C LYS TA 64 -124.44 2.59 17.41
N GLN TA 65 -124.75 3.78 17.94
CA GLN TA 65 -125.62 4.71 17.23
C GLN TA 65 -124.98 5.20 15.93
N ALA TA 66 -123.67 5.49 15.98
CA ALA TA 66 -122.96 5.91 14.76
C ALA TA 66 -122.92 4.79 13.74
N GLU TA 67 -122.70 3.55 14.19
CA GLU TA 67 -122.71 2.41 13.27
C GLU TA 67 -124.09 2.19 12.66
N ALA TA 68 -125.15 2.36 13.46
CA ALA TA 68 -126.51 2.23 12.93
C ALA TA 68 -126.83 3.34 11.93
N VAL TA 69 -126.35 4.56 12.19
CA VAL TA 69 -126.56 5.67 11.26
C VAL TA 69 -125.80 5.44 9.97
N GLU TA 70 -124.59 4.86 10.06
CA GLU TA 70 -123.81 4.57 8.87
C GLU TA 70 -124.42 3.42 8.06
N ASP TA 71 -124.95 2.41 8.74
CA ASP TA 71 -125.55 1.26 8.08
C ASP TA 71 -126.99 1.50 7.66
N SER TA 72 -127.60 2.62 8.05
CA SER TA 72 -128.93 2.96 7.60
C SER TA 72 -128.95 3.20 6.10
N ASP TA 73 -130.07 2.82 5.46
CA ASP TA 73 -130.21 2.95 4.02
C ASP TA 73 -130.33 4.41 3.58
N ILE TA 74 -130.75 5.30 4.46
CA ILE TA 74 -130.90 6.71 4.15
C ILE TA 74 -129.73 7.45 4.78
N ASN TA 75 -128.84 7.98 3.95
CA ASN TA 75 -127.73 8.78 4.43
C ASN TA 75 -128.20 10.21 4.64
N PRO TA 76 -128.12 10.76 5.86
CA PRO TA 76 -128.64 12.11 6.12
C PRO TA 76 -127.65 13.24 5.88
N TRP TA 77 -126.48 12.97 5.30
CA TRP TA 77 -125.55 14.04 4.95
C TRP TA 77 -126.13 14.93 3.86
N THR TA 78 -126.81 14.33 2.87
CA THR TA 78 -127.50 15.08 1.83
C THR TA 78 -128.91 14.55 1.59
N GLY TA 79 -129.44 13.72 2.48
CA GLY TA 79 -130.74 13.10 2.27
C GLY TA 79 -130.77 12.13 1.11
N GLN TA 80 -129.76 11.29 0.98
CA GLN TA 80 -129.60 10.41 -0.17
C GLN TA 80 -129.77 8.95 0.26
N ARG TA 81 -129.61 8.05 -0.71
CA ARG TA 81 -129.70 6.62 -0.48
C ARG TA 81 -128.32 5.98 -0.57
N HIS TA 82 -128.05 5.05 0.33
CA HIS TA 82 -126.75 4.38 0.35
C HIS TA 82 -126.62 3.44 -0.83
N SER TA 83 -125.40 3.30 -1.32
CA SER TA 83 -125.08 2.46 -2.48
C SER TA 83 -124.30 1.23 -2.03
N GLU TA 84 -124.08 0.33 -3.00
CA GLU TA 84 -123.32 -0.88 -2.72
C GLU TA 84 -121.86 -0.56 -2.39
N ARG TA 85 -121.27 0.40 -3.09
CA ARG TA 85 -119.90 0.82 -2.79
C ARG TA 85 -119.80 1.45 -1.41
N TYR TA 86 -120.80 2.25 -1.03
CA TYR TA 86 -120.83 2.84 0.31
C TYR TA 86 -120.99 1.77 1.38
N PHE TA 87 -121.82 0.76 1.13
CA PHE TA 87 -121.98 -0.34 2.06
C PHE TA 87 -120.68 -1.15 2.20
N LYS TA 88 -119.98 -1.37 1.08
CA LYS TA 88 -118.71 -2.08 1.13
C LYS TA 88 -117.66 -1.27 1.88
N ILE TA 89 -117.65 0.06 1.70
CA ILE TA 89 -116.71 0.91 2.42
C ILE TA 89 -117.02 0.91 3.91
N LEU TA 90 -118.30 0.93 4.27
CA LEU TA 90 -118.69 0.86 5.67
C LEU TA 90 -118.32 -0.49 6.29
N LYS TA 91 -118.47 -1.59 5.53
CA LYS TA 91 -118.07 -2.90 6.01
C LYS TA 91 -116.56 -2.99 6.20
N ALA TA 92 -115.80 -2.38 5.28
CA ALA TA 92 -114.34 -2.35 5.41
C ALA TA 92 -113.91 -1.53 6.62
N ARG TA 93 -114.58 -0.40 6.86
CA ARG TA 93 -114.28 0.42 8.03
C ARG TA 93 -114.62 -0.31 9.32
N ARG TA 94 -115.72 -1.07 9.32
CA ARG TA 94 -116.09 -1.87 10.48
C ARG TA 94 -115.08 -2.98 10.73
N LYS TA 95 -114.61 -3.63 9.65
CA LYS TA 95 -113.62 -4.69 9.80
C LYS TA 95 -112.25 -4.16 10.19
N LEU TA 96 -111.95 -2.91 9.87
CA LEU TA 96 -110.70 -2.30 10.27
C LEU TA 96 -110.66 -2.07 11.78
N PRO TA 97 -109.47 -1.95 12.35
CA PRO TA 97 -109.36 -1.79 13.82
C PRO TA 97 -109.79 -0.42 14.32
N VAL TA 98 -110.08 0.54 13.45
CA VAL TA 98 -110.52 1.85 13.89
C VAL TA 98 -111.91 1.77 14.51
N ASN TA 99 -112.79 0.94 13.94
CA ASN TA 99 -114.14 0.82 14.47
C ASN TA 99 -114.18 0.06 15.78
N LYS TA 100 -113.18 -0.79 16.03
CA LYS TA 100 -113.10 -1.50 17.30
C LYS TA 100 -112.80 -0.55 18.45
N GLN TA 101 -111.95 0.44 18.21
CA GLN TA 101 -111.61 1.46 19.20
C GLN TA 101 -112.36 2.77 18.98
N ARG TA 102 -113.39 2.76 18.12
CA ARG TA 102 -114.16 3.96 17.86
C ARG TA 102 -114.90 4.44 19.10
N GLN TA 103 -115.41 3.50 19.92
CA GLN TA 103 -116.09 3.88 21.15
C GLN TA 103 -115.12 4.53 22.13
N GLU TA 104 -113.91 3.98 22.26
CA GLU TA 104 -112.90 4.58 23.13
C GLU TA 104 -112.46 5.94 22.62
N PHE TA 105 -112.33 6.09 21.29
CA PHE TA 105 -111.95 7.37 20.71
C PHE TA 105 -113.03 8.42 20.94
N LEU TA 106 -114.31 8.04 20.79
CA LEU TA 106 -115.40 8.95 21.04
C LEU TA 106 -115.48 9.34 22.52
N ASP TA 107 -115.24 8.38 23.42
CA ASP TA 107 -115.23 8.69 24.85
C ASP TA 107 -114.09 9.63 25.20
N LEU TA 108 -112.91 9.42 24.62
CA LEU TA 108 -111.77 10.30 24.85
C LEU TA 108 -112.02 11.69 24.29
N TYR TA 109 -112.64 11.79 23.12
CA TYR TA 109 -112.95 13.09 22.55
C TYR TA 109 -114.03 13.81 23.35
N HIS TA 110 -114.97 13.08 23.94
CA HIS TA 110 -115.98 13.71 24.79
C HIS TA 110 -115.39 14.16 26.11
N ASN TA 111 -114.49 13.36 26.70
CA ASN TA 111 -113.96 13.68 28.02
C ASN TA 111 -112.77 14.63 27.97
N ASN TA 112 -112.16 14.84 26.80
CA ASN TA 112 -111.00 15.71 26.69
C ASN TA 112 -111.10 16.55 25.42
N GLN TA 113 -110.78 17.83 25.53
CA GLN TA 113 -110.81 18.71 24.36
C GLN TA 113 -109.66 18.40 23.41
N ILE TA 114 -108.49 18.07 23.96
CA ILE TA 114 -107.30 17.76 23.17
C ILE TA 114 -106.96 16.29 23.38
N LEU TA 115 -106.78 15.56 22.28
CA LEU TA 115 -106.52 14.13 22.33
C LEU TA 115 -105.46 13.77 21.31
N VAL TA 116 -104.73 12.69 21.59
CA VAL TA 116 -103.71 12.15 20.70
C VAL TA 116 -104.04 10.69 20.44
N PHE TA 117 -104.06 10.31 19.17
CA PHE TA 117 -104.30 8.93 18.76
C PHE TA 117 -103.07 8.42 18.03
N VAL TA 118 -102.45 7.36 18.56
CA VAL TA 118 -101.27 6.76 17.97
C VAL TA 118 -101.67 5.41 17.39
N GLY TA 119 -101.47 5.25 16.09
CA GLY TA 119 -101.87 4.03 15.41
C GLY TA 119 -100.99 3.75 14.21
N GLU TA 120 -100.94 2.48 13.83
CA GLU TA 120 -100.14 2.06 12.70
C GLU TA 120 -100.78 2.50 11.39
N THR TA 121 -99.99 2.45 10.32
CA THR TA 121 -100.47 2.82 9.00
C THR TA 121 -101.48 1.80 8.49
N GLY TA 122 -102.53 2.30 7.85
CA GLY TA 122 -103.58 1.45 7.33
C GLY TA 122 -104.66 1.08 8.32
N SER TA 123 -104.56 1.55 9.57
CA SER TA 123 -105.58 1.25 10.57
C SER TA 123 -106.86 2.05 10.38
N GLY TA 124 -106.80 3.15 9.63
CA GLY TA 124 -107.96 3.97 9.39
C GLY TA 124 -108.06 5.24 10.20
N LYS TA 125 -106.95 5.73 10.75
CA LYS TA 125 -106.98 6.95 11.54
C LYS TA 125 -107.19 8.19 10.66
N THR TA 126 -106.78 8.12 9.40
CA THR TA 126 -106.92 9.27 8.51
C THR TA 126 -108.35 9.45 8.01
N THR TA 127 -109.13 8.36 7.94
CA THR TA 127 -110.46 8.41 7.35
C THR TA 127 -111.58 8.14 8.36
N GLN TA 128 -111.48 7.05 9.12
CA GLN TA 128 -112.57 6.67 10.01
C GLN TA 128 -112.67 7.60 11.22
N ILE TA 129 -111.54 8.10 11.71
CA ILE TA 129 -111.56 9.04 12.84
C ILE TA 129 -112.26 10.34 12.46
N PRO TA 130 -112.01 10.94 11.29
CA PRO TA 130 -112.70 12.21 10.98
C PRO TA 130 -114.19 12.07 10.79
N GLN TA 131 -114.66 10.96 10.20
CA GLN TA 131 -116.09 10.75 10.04
C GLN TA 131 -116.79 10.58 11.39
N TYR TA 132 -116.19 9.81 12.30
CA TYR TA 132 -116.75 9.65 13.63
C TYR TA 132 -116.70 10.96 14.41
N VAL TA 133 -115.63 11.74 14.22
CA VAL TA 133 -115.53 13.04 14.89
C VAL TA 133 -116.61 13.99 14.40
N LEU TA 134 -116.87 14.00 13.09
CA LEU TA 134 -117.93 14.85 12.54
C LEU TA 134 -119.30 14.39 13.00
N TYR TA 135 -119.51 13.06 13.06
CA TYR TA 135 -120.79 12.53 13.54
C TYR TA 135 -121.03 12.87 15.01
N ASP TA 136 -119.98 12.83 15.83
CA ASP TA 136 -120.12 13.21 17.23
C ASP TA 136 -120.30 14.71 17.39
N GLU TA 137 -119.65 15.51 16.53
CA GLU TA 137 -119.74 16.96 16.64
C GLU TA 137 -121.08 17.50 16.15
N LEU TA 138 -121.71 16.82 15.17
CA LEU TA 138 -122.96 17.22 14.53
C LEU TA 138 -122.84 18.64 13.97
N PRO TA 139 -122.12 18.83 12.87
CA PRO TA 139 -121.88 20.20 12.36
C PRO TA 139 -123.14 20.91 11.88
N HIS TA 140 -124.23 20.19 11.62
CA HIS TA 140 -125.48 20.84 11.23
C HIS TA 140 -126.07 21.64 12.38
N GLN TA 141 -125.86 21.22 13.61
CA GLN TA 141 -126.36 21.91 14.79
C GLN TA 141 -125.38 22.96 15.33
N THR TA 142 -124.20 23.08 14.74
CA THR TA 142 -123.19 24.03 15.19
C THR TA 142 -122.79 25.06 14.14
N GLY TA 143 -122.86 24.71 12.86
CA GLY TA 143 -122.49 25.63 11.80
C GLY TA 143 -121.00 25.71 11.49
N LYS TA 144 -120.18 24.95 12.21
CA LYS TA 144 -118.74 24.94 11.98
C LYS TA 144 -118.33 23.59 11.40
N LEU TA 145 -117.35 23.62 10.50
CA LEU TA 145 -116.89 22.43 9.80
C LEU TA 145 -115.78 21.73 10.59
N ILE TA 146 -115.36 20.59 10.06
CA ILE TA 146 -114.27 19.80 10.63
C ILE TA 146 -113.06 19.95 9.72
N ALA TA 147 -111.89 20.11 10.32
CA ALA TA 147 -110.65 20.32 9.59
C ALA TA 147 -109.73 19.11 9.75
N CYS TA 148 -109.11 18.70 8.65
CA CYS TA 148 -108.16 17.59 8.64
C CYS TA 148 -106.84 18.12 8.06
N THR TA 149 -105.88 18.39 8.94
CA THR TA 149 -104.58 18.90 8.52
C THR TA 149 -103.68 17.75 8.08
N GLN TA 150 -103.10 17.89 6.89
CA GLN TA 150 -102.23 16.88 6.30
C GLN TA 150 -100.93 17.53 5.86
N PRO TA 151 -99.86 16.74 5.74
CA PRO TA 151 -98.57 17.33 5.35
C PRO TA 151 -98.47 17.60 3.85
N ARG TA 152 -99.12 16.76 3.04
CA ARG TA 152 -99.05 16.86 1.59
C ARG TA 152 -100.43 17.21 1.04
N ARG TA 153 -100.44 18.13 0.06
CA ARG TA 153 -101.69 18.54 -0.57
C ARG TA 153 -102.31 17.39 -1.37
N VAL TA 154 -101.48 16.61 -2.06
CA VAL TA 154 -101.98 15.46 -2.83
C VAL TA 154 -102.54 14.40 -1.90
N ALA TA 155 -101.86 14.16 -0.77
CA ALA TA 155 -102.37 13.21 0.22
C ALA TA 155 -103.66 13.70 0.84
N ALA TA 156 -103.78 15.00 1.09
CA ALA TA 156 -105.02 15.56 1.62
C ALA TA 156 -106.16 15.42 0.62
N MET TA 157 -105.88 15.66 -0.67
CA MET TA 157 -106.90 15.50 -1.70
C MET TA 157 -107.33 14.04 -1.82
N SER TA 158 -106.37 13.11 -1.75
CA SER TA 158 -106.70 11.68 -1.80
C SER TA 158 -107.52 11.26 -0.58
N VAL TA 159 -107.19 11.78 0.60
CA VAL TA 159 -107.96 11.46 1.80
C VAL TA 159 -109.36 12.03 1.72
N ALA TA 160 -109.50 13.25 1.17
CA ALA TA 160 -110.83 13.83 0.98
C ALA TA 160 -111.66 13.04 -0.02
N GLN TA 161 -111.03 12.57 -1.10
CA GLN TA 161 -111.74 11.75 -2.08
C GLN TA 161 -112.17 10.41 -1.47
N ARG TA 162 -111.29 9.80 -0.66
CA ARG TA 162 -111.64 8.55 0.02
C ARG TA 162 -112.77 8.76 1.01
N VAL TA 163 -112.76 9.88 1.74
CA VAL TA 163 -113.83 10.17 2.69
C VAL TA 163 -115.15 10.41 1.97
N ALA TA 164 -115.10 11.11 0.83
CA ALA TA 164 -116.32 11.32 0.04
C ALA TA 164 -116.85 10.01 -0.53
N ASP TA 165 -115.96 9.12 -0.97
CA ASP TA 165 -116.40 7.82 -1.46
C ASP TA 165 -116.99 6.96 -0.34
N GLU TA 166 -116.43 7.05 0.86
CA GLU TA 166 -116.96 6.31 2.00
C GLU TA 166 -118.31 6.86 2.44
N LEU TA 167 -118.48 8.18 2.39
CA LEU TA 167 -119.72 8.82 2.80
C LEU TA 167 -120.76 8.91 1.68
N ASP TA 168 -120.40 8.43 0.47
CA ASP TA 168 -121.31 8.40 -0.68
C ASP TA 168 -121.80 9.80 -1.05
N VAL TA 169 -120.88 10.77 -1.04
CA VAL TA 169 -121.19 12.14 -1.39
C VAL TA 169 -120.19 12.63 -2.43
N LYS TA 170 -120.59 13.67 -3.15
CA LYS TA 170 -119.73 14.24 -4.19
C LYS TA 170 -118.54 14.96 -3.57
N LEU TA 171 -117.44 15.00 -4.33
CA LEU TA 171 -116.23 15.68 -3.87
C LEU TA 171 -116.44 17.19 -3.93
N GLY TA 172 -116.29 17.84 -2.78
CA GLY TA 172 -116.49 19.27 -2.67
C GLY TA 172 -117.85 19.67 -2.13
N GLU TA 173 -118.83 18.76 -2.17
CA GLU TA 173 -120.16 19.07 -1.64
C GLU TA 173 -120.20 18.87 -0.13
N GLU TA 174 -119.93 17.66 0.33
CA GLU TA 174 -119.87 17.35 1.75
C GLU TA 174 -118.44 17.20 2.26
N VAL TA 175 -117.58 16.54 1.50
CA VAL TA 175 -116.16 16.39 1.82
C VAL TA 175 -115.37 17.24 0.84
N GLY TA 176 -114.58 18.18 1.36
CA GLY TA 176 -113.85 19.12 0.54
C GLY TA 176 -112.35 18.99 0.71
N TYR TA 177 -111.63 19.56 -0.25
CA TYR TA 177 -110.17 19.57 -0.24
C TYR TA 177 -109.66 20.98 -0.47
N SER TA 178 -108.64 21.36 0.29
CA SER TA 178 -108.04 22.68 0.19
C SER TA 178 -106.54 22.53 -0.01
N ILE TA 179 -106.02 23.14 -1.08
CA ILE TA 179 -104.61 23.10 -1.41
C ILE TA 179 -104.16 24.50 -1.81
N ARG TA 180 -102.89 24.60 -2.22
CA ARG TA 180 -102.35 25.87 -2.69
C ARG TA 180 -102.95 26.22 -4.05
N PHE TA 181 -103.67 27.34 -4.10
CA PHE TA 181 -104.39 27.82 -5.29
C PHE TA 181 -105.40 26.78 -5.79
N GLU TA 182 -105.99 26.02 -4.87
CA GLU TA 182 -106.98 25.00 -5.23
C GLU TA 182 -107.86 24.78 -4.01
N ASN TA 183 -109.06 25.35 -4.02
CA ASN TA 183 -110.01 25.25 -2.93
C ASN TA 183 -111.27 24.57 -3.47
N LYS TA 184 -111.29 23.24 -3.42
CA LYS TA 184 -112.43 22.45 -3.87
C LYS TA 184 -113.36 22.19 -2.69
N THR TA 185 -114.16 23.19 -2.36
CA THR TA 185 -115.08 23.10 -1.23
C THR TA 185 -116.28 24.01 -1.50
N SER TA 186 -117.37 23.73 -0.79
CA SER TA 186 -118.60 24.51 -0.91
C SER TA 186 -119.08 24.90 0.48
N SER TA 187 -120.24 25.57 0.53
CA SER TA 187 -120.79 26.02 1.80
C SER TA 187 -121.39 24.89 2.63
N LYS TA 188 -121.73 23.77 1.99
CA LYS TA 188 -122.32 22.64 2.68
C LYS TA 188 -121.29 21.62 3.15
N THR TA 189 -120.01 21.91 2.97
CA THR TA 189 -118.97 20.96 3.36
C THR TA 189 -118.83 20.93 4.89
N LEU TA 190 -118.79 19.72 5.44
CA LEU TA 190 -118.59 19.52 6.87
C LEU TA 190 -117.20 19.06 7.23
N LEU TA 191 -116.57 18.25 6.40
CA LEU TA 191 -115.18 17.82 6.59
C LEU TA 191 -114.35 18.31 5.42
N LYS TA 192 -113.25 19.01 5.75
CA LYS TA 192 -112.36 19.56 4.74
C LYS TA 192 -110.94 19.13 5.06
N TYR TA 193 -110.28 18.49 4.10
CA TYR TA 193 -108.89 18.09 4.24
C TYR TA 193 -108.02 19.17 3.61
N MET TA 194 -107.14 19.76 4.41
CA MET TA 194 -106.29 20.86 3.97
C MET TA 194 -104.85 20.59 4.38
N THR TA 195 -103.93 21.20 3.63
CA THR TA 195 -102.51 21.08 3.93
C THR TA 195 -102.16 21.90 5.17
N ASP TA 196 -100.94 21.66 5.68
CA ASP TA 196 -100.46 22.43 6.83
C ASP TA 196 -100.28 23.90 6.47
N GLY TA 197 -99.79 24.18 5.26
CA GLY TA 197 -99.69 25.56 4.81
C GLY TA 197 -101.04 26.22 4.64
N GLN TA 198 -102.03 25.47 4.15
CA GLN TA 198 -103.40 25.99 4.05
C GLN TA 198 -103.97 26.29 5.43
N LEU TA 199 -103.71 25.41 6.40
CA LEU TA 199 -104.17 25.65 7.77
C LEU TA 199 -103.48 26.88 8.37
N LEU TA 200 -102.19 27.05 8.10
CA LEU TA 200 -101.48 28.23 8.57
C LEU TA 200 -102.02 29.51 7.93
N ARG TA 201 -102.34 29.46 6.64
CA ARG TA 201 -102.94 30.61 5.97
C ARG TA 201 -104.32 30.93 6.53
N GLU TA 202 -105.11 29.89 6.83
CA GLU TA 202 -106.42 30.10 7.45
C GLU TA 202 -106.29 30.70 8.85
N ALA TA 203 -105.29 30.25 9.62
CA ALA TA 203 -105.05 30.82 10.94
C ALA TA 203 -104.59 32.27 10.85
N MET TA 204 -103.77 32.60 9.84
CA MET TA 204 -103.35 33.98 9.63
C MET TA 204 -104.53 34.86 9.23
N HIS TA 205 -105.44 34.33 8.40
CA HIS TA 205 -106.62 35.08 8.02
C HIS TA 205 -107.56 35.29 9.21
N ASP TA 206 -107.75 34.26 10.03
CA ASP TA 206 -108.62 34.37 11.21
C ASP TA 206 -108.09 33.38 12.25
N ARG TA 207 -107.29 33.91 13.20
CA ARG TA 207 -106.73 33.09 14.26
C ARG TA 207 -107.78 32.61 15.26
N ASP TA 208 -108.99 33.17 15.23
CA ASP TA 208 -110.04 32.70 16.12
C ASP TA 208 -110.52 31.30 15.78
N MET TA 209 -110.43 30.92 14.50
CA MET TA 209 -110.82 29.60 13.99
C MET TA 209 -112.27 29.27 14.33
N SER TA 210 -113.16 30.25 14.13
CA SER TA 210 -114.57 30.04 14.42
C SER TA 210 -115.25 29.15 13.37
N ARG TA 211 -114.68 29.07 12.16
CA ARG TA 211 -115.29 28.26 11.12
C ARG TA 211 -115.04 26.77 11.32
N TYR TA 212 -114.08 26.40 12.18
CA TYR TA 212 -113.74 25.01 12.44
C TYR TA 212 -114.03 24.69 13.91
N SER TA 213 -114.78 23.63 14.15
CA SER TA 213 -115.09 23.17 15.50
C SER TA 213 -114.14 22.10 16.00
N CYS TA 214 -113.80 21.14 15.15
CA CYS TA 214 -112.85 20.07 15.48
C CYS TA 214 -111.79 20.00 14.41
N ILE TA 215 -110.52 20.02 14.82
CA ILE TA 215 -109.38 19.97 13.92
C ILE TA 215 -108.53 18.77 14.30
N ILE TA 216 -108.27 17.90 13.33
CA ILE TA 216 -107.43 16.72 13.52
C ILE TA 216 -106.25 16.85 12.57
N LEU TA 217 -105.04 16.88 13.14
CA LEU TA 217 -103.81 16.99 12.37
C LEU TA 217 -103.16 15.61 12.31
N ASP TA 218 -103.07 15.05 11.10
CA ASP TA 218 -102.48 13.75 10.89
C ASP TA 218 -101.06 13.88 10.34
N GLU TA 219 -100.32 12.77 10.39
CA GLU TA 219 -98.92 12.69 9.98
C GLU TA 219 -98.06 13.72 10.70
N ALA TA 220 -98.24 13.80 12.02
CA ALA TA 220 -97.49 14.74 12.85
C ALA TA 220 -96.04 14.33 13.06
N HIS TA 221 -95.67 13.10 12.68
CA HIS TA 221 -94.30 12.65 12.84
C HIS TA 221 -93.34 13.26 11.81
N GLU TA 222 -93.86 13.94 10.79
CA GLU TA 222 -92.99 14.58 9.80
C GLU TA 222 -92.26 15.79 10.38
N ARG TA 223 -92.84 16.40 11.42
CA ARG TA 223 -92.26 17.56 12.13
C ARG TA 223 -91.98 18.72 11.18
N THR TA 224 -92.96 19.02 10.33
CA THR TA 224 -92.85 20.15 9.43
C THR TA 224 -92.98 21.47 10.19
N LEU TA 225 -92.43 22.53 9.60
CA LEU TA 225 -92.52 23.85 10.20
C LEU TA 225 -93.96 24.35 10.24
N ALA TA 226 -94.69 24.18 9.14
CA ALA TA 226 -96.10 24.57 9.11
C ALA TA 226 -96.94 23.69 10.03
N THR TA 227 -96.60 22.41 10.14
CA THR TA 227 -97.31 21.54 11.08
C THR TA 227 -97.06 21.95 12.52
N ASP TA 228 -95.83 22.34 12.85
CA ASP TA 228 -95.53 22.80 14.20
C ASP TA 228 -96.23 24.13 14.49
N ILE TA 229 -96.29 25.02 13.51
CA ILE TA 229 -96.99 26.29 13.67
C ILE TA 229 -98.48 26.06 13.87
N LEU TA 230 -99.06 25.12 13.12
CA LEU TA 230 -100.46 24.78 13.29
C LEU TA 230 -100.73 24.14 14.64
N MET TA 231 -99.81 23.31 15.12
CA MET TA 231 -99.95 22.71 16.45
C MET TA 231 -99.88 23.78 17.55
N ALA TA 232 -98.97 24.75 17.40
CA ALA TA 232 -98.89 25.84 18.37
C ALA TA 232 -100.15 26.70 18.35
N LEU TA 233 -100.67 26.98 17.15
CA LEU TA 233 -101.91 27.75 17.02
C LEU TA 233 -103.09 26.99 17.62
N LEU TA 234 -103.15 25.66 17.42
CA LEU TA 234 -104.21 24.86 18.01
C LEU TA 234 -104.11 24.82 19.52
N LYS TA 235 -102.89 24.74 20.06
CA LYS TA 235 -102.70 24.78 21.50
C LYS TA 235 -103.13 26.13 22.08
N GLN TA 236 -102.79 27.22 21.39
CA GLN TA 236 -103.23 28.55 21.83
C GLN TA 236 -104.74 28.69 21.77
N LEU TA 237 -105.37 28.16 20.71
CA LEU TA 237 -106.81 28.22 20.59
C LEU TA 237 -107.51 27.37 21.66
N SER TA 238 -106.93 26.21 22.00
CA SER TA 238 -107.50 25.39 23.06
C SER TA 238 -107.32 26.04 24.43
N GLU TA 239 -106.20 26.74 24.64
CA GLU TA 239 -106.02 27.47 25.89
C GLU TA 239 -106.97 28.66 25.99
N ARG TA 240 -107.27 29.30 24.86
CA ARG TA 240 -108.18 30.45 24.88
C ARG TA 240 -109.63 30.00 25.06
N ARG TA 241 -110.14 29.18 24.14
CA ARG TA 241 -111.52 28.71 24.18
C ARG TA 241 -111.54 27.19 24.23
N LYS TA 242 -112.39 26.64 25.08
CA LYS TA 242 -112.50 25.20 25.25
C LYS TA 242 -113.49 24.56 24.28
N ASP TA 243 -114.17 25.36 23.45
CA ASP TA 243 -115.16 24.82 22.52
C ASP TA 243 -114.52 24.14 21.32
N LEU TA 244 -113.24 24.37 21.06
CA LEU TA 244 -112.56 23.77 19.93
C LEU TA 244 -111.95 22.42 20.33
N LYS TA 245 -112.11 21.43 19.46
CA LYS TA 245 -111.56 20.10 19.69
C LYS TA 245 -110.29 19.94 18.87
N ILE TA 246 -109.25 19.40 19.51
CA ILE TA 246 -107.95 19.19 18.87
C ILE TA 246 -107.62 17.70 18.93
N ILE TA 247 -107.24 17.14 17.79
CA ILE TA 247 -106.83 15.75 17.70
C ILE TA 247 -105.50 15.69 16.97
N VAL TA 248 -104.57 14.89 17.50
CA VAL TA 248 -103.25 14.72 16.90
C VAL TA 248 -103.08 13.24 16.58
N MET TA 249 -102.96 12.92 15.29
CA MET TA 249 -102.78 11.55 14.83
C MET TA 249 -101.29 11.29 14.61
N SER TA 250 -100.80 10.18 15.16
CA SER TA 250 -99.39 9.85 15.07
C SER TA 250 -99.23 8.38 14.72
N ALA TA 251 -98.06 8.04 14.19
CA ALA TA 251 -97.72 6.67 13.84
C ALA TA 251 -96.38 6.24 14.43
N THR TA 252 -95.75 7.07 15.24
CA THR TA 252 -94.47 6.79 15.85
C THR TA 252 -94.64 6.60 17.36
N LEU TA 253 -93.52 6.45 18.08
CA LEU TA 253 -93.52 6.26 19.52
C LEU TA 253 -93.42 7.58 20.27
N ASP TA 254 -93.80 8.69 19.66
CA ASP TA 254 -93.75 10.01 20.28
C ASP TA 254 -95.08 10.40 20.93
N ALA TA 255 -95.86 9.43 21.38
CA ALA TA 255 -97.13 9.73 22.04
C ALA TA 255 -96.90 10.42 23.38
N GLN TA 256 -95.88 10.00 24.13
CA GLN TA 256 -95.56 10.67 25.39
C GLN TA 256 -95.10 12.10 25.16
N LYS TA 257 -94.29 12.34 24.12
CA LYS TA 257 -93.87 13.70 23.79
C LYS TA 257 -95.06 14.55 23.35
N PHE TA 258 -95.99 13.98 22.58
CA PHE TA 258 -97.19 14.70 22.18
C PHE TA 258 -98.06 15.05 23.37
N GLN TA 259 -98.19 14.12 24.32
CA GLN TA 259 -98.96 14.39 25.53
C GLN TA 259 -98.30 15.46 26.39
N SER TA 260 -96.97 15.43 26.48
CA SER TA 260 -96.25 16.46 27.22
C SER TA 260 -96.39 17.83 26.55
N TYR TA 261 -96.40 17.86 25.21
CA TYR TA 261 -96.61 19.11 24.49
C TYR TA 261 -98.03 19.63 24.67
N PHE TA 262 -99.01 18.72 24.69
CA PHE TA 262 -100.42 19.10 24.84
C PHE TA 262 -100.88 19.08 26.28
N PHE TA 263 -99.95 19.03 27.24
CA PHE TA 263 -100.22 19.10 28.68
C PHE TA 263 -101.10 17.94 29.14
N ASN TA 264 -100.53 16.73 28.97
CA ASN TA 264 -101.14 15.46 29.42
C ASN TA 264 -102.49 15.22 28.76
N ALA TA 265 -102.51 15.29 27.43
CA ALA TA 265 -103.71 14.99 26.67
C ALA TA 265 -104.00 13.49 26.71
N PRO TA 266 -105.25 13.09 26.51
CA PRO TA 266 -105.59 11.66 26.51
C PRO TA 266 -105.05 10.98 25.26
N LEU TA 267 -104.32 9.88 25.47
CA LEU TA 267 -103.67 9.15 24.40
C LEU TA 267 -104.36 7.80 24.19
N LEU TA 268 -104.75 7.53 22.94
CA LEU TA 268 -105.41 6.29 22.58
C LEU TA 268 -104.54 5.55 21.57
N ALA TA 269 -104.26 4.29 21.86
CA ALA TA 269 -103.39 3.46 21.01
C ALA TA 269 -104.23 2.48 20.21
N VAL TA 270 -104.00 2.46 18.91
CA VAL TA 270 -104.70 1.56 17.99
C VAL TA 270 -103.77 0.40 17.67
N PRO TA 271 -104.15 -0.84 17.99
CA PRO TA 271 -103.27 -1.98 17.74
C PRO TA 271 -103.36 -2.43 16.28
N GLY TA 272 -102.66 -3.52 15.98
CA GLY TA 272 -102.61 -4.05 14.63
C GLY TA 272 -101.21 -4.20 14.09
N ARG TA 273 -100.85 -5.43 13.70
CA ARG TA 273 -99.53 -5.74 13.19
C ARG TA 273 -99.59 -6.01 11.69
N THR TA 274 -98.43 -6.40 11.14
CA THR TA 274 -98.32 -6.68 9.71
C THR TA 274 -97.41 -7.90 9.54
N HIS TA 275 -96.96 -8.12 8.31
CA HIS TA 275 -96.10 -9.25 8.01
C HIS TA 275 -94.71 -9.03 8.61
N PRO TA 276 -93.98 -10.11 8.90
CA PRO TA 276 -92.67 -9.97 9.55
C PRO TA 276 -91.59 -9.50 8.59
N VAL TA 277 -90.63 -8.78 9.15
CA VAL TA 277 -89.46 -8.30 8.42
C VAL TA 277 -88.22 -8.65 9.23
N GLU TA 278 -87.32 -9.43 8.64
CA GLU TA 278 -86.07 -9.78 9.29
C GLU TA 278 -85.04 -8.69 8.99
N ILE TA 279 -84.49 -8.10 10.04
CA ILE TA 279 -83.57 -6.98 9.92
C ILE TA 279 -82.14 -7.51 10.08
N PHE TA 280 -81.31 -7.26 9.09
CA PHE TA 280 -79.90 -7.64 9.12
C PHE TA 280 -79.03 -6.41 9.01
N TYR TA 281 -77.88 -6.45 9.66
CA TYR TA 281 -76.93 -5.34 9.66
C TYR TA 281 -75.61 -5.79 9.05
N THR TA 282 -74.92 -4.84 8.43
CA THR TA 282 -73.60 -5.13 7.89
C THR TA 282 -72.60 -5.36 9.01
N PRO TA 283 -71.58 -6.20 8.76
CA PRO TA 283 -70.56 -6.43 9.80
C PRO TA 283 -69.71 -5.21 10.11
N GLU TA 284 -69.61 -4.25 9.18
CA GLU TA 284 -68.82 -3.04 9.39
C GLU TA 284 -69.35 -1.95 8.49
N ALA TA 285 -68.95 -0.71 8.80
CA ALA TA 285 -69.33 0.42 7.97
C ALA TA 285 -68.53 0.43 6.68
N GLU TA 286 -69.24 0.59 5.56
CA GLU TA 286 -68.62 0.54 4.24
C GLU TA 286 -68.46 1.96 3.70
N ARG TA 287 -67.28 2.26 3.17
CA ARG TA 287 -67.02 3.59 2.61
C ARG TA 287 -67.79 3.80 1.31
N ASP TA 288 -67.92 2.76 0.50
CA ASP TA 288 -68.61 2.84 -0.79
C ASP TA 288 -70.02 2.28 -0.60
N TYR TA 289 -70.96 3.18 -0.25
CA TYR TA 289 -72.34 2.77 -0.04
C TYR TA 289 -72.99 2.31 -1.33
N VAL TA 290 -72.70 2.99 -2.44
CA VAL TA 290 -73.29 2.62 -3.73
C VAL TA 290 -72.77 1.26 -4.19
N GLU TA 291 -71.46 1.03 -4.05
CA GLU TA 291 -70.89 -0.26 -4.42
C GLU TA 291 -71.39 -1.37 -3.50
N ALA TA 292 -71.55 -1.08 -2.20
CA ALA TA 292 -72.09 -2.06 -1.27
C ALA TA 292 -73.53 -2.41 -1.60
N ALA TA 293 -74.34 -1.40 -1.97
CA ALA TA 293 -75.72 -1.66 -2.37
C ALA TA 293 -75.79 -2.46 -3.66
N ILE TA 294 -74.90 -2.17 -4.62
CA ILE TA 294 -74.87 -2.93 -5.86
C ILE TA 294 -74.48 -4.38 -5.61
N ARG TA 295 -73.49 -4.60 -4.74
CA ARG TA 295 -73.08 -5.96 -4.39
C ARG TA 295 -74.19 -6.70 -3.65
N THR TA 296 -74.91 -6.00 -2.76
CA THR TA 296 -76.01 -6.63 -2.04
C THR TA 296 -77.16 -6.98 -2.98
N VAL TA 297 -77.44 -6.12 -3.96
CA VAL TA 297 -78.48 -6.41 -4.93
C VAL TA 297 -78.09 -7.59 -5.81
N LEU TA 298 -76.81 -7.66 -6.22
CA LEU TA 298 -76.33 -8.80 -6.99
C LEU TA 298 -76.40 -10.10 -6.20
N GLN TA 299 -76.04 -10.04 -4.91
CA GLN TA 299 -76.12 -11.22 -4.06
C GLN TA 299 -77.56 -11.66 -3.84
N ILE TA 300 -78.49 -10.70 -3.71
CA ILE TA 300 -79.90 -11.03 -3.54
C ILE TA 300 -80.46 -11.64 -4.81
N HIS TA 301 -80.02 -11.16 -5.97
CA HIS TA 301 -80.46 -11.74 -7.24
C HIS TA 301 -79.90 -13.14 -7.43
N ALA TA 302 -78.63 -13.35 -7.04
CA ALA TA 302 -77.98 -14.64 -7.29
C ALA TA 302 -78.42 -15.71 -6.30
N CYS TA 303 -78.59 -15.36 -5.02
CA CYS TA 303 -78.78 -16.36 -3.97
C CYS TA 303 -80.12 -16.28 -3.27
N GLU TA 304 -80.62 -15.07 -2.99
CA GLU TA 304 -81.86 -14.93 -2.24
C GLU TA 304 -83.06 -15.31 -3.11
N PRO TA 305 -84.21 -15.58 -2.49
CA PRO TA 305 -85.37 -16.05 -3.25
C PRO TA 305 -86.05 -14.96 -4.07
N GLU TA 306 -87.17 -15.31 -4.69
CA GLU TA 306 -87.89 -14.36 -5.54
C GLU TA 306 -88.51 -13.24 -4.73
N GLY TA 307 -88.52 -12.05 -5.32
CA GLY TA 307 -89.07 -10.88 -4.65
C GLY TA 307 -88.40 -9.60 -5.10
N ASP TA 308 -89.16 -8.51 -5.17
CA ASP TA 308 -88.60 -7.23 -5.57
C ASP TA 308 -87.69 -6.68 -4.47
N ILE TA 309 -86.66 -5.95 -4.90
CA ILE TA 309 -85.67 -5.37 -4.00
C ILE TA 309 -85.68 -3.86 -4.19
N LEU TA 310 -85.80 -3.14 -3.08
CA LEU TA 310 -85.79 -1.68 -3.07
C LEU TA 310 -84.52 -1.20 -2.40
N LEU TA 311 -83.76 -0.38 -3.10
CA LEU TA 311 -82.48 0.14 -2.61
C LEU TA 311 -82.59 1.62 -2.31
N PHE TA 312 -81.87 2.04 -1.27
CA PHE TA 312 -81.87 3.44 -0.82
C PHE TA 312 -80.69 4.17 -1.45
N LEU TA 313 -80.98 5.10 -2.34
CA LEU TA 313 -79.97 5.93 -2.98
C LEU TA 313 -80.00 7.33 -2.37
N THR TA 314 -79.22 8.25 -2.94
CA THR TA 314 -79.11 9.61 -2.41
C THR TA 314 -79.46 10.68 -3.43
N GLY TA 315 -79.01 10.55 -4.68
CA GLY TA 315 -79.21 11.57 -5.68
C GLY TA 315 -79.67 10.98 -7.01
N GLU TA 316 -80.09 11.87 -7.90
CA GLU TA 316 -80.62 11.44 -9.19
C GLU TA 316 -79.52 10.89 -10.09
N GLU TA 317 -78.39 11.61 -10.19
CA GLU TA 317 -77.27 11.14 -11.01
C GLU TA 317 -76.65 9.88 -10.44
N GLU TA 318 -76.54 9.80 -9.10
CA GLU TA 318 -76.04 8.59 -8.46
C GLU TA 318 -76.98 7.41 -8.68
N ILE TA 319 -78.29 7.66 -8.64
CA ILE TA 319 -79.27 6.61 -8.89
C ILE TA 319 -79.20 6.13 -10.33
N GLU TA 320 -79.02 7.06 -11.28
CA GLU TA 320 -78.90 6.68 -12.69
C GLU TA 320 -77.62 5.88 -12.94
N ASP TA 321 -76.51 6.29 -12.32
CA ASP TA 321 -75.25 5.55 -12.46
C ASP TA 321 -75.36 4.17 -11.83
N ALA TA 322 -76.03 4.06 -10.67
CA ALA TA 322 -76.23 2.78 -10.03
C ALA TA 322 -77.14 1.87 -10.87
N CYS TA 323 -78.16 2.46 -11.50
CA CYS TA 323 -79.03 1.69 -12.38
C CYS TA 323 -78.28 1.17 -13.61
N ARG TA 324 -77.42 2.00 -14.19
CA ARG TA 324 -76.61 1.57 -15.32
C ARG TA 324 -75.63 0.47 -14.92
N ARG TA 325 -75.01 0.61 -13.74
CA ARG TA 325 -74.11 -0.41 -13.24
C ARG TA 325 -74.83 -1.72 -12.95
N ILE TA 326 -76.06 -1.62 -12.40
CA ILE TA 326 -76.84 -2.82 -12.10
C ILE TA 326 -77.28 -3.50 -13.39
N SER TA 327 -77.62 -2.72 -14.42
CA SER TA 327 -77.98 -3.30 -15.71
C SER TA 327 -76.78 -4.00 -16.34
N LEU TA 328 -75.61 -3.39 -16.27
CA LEU TA 328 -74.40 -4.03 -16.80
C LEU TA 328 -74.06 -5.29 -16.03
N GLU TA 329 -74.22 -5.27 -14.70
CA GLU TA 329 -73.96 -6.44 -13.89
C GLU TA 329 -74.95 -7.57 -14.18
N VAL TA 330 -76.22 -7.21 -14.40
CA VAL TA 330 -77.22 -8.22 -14.73
C VAL TA 330 -76.95 -8.81 -16.11
N ASP TA 331 -76.51 -7.98 -17.05
CA ASP TA 331 -76.13 -8.49 -18.38
C ASP TA 331 -74.95 -9.44 -18.29
N GLU TA 332 -73.93 -9.08 -17.49
CA GLU TA 332 -72.78 -9.96 -17.30
C GLU TA 332 -73.17 -11.25 -16.61
N MET TA 333 -74.07 -11.18 -15.62
CA MET TA 333 -74.52 -12.39 -14.92
C MET TA 333 -75.33 -13.29 -15.84
N ILE TA 334 -76.16 -12.70 -16.71
CA ILE TA 334 -76.91 -13.49 -17.68
C ILE TA 334 -75.96 -14.12 -18.70
N ARG TA 335 -74.89 -13.40 -19.05
CA ARG TA 335 -73.95 -13.93 -20.03
C ARG TA 335 -73.11 -15.06 -19.45
N GLU TA 336 -72.73 -14.97 -18.17
CA GLU TA 336 -71.81 -15.93 -17.57
C GLU TA 336 -72.51 -17.01 -16.75
N SER TA 337 -73.25 -16.61 -15.72
CA SER TA 337 -73.89 -17.56 -14.81
C SER TA 337 -75.35 -17.81 -15.13
N ASP TA 338 -75.87 -17.18 -16.20
CA ASP TA 338 -77.26 -17.33 -16.65
C ASP TA 338 -78.26 -16.97 -15.55
N ALA TA 339 -78.04 -15.82 -14.92
CA ALA TA 339 -78.91 -15.39 -13.83
C ALA TA 339 -80.26 -14.93 -14.37
N GLY TA 340 -81.21 -14.75 -13.45
CA GLY TA 340 -82.54 -14.35 -13.80
C GLY TA 340 -82.63 -12.91 -14.25
N PRO TA 341 -83.72 -12.55 -14.90
CA PRO TA 341 -83.89 -11.17 -15.37
C PRO TA 341 -84.07 -10.20 -14.21
N MET TA 342 -83.61 -8.97 -14.43
CA MET TA 342 -83.73 -7.90 -13.45
C MET TA 342 -84.20 -6.63 -14.14
N SER TA 343 -85.22 -6.00 -13.58
CA SER TA 343 -85.78 -4.76 -14.12
C SER TA 343 -85.40 -3.61 -13.19
N VAL TA 344 -84.59 -2.69 -13.69
CA VAL TA 344 -84.08 -1.57 -12.90
C VAL TA 344 -85.03 -0.39 -13.06
N TYR TA 345 -85.46 0.19 -11.94
CA TYR TA 345 -86.42 1.30 -11.96
C TYR TA 345 -85.92 2.42 -11.06
N PRO TA 346 -85.75 3.63 -11.59
CA PRO TA 346 -85.30 4.75 -10.74
C PRO TA 346 -86.46 5.52 -10.13
N LEU TA 347 -86.31 5.84 -8.85
CA LEU TA 347 -87.30 6.60 -8.07
C LEU TA 347 -86.59 7.67 -7.26
N TYR TA 348 -85.77 8.47 -7.94
CA TYR TA 348 -85.05 9.57 -7.30
C TYR TA 348 -85.97 10.79 -7.20
N GLY TA 349 -85.38 11.94 -6.86
CA GLY TA 349 -86.15 13.15 -6.70
C GLY TA 349 -86.61 13.80 -7.98
N THR TA 350 -86.14 13.34 -9.13
CA THR TA 350 -86.52 13.87 -10.43
C THR TA 350 -86.96 12.70 -11.31
N LEU TA 351 -88.23 12.33 -11.22
CA LEU TA 351 -88.80 11.24 -11.99
C LEU TA 351 -90.15 11.68 -12.54
N PRO TA 352 -90.56 11.14 -13.69
CA PRO TA 352 -91.84 11.53 -14.27
C PRO TA 352 -92.93 10.56 -13.85
N PRO TA 353 -94.19 10.87 -14.19
CA PRO TA 353 -95.28 9.91 -13.93
C PRO TA 353 -95.11 8.59 -14.66
N HIS TA 354 -94.55 8.62 -15.88
CA HIS TA 354 -94.26 7.38 -16.59
C HIS TA 354 -93.18 6.56 -15.87
N GLN TA 355 -92.16 7.25 -15.33
CA GLN TA 355 -91.14 6.57 -14.54
C GLN TA 355 -91.72 5.97 -13.27
N GLN TA 356 -92.64 6.70 -12.62
CA GLN TA 356 -93.30 6.18 -11.42
C GLN TA 356 -94.15 4.96 -11.75
N GLN TA 357 -94.88 4.99 -12.87
CA GLN TA 357 -95.68 3.85 -13.29
C GLN TA 357 -94.80 2.64 -13.64
N ARG TA 358 -93.65 2.89 -14.28
CA ARG TA 358 -92.73 1.80 -14.58
C ARG TA 358 -92.11 1.23 -13.30
N ILE TA 359 -91.87 2.07 -12.30
CA ILE TA 359 -91.37 1.58 -11.02
C ILE TA 359 -92.43 0.76 -10.31
N PHE TA 360 -93.69 1.18 -10.39
CA PHE TA 360 -94.79 0.45 -9.77
C PHE TA 360 -95.25 -0.74 -10.60
N GLU TA 361 -94.71 -0.93 -11.81
CA GLU TA 361 -95.09 -2.05 -12.64
C GLU TA 361 -94.54 -3.36 -12.08
N LYS TA 362 -95.04 -4.47 -12.61
CA LYS TA 362 -94.68 -5.79 -12.13
C LYS TA 362 -93.24 -6.15 -12.52
N ALA TA 363 -92.68 -7.12 -11.80
CA ALA TA 363 -91.32 -7.55 -12.05
C ALA TA 363 -91.24 -8.37 -13.33
N PRO TA 364 -90.05 -8.46 -13.92
CA PRO TA 364 -89.89 -9.27 -15.13
C PRO TA 364 -89.98 -10.76 -14.81
N GLN TA 365 -90.37 -11.53 -15.83
CA GLN TA 365 -90.48 -12.97 -15.68
C GLN TA 365 -89.12 -13.64 -15.79
N PRO TA 366 -88.99 -14.86 -15.29
CA PRO TA 366 -87.72 -15.58 -15.43
C PRO TA 366 -87.46 -15.99 -16.88
N PHE TA 367 -86.17 -16.15 -17.20
CA PHE TA 367 -85.78 -16.53 -18.56
C PHE TA 367 -86.24 -17.94 -18.89
N ARG TA 368 -86.10 -18.87 -17.95
CA ARG TA 368 -86.51 -20.25 -18.15
C ARG TA 368 -87.30 -20.75 -16.95
N PRO TA 369 -88.15 -21.74 -17.16
CA PRO TA 369 -88.92 -22.30 -16.02
C PRO TA 369 -88.03 -23.13 -15.11
N GLY TA 370 -88.20 -22.94 -13.80
CA GLY TA 370 -87.41 -23.65 -12.82
C GLY TA 370 -86.05 -23.05 -12.55
N GLY TA 371 -85.69 -21.96 -13.20
CA GLY TA 371 -84.41 -21.29 -13.00
C GLY TA 371 -84.50 -20.17 -11.99
N ARG TA 372 -83.63 -19.19 -12.15
CA ARG TA 372 -83.64 -18.04 -11.25
C ARG TA 372 -84.83 -17.15 -11.60
N PRO TA 373 -85.70 -16.84 -10.64
CA PRO TA 373 -86.86 -16.00 -10.94
C PRO TA 373 -86.46 -14.55 -11.18
N GLY TA 374 -87.31 -13.85 -11.93
CA GLY TA 374 -87.06 -12.45 -12.22
C GLY TA 374 -87.25 -11.57 -11.00
N ARG TA 375 -86.58 -10.43 -11.03
CA ARG TA 375 -86.59 -9.49 -9.92
C ARG TA 375 -86.75 -8.06 -10.43
N LYS TA 376 -87.32 -7.21 -9.57
CA LYS TA 376 -87.47 -5.79 -9.85
C LYS TA 376 -86.65 -5.02 -8.82
N CYS TA 377 -85.58 -4.38 -9.29
CA CYS TA 377 -84.72 -3.56 -8.44
C CYS TA 377 -85.12 -2.10 -8.60
N ILE TA 378 -85.74 -1.55 -7.56
CA ILE TA 378 -86.19 -0.16 -7.55
C ILE TA 378 -85.20 0.62 -6.71
N VAL TA 379 -84.42 1.48 -7.35
CA VAL TA 379 -83.48 2.34 -6.64
C VAL TA 379 -84.22 3.64 -6.33
N ALA TA 380 -84.70 3.76 -5.11
CA ALA TA 380 -85.48 4.92 -4.68
C ALA TA 380 -84.65 5.79 -3.75
N THR TA 381 -84.92 7.09 -3.78
CA THR TA 381 -84.15 8.01 -2.94
C THR TA 381 -84.83 8.23 -1.59
N ASN TA 382 -86.02 8.81 -1.58
CA ASN TA 382 -86.80 8.91 -0.36
C ASN TA 382 -88.30 8.71 -0.59
N ILE TA 383 -88.74 8.41 -1.80
CA ILE TA 383 -90.17 8.25 -2.07
C ILE TA 383 -90.70 6.97 -1.44
N ALA TA 384 -89.92 5.90 -1.47
CA ALA TA 384 -90.33 4.60 -0.97
C ALA TA 384 -90.12 4.43 0.52
N GLU TA 385 -89.59 5.45 1.20
CA GLU TA 385 -89.37 5.34 2.65
C GLU TA 385 -90.69 5.35 3.41
N THR TA 386 -91.61 6.23 3.03
CA THR TA 386 -92.90 6.35 3.71
C THR TA 386 -93.99 6.60 2.69
N SER TA 387 -95.21 6.17 3.03
CA SER TA 387 -96.42 6.35 2.23
C SER TA 387 -96.29 5.76 0.82
N LEU TA 388 -95.62 4.62 0.70
CA LEU TA 388 -95.44 3.94 -0.57
C LEU TA 388 -95.78 2.48 -0.41
N THR TA 389 -96.59 1.94 -1.32
CA THR TA 389 -97.00 0.55 -1.31
C THR TA 389 -96.58 -0.09 -2.62
N ILE TA 390 -95.46 -0.80 -2.60
CA ILE TA 390 -94.93 -1.50 -3.78
C ILE TA 390 -95.23 -2.97 -3.63
N ASP TA 391 -96.03 -3.52 -4.54
CA ASP TA 391 -96.38 -4.93 -4.48
C ASP TA 391 -95.21 -5.80 -4.87
N GLY TA 392 -95.03 -6.92 -4.16
CA GLY TA 392 -93.96 -7.84 -4.43
C GLY TA 392 -92.62 -7.47 -3.83
N ILE TA 393 -92.54 -6.35 -3.11
CA ILE TA 393 -91.28 -5.92 -2.52
C ILE TA 393 -90.96 -6.81 -1.32
N VAL TA 394 -89.83 -7.51 -1.39
CA VAL TA 394 -89.40 -8.43 -0.35
C VAL TA 394 -88.07 -8.01 0.26
N TYR TA 395 -87.11 -7.63 -0.58
CA TYR TA 395 -85.76 -7.29 -0.11
C TYR TA 395 -85.59 -5.78 -0.05
N VAL TA 396 -84.92 -5.31 0.99
CA VAL TA 396 -84.62 -3.89 1.17
C VAL TA 396 -83.13 -3.74 1.40
N VAL TA 397 -82.52 -2.79 0.69
CA VAL TA 397 -81.13 -2.41 0.89
C VAL TA 397 -81.11 -0.98 1.42
N ASP TA 398 -80.58 -0.80 2.62
CA ASP TA 398 -80.58 0.51 3.26
C ASP TA 398 -79.15 1.02 3.40
N PRO TA 399 -78.70 1.93 2.53
CA PRO TA 399 -77.34 2.47 2.69
C PRO TA 399 -77.18 3.39 3.88
N GLY TA 400 -78.28 3.89 4.45
CA GLY TA 400 -78.21 4.78 5.60
C GLY TA 400 -77.94 6.23 5.28
N PHE TA 401 -77.89 6.60 4.00
CA PHE TA 401 -77.64 7.97 3.59
C PHE TA 401 -78.79 8.46 2.72
N SER TA 402 -79.21 9.70 2.94
CA SER TA 402 -80.29 10.31 2.18
C SER TA 402 -80.04 11.80 2.06
N LYS TA 403 -80.65 12.42 1.06
CA LYS TA 403 -80.48 13.83 0.79
C LYS TA 403 -81.53 14.63 1.57
N GLN TA 404 -81.08 15.45 2.51
CA GLN TA 404 -81.94 16.28 3.32
C GLN TA 404 -81.61 17.75 3.12
N LYS TA 405 -82.63 18.59 3.20
CA LYS TA 405 -82.47 20.03 3.04
C LYS TA 405 -82.22 20.69 4.38
N ILE TA 406 -81.18 21.51 4.44
CA ILE TA 406 -80.81 22.23 5.66
C ILE TA 406 -80.52 23.67 5.30
N TYR TA 407 -81.05 24.60 6.09
CA TYR TA 407 -80.83 26.03 5.89
C TYR TA 407 -80.01 26.56 7.07
N ASN TA 408 -78.74 26.84 6.82
CA ASN TA 408 -77.88 27.41 7.85
C ASN TA 408 -78.17 28.90 8.00
N PRO TA 409 -78.52 29.38 9.19
CA PRO TA 409 -78.78 30.81 9.37
C PRO TA 409 -77.54 31.64 9.66
N ARG TA 410 -76.37 31.01 9.79
CA ARG TA 410 -75.13 31.76 9.96
C ARG TA 410 -74.81 32.57 8.72
N THR TA 411 -75.02 31.98 7.54
CA THR TA 411 -74.89 32.69 6.28
C THR TA 411 -76.19 32.68 5.47
N ARG TA 412 -77.26 32.13 6.04
CA ARG TA 412 -78.58 31.99 5.40
C ARG TA 412 -78.46 31.25 4.07
N VAL TA 413 -77.85 30.07 4.11
CA VAL TA 413 -77.56 29.28 2.93
C VAL TA 413 -78.36 27.97 3.01
N GLU TA 414 -79.12 27.68 1.97
CA GLU TA 414 -79.90 26.45 1.88
C GLU TA 414 -79.17 25.43 1.03
N SER TA 415 -79.09 24.19 1.52
CA SER TA 415 -78.36 23.14 0.83
C SER TA 415 -79.15 21.84 0.92
N LEU TA 416 -78.88 20.95 -0.03
CA LEU TA 416 -79.41 19.60 -0.04
C LEU TA 416 -78.23 18.65 0.12
N LEU TA 417 -77.96 18.25 1.36
CA LEU TA 417 -76.76 17.50 1.69
C LEU TA 417 -77.11 16.07 2.06
N VAL TA 418 -76.17 15.16 1.81
CA VAL TA 418 -76.31 13.77 2.19
C VAL TA 418 -75.95 13.62 3.66
N SER TA 419 -76.90 13.13 4.45
CA SER TA 419 -76.74 12.98 5.89
C SER TA 419 -77.10 11.56 6.28
N PRO TA 420 -76.63 11.11 7.45
CA PRO TA 420 -76.98 9.76 7.91
C PRO TA 420 -78.46 9.64 8.23
N ILE TA 421 -79.00 8.43 8.01
CA ILE TA 421 -80.42 8.20 8.23
C ILE TA 421 -80.69 8.03 9.72
N SER TA 422 -81.95 8.21 10.10
CA SER TA 422 -82.38 8.11 11.48
C SER TA 422 -83.00 6.75 11.76
N LYS TA 423 -83.24 6.47 13.04
CA LYS TA 423 -83.92 5.25 13.44
C LYS TA 423 -85.36 5.23 12.94
N ALA TA 424 -86.02 6.39 12.92
CA ALA TA 424 -87.37 6.47 12.35
C ALA TA 424 -87.37 6.16 10.86
N SER TA 425 -86.36 6.66 10.13
CA SER TA 425 -86.25 6.35 8.71
C SER TA 425 -85.96 4.87 8.47
N ALA TA 426 -85.11 4.27 9.31
CA ALA TA 426 -84.84 2.85 9.21
C ALA TA 426 -86.08 2.01 9.50
N GLN TA 427 -86.86 2.41 10.50
CA GLN TA 427 -88.10 1.72 10.81
C GLN TA 427 -89.12 1.87 9.70
N GLN TA 428 -89.18 3.06 9.08
CA GLN TA 428 -90.07 3.27 7.94
C GLN TA 428 -89.68 2.41 6.76
N ARG TA 429 -88.37 2.29 6.49
CA ARG TA 429 -87.92 1.42 5.41
C ARG TA 429 -88.22 -0.05 5.70
N ALA TA 430 -88.04 -0.48 6.96
CA ALA TA 430 -88.36 -1.84 7.34
C ALA TA 430 -89.86 -2.12 7.23
N GLY TA 431 -90.69 -1.14 7.59
CA GLY TA 431 -92.12 -1.30 7.43
C GLY TA 431 -92.56 -1.31 5.97
N ARG TA 432 -91.91 -0.52 5.12
CA ARG TA 432 -92.20 -0.55 3.69
C ARG TA 432 -91.81 -1.88 3.07
N ALA TA 433 -90.68 -2.45 3.51
CA ALA TA 433 -90.29 -3.77 3.05
C ALA TA 433 -91.21 -4.83 3.66
N GLY TA 434 -91.48 -5.88 2.88
CA GLY TA 434 -92.29 -6.99 3.34
C GLY TA 434 -93.73 -6.63 3.65
N ARG TA 435 -94.38 -5.90 2.74
CA ARG TA 435 -95.75 -5.46 2.97
C ARG TA 435 -96.73 -6.62 2.87
N THR TA 436 -96.79 -7.28 1.71
CA THR TA 436 -97.76 -8.33 1.47
C THR TA 436 -97.27 -9.71 1.90
N ARG TA 437 -96.01 -9.85 2.30
CA ARG TA 437 -95.47 -11.14 2.71
C ARG TA 437 -94.28 -10.92 3.64
N PRO TA 438 -93.67 -11.99 4.15
CA PRO TA 438 -92.45 -11.82 4.94
C PRO TA 438 -91.33 -11.24 4.11
N GLY TA 439 -90.55 -10.33 4.72
CA GLY TA 439 -89.52 -9.61 4.01
C GLY TA 439 -88.20 -9.60 4.76
N LYS TA 440 -87.17 -9.13 4.07
CA LYS TA 440 -85.84 -8.99 4.65
C LYS TA 440 -85.29 -7.60 4.32
N CYS TA 441 -84.71 -6.95 5.32
CA CYS TA 441 -84.15 -5.61 5.17
C CYS TA 441 -82.72 -5.62 5.69
N PHE TA 442 -81.76 -5.43 4.80
CA PHE TA 442 -80.35 -5.39 5.15
C PHE TA 442 -79.85 -3.95 5.10
N ARG TA 443 -79.23 -3.51 6.19
CA ARG TA 443 -78.67 -2.17 6.29
C ARG TA 443 -77.15 -2.24 6.20
N LEU TA 444 -76.56 -1.19 5.62
CA LEU TA 444 -75.12 -1.09 5.44
C LEU TA 444 -74.42 -0.47 6.65
N TYR TA 445 -75.07 -0.49 7.81
CA TYR TA 445 -74.49 0.04 9.04
C TYR TA 445 -74.61 -1.01 10.13
N THR TA 446 -73.72 -0.91 11.12
CA THR TA 446 -73.72 -1.84 12.23
C THR TA 446 -74.93 -1.61 13.13
N GLU TA 447 -75.28 -2.65 13.89
CA GLU TA 447 -76.41 -2.54 14.82
C GLU TA 447 -76.13 -1.53 15.92
N GLU TA 448 -74.90 -1.54 16.45
CA GLU TA 448 -74.51 -0.55 17.46
C GLU TA 448 -74.51 0.86 16.88
N ALA TA 449 -74.05 1.01 15.63
CA ALA TA 449 -74.06 2.32 14.99
C ALA TA 449 -75.48 2.82 14.78
N PHE TA 450 -76.39 1.94 14.37
CA PHE TA 450 -77.79 2.34 14.21
C PHE TA 450 -78.45 2.62 15.54
N LYS TA 451 -78.02 1.95 16.62
CA LYS TA 451 -78.60 2.18 17.93
C LYS TA 451 -78.11 3.48 18.55
N LYS TA 452 -76.84 3.84 18.34
CA LYS TA 452 -76.24 4.98 19.03
C LYS TA 452 -76.09 6.21 18.13
N GLU TA 453 -75.40 6.06 16.99
CA GLU TA 453 -75.11 7.21 16.15
C GLU TA 453 -76.35 7.72 15.43
N LEU TA 454 -77.22 6.81 15.00
CA LEU TA 454 -78.44 7.21 14.31
C LEU TA 454 -79.43 7.82 15.30
N ILE TA 455 -80.00 8.97 14.93
CA ILE TA 455 -80.94 9.65 15.81
C ILE TA 455 -82.28 8.92 15.81
N GLU TA 456 -83.06 9.15 16.87
CA GLU TA 456 -84.37 8.52 16.97
C GLU TA 456 -85.35 9.12 15.98
N GLN TA 457 -85.28 10.44 15.76
CA GLN TA 457 -86.17 11.13 14.84
C GLN TA 457 -85.36 12.09 13.97
N THR TA 458 -85.90 12.39 12.80
CA THR TA 458 -85.26 13.30 11.86
C THR TA 458 -85.40 14.75 12.34
N TYR TA 459 -84.57 15.61 11.77
CA TYR TA 459 -84.60 17.02 12.12
C TYR TA 459 -85.88 17.67 11.60
N PRO TA 460 -86.39 18.68 12.29
CA PRO TA 460 -87.64 19.33 11.86
C PRO TA 460 -87.39 20.38 10.78
N GLU TA 461 -88.45 20.66 10.03
CA GLU TA 461 -88.37 21.65 8.97
C GLU TA 461 -88.26 23.07 9.52
N ILE TA 462 -88.67 23.30 10.77
CA ILE TA 462 -88.49 24.60 11.39
C ILE TA 462 -87.01 24.92 11.57
N LEU TA 463 -86.22 23.93 12.01
CA LEU TA 463 -84.78 24.10 12.09
C LEU TA 463 -84.09 23.87 10.76
N ARG TA 464 -84.77 23.26 9.80
CA ARG TA 464 -84.21 23.01 8.47
C ARG TA 464 -84.51 24.12 7.48
N SER TA 465 -85.32 25.11 7.85
CA SER TA 465 -85.66 26.22 6.97
C SER TA 465 -85.72 27.50 7.79
N ASN TA 466 -86.15 28.58 7.15
CA ASN TA 466 -86.27 29.87 7.81
C ASN TA 466 -87.64 30.03 8.44
N LEU TA 467 -87.79 31.07 9.26
CA LEU TA 467 -89.04 31.33 9.97
C LEU TA 467 -89.57 32.74 9.71
N SER TA 468 -89.16 33.37 8.61
CA SER TA 468 -89.66 34.69 8.28
C SER TA 468 -91.14 34.66 7.93
N ASN TA 469 -91.57 33.67 7.15
CA ASN TA 469 -92.98 33.52 6.81
C ASN TA 469 -93.81 33.19 8.05
N THR TA 470 -93.27 32.35 8.94
CA THR TA 470 -93.96 32.04 10.20
C THR TA 470 -94.09 33.27 11.08
N VAL TA 471 -93.05 34.11 11.13
CA VAL TA 471 -93.10 35.33 11.92
C VAL TA 471 -94.11 36.31 11.33
N LEU TA 472 -94.16 36.42 10.00
CA LEU TA 472 -95.14 37.29 9.36
C LEU TA 472 -96.57 36.79 9.61
N GLU TA 473 -96.77 35.46 9.56
CA GLU TA 473 -98.09 34.90 9.83
C GLU TA 473 -98.50 35.13 11.29
N LEU TA 474 -97.56 35.00 12.22
CA LEU TA 474 -97.85 35.26 13.62
C LEU TA 474 -98.17 36.72 13.87
N LYS TA 475 -97.45 37.63 13.20
CA LYS TA 475 -97.74 39.05 13.31
C LYS TA 475 -99.11 39.40 12.73
N LYS TA 476 -99.47 38.76 11.61
CA LYS TA 476 -100.79 38.97 11.02
C LYS TA 476 -101.90 38.43 11.92
N LEU TA 477 -101.67 37.26 12.55
CA LEU TA 477 -102.67 36.67 13.43
C LEU TA 477 -102.77 37.42 14.75
N GLY TA 478 -101.72 38.09 15.18
CA GLY TA 478 -101.73 38.86 16.41
C GLY TA 478 -100.80 38.37 17.51
N VAL TA 479 -99.81 37.53 17.19
CA VAL TA 479 -98.87 37.05 18.19
C VAL TA 479 -97.75 38.07 18.34
N GLU TA 480 -97.93 39.02 19.26
CA GLU TA 480 -96.89 40.02 19.50
C GLU TA 480 -95.68 39.42 20.19
N ASP TA 481 -95.91 38.52 21.16
CA ASP TA 481 -94.82 37.87 21.88
C ASP TA 481 -94.50 36.56 21.17
N LEU TA 482 -93.60 36.64 20.19
CA LEU TA 482 -93.21 35.45 19.44
C LEU TA 482 -92.35 34.52 20.29
N VAL TA 483 -91.46 35.08 21.10
CA VAL TA 483 -90.62 34.26 21.98
C VAL TA 483 -91.45 33.63 23.08
N HIS TA 484 -92.43 34.35 23.59
CA HIS TA 484 -93.31 33.87 24.65
C HIS TA 484 -94.54 33.14 24.12
N PHE TA 485 -94.62 32.92 22.81
CA PHE TA 485 -95.74 32.20 22.23
C PHE TA 485 -95.72 30.73 22.66
N ASP TA 486 -96.91 30.16 22.84
CA ASP TA 486 -97.05 28.79 23.30
C ASP TA 486 -96.71 27.84 22.16
N LEU TA 487 -95.42 27.56 22.00
CA LEU TA 487 -94.93 26.65 20.98
C LEU TA 487 -94.29 25.44 21.65
N MET TA 488 -94.65 24.24 21.17
CA MET TA 488 -94.09 23.02 21.74
C MET TA 488 -92.61 22.88 21.40
N ASP TA 489 -92.25 23.11 20.15
CA ASP TA 489 -90.86 23.03 19.68
C ASP TA 489 -90.56 24.32 18.91
N PRO TA 490 -90.35 25.43 19.63
CA PRO TA 490 -90.06 26.70 18.95
C PRO TA 490 -88.66 26.70 18.36
N PRO TA 491 -88.40 27.58 17.40
CA PRO TA 491 -87.07 27.63 16.78
C PRO TA 491 -86.07 28.33 17.70
N ALA TA 492 -84.84 28.45 17.21
CA ALA TA 492 -83.78 29.08 17.97
C ALA TA 492 -84.02 30.58 18.09
N PRO TA 493 -83.61 31.19 19.20
CA PRO TA 493 -83.72 32.66 19.32
C PRO TA 493 -82.90 33.40 18.29
N GLU TA 494 -81.72 32.89 17.91
CA GLU TA 494 -80.93 33.51 16.86
C GLU TA 494 -81.64 33.43 15.51
N THR TA 495 -82.26 32.30 15.21
CA THR TA 495 -83.03 32.16 13.97
C THR TA 495 -84.23 33.08 13.96
N MET TA 496 -84.92 33.21 15.10
CA MET TA 496 -86.06 34.12 15.19
C MET TA 496 -85.63 35.57 15.02
N MET TA 497 -84.49 35.95 15.63
CA MET TA 497 -83.98 37.31 15.47
C MET TA 497 -83.56 37.57 14.02
N ARG TA 498 -82.95 36.58 13.36
CA ARG TA 498 -82.58 36.74 11.95
C ARG TA 498 -83.83 36.88 11.07
N ALA TA 499 -84.87 36.09 11.36
CA ALA TA 499 -86.11 36.20 10.59
C ALA TA 499 -86.78 37.55 10.79
N LEU TA 500 -86.78 38.06 12.03
CA LEU TA 500 -87.37 39.37 12.30
C LEU TA 500 -86.54 40.49 11.67
N GLU TA 501 -85.22 40.34 11.64
CA GLU TA 501 -84.37 41.32 10.97
C GLU TA 501 -84.60 41.31 9.46
N GLU TA 502 -84.78 40.12 8.88
CA GLU TA 502 -85.12 40.03 7.46
C GLU TA 502 -86.47 40.65 7.16
N LEU TA 503 -87.45 40.45 8.06
CA LEU TA 503 -88.76 41.08 7.90
C LEU TA 503 -88.66 42.60 7.99
N ASN TA 504 -87.82 43.10 8.91
CA ASN TA 504 -87.61 44.54 9.02
C ASN TA 504 -86.92 45.10 7.79
N TYR TA 505 -85.97 44.35 7.23
CA TYR TA 505 -85.30 44.79 6.00
C TYR TA 505 -86.23 44.77 4.81
N LEU TA 506 -87.15 43.81 4.75
CA LEU TA 506 -88.14 43.72 3.70
C LEU TA 506 -89.41 44.51 4.03
N ALA TA 507 -89.40 45.28 5.12
CA ALA TA 507 -90.50 46.15 5.56
C ALA TA 507 -91.76 45.36 5.89
N CYS TA 508 -91.59 44.10 6.29
CA CYS TA 508 -92.72 43.32 6.80
C CYS TA 508 -93.07 43.72 8.23
N LEU TA 509 -92.07 44.10 9.03
CA LEU TA 509 -92.28 44.54 10.40
C LEU TA 509 -91.48 45.79 10.67
N ASP TA 510 -91.93 46.58 11.64
CA ASP TA 510 -91.27 47.82 12.00
C ASP TA 510 -90.11 47.54 12.95
N ASP TA 511 -89.55 48.60 13.53
CA ASP TA 511 -88.46 48.42 14.48
C ASP TA 511 -88.94 47.83 15.80
N ASP TA 512 -90.22 48.02 16.13
CA ASP TA 512 -90.79 47.46 17.34
C ASP TA 512 -91.42 46.09 17.11
N GLY TA 513 -91.32 45.54 15.91
CA GLY TA 513 -91.89 44.24 15.59
C GLY TA 513 -93.34 44.25 15.19
N GLU TA 514 -93.98 45.41 15.15
CA GLU TA 514 -95.38 45.50 14.75
C GLU TA 514 -95.53 45.30 13.26
N LEU TA 515 -96.62 44.65 12.85
CA LEU TA 515 -96.88 44.39 11.45
C LEU TA 515 -97.47 45.64 10.80
N THR TA 516 -96.83 46.11 9.73
CA THR TA 516 -97.28 47.29 9.01
C THR TA 516 -98.26 46.89 7.91
N PRO TA 517 -98.79 47.85 7.15
CA PRO TA 517 -99.63 47.50 5.99
C PRO TA 517 -98.89 46.69 4.94
N LEU TA 518 -97.59 46.96 4.73
CA LEU TA 518 -96.80 46.14 3.81
C LEU TA 518 -96.66 44.71 4.32
N GLY TA 519 -96.46 44.54 5.63
CA GLY TA 519 -96.42 43.20 6.18
C GLY TA 519 -97.75 42.48 6.10
N ASN TA 520 -98.85 43.22 6.28
CA ASN TA 520 -100.18 42.62 6.13
C ASN TA 520 -100.43 42.20 4.69
N LEU TA 521 -100.01 43.02 3.73
CA LEU TA 521 -100.14 42.65 2.32
C LEU TA 521 -99.27 41.44 1.98
N ALA TA 522 -98.06 41.37 2.54
CA ALA TA 522 -97.19 40.23 2.31
C ALA TA 522 -97.76 38.95 2.92
N SER TA 523 -98.40 39.07 4.09
CA SER TA 523 -99.05 37.91 4.70
C SER TA 523 -100.27 37.47 3.90
N GLU TA 524 -101.01 38.43 3.35
CA GLU TA 524 -102.18 38.10 2.54
C GLU TA 524 -101.76 37.44 1.22
N PHE TA 525 -100.68 37.90 0.63
CA PHE TA 525 -100.18 37.29 -0.60
C PHE TA 525 -99.58 35.92 -0.30
N PRO TA 526 -100.01 34.87 -1.00
CA PRO TA 526 -99.48 33.52 -0.69
C PRO TA 526 -98.14 33.26 -1.38
N LEU TA 527 -97.12 33.99 -0.94
CA LEU TA 527 -95.77 33.84 -1.48
C LEU TA 527 -94.78 34.26 -0.39
N ASP TA 528 -93.50 34.31 -0.77
CA ASP TA 528 -92.46 34.73 0.15
C ASP TA 528 -92.53 36.24 0.39
N PRO TA 529 -91.99 36.72 1.52
CA PRO TA 529 -91.95 38.17 1.75
C PRO TA 529 -91.14 38.93 0.71
N ALA TA 530 -90.05 38.35 0.22
CA ALA TA 530 -89.25 39.00 -0.82
C ALA TA 530 -90.02 39.09 -2.12
N LEU TA 531 -90.74 38.02 -2.50
CA LEU TA 531 -91.56 38.05 -3.70
C LEU TA 531 -92.71 39.03 -3.57
N ALA TA 532 -93.31 39.12 -2.38
CA ALA TA 532 -94.37 40.09 -2.15
C ALA TA 532 -93.85 41.52 -2.24
N VAL TA 533 -92.64 41.76 -1.71
CA VAL TA 533 -92.04 43.09 -1.80
C VAL TA 533 -91.70 43.43 -3.24
N MET TA 534 -91.24 42.44 -4.02
CA MET TA 534 -90.96 42.66 -5.43
C MET TA 534 -92.25 42.98 -6.20
N LEU TA 535 -93.33 42.26 -5.92
CA LEU TA 535 -94.61 42.53 -6.58
C LEU TA 535 -95.18 43.88 -6.17
N ILE TA 536 -94.94 44.31 -4.93
CA ILE TA 536 -95.41 45.62 -4.49
C ILE TA 536 -94.61 46.73 -5.16
N SER TA 537 -93.28 46.57 -5.24
CA SER TA 537 -92.42 47.59 -5.81
C SER TA 537 -92.41 47.58 -7.34
N SER TA 538 -92.98 46.55 -7.95
CA SER TA 538 -93.07 46.53 -9.41
C SER TA 538 -93.94 47.63 -9.99
N PRO TA 539 -94.96 48.14 -9.28
CA PRO TA 539 -95.72 49.28 -9.82
C PRO TA 539 -94.87 50.54 -9.99
N GLU TA 540 -93.87 50.74 -9.14
CA GLU TA 540 -92.97 51.87 -9.31
C GLU TA 540 -92.06 51.69 -10.53
N PHE TA 541 -91.66 50.45 -10.81
CA PHE TA 541 -90.81 50.16 -11.95
C PHE TA 541 -91.59 49.99 -13.24
N TYR TA 542 -92.93 49.95 -13.17
CA TYR TA 542 -93.82 49.80 -14.33
C TYR TA 542 -93.54 48.53 -15.11
N CYS TA 543 -93.20 47.46 -14.39
CA CYS TA 543 -93.00 46.12 -14.94
C CYS TA 543 -93.72 45.10 -14.09
N SER TA 544 -94.99 45.40 -13.75
CA SER TA 544 -95.73 44.60 -12.80
C SER TA 544 -96.05 43.22 -13.34
N ASN TA 545 -96.45 43.12 -14.61
CA ASN TA 545 -96.79 41.82 -15.19
C ASN TA 545 -95.57 40.93 -15.31
N GLU TA 546 -94.45 41.48 -15.77
CA GLU TA 546 -93.22 40.71 -15.89
C GLU TA 546 -92.69 40.28 -14.52
N ILE TA 547 -92.77 41.17 -13.52
CA ILE TA 547 -92.29 40.83 -12.18
C ILE TA 547 -93.20 39.77 -11.54
N LEU TA 548 -94.52 39.86 -11.78
CA LEU TA 548 -95.43 38.85 -11.27
C LEU TA 548 -95.19 37.50 -11.92
N SER TA 549 -94.91 37.50 -13.23
CA SER TA 549 -94.60 36.24 -13.92
C SER TA 549 -93.29 35.65 -13.40
N ILE TA 550 -92.29 36.50 -13.13
CA ILE TA 550 -91.02 36.02 -12.60
C ILE TA 550 -91.19 35.46 -11.19
N THR TA 551 -92.00 36.14 -10.36
CA THR TA 551 -92.26 35.66 -9.01
C THR TA 551 -93.03 34.34 -9.03
N SER TA 552 -93.99 34.22 -9.95
CA SER TA 552 -94.74 32.96 -10.08
C SER TA 552 -93.83 31.83 -10.55
N LEU TA 553 -92.91 32.11 -11.48
CA LEU TA 553 -91.98 31.09 -11.93
C LEU TA 553 -91.01 30.69 -10.83
N LEU TA 554 -90.59 31.65 -9.99
CA LEU TA 554 -89.73 31.33 -8.86
C LEU TA 554 -90.47 30.52 -7.80
N SER TA 555 -91.75 30.82 -7.58
CA SER TA 555 -92.55 30.05 -6.62
C SER TA 555 -92.80 28.64 -7.12
N VAL TA 556 -93.04 28.48 -8.42
CA VAL TA 556 -93.26 27.17 -9.03
C VAL TA 556 -91.92 26.45 -9.12
N PRO TA 557 -91.90 25.12 -9.34
CA PRO TA 557 -90.63 24.41 -9.44
C PRO TA 557 -89.86 24.73 -10.71
N GLN TA 558 -88.65 24.17 -10.84
CA GLN TA 558 -87.80 24.46 -11.99
C GLN TA 558 -88.39 23.84 -13.25
N ILE TA 559 -88.55 24.66 -14.29
CA ILE TA 559 -89.13 24.20 -15.55
C ILE TA 559 -88.07 23.70 -16.53
N TRP TA 560 -86.80 23.97 -16.28
CA TRP TA 560 -85.73 23.53 -17.18
C TRP TA 560 -85.49 22.04 -17.00
N VAL TA 561 -85.55 21.29 -18.10
CA VAL TA 561 -85.33 19.86 -18.11
C VAL TA 561 -84.03 19.58 -18.85
N ARG TA 562 -83.10 18.91 -18.18
CA ARG TA 562 -81.78 18.59 -18.74
C ARG TA 562 -81.54 17.09 -18.60
N PRO TA 563 -82.10 16.29 -19.50
CA PRO TA 563 -81.85 14.84 -19.44
C PRO TA 563 -80.41 14.51 -19.80
N ALA TA 564 -79.94 13.38 -19.26
CA ALA TA 564 -78.56 12.94 -19.53
C ALA TA 564 -78.37 12.56 -20.99
N ASN TA 565 -79.36 11.90 -21.58
CA ASN TA 565 -79.27 11.50 -22.99
C ASN TA 565 -79.65 12.61 -23.95
N ALA TA 566 -80.15 13.74 -23.45
CA ALA TA 566 -80.54 14.88 -24.27
C ALA TA 566 -79.96 16.16 -23.71
N ARG TA 567 -78.74 16.09 -23.19
CA ARG TA 567 -78.09 17.26 -22.62
C ARG TA 567 -77.78 18.31 -23.69
N LYS TA 568 -77.34 17.86 -24.87
CA LYS TA 568 -77.06 18.78 -25.97
C LYS TA 568 -78.32 19.47 -26.45
N ARG TA 569 -79.42 18.73 -26.58
CA ARG TA 569 -80.68 19.32 -26.99
C ARG TA 569 -81.22 20.28 -25.94
N ALA TA 570 -81.06 19.94 -24.66
CA ALA TA 570 -81.48 20.83 -23.59
C ALA TA 570 -80.66 22.11 -23.57
N ASP TA 571 -79.36 22.00 -23.80
CA ASP TA 571 -78.50 23.18 -23.87
C ASP TA 571 -78.84 24.06 -25.08
N GLU TA 572 -79.15 23.43 -26.21
CA GLU TA 572 -79.56 24.18 -27.40
C GLU TA 572 -80.88 24.91 -27.18
N MET TA 573 -81.84 24.24 -26.53
CA MET TA 573 -83.11 24.89 -26.23
C MET TA 573 -82.94 26.02 -25.22
N LYS TA 574 -82.07 25.84 -24.22
CA LYS TA 574 -81.81 26.89 -23.25
C LYS TA 574 -81.11 28.09 -23.90
N ALA TA 575 -80.20 27.83 -24.85
CA ALA TA 575 -79.56 28.93 -25.57
C ALA TA 575 -80.54 29.65 -26.49
N GLN TA 576 -81.49 28.90 -27.08
CA GLN TA 576 -82.48 29.53 -27.96
C GLN TA 576 -83.45 30.38 -27.15
N PHE TA 577 -83.87 29.92 -25.98
CA PHE TA 577 -84.84 30.62 -25.15
C PHE TA 577 -84.20 31.50 -24.10
N ALA TA 578 -82.87 31.64 -24.11
CA ALA TA 578 -82.17 32.39 -23.08
C ALA TA 578 -82.05 33.86 -23.46
N HIS TA 579 -81.78 34.69 -22.44
CA HIS TA 579 -81.58 36.12 -22.60
C HIS TA 579 -80.27 36.53 -21.93
N PRO TA 580 -79.56 37.52 -22.49
CA PRO TA 580 -78.27 37.92 -21.90
C PRO TA 580 -78.39 38.77 -20.65
N ASP TA 581 -79.59 39.26 -20.32
CA ASP TA 581 -79.75 40.11 -19.14
C ASP TA 581 -79.60 39.31 -17.85
N GLY TA 582 -80.03 38.06 -17.83
CA GLY TA 582 -79.89 37.24 -16.66
C GLY TA 582 -80.73 35.99 -16.77
N ASP TA 583 -80.60 35.14 -15.75
CA ASP TA 583 -81.39 33.92 -15.69
C ASP TA 583 -82.87 34.20 -15.49
N HIS TA 584 -83.19 35.25 -14.72
CA HIS TA 584 -84.59 35.66 -14.56
C HIS TA 584 -85.15 36.16 -15.89
N LEU TA 585 -84.35 36.90 -16.66
CA LEU TA 585 -84.78 37.34 -17.99
C LEU TA 585 -84.95 36.16 -18.93
N THR TA 586 -84.08 35.15 -18.84
CA THR TA 586 -84.23 33.96 -19.65
C THR TA 586 -85.50 33.18 -19.29
N LEU TA 587 -85.81 33.09 -18.00
CA LEU TA 587 -87.04 32.43 -17.57
C LEU TA 587 -88.27 33.20 -18.03
N LEU TA 588 -88.21 34.53 -17.96
CA LEU TA 588 -89.32 35.35 -18.45
C LEU TA 588 -89.50 35.20 -19.96
N ASN TA 589 -88.40 35.12 -20.71
CA ASN TA 589 -88.49 34.89 -22.15
C ASN TA 589 -89.06 33.52 -22.46
N ALA TA 590 -88.68 32.50 -21.68
CA ALA TA 590 -89.25 31.17 -21.87
C ALA TA 590 -90.74 31.14 -21.56
N TYR TA 591 -91.16 31.83 -20.50
CA TYR TA 591 -92.58 31.92 -20.17
C TYR TA 591 -93.35 32.67 -21.26
N HIS TA 592 -92.77 33.74 -21.80
CA HIS TA 592 -93.40 34.47 -22.89
C HIS TA 592 -93.52 33.61 -24.14
N ALA TA 593 -92.49 32.81 -24.44
CA ALA TA 593 -92.55 31.91 -25.59
C ALA TA 593 -93.61 30.82 -25.39
N TYR TA 594 -93.73 30.30 -24.17
CA TYR TA 594 -94.77 29.31 -23.89
C TYR TA 594 -96.16 29.92 -24.02
N LYS TA 595 -96.34 31.15 -23.53
CA LYS TA 595 -97.62 31.85 -23.68
C LYS TA 595 -97.93 32.12 -25.15
N GLY TA 596 -96.91 32.49 -25.93
CA GLY TA 596 -97.12 32.71 -27.36
C GLY TA 596 -97.48 31.43 -28.09
N ALA TA 597 -96.85 30.31 -27.72
CA ALA TA 597 -97.21 29.03 -28.31
C ALA TA 597 -98.63 28.62 -27.95
N GLU TA 598 -99.03 28.86 -26.69
CA GLU TA 598 -100.40 28.57 -26.27
C GLU TA 598 -101.41 29.43 -27.00
N ALA TA 599 -101.06 30.71 -27.24
CA ALA TA 599 -101.95 31.59 -27.99
C ALA TA 599 -102.03 31.18 -29.45
N ARG TA 600 -100.90 30.76 -30.03
CA ARG TA 600 -100.89 30.29 -31.42
C ARG TA 600 -101.60 28.96 -31.60
N GLY TA 601 -101.72 28.17 -30.53
CA GLY TA 601 -102.47 26.94 -30.59
C GLY TA 601 -101.65 25.66 -30.60
N GLU TA 602 -100.33 25.76 -30.44
CA GLU TA 602 -99.51 24.56 -30.33
C GLU TA 602 -99.77 23.87 -28.98
N ASP TA 603 -99.53 22.56 -28.97
CA ASP TA 603 -99.72 21.77 -27.75
C ASP TA 603 -98.68 22.18 -26.71
N MET TA 604 -99.14 22.43 -25.48
CA MET TA 604 -98.25 22.89 -24.42
C MET TA 604 -97.24 21.82 -24.03
N LYS TA 605 -97.70 20.57 -23.87
CA LYS TA 605 -96.81 19.48 -23.50
C LYS TA 605 -95.81 19.18 -24.62
N LYS TA 606 -96.27 19.19 -25.86
CA LYS TA 606 -95.38 18.95 -27.00
C LYS TA 606 -94.35 20.07 -27.14
N TRP TA 607 -94.77 21.32 -26.95
CA TRP TA 607 -93.84 22.44 -27.01
C TRP TA 607 -92.82 22.39 -25.88
N CYS TA 608 -93.27 21.99 -24.68
CA CYS TA 608 -92.35 21.85 -23.56
C CYS TA 608 -91.35 20.73 -23.78
N HIS TA 609 -91.81 19.62 -24.38
CA HIS TA 609 -90.89 18.52 -24.69
C HIS TA 609 -89.91 18.92 -25.78
N GLU TA 610 -90.35 19.71 -26.77
CA GLU TA 610 -89.46 20.15 -27.84
C GLU TA 610 -88.44 21.17 -27.33
N HIS TA 611 -88.84 22.03 -26.40
CA HIS TA 611 -87.98 23.07 -25.87
C HIS TA 611 -87.35 22.71 -24.53
N PHE TA 612 -87.43 21.43 -24.15
CA PHE TA 612 -86.84 20.90 -22.90
C PHE TA 612 -87.41 21.61 -21.68
N LEU TA 613 -88.71 21.91 -21.72
CA LEU TA 613 -89.40 22.59 -20.64
C LEU TA 613 -90.34 21.61 -19.94
N SER TA 614 -90.81 22.01 -18.76
CA SER TA 614 -91.75 21.22 -17.97
C SER TA 614 -93.13 21.82 -18.11
N TYR TA 615 -94.06 21.05 -18.71
CA TYR TA 615 -95.42 21.53 -18.91
C TYR TA 615 -96.15 21.71 -17.58
N ARG TA 616 -95.94 20.80 -16.64
CA ARG TA 616 -96.56 20.92 -15.32
C ARG TA 616 -96.04 22.14 -14.57
N HIS TA 617 -94.74 22.39 -14.64
CA HIS TA 617 -94.16 23.57 -13.98
C HIS TA 617 -94.65 24.85 -14.64
N LEU TA 618 -94.78 24.85 -15.98
CA LEU TA 618 -95.30 26.01 -16.68
C LEU TA 618 -96.76 26.28 -16.31
N SER TA 619 -97.57 25.23 -16.19
CA SER TA 619 -98.96 25.39 -15.78
C SER TA 619 -99.06 25.89 -14.35
N SER TA 620 -98.19 25.38 -13.46
CA SER TA 620 -98.17 25.85 -12.07
C SER TA 620 -97.76 27.32 -12.00
N ALA TA 621 -96.78 27.72 -12.82
CA ALA TA 621 -96.36 29.12 -12.87
C ALA TA 621 -97.48 30.01 -13.41
N ASP TA 622 -98.22 29.54 -14.41
CA ASP TA 622 -99.34 30.30 -14.94
C ASP TA 622 -100.45 30.45 -13.91
N ASN TA 623 -100.75 29.38 -13.17
CA ASN TA 623 -101.76 29.44 -12.12
C ASN TA 623 -101.33 30.38 -10.99
N VAL TA 624 -100.05 30.34 -10.62
CA VAL TA 624 -99.55 31.23 -9.58
C VAL TA 624 -99.59 32.68 -10.04
N ARG TA 625 -99.28 32.92 -11.32
CA ARG TA 625 -99.37 34.28 -11.86
C ARG TA 625 -100.81 34.78 -11.90
N ALA TA 626 -101.75 33.89 -12.24
CA ALA TA 626 -103.16 34.27 -12.22
C ALA TA 626 -103.64 34.58 -10.80
N GLN TA 627 -103.20 33.77 -9.82
CA GLN TA 627 -103.55 34.03 -8.43
C GLN TA 627 -102.95 35.34 -7.93
N LEU TA 628 -101.70 35.62 -8.31
CA LEU TA 628 -101.06 36.88 -7.93
C LEU TA 628 -101.75 38.08 -8.57
N LYS TA 629 -102.18 37.94 -9.83
CA LYS TA 629 -102.90 39.01 -10.49
C LYS TA 629 -104.27 39.24 -9.84
N LYS TA 630 -104.95 38.16 -9.45
CA LYS TA 630 -106.22 38.31 -8.74
C LYS TA 630 -106.03 38.97 -7.39
N ILE TA 631 -104.96 38.61 -6.67
CA ILE TA 631 -104.68 39.23 -5.38
C ILE TA 631 -104.34 40.71 -5.55
N MET TA 632 -103.58 41.04 -6.60
CA MET TA 632 -103.24 42.44 -6.86
C MET TA 632 -104.48 43.25 -7.24
N GLU TA 633 -105.39 42.65 -8.02
CA GLU TA 633 -106.63 43.34 -8.36
C GLU TA 633 -107.52 43.51 -7.14
N THR TA 634 -107.51 42.55 -6.23
CA THR TA 634 -108.28 42.67 -4.99
C THR TA 634 -107.69 43.73 -4.07
N HIS TA 635 -106.37 43.83 -4.01
CA HIS TA 635 -105.69 44.79 -3.15
C HIS TA 635 -105.51 46.15 -3.81
N GLY TA 636 -105.89 46.31 -5.07
CA GLY TA 636 -105.77 47.58 -5.74
C GLY TA 636 -104.41 47.88 -6.32
N ILE TA 637 -103.55 46.87 -6.47
CA ILE TA 637 -102.22 47.08 -7.03
C ILE TA 637 -102.33 47.19 -8.54
N GLU TA 638 -101.77 48.27 -9.10
CA GLU TA 638 -101.84 48.49 -10.53
C GLU TA 638 -100.89 47.55 -11.26
N LEU TA 639 -101.33 47.07 -12.42
CA LEU TA 639 -100.54 46.18 -13.27
C LEU TA 639 -100.10 46.96 -14.51
N VAL TA 640 -98.80 47.19 -14.63
CA VAL TA 640 -98.24 47.93 -15.76
C VAL TA 640 -97.06 47.15 -16.32
N SER TA 641 -96.80 47.35 -17.60
CA SER TA 641 -95.68 46.70 -18.28
C SER TA 641 -95.03 47.69 -19.24
N THR TA 642 -93.70 47.70 -19.25
CA THR TA 642 -92.97 48.60 -20.13
C THR TA 642 -93.05 48.12 -21.58
N PRO TA 643 -92.87 49.02 -22.54
CA PRO TA 643 -92.93 48.62 -23.95
C PRO TA 643 -91.74 47.77 -24.35
N PHE TA 644 -91.97 46.90 -25.34
CA PHE TA 644 -90.90 46.05 -25.86
C PHE TA 644 -89.88 46.88 -26.62
N HIS TA 645 -90.33 47.89 -27.37
CA HIS TA 645 -89.41 48.75 -28.11
C HIS TA 645 -88.66 49.72 -27.21
N ASP TA 646 -89.17 49.95 -25.99
CA ASP TA 646 -88.48 50.81 -25.05
C ASP TA 646 -87.23 50.13 -24.51
N LYS TA 647 -86.13 50.87 -24.48
CA LYS TA 647 -84.85 50.33 -24.03
C LYS TA 647 -84.72 50.30 -22.51
N ASN TA 648 -85.66 50.89 -21.78
CA ASN TA 648 -85.62 50.94 -20.32
C ASN TA 648 -86.40 49.81 -19.67
N TYR TA 649 -86.96 48.88 -20.46
CA TYR TA 649 -87.73 47.78 -19.90
C TYR TA 649 -86.84 46.83 -19.11
N TYR TA 650 -85.67 46.48 -19.67
CA TYR TA 650 -84.74 45.58 -18.98
C TYR TA 650 -84.17 46.25 -17.73
N THR TA 651 -83.87 47.55 -17.82
CA THR TA 651 -83.36 48.28 -16.65
C THR TA 651 -84.43 48.36 -15.55
N ASN TA 652 -85.68 48.58 -15.94
CA ASN TA 652 -86.77 48.62 -14.96
C ASN TA 652 -86.99 47.25 -14.30
N ILE TA 653 -86.88 46.18 -15.10
CA ILE TA 653 -87.02 44.83 -14.55
C ILE TA 653 -85.87 44.52 -13.60
N ARG TA 654 -84.64 44.94 -13.95
CA ARG TA 654 -83.50 44.73 -13.07
C ARG TA 654 -83.63 45.54 -11.79
N ARG TA 655 -84.15 46.77 -11.87
CA ARG TA 655 -84.37 47.57 -10.68
C ARG TA 655 -85.43 46.96 -9.78
N ALA TA 656 -86.51 46.44 -10.37
CA ALA TA 656 -87.55 45.77 -9.58
C ALA TA 656 -87.01 44.50 -8.91
N LEU TA 657 -86.18 43.73 -9.64
CA LEU TA 657 -85.58 42.54 -9.05
C LEU TA 657 -84.61 42.90 -7.91
N LEU TA 658 -83.85 44.00 -8.09
CA LEU TA 658 -82.95 44.44 -7.03
C LEU TA 658 -83.71 44.92 -5.81
N ALA TA 659 -84.83 45.61 -6.02
CA ALA TA 659 -85.66 46.03 -4.89
C ALA TA 659 -86.29 44.83 -4.19
N GLY TA 660 -86.66 43.79 -4.95
CA GLY TA 660 -87.25 42.62 -4.35
C GLY TA 660 -86.26 41.77 -3.58
N PHE TA 661 -85.05 41.61 -4.10
CA PHE TA 661 -84.06 40.67 -3.54
C PHE TA 661 -82.70 41.34 -3.41
N PHE TA 662 -82.67 42.54 -2.82
CA PHE TA 662 -81.41 43.23 -2.58
C PHE TA 662 -80.56 42.56 -1.52
N MET TA 663 -81.16 41.72 -0.66
CA MET TA 663 -80.38 41.03 0.37
C MET TA 663 -79.43 40.00 -0.23
N GLN TA 664 -79.88 39.28 -1.26
CA GLN TA 664 -79.06 38.25 -1.90
C GLN TA 664 -78.44 38.85 -3.17
N VAL TA 665 -77.40 39.66 -2.96
CA VAL TA 665 -76.68 40.32 -4.05
C VAL TA 665 -75.19 40.01 -3.88
N ALA TA 666 -74.55 39.60 -4.96
CA ALA TA 666 -73.15 39.22 -4.95
C ALA TA 666 -72.34 40.13 -5.86
N MET TA 667 -71.11 40.42 -5.46
CA MET TA 667 -70.20 41.25 -6.22
C MET TA 667 -68.92 40.47 -6.50
N ARG TA 668 -68.36 40.67 -7.69
CA ARG TA 668 -67.14 39.97 -8.07
C ARG TA 668 -65.96 40.44 -7.22
N GLU TA 669 -65.14 39.48 -6.79
CA GLU TA 669 -63.99 39.80 -5.95
C GLU TA 669 -62.91 40.53 -6.74
N SER TA 670 -62.70 40.13 -7.99
CA SER TA 670 -61.66 40.73 -8.82
C SER TA 670 -62.03 40.55 -10.28
N SER TA 671 -61.34 41.30 -11.14
CA SER TA 671 -61.57 41.17 -12.58
C SER TA 671 -60.99 39.87 -13.12
N ASN TA 672 -59.94 39.35 -12.50
CA ASN TA 672 -59.31 38.10 -12.92
C ASN TA 672 -59.89 36.88 -12.22
N SER TA 673 -60.83 37.07 -11.30
CA SER TA 673 -61.44 35.96 -10.55
C SER TA 673 -62.94 35.94 -10.80
N LYS TA 674 -63.48 34.76 -11.07
CA LYS TA 674 -64.90 34.58 -11.30
C LYS TA 674 -65.69 34.37 -10.01
N VAL TA 675 -65.02 34.33 -8.86
CA VAL TA 675 -65.69 34.11 -7.59
C VAL TA 675 -66.37 35.40 -7.15
N TYR TA 676 -67.65 35.31 -6.81
CA TYR TA 676 -68.43 36.43 -6.34
C TYR TA 676 -68.56 36.40 -4.82
N LYS TA 677 -68.81 37.56 -4.24
CA LYS TA 677 -68.93 37.73 -2.79
C LYS TA 677 -70.32 38.29 -2.48
N THR TA 678 -71.22 37.41 -2.05
CA THR TA 678 -72.53 37.84 -1.59
C THR TA 678 -72.40 38.58 -0.27
N VAL TA 679 -73.12 39.70 -0.14
CA VAL TA 679 -73.02 40.55 1.04
C VAL TA 679 -73.67 39.90 2.27
N LYS TA 680 -74.44 38.83 2.09
CA LYS TA 680 -75.04 38.12 3.22
C LYS TA 680 -73.95 37.36 3.95
N ASP TA 681 -73.46 37.96 5.04
CA ASP TA 681 -72.42 37.39 5.91
C ASP TA 681 -71.11 37.11 5.17
N GLU TA 682 -70.86 37.87 4.10
CA GLU TA 682 -69.63 37.80 3.29
C GLU TA 682 -69.40 36.38 2.77
N GLN TA 683 -70.32 35.90 1.94
CA GLN TA 683 -70.29 34.53 1.44
C GLN TA 683 -69.58 34.47 0.10
N LEU TA 684 -68.50 33.70 0.03
CA LEU TA 684 -67.76 33.53 -1.20
C LEU TA 684 -68.36 32.37 -1.99
N VAL TA 685 -68.96 32.67 -3.14
CA VAL TA 685 -69.64 31.68 -3.97
C VAL TA 685 -69.23 31.90 -5.42
N LEU TA 686 -69.83 31.14 -6.32
CA LEU TA 686 -69.61 31.27 -7.75
C LEU TA 686 -70.95 31.30 -8.46
N ILE TA 687 -70.91 31.26 -9.78
CA ILE TA 687 -72.11 31.23 -10.61
C ILE TA 687 -72.42 29.77 -10.97
N HIS TA 688 -73.69 29.43 -10.99
CA HIS TA 688 -74.10 28.09 -11.35
C HIS TA 688 -73.88 27.85 -12.84
N PRO TA 689 -73.60 26.60 -13.25
CA PRO TA 689 -73.39 26.31 -14.67
C PRO TA 689 -74.66 26.45 -15.51
N SER TA 690 -75.84 26.45 -14.89
CA SER TA 690 -77.09 26.62 -15.61
C SER TA 690 -77.44 28.08 -15.88
N THR TA 691 -76.62 29.01 -15.43
CA THR TA 691 -76.88 30.43 -15.66
C THR TA 691 -76.71 30.77 -17.13
N THR TA 692 -77.61 31.60 -17.64
CA THR TA 692 -77.62 31.99 -19.05
C THR TA 692 -76.81 33.24 -19.33
N VAL TA 693 -76.18 33.83 -18.30
CA VAL TA 693 -75.38 35.04 -18.49
C VAL TA 693 -73.99 34.62 -18.94
N THR TA 694 -73.65 34.96 -20.19
CA THR TA 694 -72.30 34.66 -20.70
C THR TA 694 -71.25 35.52 -20.02
N THR TA 695 -71.57 36.79 -19.78
CA THR TA 695 -70.65 37.71 -19.12
C THR TA 695 -71.14 37.97 -17.70
N PRO TA 696 -70.33 37.71 -16.69
CA PRO TA 696 -70.76 37.99 -15.31
C PRO TA 696 -70.93 39.49 -15.07
N TYR TA 697 -71.86 39.81 -14.18
CA TYR TA 697 -72.20 41.19 -13.90
C TYR TA 697 -71.43 41.71 -12.68
N GLU TA 698 -71.40 43.04 -12.54
CA GLU TA 698 -70.80 43.64 -11.35
C GLU TA 698 -71.61 43.29 -10.10
N TRP TA 699 -72.93 43.34 -10.18
CA TRP TA 699 -73.80 42.86 -9.12
C TRP TA 699 -74.72 41.79 -9.69
N VAL TA 700 -74.84 40.67 -8.98
CA VAL TA 700 -75.70 39.57 -9.38
C VAL TA 700 -76.72 39.37 -8.26
N VAL TA 701 -77.99 39.62 -8.57
CA VAL TA 701 -79.07 39.34 -7.64
C VAL TA 701 -79.46 37.87 -7.81
N TYR TA 702 -79.28 37.08 -6.76
CA TYR TA 702 -79.49 35.65 -6.81
C TYR TA 702 -80.79 35.28 -6.13
N ASN TA 703 -81.67 34.59 -6.86
CA ASN TA 703 -82.93 34.12 -6.29
C ASN TA 703 -82.74 32.90 -5.41
N GLU TA 704 -81.77 32.04 -5.72
CA GLU TA 704 -81.53 30.84 -4.93
C GLU TA 704 -80.02 30.63 -4.77
N PHE TA 705 -79.62 30.21 -3.58
CA PHE TA 705 -78.23 29.91 -3.28
C PHE TA 705 -78.14 28.44 -2.86
N VAL TA 706 -77.34 27.66 -3.58
CA VAL TA 706 -77.19 26.23 -3.33
C VAL TA 706 -75.76 25.98 -2.87
N LEU TA 707 -75.63 25.36 -1.70
CA LEU TA 707 -74.33 25.01 -1.14
C LEU TA 707 -74.02 23.55 -1.48
N THR TA 708 -72.90 23.33 -2.14
CA THR TA 708 -72.50 22.00 -2.59
C THR TA 708 -70.99 21.88 -2.39
N THR TA 709 -70.38 20.88 -3.06
CA THR TA 709 -68.93 20.77 -3.04
C THR TA 709 -68.28 21.99 -3.68
N LYS TA 710 -68.91 22.56 -4.70
CA LYS TA 710 -68.53 23.85 -5.26
C LYS TA 710 -69.64 24.84 -4.97
N GLN TA 711 -69.30 25.93 -4.30
CA GLN TA 711 -70.30 26.93 -3.93
C GLN TA 711 -70.71 27.74 -5.14
N TYR TA 712 -71.94 27.58 -5.59
CA TYR TA 712 -72.46 28.26 -6.77
C TYR TA 712 -73.81 28.87 -6.47
N VAL TA 713 -74.13 29.94 -7.19
CA VAL TA 713 -75.39 30.65 -7.05
C VAL TA 713 -76.15 30.55 -8.37
N ARG TA 714 -77.40 30.12 -8.29
CA ARG TA 714 -78.27 29.99 -9.45
C ARG TA 714 -79.30 31.10 -9.47
N THR TA 715 -79.89 31.29 -10.66
CA THR TA 715 -80.91 32.31 -10.93
C THR TA 715 -80.40 33.71 -10.57
N VAL TA 716 -79.38 34.13 -11.30
CA VAL TA 716 -78.70 35.40 -11.06
C VAL TA 716 -79.08 36.39 -12.15
N THR TA 717 -79.46 37.59 -11.74
CA THR TA 717 -79.81 38.67 -12.66
C THR TA 717 -78.81 39.81 -12.51
N ASN TA 718 -78.51 40.46 -13.63
CA ASN TA 718 -77.53 41.54 -13.64
C ASN TA 718 -78.10 42.79 -12.99
N ILE TA 719 -77.25 43.48 -12.22
CA ILE TA 719 -77.62 44.72 -11.55
C ILE TA 719 -76.35 45.46 -11.19
N ARG TA 720 -76.47 46.77 -11.01
CA ARG TA 720 -75.35 47.62 -10.65
C ARG TA 720 -75.41 47.99 -9.17
N PRO TA 721 -74.27 48.31 -8.56
CA PRO TA 721 -74.29 48.73 -7.14
C PRO TA 721 -75.06 50.02 -6.91
N GLU TA 722 -75.01 50.97 -7.86
CA GLU TA 722 -75.79 52.19 -7.74
C GLU TA 722 -77.29 51.90 -7.82
N TRP TA 723 -77.70 51.02 -8.72
CA TRP TA 723 -79.10 50.62 -8.82
C TRP TA 723 -79.56 49.90 -7.55
N LEU TA 724 -78.69 49.03 -7.00
CA LEU TA 724 -79.03 48.34 -5.76
C LEU TA 724 -79.16 49.30 -4.59
N LEU TA 725 -78.27 50.29 -4.51
CA LEU TA 725 -78.36 51.29 -3.45
C LEU TA 725 -79.58 52.19 -3.61
N GLU TA 726 -79.96 52.50 -4.85
CA GLU TA 726 -81.18 53.27 -5.07
C GLU TA 726 -82.42 52.45 -4.72
N ILE TA 727 -82.39 51.15 -4.99
CA ILE TA 727 -83.53 50.29 -4.69
C ILE TA 727 -83.70 50.10 -3.20
N ALA TA 728 -82.60 49.83 -2.48
CA ALA TA 728 -82.62 49.55 -1.05
C ALA TA 728 -81.58 50.42 -0.36
N PRO TA 729 -81.90 51.69 -0.10
CA PRO TA 729 -80.93 52.54 0.61
C PRO TA 729 -80.79 52.19 2.08
N VAL TA 730 -81.83 51.65 2.71
CA VAL TA 730 -81.75 51.29 4.12
C VAL TA 730 -80.84 50.08 4.33
N TYR TA 731 -80.98 49.06 3.48
CA TYR TA 731 -80.17 47.86 3.63
C TYR TA 731 -78.72 48.10 3.18
N TYR TA 732 -78.54 48.90 2.13
CA TYR TA 732 -77.22 49.20 1.59
C TYR TA 732 -76.69 50.56 2.05
N ASP TA 733 -77.01 50.95 3.29
CA ASP TA 733 -76.56 52.23 3.81
C ASP TA 733 -75.05 52.18 4.08
N LEU TA 734 -74.35 53.21 3.61
CA LEU TA 734 -72.90 53.27 3.80
C LEU TA 734 -72.51 53.62 5.23
N SER TA 735 -73.38 54.31 5.97
CA SER TA 735 -73.09 54.63 7.36
C SER TA 735 -73.08 53.38 8.22
N THR TA 736 -73.97 52.44 7.96
CA THR TA 736 -74.04 51.18 8.69
C THR TA 736 -73.37 50.04 7.93
N PHE TA 737 -72.62 50.35 6.87
CA PHE TA 737 -71.95 49.31 6.10
C PHE TA 737 -70.78 48.72 6.88
N GLN TA 738 -70.74 47.41 6.95
CA GLN TA 738 -69.69 46.69 7.67
C GLN TA 738 -68.57 46.34 6.69
N LYS TA 739 -67.67 45.45 7.10
CA LYS TA 739 -66.65 44.93 6.20
C LYS TA 739 -67.30 44.19 5.04
N GLY TA 740 -66.71 44.31 3.84
CA GLY TA 740 -65.42 44.95 3.59
C GLY TA 740 -65.33 45.81 2.36
N GLU TA 741 -64.38 45.46 1.49
CA GLU TA 741 -64.11 46.21 0.27
C GLU TA 741 -65.32 46.28 -0.67
N ILE TA 742 -66.23 45.30 -0.60
CA ILE TA 742 -67.47 45.41 -1.36
C ILE TA 742 -68.31 46.59 -0.88
N LYS TA 743 -68.42 46.74 0.44
CA LYS TA 743 -69.11 47.90 1.00
C LYS TA 743 -68.34 49.18 0.73
N ASN TA 744 -67.02 49.12 0.69
CA ASN TA 744 -66.21 50.30 0.33
C ASN TA 744 -66.48 50.72 -1.11
N ALA TA 745 -66.58 49.76 -2.03
CA ALA TA 745 -66.91 50.07 -3.41
C ALA TA 745 -68.33 50.60 -3.55
N LEU TA 746 -69.25 50.07 -2.75
CA LEU TA 746 -70.63 50.60 -2.74
C LEU TA 746 -70.65 52.03 -2.23
N THR TA 747 -69.86 52.34 -1.20
CA THR TA 747 -69.77 53.72 -0.71
C THR TA 747 -69.12 54.64 -1.73
N ARG TA 748 -68.12 54.14 -2.46
CA ARG TA 748 -67.52 54.93 -3.53
C ARG TA 748 -68.50 55.20 -4.66
N VAL TA 749 -69.33 54.21 -5.00
CA VAL TA 749 -70.36 54.41 -6.01
C VAL TA 749 -71.41 55.41 -5.53
N ALA TA 750 -71.77 55.35 -4.25
CA ALA TA 750 -72.70 56.32 -3.68
C ALA TA 750 -72.12 57.73 -3.69
N GLU TA 751 -70.83 57.86 -3.39
CA GLU TA 751 -70.16 59.16 -3.46
C GLU TA 751 -70.11 59.68 -4.88
N LYS TA 752 -69.87 58.81 -5.86
CA LYS TA 752 -69.88 59.22 -7.26
C LYS TA 752 -71.27 59.66 -7.69
N ILE TA 753 -72.31 58.96 -7.22
CA ILE TA 753 -73.69 59.34 -7.54
C ILE TA 753 -74.03 60.68 -6.90
N ARG TA 754 -73.56 60.91 -5.67
CA ARG TA 754 -73.79 62.19 -5.01
C ARG TA 754 -73.06 63.32 -5.74
N ARG TA 755 -71.84 63.06 -6.21
CA ARG TA 755 -71.12 64.08 -6.98
C ARG TA 755 -71.81 64.36 -8.30
N GLN TA 756 -72.35 63.33 -8.96
CA GLN TA 756 -73.10 63.54 -10.19
C GLN TA 756 -74.38 64.33 -9.94
N GLN TA 757 -75.06 64.06 -8.83
CA GLN TA 757 -76.25 64.81 -8.48
C GLN TA 757 -75.92 66.28 -8.16
N ALA TA 758 -74.79 66.50 -7.48
CA ALA TA 758 -74.35 67.87 -7.21
C ALA TA 758 -74.00 68.62 -8.49
N MET TA 759 -73.33 67.93 -9.43
CA MET TA 759 -73.02 68.56 -10.72
C MET TA 759 -74.28 68.86 -11.51
N LYS TA 760 -75.27 67.96 -11.47
CA LYS TA 760 -76.54 68.21 -12.15
C LYS TA 760 -77.29 69.37 -11.52
N ALA TA 761 -77.25 69.48 -10.19
CA ALA TA 761 -77.90 70.59 -9.51
C ALA TA 761 -77.19 71.91 -9.82
N SER TA 762 -75.86 71.88 -9.94
CA SER TA 762 -75.11 73.08 -10.29
C SER TA 762 -75.39 73.49 -11.73
N LYS TA 763 -75.52 72.53 -12.64
CA LYS TA 763 -75.81 72.83 -14.04
C LYS TA 763 -77.28 73.15 -14.29
N ALA TA 764 -78.17 72.83 -13.37
CA ALA TA 764 -79.59 73.10 -13.54
C ALA TA 764 -80.01 74.31 -12.70
N1 P5P UA 3 -2.61 -10.88 31.34
C2 P5P UA 3 -1.61 -11.69 31.00
N3 P5P UA 3 -0.64 -12.20 31.76
C4 P5P UA 3 -0.77 -11.78 33.03
C5 P5P UA 3 -1.75 -10.95 33.53
C6 P5P UA 3 -2.72 -10.49 32.63
N7 P5P UA 3 -1.57 -10.74 34.90
C8 P5P UA 3 -0.50 -11.44 35.18
N9 P5P UA 3 0.04 -12.10 34.10
C1' P5P UA 3 1.22 -12.95 34.08
C2' P5P UA 3 2.31 -12.47 33.13
O2' P5P UA 3 3.10 -13.58 32.79
C3' P5P UA 3 3.01 -11.43 34.00
O3' P5P UA 3 4.34 -11.17 33.56
C4' P5P UA 3 3.00 -12.11 35.36
O4' P5P UA 3 1.80 -12.93 35.37
C5' P5P UA 3 2.97 -11.19 36.55
O5' P5P UA 3 3.62 -11.81 37.66
P P5P UA 3 3.18 -11.46 39.15
OP1 P5P UA 3 4.39 -11.17 39.95
OP2 P5P UA 3 2.08 -10.45 39.09
P Y5P UA 4 4.84 -9.67 33.37
C5' Y5P UA 4 3.52 -9.44 31.10
O5' Y5P UA 4 3.74 -9.01 32.45
C4' Y5P UA 4 2.21 -8.90 30.60
O4' Y5P UA 4 1.13 -9.36 31.45
C3' Y5P UA 4 2.06 -7.40 30.70
O3' Y5P UA 4 2.81 -6.65 29.71
C2' Y5P UA 4 0.56 -7.25 30.57
O2' Y5P UA 4 0.06 -7.49 29.27
C1' Y5P UA 4 0.10 -8.38 31.49
N1 Y5P UA 4 -0.11 -7.95 32.88
C2 Y5P UA 4 -1.25 -7.23 33.18
N3 Y5P UA 4 -1.38 -6.87 34.50
C4 Y5P UA 4 -0.51 -7.14 35.52
C6 Y5P UA 4 0.80 -8.26 33.87
OP1 Y5P UA 4 6.11 -9.70 32.63
OP2 Y5P UA 4 4.79 -9.00 34.69
C5 Y5P UA 4 0.65 -7.89 35.15
N1 P5P UA 5 -2.87 -2.21 35.71
C2 P5P UA 5 -3.51 -2.05 34.50
N3 P5P UA 5 -3.01 -2.42 33.34
C4 P5P UA 5 -1.80 -2.99 33.48
C5 P5P UA 5 -1.07 -3.20 34.61
C6 P5P UA 5 -1.62 -2.80 35.86
N7 P5P UA 5 0.14 -3.82 34.32
C8 P5P UA 5 0.13 -3.96 33.02
N9 P5P UA 5 -1.02 -3.48 32.46
C1' P5P UA 5 -1.40 -3.47 31.04
C2' P5P UA 5 -1.29 -2.07 30.42
O2' P5P UA 5 -2.33 -1.93 29.46
C3' P5P UA 5 0.07 -2.14 29.73
O3' P5P UA 5 0.22 -1.21 28.68
C4' P5P UA 5 0.08 -3.58 29.23
O4' P5P UA 5 -0.55 -4.31 30.31
C5' P5P UA 5 1.43 -4.17 28.90
O5' P5P UA 5 2.31 -4.16 30.01
P P5P UA 5 3.50 -5.21 30.08
OP1 P5P UA 5 4.50 -4.92 29.02
OP2 P5P UA 5 3.92 -5.27 31.50
P Y5P UA 6 0.96 0.20 28.93
C5' Y5P UA 6 -1.38 1.35 29.22
O5' Y5P UA 6 -0.09 1.05 29.76
C4' Y5P UA 6 -2.29 1.91 30.28
O4' Y5P UA 6 -2.51 0.91 31.32
C3' Y5P UA 6 -1.76 3.12 31.02
O3' Y5P UA 6 -1.97 4.32 30.31
C2' Y5P UA 6 -2.51 3.06 32.35
O2' Y5P UA 6 -3.82 3.59 32.22
C1' Y5P UA 6 -2.62 1.55 32.58
N1 Y5P UA 6 -1.58 1.00 33.47
C2 Y5P UA 6 -1.78 1.12 34.84
N3 Y5P UA 6 -0.80 0.58 35.62
C4 Y5P UA 6 0.35 -0.05 35.19
C6 Y5P UA 6 -0.47 0.37 32.99
OP1 Y5P UA 6 1.13 0.83 27.60
OP2 Y5P UA 6 2.16 -0.01 29.78
C5 Y5P UA 6 0.49 -0.14 33.77
N1 P5P UA 7 0.15 4.15 39.04
C2 P5P UA 7 -0.91 5.01 39.12
N3 P5P UA 7 -1.55 5.49 38.06
C4 P5P UA 7 -1.02 5.05 36.90
C5 P5P UA 7 0.05 4.19 36.73
C6 P5P UA 7 0.71 3.68 37.87
N7 P5P UA 7 0.30 3.96 35.39
C8 P5P UA 7 -0.61 4.67 34.78
N9 P5P UA 7 -1.43 5.37 35.63
C1' P5P UA 7 -2.56 6.22 35.23
C2' P5P UA 7 -2.45 7.66 35.74
O2' P5P UA 7 -3.75 8.12 36.08
C3' P5P UA 7 -1.94 8.39 34.51
O3' P5P UA 7 -2.27 9.77 34.51
C4' P5P UA 7 -2.58 7.64 33.36
O4' P5P UA 7 -2.62 6.26 33.82
C5' P5P UA 7 -1.86 7.72 32.05
O5' P5P UA 7 -2.22 6.66 31.17
P P5P UA 7 -1.12 5.63 30.65
OP1 P5P UA 7 -0.58 6.16 29.37
OP2 P5P UA 7 -0.21 5.34 31.77
P Y5P UA 8 -1.11 10.87 34.62
C5' Y5P UA 8 -1.17 10.85 37.24
O5' Y5P UA 8 -0.46 10.58 36.05
C4' Y5P UA 8 -0.52 10.20 38.44
O4' Y5P UA 8 -0.51 8.75 38.25
C3' Y5P UA 8 0.93 10.54 38.68
O3' Y5P UA 8 1.11 11.78 39.36
C2' Y5P UA 8 1.43 9.35 39.49
O2' Y5P UA 8 1.06 9.46 40.85
C1' Y5P UA 8 0.64 8.19 38.86
N1 Y5P UA 8 1.41 7.46 37.83
C2 Y5P UA 8 2.41 6.54 38.21
N3 Y5P UA 8 3.08 5.88 37.24
C4 Y5P UA 8 2.81 6.10 35.95
C6 Y5P UA 8 1.14 7.66 36.50
OP1 Y5P UA 8 -1.76 12.21 34.68
OP2 Y5P UA 8 -0.12 10.56 33.57
C5 Y5P UA 8 1.80 7.02 35.53
P Y5P UA 10 5.34 21.26 36.28
C5' Y5P UA 10 5.97 21.55 33.73
O5' Y5P UA 10 4.97 21.60 34.77
C4' Y5P UA 10 6.52 22.94 33.47
O4' Y5P UA 10 7.23 22.93 32.21
C3' Y5P UA 10 5.47 24.04 33.33
O3' Y5P UA 10 5.17 24.57 34.63
C2' Y5P UA 10 6.19 25.05 32.45
O2' Y5P UA 10 7.08 25.90 33.14
C1' Y5P UA 10 7.01 24.15 31.53
N1 Y5P UA 10 6.40 23.87 30.22
C2 Y5P UA 10 6.33 24.89 29.29
N3 Y5P UA 10 5.77 24.55 28.09
C4 Y5P UA 10 5.27 23.32 27.73
C6 Y5P UA 10 5.92 22.61 29.92
OP1 Y5P UA 10 6.52 20.37 36.33
OP2 Y5P UA 10 5.36 22.54 37.04
C5 Y5P UA 10 5.37 22.31 28.73
P Y5P UA 11 4.11 25.79 34.83
C5' Y5P UA 11 2.09 26.63 33.34
O5' Y5P UA 11 2.96 25.56 33.75
C4' Y5P UA 11 2.54 27.23 32.01
O4' Y5P UA 11 3.20 26.22 31.20
C3' Y5P UA 11 1.43 27.81 31.16
O3' Y5P UA 11 1.88 28.95 30.44
C2' Y5P UA 11 1.08 26.65 30.22
O2' Y5P UA 11 0.59 27.06 28.96
C1' Y5P UA 11 2.45 25.98 30.04
N1 Y5P UA 11 2.30 24.52 29.89
C2 Y5P UA 11 2.12 24.03 28.60
N3 Y5P UA 11 1.96 22.67 28.53
C4 Y5P UA 11 1.96 21.77 29.58
C6 Y5P UA 11 2.29 23.69 30.97
OP1 Y5P UA 11 4.81 27.08 34.58
OP2 Y5P UA 11 3.46 25.59 36.15
C5 Y5P UA 11 2.13 22.36 30.87
P Y5P UA 12 0.91 30.18 30.23
C5' Y5P UA 12 0.79 31.73 28.11
O5' Y5P UA 12 0.97 30.42 28.66
C4' Y5P UA 12 1.31 31.78 26.69
O4' Y5P UA 12 2.73 31.51 26.68
C3' Y5P UA 12 0.67 30.79 25.71
O3' Y5P UA 12 0.37 31.45 24.50
C2' Y5P UA 12 1.75 29.72 25.55
O2' Y5P UA 12 1.74 29.06 24.30
C1' Y5P UA 12 3.01 30.56 25.67
N1 Y5P UA 12 4.20 29.81 26.09
C2 Y5P UA 12 5.43 30.28 25.68
N3 Y5P UA 12 6.50 29.53 26.10
C4 Y5P UA 12 6.46 28.37 26.86
C6 Y5P UA 12 4.09 28.66 26.84
OP1 Y5P UA 12 1.50 31.35 30.93
OP2 Y5P UA 12 -0.47 29.75 30.56
C5 Y5P UA 12 5.15 27.95 27.23
P Y5P UA 13 -1.04 32.17 24.28
C5' Y5P UA 13 -1.29 34.66 25.13
O5' Y5P UA 13 -0.65 33.72 24.23
C4' Y5P UA 13 -0.96 36.07 24.73
O4' Y5P UA 13 0.48 36.26 24.71
C3' Y5P UA 13 -1.47 36.53 23.37
O3' Y5P UA 13 -2.01 37.84 23.48
C2' Y5P UA 13 -0.22 36.51 22.49
O2' Y5P UA 13 -0.21 37.46 21.45
C1' Y5P UA 13 0.87 36.85 23.50
N1 Y5P UA 13 2.19 36.31 23.14
C2 Y5P UA 13 3.24 37.21 23.02
N3 Y5P UA 13 4.43 36.65 22.69
C4 Y5P UA 13 4.70 35.31 22.46
C6 Y5P UA 13 2.38 34.97 22.93
OP1 Y5P UA 13 -1.87 31.92 25.49
OP2 Y5P UA 13 -1.56 31.78 22.96
C5 Y5P UA 13 3.57 34.45 22.61
P Y5P UA 14 -3.41 38.07 24.22
C5' Y5P UA 14 -3.40 39.86 22.25
O5' Y5P UA 14 -4.11 39.20 23.32
C4' Y5P UA 14 -4.00 39.51 20.92
O4' Y5P UA 14 -3.55 38.20 20.51
C3' Y5P UA 14 -5.53 39.37 20.89
O3' Y5P UA 14 -6.14 40.64 20.73
C2' Y5P UA 14 -5.76 38.46 19.67
O2' Y5P UA 14 -5.94 39.16 18.45
C1' Y5P UA 14 -4.46 37.67 19.58
N1 Y5P UA 14 -4.62 36.23 19.86
C2 Y5P UA 14 -4.96 35.40 18.81
N3 Y5P UA 14 -5.09 34.08 19.14
C4 Y5P UA 14 -4.93 33.50 20.38
C6 Y5P UA 14 -4.45 35.72 21.14
OP1 Y5P UA 14 -3.13 38.65 25.55
OP2 Y5P UA 14 -4.22 36.84 24.11
C5 Y5P UA 14 -4.59 34.43 21.43
P Y5P UA 89 -41.28 -6.18 49.81
C5' Y5P UA 89 -42.75 -7.53 48.11
O5' Y5P UA 89 -41.47 -7.08 48.51
C4' Y5P UA 89 -43.23 -8.67 48.98
O4' Y5P UA 89 -44.55 -9.09 48.55
C3' Y5P UA 89 -42.41 -9.93 48.94
O3' Y5P UA 89 -41.25 -9.87 49.75
C2' Y5P UA 89 -43.40 -11.00 49.37
O2' Y5P UA 89 -43.56 -11.00 50.78
C1' Y5P UA 89 -44.70 -10.48 48.75
N1 Y5P UA 89 -44.99 -11.12 47.43
C2 Y5P UA 89 -45.56 -12.38 47.44
N3 Y5P UA 89 -45.81 -12.91 46.19
C4 Y5P UA 89 -45.55 -12.32 44.97
C6 Y5P UA 89 -44.71 -10.48 46.25
OP1 Y5P UA 89 -40.95 -7.09 50.95
OP2 Y5P UA 89 -40.36 -5.07 49.47
C5 Y5P UA 89 -44.96 -11.02 45.06
P Y5P UA 90 -39.90 -10.64 49.32
C5' Y5P UA 90 -39.67 -13.21 48.88
O5' Y5P UA 90 -40.20 -12.16 49.66
C4' Y5P UA 90 -40.77 -14.02 48.23
O4' Y5P UA 90 -41.64 -13.14 47.48
C3' Y5P UA 90 -40.33 -15.06 47.21
O3' Y5P UA 90 -39.83 -16.26 47.78
C2' Y5P UA 90 -41.58 -15.24 46.37
O2' Y5P UA 90 -42.51 -16.06 47.05
C1' Y5P UA 90 -42.11 -13.81 46.33
N1 Y5P UA 90 -41.67 -13.08 45.12
C2 Y5P UA 90 -42.27 -13.32 43.88
N3 Y5P UA 90 -41.85 -12.64 42.79
C4 Y5P UA 90 -40.88 -11.74 42.89
C6 Y5P UA 90 -40.66 -12.14 45.21
OP1 Y5P UA 90 -38.80 -10.17 50.19
OP2 Y5P UA 90 -39.78 -10.52 47.84
C5 Y5P UA 90 -40.25 -11.46 44.13
N1 P5P UA 91 -36.51 -11.00 41.36
C2 P5P UA 91 -37.33 -11.77 40.63
N3 P5P UA 91 -38.03 -12.84 41.01
C4 P5P UA 91 -37.81 -13.10 42.32
C5 P5P UA 91 -37.01 -12.40 43.18
C6 P5P UA 91 -36.33 -11.28 42.65
N7 P5P UA 91 -37.04 -12.96 44.46
C8 P5P UA 91 -37.86 -13.98 44.33
N9 P5P UA 91 -38.36 -14.13 43.06
C1' P5P UA 91 -39.30 -15.16 42.58
C2' P5P UA 91 -38.62 -16.18 41.67
O2' P5P UA 91 -39.58 -16.66 40.74
C3' P5P UA 91 -38.26 -17.27 42.68
O3' P5P UA 91 -38.05 -18.54 42.09
C4' P5P UA 91 -39.43 -17.24 43.64
O4' P5P UA 91 -39.82 -15.84 43.69
C5' P5P UA 91 -39.15 -17.75 45.03
O5' P5P UA 91 -38.39 -16.81 45.78
P P5P UA 91 -38.39 -16.83 47.38
OP1 P5P UA 91 -38.32 -18.25 47.81
OP2 P5P UA 91 -37.37 -15.86 47.85
P Y5P UA 92 -36.58 -18.96 41.58
C5' Y5P UA 92 -35.09 -17.64 39.88
O5' Y5P UA 92 -36.39 -18.09 40.26
C4' Y5P UA 92 -35.18 -16.46 38.95
O4' Y5P UA 92 -35.63 -15.29 39.67
C3' Y5P UA 92 -33.85 -16.03 38.33
O3' Y5P UA 92 -33.50 -16.82 37.22
C2' Y5P UA 92 -34.11 -14.57 37.99
O2' Y5P UA 92 -34.83 -14.46 36.77
C1' Y5P UA 92 -35.01 -14.13 39.14
N1 Y5P UA 92 -34.28 -13.44 40.23
C2 Y5P UA 92 -33.81 -12.15 40.03
N3 Y5P UA 92 -33.15 -11.60 41.10
C4 Y5P UA 92 -32.93 -12.19 42.34
C6 Y5P UA 92 -34.10 -14.07 41.44
OP1 Y5P UA 92 -36.64 -20.40 41.19
OP2 Y5P UA 92 -35.59 -18.51 42.58
C5 Y5P UA 92 -33.46 -13.51 42.47
N1 P5P UA 93 -28.87 -10.38 40.81
C2 P5P UA 93 -28.93 -10.17 39.49
N3 P5P UA 93 -29.37 -10.97 38.53
C4 P5P UA 93 -29.81 -12.13 39.03
C5 P5P UA 93 -29.82 -12.50 40.36
C6 P5P UA 93 -29.33 -11.56 41.29
N7 P5P UA 93 -30.34 -13.78 40.53
C8 P5P UA 93 -30.63 -14.15 39.30
N9 P5P UA 93 -30.32 -13.22 38.34
C1' P5P UA 93 -30.54 -13.36 36.89
C2' P5P UA 93 -29.27 -13.18 36.06
O2' P5P UA 93 -29.62 -12.56 34.84
C3' P5P UA 93 -28.84 -14.62 35.84
O3' P5P UA 93 -28.03 -14.80 34.69
C4' P5P UA 93 -30.17 -15.36 35.72
O4' P5P UA 93 -31.04 -14.66 36.64
C5' P5P UA 93 -30.13 -16.83 36.07
O5' P5P UA 93 -31.41 -17.42 35.97
P P5P UA 93 -32.22 -17.79 37.29
OP1 P5P UA 93 -32.71 -19.19 37.18
OP2 P5P UA 93 -31.40 -17.39 38.46
P Y5P UA 94 -26.53 -15.36 34.84
C5' Y5P UA 94 -25.86 -12.86 34.47
O5' Y5P UA 94 -25.67 -14.07 35.17
C4' Y5P UA 94 -25.42 -11.69 35.29
O4' Y5P UA 94 -26.37 -11.45 36.37
C3' Y5P UA 94 -24.10 -11.88 36.01
O3' Y5P UA 94 -22.98 -11.65 35.18
C2' Y5P UA 94 -24.21 -10.93 37.19
O2' Y5P UA 94 -23.94 -9.60 36.80
C1' Y5P UA 94 -25.70 -11.03 37.52
N1 Y5P UA 94 -25.98 -12.01 38.61
C2 Y5P UA 94 -25.82 -11.61 39.94
N3 Y5P UA 94 -26.09 -12.48 40.94
C4 Y5P UA 94 -26.51 -13.71 40.65
C6 Y5P UA 94 -26.42 -13.27 38.33
OP1 Y5P UA 94 -26.09 -15.88 33.52
OP2 Y5P UA 94 -26.49 -16.27 36.02
C5 Y5P UA 94 -26.69 -14.15 39.31
P Y5P UA 95 -21.93 -12.84 34.91
C5' Y5P UA 95 -20.73 -13.94 36.95
O5' Y5P UA 95 -21.94 -13.64 36.28
C4' Y5P UA 95 -20.42 -12.91 38.01
O4' Y5P UA 95 -21.64 -12.51 38.69
C3' Y5P UA 95 -19.51 -13.38 39.12
O3' Y5P UA 95 -18.14 -13.37 38.76
C2' Y5P UA 95 -19.85 -12.42 40.25
O2' Y5P UA 95 -19.23 -11.16 40.06
C1' Y5P UA 95 -21.36 -12.26 40.05
N1 Y5P UA 95 -22.16 -13.20 40.87
C2 Y5P UA 95 -22.31 -12.96 42.23
N3 Y5P UA 95 -23.07 -13.89 42.89
C4 Y5P UA 95 -23.69 -15.00 42.36
C6 Y5P UA 95 -22.77 -14.28 40.28
OP1 Y5P UA 95 -20.59 -12.25 34.71
OP2 Y5P UA 95 -22.51 -13.73 33.86
C5 Y5P UA 95 -23.51 -15.17 40.96
P Y5P UA 96 -17.31 -14.75 38.79
C5' Y5P UA 96 -16.12 -13.65 40.83
O5' Y5P UA 96 -16.71 -14.80 40.25
C4' Y5P UA 96 -16.07 -13.74 42.32
O4' Y5P UA 96 -17.35 -13.41 42.90
C3' Y5P UA 96 -15.77 -15.12 42.90
O3' Y5P UA 96 -14.41 -15.51 42.79
C2' Y5P UA 96 -16.27 -14.97 44.33
O2' Y5P UA 96 -15.35 -14.23 45.10
C1' Y5P UA 96 -17.52 -14.11 44.13
N1 Y5P UA 96 -18.75 -14.92 44.07
C2 Y5P UA 96 -19.30 -15.31 45.28
N3 Y5P UA 96 -20.44 -16.07 45.19
C4 Y5P UA 96 -21.09 -16.46 44.04
C6 Y5P UA 96 -19.34 -15.29 42.89
OP1 Y5P UA 96 -16.18 -14.64 37.82
OP2 Y5P UA 96 -18.29 -15.86 38.66
C5 Y5P UA 96 -20.46 -16.02 42.83
P Y5P UA 98 -12.24 -14.73 46.27
C5' Y5P UA 98 -13.53 -16.97 46.73
O5' Y5P UA 98 -13.59 -15.58 46.42
C4' Y5P UA 98 -14.58 -17.35 47.75
O4' Y5P UA 98 -15.89 -16.94 47.31
C3' Y5P UA 98 -14.74 -18.83 48.02
O3' Y5P UA 98 -13.74 -19.35 48.89
C2' Y5P UA 98 -16.14 -18.92 48.58
O2' Y5P UA 98 -16.15 -18.54 49.95
C1' Y5P UA 98 -16.86 -17.83 47.78
N1 Y5P UA 98 -17.60 -18.39 46.62
C2 Y5P UA 98 -18.82 -19.00 46.86
N3 Y5P UA 98 -19.45 -19.48 45.73
C4 Y5P UA 98 -19.00 -19.42 44.43
C6 Y5P UA 98 -17.10 -18.29 45.35
OP1 Y5P UA 98 -12.52 -13.60 45.36
OP2 Y5P UA 98 -11.70 -14.47 47.63
C5 Y5P UA 98 -17.74 -18.77 44.28
P Y5P UA 99 -13.25 -20.86 48.76
C5' Y5P UA 99 -14.76 -21.66 50.74
O5' Y5P UA 99 -14.46 -21.71 49.35
C4' Y5P UA 99 -15.98 -22.44 51.09
O4' Y5P UA 99 -17.14 -21.91 50.41
C3' Y5P UA 99 -15.99 -23.91 50.71
O3' Y5P UA 99 -15.24 -24.71 51.60
C2' Y5P UA 99 -17.47 -24.25 50.69
O2' Y5P UA 99 -17.93 -24.49 52.02
C1' Y5P UA 99 -18.09 -22.93 50.20
N1 Y5P UA 99 -18.46 -22.97 48.77
C2 Y5P UA 99 -19.69 -23.53 48.42
N3 Y5P UA 99 -20.07 -23.56 47.12
C4 Y5P UA 99 -19.25 -23.06 46.19
C6 Y5P UA 99 -17.64 -22.47 47.80
OP1 Y5P UA 99 -12.10 -21.04 49.67
OP2 Y5P UA 99 -13.11 -21.19 47.32
C5 Y5P UA 99 -17.99 -22.50 46.52
P Y5P UA 100 -14.44 -25.99 51.05
C5' Y5P UA 100 -16.29 -27.73 51.68
O5' Y5P UA 100 -15.58 -27.03 50.67
C4' Y5P UA 100 -17.52 -28.42 51.12
O4' Y5P UA 100 -18.33 -27.45 50.41
C3' Y5P UA 100 -17.26 -29.50 50.10
O3' Y5P UA 100 -16.92 -30.74 50.68
C2' Y5P UA 100 -18.58 -29.54 49.32
O2' Y5P UA 100 -19.56 -30.29 50.04
C1' Y5P UA 100 -18.98 -28.07 49.33
N1 Y5P UA 100 -18.60 -27.37 48.09
C2 Y5P UA 100 -19.48 -27.45 47.00
N3 Y5P UA 100 -19.16 -26.82 45.84
C4 Y5P UA 100 -18.03 -26.13 45.75
C6 Y5P UA 100 -17.44 -26.65 47.98
OP1 Y5P UA 100 -13.68 -26.56 52.20
OP2 Y5P UA 100 -13.71 -25.61 49.82
C5 Y5P UA 100 -17.12 -26.03 46.85
P Y5P UA 101 -15.96 -31.77 49.90
C5' Y5P UA 101 -18.07 -33.33 50.05
O5' Y5P UA 101 -16.96 -32.85 49.30
C4' Y5P UA 101 -19.24 -33.73 49.15
O4' Y5P UA 101 -19.56 -32.62 48.27
C3' Y5P UA 101 -19.00 -34.94 48.25
O3' Y5P UA 101 -20.20 -35.68 48.12
C2' Y5P UA 101 -18.63 -34.29 46.91
O2' Y5P UA 101 -18.89 -35.10 45.78
C1' Y5P UA 101 -19.50 -33.04 46.92
N1 Y5P UA 101 -18.95 -31.94 46.13
C2 Y5P UA 101 -19.74 -31.36 45.17
N3 Y5P UA 101 -19.14 -30.33 44.47
C4 Y5P UA 101 -17.86 -29.86 44.63
C6 Y5P UA 101 -17.66 -31.51 46.34
OP1 Y5P UA 101 -15.11 -32.45 50.91
OP2 Y5P UA 101 -15.36 -31.03 48.77
C5 Y5P UA 101 -17.11 -30.52 45.63
N ARG VA 6 -35.84 74.20 37.48
CA ARG VA 6 -35.18 75.22 36.67
C ARG VA 6 -35.08 74.78 35.21
N TRP VA 7 -34.92 73.46 35.01
CA TRP VA 7 -34.84 72.92 33.65
C TRP VA 7 -36.17 73.04 32.93
N LYS VA 8 -37.28 72.84 33.65
CA LYS VA 8 -38.60 73.00 33.04
C LYS VA 8 -38.91 74.47 32.74
N ALA VA 9 -38.36 75.38 33.53
CA ALA VA 9 -38.55 76.81 33.33
C ALA VA 9 -37.55 77.40 32.35
N THR VA 10 -36.63 76.61 31.82
CA THR VA 10 -35.63 77.08 30.87
C THR VA 10 -36.01 76.62 29.47
N VAL VA 11 -35.98 77.56 28.53
CA VAL VA 11 -36.28 77.29 27.12
C VAL VA 11 -35.02 77.53 26.31
N TYR VA 12 -34.67 76.56 25.47
CA TYR VA 12 -33.50 76.66 24.60
C TYR VA 12 -33.92 77.24 23.26
N VAL VA 13 -33.28 78.34 22.86
CA VAL VA 13 -33.56 79.00 21.59
C VAL VA 13 -32.34 78.82 20.70
N GLY VA 14 -32.53 78.18 19.55
CA GLY VA 14 -31.49 77.96 18.58
C GLY VA 14 -31.79 78.65 17.26
N GLY VA 15 -30.76 78.70 16.41
CA GLY VA 15 -30.87 79.39 15.15
C GLY VA 15 -30.80 80.90 15.26
N LEU VA 16 -30.30 81.41 16.38
CA LEU VA 16 -30.19 82.85 16.56
C LEU VA 16 -29.07 83.43 15.70
N ALA VA 17 -29.29 84.65 15.21
CA ALA VA 17 -28.30 85.32 14.40
C ALA VA 17 -27.13 85.79 15.26
N PRO VA 18 -25.98 86.07 14.63
CA PRO VA 18 -24.83 86.59 15.40
C PRO VA 18 -25.08 87.95 16.03
N ALA VA 19 -25.98 88.76 15.46
CA ALA VA 19 -26.29 90.06 16.02
C ALA VA 19 -27.25 89.99 17.20
N VAL VA 20 -27.85 88.83 17.45
CA VAL VA 20 -28.75 88.67 18.59
C VAL VA 20 -27.92 88.54 19.85
N THR VA 21 -28.26 89.34 20.86
CA THR VA 21 -27.53 89.39 22.12
C THR VA 21 -28.45 88.99 23.27
N ALA VA 22 -27.86 88.96 24.48
CA ALA VA 22 -28.63 88.63 25.67
C ALA VA 22 -29.70 89.68 25.96
N THR VA 23 -29.37 90.96 25.74
CA THR VA 23 -30.36 92.02 25.93
C THR VA 23 -31.51 91.90 24.93
N VAL VA 24 -31.20 91.57 23.68
CA VAL VA 24 -32.25 91.37 22.68
C VAL VA 24 -33.12 90.17 23.03
N LEU VA 25 -32.50 89.09 23.50
CA LEU VA 25 -33.26 87.91 23.92
C LEU VA 25 -34.16 88.22 25.11
N HIS VA 26 -33.65 88.99 26.07
CA HIS VA 26 -34.46 89.38 27.23
C HIS VA 26 -35.61 90.29 26.82
N GLU VA 27 -35.37 91.21 25.89
CA GLU VA 27 -36.44 92.08 25.40
C GLU VA 27 -37.49 91.29 24.63
N ALA VA 28 -37.07 90.26 23.91
CA ALA VA 28 -38.02 89.41 23.21
C ALA VA 28 -38.84 88.56 24.17
N PHE VA 29 -38.19 88.04 25.22
CA PHE VA 29 -38.85 87.14 26.15
C PHE VA 29 -39.59 87.85 27.28
N LEU VA 30 -39.44 89.17 27.39
CA LEU VA 30 -40.12 89.93 28.44
C LEU VA 30 -41.63 89.96 28.20
N PRO VA 31 -42.08 89.89 26.95
CA PRO VA 31 -43.53 89.88 26.69
C PRO VA 31 -44.24 88.66 27.27
N PHE VA 32 -43.61 87.48 27.21
CA PHE VA 32 -44.22 86.28 27.77
C PHE VA 32 -44.15 86.23 29.28
N GLY VA 33 -43.25 86.99 29.89
CA GLY VA 33 -43.11 87.01 31.33
C GLY VA 33 -41.70 87.39 31.72
N GLU VA 34 -41.46 87.37 33.03
CA GLU VA 34 -40.13 87.68 33.54
C GLU VA 34 -39.17 86.54 33.27
N ILE VA 35 -37.98 86.88 32.80
CA ILE VA 35 -36.93 85.91 32.52
C ILE VA 35 -35.94 85.94 33.68
N ALA VA 36 -35.76 84.80 34.35
CA ALA VA 36 -34.87 84.74 35.50
C ALA VA 36 -33.40 84.86 35.07
N GLU VA 37 -33.03 84.25 33.95
CA GLU VA 37 -31.65 84.28 33.50
C GLU VA 37 -31.60 84.14 31.99
N ILE VA 38 -30.53 84.67 31.40
CA ILE VA 38 -30.25 84.51 29.97
C ILE VA 38 -28.80 84.08 29.83
N ASN VA 39 -28.58 82.86 29.33
CA ASN VA 39 -27.25 82.30 29.16
C ASN VA 39 -26.98 82.14 27.67
N LEU VA 40 -26.02 82.91 27.16
CA LEU VA 40 -25.63 82.84 25.76
C LEU VA 40 -24.29 82.14 25.64
N PRO VA 41 -24.23 80.93 25.06
CA PRO VA 41 -22.94 80.24 24.95
C PRO VA 41 -22.03 80.86 23.91
N ARG VA 42 -20.99 81.55 24.37
CA ARG VA 42 -20.06 82.20 23.46
C ARG VA 42 -19.15 81.17 22.80
N ASN VA 43 -18.61 81.56 21.65
CA ASN VA 43 -17.67 80.71 20.90
C ASN VA 43 -16.30 80.84 21.54
N GLU VA 44 -16.11 80.09 22.64
CA GLU VA 44 -14.87 80.13 23.39
C GLU VA 44 -13.76 79.34 22.74
N ASN VA 45 -14.05 78.54 21.72
CA ASN VA 45 -13.04 77.75 21.05
C ASN VA 45 -12.18 78.62 20.16
N PRO VA 46 -10.85 78.67 20.36
CA PRO VA 46 -10.01 79.51 19.50
C PRO VA 46 -9.67 78.85 18.18
N ASN VA 47 -9.91 77.54 18.02
CA ASN VA 47 -9.64 76.88 16.76
C ASN VA 47 -10.62 77.31 15.67
N THR VA 48 -11.85 77.65 16.05
CA THR VA 48 -12.84 78.12 15.09
C THR VA 48 -12.50 79.56 14.70
N ALA VA 49 -12.47 79.82 13.39
CA ALA VA 49 -12.13 81.14 12.87
C ALA VA 49 -13.33 82.06 12.75
N SER VA 50 -14.52 81.60 13.14
CA SER VA 50 -15.71 82.44 13.05
C SER VA 50 -15.66 83.58 14.05
N THR VA 51 -16.15 84.75 13.63
CA THR VA 51 -16.15 85.94 14.45
C THR VA 51 -17.48 86.15 15.18
N GLU VA 52 -18.34 85.13 15.20
CA GLU VA 52 -19.62 85.24 15.88
C GLU VA 52 -19.39 85.28 17.40
N PRO VA 53 -20.02 86.22 18.12
CA PRO VA 53 -19.82 86.29 19.57
C PRO VA 53 -20.46 85.16 20.34
N HIS VA 54 -21.38 84.41 19.73
CA HIS VA 54 -22.07 83.32 20.38
C HIS VA 54 -22.05 82.08 19.47
N ARG VA 55 -22.54 80.97 19.99
CA ARG VA 55 -22.60 79.72 19.25
C ARG VA 55 -23.90 79.53 18.50
N GLY VA 56 -24.78 80.53 18.51
CA GLY VA 56 -26.07 80.41 17.85
C GLY VA 56 -27.16 79.80 18.69
N PHE VA 57 -26.88 79.42 19.93
CA PHE VA 57 -27.87 78.85 20.84
C PHE VA 57 -27.81 79.57 22.17
N ALA VA 58 -28.97 79.66 22.83
CA ALA VA 58 -29.05 80.34 24.11
C ALA VA 58 -30.12 79.66 24.96
N TYR VA 59 -30.06 79.91 26.27
CA TYR VA 59 -31.02 79.38 27.21
C TYR VA 59 -31.63 80.54 28.00
N VAL VA 60 -32.96 80.65 27.94
CA VAL VA 60 -33.69 81.68 28.67
C VAL VA 60 -34.50 80.99 29.75
N GLU VA 61 -34.16 81.24 31.01
CA GLU VA 61 -34.89 80.68 32.13
C GLU VA 61 -35.85 81.73 32.67
N PHE VA 62 -37.14 81.41 32.67
CA PHE VA 62 -38.18 82.31 33.14
C PHE VA 62 -38.53 82.01 34.59
N GLU VA 63 -39.31 82.91 35.17
CA GLU VA 63 -39.70 82.76 36.57
C GLU VA 63 -40.76 81.67 36.75
N ASP VA 64 -41.59 81.44 35.74
CA ASP VA 64 -42.64 80.45 35.85
C ASP VA 64 -42.59 79.45 34.71
N PRO VA 65 -42.95 78.18 34.96
CA PRO VA 65 -43.03 77.21 33.86
C PRO VA 65 -44.07 77.57 32.82
N GLU VA 66 -45.19 78.17 33.23
CA GLU VA 66 -46.19 78.62 32.27
C GLU VA 66 -45.64 79.75 31.39
N ASP VA 67 -44.88 80.67 31.97
CA ASP VA 67 -44.24 81.73 31.20
C ASP VA 67 -43.19 81.15 30.24
N ALA VA 68 -42.46 80.13 30.71
CA ALA VA 68 -41.48 79.48 29.84
C ALA VA 68 -42.15 78.77 28.67
N LYS VA 69 -43.28 78.11 28.92
CA LYS VA 69 -44.02 77.45 27.85
C LYS VA 69 -44.60 78.47 26.87
N GLU VA 70 -45.10 79.60 27.38
CA GLU VA 70 -45.60 80.66 26.51
C GLU VA 70 -44.49 81.25 25.65
N ALA VA 71 -43.30 81.45 26.24
CA ALA VA 71 -42.17 81.95 25.48
C ALA VA 71 -41.70 80.93 24.44
N ILE VA 72 -41.74 79.65 24.77
CA ILE VA 72 -41.40 78.60 23.80
C ILE VA 72 -42.39 78.60 22.65
N ASP VA 73 -43.69 78.72 22.95
CA ASP VA 73 -44.69 78.74 21.88
C ASP VA 73 -44.61 80.03 21.06
N ASN VA 74 -44.13 81.12 21.65
CA ASN VA 74 -43.98 82.37 20.92
C ASN VA 74 -42.78 82.34 19.99
N MET VA 75 -41.60 82.03 20.54
CA MET VA 75 -40.35 82.05 19.79
C MET VA 75 -40.08 80.77 19.03
N ASP VA 76 -40.95 79.77 19.12
CA ASP VA 76 -40.74 78.53 18.38
C ASP VA 76 -41.09 78.74 16.91
N GLN VA 77 -40.12 78.50 16.03
CA GLN VA 77 -40.23 78.70 14.59
C GLN VA 77 -40.67 80.13 14.25
N SER VA 78 -40.14 81.11 14.98
CA SER VA 78 -40.47 82.51 14.77
C SER VA 78 -39.31 83.24 14.10
N GLU VA 79 -39.61 84.42 13.58
CA GLU VA 79 -38.62 85.24 12.89
C GLU VA 79 -37.95 86.16 13.91
N LEU VA 80 -36.64 86.01 14.08
CA LEU VA 80 -35.86 86.83 15.00
C LEU VA 80 -34.61 87.33 14.30
N PHE VA 81 -34.53 88.66 14.11
CA PHE VA 81 -33.40 89.32 13.45
C PHE VA 81 -33.16 88.79 12.04
N GLY VA 82 -34.25 88.50 11.33
CA GLY VA 82 -34.16 88.01 9.96
C GLY VA 82 -33.86 86.54 9.82
N ARG VA 83 -33.76 85.80 10.93
CA ARG VA 83 -33.46 84.38 10.90
C ARG VA 83 -34.51 83.61 11.69
N VAL VA 84 -34.76 82.37 11.28
CA VAL VA 84 -35.73 81.52 11.95
C VAL VA 84 -35.11 80.97 13.23
N ILE VA 85 -35.74 81.25 14.36
CA ILE VA 85 -35.29 80.78 15.66
C ILE VA 85 -36.26 79.74 16.17
N LYS VA 86 -35.74 78.64 16.69
CA LYS VA 86 -36.56 77.55 17.22
C LYS VA 86 -36.43 77.51 18.73
N VAL VA 87 -37.56 77.58 19.43
CA VAL VA 87 -37.60 77.55 20.88
C VAL VA 87 -38.17 76.22 21.33
N SER VA 88 -37.46 75.54 22.22
CA SER VA 88 -37.87 74.24 22.71
C SER VA 88 -37.73 74.22 24.23
N ALA VA 89 -38.40 73.25 24.85
CA ALA VA 89 -38.36 73.10 26.30
C ALA VA 89 -37.02 72.54 26.77
N UNK WA 1 -32.37 15.53 -33.78
CA UNK WA 1 -32.84 15.54 -35.18
C UNK WA 1 -33.58 14.23 -35.49
N UNK WA 2 -32.85 13.11 -35.53
CA UNK WA 2 -33.47 11.79 -35.80
C UNK WA 2 -34.54 11.50 -34.74
N UNK WA 3 -34.22 11.69 -33.46
CA UNK WA 3 -35.19 11.46 -32.37
C UNK WA 3 -36.43 12.34 -32.58
N UNK WA 4 -36.23 13.62 -32.91
CA UNK WA 4 -37.36 14.55 -33.13
C UNK WA 4 -38.24 14.03 -34.26
N UNK WA 5 -37.63 13.60 -35.37
CA UNK WA 5 -38.38 13.07 -36.53
C UNK WA 5 -39.19 11.83 -36.11
N UNK WA 6 -38.56 10.92 -35.34
CA UNK WA 6 -39.27 9.71 -34.86
C UNK WA 6 -40.48 10.14 -34.03
N UNK WA 7 -40.30 11.11 -33.12
CA UNK WA 7 -41.42 11.59 -32.27
C UNK WA 7 -42.53 12.16 -33.15
N UNK WA 8 -42.17 12.94 -34.18
CA UNK WA 8 -43.18 13.52 -35.10
C UNK WA 8 -43.95 12.40 -35.80
N UNK WA 9 -43.25 11.37 -36.28
CA UNK WA 9 -43.90 10.22 -36.94
C UNK WA 9 -44.86 9.56 -35.96
N UNK WA 10 -44.44 9.37 -34.70
CA UNK WA 10 -45.30 8.76 -33.66
C UNK WA 10 -46.57 9.61 -33.50
N UNK WA 11 -46.42 10.93 -33.40
CA UNK WA 11 -47.57 11.84 -33.24
C UNK WA 11 -48.52 11.69 -34.44
N UNK WA 12 -47.98 11.66 -35.66
CA UNK WA 12 -48.82 11.50 -36.87
C UNK WA 12 -49.58 10.18 -36.79
N UNK WA 13 -48.91 9.09 -36.41
CA UNK WA 13 -49.57 7.77 -36.30
C UNK WA 13 -50.69 7.83 -35.27
N UNK WA 14 -50.46 8.49 -34.13
CA UNK WA 14 -51.48 8.59 -33.06
C UNK WA 14 -52.67 9.41 -33.56
N UNK WA 15 -52.42 10.46 -34.36
CA UNK WA 15 -53.52 11.27 -34.94
C UNK WA 15 -54.32 10.41 -35.91
N UNK WA 16 -53.64 9.59 -36.72
CA UNK WA 16 -54.35 8.67 -37.64
C UNK WA 16 -55.21 7.72 -36.82
N UNK WA 17 -54.67 7.24 -35.68
CA UNK WA 17 -55.43 6.32 -34.79
C UNK WA 17 -56.69 7.03 -34.30
N UNK WA 18 -56.56 8.28 -33.84
CA UNK WA 18 -57.72 9.07 -33.38
C UNK WA 18 -58.75 9.17 -34.50
N UNK WA 19 -58.30 9.48 -35.73
CA UNK WA 19 -59.22 9.60 -36.89
C UNK WA 19 -59.96 8.28 -37.10
N UNK WA 20 -59.24 7.15 -37.10
CA UNK WA 20 -59.88 5.83 -37.30
C UNK WA 20 -60.90 5.56 -36.21
N UNK WA 21 -60.59 5.91 -34.95
CA UNK WA 21 -61.51 5.70 -33.82
C UNK WA 21 -62.78 6.55 -34.02
N UNK WA 22 -62.62 7.80 -34.45
CA UNK WA 22 -63.78 8.69 -34.67
C UNK WA 22 -64.62 8.16 -35.84
OAX M7M XA . -44.37 5.45 -27.73
OAY M7M XA . -45.75 3.52 -27.15
PAZ M7M XA . -44.48 3.95 -27.81
OBB M7M XA . -43.81 -3.54 -34.04
CBC M7M XA . -44.51 -1.93 -31.36
OBD M7M XA . -44.56 3.51 -29.39
NBE M7M XA . -42.89 -2.50 -35.81
CBF M7M XA . -43.43 -2.51 -34.47
CBG M7M XA . -43.47 -1.23 -33.65
NBH M7M XA . -43.95 -0.99 -32.31
CBI M7M XA . -43.73 0.49 -32.05
OBJ M7M XA . -46.75 2.32 -30.15
PBK M7M XA . -45.96 3.62 -30.26
OBL M7M XA . -46.79 4.75 -29.69
CBM M7M XA . -42.41 -1.25 -36.37
NBN M7M XA . -42.45 0.00 -35.59
CBO M7M XA . -42.99 -0.02 -34.22
NBP M7M XA . -43.13 1.08 -33.29
CBQ M7M XA . -42.72 2.50 -33.45
OBR M7M XA . -43.17 3.15 -32.43
CBS M7M XA . -43.61 4.60 -32.95
CBT M7M XA . -44.77 5.05 -32.12
OBU M7M XA . -45.60 3.96 -31.86
NBV M7M XA . -41.87 -1.21 -37.71
CBW M7M XA . -41.42 0.05 -38.21
CBX M7M XA . -43.32 3.20 -34.73
CBY M7M XA . -43.99 4.46 -34.23
CBZ M7M XA . -41.81 -2.38 -38.51
OCA M7M XA . -42.31 3.53 -35.57
OCB M7M XA . -43.48 5.61 -35.04
MG MG YA . 71.13 -49.81 10.14
PG GTP ZA . 70.37 -51.60 12.78
O1G GTP ZA . 71.19 -52.83 12.74
O2G GTP ZA . 69.04 -51.95 13.35
O3G GTP ZA . 70.17 -51.15 11.38
O3B GTP ZA . 71.13 -50.46 13.64
PB GTP ZA . 72.51 -49.86 13.12
O1B GTP ZA . 73.60 -50.80 13.48
O2B GTP ZA . 72.46 -49.65 11.64
O3A GTP ZA . 72.87 -48.46 13.79
PA GTP ZA . 71.92 -47.38 14.45
O1A GTP ZA . 72.24 -46.07 13.82
O2A GTP ZA . 70.47 -47.68 14.30
O5' GTP ZA . 72.40 -47.35 15.97
C5' GTP ZA . 71.55 -47.76 17.00
C4' GTP ZA . 71.70 -46.86 18.20
O4' GTP ZA . 73.05 -46.77 18.54
C3' GTP ZA . 71.24 -45.46 17.89
O3' GTP ZA . 70.21 -45.14 18.78
C2' GTP ZA . 72.44 -44.58 18.14
O2' GTP ZA . 72.09 -43.47 18.90
C1' GTP ZA . 73.40 -45.47 18.90
N9 GTP ZA . 74.77 -45.19 18.50
C8 GTP ZA . 75.25 -45.17 17.23
N7 GTP ZA . 76.56 -44.88 17.28
C5 GTP ZA . 76.92 -44.74 18.57
C6 GTP ZA . 78.13 -44.45 19.17
O6 GTP ZA . 79.14 -44.28 18.51
N1 GTP ZA . 78.20 -44.37 20.54
C2 GTP ZA . 77.08 -44.57 21.28
N2 GTP ZA . 77.14 -44.48 22.59
N3 GTP ZA . 75.88 -44.85 20.68
C4 GTP ZA . 75.80 -44.94 19.34
C1 IHP AB . -50.23 -58.67 -52.72
C2 IHP AB . -48.87 -58.14 -52.26
C3 IHP AB . -48.15 -57.33 -53.37
C4 IHP AB . -49.03 -56.15 -53.78
C5 IHP AB . -50.19 -56.83 -54.52
C6 IHP AB . -51.05 -57.70 -53.59
O11 IHP AB . -50.00 -59.83 -53.48
P1 IHP AB . -50.55 -61.28 -52.89
O21 IHP AB . -49.42 -61.95 -52.14
O31 IHP AB . -51.71 -61.02 -51.96
O41 IHP AB . -50.99 -62.15 -54.04
O12 IHP AB . -48.07 -59.24 -51.92
P2 IHP AB . -47.34 -59.23 -50.44
O22 IHP AB . -47.85 -58.04 -49.65
O32 IHP AB . -47.66 -60.50 -49.71
O42 IHP AB . -45.85 -59.11 -50.65
O13 IHP AB . -46.85 -56.97 -52.98
P3 IHP AB . -45.61 -57.42 -53.96
O23 IHP AB . -44.56 -56.34 -53.97
O33 IHP AB . -45.00 -58.71 -53.46
O43 IHP AB . -46.12 -57.62 -55.37
O14 IHP AB . -49.52 -55.47 -52.64
P4 IHP AB . -48.72 -54.24 -51.90
O24 IHP AB . -49.01 -52.92 -52.58
O34 IHP AB . -47.22 -54.44 -51.91
O44 IHP AB . -49.16 -54.16 -50.46
O15 IHP AB . -50.99 -55.98 -55.32
P5 IHP AB . -51.79 -54.63 -54.84
O25 IHP AB . -52.49 -54.82 -53.51
O35 IHP AB . -50.82 -53.50 -54.72
O45 IHP AB . -52.83 -54.28 -55.88
O16 IHP AB . -51.88 -58.49 -54.41
P6 IHP AB . -53.46 -58.63 -54.03
O26 IHP AB . -54.18 -57.35 -54.39
O36 IHP AB . -53.60 -58.88 -52.54
O46 IHP AB . -54.06 -59.78 -54.80
ZN ZN BB . 55.55 17.69 28.65
ZN ZN CB . 57.39 21.23 27.44
ZN ZN DB . 53.98 19.88 26.00
ZN ZN EB . -24.79 -42.78 65.63
ZN ZN FB . 21.53 14.82 7.51
ZN ZN GB . 30.23 27.84 6.97
#